data_6MSD
#
_entry.id   6MSD
#
_cell.length_a   1
_cell.length_b   1
_cell.length_c   1
_cell.angle_alpha   90.00
_cell.angle_beta   90.00
_cell.angle_gamma   90.00
#
_symmetry.space_group_name_H-M   'P 1'
#
loop_
_entity.id
_entity.type
_entity.pdbx_description
1 polymer '26S proteasome non-ATPase regulatory subunit 1'
2 polymer '26S proteasome non-ATPase regulatory subunit 3'
3 polymer '26S proteasome non-ATPase regulatory subunit 12'
4 polymer '26S proteasome non-ATPase regulatory subunit 11'
5 polymer '26S proteasome non-ATPase regulatory subunit 6'
6 polymer '26S proteasome non-ATPase regulatory subunit 7'
7 polymer '26S proteasome non-ATPase regulatory subunit 13'
8 polymer '26S proteasome non-ATPase regulatory subunit 4'
9 polymer '26S proteasome non-ATPase regulatory subunit 14'
10 polymer '26S proteasome non-ATPase regulatory subunit 8'
11 polymer '26S proteasome complex subunit SEM1'
12 polymer '26S proteasome non-ATPase regulatory subunit 2'
13 polymer '26S proteasome regulatory subunit 7'
14 polymer '26S proteasome regulatory subunit 4'
15 polymer '26S proteasome regulatory subunit 8'
16 polymer '26S proteasome regulatory subunit 6B'
17 polymer '26S proteasome regulatory subunit 10B'
18 polymer '26S proteasome regulatory subunit 6A'
19 polymer Ubiquitin
20 polymer 'Proteasome subunit alpha type-6'
21 polymer 'Proteasome subunit alpha type-2'
22 polymer 'Proteasome subunit alpha type-4'
23 polymer 'Proteasome subunit alpha type-7'
24 polymer 'Proteasome subunit alpha type-5'
25 polymer 'Proteasome subunit alpha type-1'
26 polymer 'Proteasome subunit alpha type-3'
27 polymer 'Proteasome subunit beta type-6'
28 polymer 'Proteasome subunit beta type-7'
29 polymer 'Proteasome subunit beta type-3'
30 polymer 'Proteasome subunit beta type-2'
31 polymer 'Proteasome subunit beta type-5'
32 polymer 'Proteasome subunit beta type-1'
33 polymer 'Proteasome subunit beta type-4'
34 non-polymer 'ZINC ION'
35 non-polymer "ADENOSINE-5'-TRIPHOSPHATE"
36 non-polymer 'MAGNESIUM ION'
37 non-polymer "ADENOSINE-5'-DIPHOSPHATE"
#
loop_
_entity_poly.entity_id
_entity_poly.type
_entity_poly.pdbx_seq_one_letter_code
_entity_poly.pdbx_strand_id
1 'polypeptide(L)'
;MITSAAGIISLLDEDEPQLKEFALHKLNAVVNDFWAEISESVDKIEVLYEDEGFRSRQFAALVASKVFYHLGAFEESLNY
ALGAGDLFNVNDNSEYVETIIAKCIDHYTKQCVENADLPEGEKKPIDQRLEGIVNKMFQRCLDDHKYKQAIGIALETRRL
DVFEKTILESNDVPGMLAYSLKLCMSLMQNKQFRNKVLRVLVKIYMNLEKPDFINVCQCLIFLDDPQAVSDILEKLVKED
NLLMAYQICFDLYESASQQFLSSVIQNLRTVGTPIASVPGSTNTGTVPGSEKDSDSMETEEKTSSAFVGKTPEASPEPKD
QTLKMIKILSGEMAIELHLQFLIRNNNTDLMILKNTKDAVRNSVCHTATVIANSFMHCGTTSDQFLRDNLEWLARATNWA
KFTATASLGVIHKGHEKEALQLMATYLPKDTSPGSAYQEGGGLYALGLIHANHGGDIIDYLLNQLKNASNDIVRHGGSLG
LGLAAMGTARQDVYDLLKTNLYQDDAVTGEAAGLALGLVMLGSKNAQAIEDMVGYAQETQHEKILRGLAVGIALVMYGRM
EEADALIESLCRDKDPILRRSGMYTVAMAYCGSGNNKAIRRLLHVAVSDVNDDVRRAAVESLGFILFRTPEQCPSVVSLL
SESYNPHVRYGAAMALGICCAGTGNKEAINLLEPMTNDPVNYVRQGALIASALIMIQQTEITCPKVNQFRQLYSKVINDK
HDDVMAKFGAILAQGILDAGGHNVTISLQSRTGHTHMPSVVGVLVFTQFWFWFPLSHFLSLAYTPTCVIGLNKDLKMPKV
QYKSNCKPSTFAYPAPLEVPKEKEKEKVSTAVLSITAKAKKKEKEKEKKEEEKMEVDEAEKKEEKEKKKEPEPNFQLLDN
PARVMPAQLKVLTMPETCRYQPFKPLSIGGIIILKDTSEDIEELVEPVAAHGPKIEEEEQEPEPPEPFEYIDD
;
U
2 'polypeptide(L)'
;MKQEGSARRRGADKAKPPPGGGEQEPPPPPAPQDVEMKEEAATGGGSTGEADGKTAAAAAEHSQRELDTVTLEDIKEHVK
QLEKAVSGKEPRFVLRALRMLPSTSRRLNHYVLYKAVQGFFTSNNATRDFLLPFLEEPMDTEADLQFRPRTGKAASTPLL
PEVEAYLQLLVVIFMMNSKRYKEAQKISDDLMQKISTQNRRALDLVAAKCYYYHARVYEFLDKLDVVRSFLHARLRTATL
RHDADGQATLLNLLLRNYLHYSLYDQAEKLVSKSVFPEQANNNEWARYLYYTGRIKAIQLEYSEARRTMTNALRKAPQHT
AVGFKQTVHKLLIVVELLLGEIPDRLQFRQPSLKRSLMPYFLLTQAVRTGNLAKFNQVLDQFGEKFQADGTYTLIIRLRH
NVIKTGVRMISLSYSRISLADIAQKLQLDSPEDAEFIVAKAIRDGVIEASINHEKGYVQSKEMIDIYSTREPQLAFHQRI
SFCLDIHNMSVKAMRFPPKSYNKDLESAEERREREQQDLEFAKEMAEDDDDSFP
;
V
3 'polypeptide(L)'
;MADGGSERADGRIVKMEVDYSATVDQRLPECAKLAKEGRLQEVIETLLSLEKQTRTASDMVSTSRILVAVVKMCYEAKEW
DLLNENIMLLSKRRSQLKQAVAKMVQQCCTYVEEITDLPIKLRLIDTLRMVTEGKIYVEIERARLTKTLATIKEQNGDVK
EAASILQELQVETYGSMEKKERVEFILEQMRLCLAVKDYIRTQIISKKINTKFFQEENTEKLKLKYYNLMIQLDQHEGSY
LSICKHYRAIYDTPCIQAESEKWQQALKSVVLYVILAPFDNEQSDLVHRISGDKKLEEIPKYKDLLKLFTTMELMRWSTL
VEDYGMELRKGSLESPATDVFGSTEEGEKRWKDLKNRVVEHNIRIMAKYYTRITMKRMAQLLDLSVDESEAFLSNLVVNK
TIFAKVDRLAGIINFQRPKDPNNLLNDWSQKLNSLMSLVNKTTHLIAKEEMIHNLQ
;
W
4 'polypeptide(L)'
;MAAAAVVEFQRAQSLLSTDREASIDILHSIVKRDIQENDEEAVQVKEQSILELGSLLAKTGQAAELGGLLKYVRPFLNSI
SKAKAARLVRSLLDLFLDMEAATGQEVELCLECIEWAKSEKRTFLRQALEARLVSLYFDTKRYQEALHLGSQLLRELKKM
DDKALLVEVQLLESKTYHALSNLPKARAALTSARTTANAIYCPPKLQATLDMQSGIIHAAEEKDWKTAYSYFYEAFEGYD
SIDSPKAITSLKYMLLCKIMLNTPEDVQALVSGKLALRYAGRQTEALKCVAQASKNRSLADFEKALTDYRAELRDDPIIS
THLAKLYDNLLEQNLIRVIEPFSRVQIEHISSLIKLSKADVERKLSQMILDKKFHGILDQGEGVLIIFDEPPVDKTYEAA
LETIQNMSKVVDSLYNKAKKLT
;
X
5 'polypeptide(L)'
;MPLENLEEEGLPKNPDLRIAQLRFLLSLPEHRGDAAVRDELMAAVRDNNMAPYYEALCKSLDWQIDVDLLNKMKKANEDE
LKRLDEELEDAEKNLGESEIRDAMMAKAEYLCRIGDKEGALTAFRKTYDKTVALGHRLDIVFYLLRIGLFYMDNDLITRN
TEKAKSLIEEGGDWDRRNRLKVYQGLYCVAIRDFKQAAELFLDTVSTFTSYELMDYKTFVTYTVYVSMIALERPDLREKV
IKGAEILEVLHSLPAVRQYLFSLYECRYSVFFQSLAVVEQEMKKDWLFAPHYRYYVREMRIHAYSQLLESYRSLTLGYMA
EAFGVGVEFIDQELSRFIAAGRLHCKIDKVNEIVETNRPDSKNWQYQETIKKGDLLLNRVQKLSRVINM
;
Y
6 'polypeptide(L)'
;MPELAVQKVVVHPLVLLSVVDHFNRIGKVGNQKRVVGVLLGSWQKKVLDVSNSFAVPFDEDDKDDSVWFLDHDYLENMYG
MFKKVNARERIVGWYHTGPKLHKNDIAINELMKRYCPNSVLVIIDVKPKDLGLPTEAYISVEEVHDDGTPTSKTFEHVTS
EIGAEEAEEVGVEHLLRDIKDTTVGTLSQRITNQVHGLKGLNSKLLDIRSYLEKVATGKLPINHQIIYQLQDVFNLLPDV
SLQEFVKAFYLKTNDQMVVVYLASLIRSVVALHNLINNKIANRDAEKKEGQEKEESKKDRKEDKEKDKDKEKSDVKKEEK
KEKK
;
Z
7 'polypeptide(L)'
;MKDVPGFLQQSQNSGPGQPAVWHRLEELYTKKLWHQLTLQVLDFVQDPCFAQGDGLIKLYENFISEFEHRVNPLSLVEII
LHVVRQMTDPNVALTFLEKTREKVKSSDEAVILCKTAIGALKLNIGDLQVTKETIEDVEEMLNNLPGVTSVHSRFYDLSS
KYYQTIGNHASYYKDALRFLGCVDIKDLPVSEQQERAFTLGLAGLLGEGVFNFGELLMHPVLESLRNTDRQWLIDTLYAF
NSGNVERFQTLKTAWGQQPDLAANEAQLLRKIQLLCLMEMTFTRPANHRQLTFEEIAKSAKITVNEVELLVMKALSVGLV
KGSIDEVDKRVHMTWVQPRVLDLQQIKGMKDRLEFWCTDVKSMEMLVEHQAHDILT
;
a
8 'polypeptide(L)'
;MVLESTMVCVDNSEYMRNGDFLPTRLQAQQDAVNIVCHSKTRSNPENNVGLITLANDCEVLTTLTPDTGRILSKLHTVQP
KGKITFCTGIRVAHLALKHRQGKNHKMRIIAFVGSPVEDNEKDLVKLAKRLKKEKVNVDIINFGEEEVNTEKLTAFVNTL
NGKDGTGSHLVTVPPGPSLADALISSPILAGEGGAMLGLGASDFEFGVDPSADPELALALRVSMEEQRQRQEEEARRAAA
ASAAEAGIATTGTEDSDDALLKMTISQQEFGRTGLPDLSSMTEEEQIAYAMQMSLQGAEFGQAESADIDASSAMDTSEPA
KEEDDYDVMQDPEFLQSVLENLPGVDPNNEAIRNAMGSLASQATKDGKKDKKEEDKK
;
b
9 'polypeptide(L)'
;DRLLRLGGGMPGLGQGPPTDAPAVDTAEQVYISSLALLKMLKHGRAGVPMEVMGLMLGEFVDDYTVRVIDVFAMPQSGTG
VSVEAVDPVFQAKMLDMLKQTGRPEMVVGWYHSHPGFGCWLSGVDINTQQSFEALSERAVAVVVDPIQSVKGKVVIDAFR
LINANMMVLGHEPRQTTSNLGHLNKPSIQALIHGLNRHYYSITINYRKNELEQKMLLNLHKKSWMEGLTLQDYSEHCKHN
ESVVKEMLELAKNYNKAVEEEDKMTPEQLAIKNVGKQDPKRHLEEHVDVLMTSNIVQCLAAMLDTVVFK
;
c
10 'polypeptide(L)'
;FIKGRAPRAPPRERRRATRGGLRQVVAPPRALGSTSRPHFRRASVCRRRCRKSGGLLAASRKMAAAAVNGAAGFSSSGPA
ATSGAVLQAATGMYEQLKGEWNRKSPNLSKCGEELGRLKLVLLELNFLPTTGTKLTKQQLILARDILEIGAQWSILRKDI
PSFERYMAQLKCYYFDYKEQLPESAYMHQLLGLNLLFLLSQNRVAEFHTELERLPAKDIQTNVYIKHPVSLEQYLMEGSY
NKVFLAKGNIPAESYTFFIDILLDTIRDEIAGCIEKAYEKILFTEATRILFFNTPKKMTDYAKKRGWVLGPNNYYSFASQ
QQKPEDTTIPSTELAKQVIEYARQLEMIV
;
d
11 'polypeptide(L)' MSEKKQPVDLGLLEEDDEFEEFPAEDWAGLDEDEDAHVWEDNWDDDNVEDDFSNQLRAELEKHGYKMETS e
12 'polypeptide(L)'
;MEEGGRDKAPVQPQQSPAAAPGGTDEKPSGKERRDAGDKDKEQELSEEDKQLQDELEMLVERLGEKDTSLYRPALEELRR
QIRSSTTSMTSVPKPLKFLRPHYGKLKEIYENMAPGENKRFAADIISVLAMTMSGERECLKYRLVGSQEELASWGHEYVR
HLAGEVAKEWQELDDAEKVQREPLLTLVKEIVPYNMAHNAEHEACDLLMEIEQVDMLEKDIDENAYAKVCLYLTSCVNYV
PEPENSALLRCALGVFRKFSRFPEALRLALMLNDMELVEDIFTSCKDVVVQKQMAFMLGRHGVFLELSEDVEEYEDLTEI
MSNVQLNSNFLALARELDIMEPKVPDDIYKTHLENNRFGGSGSQVDSARMNLASSFVNGFVNAAFGQDKLLTDDGNKWLY
KNKDHGMLSAAASLGMILLWDVDGGLTQIDKYLYSSEDYIKSGALLACGIVNSGVRNECDPALALLSDYVLHNSNTMRLG
SIFGLGLAYAGSNREDVLTLLLPVMGDSKSSMEVAGVTALACGMIAVGSCNGDVTSTILQTIMEKSETELKDTYARWLPL
GLGLNHLGKGEAIEAILAALEVVSEPFRSFANTLVDVCAYAGSGNVLKVQQLLHICSEHFDSKEKEEDKDKKEKKDKDKK
EAPADMGAHQGVAVLGIALIAMGEEIGAEMALRTFGHLLRYGEPTLRRAVPLALALISVSNPRLNILDTLSKFSHDADPE
VSYNSIFAMGMVGSGTNNARLAAMLRQLAQYHAKDPNNLFMVRLAQGLTHLGKGTLTLCPYHSDRQLMSQVAVAGLLTVL
VSFLDVRNIILGKSHYVLYGLVAAMQPRMLVTFDEELRPLPVSVRVGQAVDVVGQAGKPKTITGFQTHTTPVLLAHGERA
ELATEEFLPVTPILEGFVILRKNPNYDL
;
f
13 'polypeptide(L)'
;MPDYLGADQRKTKEDEKDDKPIRALDEGDIALLKTYGQSTYSRQIKQVEDDIQQLLKKINELTGIKESDTGLAPPALWDL
AADKQTLQSEQPLQVARCTKIINADSEDPKYIINVKQFAKFVVDLSDQVAPTDIEEGMRVGVDRNKYQIHIPLPPKIDPT
VTMMQVEEKPDVTYSDVGGCKEQIEKLREVVETPLLHPERFVNLGIEPPKGVLLFGPPGTGKTLCARAVANRTDACFIRV
IGSELVQKYVGEGARMVRELFEMARTKKACLIFFDEIDAIGGARFDDGAGGDNEVQRTMLELINQLDGFDPRGNIKVLMA
TNRPDTLDPALMRPGRLDRKIEFSLPDLEGRTHIFKIHARSMSVERDIRFELLARLCPNSTGAEIRSVCTEAGMFAIRAR
RKIATEKDFLEAVNKVIKSYAKFSATPRYMTYN
;
A
14 'polypeptide(L)'
;MGQSQSGGHGPGGGKKDDKDKKKKYEPPVPTRVGKKKKKTKGPDAASKLPLVTPHTQCRLKLLKLERIKDYLLMEEEFIR
NQEQMKPLEEKQEEERSKVDDLRGTPMSVGTLEEIIDDNHAIVSTSVGSEHYVSILSFVDKDLLEPGCSVLLNHKVHAVI
GVLMDDTDPLVTVMKVEKAPQETYADIGGLDNQIQEIKESVELPLTHPEYYEEMGIKPPKGVILYGPPGTGKTLLAKAVA
NQTSATFLRVVGSELIQKYLGDGPKLVRELFRVAEEHAPSIVFIDEIDAIGTKRYDSNSGGEREIQRTMLELLNQLDGFD
SRGDVKVIMATNRIETLDPALIRPGRIDRKIEFPLPDEKTKKRIFQIHTSRMTLADDVTLDDLIMAKDDLSGADIKAICT
EAGLMALRERRMKVTNEDFKKSKENVLYKKQEGTPEGLYL
;
B
15 'polypeptide(L)'
;MELEEGKAGSGLRQYYLSKIEELQLIVNDKSQNLRRLQAQRNELNAKVRLLREELQLLQEQGSYVGEVVRAMDKKKVLVK
VHPEGKFVVDVDKNIDINDVTPNCRVALRNDSYTLHKILPNKVDPLVSLMMVEKVPDSTYEMIGGLDKQIKEIKEVIELP
VKHPELFEALGIAQPKGVLLYGPPGTGKTLLARAVAHHTDCTFIRVSGSELVQKFIGEGARMVRELFVMAREHAPSIIFM
DEIDSIGSSRLEGGSGGDSEVQRTMLELLNQLDGFEATKNIKVIMATNRIDILDSALLRPGRIDRKIEFPPPNEEARLDI
LKIHSRKMNLTRGINLRKIAELMPGASGAEVKGVCTEAGMYALRERRVHVTQEDFEMAVAKVMQKDSEKNMSIKKLWK
;
C
16 'polypeptide(L)'
;MEEIGILVEKAQDEIPALSVSRPQTGLSFLGPEPEDLEDLYSRYKKLQQELEFLEVQEEYIKDEQKNLKKEFLHAQEEVK
RIQSIPLVIGQFLEAVDQNTAIVGSTTGSNYYVRILSTIDRELLKPNASVALHKHSNALVDVLPPEADSSIMMLTSDQKP
DVMYADIGGMDIQKQEVREAVELPLTHFELYKQIGIDPPRGVLMYGPPGCGKTMLAKAVAHHTTAAFIRVVGSEFVQKYL
GEGPRMVRDVFRLAKENAPAIIFIDEIDAIATKRFDAQTGADREVQRILLELLNQMDGFDQNVNVKVIMATNRADTLDPA
LLRPGRLDRKIEFPLPDRRQKRLIFSTITSKMNLSEEVDLEDYVARPDKISGADINSICQESGMLAVRENRYIVLAKDFE
KAYKTVIKKDEQEHEFYK
;
D
17 'polypeptide(L)'
;MAIPGIPYERRLLIMADPRDKALQDYRKKLLEHKEIDGRLKELREQLKELTKQYEKSENDLKALQSVGQIVGEVLKQLTE
EKFIVKATNGPRYVVGCRRQLDKSKLKPGTRVALDMTTLTIMRYLPREVDPLVYNMSHEDPGNVSYSEIGGLSEQIRELR
EVIELPLTNPELFQRVGIIPPKGCLLYGPPGTGKTLLARAVASQLDCNFLKVVSSSIVDKYIGESARLIREMFNYARDHQ
PCIIFMDEIDAIGGRRFSEGTSADREIQRTLMELLNQMDGFDTLHRVKMIMATNRPDTLDPALLRPGRLDRKIHIDLPNE
QARLDILKIHAGPITKHGEIDYEAIVKLSDGFNGADLRNVCTEAGMFAIRADHDFVVQEDFMKAVRKVADSKKLESKLDY
KPV
;
E
18 'polypeptide(L)'
;MNLLPNIESPVTRQEKMATVWDEAEQDGIGEEVLKMSTEEIIQRTRLLDSEIKIMKSEVLRVTHELQAMKDKIKENSEKI
KVNKTLPYLVSNVIELLDVDPNDQEEDGANIDLDSQRKGKCAVIKTSTRQTYFLPVIGLVDAEKLKPGDLVGVNKDSYLI
LETLPTEYDSRVKAMEVDERPTEQYSDIGGLDKQIQELVEAIVLPMNHKEKFENLGIQPPKGVLMYGPPGTGKTLLARAC
AAQTKATFLKLAGPQLVQMFIGDGAKLVRDAFALAKEKAPSIIFIDELDAIGTKRFDSEKAGDREVQRTMLELLNQLDGF
QPNTQVKVIAATNRVDILDPALLRSGRLDRKIEFPMPNEEARARIMQIHSRKMNVSPDVNYEELARCTDDFNGAQCKAVC
VEAGMIALRRGATELTHEDYMEGILEVQAKKKANLQYYA
;
F
19 'polypeptide(L)' MQIFVKTLTGKTITLEVEPSDTIENVKAKIQDKEGIPPDQQRLIFAGKQLEDGRTLSDYNIQRESTLHLVLRLRGG u,w
20 'polypeptide(L)'
;SRGSSAGFDRHITIFSPEGRLYQVEYAFKAINQGGLTSVAVRGKDCAVIVTQKKVPDKLLDSSTVTHLFKITENIGCVMT
GMTADSRSQVQRARYEAANWKYKYGYEIPVDMLCKRIADISQVYTQNAEMRPLGCCMILIGIDEEQGPQVYKCDPAGYYC
GFKATAAGVKQTESTSFLEKKVKKKFDWTFEQTVETAITCLSTVLSIDFKPSEIEVGVVTVENPKFRILTEAEIDAHLVA
LAERD
;
G,g
21 'polypeptide(L)'
;AERGYSFSLTTFSPSGKLVQIEYALAAVAGGAPSVGIKAANGVVLATEKKQKSILYDERSVHKVEPITKHIGLVYSGMGP
DYRVLVHRARKLAQQYYLVYQEPIPTAQLVQRVASVMQEYTQSGGVRPFGVSLLICGWNEGRPYLFQSDPSGAYFAWKAT
AMGKNYVNGKTFLEKRYNEDLELEDAIHTAILTLKESFEGQMTEDNIEVGICNEAGFRRLTPTEVKDYLAAIA
;
H,h
22 'polypeptide(L)'
;SRRYDSRTTIFSPEGRLYQVEYAMEAIGHAGTCLGILANDGVLLAAERRNIHKLLDEVFFSEKIYKLNEDMACSVAGITS
DANVLTNELRLIAQRYLLQYQEPIPCEQLVTALCDIKQAYTQFGGKRPFGVSLLYIGWDKHYGFQLYQSDPSGNYGGWKA
TCIGNNSAAAVSMLKQDYKEGEMTLKSALALAIKVLNKTMDVSKLSAEKVEIATLTRENGKTVIRVLKQKEVEQLIKKHE
EEEAKAEREKKEKEQKEKDK
;
I,i
23 'polypeptide(L)'
;SYDRAITVFSPDGHLFQVEYAQEAVKKGSTAVGVRGRDIVVLGVEKKSVAKLQDERTVRKICALDDNVCMAFAGLTADAR
IVINRARVECQSHRLTVEDPVTVEYITRYIASLKQRYTQSNGRRPFGISALIVGFDFDGTPRLYQTDPSGTYHAWKANAI
GRGAKSVREFLEKNYTDEAIETDDLTIKLVIKALLEVVQSGGKNIELAVMRRDQSLKILNPEEIEKYVAEIEKEKEENEK
KKQKKAS
;
J,j
24 'polypeptide(L)'
;FLTRSEYDRGVNTFSPEGRLFQVEYAIEAIKLGSTAIGIQTSEGVCLAVEKRITSPLMEPSSIEKIVEIDAHIGCAMSGL
IADAKTLIDKARVETQNHWFTYNETMTVESVTQAVSNLALQFGEEDADPGAMSRPFGVALLFGGVDEKGPQLFHMDPSGT
FVQCDARAIGSASEGAQSSLQEVYHKSMTLKEAIKSSLIILKQVMEEKLNATNIELATVQPGQNFHMFTKEELEEVIKDI
;
K,k
25 'polypeptide(L)'
;QLSKVKFRNQYDNDVTVWSPQGRIHQIEYAMEAVKQGSATVGLKSKTHAVLVALKRAQSELAAHQKKILHVDNHIGISIA
GLTADARLLCNFMRQECLDSRFVFDRPLPVSRLVSLIGSKTQIPTQRYGRRPYGVGLLIAGYDDMGPHIFQTCPSANYFD
CRAMSIGARSQSARTYLERHMSEFMECNLNELVKHGLRALRETLPAEQDLTTKNVSIGIVGKDLEFTIYDDDDVSPFLEG
LEERPQRKAQPAQPADEPAEKADEPMEH
;
L,l
26 'polypeptide(L)'
;SSIGTGYDLSASTFSPDGRVFQVEYAMKAVENSSTAIGIRCKDGVVFGVEKLVLSKLYEEGSNKRLFNVDRHVGMAVAGL
LADARSLADIAREEASNFRSNFGYNIPLKHLADRVAMYVHAYTLYSAVRPFGCSFMLGSYSVNDGAQLYMIDPSGVSYGY
WGCAIGKARQAAKTEIEKLQMKEMTCRDIVKEVAKIIYIVHDEVKDKAFELELSWVGELTNGRHEIVPKDIREEAEKYAK
ESLKEEDESDDDNM
;
M,m
27 'polypeptide(L)'
;AATLLAARGAGPAPAWGPEAFTPDWESREVSTGTTIMAVQFDGGVVLGADSRTTTGSYIANRVTDKLTPIHDRIFCCRSG
SAADTQAVADAVTYQLGFHSIELNEPPLVHTAASLFKEMCYRYREDLMAGIIIAGWDPQEGGQVYSVPMGGMMVRQSFAI
GGSGSSYIYGYVDATYREGMTKEECLQFTANALALAMERDGSSGGVIRLAAIAESGVERQVLLGDQIPKFAVATLPPA
;
N,n
28 'polypeptide(L)'
;AAVSVYAPPVGGFSFDNCRRNAVLEADFAKRGYKLPKVRKTGTTIAGVVYKDGIVLGADTRATEGMVVADKNCSKIHFIS
PNIYCCGAGTAADTDMTTQLISSNLELHSLSTGRLPRVVTANRMLKQMLFRYQGYIGAALVLGGVDVTGPHLYSIYPHGS
TDKLPYVTMGSGSLAAMAVFEDKFRPDMEEEEAKNLVSEAIAAGIFNDLGSGSNIDLCVISKNKLDFLRPYTVPNKKGTR
LGRYRCEKGTTAVLTEKITPLEIEVLEETVQTMDTS
;
O,o
29 'polypeptide(L)'
;SIMSYNGGAVMAMKGKNCVAIAADRRFGIQAQMVTTDFQKIFPMGDRLYIGLAGLATDVQTVAQRLKFRLNLYELKEGRQ
IKPYTLMSMVANLLYEKRFGPYYTEPVIAGLDPKTFKPFICSLDLIGCPMVTDDFVVSGTCAEQMYGMCESLWEPNMDPD
HLFETISQAMLNAVDRDAVSGMGVIVHIIEKDKITTRTLKARMD
;
P,p
30 'polypeptide(L)'
;MEYLIGIQGPDYVLVASDRVAASNIVQMKDDHDKMFKMSEKILLLCVGEAGDTVQFAEYIQKNVQLYKMRNGYELSPTAA
ANFTRRNLADCLRSRTPYHVNLLLAGYDEHEGPALYYMDYLAALAKAPFAAHGYGAFLTLSILDRYYTPTISRERAVELL
RKCLEELQKRFILNLPTFSVRIIDKNGIHDLDNISFPKQGS
;
Q,q
31 'polypeptide(L)'
;ALASVLERPLPVNQRGFFGLGGRADLLDLGPGSLSDGLSLAAPGWGVPEEPGIEMLHGTTTLAFKFRHGVIVAADSRATA
GAYIASQTVKKVIEINPYLLGTMAGGAADCSFWERLLARQCRIYELRNKERISVAAASKLLANMVYQYKGMGLSMGTMIC
GWDKRGPGLYYVDSEGNRISGATFSVGSGSVYAYGVMDRGYSYDLEVEQAYDLARRAIYQATYRDAYSGGAVNLYHVRED
GWIRVSSDNVADLHEKYSGSTP
;
R,r
32 'polypeptide(L)'
;LSSTAMYSAPGRDLGMEPHRAAGPLQLRFSPYVFNGGTILAIAGEDFAIVASDTRLSEGFSIHTRDSPKCYKLTDKTVIG
CSGFHGDCLTLTKIIEARLKMYKHSNNKAMTTGAIAAMLSTILYSRRFFPYYVYNIIGGLDEEGKGAVYSFDPVGSYQRD
SFKAGGSASAMLQPLLDNQVGFKNMQNVEHVPLSLDRAMRLVKDVFISAAERDVYTGDALRICIVTKEGIREETVSLRKD
;
S,s
33 'polypeptide(L)'
;EAFLGSRSGLWAGGPAPGQFYRIPSTPDSFMDPASALYRGPITRTQNPMVTGTSVLGVKFEGGVVIAADMLGSYGSLARF
RNISRIMRVNNSTMLGASGDYADFQYLKQVLGQMVIDEELLGDGHSYSPRAIHSWLTRAMYSRRSKMNPLWNTMVIGGYA
DGESFLGYVDMLGVAYEAPSLATGYGAYLAQPLLREVLEKQPVLSQTEARDLVERCMRVLYYRDARSYNRFQIATVTEKG
VEIEGPLSTETNWDIAHMISGFE
;
T,t
#
loop_
_chem_comp.id
_chem_comp.type
_chem_comp.name
_chem_comp.formula
ADP non-polymer ADENOSINE-5'-DIPHOSPHATE 'C10 H15 N5 O10 P2'
ATP non-polymer ADENOSINE-5'-TRIPHOSPHATE 'C10 H16 N5 O13 P3'
MG non-polymer 'MAGNESIUM ION' 'Mg 2'
ZN non-polymer 'ZINC ION' 'Zn 2'
#
# COMPACT_ATOMS: atom_id res chain seq x y z
N GLY A 7 -52.13 95.64 94.70
CA GLY A 7 -51.92 97.07 94.82
C GLY A 7 -51.22 97.50 96.08
N ILE A 8 -49.92 97.19 96.18
CA ILE A 8 -49.11 97.61 97.32
C ILE A 8 -48.08 98.59 96.81
N ILE A 9 -47.97 98.66 95.48
CA ILE A 9 -47.02 99.58 94.86
C ILE A 9 -47.59 101.00 94.81
N SER A 10 -48.88 101.13 94.53
CA SER A 10 -49.51 102.44 94.41
C SER A 10 -49.86 103.08 95.75
N LEU A 11 -49.48 102.47 96.89
CA LEU A 11 -49.62 103.12 98.18
C LEU A 11 -48.56 104.18 98.43
N LEU A 12 -47.60 104.33 97.53
CA LEU A 12 -46.52 105.30 97.67
C LEU A 12 -46.73 106.48 96.71
N ASP A 13 -47.98 106.81 96.42
CA ASP A 13 -48.36 107.87 95.49
C ASP A 13 -48.65 109.20 96.17
N GLU A 14 -49.48 109.19 97.21
CA GLU A 14 -50.18 110.37 97.73
C GLU A 14 -49.19 111.34 98.37
N ASP A 15 -49.55 112.63 98.42
CA ASP A 15 -48.73 113.66 99.02
C ASP A 15 -49.05 113.91 100.48
N GLU A 16 -50.19 113.40 100.96
CA GLU A 16 -50.61 113.67 102.33
C GLU A 16 -49.74 112.88 103.31
N PRO A 17 -49.41 113.43 104.48
CA PRO A 17 -48.44 112.76 105.35
C PRO A 17 -49.05 111.63 106.16
N GLN A 18 -50.37 111.57 106.26
CA GLN A 18 -50.97 110.54 107.11
C GLN A 18 -50.99 109.16 106.46
N LEU A 19 -50.92 109.07 105.13
CA LEU A 19 -50.71 107.76 104.49
C LEU A 19 -49.25 107.34 104.55
N LYS A 20 -48.33 108.28 104.77
CA LYS A 20 -46.90 107.96 104.80
C LYS A 20 -46.57 107.08 105.99
N GLU A 21 -47.17 107.35 107.14
CA GLU A 21 -47.00 106.43 108.25
C GLU A 21 -48.05 105.33 108.25
N PHE A 22 -49.00 105.36 107.31
CA PHE A 22 -49.86 104.22 107.07
C PHE A 22 -49.37 103.35 105.92
N ALA A 23 -48.44 103.85 105.11
CA ALA A 23 -47.83 103.00 104.10
C ALA A 23 -46.80 102.07 104.74
N LEU A 24 -46.11 102.54 105.78
CA LEU A 24 -45.24 101.64 106.54
C LEU A 24 -46.06 100.68 107.38
N HIS A 25 -47.31 101.03 107.70
CA HIS A 25 -48.27 100.08 108.22
C HIS A 25 -48.70 99.07 107.16
N LYS A 26 -48.59 99.45 105.88
CA LYS A 26 -49.05 98.59 104.81
C LYS A 26 -47.96 98.13 103.86
N LEU A 27 -46.68 98.40 104.17
CA LEU A 27 -45.60 97.74 103.42
C LEU A 27 -45.07 96.53 104.18
N ASN A 28 -45.03 96.59 105.51
CA ASN A 28 -44.60 95.46 106.32
C ASN A 28 -45.58 94.30 106.32
N ALA A 29 -46.88 94.56 106.14
CA ALA A 29 -47.85 93.47 106.14
C ALA A 29 -47.78 92.64 104.87
N VAL A 30 -47.33 93.26 103.78
CA VAL A 30 -47.32 92.61 102.47
C VAL A 30 -45.91 92.18 102.08
N VAL A 31 -45.04 91.99 103.08
CA VAL A 31 -43.64 91.69 102.84
C VAL A 31 -43.39 90.24 102.47
N ASN A 32 -44.44 89.41 102.50
CA ASN A 32 -44.24 87.95 102.50
C ASN A 32 -43.98 87.38 101.11
N ASP A 33 -44.87 87.63 100.15
CA ASP A 33 -44.90 86.82 98.94
C ASP A 33 -44.65 87.62 97.67
N PHE A 34 -45.43 88.67 97.41
CA PHE A 34 -45.48 89.26 96.07
C PHE A 34 -44.27 90.14 95.77
N TRP A 35 -43.06 89.59 95.84
CA TRP A 35 -41.86 90.33 95.53
C TRP A 35 -41.64 90.52 94.04
N ALA A 36 -42.45 89.88 93.19
CA ALA A 36 -42.26 90.04 91.76
C ALA A 36 -42.98 91.27 91.19
N GLU A 37 -43.85 91.92 91.97
CA GLU A 37 -44.68 92.98 91.43
C GLU A 37 -44.07 94.37 91.65
N ILE A 38 -43.03 94.47 92.49
CA ILE A 38 -42.33 95.73 92.69
C ILE A 38 -41.26 95.95 91.61
N SER A 39 -41.28 95.14 90.54
CA SER A 39 -40.41 95.34 89.38
C SER A 39 -40.57 96.72 88.76
N GLU A 40 -41.80 97.20 88.65
CA GLU A 40 -42.11 98.47 88.03
C GLU A 40 -42.25 99.60 89.04
N SER A 41 -41.59 99.50 90.19
CA SER A 41 -41.74 100.48 91.26
C SER A 41 -40.38 100.90 91.81
N VAL A 42 -39.42 101.13 90.92
CA VAL A 42 -38.08 101.51 91.35
C VAL A 42 -38.08 102.95 91.85
N ASP A 43 -38.57 103.88 91.02
CA ASP A 43 -38.73 105.28 91.42
C ASP A 43 -39.74 105.45 92.54
N LYS A 44 -40.79 104.62 92.58
CA LYS A 44 -41.81 104.75 93.61
C LYS A 44 -41.30 104.31 94.98
N ILE A 45 -40.21 103.54 95.02
CA ILE A 45 -39.39 103.45 96.22
C ILE A 45 -38.47 104.66 96.32
N GLU A 46 -37.76 104.99 95.25
CA GLU A 46 -36.60 105.87 95.33
C GLU A 46 -36.99 107.34 95.48
N VAL A 47 -37.98 107.79 94.71
CA VAL A 47 -38.46 109.16 94.88
C VAL A 47 -39.18 109.30 96.22
N LEU A 48 -39.87 108.25 96.66
CA LEU A 48 -40.49 108.24 97.98
C LEU A 48 -39.48 107.88 99.06
N TYR A 49 -38.29 107.38 98.68
CA TYR A 49 -37.16 107.36 99.61
C TYR A 49 -36.63 108.76 99.84
N GLU A 50 -36.68 109.61 98.82
CA GLU A 50 -36.26 111.01 98.90
C GLU A 50 -37.35 111.90 99.49
N ASP A 51 -38.51 111.37 99.83
CA ASP A 51 -39.56 112.15 100.45
C ASP A 51 -39.46 112.04 101.97
N GLU A 52 -39.63 113.18 102.64
CA GLU A 52 -39.43 113.25 104.08
C GLU A 52 -40.67 112.81 104.86
N GLY A 53 -41.84 112.81 104.22
CA GLY A 53 -43.06 112.36 104.84
C GLY A 53 -43.01 110.90 105.25
N PHE A 54 -42.55 110.05 104.35
CA PHE A 54 -42.35 108.63 104.65
C PHE A 54 -41.11 108.49 105.53
N ARG A 55 -41.28 108.79 106.82
CA ARG A 55 -40.24 108.88 107.85
C ARG A 55 -39.31 107.68 107.89
N SER A 56 -39.87 106.48 107.71
CA SER A 56 -39.09 105.25 107.60
C SER A 56 -38.67 104.98 106.16
N ARG A 57 -37.98 105.95 105.53
CA ARG A 57 -37.56 105.86 104.13
C ARG A 57 -36.67 104.66 103.87
N GLN A 58 -35.88 104.24 104.87
CA GLN A 58 -35.01 103.09 104.71
C GLN A 58 -35.79 101.79 104.64
N PHE A 59 -37.02 101.77 105.19
CA PHE A 59 -37.84 100.56 105.11
C PHE A 59 -38.37 100.33 103.70
N ALA A 60 -38.51 101.40 102.90
CA ALA A 60 -38.83 101.24 101.49
C ALA A 60 -37.72 100.51 100.76
N ALA A 61 -36.47 100.69 101.21
CA ALA A 61 -35.34 99.96 100.65
C ALA A 61 -35.24 98.52 101.16
N LEU A 62 -35.92 98.19 102.28
CA LEU A 62 -36.01 96.79 102.69
C LEU A 62 -36.81 95.97 101.67
N VAL A 63 -38.02 96.42 101.37
CA VAL A 63 -38.83 95.71 100.38
C VAL A 63 -38.29 95.94 98.98
N ALA A 64 -37.50 96.99 98.77
CA ALA A 64 -36.76 97.12 97.51
C ALA A 64 -35.58 96.16 97.45
N SER A 65 -35.12 95.70 98.62
CA SER A 65 -34.13 94.63 98.62
C SER A 65 -34.77 93.25 98.50
N LYS A 66 -36.10 93.17 98.62
CA LYS A 66 -36.77 91.90 98.47
C LYS A 66 -37.08 91.60 97.00
N VAL A 67 -37.39 92.63 96.22
CA VAL A 67 -37.79 92.43 94.83
C VAL A 67 -36.59 92.03 93.95
N PHE A 68 -35.43 92.66 94.11
CA PHE A 68 -34.37 92.45 93.13
C PHE A 68 -33.52 91.22 93.42
N TYR A 69 -33.73 90.54 94.55
CA TYR A 69 -33.27 89.16 94.62
C TYR A 69 -34.21 88.26 93.85
N HIS A 70 -35.51 88.49 93.97
CA HIS A 70 -36.50 87.65 93.31
C HIS A 70 -36.44 87.82 91.81
N LEU A 71 -36.04 89.01 91.35
CA LEU A 71 -35.74 89.19 89.93
C LEU A 71 -34.29 88.86 89.60
N GLY A 72 -33.41 88.86 90.59
CA GLY A 72 -32.03 88.53 90.33
C GLY A 72 -31.14 89.68 89.96
N ALA A 73 -31.49 90.91 90.38
CA ALA A 73 -30.59 92.05 90.24
C ALA A 73 -29.85 92.18 91.56
N PHE A 74 -28.73 91.45 91.65
CA PHE A 74 -28.09 91.20 92.94
C PHE A 74 -27.35 92.42 93.46
N GLU A 75 -26.83 93.27 92.57
CA GLU A 75 -26.26 94.53 93.04
C GLU A 75 -27.34 95.55 93.37
N GLU A 76 -28.51 95.45 92.72
CA GLU A 76 -29.59 96.38 93.02
C GLU A 76 -30.21 96.08 94.38
N SER A 77 -30.28 94.80 94.77
CA SER A 77 -30.57 94.47 96.16
C SER A 77 -29.44 94.88 97.07
N LEU A 78 -28.20 94.87 96.57
CA LEU A 78 -27.06 95.23 97.39
C LEU A 78 -27.01 96.74 97.65
N ASN A 79 -27.20 97.54 96.61
CA ASN A 79 -27.18 98.99 96.79
C ASN A 79 -28.38 99.49 97.58
N TYR A 80 -29.49 98.76 97.54
CA TYR A 80 -30.65 99.09 98.37
C TYR A 80 -30.57 98.47 99.75
N ALA A 81 -29.68 97.50 99.98
CA ALA A 81 -29.38 97.09 101.35
C ALA A 81 -28.38 98.05 101.99
N LEU A 82 -27.60 98.77 101.18
CA LEU A 82 -26.76 99.84 101.70
C LEU A 82 -27.62 101.02 102.16
N GLY A 83 -28.59 101.40 101.34
CA GLY A 83 -29.48 102.51 101.64
C GLY A 83 -30.58 102.20 102.62
N ALA A 84 -30.66 100.98 103.13
CA ALA A 84 -31.72 100.62 104.06
C ALA A 84 -31.32 100.79 105.52
N GLY A 85 -30.10 101.26 105.79
CA GLY A 85 -29.77 101.88 107.07
C GLY A 85 -29.87 100.96 108.27
N ASP A 86 -30.36 101.54 109.39
CA ASP A 86 -30.57 100.81 110.64
C ASP A 86 -31.63 99.73 110.49
N LEU A 87 -32.62 99.95 109.64
CA LEU A 87 -33.73 99.02 109.50
C LEU A 87 -33.31 97.77 108.74
N PHE A 88 -32.14 97.80 108.10
CA PHE A 88 -31.49 96.58 107.62
C PHE A 88 -30.42 96.10 108.59
N ASN A 89 -29.85 97.03 109.37
CA ASN A 89 -28.86 96.65 110.38
C ASN A 89 -29.50 95.93 111.55
N VAL A 90 -30.81 96.13 111.76
CA VAL A 90 -31.51 95.42 112.81
C VAL A 90 -31.91 94.02 112.33
N ASN A 91 -31.96 93.81 111.01
CA ASN A 91 -32.42 92.56 110.43
C ASN A 91 -31.22 91.79 109.90
N ASP A 92 -30.70 90.86 110.72
CA ASP A 92 -29.61 90.01 110.29
C ASP A 92 -29.76 88.56 110.74
N ASN A 93 -30.82 88.21 111.46
CA ASN A 93 -31.07 86.83 111.86
C ASN A 93 -32.11 86.23 110.92
N SER A 94 -31.66 85.87 109.73
CA SER A 94 -32.55 85.28 108.73
C SER A 94 -31.73 84.43 107.77
N GLU A 95 -32.42 83.55 107.08
CA GLU A 95 -31.86 82.84 105.95
C GLU A 95 -32.11 83.58 104.63
N TYR A 96 -32.96 84.61 104.64
CA TYR A 96 -32.96 85.58 103.56
C TYR A 96 -31.67 86.38 103.56
N VAL A 97 -31.35 86.98 104.70
CA VAL A 97 -30.37 88.05 104.78
C VAL A 97 -28.96 87.55 104.58
N GLU A 98 -28.73 86.23 104.72
CA GLU A 98 -27.42 85.64 104.54
C GLU A 98 -27.00 85.55 103.09
N THR A 99 -27.84 86.02 102.16
CA THR A 99 -27.43 86.15 100.77
C THR A 99 -27.00 87.58 100.45
N ILE A 100 -27.60 88.58 101.11
CA ILE A 100 -27.36 89.97 100.72
C ILE A 100 -26.54 90.76 101.74
N ILE A 101 -26.20 90.17 102.89
CA ILE A 101 -25.07 90.67 103.67
C ILE A 101 -23.77 90.12 103.13
N ALA A 102 -23.85 89.24 102.14
CA ALA A 102 -22.75 88.34 101.83
C ALA A 102 -22.23 88.57 100.42
N LYS A 103 -23.13 88.97 99.51
CA LYS A 103 -22.69 89.64 98.28
C LYS A 103 -22.06 90.99 98.60
N CYS A 104 -22.44 91.58 99.74
CA CYS A 104 -21.75 92.75 100.26
C CYS A 104 -20.28 92.44 100.51
N ILE A 105 -20.01 91.36 101.26
CA ILE A 105 -18.64 90.95 101.58
C ILE A 105 -17.88 90.59 100.32
N ASP A 106 -18.56 89.98 99.35
CA ASP A 106 -17.96 89.72 98.05
C ASP A 106 -17.62 91.02 97.33
N HIS A 107 -18.53 92.01 97.40
CA HIS A 107 -18.21 93.32 96.87
C HIS A 107 -17.24 94.05 97.79
N TYR A 108 -17.21 93.71 99.08
CA TYR A 108 -16.31 94.37 100.01
C TYR A 108 -14.89 93.86 99.87
N THR A 109 -14.71 92.54 99.77
CA THR A 109 -13.37 91.97 99.79
C THR A 109 -12.61 92.26 98.51
N LYS A 110 -13.30 92.56 97.41
CA LYS A 110 -12.62 92.96 96.19
C LYS A 110 -12.43 94.48 96.12
N GLN A 111 -13.21 95.25 96.89
CA GLN A 111 -13.05 96.69 96.91
C GLN A 111 -11.76 97.10 97.63
N CYS A 112 -11.48 96.47 98.77
CA CYS A 112 -10.33 96.89 99.56
C CYS A 112 -9.04 96.21 99.11
N VAL A 113 -9.15 95.22 98.21
CA VAL A 113 -7.99 94.81 97.43
C VAL A 113 -7.53 95.97 96.56
N GLU A 114 -8.48 96.66 95.91
CA GLU A 114 -8.15 97.80 95.09
C GLU A 114 -7.68 98.97 95.96
N ASN A 115 -8.12 99.03 97.22
CA ASN A 115 -7.63 100.04 98.14
C ASN A 115 -6.28 99.68 98.75
N ALA A 116 -5.99 98.39 98.94
CA ALA A 116 -4.65 98.00 99.38
C ALA A 116 -3.61 98.18 98.29
N ASP A 117 -4.04 98.21 97.02
CA ASP A 117 -3.12 98.48 95.93
C ASP A 117 -2.66 99.93 95.97
N LEU A 118 -3.61 100.87 95.89
CA LEU A 118 -3.31 102.30 95.84
C LEU A 118 -4.00 103.01 96.99
N PRO A 119 -3.36 103.10 98.16
CA PRO A 119 -3.83 104.05 99.18
C PRO A 119 -3.32 105.46 98.95
N GLU A 120 -2.42 105.65 97.98
CA GLU A 120 -1.83 106.96 97.69
C GLU A 120 -2.63 107.63 96.58
N GLY A 121 -3.61 108.43 96.98
CA GLY A 121 -4.41 109.19 96.05
C GLY A 121 -5.44 108.34 95.32
N GLU A 122 -6.50 109.04 94.86
CA GLU A 122 -7.67 108.58 94.10
C GLU A 122 -8.26 107.26 94.56
N LYS A 123 -8.22 107.00 95.86
CA LYS A 123 -8.82 105.81 96.44
C LYS A 123 -10.34 105.91 96.39
N LYS A 124 -10.99 104.76 96.29
CA LYS A 124 -12.45 104.74 96.27
C LYS A 124 -12.98 105.09 97.64
N PRO A 125 -14.03 105.90 97.75
CA PRO A 125 -14.55 106.30 99.07
C PRO A 125 -15.15 105.15 99.86
N ILE A 126 -14.56 104.87 101.03
CA ILE A 126 -15.09 103.89 101.97
C ILE A 126 -16.43 104.42 102.46
N ASP A 127 -17.47 103.60 102.34
CA ASP A 127 -18.84 104.05 102.58
C ASP A 127 -19.10 104.21 104.08
N GLN A 128 -18.35 103.44 104.89
CA GLN A 128 -18.48 103.22 106.33
C GLN A 128 -19.77 102.51 106.73
N ARG A 129 -20.62 102.19 105.75
CA ARG A 129 -21.56 101.08 105.84
C ARG A 129 -21.02 99.87 105.10
N LEU A 130 -20.08 100.11 104.18
CA LEU A 130 -19.31 99.06 103.53
C LEU A 130 -18.47 98.29 104.55
N GLU A 131 -17.83 99.03 105.47
CA GLU A 131 -17.10 98.44 106.59
C GLU A 131 -17.90 98.42 107.88
N GLY A 132 -19.13 98.96 107.88
CA GLY A 132 -19.92 99.02 109.09
C GLY A 132 -20.44 97.66 109.53
N ILE A 133 -20.53 96.70 108.60
CA ILE A 133 -20.96 95.36 108.96
C ILE A 133 -19.81 94.40 109.16
N VAL A 134 -18.60 94.77 108.74
CA VAL A 134 -17.50 93.81 108.66
C VAL A 134 -16.89 93.58 110.03
N ASN A 135 -16.62 94.66 110.77
CA ASN A 135 -16.30 94.50 112.18
C ASN A 135 -17.53 94.05 112.97
N LYS A 136 -18.73 94.36 112.49
CA LYS A 136 -19.94 93.82 113.10
C LYS A 136 -20.08 92.33 112.83
N MET A 137 -19.63 91.86 111.66
CA MET A 137 -19.52 90.42 111.46
C MET A 137 -18.37 89.85 112.26
N PHE A 138 -17.36 90.67 112.54
CA PHE A 138 -16.29 90.24 113.43
C PHE A 138 -16.77 90.20 114.88
N GLN A 139 -17.84 90.94 115.21
CA GLN A 139 -18.46 90.81 116.53
C GLN A 139 -19.06 89.43 116.72
N ARG A 140 -19.59 88.83 115.65
CA ARG A 140 -20.02 87.44 115.70
C ARG A 140 -18.82 86.51 115.90
N CYS A 141 -17.68 86.87 115.29
CA CYS A 141 -16.46 86.11 115.49
C CYS A 141 -15.90 86.32 116.89
N LEU A 142 -16.20 87.46 117.50
CA LEU A 142 -15.85 87.72 118.89
C LEU A 142 -16.71 86.94 119.87
N ASP A 143 -17.82 86.34 119.43
CA ASP A 143 -18.79 85.77 120.35
C ASP A 143 -19.17 84.33 120.05
N ASP A 144 -19.22 83.92 118.79
CA ASP A 144 -19.78 82.62 118.43
C ASP A 144 -18.73 81.51 118.36
N HIS A 145 -17.46 81.87 118.59
CA HIS A 145 -16.32 80.93 118.74
C HIS A 145 -16.12 80.05 117.50
N LYS A 146 -16.00 80.73 116.36
CA LYS A 146 -15.44 80.13 115.15
C LYS A 146 -14.41 81.08 114.57
N TYR A 147 -13.19 80.59 114.37
CA TYR A 147 -12.06 81.45 114.10
C TYR A 147 -11.25 81.09 112.86
N LYS A 148 -11.39 79.88 112.32
CA LYS A 148 -10.68 79.56 111.09
C LYS A 148 -11.36 80.18 109.88
N GLN A 149 -12.61 80.59 110.02
CA GLN A 149 -13.22 81.47 109.04
C GLN A 149 -12.97 82.93 109.36
N ALA A 150 -12.85 83.27 110.66
CA ALA A 150 -12.68 84.65 111.08
C ALA A 150 -11.34 85.22 110.68
N ILE A 151 -10.28 84.42 110.75
CA ILE A 151 -8.96 84.86 110.30
C ILE A 151 -8.92 85.03 108.79
N GLY A 152 -9.81 84.36 108.06
CA GLY A 152 -9.74 84.37 106.62
C GLY A 152 -10.34 85.59 105.96
N ILE A 153 -11.29 86.27 106.61
CA ILE A 153 -11.68 87.57 106.09
C ILE A 153 -10.52 88.54 106.28
N ALA A 154 -9.80 88.42 107.40
CA ALA A 154 -8.81 89.41 107.81
C ALA A 154 -7.56 89.40 106.92
N LEU A 155 -7.39 88.36 106.12
CA LEU A 155 -6.46 88.47 104.99
C LEU A 155 -7.16 89.06 103.77
N GLU A 156 -8.37 88.56 103.49
CA GLU A 156 -9.08 88.94 102.27
C GLU A 156 -9.67 90.34 102.36
N THR A 157 -9.87 90.89 103.56
CA THR A 157 -10.34 92.27 103.69
C THR A 157 -9.26 93.30 103.39
N ARG A 158 -7.99 92.88 103.35
CA ARG A 158 -6.84 93.76 103.15
C ARG A 158 -6.78 94.88 104.20
N ARG A 159 -7.19 94.57 105.42
CA ARG A 159 -7.19 95.54 106.50
C ARG A 159 -6.22 95.09 107.59
N LEU A 160 -5.47 96.05 108.11
CA LEU A 160 -4.40 95.79 109.05
C LEU A 160 -4.88 95.69 110.49
N ASP A 161 -5.78 96.57 110.93
CA ASP A 161 -6.11 96.60 112.35
C ASP A 161 -7.24 95.65 112.72
N VAL A 162 -8.04 95.19 111.76
CA VAL A 162 -8.96 94.11 112.10
C VAL A 162 -8.22 92.77 112.07
N PHE A 163 -7.10 92.70 111.36
CA PHE A 163 -6.26 91.51 111.40
C PHE A 163 -5.43 91.48 112.68
N GLU A 164 -5.01 92.64 113.17
CA GLU A 164 -4.42 92.75 114.49
C GLU A 164 -5.46 92.50 115.58
N LYS A 165 -6.74 92.66 115.25
CA LYS A 165 -7.78 92.40 116.24
C LYS A 165 -8.15 90.91 116.27
N THR A 166 -7.74 90.15 115.24
CA THR A 166 -7.95 88.70 115.28
C THR A 166 -7.05 88.03 116.31
N ILE A 167 -5.89 88.64 116.57
CA ILE A 167 -4.92 88.03 117.47
C ILE A 167 -4.94 88.66 118.85
N LEU A 168 -5.82 89.62 119.08
CA LEU A 168 -6.00 90.28 120.37
C LEU A 168 -7.49 90.31 120.71
N GLU A 169 -8.12 89.14 120.64
CA GLU A 169 -9.55 89.00 120.86
C GLU A 169 -9.80 87.83 121.81
N SER A 170 -11.08 87.47 121.93
CA SER A 170 -11.51 86.33 122.75
C SER A 170 -11.25 85.03 122.00
N ASN A 171 -9.96 84.72 121.83
CA ASN A 171 -9.53 83.60 121.00
C ASN A 171 -8.32 82.97 121.66
N ASP A 172 -8.34 81.65 121.78
CA ASP A 172 -7.20 80.94 122.34
C ASP A 172 -6.02 81.00 121.36
N VAL A 173 -4.81 80.97 121.92
CA VAL A 173 -3.62 80.88 121.08
C VAL A 173 -2.84 79.60 121.44
N PRO A 174 -3.25 78.41 120.97
CA PRO A 174 -2.29 77.30 120.95
C PRO A 174 -1.24 77.50 119.87
N GLY A 175 -1.71 77.67 118.63
CA GLY A 175 -0.84 77.91 117.50
C GLY A 175 -1.44 78.80 116.42
N MET A 176 -2.48 79.56 116.76
CA MET A 176 -3.18 80.35 115.74
C MET A 176 -2.41 81.60 115.33
N LEU A 177 -1.41 82.01 116.11
CA LEU A 177 -0.50 83.06 115.69
C LEU A 177 0.77 82.49 115.09
N ALA A 178 0.74 81.26 114.60
CA ALA A 178 1.88 80.62 113.97
C ALA A 178 1.64 80.29 112.51
N TYR A 179 0.54 79.59 112.19
CA TYR A 179 0.26 79.27 110.79
C TYR A 179 -0.25 80.47 110.02
N SER A 180 -0.73 81.50 110.70
CA SER A 180 -1.04 82.76 110.02
C SER A 180 0.22 83.41 109.48
N LEU A 181 1.34 83.27 110.19
CA LEU A 181 2.63 83.66 109.64
C LEU A 181 3.05 82.77 108.48
N LYS A 182 2.63 81.51 108.50
CA LYS A 182 2.94 80.61 107.40
C LYS A 182 2.11 80.94 106.16
N LEU A 183 0.83 81.28 106.35
CA LEU A 183 -0.02 81.64 105.23
C LEU A 183 0.38 82.99 104.64
N CYS A 184 0.80 83.93 105.48
CA CYS A 184 1.17 85.26 105.01
C CYS A 184 2.57 85.33 104.42
N MET A 185 3.28 84.21 104.35
CA MET A 185 4.54 84.15 103.61
C MET A 185 4.45 83.24 102.39
N SER A 186 3.76 82.11 102.50
CA SER A 186 3.74 81.12 101.42
C SER A 186 2.85 81.57 100.26
N LEU A 187 1.56 81.72 100.52
CA LEU A 187 0.58 82.05 99.50
C LEU A 187 0.32 83.56 99.39
N MET A 188 1.28 84.39 99.76
CA MET A 188 1.11 85.84 99.67
C MET A 188 1.30 86.32 98.23
N GLN A 189 0.45 87.25 97.82
CA GLN A 189 0.44 87.71 96.43
C GLN A 189 1.67 88.55 96.10
N ASN A 190 1.86 89.66 96.82
CA ASN A 190 2.92 90.61 96.52
C ASN A 190 3.67 90.98 97.80
N LYS A 191 4.69 91.83 97.62
CA LYS A 191 5.40 92.39 98.77
C LYS A 191 4.66 93.55 99.41
N GLN A 192 3.67 94.12 98.71
CA GLN A 192 3.00 95.33 99.19
C GLN A 192 2.06 95.03 100.35
N PHE A 193 1.36 93.90 100.28
CA PHE A 193 0.49 93.48 101.36
C PHE A 193 1.22 92.55 102.34
N ARG A 194 2.39 92.03 101.96
CA ARG A 194 3.13 91.17 102.86
C ARG A 194 3.73 91.95 104.02
N ASN A 195 4.49 93.01 103.71
CA ASN A 195 5.19 93.76 104.74
C ASN A 195 4.25 94.55 105.64
N LYS A 196 3.10 94.97 105.12
CA LYS A 196 2.10 95.65 105.95
C LYS A 196 1.49 94.72 106.98
N VAL A 197 1.35 93.44 106.64
CA VAL A 197 0.85 92.45 107.59
C VAL A 197 1.96 91.97 108.51
N LEU A 198 3.16 91.76 107.95
CA LEU A 198 4.22 91.07 108.69
C LEU A 198 4.83 91.95 109.77
N ARG A 199 4.79 93.27 109.60
CA ARG A 199 5.44 94.16 110.56
C ARG A 199 4.65 94.30 111.85
N VAL A 200 3.33 94.07 111.83
CA VAL A 200 2.52 94.22 113.02
C VAL A 200 2.37 92.90 113.76
N LEU A 201 2.69 91.77 113.10
CA LEU A 201 2.54 90.47 113.73
C LEU A 201 3.68 90.15 114.69
N VAL A 202 4.77 90.92 114.67
CA VAL A 202 5.88 90.66 115.58
C VAL A 202 6.11 91.77 116.58
N LYS A 203 5.55 92.96 116.35
CA LYS A 203 5.50 93.96 117.42
C LYS A 203 4.54 93.51 118.52
N ILE A 204 3.47 92.82 118.15
CA ILE A 204 2.60 92.18 119.14
C ILE A 204 3.30 90.99 119.78
N TYR A 205 4.28 90.37 119.10
CA TYR A 205 5.09 89.35 119.76
C TYR A 205 6.02 89.98 120.78
N MET A 206 6.52 91.19 120.49
CA MET A 206 7.17 91.99 121.51
C MET A 206 6.18 92.43 122.59
N ASN A 207 4.94 92.73 122.20
CA ASN A 207 3.90 93.05 123.18
C ASN A 207 3.40 91.83 123.93
N LEU A 208 3.70 90.62 123.45
CA LEU A 208 3.33 89.41 124.18
C LEU A 208 4.24 89.30 125.39
N GLU A 209 3.75 88.59 126.42
CA GLU A 209 4.49 88.49 127.68
C GLU A 209 5.78 87.73 127.51
N LYS A 210 5.78 86.71 126.66
CA LYS A 210 7.02 86.05 126.25
C LYS A 210 7.32 86.46 124.82
N PRO A 211 8.30 87.33 124.59
CA PRO A 211 8.68 87.70 123.21
C PRO A 211 9.34 86.51 122.51
N ASP A 212 8.70 86.04 121.45
CA ASP A 212 9.27 84.97 120.64
C ASP A 212 10.43 85.52 119.82
N PHE A 213 11.44 84.69 119.63
CA PHE A 213 12.74 85.13 119.14
C PHE A 213 13.03 84.66 117.73
N ILE A 214 12.63 83.45 117.36
CA ILE A 214 12.98 82.96 116.04
C ILE A 214 12.07 83.55 114.96
N ASN A 215 10.81 83.85 115.29
CA ASN A 215 9.90 84.38 114.30
C ASN A 215 10.08 85.88 114.08
N VAL A 216 10.58 86.60 115.09
CA VAL A 216 10.86 88.02 114.94
C VAL A 216 12.16 88.23 114.16
N CYS A 217 12.98 87.17 114.04
CA CYS A 217 14.15 87.22 113.16
C CYS A 217 13.82 86.68 111.77
N GLN A 218 12.96 85.67 111.70
CA GLN A 218 12.54 85.11 110.41
C GLN A 218 11.77 86.12 109.58
N CYS A 219 10.86 86.86 110.22
CA CYS A 219 10.11 87.91 109.54
C CYS A 219 11.00 89.07 109.12
N LEU A 220 12.04 89.34 109.89
CA LEU A 220 12.82 90.56 109.74
C LEU A 220 13.70 90.50 108.50
N ILE A 221 14.26 89.33 108.21
CA ILE A 221 15.08 89.20 107.02
C ILE A 221 14.22 89.15 105.76
N PHE A 222 12.98 88.69 105.89
CA PHE A 222 11.98 88.89 104.84
C PHE A 222 11.61 90.37 104.69
N LEU A 223 11.74 91.15 105.77
CA LEU A 223 11.37 92.55 105.81
C LEU A 223 12.55 93.49 105.62
N ASP A 224 13.78 92.98 105.84
CA ASP A 224 15.05 93.70 105.62
C ASP A 224 15.13 94.97 106.47
N ASP A 225 15.19 94.75 107.79
CA ASP A 225 15.46 95.83 108.74
C ASP A 225 16.79 95.57 109.43
N PRO A 226 17.88 96.17 108.96
CA PRO A 226 19.19 95.97 109.60
C PRO A 226 19.40 96.74 110.90
N GLN A 227 18.36 97.33 111.47
CA GLN A 227 18.48 98.09 112.70
C GLN A 227 17.53 97.56 113.76
N ALA A 228 16.48 96.86 113.32
CA ALA A 228 15.47 96.38 114.26
C ALA A 228 15.93 95.15 115.03
N VAL A 229 16.75 94.29 114.40
CA VAL A 229 17.32 93.17 115.13
C VAL A 229 18.40 93.67 116.09
N SER A 230 19.05 94.79 115.77
CA SER A 230 20.04 95.36 116.69
C SER A 230 19.38 96.11 117.83
N ASP A 231 18.12 96.54 117.66
CA ASP A 231 17.40 97.15 118.77
C ASP A 231 17.03 96.11 119.83
N ILE A 232 16.59 94.94 119.38
CA ILE A 232 16.25 93.87 120.31
C ILE A 232 17.50 93.08 120.74
N LEU A 233 18.60 93.18 119.98
CA LEU A 233 19.87 92.67 120.49
C LEU A 233 20.36 93.52 121.65
N GLU A 234 20.05 94.84 121.61
CA GLU A 234 20.34 95.70 122.74
C GLU A 234 19.50 95.34 123.95
N LYS A 235 18.24 94.94 123.73
CA LYS A 235 17.37 94.51 124.83
C LYS A 235 17.89 93.23 125.48
N LEU A 236 18.53 92.35 124.72
CA LEU A 236 19.07 91.12 125.28
C LEU A 236 20.44 91.33 125.90
N VAL A 237 21.21 92.30 125.40
CA VAL A 237 22.41 92.74 126.11
C VAL A 237 22.02 93.46 127.41
N LYS A 238 20.90 94.20 127.36
CA LYS A 238 20.34 94.78 128.58
C LYS A 238 19.83 93.69 129.52
N GLU A 239 19.26 92.62 128.96
CA GLU A 239 18.83 91.49 129.78
C GLU A 239 20.00 90.63 130.23
N ASP A 240 21.08 90.60 129.44
CA ASP A 240 22.36 89.94 129.74
C ASP A 240 22.18 88.44 129.98
N ASN A 241 21.79 87.75 128.91
CA ASN A 241 21.86 86.30 128.86
C ASN A 241 22.10 85.88 127.42
N LEU A 242 23.21 85.19 127.17
CA LEU A 242 23.50 84.66 125.85
C LEU A 242 22.80 83.33 125.58
N LEU A 243 21.97 82.86 126.51
CA LEU A 243 21.10 81.73 126.23
C LEU A 243 19.94 82.16 125.34
N MET A 244 19.29 83.28 125.67
CA MET A 244 18.18 83.77 124.86
C MET A 244 18.60 84.82 123.85
N ALA A 245 19.85 85.29 123.90
CA ALA A 245 20.43 86.07 122.82
C ALA A 245 21.17 85.19 121.82
N TYR A 246 20.70 83.96 121.63
CA TYR A 246 21.39 82.94 120.86
C TYR A 246 20.64 82.59 119.59
N GLN A 247 19.37 82.17 119.69
CA GLN A 247 18.59 81.81 118.51
C GLN A 247 18.10 83.03 117.75
N ILE A 248 18.20 84.22 118.34
CA ILE A 248 18.02 85.46 117.58
C ILE A 248 19.22 85.72 116.68
N CYS A 249 20.32 85.01 116.89
CA CYS A 249 21.59 85.29 116.24
C CYS A 249 22.06 84.22 115.26
N PHE A 250 22.00 82.94 115.62
CA PHE A 250 22.47 81.93 114.68
C PHE A 250 21.40 81.59 113.64
N ASP A 251 20.13 81.82 113.95
CA ASP A 251 19.12 81.83 112.90
C ASP A 251 19.30 83.01 111.97
N LEU A 252 19.84 84.12 112.48
CA LEU A 252 20.17 85.25 111.64
C LEU A 252 21.38 84.96 110.76
N TYR A 253 22.37 84.23 111.29
CA TYR A 253 23.55 83.89 110.50
C TYR A 253 23.24 82.84 109.45
N GLU A 254 22.35 81.89 109.77
CA GLU A 254 22.07 80.80 108.84
C GLU A 254 21.17 81.26 107.70
N SER A 255 20.18 82.09 107.99
CA SER A 255 19.21 82.48 106.99
C SER A 255 19.68 83.65 106.14
N ALA A 256 20.04 84.76 106.79
CA ALA A 256 20.25 86.03 106.10
C ALA A 256 21.50 86.01 105.22
N SER A 257 21.55 86.94 104.27
CA SER A 257 22.59 87.01 103.27
C SER A 257 23.88 87.58 103.85
N GLN A 258 24.94 87.54 103.04
CA GLN A 258 26.23 88.06 103.47
C GLN A 258 26.23 89.58 103.53
N GLN A 259 25.50 90.23 102.61
CA GLN A 259 25.40 91.68 102.62
C GLN A 259 24.58 92.19 103.80
N PHE A 260 23.51 91.47 104.16
CA PHE A 260 22.71 91.86 105.32
C PHE A 260 23.51 91.72 106.61
N LEU A 261 24.36 90.69 106.70
CA LEU A 261 25.23 90.56 107.86
C LEU A 261 26.40 91.53 107.78
N SER A 262 26.70 92.04 106.58
CA SER A 262 27.68 93.10 106.44
C SER A 262 27.06 94.49 106.60
N SER A 263 25.74 94.59 106.53
CA SER A 263 25.07 95.87 106.77
C SER A 263 24.61 96.03 108.22
N VAL A 264 24.29 94.92 108.89
CA VAL A 264 23.83 94.98 110.28
C VAL A 264 25.00 95.16 111.24
N ILE A 265 26.24 94.94 110.78
CA ILE A 265 27.39 94.95 111.68
C ILE A 265 27.74 96.38 112.13
N GLN A 266 27.31 97.39 111.38
CA GLN A 266 27.44 98.77 111.86
C GLN A 266 26.51 99.02 113.04
N ASN A 267 25.37 98.33 113.09
CA ASN A 267 24.42 98.51 114.17
C ASN A 267 24.69 97.59 115.36
N LEU A 268 25.52 96.57 115.20
CA LEU A 268 25.88 95.74 116.36
C LEU A 268 27.00 96.35 117.19
N ARG A 269 28.01 96.93 116.54
CA ARG A 269 29.12 97.51 117.27
C ARG A 269 28.84 98.95 117.71
N THR A 270 27.68 99.49 117.35
CA THR A 270 27.29 100.82 117.81
C THR A 270 26.11 100.72 118.78
N ASP A 320 31.36 87.21 125.27
CA ASP A 320 30.61 88.30 125.88
C ASP A 320 29.77 89.03 124.85
N GLN A 321 29.03 90.04 125.31
CA GLN A 321 28.23 90.87 124.41
C GLN A 321 29.11 91.77 123.54
N THR A 322 30.33 92.09 123.98
CA THR A 322 31.28 92.74 123.09
C THR A 322 31.87 91.75 122.09
N LEU A 323 32.14 90.52 122.55
CA LEU A 323 32.59 89.42 121.71
C LEU A 323 31.47 88.80 120.90
N LYS A 324 30.24 89.29 121.05
CA LYS A 324 29.07 88.68 120.43
C LYS A 324 29.07 88.86 118.92
N MET A 325 29.56 90.01 118.45
CA MET A 325 29.53 90.32 117.01
C MET A 325 30.53 89.48 116.23
N ILE A 326 31.54 88.91 116.90
CA ILE A 326 32.44 87.98 116.24
C ILE A 326 31.87 86.57 116.26
N LYS A 327 31.17 86.23 117.35
CA LYS A 327 30.65 84.87 117.49
C LYS A 327 29.47 84.60 116.56
N ILE A 328 28.76 85.64 116.12
CA ILE A 328 27.53 85.43 115.36
C ILE A 328 27.63 85.94 113.92
N LEU A 329 28.52 86.87 113.60
CA LEU A 329 28.56 87.44 112.26
C LEU A 329 29.73 86.96 111.44
N SER A 330 30.87 86.67 112.06
CA SER A 330 31.88 85.87 111.39
C SER A 330 31.39 84.44 111.25
N GLY A 331 30.73 83.92 112.29
CA GLY A 331 30.17 82.58 112.26
C GLY A 331 31.19 81.48 112.17
N GLU A 332 32.39 81.70 112.72
CA GLU A 332 33.48 80.74 112.55
C GLU A 332 33.23 79.46 113.32
N MET A 333 32.46 79.53 114.41
CA MET A 333 32.15 78.32 115.17
C MET A 333 31.13 77.43 114.48
N ALA A 334 30.57 77.85 113.35
CA ALA A 334 29.83 76.92 112.51
C ALA A 334 30.73 76.28 111.47
N ILE A 335 31.92 76.86 111.23
CA ILE A 335 32.81 76.34 110.20
C ILE A 335 33.64 75.19 110.74
N GLU A 336 34.48 75.45 111.75
CA GLU A 336 35.37 74.40 112.25
C GLU A 336 34.63 73.34 113.06
N LEU A 337 33.41 73.63 113.52
CA LEU A 337 32.59 72.60 114.13
C LEU A 337 32.04 71.66 113.06
N HIS A 338 31.67 72.22 111.91
CA HIS A 338 31.36 71.37 110.76
C HIS A 338 32.58 70.59 110.31
N LEU A 339 33.76 71.22 110.37
CA LEU A 339 35.01 70.48 110.19
C LEU A 339 35.21 69.46 111.30
N GLN A 340 34.78 69.78 112.52
CA GLN A 340 34.84 68.81 113.62
C GLN A 340 33.87 67.67 113.39
N PHE A 341 32.73 67.94 112.76
CA PHE A 341 31.79 66.88 112.44
C PHE A 341 32.33 65.95 111.37
N LEU A 342 33.00 66.49 110.36
CA LEU A 342 33.52 65.68 109.27
C LEU A 342 34.77 64.91 109.64
N ILE A 343 35.60 65.46 110.54
CA ILE A 343 36.81 64.75 110.93
C ILE A 343 36.48 63.60 111.87
N ARG A 344 35.32 63.63 112.51
CA ARG A 344 34.86 62.52 113.34
C ARG A 344 33.98 61.56 112.54
N ASN A 345 33.04 62.10 111.77
CA ASN A 345 32.13 61.27 110.99
C ASN A 345 32.62 61.27 109.54
N ASN A 346 33.16 60.13 109.10
CA ASN A 346 33.59 59.98 107.71
C ASN A 346 33.46 58.49 107.39
N ASN A 347 32.39 58.12 106.71
CA ASN A 347 32.06 56.72 106.42
C ASN A 347 32.09 56.53 104.91
N THR A 348 33.28 56.28 104.37
CA THR A 348 33.48 56.09 102.94
C THR A 348 34.19 54.77 102.68
N ASP A 349 34.65 54.58 101.45
CA ASP A 349 35.31 53.35 101.05
C ASP A 349 36.45 53.66 100.08
N LEU A 350 37.53 52.88 100.17
CA LEU A 350 38.62 52.98 99.21
C LEU A 350 38.36 52.10 97.99
N MET A 351 37.61 51.01 98.16
CA MET A 351 37.39 50.04 97.10
C MET A 351 36.54 50.62 95.96
N ILE A 352 35.69 51.61 96.26
CA ILE A 352 34.85 52.24 95.25
C ILE A 352 35.72 52.93 94.20
N LEU A 353 36.78 53.62 94.63
CA LEU A 353 37.77 54.11 93.67
C LEU A 353 38.57 52.96 93.06
N LYS A 354 38.78 51.88 93.81
CA LYS A 354 39.53 50.75 93.28
C LYS A 354 38.69 49.88 92.36
N ASN A 355 37.36 49.93 92.50
CA ASN A 355 36.52 49.29 91.49
C ASN A 355 36.61 50.03 90.16
N THR A 356 36.68 51.36 90.21
CA THR A 356 36.80 52.19 89.02
C THR A 356 38.25 52.41 88.60
N LYS A 357 39.19 51.68 89.19
CA LYS A 357 40.60 51.86 88.85
C LYS A 357 40.92 51.22 87.50
N ASP A 358 40.16 50.20 87.10
CA ASP A 358 40.47 49.37 85.94
C ASP A 358 40.16 50.03 84.58
N ALA A 359 39.79 51.31 84.54
CA ALA A 359 39.53 52.01 83.29
C ALA A 359 40.69 52.91 82.89
N VAL A 360 41.93 52.44 83.10
CA VAL A 360 43.11 53.20 82.73
C VAL A 360 43.24 53.19 81.20
N ARG A 361 43.04 54.36 80.60
CA ARG A 361 43.27 54.59 79.18
C ARG A 361 43.51 56.09 79.03
N ASN A 362 43.50 56.58 77.79
CA ASN A 362 43.75 57.98 77.52
C ASN A 362 42.46 58.81 77.50
N SER A 363 41.40 58.32 78.14
CA SER A 363 40.08 58.93 78.06
C SER A 363 39.87 59.91 79.21
N VAL A 364 38.61 60.26 79.43
CA VAL A 364 38.22 61.29 80.40
C VAL A 364 38.46 60.81 81.83
N CYS A 365 38.51 59.49 82.03
CA CYS A 365 38.55 58.76 83.31
C CYS A 365 39.49 59.30 84.37
N HIS A 366 40.67 59.82 83.96
CA HIS A 366 41.57 60.46 84.90
C HIS A 366 40.94 61.69 85.53
N THR A 367 40.26 62.50 84.73
CA THR A 367 39.54 63.64 85.28
C THR A 367 38.25 63.22 85.97
N ALA A 368 37.74 62.03 85.62
CA ALA A 368 36.47 61.60 86.16
C ALA A 368 36.60 61.00 87.55
N THR A 369 37.76 60.42 87.86
CA THR A 369 37.97 59.89 89.21
C THR A 369 38.36 60.98 90.19
N VAL A 370 39.10 61.99 89.73
CA VAL A 370 39.49 63.06 90.63
C VAL A 370 38.36 64.06 90.86
N ILE A 371 37.33 64.04 90.02
CA ILE A 371 36.13 64.81 90.31
C ILE A 371 35.18 63.98 91.16
N ALA A 372 35.44 62.67 91.30
CA ALA A 372 34.61 61.81 92.14
C ALA A 372 35.00 61.91 93.61
N ASN A 373 36.29 61.74 93.90
CA ASN A 373 36.75 61.77 95.28
C ASN A 373 36.73 63.16 95.90
N SER A 374 36.68 64.22 95.08
CA SER A 374 36.55 65.56 95.63
C SER A 374 35.14 65.81 96.15
N PHE A 375 34.12 65.26 95.47
CA PHE A 375 32.74 65.48 95.88
C PHE A 375 32.37 64.64 97.09
N MET A 376 32.95 63.46 97.23
CA MET A 376 32.62 62.58 98.34
C MET A 376 33.52 62.78 99.55
N HIS A 377 34.41 63.78 99.51
CA HIS A 377 35.30 64.10 100.63
C HIS A 377 35.41 65.61 100.81
N CYS A 378 34.28 66.31 100.74
CA CYS A 378 34.27 67.77 100.83
C CYS A 378 34.57 68.22 102.26
N GLY A 379 35.70 68.90 102.44
CA GLY A 379 36.01 69.50 103.72
C GLY A 379 36.44 68.53 104.80
N THR A 380 37.02 67.38 104.44
CA THR A 380 37.44 66.39 105.43
C THR A 380 38.94 66.23 105.52
N THR A 381 39.69 66.81 104.58
CA THR A 381 41.17 66.91 104.59
C THR A 381 41.83 65.53 104.63
N SER A 382 41.25 64.56 103.93
CA SER A 382 41.71 63.17 103.98
C SER A 382 42.37 62.82 102.65
N ASP A 383 43.68 63.08 102.55
CA ASP A 383 44.43 62.79 101.34
C ASP A 383 45.20 61.47 101.50
N GLN A 384 44.42 60.39 101.60
CA GLN A 384 44.94 59.05 101.42
C GLN A 384 44.36 58.36 100.20
N PHE A 385 43.26 58.86 99.66
CA PHE A 385 42.70 58.38 98.41
C PHE A 385 43.47 58.88 97.20
N LEU A 386 44.23 59.97 97.38
CA LEU A 386 44.98 60.60 96.30
C LEU A 386 46.47 60.31 96.39
N ARG A 387 46.98 60.08 97.59
CA ARG A 387 48.40 59.80 97.80
C ARG A 387 48.72 58.31 97.74
N ASP A 388 47.83 57.48 97.18
CA ASP A 388 48.18 56.08 97.00
C ASP A 388 49.16 55.88 95.85
N ASN A 389 49.19 56.81 94.90
CA ASN A 389 50.12 56.74 93.78
C ASN A 389 50.53 58.14 93.37
N LEU A 390 51.36 58.21 92.34
CA LEU A 390 51.75 59.49 91.75
C LEU A 390 51.57 59.50 90.24
N GLU A 391 51.86 58.39 89.55
CA GLU A 391 52.01 58.41 88.11
C GLU A 391 50.67 58.35 87.40
N TRP A 392 49.73 57.54 87.93
CA TRP A 392 48.38 57.52 87.38
C TRP A 392 47.66 58.83 87.64
N LEU A 393 48.02 59.53 88.72
CA LEU A 393 47.47 60.86 88.94
C LEU A 393 48.14 61.88 88.03
N ALA A 394 49.44 61.70 87.75
CA ALA A 394 50.17 62.60 86.88
C ALA A 394 50.34 62.07 85.46
N ARG A 395 49.45 61.19 85.02
CA ARG A 395 49.48 60.74 83.63
C ARG A 395 48.81 61.75 82.71
N ALA A 396 47.59 62.16 83.05
CA ALA A 396 46.87 63.13 82.24
C ALA A 396 47.42 64.53 82.51
N THR A 397 47.33 65.37 81.48
CA THR A 397 48.05 66.63 81.46
C THR A 397 47.18 67.77 80.98
N ASN A 398 47.67 68.99 81.25
CA ASN A 398 47.34 70.27 80.64
C ASN A 398 45.98 70.83 81.05
N TRP A 399 45.06 69.98 81.51
CA TRP A 399 43.86 70.45 82.22
C TRP A 399 43.47 69.56 83.39
N ALA A 400 43.85 68.28 83.40
CA ALA A 400 43.65 67.48 84.61
C ALA A 400 44.52 67.99 85.73
N LYS A 401 45.74 68.42 85.39
CA LYS A 401 46.62 68.99 86.40
C LYS A 401 46.16 70.39 86.81
N PHE A 402 45.33 71.03 85.99
CA PHE A 402 44.59 72.19 86.49
C PHE A 402 43.52 71.75 87.49
N THR A 403 42.95 70.57 87.30
CA THR A 403 41.87 70.09 88.13
C THR A 403 42.39 69.29 89.33
N ALA A 404 43.57 68.67 89.19
CA ALA A 404 44.17 67.94 90.29
C ALA A 404 44.55 68.86 91.44
N THR A 405 45.07 70.04 91.12
CA THR A 405 45.28 71.07 92.13
C THR A 405 44.00 71.82 92.47
N ALA A 406 42.95 71.67 91.67
CA ALA A 406 41.66 72.26 92.02
C ALA A 406 40.92 71.40 93.04
N SER A 407 40.99 70.08 92.88
CA SER A 407 40.35 69.15 93.79
C SER A 407 41.03 69.10 95.16
N LEU A 408 42.20 69.72 95.31
CA LEU A 408 42.89 69.72 96.59
C LEU A 408 42.22 70.67 97.57
N GLY A 409 41.58 71.73 97.09
CA GLY A 409 40.95 72.70 97.97
C GLY A 409 39.58 72.29 98.46
N VAL A 410 38.85 71.50 97.68
CA VAL A 410 37.53 71.03 98.09
C VAL A 410 37.64 70.04 99.24
N ILE A 411 38.68 69.20 99.22
CA ILE A 411 38.93 68.27 100.32
C ILE A 411 39.30 69.05 101.59
N HIS A 412 39.94 70.20 101.43
CA HIS A 412 40.28 71.08 102.55
C HIS A 412 39.31 72.26 102.68
N LYS A 413 38.03 72.06 102.37
CA LYS A 413 37.07 73.16 102.38
C LYS A 413 36.81 73.66 103.79
N GLY A 414 36.87 74.98 103.97
CA GLY A 414 36.52 75.61 105.23
C GLY A 414 37.54 75.40 106.33
N HIS A 415 38.80 75.66 106.03
CA HIS A 415 39.87 75.51 107.03
C HIS A 415 41.02 76.42 106.65
N GLU A 416 41.36 77.34 107.55
CA GLU A 416 42.32 78.41 107.25
C GLU A 416 43.75 77.88 107.15
N LYS A 417 44.13 76.95 108.03
CA LYS A 417 45.53 76.62 108.22
C LYS A 417 46.08 75.78 107.08
N GLU A 418 45.39 74.69 106.74
CA GLU A 418 45.90 73.72 105.76
C GLU A 418 45.46 74.11 104.34
N ALA A 419 45.79 75.36 103.99
CA ALA A 419 45.63 75.89 102.64
C ALA A 419 46.95 76.28 102.03
N LEU A 420 47.72 77.12 102.72
CA LEU A 420 49.02 77.54 102.20
C LEU A 420 50.10 76.50 102.51
N GLN A 421 49.93 75.74 103.60
CA GLN A 421 51.00 74.86 104.05
C GLN A 421 51.06 73.55 103.28
N LEU A 422 49.91 73.02 102.83
CA LEU A 422 49.95 71.79 102.06
C LEU A 422 50.22 72.08 100.60
N MET A 423 49.87 73.28 100.14
CA MET A 423 50.16 73.72 98.79
C MET A 423 51.50 74.44 98.69
N ALA A 424 52.39 74.24 99.68
CA ALA A 424 53.71 74.83 99.64
C ALA A 424 54.56 74.25 98.51
N THR A 425 54.27 73.00 98.10
CA THR A 425 54.84 72.49 96.87
C THR A 425 54.27 73.22 95.67
N TYR A 426 53.01 73.67 95.78
CA TYR A 426 52.24 74.12 94.63
C TYR A 426 52.10 75.65 94.56
N LEU A 427 52.89 76.39 95.32
CA LEU A 427 53.07 77.80 95.01
C LEU A 427 53.77 77.94 93.65
N PRO A 428 53.40 78.94 92.85
CA PRO A 428 53.93 79.00 91.47
C PRO A 428 55.40 79.35 91.36
N LYS A 429 56.05 79.81 92.43
CA LYS A 429 57.43 80.28 92.35
C LYS A 429 58.40 79.37 93.09
N ASP A 430 58.01 78.14 93.43
CA ASP A 430 58.88 77.25 94.21
C ASP A 430 59.51 76.16 93.36
N THR A 431 58.70 75.35 92.67
CA THR A 431 59.25 74.29 91.85
C THR A 431 59.45 74.72 90.39
N SER A 432 58.51 75.52 89.87
CA SER A 432 58.44 76.02 88.49
C SER A 432 58.56 74.93 87.44
N PRO A 433 57.56 74.03 87.29
CA PRO A 433 57.70 72.96 86.30
C PRO A 433 57.28 73.42 84.91
N GLY A 434 57.26 72.49 83.96
CA GLY A 434 56.73 72.79 82.64
C GLY A 434 55.23 72.94 82.58
N SER A 435 54.52 72.52 83.63
CA SER A 435 53.07 72.67 83.71
C SER A 435 52.75 73.79 84.68
N ALA A 436 52.32 74.93 84.14
CA ALA A 436 51.88 76.03 84.99
C ALA A 436 50.42 75.91 85.37
N TYR A 437 49.68 74.97 84.78
CA TYR A 437 48.31 74.71 85.23
C TYR A 437 48.31 73.96 86.55
N GLN A 438 49.39 73.23 86.84
CA GLN A 438 49.52 72.59 88.14
C GLN A 438 49.68 73.62 89.25
N GLU A 439 50.35 74.74 88.94
CA GLU A 439 50.59 75.80 89.91
C GLU A 439 49.63 76.97 89.75
N GLY A 440 49.00 77.12 88.59
CA GLY A 440 48.10 78.24 88.37
C GLY A 440 46.71 77.97 88.89
N GLY A 441 46.32 76.69 88.89
CA GLY A 441 45.06 76.28 89.48
C GLY A 441 45.08 76.15 90.98
N GLY A 442 46.16 76.54 91.64
CA GLY A 442 46.17 76.54 93.09
C GLY A 442 45.32 77.66 93.67
N LEU A 443 45.40 78.86 93.07
CA LEU A 443 44.60 79.99 93.55
C LEU A 443 43.11 79.77 93.29
N TYR A 444 42.76 78.91 92.34
CA TYR A 444 41.39 78.42 92.21
C TYR A 444 40.95 77.71 93.48
N ALA A 445 41.81 76.85 94.01
CA ALA A 445 41.48 76.11 95.22
C ALA A 445 41.56 76.99 96.47
N LEU A 446 42.29 78.10 96.41
CA LEU A 446 42.27 79.04 97.55
C LEU A 446 40.93 79.77 97.65
N GLY A 447 40.25 79.96 96.52
CA GLY A 447 38.90 80.47 96.58
C GLY A 447 37.89 79.45 97.06
N LEU A 448 38.17 78.17 96.81
CA LEU A 448 37.25 77.10 97.18
C LEU A 448 37.16 76.91 98.69
N ILE A 449 38.25 77.14 99.41
CA ILE A 449 38.26 76.92 100.84
C ILE A 449 37.54 78.06 101.55
N HIS A 450 37.82 79.29 101.16
CA HIS A 450 37.35 80.49 101.85
C HIS A 450 36.21 81.17 101.12
N ALA A 451 35.28 80.40 100.56
CA ALA A 451 34.08 80.97 99.97
C ALA A 451 33.23 81.59 101.06
N ASN A 452 32.70 82.80 100.77
CA ASN A 452 32.03 83.68 101.73
C ASN A 452 32.90 83.98 102.96
N HIS A 453 34.21 84.02 102.77
CA HIS A 453 35.16 84.25 103.86
C HIS A 453 36.28 85.14 103.31
N GLY A 454 36.12 86.45 103.46
CA GLY A 454 37.03 87.39 102.83
C GLY A 454 37.89 88.19 103.76
N GLY A 455 39.20 87.94 103.70
CA GLY A 455 40.20 88.59 104.53
C GLY A 455 41.44 88.89 103.72
N ASP A 456 42.58 88.36 104.21
CA ASP A 456 43.79 88.25 103.40
C ASP A 456 43.53 87.51 102.10
N ILE A 457 42.62 86.52 102.13
CA ILE A 457 42.31 85.66 100.98
C ILE A 457 41.79 86.49 99.79
N ILE A 458 41.12 87.62 100.07
CA ILE A 458 40.88 88.60 99.02
C ILE A 458 42.19 89.20 98.53
N ASP A 459 43.00 89.72 99.45
CA ASP A 459 44.17 90.50 99.06
C ASP A 459 45.39 89.66 98.72
N TYR A 460 45.48 88.42 99.22
CA TYR A 460 46.55 87.53 98.79
C TYR A 460 46.33 87.06 97.37
N LEU A 461 45.07 87.08 96.92
CA LEU A 461 44.75 86.82 95.52
C LEU A 461 44.65 88.10 94.70
N LEU A 462 44.53 89.26 95.36
CA LEU A 462 44.43 90.52 94.63
C LEU A 462 45.79 90.96 94.11
N ASN A 463 46.82 90.86 94.95
CA ASN A 463 48.15 91.36 94.59
C ASN A 463 48.87 90.45 93.62
N GLN A 464 48.57 89.16 93.62
CA GLN A 464 49.26 88.24 92.72
C GLN A 464 48.76 88.36 91.29
N LEU A 465 47.53 88.83 91.11
CA LEU A 465 46.97 89.09 89.78
C LEU A 465 47.38 90.44 89.22
N LYS A 466 48.03 91.27 90.03
CA LYS A 466 48.58 92.52 89.52
C LYS A 466 49.70 92.26 88.53
N ASN A 467 50.54 91.27 88.82
CA ASN A 467 51.60 90.85 87.92
C ASN A 467 51.68 89.33 87.96
N ALA A 468 51.43 88.69 86.83
CA ALA A 468 51.41 87.24 86.74
C ALA A 468 51.70 86.83 85.30
N SER A 469 51.42 85.57 84.99
CA SER A 469 51.49 85.03 83.64
C SER A 469 50.23 85.41 82.86
N ASN A 470 50.00 84.72 81.76
CA ASN A 470 48.80 84.93 80.96
C ASN A 470 47.59 84.28 81.67
N ASP A 471 46.50 84.10 80.93
CA ASP A 471 45.25 83.61 81.52
C ASP A 471 45.27 82.09 81.70
N ILE A 472 46.34 81.63 82.33
CA ILE A 472 46.49 80.25 82.75
C ILE A 472 46.60 80.12 84.26
N VAL A 473 46.95 81.21 84.95
CA VAL A 473 46.94 81.32 86.40
C VAL A 473 45.81 82.30 86.71
N ARG A 474 45.55 83.20 85.76
CA ARG A 474 44.48 84.18 85.89
C ARG A 474 43.10 83.56 85.73
N HIS A 475 43.00 82.35 85.16
CA HIS A 475 41.78 81.57 85.36
C HIS A 475 41.61 81.21 86.82
N GLY A 476 42.61 80.54 87.39
CA GLY A 476 42.51 80.14 88.80
C GLY A 476 42.55 81.34 89.73
N GLY A 477 43.15 82.43 89.29
CA GLY A 477 43.20 83.60 90.14
C GLY A 477 41.86 84.31 90.23
N SER A 478 41.27 84.65 89.09
CA SER A 478 40.07 85.48 89.09
C SER A 478 38.83 84.69 89.50
N LEU A 479 38.78 83.39 89.16
CA LEU A 479 37.65 82.57 89.58
C LEU A 479 37.65 82.32 91.08
N GLY A 480 38.84 82.14 91.67
CA GLY A 480 38.91 82.02 93.12
C GLY A 480 38.70 83.35 93.82
N LEU A 481 39.00 84.46 93.14
CA LEU A 481 38.92 85.76 93.77
C LEU A 481 37.48 86.24 93.91
N GLY A 482 36.70 86.16 92.83
CA GLY A 482 35.30 86.52 92.91
C GLY A 482 34.46 85.56 93.73
N LEU A 483 34.97 84.34 93.93
CA LEU A 483 34.26 83.34 94.73
C LEU A 483 34.26 83.71 96.21
N ALA A 484 35.41 84.14 96.73
CA ALA A 484 35.46 84.57 98.13
C ALA A 484 34.82 85.94 98.32
N ALA A 485 34.86 86.78 97.29
CA ALA A 485 34.25 88.12 97.32
C ALA A 485 32.87 88.12 96.69
N MET A 486 32.14 87.01 96.84
CA MET A 486 30.87 86.85 96.16
C MET A 486 29.79 87.73 96.80
N GLY A 487 29.11 88.52 95.97
CA GLY A 487 28.00 89.33 96.44
C GLY A 487 28.41 90.47 97.35
N THR A 488 29.67 90.90 97.27
CA THR A 488 30.23 91.82 98.25
C THR A 488 30.32 93.25 97.76
N ALA A 489 30.16 93.50 96.45
CA ALA A 489 30.24 94.82 95.82
C ALA A 489 31.57 95.53 96.13
N ARG A 490 32.65 94.75 96.21
CA ARG A 490 33.97 95.31 96.45
C ARG A 490 34.46 96.04 95.22
N GLN A 491 34.93 97.27 95.40
CA GLN A 491 35.53 98.00 94.29
C GLN A 491 36.90 97.44 93.93
N ASP A 492 37.60 96.86 94.91
CA ASP A 492 38.97 96.39 94.70
C ASP A 492 39.05 95.20 93.76
N VAL A 493 38.06 94.29 93.83
CA VAL A 493 38.02 93.18 92.89
C VAL A 493 37.49 93.65 91.55
N TYR A 494 36.69 94.72 91.53
CA TYR A 494 36.14 95.23 90.28
C TYR A 494 37.19 95.95 89.46
N ASP A 495 38.26 96.42 90.11
CA ASP A 495 39.30 97.18 89.42
C ASP A 495 40.09 96.32 88.46
N LEU A 496 40.65 95.21 88.95
CA LEU A 496 41.42 94.33 88.09
C LEU A 496 40.55 93.44 87.23
N LEU A 497 39.23 93.37 87.51
CA LEU A 497 38.30 92.68 86.63
C LEU A 497 37.83 93.54 85.46
N LYS A 498 37.97 94.86 85.54
CA LYS A 498 37.78 95.68 84.35
C LYS A 498 38.88 95.41 83.34
N THR A 499 40.14 95.52 83.77
CA THR A 499 41.25 95.31 82.85
C THR A 499 41.43 93.85 82.46
N ASN A 500 40.84 92.92 83.20
CA ASN A 500 40.77 91.54 82.75
C ASN A 500 39.72 91.38 81.65
N LEU A 501 38.71 92.25 81.66
CA LEU A 501 37.60 92.14 80.72
C LEU A 501 37.95 92.70 79.34
N TYR A 502 38.64 93.84 79.30
CA TYR A 502 38.90 94.54 78.05
C TYR A 502 40.20 94.11 77.39
N GLN A 503 40.62 92.86 77.61
CA GLN A 503 41.84 92.35 76.98
C GLN A 503 41.66 92.07 75.50
N ASP A 504 40.41 91.90 75.04
CA ASP A 504 40.06 91.35 73.72
C ASP A 504 40.77 90.02 73.49
N ASP A 505 40.45 89.06 74.36
CA ASP A 505 41.10 87.76 74.36
C ASP A 505 40.04 86.69 74.62
N ALA A 506 40.22 85.52 74.01
CA ALA A 506 39.29 84.42 74.22
C ALA A 506 39.44 83.81 75.59
N VAL A 507 40.68 83.54 75.99
CA VAL A 507 40.95 82.70 77.15
C VAL A 507 40.64 83.43 78.46
N THR A 508 40.57 84.76 78.46
CA THR A 508 40.09 85.49 79.63
C THR A 508 38.58 85.55 79.72
N GLY A 509 37.86 84.81 78.87
CA GLY A 509 36.41 84.97 78.78
C GLY A 509 35.68 84.47 80.01
N GLU A 510 36.01 83.27 80.47
CA GLU A 510 35.46 82.79 81.73
C GLU A 510 36.14 83.44 82.92
N ALA A 511 37.37 83.93 82.74
CA ALA A 511 38.08 84.58 83.83
C ALA A 511 37.43 85.91 84.19
N ALA A 512 37.00 86.67 83.18
CA ALA A 512 36.44 87.99 83.44
C ALA A 512 34.98 87.92 83.83
N GLY A 513 34.13 87.43 82.91
CA GLY A 513 32.70 87.62 83.03
C GLY A 513 32.02 86.80 84.10
N LEU A 514 32.63 85.71 84.54
CA LEU A 514 32.02 84.93 85.60
C LEU A 514 32.20 85.60 86.95
N ALA A 515 33.43 86.01 87.27
CA ALA A 515 33.69 86.69 88.53
C ALA A 515 33.17 88.12 88.51
N LEU A 516 32.86 88.67 87.34
CA LEU A 516 32.32 90.03 87.27
C LEU A 516 30.87 90.06 87.76
N GLY A 517 30.18 88.92 87.71
CA GLY A 517 28.84 88.84 88.23
C GLY A 517 28.79 88.45 89.70
N LEU A 518 29.76 87.61 90.12
CA LEU A 518 29.77 87.05 91.47
C LEU A 518 29.90 88.13 92.53
N VAL A 519 30.78 89.12 92.31
CA VAL A 519 30.99 90.16 93.29
C VAL A 519 29.86 91.16 93.33
N MET A 520 29.03 91.18 92.30
CA MET A 520 27.89 92.09 92.20
C MET A 520 26.58 91.30 92.24
N LEU A 521 26.55 90.23 93.04
CA LEU A 521 25.37 89.37 93.14
C LEU A 521 24.21 90.12 93.78
N GLY A 522 23.10 90.22 93.05
CA GLY A 522 21.93 90.91 93.54
C GLY A 522 22.14 92.41 93.73
N SER A 523 23.08 93.00 93.00
CA SER A 523 23.38 94.42 93.14
C SER A 523 22.62 95.28 92.16
N LYS A 524 22.26 94.74 90.99
CA LYS A 524 21.67 95.38 89.81
C LYS A 524 22.21 96.78 89.52
N ASN A 525 23.53 96.96 89.64
CA ASN A 525 24.17 98.24 89.37
C ASN A 525 24.16 98.48 87.87
N ALA A 526 23.15 99.23 87.41
CA ALA A 526 22.75 99.24 86.01
C ALA A 526 23.80 99.81 85.06
N GLN A 527 24.76 100.59 85.58
CA GLN A 527 25.90 100.98 84.76
C GLN A 527 26.80 99.79 84.49
N ALA A 528 26.98 98.91 85.48
CA ALA A 528 27.78 97.71 85.27
C ALA A 528 27.07 96.70 84.36
N ILE A 529 25.73 96.65 84.40
CA ILE A 529 24.98 95.89 83.40
C ILE A 529 25.20 96.49 82.02
N GLU A 530 25.15 97.82 81.92
CA GLU A 530 25.40 98.51 80.66
C GLU A 530 26.84 98.32 80.19
N ASP A 531 27.77 98.18 81.14
CA ASP A 531 29.14 97.84 80.76
C ASP A 531 29.23 96.41 80.24
N MET A 532 28.47 95.49 80.83
CA MET A 532 28.57 94.09 80.43
C MET A 532 27.83 93.82 79.13
N VAL A 533 26.55 94.22 79.04
CA VAL A 533 25.78 93.94 77.84
C VAL A 533 26.25 94.80 76.67
N GLY A 534 26.91 95.92 76.96
CA GLY A 534 27.56 96.70 75.91
C GLY A 534 28.89 96.11 75.47
N TYR A 535 29.41 95.14 76.20
CA TYR A 535 30.69 94.55 75.83
C TYR A 535 30.52 93.26 75.04
N ALA A 536 29.48 92.47 75.37
CA ALA A 536 29.23 91.20 74.70
C ALA A 536 28.29 91.38 73.51
N GLN A 537 28.63 92.31 72.62
CA GLN A 537 27.90 92.50 71.38
C GLN A 537 28.87 92.66 70.22
N GLU A 538 30.11 93.01 70.53
CA GLU A 538 31.10 93.36 69.51
C GLU A 538 32.34 92.48 69.55
N THR A 539 32.57 91.74 70.62
CA THR A 539 33.71 90.84 70.68
C THR A 539 33.51 89.64 69.75
N GLN A 540 34.62 89.02 69.36
CA GLN A 540 34.60 87.99 68.32
C GLN A 540 35.02 86.62 68.83
N HIS A 541 35.18 86.46 70.14
CA HIS A 541 35.42 85.15 70.71
C HIS A 541 34.14 84.67 71.40
N GLU A 542 34.14 83.44 71.87
CA GLU A 542 32.91 82.85 72.38
C GLU A 542 32.89 82.62 73.88
N LYS A 543 34.03 82.35 74.50
CA LYS A 543 34.07 82.23 75.96
C LYS A 543 33.80 83.57 76.62
N ILE A 544 34.19 84.66 75.96
CA ILE A 544 33.84 85.99 76.43
C ILE A 544 32.37 86.30 76.15
N LEU A 545 31.78 85.66 75.16
CA LEU A 545 30.33 85.71 75.03
C LEU A 545 29.64 84.75 75.99
N ARG A 546 30.36 83.75 76.49
CA ARG A 546 29.74 82.75 77.36
C ARG A 546 29.85 83.10 78.84
N GLY A 547 31.01 83.61 79.27
CA GLY A 547 31.19 83.94 80.68
C GLY A 547 30.35 85.12 81.12
N LEU A 548 30.15 86.09 80.22
CA LEU A 548 29.21 87.16 80.52
C LEU A 548 27.77 86.71 80.46
N ALA A 549 27.49 85.61 79.75
CA ALA A 549 26.11 85.13 79.66
C ALA A 549 25.61 84.60 81.00
N VAL A 550 26.52 84.09 81.82
CA VAL A 550 26.16 83.69 83.17
C VAL A 550 26.32 84.88 84.11
N GLY A 551 27.25 85.78 83.80
CA GLY A 551 27.54 86.89 84.70
C GLY A 551 26.43 87.92 84.76
N ILE A 552 25.82 88.24 83.61
CA ILE A 552 24.73 89.21 83.63
C ILE A 552 23.44 88.62 84.17
N ALA A 553 23.35 87.30 84.26
CA ALA A 553 22.19 86.69 84.89
C ALA A 553 22.27 86.81 86.41
N LEU A 554 23.48 86.89 86.94
CA LEU A 554 23.72 86.77 88.36
C LEU A 554 23.77 88.12 89.08
N VAL A 555 23.90 89.21 88.33
CA VAL A 555 23.91 90.55 88.92
C VAL A 555 22.54 90.94 89.48
N MET A 556 21.47 90.34 88.98
CA MET A 556 20.13 90.50 89.55
C MET A 556 19.73 89.20 90.22
N TYR A 557 19.04 89.32 91.36
CA TYR A 557 18.70 88.14 92.15
C TYR A 557 17.41 88.44 92.91
N GLY A 558 16.34 87.73 92.57
CA GLY A 558 15.08 87.82 93.28
C GLY A 558 14.43 89.18 93.17
N ARG A 559 14.00 89.55 91.98
CA ARG A 559 13.60 90.92 91.71
C ARG A 559 12.12 91.09 91.42
N MET A 560 11.48 90.08 90.83
CA MET A 560 10.04 89.88 90.63
C MET A 560 9.38 90.84 89.64
N GLU A 561 9.99 92.01 89.40
CA GLU A 561 9.54 92.93 88.37
C GLU A 561 10.72 93.68 87.78
N GLU A 562 11.85 93.65 88.48
CA GLU A 562 12.93 94.60 88.24
C GLU A 562 13.94 94.10 87.22
N ALA A 563 13.65 93.02 86.53
CA ALA A 563 14.49 92.54 85.44
C ALA A 563 13.79 92.56 84.10
N ASP A 564 12.46 92.78 84.07
CA ASP A 564 11.62 92.36 82.96
C ASP A 564 11.87 93.15 81.67
N ALA A 565 12.34 94.39 81.77
CA ALA A 565 12.70 95.12 80.56
C ALA A 565 13.96 94.54 79.93
N LEU A 566 14.89 94.06 80.76
CA LEU A 566 16.05 93.35 80.25
C LEU A 566 15.68 91.98 79.71
N ILE A 567 14.69 91.31 80.33
CA ILE A 567 14.26 90.00 79.87
C ILE A 567 13.64 90.10 78.49
N GLU A 568 12.84 91.14 78.25
CA GLU A 568 12.31 91.39 76.92
C GLU A 568 13.40 91.81 75.95
N SER A 569 14.46 92.45 76.45
CA SER A 569 15.52 92.95 75.59
C SER A 569 16.36 91.81 75.02
N LEU A 570 16.75 90.86 75.86
CA LEU A 570 17.65 89.81 75.40
C LEU A 570 16.90 88.77 74.59
N CYS A 571 15.63 88.53 74.93
CA CYS A 571 14.83 87.56 74.20
C CYS A 571 14.48 88.05 72.80
N ARG A 572 14.40 89.37 72.62
CA ARG A 572 14.15 89.90 71.29
C ARG A 572 15.42 89.95 70.44
N ASP A 573 16.59 89.91 71.07
CA ASP A 573 17.86 90.06 70.35
C ASP A 573 18.16 88.84 69.49
N LYS A 574 18.96 89.07 68.44
CA LYS A 574 19.30 88.02 67.50
C LYS A 574 20.32 87.03 68.04
N ASP A 575 21.01 87.37 69.12
CA ASP A 575 22.09 86.55 69.62
C ASP A 575 21.53 85.30 70.28
N PRO A 576 21.91 84.10 69.85
CA PRO A 576 21.39 82.90 70.51
C PRO A 576 21.93 82.70 71.91
N ILE A 577 23.17 83.13 72.17
CA ILE A 577 23.72 83.05 73.51
C ILE A 577 23.02 84.04 74.43
N LEU A 578 22.75 85.24 73.93
CA LEU A 578 22.14 86.25 74.79
C LEU A 578 20.65 86.00 74.99
N ARG A 579 19.97 85.40 74.01
CA ARG A 579 18.65 84.85 74.28
C ARG A 579 18.72 83.75 75.33
N ARG A 580 19.73 82.89 75.22
CA ARG A 580 19.99 81.88 76.25
C ARG A 580 20.40 82.54 77.56
N SER A 581 21.12 83.66 77.49
CA SER A 581 21.47 84.39 78.71
C SER A 581 20.26 85.07 79.32
N GLY A 582 19.29 85.46 78.49
CA GLY A 582 18.04 86.00 79.02
C GLY A 582 17.20 84.96 79.72
N MET A 583 17.44 83.69 79.42
CA MET A 583 16.69 82.63 80.09
C MET A 583 17.21 82.39 81.50
N TYR A 584 18.51 82.57 81.72
CA TYR A 584 19.02 82.37 83.08
C TYR A 584 18.70 83.56 83.97
N THR A 585 18.47 84.73 83.38
CA THR A 585 18.25 85.93 84.18
C THR A 585 16.86 85.94 84.78
N VAL A 586 15.85 85.57 84.00
CA VAL A 586 14.51 85.36 84.54
C VAL A 586 14.48 84.15 85.47
N ALA A 587 15.41 83.20 85.29
CA ALA A 587 15.53 82.09 86.23
C ALA A 587 16.07 82.55 87.57
N MET A 588 16.84 83.63 87.60
CA MET A 588 17.35 84.13 88.87
C MET A 588 16.55 85.30 89.42
N ALA A 589 15.74 85.95 88.59
CA ALA A 589 14.86 87.00 89.07
C ALA A 589 13.60 86.44 89.72
N TYR A 590 13.40 85.12 89.69
CA TYR A 590 12.22 84.48 90.23
C TYR A 590 12.61 83.19 90.94
N CYS A 591 13.64 83.25 91.79
CA CYS A 591 14.12 82.07 92.52
C CYS A 591 13.06 81.58 93.49
N GLY A 592 12.49 80.41 93.19
CA GLY A 592 11.40 79.86 93.97
C GLY A 592 10.04 80.48 93.74
N SER A 593 9.95 81.51 92.91
CA SER A 593 8.72 82.28 92.76
C SER A 593 7.76 81.58 91.80
N GLY A 594 6.54 81.33 92.27
CA GLY A 594 5.54 80.64 91.49
C GLY A 594 4.69 81.56 90.63
N ASN A 595 5.32 82.52 89.96
CA ASN A 595 4.60 83.52 89.19
C ASN A 595 4.20 82.99 87.82
N ASN A 596 2.99 83.32 87.40
CA ASN A 596 2.54 83.03 86.05
C ASN A 596 3.22 83.89 85.01
N LYS A 597 3.55 85.13 85.38
CA LYS A 597 4.09 86.10 84.43
C LYS A 597 5.44 85.65 83.89
N ALA A 598 6.22 84.95 84.71
CA ALA A 598 7.38 84.24 84.18
C ALA A 598 6.98 83.10 83.27
N ILE A 599 6.06 82.25 83.71
CA ILE A 599 5.86 80.95 83.09
C ILE A 599 5.08 81.04 81.78
N ARG A 600 4.52 82.20 81.46
CA ARG A 600 3.96 82.43 80.14
C ARG A 600 5.04 82.36 79.07
N ARG A 601 6.03 83.23 79.16
CA ARG A 601 6.97 83.41 78.06
C ARG A 601 8.36 82.84 78.32
N LEU A 602 8.66 82.42 79.55
CA LEU A 602 9.83 81.57 79.76
C LEU A 602 9.64 80.23 79.06
N LEU A 603 8.42 79.73 79.09
CA LEU A 603 8.09 78.43 78.54
C LEU A 603 7.41 78.51 77.19
N HIS A 604 7.02 79.72 76.74
CA HIS A 604 6.65 79.90 75.34
C HIS A 604 7.86 79.81 74.43
N VAL A 605 8.98 80.41 74.83
CA VAL A 605 10.18 80.38 74.01
C VAL A 605 10.86 79.02 74.07
N ALA A 606 10.49 78.19 75.05
CA ALA A 606 10.94 76.80 75.06
C ALA A 606 10.29 75.98 73.95
N VAL A 607 9.18 76.46 73.40
CA VAL A 607 8.51 75.79 72.30
C VAL A 607 9.09 76.22 70.96
N SER A 608 9.33 77.52 70.81
CA SER A 608 9.46 78.11 69.48
C SER A 608 10.89 78.36 69.03
N ASP A 609 11.83 78.53 69.96
CA ASP A 609 13.14 79.03 69.56
C ASP A 609 13.96 77.91 68.91
N VAL A 610 14.81 78.30 67.96
CA VAL A 610 15.41 77.34 67.05
C VAL A 610 16.75 76.77 67.51
N ASN A 611 17.48 77.48 68.38
CA ASN A 611 18.76 76.95 68.82
C ASN A 611 18.55 75.92 69.92
N ASP A 612 19.38 74.88 69.91
CA ASP A 612 19.25 73.85 70.92
C ASP A 612 19.89 74.26 72.24
N ASP A 613 20.77 75.26 72.20
CA ASP A 613 21.41 75.73 73.42
C ASP A 613 20.43 76.46 74.32
N VAL A 614 19.61 77.32 73.73
CA VAL A 614 18.64 78.09 74.50
C VAL A 614 17.48 77.19 74.95
N ARG A 615 17.15 76.15 74.18
CA ARG A 615 16.04 75.28 74.56
C ARG A 615 16.40 74.42 75.77
N ARG A 616 17.69 74.14 75.96
CA ARG A 616 18.10 73.41 77.16
C ARG A 616 18.15 74.33 78.37
N ALA A 617 18.43 75.61 78.15
CA ALA A 617 18.41 76.56 79.25
C ALA A 617 17.00 76.91 79.68
N ALA A 618 16.03 76.76 78.78
CA ALA A 618 14.66 77.19 79.06
C ALA A 618 13.96 76.21 79.99
N VAL A 619 14.09 74.91 79.71
CA VAL A 619 13.43 73.91 80.55
C VAL A 619 14.17 73.65 81.85
N GLU A 620 15.46 73.98 81.91
CA GLU A 620 16.20 73.87 83.16
C GLU A 620 16.05 75.09 84.04
N SER A 621 15.21 76.04 83.66
CA SER A 621 14.85 77.16 84.51
C SER A 621 13.60 76.90 85.33
N LEU A 622 13.00 75.71 85.21
CA LEU A 622 11.70 75.49 85.84
C LEU A 622 11.85 75.09 87.29
N GLY A 623 12.83 74.23 87.60
CA GLY A 623 13.06 73.87 89.00
C GLY A 623 13.60 75.02 89.82
N PHE A 624 14.34 75.93 89.19
CA PHE A 624 14.89 77.07 89.93
C PHE A 624 13.81 78.10 90.26
N ILE A 625 12.70 78.11 89.53
CA ILE A 625 11.59 78.97 89.90
C ILE A 625 10.48 78.22 90.62
N LEU A 626 10.54 76.89 90.66
CA LEU A 626 9.46 76.11 91.26
C LEU A 626 10.00 74.97 92.11
N PHE A 627 11.12 75.18 92.81
CA PHE A 627 11.52 74.22 93.83
C PHE A 627 10.76 74.44 95.13
N ARG A 628 10.02 75.54 95.23
CA ARG A 628 9.22 75.81 96.43
C ARG A 628 8.13 74.77 96.61
N THR A 629 7.59 74.27 95.52
CA THR A 629 6.68 73.12 95.54
C THR A 629 7.18 72.03 94.59
N PRO A 630 7.75 70.94 95.11
CA PRO A 630 8.18 69.82 94.26
C PRO A 630 7.05 68.93 93.77
N GLU A 631 5.79 69.29 94.02
CA GLU A 631 4.68 68.43 93.63
C GLU A 631 4.25 68.68 92.19
N GLN A 632 4.34 69.91 91.71
CA GLN A 632 3.79 70.26 90.41
C GLN A 632 4.77 70.04 89.28
N CYS A 633 6.07 70.09 89.56
CA CYS A 633 7.09 69.95 88.52
C CYS A 633 7.13 68.57 87.84
N PRO A 634 6.92 67.43 88.51
CA PRO A 634 6.78 66.19 87.74
C PRO A 634 5.51 66.12 86.90
N SER A 635 4.53 66.98 87.14
CA SER A 635 3.29 66.93 86.36
C SER A 635 3.40 67.69 85.04
N VAL A 636 4.31 68.65 84.92
CA VAL A 636 4.44 69.43 83.71
C VAL A 636 5.57 68.97 82.80
N VAL A 637 6.66 68.46 83.37
CA VAL A 637 7.85 68.12 82.59
C VAL A 637 7.74 66.69 82.04
N SER A 638 6.80 65.89 82.56
CA SER A 638 6.66 64.50 82.12
C SER A 638 6.20 64.39 80.67
N LEU A 639 5.49 65.40 80.18
CA LEU A 639 5.21 65.48 78.76
C LEU A 639 6.47 65.80 77.96
N LEU A 640 7.36 66.61 78.52
CA LEU A 640 8.54 67.05 77.80
C LEU A 640 9.65 66.03 77.77
N SER A 641 9.53 64.95 78.53
CA SER A 641 10.49 63.87 78.46
C SER A 641 10.41 63.07 77.16
N GLU A 642 9.37 63.28 76.37
CA GLU A 642 9.16 62.54 75.12
C GLU A 642 9.27 63.45 73.91
N SER A 643 10.05 64.53 74.02
CA SER A 643 10.17 65.48 72.94
C SER A 643 10.99 64.89 71.79
N TYR A 644 10.87 65.51 70.62
CA TYR A 644 11.53 64.98 69.43
C TYR A 644 13.04 65.20 69.47
N ASN A 645 13.48 66.36 69.96
CA ASN A 645 14.93 66.51 69.99
C ASN A 645 15.49 66.04 71.33
N PRO A 646 16.71 65.50 71.34
CA PRO A 646 17.30 65.06 72.62
C PRO A 646 17.68 66.19 73.53
N HIS A 647 17.75 67.42 73.02
CA HIS A 647 18.12 68.56 73.84
C HIS A 647 17.01 68.90 74.83
N VAL A 648 15.77 68.93 74.36
CA VAL A 648 14.66 69.11 75.29
C VAL A 648 14.48 67.83 76.11
N ARG A 649 14.81 66.67 75.52
CA ARG A 649 14.82 65.44 76.31
C ARG A 649 15.94 65.45 77.35
N TYR A 650 17.01 66.18 77.11
CA TYR A 650 18.04 66.31 78.14
C TYR A 650 17.54 67.15 79.30
N GLY A 651 17.24 68.41 79.03
CA GLY A 651 16.94 69.38 80.08
C GLY A 651 15.67 69.10 80.83
N ALA A 652 14.81 68.24 80.29
CA ALA A 652 13.70 67.70 81.08
C ALA A 652 14.21 66.86 82.24
N ALA A 653 15.32 66.16 82.04
CA ALA A 653 15.83 65.29 83.10
C ALA A 653 16.51 66.10 84.21
N MET A 654 17.24 67.16 83.85
CA MET A 654 17.83 67.99 84.90
C MET A 654 16.80 68.85 85.60
N ALA A 655 15.66 69.13 84.95
CA ALA A 655 14.60 69.91 85.59
C ALA A 655 14.00 69.15 86.77
N LEU A 656 13.94 67.82 86.66
CA LEU A 656 13.58 67.00 87.82
C LEU A 656 14.74 66.91 88.80
N GLY A 657 15.97 67.03 88.30
CA GLY A 657 17.13 66.89 89.17
C GLY A 657 17.39 68.11 90.02
N ILE A 658 16.85 69.26 89.62
CA ILE A 658 17.10 70.50 90.35
C ILE A 658 15.95 70.93 91.22
N CYS A 659 14.78 70.31 91.10
CA CYS A 659 13.63 70.68 91.91
C CYS A 659 13.43 69.73 93.09
N CYS A 660 13.36 68.43 92.80
CA CYS A 660 12.96 67.44 93.78
C CYS A 660 14.15 66.78 94.48
N ALA A 661 15.34 67.37 94.37
CA ALA A 661 16.58 66.68 94.78
C ALA A 661 16.67 66.48 96.29
N GLY A 662 16.04 67.35 97.09
CA GLY A 662 16.03 67.12 98.52
C GLY A 662 15.18 65.96 98.95
N THR A 663 14.19 65.58 98.15
CA THR A 663 13.24 64.53 98.49
C THR A 663 13.57 63.26 97.71
N GLY A 664 13.26 62.11 98.30
CA GLY A 664 13.29 60.88 97.56
C GLY A 664 11.97 60.69 96.85
N ASN A 665 11.74 61.48 95.80
CA ASN A 665 10.42 61.59 95.19
C ASN A 665 10.08 60.31 94.44
N LYS A 666 8.92 59.75 94.77
CA LYS A 666 8.44 58.54 94.12
C LYS A 666 8.11 58.79 92.64
N GLU A 667 7.57 59.97 92.33
CA GLU A 667 7.14 60.26 90.98
C GLU A 667 8.30 60.63 90.08
N ALA A 668 9.31 61.34 90.61
CA ALA A 668 10.43 61.77 89.78
C ALA A 668 11.33 60.60 89.41
N ILE A 669 11.49 59.65 90.34
CA ILE A 669 12.23 58.43 90.04
C ILE A 669 11.43 57.57 89.06
N ASN A 670 10.11 57.64 89.12
CA ASN A 670 9.25 56.91 88.19
C ASN A 670 9.43 57.40 86.75
N LEU A 671 9.71 58.69 86.58
CA LEU A 671 9.86 59.24 85.23
C LEU A 671 11.24 58.95 84.66
N LEU A 672 12.26 58.94 85.51
CA LEU A 672 13.64 58.73 85.05
C LEU A 672 13.98 57.27 84.81
N GLU A 673 13.03 56.36 85.08
CA GLU A 673 13.30 54.94 84.88
C GLU A 673 13.48 54.57 83.41
N PRO A 674 12.66 55.00 82.45
CA PRO A 674 13.00 54.71 81.05
C PRO A 674 13.92 55.74 80.41
N MET A 675 14.30 56.79 81.14
CA MET A 675 15.14 57.83 80.55
C MET A 675 16.58 57.38 80.33
N THR A 676 17.04 56.38 81.05
CA THR A 676 18.38 55.85 80.88
C THR A 676 18.51 54.88 79.71
N ASN A 677 17.44 54.67 78.96
CA ASN A 677 17.41 53.67 77.90
C ASN A 677 17.50 54.28 76.51
N ASP A 678 17.61 55.60 76.42
CA ASP A 678 17.49 56.29 75.14
C ASP A 678 18.78 56.14 74.34
N PRO A 679 18.70 56.03 73.01
CA PRO A 679 19.91 55.87 72.20
C PRO A 679 20.82 57.09 72.16
N VAL A 680 20.38 58.25 72.59
CA VAL A 680 21.26 59.41 72.67
C VAL A 680 22.07 59.31 73.96
N ASN A 681 23.36 59.59 73.87
CA ASN A 681 24.26 59.30 74.98
C ASN A 681 24.10 60.30 76.12
N TYR A 682 24.00 61.59 75.82
CA TYR A 682 24.01 62.57 76.91
C TYR A 682 22.69 62.64 77.67
N VAL A 683 21.58 62.18 77.07
CA VAL A 683 20.37 62.05 77.85
C VAL A 683 20.45 60.81 78.75
N ARG A 684 21.22 59.79 78.36
CA ARG A 684 21.56 58.74 79.31
C ARG A 684 22.47 59.27 80.40
N GLN A 685 23.34 60.22 80.07
CA GLN A 685 24.23 60.82 81.07
C GLN A 685 23.45 61.63 82.09
N GLY A 686 22.70 62.63 81.63
CA GLY A 686 22.01 63.54 82.52
C GLY A 686 20.87 62.92 83.29
N ALA A 687 20.39 61.75 82.87
CA ALA A 687 19.47 60.99 83.69
C ALA A 687 20.17 60.44 84.92
N LEU A 688 21.44 60.07 84.80
CA LEU A 688 22.17 59.49 85.93
C LEU A 688 22.50 60.54 86.99
N ILE A 689 22.93 61.73 86.55
CA ILE A 689 23.16 62.83 87.49
C ILE A 689 21.86 63.23 88.17
N ALA A 690 20.76 63.26 87.41
CA ALA A 690 19.45 63.48 88.02
C ALA A 690 19.04 62.34 88.93
N SER A 691 19.43 61.11 88.59
CA SER A 691 19.23 60.00 89.51
C SER A 691 20.17 60.05 90.70
N ALA A 692 21.29 60.75 90.57
CA ALA A 692 22.17 60.94 91.71
C ALA A 692 21.60 61.96 92.68
N LEU A 693 21.03 63.05 92.15
CA LEU A 693 20.58 64.14 93.00
C LEU A 693 19.31 63.80 93.77
N ILE A 694 18.54 62.81 93.32
CA ILE A 694 17.25 62.54 93.92
C ILE A 694 17.36 61.74 95.21
N MET A 695 18.48 61.02 95.45
CA MET A 695 18.50 60.03 96.52
C MET A 695 19.77 60.06 97.35
N ILE A 696 20.32 61.25 97.61
CA ILE A 696 21.49 61.30 98.48
C ILE A 696 21.06 61.16 99.93
N GLN A 697 21.89 60.43 100.69
CA GLN A 697 21.66 60.07 102.11
C GLN A 697 20.33 59.35 102.33
N GLN A 698 19.99 58.42 101.43
CA GLN A 698 18.74 57.66 101.52
C GLN A 698 19.06 56.20 101.33
N THR A 699 18.67 55.37 102.30
CA THR A 699 19.04 53.95 102.33
C THR A 699 17.77 53.08 102.31
N GLU A 700 17.26 52.81 101.11
CA GLU A 700 16.39 51.68 100.80
C GLU A 700 14.97 51.80 101.38
N ILE A 701 14.73 52.78 102.25
CA ILE A 701 13.46 52.85 102.95
C ILE A 701 12.67 54.11 102.61
N THR A 702 13.32 55.19 102.18
CA THR A 702 12.58 56.32 101.63
C THR A 702 12.02 55.98 100.27
N CYS A 703 12.74 55.15 99.51
CA CYS A 703 12.32 54.57 98.24
C CYS A 703 13.19 53.35 98.00
N PRO A 704 12.63 52.26 97.47
CA PRO A 704 13.45 51.05 97.28
C PRO A 704 14.41 51.13 96.11
N LYS A 705 14.35 52.18 95.30
CA LYS A 705 15.16 52.29 94.09
C LYS A 705 16.56 52.80 94.35
N VAL A 706 17.00 52.88 95.60
CA VAL A 706 18.39 53.26 95.87
C VAL A 706 19.33 52.15 95.45
N ASN A 707 19.20 50.98 96.09
CA ASN A 707 20.05 49.85 95.77
C ASN A 707 19.69 49.21 94.44
N GLN A 708 18.52 49.55 93.89
CA GLN A 708 18.23 49.23 92.49
C GLN A 708 19.07 50.06 91.54
N PHE A 709 19.61 51.19 92.01
CA PHE A 709 20.45 52.05 91.17
C PHE A 709 21.91 52.04 91.58
N ARG A 710 22.24 51.58 92.79
CA ARG A 710 23.64 51.34 93.16
C ARG A 710 24.26 50.28 92.25
N GLN A 711 23.48 49.24 91.92
CA GLN A 711 23.90 48.25 90.95
C GLN A 711 23.90 48.80 89.53
N LEU A 712 23.14 49.87 89.27
CA LEU A 712 22.98 50.35 87.91
C LEU A 712 24.17 51.17 87.44
N TYR A 713 24.79 51.95 88.33
CA TYR A 713 25.99 52.68 87.94
C TYR A 713 27.15 51.74 87.71
N SER A 714 27.23 50.67 88.51
CA SER A 714 28.27 49.69 88.31
C SER A 714 27.99 48.80 87.10
N LYS A 715 26.74 48.72 86.66
CA LYS A 715 26.41 47.95 85.47
C LYS A 715 26.98 48.61 84.22
N VAL A 716 26.95 49.95 84.17
CA VAL A 716 27.39 50.68 83.00
C VAL A 716 28.84 51.13 83.06
N ILE A 717 29.44 51.17 84.26
CA ILE A 717 30.81 51.63 84.37
C ILE A 717 31.81 50.49 84.09
N ASN A 718 31.37 49.24 84.17
CA ASN A 718 32.25 48.12 83.93
C ASN A 718 32.11 47.54 82.53
N ASP A 719 31.32 48.18 81.68
CA ASP A 719 31.27 47.77 80.28
C ASP A 719 32.40 48.45 79.51
N LYS A 720 32.86 47.75 78.48
CA LYS A 720 33.85 48.32 77.55
C LYS A 720 33.16 48.93 76.34
N HIS A 721 32.05 48.34 75.89
CA HIS A 721 31.33 48.82 74.72
C HIS A 721 30.51 50.08 74.99
N ASP A 722 30.43 50.55 76.23
CA ASP A 722 29.70 51.77 76.49
C ASP A 722 30.50 53.00 76.04
N ASP A 723 29.78 54.08 75.80
CA ASP A 723 30.40 55.33 75.40
C ASP A 723 31.05 55.99 76.60
N VAL A 724 32.06 56.81 76.31
CA VAL A 724 32.81 57.49 77.37
C VAL A 724 31.95 58.55 78.03
N MET A 725 31.18 59.29 77.22
CA MET A 725 30.20 60.22 77.76
C MET A 725 29.11 59.51 78.54
N ALA A 726 28.74 58.30 78.11
CA ALA A 726 27.63 57.59 78.76
C ALA A 726 28.04 57.07 80.12
N LYS A 727 29.29 56.62 80.27
CA LYS A 727 29.78 56.15 81.55
C LYS A 727 30.44 57.25 82.37
N PHE A 728 30.53 58.46 81.84
CA PHE A 728 31.01 59.59 82.64
C PHE A 728 29.99 59.97 83.72
N GLY A 729 28.71 59.70 83.48
CA GLY A 729 27.70 60.02 84.48
C GLY A 729 27.71 59.08 85.66
N ALA A 730 28.17 57.85 85.46
CA ALA A 730 28.19 56.87 86.54
C ALA A 730 29.32 57.16 87.52
N ILE A 731 30.51 57.46 86.99
CA ILE A 731 31.65 57.78 87.84
C ILE A 731 31.48 59.12 88.53
N LEU A 732 30.73 60.05 87.94
CA LEU A 732 30.45 61.29 88.63
C LEU A 732 29.44 61.07 89.75
N ALA A 733 28.46 60.19 89.54
CA ALA A 733 27.40 59.98 90.52
C ALA A 733 27.89 59.27 91.78
N GLN A 734 29.00 58.54 91.70
CA GLN A 734 29.57 57.91 92.89
C GLN A 734 30.06 58.94 93.88
N GLY A 735 30.67 60.03 93.39
CA GLY A 735 31.03 61.13 94.27
C GLY A 735 29.86 61.93 94.76
N ILE A 736 28.72 61.88 94.06
CA ILE A 736 27.53 62.59 94.49
C ILE A 736 26.80 61.81 95.57
N LEU A 737 26.60 60.52 95.31
CA LEU A 737 25.73 59.69 96.14
C LEU A 737 26.35 59.29 97.47
N ASP A 738 27.67 59.34 97.58
CA ASP A 738 28.33 59.01 98.84
C ASP A 738 29.07 60.24 99.37
N ALA A 739 28.41 61.39 99.33
CA ALA A 739 29.06 62.68 99.57
C ALA A 739 29.40 62.86 101.04
N GLY A 740 30.69 63.00 101.34
CA GLY A 740 31.15 63.29 102.68
C GLY A 740 30.96 62.18 103.67
N GLY A 741 30.84 60.93 103.22
CA GLY A 741 30.49 59.85 104.12
C GLY A 741 29.05 59.91 104.58
N HIS A 742 28.14 60.30 103.68
CA HIS A 742 26.73 60.54 103.95
C HIS A 742 26.53 61.57 105.06
N ASN A 743 27.38 62.60 105.10
CA ASN A 743 27.29 63.63 106.12
C ASN A 743 26.85 64.98 105.60
N VAL A 744 27.04 65.26 104.32
CA VAL A 744 26.59 66.50 103.70
C VAL A 744 25.47 66.19 102.72
N THR A 745 24.68 67.21 102.43
CA THR A 745 23.55 67.07 101.51
C THR A 745 23.33 68.39 100.81
N ILE A 746 22.47 68.37 99.80
CA ILE A 746 22.08 69.61 99.14
C ILE A 746 20.95 70.27 99.94
N SER A 747 20.92 71.59 99.92
CA SER A 747 19.83 72.32 100.57
C SER A 747 19.68 73.65 99.84
N LEU A 748 18.63 73.76 99.02
CA LEU A 748 18.23 75.01 98.41
C LEU A 748 17.19 75.74 99.27
N GLN A 749 17.14 75.42 100.56
CA GLN A 749 15.99 75.78 101.36
C GLN A 749 16.37 75.75 102.83
N SER A 750 15.88 76.72 103.58
CA SER A 750 15.94 76.70 105.03
C SER A 750 14.57 76.37 105.60
N ARG A 751 14.54 76.13 106.91
CA ARG A 751 13.26 75.94 107.58
C ARG A 751 12.47 77.24 107.64
N THR A 752 13.16 78.38 107.61
CA THR A 752 12.54 79.69 107.71
C THR A 752 11.71 80.07 106.48
N GLY A 753 11.80 79.31 105.39
CA GLY A 753 11.18 79.68 104.14
C GLY A 753 12.10 80.41 103.19
N HIS A 754 13.26 80.85 103.67
CA HIS A 754 14.22 81.55 102.83
C HIS A 754 15.18 80.56 102.18
N THR A 755 15.56 80.84 100.94
CA THR A 755 16.40 79.92 100.21
C THR A 755 17.89 80.16 100.52
N HIS A 756 18.69 79.15 100.23
CA HIS A 756 20.12 79.17 100.52
C HIS A 756 20.84 79.62 99.25
N MET A 757 21.07 80.92 99.15
CA MET A 757 21.56 81.50 97.89
C MET A 757 22.96 81.09 97.42
N PRO A 758 23.96 80.66 98.29
CA PRO A 758 25.16 80.07 97.67
C PRO A 758 24.86 78.72 97.04
N SER A 759 23.86 78.00 97.55
CA SER A 759 23.45 76.77 96.88
C SER A 759 22.66 77.07 95.62
N VAL A 760 21.96 78.19 95.58
CA VAL A 760 21.27 78.62 94.36
C VAL A 760 22.28 78.94 93.27
N VAL A 761 23.35 79.63 93.63
CA VAL A 761 24.47 79.83 92.71
C VAL A 761 25.19 78.51 92.46
N GLY A 762 25.36 77.71 93.52
CA GLY A 762 26.18 76.51 93.43
C GLY A 762 25.60 75.41 92.57
N VAL A 763 24.28 75.39 92.40
CA VAL A 763 23.69 74.41 91.50
C VAL A 763 23.54 74.97 90.09
N LEU A 764 23.39 76.29 89.94
CA LEU A 764 23.27 76.88 88.60
C LEU A 764 24.62 76.89 87.90
N VAL A 765 25.69 77.16 88.64
CA VAL A 765 27.04 77.07 88.08
C VAL A 765 27.40 75.61 87.81
N PHE A 766 26.81 74.67 88.55
CA PHE A 766 26.99 73.24 88.29
C PHE A 766 26.38 72.81 86.96
N THR A 767 25.45 73.58 86.39
CA THR A 767 24.83 73.20 85.13
C THR A 767 25.78 73.26 83.94
N GLN A 768 26.82 74.08 84.00
CA GLN A 768 27.68 74.32 82.85
C GLN A 768 28.95 73.47 82.91
N PHE A 769 28.80 72.16 82.77
CA PHE A 769 29.97 71.31 82.66
C PHE A 769 30.29 70.93 81.23
N TRP A 770 29.37 71.14 80.29
CA TRP A 770 29.64 70.94 78.87
C TRP A 770 30.80 71.77 78.39
N PHE A 771 30.72 73.06 78.64
CA PHE A 771 31.55 74.06 78.00
C PHE A 771 32.85 74.29 78.75
N TRP A 772 32.98 73.71 79.95
CA TRP A 772 34.17 73.77 80.79
C TRP A 772 34.02 72.72 81.87
N PHE A 773 34.99 71.80 82.01
CA PHE A 773 34.81 70.74 83.01
C PHE A 773 34.90 71.22 84.45
N PRO A 774 35.94 71.99 84.90
CA PRO A 774 35.91 72.39 86.30
C PRO A 774 35.10 73.64 86.58
N LEU A 775 34.16 73.99 85.70
CA LEU A 775 33.23 75.06 86.05
C LEU A 775 32.12 74.54 86.96
N SER A 776 31.73 73.28 86.79
CA SER A 776 30.81 72.60 87.70
C SER A 776 31.51 72.03 88.92
N HIS A 777 32.80 72.33 89.07
CA HIS A 777 33.50 72.08 90.32
C HIS A 777 32.99 72.95 91.44
N PHE A 778 32.33 74.08 91.12
CA PHE A 778 31.62 74.90 92.11
C PHE A 778 30.32 74.17 92.48
N LEU A 779 30.47 73.16 93.33
CA LEU A 779 29.35 72.40 93.84
C LEU A 779 29.36 72.32 95.36
N SER A 780 30.51 72.61 95.99
CA SER A 780 30.64 72.58 97.44
C SER A 780 29.79 73.63 98.15
N LEU A 781 29.32 74.65 97.42
CA LEU A 781 28.41 75.62 98.02
C LEU A 781 27.03 75.04 98.25
N ALA A 782 26.69 73.97 97.54
CA ALA A 782 25.41 73.30 97.76
C ALA A 782 25.50 72.25 98.86
N TYR A 783 26.69 71.70 99.12
CA TYR A 783 26.83 70.67 100.14
C TYR A 783 26.71 71.31 101.53
N THR A 784 25.67 70.92 102.25
CA THR A 784 25.41 71.36 103.61
C THR A 784 25.16 70.14 104.48
N PRO A 785 25.59 70.15 105.74
CA PRO A 785 25.40 68.99 106.59
C PRO A 785 23.96 68.84 107.05
N THR A 786 23.65 67.66 107.57
CA THR A 786 22.43 67.40 108.34
C THR A 786 22.86 66.74 109.64
N CYS A 787 23.07 67.57 110.66
CA CYS A 787 23.46 67.09 111.98
C CYS A 787 22.94 68.05 113.04
N VAL A 788 22.26 67.52 114.04
CA VAL A 788 22.01 68.29 115.24
C VAL A 788 23.29 68.34 116.06
N ILE A 789 23.53 69.46 116.73
CA ILE A 789 24.73 69.66 117.54
C ILE A 789 24.32 70.35 118.84
N GLY A 790 24.71 69.76 119.98
CA GLY A 790 24.44 70.34 121.28
C GLY A 790 25.55 71.27 121.75
N LEU A 791 25.18 72.21 122.61
CA LEU A 791 26.08 73.26 123.07
C LEU A 791 25.53 73.86 124.35
N ASN A 792 26.41 74.18 125.30
CA ASN A 792 26.00 74.83 126.54
C ASN A 792 26.75 76.11 126.87
N LYS A 793 28.03 76.21 126.50
CA LYS A 793 28.79 77.43 126.74
C LYS A 793 29.33 77.85 125.38
N ASP A 794 30.25 78.81 125.30
CA ASP A 794 30.80 79.18 124.00
C ASP A 794 31.71 78.11 123.40
N LEU A 795 32.23 77.20 124.22
CA LEU A 795 33.24 76.25 123.75
C LEU A 795 32.89 74.82 124.13
N LYS A 796 32.21 74.64 125.26
CA LYS A 796 32.11 73.32 125.88
C LYS A 796 31.11 72.44 125.14
N MET A 797 31.49 71.19 124.92
CA MET A 797 30.56 70.21 124.40
C MET A 797 29.76 69.61 125.57
N PRO A 798 28.46 69.38 125.40
CA PRO A 798 27.70 68.67 126.43
C PRO A 798 27.88 67.17 126.31
N LYS A 799 27.17 66.39 127.12
CA LYS A 799 27.15 64.93 127.01
C LYS A 799 25.69 64.51 127.16
N VAL A 800 24.99 64.44 126.03
CA VAL A 800 23.57 64.11 126.04
C VAL A 800 23.36 62.89 125.15
N GLN A 801 22.40 62.05 125.54
CA GLN A 801 22.04 60.87 124.76
C GLN A 801 20.52 60.75 124.79
N TYR A 802 19.89 60.93 123.63
CA TYR A 802 18.46 60.73 123.44
C TYR A 802 18.25 59.57 122.47
N LYS A 803 16.99 59.28 122.17
CA LYS A 803 16.65 58.10 121.38
C LYS A 803 15.59 58.47 120.34
N SER A 804 15.07 57.44 119.67
CA SER A 804 14.07 57.58 118.62
C SER A 804 12.73 56.98 119.09
N ASN A 805 11.71 57.12 118.25
CA ASN A 805 10.41 56.54 118.57
C ASN A 805 9.83 55.68 117.46
N CYS A 806 9.98 56.08 116.20
CA CYS A 806 9.37 55.35 115.09
C CYS A 806 10.21 54.16 114.66
N LYS A 807 9.93 53.65 113.46
CA LYS A 807 10.55 52.42 112.99
C LYS A 807 12.05 52.59 112.79
N PRO A 808 12.86 51.67 113.31
CA PRO A 808 14.31 51.94 113.44
C PRO A 808 15.12 51.72 112.18
N SER A 809 14.56 51.06 111.15
CA SER A 809 15.33 50.74 109.96
C SER A 809 15.57 51.95 109.05
N THR A 810 15.06 53.12 109.42
CA THR A 810 15.35 54.35 108.68
C THR A 810 16.78 54.82 108.90
N PHE A 811 17.42 54.40 109.99
CA PHE A 811 18.71 54.91 110.40
C PHE A 811 19.88 54.12 109.82
N ALA A 812 19.71 53.52 108.64
CA ALA A 812 20.70 52.59 108.13
C ALA A 812 21.94 53.32 107.61
N TYR A 813 23.01 52.54 107.44
CA TYR A 813 24.31 52.98 106.99
C TYR A 813 24.55 52.42 105.58
N PRO A 814 25.53 52.93 104.82
CA PRO A 814 25.80 52.31 103.49
C PRO A 814 26.29 50.87 103.56
N ALA A 815 27.02 50.47 104.61
CA ALA A 815 27.50 49.12 104.88
C ALA A 815 28.28 48.50 103.72
N PRO A 816 29.53 48.90 103.50
CA PRO A 816 30.33 48.32 102.41
C PRO A 816 30.63 46.85 102.63
N LEU A 817 30.95 46.17 101.53
CA LEU A 817 30.99 44.71 101.56
C LEU A 817 32.38 44.17 101.88
N GLU A 818 33.43 44.72 101.25
CA GLU A 818 34.85 44.43 101.50
C GLU A 818 35.15 42.93 101.31
N VAL A 819 35.07 42.50 100.06
CA VAL A 819 35.53 41.15 99.72
C VAL A 819 37.02 41.23 99.42
N PRO A 820 37.82 40.22 99.81
CA PRO A 820 39.23 40.17 99.38
C PRO A 820 39.43 39.42 98.06
N PRO A 871 14.06 41.79 118.49
CA PRO A 871 15.47 42.05 118.81
C PRO A 871 16.02 43.25 118.03
N GLU A 872 15.54 44.45 118.34
CA GLU A 872 15.78 45.57 117.45
C GLU A 872 15.79 46.86 118.25
N PRO A 873 16.59 47.87 117.82
CA PRO A 873 16.49 49.24 118.36
C PRO A 873 15.23 49.99 117.93
N ASN A 874 15.31 51.34 117.92
CA ASN A 874 14.42 52.44 118.30
C ASN A 874 14.69 52.91 119.74
N PHE A 875 15.91 52.64 120.21
CA PHE A 875 16.44 53.33 121.39
C PHE A 875 17.83 53.88 121.09
N GLN A 876 18.06 54.29 119.83
CA GLN A 876 19.38 54.67 119.33
C GLN A 876 19.93 55.89 120.07
N LEU A 877 20.98 55.68 120.86
CA LEU A 877 21.64 56.79 121.51
C LEU A 877 22.49 57.54 120.51
N LEU A 878 22.60 58.86 120.71
CA LEU A 878 23.34 59.73 119.83
C LEU A 878 24.24 60.64 120.63
N ASP A 879 25.42 60.94 120.09
CA ASP A 879 26.31 61.91 120.69
C ASP A 879 25.95 63.31 120.18
N ASN A 880 26.80 64.28 120.51
CA ASN A 880 26.55 65.66 120.09
C ASN A 880 26.80 65.87 118.60
N PRO A 881 27.90 65.35 117.96
CA PRO A 881 27.90 65.47 116.48
C PRO A 881 27.22 64.28 115.80
N ALA A 882 25.89 64.27 115.87
CA ALA A 882 25.11 63.14 115.38
C ALA A 882 24.44 63.48 114.06
N ARG A 883 24.75 62.72 113.01
CA ARG A 883 24.05 62.88 111.75
C ARG A 883 22.63 62.33 111.85
N VAL A 884 21.74 62.92 111.07
CA VAL A 884 20.32 62.60 111.11
C VAL A 884 19.70 63.03 109.79
N MET A 885 18.78 62.21 109.28
CA MET A 885 18.00 62.61 108.11
C MET A 885 17.02 63.70 108.52
N PRO A 886 16.73 64.67 107.62
CA PRO A 886 15.70 65.67 107.95
C PRO A 886 14.30 65.09 108.08
N ALA A 887 14.02 63.94 107.48
CA ALA A 887 12.78 63.24 107.74
C ALA A 887 12.77 62.58 109.12
N GLN A 888 13.94 62.35 109.70
CA GLN A 888 14.07 61.73 111.01
C GLN A 888 14.11 62.75 112.15
N LEU A 889 13.84 64.02 111.86
CA LEU A 889 13.84 65.03 112.91
C LEU A 889 12.61 64.90 113.81
N LYS A 890 11.56 64.27 113.31
CA LYS A 890 10.34 64.08 114.08
C LYS A 890 10.32 62.77 114.85
N VAL A 891 11.08 61.75 114.41
CA VAL A 891 10.97 60.42 114.97
C VAL A 891 11.83 60.23 116.21
N LEU A 892 12.62 61.25 116.58
CA LEU A 892 13.49 61.15 117.73
C LEU A 892 12.75 61.56 119.00
N THR A 893 13.45 61.49 120.12
CA THR A 893 12.89 61.79 121.44
C THR A 893 13.67 62.95 122.04
N MET A 894 12.98 63.86 122.72
CA MET A 894 13.67 64.90 123.46
C MET A 894 14.36 64.29 124.69
N PRO A 895 15.50 64.83 125.11
CA PRO A 895 16.15 64.32 126.32
C PRO A 895 15.41 64.74 127.58
N GLU A 896 14.78 63.75 128.23
CA GLU A 896 14.00 63.98 129.43
C GLU A 896 14.64 63.46 130.71
N THR A 897 15.53 62.46 130.61
CA THR A 897 16.18 61.88 131.77
C THR A 897 17.61 62.36 131.97
N CYS A 898 18.18 63.07 130.98
CA CYS A 898 19.56 63.47 131.05
C CYS A 898 19.73 64.68 131.97
N ARG A 899 20.99 65.03 132.24
CA ARG A 899 21.29 66.28 132.95
C ARG A 899 20.89 67.49 132.11
N TYR A 900 21.03 67.39 130.79
CA TYR A 900 20.80 68.50 129.89
C TYR A 900 19.35 68.50 129.40
N GLN A 901 18.80 69.70 129.21
CA GLN A 901 17.47 69.90 128.67
C GLN A 901 17.47 71.08 127.71
N PRO A 902 16.99 70.91 126.48
CA PRO A 902 17.02 72.02 125.51
C PRO A 902 15.96 73.08 125.83
N PHE A 903 16.42 74.32 125.97
CA PHE A 903 15.49 75.44 126.11
C PHE A 903 14.70 75.67 124.84
N LYS A 904 15.29 75.40 123.68
CA LYS A 904 14.66 75.57 122.38
C LYS A 904 13.81 74.35 122.02
N PRO A 905 12.63 74.56 121.42
CA PRO A 905 11.93 73.45 120.77
C PRO A 905 12.76 72.90 119.62
N LEU A 906 13.16 71.63 119.76
CA LEU A 906 14.07 70.99 118.81
C LEU A 906 13.32 70.67 117.53
N SER A 907 13.45 71.56 116.54
CA SER A 907 12.78 71.42 115.26
C SER A 907 13.69 71.58 114.05
N ILE A 908 14.88 72.17 114.22
CA ILE A 908 15.85 72.34 113.15
C ILE A 908 17.16 71.73 113.62
N GLY A 909 17.97 71.29 112.67
CA GLY A 909 19.29 70.78 112.98
C GLY A 909 20.32 71.85 113.28
N GLY A 910 21.59 71.56 113.01
CA GLY A 910 22.62 72.52 113.31
C GLY A 910 22.93 72.56 114.79
N ILE A 911 23.30 73.75 115.25
CA ILE A 911 23.74 73.96 116.62
C ILE A 911 22.66 74.73 117.39
N ILE A 912 22.41 74.30 118.63
CA ILE A 912 21.45 74.92 119.52
C ILE A 912 22.07 74.99 120.92
N ILE A 913 21.56 75.91 121.74
CA ILE A 913 21.93 75.91 123.15
C ILE A 913 21.19 74.80 123.87
N LEU A 914 21.92 74.09 124.73
CA LEU A 914 21.40 72.94 125.47
C LEU A 914 21.57 73.26 126.95
N LYS A 915 20.48 73.66 127.58
CA LYS A 915 20.55 74.23 128.93
C LYS A 915 20.79 73.13 129.96
N ASP A 916 21.87 73.27 130.73
CA ASP A 916 22.22 72.29 131.74
C ASP A 916 21.26 72.41 132.91
N THR A 917 20.49 71.36 133.16
CA THR A 917 19.55 71.34 134.26
C THR A 917 19.94 70.28 135.29
N PRO B 18 -59.24 28.60 99.45
CA PRO B 18 -57.91 28.15 99.88
C PRO B 18 -57.05 27.37 98.84
N PRO B 19 -57.60 26.59 97.90
CA PRO B 19 -56.75 26.19 96.77
C PRO B 19 -56.56 27.30 95.74
N GLY B 20 -57.62 28.06 95.44
CA GLY B 20 -57.48 29.20 94.56
C GLY B 20 -56.65 30.31 95.18
N GLY B 21 -56.65 30.40 96.50
CA GLY B 21 -55.70 31.21 97.22
C GLY B 21 -54.33 30.58 97.23
N GLY B 22 -54.22 29.38 97.80
CA GLY B 22 -52.93 28.76 98.10
C GLY B 22 -52.08 28.26 96.96
N GLU B 23 -52.42 28.63 95.72
CA GLU B 23 -51.53 28.46 94.58
C GLU B 23 -51.29 29.74 93.80
N GLN B 24 -52.18 30.72 93.90
CA GLN B 24 -52.06 31.99 93.20
C GLN B 24 -51.62 33.13 94.10
N GLU B 25 -51.93 33.06 95.39
CA GLU B 25 -51.39 33.98 96.40
C GLU B 25 -49.98 33.70 96.93
N PRO B 26 -49.50 32.47 97.16
CA PRO B 26 -48.14 32.30 97.75
C PRO B 26 -46.94 32.65 96.87
N PRO B 27 -47.01 32.68 95.53
CA PRO B 27 -45.83 33.23 94.76
C PRO B 27 -45.71 34.75 94.67
N PRO B 28 -46.77 35.56 94.85
CA PRO B 28 -46.54 37.03 94.99
C PRO B 28 -45.70 37.52 96.16
N PRO B 29 -45.55 36.81 97.30
CA PRO B 29 -44.55 37.31 98.27
C PRO B 29 -43.10 37.11 97.83
N PRO B 30 -42.61 35.90 97.50
CA PRO B 30 -41.15 35.74 97.41
C PRO B 30 -40.53 36.22 96.11
N ALA B 31 -41.27 36.24 95.01
CA ALA B 31 -40.64 36.63 93.75
C ALA B 31 -40.46 38.16 93.66
N PRO B 32 -41.35 38.99 94.21
CA PRO B 32 -40.91 40.35 94.57
C PRO B 32 -39.81 40.39 95.63
N GLN B 33 -39.82 39.49 96.62
CA GLN B 33 -38.70 39.43 97.56
C GLN B 33 -37.41 39.00 96.86
N ASP B 34 -37.52 38.28 95.74
CA ASP B 34 -36.35 37.96 94.93
C ASP B 34 -35.76 39.23 94.30
N VAL B 35 -36.62 40.06 93.70
CA VAL B 35 -36.11 41.23 92.99
C VAL B 35 -35.91 42.43 93.91
N GLU B 36 -36.45 42.42 95.13
CA GLU B 36 -36.21 43.51 96.05
C GLU B 36 -35.04 43.24 96.99
N MET B 37 -34.40 42.08 96.89
CA MET B 37 -33.09 41.88 97.48
C MET B 37 -31.98 42.16 96.49
N LYS B 38 -32.31 42.66 95.31
CA LYS B 38 -31.34 42.89 94.26
C LYS B 38 -31.35 44.29 93.69
N GLU B 39 -32.36 45.10 93.97
CA GLU B 39 -32.50 46.41 93.34
C GLU B 39 -32.37 47.57 94.34
N GLU B 40 -33.18 47.57 95.40
CA GLU B 40 -32.97 48.56 96.44
C GLU B 40 -32.15 48.03 97.60
N ALA B 41 -31.97 46.71 97.71
CA ALA B 41 -30.97 46.19 98.63
C ALA B 41 -29.56 46.39 98.08
N ALA B 42 -29.42 46.33 96.76
CA ALA B 42 -28.16 46.74 96.14
C ALA B 42 -28.00 48.25 96.17
N THR B 43 -29.11 48.99 96.22
CA THR B 43 -29.02 50.43 96.42
C THR B 43 -28.73 50.74 97.89
N GLY B 44 -29.40 50.02 98.80
CA GLY B 44 -29.09 50.15 100.22
C GLY B 44 -27.72 49.62 100.57
N GLY B 45 -27.26 48.59 99.84
CA GLY B 45 -25.88 48.13 100.00
C GLY B 45 -24.86 49.08 99.40
N GLY B 46 -25.26 49.88 98.42
CA GLY B 46 -24.34 50.84 97.83
C GLY B 46 -24.48 52.26 98.34
N SER B 47 -25.70 52.81 98.33
CA SER B 47 -25.87 54.25 98.57
C SER B 47 -25.86 54.61 100.05
N THR B 48 -25.67 53.65 100.95
CA THR B 48 -25.33 54.02 102.31
C THR B 48 -23.80 54.05 102.48
N GLY B 49 -23.10 53.12 101.85
CA GLY B 49 -21.66 53.05 101.89
C GLY B 49 -20.91 53.72 100.76
N GLU B 50 -21.60 54.23 99.73
CA GLU B 50 -20.93 54.96 98.66
C GLU B 50 -21.61 56.28 98.34
N ALA B 51 -22.55 56.74 99.15
CA ALA B 51 -23.03 58.12 99.10
C ALA B 51 -22.74 58.85 100.40
N ASP B 52 -23.01 58.22 101.54
CA ASP B 52 -22.46 58.68 102.81
C ASP B 52 -21.01 58.26 102.97
N GLY B 53 -20.57 57.26 102.21
CA GLY B 53 -19.25 56.69 102.36
C GLY B 53 -18.17 57.49 101.64
N LYS B 54 -17.39 56.81 100.80
CA LYS B 54 -16.26 57.43 100.11
C LYS B 54 -16.69 58.55 99.16
N THR B 55 -17.37 58.19 98.07
CA THR B 55 -17.82 59.14 97.05
C THR B 55 -18.78 58.45 96.09
N ALA B 56 -19.62 59.28 95.48
CA ALA B 56 -20.34 58.96 94.24
C ALA B 56 -20.18 60.21 93.39
N ALA B 57 -19.27 60.15 92.42
CA ALA B 57 -18.71 61.36 91.79
C ALA B 57 -19.68 61.94 90.77
N ALA B 58 -19.17 62.84 89.92
CA ALA B 58 -19.95 63.37 88.80
C ALA B 58 -20.38 62.28 87.85
N ALA B 59 -19.56 61.25 87.68
CA ALA B 59 -19.95 60.01 87.02
C ALA B 59 -20.30 59.02 88.12
N ALA B 60 -21.53 59.13 88.64
CA ALA B 60 -22.02 58.22 89.66
C ALA B 60 -22.92 57.17 89.01
N GLU B 61 -23.42 56.25 89.84
CA GLU B 61 -24.31 55.22 89.36
C GLU B 61 -25.59 55.17 90.19
N HIS B 62 -25.52 55.65 91.44
CA HIS B 62 -26.65 55.51 92.36
C HIS B 62 -27.83 56.39 91.98
N SER B 63 -27.58 57.51 91.30
CA SER B 63 -28.66 58.33 90.77
C SER B 63 -29.40 57.57 89.67
N GLN B 64 -28.65 57.00 88.72
CA GLN B 64 -29.27 56.18 87.68
C GLN B 64 -29.80 54.87 88.25
N ARG B 65 -29.21 54.38 89.35
CA ARG B 65 -29.81 53.27 90.07
C ARG B 65 -31.10 53.69 90.73
N GLU B 66 -31.17 54.92 91.25
CA GLU B 66 -32.44 55.44 91.75
C GLU B 66 -33.39 55.74 90.61
N LEU B 67 -32.85 56.10 89.43
CA LEU B 67 -33.68 56.18 88.23
C LEU B 67 -34.22 54.81 87.85
N ASP B 68 -33.49 53.74 88.15
CA ASP B 68 -33.98 52.39 87.92
C ASP B 68 -34.99 51.94 88.95
N THR B 69 -35.00 52.54 90.15
CA THR B 69 -35.93 52.16 91.19
C THR B 69 -37.10 53.13 91.35
N VAL B 70 -37.28 54.04 90.40
CA VAL B 70 -38.54 54.77 90.28
C VAL B 70 -39.41 54.16 89.19
N THR B 71 -38.83 53.94 88.01
CA THR B 71 -39.57 53.49 86.83
C THR B 71 -40.10 52.07 86.95
N LEU B 72 -39.34 51.18 87.58
CA LEU B 72 -39.76 49.80 87.74
C LEU B 72 -40.98 49.70 88.66
N GLU B 73 -41.00 50.50 89.72
CA GLU B 73 -42.10 50.51 90.67
C GLU B 73 -43.24 51.42 90.27
N ASP B 74 -43.15 52.09 89.11
CA ASP B 74 -44.31 52.84 88.61
C ASP B 74 -45.41 51.89 88.17
N ILE B 75 -45.05 50.85 87.44
CA ILE B 75 -46.01 49.89 86.93
C ILE B 75 -45.83 48.51 87.57
N LYS B 76 -45.20 48.44 88.74
CA LYS B 76 -45.05 47.16 89.43
C LYS B 76 -46.27 46.84 90.26
N GLU B 77 -46.62 47.71 91.20
CA GLU B 77 -47.70 47.43 92.14
C GLU B 77 -49.02 47.98 91.63
N HIS B 78 -50.05 47.14 91.66
CA HIS B 78 -51.41 47.49 91.30
C HIS B 78 -52.43 47.06 92.36
N VAL B 79 -52.17 45.95 93.06
CA VAL B 79 -53.21 45.34 93.89
C VAL B 79 -53.07 45.82 95.33
N LYS B 80 -54.15 45.67 96.11
CA LYS B 80 -54.26 46.08 97.51
C LYS B 80 -53.53 45.15 98.48
N GLN B 81 -52.82 44.14 97.94
CA GLN B 81 -51.82 43.34 98.63
C GLN B 81 -52.42 42.50 99.76
N LEU B 82 -53.30 41.59 99.36
CA LEU B 82 -53.55 40.41 100.16
C LEU B 82 -52.33 39.49 100.12
N GLU B 83 -52.26 38.58 101.11
CA GLU B 83 -51.14 37.64 101.37
C GLU B 83 -49.84 38.39 101.73
N LYS B 84 -49.95 39.69 102.07
CA LYS B 84 -48.87 40.52 102.59
C LYS B 84 -47.68 40.60 101.64
N ALA B 85 -47.97 40.53 100.34
CA ALA B 85 -46.91 40.45 99.34
C ALA B 85 -46.15 41.77 99.20
N VAL B 86 -46.81 42.90 99.47
CA VAL B 86 -46.13 44.15 99.76
C VAL B 86 -46.51 44.68 101.14
N SER B 87 -47.71 44.34 101.66
CA SER B 87 -48.14 44.72 103.01
C SER B 87 -47.26 44.12 104.11
N GLY B 88 -46.45 43.11 103.80
CA GLY B 88 -45.48 42.60 104.75
C GLY B 88 -44.08 43.08 104.49
N LYS B 89 -43.86 43.75 103.35
CA LYS B 89 -42.57 44.36 103.07
C LYS B 89 -42.31 45.55 103.98
N GLU B 90 -43.37 46.28 104.35
CA GLU B 90 -43.17 47.45 105.22
C GLU B 90 -42.71 47.09 106.63
N PRO B 91 -43.30 46.13 107.36
CA PRO B 91 -42.67 45.71 108.63
C PRO B 91 -41.31 45.03 108.46
N ARG B 92 -40.95 44.62 107.25
CA ARG B 92 -39.58 44.19 106.96
C ARG B 92 -38.65 45.38 106.76
N PHE B 93 -38.93 46.20 105.73
CA PHE B 93 -37.98 47.20 105.28
C PHE B 93 -37.89 48.44 106.17
N VAL B 94 -38.71 48.56 107.23
CA VAL B 94 -38.68 49.77 108.03
C VAL B 94 -37.97 49.56 109.37
N LEU B 95 -37.79 48.32 109.81
CA LEU B 95 -37.01 48.06 111.03
C LEU B 95 -35.56 47.91 110.59
N ARG B 96 -34.94 49.07 110.32
CA ARG B 96 -33.60 49.16 109.74
C ARG B 96 -32.84 50.24 110.47
N ALA B 97 -31.74 49.86 111.12
CA ALA B 97 -30.80 50.85 111.64
C ALA B 97 -29.89 51.36 110.53
N LEU B 98 -29.22 50.43 109.83
CA LEU B 98 -28.37 50.70 108.66
C LEU B 98 -27.23 51.66 108.99
N ARG B 99 -26.52 51.36 110.08
CA ARG B 99 -25.45 52.22 110.59
C ARG B 99 -24.10 51.80 110.03
N MET B 100 -23.69 50.55 110.25
CA MET B 100 -22.42 50.05 109.74
C MET B 100 -22.57 48.54 109.52
N LEU B 101 -21.62 47.98 108.76
CA LEU B 101 -21.55 46.56 108.41
C LEU B 101 -21.67 45.55 109.55
N PRO B 102 -21.01 45.70 110.72
CA PRO B 102 -21.19 44.67 111.76
C PRO B 102 -22.55 44.69 112.45
N SER B 103 -23.27 45.81 112.40
CA SER B 103 -24.63 45.88 112.92
C SER B 103 -25.68 45.62 111.85
N THR B 104 -25.29 45.59 110.58
CA THR B 104 -26.20 45.19 109.52
C THR B 104 -25.99 43.76 109.05
N SER B 105 -24.99 43.06 109.58
CA SER B 105 -24.84 41.63 109.31
C SER B 105 -26.00 40.84 109.92
N ARG B 106 -26.54 41.32 111.04
CA ARG B 106 -27.81 40.81 111.52
C ARG B 106 -28.96 41.29 110.66
N ARG B 107 -28.84 42.48 110.06
CA ARG B 107 -29.91 42.98 109.21
C ARG B 107 -29.95 42.28 107.87
N LEU B 108 -28.81 41.73 107.42
CA LEU B 108 -28.80 40.86 106.25
C LEU B 108 -29.51 39.55 106.54
N ASN B 109 -29.56 39.14 107.82
CA ASN B 109 -30.46 38.06 108.21
C ASN B 109 -31.89 38.55 108.34
N HIS B 110 -32.08 39.82 108.76
CA HIS B 110 -33.42 40.39 108.87
C HIS B 110 -34.09 40.59 107.52
N TYR B 111 -33.33 40.62 106.42
CA TYR B 111 -33.98 40.52 105.11
C TYR B 111 -34.63 39.16 104.89
N VAL B 112 -34.19 38.13 105.61
CA VAL B 112 -34.77 36.81 105.50
C VAL B 112 -35.64 36.46 106.72
N LEU B 113 -35.40 37.09 107.88
CA LEU B 113 -36.16 36.78 109.09
C LEU B 113 -37.63 37.20 108.97
N TYR B 114 -37.93 38.26 108.21
CA TYR B 114 -39.33 38.63 108.01
C TYR B 114 -39.99 37.85 106.88
N LYS B 115 -39.23 37.03 106.13
CA LYS B 115 -39.84 36.26 105.05
C LYS B 115 -40.72 35.14 105.58
N ALA B 116 -40.30 34.48 106.66
CA ALA B 116 -41.15 33.49 107.30
C ALA B 116 -42.27 34.12 108.12
N VAL B 117 -42.16 35.41 108.45
CA VAL B 117 -43.26 36.12 109.10
C VAL B 117 -44.44 36.23 108.15
N GLN B 118 -44.18 36.47 106.86
CA GLN B 118 -45.23 36.37 105.86
C GLN B 118 -45.68 34.93 105.64
N GLY B 119 -44.77 33.98 105.77
CA GLY B 119 -45.08 32.60 105.41
C GLY B 119 -45.60 31.73 106.52
N PHE B 120 -44.89 31.65 107.64
CA PHE B 120 -45.31 30.78 108.74
C PHE B 120 -46.51 31.38 109.46
N PHE B 121 -46.50 32.68 109.68
CA PHE B 121 -47.55 33.41 110.39
C PHE B 121 -48.19 34.40 109.41
N THR B 122 -49.03 35.28 109.95
CA THR B 122 -49.58 36.40 109.19
C THR B 122 -49.07 37.69 109.78
N SER B 123 -48.68 38.63 108.90
CA SER B 123 -48.20 39.94 109.28
C SER B 123 -49.39 40.88 109.49
N ASN B 124 -49.12 42.18 109.52
CA ASN B 124 -50.18 43.18 109.59
C ASN B 124 -50.47 43.67 108.17
N ASN B 125 -51.63 43.27 107.64
CA ASN B 125 -52.02 43.61 106.27
C ASN B 125 -52.34 45.09 106.18
N ALA B 126 -51.43 45.87 105.63
CA ALA B 126 -51.65 47.31 105.47
C ALA B 126 -52.67 47.57 104.37
N THR B 127 -53.95 47.65 104.75
CA THR B 127 -55.03 48.00 103.84
C THR B 127 -55.65 49.29 104.36
N ARG B 128 -55.06 50.43 103.94
CA ARG B 128 -55.56 51.79 104.09
C ARG B 128 -55.63 52.30 105.52
N ASP B 129 -55.15 51.54 106.51
CA ASP B 129 -55.24 51.99 107.90
C ASP B 129 -53.93 51.83 108.66
N PHE B 130 -53.11 50.86 108.27
CA PHE B 130 -51.98 50.42 109.08
C PHE B 130 -50.67 51.08 108.70
N LEU B 131 -50.72 52.24 108.03
CA LEU B 131 -49.51 52.97 107.70
C LEU B 131 -48.99 53.82 108.86
N LEU B 132 -49.81 54.08 109.86
CA LEU B 132 -49.37 54.86 111.01
C LEU B 132 -48.36 54.14 111.91
N PRO B 133 -48.45 52.80 112.18
CA PRO B 133 -47.29 52.16 112.83
C PRO B 133 -46.20 51.73 111.86
N PHE B 134 -46.20 52.27 110.64
CA PHE B 134 -45.15 52.00 109.65
C PHE B 134 -44.29 53.22 109.35
N LEU B 135 -44.36 54.27 110.19
CA LEU B 135 -43.63 55.50 109.89
C LEU B 135 -42.79 56.05 111.04
N GLU B 136 -42.97 55.58 112.28
CA GLU B 136 -42.39 56.20 113.46
C GLU B 136 -41.07 55.57 113.88
N GLU B 137 -40.54 54.64 113.08
CA GLU B 137 -39.34 53.83 113.30
C GLU B 137 -37.93 54.44 113.39
N PRO B 138 -37.61 55.71 112.92
CA PRO B 138 -36.21 56.17 113.07
C PRO B 138 -35.70 56.42 114.49
N MET B 139 -36.46 56.06 115.52
CA MET B 139 -35.91 55.90 116.86
C MET B 139 -35.55 54.45 117.18
N ASP B 140 -36.21 53.49 116.54
CA ASP B 140 -36.12 52.08 116.94
C ASP B 140 -34.75 51.49 116.60
N THR B 141 -34.04 51.05 117.64
CA THR B 141 -32.75 50.35 117.59
C THR B 141 -31.68 51.19 116.88
N GLU B 142 -31.37 52.33 117.51
CA GLU B 142 -30.21 53.18 117.19
C GLU B 142 -30.24 53.70 115.75
N ALA B 143 -31.43 54.00 115.24
CA ALA B 143 -31.49 54.64 113.94
C ALA B 143 -31.11 56.12 114.08
N ASP B 144 -30.74 56.72 112.95
CA ASP B 144 -30.21 58.08 112.94
C ASP B 144 -30.89 58.89 111.84
N LEU B 145 -30.53 60.17 111.76
CA LEU B 145 -30.84 61.00 110.60
C LEU B 145 -29.63 61.75 110.05
N GLN B 146 -28.45 61.61 110.67
CA GLN B 146 -27.24 62.18 110.10
C GLN B 146 -26.83 61.46 108.83
N PHE B 147 -27.11 60.16 108.75
CA PHE B 147 -26.83 59.37 107.55
C PHE B 147 -27.96 59.54 106.53
N ARG B 148 -28.26 60.76 106.12
CA ARG B 148 -29.34 60.99 105.15
C ARG B 148 -29.18 60.42 103.74
N PRO B 149 -27.98 60.03 103.26
CA PRO B 149 -27.96 59.05 102.15
C PRO B 149 -28.66 57.73 102.46
N ARG B 150 -28.78 57.34 103.73
CA ARG B 150 -29.73 56.29 104.07
C ARG B 150 -31.13 56.86 104.28
N THR B 151 -31.29 57.85 105.17
CA THR B 151 -32.62 58.23 105.64
C THR B 151 -33.44 58.99 104.60
N GLY B 152 -32.77 59.69 103.69
CA GLY B 152 -33.49 60.27 102.56
C GLY B 152 -33.94 59.20 101.58
N LYS B 153 -33.18 58.12 101.46
CA LYS B 153 -33.64 56.95 100.72
C LYS B 153 -34.59 56.11 101.56
N ALA B 154 -34.31 55.97 102.86
CA ALA B 154 -35.24 55.31 103.78
C ALA B 154 -36.48 56.16 104.05
N ALA B 155 -36.51 57.41 103.60
CA ALA B 155 -37.80 58.06 103.40
C ALA B 155 -38.42 57.58 102.10
N SER B 156 -37.68 57.69 100.99
CA SER B 156 -38.25 57.46 99.67
C SER B 156 -38.55 55.99 99.40
N THR B 157 -37.98 55.06 100.17
CA THR B 157 -38.29 53.66 99.92
C THR B 157 -39.70 53.33 100.46
N PRO B 158 -40.19 53.95 101.59
CA PRO B 158 -41.66 53.97 101.81
C PRO B 158 -42.42 55.13 101.19
N LEU B 159 -41.78 56.27 100.91
CA LEU B 159 -42.53 57.43 100.40
C LEU B 159 -43.00 57.24 98.97
N LEU B 160 -42.30 56.43 98.18
CA LEU B 160 -42.83 56.15 96.83
C LEU B 160 -44.08 55.29 96.86
N PRO B 161 -44.07 54.03 97.36
CA PRO B 161 -45.20 53.13 97.08
C PRO B 161 -46.47 53.47 97.84
N GLU B 162 -46.41 54.37 98.83
CA GLU B 162 -47.64 54.94 99.37
C GLU B 162 -48.36 55.76 98.31
N VAL B 163 -47.60 56.57 97.56
CA VAL B 163 -48.16 57.60 96.70
C VAL B 163 -48.09 57.21 95.21
N GLU B 164 -47.47 56.06 94.89
CA GLU B 164 -47.40 55.60 93.51
C GLU B 164 -48.77 55.26 92.94
N ALA B 165 -49.63 54.58 93.71
CA ALA B 165 -50.98 54.32 93.24
C ALA B 165 -51.92 55.48 93.52
N TYR B 166 -51.62 56.25 94.57
CA TYR B 166 -52.26 57.44 95.13
C TYR B 166 -53.60 57.16 95.81
N LEU B 167 -54.33 56.13 95.37
CA LEU B 167 -55.45 55.41 96.00
C LEU B 167 -56.58 56.23 96.66
N GLN B 168 -56.36 57.53 96.87
CA GLN B 168 -57.27 58.65 97.13
C GLN B 168 -58.56 58.34 97.90
N LEU B 169 -58.45 57.59 98.99
CA LEU B 169 -59.62 57.30 99.83
C LEU B 169 -59.14 57.22 101.28
N LEU B 170 -59.16 58.38 101.95
CA LEU B 170 -58.81 58.54 103.37
C LEU B 170 -57.37 58.07 103.64
N VAL B 171 -56.45 58.50 102.77
CA VAL B 171 -55.06 58.04 102.80
C VAL B 171 -54.12 59.23 102.93
N VAL B 172 -54.58 60.40 102.47
CA VAL B 172 -53.77 61.61 102.27
C VAL B 172 -52.96 62.03 103.49
N ILE B 173 -53.53 61.83 104.69
CA ILE B 173 -52.80 62.15 105.92
C ILE B 173 -51.65 61.15 106.16
N PHE B 174 -51.76 59.92 105.65
CA PHE B 174 -50.67 58.97 105.80
C PHE B 174 -49.53 59.32 104.86
N MET B 175 -49.88 59.83 103.68
CA MET B 175 -48.90 60.38 102.76
C MET B 175 -48.28 61.65 103.33
N MET B 176 -49.06 62.41 104.11
CA MET B 176 -48.57 63.70 104.58
C MET B 176 -47.55 63.53 105.70
N ASN B 177 -47.89 62.73 106.71
CA ASN B 177 -47.01 62.52 107.86
C ASN B 177 -45.74 61.77 107.46
N SER B 178 -45.83 60.96 106.41
CA SER B 178 -44.63 60.36 105.84
C SER B 178 -43.77 61.40 105.14
N LYS B 179 -44.38 62.40 104.48
CA LYS B 179 -43.61 63.51 103.94
C LYS B 179 -43.05 64.39 105.04
N ARG B 180 -43.79 64.55 106.15
CA ARG B 180 -43.35 65.39 107.25
C ARG B 180 -42.06 64.88 107.88
N TYR B 181 -41.91 63.56 107.95
CA TYR B 181 -40.68 62.98 108.44
C TYR B 181 -39.56 63.17 107.41
N LYS B 182 -39.92 63.13 106.13
CA LYS B 182 -38.98 63.47 105.07
C LYS B 182 -38.73 64.97 105.00
N GLU B 183 -39.74 65.79 105.31
CA GLU B 183 -39.52 67.22 105.45
C GLU B 183 -38.61 67.54 106.63
N ALA B 184 -38.66 66.72 107.68
CA ALA B 184 -37.68 66.84 108.75
C ALA B 184 -36.29 66.44 108.27
N GLN B 185 -36.21 65.47 107.35
CA GLN B 185 -34.92 65.18 106.71
C GLN B 185 -34.53 66.28 105.75
N LYS B 186 -35.51 66.99 105.20
CA LYS B 186 -35.25 68.05 104.22
C LYS B 186 -34.70 69.30 104.89
N ILE B 187 -35.07 69.54 106.15
CA ILE B 187 -34.53 70.69 106.87
C ILE B 187 -33.12 70.39 107.36
N SER B 188 -32.84 69.15 107.76
CA SER B 188 -31.47 68.74 108.06
C SER B 188 -30.61 68.73 106.81
N ASP B 189 -31.22 68.53 105.65
CA ASP B 189 -30.53 68.72 104.38
C ASP B 189 -30.18 70.19 104.17
N ASP B 190 -31.10 71.10 104.48
CA ASP B 190 -30.90 72.52 104.19
C ASP B 190 -29.96 73.20 105.17
N LEU B 191 -29.69 72.60 106.32
CA LEU B 191 -28.95 73.27 107.39
C LEU B 191 -27.69 72.52 107.82
N MET B 192 -27.70 71.20 107.85
CA MET B 192 -26.71 70.43 108.61
C MET B 192 -25.83 69.58 107.70
N GLN B 193 -24.60 70.07 107.43
CA GLN B 193 -23.50 69.28 106.86
C GLN B 193 -23.84 68.67 105.49
N LYS B 194 -23.97 69.54 104.50
CA LYS B 194 -24.43 69.17 103.17
C LYS B 194 -23.32 69.13 102.11
N ILE B 195 -22.06 69.05 102.53
CA ILE B 195 -20.93 69.36 101.66
C ILE B 195 -20.10 68.10 101.40
N SER B 196 -19.87 67.80 100.12
CA SER B 196 -19.00 66.74 99.58
C SER B 196 -19.46 65.33 99.93
N THR B 197 -20.53 65.17 100.69
CA THR B 197 -21.22 63.90 100.84
C THR B 197 -22.34 63.80 99.82
N GLN B 198 -22.54 64.85 99.02
CA GLN B 198 -23.67 65.04 98.12
C GLN B 198 -25.00 64.91 98.86
N ASN B 199 -25.05 65.45 100.07
CA ASN B 199 -26.27 65.41 100.86
C ASN B 199 -27.34 66.30 100.26
N ARG B 200 -26.94 67.37 99.57
CA ARG B 200 -27.89 68.13 98.78
C ARG B 200 -28.12 67.51 97.41
N ARG B 201 -27.05 67.05 96.76
CA ARG B 201 -27.09 66.63 95.36
C ARG B 201 -27.98 65.41 95.16
N ALA B 202 -27.65 64.30 95.84
CA ALA B 202 -28.44 63.08 95.72
C ALA B 202 -29.82 63.21 96.36
N LEU B 203 -30.02 64.21 97.22
CA LEU B 203 -31.34 64.48 97.75
C LEU B 203 -32.03 65.66 97.09
N ASP B 204 -31.36 66.36 96.16
CA ASP B 204 -32.10 67.26 95.26
C ASP B 204 -32.98 66.49 94.31
N LEU B 205 -32.55 65.28 93.91
CA LEU B 205 -33.42 64.40 93.16
C LEU B 205 -34.57 63.92 94.04
N VAL B 206 -34.25 63.51 95.27
CA VAL B 206 -35.27 63.07 96.23
C VAL B 206 -36.15 64.25 96.64
N ALA B 207 -35.60 65.48 96.62
CA ALA B 207 -36.45 66.65 96.62
C ALA B 207 -37.32 66.70 95.38
N ALA B 208 -36.71 66.62 94.19
CA ALA B 208 -37.44 66.82 92.94
C ALA B 208 -38.47 65.72 92.69
N LYS B 209 -38.10 64.46 92.95
CA LYS B 209 -39.01 63.36 92.64
C LYS B 209 -40.18 63.29 93.62
N CYS B 210 -40.00 63.73 94.86
CA CYS B 210 -41.12 63.74 95.78
C CYS B 210 -42.04 64.93 95.54
N TYR B 211 -41.54 65.99 94.89
CA TYR B 211 -42.35 67.17 94.60
C TYR B 211 -43.52 66.84 93.68
N TYR B 212 -43.32 65.90 92.76
CA TYR B 212 -44.42 65.46 91.89
C TYR B 212 -45.44 64.63 92.65
N TYR B 213 -45.03 63.98 93.73
CA TYR B 213 -45.97 63.34 94.65
C TYR B 213 -46.45 64.32 95.72
N HIS B 214 -45.69 65.40 95.94
CA HIS B 214 -46.14 66.51 96.75
C HIS B 214 -47.14 67.38 96.02
N ALA B 215 -47.23 67.26 94.68
CA ALA B 215 -48.11 68.11 93.90
C ALA B 215 -49.41 67.43 93.52
N ARG B 216 -49.35 66.15 93.09
CA ARG B 216 -50.57 65.48 92.64
C ARG B 216 -51.47 65.10 93.81
N VAL B 217 -50.96 65.10 95.03
CA VAL B 217 -51.84 65.21 96.18
C VAL B 217 -52.51 66.58 96.17
N TYR B 218 -51.71 67.64 96.05
CA TYR B 218 -52.24 68.99 96.22
C TYR B 218 -53.01 69.47 95.00
N GLU B 219 -52.66 69.03 93.79
CA GLU B 219 -53.42 69.33 92.59
C GLU B 219 -54.70 68.51 92.50
N PHE B 220 -54.95 67.61 93.45
CA PHE B 220 -56.17 66.83 93.53
C PHE B 220 -57.18 67.41 94.50
N LEU B 221 -56.75 67.72 95.74
CA LEU B 221 -57.69 68.17 96.75
C LEU B 221 -57.23 69.35 97.59
N ASP B 222 -55.99 69.83 97.45
CA ASP B 222 -55.47 70.82 98.38
C ASP B 222 -55.11 72.13 97.68
N LYS B 223 -54.44 73.01 98.43
CA LYS B 223 -54.01 74.31 97.94
C LYS B 223 -52.71 74.17 97.15
N LEU B 224 -52.06 75.30 96.84
CA LEU B 224 -50.83 75.24 96.06
C LEU B 224 -49.73 76.21 96.49
N ASP B 225 -49.99 77.23 97.31
CA ASP B 225 -49.17 78.44 97.26
C ASP B 225 -48.25 78.67 98.46
N VAL B 226 -48.49 78.05 99.61
CA VAL B 226 -47.55 78.25 100.71
C VAL B 226 -46.34 77.33 100.53
N VAL B 227 -46.51 76.26 99.75
CA VAL B 227 -45.38 75.46 99.29
C VAL B 227 -44.48 76.28 98.39
N ARG B 228 -45.06 77.23 97.63
CA ARG B 228 -44.27 78.08 96.74
C ARG B 228 -43.32 78.98 97.52
N SER B 229 -43.76 79.52 98.65
CA SER B 229 -42.86 80.30 99.48
C SER B 229 -41.86 79.40 100.18
N PHE B 230 -42.28 78.18 100.54
CA PHE B 230 -41.32 77.17 100.98
C PHE B 230 -40.39 76.76 99.85
N LEU B 231 -40.89 76.77 98.62
CA LEU B 231 -40.01 76.52 97.48
C LEU B 231 -39.09 77.69 97.21
N HIS B 232 -39.53 78.92 97.52
CA HIS B 232 -38.61 80.05 97.52
C HIS B 232 -37.57 79.90 98.62
N ALA B 233 -37.98 79.39 99.78
CA ALA B 233 -37.02 79.04 100.82
C ALA B 233 -36.17 77.84 100.41
N ARG B 234 -36.71 76.98 99.54
CA ARG B 234 -35.91 75.90 98.98
C ARG B 234 -34.99 76.44 97.88
N LEU B 235 -35.46 77.41 97.08
CA LEU B 235 -34.63 78.08 96.10
C LEU B 235 -33.63 79.02 96.76
N ARG B 236 -33.89 79.41 98.01
CA ARG B 236 -32.97 80.24 98.79
C ARG B 236 -31.64 79.54 99.00
N THR B 237 -31.67 78.35 99.60
CA THR B 237 -30.45 77.60 99.82
C THR B 237 -29.89 76.96 98.56
N ALA B 238 -30.66 76.93 97.47
CA ALA B 238 -30.15 76.44 96.21
C ALA B 238 -29.31 77.51 95.51
N THR B 239 -28.16 77.05 94.96
CA THR B 239 -27.06 77.79 94.33
C THR B 239 -26.32 78.62 95.39
N LEU B 240 -26.68 78.39 96.65
CA LEU B 240 -26.15 79.07 97.81
C LEU B 240 -25.24 78.13 98.59
N ARG B 241 -25.35 76.83 98.36
CA ARG B 241 -24.32 75.87 98.72
C ARG B 241 -23.88 75.00 97.55
N HIS B 242 -24.81 74.62 96.66
CA HIS B 242 -24.46 73.77 95.52
C HIS B 242 -25.14 74.25 94.24
N ASP B 243 -24.36 74.27 93.16
CA ASP B 243 -24.72 74.73 91.83
C ASP B 243 -24.75 73.56 90.85
N ALA B 244 -25.38 72.47 91.28
CA ALA B 244 -25.55 71.30 90.41
C ALA B 244 -26.85 70.60 90.77
N ASP B 245 -27.79 70.63 89.82
CA ASP B 245 -29.12 70.00 89.90
C ASP B 245 -29.94 70.53 91.08
N GLY B 246 -29.68 71.76 91.49
CA GLY B 246 -30.50 72.43 92.48
C GLY B 246 -31.09 73.69 91.87
N GLN B 247 -30.36 74.24 90.92
CA GLN B 247 -30.84 75.37 90.13
C GLN B 247 -31.84 74.92 89.06
N ALA B 248 -31.81 73.64 88.69
CA ALA B 248 -32.58 73.14 87.56
C ALA B 248 -33.99 72.71 87.94
N THR B 249 -34.10 71.72 88.82
CA THR B 249 -35.39 71.12 89.14
C THR B 249 -36.24 72.00 90.02
N LEU B 250 -35.64 72.99 90.68
CA LEU B 250 -36.41 73.91 91.51
C LEU B 250 -37.02 75.06 90.72
N LEU B 251 -36.88 75.06 89.39
CA LEU B 251 -37.45 76.13 88.57
C LEU B 251 -38.53 75.66 87.62
N ASN B 252 -38.42 74.43 87.10
CA ASN B 252 -39.56 73.82 86.42
C ASN B 252 -40.69 73.52 87.41
N LEU B 253 -40.32 73.04 88.60
CA LEU B 253 -41.27 72.88 89.69
C LEU B 253 -41.67 74.20 90.32
N LEU B 254 -40.96 75.28 90.02
CA LEU B 254 -41.47 76.61 90.32
C LEU B 254 -42.50 77.05 89.28
N LEU B 255 -42.29 76.71 88.00
CA LEU B 255 -43.12 77.23 86.91
C LEU B 255 -44.44 76.47 86.75
N ARG B 256 -44.53 75.23 87.27
CA ARG B 256 -45.52 74.24 86.82
C ARG B 256 -46.97 74.65 87.05
N ASN B 257 -47.23 75.62 87.91
CA ASN B 257 -48.56 76.19 88.02
C ASN B 257 -48.53 77.71 87.96
N TYR B 258 -47.34 78.31 87.85
CA TYR B 258 -47.24 79.75 87.60
C TYR B 258 -47.62 80.11 86.18
N LEU B 259 -47.45 79.18 85.24
CA LEU B 259 -47.95 79.39 83.88
C LEU B 259 -49.46 79.38 83.85
N HIS B 260 -50.07 78.44 84.58
CA HIS B 260 -51.52 78.28 84.68
C HIS B 260 -52.14 79.31 85.61
N TYR B 261 -51.34 80.06 86.35
CA TYR B 261 -51.83 81.18 87.12
C TYR B 261 -51.45 82.49 86.43
N SER B 262 -52.11 83.57 86.85
CA SER B 262 -51.87 84.89 86.28
C SER B 262 -50.86 85.70 87.06
N LEU B 263 -50.22 85.09 88.07
CA LEU B 263 -49.22 85.78 88.87
C LEU B 263 -48.00 86.08 88.00
N TYR B 264 -47.19 87.07 88.43
CA TYR B 264 -46.29 87.85 87.58
C TYR B 264 -45.31 86.99 86.79
N ASP B 265 -44.34 86.38 87.46
CA ASP B 265 -43.77 85.06 87.16
C ASP B 265 -43.31 84.76 85.75
N GLN B 266 -43.34 85.73 84.84
CA GLN B 266 -42.89 85.52 83.46
C GLN B 266 -41.86 86.54 83.02
N ALA B 267 -42.04 87.81 83.39
CA ALA B 267 -40.96 88.78 83.25
C ALA B 267 -39.97 88.69 84.40
N GLU B 268 -40.35 88.05 85.50
CA GLU B 268 -39.38 87.65 86.51
C GLU B 268 -38.38 86.65 85.95
N LYS B 269 -38.88 85.63 85.26
CA LYS B 269 -38.03 84.58 84.69
C LYS B 269 -37.18 85.06 83.52
N LEU B 270 -37.52 86.21 82.92
CA LEU B 270 -36.64 86.81 81.93
C LEU B 270 -35.34 87.29 82.56
N VAL B 271 -35.44 88.18 83.55
CA VAL B 271 -34.26 88.77 84.17
C VAL B 271 -33.66 87.90 85.26
N SER B 272 -34.22 86.72 85.52
CA SER B 272 -33.71 85.82 86.54
C SER B 272 -32.36 85.25 86.11
N LYS B 273 -31.43 85.15 87.06
CA LYS B 273 -30.13 84.54 86.80
C LYS B 273 -30.21 83.01 86.74
N SER B 274 -31.27 82.41 87.29
CA SER B 274 -31.40 80.96 87.38
C SER B 274 -31.78 80.29 86.05
N VAL B 275 -31.66 80.99 84.92
CA VAL B 275 -32.02 80.42 83.62
C VAL B 275 -31.08 79.28 83.24
N PHE B 276 -29.80 79.40 83.58
CA PHE B 276 -28.83 78.37 83.20
C PHE B 276 -28.30 77.64 84.43
N PRO B 277 -28.69 76.37 84.64
CA PRO B 277 -27.94 75.52 85.57
C PRO B 277 -26.82 74.76 84.88
N GLU B 278 -26.80 74.88 83.54
CA GLU B 278 -25.78 74.42 82.60
C GLU B 278 -25.72 72.91 82.43
N GLN B 279 -26.42 72.16 83.28
CA GLN B 279 -26.54 70.71 83.16
C GLN B 279 -27.74 70.26 84.00
N ALA B 280 -28.64 69.49 83.39
CA ALA B 280 -29.82 69.04 84.12
C ALA B 280 -30.24 67.63 83.71
N ASN B 281 -29.28 66.77 83.35
CA ASN B 281 -29.46 65.33 83.22
C ASN B 281 -30.43 64.92 82.11
N ASN B 282 -30.44 65.68 81.01
CA ASN B 282 -30.88 65.27 79.68
C ASN B 282 -32.39 65.02 79.52
N ASN B 283 -33.12 65.00 80.60
CA ASN B 283 -34.57 64.81 80.49
C ASN B 283 -35.33 65.91 81.23
N GLU B 284 -34.80 66.40 82.33
CA GLU B 284 -35.36 67.59 82.96
C GLU B 284 -34.88 68.84 82.26
N TRP B 285 -33.72 68.78 81.61
CA TRP B 285 -33.25 69.88 80.77
C TRP B 285 -34.05 69.99 79.49
N ALA B 286 -34.56 68.85 79.00
CA ALA B 286 -35.27 68.84 77.73
C ALA B 286 -36.62 69.53 77.83
N ARG B 287 -37.40 69.23 78.87
CA ARG B 287 -38.66 69.91 79.08
C ARG B 287 -38.49 71.30 79.68
N TYR B 288 -37.30 71.60 80.23
CA TYR B 288 -37.02 72.92 80.78
C TYR B 288 -37.14 74.01 79.73
N LEU B 289 -36.69 73.73 78.51
CA LEU B 289 -36.82 74.68 77.42
C LEU B 289 -38.24 74.71 76.86
N TYR B 290 -39.14 73.86 77.35
CA TYR B 290 -40.51 73.82 76.88
C TYR B 290 -41.45 74.61 77.79
N TYR B 291 -41.25 74.52 79.11
CA TYR B 291 -42.10 75.28 80.03
C TYR B 291 -41.86 76.78 79.88
N THR B 292 -40.61 77.18 79.63
CA THR B 292 -40.33 78.54 79.22
C THR B 292 -40.48 78.73 77.72
N GLY B 293 -40.67 77.65 76.97
CA GLY B 293 -41.02 77.80 75.57
C GLY B 293 -42.45 78.24 75.37
N ARG B 294 -43.35 77.85 76.29
CA ARG B 294 -44.73 78.30 76.21
C ARG B 294 -44.88 79.73 76.75
N ILE B 295 -43.95 80.17 77.61
CA ILE B 295 -44.01 81.51 78.18
C ILE B 295 -43.83 82.57 77.09
N LYS B 296 -42.88 82.36 76.19
CA LYS B 296 -42.75 83.25 75.05
C LYS B 296 -43.90 83.07 74.07
N ALA B 297 -44.48 81.88 73.99
CA ALA B 297 -45.66 81.67 73.17
C ALA B 297 -46.87 82.41 73.72
N ILE B 298 -47.07 82.38 75.04
CA ILE B 298 -48.29 82.96 75.59
C ILE B 298 -48.20 84.48 75.70
N GLN B 299 -46.99 85.05 75.77
CA GLN B 299 -46.87 86.50 75.79
C GLN B 299 -46.25 87.01 74.50
N LEU B 300 -46.69 86.45 73.37
CA LEU B 300 -46.59 87.02 72.03
C LEU B 300 -45.17 87.05 71.47
N GLU B 301 -44.21 86.38 72.09
CA GLU B 301 -42.85 86.34 71.56
C GLU B 301 -42.76 85.11 70.65
N TYR B 302 -42.96 85.33 69.35
CA TYR B 302 -43.18 84.23 68.42
C TYR B 302 -41.86 83.63 67.94
N SER B 303 -41.02 84.45 67.31
CA SER B 303 -39.88 83.94 66.56
C SER B 303 -38.78 83.43 67.48
N GLU B 304 -38.70 83.96 68.69
CA GLU B 304 -37.74 83.45 69.65
C GLU B 304 -38.19 82.11 70.21
N ALA B 305 -39.50 81.86 70.26
CA ALA B 305 -40.03 80.68 70.91
C ALA B 305 -39.78 79.41 70.13
N ARG B 306 -39.89 79.46 68.80
CA ARG B 306 -39.88 78.25 67.98
C ARG B 306 -38.52 77.53 67.95
N ARG B 307 -37.44 78.21 68.33
CA ARG B 307 -36.16 77.53 68.40
C ARG B 307 -35.91 76.89 69.75
N THR B 308 -36.53 77.40 70.82
CA THR B 308 -36.48 76.70 72.10
C THR B 308 -37.64 75.73 72.25
N MET B 309 -38.62 75.78 71.34
CA MET B 309 -39.60 74.70 71.23
C MET B 309 -39.01 73.52 70.49
N THR B 310 -38.26 73.78 69.40
CA THR B 310 -37.60 72.71 68.65
C THR B 310 -36.51 72.05 69.48
N ASN B 311 -35.74 72.85 70.23
CA ASN B 311 -34.68 72.30 71.05
C ASN B 311 -35.23 71.51 72.23
N ALA B 312 -36.46 71.82 72.66
CA ALA B 312 -37.11 71.05 73.70
C ALA B 312 -37.72 69.75 73.19
N LEU B 313 -37.71 69.54 71.87
CA LEU B 313 -38.24 68.32 71.29
C LEU B 313 -37.19 67.25 71.08
N ARG B 314 -36.04 67.62 70.52
CA ARG B 314 -35.01 66.66 70.10
C ARG B 314 -34.02 66.34 71.21
N LYS B 315 -34.44 66.41 72.47
CA LYS B 315 -33.59 66.02 73.59
C LYS B 315 -34.37 65.07 74.52
N ALA B 316 -35.41 64.46 74.00
CA ALA B 316 -36.24 63.60 74.81
C ALA B 316 -35.95 62.12 74.51
N PRO B 317 -36.05 61.24 75.52
CA PRO B 317 -35.79 59.80 75.31
C PRO B 317 -36.86 59.03 74.54
N GLN B 318 -36.74 57.71 74.58
CA GLN B 318 -37.34 56.78 73.63
C GLN B 318 -38.44 55.95 74.28
N HIS B 319 -39.39 56.63 74.93
CA HIS B 319 -40.61 56.00 75.43
C HIS B 319 -41.76 56.27 74.46
N THR B 320 -42.84 55.47 74.59
CA THR B 320 -43.99 55.56 73.70
C THR B 320 -45.21 56.25 74.32
N ALA B 321 -45.57 55.93 75.56
CA ALA B 321 -46.71 56.59 76.23
C ALA B 321 -46.24 57.90 76.85
N VAL B 322 -46.19 58.93 76.00
CA VAL B 322 -45.45 60.15 76.29
C VAL B 322 -46.33 61.40 76.26
N GLY B 323 -47.56 61.31 76.78
CA GLY B 323 -48.61 62.33 76.63
C GLY B 323 -48.31 63.82 76.78
N PHE B 324 -47.16 64.15 77.38
CA PHE B 324 -46.62 65.50 77.29
C PHE B 324 -45.97 65.77 75.93
N LYS B 325 -45.40 64.75 75.29
CA LYS B 325 -44.90 64.91 73.93
C LYS B 325 -46.07 65.01 72.94
N GLN B 326 -47.24 64.50 73.32
CA GLN B 326 -48.46 64.75 72.57
C GLN B 326 -48.90 66.21 72.62
N THR B 327 -48.32 67.00 73.52
CA THR B 327 -48.64 68.42 73.67
C THR B 327 -47.61 69.31 73.00
N VAL B 328 -46.31 68.97 73.11
CA VAL B 328 -45.27 69.83 72.56
C VAL B 328 -45.30 69.80 71.02
N HIS B 329 -45.65 68.66 70.42
CA HIS B 329 -45.76 68.61 68.97
C HIS B 329 -47.00 69.36 68.50
N LYS B 330 -48.02 69.46 69.35
CA LYS B 330 -49.16 70.30 69.04
C LYS B 330 -48.80 71.77 69.16
N LEU B 331 -48.11 72.15 70.24
CA LEU B 331 -47.84 73.55 70.53
C LEU B 331 -46.73 74.14 69.66
N LEU B 332 -45.82 73.30 69.14
CA LEU B 332 -44.65 73.81 68.43
C LEU B 332 -45.03 74.46 67.11
N ILE B 333 -46.11 73.99 66.48
CA ILE B 333 -46.56 74.56 65.23
C ILE B 333 -47.89 75.28 65.40
N VAL B 334 -48.30 75.54 66.65
CA VAL B 334 -49.22 76.65 66.89
C VAL B 334 -48.54 77.96 66.53
N VAL B 335 -47.36 78.20 67.12
CA VAL B 335 -46.63 79.44 66.91
C VAL B 335 -46.02 79.53 65.53
N GLU B 336 -45.91 78.42 64.81
CA GLU B 336 -45.44 78.47 63.44
C GLU B 336 -46.56 78.71 62.44
N LEU B 337 -47.79 78.33 62.79
CA LEU B 337 -48.94 78.90 62.09
C LEU B 337 -49.02 80.40 62.34
N LEU B 338 -48.63 80.85 63.53
CA LEU B 338 -48.55 82.27 63.82
C LEU B 338 -47.44 82.97 63.04
N LEU B 339 -46.44 82.23 62.57
CA LEU B 339 -45.36 82.80 61.77
C LEU B 339 -45.44 82.47 60.29
N GLY B 340 -46.20 81.45 59.91
CA GLY B 340 -46.43 81.17 58.50
C GLY B 340 -45.92 79.83 58.05
N GLU B 341 -44.80 79.39 58.62
CA GLU B 341 -44.19 78.12 58.23
C GLU B 341 -44.99 76.94 58.78
N ILE B 342 -45.04 75.87 57.99
CA ILE B 342 -45.71 74.67 58.46
C ILE B 342 -44.99 73.42 57.95
N PRO B 343 -44.60 72.53 58.85
CA PRO B 343 -44.13 71.21 58.41
C PRO B 343 -45.27 70.21 58.40
N ASP B 344 -44.98 69.03 57.87
CA ASP B 344 -45.92 67.92 57.98
C ASP B 344 -45.91 67.45 59.42
N ARG B 345 -47.04 67.59 60.11
CA ARG B 345 -47.07 67.26 61.53
C ARG B 345 -47.19 65.76 61.77
N LEU B 346 -47.84 65.03 60.86
CA LEU B 346 -48.02 63.60 60.98
C LEU B 346 -46.86 62.81 60.40
N GLN B 347 -45.67 63.43 60.30
CA GLN B 347 -44.48 62.78 59.79
C GLN B 347 -43.95 61.68 60.71
N PHE B 348 -44.36 61.68 61.98
CA PHE B 348 -44.10 60.58 62.90
C PHE B 348 -45.40 60.08 63.51
N ARG B 349 -46.43 59.90 62.68
CA ARG B 349 -47.75 59.59 63.21
C ARG B 349 -47.81 58.17 63.76
N GLN B 350 -48.51 58.03 64.87
CA GLN B 350 -48.50 56.84 65.70
C GLN B 350 -49.93 56.34 65.85
N PRO B 351 -50.19 55.16 66.41
CA PRO B 351 -51.56 54.82 66.80
C PRO B 351 -52.10 55.68 67.94
N SER B 352 -51.22 56.30 68.74
CA SER B 352 -51.64 57.20 69.79
C SER B 352 -51.46 58.67 69.41
N LEU B 353 -50.76 58.97 68.33
CA LEU B 353 -50.68 60.34 67.84
C LEU B 353 -51.79 60.68 66.87
N LYS B 354 -52.29 59.67 66.14
CA LYS B 354 -53.26 59.89 65.07
C LYS B 354 -54.58 60.44 65.60
N ARG B 355 -55.04 59.92 66.74
CA ARG B 355 -56.26 60.45 67.35
C ARG B 355 -56.04 61.80 68.02
N SER B 356 -54.80 62.13 68.38
CA SER B 356 -54.50 63.41 69.00
C SER B 356 -54.12 64.48 67.99
N LEU B 357 -54.31 64.23 66.70
CA LEU B 357 -53.99 65.20 65.66
C LEU B 357 -55.18 65.63 64.82
N MET B 358 -56.16 64.74 64.64
CA MET B 358 -57.22 64.96 63.66
C MET B 358 -58.07 66.22 63.87
N PRO B 359 -58.42 66.66 65.09
CA PRO B 359 -59.01 68.01 65.19
C PRO B 359 -58.00 69.10 64.90
N TYR B 360 -56.76 68.94 65.38
CA TYR B 360 -55.76 69.98 65.22
C TYR B 360 -55.13 69.96 63.83
N PHE B 361 -55.07 68.80 63.16
CA PHE B 361 -54.62 68.78 61.77
C PHE B 361 -55.65 69.40 60.85
N LEU B 362 -56.93 69.29 61.19
CA LEU B 362 -57.97 69.92 60.39
C LEU B 362 -57.94 71.44 60.52
N LEU B 363 -57.33 71.96 61.60
CA LEU B 363 -57.17 73.39 61.76
C LEU B 363 -56.18 73.97 60.75
N THR B 364 -54.99 73.37 60.65
CA THR B 364 -54.00 73.89 59.70
C THR B 364 -54.35 73.59 58.25
N GLN B 365 -55.35 72.73 58.00
CA GLN B 365 -55.93 72.64 56.68
C GLN B 365 -56.59 73.95 56.28
N ALA B 366 -57.25 74.61 57.23
CA ALA B 366 -57.87 75.91 56.97
C ALA B 366 -56.85 77.02 56.82
N VAL B 367 -55.64 76.86 57.36
CA VAL B 367 -54.67 77.94 57.34
C VAL B 367 -53.99 78.01 55.98
N ARG B 368 -53.66 76.85 55.39
CA ARG B 368 -53.06 76.82 54.08
C ARG B 368 -54.03 77.21 52.97
N THR B 369 -55.32 77.21 53.24
CA THR B 369 -56.31 77.78 52.34
C THR B 369 -56.50 79.26 52.63
N GLY B 370 -57.20 79.93 51.73
CA GLY B 370 -57.50 81.33 51.88
C GLY B 370 -58.90 81.64 52.35
N ASN B 371 -59.70 80.63 52.67
CA ASN B 371 -61.08 80.87 53.06
C ASN B 371 -61.13 81.45 54.47
N LEU B 372 -62.15 82.27 54.73
CA LEU B 372 -62.25 83.04 55.96
C LEU B 372 -63.14 82.38 57.00
N ALA B 373 -64.36 82.00 56.64
CA ALA B 373 -65.25 81.34 57.57
C ALA B 373 -65.04 79.85 57.62
N LYS B 374 -64.07 79.33 56.85
CA LYS B 374 -63.57 77.98 57.08
C LYS B 374 -62.94 77.88 58.47
N PHE B 375 -62.30 78.96 58.92
CA PHE B 375 -61.88 79.08 60.31
C PHE B 375 -63.07 78.98 61.26
N ASN B 376 -64.21 79.55 60.88
CA ASN B 376 -65.38 79.48 61.72
C ASN B 376 -66.02 78.11 61.70
N GLN B 377 -65.82 77.35 60.62
CA GLN B 377 -66.37 76.00 60.56
C GLN B 377 -65.54 75.01 61.38
N VAL B 378 -64.34 75.41 61.77
CA VAL B 378 -63.55 74.59 62.69
C VAL B 378 -63.87 74.97 64.13
N LEU B 379 -63.90 76.27 64.41
CA LEU B 379 -63.97 76.82 65.77
C LEU B 379 -65.34 76.64 66.42
N ASP B 380 -66.34 76.17 65.68
CA ASP B 380 -67.56 75.68 66.29
C ASP B 380 -67.59 74.17 66.41
N GLN B 381 -66.92 73.46 65.49
CA GLN B 381 -66.88 72.00 65.56
C GLN B 381 -65.95 71.53 66.67
N PHE B 382 -64.79 72.17 66.84
CA PHE B 382 -63.80 71.73 67.81
C PHE B 382 -63.41 72.87 68.74
N GLY B 383 -64.34 73.78 69.01
CA GLY B 383 -64.07 74.83 69.98
C GLY B 383 -63.99 74.32 71.40
N GLU B 384 -64.67 73.21 71.69
CA GLU B 384 -64.61 72.62 73.02
C GLU B 384 -63.34 71.79 73.22
N LYS B 385 -62.84 71.17 72.15
CA LYS B 385 -61.65 70.34 72.24
C LYS B 385 -60.41 71.18 72.53
N PHE B 386 -60.37 72.42 72.02
CA PHE B 386 -59.20 73.27 72.20
C PHE B 386 -59.09 73.79 73.62
N GLN B 387 -60.22 73.88 74.33
CA GLN B 387 -60.21 74.33 75.71
C GLN B 387 -59.84 73.21 76.66
N ALA B 388 -59.97 71.95 76.21
CA ALA B 388 -59.47 70.84 77.00
C ALA B 388 -57.95 70.81 77.03
N ASP B 389 -57.32 71.07 75.88
CA ASP B 389 -55.86 71.15 75.82
C ASP B 389 -55.33 72.46 76.37
N GLY B 390 -56.19 73.45 76.59
CA GLY B 390 -55.77 74.72 77.15
C GLY B 390 -54.93 75.55 76.19
N THR B 391 -55.45 75.79 75.00
CA THR B 391 -54.70 76.51 73.98
C THR B 391 -55.55 77.51 73.20
N TYR B 392 -56.79 77.76 73.63
CA TYR B 392 -57.76 78.48 72.82
C TYR B 392 -57.37 79.94 72.60
N THR B 393 -56.69 80.55 73.58
CA THR B 393 -56.35 81.97 73.51
C THR B 393 -55.33 82.29 72.43
N LEU B 394 -54.58 81.29 71.97
CA LEU B 394 -53.71 81.49 70.82
C LEU B 394 -54.44 81.15 69.52
N ILE B 395 -55.44 80.27 69.60
CA ILE B 395 -56.21 79.86 68.43
C ILE B 395 -57.05 81.01 67.91
N ILE B 396 -57.55 81.86 68.80
CA ILE B 396 -58.54 82.87 68.44
C ILE B 396 -57.95 83.98 67.56
N ARG B 397 -56.63 84.12 67.53
CA ARG B 397 -55.99 85.22 66.81
C ARG B 397 -55.42 84.80 65.46
N LEU B 398 -55.72 83.58 65.00
CA LEU B 398 -55.23 83.13 63.69
C LEU B 398 -55.87 83.86 62.52
N ARG B 399 -56.97 84.58 62.76
CA ARG B 399 -57.64 85.31 61.69
C ARG B 399 -56.80 86.45 61.16
N HIS B 400 -55.86 86.97 61.95
CA HIS B 400 -54.88 87.89 61.38
C HIS B 400 -53.93 87.16 60.44
N ASN B 401 -53.63 85.89 60.71
CA ASN B 401 -52.67 85.17 59.89
C ASN B 401 -53.33 84.48 58.71
N VAL B 402 -54.63 84.21 58.80
CA VAL B 402 -55.37 83.72 57.64
C VAL B 402 -55.44 84.78 56.57
N ILE B 403 -55.72 86.02 56.97
CA ILE B 403 -55.92 87.08 55.99
C ILE B 403 -54.61 87.56 55.39
N LYS B 404 -53.48 87.41 56.10
CA LYS B 404 -52.20 87.76 55.49
C LYS B 404 -51.67 86.64 54.61
N THR B 405 -52.05 85.41 54.90
CA THR B 405 -51.80 84.32 53.96
C THR B 405 -52.59 84.50 52.69
N GLY B 406 -53.84 84.94 52.81
CA GLY B 406 -54.70 85.08 51.65
C GLY B 406 -54.30 86.25 50.77
N VAL B 407 -53.92 87.37 51.38
CA VAL B 407 -53.59 88.55 50.59
C VAL B 407 -52.23 88.38 49.91
N ARG B 408 -51.35 87.54 50.46
CA ARG B 408 -50.16 87.16 49.74
C ARG B 408 -50.50 86.19 48.62
N MET B 409 -51.50 85.35 48.84
CA MET B 409 -51.90 84.35 47.86
C MET B 409 -52.56 84.98 46.65
N ILE B 410 -53.39 85.98 46.87
CA ILE B 410 -54.14 86.58 45.77
C ILE B 410 -53.26 87.55 44.98
N SER B 411 -52.45 88.34 45.67
CA SER B 411 -51.61 89.33 45.00
C SER B 411 -50.52 88.69 44.15
N LEU B 412 -50.04 87.51 44.53
CA LEU B 412 -49.07 86.81 43.70
C LEU B 412 -49.72 86.12 42.52
N SER B 413 -50.97 85.70 42.64
CA SER B 413 -51.64 85.03 41.53
C SER B 413 -52.15 86.04 40.52
N TYR B 414 -53.02 86.95 40.95
CA TYR B 414 -53.62 87.93 40.06
C TYR B 414 -52.74 89.17 40.06
N SER B 415 -52.54 89.74 38.88
CA SER B 415 -51.73 90.94 38.79
C SER B 415 -52.57 92.19 38.96
N ARG B 416 -53.63 92.34 38.15
CA ARG B 416 -54.47 93.53 38.16
C ARG B 416 -55.89 93.10 38.48
N ILE B 417 -56.18 93.03 39.78
CA ILE B 417 -57.44 92.55 40.31
C ILE B 417 -58.20 93.71 40.92
N SER B 418 -59.50 93.76 40.67
CA SER B 418 -60.36 94.76 41.29
C SER B 418 -60.45 94.53 42.79
N LEU B 419 -60.47 95.63 43.55
CA LEU B 419 -60.69 95.52 44.99
C LEU B 419 -62.12 95.14 45.31
N ALA B 420 -63.05 95.34 44.38
CA ALA B 420 -64.42 94.86 44.50
C ALA B 420 -64.59 93.44 43.95
N ASP B 421 -63.51 92.68 43.86
CA ASP B 421 -63.55 91.26 43.57
C ASP B 421 -62.88 90.41 44.63
N ILE B 422 -61.88 90.96 45.31
CA ILE B 422 -61.14 90.20 46.32
C ILE B 422 -62.00 89.94 47.55
N ALA B 423 -62.93 90.85 47.87
CA ALA B 423 -63.75 90.70 49.06
C ALA B 423 -64.78 89.59 48.89
N GLN B 424 -65.30 89.42 47.68
CA GLN B 424 -66.25 88.36 47.39
C GLN B 424 -65.60 86.99 47.39
N LYS B 425 -64.30 86.92 47.13
CA LYS B 425 -63.59 85.66 47.17
C LYS B 425 -63.13 85.30 48.57
N LEU B 426 -62.81 86.31 49.37
CA LEU B 426 -62.46 86.10 50.77
C LEU B 426 -63.66 86.12 51.69
N GLN B 427 -64.88 86.14 51.11
CA GLN B 427 -66.19 86.36 51.77
C GLN B 427 -66.12 87.41 52.88
N LEU B 428 -65.65 88.59 52.48
CA LEU B 428 -65.42 89.70 53.40
C LEU B 428 -66.66 90.56 53.60
N ASP B 429 -67.65 90.45 52.69
CA ASP B 429 -68.97 91.06 52.73
C ASP B 429 -68.93 92.59 52.61
N SER B 430 -67.77 93.15 52.27
CA SER B 430 -67.61 94.60 52.23
C SER B 430 -66.40 94.99 51.37
N PRO B 431 -66.61 95.71 50.27
CA PRO B 431 -65.47 96.24 49.51
C PRO B 431 -64.84 97.47 50.14
N GLU B 432 -65.55 98.14 51.04
CA GLU B 432 -65.08 99.41 51.58
C GLU B 432 -63.94 99.25 52.59
N ASP B 433 -63.78 98.06 53.18
CA ASP B 433 -62.55 97.77 53.90
C ASP B 433 -61.66 96.79 53.16
N ALA B 434 -62.05 96.36 51.96
CA ALA B 434 -61.17 95.54 51.14
C ALA B 434 -59.97 96.34 50.66
N GLU B 435 -60.11 97.66 50.53
CA GLU B 435 -58.94 98.53 50.40
C GLU B 435 -58.09 98.50 51.65
N PHE B 436 -58.70 98.33 52.81
CA PHE B 436 -58.06 98.66 54.07
C PHE B 436 -57.15 97.56 54.58
N ILE B 437 -57.50 96.28 54.35
CA ILE B 437 -56.57 95.20 54.65
C ILE B 437 -55.33 95.30 53.77
N VAL B 438 -55.54 95.67 52.50
CA VAL B 438 -54.44 95.89 51.57
C VAL B 438 -53.57 97.06 52.02
N ALA B 439 -54.18 98.06 52.68
CA ALA B 439 -53.39 99.11 53.31
C ALA B 439 -52.52 98.57 54.43
N LYS B 440 -53.08 97.73 55.30
CA LYS B 440 -52.27 97.07 56.32
C LYS B 440 -51.42 95.94 55.75
N ALA B 441 -51.73 95.45 54.56
CA ALA B 441 -50.82 94.52 53.90
C ALA B 441 -49.57 95.22 53.43
N ILE B 442 -49.68 96.47 52.99
CA ILE B 442 -48.51 97.22 52.60
C ILE B 442 -47.80 97.83 53.81
N ARG B 443 -48.58 98.22 54.83
CA ARG B 443 -47.99 98.73 56.07
C ARG B 443 -47.17 97.66 56.78
N ASP B 444 -47.67 96.42 56.78
CA ASP B 444 -46.84 95.31 57.23
C ASP B 444 -45.77 94.95 56.21
N GLY B 445 -46.06 95.14 54.93
CA GLY B 445 -45.13 94.83 53.88
C GLY B 445 -45.34 93.51 53.17
N VAL B 446 -46.59 93.05 53.04
CA VAL B 446 -46.86 91.80 52.35
C VAL B 446 -46.68 91.97 50.84
N ILE B 447 -47.47 92.83 50.25
CA ILE B 447 -47.36 93.17 48.83
C ILE B 447 -46.81 94.58 48.72
N GLU B 448 -46.11 94.86 47.62
CA GLU B 448 -45.48 96.15 47.38
C GLU B 448 -46.39 97.16 46.68
N ALA B 449 -47.10 96.74 45.64
CA ALA B 449 -47.51 97.67 44.60
C ALA B 449 -48.80 98.41 44.96
N SER B 450 -49.21 99.28 44.04
CA SER B 450 -50.16 100.35 44.28
C SER B 450 -51.60 99.91 44.04
N ILE B 451 -52.53 100.81 44.37
CA ILE B 451 -53.97 100.59 44.23
C ILE B 451 -54.55 101.81 43.56
N ASN B 452 -55.25 101.60 42.45
CA ASN B 452 -55.98 102.68 41.78
C ASN B 452 -57.34 102.77 42.48
N HIS B 453 -57.38 103.56 43.56
CA HIS B 453 -58.59 103.73 44.35
C HIS B 453 -59.68 104.46 43.58
N GLU B 454 -59.31 105.26 42.58
CA GLU B 454 -60.32 105.89 41.73
C GLU B 454 -60.97 104.85 40.82
N LYS B 455 -60.16 104.02 40.18
CA LYS B 455 -60.71 102.98 39.32
C LYS B 455 -61.25 101.82 40.15
N GLY B 456 -60.36 101.12 40.85
CA GLY B 456 -60.78 99.98 41.64
C GLY B 456 -59.86 98.78 41.49
N TYR B 457 -58.99 98.77 40.50
CA TYR B 457 -58.07 97.65 40.34
C TYR B 457 -56.87 97.83 41.25
N VAL B 458 -56.33 96.70 41.69
CA VAL B 458 -55.07 96.66 42.43
C VAL B 458 -54.05 96.01 41.51
N GLN B 459 -53.17 96.83 40.94
CA GLN B 459 -52.14 96.28 40.09
C GLN B 459 -50.95 95.83 40.91
N SER B 460 -50.22 94.85 40.39
CA SER B 460 -49.01 94.39 41.02
C SER B 460 -47.90 94.36 39.99
N LYS B 461 -46.70 94.76 40.39
CA LYS B 461 -45.56 94.66 39.50
C LYS B 461 -45.08 93.22 39.45
N GLU B 462 -44.55 92.83 38.30
CA GLU B 462 -43.97 91.49 38.14
C GLU B 462 -42.62 91.50 38.83
N MET B 463 -42.24 90.36 39.42
CA MET B 463 -40.97 90.23 40.12
C MET B 463 -39.81 90.33 39.12
N ILE B 464 -38.64 90.72 39.63
CA ILE B 464 -37.45 90.97 38.82
C ILE B 464 -36.35 90.08 39.37
N ASP B 465 -35.11 90.30 38.94
CA ASP B 465 -34.00 89.37 39.15
C ASP B 465 -33.65 89.29 40.63
N ILE B 466 -34.15 88.25 41.29
CA ILE B 466 -33.95 88.05 42.71
C ILE B 466 -32.67 87.25 42.89
N TYR B 467 -32.18 86.67 41.79
CA TYR B 467 -30.92 85.96 41.78
C TYR B 467 -29.74 86.89 41.95
N SER B 468 -29.79 88.08 41.36
CA SER B 468 -28.71 89.04 41.40
C SER B 468 -28.97 90.08 42.49
N THR B 469 -29.59 89.62 43.57
CA THR B 469 -29.81 90.42 44.76
C THR B 469 -28.92 89.79 45.83
N ARG B 470 -28.66 90.50 46.92
CA ARG B 470 -27.75 89.97 47.93
C ARG B 470 -28.37 88.82 48.73
N GLU B 471 -29.70 88.80 48.84
CA GLU B 471 -30.43 87.92 49.75
C GLU B 471 -30.22 86.39 49.70
N PRO B 472 -29.79 85.74 48.59
CA PRO B 472 -29.43 84.31 48.73
C PRO B 472 -28.11 84.09 49.46
N GLN B 473 -27.24 85.09 49.55
CA GLN B 473 -26.08 84.97 50.41
C GLN B 473 -26.48 84.97 51.87
N LEU B 474 -27.58 85.62 52.22
CA LEU B 474 -28.09 85.53 53.58
C LEU B 474 -28.72 84.17 53.86
N ALA B 475 -29.20 83.48 52.82
CA ALA B 475 -29.53 82.08 52.98
C ALA B 475 -28.29 81.22 53.14
N PHE B 476 -27.12 81.71 52.70
CA PHE B 476 -25.88 80.97 52.83
C PHE B 476 -25.19 81.26 54.15
N HIS B 477 -25.04 82.54 54.49
CA HIS B 477 -24.22 82.95 55.62
C HIS B 477 -24.76 82.46 56.97
N GLN B 478 -26.07 82.26 57.08
CA GLN B 478 -26.61 81.53 58.21
C GLN B 478 -26.09 80.10 58.26
N ARG B 479 -25.90 79.47 57.10
CA ARG B 479 -25.60 78.06 57.02
C ARG B 479 -24.15 77.75 56.74
N ILE B 480 -23.39 78.69 56.20
CA ILE B 480 -21.94 78.55 56.15
C ILE B 480 -21.37 78.49 57.56
N SER B 481 -21.72 79.48 58.37
CA SER B 481 -21.24 79.54 59.75
C SER B 481 -21.80 78.42 60.60
N PHE B 482 -23.01 77.94 60.28
CA PHE B 482 -23.57 76.86 61.07
C PHE B 482 -22.88 75.54 60.77
N CYS B 483 -22.52 75.31 59.51
CA CYS B 483 -21.94 74.02 59.15
C CYS B 483 -20.47 73.94 59.54
N LEU B 484 -19.81 75.08 59.74
CA LEU B 484 -18.47 75.05 60.31
C LEU B 484 -18.50 74.80 61.81
N ASP B 485 -19.63 75.09 62.47
CA ASP B 485 -19.75 74.82 63.89
C ASP B 485 -19.85 73.33 64.17
N ILE B 486 -20.66 72.62 63.39
CA ILE B 486 -20.83 71.19 63.61
C ILE B 486 -19.58 70.42 63.21
N HIS B 487 -18.78 70.95 62.28
CA HIS B 487 -17.47 70.38 62.05
C HIS B 487 -16.53 70.63 63.22
N ASN B 488 -16.68 71.78 63.88
CA ASN B 488 -15.88 72.04 65.07
C ASN B 488 -16.36 71.21 66.25
N MET B 489 -17.68 71.02 66.36
CA MET B 489 -18.22 70.18 67.44
C MET B 489 -17.88 68.72 67.24
N SER B 490 -17.71 68.29 65.98
CA SER B 490 -17.20 66.96 65.72
C SER B 490 -15.74 66.82 66.12
N VAL B 491 -14.98 67.91 66.14
CA VAL B 491 -13.60 67.85 66.61
C VAL B 491 -13.56 67.88 68.13
N LYS B 492 -14.34 68.76 68.74
CA LYS B 492 -14.31 68.94 70.19
C LYS B 492 -14.86 67.74 70.95
N ALA B 493 -15.65 66.89 70.30
CA ALA B 493 -16.28 65.75 70.96
C ALA B 493 -15.67 64.43 70.56
N MET B 494 -14.49 64.43 69.93
CA MET B 494 -13.93 63.21 69.37
C MET B 494 -12.82 62.60 70.19
N ARG B 495 -11.81 63.38 70.58
CA ARG B 495 -10.54 62.84 71.07
C ARG B 495 -10.53 62.63 72.58
N PHE B 496 -11.67 62.26 73.16
CA PHE B 496 -11.75 61.81 74.55
C PHE B 496 -10.82 60.62 74.81
N PRO B 497 -10.62 59.69 73.86
CA PRO B 497 -9.42 58.87 74.10
C PRO B 497 -8.16 59.58 73.65
N MET C 1 35.56 45.51 -44.33
CA MET C 1 34.86 45.76 -43.08
C MET C 1 34.16 47.12 -43.12
N ALA C 2 34.90 48.17 -42.78
CA ALA C 2 34.35 49.52 -42.86
C ALA C 2 34.33 50.04 -44.30
N ASP C 3 35.42 49.78 -45.04
CA ASP C 3 35.52 50.25 -46.41
C ASP C 3 34.63 49.47 -47.37
N GLY C 4 34.22 48.26 -46.99
CA GLY C 4 33.39 47.45 -47.87
C GLY C 4 32.02 48.04 -48.10
N GLY C 5 31.41 48.60 -47.06
CA GLY C 5 30.20 49.37 -47.26
C GLY C 5 30.47 50.72 -47.90
N SER C 6 31.68 51.25 -47.71
CA SER C 6 32.04 52.49 -48.36
C SER C 6 32.29 52.30 -49.85
N GLU C 7 32.85 51.16 -50.25
CA GLU C 7 33.11 50.93 -51.67
C GLU C 7 31.89 50.37 -52.39
N ARG C 8 31.00 49.65 -51.71
CA ARG C 8 29.73 49.30 -52.31
C ARG C 8 28.81 50.51 -52.41
N ALA C 9 29.01 51.51 -51.55
CA ALA C 9 28.37 52.79 -51.77
C ALA C 9 29.00 53.52 -52.96
N ASP C 10 30.34 53.42 -53.09
CA ASP C 10 31.07 54.15 -54.12
C ASP C 10 30.67 53.73 -55.53
N GLY C 11 30.53 52.42 -55.75
CA GLY C 11 30.07 51.96 -57.05
C GLY C 11 28.59 52.07 -57.29
N ARG C 12 27.80 52.55 -56.31
CA ARG C 12 26.35 52.56 -56.44
C ARG C 12 25.69 53.90 -56.14
N ILE C 13 26.44 54.93 -55.71
CA ILE C 13 25.84 56.26 -55.57
C ILE C 13 25.51 56.85 -56.93
N VAL C 14 26.22 56.42 -57.98
CA VAL C 14 25.85 56.82 -59.34
C VAL C 14 24.53 56.18 -59.73
N LYS C 15 24.31 54.94 -59.31
CA LYS C 15 23.14 54.16 -59.70
C LYS C 15 21.96 54.36 -58.75
N MET C 16 22.03 55.39 -57.88
CA MET C 16 20.86 55.74 -57.08
C MET C 16 19.80 56.41 -57.94
N GLU C 17 20.21 57.44 -58.69
CA GLU C 17 19.29 58.16 -59.56
C GLU C 17 19.13 57.46 -60.90
N VAL C 18 20.23 56.92 -61.45
CA VAL C 18 20.20 56.35 -62.78
C VAL C 18 19.46 55.02 -62.79
N ASP C 19 19.84 54.11 -61.91
CA ASP C 19 19.18 52.82 -61.80
C ASP C 19 18.07 52.92 -60.77
N TYR C 20 17.02 52.13 -60.98
CA TYR C 20 15.88 52.08 -60.08
C TYR C 20 16.30 51.45 -58.74
N SER C 21 15.54 51.74 -57.70
CA SER C 21 15.75 51.31 -56.33
C SER C 21 15.52 49.80 -56.10
N ALA C 22 15.29 48.99 -57.13
CA ALA C 22 15.27 47.54 -56.94
C ALA C 22 16.63 47.04 -56.49
N THR C 23 17.71 47.63 -57.02
CA THR C 23 19.04 47.27 -56.56
C THR C 23 19.30 47.77 -55.15
N VAL C 24 18.66 48.88 -54.75
CA VAL C 24 18.70 49.31 -53.36
C VAL C 24 18.01 48.27 -52.47
N ASP C 25 16.93 47.68 -52.97
CA ASP C 25 16.31 46.56 -52.30
C ASP C 25 17.14 45.29 -52.41
N GLN C 26 17.87 45.11 -53.51
CA GLN C 26 18.84 44.04 -53.63
C GLN C 26 20.09 44.29 -52.79
N ARG C 27 20.34 45.53 -52.39
CA ARG C 27 21.47 45.83 -51.51
C ARG C 27 21.11 45.65 -50.05
N LEU C 28 19.83 45.58 -49.74
CA LEU C 28 19.35 45.34 -48.38
C LEU C 28 19.88 44.05 -47.73
N PRO C 29 19.74 42.84 -48.32
CA PRO C 29 20.06 41.64 -47.51
C PRO C 29 21.54 41.42 -47.28
N GLU C 30 22.41 41.76 -48.24
CA GLU C 30 23.84 41.66 -48.01
C GLU C 30 24.31 42.73 -47.03
N CYS C 31 23.66 43.89 -47.03
CA CYS C 31 23.88 44.85 -45.96
C CYS C 31 23.18 44.43 -44.67
N ALA C 32 22.13 43.62 -44.76
CA ALA C 32 21.55 43.01 -43.58
C ALA C 32 22.39 41.85 -43.06
N LYS C 33 23.25 41.27 -43.89
CA LYS C 33 24.21 40.28 -43.40
C LYS C 33 25.20 40.94 -42.44
N LEU C 34 25.77 42.06 -42.84
CA LEU C 34 26.66 42.79 -41.95
C LEU C 34 25.89 43.48 -40.83
N ALA C 35 24.59 43.73 -41.03
CA ALA C 35 23.76 44.18 -39.93
C ALA C 35 23.52 43.06 -38.92
N LYS C 36 23.56 41.80 -39.37
CA LYS C 36 23.45 40.70 -38.42
C LYS C 36 24.72 40.55 -37.59
N GLU C 37 25.88 40.90 -38.15
CA GLU C 37 27.13 40.53 -37.50
C GLU C 37 27.52 41.51 -36.40
N GLY C 38 27.78 42.76 -36.77
CA GLY C 38 28.30 43.74 -35.83
C GLY C 38 29.64 43.36 -35.23
N ARG C 39 30.63 43.08 -36.08
CA ARG C 39 31.92 42.62 -35.59
C ARG C 39 32.71 43.75 -34.94
N LEU C 40 32.79 44.89 -35.59
CA LEU C 40 33.40 46.07 -34.99
C LEU C 40 32.29 47.04 -34.59
N GLN C 41 32.58 47.83 -33.56
CA GLN C 41 31.57 48.66 -32.91
C GLN C 41 31.07 49.77 -33.84
N GLU C 42 31.99 50.44 -34.53
CA GLU C 42 31.66 51.61 -35.31
C GLU C 42 31.35 51.30 -36.77
N VAL C 43 31.65 50.10 -37.25
CA VAL C 43 31.42 49.79 -38.65
C VAL C 43 29.94 49.67 -38.94
N ILE C 44 29.24 48.80 -38.20
CA ILE C 44 27.81 48.57 -38.39
C ILE C 44 27.00 49.83 -38.09
N GLU C 45 27.49 50.69 -37.19
CA GLU C 45 26.95 52.03 -37.05
C GLU C 45 27.09 52.83 -38.34
N THR C 46 28.32 52.96 -38.84
CA THR C 46 28.54 53.69 -40.08
C THR C 46 28.01 52.96 -41.30
N LEU C 47 27.87 51.64 -41.23
CA LEU C 47 27.16 50.92 -42.29
C LEU C 47 25.69 51.33 -42.32
N LEU C 48 24.99 51.16 -41.18
CA LEU C 48 23.56 51.43 -41.13
C LEU C 48 23.25 52.92 -41.16
N SER C 49 24.25 53.77 -40.95
CA SER C 49 24.06 55.19 -41.21
C SER C 49 23.83 55.45 -42.69
N LEU C 50 24.43 54.65 -43.55
CA LEU C 50 24.37 54.91 -44.99
C LEU C 50 23.01 54.55 -45.56
N GLU C 51 22.47 53.39 -45.19
CA GLU C 51 21.21 52.96 -45.78
C GLU C 51 20.03 53.76 -45.24
N LYS C 52 20.14 54.29 -44.02
CA LYS C 52 19.07 55.17 -43.55
C LYS C 52 19.05 56.50 -44.28
N GLN C 53 20.16 56.89 -44.91
CA GLN C 53 20.12 58.11 -45.71
C GLN C 53 19.71 57.82 -47.15
N THR C 54 20.13 56.68 -47.71
CA THR C 54 19.75 56.35 -49.07
C THR C 54 18.28 56.01 -49.20
N ARG C 55 17.65 55.55 -48.11
CA ARG C 55 16.21 55.31 -48.16
C ARG C 55 15.43 56.60 -47.99
N THR C 56 15.98 57.57 -47.27
CA THR C 56 15.45 58.93 -47.38
C THR C 56 15.83 59.56 -48.70
N ALA C 57 16.96 59.16 -49.30
CA ALA C 57 17.23 59.57 -50.66
C ALA C 57 16.28 58.87 -51.64
N SER C 58 15.86 57.64 -51.31
CA SER C 58 14.79 57.02 -52.10
C SER C 58 13.46 57.69 -51.83
N ASP C 59 13.27 58.22 -50.62
CA ASP C 59 12.12 59.07 -50.35
C ASP C 59 12.18 60.33 -51.20
N MET C 60 13.38 60.88 -51.43
CA MET C 60 13.52 62.01 -52.33
C MET C 60 13.23 61.62 -53.77
N VAL C 61 13.45 60.35 -54.13
CA VAL C 61 13.07 59.87 -55.45
C VAL C 61 11.57 59.56 -55.49
N SER C 62 11.07 58.85 -54.48
CA SER C 62 9.70 58.36 -54.52
C SER C 62 8.68 59.45 -54.22
N THR C 63 8.93 60.27 -53.21
CA THR C 63 7.95 61.32 -52.88
C THR C 63 8.11 62.58 -53.71
N SER C 64 8.99 62.58 -54.71
CA SER C 64 8.97 63.64 -55.71
C SER C 64 8.06 63.29 -56.88
N ARG C 65 7.99 62.01 -57.24
CA ARG C 65 7.10 61.53 -58.29
C ARG C 65 5.76 61.18 -57.66
N ILE C 66 4.90 60.50 -58.43
CA ILE C 66 3.59 60.10 -57.92
C ILE C 66 3.64 58.93 -56.93
N LEU C 67 4.79 58.28 -56.80
CA LEU C 67 4.91 57.04 -56.05
C LEU C 67 5.24 57.37 -54.59
N VAL C 68 4.22 57.88 -53.89
CA VAL C 68 4.40 58.44 -52.55
C VAL C 68 3.85 57.51 -51.48
N ALA C 69 2.52 57.33 -51.45
CA ALA C 69 1.87 56.78 -50.25
C ALA C 69 1.94 55.27 -50.19
N VAL C 70 2.01 54.60 -51.33
CA VAL C 70 2.07 53.14 -51.34
C VAL C 70 3.44 52.67 -50.86
N VAL C 71 4.50 53.42 -51.17
CA VAL C 71 5.85 52.94 -50.92
C VAL C 71 6.37 53.35 -49.54
N LYS C 72 5.65 54.23 -48.83
CA LYS C 72 6.09 54.61 -47.48
C LYS C 72 5.88 53.48 -46.50
N MET C 73 4.67 52.90 -46.48
CA MET C 73 4.40 51.74 -45.64
C MET C 73 5.17 50.51 -46.08
N CYS C 74 5.64 50.47 -47.34
CA CYS C 74 6.60 49.44 -47.72
C CYS C 74 7.95 49.67 -47.05
N TYR C 75 8.28 50.92 -46.72
CA TYR C 75 9.61 51.23 -46.23
C TYR C 75 9.75 50.86 -44.76
N GLU C 76 8.99 51.51 -43.87
CA GLU C 76 9.19 51.30 -42.44
C GLU C 76 8.68 49.96 -41.94
N ALA C 77 7.89 49.23 -42.73
CA ALA C 77 7.51 47.89 -42.31
C ALA C 77 8.66 46.91 -42.49
N LYS C 78 9.44 47.05 -43.55
CA LYS C 78 10.65 46.24 -43.67
C LYS C 78 11.85 46.91 -42.99
N GLU C 79 11.68 48.12 -42.47
CA GLU C 79 12.55 48.56 -41.39
C GLU C 79 12.22 47.85 -40.10
N TRP C 80 10.96 47.45 -39.93
CA TRP C 80 10.60 46.63 -38.79
C TRP C 80 10.99 45.18 -39.01
N ASP C 81 10.94 44.72 -40.27
CA ASP C 81 11.49 43.40 -40.60
C ASP C 81 13.00 43.38 -40.45
N LEU C 82 13.65 44.54 -40.59
CA LEU C 82 15.05 44.65 -40.16
C LEU C 82 15.15 44.40 -38.66
N LEU C 83 14.24 44.96 -37.87
CA LEU C 83 14.26 44.72 -36.43
C LEU C 83 13.86 43.29 -36.05
N ASN C 84 13.41 42.47 -36.99
CA ASN C 84 13.17 41.05 -36.70
C ASN C 84 14.38 40.19 -37.06
N GLU C 85 14.76 40.17 -38.34
CA GLU C 85 15.81 39.24 -38.78
C GLU C 85 17.21 39.74 -38.44
N ASN C 86 17.44 41.06 -38.40
CA ASN C 86 18.64 41.59 -37.80
C ASN C 86 18.34 41.79 -36.31
N ILE C 87 19.20 42.52 -35.60
CA ILE C 87 18.95 42.76 -34.19
C ILE C 87 17.84 43.80 -34.06
N MET C 88 17.00 43.65 -33.04
CA MET C 88 15.93 44.58 -32.74
C MET C 88 16.52 45.90 -32.20
N LEU C 89 15.64 46.91 -32.02
CA LEU C 89 15.92 48.17 -31.35
C LEU C 89 16.95 48.98 -32.15
N LEU C 90 16.66 49.11 -33.46
CA LEU C 90 17.47 49.73 -34.52
C LEU C 90 18.87 49.09 -34.59
N SER C 91 18.93 47.83 -34.17
CA SER C 91 20.01 46.85 -34.25
C SER C 91 21.22 47.19 -33.38
N LYS C 92 21.38 48.47 -33.01
CA LYS C 92 22.17 48.86 -31.85
C LYS C 92 21.54 49.98 -31.02
N ARG C 93 20.86 50.95 -31.65
CA ARG C 93 20.45 52.30 -31.22
C ARG C 93 21.66 53.22 -31.02
N ARG C 94 22.87 52.67 -31.09
CA ARG C 94 24.09 53.32 -30.61
C ARG C 94 24.54 54.38 -31.61
N SER C 95 24.15 55.63 -31.33
CA SER C 95 24.61 56.84 -32.03
C SER C 95 24.28 56.83 -33.52
N GLN C 96 23.27 56.07 -33.91
CA GLN C 96 22.84 55.99 -35.29
C GLN C 96 21.35 56.18 -35.48
N LEU C 97 20.54 56.04 -34.42
CA LEU C 97 19.12 56.35 -34.50
C LEU C 97 18.88 57.84 -34.69
N LYS C 98 19.77 58.68 -34.17
CA LYS C 98 19.60 60.13 -34.24
C LYS C 98 19.63 60.62 -35.67
N GLN C 99 20.63 60.19 -36.43
CA GLN C 99 20.67 60.51 -37.85
C GLN C 99 19.75 59.64 -38.69
N ALA C 100 19.06 58.67 -38.09
CA ALA C 100 18.07 57.88 -38.81
C ALA C 100 16.67 58.43 -38.63
N VAL C 101 16.17 58.47 -37.40
CA VAL C 101 14.75 58.71 -37.20
C VAL C 101 14.44 60.21 -37.16
N ALA C 102 15.34 61.02 -36.60
CA ALA C 102 15.14 62.46 -36.63
C ALA C 102 15.34 63.04 -38.02
N LYS C 103 16.00 62.29 -38.90
CA LYS C 103 16.07 62.67 -40.31
C LYS C 103 14.84 62.23 -41.07
N MET C 104 14.18 61.15 -40.62
CA MET C 104 12.87 60.79 -41.16
C MET C 104 11.86 61.90 -40.91
N VAL C 105 11.91 62.51 -39.73
CA VAL C 105 10.99 63.60 -39.42
C VAL C 105 11.55 64.95 -39.86
N GLN C 106 12.84 65.01 -40.22
CA GLN C 106 13.34 66.16 -40.93
C GLN C 106 12.73 66.23 -42.33
N GLN C 107 12.50 65.08 -42.94
CA GLN C 107 11.75 65.02 -44.19
C GLN C 107 10.30 65.45 -43.97
N CYS C 108 9.68 64.97 -42.88
CA CYS C 108 8.27 65.24 -42.64
C CYS C 108 8.01 66.71 -42.31
N CYS C 109 9.04 67.43 -41.89
CA CYS C 109 8.92 68.87 -41.74
C CYS C 109 8.92 69.55 -43.11
N THR C 110 9.57 68.94 -44.11
CA THR C 110 9.66 69.55 -45.42
C THR C 110 8.44 69.25 -46.28
N TYR C 111 7.67 68.20 -45.96
CA TYR C 111 6.47 67.90 -46.71
C TYR C 111 5.21 68.45 -46.08
N VAL C 112 5.24 68.83 -44.80
CA VAL C 112 4.04 69.33 -44.15
C VAL C 112 3.70 70.73 -44.64
N GLU C 113 4.70 71.47 -45.13
CA GLU C 113 4.49 72.71 -45.84
C GLU C 113 4.25 72.51 -47.33
N GLU C 114 4.60 71.36 -47.88
CA GLU C 114 4.61 71.14 -49.33
C GLU C 114 3.56 70.14 -49.77
N ILE C 115 3.60 68.92 -49.23
CA ILE C 115 2.74 67.87 -49.75
C ILE C 115 1.33 68.04 -49.19
N THR C 116 0.35 67.51 -49.91
CA THR C 116 -1.04 67.63 -49.49
C THR C 116 -1.31 66.71 -48.31
N ASP C 117 -2.50 66.87 -47.72
CA ASP C 117 -2.84 66.15 -46.51
C ASP C 117 -3.23 64.70 -46.74
N LEU C 118 -3.25 64.24 -47.99
CA LEU C 118 -3.64 62.86 -48.25
C LEU C 118 -2.53 61.85 -47.93
N PRO C 119 -1.26 61.97 -48.42
CA PRO C 119 -0.30 60.91 -48.07
C PRO C 119 0.42 61.16 -46.75
N ILE C 120 0.40 62.39 -46.25
CA ILE C 120 1.18 62.68 -45.05
C ILE C 120 0.46 62.24 -43.78
N LYS C 121 -0.87 62.16 -43.80
CA LYS C 121 -1.51 61.45 -42.70
C LYS C 121 -1.33 59.94 -42.80
N LEU C 122 -1.09 59.43 -44.01
CA LEU C 122 -0.60 58.05 -44.13
C LEU C 122 0.86 57.95 -43.73
N ARG C 123 1.63 59.05 -43.84
CA ARG C 123 2.96 59.06 -43.26
C ARG C 123 2.91 59.08 -41.74
N LEU C 124 1.95 59.81 -41.17
CA LEU C 124 1.86 59.89 -39.72
C LEU C 124 1.32 58.59 -39.10
N ILE C 125 0.31 57.99 -39.72
CA ILE C 125 -0.26 56.77 -39.15
C ILE C 125 0.70 55.59 -39.33
N ASP C 126 1.68 55.70 -40.22
CA ASP C 126 2.75 54.71 -40.31
C ASP C 126 3.96 55.05 -39.48
N THR C 127 3.97 56.21 -38.79
CA THR C 127 5.11 56.56 -37.97
C THR C 127 4.76 56.68 -36.48
N LEU C 128 3.47 56.69 -36.13
CA LEU C 128 3.06 56.64 -34.73
C LEU C 128 2.98 55.22 -34.20
N ARG C 129 3.01 54.21 -35.09
CA ARG C 129 3.11 52.84 -34.61
C ARG C 129 4.46 52.57 -33.98
N MET C 130 5.51 53.13 -34.57
CA MET C 130 6.87 52.89 -34.10
C MET C 130 7.26 53.79 -32.93
N VAL C 131 6.36 54.66 -32.46
CA VAL C 131 6.68 55.61 -31.40
C VAL C 131 6.92 54.89 -30.07
N THR C 132 6.16 53.83 -29.81
CA THR C 132 6.20 53.17 -28.51
C THR C 132 7.49 52.38 -28.32
N GLU C 133 7.94 51.67 -29.36
CA GLU C 133 9.08 50.75 -29.19
C GLU C 133 10.42 51.40 -29.57
N GLY C 134 10.64 51.62 -30.87
CA GLY C 134 11.91 52.19 -31.28
C GLY C 134 11.77 53.33 -32.26
N LYS C 135 12.05 54.53 -31.75
CA LYS C 135 12.00 55.81 -32.47
C LYS C 135 12.78 56.85 -31.68
N ILE C 136 12.36 58.12 -31.81
CA ILE C 136 12.85 59.35 -31.17
C ILE C 136 13.13 59.19 -29.66
N TYR C 137 12.56 58.16 -29.03
CA TYR C 137 12.88 57.84 -27.64
C TYR C 137 14.33 57.35 -27.54
N VAL C 138 15.23 58.31 -27.49
CA VAL C 138 16.48 58.19 -26.75
C VAL C 138 16.45 59.35 -25.74
N GLU C 139 16.52 60.59 -26.25
CA GLU C 139 16.20 61.75 -25.44
C GLU C 139 15.56 62.90 -26.21
N ILE C 140 15.29 62.76 -27.51
CA ILE C 140 15.11 63.93 -28.36
C ILE C 140 13.62 64.07 -28.66
N GLU C 141 12.80 63.66 -27.68
CA GLU C 141 11.34 63.63 -27.76
C GLU C 141 10.69 64.94 -28.20
N ARG C 142 11.39 66.06 -28.07
CA ARG C 142 10.86 67.37 -28.43
C ARG C 142 11.00 67.68 -29.92
N ALA C 143 11.41 66.69 -30.72
CA ALA C 143 11.15 66.66 -32.15
C ALA C 143 10.01 65.72 -32.52
N ARG C 144 9.67 64.76 -31.64
CA ARG C 144 8.40 64.06 -31.75
C ARG C 144 7.23 64.97 -31.37
N LEU C 145 7.48 65.99 -30.55
CA LEU C 145 6.40 66.87 -30.13
C LEU C 145 5.90 67.72 -31.28
N THR C 146 6.79 68.18 -32.16
CA THR C 146 6.35 69.02 -33.26
C THR C 146 5.64 68.23 -34.36
N LYS C 147 5.80 66.90 -34.38
CA LYS C 147 5.07 66.10 -35.34
C LYS C 147 3.77 65.54 -34.78
N THR C 148 3.66 65.37 -33.45
CA THR C 148 2.33 65.17 -32.89
C THR C 148 1.58 66.49 -32.73
N LEU C 149 2.28 67.62 -32.72
CA LEU C 149 1.63 68.89 -32.98
C LEU C 149 1.18 68.99 -34.43
N ALA C 150 1.98 68.46 -35.35
CA ALA C 150 1.65 68.54 -36.77
C ALA C 150 0.43 67.70 -37.13
N THR C 151 0.08 66.72 -36.29
CA THR C 151 -1.21 66.06 -36.43
C THR C 151 -2.36 67.04 -36.25
N ILE C 152 -2.22 67.97 -35.30
CA ILE C 152 -3.25 68.97 -35.08
C ILE C 152 -3.20 70.04 -36.18
N LYS C 153 -2.03 70.30 -36.73
CA LYS C 153 -1.83 71.42 -37.65
C LYS C 153 -2.21 71.12 -39.08
N GLU C 154 -2.55 69.87 -39.43
CA GLU C 154 -2.94 69.57 -40.80
C GLU C 154 -4.34 70.10 -41.10
N GLN C 155 -5.21 70.10 -40.10
CA GLN C 155 -6.54 70.69 -40.19
C GLN C 155 -6.60 72.05 -39.52
N ASN C 156 -5.45 72.57 -39.07
CA ASN C 156 -5.30 73.75 -38.21
C ASN C 156 -6.06 73.61 -36.90
N GLY C 157 -6.25 72.39 -36.43
CA GLY C 157 -6.92 72.12 -35.19
C GLY C 157 -8.43 72.30 -35.26
N ASP C 158 -9.11 71.66 -34.33
CA ASP C 158 -10.51 71.91 -34.04
C ASP C 158 -10.72 71.64 -32.55
N VAL C 159 -11.96 71.44 -32.15
CA VAL C 159 -12.26 71.16 -30.75
C VAL C 159 -11.76 69.76 -30.36
N LYS C 160 -12.04 68.76 -31.20
CA LYS C 160 -11.84 67.37 -30.80
C LYS C 160 -10.39 66.94 -30.92
N GLU C 161 -9.70 67.35 -32.00
CA GLU C 161 -8.29 66.98 -32.14
C GLU C 161 -7.40 67.80 -31.23
N ALA C 162 -7.91 68.88 -30.65
CA ALA C 162 -7.21 69.55 -29.59
C ALA C 162 -7.04 68.64 -28.38
N ALA C 163 -8.05 67.86 -28.05
CA ALA C 163 -7.97 66.87 -26.99
C ALA C 163 -7.33 65.56 -27.46
N SER C 164 -6.86 65.50 -28.70
CA SER C 164 -6.09 64.34 -29.15
C SER C 164 -4.62 64.44 -28.77
N ILE C 165 -4.21 65.55 -28.14
CA ILE C 165 -2.84 65.68 -27.67
C ILE C 165 -2.66 65.05 -26.30
N LEU C 166 -3.78 64.72 -25.62
CA LEU C 166 -3.77 64.31 -24.22
C LEU C 166 -3.01 63.02 -23.97
N GLN C 167 -2.86 62.17 -24.98
CA GLN C 167 -2.18 60.89 -24.83
C GLN C 167 -0.68 61.02 -24.63
N GLU C 168 -0.09 62.17 -24.95
CA GLU C 168 1.36 62.33 -24.90
C GLU C 168 1.80 63.57 -24.13
N LEU C 169 0.91 64.18 -23.34
CA LEU C 169 1.24 65.44 -22.68
C LEU C 169 2.16 65.23 -21.48
N GLN C 170 1.67 64.52 -20.46
CA GLN C 170 2.41 64.32 -19.23
C GLN C 170 3.49 63.26 -19.34
N VAL C 171 3.58 62.58 -20.48
CA VAL C 171 4.33 61.34 -20.58
C VAL C 171 5.84 61.62 -20.51
N GLU C 172 6.34 62.41 -21.45
CA GLU C 172 7.77 62.65 -21.59
C GLU C 172 8.23 63.85 -20.78
N THR C 173 7.45 64.28 -19.79
CA THR C 173 8.01 65.08 -18.72
C THR C 173 9.07 64.29 -17.98
N TYR C 174 8.85 62.98 -17.88
CA TYR C 174 9.83 62.02 -17.38
C TYR C 174 10.77 61.54 -18.45
N GLY C 175 10.56 61.94 -19.70
CA GLY C 175 11.30 61.42 -20.83
C GLY C 175 12.73 61.89 -20.88
N SER C 176 12.92 63.20 -20.90
CA SER C 176 14.27 63.77 -20.87
C SER C 176 14.22 65.05 -20.05
N MET C 177 15.23 65.24 -19.21
CA MET C 177 15.28 66.40 -18.34
C MET C 177 15.67 67.64 -19.15
N GLU C 178 14.73 68.57 -19.30
CA GLU C 178 14.96 69.79 -20.04
C GLU C 178 14.00 70.84 -19.50
N LYS C 179 14.47 72.08 -19.43
CA LYS C 179 13.78 73.10 -18.66
C LYS C 179 12.82 73.96 -19.46
N LYS C 180 13.02 74.10 -20.77
CA LYS C 180 12.26 75.08 -21.53
C LYS C 180 11.32 74.45 -22.55
N GLU C 181 11.85 73.67 -23.48
CA GLU C 181 11.06 73.18 -24.61
C GLU C 181 10.00 72.19 -24.16
N ARG C 182 10.25 71.50 -23.04
CA ARG C 182 9.20 70.68 -22.45
C ARG C 182 8.05 71.55 -21.95
N VAL C 183 8.35 72.68 -21.31
CA VAL C 183 7.31 73.51 -20.72
C VAL C 183 6.50 74.20 -21.81
N GLU C 184 7.18 74.60 -22.89
CA GLU C 184 6.52 75.27 -24.01
C GLU C 184 5.51 74.37 -24.69
N PHE C 185 5.76 73.07 -24.69
CA PHE C 185 4.79 72.14 -25.26
C PHE C 185 3.58 72.01 -24.37
N ILE C 186 3.79 71.80 -23.08
CA ILE C 186 2.68 71.45 -22.21
C ILE C 186 1.91 72.66 -21.72
N LEU C 187 2.45 73.87 -21.86
CA LEU C 187 1.60 75.03 -21.59
C LEU C 187 0.77 75.42 -22.79
N GLU C 188 0.94 74.74 -23.92
CA GLU C 188 0.22 75.14 -25.12
C GLU C 188 -1.26 74.78 -25.01
N GLN C 189 -1.55 73.50 -24.83
CA GLN C 189 -2.88 72.93 -25.02
C GLN C 189 -3.94 73.42 -24.03
N MET C 190 -3.57 74.19 -23.02
CA MET C 190 -4.58 74.75 -22.16
C MET C 190 -5.36 75.87 -22.84
N ARG C 191 -4.75 76.57 -23.81
CA ARG C 191 -5.53 77.47 -24.65
C ARG C 191 -6.47 76.70 -25.57
N LEU C 192 -6.12 75.45 -25.88
CA LEU C 192 -7.04 74.58 -26.60
C LEU C 192 -8.18 74.14 -25.71
N CYS C 193 -7.87 73.90 -24.42
CA CYS C 193 -8.91 73.58 -23.45
C CYS C 193 -9.85 74.75 -23.22
N LEU C 194 -9.35 75.98 -23.30
CA LEU C 194 -10.23 77.14 -23.27
C LEU C 194 -11.04 77.26 -24.55
N ALA C 195 -10.52 76.73 -25.67
CA ALA C 195 -11.33 76.64 -26.87
C ALA C 195 -12.36 75.52 -26.77
N VAL C 196 -12.14 74.56 -25.88
CA VAL C 196 -13.18 73.59 -25.53
C VAL C 196 -14.06 74.17 -24.42
N LYS C 197 -13.60 75.26 -23.79
CA LYS C 197 -14.19 75.87 -22.59
C LYS C 197 -14.29 74.81 -21.48
N ASP C 198 -13.09 74.42 -21.04
CA ASP C 198 -12.92 73.36 -20.07
C ASP C 198 -11.90 73.85 -19.05
N TYR C 199 -12.34 74.04 -17.80
CA TYR C 199 -11.48 74.57 -16.75
C TYR C 199 -10.94 73.49 -15.83
N ILE C 200 -11.66 72.40 -15.64
CA ILE C 200 -11.17 71.33 -14.77
C ILE C 200 -10.02 70.59 -15.45
N ARG C 201 -10.05 70.48 -16.78
CA ARG C 201 -8.88 69.96 -17.49
C ARG C 201 -7.73 70.95 -17.45
N THR C 202 -8.05 72.25 -17.46
CA THR C 202 -7.04 73.29 -17.59
C THR C 202 -6.20 73.40 -16.32
N GLN C 203 -6.83 73.36 -15.15
CA GLN C 203 -6.07 73.57 -13.93
C GLN C 203 -5.29 72.34 -13.49
N ILE C 204 -5.64 71.15 -13.97
CA ILE C 204 -4.85 69.98 -13.62
C ILE C 204 -3.57 69.94 -14.43
N ILE C 205 -3.64 70.25 -15.73
CA ILE C 205 -2.41 70.35 -16.50
C ILE C 205 -1.61 71.59 -16.15
N SER C 206 -2.27 72.62 -15.59
CA SER C 206 -1.54 73.75 -15.04
C SER C 206 -0.94 73.45 -13.68
N LYS C 207 -1.47 72.44 -12.98
CA LYS C 207 -0.90 72.02 -11.71
C LYS C 207 0.44 71.31 -11.89
N LYS C 208 0.74 70.87 -13.12
CA LYS C 208 2.04 70.30 -13.38
C LYS C 208 3.13 71.37 -13.46
N ILE C 209 2.75 72.60 -13.78
CA ILE C 209 3.70 73.62 -14.21
C ILE C 209 4.03 74.63 -13.11
N ASN C 210 3.13 74.84 -12.14
CA ASN C 210 3.38 75.77 -11.05
C ASN C 210 4.55 75.36 -10.16
N THR C 211 4.87 74.06 -10.12
CA THR C 211 6.12 73.63 -9.51
C THR C 211 7.28 73.63 -10.49
N LYS C 212 7.02 73.64 -11.79
CA LYS C 212 8.09 73.74 -12.78
C LYS C 212 8.29 75.22 -13.13
N PHE C 213 8.81 75.93 -12.15
CA PHE C 213 9.23 77.30 -12.29
C PHE C 213 10.76 77.32 -12.35
N PHE C 214 11.34 78.53 -12.27
CA PHE C 214 12.77 78.78 -12.46
C PHE C 214 13.26 78.28 -13.82
N GLN C 215 12.56 78.69 -14.87
CA GLN C 215 13.12 78.68 -16.21
C GLN C 215 12.94 80.03 -16.91
N GLU C 216 12.46 81.04 -16.18
CA GLU C 216 12.30 82.39 -16.71
C GLU C 216 13.62 83.10 -16.98
N GLU C 217 14.74 82.57 -16.47
CA GLU C 217 16.03 83.25 -16.54
C GLU C 217 16.60 83.30 -17.96
N ASN C 218 16.11 82.45 -18.86
CA ASN C 218 16.43 82.56 -20.28
C ASN C 218 15.28 83.09 -21.12
N THR C 219 14.06 83.02 -20.61
CA THR C 219 12.87 83.35 -21.37
C THR C 219 12.29 84.68 -20.91
N GLU C 220 12.37 85.67 -21.80
CA GLU C 220 11.81 86.98 -21.54
C GLU C 220 10.35 87.08 -21.92
N LYS C 221 9.78 86.06 -22.55
CA LYS C 221 8.38 86.08 -22.95
C LYS C 221 7.64 84.79 -22.63
N LEU C 222 8.33 83.69 -22.34
CA LEU C 222 7.61 82.43 -22.21
C LEU C 222 7.03 82.26 -20.81
N LYS C 223 7.75 82.71 -19.78
CA LYS C 223 7.15 82.81 -18.45
C LYS C 223 5.99 83.79 -18.47
N LEU C 224 6.11 84.84 -19.29
CA LEU C 224 5.00 85.76 -19.53
C LEU C 224 3.83 85.08 -20.22
N LYS C 225 4.07 84.03 -21.02
CA LYS C 225 2.96 83.31 -21.64
C LYS C 225 2.18 82.49 -20.63
N TYR C 226 2.86 81.92 -19.64
CA TYR C 226 2.18 81.12 -18.63
C TYR C 226 1.24 81.95 -17.78
N TYR C 227 1.60 83.20 -17.52
CA TYR C 227 0.74 84.08 -16.74
C TYR C 227 -0.51 84.46 -17.53
N ASN C 228 -0.34 84.83 -18.80
CA ASN C 228 -1.47 85.24 -19.63
C ASN C 228 -2.39 84.08 -19.98
N LEU C 229 -1.95 82.85 -19.78
CA LEU C 229 -2.85 81.72 -19.87
C LEU C 229 -3.48 81.39 -18.52
N MET C 230 -3.00 82.01 -17.44
CA MET C 230 -3.48 81.71 -16.11
C MET C 230 -4.38 82.84 -15.58
N ILE C 231 -4.61 83.88 -16.37
CA ILE C 231 -5.68 84.81 -16.04
C ILE C 231 -7.04 84.16 -16.24
N GLN C 232 -7.29 83.58 -17.41
CA GLN C 232 -8.63 83.22 -17.84
C GLN C 232 -9.17 82.03 -17.05
N LEU C 233 -8.28 81.15 -16.61
CA LEU C 233 -8.65 80.11 -15.66
C LEU C 233 -9.12 80.73 -14.35
N ASP C 234 -8.44 81.78 -13.89
CA ASP C 234 -8.78 82.43 -12.65
C ASP C 234 -9.75 83.59 -12.83
N GLN C 235 -9.88 84.12 -14.03
CA GLN C 235 -10.78 85.25 -14.26
C GLN C 235 -12.23 84.83 -14.21
N HIS C 236 -12.53 83.57 -14.53
CA HIS C 236 -13.88 83.21 -14.94
C HIS C 236 -14.86 83.14 -13.78
N GLU C 237 -14.60 82.29 -12.79
CA GLU C 237 -15.68 81.88 -11.90
C GLU C 237 -15.96 82.93 -10.80
N GLY C 238 -15.05 83.11 -9.85
CA GLY C 238 -15.14 84.19 -8.89
C GLY C 238 -13.79 84.59 -8.37
N SER C 239 -12.73 84.01 -8.95
CA SER C 239 -11.42 83.97 -8.30
C SER C 239 -10.72 85.30 -8.51
N TYR C 240 -11.05 86.27 -7.66
CA TYR C 240 -10.41 87.57 -7.69
C TYR C 240 -9.27 87.66 -6.69
N LEU C 241 -8.85 86.54 -6.13
CA LEU C 241 -7.73 86.50 -5.22
C LEU C 241 -6.66 85.51 -5.62
N SER C 242 -6.95 84.52 -6.48
CA SER C 242 -5.89 83.73 -7.09
C SER C 242 -5.07 84.56 -8.07
N ILE C 243 -5.64 85.66 -8.58
CA ILE C 243 -4.91 86.60 -9.43
C ILE C 243 -4.02 87.55 -8.65
N CYS C 244 -3.93 87.41 -7.33
CA CYS C 244 -3.12 88.32 -6.52
C CYS C 244 -1.64 88.14 -6.80
N LYS C 245 -1.11 86.95 -6.52
CA LYS C 245 0.29 86.67 -6.78
C LYS C 245 0.57 86.56 -8.26
N HIS C 246 -0.47 86.35 -9.06
CA HIS C 246 -0.37 86.46 -10.51
C HIS C 246 0.02 87.87 -10.92
N TYR C 247 -0.70 88.87 -10.42
CA TYR C 247 -0.55 90.21 -10.95
C TYR C 247 0.69 90.92 -10.42
N ARG C 248 1.24 90.48 -9.30
CA ARG C 248 2.57 90.94 -8.94
C ARG C 248 3.65 90.18 -9.71
N ALA C 249 3.31 89.04 -10.31
CA ALA C 249 4.25 88.33 -11.15
C ALA C 249 4.23 88.81 -12.59
N ILE C 250 3.31 89.70 -12.94
CA ILE C 250 3.44 90.49 -14.15
C ILE C 250 3.75 91.95 -13.82
N TYR C 251 4.10 92.20 -12.56
CA TYR C 251 4.95 93.31 -12.15
C TYR C 251 6.41 92.86 -12.08
N ASP C 252 6.63 91.57 -12.24
CA ASP C 252 7.91 90.87 -12.23
C ASP C 252 8.61 91.10 -13.58
N THR C 253 9.23 90.04 -14.11
CA THR C 253 10.44 89.86 -14.92
C THR C 253 10.88 91.09 -15.70
N PRO C 254 12.17 91.46 -15.60
CA PRO C 254 12.64 92.80 -16.03
C PRO C 254 12.54 93.18 -17.50
N CYS C 255 11.86 92.41 -18.34
CA CYS C 255 11.37 93.01 -19.58
C CYS C 255 10.36 94.11 -19.26
N ILE C 256 9.42 93.83 -18.35
CA ILE C 256 8.29 94.71 -18.01
C ILE C 256 8.70 96.10 -17.55
N GLN C 257 9.87 96.22 -16.91
CA GLN C 257 10.29 97.47 -16.29
C GLN C 257 10.62 98.57 -17.29
N ALA C 258 10.76 98.26 -18.58
CA ALA C 258 11.38 99.18 -19.53
C ALA C 258 10.50 99.37 -20.77
N GLU C 259 9.19 99.30 -20.59
CA GLU C 259 8.24 99.63 -21.64
C GLU C 259 7.14 100.51 -21.06
N SER C 260 7.55 101.62 -20.43
CA SER C 260 6.82 102.41 -19.43
C SER C 260 5.31 102.54 -19.62
N GLU C 261 4.85 102.72 -20.85
CA GLU C 261 3.41 102.79 -21.12
C GLU C 261 2.73 101.42 -21.11
N LYS C 262 3.43 100.36 -21.52
CA LYS C 262 2.96 99.00 -21.27
C LYS C 262 3.20 98.62 -19.83
N TRP C 263 4.10 99.33 -19.15
CA TRP C 263 4.28 99.17 -17.72
C TRP C 263 3.22 99.94 -16.93
N GLN C 264 2.58 100.94 -17.55
CA GLN C 264 1.48 101.62 -16.88
C GLN C 264 0.26 100.72 -16.76
N GLN C 265 -0.05 99.94 -17.79
CA GLN C 265 -1.15 98.99 -17.68
C GLN C 265 -0.77 97.79 -16.83
N ALA C 266 0.53 97.59 -16.56
CA ALA C 266 0.93 96.67 -15.51
C ALA C 266 0.64 97.24 -14.14
N LEU C 267 0.57 98.56 -14.01
CA LEU C 267 0.12 99.17 -12.76
C LEU C 267 -1.39 99.21 -12.65
N LYS C 268 -2.09 99.18 -13.79
CA LYS C 268 -3.54 99.02 -13.78
C LYS C 268 -3.94 97.68 -13.16
N SER C 269 -3.33 96.60 -13.64
CA SER C 269 -3.69 95.27 -13.17
C SER C 269 -3.14 94.97 -11.78
N VAL C 270 -2.22 95.78 -11.25
CA VAL C 270 -1.65 95.47 -9.95
C VAL C 270 -2.48 96.20 -8.88
N VAL C 271 -3.50 96.92 -9.31
CA VAL C 271 -4.34 97.65 -8.36
C VAL C 271 -5.81 97.29 -8.48
N LEU C 272 -6.27 96.77 -9.62
CA LEU C 272 -7.69 96.53 -9.81
C LEU C 272 -8.15 95.20 -9.25
N TYR C 273 -7.30 94.50 -8.51
CA TYR C 273 -7.73 93.27 -7.87
C TYR C 273 -7.79 93.39 -6.36
N VAL C 274 -6.96 94.26 -5.78
CA VAL C 274 -6.87 94.43 -4.33
C VAL C 274 -8.19 94.94 -3.79
N ILE C 275 -8.81 95.86 -4.52
CA ILE C 275 -10.16 96.30 -4.16
C ILE C 275 -11.15 95.18 -4.39
N LEU C 276 -11.10 94.57 -5.57
CA LEU C 276 -12.11 93.61 -6.01
C LEU C 276 -12.07 92.29 -5.27
N ALA C 277 -10.97 91.99 -4.56
CA ALA C 277 -10.87 90.75 -3.81
C ALA C 277 -11.82 90.76 -2.62
N PRO C 278 -12.36 89.60 -2.23
CA PRO C 278 -13.15 89.54 -0.99
C PRO C 278 -12.26 89.74 0.22
N PHE C 279 -12.88 90.17 1.32
CA PHE C 279 -12.13 90.58 2.49
C PHE C 279 -11.46 89.41 3.18
N ASP C 280 -10.23 89.64 3.62
CA ASP C 280 -9.40 88.58 4.17
C ASP C 280 -8.30 89.25 4.98
N ASN C 281 -7.59 88.45 5.78
CA ASN C 281 -6.34 88.94 6.33
C ASN C 281 -5.27 89.05 5.24
N GLU C 282 -5.37 88.20 4.21
CA GLU C 282 -4.46 88.31 3.08
C GLU C 282 -4.68 89.59 2.29
N GLN C 283 -5.92 90.07 2.22
CA GLN C 283 -6.13 91.38 1.63
C GLN C 283 -5.66 92.49 2.57
N SER C 284 -5.69 92.25 3.88
CA SER C 284 -5.38 93.28 4.86
C SER C 284 -3.92 93.68 4.85
N ASP C 285 -3.02 92.82 4.38
CA ASP C 285 -1.65 93.20 4.11
C ASP C 285 -1.33 93.24 2.64
N LEU C 286 -2.26 92.85 1.78
CA LEU C 286 -2.09 93.08 0.34
C LEU C 286 -2.05 94.56 0.02
N VAL C 287 -2.81 95.37 0.77
CA VAL C 287 -2.72 96.81 0.65
C VAL C 287 -1.35 97.32 1.09
N HIS C 288 -0.67 96.61 1.99
CA HIS C 288 0.68 97.00 2.39
C HIS C 288 1.73 96.49 1.44
N ARG C 289 1.52 95.32 0.85
CA ARG C 289 2.46 94.79 -0.13
C ARG C 289 2.49 95.64 -1.39
N ILE C 290 1.34 96.18 -1.80
CA ILE C 290 1.34 97.08 -2.94
C ILE C 290 1.75 98.49 -2.54
N SER C 291 1.60 98.85 -1.27
CA SER C 291 2.13 100.12 -0.80
C SER C 291 3.62 99.97 -0.53
N GLY C 292 4.26 101.07 -0.15
CA GLY C 292 5.70 101.09 -0.05
C GLY C 292 6.40 100.98 -1.38
N ASP C 293 5.73 101.40 -2.46
CA ASP C 293 6.28 101.35 -3.80
C ASP C 293 6.52 102.76 -4.29
N LYS C 294 7.78 103.06 -4.60
CA LYS C 294 8.17 104.40 -5.03
C LYS C 294 7.55 104.74 -6.38
N LYS C 295 7.46 103.75 -7.26
CA LYS C 295 7.05 103.99 -8.63
C LYS C 295 5.57 103.69 -8.90
N LEU C 296 4.85 103.14 -7.92
CA LEU C 296 3.41 103.00 -8.06
C LEU C 296 2.69 104.34 -7.94
N GLU C 297 3.19 105.23 -7.09
CA GLU C 297 2.54 106.48 -6.77
C GLU C 297 2.73 107.55 -7.84
N GLU C 298 3.32 107.20 -8.98
CA GLU C 298 3.42 108.13 -10.10
C GLU C 298 2.05 108.44 -10.69
N ILE C 299 1.12 107.49 -10.62
CA ILE C 299 -0.27 107.79 -10.93
C ILE C 299 -0.88 108.48 -9.73
N PRO C 300 -1.32 109.73 -9.85
CA PRO C 300 -1.92 110.42 -8.70
C PRO C 300 -3.30 109.92 -8.34
N LYS C 301 -4.02 109.33 -9.29
CA LYS C 301 -5.31 108.73 -8.99
C LYS C 301 -5.15 107.51 -8.11
N TYR C 302 -4.38 106.53 -8.56
CA TYR C 302 -4.38 105.22 -7.95
C TYR C 302 -3.60 105.18 -6.65
N LYS C 303 -2.76 106.18 -6.39
CA LYS C 303 -2.23 106.37 -5.04
C LYS C 303 -3.34 106.71 -4.06
N ASP C 304 -4.35 107.44 -4.51
CA ASP C 304 -5.49 107.77 -3.65
C ASP C 304 -6.50 106.63 -3.55
N LEU C 305 -6.53 105.72 -4.53
CA LEU C 305 -7.49 104.62 -4.52
C LEU C 305 -7.27 103.68 -3.35
N LEU C 306 -6.03 103.23 -3.16
CA LEU C 306 -5.74 102.38 -2.01
C LEU C 306 -5.69 103.19 -0.73
N LYS C 307 -5.51 104.51 -0.83
CA LYS C 307 -5.60 105.38 0.33
C LYS C 307 -7.01 105.41 0.90
N LEU C 308 -8.02 105.31 0.04
CA LEU C 308 -9.41 105.37 0.48
C LEU C 308 -9.80 104.18 1.33
N PHE C 309 -9.20 103.02 1.08
CA PHE C 309 -9.63 101.80 1.74
C PHE C 309 -8.73 101.40 2.90
N THR C 310 -7.64 102.11 3.10
CA THR C 310 -6.90 102.02 4.35
C THR C 310 -7.50 102.94 5.40
N THR C 311 -8.11 104.03 4.95
CA THR C 311 -8.61 105.10 5.80
C THR C 311 -10.07 104.87 6.16
N MET C 312 -10.73 105.94 6.60
CA MET C 312 -12.04 105.96 7.23
C MET C 312 -13.13 105.89 6.14
N GLU C 313 -14.37 106.21 6.51
CA GLU C 313 -15.58 106.02 5.72
C GLU C 313 -15.50 106.68 4.36
N LEU C 314 -16.07 105.99 3.38
CA LEU C 314 -15.93 106.34 1.97
C LEU C 314 -17.11 107.20 1.55
N MET C 315 -16.84 108.18 0.68
CA MET C 315 -17.92 108.91 0.03
C MET C 315 -18.74 107.94 -0.82
N ARG C 316 -20.07 108.15 -0.84
CA ARG C 316 -21.04 107.05 -0.73
C ARG C 316 -20.94 105.99 -1.83
N TRP C 317 -21.42 106.28 -3.03
CA TRP C 317 -20.89 105.60 -4.21
C TRP C 317 -20.90 106.57 -5.38
N SER C 318 -21.84 107.52 -5.33
CA SER C 318 -22.05 108.45 -6.43
C SER C 318 -21.06 109.58 -6.41
N THR C 319 -20.71 110.07 -5.24
CA THR C 319 -19.70 111.10 -5.06
C THR C 319 -18.29 110.59 -5.35
N LEU C 320 -18.09 109.28 -5.47
CA LEU C 320 -16.80 108.76 -5.88
C LEU C 320 -16.72 108.53 -7.38
N VAL C 321 -17.80 108.05 -8.00
CA VAL C 321 -17.77 107.72 -9.42
C VAL C 321 -17.75 108.99 -10.27
N GLU C 322 -18.20 110.13 -9.73
CA GLU C 322 -18.05 111.39 -10.43
C GLU C 322 -16.62 111.90 -10.42
N ASP C 323 -15.76 111.34 -9.57
CA ASP C 323 -14.35 111.68 -9.55
C ASP C 323 -13.45 110.55 -10.05
N TYR C 324 -13.99 109.34 -10.18
CA TYR C 324 -13.15 108.21 -10.53
C TYR C 324 -13.76 107.28 -11.57
N GLY C 325 -14.99 107.53 -12.02
CA GLY C 325 -15.56 106.73 -13.09
C GLY C 325 -15.40 107.41 -14.42
N MET C 326 -14.37 108.26 -14.52
CA MET C 326 -14.05 108.98 -15.73
C MET C 326 -12.59 108.86 -16.15
N GLU C 327 -11.68 108.59 -15.21
CA GLU C 327 -10.26 108.47 -15.53
C GLU C 327 -9.91 107.14 -16.17
N LEU C 328 -10.87 106.19 -16.24
CA LEU C 328 -10.64 104.87 -16.81
C LEU C 328 -10.45 104.91 -18.32
N ARG C 329 -10.77 106.02 -18.97
CA ARG C 329 -10.41 106.25 -20.36
C ARG C 329 -9.05 106.91 -20.51
N LYS C 330 -8.71 107.84 -19.62
CA LYS C 330 -7.56 108.71 -19.83
C LYS C 330 -6.25 108.02 -19.50
N GLY C 331 -5.16 108.80 -19.58
CA GLY C 331 -3.84 108.25 -19.41
C GLY C 331 -3.40 107.43 -20.61
N SER C 332 -2.41 106.58 -20.40
CA SER C 332 -1.94 105.61 -21.39
C SER C 332 -2.14 104.21 -20.84
N LEU C 333 -3.31 103.98 -20.23
CA LEU C 333 -3.51 102.86 -19.33
C LEU C 333 -4.88 102.20 -19.52
N GLU C 334 -5.51 102.40 -20.67
CA GLU C 334 -6.94 102.15 -20.76
C GLU C 334 -7.32 100.68 -20.92
N SER C 335 -6.40 99.81 -21.35
CA SER C 335 -6.80 98.47 -21.76
C SER C 335 -7.20 97.50 -20.63
N PRO C 336 -6.63 97.54 -19.39
CA PRO C 336 -7.28 96.78 -18.32
C PRO C 336 -8.55 97.44 -17.83
N ALA C 337 -8.65 98.76 -18.02
CA ALA C 337 -9.92 99.43 -17.79
C ALA C 337 -10.88 99.18 -18.94
N THR C 338 -10.35 98.94 -20.15
CA THR C 338 -11.19 98.41 -21.21
C THR C 338 -11.57 96.97 -20.91
N ASP C 339 -10.69 96.24 -20.22
CA ASP C 339 -11.07 94.92 -19.73
C ASP C 339 -12.15 95.02 -18.65
N VAL C 340 -12.22 96.17 -17.95
CA VAL C 340 -13.40 96.45 -17.14
C VAL C 340 -14.56 96.86 -18.04
N PHE C 341 -14.31 97.74 -19.01
CA PHE C 341 -15.42 98.33 -19.76
C PHE C 341 -15.95 97.43 -20.87
N GLY C 342 -15.07 96.79 -21.64
CA GLY C 342 -15.40 96.22 -22.94
C GLY C 342 -16.47 95.15 -22.99
N SER C 343 -16.20 93.97 -22.42
CA SER C 343 -17.26 93.01 -22.21
C SER C 343 -18.17 93.54 -21.13
N THR C 344 -19.37 93.97 -21.52
CA THR C 344 -20.29 94.61 -20.59
C THR C 344 -20.79 93.66 -19.52
N GLU C 345 -20.90 92.37 -19.82
CA GLU C 345 -21.24 91.41 -18.79
C GLU C 345 -20.08 91.17 -17.84
N GLU C 346 -18.83 91.30 -18.32
CA GLU C 346 -17.70 91.39 -17.41
C GLU C 346 -17.71 92.71 -16.67
N GLY C 347 -18.18 93.78 -17.33
CA GLY C 347 -18.31 95.05 -16.66
C GLY C 347 -19.40 95.06 -15.61
N GLU C 348 -20.53 94.41 -15.93
CA GLU C 348 -21.62 94.33 -14.97
C GLU C 348 -21.22 93.50 -13.76
N LYS C 349 -20.38 92.48 -13.96
CA LYS C 349 -19.79 91.79 -12.83
C LYS C 349 -18.78 92.66 -12.11
N ARG C 350 -18.22 93.66 -12.78
CA ARG C 350 -17.23 94.51 -12.12
C ARG C 350 -17.77 95.87 -11.71
N TRP C 351 -18.88 96.35 -12.30
CA TRP C 351 -19.55 97.52 -11.72
C TRP C 351 -20.12 97.17 -10.36
N LYS C 352 -20.77 96.01 -10.26
CA LYS C 352 -21.47 95.66 -9.03
C LYS C 352 -20.54 95.13 -7.97
N ASP C 353 -19.46 94.46 -8.35
CA ASP C 353 -18.52 94.01 -7.33
C ASP C 353 -17.72 95.17 -6.77
N LEU C 354 -17.43 96.17 -7.60
CA LEU C 354 -16.90 97.42 -7.07
C LEU C 354 -17.94 98.12 -6.22
N LYS C 355 -19.22 97.99 -6.58
CA LYS C 355 -20.29 98.43 -5.70
C LYS C 355 -20.37 97.56 -4.45
N ASN C 356 -20.05 96.27 -4.59
CA ASN C 356 -20.18 95.35 -3.47
C ASN C 356 -19.13 95.61 -2.40
N ARG C 357 -17.91 95.97 -2.79
CA ARG C 357 -16.88 96.24 -1.81
C ARG C 357 -17.11 97.55 -1.08
N VAL C 358 -17.71 98.52 -1.74
CA VAL C 358 -17.91 99.82 -1.12
C VAL C 358 -19.23 99.91 -0.35
N VAL C 359 -20.20 99.04 -0.65
CA VAL C 359 -21.35 98.96 0.22
C VAL C 359 -20.99 98.16 1.46
N GLU C 360 -19.96 97.32 1.37
CA GLU C 360 -19.45 96.56 2.50
C GLU C 360 -18.54 97.40 3.39
N HIS C 361 -17.79 98.33 2.78
CA HIS C 361 -16.79 99.12 3.50
C HIS C 361 -17.43 100.01 4.56
N ASN C 362 -18.68 100.42 4.35
CA ASN C 362 -19.43 101.08 5.40
C ASN C 362 -19.72 100.12 6.54
N ILE C 363 -20.15 98.90 6.20
CA ILE C 363 -20.72 97.99 7.18
C ILE C 363 -19.67 97.42 8.13
N ARG C 364 -18.41 97.37 7.69
CA ARG C 364 -17.32 97.06 8.61
C ARG C 364 -17.23 98.09 9.74
N ILE C 365 -17.01 99.35 9.37
CA ILE C 365 -16.72 100.36 10.37
C ILE C 365 -17.96 100.90 11.06
N MET C 366 -19.14 100.79 10.46
CA MET C 366 -20.36 101.11 11.18
C MET C 366 -20.63 100.10 12.28
N ALA C 367 -20.20 98.85 12.11
CA ALA C 367 -20.22 97.91 13.21
C ALA C 367 -19.19 98.25 14.26
N LYS C 368 -18.07 98.85 13.85
CA LYS C 368 -16.97 99.10 14.76
C LYS C 368 -17.20 100.35 15.60
N TYR C 369 -17.75 101.40 15.02
CA TYR C 369 -17.79 102.69 15.70
C TYR C 369 -19.18 103.11 16.14
N TYR C 370 -20.22 102.39 15.78
CA TYR C 370 -21.56 102.71 16.24
C TYR C 370 -22.05 101.64 17.21
N THR C 371 -23.07 102.00 17.97
CA THR C 371 -23.72 101.09 18.89
C THR C 371 -25.14 100.76 18.46
N ARG C 372 -25.93 101.77 18.11
CA ARG C 372 -27.35 101.57 17.84
C ARG C 372 -27.82 102.64 16.87
N ILE C 373 -27.98 102.27 15.60
CA ILE C 373 -28.35 103.20 14.55
C ILE C 373 -29.73 102.79 14.04
N THR C 374 -30.45 103.76 13.47
CA THR C 374 -31.75 103.45 12.89
C THR C 374 -31.59 102.87 11.49
N MET C 375 -32.64 102.19 11.05
CA MET C 375 -32.66 101.56 9.74
C MET C 375 -32.68 102.60 8.63
N LYS C 376 -33.36 103.72 8.86
CA LYS C 376 -33.48 104.77 7.85
C LYS C 376 -32.15 105.48 7.64
N ARG C 377 -31.35 105.60 8.70
CA ARG C 377 -30.09 106.32 8.63
C ARG C 377 -29.06 105.55 7.81
N MET C 378 -29.05 104.22 7.93
CA MET C 378 -28.07 103.41 7.20
C MET C 378 -28.38 103.35 5.72
N ALA C 379 -29.66 103.21 5.37
CA ALA C 379 -30.06 103.18 3.97
C ALA C 379 -29.81 104.51 3.27
N GLN C 380 -29.75 105.61 4.02
CA GLN C 380 -29.44 106.89 3.43
C GLN C 380 -27.96 107.03 3.12
N LEU C 381 -27.08 106.42 3.92
CA LEU C 381 -25.67 106.41 3.60
C LEU C 381 -25.30 105.34 2.58
N LEU C 382 -26.26 104.56 2.12
CA LEU C 382 -26.02 103.63 1.04
C LEU C 382 -26.75 104.01 -0.24
N ASP C 383 -27.70 104.95 -0.16
CA ASP C 383 -28.43 105.52 -1.30
C ASP C 383 -29.22 104.45 -2.07
N LEU C 384 -29.95 103.63 -1.32
CA LEU C 384 -30.71 102.53 -1.91
C LEU C 384 -31.87 102.19 -0.98
N SER C 385 -32.67 101.21 -1.38
CA SER C 385 -33.92 100.90 -0.69
C SER C 385 -33.65 100.29 0.67
N VAL C 386 -34.58 100.51 1.60
CA VAL C 386 -34.49 99.93 2.93
C VAL C 386 -34.64 98.41 2.87
N ASP C 387 -35.36 97.88 1.88
CA ASP C 387 -35.41 96.43 1.71
C ASP C 387 -34.11 95.93 1.10
N GLU C 388 -33.52 96.73 0.21
CA GLU C 388 -32.24 96.40 -0.37
C GLU C 388 -31.13 96.46 0.68
N SER C 389 -31.31 97.30 1.71
CA SER C 389 -30.39 97.31 2.84
C SER C 389 -30.50 96.01 3.64
N GLU C 390 -31.71 95.47 3.78
CA GLU C 390 -31.91 94.27 4.58
C GLU C 390 -31.37 93.03 3.91
N ALA C 391 -31.42 92.98 2.57
CA ALA C 391 -30.79 91.88 1.85
C ALA C 391 -29.28 91.93 1.94
N PHE C 392 -28.70 93.11 2.18
CA PHE C 392 -27.26 93.22 2.38
C PHE C 392 -26.84 92.71 3.74
N LEU C 393 -27.57 93.08 4.78
CA LEU C 393 -27.24 92.60 6.11
C LEU C 393 -27.68 91.16 6.34
N SER C 394 -28.51 90.59 5.46
CA SER C 394 -28.90 89.20 5.60
C SER C 394 -27.76 88.28 5.24
N ASN C 395 -27.20 88.45 4.03
CA ASN C 395 -26.20 87.51 3.54
C ASN C 395 -24.80 87.77 4.08
N LEU C 396 -24.65 88.70 5.02
CA LEU C 396 -23.38 88.90 5.71
C LEU C 396 -23.34 88.27 7.09
N VAL C 397 -24.49 88.13 7.74
CA VAL C 397 -24.51 87.54 9.08
C VAL C 397 -24.92 86.06 9.03
N VAL C 398 -25.52 85.60 7.92
CA VAL C 398 -25.51 84.17 7.67
C VAL C 398 -24.16 83.76 7.12
N ASN C 399 -23.40 84.73 6.60
CA ASN C 399 -21.97 84.60 6.38
C ASN C 399 -21.18 84.83 7.66
N LYS C 400 -21.85 85.33 8.71
CA LYS C 400 -21.35 85.67 10.05
C LYS C 400 -20.02 86.42 10.07
N THR C 401 -19.80 87.25 9.05
CA THR C 401 -18.60 88.07 9.00
C THR C 401 -18.83 89.47 9.55
N ILE C 402 -20.08 89.89 9.69
CA ILE C 402 -20.46 91.07 10.46
C ILE C 402 -21.65 90.65 11.28
N PHE C 403 -21.54 90.75 12.60
CA PHE C 403 -22.65 90.40 13.47
C PHE C 403 -23.58 91.59 13.64
N ALA C 404 -24.89 91.34 13.60
CA ALA C 404 -25.88 92.38 13.73
C ALA C 404 -27.21 91.76 14.16
N LYS C 405 -28.00 92.56 14.87
CA LYS C 405 -29.32 92.15 15.35
C LYS C 405 -30.33 93.23 14.96
N VAL C 406 -30.88 93.11 13.75
CA VAL C 406 -31.73 94.14 13.16
C VAL C 406 -33.15 94.01 13.68
N ASP C 407 -33.98 95.00 13.36
CA ASP C 407 -35.40 94.99 13.71
C ASP C 407 -36.17 95.47 12.49
N ARG C 408 -37.42 95.02 12.39
CA ARG C 408 -38.31 95.54 11.37
C ARG C 408 -39.62 95.98 12.04
N LEU C 409 -39.52 96.55 13.23
CA LEU C 409 -40.68 97.30 13.70
C LEU C 409 -40.32 98.69 14.17
N ALA C 410 -39.21 98.84 14.89
CA ALA C 410 -38.72 100.15 15.28
C ALA C 410 -37.60 100.63 14.38
N GLY C 411 -37.14 99.79 13.46
CA GLY C 411 -36.00 100.10 12.63
C GLY C 411 -34.71 100.22 13.39
N ILE C 412 -34.62 99.60 14.57
CA ILE C 412 -33.52 99.79 15.49
C ILE C 412 -32.62 98.57 15.37
N ILE C 413 -31.49 98.74 14.74
CA ILE C 413 -30.50 97.69 14.67
C ILE C 413 -29.40 98.06 15.66
N ASN C 414 -28.55 97.09 15.98
CA ASN C 414 -27.44 97.37 16.87
C ASN C 414 -26.28 96.45 16.54
N PHE C 415 -25.08 96.90 16.86
CA PHE C 415 -23.86 96.20 16.46
C PHE C 415 -23.10 95.73 17.69
N GLN C 416 -22.64 94.48 17.63
CA GLN C 416 -21.82 93.80 18.66
C GLN C 416 -22.47 93.89 20.03
N ARG C 417 -23.72 93.44 20.09
CA ARG C 417 -24.52 93.48 21.31
C ARG C 417 -24.93 92.07 21.70
N PRO C 418 -24.07 91.31 22.39
CA PRO C 418 -24.53 90.07 23.01
C PRO C 418 -25.14 90.34 24.38
N LYS C 419 -25.47 89.28 25.12
CA LYS C 419 -26.10 89.45 26.41
C LYS C 419 -25.09 89.93 27.46
N ASP C 420 -23.82 89.50 27.33
CA ASP C 420 -22.68 89.77 28.21
C ASP C 420 -22.92 89.41 29.67
N PRO C 421 -22.96 88.12 30.04
CA PRO C 421 -23.08 87.77 31.46
C PRO C 421 -21.77 87.94 32.22
N ASN C 422 -20.67 87.51 31.59
CA ASN C 422 -19.40 87.34 32.27
C ASN C 422 -18.36 88.39 31.87
N ASN C 423 -18.50 89.01 30.71
CA ASN C 423 -17.45 89.90 30.22
C ASN C 423 -17.44 91.25 30.92
N LEU C 424 -18.44 91.56 31.75
CA LEU C 424 -18.44 92.82 32.49
C LEU C 424 -17.31 92.84 33.51
N LEU C 425 -17.35 91.92 34.46
CA LEU C 425 -16.32 91.83 35.48
C LEU C 425 -15.00 91.33 34.91
N ASN C 426 -15.02 90.66 33.77
CA ASN C 426 -13.80 90.20 33.15
C ASN C 426 -13.03 91.37 32.54
N ASP C 427 -13.74 92.23 31.80
CA ASP C 427 -13.10 93.43 31.28
C ASP C 427 -12.83 94.44 32.38
N TRP C 428 -13.59 94.38 33.48
CA TRP C 428 -13.29 95.23 34.63
C TRP C 428 -11.97 94.81 35.26
N SER C 429 -11.75 93.51 35.42
CA SER C 429 -10.50 93.00 35.96
C SER C 429 -9.33 93.30 35.04
N GLN C 430 -9.59 93.44 33.74
CA GLN C 430 -8.56 93.90 32.82
C GLN C 430 -8.14 95.32 33.13
N LYS C 431 -9.11 96.18 33.45
CA LYS C 431 -8.81 97.58 33.71
C LYS C 431 -8.05 97.79 35.01
N LEU C 432 -8.18 96.88 35.98
CA LEU C 432 -7.35 96.94 37.17
C LEU C 432 -5.89 96.72 36.84
N ASN C 433 -5.60 95.68 36.07
CA ASN C 433 -4.23 95.32 35.79
C ASN C 433 -3.56 96.34 34.89
N SER C 434 -4.31 96.96 33.98
CA SER C 434 -3.77 98.08 33.22
C SER C 434 -3.51 99.28 34.13
N LEU C 435 -4.37 99.50 35.12
CA LEU C 435 -4.16 100.57 36.09
C LEU C 435 -2.98 100.27 36.99
N MET C 436 -2.88 99.05 37.50
CA MET C 436 -1.82 98.72 38.43
C MET C 436 -0.46 98.62 37.75
N SER C 437 -0.44 98.32 36.44
CA SER C 437 0.83 98.38 35.73
C SER C 437 1.28 99.81 35.47
N LEU C 438 0.34 100.75 35.48
CA LEU C 438 0.66 102.14 35.22
C LEU C 438 1.10 102.87 36.48
N VAL C 439 0.54 102.51 37.64
CA VAL C 439 0.94 103.16 38.88
C VAL C 439 2.32 102.71 39.33
N ASN C 440 2.81 101.60 38.79
CA ASN C 440 4.19 101.18 38.99
C ASN C 440 5.12 101.85 38.01
N LYS C 441 4.59 102.38 36.91
CA LYS C 441 5.42 103.03 35.90
C LYS C 441 5.92 104.38 36.38
N THR C 442 5.05 105.15 37.01
CA THR C 442 5.39 106.48 37.47
C THR C 442 6.27 106.47 38.70
N THR C 443 6.10 105.45 39.57
CA THR C 443 6.75 105.44 40.88
C THR C 443 8.25 105.35 40.76
N HIS C 444 8.75 104.43 39.95
CA HIS C 444 10.19 104.36 39.72
C HIS C 444 10.67 105.35 38.67
N LEU C 445 9.81 106.28 38.25
CA LEU C 445 10.22 107.35 37.34
C LEU C 445 10.27 108.69 38.06
N ILE C 446 9.59 108.82 39.19
CA ILE C 446 9.71 110.02 40.03
C ILE C 446 11.01 110.03 40.80
N ALA C 447 11.38 108.87 41.39
CA ALA C 447 12.50 108.81 42.33
C ALA C 447 13.85 109.05 41.67
N LYS C 448 13.95 108.86 40.36
CA LYS C 448 15.15 109.28 39.64
C LYS C 448 15.11 110.76 39.32
N GLU C 449 13.91 111.33 39.18
CA GLU C 449 13.77 112.72 38.77
C GLU C 449 14.13 113.67 39.91
N GLU C 450 14.00 113.22 41.15
CA GLU C 450 14.51 113.97 42.29
C GLU C 450 16.03 113.84 42.44
N MET C 451 16.66 112.90 41.74
CA MET C 451 18.09 112.70 41.85
C MET C 451 18.88 113.43 40.77
N ILE C 452 18.22 114.25 39.96
CA ILE C 452 18.92 115.06 38.97
C ILE C 452 18.83 116.54 39.29
N HIS C 453 18.41 116.88 40.50
CA HIS C 453 18.42 118.26 40.97
C HIS C 453 19.07 118.42 42.34
N ASN C 454 18.91 117.45 43.22
CA ASN C 454 19.35 117.54 44.61
C ASN C 454 20.17 116.31 45.00
N LEU C 455 21.13 115.94 44.16
CA LEU C 455 21.94 114.76 44.44
C LEU C 455 22.98 115.06 45.52
N GLN C 456 23.85 116.04 45.26
CA GLN C 456 24.88 116.39 46.24
C GLN C 456 24.85 117.89 46.57
N VAL D 43 -29.11 22.94 -46.24
CA VAL D 43 -30.22 22.82 -45.29
C VAL D 43 -29.80 23.41 -43.95
N GLN D 44 -28.69 22.92 -43.41
CA GLN D 44 -28.17 23.41 -42.15
C GLN D 44 -27.72 24.86 -42.25
N VAL D 45 -27.21 25.27 -43.41
CA VAL D 45 -26.78 26.64 -43.60
C VAL D 45 -27.96 27.62 -43.61
N LYS D 46 -29.16 27.16 -43.95
CA LYS D 46 -30.34 28.00 -43.83
C LYS D 46 -30.80 28.09 -42.38
N GLU D 47 -30.55 27.05 -41.59
CA GLU D 47 -30.97 27.03 -40.20
C GLU D 47 -30.12 27.96 -39.36
N GLN D 48 -28.82 28.02 -39.63
CA GLN D 48 -27.97 29.01 -38.99
C GLN D 48 -28.16 30.39 -39.61
N SER D 49 -28.75 30.46 -40.81
CA SER D 49 -29.11 31.75 -41.37
C SER D 49 -30.31 32.35 -40.66
N ILE D 50 -31.16 31.51 -40.07
CA ILE D 50 -32.24 31.99 -39.21
C ILE D 50 -31.65 32.71 -37.99
N LEU D 51 -30.57 32.17 -37.44
CA LEU D 51 -29.83 32.85 -36.39
C LEU D 51 -29.12 34.09 -36.92
N GLU D 52 -28.82 34.13 -38.21
CA GLU D 52 -28.18 35.30 -38.81
C GLU D 52 -29.22 36.36 -39.18
N LEU D 53 -30.38 35.95 -39.69
CA LEU D 53 -31.44 36.90 -39.99
C LEU D 53 -32.01 37.50 -38.71
N GLY D 54 -32.19 36.67 -37.67
CA GLY D 54 -32.67 37.19 -36.40
C GLY D 54 -31.66 38.07 -35.70
N SER D 55 -30.37 37.88 -35.97
CA SER D 55 -29.38 38.85 -35.52
C SER D 55 -29.50 40.16 -36.27
N LEU D 56 -29.84 40.10 -37.56
CA LEU D 56 -30.09 41.32 -38.32
C LEU D 56 -31.40 41.98 -37.90
N LEU D 57 -32.39 41.18 -37.50
CA LEU D 57 -33.62 41.71 -36.94
C LEU D 57 -33.42 42.39 -35.60
N ALA D 58 -32.35 42.04 -34.87
CA ALA D 58 -32.04 42.66 -33.59
C ALA D 58 -31.17 43.90 -33.72
N LYS D 59 -30.40 44.01 -34.79
CA LYS D 59 -29.58 45.20 -35.01
C LYS D 59 -30.37 46.33 -35.65
N THR D 60 -31.20 46.01 -36.64
CA THR D 60 -32.05 47.02 -37.26
C THR D 60 -33.24 47.39 -36.39
N GLY D 61 -33.57 46.55 -35.40
CA GLY D 61 -34.53 46.93 -34.38
C GLY D 61 -35.99 46.80 -34.76
N GLN D 62 -36.42 45.58 -35.09
CA GLN D 62 -37.83 45.31 -35.30
C GLN D 62 -38.15 43.90 -34.83
N ALA D 63 -39.43 43.68 -34.52
CA ALA D 63 -39.86 42.45 -33.88
C ALA D 63 -41.04 41.77 -34.56
N ALA D 64 -41.74 42.45 -35.46
CA ALA D 64 -42.92 41.86 -36.09
C ALA D 64 -42.53 40.77 -37.07
N GLU D 65 -41.48 41.00 -37.86
CA GLU D 65 -40.91 39.93 -38.67
C GLU D 65 -40.26 38.87 -37.79
N LEU D 66 -39.77 39.26 -36.61
CA LEU D 66 -39.19 38.30 -35.68
C LEU D 66 -40.27 37.54 -34.93
N GLY D 67 -41.37 38.19 -34.55
CA GLY D 67 -42.45 37.51 -33.88
C GLY D 67 -43.24 36.56 -34.74
N GLY D 68 -43.31 36.83 -36.05
CA GLY D 68 -43.89 35.88 -36.97
C GLY D 68 -42.93 34.85 -37.48
N LEU D 69 -41.65 35.01 -37.18
CA LEU D 69 -40.65 34.05 -37.61
C LEU D 69 -40.75 32.74 -36.82
N LEU D 70 -41.22 32.82 -35.58
CA LEU D 70 -41.32 31.63 -34.74
C LEU D 70 -42.38 30.68 -35.26
N LYS D 71 -43.60 31.18 -35.48
CA LYS D 71 -44.69 30.34 -35.94
C LYS D 71 -44.51 29.89 -37.38
N TYR D 72 -43.64 30.54 -38.15
CA TYR D 72 -43.34 30.08 -39.50
C TYR D 72 -42.53 28.80 -39.48
N VAL D 73 -41.69 28.59 -38.46
CA VAL D 73 -40.75 27.49 -38.45
C VAL D 73 -41.13 26.42 -37.43
N ARG D 74 -42.30 26.51 -36.80
CA ARG D 74 -42.75 25.51 -35.85
C ARG D 74 -42.96 24.10 -36.42
N PRO D 75 -43.38 23.91 -37.68
CA PRO D 75 -43.21 22.57 -38.27
C PRO D 75 -41.78 22.30 -38.68
N PHE D 76 -41.05 23.33 -39.11
CA PHE D 76 -39.65 23.18 -39.48
C PHE D 76 -38.76 22.88 -38.28
N LEU D 77 -39.18 23.31 -37.09
CA LEU D 77 -38.38 23.08 -35.89
C LEU D 77 -38.38 21.61 -35.50
N ASN D 78 -39.45 20.88 -35.79
CA ASN D 78 -39.48 19.44 -35.55
C ASN D 78 -39.04 18.69 -36.80
N SER D 79 -37.83 19.01 -37.25
CA SER D 79 -37.21 18.35 -38.38
C SER D 79 -35.74 18.06 -38.14
N ILE D 80 -35.14 18.61 -37.09
CA ILE D 80 -33.74 18.40 -36.76
C ILE D 80 -33.62 17.99 -35.29
N SER D 81 -32.39 17.89 -34.80
CA SER D 81 -32.11 17.30 -33.49
C SER D 81 -32.60 18.18 -32.35
N LYS D 82 -32.76 17.55 -31.18
CA LYS D 82 -33.24 18.25 -30.00
C LYS D 82 -32.21 19.23 -29.46
N ALA D 83 -30.94 19.00 -29.76
CA ALA D 83 -29.89 19.95 -29.39
C ALA D 83 -30.02 21.24 -30.19
N LYS D 84 -30.12 21.14 -31.51
CA LYS D 84 -30.20 22.35 -32.33
C LYS D 84 -31.57 22.99 -32.25
N ALA D 85 -32.60 22.22 -31.90
CA ALA D 85 -33.93 22.80 -31.81
C ALA D 85 -34.07 23.70 -30.59
N ALA D 86 -33.63 23.22 -29.42
CA ALA D 86 -33.75 24.02 -28.21
C ALA D 86 -32.81 25.21 -28.24
N ARG D 87 -31.65 25.07 -28.90
CA ARG D 87 -30.71 26.19 -28.99
C ARG D 87 -31.20 27.23 -29.97
N LEU D 88 -31.95 26.83 -31.00
CA LEU D 88 -32.53 27.81 -31.90
C LEU D 88 -33.70 28.52 -31.23
N VAL D 89 -34.35 27.87 -30.27
CA VAL D 89 -35.36 28.54 -29.47
C VAL D 89 -34.72 29.57 -28.55
N ARG D 90 -33.61 29.19 -27.91
CA ARG D 90 -32.90 30.12 -27.03
C ARG D 90 -32.21 31.22 -27.82
N SER D 91 -31.84 30.94 -29.07
CA SER D 91 -31.21 31.98 -29.88
C SER D 91 -32.18 33.02 -30.36
N LEU D 92 -33.47 32.70 -30.43
CA LEU D 92 -34.47 33.65 -30.87
C LEU D 92 -35.23 34.29 -29.74
N LEU D 93 -35.69 33.52 -28.76
CA LEU D 93 -36.60 34.05 -27.75
C LEU D 93 -35.88 34.94 -26.75
N ASP D 94 -34.62 34.63 -26.46
CA ASP D 94 -33.83 35.50 -25.57
C ASP D 94 -33.57 36.85 -26.22
N LEU D 95 -33.25 36.85 -27.51
CA LEU D 95 -33.05 38.10 -28.23
C LEU D 95 -34.36 38.86 -28.47
N PHE D 96 -35.49 38.15 -28.48
CA PHE D 96 -36.77 38.83 -28.59
C PHE D 96 -37.15 39.53 -27.28
N LEU D 97 -36.71 38.99 -26.15
CA LEU D 97 -37.05 39.52 -24.85
C LEU D 97 -36.01 40.49 -24.32
N ASP D 98 -35.14 41.01 -25.18
CA ASP D 98 -34.17 42.03 -24.78
C ASP D 98 -34.33 43.33 -25.53
N MET D 99 -35.04 43.33 -26.66
CA MET D 99 -35.08 44.50 -27.53
C MET D 99 -36.06 45.56 -27.02
N GLU D 100 -37.35 45.24 -26.98
CA GLU D 100 -38.39 46.23 -26.75
C GLU D 100 -39.49 45.64 -25.88
N ALA D 101 -39.99 46.46 -24.94
CA ALA D 101 -41.10 46.06 -24.08
C ALA D 101 -42.45 46.42 -24.71
N ALA D 102 -42.76 45.81 -25.84
CA ALA D 102 -44.07 45.94 -26.49
C ALA D 102 -44.86 44.66 -26.21
N THR D 103 -45.91 44.77 -25.41
CA THR D 103 -46.57 43.59 -24.86
C THR D 103 -47.57 42.94 -25.81
N GLY D 104 -47.77 43.49 -27.01
CA GLY D 104 -48.66 42.83 -27.96
C GLY D 104 -48.05 41.63 -28.66
N GLN D 105 -46.77 41.35 -28.43
CA GLN D 105 -46.08 40.26 -29.11
C GLN D 105 -45.34 39.35 -28.17
N GLU D 106 -45.25 39.69 -26.88
CA GLU D 106 -44.37 38.99 -25.96
C GLU D 106 -45.02 37.74 -25.39
N VAL D 107 -46.23 37.87 -24.84
CA VAL D 107 -46.89 36.76 -24.19
C VAL D 107 -47.37 35.72 -25.19
N GLU D 108 -47.60 36.12 -26.45
CA GLU D 108 -48.02 35.17 -27.46
C GLU D 108 -46.83 34.33 -27.95
N LEU D 109 -45.62 34.87 -27.88
CA LEU D 109 -44.42 34.11 -28.19
C LEU D 109 -43.91 33.30 -27.00
N CYS D 110 -44.10 33.76 -25.78
CA CYS D 110 -43.54 33.04 -24.64
C CYS D 110 -44.36 31.79 -24.31
N LEU D 111 -45.69 31.91 -24.29
CA LEU D 111 -46.51 30.77 -23.89
C LEU D 111 -46.50 29.65 -24.93
N GLU D 112 -46.27 29.97 -26.19
CA GLU D 112 -46.13 28.92 -27.20
C GLU D 112 -44.83 28.17 -27.06
N CYS D 113 -43.75 28.86 -26.68
CA CYS D 113 -42.48 28.19 -26.45
C CYS D 113 -42.51 27.31 -25.20
N ILE D 114 -43.35 27.65 -24.23
CA ILE D 114 -43.50 26.80 -23.05
C ILE D 114 -44.26 25.53 -23.39
N GLU D 115 -45.27 25.63 -24.26
CA GLU D 115 -46.03 24.46 -24.62
C GLU D 115 -45.28 23.54 -25.57
N TRP D 116 -44.32 24.05 -26.34
CA TRP D 116 -43.38 23.15 -27.00
C TRP D 116 -42.50 22.45 -25.98
N ALA D 117 -42.11 23.15 -24.91
CA ALA D 117 -41.38 22.52 -23.83
C ALA D 117 -42.27 21.56 -23.05
N LYS D 118 -43.58 21.79 -23.06
CA LYS D 118 -44.49 20.75 -22.58
C LYS D 118 -44.50 19.55 -23.53
N SER D 119 -44.45 19.80 -24.83
CA SER D 119 -44.49 18.72 -25.81
C SER D 119 -43.17 17.96 -25.86
N GLU D 120 -42.06 18.69 -25.95
CA GLU D 120 -40.75 18.07 -26.04
C GLU D 120 -40.27 17.55 -24.69
N LYS D 121 -40.87 18.03 -23.58
CA LYS D 121 -40.67 17.53 -22.22
C LYS D 121 -39.22 17.67 -21.76
N ARG D 122 -38.69 18.89 -21.88
CA ARG D 122 -37.43 19.23 -21.22
C ARG D 122 -37.76 20.01 -19.97
N THR D 123 -37.32 19.46 -18.82
CA THR D 123 -37.72 20.02 -17.52
C THR D 123 -37.05 21.36 -17.28
N PHE D 124 -35.76 21.46 -17.60
CA PHE D 124 -35.04 22.69 -17.32
C PHE D 124 -35.40 23.78 -18.31
N LEU D 125 -35.85 23.41 -19.51
CA LEU D 125 -36.17 24.38 -20.55
C LEU D 125 -37.34 25.26 -20.16
N ARG D 126 -38.40 24.66 -19.64
CA ARG D 126 -39.52 25.46 -19.18
C ARG D 126 -39.21 26.22 -17.90
N GLN D 127 -38.44 25.62 -16.98
CA GLN D 127 -38.13 26.31 -15.72
C GLN D 127 -37.19 27.48 -15.95
N ALA D 128 -36.38 27.43 -16.99
CA ALA D 128 -35.59 28.60 -17.36
C ALA D 128 -36.46 29.70 -17.95
N LEU D 129 -37.59 29.35 -18.57
CA LEU D 129 -38.46 30.34 -19.17
C LEU D 129 -39.65 30.71 -18.29
N GLU D 130 -40.07 29.82 -17.39
CA GLU D 130 -41.05 30.20 -16.38
C GLU D 130 -40.52 31.29 -15.49
N ALA D 131 -39.22 31.24 -15.15
CA ALA D 131 -38.60 32.34 -14.43
C ALA D 131 -38.47 33.57 -15.31
N ARG D 132 -38.33 33.37 -16.62
CA ARG D 132 -38.34 34.51 -17.53
C ARG D 132 -39.73 35.09 -17.68
N LEU D 133 -40.75 34.25 -17.65
CA LEU D 133 -42.13 34.72 -17.86
C LEU D 133 -42.61 35.55 -16.70
N VAL D 134 -42.32 35.13 -15.46
CA VAL D 134 -42.67 35.93 -14.30
C VAL D 134 -41.83 37.20 -14.22
N SER D 135 -40.64 37.18 -14.83
CA SER D 135 -39.87 38.41 -14.99
C SER D 135 -40.50 39.36 -15.99
N LEU D 136 -41.36 38.86 -16.87
CA LEU D 136 -41.99 39.67 -17.91
C LEU D 136 -43.37 40.17 -17.49
N TYR D 137 -44.06 39.41 -16.64
CA TYR D 137 -45.36 39.84 -16.14
C TYR D 137 -45.27 41.02 -15.19
N PHE D 138 -44.11 41.23 -14.56
CA PHE D 138 -43.95 42.33 -13.61
C PHE D 138 -43.91 43.67 -14.31
N ASP D 139 -43.41 43.71 -15.54
CA ASP D 139 -43.31 44.98 -16.26
C ASP D 139 -44.67 45.52 -16.67
N THR D 140 -45.66 44.67 -16.88
CA THR D 140 -47.02 45.10 -17.13
C THR D 140 -47.84 45.21 -15.86
N LYS D 141 -47.20 44.97 -14.71
CA LYS D 141 -47.78 45.09 -13.36
C LYS D 141 -49.00 44.18 -13.21
N ARG D 142 -48.71 42.89 -13.23
CA ARG D 142 -49.72 41.86 -13.02
C ARG D 142 -49.76 41.47 -11.55
N TYR D 143 -50.96 41.13 -11.06
CA TYR D 143 -51.22 41.15 -9.63
C TYR D 143 -51.26 39.78 -9.00
N GLN D 144 -51.79 38.76 -9.69
CA GLN D 144 -51.77 37.42 -9.14
C GLN D 144 -51.26 36.39 -10.14
N GLU D 145 -51.44 36.66 -11.43
CA GLU D 145 -50.95 35.71 -12.43
C GLU D 145 -49.44 35.77 -12.55
N ALA D 146 -48.80 36.85 -12.11
CA ALA D 146 -47.39 36.83 -11.82
C ALA D 146 -47.09 36.23 -10.46
N LEU D 147 -48.04 36.27 -9.53
CA LEU D 147 -47.76 35.98 -8.13
C LEU D 147 -48.21 34.59 -7.72
N HIS D 148 -49.22 34.01 -8.38
CA HIS D 148 -49.46 32.58 -8.28
C HIS D 148 -48.51 31.77 -9.15
N LEU D 149 -47.88 32.41 -10.14
CA LEU D 149 -46.89 31.72 -10.94
C LEU D 149 -45.62 31.44 -10.15
N GLY D 150 -45.30 32.31 -9.18
CA GLY D 150 -44.15 32.07 -8.34
C GLY D 150 -44.29 30.85 -7.46
N SER D 151 -45.44 30.71 -6.80
CA SER D 151 -45.65 29.59 -5.88
C SER D 151 -45.75 28.27 -6.62
N GLN D 152 -46.26 28.30 -7.86
CA GLN D 152 -46.19 27.10 -8.68
C GLN D 152 -44.78 26.78 -9.13
N LEU D 153 -43.89 27.78 -9.16
CA LEU D 153 -42.48 27.57 -9.47
C LEU D 153 -41.63 27.42 -8.22
N LEU D 154 -42.18 27.68 -7.03
CA LEU D 154 -41.42 27.37 -5.82
C LEU D 154 -41.34 25.88 -5.59
N ARG D 155 -42.41 25.16 -5.89
CA ARG D 155 -42.42 23.70 -5.73
C ARG D 155 -41.45 23.02 -6.68
N GLU D 156 -41.30 23.54 -7.90
CA GLU D 156 -40.36 22.99 -8.86
C GLU D 156 -38.91 23.28 -8.48
N LEU D 157 -38.65 24.46 -7.91
CA LEU D 157 -37.26 24.87 -7.72
C LEU D 157 -36.68 24.31 -6.42
N LYS D 158 -37.44 24.35 -5.32
CA LYS D 158 -36.87 23.91 -4.06
C LYS D 158 -36.78 22.39 -3.97
N LYS D 159 -37.51 21.67 -4.81
CA LYS D 159 -37.44 20.22 -4.82
C LYS D 159 -36.30 19.72 -5.71
N MET D 160 -36.10 20.37 -6.85
CA MET D 160 -35.14 19.89 -7.83
C MET D 160 -33.73 20.38 -7.49
N ASP D 161 -32.85 20.33 -8.50
CA ASP D 161 -31.41 20.42 -8.29
C ASP D 161 -30.98 21.81 -7.85
N ASP D 162 -31.53 22.85 -8.46
CA ASP D 162 -30.93 24.18 -8.37
C ASP D 162 -31.14 24.80 -7.00
N LYS D 163 -30.28 25.76 -6.68
CA LYS D 163 -30.44 26.67 -5.56
C LYS D 163 -30.35 28.12 -5.98
N ALA D 164 -29.60 28.42 -7.05
CA ALA D 164 -29.34 29.81 -7.42
C ALA D 164 -30.57 30.48 -8.03
N LEU D 165 -31.37 29.74 -8.78
CA LEU D 165 -32.57 30.31 -9.37
C LEU D 165 -33.68 30.54 -8.35
N LEU D 166 -33.61 29.87 -7.19
CA LEU D 166 -34.53 30.19 -6.10
C LEU D 166 -34.26 31.59 -5.55
N VAL D 167 -33.01 32.04 -5.62
CA VAL D 167 -32.68 33.38 -5.14
C VAL D 167 -33.32 34.42 -6.05
N GLU D 168 -33.40 34.13 -7.35
CA GLU D 168 -33.95 35.09 -8.29
C GLU D 168 -35.46 35.22 -8.12
N VAL D 169 -36.15 34.10 -7.94
CA VAL D 169 -37.61 34.18 -7.86
C VAL D 169 -38.07 34.67 -6.49
N GLN D 170 -37.26 34.48 -5.45
CA GLN D 170 -37.59 35.12 -4.18
C GLN D 170 -37.33 36.61 -4.24
N LEU D 171 -36.29 37.02 -4.97
CA LEU D 171 -36.01 38.44 -5.15
C LEU D 171 -37.06 39.08 -6.05
N LEU D 172 -37.62 38.33 -6.99
CA LEU D 172 -38.62 38.90 -7.87
C LEU D 172 -39.96 39.05 -7.15
N GLU D 173 -40.28 38.12 -6.26
CA GLU D 173 -41.46 38.32 -5.41
C GLU D 173 -41.24 39.48 -4.45
N SER D 174 -40.00 39.66 -3.97
CA SER D 174 -39.66 40.81 -3.14
C SER D 174 -39.86 42.13 -3.88
N LYS D 175 -39.71 42.14 -5.19
CA LYS D 175 -40.05 43.32 -5.97
C LYS D 175 -41.56 43.57 -5.98
N THR D 176 -42.35 42.52 -6.17
CA THR D 176 -43.73 42.68 -6.57
C THR D 176 -44.71 42.70 -5.41
N TYR D 177 -44.26 42.45 -4.17
CA TYR D 177 -45.14 42.80 -3.06
C TYR D 177 -44.92 44.24 -2.62
N HIS D 178 -43.72 44.76 -2.85
CA HIS D 178 -43.45 46.16 -2.52
C HIS D 178 -44.08 47.09 -3.53
N ALA D 179 -43.89 46.81 -4.82
CA ALA D 179 -44.47 47.64 -5.87
C ALA D 179 -45.99 47.52 -5.92
N LEU D 180 -46.54 46.40 -5.49
CA LEU D 180 -47.98 46.28 -5.30
C LEU D 180 -48.39 46.55 -3.86
N SER D 181 -47.55 47.28 -3.12
CA SER D 181 -47.88 47.92 -1.84
C SER D 181 -48.28 46.92 -0.76
N ASN D 182 -47.32 46.07 -0.41
CA ASN D 182 -47.47 45.16 0.73
C ASN D 182 -46.08 44.98 1.32
N LEU D 183 -45.78 45.77 2.34
CA LEU D 183 -44.42 45.78 2.89
C LEU D 183 -44.07 44.55 3.76
N PRO D 184 -44.87 44.14 4.77
CA PRO D 184 -44.40 43.03 5.63
C PRO D 184 -44.35 41.69 4.91
N LYS D 185 -45.14 41.51 3.87
CA LYS D 185 -44.98 40.32 3.04
C LYS D 185 -43.74 40.44 2.14
N ALA D 186 -43.43 41.66 1.69
CA ALA D 186 -42.18 41.87 0.96
C ALA D 186 -40.97 41.79 1.89
N ARG D 187 -41.17 42.08 3.17
CA ARG D 187 -40.07 41.96 4.12
C ARG D 187 -39.66 40.51 4.31
N ALA D 188 -40.63 39.61 4.40
CA ALA D 188 -40.34 38.20 4.61
C ALA D 188 -39.71 37.56 3.38
N ALA D 189 -40.23 37.91 2.19
CA ALA D 189 -39.71 37.35 0.95
C ALA D 189 -38.30 37.81 0.66
N LEU D 190 -37.92 38.99 1.15
CA LEU D 190 -36.52 39.39 1.09
C LEU D 190 -35.67 38.51 1.99
N THR D 191 -36.15 38.27 3.21
CA THR D 191 -35.40 37.52 4.21
C THR D 191 -35.22 36.07 3.79
N SER D 192 -36.19 35.53 3.05
CA SER D 192 -36.03 34.19 2.49
C SER D 192 -34.95 34.16 1.42
N ALA D 193 -34.80 35.25 0.66
CA ALA D 193 -33.67 35.36 -0.25
C ALA D 193 -32.37 35.68 0.46
N ARG D 194 -32.44 36.25 1.66
CA ARG D 194 -31.24 36.45 2.44
C ARG D 194 -30.66 35.13 2.93
N THR D 195 -31.52 34.29 3.51
CA THR D 195 -31.07 33.02 4.05
C THR D 195 -30.82 31.97 2.98
N THR D 196 -31.25 32.21 1.75
CA THR D 196 -30.96 31.28 0.67
C THR D 196 -29.64 31.58 0.00
N ALA D 197 -29.37 32.86 -0.25
CA ALA D 197 -28.12 33.30 -0.85
C ALA D 197 -26.92 33.17 0.07
N ASN D 198 -27.11 32.79 1.32
CA ASN D 198 -26.01 32.57 2.25
C ASN D 198 -25.36 31.20 2.08
N ALA D 199 -25.77 30.43 1.06
CA ALA D 199 -25.24 29.09 0.85
C ALA D 199 -24.61 28.88 -0.52
N ILE D 200 -24.78 29.80 -1.46
CA ILE D 200 -24.23 29.63 -2.80
C ILE D 200 -22.79 30.11 -2.81
N TYR D 201 -21.89 29.27 -3.34
CA TYR D 201 -20.47 29.60 -3.39
C TYR D 201 -20.21 30.78 -4.32
N CYS D 202 -20.90 30.84 -5.46
CA CYS D 202 -20.73 31.93 -6.43
C CYS D 202 -22.03 32.72 -6.60
N PRO D 203 -22.23 33.77 -5.81
CA PRO D 203 -23.13 34.87 -6.24
C PRO D 203 -22.35 35.98 -6.94
N PRO D 204 -22.05 35.85 -8.24
CA PRO D 204 -21.13 36.81 -8.86
C PRO D 204 -21.74 38.17 -9.17
N LYS D 205 -23.04 38.21 -9.51
CA LYS D 205 -23.69 39.44 -9.94
C LYS D 205 -25.01 39.60 -9.20
N LEU D 206 -25.61 38.48 -8.81
CA LEU D 206 -26.88 38.49 -8.08
C LEU D 206 -26.75 39.04 -6.68
N GLN D 207 -25.52 39.12 -6.14
CA GLN D 207 -25.30 39.71 -4.82
C GLN D 207 -25.68 41.18 -4.80
N ALA D 208 -25.16 41.95 -5.75
CA ALA D 208 -25.46 43.38 -5.82
C ALA D 208 -26.92 43.64 -6.18
N THR D 209 -27.52 42.73 -6.95
CA THR D 209 -28.95 42.84 -7.25
C THR D 209 -29.77 42.62 -5.98
N LEU D 210 -29.30 41.72 -5.11
CA LEU D 210 -29.93 41.58 -3.81
C LEU D 210 -29.54 42.72 -2.88
N ASP D 211 -28.35 43.30 -3.06
CA ASP D 211 -27.94 44.40 -2.20
C ASP D 211 -28.73 45.67 -2.46
N MET D 212 -29.27 45.84 -3.67
CA MET D 212 -30.08 47.01 -3.96
C MET D 212 -31.37 47.00 -3.14
N GLN D 213 -32.17 45.95 -3.29
CA GLN D 213 -33.41 45.88 -2.52
C GLN D 213 -33.20 45.40 -1.10
N SER D 214 -31.97 45.08 -0.73
CA SER D 214 -31.63 45.08 0.69
C SER D 214 -31.67 46.49 1.24
N GLY D 215 -31.40 47.49 0.39
CA GLY D 215 -31.52 48.87 0.81
C GLY D 215 -32.87 49.50 0.56
N ILE D 216 -33.61 49.01 -0.44
CA ILE D 216 -34.91 49.60 -0.78
C ILE D 216 -35.90 49.38 0.35
N ILE D 217 -36.12 48.11 0.72
CA ILE D 217 -37.12 47.77 1.72
C ILE D 217 -36.66 48.25 3.10
N HIS D 218 -35.36 48.21 3.38
CA HIS D 218 -34.87 48.72 4.66
C HIS D 218 -34.96 50.24 4.76
N ALA D 219 -34.94 50.95 3.63
CA ALA D 219 -35.26 52.37 3.65
C ALA D 219 -36.73 52.64 3.41
N ALA D 220 -37.53 51.63 3.09
CA ALA D 220 -38.95 51.85 2.86
C ALA D 220 -39.72 52.13 4.14
N GLU D 221 -39.15 51.78 5.30
CA GLU D 221 -39.75 52.12 6.58
C GLU D 221 -39.03 53.25 7.29
N GLU D 222 -37.86 53.65 6.80
CA GLU D 222 -37.14 54.85 7.22
C GLU D 222 -36.78 54.80 8.71
N LYS D 223 -36.04 53.76 9.07
CA LYS D 223 -35.55 53.60 10.42
C LYS D 223 -34.07 53.91 10.51
N ASP D 224 -33.26 53.31 9.63
CA ASP D 224 -31.81 53.41 9.70
C ASP D 224 -31.31 53.72 8.29
N TRP D 225 -31.22 55.01 7.99
CA TRP D 225 -30.75 55.46 6.68
C TRP D 225 -29.27 55.21 6.49
N LYS D 226 -28.52 55.15 7.58
CA LYS D 226 -27.08 55.00 7.49
C LYS D 226 -26.71 53.60 7.02
N THR D 227 -27.33 52.58 7.58
CA THR D 227 -27.09 51.22 7.12
C THR D 227 -27.76 50.96 5.78
N ALA D 228 -28.88 51.65 5.51
CA ALA D 228 -29.49 51.53 4.20
C ALA D 228 -28.63 52.20 3.13
N TYR D 229 -27.85 53.21 3.52
CA TYR D 229 -26.89 53.79 2.60
C TYR D 229 -25.77 52.81 2.27
N SER D 230 -25.40 51.98 3.25
CA SER D 230 -24.35 51.00 3.05
C SER D 230 -24.75 49.92 2.04
N TYR D 231 -26.04 49.61 1.92
CA TYR D 231 -26.45 48.63 0.93
C TYR D 231 -26.34 49.19 -0.48
N PHE D 232 -26.79 50.43 -0.70
CA PHE D 232 -26.74 51.00 -2.03
C PHE D 232 -25.33 51.31 -2.48
N TYR D 233 -24.39 51.43 -1.55
CA TYR D 233 -22.99 51.54 -1.94
C TYR D 233 -22.50 50.23 -2.53
N GLU D 234 -22.71 49.12 -1.81
CA GLU D 234 -22.25 47.81 -2.26
C GLU D 234 -22.99 47.34 -3.51
N ALA D 235 -24.26 47.71 -3.66
CA ALA D 235 -25.00 47.37 -4.87
C ALA D 235 -24.45 48.10 -6.09
N PHE D 236 -23.88 49.28 -5.89
CA PHE D 236 -23.20 49.99 -6.97
C PHE D 236 -21.79 49.50 -7.19
N GLU D 237 -21.12 49.03 -6.13
CA GLU D 237 -19.79 48.43 -6.30
C GLU D 237 -19.87 47.12 -7.06
N GLY D 238 -20.95 46.37 -6.87
CA GLY D 238 -21.14 45.17 -7.67
C GLY D 238 -21.56 45.48 -9.09
N TYR D 239 -22.29 46.57 -9.29
CA TYR D 239 -22.65 47.01 -10.64
C TYR D 239 -21.53 47.79 -11.33
N ASP D 240 -20.33 47.79 -10.77
CA ASP D 240 -19.27 48.65 -11.30
C ASP D 240 -18.70 48.04 -12.57
N SER D 241 -18.80 48.80 -13.66
CA SER D 241 -18.11 48.57 -14.94
C SER D 241 -18.54 47.28 -15.64
N ILE D 242 -19.59 46.63 -15.18
CA ILE D 242 -20.11 45.45 -15.85
C ILE D 242 -21.54 45.62 -16.33
N ASP D 243 -22.30 46.57 -15.79
CA ASP D 243 -23.71 46.72 -16.13
C ASP D 243 -24.06 48.20 -16.00
N SER D 244 -23.97 48.91 -17.12
CA SER D 244 -24.21 50.34 -17.19
C SER D 244 -25.65 50.81 -16.94
N PRO D 245 -26.72 50.12 -17.38
CA PRO D 245 -28.06 50.58 -16.98
C PRO D 245 -28.33 50.44 -15.49
N LYS D 246 -27.89 49.34 -14.89
CA LYS D 246 -28.12 49.15 -13.47
C LYS D 246 -27.22 50.02 -12.61
N ALA D 247 -26.08 50.48 -13.15
CA ALA D 247 -25.18 51.27 -12.34
C ALA D 247 -25.64 52.71 -12.19
N ILE D 248 -26.18 53.30 -13.26
CA ILE D 248 -26.46 54.73 -13.25
C ILE D 248 -27.65 55.05 -12.35
N THR D 249 -28.60 54.12 -12.20
CA THR D 249 -29.66 54.33 -11.24
C THR D 249 -29.19 54.16 -9.82
N SER D 250 -28.09 53.41 -9.61
CA SER D 250 -27.57 53.22 -8.26
C SER D 250 -26.92 54.49 -7.71
N LEU D 251 -26.59 55.45 -8.57
CA LEU D 251 -26.16 56.75 -8.08
C LEU D 251 -27.32 57.52 -7.48
N LYS D 252 -28.55 57.26 -7.95
CA LYS D 252 -29.70 58.01 -7.45
C LYS D 252 -30.04 57.61 -6.02
N TYR D 253 -30.04 56.32 -5.73
CA TYR D 253 -30.47 55.85 -4.43
C TYR D 253 -29.43 56.13 -3.34
N MET D 254 -28.17 56.32 -3.70
CA MET D 254 -27.19 56.65 -2.67
C MET D 254 -27.22 58.13 -2.33
N LEU D 255 -27.53 58.98 -3.30
CA LEU D 255 -27.45 60.42 -3.06
C LEU D 255 -28.78 61.00 -2.63
N LEU D 256 -29.89 60.37 -3.00
CA LEU D 256 -31.16 60.72 -2.38
C LEU D 256 -31.14 60.36 -0.91
N CYS D 257 -30.52 59.23 -0.56
CA CYS D 257 -30.35 58.86 0.83
C CYS D 257 -29.45 59.84 1.56
N LYS D 258 -28.44 60.36 0.87
CA LYS D 258 -27.50 61.27 1.49
C LYS D 258 -28.12 62.64 1.74
N ILE D 259 -29.00 63.10 0.85
CA ILE D 259 -29.76 64.30 1.14
C ILE D 259 -30.77 64.02 2.25
N MET D 260 -31.35 62.82 2.24
CA MET D 260 -32.17 62.35 3.36
C MET D 260 -31.33 62.21 4.62
N LEU D 261 -30.04 61.92 4.49
CA LEU D 261 -29.11 61.92 5.62
C LEU D 261 -28.76 63.33 6.07
N ASN D 262 -29.06 64.34 5.25
CA ASN D 262 -28.84 65.76 5.51
C ASN D 262 -27.35 66.06 5.69
N THR D 263 -26.56 65.57 4.72
CA THR D 263 -25.16 65.98 4.54
C THR D 263 -25.04 66.35 3.06
N PRO D 264 -25.54 67.52 2.68
CA PRO D 264 -25.74 67.81 1.25
C PRO D 264 -24.46 68.08 0.48
N GLU D 265 -23.39 68.47 1.17
CA GLU D 265 -22.15 68.78 0.47
C GLU D 265 -21.43 67.51 0.03
N ASP D 266 -21.67 66.39 0.73
CA ASP D 266 -20.99 65.15 0.40
C ASP D 266 -21.48 64.53 -0.90
N VAL D 267 -22.62 64.99 -1.43
CA VAL D 267 -23.10 64.53 -2.72
C VAL D 267 -22.16 64.95 -3.83
N GLN D 268 -21.76 66.22 -3.83
CA GLN D 268 -20.80 66.70 -4.82
C GLN D 268 -19.42 66.09 -4.60
N ALA D 269 -19.09 65.74 -3.36
CA ALA D 269 -17.77 65.15 -3.08
C ALA D 269 -17.64 63.75 -3.68
N LEU D 270 -18.76 63.03 -3.81
CA LEU D 270 -18.68 61.69 -4.42
C LEU D 270 -18.62 61.79 -5.94
N VAL D 271 -19.50 62.59 -6.55
CA VAL D 271 -19.58 62.64 -8.00
C VAL D 271 -18.38 63.36 -8.60
N SER D 272 -17.67 64.15 -7.81
CA SER D 272 -16.38 64.68 -8.25
C SER D 272 -15.28 63.63 -8.16
N GLY D 273 -15.53 62.54 -7.44
CA GLY D 273 -14.57 61.46 -7.39
C GLY D 273 -14.49 60.73 -8.72
N LYS D 274 -13.29 60.22 -9.01
CA LYS D 274 -12.96 59.71 -10.34
C LYS D 274 -13.70 58.43 -10.70
N LEU D 275 -14.20 57.70 -9.70
CA LEU D 275 -15.04 56.55 -10.01
C LEU D 275 -16.39 56.99 -10.56
N ALA D 276 -16.90 58.12 -10.08
CA ALA D 276 -18.18 58.64 -10.51
C ALA D 276 -18.07 59.72 -11.57
N LEU D 277 -16.85 60.17 -11.89
CA LEU D 277 -16.67 61.03 -13.05
C LEU D 277 -16.91 60.29 -14.36
N ARG D 278 -16.72 58.98 -14.35
CA ARG D 278 -16.94 58.19 -15.56
C ARG D 278 -18.43 58.08 -15.89
N TYR D 279 -19.27 57.91 -14.86
CA TYR D 279 -20.71 57.74 -15.08
C TYR D 279 -21.42 59.09 -15.08
N ALA D 280 -21.02 59.95 -16.02
CA ALA D 280 -21.72 61.20 -16.21
C ALA D 280 -23.05 60.96 -16.91
N GLY D 281 -23.99 61.87 -16.73
CA GLY D 281 -25.29 61.69 -17.35
C GLY D 281 -26.28 62.71 -16.86
N ARG D 282 -27.55 62.47 -17.23
CA ARG D 282 -28.62 63.40 -16.86
C ARG D 282 -29.00 63.25 -15.40
N GLN D 283 -29.10 62.01 -14.91
CA GLN D 283 -29.64 61.77 -13.59
C GLN D 283 -28.66 62.09 -12.46
N THR D 284 -27.35 62.05 -12.73
CA THR D 284 -26.41 62.57 -11.75
C THR D 284 -26.45 64.08 -11.67
N GLU D 285 -26.82 64.76 -12.76
CA GLU D 285 -27.08 66.20 -12.71
C GLU D 285 -28.40 66.51 -12.03
N ALA D 286 -29.32 65.54 -12.01
CA ALA D 286 -30.58 65.72 -11.29
C ALA D 286 -30.38 65.67 -9.79
N LEU D 287 -29.29 65.06 -9.33
CA LEU D 287 -28.95 65.02 -7.92
C LEU D 287 -28.10 66.20 -7.49
N LYS D 288 -27.24 66.71 -8.39
CA LYS D 288 -26.37 67.82 -8.04
C LYS D 288 -27.15 69.10 -7.84
N CYS D 289 -28.16 69.35 -8.68
CA CYS D 289 -28.96 70.57 -8.56
C CYS D 289 -29.82 70.55 -7.31
N VAL D 290 -30.33 69.39 -6.93
CA VAL D 290 -31.14 69.29 -5.71
C VAL D 290 -30.25 69.39 -4.49
N ALA D 291 -29.07 68.77 -4.54
CA ALA D 291 -28.10 68.93 -3.47
C ALA D 291 -27.62 70.38 -3.37
N GLN D 292 -27.52 71.06 -4.51
CA GLN D 292 -27.23 72.49 -4.48
C GLN D 292 -28.40 73.28 -3.94
N ALA D 293 -29.63 72.83 -4.22
CA ALA D 293 -30.80 73.53 -3.71
C ALA D 293 -30.90 73.41 -2.19
N SER D 294 -30.61 72.24 -1.65
CA SER D 294 -30.57 72.08 -0.21
C SER D 294 -29.30 72.64 0.40
N LYS D 295 -28.29 72.97 -0.41
CA LYS D 295 -27.08 73.57 0.12
C LYS D 295 -27.30 75.03 0.47
N ASN D 296 -27.87 75.80 -0.47
CA ASN D 296 -28.18 77.20 -0.20
C ASN D 296 -29.39 77.38 0.70
N ARG D 297 -30.13 76.30 0.96
CA ARG D 297 -31.19 76.20 1.97
C ARG D 297 -32.33 77.18 1.68
N SER D 298 -33.00 76.90 0.55
CA SER D 298 -34.07 77.75 0.06
C SER D 298 -35.19 76.89 -0.54
N LEU D 299 -36.41 77.41 -0.42
CA LEU D 299 -37.57 76.73 -0.99
C LEU D 299 -37.63 76.90 -2.50
N ALA D 300 -37.43 78.12 -2.98
CA ALA D 300 -37.56 78.39 -4.41
C ALA D 300 -36.44 77.76 -5.21
N ASP D 301 -35.28 77.56 -4.57
CA ASP D 301 -34.18 76.87 -5.22
C ASP D 301 -34.52 75.41 -5.46
N PHE D 302 -35.34 74.82 -4.57
CA PHE D 302 -35.80 73.46 -4.72
C PHE D 302 -36.83 73.33 -5.84
N GLU D 303 -37.61 74.37 -6.09
CA GLU D 303 -38.74 74.24 -7.00
C GLU D 303 -38.29 74.20 -8.46
N LYS D 304 -37.33 75.03 -8.85
CA LYS D 304 -36.84 75.03 -10.22
C LYS D 304 -36.10 73.74 -10.57
N ALA D 305 -35.44 73.12 -9.59
CA ALA D 305 -34.75 71.86 -9.83
C ALA D 305 -35.74 70.73 -10.05
N LEU D 306 -36.93 70.82 -9.45
CA LEU D 306 -37.97 69.84 -9.71
C LEU D 306 -38.53 69.99 -11.12
N THR D 307 -38.75 71.23 -11.55
CA THR D 307 -39.40 71.47 -12.83
C THR D 307 -38.45 71.21 -14.00
N ASP D 308 -37.15 71.44 -13.80
CA ASP D 308 -36.17 71.20 -14.86
C ASP D 308 -36.05 69.72 -15.18
N TYR D 309 -35.84 68.90 -14.16
CA TYR D 309 -35.44 67.52 -14.32
C TYR D 309 -36.57 66.56 -13.96
N ARG D 310 -37.81 67.02 -14.17
CA ARG D 310 -39.02 66.29 -13.77
C ARG D 310 -39.12 64.92 -14.44
N ALA D 311 -38.58 64.79 -15.65
CA ALA D 311 -38.65 63.53 -16.39
C ALA D 311 -37.87 62.42 -15.70
N GLU D 312 -36.83 62.76 -14.93
CA GLU D 312 -36.09 61.78 -14.16
C GLU D 312 -36.17 61.99 -12.66
N LEU D 313 -36.60 63.16 -12.19
CA LEU D 313 -36.76 63.35 -10.76
C LEU D 313 -38.11 62.83 -10.30
N ARG D 314 -39.20 63.40 -10.80
CA ARG D 314 -40.52 62.96 -10.41
C ARG D 314 -41.02 61.94 -11.44
N ASP D 315 -40.33 60.81 -11.46
CA ASP D 315 -40.81 59.66 -12.23
C ASP D 315 -40.65 58.32 -11.50
N ASP D 316 -39.72 58.21 -10.55
CA ASP D 316 -39.49 56.93 -9.90
C ASP D 316 -40.51 56.69 -8.79
N PRO D 317 -40.93 55.44 -8.58
CA PRO D 317 -42.01 55.17 -7.62
C PRO D 317 -41.60 55.33 -6.16
N ILE D 318 -40.30 55.44 -5.86
CA ILE D 318 -39.94 55.70 -4.47
C ILE D 318 -39.66 57.18 -4.25
N ILE D 319 -39.18 57.89 -5.28
CA ILE D 319 -38.94 59.33 -5.16
C ILE D 319 -40.24 60.07 -4.90
N SER D 320 -41.31 59.66 -5.59
CA SER D 320 -42.65 60.21 -5.37
C SER D 320 -43.17 59.97 -3.96
N THR D 321 -42.59 59.01 -3.23
CA THR D 321 -42.86 58.85 -1.82
C THR D 321 -41.91 59.68 -0.96
N HIS D 322 -40.64 59.81 -1.34
CA HIS D 322 -39.67 60.46 -0.48
C HIS D 322 -39.55 61.96 -0.67
N LEU D 323 -40.22 62.55 -1.67
CA LEU D 323 -40.12 64.00 -1.84
C LEU D 323 -40.88 64.75 -0.76
N ALA D 324 -42.01 64.22 -0.32
CA ALA D 324 -42.86 64.96 0.61
C ALA D 324 -42.24 65.01 2.00
N LYS D 325 -41.46 64.00 2.36
CA LYS D 325 -40.76 64.04 3.64
C LYS D 325 -39.52 64.92 3.56
N LEU D 326 -38.92 65.02 2.37
CA LEU D 326 -37.78 65.91 2.20
C LEU D 326 -38.22 67.36 2.12
N TYR D 327 -39.46 67.60 1.71
CA TYR D 327 -39.96 68.96 1.59
C TYR D 327 -40.13 69.62 2.95
N ASP D 328 -40.56 68.83 3.94
CA ASP D 328 -40.72 69.35 5.29
C ASP D 328 -39.37 69.74 5.90
N ASN D 329 -38.34 68.92 5.65
CA ASN D 329 -37.02 69.18 6.22
C ASN D 329 -36.40 70.43 5.62
N LEU D 330 -36.63 70.65 4.32
CA LEU D 330 -36.10 71.82 3.66
C LEU D 330 -37.01 73.04 3.85
N LEU D 331 -38.25 72.81 4.30
CA LEU D 331 -39.11 73.93 4.67
C LEU D 331 -38.57 74.62 5.92
N GLU D 332 -38.27 73.84 6.96
CA GLU D 332 -37.69 74.43 8.15
C GLU D 332 -36.23 74.77 7.99
N GLN D 333 -35.60 74.32 6.92
CA GLN D 333 -34.19 74.66 6.77
C GLN D 333 -34.03 76.06 6.22
N ASN D 334 -34.91 76.47 5.31
CA ASN D 334 -34.95 77.87 4.93
C ASN D 334 -35.63 78.72 5.99
N LEU D 335 -36.45 78.11 6.84
CA LEU D 335 -37.21 78.89 7.82
C LEU D 335 -36.35 79.35 8.97
N ILE D 336 -35.28 78.62 9.32
CA ILE D 336 -34.33 79.13 10.29
C ILE D 336 -33.31 80.05 9.64
N ARG D 337 -33.14 79.95 8.33
CA ARG D 337 -32.23 80.78 7.56
C ARG D 337 -32.64 82.23 7.52
N VAL D 338 -33.88 82.50 7.11
CA VAL D 338 -34.34 83.87 6.98
C VAL D 338 -34.70 84.47 8.33
N ILE D 339 -35.09 83.64 9.32
CA ILE D 339 -35.47 84.14 10.64
C ILE D 339 -34.25 84.51 11.49
N GLU D 340 -33.08 83.97 11.16
CA GLU D 340 -31.84 84.15 11.93
C GLU D 340 -31.41 85.59 12.21
N PRO D 341 -31.31 86.55 11.23
CA PRO D 341 -30.53 87.77 11.50
C PRO D 341 -31.11 88.81 12.44
N PHE D 342 -32.16 88.52 13.20
CA PHE D 342 -32.81 89.64 13.87
C PHE D 342 -33.42 89.25 15.21
N SER D 343 -34.35 90.10 15.63
CA SER D 343 -35.02 90.22 16.91
C SER D 343 -36.50 90.09 16.60
N ARG D 344 -37.34 90.70 17.43
CA ARG D 344 -38.76 90.86 17.13
C ARG D 344 -39.01 91.39 15.71
N VAL D 345 -40.04 90.86 15.06
CA VAL D 345 -40.25 91.06 13.63
C VAL D 345 -41.72 90.81 13.34
N GLN D 346 -42.19 91.21 12.16
CA GLN D 346 -43.58 90.95 11.80
C GLN D 346 -43.71 89.58 11.14
N ILE D 347 -44.92 89.01 11.27
CA ILE D 347 -45.23 87.81 10.51
C ILE D 347 -45.56 88.10 9.07
N GLU D 348 -45.89 89.34 8.71
CA GLU D 348 -46.29 89.66 7.35
C GLU D 348 -45.12 89.68 6.38
N HIS D 349 -43.89 89.80 6.88
CA HIS D 349 -42.72 89.80 6.01
C HIS D 349 -42.13 88.43 5.77
N ILE D 350 -42.19 87.53 6.76
CA ILE D 350 -41.61 86.21 6.57
C ILE D 350 -42.46 85.39 5.60
N SER D 351 -43.77 85.62 5.56
CA SER D 351 -44.57 85.06 4.49
C SER D 351 -44.24 85.72 3.16
N SER D 352 -43.89 87.01 3.20
CA SER D 352 -43.52 87.73 2.00
C SER D 352 -42.12 87.40 1.51
N LEU D 353 -41.26 86.86 2.38
CA LEU D 353 -39.91 86.47 2.01
C LEU D 353 -39.78 84.99 1.68
N ILE D 354 -40.84 84.21 1.86
CA ILE D 354 -40.83 82.80 1.47
C ILE D 354 -41.78 82.56 0.29
N LYS D 355 -42.69 83.51 0.02
CA LYS D 355 -43.81 83.36 -0.91
C LYS D 355 -44.65 82.15 -0.50
N LEU D 356 -45.29 82.31 0.65
CA LEU D 356 -46.13 81.29 1.26
C LEU D 356 -47.14 82.04 2.13
N SER D 357 -48.17 81.33 2.58
CA SER D 357 -49.27 81.97 3.28
C SER D 357 -48.86 82.33 4.72
N LYS D 358 -49.83 82.78 5.51
CA LYS D 358 -49.57 83.24 6.87
C LYS D 358 -50.14 82.34 7.95
N ALA D 359 -51.30 81.74 7.70
CA ALA D 359 -51.91 80.87 8.71
C ALA D 359 -51.16 79.56 8.85
N ASP D 360 -50.74 78.98 7.72
CA ASP D 360 -49.99 77.73 7.76
C ASP D 360 -48.58 77.93 8.29
N VAL D 361 -47.97 79.06 7.98
CA VAL D 361 -46.65 79.39 8.50
C VAL D 361 -46.70 79.59 10.00
N GLU D 362 -47.77 80.25 10.49
CA GLU D 362 -47.89 80.52 11.91
C GLU D 362 -48.06 79.25 12.73
N ARG D 363 -48.83 78.29 12.21
CA ARG D 363 -48.92 76.98 12.86
C ARG D 363 -47.59 76.25 12.78
N LYS D 364 -46.91 76.35 11.63
CA LYS D 364 -45.61 75.70 11.48
C LYS D 364 -44.55 76.37 12.34
N LEU D 365 -44.61 77.69 12.50
CA LEU D 365 -43.80 78.37 13.51
C LEU D 365 -44.11 77.92 14.91
N SER D 366 -45.38 77.63 15.19
CA SER D 366 -45.76 77.23 16.54
C SER D 366 -45.26 75.84 16.86
N GLN D 367 -45.07 74.99 15.85
CA GLN D 367 -44.55 73.65 16.09
C GLN D 367 -43.09 73.69 16.50
N MET D 368 -42.36 74.72 16.07
CA MET D 368 -40.94 74.81 16.35
C MET D 368 -40.68 75.07 17.83
N ILE D 369 -41.39 76.03 18.40
CA ILE D 369 -41.19 76.35 19.81
C ILE D 369 -41.82 75.30 20.72
N LEU D 370 -42.80 74.54 20.24
CA LEU D 370 -43.26 73.39 21.00
C LEU D 370 -42.21 72.29 21.01
N ASP D 371 -41.70 71.92 19.83
CA ASP D 371 -40.76 70.83 19.71
C ASP D 371 -39.33 71.22 20.06
N LYS D 372 -39.11 72.50 20.40
CA LYS D 372 -37.85 73.04 20.90
C LYS D 372 -36.71 72.96 19.87
N LYS D 373 -37.03 72.67 18.62
CA LYS D 373 -36.03 72.77 17.56
C LYS D 373 -35.63 74.21 17.31
N PHE D 374 -36.54 75.14 17.52
CA PHE D 374 -36.24 76.55 17.62
C PHE D 374 -36.93 77.06 18.87
N HIS D 375 -36.39 78.11 19.48
CA HIS D 375 -36.98 78.70 20.66
C HIS D 375 -37.21 80.19 20.43
N GLY D 376 -38.35 80.67 20.95
CA GLY D 376 -38.75 82.05 20.81
C GLY D 376 -40.12 82.25 21.42
N ILE D 377 -40.88 83.22 20.92
CA ILE D 377 -42.24 83.44 21.40
C ILE D 377 -43.06 83.97 20.23
N LEU D 378 -44.35 83.65 20.24
CA LEU D 378 -45.26 84.10 19.20
C LEU D 378 -46.30 85.02 19.82
N ASP D 379 -46.67 86.07 19.09
CA ASP D 379 -47.65 87.03 19.55
C ASP D 379 -48.94 86.84 18.77
N GLN D 380 -50.05 87.19 19.41
CA GLN D 380 -51.37 86.97 18.82
C GLN D 380 -52.00 88.21 18.21
N GLY D 381 -51.62 89.39 18.69
CA GLY D 381 -52.26 90.60 18.18
C GLY D 381 -51.79 90.97 16.79
N GLU D 382 -50.48 90.94 16.57
CA GLU D 382 -49.92 91.44 15.32
C GLU D 382 -48.80 90.53 14.83
N GLY D 383 -48.51 89.47 15.57
CA GLY D 383 -47.55 88.48 15.12
C GLY D 383 -46.11 88.93 15.24
N VAL D 384 -45.67 89.13 16.46
CA VAL D 384 -44.32 89.58 16.74
C VAL D 384 -43.54 88.46 17.40
N LEU D 385 -42.41 88.10 16.79
CA LEU D 385 -41.59 86.97 17.25
C LEU D 385 -40.36 87.50 17.96
N ILE D 386 -40.49 87.72 19.26
CA ILE D 386 -39.34 88.15 20.06
C ILE D 386 -38.40 86.96 20.21
N ILE D 387 -37.24 87.05 19.57
CA ILE D 387 -36.27 85.97 19.54
C ILE D 387 -35.14 86.33 20.48
N PHE D 388 -34.76 85.38 21.34
CA PHE D 388 -33.67 85.59 22.27
C PHE D 388 -32.93 84.27 22.44
N ASP D 389 -31.69 84.37 22.93
CA ASP D 389 -30.91 83.16 23.15
C ASP D 389 -29.93 83.40 24.29
N GLU D 390 -29.78 82.37 25.12
CA GLU D 390 -28.70 82.24 26.09
C GLU D 390 -28.57 80.79 26.53
N PRO D 391 -27.38 80.20 26.45
CA PRO D 391 -27.10 78.99 27.23
C PRO D 391 -26.96 79.39 28.69
N PRO D 392 -27.98 79.11 29.52
CA PRO D 392 -28.13 79.82 30.80
C PRO D 392 -27.02 79.57 31.84
N VAL D 393 -27.03 78.37 32.43
CA VAL D 393 -25.94 77.58 33.00
C VAL D 393 -26.61 76.26 33.33
N ASP D 394 -25.95 75.13 33.08
CA ASP D 394 -26.41 73.86 33.62
C ASP D 394 -25.38 73.18 34.50
N LYS D 395 -24.09 73.39 34.26
CA LYS D 395 -23.05 72.56 34.83
C LYS D 395 -22.87 72.81 36.32
N THR D 396 -23.13 74.03 36.79
CA THR D 396 -22.62 74.41 38.10
C THR D 396 -23.49 73.87 39.22
N TYR D 397 -24.80 73.81 39.03
CA TYR D 397 -25.72 73.53 40.12
C TYR D 397 -26.16 72.08 40.17
N GLU D 398 -26.69 71.54 39.07
CA GLU D 398 -27.24 70.19 39.13
C GLU D 398 -26.16 69.11 39.22
N ALA D 399 -24.97 69.37 38.70
CA ALA D 399 -23.85 68.47 38.95
C ALA D 399 -23.28 68.65 40.35
N ALA D 400 -23.65 69.72 41.05
CA ALA D 400 -23.41 69.82 42.47
C ALA D 400 -24.62 69.46 43.31
N LEU D 401 -25.80 69.36 42.69
CA LEU D 401 -27.00 68.96 43.43
C LEU D 401 -27.04 67.46 43.66
N GLU D 402 -26.56 66.66 42.71
CA GLU D 402 -26.64 65.22 42.85
C GLU D 402 -25.66 64.68 43.88
N THR D 403 -24.63 65.46 44.20
CA THR D 403 -23.73 65.09 45.30
C THR D 403 -24.48 65.07 46.62
N ILE D 404 -25.40 66.00 46.81
CA ILE D 404 -26.16 66.10 48.05
C ILE D 404 -27.00 64.85 48.28
N GLN D 405 -27.62 64.34 47.22
CA GLN D 405 -28.36 63.10 47.41
C GLN D 405 -27.46 61.88 47.40
N ASN D 406 -26.23 62.00 46.88
CA ASN D 406 -25.25 60.94 47.16
C ASN D 406 -24.86 60.96 48.62
N MET D 407 -24.58 62.15 49.16
CA MET D 407 -24.16 62.26 50.55
C MET D 407 -25.28 61.94 51.53
N SER D 408 -26.54 62.10 51.10
CA SER D 408 -27.66 61.68 51.92
C SER D 408 -27.65 60.17 52.13
N LYS D 409 -27.31 59.42 51.09
CA LYS D 409 -27.21 57.98 51.21
C LYS D 409 -25.98 57.53 51.98
N VAL D 410 -24.98 58.40 52.11
CA VAL D 410 -23.83 58.05 52.95
C VAL D 410 -24.21 58.14 54.42
N VAL D 411 -24.95 59.19 54.78
CA VAL D 411 -25.40 59.34 56.16
C VAL D 411 -26.44 58.28 56.49
N ASP D 412 -27.19 57.82 55.48
CA ASP D 412 -28.05 56.66 55.65
C ASP D 412 -27.23 55.40 55.90
N SER D 413 -26.09 55.27 55.24
CA SER D 413 -25.24 54.11 55.46
C SER D 413 -24.44 54.23 56.75
N LEU D 414 -24.40 55.41 57.35
CA LEU D 414 -23.82 55.53 58.69
C LEU D 414 -24.68 54.88 59.75
N TYR D 415 -25.98 54.70 59.49
CA TYR D 415 -26.85 53.99 60.42
C TYR D 415 -26.51 52.51 60.53
N ASN D 416 -25.85 51.94 59.53
CA ASN D 416 -25.55 50.53 59.50
C ASN D 416 -24.19 50.20 60.11
N LYS D 417 -23.49 51.19 60.64
CA LYS D 417 -22.26 50.95 61.39
C LYS D 417 -22.14 51.77 62.66
N ALA D 418 -23.04 52.74 62.88
CA ALA D 418 -23.05 53.53 64.10
C ALA D 418 -24.34 53.38 64.88
N LYS D 419 -25.48 53.62 64.23
CA LYS D 419 -26.77 53.61 64.91
C LYS D 419 -27.14 52.22 65.40
N LYS D 420 -26.85 51.19 64.60
CA LYS D 420 -27.06 49.83 65.08
C LYS D 420 -26.02 49.45 66.14
N LEU D 421 -24.83 50.02 66.05
CA LEU D 421 -23.67 49.44 66.73
C LEU D 421 -23.48 49.97 68.15
N THR D 422 -23.31 51.28 68.29
CA THR D 422 -23.16 51.84 69.61
C THR D 422 -24.52 52.31 70.11
N PRO E 12 -47.83 27.46 43.48
CA PRO E 12 -46.76 28.24 42.86
C PRO E 12 -47.00 29.75 42.95
N LYS E 13 -45.95 30.53 42.76
CA LYS E 13 -46.08 31.98 42.85
C LYS E 13 -46.38 32.64 41.51
N ASN E 14 -46.63 31.85 40.47
CA ASN E 14 -46.84 32.46 39.16
C ASN E 14 -48.25 33.03 38.98
N PRO E 15 -49.38 32.38 39.46
CA PRO E 15 -50.66 33.12 39.43
C PRO E 15 -50.91 33.96 40.67
N ASP E 16 -49.86 34.26 41.43
CA ASP E 16 -50.01 34.74 42.79
C ASP E 16 -50.31 36.25 42.87
N LEU E 17 -50.01 37.02 41.84
CA LEU E 17 -50.25 38.46 41.90
C LEU E 17 -51.70 38.83 41.67
N ARG E 18 -52.46 38.00 40.95
CA ARG E 18 -53.87 38.31 40.73
C ARG E 18 -54.66 38.23 42.03
N ILE E 19 -54.17 37.42 42.97
CA ILE E 19 -54.76 37.32 44.30
C ILE E 19 -54.68 38.67 45.02
N ALA E 20 -53.51 39.31 44.96
CA ALA E 20 -53.32 40.60 45.61
C ALA E 20 -54.13 41.71 44.94
N GLN E 21 -54.40 41.60 43.64
CA GLN E 21 -55.29 42.55 43.00
C GLN E 21 -56.74 42.33 43.45
N LEU E 22 -57.14 41.07 43.58
CA LEU E 22 -58.51 40.78 43.99
C LEU E 22 -58.75 41.05 45.48
N ARG E 23 -57.70 41.04 46.31
CA ARG E 23 -57.88 41.51 47.68
C ARG E 23 -58.15 43.01 47.70
N PHE E 24 -57.48 43.75 46.83
CA PHE E 24 -57.81 45.16 46.62
C PHE E 24 -59.19 45.33 46.04
N LEU E 25 -59.59 44.43 45.13
CA LEU E 25 -60.92 44.46 44.56
C LEU E 25 -61.98 44.10 45.59
N LEU E 26 -61.62 43.36 46.64
CA LEU E 26 -62.56 43.00 47.68
C LEU E 26 -62.89 44.19 48.58
N SER E 27 -61.87 44.72 49.25
CA SER E 27 -62.08 45.60 50.40
C SER E 27 -62.43 47.03 50.01
N LEU E 28 -61.61 47.65 49.16
CA LEU E 28 -61.65 49.10 49.04
C LEU E 28 -62.83 49.66 48.23
N PRO E 29 -63.27 49.06 47.11
CA PRO E 29 -64.61 49.42 46.64
C PRO E 29 -65.65 48.86 47.60
N GLU E 30 -66.32 49.75 48.32
CA GLU E 30 -67.11 49.34 49.47
C GLU E 30 -68.43 48.71 49.07
N HIS E 31 -69.11 49.30 48.08
CA HIS E 31 -70.31 48.67 47.55
C HIS E 31 -69.96 47.45 46.70
N ARG E 32 -68.83 47.50 46.00
CA ARG E 32 -68.39 46.41 45.14
C ARG E 32 -67.60 45.42 46.00
N GLY E 33 -68.35 44.61 46.72
CA GLY E 33 -67.76 43.61 47.61
C GLY E 33 -68.53 42.32 47.63
N ASP E 34 -69.35 42.10 46.60
CA ASP E 34 -70.16 40.89 46.50
C ASP E 34 -69.59 39.87 45.53
N ALA E 35 -69.29 40.24 44.29
CA ALA E 35 -68.69 39.29 43.36
C ALA E 35 -67.21 39.08 43.64
N ALA E 36 -66.58 40.02 44.33
CA ALA E 36 -65.16 39.89 44.66
C ALA E 36 -64.94 38.90 45.79
N VAL E 37 -65.87 38.81 46.74
CA VAL E 37 -65.77 37.85 47.82
C VAL E 37 -66.20 36.46 47.35
N ARG E 38 -66.81 36.36 46.18
CA ARG E 38 -67.20 35.07 45.64
C ARG E 38 -66.11 34.46 44.76
N ASP E 39 -65.58 35.23 43.83
CA ASP E 39 -64.59 34.68 42.92
C ASP E 39 -63.22 34.51 43.57
N GLU E 40 -62.95 35.22 44.66
CA GLU E 40 -61.74 34.94 45.42
C GLU E 40 -61.90 33.69 46.25
N LEU E 41 -63.08 33.53 46.87
CA LEU E 41 -63.38 32.30 47.61
C LEU E 41 -63.48 31.11 46.67
N MET E 42 -63.81 31.36 45.39
CA MET E 42 -63.66 30.37 44.33
C MET E 42 -62.22 29.89 44.21
N ALA E 43 -61.24 30.73 44.55
CA ALA E 43 -59.85 30.34 44.54
C ALA E 43 -59.21 30.27 45.94
N ALA E 44 -59.89 30.76 46.98
CA ALA E 44 -59.30 30.73 48.31
C ALA E 44 -59.36 29.35 48.95
N VAL E 45 -60.54 28.73 48.93
CA VAL E 45 -60.73 27.46 49.61
C VAL E 45 -60.47 26.29 48.67
N ARG E 46 -59.82 26.58 47.56
CA ARG E 46 -59.15 25.56 46.76
C ARG E 46 -57.70 25.98 46.55
N ASP E 47 -56.93 25.03 46.01
CA ASP E 47 -55.47 25.11 45.87
C ASP E 47 -54.79 25.40 47.21
N ASN E 48 -55.36 24.82 48.27
CA ASN E 48 -54.73 24.58 49.57
C ASN E 48 -54.34 25.88 50.30
N ASN E 49 -54.93 27.02 49.94
CA ASN E 49 -54.60 28.26 50.63
C ASN E 49 -55.23 28.25 52.03
N MET E 50 -54.40 28.50 53.04
CA MET E 50 -54.87 28.48 54.42
C MET E 50 -54.69 29.81 55.13
N ALA E 51 -53.47 30.34 55.12
CA ALA E 51 -53.07 31.51 55.90
C ALA E 51 -53.57 32.88 55.41
N PRO E 52 -53.50 33.27 54.12
CA PRO E 52 -53.66 34.69 53.80
C PRO E 52 -55.08 35.22 53.79
N TYR E 53 -56.07 34.55 54.38
CA TYR E 53 -57.42 35.10 54.27
C TYR E 53 -58.23 35.05 55.56
N TYR E 54 -57.58 34.98 56.73
CA TYR E 54 -58.33 35.02 57.98
C TYR E 54 -58.94 36.40 58.21
N GLU E 55 -58.12 37.45 58.11
CA GLU E 55 -58.64 38.81 58.24
C GLU E 55 -59.42 39.25 57.02
N ALA E 56 -59.17 38.63 55.86
CA ALA E 56 -60.05 38.84 54.72
C ALA E 56 -61.42 38.24 54.96
N LEU E 57 -61.47 37.11 55.69
CA LEU E 57 -62.75 36.57 56.12
C LEU E 57 -63.38 37.46 57.19
N CYS E 58 -62.54 38.13 57.99
CA CYS E 58 -63.04 39.14 58.91
C CYS E 58 -63.57 40.37 58.17
N LYS E 59 -62.94 40.74 57.04
CA LYS E 59 -63.51 41.78 56.20
C LYS E 59 -64.66 41.25 55.35
N SER E 60 -64.79 39.93 55.23
CA SER E 60 -65.92 39.31 54.56
C SER E 60 -67.12 39.25 55.51
N LEU E 61 -68.09 38.43 55.15
CA LEU E 61 -69.23 38.13 56.01
C LEU E 61 -68.84 37.11 57.08
N ASP E 62 -69.85 36.53 57.73
CA ASP E 62 -69.62 35.47 58.71
C ASP E 62 -68.95 34.26 58.06
N TRP E 63 -69.66 33.61 57.13
CA TRP E 63 -69.32 32.31 56.56
C TRP E 63 -69.09 31.30 57.69
N GLN E 64 -70.20 31.02 58.37
CA GLN E 64 -70.17 30.43 59.72
C GLN E 64 -69.56 29.04 59.73
N ILE E 65 -69.90 28.20 58.74
CA ILE E 65 -69.32 26.87 58.64
C ILE E 65 -68.19 26.94 57.62
N ASP E 66 -66.99 27.22 58.13
CA ASP E 66 -65.75 27.06 57.39
C ASP E 66 -64.84 26.03 58.03
N VAL E 67 -65.31 25.35 59.07
CA VAL E 67 -64.43 24.51 59.89
C VAL E 67 -64.03 23.26 59.13
N ASP E 68 -65.01 22.53 58.58
CA ASP E 68 -64.70 21.41 57.71
C ASP E 68 -64.12 21.87 56.38
N LEU E 69 -64.45 23.09 55.95
CA LEU E 69 -63.77 23.70 54.81
C LEU E 69 -62.30 23.92 55.08
N LEU E 70 -61.92 24.23 56.32
CA LEU E 70 -60.51 24.32 56.67
C LEU E 70 -59.91 22.94 56.92
N ASN E 71 -60.65 22.04 57.54
CA ASN E 71 -60.11 20.74 57.94
C ASN E 71 -59.81 19.84 56.76
N LYS E 72 -60.59 19.95 55.67
CA LYS E 72 -60.28 19.20 54.46
C LYS E 72 -59.04 19.73 53.75
N MET E 73 -58.60 20.95 54.07
CA MET E 73 -57.48 21.59 53.41
C MET E 73 -56.21 21.58 54.25
N LYS E 74 -56.32 21.79 55.56
CA LYS E 74 -55.15 21.64 56.42
C LYS E 74 -54.70 20.20 56.53
N LYS E 75 -55.60 19.25 56.27
CA LYS E 75 -55.18 17.87 56.10
C LYS E 75 -54.36 17.70 54.84
N ALA E 76 -54.85 18.22 53.71
CA ALA E 76 -54.12 18.17 52.45
C ALA E 76 -52.85 19.01 52.48
N ASN E 77 -52.81 20.03 53.35
CA ASN E 77 -51.55 20.71 53.63
C ASN E 77 -50.58 19.78 54.32
N GLU E 78 -51.07 19.02 55.31
CA GLU E 78 -50.24 18.05 56.01
C GLU E 78 -49.85 16.88 55.10
N ASP E 79 -50.71 16.53 54.15
CA ASP E 79 -50.42 15.42 53.24
C ASP E 79 -49.20 15.70 52.36
N GLU E 80 -49.15 16.89 51.77
CA GLU E 80 -47.94 17.33 51.08
C GLU E 80 -46.79 17.54 52.05
N LEU E 81 -47.08 17.88 53.30
CA LEU E 81 -46.01 18.11 54.26
C LEU E 81 -45.47 16.80 54.81
N LYS E 82 -46.30 15.75 54.88
CA LYS E 82 -45.81 14.48 55.41
C LYS E 82 -45.11 13.63 54.36
N ARG E 83 -45.39 13.86 53.07
CA ARG E 83 -44.62 13.18 52.05
C ARG E 83 -43.27 13.85 51.84
N LEU E 84 -43.14 15.12 52.22
CA LEU E 84 -41.83 15.70 52.47
C LEU E 84 -41.16 15.04 53.66
N ASP E 85 -41.95 14.71 54.68
CA ASP E 85 -41.43 13.99 55.84
C ASP E 85 -41.14 12.54 55.53
N GLU E 86 -41.65 12.02 54.40
CA GLU E 86 -41.29 10.70 53.91
C GLU E 86 -40.22 10.76 52.83
N GLU E 87 -39.88 11.95 52.35
CA GLU E 87 -38.82 12.15 51.38
C GLU E 87 -37.46 12.35 52.02
N LEU E 88 -37.43 13.03 53.18
CA LEU E 88 -36.18 13.52 53.76
C LEU E 88 -35.28 12.42 54.30
N GLU E 89 -35.77 11.20 54.43
CA GLU E 89 -34.91 10.11 54.86
C GLU E 89 -34.50 9.20 53.72
N ASP E 90 -35.26 9.19 52.61
CA ASP E 90 -34.90 8.42 51.44
C ASP E 90 -33.97 9.17 50.52
N ALA E 91 -33.87 10.48 50.67
CA ALA E 91 -32.93 11.28 49.90
C ALA E 91 -31.55 11.32 50.53
N GLU E 92 -31.46 11.22 51.86
CA GLU E 92 -30.18 11.25 52.55
C GLU E 92 -29.51 9.89 52.61
N LYS E 93 -30.25 8.80 52.38
CA LYS E 93 -29.67 7.47 52.45
C LYS E 93 -28.72 7.21 51.29
N ASN E 94 -29.15 7.59 50.09
CA ASN E 94 -28.36 7.44 48.87
C ASN E 94 -28.45 8.80 48.21
N LEU E 95 -27.47 9.64 48.49
CA LEU E 95 -27.60 11.08 48.31
C LEU E 95 -27.40 11.49 46.86
N GLY E 96 -28.18 12.47 46.42
CA GLY E 96 -27.87 13.20 45.21
C GLY E 96 -27.15 14.47 45.58
N GLU E 97 -27.64 15.61 45.09
CA GLU E 97 -27.11 16.91 45.51
C GLU E 97 -27.98 17.51 46.62
N SER E 98 -27.99 16.79 47.75
CA SER E 98 -28.83 17.06 48.92
C SER E 98 -30.31 17.11 48.52
N GLU E 99 -30.80 15.93 48.13
CA GLU E 99 -32.11 15.82 47.50
C GLU E 99 -33.28 16.02 48.44
N ILE E 100 -33.07 16.10 49.75
CA ILE E 100 -34.09 16.60 50.68
C ILE E 100 -34.43 18.04 50.31
N ARG E 101 -33.42 18.89 50.44
CA ARG E 101 -33.46 20.31 50.08
C ARG E 101 -33.83 20.49 48.62
N ASP E 102 -33.22 19.67 47.75
CA ASP E 102 -33.43 19.77 46.31
C ASP E 102 -34.83 19.35 45.91
N ALA E 103 -35.49 18.52 46.70
CA ALA E 103 -36.91 18.28 46.47
C ALA E 103 -37.73 19.48 46.88
N MET E 104 -37.59 19.92 48.12
CA MET E 104 -38.38 21.04 48.60
C MET E 104 -37.76 22.39 48.29
N MET E 105 -36.73 22.47 47.45
CA MET E 105 -36.40 23.77 46.89
C MET E 105 -37.37 24.15 45.79
N ALA E 106 -38.15 23.20 45.30
CA ALA E 106 -39.27 23.46 44.42
C ALA E 106 -40.60 23.35 45.13
N LYS E 107 -40.63 22.66 46.27
CA LYS E 107 -41.86 22.48 47.04
C LYS E 107 -41.99 23.45 48.20
N ALA E 108 -40.97 24.26 48.49
CA ALA E 108 -41.18 25.34 49.44
C ALA E 108 -41.93 26.51 48.81
N GLU E 109 -41.85 26.66 47.48
CA GLU E 109 -42.65 27.69 46.82
C GLU E 109 -44.13 27.35 46.86
N TYR E 110 -44.45 26.05 46.90
CA TYR E 110 -45.78 25.63 47.31
C TYR E 110 -46.05 26.11 48.73
N LEU E 111 -45.17 25.76 49.66
CA LEU E 111 -45.29 26.21 51.06
C LEU E 111 -45.17 27.72 51.21
N CYS E 112 -44.54 28.39 50.24
CA CYS E 112 -44.59 29.84 50.19
C CYS E 112 -46.00 30.33 49.86
N ARG E 113 -46.66 29.69 48.91
CA ARG E 113 -48.05 30.04 48.62
C ARG E 113 -48.96 29.56 49.74
N ILE E 114 -48.73 28.36 50.24
CA ILE E 114 -49.68 27.75 51.15
C ILE E 114 -49.51 28.32 52.55
N GLY E 115 -48.34 28.11 53.15
CA GLY E 115 -48.00 28.78 54.38
C GLY E 115 -47.61 30.22 54.14
N ASP E 116 -47.14 30.85 55.19
CA ASP E 116 -46.68 32.22 55.08
C ASP E 116 -45.18 32.23 54.75
N LYS E 117 -44.55 33.38 54.90
CA LYS E 117 -43.17 33.58 54.50
C LYS E 117 -42.17 32.76 55.31
N GLU E 118 -42.55 32.32 56.51
CA GLU E 118 -41.58 31.72 57.42
C GLU E 118 -41.13 30.35 56.94
N GLY E 119 -42.07 29.53 56.45
CA GLY E 119 -41.68 28.31 55.78
C GLY E 119 -40.93 28.54 54.50
N ALA E 120 -41.17 29.67 53.83
CA ALA E 120 -40.43 30.02 52.64
C ALA E 120 -39.03 30.51 52.97
N LEU E 121 -38.91 31.44 53.92
CA LEU E 121 -37.64 32.12 54.15
C LEU E 121 -36.61 31.23 54.80
N THR E 122 -37.01 30.28 55.64
CA THR E 122 -36.05 29.36 56.22
C THR E 122 -35.69 28.23 55.28
N ALA E 123 -36.48 28.01 54.23
CA ALA E 123 -36.16 27.01 53.24
C ALA E 123 -35.46 27.57 52.03
N PHE E 124 -35.71 28.84 51.72
CA PHE E 124 -35.02 29.44 50.57
C PHE E 124 -33.58 29.79 50.93
N ARG E 125 -33.37 30.33 52.13
CA ARG E 125 -32.01 30.56 52.60
C ARG E 125 -31.31 29.25 52.95
N LYS E 126 -32.06 28.19 53.19
CA LYS E 126 -31.47 26.86 53.21
C LYS E 126 -30.91 26.54 51.84
N THR E 127 -31.78 26.45 50.84
CA THR E 127 -31.36 25.99 49.52
C THR E 127 -30.58 27.03 48.72
N TYR E 128 -30.38 28.23 49.26
CA TYR E 128 -29.50 29.19 48.61
C TYR E 128 -28.05 28.72 48.66
N ASP E 129 -27.64 28.09 49.76
CA ASP E 129 -26.27 27.63 49.90
C ASP E 129 -26.04 26.28 49.28
N LYS E 130 -27.10 25.62 48.79
CA LYS E 130 -26.95 24.32 48.16
C LYS E 130 -26.36 24.43 46.77
N THR E 131 -27.04 25.14 45.87
CA THR E 131 -26.66 25.18 44.47
C THR E 131 -25.45 26.07 44.28
N VAL E 132 -24.40 25.51 43.69
CA VAL E 132 -23.15 26.23 43.46
C VAL E 132 -23.25 27.18 42.28
N ALA E 133 -24.26 27.03 41.43
CA ALA E 133 -24.47 27.94 40.32
C ALA E 133 -25.65 28.84 40.64
N LEU E 134 -25.57 30.08 40.14
CA LEU E 134 -26.60 31.07 40.39
C LEU E 134 -27.90 30.78 39.67
N GLY E 135 -27.88 29.89 38.67
CA GLY E 135 -29.04 29.61 37.84
C GLY E 135 -30.21 29.02 38.59
N HIS E 136 -29.97 28.47 39.78
CA HIS E 136 -31.06 28.23 40.71
C HIS E 136 -31.15 29.30 41.78
N ARG E 137 -30.00 29.87 42.17
CA ARG E 137 -29.99 30.91 43.21
C ARG E 137 -30.78 32.13 42.76
N LEU E 138 -30.49 32.63 41.56
CA LEU E 138 -31.11 33.84 41.06
C LEU E 138 -32.59 33.64 40.77
N ASP E 139 -33.03 32.40 40.57
CA ASP E 139 -34.45 32.13 40.48
C ASP E 139 -35.10 32.05 41.84
N ILE E 140 -34.35 31.70 42.89
CA ILE E 140 -34.87 31.79 44.25
C ILE E 140 -35.08 33.25 44.63
N VAL E 141 -34.18 34.14 44.18
CA VAL E 141 -34.26 35.55 44.55
C VAL E 141 -35.49 36.21 43.94
N PHE E 142 -35.92 35.75 42.76
CA PHE E 142 -37.16 36.25 42.17
C PHE E 142 -38.39 35.85 42.98
N TYR E 143 -38.30 34.75 43.73
CA TYR E 143 -39.39 34.37 44.62
C TYR E 143 -39.46 35.28 45.82
N LEU E 144 -38.29 35.62 46.40
CA LEU E 144 -38.24 36.54 47.53
C LEU E 144 -38.69 37.93 47.16
N LEU E 145 -38.44 38.35 45.92
CA LEU E 145 -38.94 39.64 45.47
C LEU E 145 -40.46 39.64 45.38
N ARG E 146 -41.03 38.53 44.95
CA ARG E 146 -42.44 38.51 44.63
C ARG E 146 -43.32 38.44 45.87
N ILE E 147 -42.89 37.68 46.89
CA ILE E 147 -43.60 37.71 48.16
C ILE E 147 -43.40 39.04 48.89
N GLY E 148 -42.24 39.69 48.72
CA GLY E 148 -41.99 40.98 49.32
C GLY E 148 -42.76 42.12 48.71
N LEU E 149 -43.45 41.87 47.59
CA LEU E 149 -44.43 42.78 47.05
C LEU E 149 -45.82 42.54 47.64
N PHE E 150 -46.15 41.29 47.92
CA PHE E 150 -47.44 40.93 48.50
C PHE E 150 -47.57 41.48 49.91
N TYR E 151 -46.55 41.25 50.73
CA TYR E 151 -46.49 41.75 52.08
C TYR E 151 -45.85 43.13 52.16
N MET E 152 -45.69 43.79 51.01
CA MET E 152 -45.01 45.07 50.77
C MET E 152 -43.75 45.26 51.60
N ASP E 153 -42.88 44.24 51.60
CA ASP E 153 -41.64 44.26 52.37
C ASP E 153 -40.65 45.20 51.70
N ASN E 154 -40.87 46.50 51.95
CA ASN E 154 -40.09 47.55 51.31
C ASN E 154 -38.66 47.62 51.82
N ASP E 155 -38.35 46.96 52.93
CA ASP E 155 -37.01 46.91 53.45
C ASP E 155 -36.31 45.60 53.12
N LEU E 156 -37.06 44.56 52.79
CA LEU E 156 -36.47 43.30 52.36
C LEU E 156 -36.24 43.27 50.86
N ILE E 157 -36.96 44.09 50.09
CA ILE E 157 -36.69 44.12 48.66
C ILE E 157 -35.39 44.88 48.39
N THR E 158 -35.03 45.83 49.26
CA THR E 158 -33.79 46.57 49.07
C THR E 158 -32.56 45.69 49.28
N ARG E 159 -32.70 44.61 50.06
CA ARG E 159 -31.57 43.73 50.30
C ARG E 159 -31.31 42.83 49.10
N ASN E 160 -32.32 42.06 48.69
CA ASN E 160 -32.14 41.03 47.68
C ASN E 160 -32.09 41.57 46.25
N THR E 161 -32.58 42.79 45.99
CA THR E 161 -32.40 43.39 44.67
C THR E 161 -30.92 43.63 44.38
N GLU E 162 -30.18 44.16 45.34
CA GLU E 162 -28.74 44.24 45.19
C GLU E 162 -28.14 42.84 45.15
N LYS E 163 -28.68 41.92 45.94
CA LYS E 163 -28.21 40.54 45.88
C LYS E 163 -28.66 39.85 44.61
N ALA E 164 -29.74 40.30 43.98
CA ALA E 164 -30.05 39.86 42.64
C ALA E 164 -29.02 40.40 41.66
N LYS E 165 -28.90 41.74 41.61
CA LYS E 165 -28.08 42.40 40.60
C LYS E 165 -26.62 42.04 40.69
N SER E 166 -26.14 41.68 41.88
CA SER E 166 -24.78 41.18 42.04
C SER E 166 -24.56 39.83 41.38
N LEU E 167 -25.61 39.12 40.99
CA LEU E 167 -25.45 37.83 40.34
C LEU E 167 -25.43 37.93 38.82
N ILE E 168 -26.06 38.94 38.23
CA ILE E 168 -26.24 38.96 36.78
C ILE E 168 -24.92 39.27 36.06
N GLU E 169 -23.98 40.00 36.71
CA GLU E 169 -22.76 40.47 36.03
C GLU E 169 -21.90 39.33 35.51
N GLU E 170 -21.76 38.25 36.27
CA GLU E 170 -21.19 37.04 35.72
C GLU E 170 -22.27 36.34 34.90
N GLY E 171 -21.95 36.01 33.65
CA GLY E 171 -22.95 35.67 32.67
C GLY E 171 -23.62 36.93 32.13
N GLY E 172 -24.53 36.72 31.18
CA GLY E 172 -25.29 37.83 30.64
C GLY E 172 -26.62 37.98 31.32
N ASP E 173 -27.35 36.86 31.37
CA ASP E 173 -28.55 36.68 32.21
C ASP E 173 -29.63 37.69 31.85
N TRP E 174 -29.88 37.81 30.56
CA TRP E 174 -30.83 38.81 30.11
C TRP E 174 -32.25 38.36 30.31
N ASP E 175 -32.50 37.05 30.38
CA ASP E 175 -33.80 36.60 30.85
C ASP E 175 -33.89 36.66 32.36
N ARG E 176 -32.82 37.08 33.02
CA ARG E 176 -32.83 37.40 34.44
C ARG E 176 -32.51 38.87 34.69
N ARG E 177 -32.17 39.62 33.64
CA ARG E 177 -32.02 41.06 33.75
C ARG E 177 -33.25 41.79 33.24
N ASN E 178 -33.68 41.48 32.02
CA ASN E 178 -34.89 42.08 31.47
C ASN E 178 -36.12 41.64 32.23
N ARG E 179 -36.09 40.44 32.79
CA ARG E 179 -37.12 40.07 33.75
C ARG E 179 -37.04 40.93 35.00
N LEU E 180 -35.82 41.22 35.47
CA LEU E 180 -35.65 41.98 36.71
C LEU E 180 -36.09 43.43 36.55
N LYS E 181 -35.89 44.01 35.36
CA LYS E 181 -36.21 45.41 35.13
C LYS E 181 -37.69 45.70 35.27
N VAL E 182 -38.53 44.69 35.04
CA VAL E 182 -39.95 44.85 35.24
C VAL E 182 -40.27 44.95 36.72
N TYR E 183 -39.47 44.31 37.57
CA TYR E 183 -39.77 44.32 39.00
C TYR E 183 -39.49 45.67 39.63
N GLN E 184 -38.36 46.30 39.30
CA GLN E 184 -38.18 47.68 39.74
C GLN E 184 -39.13 48.61 39.00
N GLY E 185 -39.48 48.27 37.76
CA GLY E 185 -40.44 49.06 37.01
C GLY E 185 -41.82 49.02 37.63
N LEU E 186 -42.19 47.90 38.25
CA LEU E 186 -43.37 47.89 39.08
C LEU E 186 -43.12 48.43 40.48
N TYR E 187 -41.87 48.39 40.96
CA TYR E 187 -41.64 48.97 42.27
C TYR E 187 -41.49 50.48 42.21
N CYS E 188 -40.83 51.00 41.17
CA CYS E 188 -40.69 52.45 41.07
C CYS E 188 -41.99 53.13 40.71
N VAL E 189 -43.00 52.38 40.25
CA VAL E 189 -44.32 52.96 40.09
C VAL E 189 -45.21 52.62 41.28
N ALA E 190 -44.78 51.67 42.12
CA ALA E 190 -45.43 51.48 43.41
C ALA E 190 -45.17 52.68 44.31
N ILE E 191 -43.92 53.12 44.38
CA ILE E 191 -43.56 54.39 44.99
C ILE E 191 -43.83 55.45 43.92
N ARG E 192 -43.90 56.71 44.30
CA ARG E 192 -44.18 57.79 43.35
C ARG E 192 -42.87 58.23 42.71
N ASP E 193 -42.33 57.37 41.84
CA ASP E 193 -41.06 57.71 41.19
C ASP E 193 -41.20 57.40 39.70
N PHE E 194 -41.72 58.37 38.96
CA PHE E 194 -42.15 58.12 37.59
C PHE E 194 -41.04 58.24 36.57
N LYS E 195 -40.02 59.06 36.84
CA LYS E 195 -38.91 59.16 35.90
C LYS E 195 -38.03 57.92 35.93
N GLN E 196 -38.10 57.12 36.98
CA GLN E 196 -37.47 55.82 36.99
C GLN E 196 -38.33 54.76 36.34
N ALA E 197 -39.64 54.85 36.53
CA ALA E 197 -40.53 53.79 36.06
C ALA E 197 -40.61 53.76 34.55
N ALA E 198 -40.60 54.93 33.90
CA ALA E 198 -40.53 54.94 32.45
C ALA E 198 -39.15 54.54 31.97
N GLU E 199 -38.12 54.81 32.76
CA GLU E 199 -36.78 54.38 32.40
C GLU E 199 -36.58 52.88 32.61
N LEU E 200 -37.21 52.31 33.62
CA LEU E 200 -37.21 50.85 33.72
C LEU E 200 -38.12 50.21 32.70
N PHE E 201 -39.15 50.92 32.23
CA PHE E 201 -40.00 50.46 31.13
C PHE E 201 -39.51 50.97 29.79
N LEU E 202 -38.21 51.18 29.64
CA LEU E 202 -37.69 51.82 28.42
C LEU E 202 -37.77 50.86 27.25
N ASP E 203 -37.63 49.56 27.50
CA ASP E 203 -37.50 48.61 26.42
C ASP E 203 -38.80 48.33 25.68
N THR E 204 -39.77 47.70 26.34
CA THR E 204 -41.04 47.23 25.75
C THR E 204 -40.84 46.41 24.48
N VAL E 205 -39.70 45.73 24.40
CA VAL E 205 -39.30 44.96 23.23
C VAL E 205 -38.95 43.57 23.72
N SER E 206 -38.01 43.50 24.65
CA SER E 206 -37.68 42.25 25.31
C SER E 206 -38.65 41.89 26.42
N THR E 207 -39.57 42.80 26.74
CA THR E 207 -40.58 42.54 27.77
C THR E 207 -41.54 41.49 27.24
N PHE E 208 -41.67 40.41 27.98
CA PHE E 208 -42.30 39.20 27.47
C PHE E 208 -43.74 39.11 27.95
N THR E 209 -44.47 38.15 27.39
CA THR E 209 -45.86 37.90 27.77
C THR E 209 -45.85 37.22 29.13
N SER E 210 -45.75 38.05 30.16
CA SER E 210 -45.41 37.58 31.49
C SER E 210 -46.65 37.04 32.20
N TYR E 211 -46.48 36.75 33.49
CA TYR E 211 -47.51 36.22 34.35
C TYR E 211 -48.29 37.32 35.06
N GLU E 212 -47.63 38.42 35.40
CA GLU E 212 -48.26 39.43 36.23
C GLU E 212 -49.06 40.42 35.40
N LEU E 213 -48.55 40.82 34.24
CA LEU E 213 -49.34 41.46 33.20
C LEU E 213 -49.50 40.43 32.10
N MET E 214 -50.49 39.55 32.28
CA MET E 214 -50.71 38.44 31.36
C MET E 214 -51.12 38.91 29.98
N ASP E 215 -51.73 40.09 29.88
CA ASP E 215 -51.81 40.79 28.61
C ASP E 215 -50.57 41.66 28.50
N TYR E 216 -49.87 41.51 27.38
CA TYR E 216 -48.80 42.44 27.03
C TYR E 216 -49.33 43.84 26.81
N LYS E 217 -50.59 43.96 26.39
CA LYS E 217 -51.19 45.26 26.09
C LYS E 217 -51.50 46.04 27.36
N THR E 218 -51.74 45.35 28.48
CA THR E 218 -51.85 46.05 29.76
C THR E 218 -50.52 46.63 30.19
N PHE E 219 -49.43 45.92 29.89
CA PHE E 219 -48.10 46.48 30.09
C PHE E 219 -47.86 47.68 29.21
N VAL E 220 -48.44 47.68 28.01
CA VAL E 220 -48.33 48.82 27.11
C VAL E 220 -49.06 50.02 27.69
N THR E 221 -50.21 49.80 28.32
CA THR E 221 -50.91 50.90 28.98
C THR E 221 -50.14 51.48 30.15
N TYR E 222 -49.45 50.62 30.90
CA TYR E 222 -48.70 51.12 32.04
C TYR E 222 -47.45 51.88 31.62
N THR E 223 -46.79 51.45 30.53
CA THR E 223 -45.59 52.15 30.10
C THR E 223 -45.89 53.41 29.32
N VAL E 224 -47.13 53.62 28.90
CA VAL E 224 -47.43 54.87 28.22
C VAL E 224 -47.99 55.90 29.20
N TYR E 225 -48.65 55.45 30.28
CA TYR E 225 -49.20 56.38 31.25
C TYR E 225 -48.10 57.05 32.06
N VAL E 226 -46.96 56.38 32.21
CA VAL E 226 -45.84 56.97 32.92
C VAL E 226 -44.92 57.73 31.98
N SER E 227 -44.93 57.41 30.68
CA SER E 227 -44.00 58.04 29.75
C SER E 227 -44.41 59.46 29.42
N MET E 228 -45.70 59.77 29.49
CA MET E 228 -46.17 61.11 29.22
C MET E 228 -45.91 62.08 30.36
N ILE E 229 -45.42 61.60 31.49
CA ILE E 229 -45.00 62.46 32.59
C ILE E 229 -43.50 62.72 32.56
N ALA E 230 -42.71 61.65 32.41
CA ALA E 230 -41.29 61.72 32.74
C ALA E 230 -40.49 62.52 31.73
N LEU E 231 -40.90 62.53 30.47
CA LEU E 231 -40.09 63.14 29.42
C LEU E 231 -40.88 64.22 28.69
N GLU E 232 -40.13 65.13 28.11
CA GLU E 232 -40.67 66.32 27.45
C GLU E 232 -41.00 65.94 26.00
N ARG E 233 -41.23 66.92 25.13
CA ARG E 233 -41.49 66.60 23.74
C ARG E 233 -40.33 67.04 22.84
N PRO E 234 -39.06 66.64 23.11
CA PRO E 234 -38.22 66.22 21.99
C PRO E 234 -38.13 64.71 21.92
N ASP E 235 -38.60 64.03 22.98
CA ASP E 235 -38.43 62.60 23.15
C ASP E 235 -39.70 61.81 22.97
N LEU E 236 -40.86 62.37 23.30
CA LEU E 236 -42.10 61.73 22.94
C LEU E 236 -42.29 61.76 21.43
N ARG E 237 -41.75 62.79 20.77
CA ARG E 237 -41.87 62.93 19.32
C ARG E 237 -40.84 62.11 18.57
N GLU E 238 -40.05 61.31 19.27
CA GLU E 238 -39.16 60.35 18.63
C GLU E 238 -39.40 58.91 19.06
N LYS E 239 -39.78 58.67 20.31
CA LYS E 239 -39.71 57.33 20.88
C LYS E 239 -41.05 56.61 20.83
N VAL E 240 -42.13 57.22 21.34
CA VAL E 240 -43.41 56.54 21.44
C VAL E 240 -44.40 56.99 20.39
N ILE E 241 -43.94 57.73 19.37
CA ILE E 241 -44.77 58.07 18.23
C ILE E 241 -44.20 57.34 17.02
N LYS E 242 -42.95 56.92 17.12
CA LYS E 242 -42.26 56.29 16.00
C LYS E 242 -41.90 54.83 16.24
N GLY E 243 -42.12 54.31 17.44
CA GLY E 243 -41.81 52.91 17.70
C GLY E 243 -42.88 52.02 17.09
N ALA E 244 -42.45 51.13 16.19
CA ALA E 244 -43.38 50.17 15.62
C ALA E 244 -43.74 49.11 16.63
N GLU E 245 -42.87 48.87 17.61
CA GLU E 245 -43.16 48.00 18.72
C GLU E 245 -44.22 48.57 19.64
N ILE E 246 -44.41 49.90 19.63
CA ILE E 246 -45.35 50.54 20.53
C ILE E 246 -46.56 51.08 19.79
N LEU E 247 -46.46 51.30 18.48
CA LEU E 247 -47.61 51.79 17.73
C LEU E 247 -48.63 50.68 17.50
N GLU E 248 -48.18 49.51 17.06
CA GLU E 248 -49.09 48.46 16.65
C GLU E 248 -49.78 47.78 17.82
N VAL E 249 -49.25 47.92 19.04
CA VAL E 249 -49.91 47.28 20.16
C VAL E 249 -51.01 48.15 20.73
N LEU E 250 -50.93 49.47 20.55
CA LEU E 250 -52.08 50.33 20.81
C LEU E 250 -52.91 50.56 19.56
N HIS E 251 -52.53 49.95 18.45
CA HIS E 251 -53.38 49.94 17.26
C HIS E 251 -54.65 49.15 17.51
N SER E 252 -54.59 48.18 18.43
CA SER E 252 -55.78 47.51 18.93
C SER E 252 -56.52 48.32 19.98
N LEU E 253 -55.98 49.45 20.42
CA LEU E 253 -56.62 50.23 21.47
C LEU E 253 -57.18 51.51 20.91
N PRO E 254 -58.49 51.72 20.92
CA PRO E 254 -59.03 53.01 20.45
C PRO E 254 -58.80 54.14 21.43
N ALA E 255 -58.87 53.88 22.73
CA ALA E 255 -58.84 54.96 23.71
C ALA E 255 -57.43 55.46 23.94
N VAL E 256 -56.49 54.54 24.20
CA VAL E 256 -55.16 54.93 24.62
C VAL E 256 -54.37 55.51 23.45
N ARG E 257 -54.66 55.07 22.21
CA ARG E 257 -54.13 55.73 21.03
C ARG E 257 -54.64 57.17 20.96
N GLN E 258 -55.93 57.37 21.22
CA GLN E 258 -56.47 58.71 21.25
C GLN E 258 -56.00 59.48 22.46
N TYR E 259 -55.77 58.77 23.58
CA TYR E 259 -55.34 59.45 24.80
C TYR E 259 -53.92 59.97 24.69
N LEU E 260 -53.07 59.25 23.98
CA LEU E 260 -51.70 59.73 23.80
C LEU E 260 -51.63 60.81 22.73
N PHE E 261 -52.36 60.64 21.65
CA PHE E 261 -52.15 61.51 20.50
C PHE E 261 -52.81 62.86 20.66
N SER E 262 -53.86 62.95 21.48
CA SER E 262 -54.56 64.21 21.68
C SER E 262 -53.65 65.26 22.31
N LEU E 263 -52.75 64.84 23.19
CA LEU E 263 -51.73 65.75 23.67
C LEU E 263 -50.73 66.07 22.58
N TYR E 264 -50.42 65.11 21.71
CA TYR E 264 -49.43 65.34 20.68
C TYR E 264 -50.01 66.13 19.51
N GLU E 265 -51.24 65.82 19.10
CA GLU E 265 -51.88 66.50 17.98
C GLU E 265 -52.41 67.88 18.36
N CYS E 266 -52.26 68.30 19.63
CA CYS E 266 -52.79 69.54 20.19
C CYS E 266 -54.31 69.60 20.08
N ARG E 267 -54.98 68.46 20.14
CA ARG E 267 -56.43 68.40 20.27
C ARG E 267 -56.79 68.50 21.74
N TYR E 268 -56.77 69.74 22.23
CA TYR E 268 -56.76 69.98 23.66
C TYR E 268 -58.11 69.70 24.32
N SER E 269 -59.20 69.93 23.60
CA SER E 269 -60.53 69.78 24.19
C SER E 269 -60.85 68.31 24.46
N VAL E 270 -60.48 67.42 23.54
CA VAL E 270 -60.76 66.00 23.71
C VAL E 270 -59.72 65.33 24.59
N PHE E 271 -58.68 66.06 24.98
CA PHE E 271 -57.70 65.53 25.91
C PHE E 271 -58.29 65.32 27.29
N PHE E 272 -59.07 66.28 27.79
CA PHE E 272 -59.72 66.13 29.09
C PHE E 272 -60.80 65.06 29.09
N GLN E 273 -61.37 64.76 27.91
CA GLN E 273 -62.48 63.81 27.83
C GLN E 273 -62.02 62.41 28.17
N SER E 274 -60.97 61.94 27.51
CA SER E 274 -60.43 60.63 27.79
C SER E 274 -59.62 60.59 29.08
N LEU E 275 -59.10 61.74 29.51
CA LEU E 275 -58.42 61.81 30.81
C LEU E 275 -59.39 61.56 31.95
N ALA E 276 -60.64 61.96 31.80
CA ALA E 276 -61.66 61.64 32.79
C ALA E 276 -61.90 60.14 32.87
N VAL E 277 -61.79 59.44 31.74
CA VAL E 277 -61.97 58.00 31.72
C VAL E 277 -60.81 57.31 32.42
N VAL E 278 -59.59 57.74 32.11
CA VAL E 278 -58.39 57.09 32.64
C VAL E 278 -58.27 57.32 34.15
N GLU E 279 -58.53 58.54 34.60
CA GLU E 279 -58.44 58.88 36.01
C GLU E 279 -59.51 58.18 36.83
N GLN E 280 -60.69 57.96 36.24
CA GLN E 280 -61.66 57.08 36.85
C GLN E 280 -61.15 55.65 36.88
N GLU E 281 -60.54 55.19 35.77
CA GLU E 281 -59.97 53.86 35.71
C GLU E 281 -58.78 53.70 36.62
N MET E 282 -57.99 54.77 36.77
CA MET E 282 -56.81 54.74 37.64
C MET E 282 -57.21 54.62 39.11
N LYS E 283 -58.40 55.13 39.46
CA LYS E 283 -58.92 54.97 40.82
C LYS E 283 -59.21 53.51 41.12
N LYS E 284 -59.93 52.83 40.24
CA LYS E 284 -60.31 51.44 40.48
C LYS E 284 -59.19 50.45 40.21
N ASP E 285 -58.14 50.88 39.52
CA ASP E 285 -57.01 50.00 39.31
C ASP E 285 -56.21 49.86 40.59
N TRP E 286 -55.70 48.65 40.83
CA TRP E 286 -54.74 48.47 41.91
C TRP E 286 -53.41 49.11 41.55
N LEU E 287 -52.69 49.57 42.58
CA LEU E 287 -51.31 50.01 42.61
C LEU E 287 -51.13 51.40 41.99
N PHE E 288 -52.15 51.94 41.34
CA PHE E 288 -52.17 53.35 40.99
C PHE E 288 -53.07 54.17 41.89
N ALA E 289 -54.06 53.53 42.51
CA ALA E 289 -54.93 54.12 43.52
C ALA E 289 -54.25 54.74 44.74
N PRO E 290 -53.02 54.39 45.12
CA PRO E 290 -52.32 55.27 46.09
C PRO E 290 -51.96 56.64 45.56
N HIS E 291 -51.96 56.86 44.25
CA HIS E 291 -51.44 58.14 43.75
C HIS E 291 -52.22 58.63 42.55
N TYR E 292 -53.50 58.28 42.46
CA TYR E 292 -54.28 58.73 41.30
C TYR E 292 -54.61 60.20 41.36
N ARG E 293 -54.75 60.77 42.54
CA ARG E 293 -54.97 62.20 42.65
C ARG E 293 -53.70 63.01 42.43
N TYR E 294 -52.53 62.38 42.59
CA TYR E 294 -51.26 63.00 42.23
C TYR E 294 -51.04 63.04 40.72
N TYR E 295 -51.68 62.14 40.00
CA TYR E 295 -51.42 61.97 38.57
C TYR E 295 -51.96 63.15 37.77
N VAL E 296 -53.26 63.41 37.88
CA VAL E 296 -53.92 64.35 36.98
C VAL E 296 -53.51 65.79 37.28
N ARG E 297 -53.30 66.12 38.55
CA ARG E 297 -52.84 67.46 38.89
C ARG E 297 -51.44 67.73 38.38
N GLU E 298 -50.66 66.69 38.09
CA GLU E 298 -49.45 66.84 37.32
C GLU E 298 -49.73 66.81 35.83
N MET E 299 -50.77 66.10 35.40
CA MET E 299 -51.11 66.07 33.98
C MET E 299 -51.91 67.30 33.56
N ARG E 300 -52.64 67.93 34.47
CA ARG E 300 -53.27 69.21 34.15
C ARG E 300 -52.22 70.27 33.93
N ILE E 301 -51.25 70.38 34.85
CA ILE E 301 -50.26 71.43 34.78
C ILE E 301 -49.26 71.14 33.65
N HIS E 302 -49.14 69.88 33.23
CA HIS E 302 -48.41 69.56 32.02
C HIS E 302 -49.18 69.98 30.78
N ALA E 303 -50.50 69.84 30.80
CA ALA E 303 -51.32 70.25 29.68
C ALA E 303 -51.47 71.76 29.59
N TYR E 304 -51.44 72.46 30.72
CA TYR E 304 -51.62 73.90 30.71
C TYR E 304 -50.41 74.60 30.14
N SER E 305 -49.23 74.25 30.64
CA SER E 305 -48.00 74.96 30.31
C SER E 305 -47.56 74.72 28.88
N GLN E 306 -47.97 73.60 28.28
CA GLN E 306 -47.63 73.36 26.87
C GLN E 306 -48.31 74.37 25.96
N LEU E 307 -49.59 74.64 26.21
CA LEU E 307 -50.29 75.66 25.44
C LEU E 307 -49.82 77.06 25.82
N LEU E 308 -49.52 77.28 27.09
CA LEU E 308 -49.22 78.63 27.57
C LEU E 308 -47.81 79.11 27.24
N GLU E 309 -46.89 78.21 26.93
CA GLU E 309 -45.55 78.66 26.63
C GLU E 309 -45.31 78.89 25.15
N SER E 310 -46.35 78.79 24.33
CA SER E 310 -46.21 79.13 22.92
C SER E 310 -46.45 80.61 22.69
N TYR E 311 -47.35 81.21 23.45
CA TYR E 311 -47.81 82.58 23.23
C TYR E 311 -47.36 83.46 24.38
N ARG E 312 -47.65 84.76 24.27
CA ARG E 312 -47.45 85.68 25.38
C ARG E 312 -48.68 86.47 25.77
N SER E 313 -49.56 86.79 24.82
CA SER E 313 -50.67 87.71 25.03
C SER E 313 -52.01 87.00 24.90
N LEU E 314 -52.11 85.79 25.44
CA LEU E 314 -53.31 84.99 25.31
C LEU E 314 -54.39 85.52 26.23
N THR E 315 -55.60 85.68 25.71
CA THR E 315 -56.71 86.03 26.58
C THR E 315 -57.28 84.78 27.25
N LEU E 316 -57.85 84.96 28.43
CA LEU E 316 -58.30 83.84 29.24
C LEU E 316 -59.61 83.24 28.75
N GLY E 317 -60.40 83.99 27.99
CA GLY E 317 -61.63 83.48 27.43
C GLY E 317 -61.45 82.74 26.12
N TYR E 318 -60.23 82.70 25.58
CA TYR E 318 -59.94 81.87 24.42
C TYR E 318 -59.84 80.40 24.80
N MET E 319 -59.51 80.13 26.05
CA MET E 319 -59.32 78.77 26.52
C MET E 319 -60.64 78.08 26.89
N ALA E 320 -61.76 78.80 26.81
CA ALA E 320 -63.03 78.16 27.15
C ALA E 320 -63.52 77.27 26.01
N GLU E 321 -63.63 77.83 24.81
CA GLU E 321 -64.21 77.12 23.68
C GLU E 321 -63.19 76.31 22.89
N ALA E 322 -61.91 76.42 23.23
CA ALA E 322 -60.87 75.69 22.51
C ALA E 322 -60.05 74.77 23.38
N PHE E 323 -60.11 74.90 24.70
CA PHE E 323 -59.31 74.10 25.61
C PHE E 323 -60.11 73.39 26.67
N GLY E 324 -61.17 74.01 27.18
CA GLY E 324 -62.03 73.39 28.17
C GLY E 324 -63.04 74.37 28.70
N VAL E 325 -64.30 73.96 28.77
CA VAL E 325 -65.40 74.90 28.96
C VAL E 325 -65.49 75.34 30.41
N GLY E 326 -66.00 76.55 30.60
CA GLY E 326 -66.10 77.16 31.91
C GLY E 326 -64.99 78.17 32.14
N VAL E 327 -65.30 79.45 31.98
CA VAL E 327 -64.29 80.50 32.12
C VAL E 327 -63.85 80.62 33.57
N GLU E 328 -64.81 80.60 34.49
CA GLU E 328 -64.48 80.60 35.92
C GLU E 328 -63.83 79.30 36.37
N PHE E 329 -64.05 78.21 35.64
CA PHE E 329 -63.34 76.97 35.94
C PHE E 329 -61.87 77.09 35.59
N ILE E 330 -61.56 77.77 34.49
CA ILE E 330 -60.18 78.10 34.15
C ILE E 330 -59.60 79.06 35.17
N ASP E 331 -60.45 79.95 35.71
CA ASP E 331 -60.00 81.03 36.57
C ASP E 331 -59.51 80.50 37.91
N GLN E 332 -60.30 79.66 38.57
CA GLN E 332 -59.91 79.14 39.88
C GLN E 332 -58.80 78.10 39.78
N GLU E 333 -58.60 77.50 38.60
CA GLU E 333 -57.62 76.44 38.45
C GLU E 333 -56.24 77.01 38.18
N LEU E 334 -56.16 78.06 37.38
CA LEU E 334 -54.89 78.75 37.18
C LEU E 334 -54.50 79.57 38.39
N SER E 335 -55.47 79.99 39.19
CA SER E 335 -55.19 80.79 40.37
C SER E 335 -54.46 79.99 41.44
N ARG E 336 -54.71 78.68 41.50
CA ARG E 336 -54.10 77.86 42.52
C ARG E 336 -52.76 77.28 42.11
N PHE E 337 -52.39 77.36 40.84
CA PHE E 337 -51.13 76.81 40.36
C PHE E 337 -50.02 77.84 40.27
N ILE E 338 -50.35 79.09 39.95
CA ILE E 338 -49.38 80.17 40.10
C ILE E 338 -49.12 80.40 41.58
N ALA E 339 -50.17 80.31 42.41
CA ALA E 339 -49.99 80.36 43.85
C ALA E 339 -49.26 79.12 44.39
N ALA E 340 -49.28 78.01 43.64
CA ALA E 340 -48.47 76.85 43.99
C ALA E 340 -46.99 77.05 43.69
N GLY E 341 -46.62 78.11 42.97
CA GLY E 341 -45.23 78.35 42.64
C GLY E 341 -44.77 77.69 41.37
N ARG E 342 -45.69 77.29 40.50
CA ARG E 342 -45.33 76.71 39.22
C ARG E 342 -46.12 77.42 38.12
N LEU E 343 -46.04 76.91 36.89
CA LEU E 343 -46.84 77.37 35.74
C LEU E 343 -46.57 78.86 35.47
N HIS E 344 -45.37 79.12 34.93
CA HIS E 344 -44.83 80.47 34.87
C HIS E 344 -45.61 81.37 33.92
N CYS E 345 -46.58 82.08 34.48
CA CYS E 345 -47.29 83.14 33.78
C CYS E 345 -47.92 84.03 34.85
N LYS E 346 -48.61 85.07 34.43
CA LYS E 346 -49.23 86.00 35.36
C LYS E 346 -50.55 86.48 34.79
N ILE E 347 -51.64 85.96 35.32
CA ILE E 347 -52.97 86.21 34.81
C ILE E 347 -53.43 87.61 35.24
N ASP E 348 -54.01 88.33 34.29
CA ASP E 348 -54.70 89.57 34.57
C ASP E 348 -56.20 89.33 34.69
N LYS E 349 -56.88 90.24 35.31
CA LYS E 349 -58.27 89.99 35.64
C LYS E 349 -59.25 90.90 34.93
N VAL E 350 -59.08 92.21 35.02
CA VAL E 350 -60.12 93.15 34.63
C VAL E 350 -59.93 93.73 33.24
N ASN E 351 -58.85 93.38 32.54
CA ASN E 351 -58.81 93.51 31.10
C ASN E 351 -58.88 92.15 30.39
N GLU E 352 -58.97 91.06 31.15
CA GLU E 352 -59.31 89.71 30.68
C GLU E 352 -58.27 89.19 29.68
N ILE E 353 -57.07 88.94 30.22
CA ILE E 353 -55.93 88.48 29.43
C ILE E 353 -54.99 87.74 30.37
N VAL E 354 -54.20 86.82 29.80
CA VAL E 354 -53.20 86.07 30.55
C VAL E 354 -51.84 86.38 29.95
N GLU E 355 -50.98 87.00 30.74
CA GLU E 355 -49.64 87.35 30.32
C GLU E 355 -48.63 86.38 30.91
N THR E 356 -47.67 85.96 30.10
CA THR E 356 -46.64 85.05 30.58
C THR E 356 -45.34 85.81 30.78
N ASN E 357 -44.41 85.15 31.43
CA ASN E 357 -43.04 85.62 31.62
C ASN E 357 -42.09 84.51 31.19
N ARG E 358 -40.80 84.81 31.24
CA ARG E 358 -39.85 83.71 31.16
C ARG E 358 -38.80 83.95 32.24
N PRO E 359 -38.85 83.19 33.32
CA PRO E 359 -37.80 83.28 34.33
C PRO E 359 -36.63 82.39 33.95
N ASP E 360 -35.47 82.76 34.47
CA ASP E 360 -34.26 82.03 34.11
C ASP E 360 -34.21 80.71 34.87
N SER E 361 -33.32 79.84 34.43
CA SER E 361 -33.12 78.55 35.10
C SER E 361 -32.04 78.65 36.16
N LYS E 362 -32.14 79.69 36.98
CA LYS E 362 -31.29 79.85 38.15
C LYS E 362 -32.08 79.78 39.44
N ASN E 363 -33.12 80.60 39.57
CA ASN E 363 -33.88 80.70 40.81
C ASN E 363 -34.65 79.43 41.12
N TRP E 364 -35.29 78.86 40.09
CA TRP E 364 -35.95 77.58 40.27
C TRP E 364 -34.95 76.46 40.47
N GLN E 365 -33.77 76.58 39.86
CA GLN E 365 -32.70 75.65 40.17
C GLN E 365 -32.09 75.95 41.54
N TYR E 366 -32.12 77.21 41.97
CA TYR E 366 -31.70 77.54 43.32
C TYR E 366 -32.70 77.06 44.37
N GLN E 367 -33.99 77.02 44.02
CA GLN E 367 -35.02 76.74 45.01
C GLN E 367 -34.95 75.31 45.50
N GLU E 368 -34.70 74.36 44.59
CA GLU E 368 -34.58 72.97 44.99
C GLU E 368 -33.29 72.69 45.75
N THR E 369 -32.25 73.52 45.57
CA THR E 369 -31.01 73.33 46.30
C THR E 369 -31.16 73.69 47.77
N ILE E 370 -31.92 74.73 48.07
CA ILE E 370 -32.09 75.14 49.46
C ILE E 370 -33.03 74.18 50.18
N LYS E 371 -33.81 73.38 49.45
CA LYS E 371 -34.62 72.35 50.08
C LYS E 371 -33.74 71.21 50.59
N LYS E 372 -32.88 70.69 49.71
CA LYS E 372 -32.04 69.55 50.06
C LYS E 372 -30.97 69.93 51.07
N GLY E 373 -30.48 71.16 51.00
CA GLY E 373 -29.47 71.61 51.95
C GLY E 373 -30.02 71.72 53.37
N ASP E 374 -31.29 72.10 53.49
CA ASP E 374 -31.93 72.07 54.80
C ASP E 374 -32.17 70.64 55.26
N LEU E 375 -32.49 69.76 54.32
CA LEU E 375 -32.91 68.40 54.68
C LEU E 375 -31.72 67.55 55.13
N LEU E 376 -30.57 67.70 54.48
CA LEU E 376 -29.41 66.94 54.89
C LEU E 376 -28.82 67.50 56.18
N LEU E 377 -28.89 68.83 56.35
CA LEU E 377 -28.51 69.43 57.62
C LEU E 377 -29.50 69.08 58.72
N ASN E 378 -30.77 68.84 58.37
CA ASN E 378 -31.70 68.30 59.34
C ASN E 378 -31.31 66.88 59.73
N ARG E 379 -30.74 66.13 58.79
CA ARG E 379 -30.39 64.73 59.04
C ARG E 379 -29.17 64.61 59.95
N VAL E 380 -28.13 65.39 59.66
CA VAL E 380 -26.86 65.19 60.37
C VAL E 380 -26.84 65.91 61.71
N GLN E 381 -27.61 66.99 61.88
CA GLN E 381 -27.71 67.62 63.18
C GLN E 381 -28.50 66.74 64.14
N LYS E 382 -29.54 66.08 63.65
CA LYS E 382 -30.31 65.18 64.47
C LYS E 382 -29.53 63.91 64.78
N LEU E 383 -28.65 63.49 63.87
CA LEU E 383 -27.85 62.30 64.09
C LEU E 383 -26.84 62.51 65.21
N SER E 384 -26.06 63.59 65.14
CA SER E 384 -24.97 63.80 66.09
C SER E 384 -25.45 64.12 67.49
N ARG E 385 -26.74 64.41 67.67
CA ARG E 385 -27.30 64.50 69.01
C ARG E 385 -27.60 63.12 69.56
N VAL E 386 -28.07 62.21 68.71
CA VAL E 386 -28.44 60.87 69.16
C VAL E 386 -27.19 60.09 69.53
N ILE E 387 -26.24 59.97 68.59
CA ILE E 387 -24.96 59.36 68.94
C ILE E 387 -24.15 60.32 69.78
N ASN E 388 -23.19 59.75 70.52
CA ASN E 388 -22.42 60.43 71.57
C ASN E 388 -23.35 61.11 72.57
N MET E 389 -24.17 60.26 73.21
CA MET E 389 -25.22 60.63 74.17
C MET E 389 -26.27 61.59 73.60
N ALA F 5 13.80 95.34 24.39
CA ALA F 5 15.09 94.76 24.02
C ALA F 5 15.45 93.61 24.94
N VAL F 6 15.33 93.84 26.25
CA VAL F 6 15.58 92.83 27.26
C VAL F 6 14.28 92.61 28.01
N GLN F 7 13.86 91.34 28.09
CA GLN F 7 12.63 90.98 28.81
C GLN F 7 12.74 91.30 30.29
N LYS F 8 13.67 90.63 30.98
CA LYS F 8 13.81 90.79 32.42
C LYS F 8 15.21 90.32 32.81
N VAL F 9 15.54 90.50 34.07
CA VAL F 9 16.83 90.06 34.60
C VAL F 9 16.59 88.92 35.58
N VAL F 10 17.61 88.10 35.76
CA VAL F 10 17.57 86.98 36.69
C VAL F 10 18.82 87.07 37.56
N VAL F 11 18.62 87.24 38.86
CA VAL F 11 19.69 87.42 39.82
C VAL F 11 19.72 86.21 40.74
N HIS F 12 20.90 85.66 40.96
CA HIS F 12 21.07 84.61 41.95
C HIS F 12 21.27 85.21 43.33
N PRO F 13 20.95 84.48 44.39
CA PRO F 13 21.24 84.97 45.75
C PRO F 13 22.72 84.99 46.10
N LEU F 14 23.59 84.34 45.32
CA LEU F 14 25.02 84.43 45.59
C LEU F 14 25.55 85.82 45.31
N VAL F 15 25.30 86.32 44.10
CA VAL F 15 25.75 87.66 43.73
C VAL F 15 25.00 88.72 44.54
N LEU F 16 23.78 88.39 44.99
CA LEU F 16 23.11 89.20 45.99
C LEU F 16 23.92 89.27 47.28
N LEU F 17 24.51 88.15 47.67
CA LEU F 17 25.30 88.10 48.88
C LEU F 17 26.74 88.53 48.62
N SER F 18 27.23 88.38 47.39
CA SER F 18 28.64 88.64 47.08
C SER F 18 28.96 90.12 46.95
N VAL F 19 27.99 90.99 47.22
CA VAL F 19 28.22 92.42 47.36
C VAL F 19 28.27 92.82 48.84
N VAL F 20 27.47 92.15 49.67
CA VAL F 20 27.35 92.46 51.09
C VAL F 20 28.66 92.24 51.83
N ASP F 21 29.34 91.13 51.54
CA ASP F 21 30.62 90.85 52.15
C ASP F 21 31.68 91.85 51.76
N HIS F 22 31.63 92.37 50.54
CA HIS F 22 32.55 93.44 50.15
C HIS F 22 32.16 94.75 50.80
N PHE F 23 30.86 95.00 50.98
CA PHE F 23 30.39 96.15 51.73
C PHE F 23 30.82 96.09 53.19
N ASN F 24 31.04 94.89 53.72
CA ASN F 24 31.68 94.75 55.01
C ASN F 24 33.17 95.02 54.94
N ARG F 25 33.83 94.61 53.85
CA ARG F 25 35.27 94.72 53.79
C ARG F 25 35.74 96.15 53.56
N ILE F 26 34.89 97.00 53.01
CA ILE F 26 35.23 98.42 52.90
C ILE F 26 34.45 99.26 53.90
N GLY F 27 33.75 98.62 54.83
CA GLY F 27 33.00 99.34 55.84
C GLY F 27 33.84 100.05 56.88
N LYS F 28 35.14 99.78 56.92
CA LYS F 28 36.07 100.43 57.82
C LYS F 28 36.53 101.79 57.32
N VAL F 29 36.10 102.22 56.12
CA VAL F 29 36.46 103.57 55.68
C VAL F 29 35.60 104.60 56.43
N GLY F 30 34.41 104.21 56.87
CA GLY F 30 33.56 105.07 57.67
C GLY F 30 32.88 106.20 56.91
N ASN F 31 33.69 107.09 56.33
CA ASN F 31 33.24 108.36 55.78
C ASN F 31 32.25 108.21 54.63
N GLN F 32 32.72 107.69 53.50
CA GLN F 32 31.87 107.48 52.33
C GLN F 32 32.58 106.56 51.36
N LYS F 33 31.91 105.48 50.96
CA LYS F 33 32.32 104.69 49.82
C LYS F 33 31.11 103.94 49.29
N ARG F 34 30.93 104.00 47.98
CA ARG F 34 29.99 103.14 47.30
C ARG F 34 30.75 101.92 46.77
N VAL F 35 30.15 100.76 46.91
CA VAL F 35 30.72 99.54 46.34
C VAL F 35 30.35 99.53 44.86
N VAL F 36 31.34 99.53 43.99
CA VAL F 36 31.14 99.38 42.56
C VAL F 36 31.96 98.19 42.11
N GLY F 37 31.34 97.26 41.38
CA GLY F 37 32.04 96.09 40.89
C GLY F 37 31.54 95.64 39.54
N VAL F 38 32.24 94.64 39.01
CA VAL F 38 31.96 94.07 37.71
C VAL F 38 30.97 92.94 37.88
N LEU F 39 29.90 92.97 37.11
CA LEU F 39 28.84 91.98 37.18
C LEU F 39 29.07 90.96 36.06
N LEU F 40 29.12 89.68 36.42
CA LEU F 40 29.32 88.64 35.43
C LEU F 40 28.06 87.80 35.30
N GLY F 41 27.83 87.30 34.10
CA GLY F 41 26.64 86.53 33.81
C GLY F 41 26.57 86.19 32.33
N SER F 42 25.50 85.48 31.98
CA SER F 42 25.37 85.00 30.60
C SER F 42 23.93 85.10 30.11
N TRP F 43 23.59 86.18 29.41
CA TRP F 43 22.22 86.39 28.98
C TRP F 43 21.90 85.48 27.80
N GLN F 44 20.83 84.70 27.94
CA GLN F 44 20.39 83.81 26.88
C GLN F 44 18.87 83.87 26.77
N LYS F 45 18.38 83.61 25.55
CA LYS F 45 16.94 83.55 25.22
C LYS F 45 16.23 84.85 25.56
N LYS F 46 16.92 85.96 25.31
CA LYS F 46 16.50 87.34 25.62
C LYS F 46 16.21 87.56 27.09
N VAL F 47 16.76 86.72 27.97
CA VAL F 47 16.57 86.85 29.41
C VAL F 47 17.94 87.07 30.02
N LEU F 48 18.07 88.14 30.79
CA LEU F 48 19.34 88.53 31.36
C LEU F 48 19.62 87.64 32.57
N ASP F 49 20.79 87.01 32.60
CA ASP F 49 21.21 86.18 33.72
C ASP F 49 22.37 86.84 34.44
N VAL F 50 22.42 86.67 35.76
CA VAL F 50 23.49 87.19 36.59
C VAL F 50 24.01 86.05 37.46
N SER F 51 25.32 85.80 37.40
CA SER F 51 25.87 84.65 38.12
C SER F 51 26.89 85.02 39.18
N ASN F 52 27.92 85.79 38.82
CA ASN F 52 29.07 85.99 39.69
C ASN F 52 29.47 87.45 39.62
N SER F 53 30.19 87.91 40.64
CA SER F 53 30.72 89.27 40.63
C SER F 53 31.96 89.33 41.52
N PHE F 54 32.67 90.44 41.45
CA PHE F 54 33.64 90.87 42.45
C PHE F 54 33.48 92.38 42.56
N ALA F 55 34.42 93.06 43.19
CA ALA F 55 34.38 94.52 43.26
C ALA F 55 35.74 95.06 42.86
N VAL F 56 35.73 96.16 42.14
CA VAL F 56 36.93 96.81 41.61
C VAL F 56 37.27 97.94 42.58
N PRO F 57 38.55 98.28 42.78
CA PRO F 57 38.90 99.46 43.58
C PRO F 57 38.35 100.74 42.98
N PHE F 58 37.71 101.54 43.82
CA PHE F 58 36.94 102.71 43.39
C PHE F 58 36.88 103.69 44.54
N ASP F 59 37.20 104.96 44.26
CA ASP F 59 37.15 106.03 45.23
C ASP F 59 36.43 107.22 44.60
N GLU F 60 36.12 108.21 45.43
CA GLU F 60 35.35 109.36 44.98
C GLU F 60 35.61 110.52 45.95
N ASP F 61 35.95 111.67 45.39
CA ASP F 61 36.09 112.89 46.18
C ASP F 61 34.94 113.83 45.84
N ASP F 62 34.42 114.52 46.86
CA ASP F 62 33.15 115.24 46.72
C ASP F 62 33.29 116.49 45.86
N LYS F 63 34.37 117.24 46.03
CA LYS F 63 34.60 118.41 45.19
C LYS F 63 34.97 117.98 43.78
N ASP F 64 34.18 118.43 42.81
CA ASP F 64 34.23 118.03 41.40
C ASP F 64 34.10 116.51 41.27
N ASP F 65 32.88 116.04 41.56
CA ASP F 65 32.58 114.62 41.58
C ASP F 65 32.34 114.05 40.18
N SER F 66 33.28 114.30 39.27
CA SER F 66 33.27 113.71 37.94
C SER F 66 34.52 112.89 37.70
N VAL F 67 35.25 112.56 38.76
CA VAL F 67 36.55 111.92 38.66
C VAL F 67 36.42 110.53 39.28
N TRP F 68 36.32 109.52 38.43
CA TRP F 68 36.26 108.13 38.86
C TRP F 68 37.49 107.39 38.37
N PHE F 69 37.68 106.19 38.91
CA PHE F 69 38.78 105.33 38.47
C PHE F 69 38.36 103.88 38.52
N LEU F 70 38.66 103.18 37.43
CA LEU F 70 38.54 101.73 37.37
C LEU F 70 39.91 101.19 37.01
N ASP F 71 40.50 100.44 37.93
CA ASP F 71 41.80 99.82 37.67
C ASP F 71 41.59 98.68 36.69
N HIS F 72 41.68 98.97 35.39
CA HIS F 72 41.30 98.01 34.36
C HIS F 72 42.21 96.79 34.31
N ASP F 73 43.44 96.90 34.79
CA ASP F 73 44.32 95.73 34.88
C ASP F 73 43.75 94.71 35.86
N TYR F 74 43.22 95.19 36.99
CA TYR F 74 42.44 94.36 37.89
C TYR F 74 41.18 93.84 37.22
N LEU F 75 40.60 94.61 36.30
CA LEU F 75 39.50 94.12 35.51
C LEU F 75 39.97 93.16 34.41
N GLU F 76 41.17 93.36 33.86
CA GLU F 76 41.63 92.48 32.78
C GLU F 76 42.00 91.11 33.32
N ASN F 77 42.88 91.06 34.32
CA ASN F 77 43.46 89.78 34.72
C ASN F 77 42.48 88.92 35.49
N MET F 78 41.68 89.53 36.36
CA MET F 78 40.78 88.74 37.20
C MET F 78 39.62 88.19 36.38
N TYR F 79 39.15 88.93 35.39
CA TYR F 79 38.21 88.36 34.43
C TYR F 79 38.89 87.31 33.57
N GLY F 80 40.16 87.52 33.22
CA GLY F 80 40.90 86.51 32.48
C GLY F 80 41.08 85.23 33.28
N MET F 81 41.26 85.37 34.60
CA MET F 81 41.19 84.21 35.48
C MET F 81 39.78 83.63 35.49
N PHE F 82 38.77 84.50 35.51
CA PHE F 82 37.41 84.01 35.58
C PHE F 82 36.95 83.45 34.24
N LYS F 83 37.45 84.01 33.13
CA LYS F 83 37.22 83.37 31.84
C LYS F 83 37.95 82.04 31.77
N LYS F 84 39.11 81.93 32.40
CA LYS F 84 39.77 80.64 32.53
C LYS F 84 38.97 79.69 33.41
N VAL F 85 38.71 80.08 34.66
CA VAL F 85 38.15 79.14 35.62
C VAL F 85 36.66 78.87 35.36
N ASN F 86 36.03 79.64 34.47
CA ASN F 86 34.68 79.33 34.00
C ASN F 86 34.54 79.98 32.62
N ALA F 87 34.71 79.19 31.56
CA ALA F 87 34.58 79.73 30.22
C ALA F 87 33.13 79.89 29.81
N ARG F 88 32.22 79.19 30.48
CA ARG F 88 30.81 79.49 30.31
C ARG F 88 30.48 80.90 30.80
N GLU F 89 31.16 81.34 31.86
CA GLU F 89 30.93 82.65 32.43
C GLU F 89 31.58 83.72 31.56
N ARG F 90 30.92 84.88 31.49
CA ARG F 90 31.48 86.05 30.82
C ARG F 90 30.95 87.29 31.53
N ILE F 91 31.34 88.45 31.02
CA ILE F 91 30.84 89.72 31.53
C ILE F 91 29.41 89.94 31.08
N VAL F 92 28.64 90.64 31.92
CA VAL F 92 27.24 90.88 31.63
C VAL F 92 26.99 92.37 31.82
N GLY F 93 27.94 93.04 32.42
CA GLY F 93 27.78 94.44 32.77
C GLY F 93 28.47 94.73 34.08
N TRP F 94 27.84 95.59 34.89
CA TRP F 94 28.42 96.04 36.14
C TRP F 94 27.30 96.28 37.13
N TYR F 95 27.67 96.75 38.32
CA TYR F 95 26.70 97.10 39.35
C TYR F 95 27.31 98.20 40.19
N HIS F 96 26.48 98.79 41.04
CA HIS F 96 26.97 99.59 42.15
C HIS F 96 26.04 99.38 43.32
N THR F 97 26.50 99.78 44.51
CA THR F 97 25.79 99.43 45.73
C THR F 97 24.46 100.16 45.85
N GLY F 98 24.30 101.27 45.12
CA GLY F 98 23.04 101.95 44.91
C GLY F 98 22.15 102.26 46.09
N PRO F 99 22.55 103.18 46.97
CA PRO F 99 21.53 103.79 47.81
C PRO F 99 20.60 104.68 47.01
N LYS F 100 21.14 105.69 46.32
CA LYS F 100 20.33 106.82 45.85
C LYS F 100 20.73 107.31 44.45
N LEU F 101 21.28 106.43 43.60
CA LEU F 101 21.57 106.71 42.18
C LEU F 101 22.56 107.88 42.03
N HIS F 102 23.81 107.61 42.38
CA HIS F 102 24.85 108.63 42.36
C HIS F 102 25.15 109.11 40.93
N LYS F 103 25.87 110.24 40.85
CA LYS F 103 25.94 111.01 39.61
C LYS F 103 26.90 110.42 38.58
N ASN F 104 27.99 109.79 39.03
CA ASN F 104 28.98 109.19 38.13
C ASN F 104 28.39 108.08 37.26
N ASP F 105 27.29 107.48 37.68
CA ASP F 105 26.64 106.42 36.92
C ASP F 105 25.82 106.99 35.78
N ILE F 106 26.48 107.71 34.88
CA ILE F 106 25.93 108.13 33.60
C ILE F 106 27.02 107.83 32.57
N ALA F 107 28.26 107.68 33.05
CA ALA F 107 29.39 107.47 32.18
C ALA F 107 30.31 106.36 32.65
N ILE F 108 30.11 105.85 33.87
CA ILE F 108 30.66 104.54 34.23
C ILE F 108 30.18 103.49 33.24
N ASN F 109 28.88 103.53 32.93
CA ASN F 109 28.30 102.64 31.93
C ASN F 109 28.91 102.89 30.56
N GLU F 110 29.19 104.15 30.24
CA GLU F 110 29.83 104.45 28.97
C GLU F 110 31.33 104.23 29.00
N LEU F 111 31.92 104.09 30.19
CA LEU F 111 33.35 103.81 30.25
C LEU F 111 33.64 102.37 29.85
N MET F 112 32.77 101.44 30.21
CA MET F 112 33.05 100.02 30.07
C MET F 112 32.05 99.32 29.15
N LYS F 113 31.43 100.07 28.23
CA LYS F 113 30.56 99.43 27.26
C LYS F 113 31.34 98.81 26.11
N ARG F 114 32.66 99.02 26.05
CA ARG F 114 33.49 98.37 25.04
C ARG F 114 33.72 96.89 25.34
N TYR F 115 33.22 96.37 26.45
CA TYR F 115 33.18 94.95 26.73
C TYR F 115 31.81 94.34 26.48
N CYS F 116 30.78 94.85 27.15
CA CYS F 116 29.42 94.37 27.02
C CYS F 116 28.61 95.38 26.23
N PRO F 117 27.92 94.97 25.18
CA PRO F 117 27.12 95.91 24.38
C PRO F 117 25.95 96.49 25.15
N ASN F 118 25.17 95.63 25.78
CA ASN F 118 24.10 96.04 26.69
C ASN F 118 24.62 95.97 28.12
N SER F 119 25.51 96.90 28.44
CA SER F 119 26.16 96.91 29.74
C SER F 119 25.19 97.33 30.83
N VAL F 120 24.48 96.37 31.40
CA VAL F 120 23.41 96.64 32.34
C VAL F 120 23.98 96.93 33.72
N LEU F 121 23.32 97.79 34.49
CA LEU F 121 23.68 98.04 35.87
C LEU F 121 22.64 97.44 36.80
N VAL F 122 23.03 97.30 38.07
CA VAL F 122 22.18 96.74 39.10
C VAL F 122 22.34 97.57 40.37
N ILE F 123 21.23 98.08 40.88
CA ILE F 123 21.20 98.79 42.15
C ILE F 123 20.69 97.84 43.22
N ILE F 124 21.48 97.67 44.29
CA ILE F 124 21.16 96.74 45.36
C ILE F 124 20.88 97.51 46.63
N ASP F 125 20.57 96.81 47.71
CA ASP F 125 20.30 97.42 49.00
C ASP F 125 21.29 96.87 50.02
N VAL F 126 21.80 97.75 50.87
CA VAL F 126 22.64 97.32 51.99
C VAL F 126 21.93 97.47 53.33
N LYS F 127 20.95 98.36 53.44
CA LYS F 127 20.16 98.51 54.65
C LYS F 127 18.72 98.19 54.29
N PRO F 128 18.30 96.94 54.41
CA PRO F 128 16.99 96.54 53.88
C PRO F 128 15.81 97.00 54.72
N LYS F 129 15.00 97.89 54.14
CA LYS F 129 13.66 98.17 54.64
C LYS F 129 12.83 98.62 53.45
N ASP F 130 11.78 97.86 53.16
CA ASP F 130 10.87 98.11 52.04
C ASP F 130 9.64 97.22 52.21
N LEU F 131 8.79 97.22 51.19
CA LEU F 131 7.70 96.25 51.02
C LEU F 131 7.64 95.75 49.58
N GLY F 132 8.77 95.74 48.88
CA GLY F 132 8.77 95.46 47.46
C GLY F 132 9.71 94.34 47.08
N LEU F 133 10.70 94.65 46.24
CA LEU F 133 11.86 93.78 46.01
C LEU F 133 13.07 94.69 45.94
N PRO F 134 13.99 94.57 46.90
CA PRO F 134 15.08 95.56 47.02
C PRO F 134 16.27 95.27 46.11
N THR F 135 15.99 94.92 44.86
CA THR F 135 17.01 94.86 43.80
C THR F 135 16.45 95.62 42.61
N GLU F 136 17.20 96.59 42.12
CA GLU F 136 16.77 97.43 41.01
C GLU F 136 17.81 97.40 39.90
N ALA F 137 17.33 97.44 38.67
CA ALA F 137 18.22 97.46 37.50
C ALA F 137 17.64 98.39 36.45
N TYR F 138 18.55 99.06 35.72
CA TYR F 138 18.19 99.95 34.63
C TYR F 138 18.74 99.42 33.32
N ILE F 139 18.62 100.25 32.27
CA ILE F 139 19.18 99.96 30.96
C ILE F 139 19.54 101.30 30.32
N SER F 140 20.45 101.27 29.35
CA SER F 140 20.97 102.46 28.72
C SER F 140 20.24 102.73 27.41
N VAL F 141 19.47 103.81 27.36
CA VAL F 141 18.89 104.31 26.12
C VAL F 141 19.22 105.78 25.98
N GLU F 142 19.40 106.23 24.74
CA GLU F 142 19.83 107.56 24.39
C GLU F 142 18.86 108.16 23.38
N GLU F 143 18.80 109.49 23.35
CA GLU F 143 17.79 110.12 22.52
C GLU F 143 18.29 111.49 22.03
N VAL F 144 18.15 111.72 20.73
CA VAL F 144 18.19 113.07 20.19
C VAL F 144 16.73 113.45 19.97
N HIS F 145 16.08 113.97 21.01
CA HIS F 145 14.62 113.96 21.04
C HIS F 145 14.10 115.16 21.82
N ASP F 146 12.87 115.02 22.32
CA ASP F 146 11.82 116.02 22.44
C ASP F 146 12.21 117.42 22.89
N ASP F 147 12.75 117.59 24.10
CA ASP F 147 12.99 118.95 24.55
C ASP F 147 14.31 119.21 25.25
N GLY F 148 14.95 118.22 25.87
CA GLY F 148 15.99 118.50 26.85
C GLY F 148 17.32 119.01 26.33
N THR F 149 18.07 118.14 25.64
CA THR F 149 19.39 118.45 25.13
C THR F 149 19.54 117.82 23.76
N PRO F 150 20.48 118.33 22.94
CA PRO F 150 20.87 117.56 21.74
C PRO F 150 21.45 116.19 22.08
N THR F 151 22.22 116.09 23.17
CA THR F 151 22.79 114.83 23.65
C THR F 151 22.07 114.45 24.94
N SER F 152 21.10 113.53 24.84
CA SER F 152 20.28 113.14 25.98
C SER F 152 20.29 111.63 26.14
N LYS F 153 20.37 111.19 27.41
CA LYS F 153 20.51 109.78 27.73
C LYS F 153 20.02 109.56 29.15
N THR F 154 19.01 108.72 29.30
CA THR F 154 18.37 108.50 30.59
C THR F 154 18.16 107.00 30.77
N PHE F 155 18.35 106.53 32.00
CA PHE F 155 18.22 105.11 32.28
C PHE F 155 16.78 104.71 32.52
N GLU F 156 16.43 103.49 32.11
CA GLU F 156 15.07 102.99 32.16
C GLU F 156 15.05 101.63 32.85
N HIS F 157 14.16 101.47 33.81
CA HIS F 157 14.15 100.26 34.63
C HIS F 157 13.48 99.11 33.90
N VAL F 158 14.24 98.06 33.64
CA VAL F 158 13.72 96.77 33.23
C VAL F 158 13.46 95.99 34.50
N THR F 159 12.38 95.19 34.50
CA THR F 159 11.88 94.57 35.72
C THR F 159 12.87 93.55 36.28
N SER F 160 12.77 93.31 37.58
CA SER F 160 13.82 92.64 38.34
C SER F 160 13.22 91.61 39.28
N GLU F 161 13.88 90.46 39.38
CA GLU F 161 13.50 89.43 40.32
C GLU F 161 14.71 88.55 40.62
N ILE F 162 14.63 87.83 41.73
CA ILE F 162 15.73 86.99 42.20
C ILE F 162 15.47 85.57 41.73
N GLY F 163 16.24 85.13 40.74
CA GLY F 163 16.13 83.77 40.27
C GLY F 163 16.78 82.78 41.21
N ALA F 164 16.22 81.58 41.24
CA ALA F 164 16.74 80.49 42.05
C ALA F 164 17.44 79.48 41.15
N GLU F 165 18.03 78.47 41.80
CA GLU F 165 18.73 77.41 41.10
C GLU F 165 18.79 76.20 42.02
N GLU F 166 18.79 75.00 41.42
CA GLU F 166 18.70 73.76 42.16
C GLU F 166 19.90 73.55 43.07
N ALA F 167 21.07 74.08 42.68
CA ALA F 167 22.22 74.03 43.57
C ALA F 167 22.04 74.96 44.77
N GLU F 168 21.65 76.21 44.53
CA GLU F 168 21.65 77.20 45.59
C GLU F 168 20.41 77.15 46.47
N GLU F 169 19.28 76.59 45.96
CA GLU F 169 18.10 76.37 46.78
C GLU F 169 18.37 75.41 47.94
N VAL F 170 19.34 74.51 47.77
CA VAL F 170 19.79 73.70 48.90
C VAL F 170 20.44 74.58 49.95
N GLY F 171 21.23 75.55 49.51
CA GLY F 171 22.00 76.39 50.40
C GLY F 171 21.18 77.39 51.17
N VAL F 172 20.36 78.18 50.47
CA VAL F 172 19.63 79.27 51.10
C VAL F 172 18.58 78.74 52.05
N GLU F 173 17.95 77.61 51.71
CA GLU F 173 16.96 77.07 52.61
C GLU F 173 17.58 76.37 53.81
N HIS F 174 18.84 76.00 53.73
CA HIS F 174 19.58 75.65 54.93
C HIS F 174 20.07 76.89 55.67
N LEU F 175 20.35 77.97 54.96
CA LEU F 175 20.86 79.15 55.65
C LEU F 175 19.79 79.99 56.30
N LEU F 176 18.50 79.76 56.00
CA LEU F 176 17.47 80.58 56.66
C LEU F 176 17.28 80.15 58.10
N ARG F 177 16.69 78.95 58.29
CA ARG F 177 16.41 78.32 59.59
C ARG F 177 15.83 79.30 60.62
N ASP F 178 14.83 80.05 60.17
CA ASP F 178 14.38 81.23 60.88
C ASP F 178 12.86 81.23 60.83
N ILE F 179 12.24 82.37 61.17
CA ILE F 179 10.79 82.51 61.10
C ILE F 179 10.35 82.42 59.64
N LYS F 180 9.35 81.58 59.38
CA LYS F 180 8.94 81.26 58.03
C LYS F 180 7.42 81.32 57.91
N ASP F 181 6.95 81.53 56.68
CA ASP F 181 5.53 81.51 56.36
C ASP F 181 5.21 80.41 55.36
N THR F 182 5.70 79.19 55.59
CA THR F 182 5.35 78.04 54.76
C THR F 182 3.94 77.55 55.08
N THR F 183 3.57 76.40 54.51
CA THR F 183 2.22 75.82 54.54
C THR F 183 1.20 76.80 53.96
N VAL F 184 1.36 77.04 52.66
CA VAL F 184 0.47 77.92 51.91
C VAL F 184 -0.91 77.29 51.83
N GLY F 185 -1.86 77.85 52.58
CA GLY F 185 -3.22 77.37 52.55
C GLY F 185 -4.16 78.50 52.24
N THR F 186 -5.12 78.74 53.11
CA THR F 186 -6.00 79.90 52.98
C THR F 186 -5.38 81.16 53.55
N LEU F 187 -4.19 81.09 54.16
CA LEU F 187 -3.66 82.18 54.96
C LEU F 187 -2.41 82.83 54.39
N SER F 188 -1.66 82.14 53.52
CA SER F 188 -0.42 82.72 53.02
C SER F 188 -0.70 83.88 52.10
N GLN F 189 -1.75 83.77 51.27
CA GLN F 189 -2.14 84.88 50.41
C GLN F 189 -2.65 86.05 51.22
N ARG F 190 -3.28 85.78 52.36
CA ARG F 190 -3.80 86.83 53.24
C ARG F 190 -2.70 87.71 53.80
N ILE F 191 -1.47 87.22 53.88
CA ILE F 191 -0.40 87.93 54.53
C ILE F 191 0.73 88.26 53.55
N THR F 192 0.89 87.47 52.48
CA THR F 192 1.89 87.87 51.50
C THR F 192 1.38 89.00 50.62
N ASN F 193 0.06 89.12 50.41
CA ASN F 193 -0.39 90.18 49.53
C ASN F 193 -1.73 90.80 49.94
N GLN F 194 -2.34 90.40 51.04
CA GLN F 194 -3.56 91.08 51.46
C GLN F 194 -3.34 91.94 52.69
N VAL F 195 -2.60 91.43 53.67
CA VAL F 195 -2.02 92.30 54.70
C VAL F 195 -0.98 93.22 54.08
N HIS F 196 -0.13 92.66 53.24
CA HIS F 196 1.12 93.31 52.89
C HIS F 196 1.00 94.23 51.69
N GLY F 197 0.46 93.74 50.57
CA GLY F 197 0.50 94.50 49.34
C GLY F 197 -0.44 95.67 49.32
N LEU F 198 -1.46 95.65 50.18
CA LEU F 198 -2.30 96.83 50.33
C LEU F 198 -1.51 97.97 50.96
N LYS F 199 -0.65 97.66 51.93
CA LYS F 199 0.36 98.60 52.40
C LYS F 199 1.50 98.76 51.40
N GLY F 200 1.64 97.85 50.44
CA GLY F 200 2.56 98.09 49.35
C GLY F 200 2.07 99.18 48.44
N LEU F 201 0.75 99.31 48.30
CA LEU F 201 0.21 100.38 47.48
C LEU F 201 0.29 101.73 48.18
N ASN F 202 0.54 101.75 49.50
CA ASN F 202 0.72 102.97 50.27
C ASN F 202 1.89 103.78 49.74
N SER F 203 3.06 103.16 49.69
CA SER F 203 4.31 103.82 49.33
C SER F 203 4.43 104.15 47.85
N LYS F 204 3.37 103.93 47.07
CA LYS F 204 3.31 104.31 45.67
C LYS F 204 2.30 105.44 45.48
N LEU F 205 1.25 105.42 46.30
CA LEU F 205 0.40 106.58 46.46
C LEU F 205 1.17 107.70 47.14
N LEU F 206 1.98 107.36 48.14
CA LEU F 206 2.77 108.34 48.86
C LEU F 206 4.00 108.76 48.06
N ASP F 207 4.43 107.95 47.09
CA ASP F 207 5.56 108.32 46.24
C ASP F 207 5.19 109.44 45.29
N ILE F 208 3.99 109.39 44.72
CA ILE F 208 3.57 110.46 43.84
C ILE F 208 3.07 111.66 44.65
N ARG F 209 2.79 111.46 45.93
CA ARG F 209 2.62 112.57 46.86
C ARG F 209 3.94 113.31 47.07
N SER F 210 5.06 112.61 46.93
CA SER F 210 6.35 113.25 47.15
C SER F 210 6.78 114.09 45.95
N TYR F 211 6.38 113.70 44.74
CA TYR F 211 6.64 114.56 43.59
C TYR F 211 5.75 115.80 43.62
N LEU F 212 4.59 115.68 44.25
CA LEU F 212 3.59 116.73 44.44
C LEU F 212 4.06 117.87 45.33
N GLU F 213 5.25 117.81 45.89
CA GLU F 213 5.83 118.82 46.77
C GLU F 213 6.34 120.06 46.03
N LYS F 214 5.94 120.30 44.78
CA LYS F 214 6.50 121.38 43.98
C LYS F 214 5.42 122.36 43.49
N VAL F 215 4.25 122.37 44.15
CA VAL F 215 3.05 123.03 43.65
C VAL F 215 3.28 124.53 43.41
N ALA F 216 3.88 125.20 44.38
CA ALA F 216 4.40 126.54 44.14
C ALA F 216 5.75 126.76 44.78
N THR F 217 6.29 125.75 45.48
CA THR F 217 7.43 125.95 46.35
C THR F 217 8.66 125.10 46.00
N GLY F 218 8.47 123.96 45.36
CA GLY F 218 9.55 123.00 45.17
C GLY F 218 10.50 123.35 44.04
N LYS F 219 10.99 122.31 43.39
CA LYS F 219 12.02 122.48 42.36
C LYS F 219 11.43 123.11 41.09
N LEU F 220 12.31 123.76 40.34
CA LEU F 220 11.94 124.64 39.24
C LEU F 220 11.46 123.97 37.95
N PRO F 221 12.01 122.83 37.49
CA PRO F 221 11.35 122.14 36.37
C PRO F 221 9.98 121.61 36.78
N ILE F 222 8.99 121.83 35.92
CA ILE F 222 7.61 121.75 36.40
C ILE F 222 6.95 120.42 36.06
N ASN F 223 6.63 120.17 34.79
CA ASN F 223 5.95 118.91 34.51
C ASN F 223 6.42 118.13 33.30
N HIS F 224 6.64 118.82 32.18
CA HIS F 224 5.98 118.52 30.91
C HIS F 224 5.65 117.05 30.68
N GLN F 225 6.65 116.18 30.76
CA GLN F 225 6.40 114.74 30.65
C GLN F 225 6.44 114.11 32.05
N ILE F 226 5.47 114.46 32.88
CA ILE F 226 5.21 113.64 34.06
C ILE F 226 3.70 113.48 34.24
N ILE F 227 2.93 114.39 33.63
CA ILE F 227 1.51 114.48 33.97
C ILE F 227 0.64 113.79 32.95
N TYR F 228 1.20 113.30 31.85
CA TYR F 228 0.43 112.55 30.87
C TYR F 228 -0.05 111.23 31.45
N GLN F 229 0.74 110.64 32.34
CA GLN F 229 0.31 109.44 33.03
C GLN F 229 -0.65 109.77 34.17
N LEU F 230 -0.37 110.84 34.90
CA LEU F 230 -1.23 111.23 36.03
C LEU F 230 -2.60 111.70 35.57
N GLN F 231 -2.67 112.30 34.38
CA GLN F 231 -3.95 112.60 33.75
C GLN F 231 -4.68 111.32 33.39
N ASP F 232 -3.95 110.28 33.01
CA ASP F 232 -4.55 109.01 32.63
C ASP F 232 -5.08 108.24 33.83
N VAL F 233 -4.42 108.33 35.00
CA VAL F 233 -4.79 107.50 36.15
C VAL F 233 -6.16 107.90 36.67
N PHE F 234 -6.43 109.20 36.80
CA PHE F 234 -7.77 109.63 37.15
C PHE F 234 -8.76 109.43 36.01
N ASN F 235 -8.28 109.31 34.77
CA ASN F 235 -9.12 108.94 33.65
C ASN F 235 -9.39 107.45 33.61
N LEU F 236 -8.38 106.63 33.92
CA LEU F 236 -8.53 105.18 33.90
C LEU F 236 -8.89 104.66 35.29
N LEU F 237 -9.27 105.56 36.19
CA LEU F 237 -9.93 105.18 37.43
C LEU F 237 -11.19 104.39 37.10
N PRO F 238 -11.46 103.27 37.80
CA PRO F 238 -12.43 102.29 37.29
C PRO F 238 -13.88 102.72 37.32
N ASP F 239 -14.74 101.83 36.86
CA ASP F 239 -16.15 102.16 36.65
C ASP F 239 -16.88 102.26 37.98
N VAL F 240 -17.83 103.19 38.04
CA VAL F 240 -18.62 103.46 39.23
C VAL F 240 -19.67 102.36 39.41
N SER F 241 -20.30 102.36 40.57
CA SER F 241 -21.20 101.27 40.98
C SER F 241 -22.65 101.67 40.71
N LEU F 242 -23.03 101.64 39.43
CA LEU F 242 -24.42 101.87 39.06
C LEU F 242 -24.95 100.84 38.08
N GLN F 243 -24.06 100.27 37.26
CA GLN F 243 -24.44 99.44 36.13
C GLN F 243 -24.72 98.02 36.66
N GLU F 244 -24.79 97.02 35.78
CA GLU F 244 -24.81 95.62 36.19
C GLU F 244 -23.50 95.17 36.81
N PHE F 245 -22.47 96.03 36.85
CA PHE F 245 -21.35 95.86 37.78
C PHE F 245 -21.83 95.68 39.22
N VAL F 246 -22.95 96.31 39.59
CA VAL F 246 -23.65 95.93 40.80
C VAL F 246 -24.27 94.54 40.64
N LYS F 247 -24.99 94.33 39.54
CA LYS F 247 -25.83 93.15 39.41
C LYS F 247 -25.02 91.89 39.14
N ALA F 248 -24.01 91.97 38.27
CA ALA F 248 -23.18 90.81 37.98
C ALA F 248 -22.19 90.52 39.09
N PHE F 249 -22.04 91.42 40.05
CA PHE F 249 -21.24 91.13 41.23
C PHE F 249 -21.99 90.25 42.20
N TYR F 250 -23.27 90.56 42.45
CA TYR F 250 -24.13 89.67 43.22
C TYR F 250 -24.36 88.36 42.52
N LEU F 251 -24.24 88.33 41.18
CA LEU F 251 -24.42 87.12 40.40
C LEU F 251 -23.36 86.08 40.77
N LYS F 252 -22.09 86.50 40.85
CA LYS F 252 -21.00 85.57 41.06
C LYS F 252 -20.79 85.22 42.53
N THR F 253 -21.12 86.14 43.44
CA THR F 253 -21.24 85.78 44.84
C THR F 253 -22.30 84.69 45.04
N ASN F 254 -23.37 84.75 44.25
CA ASN F 254 -24.40 83.73 44.23
C ASN F 254 -23.98 82.48 43.46
N ASP F 255 -22.72 82.39 43.03
CA ASP F 255 -22.18 81.21 42.37
C ASP F 255 -20.95 80.69 43.08
N GLN F 256 -20.09 81.60 43.55
CA GLN F 256 -18.84 81.19 44.20
C GLN F 256 -19.08 80.64 45.60
N MET F 257 -20.09 81.17 46.30
CA MET F 257 -20.43 80.74 47.64
C MET F 257 -21.17 79.41 47.66
N VAL F 258 -21.82 79.04 46.55
CA VAL F 258 -22.51 77.75 46.48
C VAL F 258 -21.50 76.62 46.49
N VAL F 259 -20.34 76.82 45.86
CA VAL F 259 -19.28 75.84 45.89
C VAL F 259 -18.70 75.74 47.30
N VAL F 260 -18.58 76.88 47.99
CA VAL F 260 -18.15 76.87 49.38
C VAL F 260 -19.21 76.22 50.25
N TYR F 261 -20.50 76.44 49.92
CA TYR F 261 -21.56 75.82 50.70
C TYR F 261 -21.62 74.32 50.49
N LEU F 262 -21.29 73.85 49.31
CA LEU F 262 -21.17 72.41 49.13
C LEU F 262 -19.94 71.87 49.85
N ALA F 263 -18.80 72.57 49.73
CA ALA F 263 -17.55 72.06 50.27
C ALA F 263 -17.55 72.05 51.80
N SER F 264 -18.22 73.04 52.42
CA SER F 264 -18.32 73.01 53.87
C SER F 264 -19.29 71.94 54.35
N LEU F 265 -20.32 71.65 53.55
CA LEU F 265 -21.26 70.58 53.87
C LEU F 265 -20.56 69.22 53.89
N ILE F 266 -19.56 69.05 53.03
CA ILE F 266 -18.79 67.81 53.01
C ILE F 266 -17.92 67.71 54.24
N ARG F 267 -17.40 68.83 54.71
CA ARG F 267 -16.47 68.86 55.84
C ARG F 267 -17.13 68.37 57.13
N SER F 268 -18.43 68.59 57.27
CA SER F 268 -19.12 68.15 58.48
C SER F 268 -19.35 66.64 58.46
N VAL F 269 -19.60 66.07 57.28
CA VAL F 269 -19.90 64.64 57.20
C VAL F 269 -18.64 63.81 57.38
N VAL F 270 -17.51 64.30 56.87
CA VAL F 270 -16.26 63.55 56.91
C VAL F 270 -15.78 63.39 58.35
N ALA F 271 -15.79 64.48 59.12
CA ALA F 271 -15.40 64.40 60.51
C ALA F 271 -16.40 63.65 61.36
N LEU F 272 -17.66 63.58 60.92
CA LEU F 272 -18.63 62.75 61.60
C LEU F 272 -18.36 61.27 61.37
N HIS F 273 -17.89 60.91 60.18
CA HIS F 273 -17.45 59.54 59.95
C HIS F 273 -16.17 59.26 60.74
N ASN F 274 -15.36 60.28 60.99
CA ASN F 274 -14.23 60.13 61.88
C ASN F 274 -14.66 59.99 63.34
N LEU F 275 -15.81 60.57 63.70
CA LEU F 275 -16.28 60.49 65.07
C LEU F 275 -16.67 59.05 65.43
N ILE F 276 -17.27 58.33 64.49
CA ILE F 276 -17.62 56.94 64.74
C ILE F 276 -16.36 56.08 64.74
N ASN F 277 -15.34 56.51 64.01
CA ASN F 277 -14.05 55.84 64.02
C ASN F 277 -13.30 56.01 65.34
N ASN F 278 -13.75 56.90 66.22
CA ASN F 278 -13.24 56.92 67.58
C ASN F 278 -14.21 56.27 68.55
N LYS F 279 -15.49 56.20 68.23
CA LYS F 279 -16.43 55.45 69.05
C LYS F 279 -16.38 53.95 68.76
N ILE F 280 -15.68 53.55 67.70
CA ILE F 280 -15.37 52.15 67.49
C ILE F 280 -14.15 51.74 68.30
N ALA F 281 -13.29 52.69 68.68
CA ALA F 281 -12.05 52.41 69.38
C ALA F 281 -12.12 52.83 70.84
N ASN F 282 -13.27 53.33 71.28
CA ASN F 282 -13.50 53.65 72.67
C ASN F 282 -14.26 52.54 73.39
N ARG F 283 -15.41 52.14 72.85
CA ARG F 283 -16.25 51.16 73.51
C ARG F 283 -15.74 49.74 73.34
N ASP F 284 -15.06 49.45 72.23
CA ASP F 284 -14.61 48.10 71.92
C ASP F 284 -13.24 47.79 72.48
N ALA F 285 -12.79 48.53 73.47
CA ALA F 285 -11.56 48.23 74.18
C ALA F 285 -11.69 48.31 75.69
N GLU F 286 -12.73 48.96 76.22
CA GLU F 286 -12.89 49.06 77.66
C GLU F 286 -13.36 47.74 78.26
N LYS F 287 -14.12 46.95 77.51
CA LYS F 287 -14.43 45.60 77.94
C LYS F 287 -13.27 44.66 77.64
N LYS F 288 -12.57 44.87 76.53
CA LYS F 288 -11.46 44.01 76.15
C LYS F 288 -10.26 44.22 77.06
N GLU F 289 -9.70 45.43 77.04
CA GLU F 289 -8.51 45.72 77.84
C GLU F 289 -8.87 45.98 79.30
N GLY F 290 -9.69 47.00 79.55
CA GLY F 290 -10.05 47.37 80.91
C GLY F 290 -9.61 48.78 81.26
N VAL G 4 55.10 132.78 -1.31
CA VAL G 4 53.96 132.61 -0.41
C VAL G 4 53.87 133.72 0.68
N PRO G 5 54.99 134.13 1.34
CA PRO G 5 54.88 135.37 2.12
C PRO G 5 54.75 136.60 1.24
N GLY G 6 55.37 136.59 0.05
CA GLY G 6 55.15 137.66 -0.90
C GLY G 6 53.79 137.62 -1.56
N PHE G 7 53.14 136.45 -1.56
CA PHE G 7 51.80 136.35 -2.13
C PHE G 7 50.78 137.10 -1.27
N LEU G 8 50.99 137.17 0.03
CA LEU G 8 50.09 137.95 0.88
C LEU G 8 50.49 139.42 0.98
N GLN G 9 51.76 139.75 0.66
CA GLN G 9 52.16 141.15 0.64
C GLN G 9 51.66 141.88 -0.59
N GLN G 10 51.34 141.17 -1.66
CA GLN G 10 50.71 141.79 -2.82
C GLN G 10 49.19 141.81 -2.71
N SER G 11 48.60 140.92 -1.91
CA SER G 11 47.19 140.99 -1.55
C SER G 11 46.99 141.70 -0.21
N GLN G 12 47.97 142.50 0.19
CA GLN G 12 47.94 143.17 1.49
C GLN G 12 46.90 144.28 1.55
N ASN G 13 46.69 144.98 0.44
CA ASN G 13 45.88 146.20 0.42
C ASN G 13 44.41 145.83 0.48
N SER G 14 43.79 146.02 1.65
CA SER G 14 42.35 145.84 1.82
C SER G 14 41.67 146.92 2.64
N GLY G 15 42.41 147.83 3.28
CA GLY G 15 41.82 148.87 4.09
C GLY G 15 42.79 149.43 5.10
N PRO G 16 42.30 150.23 6.05
CA PRO G 16 43.14 150.70 7.14
C PRO G 16 43.07 149.77 8.35
N GLY G 17 44.23 149.59 8.99
CA GLY G 17 44.34 148.64 10.10
C GLY G 17 44.62 147.22 9.65
N GLN G 18 44.02 146.83 8.53
CA GLN G 18 44.30 145.56 7.87
C GLN G 18 45.78 145.26 7.56
N PRO G 19 46.63 146.20 7.09
CA PRO G 19 48.05 145.82 6.87
C PRO G 19 48.84 145.55 8.15
N ALA G 20 48.30 145.80 9.33
CA ALA G 20 49.01 145.45 10.55
C ALA G 20 49.04 143.95 10.77
N VAL G 21 48.04 143.22 10.28
CA VAL G 21 47.99 141.77 10.46
C VAL G 21 48.37 141.02 9.19
N TRP G 22 48.82 141.72 8.14
CA TRP G 22 49.54 141.03 7.09
C TRP G 22 51.00 140.87 7.47
N HIS G 23 51.59 141.89 8.10
CA HIS G 23 52.92 141.76 8.65
C HIS G 23 52.93 140.86 9.88
N ARG G 24 51.82 140.81 10.61
CA ARG G 24 51.73 139.89 11.74
C ARG G 24 51.57 138.46 11.28
N LEU G 25 50.88 138.25 10.14
CA LEU G 25 50.67 136.89 9.67
C LEU G 25 51.95 136.28 9.10
N GLU G 26 52.70 137.08 8.32
CA GLU G 26 53.80 136.58 7.50
C GLU G 26 54.99 136.04 8.28
N GLU G 27 55.01 136.15 9.60
CA GLU G 27 56.05 135.56 10.42
C GLU G 27 55.57 134.37 11.23
N LEU G 28 54.26 134.21 11.41
CA LEU G 28 53.73 133.22 12.33
C LEU G 28 53.57 131.83 11.73
N TYR G 29 52.98 131.71 10.53
CA TYR G 29 52.82 130.40 9.92
C TYR G 29 54.12 129.84 9.39
N THR G 30 55.18 130.66 9.34
CA THR G 30 56.50 130.20 8.92
C THR G 30 57.16 129.26 9.92
N LYS G 31 56.65 129.18 11.15
CA LYS G 31 57.14 128.25 12.15
C LYS G 31 56.41 126.91 12.12
N LYS G 32 55.60 126.68 11.07
CA LYS G 32 54.81 125.45 10.87
C LYS G 32 53.85 125.20 12.03
N LEU G 33 53.14 126.25 12.44
CA LEU G 33 52.04 126.14 13.37
C LEU G 33 50.73 126.20 12.59
N TRP G 34 49.76 125.41 13.03
CA TRP G 34 48.57 125.17 12.22
C TRP G 34 47.26 125.35 12.97
N HIS G 35 47.31 125.80 14.23
CA HIS G 35 46.07 126.09 14.96
C HIS G 35 46.14 127.41 15.70
N GLN G 36 47.27 128.12 15.64
CA GLN G 36 47.30 129.56 15.82
C GLN G 36 47.20 130.28 14.48
N LEU G 37 46.86 129.55 13.41
CA LEU G 37 46.66 130.08 12.07
C LEU G 37 45.19 130.09 11.66
N THR G 38 44.39 129.18 12.24
CA THR G 38 43.00 129.00 11.82
C THR G 38 42.13 130.20 12.19
N LEU G 39 42.45 130.85 13.31
CA LEU G 39 41.63 131.98 13.76
C LEU G 39 41.80 133.22 12.89
N GLN G 40 42.87 133.31 12.10
CA GLN G 40 43.04 134.38 11.13
C GLN G 40 42.41 134.07 9.78
N VAL G 41 42.13 132.80 9.51
CA VAL G 41 41.42 132.39 8.31
C VAL G 41 40.01 132.97 8.31
N LEU G 42 39.36 132.96 9.47
CA LEU G 42 38.02 133.51 9.63
C LEU G 42 38.02 135.02 9.82
N ASP G 43 39.20 135.63 10.04
CA ASP G 43 39.26 137.06 10.31
C ASP G 43 38.99 137.88 9.06
N PHE G 44 39.29 137.35 7.88
CA PHE G 44 39.00 138.05 6.64
C PHE G 44 37.54 137.93 6.24
N VAL G 45 36.78 137.10 6.95
CA VAL G 45 35.33 137.09 6.78
C VAL G 45 34.69 138.20 7.60
N GLN G 46 35.13 138.38 8.84
CA GLN G 46 34.45 139.26 9.78
C GLN G 46 34.94 140.71 9.75
N ASP G 47 36.24 140.93 9.54
CA ASP G 47 36.76 142.29 9.65
C ASP G 47 36.49 143.14 8.40
N PRO G 48 36.76 142.71 7.14
CA PRO G 48 36.39 143.57 6.02
C PRO G 48 34.89 143.52 5.78
N CYS G 49 34.26 144.70 5.80
CA CYS G 49 32.83 144.81 5.55
C CYS G 49 32.44 144.46 4.12
N PHE G 50 33.39 144.46 3.19
CA PHE G 50 33.17 144.03 1.81
C PHE G 50 33.81 142.69 1.50
N ALA G 51 34.93 142.37 2.16
CA ALA G 51 35.57 141.04 2.16
C ALA G 51 35.95 140.60 0.74
N GLN G 52 36.66 141.46 0.03
CA GLN G 52 37.11 141.15 -1.33
C GLN G 52 38.42 140.36 -1.34
N GLY G 53 38.89 139.90 -0.18
CA GLY G 53 40.03 139.02 -0.15
C GLY G 53 39.73 137.63 -0.69
N ASP G 54 38.47 137.20 -0.64
CA ASP G 54 38.08 135.87 -1.08
C ASP G 54 38.26 135.64 -2.58
N GLY G 55 38.33 136.72 -3.37
CA GLY G 55 38.78 136.58 -4.75
C GLY G 55 40.27 136.30 -4.87
N LEU G 56 41.04 136.62 -3.84
CA LEU G 56 42.49 136.45 -3.85
C LEU G 56 42.98 135.42 -2.84
N ILE G 57 42.36 135.37 -1.64
CA ILE G 57 42.82 134.48 -0.58
C ILE G 57 42.45 133.03 -0.86
N LYS G 58 41.52 132.79 -1.79
CA LYS G 58 41.14 131.43 -2.18
C LYS G 58 42.29 130.69 -2.85
N LEU G 59 43.26 131.41 -3.40
CA LEU G 59 44.48 130.76 -3.85
C LEU G 59 45.45 130.58 -2.70
N TYR G 60 45.41 131.46 -1.70
CA TYR G 60 46.22 131.28 -0.50
C TYR G 60 45.60 130.27 0.45
N GLU G 61 44.27 130.20 0.52
CA GLU G 61 43.63 129.10 1.24
C GLU G 61 43.89 127.78 0.53
N ASN G 62 44.08 127.81 -0.78
CA ASN G 62 44.61 126.65 -1.47
C ASN G 62 46.06 126.41 -1.08
N PHE G 63 46.84 127.50 -0.96
CA PHE G 63 48.26 127.39 -0.59
C PHE G 63 48.43 126.89 0.85
N ILE G 64 47.50 127.23 1.74
CA ILE G 64 47.46 126.58 3.04
C ILE G 64 47.15 125.11 2.87
N SER G 65 46.14 124.80 2.04
CA SER G 65 45.68 123.42 1.87
C SER G 65 46.63 122.58 1.03
N GLU G 66 47.66 123.18 0.44
CA GLU G 66 48.70 122.39 -0.23
C GLU G 66 49.50 121.58 0.78
N PHE G 67 49.90 122.20 1.88
CA PHE G 67 50.63 121.49 2.93
C PHE G 67 49.93 121.70 4.27
N GLU G 68 48.61 121.58 4.27
CA GLU G 68 47.84 121.67 5.51
C GLU G 68 48.05 120.43 6.36
N HIS G 69 47.57 119.29 5.89
CA HIS G 69 47.82 117.90 6.33
C HIS G 69 47.51 117.60 7.81
N ARG G 70 47.04 118.58 8.57
CA ARG G 70 46.71 118.35 9.97
C ARG G 70 45.37 118.93 10.40
N VAL G 71 44.95 120.07 9.83
CA VAL G 71 43.87 120.86 10.40
C VAL G 71 42.53 120.22 10.05
N ASN G 72 41.57 120.31 10.99
CA ASN G 72 40.16 120.07 10.75
C ASN G 72 39.72 120.95 9.59
N PRO G 73 39.30 120.37 8.45
CA PRO G 73 39.00 121.18 7.26
C PRO G 73 37.66 121.89 7.30
N LEU G 74 37.01 121.98 8.45
CA LEU G 74 35.75 122.72 8.55
C LEU G 74 35.96 124.21 8.30
N SER G 75 37.11 124.74 8.72
CA SER G 75 37.41 126.15 8.47
C SER G 75 37.61 126.42 6.98
N LEU G 76 38.05 125.43 6.22
CA LEU G 76 38.07 125.55 4.77
C LEU G 76 36.65 125.51 4.21
N VAL G 77 35.79 124.69 4.80
CA VAL G 77 34.39 124.64 4.40
C VAL G 77 33.68 125.95 4.76
N GLU G 78 34.02 126.55 5.90
CA GLU G 78 33.41 127.81 6.32
C GLU G 78 33.84 128.98 5.45
N ILE G 79 35.01 128.92 4.81
CA ILE G 79 35.49 130.07 4.06
C ILE G 79 35.14 129.87 2.58
N ILE G 80 34.97 128.62 2.14
CA ILE G 80 34.60 128.38 0.75
C ILE G 80 33.13 128.72 0.51
N LEU G 81 32.30 128.72 1.55
CA LEU G 81 30.93 129.22 1.40
C LEU G 81 30.89 130.74 1.40
N HIS G 82 31.99 131.40 1.76
CA HIS G 82 32.16 132.81 1.48
C HIS G 82 32.91 133.05 0.17
N VAL G 83 33.71 132.08 -0.29
CA VAL G 83 34.28 132.18 -1.63
C VAL G 83 33.21 131.99 -2.68
N VAL G 84 32.34 131.00 -2.51
CA VAL G 84 31.26 130.81 -3.48
C VAL G 84 30.17 131.86 -3.28
N ARG G 85 30.18 132.56 -2.14
CA ARG G 85 29.37 133.76 -1.99
C ARG G 85 29.90 134.87 -2.89
N GLN G 86 31.21 134.94 -3.08
CA GLN G 86 31.80 135.88 -4.03
C GLN G 86 31.57 135.43 -5.45
N MET G 87 31.83 134.14 -5.73
CA MET G 87 31.81 133.64 -7.10
C MET G 87 30.38 133.53 -7.62
N THR G 88 29.53 132.80 -6.88
CA THR G 88 28.17 132.42 -7.28
C THR G 88 28.16 131.73 -8.65
N ASP G 89 29.17 130.88 -8.87
CA ASP G 89 29.23 130.05 -10.06
C ASP G 89 28.90 128.63 -9.64
N PRO G 90 27.67 128.15 -9.87
CA PRO G 90 27.32 126.80 -9.41
C PRO G 90 27.96 125.70 -10.24
N ASN G 91 28.43 126.01 -11.45
CA ASN G 91 28.99 124.99 -12.32
C ASN G 91 30.35 124.51 -11.84
N VAL G 92 31.18 125.42 -11.33
CA VAL G 92 32.52 125.02 -10.88
C VAL G 92 32.53 124.58 -9.42
N ALA G 93 31.57 125.01 -8.62
CA ALA G 93 31.50 124.58 -7.23
C ALA G 93 31.04 123.14 -7.09
N LEU G 94 30.27 122.64 -8.06
CA LEU G 94 29.92 121.22 -8.09
C LEU G 94 31.15 120.36 -8.33
N THR G 95 31.99 120.75 -9.29
CA THR G 95 33.25 120.06 -9.50
C THR G 95 34.22 120.29 -8.35
N PHE G 96 34.14 121.45 -7.69
CA PHE G 96 35.00 121.70 -6.55
C PHE G 96 34.53 120.96 -5.30
N LEU G 97 33.24 120.64 -5.21
CA LEU G 97 32.76 119.90 -4.04
C LEU G 97 33.29 118.47 -4.07
N GLU G 98 33.14 117.79 -5.20
CA GLU G 98 33.63 116.43 -5.35
C GLU G 98 35.14 116.35 -5.32
N LYS G 99 35.82 117.47 -5.61
CA LYS G 99 37.23 117.61 -5.25
C LYS G 99 37.41 117.53 -3.74
N THR G 100 36.68 118.37 -3.00
CA THR G 100 36.79 118.40 -1.55
C THR G 100 36.20 117.15 -0.89
N ARG G 101 35.30 116.45 -1.58
CA ARG G 101 34.67 115.28 -0.98
C ARG G 101 35.63 114.10 -0.89
N GLU G 102 36.42 113.86 -1.93
CA GLU G 102 37.33 112.73 -1.95
C GLU G 102 38.68 113.03 -1.29
N LYS G 103 39.07 114.29 -1.16
CA LYS G 103 40.35 114.61 -0.55
C LYS G 103 40.26 114.72 0.97
N VAL G 104 39.07 114.90 1.51
CA VAL G 104 38.86 114.86 2.95
C VAL G 104 38.51 113.43 3.32
N LYS G 105 39.47 112.72 3.92
CA LYS G 105 39.31 111.34 4.32
C LYS G 105 39.58 111.17 5.82
N SER G 106 39.58 112.26 6.56
CA SER G 106 40.17 112.32 7.90
C SER G 106 39.28 111.60 8.93
N SER G 107 39.70 111.69 10.20
CA SER G 107 38.94 111.12 11.30
C SER G 107 37.58 111.80 11.46
N ASP G 108 37.52 113.10 11.17
CA ASP G 108 36.24 113.77 11.01
C ASP G 108 35.54 113.23 9.78
N GLU G 109 34.24 112.94 9.93
CA GLU G 109 33.48 112.38 8.83
C GLU G 109 33.26 113.41 7.74
N ALA G 110 33.59 113.04 6.50
CA ALA G 110 33.43 113.94 5.37
C ALA G 110 32.01 113.94 4.83
N VAL G 111 31.34 112.80 4.88
CA VAL G 111 30.03 112.66 4.23
C VAL G 111 28.96 113.45 4.96
N ILE G 112 29.15 113.79 6.24
CA ILE G 112 28.15 114.59 6.92
C ILE G 112 28.22 116.05 6.49
N LEU G 113 29.41 116.54 6.15
CA LEU G 113 29.54 117.94 5.77
C LEU G 113 29.40 118.15 4.28
N CYS G 114 29.82 117.16 3.48
CA CYS G 114 29.80 117.32 2.03
C CYS G 114 28.39 117.23 1.46
N LYS G 115 27.53 116.39 2.04
CA LYS G 115 26.16 116.32 1.58
C LYS G 115 25.39 117.56 1.98
N THR G 116 25.65 118.09 3.18
CA THR G 116 25.11 119.40 3.52
C THR G 116 25.76 120.51 2.72
N ALA G 117 26.96 120.28 2.19
CA ALA G 117 27.51 121.19 1.21
C ALA G 117 26.85 121.02 -0.16
N ILE G 118 26.42 119.80 -0.50
CA ILE G 118 25.60 119.60 -1.70
C ILE G 118 24.27 120.31 -1.55
N GLY G 119 23.60 120.10 -0.40
CA GLY G 119 22.28 120.67 -0.19
C GLY G 119 22.27 122.18 -0.11
N ALA G 120 23.35 122.77 0.42
CA ALA G 120 23.47 124.22 0.37
C ALA G 120 23.76 124.71 -1.04
N LEU G 121 24.38 123.87 -1.86
CA LEU G 121 24.70 124.23 -3.23
C LEU G 121 23.55 123.96 -4.21
N LYS G 122 22.52 123.23 -3.78
CA LYS G 122 21.34 123.03 -4.60
C LYS G 122 20.24 124.05 -4.31
N LEU G 123 20.57 125.16 -3.64
CA LEU G 123 19.60 126.24 -3.46
C LEU G 123 19.32 127.02 -4.74
N ASN G 124 20.15 126.85 -5.77
CA ASN G 124 19.89 127.51 -7.03
C ASN G 124 18.61 126.99 -7.69
N ILE G 125 18.58 125.72 -8.08
CA ILE G 125 17.41 125.13 -8.74
C ILE G 125 17.31 123.67 -8.30
N GLY G 126 16.09 123.15 -8.33
CA GLY G 126 15.86 121.72 -8.27
C GLY G 126 15.92 121.13 -6.88
N ASP G 127 14.93 120.31 -6.55
CA ASP G 127 14.95 119.61 -5.27
C ASP G 127 14.54 118.15 -5.39
N LEU G 128 14.16 117.68 -6.58
CA LEU G 128 13.47 116.40 -6.70
C LEU G 128 14.40 115.20 -6.75
N GLN G 129 15.67 115.39 -7.11
CA GLN G 129 16.57 114.25 -7.29
C GLN G 129 17.86 114.36 -6.48
N VAL G 130 18.40 115.56 -6.28
CA VAL G 130 19.68 115.68 -5.59
C VAL G 130 19.50 116.14 -4.15
N THR G 131 18.65 117.13 -3.95
CA THR G 131 18.32 117.57 -2.58
C THR G 131 17.52 116.50 -1.86
N LYS G 132 16.76 115.69 -2.59
CA LYS G 132 16.14 114.51 -2.00
C LYS G 132 17.19 113.50 -1.59
N GLU G 133 18.07 113.12 -2.51
CA GLU G 133 19.14 112.19 -2.18
C GLU G 133 20.24 112.80 -1.31
N THR G 134 20.17 114.10 -1.03
CA THR G 134 20.90 114.64 0.10
C THR G 134 20.21 114.27 1.41
N ILE G 135 18.92 114.56 1.51
CA ILE G 135 18.21 114.38 2.78
C ILE G 135 17.79 112.94 3.03
N GLU G 136 17.65 112.13 1.97
CA GLU G 136 17.20 110.75 2.18
C GLU G 136 18.38 109.83 2.47
N ASP G 137 19.52 110.07 1.83
CA ASP G 137 20.71 109.25 2.09
C ASP G 137 21.28 109.53 3.47
N VAL G 138 21.72 110.76 3.71
CA VAL G 138 22.16 111.14 5.05
C VAL G 138 20.91 111.31 5.89
N GLU G 139 20.60 110.28 6.67
CA GLU G 139 19.63 110.38 7.76
C GLU G 139 20.09 109.65 9.00
N GLU G 140 21.07 108.75 8.88
CA GLU G 140 21.45 107.83 9.93
C GLU G 140 22.94 107.83 10.20
N MET G 141 23.73 108.60 9.45
CA MET G 141 25.18 108.60 9.58
C MET G 141 25.68 109.42 10.76
N LEU G 142 24.80 109.88 11.63
CA LEU G 142 25.22 110.52 12.88
C LEU G 142 25.74 109.41 13.77
N ASN G 143 27.05 109.18 13.71
CA ASN G 143 27.66 108.00 14.32
C ASN G 143 28.07 108.34 15.74
N ASN G 144 27.10 108.21 16.65
CA ASN G 144 27.30 108.23 18.11
C ASN G 144 27.89 109.55 18.59
N LEU G 145 27.47 110.65 17.98
CA LEU G 145 27.84 111.98 18.46
C LEU G 145 26.63 112.89 18.32
N PRO G 146 25.69 112.85 19.27
CA PRO G 146 24.60 113.83 19.28
C PRO G 146 25.16 115.17 19.72
N GLY G 147 24.53 116.24 19.26
CA GLY G 147 25.12 117.54 19.48
C GLY G 147 26.36 117.65 18.62
N VAL G 148 26.14 117.68 17.32
CA VAL G 148 27.19 117.60 16.31
C VAL G 148 27.25 119.00 15.69
N THR G 149 27.14 120.00 16.57
CA THR G 149 26.81 121.41 16.35
C THR G 149 27.44 122.10 15.14
N SER G 150 28.56 121.59 14.64
CA SER G 150 29.04 121.98 13.32
C SER G 150 28.01 121.64 12.25
N VAL G 151 27.52 120.39 12.24
CA VAL G 151 26.60 119.94 11.19
C VAL G 151 25.23 119.58 11.75
N HIS G 152 25.04 119.69 13.08
CA HIS G 152 23.71 119.58 13.68
C HIS G 152 22.77 120.63 13.11
N SER G 153 23.23 121.89 13.09
CA SER G 153 22.42 122.95 12.51
C SER G 153 22.38 122.88 10.98
N ARG G 154 23.47 122.45 10.35
CA ARG G 154 23.54 122.47 8.89
C ARG G 154 22.65 121.39 8.28
N PHE G 155 22.57 120.23 8.94
CA PHE G 155 21.65 119.20 8.46
C PHE G 155 20.21 119.60 8.69
N TYR G 156 19.94 120.27 9.82
CA TYR G 156 18.56 120.58 10.16
C TYR G 156 18.05 121.81 9.42
N ASP G 157 18.92 122.77 9.13
CA ASP G 157 18.49 123.90 8.32
C ASP G 157 18.29 123.50 6.87
N LEU G 158 19.08 122.53 6.38
CA LEU G 158 18.84 121.99 5.05
C LEU G 158 17.55 121.18 5.02
N SER G 159 17.20 120.56 6.14
CA SER G 159 15.87 119.97 6.24
C SER G 159 14.79 121.03 6.26
N SER G 160 15.05 122.18 6.88
CA SER G 160 14.07 123.26 6.92
C SER G 160 13.84 123.85 5.53
N LYS G 161 14.93 124.10 4.80
CA LYS G 161 14.80 124.72 3.48
C LYS G 161 14.21 123.76 2.46
N TYR G 162 14.35 122.46 2.67
CA TYR G 162 13.73 121.49 1.78
C TYR G 162 12.29 121.21 2.14
N TYR G 163 11.93 121.34 3.42
CA TYR G 163 10.56 121.09 3.85
C TYR G 163 9.72 122.36 3.88
N GLN G 164 10.35 123.53 3.89
CA GLN G 164 9.60 124.74 3.53
C GLN G 164 9.35 124.78 2.03
N THR G 165 10.27 124.20 1.26
CA THR G 165 9.97 123.81 -0.12
C THR G 165 9.08 122.56 -0.06
N ILE G 166 8.68 122.04 -1.22
CA ILE G 166 7.44 121.25 -1.36
C ILE G 166 7.38 120.02 -0.47
N GLY G 167 6.45 120.07 0.48
CA GLY G 167 6.26 119.03 1.46
C GLY G 167 4.86 119.22 2.00
N ASN G 168 4.59 118.70 3.20
CA ASN G 168 3.23 118.97 3.66
C ASN G 168 3.11 120.35 4.32
N HIS G 169 3.32 120.45 5.63
CA HIS G 169 3.72 121.64 6.37
C HIS G 169 4.56 121.18 7.54
N ALA G 170 4.31 119.94 7.96
CA ALA G 170 4.64 119.48 9.29
C ALA G 170 5.98 118.78 9.36
N SER G 171 6.51 118.34 8.22
CA SER G 171 7.90 117.94 8.15
C SER G 171 8.82 119.11 8.47
N TYR G 172 8.45 120.31 8.01
CA TYR G 172 9.15 121.53 8.43
C TYR G 172 8.93 121.79 9.91
N TYR G 173 7.70 121.58 10.38
CA TYR G 173 7.34 121.90 11.76
C TYR G 173 7.99 120.98 12.78
N LYS G 174 8.38 119.77 12.37
CA LYS G 174 8.95 118.83 13.33
C LYS G 174 10.45 119.00 13.50
N ASP G 175 11.21 118.97 12.41
CA ASP G 175 12.66 118.91 12.52
C ASP G 175 13.26 120.25 12.92
N ALA G 176 12.56 121.35 12.64
CA ALA G 176 13.01 122.67 13.05
C ALA G 176 13.04 122.84 14.55
N LEU G 177 12.21 122.10 15.29
CA LEU G 177 12.28 122.08 16.74
C LEU G 177 13.60 121.52 17.23
N ARG G 178 14.21 120.60 16.47
CA ARG G 178 15.56 120.17 16.74
C ARG G 178 16.60 121.10 16.14
N PHE G 179 16.22 121.93 15.17
CA PHE G 179 17.12 122.99 14.74
C PHE G 179 17.15 124.13 15.74
N LEU G 180 15.98 124.48 16.30
CA LEU G 180 15.90 125.50 17.32
C LEU G 180 16.05 124.94 18.73
N GLY G 181 16.48 123.69 18.86
CA GLY G 181 16.70 123.09 20.16
C GLY G 181 18.14 122.71 20.39
N CYS G 182 19.08 123.58 20.01
CA CYS G 182 20.50 123.30 20.15
C CYS G 182 21.29 124.45 20.76
N VAL G 183 20.64 125.59 21.02
CA VAL G 183 21.33 126.76 21.56
C VAL G 183 20.33 127.56 22.38
N ASP G 184 20.82 128.14 23.48
CA ASP G 184 19.98 128.91 24.40
C ASP G 184 20.15 130.42 24.27
N ILE G 185 21.39 130.91 24.19
CA ILE G 185 21.64 132.30 23.82
C ILE G 185 21.87 132.31 22.32
N LYS G 186 20.91 132.84 21.58
CA LYS G 186 20.85 132.60 20.16
C LYS G 186 21.84 133.43 19.35
N ASP G 187 22.53 134.37 20.02
CA ASP G 187 23.60 135.28 19.57
C ASP G 187 23.47 135.79 18.14
N LEU G 188 22.24 136.10 17.75
CA LEU G 188 21.89 136.63 16.44
C LEU G 188 20.69 137.54 16.67
N PRO G 189 20.35 138.42 15.72
CA PRO G 189 19.18 139.29 15.91
C PRO G 189 17.88 138.52 16.09
N VAL G 190 17.18 138.84 17.19
CA VAL G 190 15.93 138.19 17.52
C VAL G 190 14.82 138.55 16.54
N SER G 191 15.00 139.60 15.74
CA SER G 191 14.10 139.89 14.63
C SER G 191 14.09 138.75 13.62
N GLU G 192 15.22 138.09 13.42
CA GLU G 192 15.23 136.86 12.62
C GLU G 192 14.49 135.75 13.35
N GLN G 193 14.76 135.60 14.65
CA GLN G 193 14.21 134.51 15.43
C GLN G 193 12.70 134.64 15.61
N GLN G 194 12.18 135.87 15.64
CA GLN G 194 10.74 136.04 15.66
C GLN G 194 10.13 135.91 14.27
N GLU G 195 10.93 136.05 13.21
CA GLU G 195 10.43 135.73 11.88
C GLU G 195 10.48 134.24 11.61
N ARG G 196 11.54 133.57 12.07
CA ARG G 196 11.64 132.12 11.93
C ARG G 196 10.58 131.43 12.77
N ALA G 197 10.22 132.02 13.92
CA ALA G 197 9.12 131.49 14.71
C ALA G 197 7.79 131.72 14.03
N PHE G 198 7.67 132.83 13.29
CA PHE G 198 6.45 133.08 12.54
C PHE G 198 6.31 132.12 11.38
N THR G 199 7.44 131.79 10.72
CA THR G 199 7.42 130.79 9.67
C THR G 199 7.14 129.40 10.23
N LEU G 200 7.65 129.11 11.43
CA LEU G 200 7.33 127.85 12.09
C LEU G 200 5.89 127.86 12.59
N GLY G 201 5.37 129.03 12.99
CA GLY G 201 3.99 129.13 13.39
C GLY G 201 2.99 128.94 12.27
N LEU G 202 3.40 129.23 11.04
CA LEU G 202 2.56 128.94 9.89
C LEU G 202 2.54 127.46 9.54
N ALA G 203 3.59 126.73 9.92
CA ALA G 203 3.69 125.33 9.54
C ALA G 203 2.91 124.43 10.48
N GLY G 204 2.76 124.82 11.75
CA GLY G 204 1.95 124.09 12.70
C GLY G 204 0.47 124.40 12.64
N LEU G 205 0.06 125.21 11.67
CA LEU G 205 -1.31 125.66 11.54
C LEU G 205 -2.02 125.03 10.36
N LEU G 206 -1.32 124.80 9.26
CA LEU G 206 -1.93 124.34 8.03
C LEU G 206 -1.81 122.84 7.83
N GLY G 207 -0.89 122.19 8.53
CA GLY G 207 -0.73 120.75 8.42
C GLY G 207 -1.82 120.01 9.14
N GLU G 208 -1.96 118.73 8.79
CA GLU G 208 -3.01 117.87 9.35
C GLU G 208 -2.53 117.06 10.54
N GLY G 209 -1.26 116.67 10.57
CA GLY G 209 -0.74 115.89 11.68
C GLY G 209 -0.50 116.64 12.96
N VAL G 210 -0.66 117.96 12.98
CA VAL G 210 -0.29 118.76 14.13
C VAL G 210 -1.51 118.92 15.04
N PHE G 211 -1.49 118.24 16.18
CA PHE G 211 -2.43 118.51 17.26
C PHE G 211 -1.64 118.58 18.56
N ASN G 212 -0.95 119.70 18.81
CA ASN G 212 -0.34 119.81 20.13
C ASN G 212 -0.86 121.04 20.87
N PHE G 213 -0.44 122.23 20.41
CA PHE G 213 -0.91 123.56 20.84
C PHE G 213 -0.89 123.78 22.36
N GLY G 214 -0.20 122.95 23.13
CA GLY G 214 -0.09 123.15 24.57
C GLY G 214 1.36 123.14 25.00
N GLU G 215 2.19 122.43 24.25
CA GLU G 215 3.63 122.38 24.49
C GLU G 215 4.37 123.41 23.66
N LEU G 216 3.96 123.60 22.40
CA LEU G 216 4.51 124.69 21.61
C LEU G 216 3.99 126.03 22.09
N LEU G 217 2.85 126.04 22.79
CA LEU G 217 2.33 127.24 23.40
C LEU G 217 3.14 127.58 24.65
N MET G 218 3.47 126.56 25.44
CA MET G 218 4.28 126.74 26.64
C MET G 218 5.77 126.63 26.35
N HIS G 219 6.16 126.76 25.08
CA HIS G 219 7.54 126.76 24.60
C HIS G 219 8.18 128.13 24.80
N PRO G 220 9.01 128.31 25.85
CA PRO G 220 9.33 129.67 26.30
C PRO G 220 10.55 130.33 25.66
N VAL G 221 10.73 130.19 24.35
CA VAL G 221 11.75 130.99 23.66
C VAL G 221 11.21 131.74 22.47
N LEU G 222 10.07 131.32 21.91
CA LEU G 222 9.48 131.97 20.77
C LEU G 222 8.12 132.57 21.08
N GLU G 223 7.55 132.27 22.24
CA GLU G 223 6.23 132.77 22.60
C GLU G 223 6.26 134.26 22.90
N SER G 224 7.06 134.67 23.88
CA SER G 224 7.20 136.08 24.22
C SER G 224 8.05 136.83 23.21
N LEU G 225 8.66 136.14 22.25
CA LEU G 225 9.48 136.79 21.25
C LEU G 225 8.63 137.57 20.24
N ARG G 226 7.41 137.12 19.99
CA ARG G 226 6.45 137.81 19.14
C ARG G 226 5.30 138.37 19.95
N ASN G 227 5.61 138.93 21.12
CA ASN G 227 4.61 139.30 22.13
C ASN G 227 3.66 140.37 21.64
N THR G 228 4.17 141.57 21.39
CA THR G 228 3.33 142.70 20.98
C THR G 228 3.26 142.88 19.47
N ASP G 229 4.03 142.10 18.69
CA ASP G 229 4.09 142.33 17.26
C ASP G 229 2.83 141.83 16.56
N ARG G 230 2.58 140.53 16.64
CA ARG G 230 1.47 139.87 15.95
C ARG G 230 0.68 139.13 17.02
N GLN G 231 -0.28 139.82 17.64
CA GLN G 231 -1.11 139.20 18.68
C GLN G 231 -2.02 138.12 18.11
N TRP G 232 -2.47 138.29 16.86
CA TRP G 232 -3.50 137.43 16.27
C TRP G 232 -3.01 136.01 16.04
N LEU G 233 -1.70 135.81 15.91
CA LEU G 233 -1.21 134.44 15.79
C LEU G 233 -1.15 133.77 17.15
N ILE G 234 -0.73 134.50 18.18
CA ILE G 234 -0.75 133.95 19.54
C ILE G 234 -2.19 133.76 20.01
N ASP G 235 -3.10 134.66 19.58
CA ASP G 235 -4.47 134.59 20.05
C ASP G 235 -5.21 133.39 19.46
N THR G 236 -4.91 133.01 18.22
CA THR G 236 -5.56 131.83 17.66
C THR G 236 -4.92 130.54 18.16
N LEU G 237 -3.73 130.59 18.75
CA LEU G 237 -3.24 129.43 19.48
C LEU G 237 -4.05 129.20 20.75
N TYR G 238 -4.48 130.29 21.39
CA TYR G 238 -5.35 130.18 22.55
C TYR G 238 -6.71 129.67 22.17
N ALA G 239 -7.22 130.10 21.00
CA ALA G 239 -8.55 129.74 20.54
C ALA G 239 -8.69 128.26 20.25
N PHE G 240 -7.60 127.60 19.84
CA PHE G 240 -7.65 126.16 19.64
C PHE G 240 -7.78 125.43 20.98
N ASN G 241 -7.03 125.90 21.98
CA ASN G 241 -7.21 125.37 23.32
C ASN G 241 -8.51 125.86 23.94
N SER G 242 -8.97 127.04 23.53
CA SER G 242 -10.32 127.47 23.88
C SER G 242 -11.37 126.74 23.07
N GLY G 243 -10.98 126.12 21.94
CA GLY G 243 -11.79 125.20 21.18
C GLY G 243 -13.10 125.74 20.67
N ASN G 244 -13.22 127.05 20.50
CA ASN G 244 -14.50 127.68 20.23
C ASN G 244 -14.59 128.15 18.79
N VAL G 245 -15.84 128.32 18.33
CA VAL G 245 -16.12 128.95 17.06
C VAL G 245 -16.05 130.46 17.15
N GLU G 246 -16.00 131.01 18.36
CA GLU G 246 -16.15 132.44 18.55
C GLU G 246 -14.83 133.18 18.48
N ARG G 247 -13.79 132.70 19.18
CA ARG G 247 -12.52 133.41 19.19
C ARG G 247 -11.81 133.26 17.84
N PHE G 248 -12.06 132.15 17.14
CA PHE G 248 -11.61 132.03 15.76
C PHE G 248 -12.35 133.01 14.86
N GLN G 249 -13.59 133.36 15.20
CA GLN G 249 -14.34 134.35 14.45
C GLN G 249 -13.91 135.77 14.77
N THR G 250 -13.34 136.00 15.96
CA THR G 250 -12.80 137.32 16.29
C THR G 250 -11.59 137.66 15.44
N LEU G 251 -10.79 136.67 15.10
CA LEU G 251 -9.59 136.87 14.29
C LEU G 251 -9.85 136.74 12.81
N LYS G 252 -11.13 136.68 12.41
CA LYS G 252 -11.49 136.73 11.01
C LYS G 252 -11.33 138.15 10.45
N THR G 253 -11.22 139.16 11.31
CA THR G 253 -10.80 140.46 10.82
C THR G 253 -9.28 140.54 10.72
N ALA G 254 -8.56 139.71 11.47
CA ALA G 254 -7.10 139.68 11.45
C ALA G 254 -6.64 138.46 10.66
N TRP G 255 -6.74 138.54 9.33
CA TRP G 255 -6.11 137.55 8.47
C TRP G 255 -4.81 138.15 7.93
N GLY G 256 -3.78 138.18 8.77
CA GLY G 256 -2.46 138.51 8.28
C GLY G 256 -1.88 137.37 7.46
N GLN G 257 -0.98 137.74 6.54
CA GLN G 257 -0.28 136.82 5.64
C GLN G 257 -1.29 136.03 4.80
N GLN G 258 -1.94 136.78 3.92
CA GLN G 258 -2.95 136.30 2.98
C GLN G 258 -2.56 135.12 2.08
N PRO G 259 -1.30 134.91 1.65
CA PRO G 259 -0.97 133.62 1.05
C PRO G 259 -1.04 132.49 2.07
N ASP G 260 -1.30 131.28 1.56
CA ASP G 260 -1.47 130.06 2.37
C ASP G 260 -2.59 130.19 3.39
N LEU G 261 -3.63 130.96 3.08
CA LEU G 261 -4.67 131.28 4.05
C LEU G 261 -6.04 130.79 3.60
N ALA G 262 -6.53 131.25 2.44
CA ALA G 262 -7.86 130.86 2.00
C ALA G 262 -7.90 129.49 1.36
N ALA G 263 -6.75 128.96 0.92
CA ALA G 263 -6.73 127.64 0.32
C ALA G 263 -6.92 126.54 1.36
N ASN G 264 -6.48 126.78 2.60
CA ASN G 264 -6.68 125.85 3.69
C ASN G 264 -7.79 126.29 4.64
N GLU G 265 -8.54 127.33 4.26
CA GLU G 265 -9.63 127.85 5.09
C GLU G 265 -10.73 126.82 5.32
N ALA G 266 -10.90 125.89 4.38
CA ALA G 266 -11.89 124.83 4.54
C ALA G 266 -11.50 123.88 5.68
N GLN G 267 -10.22 123.53 5.78
CA GLN G 267 -9.79 122.60 6.82
C GLN G 267 -9.35 123.30 8.09
N LEU G 268 -9.16 124.63 8.06
CA LEU G 268 -9.06 125.38 9.30
C LEU G 268 -10.39 125.40 10.05
N LEU G 269 -11.50 125.46 9.31
CA LEU G 269 -12.81 125.34 9.94
C LEU G 269 -13.03 123.92 10.44
N ARG G 270 -12.41 122.95 9.80
CA ARG G 270 -12.46 121.57 10.29
C ARG G 270 -11.61 121.42 11.55
N LYS G 271 -10.59 122.27 11.70
CA LYS G 271 -9.66 122.16 12.81
C LYS G 271 -10.28 122.63 14.11
N ILE G 272 -11.08 123.70 14.06
CA ILE G 272 -11.67 124.25 15.27
C ILE G 272 -12.84 123.39 15.75
N GLN G 273 -13.58 122.77 14.84
CA GLN G 273 -14.66 121.89 15.24
C GLN G 273 -14.14 120.58 15.83
N LEU G 274 -12.92 120.21 15.50
CA LEU G 274 -12.33 119.00 16.03
C LEU G 274 -11.71 119.21 17.40
N LEU G 275 -11.05 120.35 17.63
CA LEU G 275 -10.49 120.63 18.94
C LEU G 275 -11.55 120.98 19.96
N CYS G 276 -12.80 121.23 19.52
CA CYS G 276 -13.88 121.53 20.44
C CYS G 276 -14.22 120.34 21.33
N LEU G 277 -14.04 119.12 20.81
CA LEU G 277 -14.44 117.95 21.57
C LEU G 277 -13.40 117.54 22.60
N MET G 278 -12.13 117.87 22.37
CA MET G 278 -11.09 117.50 23.34
C MET G 278 -11.26 118.24 24.65
N GLU G 279 -11.77 119.48 24.58
CA GLU G 279 -11.84 120.31 25.77
C GLU G 279 -12.95 119.86 26.70
N MET G 280 -14.16 119.75 26.18
CA MET G 280 -15.32 119.42 27.01
C MET G 280 -15.29 117.99 27.53
N THR G 281 -14.71 117.06 26.77
CA THR G 281 -14.50 115.71 27.29
C THR G 281 -13.54 115.75 28.47
N PHE G 282 -12.48 116.54 28.37
CA PHE G 282 -11.59 116.77 29.50
C PHE G 282 -12.24 117.62 30.57
N THR G 283 -13.17 118.51 30.19
CA THR G 283 -13.80 119.38 31.18
C THR G 283 -14.81 118.60 32.03
N ARG G 284 -15.59 117.73 31.40
CA ARG G 284 -16.57 116.93 32.12
C ARG G 284 -15.89 115.95 33.06
N PRO G 285 -16.53 115.61 34.19
CA PRO G 285 -15.92 114.63 35.11
C PRO G 285 -15.97 113.22 34.55
N ALA G 286 -15.39 112.28 35.31
CA ALA G 286 -15.44 110.87 34.98
C ALA G 286 -16.75 110.22 35.36
N ASN G 287 -17.69 110.99 35.92
CA ASN G 287 -18.98 110.45 36.30
C ASN G 287 -19.79 110.08 35.07
N HIS G 288 -19.97 111.02 34.16
CA HIS G 288 -20.75 110.77 32.95
C HIS G 288 -19.89 110.84 31.70
N ARG G 289 -19.24 111.98 31.45
CA ARG G 289 -18.60 112.41 30.21
C ARG G 289 -19.36 111.98 28.95
N GLN G 290 -20.70 112.08 29.00
CA GLN G 290 -21.58 111.57 27.96
C GLN G 290 -22.37 112.76 27.43
N LEU G 291 -21.82 113.39 26.40
CA LEU G 291 -22.42 114.56 25.78
C LEU G 291 -23.34 114.15 24.64
N THR G 292 -24.22 115.06 24.25
CA THR G 292 -25.20 114.80 23.21
C THR G 292 -24.82 115.53 21.93
N PHE G 293 -25.50 115.16 20.84
CA PHE G 293 -25.22 115.79 19.55
C PHE G 293 -25.73 117.22 19.50
N GLU G 294 -26.78 117.53 20.26
CA GLU G 294 -27.30 118.89 20.29
C GLU G 294 -26.33 119.84 20.98
N GLU G 295 -25.60 119.34 21.97
CA GLU G 295 -24.60 120.16 22.66
C GLU G 295 -23.43 120.50 21.73
N ILE G 296 -23.07 119.59 20.84
CA ILE G 296 -22.05 119.89 19.84
C ILE G 296 -22.60 120.89 18.82
N ALA G 297 -23.90 120.78 18.52
CA ALA G 297 -24.57 121.76 17.67
C ALA G 297 -24.64 123.14 18.32
N LYS G 298 -24.52 123.20 19.65
CA LYS G 298 -24.37 124.46 20.35
C LYS G 298 -22.92 124.89 20.45
N SER G 299 -22.03 123.97 20.82
CA SER G 299 -20.65 124.29 21.13
C SER G 299 -19.78 124.43 19.89
N ALA G 300 -20.27 124.01 18.73
CA ALA G 300 -19.53 124.15 17.50
C ALA G 300 -20.35 124.76 16.38
N LYS G 301 -21.58 125.20 16.70
CA LYS G 301 -22.59 125.83 15.83
C LYS G 301 -22.74 125.18 14.47
N ILE G 302 -22.61 123.85 14.42
CA ILE G 302 -22.69 123.08 13.20
C ILE G 302 -23.95 122.22 13.28
N THR G 303 -24.50 121.87 12.12
CA THR G 303 -25.79 121.19 12.07
C THR G 303 -25.69 119.75 12.56
N VAL G 304 -26.84 119.09 12.61
CA VAL G 304 -26.93 117.74 13.16
C VAL G 304 -26.39 116.72 12.18
N ASN G 305 -26.58 116.94 10.88
CA ASN G 305 -26.22 115.94 9.88
C ASN G 305 -24.74 115.95 9.52
N GLU G 306 -23.88 116.59 10.32
CA GLU G 306 -22.44 116.57 10.06
C GLU G 306 -21.60 116.18 11.26
N VAL G 307 -22.16 116.18 12.46
CA VAL G 307 -21.38 115.84 13.65
C VAL G 307 -21.02 114.36 13.69
N GLU G 308 -21.83 113.50 13.08
CA GLU G 308 -21.44 112.09 12.99
C GLU G 308 -20.27 111.90 12.04
N LEU G 309 -20.26 112.65 10.94
CA LEU G 309 -19.10 112.66 10.06
C LEU G 309 -17.89 113.27 10.73
N LEU G 310 -18.10 114.14 11.72
CA LEU G 310 -17.02 114.75 12.47
C LEU G 310 -16.41 113.76 13.45
N VAL G 311 -17.23 113.07 14.24
CA VAL G 311 -16.70 112.21 15.28
C VAL G 311 -16.14 110.91 14.74
N MET G 312 -16.55 110.48 13.54
CA MET G 312 -15.92 109.32 12.94
C MET G 312 -14.52 109.65 12.47
N LYS G 313 -14.28 110.90 12.09
CA LYS G 313 -12.91 111.35 11.84
C LYS G 313 -12.10 111.37 13.13
N ALA G 314 -12.72 111.80 14.23
CA ALA G 314 -12.00 111.92 15.50
C ALA G 314 -11.63 110.55 16.06
N LEU G 315 -12.46 109.55 15.82
CA LEU G 315 -12.10 108.19 16.22
C LEU G 315 -11.04 107.61 15.31
N SER G 316 -11.04 108.01 14.03
CA SER G 316 -10.11 107.42 13.07
C SER G 316 -8.69 107.93 13.28
N VAL G 317 -8.55 109.22 13.59
CA VAL G 317 -7.22 109.80 13.81
C VAL G 317 -6.60 109.23 15.08
N GLY G 318 -7.42 109.01 16.12
CA GLY G 318 -6.94 108.46 17.36
C GLY G 318 -6.84 109.46 18.48
N LEU G 319 -7.44 110.63 18.35
CA LEU G 319 -7.39 111.63 19.40
C LEU G 319 -8.40 111.38 20.50
N VAL G 320 -9.43 110.57 20.22
CA VAL G 320 -10.46 110.27 21.21
C VAL G 320 -10.85 108.82 21.01
N LYS G 321 -11.28 108.17 22.09
CA LYS G 321 -11.72 106.78 22.04
C LYS G 321 -13.04 106.68 22.79
N GLY G 322 -14.11 106.42 22.06
CA GLY G 322 -15.43 106.31 22.63
C GLY G 322 -16.35 105.55 21.70
N SER G 323 -17.64 105.61 22.03
CA SER G 323 -18.66 104.94 21.23
C SER G 323 -19.76 105.91 20.85
N ILE G 324 -20.52 105.54 19.83
CA ILE G 324 -21.50 106.42 19.22
C ILE G 324 -22.85 105.72 19.24
N ASP G 325 -23.81 106.31 19.94
CA ASP G 325 -25.22 105.96 19.76
C ASP G 325 -25.81 106.91 18.74
N GLU G 326 -26.90 106.49 18.12
CA GLU G 326 -27.56 107.32 17.11
C GLU G 326 -29.02 107.60 17.43
N VAL G 327 -29.72 106.73 18.16
CA VAL G 327 -31.15 106.93 18.36
C VAL G 327 -31.41 107.69 19.66
N ASP G 328 -30.53 107.54 20.66
CA ASP G 328 -30.67 108.34 21.87
C ASP G 328 -29.84 109.60 21.83
N LYS G 329 -29.14 109.83 20.72
CA LYS G 329 -28.48 111.10 20.38
C LYS G 329 -27.37 111.45 21.37
N ARG G 330 -26.69 110.45 21.91
CA ARG G 330 -25.62 110.67 22.87
C ARG G 330 -24.40 109.87 22.43
N VAL G 331 -23.23 110.26 22.97
CA VAL G 331 -21.99 109.54 22.71
C VAL G 331 -21.30 109.24 24.03
N HIS G 332 -20.80 108.02 24.16
CA HIS G 332 -20.08 107.57 25.36
C HIS G 332 -18.59 107.70 25.07
N MET G 333 -18.05 108.88 25.31
CA MET G 333 -16.61 109.07 25.22
C MET G 333 -15.96 108.41 26.42
N THR G 334 -14.86 107.70 26.19
CA THR G 334 -14.18 107.00 27.26
C THR G 334 -12.78 107.57 27.50
N TRP G 335 -11.97 107.67 26.46
CA TRP G 335 -10.61 108.17 26.56
C TRP G 335 -10.46 109.44 25.75
N VAL G 336 -9.70 110.40 26.29
CA VAL G 336 -9.38 111.63 25.59
C VAL G 336 -7.86 111.76 25.57
N GLN G 337 -7.36 112.52 24.61
CA GLN G 337 -5.92 112.74 24.47
C GLN G 337 -5.41 113.55 25.67
N PRO G 338 -4.31 113.14 26.30
CA PRO G 338 -3.76 113.90 27.41
C PRO G 338 -3.16 115.23 26.95
N ARG G 339 -3.49 116.28 27.67
CA ARG G 339 -3.02 117.62 27.39
C ARG G 339 -2.02 118.04 28.46
N VAL G 340 -1.60 119.30 28.39
CA VAL G 340 -0.75 119.89 29.40
C VAL G 340 -1.61 120.72 30.35
N LEU G 341 -1.00 121.14 31.45
CA LEU G 341 -1.71 121.89 32.48
C LEU G 341 -0.70 122.69 33.31
N ASP G 342 -1.20 123.76 33.92
CA ASP G 342 -0.38 124.67 34.69
C ASP G 342 -0.36 124.25 36.17
N LEU G 343 0.07 125.16 37.05
CA LEU G 343 0.20 124.89 38.48
C LEU G 343 -1.13 124.96 39.23
N GLN G 344 -2.26 124.98 38.53
CA GLN G 344 -3.58 124.95 39.17
C GLN G 344 -4.24 123.60 39.07
N GLN G 345 -4.07 122.89 37.95
CA GLN G 345 -4.68 121.59 37.79
C GLN G 345 -3.94 120.51 38.58
N ILE G 346 -2.70 120.77 38.99
CA ILE G 346 -2.04 119.87 39.91
C ILE G 346 -2.68 119.94 41.29
N LYS G 347 -3.28 121.08 41.63
CA LYS G 347 -4.01 121.18 42.88
C LYS G 347 -5.28 120.34 42.85
N GLY G 348 -5.88 120.19 41.66
CA GLY G 348 -6.94 119.21 41.50
C GLY G 348 -6.42 117.79 41.67
N MET G 349 -5.26 117.49 41.09
CA MET G 349 -4.61 116.21 41.34
C MET G 349 -3.95 116.15 42.71
N LYS G 350 -3.88 117.27 43.43
CA LYS G 350 -3.41 117.19 44.81
C LYS G 350 -4.51 116.69 45.74
N ASP G 351 -5.68 117.30 45.68
CA ASP G 351 -6.73 116.99 46.64
C ASP G 351 -7.51 115.73 46.27
N ARG G 352 -7.67 115.43 44.97
CA ARG G 352 -8.31 114.18 44.59
C ARG G 352 -7.43 112.97 44.90
N LEU G 353 -6.12 113.18 45.01
CA LEU G 353 -5.23 112.09 45.38
C LEU G 353 -5.18 111.91 46.89
N GLU G 354 -5.47 112.96 47.66
CA GLU G 354 -5.12 112.98 49.07
C GLU G 354 -6.11 112.16 49.90
N PHE G 355 -7.41 112.23 49.60
CA PHE G 355 -8.34 111.38 50.35
C PHE G 355 -8.38 109.95 49.83
N TRP G 356 -7.64 109.65 48.76
CA TRP G 356 -7.43 108.27 48.36
C TRP G 356 -6.35 107.60 49.19
N CYS G 357 -5.60 108.37 49.97
CA CYS G 357 -4.62 107.79 50.88
C CYS G 357 -5.30 107.06 52.02
N THR G 358 -6.23 107.73 52.69
CA THR G 358 -6.91 107.16 53.85
C THR G 358 -7.84 106.02 53.48
N ASP G 359 -8.29 105.93 52.23
CA ASP G 359 -9.12 104.80 51.81
C ASP G 359 -8.30 103.53 51.70
N VAL G 360 -7.05 103.64 51.26
CA VAL G 360 -6.14 102.49 51.29
C VAL G 360 -5.79 102.16 52.74
N LYS G 361 -5.68 103.19 53.58
CA LYS G 361 -5.45 102.97 55.02
C LYS G 361 -6.63 102.25 55.66
N SER G 362 -7.85 102.72 55.40
CA SER G 362 -9.01 102.28 56.16
C SER G 362 -9.40 100.85 55.88
N MET G 363 -9.34 100.43 54.62
CA MET G 363 -9.78 99.08 54.30
C MET G 363 -8.72 98.04 54.64
N GLU G 364 -7.45 98.44 54.70
CA GLU G 364 -6.41 97.54 55.15
C GLU G 364 -6.42 97.36 56.66
N MET G 365 -6.87 98.37 57.40
CA MET G 365 -6.83 98.33 58.86
C MET G 365 -7.73 97.23 59.43
N LEU G 366 -8.76 96.84 58.67
CA LEU G 366 -9.52 95.65 59.02
C LEU G 366 -8.67 94.39 58.97
N VAL G 367 -7.78 94.30 57.97
CA VAL G 367 -7.13 93.03 57.68
C VAL G 367 -6.04 92.73 58.70
N GLU G 368 -5.27 93.73 59.11
CA GLU G 368 -4.32 93.55 60.20
C GLU G 368 -4.96 93.46 61.57
N HIS G 369 -6.26 93.75 61.67
CA HIS G 369 -6.96 93.55 62.93
C HIS G 369 -7.79 92.28 62.98
N GLN G 370 -8.42 91.91 61.86
CA GLN G 370 -9.29 90.74 61.86
C GLN G 370 -8.53 89.45 61.59
N ALA G 371 -7.53 89.48 60.71
CA ALA G 371 -6.66 88.33 60.48
C ALA G 371 -5.33 88.44 61.22
N HIS G 372 -5.34 89.05 62.41
CA HIS G 372 -4.10 89.24 63.15
C HIS G 372 -3.59 87.93 63.75
N ASP G 373 -4.49 87.14 64.34
CA ASP G 373 -4.08 85.88 64.93
C ASP G 373 -3.82 84.79 63.89
N ILE G 374 -4.28 84.99 62.66
CA ILE G 374 -4.01 84.04 61.59
C ILE G 374 -2.54 84.05 61.22
N LEU G 375 -1.88 85.22 61.32
CA LEU G 375 -0.42 85.21 61.25
C LEU G 375 0.12 86.37 62.08
N THR G 376 0.96 86.04 63.04
CA THR G 376 1.65 87.04 63.86
C THR G 376 2.93 87.48 63.18
N MET H 1 63.92 98.40 46.70
CA MET H 1 64.58 99.69 46.63
C MET H 1 63.74 100.79 47.28
N VAL H 2 63.86 102.00 46.73
CA VAL H 2 63.07 103.12 47.21
C VAL H 2 61.63 102.97 46.72
N LEU H 3 60.68 103.31 47.58
CA LEU H 3 59.25 103.14 47.32
C LEU H 3 58.68 104.43 46.73
N GLU H 4 58.37 104.40 45.43
CA GLU H 4 57.61 105.46 44.79
C GLU H 4 56.66 104.79 43.80
N SER H 5 55.99 105.60 42.99
CA SER H 5 55.25 105.11 41.83
C SER H 5 55.16 106.25 40.83
N THR H 6 55.89 106.13 39.72
CA THR H 6 55.98 107.20 38.75
C THR H 6 54.71 107.23 37.89
N MET H 7 54.04 108.37 37.89
CA MET H 7 52.78 108.55 37.16
C MET H 7 52.94 109.71 36.20
N VAL H 8 52.90 109.41 34.91
CA VAL H 8 53.06 110.42 33.86
C VAL H 8 51.67 110.91 33.45
N CYS H 9 51.57 112.20 33.19
CA CYS H 9 50.35 112.81 32.67
C CYS H 9 50.69 113.42 31.32
N VAL H 10 50.30 112.72 30.24
CA VAL H 10 50.60 113.15 28.88
C VAL H 10 49.74 114.36 28.52
N ASP H 11 50.07 115.00 27.40
CA ASP H 11 49.37 116.20 26.95
C ASP H 11 48.72 115.90 25.60
N ASN H 12 47.41 115.65 25.62
CA ASN H 12 46.63 115.53 24.39
C ASN H 12 45.75 116.74 24.15
N SER H 13 46.21 117.93 24.50
CA SER H 13 45.46 119.14 24.22
C SER H 13 45.67 119.56 22.77
N GLU H 14 44.77 120.42 22.29
CA GLU H 14 44.70 120.75 20.88
C GLU H 14 45.77 121.73 20.43
N TYR H 15 46.47 122.39 21.35
CA TYR H 15 47.55 123.28 20.99
C TYR H 15 48.85 122.54 20.71
N MET H 16 48.89 121.22 20.92
CA MET H 16 50.07 120.40 20.68
C MET H 16 50.01 119.65 19.36
N ARG H 17 49.33 120.20 18.35
CA ARG H 17 49.02 119.46 17.14
C ARG H 17 49.88 119.84 15.94
N ASN H 18 50.70 120.87 16.03
CA ASN H 18 51.40 121.37 14.85
C ASN H 18 52.69 120.55 14.64
N GLY H 19 53.61 121.08 13.84
CA GLY H 19 54.87 120.42 13.62
C GLY H 19 56.08 121.30 13.87
N ASP H 20 56.04 122.15 14.91
CA ASP H 20 57.17 123.04 15.18
C ASP H 20 58.37 122.26 15.72
N PHE H 21 58.15 121.34 16.65
CA PHE H 21 59.18 120.38 16.99
C PHE H 21 59.31 119.38 15.85
N LEU H 22 60.51 118.81 15.73
CA LEU H 22 60.95 118.31 14.42
C LEU H 22 60.20 117.06 13.95
N PRO H 23 60.20 115.88 14.68
CA PRO H 23 59.42 114.75 14.15
C PRO H 23 57.93 115.00 14.23
N THR H 24 57.47 115.24 15.46
CA THR H 24 56.11 115.57 15.86
C THR H 24 56.25 116.04 17.31
N ARG H 25 55.38 116.97 17.72
CA ARG H 25 55.25 117.25 19.15
C ARG H 25 54.82 116.02 19.93
N LEU H 26 54.04 115.16 19.31
CA LEU H 26 53.54 113.95 19.97
C LEU H 26 54.66 112.95 20.18
N GLN H 27 55.44 112.66 19.13
CA GLN H 27 56.46 111.62 19.22
C GLN H 27 57.67 112.08 20.02
N ALA H 28 57.95 113.38 20.03
CA ALA H 28 59.10 113.89 20.77
C ALA H 28 58.90 113.78 22.28
N GLN H 29 57.71 114.12 22.77
CA GLN H 29 57.41 113.90 24.18
C GLN H 29 57.18 112.42 24.47
N GLN H 30 56.83 111.64 23.44
CA GLN H 30 56.60 110.21 23.63
C GLN H 30 57.90 109.49 23.99
N ASP H 31 58.95 109.71 23.20
CA ASP H 31 60.26 109.13 23.51
C ASP H 31 60.86 109.74 24.77
N ALA H 32 60.43 110.95 25.16
CA ALA H 32 60.81 111.48 26.47
C ALA H 32 60.13 110.69 27.58
N VAL H 33 58.88 110.26 27.35
CA VAL H 33 58.22 109.38 28.29
C VAL H 33 58.81 107.96 28.20
N ASN H 34 59.24 107.55 27.01
CA ASN H 34 59.83 106.22 26.84
C ASN H 34 61.15 106.08 27.58
N ILE H 35 61.97 107.14 27.60
CA ILE H 35 63.27 106.99 28.25
C ILE H 35 63.17 107.13 29.76
N VAL H 36 62.23 107.92 30.28
CA VAL H 36 62.07 107.99 31.73
C VAL H 36 61.37 106.77 32.30
N CYS H 37 60.53 106.08 31.52
CA CYS H 37 59.96 104.83 31.99
C CYS H 37 60.94 103.68 31.84
N HIS H 38 62.02 103.89 31.08
CA HIS H 38 63.17 103.00 31.17
C HIS H 38 64.13 103.45 32.28
N SER H 39 64.05 104.71 32.71
CA SER H 39 64.90 105.16 33.79
C SER H 39 64.30 104.83 35.16
N LYS H 40 62.97 104.80 35.27
CA LYS H 40 62.35 104.45 36.53
C LYS H 40 62.25 102.95 36.73
N THR H 41 62.09 102.18 35.65
CA THR H 41 61.98 100.73 35.75
C THR H 41 63.31 100.10 36.11
N ARG H 42 64.40 100.60 35.51
CA ARG H 42 65.69 99.97 35.68
C ARG H 42 66.39 100.45 36.94
N SER H 43 65.92 101.55 37.54
CA SER H 43 66.41 101.97 38.84
C SER H 43 65.55 101.40 39.97
N ASN H 44 64.32 101.00 39.66
CA ASN H 44 63.42 100.37 40.62
C ASN H 44 62.43 99.50 39.87
N PRO H 45 62.51 98.17 39.99
CA PRO H 45 61.61 97.30 39.23
C PRO H 45 60.16 97.29 39.71
N GLU H 46 59.88 97.90 40.85
CA GLU H 46 58.52 97.91 41.39
C GLU H 46 57.65 98.99 40.77
N ASN H 47 58.24 100.02 40.18
CA ASN H 47 57.48 101.13 39.62
C ASN H 47 56.83 100.70 38.32
N ASN H 48 55.52 100.84 38.25
CA ASN H 48 54.79 100.75 36.99
C ASN H 48 54.59 102.15 36.43
N VAL H 49 54.51 102.25 35.11
CA VAL H 49 54.34 103.54 34.44
C VAL H 49 53.08 103.48 33.60
N GLY H 50 52.03 104.17 34.05
CA GLY H 50 50.83 104.36 33.27
C GLY H 50 50.59 105.85 33.08
N LEU H 51 49.74 106.17 32.10
CA LEU H 51 49.52 107.55 31.72
C LEU H 51 48.07 107.95 31.94
N ILE H 52 47.90 109.22 32.31
CA ILE H 52 46.60 109.86 32.45
C ILE H 52 46.68 111.13 31.62
N THR H 53 45.55 111.79 31.40
CA THR H 53 45.54 113.08 30.75
C THR H 53 44.92 114.13 31.65
N LEU H 54 45.04 115.39 31.25
CA LEU H 54 44.45 116.52 31.97
C LEU H 54 43.57 117.36 31.04
N ALA H 55 43.02 116.73 30.00
CA ALA H 55 42.19 117.41 29.02
C ALA H 55 40.76 117.60 29.53
N ASN H 56 39.85 117.91 28.60
CA ASN H 56 38.44 118.07 28.97
C ASN H 56 37.85 116.77 29.48
N ASP H 57 38.21 115.65 28.86
CA ASP H 57 37.78 114.33 29.29
C ASP H 57 39.01 113.64 29.89
N CYS H 58 39.12 113.65 31.21
CA CYS H 58 40.23 113.02 31.91
C CYS H 58 40.00 111.51 31.88
N GLU H 59 40.54 110.89 30.84
CA GLU H 59 40.37 109.46 30.62
C GLU H 59 41.57 108.68 31.12
N VAL H 60 41.29 107.48 31.62
CA VAL H 60 42.33 106.48 31.80
C VAL H 60 42.53 105.87 30.42
N LEU H 61 43.46 106.44 29.65
CA LEU H 61 43.71 105.93 28.29
C LEU H 61 44.35 104.55 28.36
N THR H 62 45.52 104.48 28.98
CA THR H 62 46.12 103.21 29.36
C THR H 62 46.01 103.08 30.88
N THR H 63 45.86 101.84 31.33
CA THR H 63 45.80 101.58 32.76
C THR H 63 47.21 101.76 33.34
N LEU H 64 47.28 102.02 34.64
CA LEU H 64 48.56 102.08 35.35
C LEU H 64 49.12 100.66 35.40
N THR H 65 50.03 100.35 34.48
CA THR H 65 50.53 99.00 34.28
C THR H 65 52.04 99.06 34.04
N PRO H 66 52.78 98.02 34.43
CA PRO H 66 54.21 97.99 34.12
C PRO H 66 54.55 97.69 32.68
N ASP H 67 53.58 97.25 31.87
CA ASP H 67 53.83 97.08 30.44
C ASP H 67 53.69 98.43 29.74
N THR H 68 54.47 98.61 28.68
CA THR H 68 54.32 99.78 27.84
C THR H 68 53.74 99.46 26.47
N GLY H 69 53.41 98.19 26.21
CA GLY H 69 52.83 97.82 24.94
C GLY H 69 51.45 98.40 24.71
N ARG H 70 50.70 98.67 25.78
CA ARG H 70 49.48 99.44 25.64
C ARG H 70 49.77 100.93 25.48
N ILE H 71 50.78 101.43 26.20
CA ILE H 71 51.22 102.82 26.04
C ILE H 71 51.76 103.07 24.64
N LEU H 72 52.55 102.13 24.10
CA LEU H 72 53.07 102.28 22.75
C LEU H 72 51.98 102.15 21.70
N SER H 73 50.90 101.43 22.01
CA SER H 73 49.82 101.27 21.04
C SER H 73 48.90 102.48 21.00
N LYS H 74 48.58 103.07 22.15
CA LYS H 74 47.61 104.16 22.18
C LYS H 74 48.19 105.48 21.74
N LEU H 75 49.49 105.71 21.98
CA LEU H 75 50.10 106.99 21.63
C LEU H 75 50.31 107.17 20.14
N HIS H 76 50.07 106.15 19.33
CA HIS H 76 49.91 106.34 17.90
C HIS H 76 48.44 106.57 17.60
N THR H 77 48.17 107.52 16.69
CA THR H 77 46.88 108.19 16.43
C THR H 77 46.07 108.40 17.72
N VAL H 78 46.72 109.06 18.68
CA VAL H 78 46.14 109.29 20.01
C VAL H 78 45.07 110.37 19.98
N GLN H 79 44.97 111.13 18.88
CA GLN H 79 44.09 112.28 18.66
C GLN H 79 44.27 113.32 19.77
N PRO H 80 45.35 114.10 19.77
CA PRO H 80 45.52 115.15 20.78
C PRO H 80 44.65 116.37 20.53
N LYS H 81 43.34 116.17 20.63
CA LYS H 81 42.35 117.23 20.40
C LYS H 81 41.49 117.35 21.64
N GLY H 82 41.37 118.56 22.16
CA GLY H 82 40.52 118.80 23.30
C GLY H 82 40.87 120.06 24.06
N LYS H 83 39.90 120.62 24.77
CA LYS H 83 40.16 121.76 25.62
C LYS H 83 40.90 121.30 26.88
N ILE H 84 41.90 122.07 27.29
CA ILE H 84 42.60 121.78 28.53
C ILE H 84 41.70 122.10 29.72
N THR H 85 41.72 121.23 30.72
CA THR H 85 41.01 121.47 31.98
C THR H 85 41.94 120.97 33.09
N PHE H 86 42.80 121.87 33.56
CA PHE H 86 43.79 121.52 34.57
C PHE H 86 43.23 121.57 35.99
N CYS H 87 42.11 122.27 36.20
CA CYS H 87 41.53 122.40 37.55
C CYS H 87 41.05 121.07 38.08
N THR H 88 40.60 120.18 37.20
CA THR H 88 40.34 118.79 37.56
C THR H 88 41.55 117.90 37.32
N GLY H 89 42.63 118.46 36.76
CA GLY H 89 43.84 117.67 36.57
C GLY H 89 44.55 117.34 37.87
N ILE H 90 44.38 118.18 38.89
CA ILE H 90 44.88 117.86 40.23
C ILE H 90 44.10 116.68 40.82
N ARG H 91 42.78 116.67 40.61
CA ARG H 91 41.96 115.62 41.19
C ARG H 91 42.15 114.28 40.47
N VAL H 92 42.31 114.31 39.15
CA VAL H 92 42.54 113.06 38.40
C VAL H 92 43.96 112.57 38.59
N ALA H 93 44.88 113.42 39.02
CA ALA H 93 46.22 112.94 39.38
C ALA H 93 46.26 112.37 40.79
N HIS H 94 45.64 113.05 41.75
CA HIS H 94 45.79 112.64 43.14
C HIS H 94 44.94 111.42 43.48
N LEU H 95 43.70 111.38 42.99
CA LEU H 95 42.83 110.25 43.29
C LEU H 95 43.28 108.99 42.56
N ALA H 96 44.06 109.14 41.49
CA ALA H 96 44.66 107.99 40.83
C ALA H 96 45.70 107.34 41.74
N LEU H 97 46.53 108.15 42.39
CA LEU H 97 47.57 107.61 43.25
C LEU H 97 47.05 107.09 44.57
N LYS H 98 45.78 107.32 44.90
CA LYS H 98 45.15 106.62 46.01
C LYS H 98 44.51 105.31 45.59
N HIS H 99 44.42 105.05 44.29
CA HIS H 99 44.01 103.76 43.76
C HIS H 99 45.17 102.81 43.56
N ARG H 100 46.36 103.17 44.03
CA ARG H 100 47.53 102.33 43.83
C ARG H 100 47.53 101.18 44.83
N GLN H 101 48.36 100.17 44.52
CA GLN H 101 48.45 99.00 45.39
C GLN H 101 49.28 99.26 46.63
N GLY H 102 50.04 100.35 46.67
CA GLY H 102 50.80 100.70 47.85
C GLY H 102 50.70 102.17 48.19
N LYS H 103 50.31 102.49 49.43
CA LYS H 103 50.33 103.86 49.91
C LYS H 103 51.65 104.22 50.60
N ASN H 104 52.49 103.24 50.87
CA ASN H 104 53.82 103.49 51.43
C ASN H 104 54.83 103.91 50.38
N HIS H 105 54.43 103.93 49.11
CA HIS H 105 55.25 104.53 48.07
C HIS H 105 55.23 106.04 48.19
N LYS H 106 56.29 106.68 47.69
CA LYS H 106 56.31 108.13 47.57
C LYS H 106 55.44 108.57 46.41
N MET H 107 54.51 109.48 46.67
CA MET H 107 53.63 110.00 45.64
C MET H 107 54.39 110.99 44.76
N ARG H 108 54.83 110.53 43.59
CA ARG H 108 55.58 111.35 42.66
C ARG H 108 54.86 111.43 41.33
N ILE H 109 54.52 112.64 40.91
CA ILE H 109 53.77 112.90 39.69
C ILE H 109 54.55 113.92 38.87
N ILE H 110 54.65 113.68 37.56
CA ILE H 110 55.08 114.70 36.62
C ILE H 110 53.86 115.13 35.82
N ALA H 111 53.88 116.38 35.35
CA ALA H 111 52.76 116.96 34.62
C ALA H 111 53.28 117.72 33.41
N PHE H 112 52.77 117.37 32.24
CA PHE H 112 53.15 118.03 30.98
C PHE H 112 52.04 118.99 30.58
N VAL H 113 52.35 120.28 30.60
CA VAL H 113 51.40 121.32 30.19
C VAL H 113 52.00 122.07 29.02
N GLY H 114 51.35 122.01 27.87
CA GLY H 114 51.83 122.68 26.68
C GLY H 114 50.74 123.50 26.01
N SER H 115 49.89 124.14 26.81
CA SER H 115 48.74 124.87 26.30
C SER H 115 48.43 125.99 27.27
N PRO H 116 47.78 127.07 26.81
CA PRO H 116 47.36 128.13 27.74
C PRO H 116 46.25 127.64 28.66
N VAL H 117 46.45 127.83 29.96
CA VAL H 117 45.51 127.38 30.97
C VAL H 117 44.59 128.53 31.34
N GLU H 118 43.35 128.22 31.70
CA GLU H 118 42.37 129.21 32.15
C GLU H 118 41.91 128.92 33.57
N ASP H 119 42.84 128.46 34.42
CA ASP H 119 42.51 128.16 35.80
C ASP H 119 42.38 129.46 36.60
N ASN H 120 41.71 129.35 37.74
CA ASN H 120 41.75 130.42 38.73
C ASN H 120 42.93 130.15 39.65
N GLU H 121 43.72 131.20 39.91
CA GLU H 121 44.78 131.08 40.90
C GLU H 121 44.26 130.97 42.32
N LYS H 122 43.02 131.40 42.56
CA LYS H 122 42.40 131.22 43.86
C LYS H 122 41.87 129.80 44.05
N ASP H 123 41.61 129.08 42.96
CA ASP H 123 41.13 127.71 43.08
C ASP H 123 42.27 126.74 43.28
N LEU H 124 43.42 126.98 42.62
CA LEU H 124 44.54 126.06 42.76
C LEU H 124 45.24 126.23 44.09
N VAL H 125 45.19 127.43 44.67
CA VAL H 125 45.79 127.63 45.99
C VAL H 125 44.95 126.95 47.07
N LYS H 126 43.65 126.77 46.83
CA LYS H 126 42.87 125.90 47.71
C LYS H 126 43.19 124.44 47.44
N LEU H 127 43.54 124.10 46.20
CA LEU H 127 44.00 122.76 45.89
C LEU H 127 45.45 122.53 46.31
N ALA H 128 46.24 123.60 46.43
CA ALA H 128 47.62 123.43 46.88
C ALA H 128 47.69 123.21 48.38
N LYS H 129 46.91 123.95 49.16
CA LYS H 129 46.80 123.67 50.58
C LYS H 129 46.07 122.37 50.84
N ARG H 130 45.24 121.92 49.88
CA ARG H 130 44.73 120.56 49.93
C ARG H 130 45.87 119.55 49.80
N LEU H 131 46.80 119.80 48.87
CA LEU H 131 47.97 118.94 48.75
C LEU H 131 48.95 119.11 49.92
N LYS H 132 48.86 120.20 50.67
CA LYS H 132 49.64 120.31 51.90
C LYS H 132 49.14 119.33 52.95
N LYS H 133 47.83 119.18 53.06
CA LYS H 133 47.24 118.19 53.94
C LYS H 133 47.30 116.78 53.36
N GLU H 134 47.69 116.65 52.10
CA GLU H 134 47.82 115.36 51.45
C GLU H 134 49.27 114.96 51.19
N LYS H 135 50.23 115.87 51.41
CA LYS H 135 51.67 115.58 51.48
C LYS H 135 52.16 115.01 50.14
N VAL H 136 52.00 115.82 49.10
CA VAL H 136 52.20 115.38 47.72
C VAL H 136 53.27 116.26 47.08
N ASN H 137 54.28 115.62 46.47
CA ASN H 137 55.36 116.31 45.78
C ASN H 137 55.27 116.04 44.30
N VAL H 138 55.06 117.10 43.52
CA VAL H 138 54.85 117.02 42.08
C VAL H 138 55.83 117.96 41.39
N ASP H 139 56.62 117.44 40.46
CA ASP H 139 57.52 118.24 39.65
C ASP H 139 56.82 118.49 38.31
N ILE H 140 56.36 119.73 38.09
CA ILE H 140 55.64 120.08 36.89
C ILE H 140 56.64 120.56 35.83
N ILE H 141 56.63 119.88 34.69
CA ILE H 141 57.57 120.16 33.60
C ILE H 141 56.79 120.76 32.43
N ASN H 142 57.21 121.95 32.01
CA ASN H 142 56.48 122.68 30.96
C ASN H 142 57.04 122.35 29.59
N PHE H 143 56.15 122.04 28.65
CA PHE H 143 56.45 121.76 27.25
C PHE H 143 55.72 122.77 26.37
N GLY H 144 55.98 122.66 25.06
CA GLY H 144 55.16 123.31 24.05
C GLY H 144 55.26 124.82 24.08
N GLU H 145 54.09 125.46 24.06
CA GLU H 145 53.98 126.89 24.29
C GLU H 145 52.87 127.14 25.31
N GLU H 146 52.99 128.25 26.00
CA GLU H 146 52.14 128.58 27.13
C GLU H 146 52.24 130.09 27.28
N GLU H 147 51.47 130.65 28.21
CA GLU H 147 51.82 131.94 28.77
C GLU H 147 53.24 131.86 29.31
N VAL H 148 54.15 132.58 28.67
CA VAL H 148 55.58 132.45 28.96
C VAL H 148 55.86 133.04 30.34
N ASN H 149 56.89 132.51 31.00
CA ASN H 149 57.18 132.71 32.44
C ASN H 149 55.94 132.32 33.26
N THR H 150 55.69 131.00 33.22
CA THR H 150 54.37 130.38 33.31
C THR H 150 53.53 130.87 34.47
N GLU H 151 52.39 131.47 34.13
CA GLU H 151 51.50 132.11 35.08
C GLU H 151 50.69 131.04 35.80
N LYS H 152 50.52 131.24 37.11
CA LYS H 152 49.88 130.37 38.11
C LYS H 152 50.65 129.09 38.42
N LEU H 153 51.74 128.78 37.72
CA LEU H 153 52.49 127.57 38.01
C LEU H 153 53.69 127.79 38.90
N THR H 154 54.29 128.97 38.85
CA THR H 154 55.28 129.34 39.87
C THR H 154 54.60 129.49 41.22
N ALA H 155 53.42 130.09 41.24
CA ALA H 155 52.63 130.23 42.45
C ALA H 155 52.07 128.92 42.97
N PHE H 156 51.97 127.89 42.12
CA PHE H 156 51.48 126.61 42.60
C PHE H 156 52.60 125.73 43.16
N VAL H 157 53.77 125.73 42.53
CA VAL H 157 54.91 124.96 43.04
C VAL H 157 55.37 125.52 44.37
N ASN H 158 55.36 126.85 44.51
CA ASN H 158 55.72 127.49 45.77
C ASN H 158 54.75 127.09 46.88
N THR H 159 53.46 126.99 46.56
CA THR H 159 52.46 126.50 47.50
C THR H 159 52.33 124.98 47.45
N LEU H 160 53.24 124.29 46.77
CA LEU H 160 53.32 122.83 46.82
C LEU H 160 54.42 122.37 47.78
N ASN H 161 55.65 122.87 47.60
CA ASN H 161 56.75 122.52 48.47
C ASN H 161 56.88 123.46 49.67
N GLY H 162 55.81 124.18 50.01
CA GLY H 162 55.78 124.93 51.24
C GLY H 162 55.50 124.03 52.43
N LYS H 163 55.67 124.62 53.63
CA LYS H 163 55.54 123.93 54.92
C LYS H 163 56.47 122.72 54.98
N ASP H 164 57.77 123.01 54.92
CA ASP H 164 58.87 122.04 54.98
C ASP H 164 58.79 120.99 53.87
N GLY H 165 58.29 121.40 52.71
CA GLY H 165 58.32 120.54 51.55
C GLY H 165 59.66 120.67 50.85
N THR H 166 59.96 121.92 50.42
CA THR H 166 61.23 122.45 49.91
C THR H 166 61.98 121.55 48.92
N GLY H 167 61.25 120.70 48.19
CA GLY H 167 61.90 119.72 47.34
C GLY H 167 61.37 119.67 45.92
N SER H 168 60.27 120.35 45.66
CA SER H 168 59.70 120.34 44.32
C SER H 168 60.14 121.56 43.52
N HIS H 169 60.03 121.45 42.20
CA HIS H 169 60.54 122.47 41.30
C HIS H 169 59.51 122.73 40.20
N LEU H 170 59.84 123.69 39.33
CA LEU H 170 59.01 124.01 38.17
C LEU H 170 59.95 124.10 36.96
N VAL H 171 60.01 123.03 36.18
CA VAL H 171 60.80 123.05 34.95
C VAL H 171 59.99 123.77 33.89
N THR H 172 60.39 125.00 33.58
CA THR H 172 59.67 125.83 32.62
C THR H 172 60.14 125.50 31.21
N VAL H 173 59.32 125.93 30.25
CA VAL H 173 59.53 125.62 28.83
C VAL H 173 60.36 126.74 28.21
N PRO H 174 61.37 126.43 27.39
CA PRO H 174 61.94 127.43 26.51
C PRO H 174 61.07 127.58 25.26
N PRO H 175 60.77 128.81 24.85
CA PRO H 175 59.93 129.04 23.67
C PRO H 175 60.66 128.88 22.34
N GLY H 176 61.39 127.77 22.19
CA GLY H 176 62.10 127.46 20.98
C GLY H 176 61.95 126.00 20.62
N PRO H 177 61.49 125.73 19.41
CA PRO H 177 61.37 124.33 18.96
C PRO H 177 62.70 123.66 18.70
N SER H 178 63.40 123.29 19.77
CA SER H 178 64.63 122.52 19.69
C SER H 178 64.34 121.06 20.02
N LEU H 179 65.39 120.24 20.06
CA LEU H 179 65.22 118.85 20.43
C LEU H 179 64.98 118.75 21.92
N ALA H 180 63.88 118.09 22.30
CA ALA H 180 63.42 118.06 23.68
C ALA H 180 64.06 116.95 24.49
N ASP H 181 65.07 116.27 23.95
CA ASP H 181 65.76 115.25 24.73
C ASP H 181 66.76 115.88 25.69
N ALA H 182 67.25 117.08 25.37
CA ALA H 182 68.13 117.82 26.25
C ALA H 182 67.37 118.69 27.25
N LEU H 183 66.10 118.99 26.96
CA LEU H 183 65.29 119.79 27.89
C LEU H 183 64.98 119.02 29.16
N ILE H 184 64.75 117.72 29.05
CA ILE H 184 64.38 116.89 30.19
C ILE H 184 65.59 116.13 30.75
N SER H 185 66.80 116.60 30.47
CA SER H 185 67.97 115.96 31.05
C SER H 185 68.20 116.35 32.50
N SER H 186 67.58 117.45 32.95
CA SER H 186 67.64 117.91 34.34
C SER H 186 66.76 117.10 35.30
N PRO H 187 65.54 116.64 34.95
CA PRO H 187 64.87 115.70 35.87
C PRO H 187 65.47 114.29 35.86
N ILE H 188 66.03 113.82 34.75
CA ILE H 188 66.58 112.46 34.75
C ILE H 188 67.93 112.41 35.43
N LEU H 189 68.66 113.53 35.52
CA LEU H 189 69.95 113.52 36.20
C LEU H 189 69.78 113.58 37.71
N ALA H 190 68.92 114.47 38.20
CA ALA H 190 68.71 114.64 39.62
C ALA H 190 67.31 115.18 39.85
N GLY H 191 66.97 115.40 41.11
CA GLY H 191 65.67 115.94 41.47
C GLY H 191 65.63 117.45 41.52
N ALA I 23 48.94 69.94 72.54
CA ALA I 23 47.89 69.02 72.13
C ALA I 23 46.59 69.77 71.87
N VAL I 24 45.56 68.99 71.57
CA VAL I 24 44.22 69.48 71.22
C VAL I 24 43.24 68.95 72.24
N ASP I 25 42.04 69.51 72.27
CA ASP I 25 41.07 69.21 73.32
C ASP I 25 39.79 68.54 72.84
N THR I 26 39.73 68.13 71.56
CA THR I 26 38.54 67.78 70.77
C THR I 26 37.29 68.60 71.09
N ALA I 27 37.47 69.92 71.16
CA ALA I 27 36.39 70.90 71.22
C ALA I 27 36.70 72.06 70.29
N GLU I 28 37.04 71.71 69.05
CA GLU I 28 37.76 72.65 68.18
C GLU I 28 36.85 73.73 67.60
N GLN I 29 35.61 73.43 67.25
CA GLN I 29 34.53 74.41 67.01
C GLN I 29 34.90 75.39 65.88
N VAL I 30 34.97 74.83 64.67
CA VAL I 30 35.36 75.63 63.51
C VAL I 30 34.21 76.53 63.11
N TYR I 31 34.39 77.83 63.29
CA TYR I 31 33.46 78.82 62.78
C TYR I 31 33.73 79.02 61.30
N ILE I 32 32.69 79.04 60.47
CA ILE I 32 32.99 79.31 59.08
C ILE I 32 32.45 80.68 58.71
N SER I 33 31.15 80.77 58.47
CA SER I 33 30.63 81.92 57.74
C SER I 33 29.13 81.89 57.60
N SER I 34 28.63 82.84 56.82
CA SER I 34 27.44 82.63 56.02
C SER I 34 27.71 82.75 54.53
N LEU I 35 28.94 83.12 54.13
CA LEU I 35 29.19 83.54 52.77
C LEU I 35 29.92 82.48 51.96
N ALA I 36 30.75 81.66 52.62
CA ALA I 36 31.67 80.79 51.90
C ALA I 36 30.98 79.56 51.35
N LEU I 37 29.95 79.08 52.06
CA LEU I 37 29.33 77.80 51.74
C LEU I 37 28.56 77.85 50.43
N LEU I 38 28.05 79.01 50.04
CA LEU I 38 27.42 79.11 48.74
C LEU I 38 28.44 79.05 47.61
N LYS I 39 29.64 79.57 47.84
CA LYS I 39 30.72 79.37 46.88
C LYS I 39 31.18 77.92 46.87
N MET I 40 31.08 77.25 48.02
CA MET I 40 31.44 75.84 48.12
C MET I 40 30.51 74.97 47.28
N LEU I 41 29.20 75.15 47.44
CA LEU I 41 28.27 74.28 46.74
C LEU I 41 28.14 74.62 45.27
N LYS I 42 28.24 75.90 44.90
CA LYS I 42 28.08 76.24 43.49
C LYS I 42 29.24 75.74 42.66
N HIS I 43 30.46 75.92 43.15
CA HIS I 43 31.61 75.31 42.50
C HIS I 43 31.62 73.80 42.66
N GLY I 44 31.06 73.28 43.76
CA GLY I 44 31.00 71.85 43.95
C GLY I 44 30.00 71.14 43.07
N ARG I 45 28.93 71.82 42.67
CA ARG I 45 27.84 71.19 41.94
C ARG I 45 27.89 71.46 40.44
N ALA I 46 28.51 72.56 40.02
CA ALA I 46 28.63 72.84 38.59
C ALA I 46 29.56 71.86 37.90
N GLY I 47 30.51 71.30 38.63
CA GLY I 47 31.35 70.24 38.11
C GLY I 47 31.23 69.02 38.97
N VAL I 48 30.00 68.62 39.30
CA VAL I 48 29.76 67.66 40.39
C VAL I 48 30.42 66.27 40.23
N PRO I 49 30.31 65.54 39.09
CA PRO I 49 30.79 64.16 39.12
C PRO I 49 32.30 64.02 39.17
N MET I 50 33.02 65.10 38.85
CA MET I 50 34.44 65.19 39.05
C MET I 50 34.69 65.78 40.42
N GLU I 51 35.80 65.42 41.04
CA GLU I 51 36.11 65.98 42.35
C GLU I 51 36.77 67.34 42.16
N VAL I 52 35.97 68.40 42.24
CA VAL I 52 36.47 69.73 42.21
C VAL I 52 36.96 70.09 43.61
N MET I 53 37.77 71.14 43.70
CA MET I 53 38.39 71.52 44.96
C MET I 53 38.83 72.98 44.89
N GLY I 54 39.33 73.48 46.02
CA GLY I 54 39.86 74.82 46.03
C GLY I 54 40.60 75.13 47.31
N LEU I 55 40.74 76.43 47.57
CA LEU I 55 41.40 76.95 48.76
C LEU I 55 40.39 77.45 49.78
N MET I 56 40.89 77.66 50.99
CA MET I 56 40.14 78.25 52.09
C MET I 56 40.99 79.39 52.65
N LEU I 57 40.51 80.61 52.50
CA LEU I 57 41.26 81.81 52.83
C LEU I 57 40.59 82.48 54.02
N GLY I 58 41.16 82.29 55.21
CA GLY I 58 40.52 82.77 56.42
C GLY I 58 41.39 83.53 57.38
N GLU I 59 41.00 83.53 58.66
CA GLU I 59 41.61 84.34 59.69
C GLU I 59 41.78 83.47 60.93
N PHE I 60 43.02 83.23 61.32
CA PHE I 60 43.29 82.40 62.48
C PHE I 60 42.96 83.13 63.78
N VAL I 61 42.47 82.35 64.74
CA VAL I 61 42.27 82.72 66.13
C VAL I 61 43.01 81.65 66.92
N ASP I 62 42.73 81.54 68.23
CA ASP I 62 43.51 80.76 69.17
C ASP I 62 43.63 79.26 68.87
N ASP I 63 44.37 78.54 69.74
CA ASP I 63 44.63 77.11 69.58
C ASP I 63 43.36 76.27 69.50
N TYR I 64 42.24 76.76 70.01
CA TYR I 64 41.00 76.01 70.01
C TYR I 64 40.22 76.20 68.72
N THR I 65 39.78 77.41 68.43
CA THR I 65 38.88 77.67 67.32
C THR I 65 39.65 78.18 66.10
N VAL I 66 38.97 78.20 64.95
CA VAL I 66 39.52 78.79 63.74
C VAL I 66 38.35 79.34 62.93
N ARG I 67 38.64 80.35 62.12
CA ARG I 67 37.61 81.06 61.37
C ARG I 67 38.04 81.10 59.91
N VAL I 68 37.19 80.55 59.03
CA VAL I 68 37.43 80.57 57.60
C VAL I 68 36.37 81.41 56.92
N ILE I 69 36.80 82.52 56.34
CA ILE I 69 35.88 83.52 55.85
C ILE I 69 35.74 83.54 54.34
N ASP I 70 36.80 83.26 53.57
CA ASP I 70 36.70 83.38 52.13
C ASP I 70 37.21 82.10 51.48
N VAL I 71 36.73 81.85 50.26
CA VAL I 71 36.92 80.58 49.54
C VAL I 71 37.10 80.89 48.06
N PHE I 72 38.13 80.31 47.45
CA PHE I 72 38.29 80.41 46.01
C PHE I 72 38.94 79.14 45.50
N ALA I 73 38.68 78.84 44.23
CA ALA I 73 39.17 77.64 43.56
C ALA I 73 40.26 78.01 42.58
N MET I 74 40.70 77.01 41.82
CA MET I 74 41.75 77.15 40.82
C MET I 74 41.41 76.32 39.60
N PRO I 75 42.03 76.59 38.45
CA PRO I 75 41.98 75.63 37.35
C PRO I 75 42.67 74.34 37.73
N GLN I 76 42.04 73.22 37.38
CA GLN I 76 42.45 71.91 37.86
C GLN I 76 42.54 70.98 36.67
N SER I 77 43.17 69.82 36.87
CA SER I 77 43.17 68.79 35.85
C SER I 77 42.98 67.47 36.56
N GLY I 78 42.04 66.66 36.07
CA GLY I 78 41.60 65.52 36.85
C GLY I 78 41.57 64.25 36.03
N THR I 79 41.29 63.17 36.73
CA THR I 79 41.04 61.86 36.13
C THR I 79 39.78 61.33 36.83
N GLY I 80 39.53 60.03 36.68
CA GLY I 80 38.42 59.43 37.39
C GLY I 80 38.64 59.39 38.89
N VAL I 81 39.82 58.93 39.31
CA VAL I 81 40.06 58.63 40.71
C VAL I 81 40.94 59.71 41.32
N SER I 82 41.57 60.52 40.48
CA SER I 82 42.50 61.53 40.95
C SER I 82 42.12 62.87 40.36
N VAL I 83 42.50 63.95 41.03
CA VAL I 83 42.37 65.30 40.51
C VAL I 83 43.57 66.10 40.97
N GLU I 84 44.15 66.88 40.06
CA GLU I 84 45.38 67.60 40.33
C GLU I 84 45.11 69.09 40.21
N ALA I 85 46.16 69.87 40.42
CA ALA I 85 46.12 71.28 40.09
C ALA I 85 47.01 71.55 38.88
N VAL I 86 47.08 72.81 38.49
CA VAL I 86 47.98 73.28 37.44
C VAL I 86 48.77 74.43 38.05
N ASP I 87 49.53 75.16 37.21
CA ASP I 87 50.57 76.16 37.50
C ASP I 87 50.34 77.03 38.74
N PRO I 88 51.39 77.24 39.54
CA PRO I 88 51.22 77.96 40.81
C PRO I 88 51.17 79.46 40.66
N VAL I 89 51.41 79.99 39.46
CA VAL I 89 51.35 81.43 39.24
C VAL I 89 49.93 81.96 39.36
N PHE I 90 48.94 81.09 39.17
CA PHE I 90 47.55 81.46 39.46
C PHE I 90 47.36 81.76 40.93
N GLN I 91 48.07 81.05 41.80
CA GLN I 91 47.83 81.12 43.23
C GLN I 91 48.31 82.43 43.82
N ALA I 92 49.54 82.83 43.51
CA ALA I 92 50.10 84.04 44.09
C ALA I 92 49.46 85.30 43.52
N LYS I 93 49.09 85.26 42.24
CA LYS I 93 48.49 86.44 41.63
C LYS I 93 47.06 86.64 42.12
N MET I 94 46.38 85.55 42.46
CA MET I 94 45.03 85.66 43.01
C MET I 94 45.05 86.29 44.40
N LEU I 95 46.03 85.90 45.22
CA LEU I 95 46.07 86.41 46.58
C LEU I 95 46.52 87.85 46.64
N ASP I 96 47.31 88.30 45.66
CA ASP I 96 47.72 89.69 45.63
C ASP I 96 46.53 90.60 45.35
N MET I 97 45.65 90.17 44.45
CA MET I 97 44.49 90.96 44.09
C MET I 97 43.43 90.97 45.19
N LEU I 98 43.41 89.95 46.05
CA LEU I 98 42.49 89.95 47.17
C LEU I 98 43.03 90.72 48.37
N LYS I 99 44.34 90.95 48.42
CA LYS I 99 44.87 91.82 49.46
C LYS I 99 44.57 93.28 49.14
N GLN I 100 44.77 93.69 47.89
CA GLN I 100 44.59 95.08 47.51
C GLN I 100 43.13 95.49 47.43
N THR I 101 42.23 94.53 47.29
CA THR I 101 40.79 94.81 47.25
C THR I 101 40.15 94.09 48.43
N GLY I 102 39.68 94.86 49.39
CA GLY I 102 39.20 94.29 50.64
C GLY I 102 40.26 94.47 51.70
N ARG I 103 40.73 93.37 52.29
CA ARG I 103 41.84 93.42 53.24
C ARG I 103 42.48 92.03 53.26
N PRO I 104 43.80 91.96 53.55
CA PRO I 104 44.52 90.69 53.40
C PRO I 104 44.10 89.61 54.39
N GLU I 105 44.33 88.36 53.98
CA GLU I 105 43.98 87.18 54.75
C GLU I 105 45.10 86.15 54.62
N MET I 106 44.83 84.92 55.04
CA MET I 106 45.84 83.88 55.12
C MET I 106 45.14 82.54 54.87
N VAL I 107 45.83 81.60 54.23
CA VAL I 107 45.19 80.36 53.84
C VAL I 107 45.09 79.42 55.03
N VAL I 108 43.87 79.25 55.54
CA VAL I 108 43.58 78.42 56.70
C VAL I 108 43.36 76.96 56.32
N GLY I 109 43.32 76.63 55.04
CA GLY I 109 43.10 75.24 54.67
C GLY I 109 42.69 75.13 53.21
N TRP I 110 41.88 74.10 52.95
CA TRP I 110 41.58 73.67 51.60
C TRP I 110 40.41 72.71 51.68
N TYR I 111 39.69 72.57 50.58
CA TYR I 111 38.56 71.66 50.54
C TYR I 111 38.65 70.81 49.29
N HIS I 112 37.74 69.85 49.20
CA HIS I 112 37.44 69.14 47.96
C HIS I 112 36.01 68.64 48.03
N SER I 113 35.58 67.91 47.01
CA SER I 113 34.17 67.59 46.87
C SER I 113 34.00 66.16 46.42
N HIS I 114 33.72 65.26 47.37
CA HIS I 114 33.21 63.96 46.94
C HIS I 114 31.84 64.15 46.30
N PRO I 115 31.62 63.55 45.13
CA PRO I 115 30.40 63.86 44.37
C PRO I 115 29.12 63.40 45.03
N GLY I 116 29.01 62.11 45.30
CA GLY I 116 27.80 61.55 45.88
C GLY I 116 28.17 60.47 46.87
N PHE I 117 29.32 60.65 47.50
CA PHE I 117 29.92 59.60 48.31
C PHE I 117 29.48 59.70 49.76
N GLY I 118 29.73 60.85 50.38
CA GLY I 118 29.64 61.01 51.82
C GLY I 118 30.71 61.99 52.24
N CYS I 119 31.57 61.58 53.18
CA CYS I 119 32.68 62.42 53.62
C CYS I 119 33.75 61.57 54.27
N TRP I 120 34.90 61.41 53.60
CA TRP I 120 36.05 60.74 54.18
C TRP I 120 37.31 61.21 53.45
N LEU I 121 38.45 60.85 54.01
CA LEU I 121 39.74 61.07 53.37
C LEU I 121 40.13 59.79 52.65
N SER I 122 40.16 59.83 51.33
CA SER I 122 40.64 58.70 50.57
C SER I 122 42.16 58.68 50.56
N GLY I 123 42.73 57.67 49.88
CA GLY I 123 44.17 57.49 49.90
C GLY I 123 44.95 58.54 49.13
N VAL I 124 44.27 59.30 48.27
CA VAL I 124 44.92 60.39 47.58
C VAL I 124 44.53 61.73 48.22
N ASP I 125 43.29 61.81 48.74
CA ASP I 125 42.86 62.97 49.52
C ASP I 125 43.71 63.18 50.76
N ILE I 126 44.20 62.09 51.36
CA ILE I 126 45.05 62.21 52.53
C ILE I 126 46.45 62.72 52.17
N ASN I 127 46.86 62.60 50.90
CA ASN I 127 48.24 62.85 50.55
C ASN I 127 48.54 64.34 50.41
N THR I 128 47.68 65.07 49.70
CA THR I 128 47.90 66.51 49.61
C THR I 128 47.54 67.25 50.88
N GLN I 129 46.73 66.63 51.75
CA GLN I 129 46.56 67.14 53.10
C GLN I 129 47.88 67.08 53.85
N GLN I 130 48.62 65.99 53.68
CA GLN I 130 49.92 65.81 54.31
C GLN I 130 50.93 66.85 53.82
N SER I 131 50.78 67.31 52.58
CA SER I 131 51.58 68.41 52.09
C SER I 131 51.22 69.73 52.74
N PHE I 132 49.95 69.95 53.05
CA PHE I 132 49.51 71.25 53.55
C PHE I 132 49.64 71.39 55.06
N GLU I 133 49.70 70.28 55.78
CA GLU I 133 49.79 70.36 57.24
C GLU I 133 51.21 70.64 57.73
N ALA I 134 52.17 70.88 56.83
CA ALA I 134 53.55 71.06 57.28
C ALA I 134 53.83 72.51 57.63
N LEU I 135 53.35 73.45 56.82
CA LEU I 135 53.66 74.86 57.04
C LEU I 135 52.89 75.39 58.24
N SER I 136 51.57 75.38 58.16
CA SER I 136 50.74 75.46 59.35
C SER I 136 50.21 74.07 59.66
N GLU I 137 50.15 73.75 60.94
CA GLU I 137 49.73 72.43 61.37
C GLU I 137 48.21 72.33 61.50
N ARG I 138 47.49 73.44 61.27
CA ARG I 138 46.05 73.46 61.42
C ARG I 138 45.32 73.71 60.12
N ALA I 139 45.83 73.19 59.01
CA ALA I 139 45.11 73.24 57.74
C ALA I 139 43.87 72.37 57.82
N VAL I 140 42.70 72.97 57.72
CA VAL I 140 41.46 72.24 57.88
C VAL I 140 41.11 71.58 56.55
N ALA I 141 40.86 70.27 56.58
CA ALA I 141 40.40 69.55 55.40
C ALA I 141 38.88 69.45 55.42
N VAL I 142 38.25 69.87 54.33
CA VAL I 142 36.80 70.03 54.25
C VAL I 142 36.30 69.24 53.05
N VAL I 143 35.21 68.51 53.24
CA VAL I 143 34.51 67.80 52.18
C VAL I 143 33.13 68.42 52.05
N VAL I 144 32.72 68.72 50.82
CA VAL I 144 31.32 69.09 50.63
C VAL I 144 30.71 68.13 49.63
N ASP I 145 29.53 67.60 49.95
CA ASP I 145 28.84 66.72 49.02
C ASP I 145 27.62 67.43 48.45
N PRO I 146 27.66 67.92 47.24
CA PRO I 146 26.46 68.54 46.67
C PRO I 146 25.52 67.55 45.99
N ILE I 147 25.29 66.38 46.58
CA ILE I 147 24.22 65.49 46.16
C ILE I 147 23.39 65.07 47.36
N GLN I 148 24.06 64.56 48.40
CA GLN I 148 23.42 64.14 49.64
C GLN I 148 22.65 65.27 50.30
N SER I 149 23.10 66.51 50.13
CA SER I 149 22.40 67.67 50.62
C SER I 149 21.10 67.92 49.85
N VAL I 150 19.96 67.62 50.45
CA VAL I 150 18.69 67.85 49.76
C VAL I 150 18.21 69.30 49.96
N LYS I 151 17.77 69.65 51.17
CA LYS I 151 17.41 71.03 51.48
C LYS I 151 17.90 71.42 52.86
N GLY I 152 18.06 70.43 53.73
CA GLY I 152 18.32 70.67 55.13
C GLY I 152 19.78 70.46 55.45
N LYS I 153 20.09 69.26 55.94
CA LYS I 153 21.46 68.80 56.13
C LYS I 153 22.27 68.97 54.85
N VAL I 154 23.50 69.44 55.01
CA VAL I 154 24.30 69.87 53.88
C VAL I 154 25.61 69.10 53.77
N VAL I 155 25.61 67.80 54.09
CA VAL I 155 26.62 67.09 54.88
C VAL I 155 28.05 67.50 54.57
N ILE I 156 28.75 67.99 55.59
CA ILE I 156 30.00 68.70 55.38
C ILE I 156 31.15 68.03 56.11
N ASP I 157 31.13 68.03 57.45
CA ASP I 157 32.02 67.24 58.30
C ASP I 157 33.51 67.46 58.03
N ALA I 158 34.04 68.64 58.38
CA ALA I 158 35.46 68.92 58.20
C ALA I 158 36.32 68.00 59.04
N PHE I 159 37.51 67.68 58.52
CA PHE I 159 38.42 66.72 59.15
C PHE I 159 39.80 67.36 59.34
N ARG I 160 40.65 66.63 60.06
CA ARG I 160 42.09 66.88 60.10
C ARG I 160 42.77 65.57 60.51
N LEU I 161 43.97 65.34 59.97
CA LEU I 161 44.75 64.13 60.14
C LEU I 161 45.08 63.88 61.62
N ILE I 162 45.37 62.61 61.92
CA ILE I 162 46.11 62.24 63.12
C ILE I 162 47.30 61.42 62.67
N ASN I 163 48.36 61.43 63.48
CA ASN I 163 49.60 60.74 63.13
C ASN I 163 49.37 59.23 63.12
N ALA I 164 49.80 58.58 62.05
CA ALA I 164 49.84 57.13 62.01
C ALA I 164 50.99 56.56 62.85
N ASN I 165 51.90 57.41 63.33
CA ASN I 165 52.93 56.95 64.25
C ASN I 165 52.32 56.61 65.61
N MET I 166 51.32 57.36 66.03
CA MET I 166 50.63 57.05 67.28
C MET I 166 49.61 55.93 67.07
N MET I 167 49.20 55.69 65.83
CA MET I 167 48.46 54.48 65.49
C MET I 167 49.32 53.24 65.68
N VAL I 168 50.63 53.35 65.42
CA VAL I 168 51.54 52.24 65.68
C VAL I 168 51.74 52.05 67.18
N LEU I 169 51.78 53.16 67.92
CA LEU I 169 51.90 53.10 69.38
C LEU I 169 50.67 52.50 70.06
N GLY I 170 49.53 52.47 69.38
CA GLY I 170 48.29 52.05 70.03
C GLY I 170 47.77 53.07 71.02
N HIS I 171 48.28 54.30 70.98
CA HIS I 171 47.96 55.33 71.93
C HIS I 171 46.84 56.19 71.38
N GLU I 172 45.86 56.48 72.23
CA GLU I 172 44.65 57.18 71.81
C GLU I 172 44.84 58.68 71.97
N PRO I 173 44.73 59.46 70.91
CA PRO I 173 45.17 60.86 70.96
C PRO I 173 44.09 61.78 71.52
N ARG I 174 44.39 63.07 71.46
CA ARG I 174 43.48 64.22 71.43
C ARG I 174 42.85 64.58 72.76
N GLN I 175 43.02 63.77 73.81
CA GLN I 175 42.88 64.09 75.24
C GLN I 175 41.61 64.93 75.57
N THR I 176 40.47 64.25 75.46
CA THR I 176 39.14 64.82 75.63
C THR I 176 38.95 65.55 76.96
N THR I 177 38.81 66.88 76.89
CA THR I 177 38.67 67.72 78.07
C THR I 177 37.42 68.60 78.03
N SER I 178 36.48 68.35 77.14
CA SER I 178 35.24 69.11 77.08
C SER I 178 34.12 68.22 76.57
N ASN I 179 32.91 68.52 77.00
CA ASN I 179 31.75 67.70 76.69
C ASN I 179 31.06 68.23 75.42
N LEU I 180 31.84 68.27 74.34
CA LEU I 180 31.43 68.90 73.10
C LEU I 180 31.79 68.09 71.86
N GLY I 181 32.73 67.17 71.95
CA GLY I 181 33.18 66.44 70.78
C GLY I 181 32.23 65.32 70.38
N HIS I 182 31.89 64.45 71.33
CA HIS I 182 31.18 63.20 71.01
C HIS I 182 29.67 63.43 70.92
N LEU I 183 29.29 64.44 70.17
CA LEU I 183 27.90 64.83 70.01
C LEU I 183 27.32 64.32 68.70
N ASN I 184 28.04 64.50 67.60
CA ASN I 184 27.59 63.99 66.32
C ASN I 184 28.24 62.64 66.03
N LYS I 185 27.42 61.69 65.61
CA LYS I 185 27.95 60.35 65.40
C LYS I 185 28.40 60.17 63.96
N PRO I 186 29.51 59.50 63.70
CA PRO I 186 29.96 59.30 62.33
C PRO I 186 29.12 58.26 61.62
N SER I 187 29.11 58.36 60.29
CA SER I 187 28.46 57.33 59.49
C SER I 187 29.31 56.07 59.50
N ILE I 188 28.66 54.95 59.21
CA ILE I 188 29.40 53.70 59.14
C ILE I 188 30.27 53.67 57.89
N GLN I 189 29.85 54.34 56.81
CA GLN I 189 30.61 54.33 55.57
C GLN I 189 31.90 55.13 55.69
N ALA I 190 31.86 56.25 56.41
CA ALA I 190 33.09 56.95 56.74
C ALA I 190 33.92 56.20 57.76
N LEU I 191 33.29 55.33 58.54
CA LEU I 191 34.02 54.50 59.49
C LEU I 191 34.71 53.32 58.80
N ILE I 192 34.17 52.87 57.67
CA ILE I 192 34.85 51.88 56.84
C ILE I 192 36.17 52.44 56.33
N HIS I 193 36.19 53.72 56.00
CA HIS I 193 37.40 54.40 55.57
C HIS I 193 38.24 54.82 56.79
N GLY I 194 39.20 55.73 56.59
CA GLY I 194 40.28 56.00 57.52
C GLY I 194 39.86 56.49 58.91
N LEU I 195 38.63 56.99 59.05
CA LEU I 195 38.12 57.29 60.38
C LEU I 195 37.76 55.99 61.08
N ASN I 196 38.24 55.81 62.31
CA ASN I 196 39.14 56.72 62.98
C ASN I 196 40.47 56.01 63.23
N ARG I 197 41.32 56.03 62.20
CA ARG I 197 42.67 55.51 62.30
C ARG I 197 43.72 56.47 61.79
N HIS I 198 43.33 57.48 61.02
CA HIS I 198 44.28 58.47 60.51
C HIS I 198 43.77 59.91 60.61
N TYR I 199 42.49 60.13 60.89
CA TYR I 199 42.00 61.50 61.00
C TYR I 199 40.82 61.51 61.98
N TYR I 200 40.29 62.71 62.23
CA TYR I 200 39.19 62.87 63.16
C TYR I 200 38.17 63.84 62.57
N SER I 201 36.99 63.88 63.20
CA SER I 201 35.94 64.83 62.81
C SER I 201 35.97 66.06 63.70
N ILE I 202 35.34 67.13 63.22
CA ILE I 202 35.26 68.39 63.96
C ILE I 202 33.81 68.86 63.94
N THR I 203 33.28 69.23 65.10
CA THR I 203 31.98 69.85 65.16
C THR I 203 32.09 71.31 64.75
N ILE I 204 31.13 71.76 63.93
CA ILE I 204 31.13 73.11 63.37
C ILE I 204 29.74 73.70 63.54
N ASN I 205 29.65 75.01 63.42
CA ASN I 205 28.39 75.72 63.25
C ASN I 205 28.59 76.87 62.28
N TYR I 206 27.64 77.80 62.27
CA TYR I 206 27.64 78.88 61.30
C TYR I 206 27.54 80.24 61.98
N ARG I 207 28.36 81.18 61.50
CA ARG I 207 28.37 82.55 62.02
C ARG I 207 27.23 83.30 61.35
N LYS I 208 26.22 83.64 62.13
CA LYS I 208 25.01 84.28 61.62
C LYS I 208 24.83 85.65 62.26
N ASN I 209 24.38 86.60 61.44
CA ASN I 209 24.29 88.00 61.88
C ASN I 209 23.28 88.76 61.03
N GLU I 210 22.73 89.82 61.64
CA GLU I 210 21.72 90.67 60.99
C GLU I 210 22.30 91.37 59.77
N LEU I 211 23.61 91.59 59.77
CA LEU I 211 24.42 91.94 58.60
C LEU I 211 24.07 91.09 57.38
N GLU I 212 23.81 89.80 57.59
CA GLU I 212 23.46 88.92 56.48
C GLU I 212 22.13 88.22 56.65
N GLN I 213 21.77 87.79 57.86
CA GLN I 213 20.62 86.90 58.04
C GLN I 213 19.32 87.63 57.73
N LYS I 214 19.26 88.92 58.06
CA LYS I 214 18.07 89.69 57.75
C LYS I 214 17.93 89.92 56.25
N MET I 215 19.04 89.96 55.53
CA MET I 215 18.99 90.39 54.14
C MET I 215 19.12 89.25 53.14
N LEU I 216 18.93 88.02 53.58
CA LEU I 216 18.64 86.94 52.64
C LEU I 216 17.21 86.45 52.81
N LEU I 217 16.66 86.56 54.02
CA LEU I 217 15.25 86.30 54.30
C LEU I 217 14.37 87.32 53.61
N ASN I 218 14.63 88.61 53.85
CA ASN I 218 13.78 89.69 53.35
C ASN I 218 14.22 90.14 51.96
N LEU I 219 14.87 89.27 51.19
CA LEU I 219 15.26 89.56 49.82
C LEU I 219 14.94 88.43 48.85
N HIS I 220 14.70 87.21 49.32
CA HIS I 220 14.62 86.09 48.37
C HIS I 220 13.19 85.81 47.91
N LYS I 221 12.30 85.46 48.83
CA LYS I 221 10.94 85.08 48.43
C LYS I 221 9.97 86.25 48.54
N LYS I 222 10.02 87.17 47.58
CA LYS I 222 9.19 88.36 47.64
C LYS I 222 8.54 88.60 46.28
N SER I 223 7.36 89.21 46.29
CA SER I 223 6.55 89.38 45.10
C SER I 223 5.92 90.77 45.18
N TRP I 224 5.21 91.21 44.12
CA TRP I 224 4.61 92.54 44.22
C TRP I 224 3.11 92.65 43.91
N MET I 225 2.65 91.93 42.90
CA MET I 225 1.25 92.05 42.49
C MET I 225 0.50 90.75 42.62
N GLU I 226 1.16 89.70 43.08
CA GLU I 226 0.61 88.35 43.01
C GLU I 226 -0.39 88.14 44.14
N GLY I 227 -1.57 88.72 43.96
CA GLY I 227 -2.54 88.74 45.04
C GLY I 227 -3.41 89.99 45.12
N LEU I 228 -2.96 91.13 44.61
CA LEU I 228 -3.85 92.26 44.36
C LEU I 228 -4.54 92.16 43.01
N THR I 229 -4.34 91.05 42.30
CA THR I 229 -4.89 90.82 40.97
C THR I 229 -5.94 89.73 41.06
N LEU I 230 -6.82 89.71 40.05
CA LEU I 230 -7.82 88.65 39.94
C LEU I 230 -7.22 87.47 39.21
N GLN I 231 -8.02 86.44 38.94
CA GLN I 231 -7.47 85.23 38.34
C GLN I 231 -8.43 84.65 37.32
N ASP I 232 -8.27 85.06 36.06
CA ASP I 232 -8.89 84.49 34.84
C ASP I 232 -10.39 84.28 35.04
N TYR I 233 -11.09 85.43 35.13
CA TYR I 233 -12.36 85.51 35.83
C TYR I 233 -13.45 84.64 35.20
N SER I 234 -13.36 84.41 33.88
CA SER I 234 -14.32 83.51 33.26
C SER I 234 -13.94 82.05 33.47
N GLU I 235 -12.71 81.78 33.89
CA GLU I 235 -12.24 80.41 34.00
C GLU I 235 -12.11 79.93 35.44
N HIS I 236 -12.03 80.85 36.41
CA HIS I 236 -12.04 80.45 37.81
C HIS I 236 -13.35 79.79 38.19
N CYS I 237 -14.47 80.40 37.81
CA CYS I 237 -15.77 79.76 37.96
C CYS I 237 -15.90 78.52 37.09
N LYS I 238 -15.20 78.49 35.95
CA LYS I 238 -15.15 77.27 35.14
C LYS I 238 -14.32 76.20 35.82
N HIS I 239 -13.23 76.60 36.48
CA HIS I 239 -12.44 75.65 37.26
C HIS I 239 -13.19 75.20 38.50
N ASN I 240 -14.18 75.96 38.96
CA ASN I 240 -15.08 75.55 40.02
C ASN I 240 -16.12 74.53 39.57
N GLU I 241 -16.01 74.02 38.35
CA GLU I 241 -16.73 72.85 37.92
C GLU I 241 -15.79 71.73 37.48
N SER I 242 -14.58 72.08 37.06
CA SER I 242 -13.57 71.10 36.63
C SER I 242 -13.12 70.20 37.77
N VAL I 243 -13.39 70.57 39.02
CA VAL I 243 -13.12 69.72 40.16
C VAL I 243 -14.38 69.06 40.69
N VAL I 244 -15.49 69.80 40.72
CA VAL I 244 -16.71 69.35 41.38
C VAL I 244 -17.37 68.22 40.59
N LYS I 245 -17.10 68.14 39.28
CA LYS I 245 -17.77 67.16 38.44
C LYS I 245 -17.31 65.73 38.77
N GLU I 246 -16.00 65.52 38.85
CA GLU I 246 -15.51 64.22 39.30
C GLU I 246 -15.59 64.06 40.81
N MET I 247 -15.81 65.14 41.54
CA MET I 247 -16.03 65.06 42.98
C MET I 247 -17.38 64.43 43.30
N LEU I 248 -18.32 64.45 42.34
CA LEU I 248 -19.54 63.67 42.48
C LEU I 248 -19.25 62.18 42.49
N GLU I 249 -18.56 61.69 41.45
CA GLU I 249 -18.29 60.26 41.35
C GLU I 249 -17.26 59.83 42.37
N LEU I 250 -16.38 60.74 42.80
CA LEU I 250 -15.48 60.41 43.91
C LEU I 250 -16.27 60.30 45.21
N ALA I 251 -17.38 61.01 45.33
CA ALA I 251 -18.27 60.80 46.44
C ALA I 251 -19.17 59.58 46.25
N LYS I 252 -19.35 59.14 45.00
CA LYS I 252 -20.03 57.88 44.77
C LYS I 252 -19.19 56.71 45.26
N ASN I 253 -17.87 56.82 45.15
CA ASN I 253 -17.00 55.86 45.80
C ASN I 253 -17.07 56.01 47.31
N TYR I 254 -17.30 57.22 47.80
CA TYR I 254 -17.58 57.43 49.21
C TYR I 254 -19.02 57.05 49.56
N ASN I 255 -19.88 56.93 48.55
CA ASN I 255 -21.18 56.29 48.70
C ASN I 255 -21.07 54.78 48.46
N LYS I 256 -19.84 54.26 48.42
CA LYS I 256 -19.57 52.85 48.22
C LYS I 256 -18.75 52.23 49.33
N ALA I 257 -17.66 52.87 49.75
CA ALA I 257 -16.67 52.21 50.58
C ALA I 257 -17.10 52.08 52.04
N VAL I 258 -17.87 53.04 52.54
CA VAL I 258 -18.41 52.93 53.89
C VAL I 258 -19.41 51.79 53.98
N GLU I 259 -20.11 51.52 52.88
CA GLU I 259 -21.14 50.50 52.83
C GLU I 259 -20.56 49.09 52.95
N GLU I 260 -19.30 48.88 52.58
CA GLU I 260 -18.66 47.60 52.85
C GLU I 260 -17.91 47.59 54.18
N GLU I 261 -18.35 48.36 55.17
CA GLU I 261 -17.83 48.22 56.51
C GLU I 261 -18.79 47.37 57.34
N ASP I 262 -18.52 47.27 58.65
CA ASP I 262 -18.96 46.17 59.51
C ASP I 262 -18.64 44.84 58.82
N LYS I 263 -17.36 44.72 58.47
CA LYS I 263 -16.82 43.65 57.62
C LYS I 263 -15.40 43.35 58.08
N MET I 264 -14.59 42.80 57.18
CA MET I 264 -13.34 42.14 57.54
C MET I 264 -12.28 43.11 58.07
N THR I 265 -12.36 43.38 59.40
CA THR I 265 -11.33 43.86 60.35
C THR I 265 -10.37 44.91 59.77
N PRO I 266 -10.79 46.20 59.76
CA PRO I 266 -10.21 47.21 58.84
C PRO I 266 -8.69 47.46 58.86
N GLU I 267 -7.94 46.76 59.71
CA GLU I 267 -6.52 46.60 59.44
C GLU I 267 -6.29 45.86 58.13
N GLN I 268 -7.18 44.93 57.77
CA GLN I 268 -7.20 44.35 56.45
C GLN I 268 -7.56 45.39 55.39
N LEU I 269 -8.36 46.39 55.74
CA LEU I 269 -8.72 47.48 54.84
C LEU I 269 -7.63 48.54 54.71
N ALA I 270 -6.40 48.22 55.13
CA ALA I 270 -5.23 49.04 54.85
C ALA I 270 -4.30 48.38 53.84
N ILE I 271 -4.00 47.11 54.04
CA ILE I 271 -3.13 46.37 53.13
C ILE I 271 -3.83 46.10 51.80
N LYS I 272 -5.15 45.88 51.82
CA LYS I 272 -5.85 45.47 50.62
C LYS I 272 -6.03 46.62 49.63
N ASN I 273 -6.16 47.84 50.11
CA ASN I 273 -6.57 48.97 49.27
C ASN I 273 -5.39 49.72 48.69
N VAL I 274 -4.27 49.04 48.47
CA VAL I 274 -3.05 49.68 47.98
C VAL I 274 -2.92 49.57 46.47
N GLY I 275 -3.92 49.03 45.79
CA GLY I 275 -3.85 48.99 44.35
C GLY I 275 -4.57 50.18 43.75
N LYS I 276 -5.61 50.62 44.44
CA LYS I 276 -6.52 51.64 43.93
C LYS I 276 -6.68 52.75 44.95
N GLN I 277 -7.23 53.87 44.51
CA GLN I 277 -7.35 55.05 45.35
C GLN I 277 -8.57 54.95 46.26
N ASP I 278 -8.39 55.35 47.48
CA ASP I 278 -9.57 55.34 48.33
C ASP I 278 -10.36 56.61 48.12
N PRO I 279 -11.66 56.61 48.38
CA PRO I 279 -12.38 57.89 48.42
C PRO I 279 -11.93 58.78 49.56
N LYS I 280 -11.83 58.21 50.77
CA LYS I 280 -11.89 58.97 52.02
C LYS I 280 -10.79 60.01 52.13
N ARG I 281 -9.56 59.64 51.81
CA ARG I 281 -8.47 60.62 51.83
C ARG I 281 -8.54 61.57 50.64
N HIS I 282 -8.89 61.05 49.47
CA HIS I 282 -9.01 61.89 48.28
C HIS I 282 -10.21 62.82 48.34
N LEU I 283 -11.20 62.50 49.18
CA LEU I 283 -12.42 63.28 49.23
C LEU I 283 -12.29 64.53 50.08
N GLU I 284 -11.36 64.55 51.03
CA GLU I 284 -11.01 65.78 51.73
C GLU I 284 -9.87 66.53 51.07
N GLU I 285 -9.28 65.96 50.02
CA GLU I 285 -8.21 66.61 49.30
C GLU I 285 -8.71 67.81 48.50
N HIS I 286 -9.79 67.62 47.76
CA HIS I 286 -10.33 68.70 46.94
C HIS I 286 -11.06 69.74 47.76
N VAL I 287 -11.55 69.38 48.95
CA VAL I 287 -12.28 70.31 49.79
C VAL I 287 -11.39 71.47 50.23
N ASP I 288 -10.12 71.17 50.51
CA ASP I 288 -9.15 72.24 50.75
C ASP I 288 -8.92 73.06 49.49
N VAL I 289 -8.86 72.39 48.34
CA VAL I 289 -8.61 73.08 47.08
C VAL I 289 -9.82 73.90 46.67
N LEU I 290 -11.02 73.33 46.76
CA LEU I 290 -12.24 74.05 46.43
C LEU I 290 -12.60 75.12 47.45
N MET I 291 -11.86 75.24 48.54
CA MET I 291 -12.07 76.31 49.49
C MET I 291 -11.15 77.49 49.24
N THR I 292 -9.83 77.26 49.26
CA THR I 292 -8.88 78.35 49.19
C THR I 292 -8.84 78.98 47.80
N SER I 293 -9.23 78.24 46.77
CA SER I 293 -9.39 78.84 45.45
C SER I 293 -10.55 79.81 45.42
N ASN I 294 -11.55 79.59 46.26
CA ASN I 294 -12.75 80.43 46.27
C ASN I 294 -12.65 81.57 47.27
N ILE I 295 -12.18 81.27 48.49
CA ILE I 295 -12.18 82.27 49.55
C ILE I 295 -11.16 83.37 49.28
N VAL I 296 -10.05 83.02 48.65
CA VAL I 296 -9.08 84.03 48.22
C VAL I 296 -9.66 84.89 47.11
N GLN I 297 -10.22 84.25 46.08
CA GLN I 297 -10.69 84.98 44.92
C GLN I 297 -11.94 85.80 45.22
N CYS I 298 -12.74 85.36 46.19
CA CYS I 298 -13.89 86.18 46.59
C CYS I 298 -13.46 87.39 47.42
N LEU I 299 -12.48 87.22 48.30
CA LEU I 299 -12.08 88.31 49.19
C LEU I 299 -11.30 89.37 48.44
N ALA I 300 -10.39 88.94 47.56
CA ALA I 300 -9.56 89.87 46.80
C ALA I 300 -10.38 90.68 45.81
N ALA I 301 -11.51 90.16 45.33
CA ALA I 301 -12.37 90.96 44.49
C ALA I 301 -13.13 92.00 45.29
N MET I 302 -13.46 91.71 46.55
CA MET I 302 -14.29 92.63 47.33
C MET I 302 -13.49 93.73 48.01
N LEU I 303 -12.19 93.78 47.81
CA LEU I 303 -11.43 94.93 48.28
C LEU I 303 -11.24 95.97 47.21
N ASP I 304 -11.24 95.56 45.95
CA ASP I 304 -11.05 96.48 44.85
C ASP I 304 -12.31 97.30 44.60
N THR I 305 -13.45 96.81 45.06
CA THR I 305 -14.66 97.61 45.07
C THR I 305 -14.55 98.80 46.02
N VAL I 306 -13.92 98.59 47.18
CA VAL I 306 -13.74 99.68 48.13
C VAL I 306 -12.62 100.61 47.68
N VAL I 307 -11.45 100.04 47.38
CA VAL I 307 -10.25 100.84 47.17
C VAL I 307 -10.33 101.60 45.86
N PHE I 308 -10.72 100.93 44.78
CA PHE I 308 -10.75 101.56 43.47
C PHE I 308 -12.12 102.18 43.29
N LYS I 309 -12.22 103.48 43.61
CA LYS I 309 -13.45 104.27 43.68
C LYS I 309 -14.49 103.63 44.61
N MET J 93 -72.21 101.07 111.63
CA MET J 93 -71.14 100.11 111.42
C MET J 93 -69.97 100.72 110.65
N TYR J 94 -69.66 101.99 110.97
CA TYR J 94 -68.55 102.76 110.41
C TYR J 94 -68.66 102.88 108.89
N GLU J 95 -69.71 103.60 108.46
CA GLU J 95 -69.96 103.76 107.03
C GLU J 95 -69.67 105.18 106.55
N GLN J 96 -70.39 106.19 107.06
CA GLN J 96 -70.15 107.63 106.79
C GLN J 96 -70.27 107.97 105.29
N LEU J 97 -70.90 107.08 104.50
CA LEU J 97 -70.74 107.15 103.06
C LEU J 97 -72.01 106.88 102.24
N LYS J 98 -73.12 106.47 102.85
CA LYS J 98 -74.23 105.92 102.10
C LYS J 98 -75.29 106.96 101.75
N GLY J 99 -74.89 108.21 101.50
CA GLY J 99 -75.86 109.22 101.12
C GLY J 99 -75.64 109.89 99.78
N GLU J 100 -74.37 110.05 99.36
CA GLU J 100 -74.05 110.92 98.24
C GLU J 100 -73.21 110.20 97.18
N TRP J 101 -73.34 108.87 97.11
CA TRP J 101 -72.48 108.09 96.23
C TRP J 101 -73.19 107.67 94.95
N ASN J 102 -74.48 107.37 94.99
CA ASN J 102 -75.21 107.00 93.79
C ASN J 102 -75.56 108.21 92.92
N ARG J 103 -75.98 109.31 93.55
CA ARG J 103 -76.24 110.53 92.81
C ARG J 103 -74.92 111.19 92.39
N LYS J 104 -74.96 111.89 91.26
CA LYS J 104 -73.80 112.61 90.75
C LYS J 104 -73.41 113.75 91.68
N SER J 105 -72.16 113.73 92.13
CA SER J 105 -71.53 114.87 92.81
C SER J 105 -70.28 115.25 92.03
N PRO J 106 -70.45 115.98 90.91
CA PRO J 106 -69.33 116.15 89.98
C PRO J 106 -68.24 117.08 90.48
N ASN J 107 -67.14 116.50 90.95
CA ASN J 107 -65.94 117.21 91.44
C ASN J 107 -66.28 118.23 92.53
N LEU J 108 -67.22 117.88 93.40
CA LEU J 108 -67.63 118.76 94.46
C LEU J 108 -66.76 118.51 95.70
N SER J 109 -67.19 119.03 96.85
CA SER J 109 -66.44 118.86 98.11
C SER J 109 -66.85 117.56 98.81
N LYS J 110 -66.64 116.45 98.10
CA LYS J 110 -66.83 115.12 98.65
C LYS J 110 -65.58 114.24 98.53
N CYS J 111 -64.78 114.45 97.48
CA CYS J 111 -63.69 113.52 97.14
C CYS J 111 -62.56 113.56 98.17
N GLY J 112 -62.22 114.74 98.68
CA GLY J 112 -61.27 114.81 99.78
C GLY J 112 -61.82 114.21 101.05
N GLU J 113 -63.12 114.37 101.29
CA GLU J 113 -63.76 113.68 102.39
C GLU J 113 -63.91 112.20 102.10
N GLU J 114 -64.05 111.84 100.82
CA GLU J 114 -64.11 110.43 100.43
C GLU J 114 -62.78 109.73 100.66
N LEU J 115 -61.67 110.39 100.31
CA LEU J 115 -60.36 109.83 100.58
C LEU J 115 -60.07 109.84 102.08
N GLY J 116 -60.55 110.86 102.79
CA GLY J 116 -60.51 110.83 104.24
C GLY J 116 -61.45 109.80 104.84
N ARG J 117 -62.49 109.41 104.10
CA ARG J 117 -63.29 108.27 104.51
C ARG J 117 -62.56 106.97 104.22
N LEU J 118 -61.87 106.90 103.08
CA LEU J 118 -60.98 105.77 102.80
C LEU J 118 -59.76 105.77 103.72
N LYS J 119 -59.49 106.90 104.39
CA LYS J 119 -58.49 106.91 105.45
C LYS J 119 -58.98 106.13 106.67
N LEU J 120 -60.25 106.31 107.03
CA LEU J 120 -60.80 105.66 108.22
C LEU J 120 -61.06 104.17 108.00
N VAL J 121 -61.01 103.71 106.76
CA VAL J 121 -60.93 102.28 106.50
C VAL J 121 -59.58 101.75 106.97
N LEU J 122 -58.51 102.50 106.73
CA LEU J 122 -57.15 102.02 106.92
C LEU J 122 -56.70 102.04 108.37
N LEU J 123 -57.35 102.84 109.23
CA LEU J 123 -57.06 102.76 110.67
C LEU J 123 -57.59 101.46 111.26
N GLU J 124 -58.76 101.03 110.81
CA GLU J 124 -59.42 99.86 111.40
C GLU J 124 -58.72 98.58 110.97
N LEU J 125 -58.48 98.43 109.67
CA LEU J 125 -57.87 97.23 109.12
C LEU J 125 -57.20 97.58 107.81
N ASN J 126 -56.17 96.80 107.47
CA ASN J 126 -55.54 96.88 106.15
C ASN J 126 -56.49 96.29 105.10
N PHE J 127 -56.26 96.66 103.83
CA PHE J 127 -56.93 96.01 102.72
C PHE J 127 -56.17 94.77 102.24
N LEU J 128 -55.30 94.23 103.09
CA LEU J 128 -54.84 92.85 102.97
C LEU J 128 -56.06 91.93 102.91
N PRO J 129 -56.03 90.89 102.07
CA PRO J 129 -57.25 90.12 101.76
C PRO J 129 -57.90 89.39 102.92
N THR J 130 -57.28 89.39 104.11
CA THR J 130 -57.86 88.93 105.39
C THR J 130 -58.26 87.45 105.27
N THR J 131 -57.22 86.63 105.19
CA THR J 131 -57.38 85.19 104.95
C THR J 131 -58.19 84.52 106.06
N GLY J 132 -57.99 84.95 107.31
CA GLY J 132 -58.86 84.53 108.39
C GLY J 132 -60.12 85.37 108.46
N THR J 133 -61.09 84.86 109.23
CA THR J 133 -62.41 85.46 109.45
C THR J 133 -63.16 85.69 108.14
N LYS J 134 -63.51 84.57 107.50
CA LYS J 134 -64.26 84.60 106.25
C LYS J 134 -65.67 85.14 106.45
N LEU J 135 -66.23 84.97 107.66
CA LEU J 135 -67.59 85.42 107.94
C LEU J 135 -67.68 86.94 107.95
N THR J 136 -66.65 87.62 108.47
CA THR J 136 -66.60 89.07 108.46
C THR J 136 -66.32 89.52 107.04
N LYS J 137 -67.35 89.99 106.35
CA LYS J 137 -67.21 90.47 104.99
C LYS J 137 -67.43 91.96 104.85
N GLN J 138 -67.73 92.66 105.96
CA GLN J 138 -67.93 94.10 105.91
C GLN J 138 -66.65 94.85 105.56
N GLN J 139 -65.49 94.25 105.85
CA GLN J 139 -64.23 94.78 105.34
C GLN J 139 -63.91 94.28 103.94
N LEU J 140 -64.73 93.39 103.39
CA LEU J 140 -64.46 92.81 102.08
C LEU J 140 -65.54 93.08 101.06
N ILE J 141 -66.82 92.84 101.38
CA ILE J 141 -67.85 93.15 100.38
C ILE J 141 -68.29 94.61 100.46
N LEU J 142 -68.39 95.18 101.66
CA LEU J 142 -68.79 96.57 101.79
C LEU J 142 -67.67 97.55 101.48
N ALA J 143 -66.42 97.20 101.78
CA ALA J 143 -65.30 98.09 101.54
C ALA J 143 -64.88 98.12 100.07
N ARG J 144 -65.02 97.00 99.37
CA ARG J 144 -64.63 96.97 97.96
C ARG J 144 -65.67 97.63 97.07
N ASP J 145 -66.93 97.66 97.50
CA ASP J 145 -67.96 98.42 96.79
C ASP J 145 -67.67 99.91 96.80
N ILE J 146 -66.96 100.38 97.82
CA ILE J 146 -66.45 101.74 97.81
C ILE J 146 -65.31 101.88 96.80
N LEU J 147 -64.46 100.85 96.70
CA LEU J 147 -63.29 100.95 95.83
C LEU J 147 -63.63 100.72 94.37
N GLU J 148 -64.72 100.02 94.07
CA GLU J 148 -65.11 99.89 92.67
C GLU J 148 -65.87 101.11 92.18
N ILE J 149 -66.64 101.77 93.06
CA ILE J 149 -67.24 103.03 92.66
C ILE J 149 -66.20 104.14 92.68
N GLY J 150 -65.12 103.96 93.46
CA GLY J 150 -64.02 104.91 93.46
C GLY J 150 -63.23 104.92 92.17
N ALA J 151 -63.26 103.82 91.43
CA ALA J 151 -62.68 103.79 90.10
C ALA J 151 -63.66 104.31 89.05
N GLN J 152 -64.95 104.39 89.39
CA GLN J 152 -65.95 104.74 88.40
C GLN J 152 -65.89 106.23 88.04
N TRP J 153 -65.78 107.09 89.04
CA TRP J 153 -65.69 108.52 88.80
C TRP J 153 -64.27 108.98 88.49
N SER J 154 -63.30 108.06 88.52
CA SER J 154 -61.92 108.40 88.17
C SER J 154 -61.73 108.59 86.68
N ILE J 155 -62.70 108.19 85.86
CA ILE J 155 -62.64 108.45 84.42
C ILE J 155 -63.49 109.66 84.02
N LEU J 156 -64.50 110.03 84.82
CA LEU J 156 -65.40 111.11 84.44
C LEU J 156 -64.76 112.47 84.59
N ARG J 157 -63.73 112.59 85.43
CA ARG J 157 -63.04 113.85 85.64
C ARG J 157 -61.72 113.92 84.89
N LYS J 158 -61.44 112.94 84.03
CA LYS J 158 -60.19 112.78 83.28
C LYS J 158 -59.01 112.71 84.25
N ASP J 159 -59.03 111.65 85.05
CA ASP J 159 -58.01 111.38 86.06
C ASP J 159 -57.39 110.03 85.70
N ILE J 160 -56.45 110.06 84.76
CA ILE J 160 -55.87 108.85 84.18
C ILE J 160 -54.82 108.17 85.06
N PRO J 161 -53.83 108.85 85.67
CA PRO J 161 -52.88 108.10 86.53
C PRO J 161 -53.52 107.54 87.79
N SER J 162 -54.51 108.23 88.35
CA SER J 162 -55.22 107.70 89.50
C SER J 162 -56.29 106.69 89.12
N PHE J 163 -56.56 106.51 87.82
CA PHE J 163 -57.52 105.50 87.42
C PHE J 163 -56.95 104.10 87.52
N GLU J 164 -55.71 103.91 87.07
CA GLU J 164 -55.09 102.59 87.12
C GLU J 164 -54.65 102.21 88.53
N ARG J 165 -54.73 103.14 89.49
CA ARG J 165 -54.46 102.81 90.89
C ARG J 165 -55.56 101.94 91.47
N TYR J 166 -56.81 102.36 91.31
CA TYR J 166 -57.92 101.62 91.92
C TYR J 166 -58.19 100.32 91.19
N MET J 167 -58.03 100.30 89.87
CA MET J 167 -58.34 99.10 89.10
C MET J 167 -57.30 98.01 89.33
N ALA J 168 -56.05 98.38 89.59
CA ALA J 168 -55.05 97.39 89.98
C ALA J 168 -55.33 96.83 91.37
N GLN J 169 -55.91 97.65 92.25
CA GLN J 169 -56.27 97.16 93.57
C GLN J 169 -57.47 96.22 93.52
N LEU J 170 -58.39 96.46 92.58
CA LEU J 170 -59.51 95.55 92.40
C LEU J 170 -59.07 94.23 91.81
N LYS J 171 -58.00 94.23 91.01
CA LYS J 171 -57.45 93.00 90.47
C LYS J 171 -56.84 92.13 91.56
N CYS J 172 -56.28 92.75 92.60
CA CYS J 172 -55.70 92.04 93.74
C CYS J 172 -56.75 91.55 94.72
N TYR J 173 -58.03 91.83 94.47
CA TYR J 173 -59.13 91.37 95.33
C TYR J 173 -59.86 90.17 94.76
N TYR J 174 -60.09 90.12 93.45
CA TYR J 174 -60.66 88.95 92.82
C TYR J 174 -59.63 87.86 92.58
N PHE J 175 -58.35 88.16 92.81
CA PHE J 175 -57.31 87.13 92.89
C PHE J 175 -57.52 86.20 94.08
N ASP J 176 -58.23 86.66 95.10
CA ASP J 176 -58.46 85.89 96.31
C ASP J 176 -59.34 84.69 96.04
N TYR J 177 -58.88 83.52 96.45
CA TYR J 177 -59.64 82.28 96.34
C TYR J 177 -60.74 82.15 97.38
N LYS J 178 -60.80 83.09 98.33
CA LYS J 178 -61.90 83.13 99.29
C LYS J 178 -63.22 83.41 98.57
N GLU J 179 -64.27 82.73 99.00
CA GLU J 179 -65.56 82.83 98.31
C GLU J 179 -66.22 84.16 98.62
N GLN J 180 -66.58 84.86 97.56
CA GLN J 180 -67.14 86.21 97.52
C GLN J 180 -68.43 86.09 96.69
N LEU J 181 -69.03 87.21 96.32
CA LEU J 181 -69.87 87.19 95.14
C LEU J 181 -69.02 86.76 93.94
N PRO J 182 -69.53 85.86 93.10
CA PRO J 182 -68.82 85.54 91.86
C PRO J 182 -68.72 86.74 90.94
N GLU J 183 -69.76 87.55 90.88
CA GLU J 183 -69.76 88.83 90.18
C GLU J 183 -70.91 89.68 90.72
N SER J 184 -71.19 90.77 90.04
CA SER J 184 -72.29 91.65 90.37
C SER J 184 -72.79 92.23 89.05
N ALA J 185 -73.53 93.33 89.11
CA ALA J 185 -73.90 94.06 87.91
C ALA J 185 -72.79 94.99 87.40
N TYR J 186 -71.58 94.88 87.96
CA TYR J 186 -70.47 95.78 87.66
C TYR J 186 -69.20 95.06 87.20
N MET J 187 -69.01 93.79 87.55
CA MET J 187 -67.70 93.15 87.40
C MET J 187 -67.35 92.92 85.93
N HIS J 188 -68.33 92.58 85.10
CA HIS J 188 -68.13 92.58 83.66
C HIS J 188 -67.84 93.99 83.17
N GLN J 189 -68.61 94.95 83.62
CA GLN J 189 -68.53 96.32 83.16
C GLN J 189 -67.38 97.10 83.76
N LEU J 190 -66.54 96.48 84.61
CA LEU J 190 -65.32 97.09 85.12
C LEU J 190 -64.06 96.36 84.70
N LEU J 191 -64.07 95.03 84.71
CA LEU J 191 -62.90 94.28 84.29
C LEU J 191 -62.68 94.41 82.79
N GLY J 192 -63.74 94.23 82.01
CA GLY J 192 -63.69 94.50 80.58
C GLY J 192 -63.55 95.97 80.23
N LEU J 193 -63.84 96.86 81.19
CA LEU J 193 -63.58 98.28 81.00
C LEU J 193 -62.08 98.58 81.05
N ASN J 194 -61.34 97.89 81.92
CA ASN J 194 -59.89 97.95 81.89
C ASN J 194 -59.33 97.37 80.61
N LEU J 195 -60.01 96.36 80.06
CA LEU J 195 -59.64 95.77 78.78
C LEU J 195 -59.81 96.77 77.64
N LEU J 196 -60.78 97.67 77.76
CA LEU J 196 -61.09 98.60 76.68
C LEU J 196 -60.24 99.86 76.76
N PHE J 197 -59.74 100.22 77.94
CA PHE J 197 -58.89 101.40 78.03
C PHE J 197 -57.42 101.08 77.88
N LEU J 198 -56.98 99.91 78.36
CA LEU J 198 -55.62 99.46 78.06
C LEU J 198 -55.47 99.15 76.59
N LEU J 199 -56.57 98.83 75.90
CA LEU J 199 -56.64 98.87 74.45
C LEU J 199 -56.15 100.21 73.91
N SER J 200 -56.60 101.31 74.50
CA SER J 200 -56.17 102.64 74.07
C SER J 200 -54.75 102.97 74.52
N GLN J 201 -54.22 102.28 75.52
CA GLN J 201 -52.94 102.62 76.13
C GLN J 201 -51.73 102.22 75.30
N ASN J 202 -51.94 101.61 74.12
CA ASN J 202 -50.90 101.22 73.17
C ASN J 202 -49.91 100.23 73.81
N ARG J 203 -50.44 99.27 74.55
CA ARG J 203 -49.67 98.16 75.10
C ARG J 203 -50.47 96.89 74.86
N VAL J 204 -50.19 96.21 73.75
CA VAL J 204 -50.99 95.04 73.37
C VAL J 204 -50.63 93.81 74.21
N ALA J 205 -49.49 93.84 74.92
CA ALA J 205 -49.06 92.67 75.68
C ALA J 205 -49.96 92.43 76.87
N GLU J 206 -50.27 93.47 77.63
CA GLU J 206 -51.18 93.34 78.76
C GLU J 206 -52.64 93.20 78.32
N PHE J 207 -52.94 93.46 77.05
CA PHE J 207 -54.28 93.18 76.55
C PHE J 207 -54.54 91.68 76.47
N HIS J 208 -53.50 90.90 76.18
CA HIS J 208 -53.66 89.47 75.93
C HIS J 208 -53.34 88.61 77.14
N THR J 209 -52.64 89.13 78.15
CA THR J 209 -52.39 88.34 79.35
C THR J 209 -53.56 88.37 80.32
N GLU J 210 -54.58 89.19 80.04
CA GLU J 210 -55.82 89.12 80.80
C GLU J 210 -56.57 87.83 80.53
N LEU J 211 -56.32 87.21 79.37
CA LEU J 211 -57.14 86.14 78.84
C LEU J 211 -57.02 84.83 79.64
N GLU J 212 -56.05 84.76 80.57
CA GLU J 212 -56.02 83.64 81.50
C GLU J 212 -57.23 83.64 82.42
N ARG J 213 -57.67 84.82 82.86
CA ARG J 213 -58.64 84.92 83.95
C ARG J 213 -60.05 84.50 83.55
N LEU J 214 -60.38 84.49 82.28
CA LEU J 214 -61.73 84.10 81.88
C LEU J 214 -61.70 83.38 80.53
N PRO J 215 -61.68 82.04 80.54
CA PRO J 215 -61.59 81.31 79.26
C PRO J 215 -62.89 81.30 78.49
N ALA J 216 -64.01 81.06 79.15
CA ALA J 216 -65.30 80.91 78.48
C ALA J 216 -66.08 82.20 78.39
N LYS J 217 -65.70 83.22 79.15
CA LYS J 217 -66.44 84.48 79.23
C LYS J 217 -66.14 85.43 78.08
N ASP J 218 -65.64 84.93 76.96
CA ASP J 218 -65.34 85.77 75.80
C ASP J 218 -66.17 85.43 74.58
N ILE J 219 -66.49 84.15 74.36
CA ILE J 219 -67.12 83.76 73.11
C ILE J 219 -68.47 83.11 73.37
N GLN J 220 -68.46 81.99 74.09
CA GLN J 220 -69.67 81.21 74.30
C GLN J 220 -70.61 81.85 75.29
N THR J 221 -70.11 82.71 76.18
CA THR J 221 -70.95 83.46 77.09
C THR J 221 -70.31 84.81 77.34
N ASN J 222 -71.00 85.64 78.11
CA ASN J 222 -70.57 86.99 78.52
C ASN J 222 -70.32 87.86 77.28
N VAL J 223 -71.44 88.15 76.59
CA VAL J 223 -71.43 88.88 75.33
C VAL J 223 -70.97 90.33 75.50
N TYR J 224 -71.05 90.88 76.72
CA TYR J 224 -70.58 92.23 76.98
C TYR J 224 -69.06 92.32 77.02
N ILE J 225 -68.36 91.19 77.16
CA ILE J 225 -66.91 91.15 77.05
C ILE J 225 -66.47 90.57 75.70
N LYS J 226 -67.40 89.99 74.94
CA LYS J 226 -67.11 89.65 73.55
C LYS J 226 -66.83 90.89 72.72
N HIS J 227 -67.55 91.98 72.99
CA HIS J 227 -67.47 93.21 72.22
C HIS J 227 -66.12 93.94 72.32
N PRO J 228 -65.42 94.03 73.47
CA PRO J 228 -64.08 94.65 73.42
C PRO J 228 -63.02 93.78 72.77
N VAL J 229 -63.05 92.46 72.96
CA VAL J 229 -62.00 91.64 72.37
C VAL J 229 -62.22 91.48 70.87
N SER J 230 -63.49 91.49 70.41
CA SER J 230 -63.75 91.49 68.98
C SER J 230 -63.42 92.83 68.35
N LEU J 231 -63.44 93.91 69.14
CA LEU J 231 -63.09 95.22 68.63
C LEU J 231 -61.62 95.29 68.27
N GLU J 232 -60.74 94.95 69.21
CA GLU J 232 -59.30 94.99 68.96
C GLU J 232 -58.88 93.90 67.97
N GLN J 233 -59.67 92.83 67.89
CA GLN J 233 -59.54 91.90 66.78
C GLN J 233 -59.81 92.60 65.45
N TYR J 234 -60.86 93.43 65.38
CA TYR J 234 -61.16 94.14 64.14
C TYR J 234 -60.14 95.24 63.88
N LEU J 235 -59.56 95.84 64.93
CA LEU J 235 -58.44 96.75 64.74
C LEU J 235 -57.17 96.04 64.28
N MET J 236 -57.09 94.73 64.44
CA MET J 236 -55.86 94.03 64.06
C MET J 236 -55.75 93.91 62.54
N GLU J 237 -56.80 93.47 61.88
CA GLU J 237 -56.81 93.51 60.42
C GLU J 237 -57.15 94.91 59.95
N GLY J 238 -57.28 95.08 58.64
CA GLY J 238 -57.56 96.39 58.05
C GLY J 238 -58.93 96.94 58.36
N SER J 239 -59.85 96.12 58.84
CA SER J 239 -61.25 96.48 59.00
C SER J 239 -61.43 97.69 59.92
N TYR J 240 -62.04 98.74 59.37
CA TYR J 240 -62.24 100.02 60.04
C TYR J 240 -63.71 100.33 60.15
N ASN J 241 -64.48 99.88 59.16
CA ASN J 241 -65.90 100.20 59.11
C ASN J 241 -66.69 99.32 60.07
N LYS J 242 -66.28 98.06 60.21
CA LYS J 242 -66.86 97.18 61.21
C LYS J 242 -66.46 97.63 62.62
N VAL J 243 -65.34 98.33 62.75
CA VAL J 243 -64.99 98.98 64.01
C VAL J 243 -65.99 100.07 64.35
N PHE J 244 -66.33 100.91 63.37
CA PHE J 244 -67.29 101.96 63.65
C PHE J 244 -68.73 101.51 63.47
N LEU J 245 -68.97 100.28 63.03
CA LEU J 245 -70.28 99.69 63.27
C LEU J 245 -70.41 99.27 64.73
N ALA J 246 -69.30 98.92 65.37
CA ALA J 246 -69.29 98.74 66.82
C ALA J 246 -69.31 100.07 67.57
N LYS J 247 -69.08 101.18 66.88
CA LYS J 247 -69.38 102.48 67.46
C LYS J 247 -70.84 102.87 67.23
N GLY J 248 -71.58 102.06 66.47
CA GLY J 248 -73.03 102.08 66.57
C GLY J 248 -73.59 101.08 67.55
N ASN J 249 -72.73 100.23 68.11
CA ASN J 249 -73.15 99.18 69.03
C ASN J 249 -72.33 99.30 70.31
N ILE J 250 -72.78 100.16 71.21
CA ILE J 250 -72.20 100.20 72.55
C ILE J 250 -73.30 99.80 73.51
N PRO J 251 -73.34 98.54 73.96
CA PRO J 251 -74.49 98.08 74.75
C PRO J 251 -74.44 98.38 76.25
N ALA J 252 -73.28 98.28 76.90
CA ALA J 252 -73.27 98.13 78.36
C ALA J 252 -73.38 99.47 79.10
N GLU J 253 -72.35 100.30 79.01
CA GLU J 253 -72.37 101.65 79.58
C GLU J 253 -71.91 102.58 78.47
N SER J 254 -71.55 103.82 78.85
CA SER J 254 -71.36 104.88 77.87
C SER J 254 -70.14 104.63 76.97
N TYR J 255 -69.02 104.18 77.57
CA TYR J 255 -67.74 103.93 76.88
C TYR J 255 -67.23 105.16 76.12
N THR J 256 -67.52 106.36 76.63
CA THR J 256 -67.36 107.58 75.83
C THR J 256 -65.91 107.97 75.67
N PHE J 257 -65.18 108.07 76.79
CA PHE J 257 -63.78 108.49 76.78
C PHE J 257 -62.86 107.46 76.11
N PHE J 258 -63.32 106.24 75.91
CA PHE J 258 -62.45 105.22 75.35
C PHE J 258 -62.55 105.24 73.83
N ILE J 259 -63.78 105.38 73.33
CA ILE J 259 -63.98 105.43 71.89
C ILE J 259 -63.56 106.78 71.32
N ASP J 260 -63.46 107.82 72.15
CA ASP J 260 -62.98 109.11 71.67
C ASP J 260 -61.46 109.13 71.58
N ILE J 261 -60.77 108.39 72.46
CA ILE J 261 -59.36 108.11 72.23
C ILE J 261 -59.21 107.15 71.04
N LEU J 262 -60.15 106.22 70.90
CA LEU J 262 -60.16 105.34 69.75
C LEU J 262 -60.48 106.08 68.45
N LEU J 263 -61.12 107.24 68.54
CA LEU J 263 -61.16 108.14 67.40
C LEU J 263 -59.77 108.65 67.05
N ASP J 264 -59.03 109.15 68.05
CA ASP J 264 -57.78 109.87 67.82
C ASP J 264 -56.68 108.94 67.31
N THR J 265 -56.62 107.71 67.83
CA THR J 265 -55.63 106.75 67.35
C THR J 265 -55.99 106.18 65.99
N ILE J 266 -57.19 106.48 65.47
CA ILE J 266 -57.60 106.10 64.13
C ILE J 266 -57.42 107.30 63.20
N ARG J 267 -57.46 108.52 63.76
CA ARG J 267 -57.29 109.74 62.96
C ARG J 267 -55.90 109.81 62.35
N ASP J 268 -54.86 109.59 63.16
CA ASP J 268 -53.51 109.56 62.63
C ASP J 268 -53.22 108.30 61.83
N GLU J 269 -53.99 107.24 62.06
CA GLU J 269 -53.77 105.98 61.35
C GLU J 269 -54.20 106.08 59.89
N ILE J 270 -55.34 106.73 59.63
CA ILE J 270 -55.73 106.98 58.25
C ILE J 270 -54.86 108.07 57.64
N ALA J 271 -54.52 109.10 58.41
CA ALA J 271 -53.47 110.05 58.04
C ALA J 271 -52.12 109.36 57.87
N GLY J 272 -51.91 108.22 58.53
CA GLY J 272 -50.82 107.33 58.19
C GLY J 272 -51.10 106.54 56.91
N CYS J 273 -52.33 106.08 56.71
CA CYS J 273 -52.59 105.23 55.55
C CYS J 273 -53.10 106.01 54.35
N ILE J 274 -53.18 107.34 54.43
CA ILE J 274 -53.32 108.15 53.22
C ILE J 274 -51.96 108.22 52.50
N GLU J 275 -50.88 107.89 53.21
CA GLU J 275 -49.53 108.04 52.69
C GLU J 275 -49.03 106.84 51.90
N LYS J 276 -49.89 105.86 51.57
CA LYS J 276 -49.44 104.79 50.69
C LYS J 276 -49.37 105.26 49.24
N ALA J 277 -49.05 104.32 48.36
CA ALA J 277 -48.94 104.64 46.95
C ALA J 277 -50.33 104.81 46.36
N TYR J 278 -50.87 106.03 46.42
CA TYR J 278 -52.17 106.32 45.85
C TYR J 278 -51.98 107.21 44.62
N GLU J 279 -53.07 107.39 43.88
CA GLU J 279 -53.13 108.31 42.76
C GLU J 279 -53.69 109.65 43.26
N LYS J 280 -54.11 110.52 42.35
CA LYS J 280 -54.95 111.66 42.71
C LYS J 280 -56.24 111.21 43.38
N ILE J 281 -56.52 111.79 44.55
CA ILE J 281 -57.83 111.69 45.16
C ILE J 281 -58.41 113.09 45.23
N LEU J 282 -59.66 113.24 44.77
CA LEU J 282 -60.38 114.50 44.84
C LEU J 282 -60.73 114.83 46.29
N PHE J 283 -61.31 116.02 46.48
CA PHE J 283 -61.66 116.45 47.84
C PHE J 283 -63.07 116.00 48.21
N THR J 284 -63.40 114.75 47.92
CA THR J 284 -64.60 114.09 48.40
C THR J 284 -64.31 112.69 48.93
N GLU J 285 -63.45 111.94 48.25
CA GLU J 285 -63.28 110.51 48.52
C GLU J 285 -62.50 110.30 49.82
N ALA J 286 -61.26 110.75 49.86
CA ALA J 286 -60.50 110.69 51.11
C ALA J 286 -60.91 111.77 52.09
N THR J 287 -61.74 112.71 51.66
CA THR J 287 -62.40 113.60 52.61
C THR J 287 -63.35 112.84 53.53
N ARG J 288 -63.99 111.79 53.03
CA ARG J 288 -64.96 111.05 53.83
C ARG J 288 -64.45 109.68 54.29
N ILE J 289 -63.17 109.37 54.12
CA ILE J 289 -62.72 108.06 54.58
C ILE J 289 -62.57 108.04 56.10
N LEU J 290 -62.30 109.17 56.74
CA LEU J 290 -62.41 109.16 58.20
C LEU J 290 -63.85 109.31 58.63
N PHE J 291 -64.35 110.54 58.68
CA PHE J 291 -65.78 110.82 58.87
C PHE J 291 -66.27 112.07 58.17
N PHE J 292 -65.38 113.04 57.95
CA PHE J 292 -65.75 114.46 57.93
C PHE J 292 -66.31 114.93 56.58
N ASN J 293 -67.25 115.87 56.67
CA ASN J 293 -67.98 116.34 55.48
C ASN J 293 -67.17 117.30 54.63
N THR J 294 -66.85 118.51 55.15
CA THR J 294 -65.87 119.50 54.67
C THR J 294 -65.49 120.56 55.71
N PRO J 295 -64.86 120.21 56.86
CA PRO J 295 -64.29 121.28 57.68
C PRO J 295 -62.90 121.64 57.21
N LYS J 296 -62.24 122.56 57.92
CA LYS J 296 -60.82 122.84 57.69
C LYS J 296 -59.91 121.83 58.37
N LYS J 297 -60.46 120.72 58.88
CA LYS J 297 -59.65 119.68 59.49
C LYS J 297 -58.81 118.95 58.44
N MET J 298 -59.26 118.95 57.18
CA MET J 298 -58.49 118.30 56.13
C MET J 298 -57.20 119.05 55.83
N THR J 299 -57.21 120.39 55.91
CA THR J 299 -55.99 121.17 55.75
C THR J 299 -55.07 120.97 56.94
N ASP J 300 -55.63 120.68 58.12
CA ASP J 300 -54.82 120.32 59.27
C ASP J 300 -54.08 119.00 59.03
N TYR J 301 -54.63 118.12 58.19
CA TYR J 301 -53.89 116.93 57.78
C TYR J 301 -53.12 117.15 56.47
N ALA J 302 -53.63 118.00 55.58
CA ALA J 302 -52.96 118.20 54.29
C ALA J 302 -51.70 119.05 54.42
N LYS J 303 -51.57 119.81 55.51
CA LYS J 303 -50.34 120.53 55.80
C LYS J 303 -49.49 119.81 56.83
N LYS J 304 -50.01 118.79 57.48
CA LYS J 304 -49.21 118.00 58.41
C LYS J 304 -48.27 117.07 57.63
N ARG J 305 -48.84 116.25 56.75
CA ARG J 305 -48.08 115.44 55.81
C ARG J 305 -48.16 116.07 54.41
N GLY J 306 -47.68 115.33 53.41
CA GLY J 306 -47.72 115.78 52.02
C GLY J 306 -49.09 115.64 51.37
N TRP J 307 -49.11 115.20 50.10
CA TRP J 307 -50.31 115.08 49.28
C TRP J 307 -51.00 116.45 49.15
N VAL J 308 -50.29 117.31 48.40
CA VAL J 308 -50.43 118.77 48.48
C VAL J 308 -51.83 119.23 48.06
N LEU J 309 -52.36 120.20 48.82
CA LEU J 309 -53.60 120.89 48.50
C LEU J 309 -53.51 121.56 47.13
N GLY J 310 -54.29 121.08 46.17
CA GLY J 310 -54.28 121.63 44.85
C GLY J 310 -55.67 121.71 44.24
N PRO J 311 -55.73 121.75 42.91
CA PRO J 311 -57.04 121.73 42.24
C PRO J 311 -57.73 120.38 42.35
N ASN J 312 -58.35 120.17 43.52
CA ASN J 312 -59.13 118.98 43.85
C ASN J 312 -58.27 117.72 43.74
N ASN J 313 -57.10 117.76 44.39
CA ASN J 313 -56.04 116.83 44.09
C ASN J 313 -55.17 116.59 45.32
N TYR J 314 -54.68 115.36 45.43
CA TYR J 314 -53.68 114.90 46.41
C TYR J 314 -52.49 114.40 45.61
N TYR J 315 -51.39 115.16 45.64
CA TYR J 315 -50.24 114.88 44.79
C TYR J 315 -49.38 113.75 45.35
N SER J 316 -48.97 112.84 44.47
CA SER J 316 -48.34 111.59 44.87
C SER J 316 -46.82 111.73 44.79
N PHE J 317 -46.16 111.59 45.93
CA PHE J 317 -44.69 111.58 45.98
C PHE J 317 -44.17 110.15 46.19
N ALA J 318 -44.50 109.30 45.22
CA ALA J 318 -44.07 107.89 45.23
C ALA J 318 -42.77 107.70 44.46
N SER J 319 -41.70 108.32 44.94
CA SER J 319 -40.42 108.28 44.24
C SER J 319 -39.70 106.96 44.45
N GLN J 320 -39.35 106.65 45.70
CA GLN J 320 -38.61 105.45 46.18
C GLN J 320 -37.45 105.04 45.26
N GLN J 321 -36.60 106.02 44.94
CA GLN J 321 -35.57 105.85 43.92
C GLN J 321 -34.15 105.96 44.47
N GLN J 322 -33.94 106.59 45.62
CA GLN J 322 -32.61 106.99 46.03
C GLN J 322 -31.77 105.84 46.58
N LYS J 323 -32.37 104.94 47.37
CA LYS J 323 -31.63 103.92 48.13
C LYS J 323 -30.89 102.78 47.39
N PRO J 324 -31.30 102.26 46.17
CA PRO J 324 -30.63 101.02 45.69
C PRO J 324 -29.21 101.21 45.16
N GLU J 325 -28.71 100.14 44.53
CA GLU J 325 -27.38 100.06 43.91
C GLU J 325 -26.27 100.30 44.94
N ASP J 326 -26.20 99.39 45.90
CA ASP J 326 -25.21 99.41 46.97
C ASP J 326 -24.31 98.18 46.84
N THR J 327 -23.08 98.40 46.35
CA THR J 327 -22.04 97.40 46.43
C THR J 327 -21.21 97.60 47.70
N THR J 328 -21.15 98.85 48.18
CA THR J 328 -20.26 99.23 49.27
C THR J 328 -20.71 98.63 50.60
N ILE J 329 -22.01 98.72 50.89
CA ILE J 329 -22.54 98.16 52.15
C ILE J 329 -22.33 96.65 52.23
N PRO J 330 -22.47 95.85 51.16
CA PRO J 330 -21.90 94.49 51.24
C PRO J 330 -20.39 94.45 51.34
N SER J 331 -19.67 95.32 50.63
CA SER J 331 -18.22 95.17 50.53
C SER J 331 -17.49 95.54 51.80
N THR J 332 -18.14 96.24 52.73
CA THR J 332 -17.60 96.40 54.07
C THR J 332 -17.95 95.19 54.93
N GLU J 333 -19.20 94.76 54.87
CA GLU J 333 -19.68 93.70 55.74
C GLU J 333 -19.17 92.33 55.32
N LEU J 334 -19.13 92.05 54.02
CA LEU J 334 -18.73 90.72 53.58
C LEU J 334 -17.24 90.51 53.73
N ALA J 335 -16.43 91.55 53.53
CA ALA J 335 -14.99 91.42 53.75
C ALA J 335 -14.67 91.15 55.21
N LYS J 336 -15.54 91.60 56.12
CA LYS J 336 -15.47 91.13 57.49
C LYS J 336 -15.82 89.64 57.57
N GLN J 337 -16.91 89.23 56.92
CA GLN J 337 -17.44 87.88 57.07
C GLN J 337 -16.55 86.83 56.43
N VAL J 338 -15.87 87.18 55.33
CA VAL J 338 -15.03 86.21 54.63
C VAL J 338 -13.82 85.85 55.48
N ILE J 339 -13.23 86.84 56.16
CA ILE J 339 -12.15 86.54 57.10
C ILE J 339 -12.68 85.78 58.31
N GLU J 340 -13.91 86.09 58.72
CA GLU J 340 -14.58 85.33 59.77
C GLU J 340 -14.83 83.88 59.38
N TYR J 341 -14.99 83.60 58.10
CA TYR J 341 -15.03 82.21 57.65
C TYR J 341 -13.68 81.55 57.86
N ALA J 342 -12.61 82.25 57.51
CA ALA J 342 -11.26 81.69 57.58
C ALA J 342 -10.75 81.55 59.01
N ARG J 343 -11.38 82.22 59.98
CA ARG J 343 -11.00 82.02 61.38
C ARG J 343 -11.36 80.62 61.85
N GLN J 344 -12.63 80.23 61.69
CA GLN J 344 -13.04 78.87 62.02
C GLN J 344 -12.94 77.94 60.81
N LEU J 345 -11.84 78.03 60.10
CA LEU J 345 -11.55 77.14 58.99
C LEU J 345 -10.15 76.58 59.06
N GLU J 346 -9.17 77.37 59.48
CA GLU J 346 -7.79 76.94 59.51
C GLU J 346 -7.22 76.97 60.92
N MET J 347 -7.46 78.04 61.67
CA MET J 347 -6.93 78.16 63.02
C MET J 347 -7.67 77.24 63.97
N ILE J 348 -6.91 76.33 64.57
CA ILE J 348 -7.44 75.35 65.51
C ILE J 348 -7.96 76.08 66.75
N VAL J 349 -9.13 75.67 67.20
CA VAL J 349 -9.77 76.29 68.35
C VAL J 349 -10.04 75.23 69.41
N MET K 1 -34.08 53.40 83.68
CA MET K 1 -34.20 54.13 82.42
C MET K 1 -35.65 54.37 82.05
N SER K 2 -35.86 55.28 81.10
CA SER K 2 -37.17 55.64 80.55
C SER K 2 -38.12 56.14 81.65
N GLU K 3 -37.72 57.28 82.23
CA GLU K 3 -38.48 57.85 83.34
C GLU K 3 -39.54 58.83 82.86
N LYS K 4 -39.15 59.93 82.20
CA LYS K 4 -40.06 60.92 81.62
C LYS K 4 -41.16 61.41 82.55
N LYS K 5 -40.77 62.18 83.58
CA LYS K 5 -41.68 62.75 84.58
C LYS K 5 -42.87 63.43 83.92
N GLN K 6 -44.05 62.84 84.11
CA GLN K 6 -45.21 63.11 83.29
C GLN K 6 -46.04 64.22 83.91
N PRO K 7 -46.15 65.38 83.30
CA PRO K 7 -46.84 66.49 83.95
C PRO K 7 -48.34 66.51 83.68
N VAL K 8 -48.78 65.74 82.68
CA VAL K 8 -50.13 65.87 82.16
C VAL K 8 -50.88 64.55 82.29
N ASP K 9 -50.34 63.50 81.66
CA ASP K 9 -51.07 62.26 81.56
C ASP K 9 -50.77 61.35 82.75
N GLU K 40 -41.86 56.22 51.20
CA GLU K 40 -42.68 57.42 51.33
C GLU K 40 -44.04 57.05 51.90
N ASP K 41 -44.97 56.73 51.00
CA ASP K 41 -46.31 56.16 51.22
C ASP K 41 -47.26 57.14 51.92
N ASN K 42 -46.81 58.30 52.41
CA ASN K 42 -47.66 59.10 53.29
C ASN K 42 -47.66 60.60 53.01
N TRP K 43 -46.58 61.20 52.50
CA TRP K 43 -46.45 62.65 52.57
C TRP K 43 -46.95 63.36 51.33
N ASP K 44 -46.69 62.80 50.15
CA ASP K 44 -47.04 63.48 48.90
C ASP K 44 -48.54 63.60 48.74
N ASP K 45 -49.29 62.55 49.09
CA ASP K 45 -50.75 62.57 48.99
C ASP K 45 -51.36 63.53 50.01
N ASP K 46 -50.67 63.75 51.14
CA ASP K 46 -51.12 64.72 52.14
C ASP K 46 -51.06 66.13 51.58
N ASN K 47 -50.04 66.43 50.78
CA ASN K 47 -50.02 67.69 50.05
C ASN K 47 -51.11 67.71 48.97
N VAL K 48 -51.39 66.56 48.38
CA VAL K 48 -52.46 66.47 47.39
C VAL K 48 -53.81 66.49 48.09
N GLU K 49 -53.86 66.00 49.33
CA GLU K 49 -55.08 66.14 50.13
C GLU K 49 -55.32 67.59 50.52
N ASP K 50 -54.26 68.40 50.60
CA ASP K 50 -54.43 69.79 51.01
C ASP K 50 -55.05 70.64 49.92
N ASP K 51 -54.79 70.32 48.65
CA ASP K 51 -55.27 71.16 47.56
C ASP K 51 -56.76 70.92 47.33
N PHE K 52 -57.14 69.70 46.94
CA PHE K 52 -58.53 69.34 46.68
C PHE K 52 -59.18 68.67 47.88
N SER K 53 -59.09 69.36 49.04
CA SER K 53 -59.64 68.82 50.27
C SER K 53 -61.16 68.77 50.22
N ASN K 54 -61.78 69.83 49.70
CA ASN K 54 -63.23 69.87 49.54
C ASN K 54 -63.58 70.37 48.15
N GLN K 55 -62.74 70.07 47.16
CA GLN K 55 -62.84 70.66 45.83
C GLN K 55 -62.82 69.53 44.79
N LEU K 56 -64.00 69.22 44.25
CA LEU K 56 -64.21 68.38 43.06
C LEU K 56 -63.52 67.02 43.19
N ARG K 57 -64.00 66.27 44.18
CA ARG K 57 -63.49 64.93 44.47
C ARG K 57 -63.72 63.99 43.30
N ALA K 58 -64.99 63.71 43.00
CA ALA K 58 -65.34 62.95 41.80
C ALA K 58 -65.73 63.89 40.68
N GLU K 59 -64.76 64.69 40.23
CA GLU K 59 -64.97 65.58 39.09
C GLU K 59 -64.94 64.73 37.83
N LEU K 60 -66.09 64.13 37.54
CA LEU K 60 -66.22 63.24 36.39
C LEU K 60 -67.45 63.61 35.56
N GLU K 61 -68.54 63.98 36.23
CA GLU K 61 -69.82 64.12 35.57
C GLU K 61 -70.28 65.56 35.39
N LYS K 62 -69.56 66.53 35.97
CA LYS K 62 -69.87 67.91 35.69
C LYS K 62 -69.50 68.27 34.26
N HIS K 63 -68.47 67.61 33.72
CA HIS K 63 -68.08 67.78 32.33
C HIS K 63 -69.17 67.38 31.36
N GLY K 64 -69.96 66.36 31.71
CA GLY K 64 -71.15 66.05 30.96
C GLY K 64 -72.23 67.09 31.06
N TYR K 65 -72.20 67.91 32.12
CA TYR K 65 -73.19 68.97 32.31
C TYR K 65 -72.63 70.35 31.97
N LYS K 66 -71.31 70.50 31.84
CA LYS K 66 -70.72 71.75 31.42
C LYS K 66 -70.77 71.99 29.92
N MET K 67 -71.16 70.99 29.14
CA MET K 67 -71.18 71.15 27.68
C MET K 67 -72.39 71.94 27.24
N GLU K 68 -73.56 71.66 27.81
CA GLU K 68 -74.76 72.38 27.41
C GLU K 68 -74.88 73.73 28.09
N THR K 69 -74.12 73.96 29.16
CA THR K 69 -74.17 75.24 29.85
C THR K 69 -73.17 76.22 29.26
N SER K 70 -71.92 75.79 29.13
CA SER K 70 -70.87 76.67 28.64
C SER K 70 -70.50 76.35 27.20
N MET L 1 -18.52 -18.05 85.07
CA MET L 1 -17.66 -18.90 85.88
C MET L 1 -18.45 -20.08 86.42
N GLU L 2 -17.99 -21.29 86.10
CA GLU L 2 -18.73 -22.51 86.42
C GLU L 2 -18.14 -23.15 87.68
N GLU L 3 -18.50 -22.60 88.84
CA GLU L 3 -18.14 -23.22 90.10
C GLU L 3 -19.31 -24.04 90.65
N GLY L 4 -19.00 -24.91 91.60
CA GLY L 4 -20.00 -25.74 92.23
C GLY L 4 -20.36 -26.98 91.41
N GLY L 5 -21.07 -27.89 92.05
CA GLY L 5 -21.49 -29.11 91.41
C GLY L 5 -20.52 -30.26 91.55
N ARG L 6 -19.40 -30.20 90.82
CA ARG L 6 -18.42 -31.26 90.82
C ARG L 6 -17.31 -31.04 91.86
N ASP L 7 -17.56 -30.20 92.86
CA ASP L 7 -16.59 -29.93 93.91
C ASP L 7 -16.58 -31.11 94.88
N LYS L 8 -15.81 -32.14 94.51
CA LYS L 8 -15.58 -33.28 95.37
C LYS L 8 -14.25 -33.17 96.13
N ALA L 9 -13.20 -32.80 95.41
CA ALA L 9 -11.86 -32.63 95.96
C ALA L 9 -11.68 -31.37 96.83
N PRO L 10 -12.39 -30.21 96.58
CA PRO L 10 -12.37 -29.17 97.62
C PRO L 10 -13.38 -29.37 98.74
N VAL L 11 -13.95 -30.57 98.89
CA VAL L 11 -14.92 -30.82 99.95
C VAL L 11 -14.51 -32.01 100.80
N GLN L 12 -14.32 -33.18 100.18
CA GLN L 12 -14.00 -34.36 101.00
C GLN L 12 -12.52 -34.39 101.41
N PRO L 13 -11.56 -33.97 100.58
CA PRO L 13 -10.25 -33.59 101.14
C PRO L 13 -10.22 -32.22 101.81
N GLN L 14 -11.34 -31.52 101.93
CA GLN L 14 -11.48 -30.46 102.90
C GLN L 14 -12.03 -30.97 104.22
N GLN L 15 -12.78 -32.08 104.20
CA GLN L 15 -13.44 -32.62 105.37
C GLN L 15 -12.61 -33.67 106.09
N SER L 16 -11.98 -34.58 105.36
CA SER L 16 -11.19 -35.65 105.99
C SER L 16 -9.89 -35.15 106.64
N PRO L 17 -9.11 -34.21 106.07
CA PRO L 17 -8.03 -33.62 106.86
C PRO L 17 -8.49 -32.72 108.00
N ALA L 18 -9.69 -32.13 107.89
CA ALA L 18 -10.20 -31.35 109.02
C ALA L 18 -10.71 -32.25 110.12
N ALA L 19 -11.24 -33.42 109.76
CA ALA L 19 -11.59 -34.44 110.74
C ALA L 19 -10.43 -35.38 111.05
N ALA L 20 -9.23 -35.12 110.49
CA ALA L 20 -8.08 -35.95 110.79
C ALA L 20 -7.56 -35.74 112.23
N PRO L 21 -7.50 -34.53 112.81
CA PRO L 21 -7.30 -34.47 114.26
C PRO L 21 -8.49 -34.99 115.04
N GLY L 22 -9.70 -34.87 114.50
CA GLY L 22 -10.86 -35.50 115.08
C GLY L 22 -10.93 -37.00 114.87
N GLY L 23 -10.03 -37.55 114.07
CA GLY L 23 -9.95 -38.98 113.87
C GLY L 23 -8.54 -39.53 113.91
N THR L 24 -7.63 -38.81 114.58
CA THR L 24 -6.32 -39.38 114.90
C THR L 24 -6.36 -40.11 116.24
N ASP L 25 -6.70 -39.38 117.30
CA ASP L 25 -6.96 -39.98 118.60
C ASP L 25 -8.42 -40.44 118.65
N GLU L 26 -8.67 -41.44 119.50
CA GLU L 26 -9.94 -42.16 119.74
C GLU L 26 -10.61 -42.73 118.50
N LYS L 27 -9.92 -42.74 117.36
CA LYS L 27 -10.42 -43.32 116.12
C LYS L 27 -9.20 -43.83 115.35
N PRO L 28 -8.68 -45.00 115.73
CA PRO L 28 -7.39 -45.43 115.17
C PRO L 28 -7.48 -45.94 113.74
N SER L 29 -8.65 -46.38 113.30
CA SER L 29 -8.76 -46.89 111.93
C SER L 29 -8.78 -45.76 110.90
N GLY L 30 -9.55 -44.70 111.17
CA GLY L 30 -9.62 -43.58 110.25
C GLY L 30 -8.37 -42.73 110.21
N LYS L 31 -7.47 -42.89 111.18
CA LYS L 31 -6.20 -42.19 111.19
C LYS L 31 -5.29 -42.66 110.06
N GLU L 32 -5.46 -43.89 109.60
CA GLU L 32 -4.60 -44.49 108.59
C GLU L 32 -5.31 -44.78 107.28
N ARG L 33 -6.52 -45.34 107.34
CA ARG L 33 -7.21 -45.75 106.12
C ARG L 33 -7.76 -44.56 105.34
N ARG L 34 -8.07 -43.46 106.02
CA ARG L 34 -8.36 -42.21 105.31
C ARG L 34 -7.07 -41.50 104.93
N ASP L 35 -5.99 -41.75 105.68
CA ASP L 35 -4.67 -41.31 105.25
C ASP L 35 -4.20 -42.12 104.05
N ALA L 36 -4.52 -43.42 104.02
CA ALA L 36 -4.19 -44.24 102.86
C ALA L 36 -5.11 -43.92 101.68
N GLY L 37 -6.30 -43.39 101.96
CA GLY L 37 -7.11 -42.79 100.92
C GLY L 37 -6.65 -41.40 100.53
N ASP L 38 -5.80 -40.77 101.36
CA ASP L 38 -5.23 -39.48 101.05
C ASP L 38 -3.81 -39.59 100.48
N LYS L 39 -3.19 -40.76 100.59
CA LYS L 39 -1.86 -40.98 100.04
C LYS L 39 -1.90 -41.40 98.57
N ASP L 40 -2.76 -42.36 98.22
CA ASP L 40 -2.80 -42.84 96.85
C ASP L 40 -3.57 -41.90 95.93
N LYS L 41 -4.60 -41.24 96.46
CA LYS L 41 -5.40 -40.35 95.64
C LYS L 41 -4.65 -39.05 95.39
N GLU L 42 -3.70 -38.71 96.26
CA GLU L 42 -2.76 -37.65 95.92
C GLU L 42 -1.68 -38.19 95.00
N GLN L 43 -1.39 -39.48 95.07
CA GLN L 43 -0.36 -40.07 94.22
C GLN L 43 -0.89 -40.26 92.80
N GLU L 44 -2.13 -40.73 92.67
CA GLU L 44 -2.67 -41.08 91.36
C GLU L 44 -3.01 -39.85 90.53
N LEU L 45 -3.65 -38.85 91.14
CA LEU L 45 -4.06 -37.66 90.41
C LEU L 45 -2.95 -36.63 90.25
N SER L 46 -1.69 -37.00 90.55
CA SER L 46 -0.56 -36.11 90.32
C SER L 46 0.41 -36.62 89.27
N GLU L 47 0.32 -37.90 88.88
CA GLU L 47 1.32 -38.49 87.99
C GLU L 47 1.25 -37.94 86.57
N GLU L 48 0.06 -37.53 86.11
CA GLU L 48 -0.04 -36.98 84.76
C GLU L 48 0.46 -35.53 84.75
N ASP L 49 1.38 -35.24 83.84
CA ASP L 49 1.84 -33.87 83.63
C ASP L 49 1.09 -33.21 82.48
N LYS L 50 -0.24 -33.29 82.55
CA LYS L 50 -1.14 -32.62 81.63
C LYS L 50 -2.17 -31.84 82.44
N GLN L 51 -2.56 -32.41 83.59
CA GLN L 51 -3.34 -31.70 84.59
C GLN L 51 -2.38 -31.23 85.66
N LEU L 52 -1.67 -30.13 85.41
CA LEU L 52 -0.82 -29.56 86.43
C LEU L 52 -1.61 -28.75 87.44
N GLN L 53 -2.81 -28.30 87.08
CA GLN L 53 -3.75 -27.68 88.01
C GLN L 53 -4.44 -28.80 88.77
N ASP L 54 -3.76 -29.31 89.79
CA ASP L 54 -4.27 -30.42 90.57
C ASP L 54 -5.39 -29.98 91.51
N GLU L 55 -6.31 -30.90 91.76
CA GLU L 55 -7.50 -30.61 92.55
C GLU L 55 -7.26 -30.76 94.05
N LEU L 56 -6.05 -31.16 94.48
CA LEU L 56 -5.67 -31.15 95.88
C LEU L 56 -4.38 -30.40 96.15
N GLU L 57 -3.41 -30.44 95.24
CA GLU L 57 -2.08 -29.90 95.48
C GLU L 57 -2.09 -28.38 95.65
N MET L 58 -3.09 -27.70 95.09
CA MET L 58 -3.30 -26.27 95.35
C MET L 58 -4.59 -26.03 96.12
N LEU L 59 -5.23 -27.07 96.65
CA LEU L 59 -6.54 -26.94 97.26
C LEU L 59 -6.60 -27.43 98.71
N VAL L 60 -5.77 -28.39 99.11
CA VAL L 60 -5.92 -28.94 100.45
C VAL L 60 -5.22 -28.07 101.50
N GLU L 61 -4.18 -27.33 101.13
CA GLU L 61 -3.36 -26.63 102.11
C GLU L 61 -3.94 -25.28 102.53
N ARG L 62 -5.15 -24.93 102.09
CA ARG L 62 -5.81 -23.75 102.63
C ARG L 62 -6.24 -23.97 104.07
N LEU L 63 -6.53 -25.23 104.43
CA LEU L 63 -6.66 -25.65 105.81
C LEU L 63 -5.65 -26.72 106.18
N GLY L 64 -5.15 -27.48 105.21
CA GLY L 64 -4.24 -28.58 105.48
C GLY L 64 -2.85 -28.17 105.90
N GLU L 65 -2.36 -27.02 105.41
CA GLU L 65 -1.04 -26.54 105.83
C GLU L 65 -1.03 -26.16 107.30
N LYS L 66 -2.07 -25.44 107.76
CA LYS L 66 -2.24 -25.20 109.19
C LYS L 66 -2.62 -26.47 109.93
N ASP L 67 -3.15 -27.49 109.23
CA ASP L 67 -3.40 -28.78 109.84
C ASP L 67 -2.12 -29.60 109.96
N THR L 68 -1.28 -29.58 108.90
CA THR L 68 -0.03 -30.36 108.90
C THR L 68 0.94 -29.84 109.95
N SER L 69 0.91 -28.53 110.25
CA SER L 69 1.68 -27.96 111.33
C SER L 69 1.23 -28.46 112.70
N LEU L 70 0.02 -28.99 112.81
CA LEU L 70 -0.44 -29.67 114.00
C LEU L 70 -0.49 -31.19 113.85
N TYR L 71 -0.30 -31.72 112.64
CA TYR L 71 -0.43 -33.14 112.37
C TYR L 71 0.88 -33.89 112.51
N ARG L 72 1.92 -33.44 111.81
CA ARG L 72 3.20 -34.14 111.91
C ARG L 72 3.98 -33.79 113.19
N PRO L 73 4.29 -32.48 113.54
CA PRO L 73 5.09 -32.26 114.76
C PRO L 73 4.35 -32.55 116.05
N ALA L 74 3.15 -32.00 116.17
CA ALA L 74 2.38 -31.98 117.42
C ALA L 74 1.65 -33.30 117.71
N LEU L 75 1.99 -34.39 117.02
CA LEU L 75 1.41 -35.69 117.33
C LEU L 75 2.22 -36.44 118.37
N GLU L 76 3.55 -36.45 118.22
CA GLU L 76 4.54 -36.90 119.20
C GLU L 76 4.43 -38.38 119.56
N GLU L 77 3.69 -39.18 118.79
CA GLU L 77 3.70 -40.63 118.98
C GLU L 77 3.67 -41.31 117.62
N LEU L 78 4.49 -40.78 116.70
CA LEU L 78 4.51 -41.23 115.32
C LEU L 78 5.07 -42.65 115.21
N ARG L 79 4.30 -43.55 114.60
CA ARG L 79 4.65 -44.95 114.50
C ARG L 79 5.38 -45.21 113.18
N ARG L 80 5.56 -46.49 112.83
CA ARG L 80 6.39 -46.88 111.70
C ARG L 80 5.63 -47.00 110.39
N GLN L 81 4.32 -47.17 110.43
CA GLN L 81 3.51 -47.20 109.21
C GLN L 81 2.80 -45.88 108.96
N ILE L 82 2.38 -45.18 110.03
CA ILE L 82 1.68 -43.91 109.86
C ILE L 82 2.59 -42.77 109.48
N ARG L 83 3.91 -42.98 109.48
CA ARG L 83 4.85 -42.03 108.90
C ARG L 83 5.07 -42.26 107.41
N SER L 84 4.83 -43.48 106.93
CA SER L 84 4.89 -43.79 105.51
C SER L 84 3.63 -43.37 104.77
N SER L 85 2.57 -43.00 105.50
CA SER L 85 1.38 -42.40 104.92
C SER L 85 1.30 -40.90 105.15
N THR L 86 2.02 -40.39 106.15
CA THR L 86 2.06 -38.95 106.38
C THR L 86 3.05 -38.27 105.44
N THR L 87 4.32 -38.64 105.54
CA THR L 87 5.38 -37.94 104.82
C THR L 87 5.44 -38.32 103.33
N SER L 88 4.76 -39.38 102.92
CA SER L 88 4.62 -39.64 101.49
C SER L 88 3.57 -38.75 100.85
N MET L 89 2.63 -38.23 101.65
CA MET L 89 1.60 -37.32 101.17
C MET L 89 1.96 -35.86 101.38
N THR L 90 2.70 -35.54 102.44
CA THR L 90 2.94 -34.15 102.82
C THR L 90 4.27 -33.60 102.33
N SER L 91 5.15 -34.43 101.75
CA SER L 91 6.38 -33.93 101.16
C SER L 91 6.24 -33.62 99.68
N VAL L 92 5.14 -34.01 99.05
CA VAL L 92 4.94 -33.74 97.62
C VAL L 92 4.46 -32.31 97.36
N PRO L 93 3.38 -31.77 97.96
CA PRO L 93 2.96 -30.42 97.58
C PRO L 93 3.80 -29.31 98.19
N LYS L 94 4.72 -29.64 99.11
CA LYS L 94 5.45 -28.63 99.87
C LYS L 94 6.36 -27.66 99.09
N PRO L 95 6.85 -27.93 97.85
CA PRO L 95 7.42 -26.81 97.09
C PRO L 95 6.38 -25.76 96.67
N LEU L 96 5.09 -26.09 96.68
CA LEU L 96 4.06 -25.10 96.41
C LEU L 96 3.09 -24.88 97.57
N LYS L 97 3.16 -25.70 98.62
CA LYS L 97 2.55 -25.31 99.89
C LYS L 97 3.20 -24.06 100.44
N PHE L 98 4.53 -24.05 100.45
CA PHE L 98 5.31 -22.96 101.01
C PHE L 98 5.70 -21.99 99.91
N LEU L 99 5.88 -20.73 100.29
CA LEU L 99 6.40 -19.71 99.40
C LEU L 99 7.93 -19.70 99.52
N ARG L 100 8.56 -18.65 98.98
CA ARG L 100 10.00 -18.55 98.78
C ARG L 100 10.91 -18.75 100.00
N PRO L 101 10.46 -18.53 101.26
CA PRO L 101 11.22 -19.12 102.37
C PRO L 101 10.88 -20.57 102.67
N HIS L 102 10.75 -21.39 101.62
CA HIS L 102 10.70 -22.84 101.78
C HIS L 102 12.08 -23.39 102.11
N TYR L 103 13.13 -22.67 101.70
CA TYR L 103 14.46 -23.25 101.55
C TYR L 103 15.12 -23.61 102.88
N GLY L 104 14.67 -23.01 103.99
CA GLY L 104 15.12 -23.44 105.28
C GLY L 104 14.29 -24.53 105.93
N LYS L 105 13.17 -24.91 105.31
CA LYS L 105 12.24 -25.85 105.92
C LYS L 105 11.70 -26.85 104.90
N LEU L 106 12.56 -27.40 104.03
CA LEU L 106 12.18 -28.62 103.34
C LEU L 106 12.31 -29.85 104.23
N LYS L 107 12.97 -29.71 105.37
CA LYS L 107 13.31 -30.83 106.25
C LYS L 107 12.35 -30.99 107.42
N GLU L 108 11.49 -30.01 107.69
CA GLU L 108 10.51 -30.13 108.76
C GLU L 108 9.35 -31.04 108.39
N ILE L 109 9.30 -31.53 107.15
CA ILE L 109 8.35 -32.55 106.73
C ILE L 109 9.06 -33.83 106.31
N TYR L 110 10.15 -33.70 105.55
CA TYR L 110 10.82 -34.83 104.93
C TYR L 110 11.84 -35.51 105.84
N GLU L 111 12.63 -34.74 106.60
CA GLU L 111 13.71 -35.33 107.39
C GLU L 111 13.23 -35.88 108.74
N ASN L 112 11.93 -35.78 109.03
CA ASN L 112 11.36 -36.53 110.15
C ASN L 112 11.51 -38.03 109.91
N MET L 113 11.04 -38.49 108.75
CA MET L 113 11.52 -39.72 108.14
C MET L 113 11.23 -39.67 106.64
N ALA L 114 12.24 -39.91 105.84
CA ALA L 114 12.04 -40.12 104.41
C ALA L 114 11.29 -41.42 104.21
N PRO L 115 10.05 -41.39 103.70
CA PRO L 115 9.24 -42.61 103.69
C PRO L 115 9.68 -43.64 102.67
N GLY L 116 10.37 -44.67 103.15
CA GLY L 116 10.72 -45.85 102.36
C GLY L 116 11.56 -45.64 101.12
N GLU L 117 10.90 -45.78 99.97
CA GLU L 117 11.54 -45.98 98.67
C GLU L 117 11.02 -44.94 97.69
N ASN L 118 11.15 -43.66 98.08
CA ASN L 118 10.47 -42.47 97.56
C ASN L 118 10.22 -42.37 96.06
N LYS L 119 11.07 -43.02 95.24
CA LYS L 119 10.85 -43.09 93.81
C LYS L 119 9.70 -44.02 93.41
N ARG L 120 9.10 -44.75 94.36
CA ARG L 120 7.95 -45.59 94.05
C ARG L 120 6.73 -44.76 93.67
N PHE L 121 6.61 -43.56 94.24
CA PHE L 121 5.60 -42.60 93.83
C PHE L 121 6.21 -41.48 92.98
N ALA L 122 7.40 -41.71 92.44
CA ALA L 122 8.09 -40.80 91.54
C ALA L 122 8.68 -41.57 90.36
N ALA L 123 7.86 -42.43 89.74
CA ALA L 123 8.30 -43.26 88.63
C ALA L 123 7.88 -42.68 87.28
N ASP L 124 6.58 -42.40 87.10
CA ASP L 124 6.06 -41.94 85.83
C ASP L 124 6.20 -40.43 85.65
N ILE L 125 6.35 -39.69 86.74
CA ILE L 125 6.31 -38.23 86.73
C ILE L 125 7.73 -37.69 86.62
N ILE L 126 7.89 -36.59 85.88
CA ILE L 126 9.23 -36.08 85.58
C ILE L 126 9.76 -35.20 86.70
N SER L 127 9.12 -34.04 86.93
CA SER L 127 9.69 -33.08 87.86
C SER L 127 8.68 -32.34 88.72
N VAL L 128 7.38 -32.63 88.62
CA VAL L 128 6.41 -31.94 89.47
C VAL L 128 6.40 -32.51 90.88
N LEU L 129 6.71 -33.80 91.03
CA LEU L 129 6.54 -34.49 92.31
C LEU L 129 7.63 -34.08 93.31
N ALA L 130 8.87 -34.47 93.03
CA ALA L 130 9.97 -34.18 93.94
C ALA L 130 11.28 -33.86 93.24
N MET L 131 11.36 -33.92 91.91
CA MET L 131 12.63 -33.65 91.25
C MET L 131 12.93 -32.16 91.19
N THR L 132 11.91 -31.31 91.15
CA THR L 132 12.12 -29.90 91.41
C THR L 132 12.48 -29.69 92.88
N MET L 133 11.86 -30.49 93.77
CA MET L 133 12.17 -30.41 95.19
C MET L 133 13.57 -30.92 95.51
N SER L 134 14.03 -31.96 94.81
CA SER L 134 15.37 -32.49 95.04
C SER L 134 16.44 -31.53 94.54
N GLY L 135 16.13 -30.73 93.51
CA GLY L 135 17.03 -29.67 93.12
C GLY L 135 17.11 -28.57 94.16
N GLU L 136 16.00 -28.32 94.86
CA GLU L 136 16.00 -27.38 95.97
C GLU L 136 16.79 -27.90 97.16
N ARG L 137 16.92 -29.22 97.29
CA ARG L 137 17.70 -29.80 98.38
C ARG L 137 19.20 -29.55 98.18
N GLU L 138 19.67 -29.68 96.94
CA GLU L 138 21.08 -29.47 96.66
C GLU L 138 21.42 -28.00 96.53
N CYS L 139 20.43 -27.14 96.25
CA CYS L 139 20.70 -25.74 95.99
C CYS L 139 21.07 -25.00 97.27
N LEU L 140 20.15 -24.97 98.24
CA LEU L 140 20.34 -24.20 99.46
C LEU L 140 20.64 -25.06 100.67
N LYS L 141 20.00 -26.22 100.80
CA LYS L 141 20.14 -27.02 102.01
C LYS L 141 21.49 -27.73 102.06
N TYR L 142 21.86 -28.39 100.96
CA TYR L 142 23.16 -29.06 100.88
C TYR L 142 24.33 -28.09 100.85
N ARG L 143 24.10 -26.85 100.36
CA ARG L 143 25.20 -25.91 100.25
C ARG L 143 25.59 -25.33 101.60
N LEU L 144 24.61 -25.09 102.48
CA LEU L 144 24.94 -24.63 103.83
C LEU L 144 25.54 -25.75 104.66
N VAL L 145 25.09 -26.99 104.44
CA VAL L 145 25.72 -28.13 105.09
C VAL L 145 27.09 -28.39 104.49
N GLY L 146 27.16 -28.55 103.16
CA GLY L 146 28.42 -28.87 102.51
C GLY L 146 29.33 -27.70 102.21
N SER L 147 29.34 -26.70 103.10
CA SER L 147 30.31 -25.61 103.02
C SER L 147 31.52 -25.87 103.91
N GLN L 148 31.27 -26.25 105.17
CA GLN L 148 32.34 -26.65 106.08
C GLN L 148 31.96 -27.87 106.91
N GLU L 149 30.82 -28.48 106.65
CA GLU L 149 30.35 -29.69 107.30
C GLU L 149 29.90 -30.69 106.23
N GLU L 150 30.80 -30.94 105.28
CA GLU L 150 30.53 -31.92 104.22
C GLU L 150 30.37 -33.32 104.81
N LEU L 151 31.38 -33.81 105.52
CA LEU L 151 31.27 -35.07 106.24
C LEU L 151 30.36 -34.85 107.43
N ALA L 152 29.12 -35.33 107.34
CA ALA L 152 28.11 -34.96 108.32
C ALA L 152 27.12 -36.11 108.48
N SER L 153 25.98 -35.78 109.06
CA SER L 153 24.87 -36.69 109.36
C SER L 153 24.04 -36.91 108.10
N TRP L 154 22.76 -37.31 108.30
CA TRP L 154 21.76 -37.56 107.26
C TRP L 154 21.67 -36.48 106.17
N GLY L 155 22.05 -35.24 106.47
CA GLY L 155 22.15 -34.19 105.46
C GLY L 155 23.21 -34.42 104.39
N HIS L 156 24.06 -35.43 104.54
CA HIS L 156 25.01 -35.82 103.49
C HIS L 156 24.91 -37.32 103.21
N GLU L 157 24.63 -38.11 104.25
CA GLU L 157 24.81 -39.56 104.18
C GLU L 157 23.78 -40.23 103.27
N TYR L 158 22.51 -39.92 103.48
CA TYR L 158 21.49 -40.36 102.53
C TYR L 158 21.42 -39.45 101.31
N VAL L 159 21.82 -38.18 101.46
CA VAL L 159 21.73 -37.19 100.39
C VAL L 159 22.69 -37.54 99.24
N ARG L 160 23.78 -38.26 99.55
CA ARG L 160 24.57 -38.89 98.49
C ARG L 160 23.73 -39.89 97.71
N HIS L 161 23.11 -40.84 98.42
CA HIS L 161 22.30 -41.85 97.77
C HIS L 161 20.98 -41.31 97.25
N LEU L 162 20.46 -40.23 97.87
CA LEU L 162 19.28 -39.57 97.33
C LEU L 162 19.61 -38.85 96.02
N ALA L 163 20.81 -38.29 95.92
CA ALA L 163 21.33 -37.85 94.64
C ALA L 163 22.05 -38.96 93.89
N GLY L 164 21.89 -40.21 94.32
CA GLY L 164 22.36 -41.34 93.53
C GLY L 164 21.33 -41.77 92.51
N GLU L 165 20.12 -42.09 92.97
CA GLU L 165 19.08 -42.62 92.09
C GLU L 165 18.27 -41.52 91.40
N VAL L 166 18.15 -40.34 92.00
CA VAL L 166 17.51 -39.23 91.32
C VAL L 166 18.38 -38.75 90.15
N ALA L 167 19.71 -38.78 90.34
CA ALA L 167 20.61 -38.56 89.20
C ALA L 167 20.53 -39.68 88.17
N LYS L 168 20.20 -40.90 88.60
CA LYS L 168 19.84 -41.94 87.65
C LYS L 168 18.44 -41.76 87.08
N GLU L 169 17.56 -41.05 87.80
CA GLU L 169 16.18 -40.87 87.34
C GLU L 169 16.12 -39.97 86.11
N TRP L 170 17.11 -39.08 85.93
CA TRP L 170 17.13 -38.25 84.73
C TRP L 170 17.43 -39.08 83.48
N GLN L 171 18.33 -40.05 83.60
CA GLN L 171 18.51 -41.03 82.52
C GLN L 171 17.71 -42.29 82.79
N GLU L 172 16.45 -42.16 83.21
CA GLU L 172 15.59 -43.32 83.44
C GLU L 172 14.27 -43.22 82.70
N LEU L 173 13.68 -42.03 82.66
CA LEU L 173 12.29 -41.90 82.24
C LEU L 173 12.17 -41.81 80.73
N ASP L 174 12.91 -40.88 80.10
CA ASP L 174 12.75 -40.64 78.68
C ASP L 174 14.04 -40.69 77.88
N ASP L 175 15.20 -40.46 78.52
CA ASP L 175 16.48 -40.19 77.85
C ASP L 175 16.33 -39.02 76.88
N ALA L 176 15.73 -37.94 77.39
CA ALA L 176 15.56 -36.68 76.68
C ALA L 176 16.82 -35.82 76.83
N GLU L 177 16.69 -34.53 76.56
CA GLU L 177 17.78 -33.61 76.88
C GLU L 177 17.82 -33.21 78.36
N LYS L 178 17.10 -33.92 79.23
CA LYS L 178 17.26 -33.85 80.68
C LYS L 178 18.46 -34.65 81.18
N VAL L 179 19.24 -35.24 80.27
CA VAL L 179 20.49 -35.90 80.64
C VAL L 179 21.53 -34.87 81.02
N GLN L 180 21.56 -33.74 80.32
CA GLN L 180 22.46 -32.66 80.66
C GLN L 180 22.04 -31.91 81.92
N ARG L 181 20.85 -32.21 82.46
CA ARG L 181 20.46 -31.77 83.80
C ARG L 181 21.23 -32.53 84.89
N GLU L 182 21.81 -33.69 84.58
CA GLU L 182 22.64 -34.38 85.56
C GLU L 182 24.00 -33.68 85.79
N PRO L 183 24.65 -33.06 84.79
CA PRO L 183 25.66 -32.05 85.13
C PRO L 183 25.13 -30.84 85.88
N LEU L 184 23.84 -30.52 85.80
CA LEU L 184 23.28 -29.51 86.69
C LEU L 184 22.96 -30.06 88.07
N LEU L 185 23.03 -31.38 88.24
CA LEU L 185 22.80 -31.99 89.54
C LEU L 185 24.11 -32.36 90.21
N THR L 186 25.11 -32.79 89.43
CA THR L 186 26.37 -33.24 89.99
C THR L 186 27.28 -32.06 90.32
N LEU L 187 27.11 -30.92 89.64
CA LEU L 187 27.95 -29.76 89.89
C LEU L 187 27.46 -28.91 91.05
N VAL L 188 26.15 -28.67 91.14
CA VAL L 188 25.60 -27.85 92.22
C VAL L 188 25.76 -28.57 93.55
N LYS L 189 25.63 -29.89 93.55
CA LYS L 189 26.05 -30.70 94.68
C LYS L 189 27.57 -30.63 94.78
N GLU L 190 28.06 -30.13 95.93
CA GLU L 190 29.48 -30.11 96.36
C GLU L 190 30.41 -29.57 95.27
N ILE L 191 30.26 -28.26 95.05
CA ILE L 191 30.81 -27.55 93.91
C ILE L 191 32.33 -27.68 93.86
N VAL L 192 32.98 -27.55 95.02
CA VAL L 192 34.43 -27.73 95.10
C VAL L 192 34.79 -29.21 95.18
N PRO L 193 34.15 -30.09 96.04
CA PRO L 193 34.51 -31.52 95.96
C PRO L 193 33.68 -32.28 94.93
N TYR L 194 33.84 -31.91 93.65
CA TYR L 194 33.06 -32.50 92.57
C TYR L 194 33.36 -33.98 92.36
N ASN L 195 34.53 -34.46 92.78
CA ASN L 195 34.92 -35.85 92.57
C ASN L 195 34.07 -36.82 93.38
N MET L 196 33.64 -36.44 94.58
CA MET L 196 32.88 -37.35 95.43
C MET L 196 31.47 -37.58 94.90
N ALA L 197 30.92 -36.60 94.16
CA ALA L 197 29.69 -36.81 93.43
C ALA L 197 29.93 -37.41 92.05
N HIS L 198 31.06 -37.09 91.40
CA HIS L 198 31.30 -37.64 90.08
C HIS L 198 31.72 -39.10 90.14
N ASN L 199 32.41 -39.52 91.19
CA ASN L 199 32.75 -40.94 91.34
C ASN L 199 31.50 -41.78 91.56
N ALA L 200 30.49 -41.21 92.20
CA ALA L 200 29.19 -41.87 92.28
C ALA L 200 28.45 -41.81 90.95
N GLU L 201 28.83 -40.91 90.05
CA GLU L 201 28.18 -40.78 88.76
C GLU L 201 29.05 -41.21 87.59
N HIS L 202 30.33 -41.52 87.83
CA HIS L 202 31.15 -42.08 86.76
C HIS L 202 30.77 -43.54 86.51
N GLU L 203 30.80 -44.36 87.57
CA GLU L 203 30.43 -45.76 87.48
C GLU L 203 28.95 -45.93 87.12
N ALA L 204 28.11 -44.97 87.50
CA ALA L 204 26.73 -44.98 87.05
C ALA L 204 26.63 -44.66 85.56
N CYS L 205 27.55 -43.84 85.04
CA CYS L 205 27.55 -43.53 83.62
C CYS L 205 28.28 -44.61 82.83
N ASP L 206 29.13 -45.40 83.50
CA ASP L 206 29.81 -46.50 82.82
C ASP L 206 28.83 -47.61 82.44
N LEU L 207 27.73 -47.72 83.17
CA LEU L 207 26.68 -48.69 82.88
C LEU L 207 25.42 -48.04 82.32
N LEU L 208 25.46 -46.74 82.01
CA LEU L 208 24.24 -46.03 81.63
C LEU L 208 23.88 -46.27 80.18
N MET L 209 24.74 -45.82 79.26
CA MET L 209 24.50 -45.89 77.82
C MET L 209 25.83 -45.65 77.13
N GLU L 210 25.95 -46.14 75.89
CA GLU L 210 27.11 -45.86 75.07
C GLU L 210 26.81 -44.99 73.86
N ILE L 211 25.55 -44.57 73.71
CA ILE L 211 25.21 -43.53 72.76
C ILE L 211 24.91 -42.21 73.45
N GLU L 212 24.51 -42.24 74.72
CA GLU L 212 24.27 -41.04 75.51
C GLU L 212 25.53 -40.64 76.26
N GLN L 213 26.69 -40.90 75.65
CA GLN L 213 27.97 -40.45 76.13
C GLN L 213 28.37 -39.10 75.54
N VAL L 214 28.25 -38.96 74.21
CA VAL L 214 28.95 -37.90 73.50
C VAL L 214 28.29 -36.54 73.70
N ASP L 215 26.97 -36.48 73.94
CA ASP L 215 26.34 -35.19 74.14
C ASP L 215 26.51 -34.69 75.57
N MET L 216 26.61 -35.60 76.53
CA MET L 216 27.03 -35.19 77.86
C MET L 216 28.53 -34.92 77.91
N LEU L 217 29.28 -35.55 77.00
CA LEU L 217 30.71 -35.30 76.87
C LEU L 217 30.98 -33.87 76.43
N GLU L 218 30.25 -33.40 75.42
CA GLU L 218 30.42 -32.02 74.97
C GLU L 218 29.76 -31.03 75.92
N LYS L 219 28.77 -31.48 76.71
CA LYS L 219 28.20 -30.61 77.74
C LYS L 219 29.21 -30.38 78.86
N ASP L 220 30.09 -31.35 79.09
CA ASP L 220 31.15 -31.16 80.07
C ASP L 220 32.19 -30.15 79.57
N ILE L 221 32.65 -30.31 78.33
CA ILE L 221 33.68 -29.42 77.80
C ILE L 221 33.10 -28.04 77.50
N ASP L 222 31.76 -27.93 77.39
CA ASP L 222 31.12 -26.62 77.41
C ASP L 222 31.27 -25.98 78.78
N GLU L 223 31.06 -26.76 79.84
CA GLU L 223 31.29 -26.28 81.19
C GLU L 223 32.77 -26.23 81.54
N ASN L 224 33.62 -26.99 80.84
CA ASN L 224 35.05 -26.97 81.05
C ASN L 224 35.76 -25.92 80.19
N ALA L 225 35.02 -25.20 79.35
CA ALA L 225 35.63 -24.12 78.58
C ALA L 225 36.02 -22.94 79.44
N TYR L 226 35.36 -22.79 80.59
CA TYR L 226 35.61 -21.69 81.52
C TYR L 226 34.99 -22.09 82.85
N ALA L 227 35.75 -21.94 83.94
CA ALA L 227 35.29 -22.32 85.27
C ALA L 227 36.18 -21.67 86.32
N LYS L 228 35.79 -21.85 87.58
CA LYS L 228 36.65 -21.53 88.71
C LYS L 228 37.85 -22.49 88.70
N VAL L 229 38.98 -22.01 89.26
CA VAL L 229 40.26 -22.72 89.19
C VAL L 229 40.18 -24.08 89.85
N CYS L 230 39.58 -24.16 91.04
CA CYS L 230 39.40 -25.46 91.69
C CYS L 230 38.33 -26.30 90.99
N LEU L 231 37.39 -25.65 90.28
CA LEU L 231 36.46 -26.39 89.45
C LEU L 231 37.12 -26.84 88.15
N TYR L 232 37.96 -25.97 87.58
CA TYR L 232 38.69 -26.34 86.37
C TYR L 232 39.77 -27.37 86.66
N LEU L 233 40.23 -27.41 87.92
CA LEU L 233 41.11 -28.49 88.36
C LEU L 233 40.37 -29.82 88.40
N THR L 234 39.15 -29.83 88.94
CA THR L 234 38.51 -31.09 89.31
C THR L 234 37.67 -31.64 88.17
N SER L 235 36.91 -30.78 87.48
CA SER L 235 35.97 -31.26 86.49
C SER L 235 36.67 -31.76 85.22
N CYS L 236 37.92 -31.36 85.00
CA CYS L 236 38.62 -31.78 83.79
C CYS L 236 39.33 -33.12 83.97
N VAL L 237 39.60 -33.55 85.20
CA VAL L 237 40.15 -34.88 85.39
C VAL L 237 39.02 -35.92 85.49
N ASN L 238 37.83 -35.50 85.94
CA ASN L 238 36.66 -36.36 85.82
C ASN L 238 36.20 -36.48 84.37
N TYR L 239 36.59 -35.52 83.54
CA TYR L 239 36.28 -35.55 82.12
C TYR L 239 37.04 -36.66 81.39
N VAL L 240 38.19 -37.07 81.92
CA VAL L 240 39.11 -37.98 81.24
C VAL L 240 38.57 -39.41 81.06
N PRO L 241 38.12 -40.16 82.08
CA PRO L 241 37.94 -41.61 81.88
C PRO L 241 36.66 -41.98 81.15
N GLU L 242 35.77 -41.04 80.85
CA GLU L 242 34.49 -41.36 80.22
C GLU L 242 34.63 -41.85 78.77
N PRO L 243 35.56 -41.36 77.94
CA PRO L 243 35.91 -42.11 76.73
C PRO L 243 36.91 -43.24 76.93
N GLU L 244 37.22 -43.62 78.17
CA GLU L 244 38.13 -44.72 78.46
C GLU L 244 37.46 -45.83 79.25
N ASN L 245 36.65 -45.49 80.24
CA ASN L 245 35.98 -46.48 81.07
C ASN L 245 34.62 -46.87 80.50
N SER L 246 33.75 -45.88 80.28
CA SER L 246 32.45 -46.17 79.68
C SER L 246 32.60 -46.51 78.21
N ALA L 247 33.11 -45.58 77.42
CA ALA L 247 33.36 -45.80 76.01
C ALA L 247 34.82 -46.16 75.79
N LEU L 248 35.13 -46.61 74.57
CA LEU L 248 36.51 -46.75 74.13
C LEU L 248 36.71 -46.04 72.81
N LEU L 249 36.18 -44.82 72.70
CA LEU L 249 36.47 -44.00 71.52
C LEU L 249 37.93 -43.59 71.50
N ARG L 250 38.48 -43.19 72.66
CA ARG L 250 39.89 -43.30 73.08
C ARG L 250 40.93 -42.63 72.18
N CYS L 251 40.49 -41.98 71.12
CA CYS L 251 41.40 -41.36 70.16
C CYS L 251 41.49 -39.86 70.35
N ALA L 252 40.52 -39.27 71.07
CA ALA L 252 40.58 -37.88 71.48
C ALA L 252 41.34 -37.69 72.78
N LEU L 253 42.24 -38.62 73.11
CA LEU L 253 42.97 -38.56 74.37
C LEU L 253 44.03 -37.46 74.32
N GLY L 254 44.95 -37.52 73.36
CA GLY L 254 46.15 -36.69 73.42
C GLY L 254 45.88 -35.21 73.22
N VAL L 255 44.98 -34.88 72.29
CA VAL L 255 44.71 -33.47 72.00
C VAL L 255 43.81 -32.85 73.06
N PHE L 256 42.93 -33.63 73.68
CA PHE L 256 41.96 -33.07 74.62
C PHE L 256 42.33 -33.38 76.06
N ARG L 257 43.52 -33.90 76.31
CA ARG L 257 44.08 -33.93 77.65
C ARG L 257 45.40 -33.17 77.69
N LYS L 258 45.77 -32.54 76.57
CA LYS L 258 46.52 -31.30 76.60
C LYS L 258 45.74 -30.21 77.35
N PHE L 259 44.41 -30.29 77.30
CA PHE L 259 43.54 -29.63 78.28
C PHE L 259 43.98 -29.92 79.71
N SER L 260 44.28 -31.19 79.99
CA SER L 260 44.52 -31.68 81.33
C SER L 260 46.00 -31.81 81.68
N ARG L 261 46.91 -31.40 80.79
CA ARG L 261 48.33 -31.60 81.06
C ARG L 261 48.85 -30.54 82.02
N PHE L 262 48.68 -29.27 81.70
CA PHE L 262 49.25 -28.20 82.53
C PHE L 262 48.55 -27.94 83.87
N PRO L 263 47.18 -27.78 83.98
CA PRO L 263 46.62 -27.35 85.28
C PRO L 263 46.66 -28.40 86.38
N GLU L 264 46.29 -29.65 86.06
CA GLU L 264 46.19 -30.68 87.08
C GLU L 264 47.56 -31.24 87.46
N ALA L 265 48.23 -31.90 86.53
CA ALA L 265 49.55 -32.47 86.76
C ALA L 265 50.18 -32.76 85.41
N LEU L 266 51.44 -32.32 85.24
CA LEU L 266 52.19 -32.62 84.02
C LEU L 266 52.42 -34.11 83.85
N ARG L 267 52.51 -34.86 84.95
CA ARG L 267 52.63 -36.31 84.87
C ARG L 267 51.31 -36.98 84.54
N LEU L 268 50.18 -36.30 84.76
CA LEU L 268 48.87 -36.93 84.59
C LEU L 268 48.61 -37.24 83.13
N ALA L 269 48.84 -36.26 82.25
CA ALA L 269 48.80 -36.54 80.82
C ALA L 269 49.98 -37.38 80.37
N LEU L 270 51.07 -37.38 81.15
CA LEU L 270 52.15 -38.32 80.90
C LEU L 270 51.77 -39.72 81.37
N MET L 271 50.91 -39.82 82.39
CA MET L 271 50.27 -41.10 82.68
C MET L 271 49.22 -41.45 81.64
N LEU L 272 48.68 -40.44 80.95
CA LEU L 272 47.83 -40.67 79.79
C LEU L 272 48.64 -40.87 78.51
N ASN L 273 49.85 -40.31 78.45
CA ASN L 273 50.81 -40.75 77.46
C ASN L 273 51.17 -42.22 77.65
N ASP L 274 51.19 -42.67 78.91
CA ASP L 274 51.28 -44.10 79.19
C ASP L 274 50.02 -44.82 78.71
N MET L 275 48.84 -44.24 78.95
CA MET L 275 47.59 -44.81 78.47
C MET L 275 47.49 -44.82 76.96
N GLU L 276 48.22 -43.92 76.27
CA GLU L 276 48.41 -44.08 74.84
C GLU L 276 49.16 -45.37 74.54
N LEU L 277 50.32 -45.56 75.17
CA LEU L 277 51.15 -46.73 74.96
C LEU L 277 50.56 -48.02 75.51
N VAL L 278 49.48 -47.97 76.27
CA VAL L 278 48.79 -49.19 76.70
C VAL L 278 47.88 -49.72 75.61
N GLU L 279 46.93 -48.91 75.14
CA GLU L 279 45.95 -49.36 74.16
C GLU L 279 46.62 -49.42 72.77
N ASP L 280 47.37 -50.50 72.57
CA ASP L 280 48.22 -50.67 71.40
C ASP L 280 47.52 -51.36 70.24
N ILE L 281 46.20 -51.21 70.12
CA ILE L 281 45.45 -51.86 69.06
C ILE L 281 44.94 -50.80 68.09
N PHE L 282 45.36 -50.89 66.83
CA PHE L 282 46.52 -51.70 66.43
C PHE L 282 47.61 -50.80 65.83
N THR L 283 47.27 -50.07 64.77
CA THR L 283 48.12 -49.04 64.20
C THR L 283 47.36 -47.76 63.84
N SER L 284 46.08 -47.86 63.41
CA SER L 284 45.42 -46.76 62.73
C SER L 284 45.10 -45.61 63.70
N CYS L 285 44.35 -45.91 64.76
CA CYS L 285 44.15 -44.91 65.81
C CYS L 285 45.45 -44.66 66.57
N LYS L 286 46.32 -45.68 66.63
CA LYS L 286 47.63 -45.52 67.23
C LYS L 286 48.48 -44.50 66.49
N ASP L 287 48.40 -44.50 65.16
CA ASP L 287 49.17 -43.56 64.35
C ASP L 287 48.69 -42.13 64.58
N VAL L 288 47.38 -41.93 64.57
CA VAL L 288 46.80 -40.61 64.46
C VAL L 288 46.87 -39.83 65.77
N VAL L 289 46.75 -40.52 66.92
CA VAL L 289 46.90 -39.87 68.22
C VAL L 289 48.29 -39.27 68.37
N VAL L 290 49.32 -40.03 68.02
CA VAL L 290 50.68 -39.56 68.20
C VAL L 290 51.18 -38.72 67.03
N GLN L 291 50.36 -38.49 65.99
CA GLN L 291 50.71 -37.49 64.98
C GLN L 291 50.86 -36.11 65.60
N LYS L 292 49.97 -35.77 66.53
CA LYS L 292 49.93 -34.44 67.10
C LYS L 292 51.02 -34.21 68.14
N GLN L 293 51.65 -35.28 68.63
CA GLN L 293 52.65 -35.22 69.69
C GLN L 293 53.96 -34.59 69.27
N MET L 294 54.14 -34.25 67.99
CA MET L 294 55.41 -33.77 67.47
C MET L 294 55.39 -32.28 67.16
N ALA L 295 54.50 -31.83 66.28
CA ALA L 295 54.47 -30.44 65.85
C ALA L 295 53.05 -29.93 65.74
N PHE L 296 52.21 -30.28 66.71
CA PHE L 296 50.85 -29.74 66.62
C PHE L 296 50.36 -29.10 67.91
N MET L 297 50.71 -29.66 69.07
CA MET L 297 50.54 -28.90 70.30
C MET L 297 51.74 -28.94 71.24
N LEU L 298 52.61 -29.94 71.13
CA LEU L 298 53.89 -29.96 71.83
C LEU L 298 54.83 -30.89 71.10
N GLY L 299 56.09 -30.91 71.55
CA GLY L 299 57.04 -31.92 71.16
C GLY L 299 57.52 -32.71 72.35
N ARG L 300 58.85 -32.67 72.59
CA ARG L 300 59.58 -33.24 73.76
C ARG L 300 59.10 -34.63 74.18
N HIS L 301 58.76 -35.47 73.20
CA HIS L 301 58.22 -36.80 73.44
C HIS L 301 59.09 -37.89 72.85
N GLY L 302 60.15 -37.54 72.13
CA GLY L 302 60.90 -38.48 71.33
C GLY L 302 61.92 -39.32 72.08
N VAL L 303 61.69 -39.54 73.37
CA VAL L 303 62.51 -40.41 74.19
C VAL L 303 61.69 -41.54 74.81
N PHE L 304 60.40 -41.60 74.50
CA PHE L 304 59.47 -42.52 75.15
C PHE L 304 59.00 -43.62 74.20
N LEU L 305 59.58 -43.68 73.00
CA LEU L 305 59.19 -44.68 72.01
C LEU L 305 60.41 -45.42 71.45
N GLU L 306 61.36 -45.77 72.32
CA GLU L 306 62.47 -46.63 71.93
C GLU L 306 62.45 -47.86 72.84
N LEU L 307 61.27 -48.47 72.95
CA LEU L 307 61.09 -49.61 73.84
C LEU L 307 61.43 -50.90 73.10
N SER L 308 61.06 -52.03 73.69
CA SER L 308 61.54 -53.33 73.22
C SER L 308 60.82 -53.84 71.98
N GLU L 309 59.92 -53.06 71.39
CA GLU L 309 59.19 -53.47 70.20
C GLU L 309 59.49 -52.55 69.02
N ASP L 310 60.77 -52.22 68.82
CA ASP L 310 61.19 -51.32 67.75
C ASP L 310 61.18 -52.06 66.41
N VAL L 311 59.97 -52.23 65.87
CA VAL L 311 59.86 -52.84 64.54
C VAL L 311 59.17 -51.86 63.60
N GLU L 312 57.88 -51.61 63.84
CA GLU L 312 57.17 -50.53 63.17
C GLU L 312 56.28 -49.73 64.10
N GLU L 313 55.74 -50.33 65.17
CA GLU L 313 54.81 -49.65 66.07
C GLU L 313 55.56 -48.77 67.05
N TYR L 314 56.81 -49.11 67.35
CA TYR L 314 57.70 -48.23 68.08
C TYR L 314 58.80 -47.66 67.20
N GLU L 315 58.74 -47.90 65.88
CA GLU L 315 59.46 -47.11 64.90
C GLU L 315 58.55 -46.09 64.22
N ASP L 316 57.37 -45.87 64.76
CA ASP L 316 56.52 -44.76 64.37
C ASP L 316 57.16 -43.43 64.75
N LEU L 317 57.96 -43.41 65.82
CA LEU L 317 58.46 -42.17 66.43
C LEU L 317 59.31 -41.36 65.45
N THR L 318 60.20 -42.04 64.72
CA THR L 318 60.97 -41.38 63.67
C THR L 318 60.06 -40.86 62.57
N GLU L 319 59.06 -41.65 62.19
CA GLU L 319 58.07 -41.21 61.22
C GLU L 319 57.17 -40.12 61.79
N ILE L 320 56.93 -40.15 63.10
CA ILE L 320 56.26 -39.04 63.77
C ILE L 320 57.13 -37.79 63.72
N MET L 321 58.44 -37.97 63.87
CA MET L 321 59.35 -36.84 64.08
C MET L 321 59.49 -35.99 62.83
N SER L 322 59.99 -36.58 61.74
CA SER L 322 60.36 -35.81 60.56
C SER L 322 59.84 -36.35 59.25
N ASN L 323 59.26 -37.55 59.22
CA ASN L 323 58.78 -38.10 57.95
C ASN L 323 57.37 -37.61 57.62
N VAL L 324 56.48 -37.52 58.62
CA VAL L 324 55.22 -36.84 58.39
C VAL L 324 55.43 -35.34 58.34
N GLN L 325 56.51 -34.84 58.96
CA GLN L 325 56.94 -33.47 58.73
C GLN L 325 57.44 -33.31 57.30
N LEU L 326 58.11 -34.34 56.77
CA LEU L 326 58.43 -34.37 55.35
C LEU L 326 57.16 -34.53 54.50
N ASN L 327 56.12 -35.16 55.05
CA ASN L 327 54.83 -35.14 54.37
C ASN L 327 54.20 -33.75 54.46
N SER L 328 54.49 -33.03 55.54
CA SER L 328 54.12 -31.61 55.60
C SER L 328 55.05 -30.75 54.76
N ASN L 329 56.24 -31.26 54.44
CA ASN L 329 57.01 -30.69 53.33
C ASN L 329 56.41 -31.09 51.99
N PHE L 330 55.94 -32.34 51.88
CA PHE L 330 55.30 -32.84 50.67
C PHE L 330 53.98 -32.13 50.38
N LEU L 331 53.39 -31.49 51.39
CA LEU L 331 52.34 -30.50 51.18
C LEU L 331 52.77 -29.46 50.15
N ALA L 332 53.89 -28.78 50.41
CA ALA L 332 54.34 -27.72 49.53
C ALA L 332 55.19 -28.22 48.37
N LEU L 333 55.68 -29.46 48.42
CA LEU L 333 56.44 -30.00 47.30
C LEU L 333 55.52 -30.35 46.14
N ALA L 334 54.58 -31.27 46.37
CA ALA L 334 53.71 -31.70 45.28
C ALA L 334 52.42 -30.90 45.21
N ARG L 335 51.69 -30.77 46.31
CA ARG L 335 50.31 -30.31 46.26
C ARG L 335 50.17 -28.80 46.11
N GLU L 336 51.14 -28.02 46.60
CA GLU L 336 51.00 -26.58 46.50
C GLU L 336 51.64 -26.01 45.23
N LEU L 337 52.56 -26.74 44.59
CA LEU L 337 52.93 -26.36 43.23
C LEU L 337 51.80 -26.63 42.25
N ASP L 338 50.97 -27.64 42.52
CA ASP L 338 49.90 -28.00 41.60
C ASP L 338 48.76 -27.00 41.61
N ILE L 339 48.45 -26.39 42.76
CA ILE L 339 47.30 -25.50 42.83
C ILE L 339 47.61 -24.17 42.15
N MET L 340 48.51 -23.38 42.73
CA MET L 340 48.79 -22.07 42.13
C MET L 340 50.28 -21.80 41.99
N GLU L 341 51.07 -22.22 42.97
CA GLU L 341 52.26 -21.47 43.40
C GLU L 341 53.41 -21.63 42.43
N PRO L 342 53.81 -20.57 41.71
CA PRO L 342 55.05 -20.62 40.92
C PRO L 342 56.23 -20.34 41.83
N LYS L 343 57.43 -20.53 41.27
CA LYS L 343 58.66 -20.41 42.06
C LYS L 343 58.89 -18.98 42.55
N VAL L 344 58.46 -18.00 41.77
CA VAL L 344 58.46 -16.60 42.20
C VAL L 344 57.15 -15.94 41.80
N PRO L 345 56.19 -15.80 42.73
CA PRO L 345 55.02 -14.93 42.46
C PRO L 345 55.45 -13.49 42.27
N ASP L 346 56.11 -12.92 43.29
CA ASP L 346 56.95 -11.71 43.22
C ASP L 346 56.18 -10.43 42.91
N ASP L 347 54.89 -10.51 42.60
CA ASP L 347 54.18 -9.41 41.96
C ASP L 347 53.30 -8.64 42.92
N ILE L 348 53.49 -8.81 44.23
CA ILE L 348 52.84 -7.89 45.15
C ILE L 348 53.62 -6.57 45.13
N TYR L 349 54.94 -6.65 44.92
CA TYR L 349 55.71 -5.46 44.57
C TYR L 349 55.25 -4.86 43.26
N LYS L 350 54.91 -5.70 42.28
CA LYS L 350 54.30 -5.22 41.05
C LYS L 350 52.88 -4.70 41.28
N THR L 351 52.20 -5.17 42.32
CA THR L 351 50.87 -4.67 42.62
C THR L 351 50.93 -3.25 43.19
N HIS L 352 52.07 -2.85 43.75
CA HIS L 352 52.36 -1.43 43.99
C HIS L 352 52.66 -0.79 42.63
N LEU L 353 51.59 -0.40 41.93
CA LEU L 353 51.70 -0.17 40.50
C LEU L 353 51.37 1.26 40.09
N GLU L 354 50.28 1.85 40.58
CA GLU L 354 49.68 2.98 39.89
C GLU L 354 49.83 4.32 40.59
N ASN L 355 50.61 4.38 41.67
CA ASN L 355 50.89 5.67 42.31
C ASN L 355 51.77 6.60 41.47
N ASN L 356 52.48 6.07 40.46
CA ASN L 356 53.20 6.92 39.52
C ASN L 356 52.23 7.72 38.65
N ARG L 357 51.09 7.14 38.31
CA ARG L 357 50.07 7.82 37.51
C ARG L 357 48.90 8.33 38.35
N PHE L 358 48.67 7.78 39.54
CA PHE L 358 47.74 8.39 40.48
C PHE L 358 48.45 9.62 41.03
N GLY L 359 48.12 10.77 40.48
CA GLY L 359 48.67 12.01 41.00
C GLY L 359 49.92 12.50 40.30
N GLY L 360 49.85 12.62 38.98
CA GLY L 360 50.89 13.29 38.24
C GLY L 360 51.99 12.38 37.74
N SER L 361 53.18 12.53 38.34
CA SER L 361 54.34 11.75 37.94
C SER L 361 54.83 10.90 39.11
N GLY L 362 55.75 9.99 38.82
CA GLY L 362 56.34 9.16 39.86
C GLY L 362 57.84 9.29 39.89
N SER L 363 58.53 8.15 40.08
CA SER L 363 60.00 8.05 40.15
C SER L 363 60.59 8.96 41.23
N GLN L 364 59.95 9.03 42.39
CA GLN L 364 60.29 9.99 43.44
C GLN L 364 60.82 9.33 44.71
N VAL L 365 60.25 8.20 45.10
CA VAL L 365 60.63 7.54 46.36
C VAL L 365 62.00 6.88 46.15
N ASP L 366 63.04 7.47 46.75
CA ASP L 366 64.41 7.00 46.61
C ASP L 366 65.04 6.72 47.96
N SER L 367 64.21 6.39 48.95
CA SER L 367 64.71 6.15 50.30
C SER L 367 65.40 4.80 50.39
N ALA L 368 66.45 4.73 51.21
CA ALA L 368 67.20 3.50 51.40
C ALA L 368 66.51 2.53 52.35
N ARG L 369 65.61 3.01 53.21
CA ARG L 369 64.87 2.12 54.10
C ARG L 369 63.75 1.38 53.37
N MET L 370 63.41 1.80 52.16
CA MET L 370 62.49 1.01 51.33
C MET L 370 63.13 -0.32 50.94
N ASN L 371 64.46 -0.34 50.82
CA ASN L 371 65.20 -1.55 50.48
C ASN L 371 65.14 -2.60 51.60
N LEU L 372 64.86 -2.17 52.83
CA LEU L 372 64.63 -3.13 53.91
C LEU L 372 63.32 -3.88 53.71
N ALA L 373 62.32 -3.19 53.16
CA ALA L 373 61.08 -3.87 52.80
C ALA L 373 61.21 -4.61 51.49
N SER L 374 62.15 -4.20 50.64
CA SER L 374 62.40 -4.86 49.38
C SER L 374 63.04 -6.23 49.55
N SER L 375 63.55 -6.54 50.74
CA SER L 375 63.96 -7.90 51.07
C SER L 375 62.76 -8.83 51.20
N PHE L 376 61.56 -8.30 51.42
CA PHE L 376 60.37 -9.11 51.58
C PHE L 376 59.58 -9.24 50.28
N VAL L 377 60.03 -8.59 49.21
CA VAL L 377 59.68 -9.05 47.87
C VAL L 377 60.23 -10.45 47.67
N ASN L 378 61.44 -10.69 48.19
CA ASN L 378 61.99 -12.03 48.27
C ASN L 378 61.43 -12.80 49.47
N GLY L 379 61.41 -12.17 50.64
CA GLY L 379 61.38 -12.94 51.89
C GLY L 379 60.04 -13.55 52.21
N PHE L 380 58.99 -12.73 52.22
CA PHE L 380 57.69 -13.24 52.66
C PHE L 380 57.04 -14.14 51.62
N VAL L 381 57.33 -13.92 50.34
CA VAL L 381 56.64 -14.65 49.28
C VAL L 381 57.19 -16.07 49.11
N ASN L 382 58.31 -16.38 49.75
CA ASN L 382 59.05 -17.60 49.45
C ASN L 382 58.98 -18.65 50.56
N ALA L 383 58.00 -18.54 51.46
CA ALA L 383 57.75 -19.63 52.37
C ALA L 383 57.15 -20.81 51.61
N ALA L 384 57.23 -22.00 52.23
CA ALA L 384 56.72 -23.27 51.71
C ALA L 384 57.35 -23.61 50.36
N PHE L 385 58.68 -23.83 50.42
CA PHE L 385 59.52 -24.19 49.27
C PHE L 385 59.47 -23.14 48.16
N GLY L 386 59.69 -21.89 48.53
CA GLY L 386 59.86 -20.86 47.54
C GLY L 386 61.32 -20.63 47.22
N GLN L 387 62.04 -21.72 46.95
CA GLN L 387 63.49 -21.65 46.76
C GLN L 387 63.85 -20.86 45.50
N ASP L 388 64.89 -20.04 45.62
CA ASP L 388 65.24 -19.08 44.58
C ASP L 388 66.71 -19.23 44.21
N LYS L 389 66.98 -19.30 42.91
CA LYS L 389 68.32 -19.34 42.35
C LYS L 389 68.52 -18.09 41.51
N LEU L 390 69.36 -17.17 42.01
CA LEU L 390 69.57 -15.82 41.46
C LEU L 390 68.27 -15.01 41.36
N LEU L 391 67.27 -15.33 42.18
CA LEU L 391 66.15 -14.44 42.41
C LEU L 391 66.26 -13.74 43.76
N THR L 392 67.30 -14.05 44.53
CA THR L 392 67.70 -13.30 45.70
C THR L 392 68.70 -12.20 45.37
N ASP L 393 68.73 -11.74 44.11
CA ASP L 393 69.71 -10.74 43.70
C ASP L 393 69.43 -9.37 44.31
N ASP L 394 68.16 -9.11 44.65
CA ASP L 394 67.85 -7.95 45.48
C ASP L 394 68.44 -8.09 46.88
N GLY L 395 68.50 -9.32 47.40
CA GLY L 395 69.18 -9.58 48.66
C GLY L 395 70.64 -9.92 48.50
N ASN L 396 71.12 -10.06 47.27
CA ASN L 396 72.55 -10.29 47.03
C ASN L 396 73.29 -8.97 46.85
N LYS L 397 72.77 -8.08 46.01
CA LYS L 397 73.46 -6.83 45.72
C LYS L 397 73.35 -5.85 46.89
N TRP L 398 72.27 -5.94 47.67
CA TRP L 398 72.15 -5.17 48.90
C TRP L 398 72.87 -5.83 50.07
N LEU L 399 73.26 -7.10 49.94
CA LEU L 399 74.09 -7.72 50.96
C LEU L 399 75.50 -7.13 50.97
N TYR L 400 75.94 -6.57 49.85
CA TYR L 400 77.26 -5.99 49.71
C TYR L 400 77.20 -4.49 49.42
N LYS L 401 76.13 -3.80 49.83
CA LYS L 401 75.97 -2.40 49.48
C LYS L 401 76.01 -1.49 50.70
N ASN L 402 75.11 -1.64 51.66
CA ASN L 402 75.10 -0.87 52.91
C ASN L 402 74.27 -1.63 53.94
N LYS L 403 73.87 -0.90 55.00
CA LYS L 403 72.83 -1.32 55.94
C LYS L 403 73.20 -2.60 56.66
N ASP L 404 74.12 -2.47 57.63
CA ASP L 404 74.63 -3.60 58.40
C ASP L 404 73.54 -4.45 59.04
N HIS L 405 72.49 -3.80 59.57
CA HIS L 405 71.37 -4.57 60.11
C HIS L 405 70.45 -5.08 59.01
N GLY L 406 70.66 -4.66 57.77
CA GLY L 406 70.00 -5.27 56.63
C GLY L 406 70.86 -6.31 55.97
N MET L 407 72.17 -6.28 56.24
CA MET L 407 73.01 -7.43 55.93
C MET L 407 72.69 -8.60 56.83
N LEU L 408 72.13 -8.31 58.01
CA LEU L 408 71.52 -9.34 58.83
C LEU L 408 70.14 -9.74 58.30
N SER L 409 69.44 -8.81 57.66
CA SER L 409 68.07 -9.07 57.25
C SER L 409 68.01 -9.90 55.97
N ALA L 410 68.86 -9.60 54.99
CA ALA L 410 68.84 -10.36 53.74
C ALA L 410 69.39 -11.76 53.92
N ALA L 411 70.18 -11.98 54.96
CA ALA L 411 70.66 -13.32 55.27
C ALA L 411 69.65 -14.12 56.07
N ALA L 412 69.01 -13.50 57.05
CA ALA L 412 67.98 -14.19 57.85
C ALA L 412 66.68 -14.40 57.07
N SER L 413 66.49 -13.67 55.97
CA SER L 413 65.31 -13.89 55.13
C SER L 413 65.41 -15.22 54.38
N LEU L 414 66.63 -15.74 54.19
CA LEU L 414 66.81 -17.02 53.53
C LEU L 414 66.33 -18.20 54.37
N GLY L 415 66.23 -18.02 55.69
CA GLY L 415 65.71 -19.09 56.52
C GLY L 415 64.22 -19.28 56.36
N MET L 416 63.49 -18.19 56.10
CA MET L 416 62.07 -18.31 55.78
C MET L 416 61.86 -18.95 54.42
N ILE L 417 62.84 -18.78 53.51
CA ILE L 417 62.70 -19.28 52.15
C ILE L 417 62.74 -20.80 52.12
N LEU L 418 63.69 -21.40 52.83
CA LEU L 418 63.70 -22.85 53.01
C LEU L 418 63.28 -23.15 54.44
N LEU L 419 61.97 -23.25 54.63
CA LEU L 419 61.38 -23.48 55.95
C LEU L 419 60.93 -24.94 56.06
N TRP L 420 60.94 -25.45 57.30
CA TRP L 420 60.57 -26.83 57.64
C TRP L 420 61.46 -27.85 56.92
N ASP L 421 62.75 -27.52 56.81
CA ASP L 421 63.65 -28.31 55.97
C ASP L 421 64.82 -28.85 56.76
N VAL L 422 65.35 -29.98 56.31
CA VAL L 422 66.56 -30.56 56.86
C VAL L 422 67.45 -31.00 55.71
N ASP L 423 66.87 -31.06 54.50
CA ASP L 423 67.56 -31.68 53.37
C ASP L 423 68.63 -30.78 52.78
N GLY L 424 68.32 -29.50 52.55
CA GLY L 424 69.23 -28.66 51.83
C GLY L 424 69.35 -27.25 52.38
N GLY L 425 68.88 -27.05 53.61
CA GLY L 425 68.94 -25.72 54.20
C GLY L 425 70.34 -25.30 54.59
N LEU L 426 71.15 -26.24 55.10
CA LEU L 426 72.52 -25.90 55.45
C LEU L 426 73.38 -25.68 54.20
N THR L 427 72.98 -26.28 53.07
CA THR L 427 73.75 -26.15 51.85
C THR L 427 73.54 -24.80 51.17
N GLN L 428 72.36 -24.21 51.32
CA GLN L 428 72.09 -22.93 50.67
C GLN L 428 72.69 -21.76 51.45
N ILE L 429 72.92 -21.93 52.75
CA ILE L 429 73.51 -20.87 53.55
C ILE L 429 74.97 -20.66 53.19
N ASP L 430 75.71 -21.76 52.94
CA ASP L 430 77.16 -21.69 52.81
C ASP L 430 77.61 -21.01 51.53
N LYS L 431 76.77 -20.96 50.49
CA LYS L 431 77.13 -20.24 49.28
C LYS L 431 77.02 -18.73 49.45
N TYR L 432 76.37 -18.25 50.50
CA TYR L 432 76.37 -16.85 50.86
C TYR L 432 76.91 -16.61 52.27
N LEU L 433 77.33 -17.66 52.98
CA LEU L 433 77.88 -17.49 54.33
C LEU L 433 79.27 -16.89 54.29
N TYR L 434 80.15 -17.42 53.43
CA TYR L 434 81.57 -17.11 53.49
C TYR L 434 81.82 -15.71 52.93
N SER L 435 81.76 -14.72 53.81
CA SER L 435 82.04 -13.34 53.46
C SER L 435 82.94 -12.64 54.48
N SER L 436 83.24 -13.26 55.62
CA SER L 436 84.01 -12.68 56.74
C SER L 436 83.38 -11.39 57.25
N GLU L 437 82.09 -11.46 57.57
CA GLU L 437 81.35 -10.31 58.08
C GLU L 437 80.60 -10.68 59.34
N ASP L 438 80.60 -9.77 60.30
CA ASP L 438 79.80 -9.96 61.52
C ASP L 438 78.31 -9.93 61.22
N TYR L 439 77.90 -9.20 60.19
CA TYR L 439 76.48 -8.99 59.93
C TYR L 439 75.90 -10.01 58.95
N ILE L 440 76.69 -10.49 58.01
CA ILE L 440 76.19 -11.43 57.00
C ILE L 440 76.15 -12.84 57.54
N LYS L 441 77.20 -13.23 58.27
CA LYS L 441 77.24 -14.59 58.84
C LYS L 441 76.24 -14.76 59.96
N SER L 442 76.18 -13.80 60.89
CA SER L 442 75.33 -13.96 62.07
C SER L 442 73.85 -13.79 61.74
N GLY L 443 73.54 -13.26 60.55
CA GLY L 443 72.19 -13.37 60.03
C GLY L 443 71.95 -14.68 59.30
N ALA L 444 73.00 -15.21 58.64
CA ALA L 444 72.86 -16.48 57.93
C ALA L 444 72.89 -17.66 58.89
N LEU L 445 73.72 -17.58 59.92
CA LEU L 445 73.75 -18.65 60.93
C LEU L 445 72.56 -18.57 61.89
N LEU L 446 71.95 -17.39 62.04
CA LEU L 446 70.68 -17.34 62.74
C LEU L 446 69.58 -17.96 61.91
N ALA L 447 69.69 -17.89 60.59
CA ALA L 447 68.72 -18.52 59.71
C ALA L 447 68.83 -20.04 59.71
N CYS L 448 69.95 -20.58 60.18
CA CYS L 448 70.10 -22.03 60.26
C CYS L 448 69.20 -22.63 61.34
N GLY L 449 68.94 -21.90 62.42
CA GLY L 449 67.95 -22.34 63.39
C GLY L 449 66.52 -22.23 62.91
N ILE L 450 66.29 -21.43 61.87
CA ILE L 450 64.95 -21.28 61.31
C ILE L 450 64.61 -22.48 60.44
N VAL L 451 65.59 -23.03 59.73
CA VAL L 451 65.34 -24.07 58.74
C VAL L 451 64.94 -25.37 59.41
N ASN L 452 65.70 -25.76 60.45
CA ASN L 452 65.45 -27.00 61.18
C ASN L 452 64.44 -26.83 62.31
N SER L 453 63.65 -25.76 62.29
CA SER L 453 62.70 -25.51 63.37
C SER L 453 61.56 -26.50 63.30
N GLY L 454 61.53 -27.45 64.22
CA GLY L 454 60.59 -28.55 64.20
C GLY L 454 61.17 -29.87 63.74
N VAL L 455 62.37 -29.88 63.16
CA VAL L 455 63.00 -31.16 62.81
C VAL L 455 63.61 -31.79 64.05
N ARG L 456 64.34 -30.98 64.83
CA ARG L 456 65.09 -31.34 66.06
C ARG L 456 65.91 -32.63 65.94
N ASN L 457 66.43 -32.88 64.75
CA ASN L 457 67.30 -34.03 64.50
C ASN L 457 68.75 -33.58 64.73
N GLU L 458 69.72 -34.39 64.30
CA GLU L 458 71.13 -34.00 64.40
C GLU L 458 71.44 -33.00 63.28
N CYS L 459 71.30 -31.72 63.62
CA CYS L 459 71.78 -30.65 62.75
C CYS L 459 72.91 -29.86 63.40
N ASP L 460 72.66 -29.27 64.58
CA ASP L 460 73.68 -28.69 65.43
C ASP L 460 73.19 -28.57 66.87
N PRO L 461 73.27 -29.63 67.66
CA PRO L 461 73.05 -29.45 69.10
C PRO L 461 74.17 -28.64 69.74
N ALA L 462 75.41 -28.86 69.29
CA ALA L 462 76.56 -28.03 69.63
C ALA L 462 77.54 -27.91 68.47
N LEU L 463 77.08 -28.06 67.24
CA LEU L 463 77.97 -28.21 66.09
C LEU L 463 78.28 -26.88 65.41
N ALA L 464 77.27 -26.19 64.88
CA ALA L 464 77.49 -25.01 64.06
C ALA L 464 77.26 -23.71 64.82
N LEU L 465 76.12 -23.55 65.48
CA LEU L 465 75.81 -22.34 66.22
C LEU L 465 76.59 -22.22 67.54
N LEU L 466 77.10 -23.33 68.05
CA LEU L 466 78.04 -23.25 69.16
C LEU L 466 79.40 -22.79 68.64
N SER L 467 79.77 -23.21 67.42
CA SER L 467 80.97 -22.69 66.78
C SER L 467 80.80 -21.24 66.37
N ASP L 468 79.56 -20.82 66.10
CA ASP L 468 79.28 -19.41 65.92
C ASP L 468 79.49 -18.65 67.22
N TYR L 469 78.98 -19.20 68.33
CA TYR L 469 78.94 -18.44 69.58
C TYR L 469 80.32 -18.28 70.20
N VAL L 470 81.22 -19.24 70.00
CA VAL L 470 82.54 -19.16 70.62
C VAL L 470 83.46 -18.18 69.90
N LEU L 471 83.01 -17.53 68.83
CA LEU L 471 83.77 -16.51 68.13
C LEU L 471 83.79 -15.19 68.90
N HIS L 472 83.00 -15.07 69.96
CA HIS L 472 82.51 -13.79 70.46
C HIS L 472 83.58 -12.98 71.17
N ASN L 473 83.76 -11.74 70.70
CA ASN L 473 84.33 -10.65 71.49
C ASN L 473 83.68 -9.32 71.13
N SER L 474 82.55 -9.34 70.43
CA SER L 474 82.17 -8.26 69.54
C SER L 474 80.66 -8.30 69.35
N ASN L 475 80.21 -7.75 68.22
CA ASN L 475 78.81 -7.67 67.83
C ASN L 475 78.32 -9.05 67.33
N THR L 476 77.25 -9.09 66.53
CA THR L 476 76.24 -10.16 66.44
C THR L 476 76.70 -11.62 66.36
N MET L 477 78.00 -11.89 66.18
CA MET L 477 78.52 -13.22 66.51
C MET L 477 78.20 -13.59 67.96
N ARG L 478 78.40 -12.63 68.86
CA ARG L 478 77.97 -12.80 70.24
C ARG L 478 76.45 -12.88 70.35
N LEU L 479 75.72 -12.18 69.49
CA LEU L 479 74.27 -12.02 69.63
C LEU L 479 73.50 -13.05 68.80
N GLY L 480 73.68 -13.04 67.48
CA GLY L 480 72.85 -13.79 66.56
C GLY L 480 73.05 -15.29 66.52
N SER L 481 73.76 -15.87 67.48
CA SER L 481 73.93 -17.30 67.53
C SER L 481 73.03 -17.98 68.56
N ILE L 482 72.63 -17.28 69.63
CA ILE L 482 71.79 -17.91 70.63
C ILE L 482 70.32 -17.84 70.27
N PHE L 483 69.95 -16.94 69.36
CA PHE L 483 68.55 -16.79 68.97
C PHE L 483 68.10 -17.96 68.11
N GLY L 484 68.98 -18.49 67.27
CA GLY L 484 68.63 -19.56 66.35
C GLY L 484 68.44 -20.90 67.04
N LEU L 485 69.25 -21.18 68.06
CA LEU L 485 69.16 -22.46 68.73
C LEU L 485 67.96 -22.52 69.68
N GLY L 486 67.67 -21.41 70.37
CA GLY L 486 66.47 -21.33 71.18
C GLY L 486 65.20 -21.35 70.37
N LEU L 487 65.29 -21.01 69.08
CA LEU L 487 64.18 -21.11 68.14
C LEU L 487 64.03 -22.55 67.63
N ALA L 488 65.13 -23.16 67.20
CA ALA L 488 65.08 -24.52 66.65
C ALA L 488 64.79 -25.56 67.73
N TYR L 489 65.19 -25.29 68.96
CA TYR L 489 64.98 -26.20 70.08
C TYR L 489 63.98 -25.63 71.07
N ALA L 490 63.03 -24.81 70.58
CA ALA L 490 61.96 -24.31 71.43
C ALA L 490 61.02 -25.43 71.82
N GLY L 491 60.74 -26.36 70.91
CA GLY L 491 59.96 -27.54 71.25
C GLY L 491 60.70 -28.57 72.06
N SER L 492 62.00 -28.40 72.23
CA SER L 492 62.79 -29.29 73.07
C SER L 492 62.63 -28.92 74.53
N ASN L 493 62.97 -29.86 75.41
CA ASN L 493 63.19 -29.59 76.83
C ASN L 493 64.54 -30.15 77.23
N ARG L 494 65.51 -30.05 76.32
CA ARG L 494 66.83 -30.61 76.58
C ARG L 494 67.61 -29.70 77.52
N GLU L 495 68.06 -30.28 78.62
CA GLU L 495 68.67 -29.51 79.70
C GLU L 495 70.13 -29.19 79.42
N ASP L 496 70.79 -30.00 78.58
CA ASP L 496 72.23 -29.88 78.39
C ASP L 496 72.61 -28.58 77.68
N VAL L 497 72.01 -28.29 76.53
CA VAL L 497 72.34 -27.05 75.83
C VAL L 497 71.66 -25.86 76.50
N LEU L 498 70.64 -26.10 77.31
CA LEU L 498 70.14 -25.09 78.24
C LEU L 498 71.21 -24.71 79.25
N THR L 499 72.09 -25.64 79.61
CA THR L 499 73.24 -25.36 80.45
C THR L 499 74.50 -25.05 79.66
N LEU L 500 74.52 -25.29 78.36
CA LEU L 500 75.52 -24.66 77.51
C LEU L 500 75.28 -23.16 77.44
N LEU L 501 74.03 -22.76 77.38
CA LEU L 501 73.65 -21.38 77.12
C LEU L 501 73.18 -20.65 78.37
N LEU L 502 73.26 -21.28 79.53
CA LEU L 502 73.07 -20.60 80.81
C LEU L 502 74.26 -19.72 81.20
N PRO L 503 75.53 -20.07 80.95
CA PRO L 503 76.61 -19.08 81.17
C PRO L 503 76.62 -17.92 80.19
N VAL L 504 75.78 -17.93 79.15
CA VAL L 504 75.54 -16.70 78.39
C VAL L 504 74.89 -15.66 79.29
N MET L 505 73.93 -16.10 80.11
CA MET L 505 73.37 -15.25 81.15
C MET L 505 74.38 -15.02 82.28
N GLY L 506 75.12 -16.06 82.65
CA GLY L 506 76.10 -15.97 83.72
C GLY L 506 77.44 -15.37 83.33
N ASP L 507 77.55 -14.76 82.15
CA ASP L 507 78.82 -14.17 81.75
C ASP L 507 79.03 -12.83 82.43
N SER L 508 77.96 -12.04 82.57
CA SER L 508 77.99 -10.63 82.98
C SER L 508 78.92 -9.82 82.07
N LYS L 509 78.93 -10.16 80.79
CA LYS L 509 79.56 -9.33 79.77
C LYS L 509 78.60 -8.21 79.41
N SER L 510 79.13 -7.00 79.23
CA SER L 510 78.31 -5.80 79.12
C SER L 510 77.64 -5.62 77.75
N SER L 511 77.71 -6.60 76.86
CA SER L 511 76.93 -6.54 75.62
C SER L 511 75.47 -6.76 75.98
N MET L 512 74.73 -5.66 76.16
CA MET L 512 73.44 -5.74 76.82
C MET L 512 72.35 -6.29 75.92
N GLU L 513 72.36 -5.91 74.64
CA GLU L 513 71.37 -6.43 73.70
C GLU L 513 71.57 -7.92 73.41
N VAL L 514 72.74 -8.46 73.74
CA VAL L 514 72.92 -9.91 73.73
C VAL L 514 72.27 -10.52 74.96
N ALA L 515 72.37 -9.84 76.10
CA ALA L 515 71.84 -10.38 77.35
C ALA L 515 70.31 -10.35 77.39
N GLY L 516 69.69 -9.42 76.69
CA GLY L 516 68.24 -9.36 76.71
C GLY L 516 67.59 -10.49 75.94
N VAL L 517 68.15 -10.83 74.77
CA VAL L 517 67.66 -11.96 73.98
C VAL L 517 68.12 -13.29 74.54
N THR L 518 69.01 -13.30 75.54
CA THR L 518 69.41 -14.53 76.19
C THR L 518 68.24 -15.15 76.95
N ALA L 519 67.54 -14.34 77.75
CA ALA L 519 66.33 -14.80 78.41
C ALA L 519 65.22 -15.09 77.40
N LEU L 520 65.22 -14.38 76.27
CA LEU L 520 64.25 -14.64 75.22
C LEU L 520 64.53 -15.94 74.48
N ALA L 521 65.77 -16.44 74.53
CA ALA L 521 66.10 -17.68 73.84
C ALA L 521 65.81 -18.88 74.72
N CYS L 522 66.13 -18.80 76.01
CA CYS L 522 65.96 -19.94 76.90
C CYS L 522 64.52 -20.11 77.36
N GLY L 523 63.76 -19.01 77.45
CA GLY L 523 62.35 -19.13 77.82
C GLY L 523 61.53 -19.84 76.77
N MET L 524 61.96 -19.78 75.51
CA MET L 524 61.32 -20.54 74.44
C MET L 524 61.47 -22.05 74.61
N ILE L 525 62.48 -22.50 75.35
CA ILE L 525 62.74 -23.93 75.43
C ILE L 525 61.79 -24.59 76.43
N ALA L 526 61.84 -24.17 77.69
CA ALA L 526 61.08 -24.83 78.74
C ALA L 526 60.01 -23.89 79.30
N VAL L 527 58.89 -24.49 79.73
CA VAL L 527 57.80 -23.78 80.37
C VAL L 527 57.55 -24.26 81.79
N GLY L 528 58.31 -25.23 82.27
CA GLY L 528 58.08 -25.78 83.59
C GLY L 528 59.20 -25.53 84.59
N SER L 529 60.04 -26.55 84.75
CA SER L 529 61.06 -26.63 85.78
C SER L 529 62.32 -25.82 85.47
N CYS L 530 63.41 -26.18 86.15
CA CYS L 530 64.72 -25.51 86.12
C CYS L 530 64.61 -24.08 86.62
N ASN L 531 64.34 -24.03 87.94
CA ASN L 531 64.31 -22.78 88.70
C ASN L 531 65.66 -22.06 88.71
N GLY L 532 66.76 -22.77 88.41
CA GLY L 532 68.06 -22.14 88.25
C GLY L 532 68.16 -21.23 87.04
N ASP L 533 67.30 -21.41 86.04
CA ASP L 533 67.14 -20.39 85.02
C ASP L 533 66.57 -19.12 85.62
N VAL L 534 65.51 -19.26 86.41
CA VAL L 534 64.87 -18.14 87.09
C VAL L 534 65.82 -17.55 88.14
N THR L 535 66.73 -18.37 88.68
CA THR L 535 67.82 -17.85 89.49
C THR L 535 68.81 -17.06 88.64
N SER L 536 69.21 -17.60 87.49
CA SER L 536 70.25 -16.97 86.66
C SER L 536 69.78 -15.66 86.05
N THR L 537 68.48 -15.56 85.75
CA THR L 537 67.95 -14.33 85.18
C THR L 537 67.88 -13.22 86.22
N ILE L 538 67.42 -13.52 87.42
CA ILE L 538 67.20 -12.45 88.41
C ILE L 538 68.49 -11.92 89.01
N LEU L 539 69.59 -12.66 88.89
CA LEU L 539 70.85 -12.18 89.45
C LEU L 539 71.41 -11.03 88.62
N GLN L 540 71.55 -11.24 87.30
CA GLN L 540 72.01 -10.17 86.42
C GLN L 540 70.98 -9.04 86.34
N THR L 541 69.71 -9.35 86.58
CA THR L 541 68.67 -8.33 86.71
C THR L 541 68.97 -7.38 87.87
N ILE L 542 69.33 -7.93 89.03
CA ILE L 542 69.62 -7.06 90.18
C ILE L 542 71.03 -6.48 90.04
N MET L 543 71.93 -7.17 89.34
CA MET L 543 73.28 -6.62 89.16
C MET L 543 73.33 -5.47 88.17
N GLU L 544 72.35 -5.34 87.28
CA GLU L 544 72.39 -4.28 86.28
C GLU L 544 71.22 -3.32 86.38
N LYS L 545 69.98 -3.83 86.42
CA LYS L 545 68.80 -2.97 86.37
C LYS L 545 68.58 -2.20 87.67
N SER L 546 69.10 -2.70 88.80
CA SER L 546 68.94 -1.98 90.06
C SER L 546 69.82 -0.73 90.10
N GLU L 547 71.02 -0.82 89.52
CA GLU L 547 71.94 0.32 89.52
C GLU L 547 71.78 1.18 88.28
N THR L 548 70.53 1.52 87.95
CA THR L 548 70.11 2.37 86.83
C THR L 548 68.60 2.54 86.91
N GLU L 549 68.08 3.46 86.12
CA GLU L 549 66.65 3.67 85.94
C GLU L 549 66.33 3.90 84.46
N LEU L 550 66.84 3.04 83.59
CA LEU L 550 66.88 3.33 82.16
C LEU L 550 66.02 2.35 81.36
N LYS L 551 66.25 2.40 80.04
CA LYS L 551 65.36 2.01 78.95
C LYS L 551 64.72 0.63 79.03
N ASP L 552 63.65 0.44 78.27
CA ASP L 552 62.86 -0.78 78.22
C ASP L 552 63.58 -1.96 77.56
N THR L 553 64.81 -1.78 77.06
CA THR L 553 65.64 -2.91 76.62
C THR L 553 65.83 -3.93 77.74
N TYR L 554 65.98 -3.45 78.97
CA TYR L 554 65.83 -4.31 80.14
C TYR L 554 64.42 -4.87 80.22
N ALA L 555 63.42 -3.98 80.19
CA ALA L 555 62.04 -4.32 80.54
C ALA L 555 61.34 -5.17 79.50
N ARG L 556 61.58 -4.92 78.22
CA ARG L 556 60.92 -5.68 77.16
C ARG L 556 61.55 -7.05 76.92
N TRP L 557 62.73 -7.30 77.47
CA TRP L 557 63.46 -8.51 77.15
C TRP L 557 63.68 -9.44 78.33
N LEU L 558 64.24 -8.93 79.42
CA LEU L 558 64.68 -9.78 80.52
C LEU L 558 63.56 -10.37 81.39
N PRO L 559 62.48 -9.67 81.74
CA PRO L 559 61.38 -10.37 82.43
C PRO L 559 60.55 -11.26 81.52
N LEU L 560 60.73 -11.17 80.20
CA LEU L 560 59.83 -11.84 79.28
C LEU L 560 60.12 -13.32 79.17
N GLY L 561 61.38 -13.74 79.35
CA GLY L 561 61.69 -15.15 79.39
C GLY L 561 61.18 -15.86 80.63
N LEU L 562 60.94 -15.10 81.71
CA LEU L 562 60.44 -15.70 82.95
C LEU L 562 58.99 -16.13 82.82
N GLY L 563 58.16 -15.32 82.18
CA GLY L 563 56.80 -15.72 81.90
C GLY L 563 56.73 -16.89 80.94
N LEU L 564 57.71 -17.00 80.04
CA LEU L 564 57.80 -18.15 79.16
C LEU L 564 58.24 -19.39 79.92
N ASN L 565 59.01 -19.21 81.00
CA ASN L 565 59.41 -20.34 81.84
C ASN L 565 58.32 -20.74 82.82
N HIS L 566 57.30 -19.89 83.02
CA HIS L 566 56.20 -20.23 83.90
C HIS L 566 54.86 -19.86 83.28
N LEU L 567 54.67 -20.28 82.03
CA LEU L 567 53.42 -20.03 81.33
C LEU L 567 52.40 -21.12 81.63
N GLY L 568 51.13 -20.72 81.63
CA GLY L 568 50.02 -21.66 81.58
C GLY L 568 49.73 -22.48 82.81
N LYS L 569 49.40 -21.82 83.92
CA LYS L 569 48.86 -22.49 85.11
C LYS L 569 48.18 -21.44 86.00
N GLY L 570 46.92 -21.68 86.33
CA GLY L 570 46.16 -20.71 87.09
C GLY L 570 46.25 -20.92 88.59
N GLU L 571 47.37 -21.48 89.03
CA GLU L 571 47.50 -21.96 90.41
C GLU L 571 47.72 -20.83 91.40
N ALA L 572 48.23 -19.68 90.95
CA ALA L 572 48.64 -18.55 91.79
C ALA L 572 49.68 -18.94 92.84
N ILE L 573 50.54 -19.91 92.52
CA ILE L 573 51.75 -20.15 93.29
C ILE L 573 52.94 -19.45 92.67
N GLU L 574 53.00 -19.44 91.32
CA GLU L 574 54.06 -18.71 90.63
C GLU L 574 53.93 -17.21 90.81
N ALA L 575 52.72 -16.73 91.13
CA ALA L 575 52.56 -15.34 91.55
C ALA L 575 53.11 -15.12 92.95
N ILE L 576 53.01 -16.12 93.82
CA ILE L 576 53.64 -16.01 95.14
C ILE L 576 55.15 -16.11 95.01
N LEU L 577 55.64 -16.92 94.08
CA LEU L 577 57.08 -17.11 93.93
C LEU L 577 57.74 -15.90 93.32
N ALA L 578 57.23 -15.42 92.18
CA ALA L 578 57.96 -14.45 91.38
C ALA L 578 57.77 -13.02 91.85
N ALA L 579 56.59 -12.68 92.37
CA ALA L 579 56.35 -11.30 92.80
C ALA L 579 57.03 -11.00 94.13
N LEU L 580 57.23 -12.01 94.97
CA LEU L 580 58.02 -11.85 96.18
C LEU L 580 59.52 -11.97 95.92
N GLU L 581 59.91 -12.25 94.69
CA GLU L 581 61.29 -12.51 94.31
C GLU L 581 62.02 -11.25 93.90
N VAL L 582 61.32 -10.32 93.26
CA VAL L 582 61.92 -9.08 92.78
C VAL L 582 61.24 -7.95 93.54
N VAL L 583 61.01 -8.17 94.84
CA VAL L 583 60.57 -7.07 95.71
C VAL L 583 61.61 -5.95 95.64
N SER L 584 61.19 -4.80 95.13
CA SER L 584 62.11 -3.82 94.56
C SER L 584 61.36 -2.51 94.34
N GLU L 585 62.04 -1.58 93.68
CA GLU L 585 61.45 -0.33 93.25
C GLU L 585 60.52 -0.58 92.06
N PRO L 586 59.51 0.28 91.83
CA PRO L 586 58.47 -0.03 90.83
C PRO L 586 58.94 -0.09 89.38
N PHE L 587 60.15 0.39 89.06
CA PHE L 587 60.62 0.19 87.70
C PHE L 587 61.26 -1.18 87.52
N ARG L 588 61.80 -1.76 88.58
CA ARG L 588 62.10 -3.19 88.59
C ARG L 588 60.87 -4.03 88.88
N SER L 589 59.89 -3.48 89.58
CA SER L 589 58.58 -4.12 89.74
C SER L 589 57.64 -3.84 88.57
N PHE L 590 58.20 -3.39 87.45
CA PHE L 590 57.58 -3.54 86.14
C PHE L 590 57.19 -4.99 85.89
N ALA L 591 58.04 -5.93 86.31
CA ALA L 591 57.83 -7.36 86.13
C ALA L 591 56.85 -7.96 87.14
N ASN L 592 56.11 -7.14 87.88
CA ASN L 592 55.06 -7.63 88.76
C ASN L 592 53.98 -8.35 87.96
N THR L 593 53.59 -7.78 86.82
CA THR L 593 52.51 -8.31 86.01
C THR L 593 52.98 -9.24 84.91
N LEU L 594 54.30 -9.40 84.74
CA LEU L 594 54.82 -10.26 83.68
C LEU L 594 54.54 -11.73 83.98
N VAL L 595 55.08 -12.24 85.07
CA VAL L 595 54.89 -13.65 85.40
C VAL L 595 53.53 -13.88 86.04
N ASP L 596 52.84 -12.80 86.41
CA ASP L 596 51.50 -12.89 87.00
C ASP L 596 50.50 -13.50 86.02
N VAL L 597 50.38 -12.92 84.83
CA VAL L 597 49.32 -13.29 83.91
C VAL L 597 49.83 -14.15 82.73
N CYS L 598 51.15 -14.25 82.53
CA CYS L 598 51.67 -15.22 81.57
C CYS L 598 51.37 -16.66 82.00
N ALA L 599 51.20 -16.88 83.29
CA ALA L 599 50.69 -18.16 83.76
C ALA L 599 49.19 -18.32 83.55
N TYR L 600 48.50 -17.28 83.09
CA TYR L 600 47.04 -17.23 83.14
C TYR L 600 46.47 -17.06 81.73
N ALA L 601 46.89 -17.88 80.78
CA ALA L 601 46.61 -17.62 79.36
C ALA L 601 45.14 -17.80 78.97
N GLY L 602 44.60 -19.02 79.12
CA GLY L 602 43.22 -19.23 78.77
C GLY L 602 42.40 -19.98 79.81
N SER L 603 41.45 -19.28 80.44
CA SER L 603 40.51 -19.82 81.41
C SER L 603 39.43 -18.76 81.63
N GLY L 604 38.61 -18.94 82.67
CA GLY L 604 37.86 -17.82 83.18
C GLY L 604 38.19 -17.52 84.63
N ASN L 605 38.90 -16.43 84.89
CA ASN L 605 39.29 -16.07 86.25
C ASN L 605 39.14 -14.56 86.45
N VAL L 606 37.93 -14.03 86.18
CA VAL L 606 37.63 -12.59 86.15
C VAL L 606 38.02 -11.83 87.44
N LEU L 607 38.18 -12.55 88.57
CA LEU L 607 38.85 -11.99 89.74
C LEU L 607 40.29 -11.59 89.47
N LYS L 608 40.95 -12.18 88.47
CA LYS L 608 42.24 -11.66 88.05
C LYS L 608 42.07 -10.43 87.17
N VAL L 609 40.96 -10.35 86.44
CA VAL L 609 40.77 -9.25 85.50
C VAL L 609 40.52 -7.95 86.27
N GLN L 610 39.90 -8.04 87.44
CA GLN L 610 39.72 -6.83 88.25
C GLN L 610 41.02 -6.42 88.93
N GLN L 611 41.88 -7.37 89.29
CA GLN L 611 43.20 -6.98 89.75
C GLN L 611 44.16 -6.72 88.60
N LEU L 612 43.69 -6.82 87.36
CA LEU L 612 44.42 -6.41 86.17
C LEU L 612 44.09 -4.97 85.77
N LEU L 613 43.09 -4.34 86.39
CA LEU L 613 42.81 -2.93 86.11
C LEU L 613 42.80 -2.07 87.36
N HIS L 614 42.21 -2.53 88.46
CA HIS L 614 41.82 -1.63 89.53
C HIS L 614 42.98 -1.16 90.40
N ILE L 615 44.16 -1.81 90.33
CA ILE L 615 45.31 -1.30 91.06
C ILE L 615 45.81 -0.01 90.43
N CYS L 616 46.08 -0.02 89.13
CA CYS L 616 46.50 1.16 88.38
C CYS L 616 45.54 1.34 87.22
N SER L 617 44.47 2.10 87.45
CA SER L 617 43.50 2.33 86.39
C SER L 617 43.97 3.47 85.47
N GLU L 618 43.99 4.69 85.99
CA GLU L 618 44.71 5.79 85.32
C GLU L 618 45.74 6.42 86.26
N HIS L 619 45.28 7.03 87.37
CA HIS L 619 46.05 7.76 88.38
C HIS L 619 46.81 8.99 87.89
N PHE L 620 46.68 9.31 86.59
CA PHE L 620 47.12 10.50 85.87
C PHE L 620 48.65 10.63 85.72
N ASP L 621 49.40 9.91 86.56
CA ASP L 621 50.70 9.26 86.31
C ASP L 621 51.67 10.04 85.43
N SER L 622 52.21 11.14 85.96
CA SER L 622 52.93 12.13 85.14
C SER L 622 54.24 11.52 84.64
N LYS L 623 54.11 10.72 83.57
CA LYS L 623 55.21 10.03 82.89
C LYS L 623 55.98 9.12 83.84
N GLU L 624 55.26 8.31 84.63
CA GLU L 624 55.91 7.52 85.68
C GLU L 624 55.84 6.02 85.40
N LYS L 625 54.66 5.43 85.34
CA LYS L 625 54.55 3.99 85.08
C LYS L 625 53.65 3.74 83.86
N GLU L 626 53.75 4.64 82.88
CA GLU L 626 53.01 4.48 81.64
C GLU L 626 53.46 3.25 80.87
N GLU L 627 54.74 2.89 80.96
CA GLU L 627 55.20 1.63 80.41
C GLU L 627 54.63 0.44 81.16
N ASP L 628 54.43 0.58 82.46
CA ASP L 628 53.83 -0.49 83.25
C ASP L 628 52.36 -0.64 82.94
N LYS L 629 51.63 0.47 82.84
CA LYS L 629 50.20 0.39 82.54
C LYS L 629 49.93 0.01 81.08
N ASP L 630 50.87 0.29 80.18
CA ASP L 630 50.82 -0.36 78.87
C ASP L 630 51.03 -1.86 79.00
N LYS L 631 51.98 -2.25 79.86
CA LYS L 631 52.24 -3.67 80.10
C LYS L 631 51.14 -4.30 80.95
N LYS L 632 50.52 -3.52 81.83
CA LYS L 632 49.33 -3.98 82.54
C LYS L 632 48.18 -4.26 81.58
N GLU L 633 48.10 -3.50 80.49
CA GLU L 633 47.13 -3.79 79.44
C GLU L 633 47.63 -4.88 78.50
N LYS L 634 48.96 -5.02 78.36
CA LYS L 634 49.53 -6.11 77.58
C LYS L 634 49.14 -7.47 78.14
N LYS L 635 48.96 -7.56 79.45
CA LYS L 635 48.48 -8.79 80.05
C LYS L 635 46.96 -8.88 80.06
N ASP L 636 46.28 -7.88 79.51
CA ASP L 636 44.86 -7.99 79.23
C ASP L 636 44.62 -8.52 77.82
N LYS L 637 45.71 -8.75 77.07
CA LYS L 637 45.59 -9.17 75.68
C LYS L 637 45.42 -10.68 75.55
N ASP L 638 45.98 -11.46 76.46
CA ASP L 638 45.45 -12.80 76.68
C ASP L 638 44.23 -12.70 77.58
N LYS L 639 43.67 -13.87 77.93
CA LYS L 639 42.35 -14.08 78.54
C LYS L 639 41.21 -13.63 77.62
N LYS L 640 41.50 -13.43 76.34
CA LYS L 640 40.51 -13.05 75.35
C LYS L 640 40.58 -13.90 74.09
N GLU L 641 41.69 -14.60 73.86
CA GLU L 641 41.81 -15.43 72.66
C GLU L 641 41.16 -16.80 72.84
N ALA L 642 41.14 -17.34 74.05
CA ALA L 642 40.48 -18.62 74.32
C ALA L 642 39.64 -18.63 75.60
N PRO L 643 38.63 -17.76 75.73
CA PRO L 643 37.36 -18.23 76.31
C PRO L 643 36.36 -18.70 75.28
N ALA L 644 36.80 -18.93 74.03
CA ALA L 644 35.98 -19.36 72.90
C ALA L 644 34.84 -18.36 72.63
N ASP L 645 35.26 -17.18 72.16
CA ASP L 645 34.45 -16.07 71.65
C ASP L 645 33.72 -15.31 72.76
N MET L 646 33.77 -15.79 74.01
CA MET L 646 32.95 -15.22 75.05
C MET L 646 33.48 -13.91 75.61
N GLY L 647 34.80 -13.77 75.74
CA GLY L 647 35.37 -12.52 76.17
C GLY L 647 35.84 -11.71 75.00
N ALA L 648 35.75 -12.31 73.81
CA ALA L 648 36.21 -11.64 72.60
C ALA L 648 35.33 -10.47 72.24
N HIS L 649 34.01 -10.69 72.25
CA HIS L 649 33.09 -9.56 72.07
C HIS L 649 33.07 -8.68 73.31
N GLN L 650 33.39 -9.24 74.47
CA GLN L 650 33.40 -8.47 75.71
C GLN L 650 34.68 -7.68 75.90
N GLY L 651 35.62 -7.77 74.98
CA GLY L 651 36.81 -6.95 75.05
C GLY L 651 36.75 -5.80 74.07
N VAL L 652 36.22 -6.07 72.88
CA VAL L 652 36.09 -5.04 71.87
C VAL L 652 35.03 -4.01 72.25
N ALA L 653 34.08 -4.37 73.12
CA ALA L 653 33.21 -3.37 73.70
C ALA L 653 33.94 -2.50 74.70
N VAL L 654 34.94 -3.05 75.39
CA VAL L 654 35.63 -2.36 76.47
C VAL L 654 36.63 -1.37 75.90
N LEU L 655 37.56 -1.86 75.08
CA LEU L 655 38.72 -1.06 74.69
C LEU L 655 38.34 0.08 73.76
N GLY L 656 37.30 -0.12 72.94
CA GLY L 656 36.80 0.92 72.07
C GLY L 656 36.10 2.05 72.78
N ILE L 657 35.76 1.88 74.06
CA ILE L 657 35.22 2.95 74.87
C ILE L 657 36.18 3.38 75.97
N ALA L 658 36.99 2.46 76.51
CA ALA L 658 37.82 2.81 77.65
C ALA L 658 39.10 3.53 77.24
N LEU L 659 39.95 2.85 76.48
CA LEU L 659 41.33 3.28 76.30
C LEU L 659 41.54 4.17 75.08
N ILE L 660 41.26 3.65 73.87
CA ILE L 660 41.50 4.44 72.67
C ILE L 660 40.52 5.60 72.57
N ALA L 661 39.35 5.48 73.21
CA ALA L 661 38.35 6.53 73.18
C ALA L 661 38.64 7.62 74.21
N MET L 662 38.67 7.26 75.49
CA MET L 662 38.80 8.22 76.57
C MET L 662 39.95 7.87 77.50
N GLY L 663 41.12 7.59 76.92
CA GLY L 663 42.34 7.46 77.68
C GLY L 663 43.35 8.51 77.24
N GLU L 664 44.49 8.52 77.92
CA GLU L 664 45.53 9.51 77.67
C GLU L 664 46.75 8.91 76.98
N GLU L 665 47.35 7.88 77.56
CA GLU L 665 48.54 7.27 76.98
C GLU L 665 48.40 5.78 76.75
N ILE L 666 47.60 5.08 77.56
CA ILE L 666 47.47 3.64 77.38
C ILE L 666 46.72 3.33 76.10
N GLY L 667 45.72 4.15 75.77
CA GLY L 667 44.97 3.95 74.55
C GLY L 667 45.64 4.46 73.30
N ALA L 668 46.06 5.73 73.31
CA ALA L 668 46.56 6.37 72.11
C ALA L 668 47.92 5.84 71.67
N GLU L 669 48.67 5.21 72.57
CA GLU L 669 49.99 4.69 72.22
C GLU L 669 49.98 3.20 71.96
N MET L 670 49.22 2.43 72.74
CA MET L 670 49.51 1.00 72.87
C MET L 670 48.30 0.08 72.78
N ALA L 671 47.07 0.52 73.11
CA ALA L 671 45.95 -0.39 73.34
C ALA L 671 45.38 -1.00 72.07
N LEU L 672 45.95 -0.71 70.92
CA LEU L 672 45.53 -1.33 69.67
C LEU L 672 46.16 -2.72 69.51
N ARG L 673 47.20 -3.03 70.26
CA ARG L 673 47.93 -4.29 70.14
C ARG L 673 47.16 -5.49 70.69
N THR L 674 46.01 -5.26 71.33
CA THR L 674 45.13 -6.37 71.69
C THR L 674 44.58 -7.02 70.44
N PHE L 675 44.29 -6.21 69.43
CA PHE L 675 43.63 -6.69 68.22
C PHE L 675 44.59 -7.49 67.35
N GLY L 676 45.88 -7.27 67.49
CA GLY L 676 46.88 -8.15 66.92
C GLY L 676 47.12 -9.41 67.74
N HIS L 677 46.44 -9.55 68.87
CA HIS L 677 46.61 -10.71 69.73
C HIS L 677 45.27 -11.41 69.92
N LEU L 678 44.18 -10.64 69.88
CA LEU L 678 42.85 -11.25 69.89
C LEU L 678 42.64 -12.13 68.67
N LEU L 679 43.03 -11.66 67.49
CA LEU L 679 42.78 -12.41 66.28
C LEU L 679 43.71 -12.01 65.15
N ARG L 680 44.12 -13.00 64.37
CA ARG L 680 44.39 -12.80 62.96
C ARG L 680 43.24 -13.29 62.10
N TYR L 681 42.07 -13.52 62.71
CA TYR L 681 40.93 -14.07 61.99
C TYR L 681 40.43 -13.09 60.93
N GLY L 682 39.97 -11.92 61.36
CA GLY L 682 39.50 -10.92 60.42
C GLY L 682 37.99 -10.92 60.31
N GLU L 683 37.36 -9.97 60.98
CA GLU L 683 35.93 -9.83 60.97
C GLU L 683 35.65 -8.33 61.05
N PRO L 684 34.64 -7.82 60.34
CA PRO L 684 34.56 -6.37 60.08
C PRO L 684 34.12 -5.53 61.26
N THR L 685 33.85 -6.14 62.41
CA THR L 685 33.58 -5.36 63.61
C THR L 685 34.81 -4.56 64.02
N LEU L 686 35.95 -5.24 64.17
CA LEU L 686 37.18 -4.57 64.54
C LEU L 686 38.09 -4.29 63.34
N ARG L 687 37.85 -4.96 62.22
CA ARG L 687 38.62 -4.64 61.02
C ARG L 687 38.22 -3.27 60.46
N ARG L 688 37.01 -2.81 60.77
CA ARG L 688 36.62 -1.47 60.36
C ARG L 688 36.71 -0.45 61.48
N ALA L 689 36.95 -0.88 62.72
CA ALA L 689 37.04 0.03 63.85
C ALA L 689 38.44 0.61 64.03
N VAL L 690 39.45 -0.08 63.52
CA VAL L 690 40.83 0.37 63.66
C VAL L 690 41.22 1.46 62.66
N PRO L 691 40.95 1.39 61.33
CA PRO L 691 41.39 2.48 60.45
C PRO L 691 40.69 3.81 60.66
N LEU L 692 39.66 3.87 61.51
CA LEU L 692 39.15 5.16 61.99
C LEU L 692 40.24 5.90 62.74
N ALA L 693 41.10 5.18 63.46
CA ALA L 693 42.21 5.77 64.19
C ALA L 693 43.51 5.75 63.39
N LEU L 694 43.48 5.31 62.14
CA LEU L 694 44.69 5.16 61.34
C LEU L 694 44.77 6.14 60.18
N ALA L 695 43.75 6.15 59.31
CA ALA L 695 43.71 7.13 58.23
C ALA L 695 43.58 8.54 58.77
N LEU L 696 42.91 8.69 59.92
CA LEU L 696 43.15 9.83 60.80
C LEU L 696 44.42 9.49 61.58
N ILE L 697 45.54 10.05 61.13
CA ILE L 697 46.87 9.60 61.55
C ILE L 697 47.14 9.96 63.01
N SER L 698 46.59 11.08 63.49
CA SER L 698 46.98 11.76 64.72
C SER L 698 48.48 12.10 64.68
N VAL L 699 48.79 13.06 63.82
CA VAL L 699 50.16 13.52 63.60
C VAL L 699 50.72 14.29 64.81
N SER L 700 49.85 14.65 65.75
CA SER L 700 50.27 15.45 66.89
C SER L 700 51.07 14.64 67.92
N ASN L 701 50.79 13.35 68.04
CA ASN L 701 51.46 12.52 69.04
C ASN L 701 52.78 12.04 68.45
N PRO L 702 53.58 11.20 69.18
CA PRO L 702 54.71 10.54 68.48
C PRO L 702 54.22 9.55 67.44
N ARG L 703 53.92 10.11 66.25
CA ARG L 703 53.03 9.53 65.23
C ARG L 703 53.41 8.14 64.74
N LEU L 704 54.63 7.67 65.01
CA LEU L 704 54.95 6.27 64.73
C LEU L 704 54.24 5.31 65.67
N ASN L 705 53.67 5.80 66.78
CA ASN L 705 52.83 4.97 67.63
C ASN L 705 51.60 4.48 66.88
N ILE L 706 50.99 5.36 66.11
CA ILE L 706 49.85 4.96 65.29
C ILE L 706 50.36 4.30 64.02
N LEU L 707 51.54 4.68 63.55
CA LEU L 707 52.17 3.91 62.49
C LEU L 707 52.73 2.59 63.00
N ASP L 708 52.88 2.41 64.31
CA ASP L 708 53.06 1.05 64.82
C ASP L 708 51.78 0.26 64.65
N THR L 709 50.63 0.91 64.80
CA THR L 709 49.33 0.26 64.59
C THR L 709 49.00 0.12 63.12
N LEU L 710 49.81 0.70 62.24
CA LEU L 710 49.66 0.48 60.80
C LEU L 710 50.02 -0.94 60.44
N SER L 711 51.26 -1.33 60.71
CA SER L 711 51.80 -2.59 60.21
C SER L 711 51.22 -3.77 60.96
N LYS L 712 50.89 -3.59 62.23
CA LYS L 712 50.33 -4.68 63.01
C LYS L 712 48.81 -4.60 63.13
N PHE L 713 48.16 -3.87 62.22
CA PHE L 713 46.77 -4.15 61.90
C PHE L 713 46.64 -4.99 60.64
N SER L 714 47.62 -4.91 59.74
CA SER L 714 47.80 -5.85 58.64
C SER L 714 48.37 -7.18 59.10
N HIS L 715 48.62 -7.30 60.40
CA HIS L 715 49.04 -8.49 61.11
C HIS L 715 48.14 -9.70 60.89
N ASP L 716 46.88 -9.48 60.50
CA ASP L 716 45.95 -10.58 60.29
C ASP L 716 46.29 -11.31 59.00
N ALA L 717 46.52 -12.61 59.11
CA ALA L 717 46.80 -13.49 57.98
C ALA L 717 45.47 -13.90 57.34
N ASP L 718 45.47 -14.97 56.52
CA ASP L 718 44.35 -15.46 55.72
C ASP L 718 43.85 -14.35 54.80
N PRO L 719 44.52 -14.13 53.66
CA PRO L 719 44.37 -12.88 52.89
C PRO L 719 42.96 -12.59 52.41
N GLU L 720 42.65 -11.31 52.29
CA GLU L 720 41.28 -10.82 52.21
C GLU L 720 41.23 -9.71 51.16
N VAL L 721 40.15 -8.92 51.22
CA VAL L 721 39.94 -7.75 50.37
C VAL L 721 40.69 -6.55 50.96
N SER L 722 41.40 -6.78 52.07
CA SER L 722 42.07 -5.74 52.86
C SER L 722 43.19 -5.02 52.13
N TYR L 723 43.57 -5.44 50.91
CA TYR L 723 44.42 -4.62 50.05
C TYR L 723 43.81 -3.27 49.74
N ASN L 724 42.47 -3.19 49.71
CA ASN L 724 41.78 -1.92 49.57
C ASN L 724 42.10 -0.98 50.72
N SER L 725 42.15 -1.52 51.94
CA SER L 725 42.43 -0.68 53.11
C SER L 725 43.88 -0.22 53.14
N ILE L 726 44.77 -0.97 52.50
CA ILE L 726 46.20 -0.74 52.67
C ILE L 726 46.80 -0.01 51.47
N PHE L 727 46.40 -0.35 50.25
CA PHE L 727 46.94 0.36 49.11
C PHE L 727 46.38 1.78 49.01
N ALA L 728 45.17 2.00 49.54
CA ALA L 728 44.68 3.37 49.68
C ALA L 728 45.45 4.12 50.75
N MET L 729 45.93 3.41 51.77
CA MET L 729 46.83 4.03 52.73
C MET L 729 48.26 4.00 52.21
N GLY L 730 48.56 3.05 51.32
CA GLY L 730 49.80 3.14 50.57
C GLY L 730 49.81 4.28 49.58
N MET L 731 48.64 4.71 49.12
CA MET L 731 48.57 5.88 48.27
C MET L 731 48.86 7.16 49.05
N VAL L 732 48.26 7.31 50.23
CA VAL L 732 48.52 8.48 51.06
C VAL L 732 49.85 8.36 51.79
N GLY L 733 50.42 7.16 51.84
CA GLY L 733 51.67 6.98 52.53
C GLY L 733 52.90 7.34 51.74
N SER L 734 52.76 7.83 50.51
CA SER L 734 53.93 8.17 49.71
C SER L 734 54.48 9.53 50.07
N GLY L 735 53.71 10.58 49.83
CA GLY L 735 54.12 11.92 50.21
C GLY L 735 54.02 12.13 51.71
N THR L 736 52.79 12.14 52.22
CA THR L 736 52.57 12.17 53.65
C THR L 736 52.89 10.80 54.24
N ASN L 737 52.99 10.75 55.58
CA ASN L 737 53.36 9.55 56.35
C ASN L 737 54.70 9.00 55.86
N ASN L 738 55.73 9.80 56.11
CA ASN L 738 56.92 9.90 55.28
C ASN L 738 57.69 8.59 55.15
N ALA L 739 58.37 8.45 54.02
CA ALA L 739 59.19 7.30 53.69
C ALA L 739 60.48 7.24 54.49
N ARG L 740 60.84 8.32 55.18
CA ARG L 740 62.06 8.33 55.98
C ARG L 740 61.97 7.41 57.20
N LEU L 741 60.77 7.14 57.70
CA LEU L 741 60.60 6.24 58.82
C LEU L 741 59.50 5.21 58.64
N ALA L 742 58.88 5.13 57.46
CA ALA L 742 57.76 4.21 57.29
C ALA L 742 57.78 3.45 55.97
N ALA L 743 58.72 3.73 55.07
CA ALA L 743 58.72 3.05 53.76
C ALA L 743 59.03 1.58 53.90
N MET L 744 59.79 1.21 54.92
CA MET L 744 59.91 -0.20 55.29
C MET L 744 58.56 -0.73 55.79
N LEU L 745 57.78 0.11 56.46
CA LEU L 745 56.71 -0.37 57.31
C LEU L 745 55.40 -0.63 56.55
N ARG L 746 55.03 0.28 55.65
CA ARG L 746 53.79 0.11 54.89
C ARG L 746 53.85 -1.10 53.97
N GLN L 747 55.01 -1.39 53.40
CA GLN L 747 55.18 -2.59 52.61
C GLN L 747 55.43 -3.81 53.47
N LEU L 748 55.91 -3.64 54.70
CA LEU L 748 55.87 -4.72 55.68
C LEU L 748 54.44 -5.07 56.02
N ALA L 749 53.58 -4.06 56.11
CA ALA L 749 52.16 -4.31 56.28
C ALA L 749 51.58 -5.00 55.05
N GLN L 750 51.96 -4.53 53.87
CA GLN L 750 51.34 -5.01 52.63
C GLN L 750 51.73 -6.45 52.33
N TYR L 751 52.98 -6.81 52.59
CA TYR L 751 53.49 -8.14 52.26
C TYR L 751 53.14 -9.18 53.31
N HIS L 752 52.41 -8.81 54.36
CA HIS L 752 52.23 -9.72 55.49
C HIS L 752 51.05 -10.68 55.32
N ALA L 753 49.91 -10.17 54.85
CA ALA L 753 48.71 -11.00 54.75
C ALA L 753 48.89 -12.11 53.73
N LYS L 754 49.24 -11.75 52.50
CA LYS L 754 49.65 -12.71 51.48
C LYS L 754 51.13 -13.04 51.69
N ASP L 755 51.39 -13.89 52.69
CA ASP L 755 52.78 -14.32 52.84
C ASP L 755 53.11 -15.32 51.72
N PRO L 756 52.72 -16.63 51.73
CA PRO L 756 52.14 -17.20 50.50
C PRO L 756 50.63 -17.14 50.50
N ASN L 757 50.03 -17.81 49.51
CA ASN L 757 48.58 -18.02 49.49
C ASN L 757 48.09 -18.79 50.71
N ASN L 758 48.92 -19.67 51.26
CA ASN L 758 48.56 -20.65 52.28
C ASN L 758 49.32 -20.34 53.57
N LEU L 759 49.31 -21.33 54.48
CA LEU L 759 50.23 -21.42 55.61
C LEU L 759 50.05 -20.24 56.57
N PHE L 760 48.87 -20.23 57.20
CA PHE L 760 48.54 -19.14 58.10
C PHE L 760 48.01 -19.55 59.47
N MET L 761 48.01 -20.83 59.82
CA MET L 761 47.40 -21.23 61.09
C MET L 761 48.39 -20.97 62.21
N VAL L 762 48.34 -19.74 62.75
CA VAL L 762 49.24 -19.28 63.79
C VAL L 762 48.44 -18.67 64.92
N ARG L 763 47.22 -19.14 65.12
CA ARG L 763 46.26 -18.41 65.93
C ARG L 763 45.81 -19.20 67.16
N LEU L 764 46.58 -20.21 67.55
CA LEU L 764 46.56 -20.79 68.90
C LEU L 764 45.23 -21.47 69.24
N ALA L 765 44.62 -22.12 68.26
CA ALA L 765 43.37 -22.86 68.48
C ALA L 765 43.43 -24.11 67.63
N GLN L 766 43.64 -25.26 68.26
CA GLN L 766 43.81 -26.50 67.53
C GLN L 766 42.73 -27.50 67.90
N GLY L 767 42.30 -28.26 66.91
CA GLY L 767 41.30 -29.29 67.10
C GLY L 767 39.95 -28.61 67.21
N LEU L 768 39.66 -28.08 68.40
CA LEU L 768 38.63 -27.08 68.53
C LEU L 768 39.26 -25.81 69.10
N THR L 769 39.91 -25.94 70.26
CA THR L 769 40.38 -24.74 70.95
C THR L 769 41.69 -24.87 71.71
N HIS L 770 42.41 -26.00 71.67
CA HIS L 770 43.59 -26.07 72.52
C HIS L 770 44.75 -25.31 71.89
N LEU L 771 45.75 -25.02 72.71
CA LEU L 771 46.65 -23.88 72.45
C LEU L 771 47.65 -24.19 71.35
N GLY L 772 48.58 -25.11 71.62
CA GLY L 772 49.66 -25.36 70.69
C GLY L 772 50.61 -24.18 70.54
N LYS L 773 51.37 -23.90 71.59
CA LYS L 773 52.14 -22.66 71.67
C LYS L 773 53.48 -22.79 70.93
N GLY L 774 53.75 -21.88 70.00
CA GLY L 774 52.83 -20.82 69.58
C GLY L 774 52.95 -19.45 70.25
N THR L 775 52.51 -19.33 71.50
CA THR L 775 52.60 -18.06 72.21
C THR L 775 54.04 -17.70 72.53
N LEU L 776 54.86 -18.70 72.85
CA LEU L 776 56.27 -18.49 73.15
C LEU L 776 57.05 -17.90 71.98
N THR L 777 56.60 -18.14 70.76
CA THR L 777 57.27 -17.66 69.57
C THR L 777 56.71 -16.32 69.11
N LEU L 778 55.51 -15.98 69.55
CA LEU L 778 54.75 -14.83 69.08
C LEU L 778 54.79 -13.65 70.03
N CYS L 779 54.53 -13.89 71.30
CA CYS L 779 54.51 -12.86 72.35
C CYS L 779 55.76 -11.99 72.52
N PRO L 780 57.00 -12.46 72.25
CA PRO L 780 58.14 -11.50 72.33
C PRO L 780 58.07 -10.33 71.36
N TYR L 781 57.47 -10.50 70.17
CA TYR L 781 57.43 -9.37 69.25
C TYR L 781 56.37 -8.35 69.64
N HIS L 782 55.25 -8.82 70.21
CA HIS L 782 54.26 -7.87 70.71
C HIS L 782 54.73 -7.15 71.95
N SER L 783 55.71 -7.69 72.67
CA SER L 783 56.40 -6.91 73.67
C SER L 783 57.52 -6.07 73.08
N ASP L 784 57.94 -6.38 71.86
CA ASP L 784 59.10 -5.70 71.28
C ASP L 784 58.76 -4.31 70.75
N ARG L 785 57.50 -4.07 70.40
CA ARG L 785 57.10 -2.79 69.79
C ARG L 785 56.73 -1.76 70.84
N GLN L 786 57.60 -1.54 71.83
CA GLN L 786 57.34 -0.57 72.89
C GLN L 786 58.54 0.35 73.06
N LEU L 787 58.63 1.43 72.27
CA LEU L 787 57.78 1.73 71.14
C LEU L 787 58.64 2.01 69.91
N MET L 788 59.65 2.83 70.15
CA MET L 788 60.49 3.47 69.15
C MET L 788 61.88 2.86 69.23
N SER L 789 62.78 3.28 68.33
CA SER L 789 64.22 3.03 68.25
C SER L 789 64.57 1.61 67.83
N GLN L 790 63.59 0.72 67.70
CA GLN L 790 63.83 -0.62 67.19
C GLN L 790 63.25 -0.82 65.80
N VAL L 791 62.99 0.28 65.08
CA VAL L 791 62.66 0.19 63.67
C VAL L 791 63.89 0.24 62.77
N ALA L 792 65.07 0.54 63.35
CA ALA L 792 66.28 0.75 62.57
C ALA L 792 67.40 -0.21 62.95
N VAL L 793 67.63 -0.45 64.23
CA VAL L 793 68.82 -1.16 64.67
C VAL L 793 68.46 -2.49 65.34
N ALA L 794 67.79 -2.42 66.48
CA ALA L 794 67.74 -3.54 67.41
C ALA L 794 66.56 -4.48 67.17
N GLY L 795 65.42 -3.94 66.75
CA GLY L 795 64.26 -4.78 66.50
C GLY L 795 64.27 -5.50 65.18
N LEU L 796 65.28 -5.26 64.33
CA LEU L 796 65.40 -6.01 63.08
C LEU L 796 65.78 -7.47 63.30
N LEU L 797 66.27 -7.80 64.50
CA LEU L 797 66.38 -9.20 64.88
C LEU L 797 65.01 -9.82 65.11
N THR L 798 64.04 -9.03 65.56
CA THR L 798 62.75 -9.54 65.95
C THR L 798 61.68 -9.34 64.88
N VAL L 799 61.74 -8.23 64.13
CA VAL L 799 60.65 -7.89 63.23
C VAL L 799 60.58 -8.83 62.02
N LEU L 800 61.66 -9.53 61.70
CA LEU L 800 61.63 -10.49 60.61
C LEU L 800 61.06 -11.82 61.05
N VAL L 801 61.73 -12.49 61.97
CA VAL L 801 61.57 -13.92 62.17
C VAL L 801 61.19 -14.27 63.61
N SER L 802 60.42 -13.40 64.27
CA SER L 802 59.96 -13.67 65.62
C SER L 802 59.07 -14.89 65.69
N PHE L 803 57.89 -14.84 65.07
CA PHE L 803 56.93 -15.93 65.14
C PHE L 803 57.15 -16.86 63.96
N LEU L 804 57.45 -18.13 64.27
CA LEU L 804 57.76 -19.13 63.26
C LEU L 804 57.18 -20.49 63.64
N ASP L 805 56.05 -20.51 64.32
CA ASP L 805 55.33 -21.74 64.67
C ASP L 805 54.17 -22.00 63.73
N VAL L 806 54.37 -21.77 62.44
CA VAL L 806 53.29 -21.89 61.48
C VAL L 806 53.04 -23.36 61.19
N ARG L 807 52.14 -23.96 61.95
CA ARG L 807 51.73 -25.35 61.76
C ARG L 807 50.64 -25.33 60.69
N ASN L 808 51.02 -25.67 59.46
CA ASN L 808 50.75 -24.77 58.34
C ASN L 808 49.31 -24.39 58.06
N ILE L 809 48.54 -25.24 57.36
CA ILE L 809 47.20 -24.81 57.00
C ILE L 809 46.09 -25.87 57.06
N ILE L 810 46.21 -26.93 56.27
CA ILE L 810 45.04 -27.61 55.71
C ILE L 810 44.65 -28.84 56.53
N LEU L 811 43.45 -29.36 56.27
CA LEU L 811 43.02 -30.64 56.81
C LEU L 811 42.63 -31.63 55.72
N GLY L 812 42.73 -31.25 54.45
CA GLY L 812 42.36 -32.22 53.44
C GLY L 812 43.53 -33.08 53.05
N LYS L 813 43.66 -34.22 53.72
CA LYS L 813 44.73 -35.18 53.51
C LYS L 813 44.18 -36.56 53.83
N SER L 814 44.62 -37.56 53.06
CA SER L 814 44.06 -38.89 53.16
C SER L 814 44.81 -39.75 54.17
N HIS L 815 46.11 -39.93 53.94
CA HIS L 815 47.03 -40.68 54.79
C HIS L 815 46.61 -42.12 55.03
N TYR L 816 45.87 -42.71 54.10
CA TYR L 816 45.85 -44.16 54.02
C TYR L 816 47.22 -44.62 53.52
N VAL L 817 47.59 -45.85 53.88
CA VAL L 817 48.94 -46.42 53.80
C VAL L 817 49.61 -46.21 52.43
N LEU L 818 48.82 -46.35 51.35
CA LEU L 818 49.36 -46.12 50.01
C LEU L 818 49.45 -44.64 49.67
N TYR L 819 48.68 -43.78 50.34
CA TYR L 819 48.43 -42.39 49.97
C TYR L 819 47.92 -42.30 48.54
N GLY L 820 46.73 -42.89 48.37
CA GLY L 820 46.10 -42.97 47.06
C GLY L 820 44.68 -42.41 47.02
N LEU L 821 44.01 -42.40 48.18
CA LEU L 821 42.72 -41.74 48.29
C LEU L 821 42.90 -40.23 48.20
N VAL L 822 41.82 -39.52 47.87
CA VAL L 822 41.89 -38.07 47.91
C VAL L 822 41.13 -37.52 49.10
N ALA L 823 39.78 -37.52 49.03
CA ALA L 823 38.81 -37.28 50.11
C ALA L 823 37.39 -37.30 49.58
N ALA L 824 36.41 -37.19 50.47
CA ALA L 824 35.04 -36.79 50.14
C ALA L 824 34.65 -35.70 51.14
N MET L 825 35.02 -34.45 50.86
CA MET L 825 34.92 -33.39 51.87
C MET L 825 33.86 -32.36 51.53
N GLN L 826 33.61 -31.49 52.52
CA GLN L 826 32.44 -30.63 52.54
C GLN L 826 32.60 -29.50 53.54
N PRO L 827 33.20 -28.36 53.16
CA PRO L 827 33.54 -27.33 54.15
C PRO L 827 32.40 -26.38 54.46
N ARG L 828 32.32 -25.96 55.73
CA ARG L 828 31.17 -25.23 56.25
C ARG L 828 31.58 -24.20 57.29
N MET L 829 30.68 -23.24 57.52
CA MET L 829 30.64 -22.37 58.69
C MET L 829 30.64 -23.18 59.99
N LEU L 830 31.09 -22.57 61.08
CA LEU L 830 31.24 -23.27 62.35
C LEU L 830 29.88 -23.68 62.93
N VAL L 831 29.92 -24.74 63.75
CA VAL L 831 28.71 -25.37 64.24
C VAL L 831 28.09 -24.51 65.33
N THR L 832 26.82 -24.81 65.65
CA THR L 832 26.07 -24.07 66.64
C THR L 832 25.33 -24.95 67.64
N PHE L 833 25.61 -26.25 67.69
CA PHE L 833 24.75 -27.15 68.44
C PHE L 833 25.22 -27.27 69.89
N ASP L 834 24.29 -27.05 70.82
CA ASP L 834 24.53 -27.23 72.24
C ASP L 834 23.63 -28.33 72.81
N GLU L 835 22.31 -28.17 72.71
CA GLU L 835 21.37 -29.28 72.89
C GLU L 835 20.16 -29.04 72.01
N GLU L 836 19.92 -29.97 71.09
CA GLU L 836 18.87 -29.83 70.09
C GLU L 836 18.22 -31.20 69.90
N LEU L 837 17.46 -31.34 68.82
CA LEU L 837 16.82 -32.62 68.53
C LEU L 837 17.84 -33.60 67.96
N ARG L 838 17.56 -34.88 68.17
CA ARG L 838 18.37 -35.95 67.64
C ARG L 838 17.82 -36.36 66.28
N PRO L 839 18.65 -36.54 65.25
CA PRO L 839 20.10 -36.28 65.22
C PRO L 839 20.42 -34.80 65.05
N LEU L 840 21.50 -34.38 65.66
CA LEU L 840 21.76 -32.94 65.71
C LEU L 840 22.38 -32.47 64.41
N PRO L 841 21.81 -31.45 63.77
CA PRO L 841 22.44 -30.86 62.57
C PRO L 841 23.70 -30.11 62.94
N VAL L 842 24.81 -30.46 62.27
CA VAL L 842 26.12 -29.93 62.67
C VAL L 842 26.30 -28.50 62.19
N SER L 843 26.33 -28.26 60.88
CA SER L 843 26.63 -26.92 60.38
C SER L 843 26.06 -26.76 58.97
N VAL L 844 26.10 -25.51 58.49
CA VAL L 844 25.01 -25.02 57.64
C VAL L 844 25.49 -24.32 56.35
N ARG L 845 26.75 -24.51 55.98
CA ARG L 845 27.27 -23.82 54.80
C ARG L 845 27.66 -24.85 53.74
N VAL L 846 26.68 -25.70 53.42
CA VAL L 846 26.92 -26.92 52.64
C VAL L 846 27.39 -26.67 51.21
N GLY L 847 27.28 -25.44 50.70
CA GLY L 847 27.38 -25.16 49.27
C GLY L 847 28.75 -25.40 48.68
N GLN L 848 29.77 -25.56 49.50
CA GLN L 848 31.10 -25.93 49.04
C GLN L 848 31.31 -27.41 49.31
N ALA L 849 31.90 -28.10 48.34
CA ALA L 849 32.19 -29.52 48.49
C ALA L 849 33.43 -29.84 47.66
N VAL L 850 34.48 -30.33 48.32
CA VAL L 850 35.77 -30.55 47.71
C VAL L 850 36.19 -32.00 47.92
N ASP L 851 37.32 -32.36 47.34
CA ASP L 851 37.90 -33.70 47.49
C ASP L 851 39.39 -33.72 47.75
N VAL L 852 40.08 -32.59 47.71
CA VAL L 852 41.55 -32.62 47.63
C VAL L 852 42.06 -31.56 48.60
N VAL L 853 43.37 -31.27 48.57
CA VAL L 853 44.15 -30.57 49.59
C VAL L 853 43.76 -29.12 49.88
N GLY L 854 42.63 -28.64 49.36
CA GLY L 854 42.14 -27.29 49.60
C GLY L 854 42.03 -26.81 51.03
N GLN L 855 41.82 -25.50 51.18
CA GLN L 855 42.25 -24.72 52.33
C GLN L 855 41.44 -25.06 53.59
N ALA L 856 41.88 -24.50 54.72
CA ALA L 856 41.16 -24.68 55.97
C ALA L 856 40.16 -23.55 56.19
N GLY L 857 40.64 -22.32 56.33
CA GLY L 857 39.75 -21.20 56.49
C GLY L 857 39.44 -20.87 57.94
N LYS L 858 38.65 -19.81 58.14
CA LYS L 858 38.50 -19.22 59.46
C LYS L 858 37.56 -20.05 60.37
N PRO L 859 36.19 -20.17 60.16
CA PRO L 859 35.44 -20.99 61.11
C PRO L 859 35.08 -22.38 60.58
N LYS L 860 36.01 -23.20 60.10
CA LYS L 860 35.56 -24.29 59.23
C LYS L 860 35.50 -25.63 59.95
N THR L 861 34.32 -26.22 59.93
CA THR L 861 34.07 -27.60 60.31
C THR L 861 33.81 -28.39 59.03
N ILE L 862 34.62 -29.40 58.79
CA ILE L 862 34.56 -30.19 57.55
C ILE L 862 34.19 -31.62 57.91
N THR L 863 33.12 -32.12 57.29
CA THR L 863 32.67 -33.50 57.46
C THR L 863 32.66 -34.22 56.11
N GLY L 864 32.24 -35.48 56.14
CA GLY L 864 32.28 -36.32 54.95
C GLY L 864 31.00 -37.11 54.69
N PHE L 865 31.07 -38.00 53.71
CA PHE L 865 29.92 -38.79 53.25
C PHE L 865 30.45 -40.12 52.72
N GLN L 866 29.66 -40.77 51.85
CA GLN L 866 30.02 -41.90 50.96
C GLN L 866 30.04 -43.22 51.73
N THR L 867 29.57 -43.20 52.98
CA THR L 867 29.66 -44.30 53.95
C THR L 867 31.12 -44.77 54.08
N HIS L 868 31.99 -43.76 54.23
CA HIS L 868 33.38 -43.98 54.58
C HIS L 868 33.55 -44.10 56.09
N THR L 869 32.56 -43.56 56.83
CA THR L 869 32.30 -43.62 58.27
C THR L 869 33.25 -42.78 59.11
N THR L 870 34.33 -42.26 58.47
CA THR L 870 35.47 -41.51 59.01
C THR L 870 35.85 -41.90 60.43
N PRO L 871 36.09 -43.17 60.72
CA PRO L 871 35.99 -43.67 62.10
C PRO L 871 37.19 -43.35 62.98
N VAL L 872 38.11 -42.50 62.53
CA VAL L 872 39.44 -42.41 63.13
C VAL L 872 39.40 -41.65 64.45
N LEU L 873 39.07 -40.37 64.41
CA LEU L 873 39.24 -39.52 65.58
C LEU L 873 38.06 -38.60 65.86
N LEU L 874 37.25 -38.27 64.86
CA LEU L 874 35.86 -37.82 65.00
C LEU L 874 35.68 -36.44 65.63
N ALA L 875 36.74 -35.80 66.14
CA ALA L 875 36.58 -34.47 66.71
C ALA L 875 37.01 -33.38 65.74
N HIS L 876 38.30 -33.31 65.41
CA HIS L 876 38.98 -32.66 64.29
C HIS L 876 40.43 -33.09 64.41
N GLY L 877 41.32 -32.58 63.57
CA GLY L 877 42.73 -32.89 63.78
C GLY L 877 43.58 -33.21 62.56
N GLU L 878 43.01 -32.99 61.37
CA GLU L 878 43.70 -32.67 60.11
C GLU L 878 44.70 -33.70 59.58
N ARG L 879 44.85 -34.84 60.24
CA ARG L 879 45.55 -35.98 59.65
C ARG L 879 44.80 -37.26 60.01
N ALA L 880 43.51 -37.30 59.68
CA ALA L 880 42.74 -38.52 59.81
C ALA L 880 43.32 -39.61 58.91
N GLU L 881 43.41 -40.83 59.46
CA GLU L 881 43.88 -41.99 58.69
C GLU L 881 42.93 -42.32 57.56
N LEU L 882 41.63 -42.09 57.78
CA LEU L 882 40.54 -42.29 56.82
C LEU L 882 40.46 -43.75 56.37
N ALA L 883 40.16 -44.61 57.34
CA ALA L 883 39.75 -45.97 57.04
C ALA L 883 38.30 -45.97 56.56
N THR L 884 37.87 -47.09 55.99
CA THR L 884 36.56 -47.18 55.37
C THR L 884 35.90 -48.51 55.75
N GLU L 885 34.57 -48.51 55.68
CA GLU L 885 33.77 -49.67 56.05
C GLU L 885 32.34 -49.48 55.56
N GLU L 886 31.76 -50.56 55.03
CA GLU L 886 30.48 -50.50 54.33
C GLU L 886 29.58 -51.67 54.77
N PHE L 887 29.29 -51.77 56.06
CA PHE L 887 28.25 -52.72 56.47
C PHE L 887 26.86 -52.07 56.45
N LEU L 888 26.56 -51.33 55.39
CA LEU L 888 25.24 -50.71 55.21
C LEU L 888 24.77 -50.89 53.78
N PRO L 889 24.23 -52.08 53.45
CA PRO L 889 23.52 -52.11 52.15
C PRO L 889 22.06 -51.68 52.30
N THR M 40 14.25 -23.65 87.75
CA THR M 40 13.98 -23.36 89.15
C THR M 40 14.04 -21.87 89.42
N TYR M 41 15.14 -21.25 89.02
CA TYR M 41 15.35 -19.82 89.23
C TYR M 41 14.98 -19.06 87.95
N SER M 42 13.68 -19.16 87.64
CA SER M 42 13.15 -18.70 86.37
C SER M 42 13.23 -17.19 86.23
N ARG M 43 12.60 -16.46 87.15
CA ARG M 43 12.72 -15.00 87.13
C ARG M 43 14.10 -14.54 87.57
N GLN M 44 14.79 -15.37 88.37
CA GLN M 44 16.06 -14.96 88.96
C GLN M 44 17.16 -14.87 87.92
N ILE M 45 17.13 -15.72 86.90
CA ILE M 45 18.09 -15.56 85.82
C ILE M 45 17.59 -14.51 84.81
N LYS M 46 16.31 -14.16 84.86
CA LYS M 46 15.76 -13.21 83.90
C LYS M 46 16.06 -11.77 84.30
N GLN M 47 15.73 -11.40 85.53
CA GLN M 47 15.89 -10.01 85.94
C GLN M 47 17.35 -9.65 86.15
N VAL M 48 18.20 -10.63 86.47
CA VAL M 48 19.63 -10.39 86.59
C VAL M 48 20.26 -10.29 85.19
N GLU M 49 19.67 -10.94 84.20
CA GLU M 49 20.03 -10.69 82.81
C GLU M 49 19.54 -9.33 82.33
N ASP M 50 18.29 -8.97 82.68
CA ASP M 50 17.65 -7.84 82.03
C ASP M 50 18.18 -6.51 82.54
N ASP M 51 18.52 -6.42 83.82
CA ASP M 51 18.99 -5.14 84.34
C ASP M 51 20.41 -4.83 83.90
N ILE M 52 21.26 -5.86 83.77
CA ILE M 52 22.61 -5.63 83.30
C ILE M 52 22.64 -5.33 81.81
N GLN M 53 21.67 -5.83 81.03
CA GLN M 53 21.52 -5.35 79.67
C GLN M 53 21.02 -3.91 79.64
N GLN M 54 20.27 -3.50 80.66
CA GLN M 54 19.88 -2.11 80.75
C GLN M 54 21.02 -1.25 81.28
N LEU M 55 21.80 -1.79 82.24
CA LEU M 55 22.91 -1.05 82.84
C LEU M 55 24.04 -0.82 81.84
N LEU M 56 24.11 -1.63 80.78
CA LEU M 56 24.95 -1.29 79.63
C LEU M 56 24.53 0.02 79.01
N LYS M 57 23.23 0.17 78.73
CA LYS M 57 22.73 1.39 78.11
C LYS M 57 22.74 2.57 79.06
N LYS M 58 22.55 2.33 80.37
CA LYS M 58 22.40 3.43 81.31
C LYS M 58 23.68 4.19 81.58
N ILE M 59 24.84 3.65 81.26
CA ILE M 59 26.09 4.38 81.44
C ILE M 59 26.81 4.70 80.14
N ASN M 60 26.45 4.05 79.04
CA ASN M 60 26.98 4.46 77.73
C ASN M 60 26.33 5.75 77.27
N GLU M 61 25.17 6.09 77.82
CA GLU M 61 24.59 7.41 77.61
C GLU M 61 25.34 8.48 78.41
N LEU M 62 26.19 8.08 79.35
CA LEU M 62 26.97 9.01 80.14
C LEU M 62 28.41 9.13 79.64
N THR M 63 28.72 8.53 78.49
CA THR M 63 30.02 8.65 77.85
C THR M 63 29.97 9.52 76.60
N GLY M 64 28.99 9.29 75.75
CA GLY M 64 28.79 10.02 74.52
C GLY M 64 29.02 9.15 73.31
N ILE M 65 27.94 8.57 72.81
CA ILE M 65 27.86 7.94 71.50
C ILE M 65 26.51 8.37 70.94
N LYS M 66 25.72 8.99 71.81
CA LYS M 66 24.30 9.25 71.59
C LYS M 66 24.11 10.49 70.72
N GLU M 67 22.87 10.99 70.69
CA GLU M 67 22.39 12.05 69.79
C GLU M 67 22.63 11.64 68.32
N SER M 68 21.82 10.66 67.90
CA SER M 68 21.75 10.18 66.52
C SER M 68 21.67 11.34 65.54
N ASP M 69 22.69 11.44 64.71
CA ASP M 69 23.10 12.71 64.13
C ASP M 69 22.40 13.02 62.82
N THR M 70 22.82 14.13 62.20
CA THR M 70 22.56 14.46 60.82
C THR M 70 23.87 14.60 60.05
N GLY M 71 24.87 13.82 60.42
CA GLY M 71 26.15 13.88 59.73
C GLY M 71 27.33 14.25 60.60
N LEU M 72 27.31 13.83 61.86
CA LEU M 72 28.39 14.09 62.80
C LEU M 72 29.21 12.82 62.96
N ALA M 73 30.20 12.84 63.84
CA ALA M 73 31.08 11.71 64.10
C ALA M 73 30.72 11.05 65.41
N PRO M 74 31.25 9.85 65.68
CA PRO M 74 31.32 9.38 67.08
C PRO M 74 32.13 10.34 67.92
N PRO M 75 31.67 10.63 69.15
CA PRO M 75 32.24 11.77 69.88
C PRO M 75 33.64 11.54 70.40
N ALA M 76 33.97 10.31 70.77
CA ALA M 76 35.34 10.01 71.22
C ALA M 76 36.18 9.47 70.07
N LEU M 77 36.05 10.11 68.91
CA LEU M 77 36.88 9.79 67.76
C LEU M 77 37.49 11.00 67.11
N TRP M 78 36.94 12.19 67.30
CA TRP M 78 37.43 13.39 66.65
C TRP M 78 38.34 14.21 67.55
N ASP M 79 38.68 13.69 68.73
CA ASP M 79 39.35 14.46 69.79
C ASP M 79 40.76 14.91 69.41
N LEU M 80 41.28 14.46 68.28
CA LEU M 80 42.56 14.94 67.78
C LEU M 80 42.44 16.37 67.28
N ALA M 81 41.47 16.63 66.42
CA ALA M 81 41.04 17.99 66.15
C ALA M 81 39.95 18.35 67.14
N ALA M 82 40.39 18.64 68.36
CA ALA M 82 39.52 19.24 69.36
C ALA M 82 40.01 20.62 69.75
N ASP M 83 41.32 20.78 69.93
CA ASP M 83 41.88 22.09 70.24
C ASP M 83 42.95 22.44 69.22
N LYS M 84 43.74 21.44 68.83
CA LYS M 84 44.94 21.69 68.04
C LYS M 84 44.63 21.87 66.56
N GLN M 85 44.16 20.81 65.91
CA GLN M 85 43.96 20.84 64.47
C GLN M 85 42.70 21.61 64.10
N THR M 86 41.85 21.93 65.07
CA THR M 86 40.82 22.94 64.86
C THR M 86 41.42 24.27 64.48
N LEU M 87 42.35 24.75 65.27
CA LEU M 87 43.03 26.01 64.98
C LEU M 87 44.28 25.82 64.13
N GLN M 88 44.44 24.65 63.52
CA GLN M 88 45.57 24.38 62.64
C GLN M 88 45.15 24.03 61.23
N SER M 89 44.13 23.22 61.05
CA SER M 89 43.63 22.91 59.72
C SER M 89 42.63 23.94 59.23
N GLU M 90 42.35 24.98 60.01
CA GLU M 90 41.43 26.03 59.60
C GLU M 90 42.08 27.38 59.51
N GLN M 91 42.73 27.84 60.57
CA GLN M 91 43.18 29.21 60.63
C GLN M 91 44.48 29.45 59.85
N PRO M 92 45.52 28.56 59.90
CA PRO M 92 46.65 28.77 58.96
C PRO M 92 46.35 28.33 57.54
N LEU M 93 45.49 27.33 57.36
CA LEU M 93 45.31 26.71 56.07
C LEU M 93 44.22 27.43 55.28
N GLN M 94 44.42 27.54 53.97
CA GLN M 94 43.58 28.35 53.09
C GLN M 94 42.87 27.47 52.05
N VAL M 95 42.05 28.11 51.23
CA VAL M 95 41.00 27.40 50.51
C VAL M 95 41.46 26.85 49.15
N ALA M 96 42.25 27.63 48.39
CA ALA M 96 42.97 27.20 47.17
C ALA M 96 42.02 26.68 46.08
N ARG M 97 41.24 27.60 45.52
CA ARG M 97 40.29 27.31 44.43
C ARG M 97 41.00 26.75 43.19
N CYS M 98 40.44 25.67 42.62
CA CYS M 98 41.13 24.89 41.61
C CYS M 98 40.70 25.25 40.19
N THR M 99 41.64 25.16 39.26
CA THR M 99 41.58 25.80 37.96
C THR M 99 42.06 24.81 36.90
N LYS M 100 42.40 25.34 35.72
CA LYS M 100 42.97 24.54 34.64
C LYS M 100 43.84 25.45 33.79
N ILE M 101 45.06 25.00 33.48
CA ILE M 101 46.07 25.82 32.83
C ILE M 101 45.97 25.69 31.33
N ILE M 102 45.96 26.83 30.63
CA ILE M 102 45.99 26.78 29.16
C ILE M 102 47.39 26.53 28.65
N ASN M 103 48.33 27.46 28.88
CA ASN M 103 49.70 27.26 28.43
C ASN M 103 50.66 28.09 29.27
N ALA M 104 51.93 27.70 29.21
CA ALA M 104 53.05 28.48 29.68
C ALA M 104 53.54 29.35 28.54
N ASP M 105 54.64 30.07 28.79
CA ASP M 105 55.33 30.82 27.75
C ASP M 105 56.80 30.97 28.10
N SER M 106 57.60 31.32 27.10
CA SER M 106 59.05 31.30 27.28
C SER M 106 59.52 32.49 28.11
N GLU M 107 60.79 32.39 28.56
CA GLU M 107 61.64 33.42 29.17
C GLU M 107 61.23 33.79 30.60
N ASP M 108 60.05 33.35 31.01
CA ASP M 108 59.35 33.86 32.17
C ASP M 108 58.33 32.82 32.58
N PRO M 109 57.89 32.80 33.85
CA PRO M 109 56.80 31.91 34.21
C PRO M 109 55.50 32.21 33.47
N LYS M 110 54.86 33.35 33.77
CA LYS M 110 53.70 33.94 33.06
C LYS M 110 52.68 32.93 32.52
N TYR M 111 52.15 32.12 33.42
CA TYR M 111 51.22 31.06 33.02
C TYR M 111 49.85 31.63 32.71
N ILE M 112 49.20 31.07 31.69
CA ILE M 112 47.82 31.40 31.37
C ILE M 112 46.93 30.36 32.00
N ILE M 113 45.96 30.82 32.79
CA ILE M 113 45.17 29.93 33.62
C ILE M 113 43.73 30.05 33.15
N ASN M 114 42.88 29.13 33.59
CA ASN M 114 41.47 29.19 33.25
C ASN M 114 40.66 28.57 34.37
N VAL M 115 39.52 29.18 34.65
CA VAL M 115 38.64 28.73 35.72
C VAL M 115 37.32 28.35 35.07
N LYS M 116 36.34 27.94 35.88
CA LYS M 116 35.11 27.32 35.40
C LYS M 116 34.24 28.23 34.55
N GLN M 117 33.69 29.30 35.14
CA GLN M 117 32.93 30.26 34.35
C GLN M 117 33.56 31.63 34.25
N PHE M 118 34.45 31.99 35.17
CA PHE M 118 35.02 33.33 35.20
C PHE M 118 36.15 33.42 34.17
N ALA M 119 36.99 34.44 34.33
CA ALA M 119 37.91 34.82 33.28
C ALA M 119 39.13 33.92 33.22
N LYS M 120 40.12 34.38 32.48
CA LYS M 120 41.42 33.74 32.37
C LYS M 120 42.44 34.73 32.93
N PHE M 121 43.40 34.24 33.69
CA PHE M 121 44.34 35.13 34.34
C PHE M 121 45.77 34.81 33.94
N VAL M 122 46.68 35.70 34.30
CA VAL M 122 48.11 35.48 34.16
C VAL M 122 48.67 35.38 35.57
N VAL M 123 49.26 34.23 35.90
CA VAL M 123 49.55 33.87 37.28
C VAL M 123 51.03 33.57 37.45
N ASP M 124 51.40 33.12 38.65
CA ASP M 124 52.77 32.75 38.97
C ASP M 124 52.75 31.58 39.95
N LEU M 125 53.92 31.02 40.25
CA LEU M 125 53.99 29.89 41.17
C LEU M 125 54.05 30.36 42.62
N SER M 126 54.26 29.39 43.51
CA SER M 126 54.68 29.65 44.88
C SER M 126 56.11 29.16 45.04
N ASP M 127 56.66 29.36 46.23
CA ASP M 127 58.01 28.88 46.51
C ASP M 127 58.06 27.39 46.77
N GLN M 128 56.93 26.79 47.15
CA GLN M 128 56.90 25.41 47.59
C GLN M 128 56.83 24.40 46.46
N VAL M 129 56.81 24.84 45.20
CA VAL M 129 56.75 23.95 44.06
C VAL M 129 57.77 24.37 43.02
N ALA M 130 58.33 23.37 42.34
CA ALA M 130 59.21 23.63 41.23
C ALA M 130 58.39 24.05 40.02
N PRO M 131 59.02 24.70 39.02
CA PRO M 131 58.31 24.93 37.75
C PRO M 131 58.29 23.70 36.85
N THR M 132 58.73 22.56 37.35
CA THR M 132 58.82 21.35 36.54
C THR M 132 57.43 20.76 36.29
N ASP M 133 56.74 20.35 37.36
CA ASP M 133 55.51 19.58 37.18
C ASP M 133 54.29 20.48 37.14
N ILE M 134 54.37 21.55 36.36
CA ILE M 134 53.27 22.49 36.14
C ILE M 134 53.07 22.49 34.63
N GLU M 135 53.20 21.32 34.02
CA GLU M 135 53.05 21.18 32.58
C GLU M 135 51.63 21.56 32.14
N GLU M 136 51.50 21.83 30.85
CA GLU M 136 50.31 22.48 30.32
C GLU M 136 49.13 21.53 30.26
N GLY M 137 47.94 22.10 30.42
CA GLY M 137 46.71 21.34 30.44
C GLY M 137 46.59 20.48 31.67
N MET M 138 46.73 21.10 32.85
CA MET M 138 46.78 20.36 34.09
C MET M 138 46.04 21.14 35.16
N ARG M 139 45.21 20.45 35.92
CA ARG M 139 44.44 21.11 36.97
C ARG M 139 45.33 21.48 38.14
N VAL M 140 45.21 22.72 38.64
CA VAL M 140 46.01 23.20 39.75
C VAL M 140 45.14 24.00 40.73
N GLY M 141 45.57 24.02 41.98
CA GLY M 141 44.89 24.79 43.02
C GLY M 141 45.50 26.15 43.21
N VAL M 142 44.64 27.15 43.42
CA VAL M 142 45.02 28.56 43.31
C VAL M 142 44.30 29.36 44.38
N ASP M 143 45.05 30.17 45.13
CA ASP M 143 44.51 31.02 46.18
C ASP M 143 43.54 32.06 45.63
N ARG M 144 42.77 32.64 46.54
CA ARG M 144 41.63 33.47 46.20
C ARG M 144 41.99 34.94 46.06
N ASN M 145 43.21 35.34 46.39
CA ASN M 145 43.56 36.76 46.37
C ASN M 145 44.61 37.10 45.34
N LYS M 146 45.80 36.49 45.42
CA LYS M 146 46.87 36.80 44.50
C LYS M 146 46.71 36.09 43.17
N TYR M 147 45.93 35.00 43.16
CA TYR M 147 45.83 34.07 42.05
C TYR M 147 47.21 33.53 41.68
N GLN M 148 47.74 32.67 42.56
CA GLN M 148 48.95 31.96 42.24
C GLN M 148 48.81 30.47 42.56
N ILE M 149 49.65 29.69 41.91
CA ILE M 149 49.47 28.25 41.84
C ILE M 149 50.12 27.58 43.03
N HIS M 150 49.40 26.65 43.66
CA HIS M 150 49.88 25.96 44.84
C HIS M 150 50.34 24.54 44.56
N ILE M 151 49.51 23.72 43.91
CA ILE M 151 49.82 22.30 43.74
C ILE M 151 49.15 21.79 42.47
N PRO M 152 49.81 20.94 41.69
CA PRO M 152 49.12 20.25 40.61
C PRO M 152 48.17 19.19 41.14
N LEU M 153 47.15 18.89 40.35
CA LEU M 153 46.09 18.00 40.75
C LEU M 153 46.01 16.81 39.80
N PRO M 154 45.61 15.64 40.31
CA PRO M 154 45.31 14.54 39.41
C PRO M 154 44.08 14.85 38.58
N PRO M 155 44.05 14.42 37.32
CA PRO M 155 43.02 14.90 36.39
C PRO M 155 41.64 14.29 36.68
N LYS M 156 40.65 14.80 35.96
CA LYS M 156 39.28 14.34 36.09
C LYS M 156 39.14 12.96 35.48
N ILE M 157 38.41 12.08 36.18
CA ILE M 157 38.33 10.67 35.80
C ILE M 157 36.99 10.33 35.16
N ASP M 158 36.03 11.26 35.15
CA ASP M 158 34.70 11.13 34.52
C ASP M 158 33.95 9.92 35.04
N PRO M 159 33.29 10.05 36.21
CA PRO M 159 33.03 8.91 37.10
C PRO M 159 32.19 7.77 36.57
N THR M 160 31.50 7.93 35.43
CA THR M 160 30.82 6.76 34.88
C THR M 160 31.79 5.78 34.25
N VAL M 161 33.03 6.18 34.00
CA VAL M 161 34.08 5.26 33.62
C VAL M 161 34.76 4.72 34.88
N THR M 162 34.62 5.42 36.00
CA THR M 162 35.21 4.93 37.24
C THR M 162 34.46 3.72 37.77
N MET M 163 33.14 3.67 37.60
CA MET M 163 32.35 2.56 38.12
C MET M 163 32.56 1.26 37.35
N MET M 164 33.20 1.28 36.20
CA MET M 164 33.35 0.05 35.43
C MET M 164 34.74 -0.56 35.56
N GLN M 165 35.50 -0.19 36.58
CA GLN M 165 36.68 -0.94 36.95
C GLN M 165 36.29 -1.92 38.04
N VAL M 166 36.79 -3.16 37.94
CA VAL M 166 36.06 -4.25 38.58
C VAL M 166 36.32 -4.32 40.08
N GLU M 167 37.55 -4.02 40.55
CA GLU M 167 37.92 -3.83 41.95
C GLU M 167 37.80 -5.10 42.81
N GLU M 168 37.27 -6.18 42.25
CA GLU M 168 36.84 -7.32 43.04
C GLU M 168 36.72 -8.51 42.10
N LYS M 169 37.20 -9.64 42.55
CA LYS M 169 37.28 -10.77 41.66
C LYS M 169 36.17 -11.77 41.92
N PRO M 170 35.58 -12.33 40.88
CA PRO M 170 34.55 -13.36 41.06
C PRO M 170 35.20 -14.71 41.34
N ASP M 171 34.34 -15.70 41.61
CA ASP M 171 34.80 -17.00 42.09
C ASP M 171 34.51 -18.12 41.11
N VAL M 172 34.78 -17.91 39.83
CA VAL M 172 34.68 -18.98 38.85
C VAL M 172 36.09 -19.42 38.50
N THR M 173 36.36 -20.71 38.65
CA THR M 173 37.67 -21.27 38.38
C THR M 173 37.63 -21.90 36.99
N TYR M 174 38.80 -22.12 36.39
CA TYR M 174 38.89 -22.85 35.13
C TYR M 174 38.46 -24.30 35.26
N SER M 175 38.36 -24.82 36.49
CA SER M 175 37.81 -26.14 36.72
C SER M 175 36.30 -26.21 36.55
N ASP M 176 35.63 -25.08 36.34
CA ASP M 176 34.20 -25.06 36.13
C ASP M 176 33.81 -24.88 34.67
N VAL M 177 34.78 -24.84 33.76
CA VAL M 177 34.54 -24.50 32.37
C VAL M 177 34.85 -25.76 31.60
N GLY M 178 34.50 -26.91 32.19
CA GLY M 178 34.85 -28.18 31.59
C GLY M 178 34.10 -28.44 30.29
N GLY M 179 34.74 -29.20 29.42
CA GLY M 179 34.18 -29.56 28.14
C GLY M 179 34.77 -28.82 26.96
N CYS M 180 35.49 -27.73 27.21
CA CYS M 180 36.02 -26.88 26.15
C CYS M 180 37.47 -26.54 26.42
N LYS M 181 38.26 -27.58 26.72
CA LYS M 181 39.64 -27.42 27.16
C LYS M 181 40.52 -26.78 26.10
N GLU M 182 40.33 -27.19 24.84
CA GLU M 182 41.10 -26.63 23.74
C GLU M 182 40.82 -25.16 23.52
N GLN M 183 39.58 -24.73 23.74
CA GLN M 183 39.25 -23.33 23.63
C GLN M 183 39.87 -22.53 24.75
N ILE M 184 39.95 -23.12 25.95
CA ILE M 184 40.56 -22.44 27.08
C ILE M 184 42.05 -22.28 26.85
N GLU M 185 42.71 -23.32 26.34
CA GLU M 185 44.14 -23.27 26.09
C GLU M 185 44.49 -22.23 25.04
N LYS M 186 43.67 -22.12 24.00
CA LYS M 186 43.94 -21.17 22.94
C LYS M 186 43.60 -19.75 23.36
N LEU M 187 42.76 -19.59 24.38
CA LEU M 187 42.46 -18.30 24.97
C LEU M 187 43.49 -17.90 26.02
N ARG M 188 43.90 -18.84 26.85
CA ARG M 188 44.76 -18.52 27.98
C ARG M 188 46.17 -18.20 27.53
N GLU M 189 46.56 -18.62 26.32
CA GLU M 189 47.88 -18.31 25.81
C GLU M 189 47.98 -16.91 25.23
N VAL M 190 46.88 -16.17 25.18
CA VAL M 190 46.89 -14.82 24.66
C VAL M 190 46.72 -13.79 25.78
N VAL M 191 45.89 -14.11 26.76
CA VAL M 191 45.55 -13.13 27.77
C VAL M 191 46.62 -13.07 28.85
N GLU M 192 47.07 -14.21 29.35
CA GLU M 192 47.91 -14.17 30.53
C GLU M 192 49.35 -14.63 30.34
N THR M 193 49.64 -15.51 29.38
CA THR M 193 51.04 -15.93 29.25
C THR M 193 52.01 -14.85 28.77
N PRO M 194 51.66 -13.87 27.92
CA PRO M 194 52.57 -12.72 27.78
C PRO M 194 52.58 -11.81 28.99
N LEU M 195 51.64 -11.95 29.92
CA LEU M 195 51.73 -11.15 31.13
C LEU M 195 52.51 -11.85 32.24
N LEU M 196 52.31 -13.16 32.40
CA LEU M 196 52.97 -13.88 33.48
C LEU M 196 54.43 -14.20 33.15
N HIS M 197 54.73 -14.41 31.87
CA HIS M 197 56.11 -14.63 31.45
C HIS M 197 56.41 -13.82 30.20
N PRO M 198 56.71 -12.51 30.33
CA PRO M 198 57.06 -11.70 29.16
C PRO M 198 58.52 -11.84 28.75
N GLU M 199 59.01 -13.07 28.70
CA GLU M 199 60.36 -13.36 28.27
C GLU M 199 60.44 -14.49 27.27
N ARG M 200 59.48 -15.41 27.24
CA ARG M 200 59.49 -16.49 26.25
C ARG M 200 59.24 -15.95 24.86
N PHE M 201 58.57 -14.80 24.75
CA PHE M 201 58.21 -14.21 23.47
C PHE M 201 59.26 -13.25 22.96
N VAL M 202 59.88 -12.48 23.87
CA VAL M 202 60.78 -11.42 23.47
C VAL M 202 62.11 -12.00 22.99
N ASN M 203 62.61 -13.03 23.68
CA ASN M 203 63.86 -13.65 23.26
C ASN M 203 63.69 -14.44 21.96
N LEU M 204 62.47 -14.87 21.66
CA LEU M 204 62.22 -15.49 20.37
C LEU M 204 62.02 -14.43 19.30
N GLY M 205 61.66 -13.22 19.69
CA GLY M 205 61.54 -12.12 18.76
C GLY M 205 60.20 -11.93 18.12
N ILE M 206 59.12 -12.36 18.76
CA ILE M 206 57.79 -12.27 18.19
C ILE M 206 56.94 -11.34 19.05
N GLU M 207 56.08 -10.56 18.39
CA GLU M 207 55.13 -9.72 19.10
C GLU M 207 53.82 -10.47 19.21
N PRO M 208 53.35 -10.77 20.42
CA PRO M 208 52.20 -11.67 20.58
C PRO M 208 50.91 -10.97 20.20
N PRO M 209 49.85 -11.73 19.90
CA PRO M 209 48.57 -11.10 19.53
C PRO M 209 47.94 -10.39 20.71
N LYS M 210 47.04 -9.49 20.37
CA LYS M 210 46.48 -8.58 21.36
C LYS M 210 44.98 -8.73 21.53
N GLY M 211 44.25 -8.92 20.44
CA GLY M 211 42.80 -8.96 20.53
C GLY M 211 42.20 -10.32 20.27
N VAL M 212 41.03 -10.56 20.83
CA VAL M 212 40.39 -11.87 20.81
C VAL M 212 38.89 -11.69 21.04
N LEU M 213 38.06 -12.33 20.21
CA LEU M 213 36.63 -12.34 20.48
C LEU M 213 36.14 -13.76 20.62
N LEU M 214 35.01 -13.89 21.30
CA LEU M 214 34.48 -15.17 21.77
C LEU M 214 33.03 -15.20 21.31
N PHE M 215 32.68 -16.19 20.50
CA PHE M 215 31.36 -16.13 19.88
C PHE M 215 30.78 -17.53 19.73
N GLY M 216 29.48 -17.61 19.92
CA GLY M 216 28.75 -18.84 19.74
C GLY M 216 27.28 -18.63 20.03
N PRO M 217 26.52 -19.70 20.13
CA PRO M 217 25.12 -19.60 20.55
C PRO M 217 25.02 -19.15 21.99
N PRO M 218 23.85 -18.68 22.43
CA PRO M 218 23.73 -18.24 23.82
C PRO M 218 23.70 -19.40 24.80
N GLY M 219 24.07 -19.09 26.04
CA GLY M 219 24.13 -20.10 27.06
C GLY M 219 25.23 -21.11 26.89
N THR M 220 26.29 -20.75 26.17
CA THR M 220 27.31 -21.71 25.81
C THR M 220 28.54 -21.64 26.70
N GLY M 221 28.83 -20.49 27.28
CA GLY M 221 29.94 -20.42 28.20
C GLY M 221 30.84 -19.23 27.99
N LYS M 222 30.39 -18.28 27.18
CA LYS M 222 31.22 -17.12 26.84
C LYS M 222 31.41 -16.22 28.05
N THR M 223 30.31 -15.77 28.66
CA THR M 223 30.40 -14.94 29.85
C THR M 223 30.94 -15.73 31.03
N LEU M 224 30.71 -17.04 31.04
CA LEU M 224 31.25 -17.90 32.10
C LEU M 224 32.76 -17.99 32.00
N CYS M 225 33.29 -18.11 30.79
CA CYS M 225 34.74 -18.24 30.64
C CYS M 225 35.42 -16.91 30.84
N ALA M 226 34.69 -15.81 30.67
CA ALA M 226 35.29 -14.50 30.95
C ALA M 226 35.45 -14.27 32.43
N ARG M 227 34.59 -14.88 33.26
CA ARG M 227 34.72 -14.70 34.70
C ARG M 227 35.93 -15.44 35.24
N ALA M 228 36.29 -16.55 34.61
CA ALA M 228 37.46 -17.28 35.06
C ALA M 228 38.76 -16.54 34.77
N VAL M 229 38.76 -15.71 33.73
CA VAL M 229 39.97 -14.95 33.41
C VAL M 229 40.18 -13.85 34.43
N ALA M 230 39.13 -13.13 34.78
CA ALA M 230 39.21 -12.11 35.81
C ALA M 230 39.43 -12.69 37.20
N ASN M 231 39.22 -13.99 37.37
CA ASN M 231 39.57 -14.65 38.62
C ASN M 231 41.08 -14.74 38.78
N ARG M 232 41.77 -15.22 37.75
CA ARG M 232 43.16 -15.63 37.90
C ARG M 232 44.12 -14.49 37.62
N THR M 233 43.74 -13.50 36.83
CA THR M 233 44.66 -12.46 36.41
C THR M 233 45.03 -11.52 37.54
N ASP M 234 45.94 -10.60 37.25
CA ASP M 234 46.43 -9.66 38.24
C ASP M 234 46.41 -8.21 37.80
N ALA M 235 46.37 -7.91 36.51
CA ALA M 235 46.26 -6.52 36.07
C ALA M 235 44.85 -5.99 36.30
N CYS M 236 44.68 -4.69 36.05
CA CYS M 236 43.35 -4.09 36.04
C CYS M 236 42.47 -4.74 34.99
N PHE M 237 41.24 -5.04 35.37
CA PHE M 237 40.28 -5.71 34.52
C PHE M 237 39.09 -4.75 34.40
N ILE M 238 39.08 -3.94 33.35
CA ILE M 238 38.04 -2.95 33.18
C ILE M 238 36.98 -3.55 32.26
N ARG M 239 35.77 -3.75 32.80
CA ARG M 239 34.68 -4.33 32.04
C ARG M 239 33.86 -3.24 31.39
N VAL M 240 33.35 -3.51 30.19
CA VAL M 240 32.45 -2.60 29.50
C VAL M 240 31.33 -3.41 28.88
N ILE M 241 30.11 -3.16 29.31
CA ILE M 241 28.95 -3.71 28.64
C ILE M 241 28.58 -2.76 27.54
N GLY M 242 28.40 -3.30 26.32
CA GLY M 242 28.23 -2.49 25.13
C GLY M 242 26.99 -1.63 25.11
N SER M 243 26.03 -1.90 25.98
CA SER M 243 24.82 -1.09 26.09
C SER M 243 25.01 0.10 27.00
N GLU M 244 26.22 0.36 27.50
CA GLU M 244 26.45 1.52 28.32
C GLU M 244 27.03 2.70 27.55
N LEU M 245 27.40 2.51 26.30
CA LEU M 245 27.99 3.57 25.51
C LEU M 245 26.97 4.34 24.69
N VAL M 246 25.70 3.95 24.75
CA VAL M 246 24.65 4.71 24.09
C VAL M 246 24.31 5.90 24.98
N GLN M 247 24.54 7.10 24.48
CA GLN M 247 24.28 8.30 25.25
C GLN M 247 23.22 9.15 24.58
N LYS M 248 22.85 10.25 25.23
CA LYS M 248 21.71 11.01 24.79
C LYS M 248 22.08 12.16 23.88
N TYR M 249 23.27 12.72 24.02
CA TYR M 249 23.70 13.78 23.13
C TYR M 249 24.56 13.22 22.02
N VAL M 250 25.06 14.11 21.17
CA VAL M 250 25.80 13.74 19.98
C VAL M 250 27.28 13.76 20.32
N GLY M 251 27.96 12.66 20.03
CA GLY M 251 29.38 12.54 20.32
C GLY M 251 29.71 12.28 21.76
N GLU M 252 28.70 12.17 22.63
CA GLU M 252 28.95 11.91 24.03
C GLU M 252 29.43 10.49 24.25
N GLY M 253 28.98 9.56 23.40
CA GLY M 253 29.45 8.19 23.49
C GLY M 253 30.90 8.03 23.07
N ALA M 254 31.37 8.88 22.16
CA ALA M 254 32.72 8.74 21.67
C ALA M 254 33.75 9.28 22.66
N ARG M 255 33.37 10.22 23.52
CA ARG M 255 34.33 10.71 24.50
C ARG M 255 34.55 9.69 25.61
N MET M 256 33.54 8.88 25.88
CA MET M 256 33.70 7.83 26.88
C MET M 256 34.67 6.76 26.42
N VAL M 257 34.84 6.58 25.11
CA VAL M 257 35.83 5.63 24.62
C VAL M 257 37.23 6.12 24.91
N ARG M 258 37.45 7.43 24.84
CA ARG M 258 38.79 7.97 25.04
C ARG M 258 39.21 7.89 26.49
N GLU M 259 38.35 8.37 27.39
CA GLU M 259 38.61 8.36 28.82
C GLU M 259 38.84 6.96 29.35
N LEU M 260 38.25 5.96 28.71
CA LEU M 260 38.64 4.58 28.91
C LEU M 260 40.09 4.38 28.49
N PHE M 261 40.40 4.63 27.23
CA PHE M 261 41.75 4.40 26.72
C PHE M 261 42.76 5.44 27.16
N GLU M 262 42.37 6.47 27.90
CA GLU M 262 43.37 7.33 28.49
C GLU M 262 43.91 6.72 29.77
N MET M 263 43.02 6.35 30.70
CA MET M 263 43.45 5.74 31.94
C MET M 263 44.01 4.35 31.74
N ALA M 264 43.66 3.70 30.62
CA ALA M 264 44.25 2.41 30.34
C ALA M 264 45.71 2.53 29.95
N ARG M 265 46.08 3.58 29.20
CA ARG M 265 47.47 3.76 28.82
C ARG M 265 48.33 4.18 30.00
N THR M 266 47.74 4.74 31.05
CA THR M 266 48.50 5.07 32.23
C THR M 266 48.97 3.83 32.96
N LYS M 267 48.16 2.78 32.93
CA LYS M 267 48.53 1.52 33.55
C LYS M 267 49.65 0.85 32.77
N LYS M 268 50.38 -0.03 33.44
CA LYS M 268 51.42 -0.78 32.75
C LYS M 268 50.83 -1.92 31.93
N ALA M 269 49.82 -2.60 32.46
CA ALA M 269 49.05 -3.58 31.71
C ALA M 269 47.61 -3.50 32.16
N CYS M 270 46.68 -3.53 31.22
CA CYS M 270 45.28 -3.54 31.59
C CYS M 270 44.56 -4.52 30.66
N LEU M 271 43.37 -4.95 31.07
CA LEU M 271 42.66 -6.00 30.35
C LEU M 271 41.22 -5.53 30.19
N ILE M 272 40.86 -5.10 29.00
CA ILE M 272 39.55 -4.53 28.73
C ILE M 272 38.63 -5.65 28.29
N PHE M 273 37.41 -5.67 28.82
CA PHE M 273 36.42 -6.66 28.43
C PHE M 273 35.20 -5.97 27.86
N PHE M 274 34.88 -6.30 26.62
CA PHE M 274 33.71 -5.80 25.92
C PHE M 274 32.67 -6.91 25.89
N ASP M 275 31.46 -6.62 26.32
CA ASP M 275 30.39 -7.59 26.32
C ASP M 275 29.21 -7.08 25.52
N GLU M 276 28.66 -7.96 24.67
CA GLU M 276 27.50 -7.70 23.82
C GLU M 276 27.74 -6.51 22.89
N ILE M 277 28.69 -6.69 22.00
CA ILE M 277 29.15 -5.61 21.14
C ILE M 277 28.34 -5.54 19.86
N ASP M 278 27.29 -6.34 19.76
CA ASP M 278 26.38 -6.12 18.65
C ASP M 278 25.53 -4.88 18.84
N ALA M 279 25.49 -4.32 20.05
CA ALA M 279 24.80 -3.05 20.27
C ALA M 279 25.70 -1.88 19.91
N ILE M 280 27.01 -2.03 20.06
CA ILE M 280 27.88 -0.88 19.84
C ILE M 280 28.14 -0.63 18.36
N GLY M 281 28.13 -1.67 17.54
CA GLY M 281 28.17 -1.40 16.12
C GLY M 281 28.09 -2.64 15.27
N GLY M 282 27.17 -2.64 14.32
CA GLY M 282 27.15 -3.74 13.39
C GLY M 282 27.88 -3.41 12.10
N ALA M 283 27.41 -2.41 11.35
CA ALA M 283 27.94 -2.13 10.03
C ALA M 283 27.39 -0.80 9.57
N ARG M 284 28.16 -0.13 8.73
CA ARG M 284 27.76 1.14 8.16
C ARG M 284 26.93 0.87 6.92
N PHE M 285 25.72 1.39 6.88
CA PHE M 285 24.78 1.02 5.82
C PHE M 285 23.99 2.21 5.32
N ASP M 286 24.51 3.42 5.55
CA ASP M 286 23.74 4.65 5.62
C ASP M 286 22.95 4.92 4.35
N ASP M 287 21.66 5.17 4.51
CA ASP M 287 20.70 5.16 3.41
C ASP M 287 19.55 6.11 3.69
N GLY M 288 19.43 7.13 2.84
CA GLY M 288 18.30 8.03 2.92
C GLY M 288 18.36 8.90 4.14
N ALA M 289 17.34 8.79 4.97
CA ALA M 289 17.36 9.38 6.29
C ALA M 289 18.46 8.70 7.10
N GLY M 290 19.38 9.49 7.63
CA GLY M 290 20.46 8.93 8.38
C GLY M 290 19.95 8.39 9.69
N GLY M 291 19.81 7.08 9.74
CA GLY M 291 19.36 6.38 10.93
C GLY M 291 20.52 5.58 11.46
N ASP M 292 20.66 5.58 12.80
CA ASP M 292 21.77 4.94 13.52
C ASP M 292 23.10 5.47 13.04
N ASN M 293 23.13 6.76 12.70
CA ASN M 293 24.37 7.38 12.35
C ASN M 293 25.20 7.66 13.59
N GLU M 294 24.53 7.91 14.71
CA GLU M 294 25.23 8.29 15.94
C GLU M 294 26.02 7.13 16.51
N VAL M 295 25.48 5.92 16.41
CA VAL M 295 26.15 4.79 17.02
C VAL M 295 27.35 4.38 16.18
N GLN M 296 27.33 4.69 14.89
CA GLN M 296 28.46 4.35 14.03
C GLN M 296 29.68 5.20 14.32
N ARG M 297 29.50 6.45 14.74
CA ARG M 297 30.65 7.26 15.11
C ARG M 297 31.29 6.77 16.39
N THR M 298 30.51 6.23 17.32
CA THR M 298 31.09 5.61 18.49
C THR M 298 31.85 4.36 18.12
N MET M 299 31.36 3.64 17.11
CA MET M 299 32.06 2.45 16.62
C MET M 299 33.33 2.81 15.86
N LEU M 300 33.38 4.00 15.27
CA LEU M 300 34.60 4.38 14.56
C LEU M 300 35.69 4.86 15.49
N GLU M 301 35.33 5.52 16.58
CA GLU M 301 36.35 5.98 17.53
C GLU M 301 36.97 4.79 18.25
N LEU M 302 36.21 3.73 18.47
CA LEU M 302 36.76 2.52 19.04
C LEU M 302 37.76 1.87 18.09
N ILE M 303 37.50 1.95 16.79
CA ILE M 303 38.42 1.40 15.80
C ILE M 303 39.75 2.14 15.80
N ASN M 304 39.72 3.47 15.94
CA ASN M 304 40.94 4.24 15.88
C ASN M 304 41.82 4.03 17.11
N GLN M 305 41.22 3.72 18.25
CA GLN M 305 41.99 3.48 19.45
C GLN M 305 42.68 2.12 19.47
N LEU M 306 42.35 1.25 18.53
CA LEU M 306 42.94 -0.07 18.44
C LEU M 306 44.11 -0.14 17.48
N ASP M 307 44.08 0.60 16.37
CA ASP M 307 45.17 0.59 15.38
C ASP M 307 45.57 1.98 14.93
N GLY M 308 46.83 2.11 14.57
CA GLY M 308 47.42 3.23 13.85
C GLY M 308 47.72 4.41 14.74
N PHE M 309 48.85 5.08 14.44
CA PHE M 309 49.25 6.34 15.08
C PHE M 309 49.45 6.26 16.58
N ASP M 310 50.66 5.83 16.98
CA ASP M 310 51.28 5.68 18.30
C ASP M 310 50.35 4.83 19.17
N PRO M 311 50.42 3.51 18.98
CA PRO M 311 49.34 2.61 19.39
C PRO M 311 49.17 2.50 20.90
N ARG M 312 48.18 1.71 21.28
CA ARG M 312 47.76 1.62 22.67
C ARG M 312 48.81 0.98 23.58
N GLY M 313 49.77 0.27 23.03
CA GLY M 313 50.80 -0.30 23.86
C GLY M 313 50.30 -1.55 24.53
N ASN M 314 50.54 -1.65 25.84
CA ASN M 314 50.28 -2.90 26.54
C ASN M 314 48.85 -2.91 27.07
N ILE M 315 47.92 -2.98 26.13
CA ILE M 315 46.50 -3.08 26.42
C ILE M 315 45.94 -4.22 25.59
N LYS M 316 45.29 -5.18 26.24
CA LYS M 316 44.76 -6.35 25.57
C LYS M 316 43.25 -6.37 25.73
N VAL M 317 42.53 -6.46 24.63
CA VAL M 317 41.08 -6.37 24.63
C VAL M 317 40.48 -7.75 24.45
N LEU M 318 39.20 -7.86 24.76
CA LEU M 318 38.56 -9.17 24.74
C LEU M 318 37.08 -8.96 24.53
N MET M 319 36.58 -9.21 23.33
CA MET M 319 35.17 -9.07 23.03
C MET M 319 34.45 -10.40 23.20
N ALA M 320 33.12 -10.33 23.22
CA ALA M 320 32.29 -11.51 23.37
C ALA M 320 30.92 -11.18 22.79
N THR M 321 30.56 -11.82 21.69
CA THR M 321 29.31 -11.51 21.03
C THR M 321 28.43 -12.74 20.89
N ASN M 322 27.21 -12.48 20.46
CA ASN M 322 26.19 -13.50 20.32
C ASN M 322 25.92 -13.81 18.87
N ARG M 323 26.06 -12.82 18.01
CA ARG M 323 25.91 -13.04 16.59
C ARG M 323 26.96 -12.25 15.84
N PRO M 324 27.99 -12.90 15.35
CA PRO M 324 29.14 -12.16 14.82
C PRO M 324 28.94 -11.71 13.39
N ASP M 325 27.94 -12.27 12.72
CA ASP M 325 27.71 -11.97 11.30
C ASP M 325 27.28 -10.54 11.07
N THR M 326 26.73 -9.87 12.08
CA THR M 326 26.34 -8.49 11.91
C THR M 326 27.52 -7.55 12.00
N LEU M 327 28.64 -7.99 12.55
CA LEU M 327 29.77 -7.12 12.85
C LEU M 327 30.46 -6.63 11.59
N ASP M 328 31.23 -5.55 11.75
CA ASP M 328 31.82 -4.75 10.68
C ASP M 328 33.14 -5.38 10.23
N PRO M 329 33.42 -5.37 8.92
CA PRO M 329 34.68 -5.96 8.44
C PRO M 329 35.92 -5.23 8.91
N ALA M 330 35.84 -3.93 9.15
CA ALA M 330 37.00 -3.24 9.69
C ALA M 330 37.21 -3.48 11.17
N LEU M 331 36.24 -4.12 11.83
CA LEU M 331 36.44 -4.58 13.20
C LEU M 331 36.81 -6.05 13.27
N MET M 332 36.47 -6.84 12.25
CA MET M 332 36.88 -8.23 12.18
C MET M 332 38.29 -8.38 11.63
N ARG M 333 38.93 -7.27 11.27
CA ARG M 333 40.29 -7.31 10.75
C ARG M 333 41.25 -7.70 11.85
N PRO M 334 42.17 -8.62 11.59
CA PRO M 334 43.25 -8.87 12.54
C PRO M 334 44.16 -7.67 12.65
N GLY M 335 44.89 -7.62 13.75
CA GLY M 335 45.44 -6.40 14.25
C GLY M 335 44.51 -5.69 15.23
N ARG M 336 43.25 -6.06 15.22
CA ARG M 336 42.30 -5.69 16.26
C ARG M 336 41.72 -6.89 16.98
N LEU M 337 41.33 -7.92 16.24
CA LEU M 337 40.62 -9.09 16.78
C LEU M 337 41.25 -10.37 16.22
N ASP M 338 42.54 -10.53 16.50
CA ASP M 338 43.36 -11.62 15.96
C ASP M 338 42.74 -13.01 16.17
N ARG M 339 42.42 -13.33 17.42
CA ARG M 339 41.88 -14.65 17.72
C ARG M 339 40.37 -14.67 17.61
N LYS M 340 39.83 -15.76 17.10
CA LYS M 340 38.41 -15.90 16.81
C LYS M 340 37.89 -17.22 17.39
N ILE M 341 38.10 -17.40 18.70
CA ILE M 341 37.71 -18.61 19.41
C ILE M 341 36.22 -18.89 19.27
N GLU M 342 35.91 -20.12 18.88
CA GLU M 342 34.56 -20.64 18.66
C GLU M 342 34.08 -21.33 19.93
N PHE M 343 32.84 -21.07 20.34
CA PHE M 343 32.21 -21.86 21.39
C PHE M 343 31.04 -22.64 20.79
N SER M 344 31.31 -23.88 20.39
CA SER M 344 30.28 -24.75 19.85
C SER M 344 29.58 -25.49 20.96
N LEU M 345 28.68 -26.39 20.59
CA LEU M 345 28.01 -27.21 21.56
C LEU M 345 28.92 -28.37 21.97
N PRO M 346 28.80 -28.86 23.19
CA PRO M 346 29.61 -30.01 23.60
C PRO M 346 29.20 -31.27 22.86
N ASP M 347 30.17 -32.17 22.69
CA ASP M 347 29.98 -33.26 21.73
C ASP M 347 29.39 -34.52 22.36
N LEU M 348 30.16 -35.23 23.18
CA LEU M 348 29.56 -36.14 24.13
C LEU M 348 30.30 -36.06 25.46
N GLU M 349 31.62 -35.99 25.35
CA GLU M 349 32.46 -35.96 26.53
C GLU M 349 32.52 -34.57 27.12
N GLY M 350 32.20 -33.56 26.33
CA GLY M 350 31.89 -32.26 26.90
C GLY M 350 30.66 -32.31 27.77
N ARG M 351 29.65 -33.08 27.34
CA ARG M 351 28.41 -33.11 28.09
C ARG M 351 28.55 -33.93 29.35
N THR M 352 29.21 -35.09 29.27
CA THR M 352 29.39 -35.92 30.46
C THR M 352 30.26 -35.25 31.50
N HIS M 353 31.15 -34.36 31.07
CA HIS M 353 31.96 -33.63 32.03
C HIS M 353 31.14 -32.54 32.73
N ILE M 354 30.17 -31.96 32.03
CA ILE M 354 29.37 -30.89 32.63
C ILE M 354 28.41 -31.43 33.67
N PHE M 355 27.87 -32.64 33.44
CA PHE M 355 27.07 -33.30 34.46
C PHE M 355 27.89 -33.57 35.71
N LYS M 356 29.16 -33.93 35.55
CA LYS M 356 30.00 -34.13 36.72
C LYS M 356 30.34 -32.85 37.43
N ILE M 357 30.28 -31.70 36.76
CA ILE M 357 30.54 -30.44 37.43
C ILE M 357 29.33 -30.02 38.25
N HIS M 358 28.16 -30.02 37.64
CA HIS M 358 26.99 -29.50 38.33
C HIS M 358 26.29 -30.53 39.20
N ALA M 359 26.82 -31.74 39.31
CA ALA M 359 26.25 -32.71 40.23
C ALA M 359 27.29 -33.30 41.16
N ARG M 360 28.46 -32.68 41.28
CA ARG M 360 29.44 -33.17 42.24
C ARG M 360 29.10 -32.75 43.66
N SER M 361 28.16 -31.82 43.82
CA SER M 361 27.89 -31.21 45.11
C SER M 361 26.43 -31.37 45.48
N MET M 362 25.84 -32.53 45.21
CA MET M 362 24.45 -32.73 45.54
C MET M 362 24.20 -34.18 45.92
N SER M 363 23.27 -34.38 46.85
CA SER M 363 23.02 -35.70 47.45
C SER M 363 22.34 -36.59 46.42
N VAL M 364 23.10 -37.53 45.86
CA VAL M 364 22.58 -38.37 44.80
C VAL M 364 22.64 -39.82 45.25
N GLU M 365 21.85 -40.64 44.57
CA GLU M 365 22.05 -42.08 44.60
C GLU M 365 23.42 -42.39 44.02
N ARG M 366 24.12 -43.33 44.64
CA ARG M 366 25.48 -43.63 44.21
C ARG M 366 25.51 -44.31 42.85
N ASP M 367 24.47 -45.05 42.48
CA ASP M 367 24.53 -46.00 41.39
C ASP M 367 23.83 -45.50 40.13
N ILE M 368 23.98 -44.24 39.81
CA ILE M 368 23.42 -43.68 38.59
C ILE M 368 24.56 -43.48 37.62
N ARG M 369 24.25 -43.48 36.34
CA ARG M 369 25.24 -43.26 35.30
C ARG M 369 24.91 -42.00 34.52
N PHE M 370 25.90 -41.12 34.39
CA PHE M 370 25.70 -39.86 33.69
C PHE M 370 25.83 -40.00 32.19
N GLU M 371 26.63 -40.97 31.74
CA GLU M 371 26.83 -41.18 30.31
C GLU M 371 25.54 -41.52 29.60
N LEU M 372 24.63 -42.23 30.28
CA LEU M 372 23.30 -42.45 29.73
C LEU M 372 22.53 -41.15 29.57
N LEU M 373 22.71 -40.20 30.48
CA LEU M 373 21.95 -38.96 30.41
C LEU M 373 22.40 -38.08 29.26
N ALA M 374 23.70 -38.02 29.00
CA ALA M 374 24.22 -37.17 27.94
C ALA M 374 23.88 -37.67 26.56
N ARG M 375 23.50 -38.92 26.40
CA ARG M 375 22.98 -39.41 25.13
C ARG M 375 21.54 -38.98 24.89
N LEU M 376 20.87 -38.43 25.90
CA LEU M 376 19.51 -37.96 25.74
C LEU M 376 19.45 -36.47 25.42
N CYS M 377 20.58 -35.79 25.38
CA CYS M 377 20.63 -34.36 25.13
C CYS M 377 21.55 -34.13 23.95
N PRO M 378 21.08 -34.30 22.73
CA PRO M 378 21.99 -34.26 21.57
C PRO M 378 22.54 -32.87 21.26
N ASN M 379 21.68 -31.88 21.14
CA ASN M 379 22.10 -30.51 20.89
C ASN M 379 21.61 -29.67 22.04
N SER M 380 22.37 -29.66 23.12
CA SER M 380 22.00 -28.94 24.32
C SER M 380 23.19 -28.12 24.78
N THR M 381 22.91 -27.06 25.51
CA THR M 381 23.95 -26.17 25.99
C THR M 381 24.31 -26.49 27.42
N GLY M 382 25.42 -25.92 27.86
CA GLY M 382 25.82 -26.08 29.25
C GLY M 382 24.88 -25.44 30.23
N ALA M 383 24.18 -24.38 29.81
CA ALA M 383 23.21 -23.75 30.68
C ALA M 383 21.97 -24.61 30.85
N GLU M 384 21.62 -25.43 29.87
CA GLU M 384 20.48 -26.32 30.02
C GLU M 384 20.80 -27.48 30.92
N ILE M 385 22.03 -27.97 30.88
CA ILE M 385 22.43 -29.12 31.68
C ILE M 385 22.43 -28.77 33.15
N ARG M 386 22.79 -27.53 33.49
CA ARG M 386 22.70 -27.11 34.87
C ARG M 386 21.26 -27.01 35.32
N SER M 387 20.38 -26.61 34.41
CA SER M 387 18.97 -26.52 34.76
C SER M 387 18.33 -27.89 34.91
N VAL M 388 18.88 -28.92 34.25
CA VAL M 388 18.39 -30.28 34.48
C VAL M 388 18.77 -30.75 35.87
N CYS M 389 20.03 -30.50 36.26
CA CYS M 389 20.50 -30.95 37.56
C CYS M 389 19.83 -30.20 38.69
N THR M 390 19.52 -28.94 38.51
CA THR M 390 18.80 -28.23 39.56
C THR M 390 17.33 -28.60 39.62
N GLU M 391 16.74 -28.97 38.49
CA GLU M 391 15.33 -29.35 38.49
C GLU M 391 15.13 -30.72 39.10
N ALA M 392 16.05 -31.65 38.87
CA ALA M 392 15.84 -33.01 39.35
C ALA M 392 16.04 -33.11 40.84
N GLY M 393 16.80 -32.20 41.43
CA GLY M 393 16.84 -32.13 42.87
C GLY M 393 15.55 -31.63 43.47
N MET M 394 14.73 -30.95 42.67
CA MET M 394 13.47 -30.45 43.20
C MET M 394 12.45 -31.56 43.34
N PHE M 395 12.51 -32.57 42.48
CA PHE M 395 11.57 -33.68 42.56
C PHE M 395 11.77 -34.48 43.83
N ALA M 396 13.01 -34.59 44.32
CA ALA M 396 13.25 -35.19 45.61
C ALA M 396 12.64 -34.35 46.72
N ILE M 397 12.67 -33.03 46.57
CA ILE M 397 12.06 -32.14 47.54
C ILE M 397 10.55 -32.15 47.38
N ARG M 398 10.04 -32.55 46.22
CA ARG M 398 8.59 -32.58 46.01
C ARG M 398 7.92 -33.59 46.92
N ALA M 399 8.39 -34.83 46.92
CA ALA M 399 7.70 -35.76 47.79
C ALA M 399 8.21 -35.65 49.22
N ARG M 400 9.32 -36.33 49.53
CA ARG M 400 9.96 -36.20 50.83
C ARG M 400 11.47 -36.29 50.80
N ARG M 401 12.06 -36.95 49.81
CA ARG M 401 13.27 -37.71 50.08
C ARG M 401 14.52 -36.84 50.07
N LYS M 402 15.64 -37.45 50.42
CA LYS M 402 16.87 -36.75 50.69
C LYS M 402 17.94 -36.94 49.64
N ILE M 403 17.80 -37.95 48.77
CA ILE M 403 18.76 -38.17 47.71
C ILE M 403 18.01 -38.50 46.43
N ALA M 404 18.46 -37.92 45.32
CA ALA M 404 17.82 -38.08 44.04
C ALA M 404 18.08 -39.48 43.49
N THR M 405 17.23 -39.89 42.55
CA THR M 405 17.38 -41.20 41.94
C THR M 405 17.63 -41.04 40.45
N GLU M 406 17.79 -42.15 39.73
CA GLU M 406 17.99 -42.07 38.29
C GLU M 406 16.69 -41.70 37.60
N LYS M 407 15.56 -42.19 38.10
CA LYS M 407 14.28 -41.81 37.53
C LYS M 407 13.87 -40.40 37.93
N ASP M 408 14.50 -39.82 38.95
CA ASP M 408 14.32 -38.40 39.18
C ASP M 408 15.01 -37.57 38.13
N PHE M 409 16.14 -38.06 37.61
CA PHE M 409 16.78 -37.39 36.48
C PHE M 409 15.93 -37.47 35.24
N LEU M 410 15.33 -38.64 34.98
CA LEU M 410 14.62 -38.84 33.73
C LEU M 410 13.29 -38.10 33.72
N GLU M 411 12.72 -37.83 34.88
CA GLU M 411 11.58 -36.93 34.93
C GLU M 411 11.97 -35.48 34.72
N ALA M 412 13.25 -35.15 34.86
CA ALA M 412 13.70 -33.80 34.59
C ALA M 412 14.07 -33.59 33.14
N VAL M 413 14.55 -34.64 32.46
CA VAL M 413 15.01 -34.48 31.08
C VAL M 413 13.84 -34.21 30.15
N ASN M 414 12.79 -35.02 30.24
CA ASN M 414 11.63 -34.82 29.39
C ASN M 414 10.85 -33.56 29.70
N LYS M 415 11.08 -32.93 30.85
CA LYS M 415 10.50 -31.64 31.12
C LYS M 415 11.38 -30.52 30.58
N VAL M 416 12.68 -30.60 30.78
CA VAL M 416 13.55 -29.51 30.37
C VAL M 416 13.90 -29.62 28.89
N ILE M 417 14.31 -30.80 28.44
CA ILE M 417 14.77 -30.94 27.07
C ILE M 417 13.58 -31.00 26.13
N LYS M 418 12.57 -31.79 26.46
CA LYS M 418 11.51 -32.09 25.51
C LYS M 418 10.20 -31.37 25.77
N SER M 419 9.94 -30.90 26.99
CA SER M 419 8.72 -30.14 27.20
C SER M 419 8.93 -28.64 27.16
N TYR M 420 10.15 -28.16 27.36
CA TYR M 420 10.49 -26.77 27.07
C TYR M 420 11.10 -26.62 25.69
N ALA M 421 10.86 -27.60 24.81
CA ALA M 421 11.43 -27.55 23.48
C ALA M 421 10.70 -26.60 22.55
N LYS M 422 9.58 -26.02 22.97
CA LYS M 422 8.93 -25.00 22.17
C LYS M 422 9.79 -23.75 22.07
N PHE M 423 10.57 -23.47 23.09
CA PHE M 423 11.34 -22.22 23.12
C PHE M 423 12.74 -22.45 22.56
N SER M 424 13.54 -23.23 23.28
CA SER M 424 14.79 -23.88 22.89
C SER M 424 15.96 -22.95 22.57
N ALA M 425 15.68 -21.72 22.14
CA ALA M 425 16.60 -20.59 21.98
C ALA M 425 17.79 -20.80 21.03
N THR M 426 18.11 -22.05 20.70
CA THR M 426 19.28 -22.38 19.90
C THR M 426 19.12 -22.39 18.38
N PRO M 427 18.07 -23.02 17.75
CA PRO M 427 18.25 -23.39 16.33
C PRO M 427 18.18 -22.20 15.38
N ARG M 428 17.62 -21.09 15.81
CA ARG M 428 17.75 -19.89 14.99
C ARG M 428 18.95 -19.05 15.38
N TYR M 429 19.78 -19.52 16.31
CA TYR M 429 21.04 -18.88 16.59
C TYR M 429 22.25 -19.70 16.19
N MET M 430 22.05 -20.97 15.85
CA MET M 430 23.12 -21.73 15.23
C MET M 430 23.47 -21.15 13.86
N THR M 431 22.47 -20.71 13.12
CA THR M 431 22.69 -19.98 11.89
C THR M 431 23.03 -18.52 12.12
N TYR M 432 23.06 -18.08 13.39
CA TYR M 432 23.49 -16.75 13.83
C TYR M 432 22.61 -15.63 13.32
N ASN M 433 21.36 -15.94 12.99
CA ASN M 433 20.44 -14.91 12.53
C ASN M 433 19.35 -14.72 13.56
N ALA N 46 24.86 -2.24 72.58
CA ALA N 46 24.61 -2.48 71.17
C ALA N 46 25.52 -3.58 70.62
N SER N 47 24.90 -4.71 70.28
CA SER N 47 25.56 -5.91 69.75
C SER N 47 26.70 -6.37 70.65
N LYS N 48 26.41 -6.41 71.95
CA LYS N 48 27.46 -6.63 72.95
C LYS N 48 27.90 -8.10 72.98
N LEU N 49 26.97 -9.02 72.74
CA LEU N 49 27.24 -10.45 72.81
C LEU N 49 26.16 -11.21 72.05
N PRO N 50 26.53 -11.98 71.03
CA PRO N 50 25.53 -12.67 70.20
C PRO N 50 25.20 -14.11 70.61
N LEU N 51 25.62 -14.56 71.78
CA LEU N 51 25.44 -15.96 72.17
C LEU N 51 24.18 -16.08 73.02
N VAL N 52 23.25 -16.92 72.60
CA VAL N 52 22.00 -17.11 73.32
C VAL N 52 21.70 -18.61 73.44
N THR N 53 22.63 -19.44 72.93
CA THR N 53 22.33 -20.82 72.55
C THR N 53 21.86 -21.87 73.58
N PRO N 54 22.09 -21.78 74.95
CA PRO N 54 21.59 -22.88 75.80
C PRO N 54 20.07 -22.94 75.92
N HIS N 55 19.44 -21.78 76.20
CA HIS N 55 17.98 -21.60 76.21
C HIS N 55 17.30 -22.52 77.24
N THR N 56 17.70 -22.36 78.50
CA THR N 56 17.17 -23.14 79.62
C THR N 56 17.44 -22.38 80.92
N GLN N 57 17.30 -23.09 82.04
CA GLN N 57 17.65 -22.56 83.36
C GLN N 57 19.02 -23.03 83.83
N CYS N 58 19.97 -23.21 82.91
CA CYS N 58 21.27 -23.77 83.26
C CYS N 58 22.14 -22.75 83.98
N ARG N 59 23.21 -23.26 84.59
CA ARG N 59 24.22 -22.41 85.19
C ARG N 59 25.06 -21.72 84.13
N LEU N 60 25.16 -22.29 82.92
CA LEU N 60 25.95 -21.70 81.85
C LEU N 60 25.36 -20.36 81.41
N LYS N 61 24.03 -20.26 81.34
CA LYS N 61 23.41 -18.97 81.09
C LYS N 61 23.58 -18.03 82.28
N LEU N 62 23.68 -18.57 83.49
CA LEU N 62 23.96 -17.74 84.64
C LEU N 62 25.42 -17.31 84.68
N LEU N 63 26.33 -18.15 84.20
CA LEU N 63 27.74 -17.80 84.21
C LEU N 63 28.08 -16.72 83.20
N LYS N 64 27.61 -16.87 81.96
CA LYS N 64 28.01 -15.99 80.85
C LYS N 64 27.60 -14.55 81.11
N LEU N 65 26.35 -14.35 81.50
CA LEU N 65 25.82 -13.00 81.66
C LEU N 65 26.36 -12.34 82.92
N GLU N 66 26.75 -13.13 83.91
CA GLU N 66 27.44 -12.59 85.08
C GLU N 66 28.91 -12.33 84.81
N ARG N 67 29.51 -12.99 83.82
CA ARG N 67 30.81 -12.55 83.35
C ARG N 67 30.72 -11.18 82.70
N ILE N 68 29.76 -11.03 81.79
CA ILE N 68 29.46 -9.78 81.09
C ILE N 68 29.12 -8.67 82.08
N LYS N 69 28.50 -9.03 83.21
CA LYS N 69 28.25 -8.09 84.29
C LYS N 69 29.53 -7.47 84.82
N ASP N 70 30.61 -8.22 84.86
CA ASP N 70 31.87 -7.66 85.30
C ASP N 70 32.57 -6.90 84.19
N TYR N 71 32.33 -7.28 82.93
CA TYR N 71 32.95 -6.54 81.82
C TYR N 71 32.31 -5.17 81.65
N LEU N 72 31.10 -4.98 82.17
CA LEU N 72 30.41 -3.69 82.06
C LEU N 72 30.75 -2.77 83.22
N LEU N 73 30.75 -3.30 84.44
CA LEU N 73 30.97 -2.47 85.63
C LEU N 73 32.42 -2.01 85.69
N MET N 74 33.36 -2.90 85.37
CA MET N 74 34.77 -2.51 85.31
C MET N 74 35.02 -1.50 84.21
N GLU N 75 34.28 -1.60 83.11
CA GLU N 75 34.35 -0.58 82.07
C GLU N 75 33.67 0.71 82.54
N GLU N 76 32.61 0.59 83.33
CA GLU N 76 31.97 1.76 83.92
C GLU N 76 32.90 2.46 84.91
N GLU N 77 33.46 1.69 85.84
CA GLU N 77 34.27 2.29 86.91
C GLU N 77 35.60 2.82 86.38
N PHE N 78 36.08 2.28 85.26
CA PHE N 78 37.27 2.83 84.63
C PHE N 78 36.99 4.22 84.06
N ILE N 79 35.90 4.34 83.30
CA ILE N 79 35.63 5.59 82.61
C ILE N 79 35.03 6.62 83.56
N ARG N 80 34.51 6.17 84.70
CA ARG N 80 34.03 7.08 85.74
C ARG N 80 35.19 7.87 86.33
N ASN N 81 36.35 7.24 86.47
CA ASN N 81 37.52 7.89 87.05
C ASN N 81 38.23 8.83 86.08
N GLN N 82 37.71 9.00 84.86
CA GLN N 82 38.25 10.03 83.99
C GLN N 82 37.87 11.41 84.51
N GLU N 83 36.56 11.67 84.63
CA GLU N 83 36.08 12.97 85.12
C GLU N 83 36.35 13.19 86.59
N GLN N 84 36.67 12.14 87.35
CA GLN N 84 36.99 12.31 88.76
C GLN N 84 38.37 12.95 88.93
N MET N 85 39.34 12.52 88.12
CA MET N 85 40.68 13.07 88.21
C MET N 85 40.98 14.09 87.13
N LYS N 86 40.25 14.08 86.02
CA LYS N 86 40.41 15.03 84.94
C LYS N 86 39.03 15.57 84.60
N PRO N 87 38.47 16.51 85.41
CA PRO N 87 37.15 17.05 85.10
C PRO N 87 37.13 17.82 83.79
N LEU N 88 37.80 18.98 83.76
CA LEU N 88 38.35 19.64 82.57
C LEU N 88 37.34 20.06 81.49
N GLU N 89 36.09 19.62 81.62
CA GLU N 89 35.00 19.83 80.68
C GLU N 89 33.76 19.23 81.33
N GLU N 90 32.61 19.34 80.69
CA GLU N 90 31.48 18.49 81.06
C GLU N 90 31.30 17.33 80.10
N LYS N 91 31.69 17.50 78.83
CA LYS N 91 31.75 16.58 77.70
C LYS N 91 30.34 16.29 77.15
N GLN N 92 29.28 16.66 77.85
CA GLN N 92 27.95 16.56 77.28
C GLN N 92 27.72 17.70 76.31
N GLU N 93 28.32 18.85 76.58
CA GLU N 93 28.20 20.03 75.74
C GLU N 93 29.52 20.73 75.48
N GLU N 94 30.56 20.49 76.29
CA GLU N 94 31.76 21.31 76.20
C GLU N 94 32.56 20.96 74.95
N GLU N 95 32.61 19.68 74.62
CA GLU N 95 33.09 19.28 73.31
C GLU N 95 32.09 19.65 72.23
N ARG N 96 30.79 19.63 72.55
CA ARG N 96 29.76 19.86 71.55
C ARG N 96 29.70 21.32 71.14
N SER N 97 29.59 22.22 72.12
CA SER N 97 29.58 23.66 71.85
C SER N 97 30.88 24.14 71.23
N LYS N 98 31.99 23.47 71.54
CA LYS N 98 33.24 23.77 70.85
C LYS N 98 33.15 23.44 69.37
N VAL N 99 32.52 22.32 69.04
CA VAL N 99 32.24 21.99 67.64
C VAL N 99 31.22 22.95 67.05
N ASP N 100 30.16 23.25 67.81
CA ASP N 100 29.10 24.12 67.31
C ASP N 100 29.56 25.55 67.13
N ASP N 101 30.56 25.99 67.89
CA ASP N 101 31.18 27.29 67.65
C ASP N 101 32.20 27.24 66.54
N LEU N 102 32.76 26.06 66.26
CA LEU N 102 33.67 25.92 65.13
C LEU N 102 32.90 26.03 63.82
N ARG N 103 31.84 25.25 63.68
CA ARG N 103 31.04 25.28 62.47
C ARG N 103 30.16 26.53 62.46
N GLY N 104 30.14 27.21 61.32
CA GLY N 104 29.45 28.47 61.23
C GLY N 104 27.95 28.30 61.17
N THR N 105 27.24 29.35 61.60
CA THR N 105 25.79 29.34 61.61
C THR N 105 25.20 29.35 60.19
N PRO N 106 25.72 30.10 59.22
CA PRO N 106 25.39 29.75 57.83
C PRO N 106 26.10 28.46 57.44
N MET N 107 25.36 27.54 56.83
CA MET N 107 25.90 26.25 56.42
C MET N 107 25.50 26.03 54.96
N SER N 108 26.44 26.17 54.06
CA SER N 108 26.17 26.02 52.64
C SER N 108 26.28 24.55 52.24
N VAL N 109 25.50 24.18 51.23
CA VAL N 109 25.40 22.80 50.79
C VAL N 109 26.14 22.63 49.47
N GLY N 110 27.08 21.69 49.45
CA GLY N 110 27.83 21.42 48.23
C GLY N 110 27.69 20.00 47.74
N THR N 111 28.69 19.54 46.99
CA THR N 111 28.64 18.24 46.34
C THR N 111 30.04 17.64 46.32
N LEU N 112 30.16 16.37 46.69
CA LEU N 112 31.41 15.66 46.52
C LEU N 112 31.59 15.20 45.09
N GLU N 113 32.83 15.20 44.64
CA GLU N 113 33.17 14.55 43.38
C GLU N 113 34.45 13.73 43.45
N GLU N 114 35.27 13.89 44.48
CA GLU N 114 36.44 13.05 44.68
C GLU N 114 36.80 13.14 46.15
N ILE N 115 37.76 12.31 46.56
CA ILE N 115 38.34 12.36 47.89
C ILE N 115 39.85 12.15 47.77
N ILE N 116 40.63 13.01 48.40
CA ILE N 116 42.03 12.70 48.71
C ILE N 116 42.11 12.49 50.21
N ASP N 117 42.55 11.30 50.62
CA ASP N 117 42.19 10.76 51.94
C ASP N 117 42.92 11.44 53.09
N ASP N 118 43.84 12.36 52.80
CA ASP N 118 44.48 13.15 53.85
C ASP N 118 43.66 14.40 54.19
N ASN N 119 42.40 14.14 54.58
CA ASN N 119 41.35 15.06 55.00
C ASN N 119 41.25 16.39 54.25
N HIS N 120 41.40 16.35 52.93
CA HIS N 120 41.03 17.46 52.05
C HIS N 120 40.61 16.90 50.71
N ALA N 121 39.49 17.38 50.18
CA ALA N 121 38.94 16.86 48.95
C ALA N 121 38.42 17.99 48.10
N ILE N 122 38.40 17.76 46.79
CA ILE N 122 37.84 18.72 45.85
C ILE N 122 36.32 18.60 45.91
N VAL N 123 35.66 19.67 46.34
CA VAL N 123 34.22 19.66 46.43
C VAL N 123 33.66 20.72 45.49
N SER N 124 32.43 20.49 45.04
CA SER N 124 31.76 21.40 44.12
C SER N 124 30.76 22.26 44.89
N THR N 125 30.88 23.56 44.74
CA THR N 125 29.90 24.45 45.33
C THR N 125 28.63 24.42 44.50
N SER N 126 27.59 25.05 45.03
CA SER N 126 26.26 24.94 44.43
C SER N 126 26.08 25.80 43.19
N VAL N 127 27.05 26.65 42.87
CA VAL N 127 26.99 27.41 41.64
C VAL N 127 27.67 26.66 40.50
N GLY N 128 28.84 26.09 40.74
CA GLY N 128 29.56 25.40 39.70
C GLY N 128 31.04 25.65 39.80
N SER N 129 31.43 26.58 40.66
CA SER N 129 32.83 26.87 40.92
C SER N 129 33.29 26.01 42.08
N GLU N 130 34.25 25.14 41.83
CA GLU N 130 34.62 24.12 42.80
C GLU N 130 35.97 24.44 43.45
N HIS N 131 36.13 23.93 44.66
CA HIS N 131 37.22 24.33 45.54
C HIS N 131 38.02 23.11 45.96
N TYR N 132 39.01 23.33 46.81
CA TYR N 132 39.96 22.30 47.24
C TYR N 132 40.07 22.38 48.75
N VAL N 133 38.93 22.41 49.41
CA VAL N 133 38.84 22.67 50.84
C VAL N 133 39.28 21.47 51.63
N SER N 134 39.47 21.65 52.94
CA SER N 134 39.86 20.57 53.81
C SER N 134 38.65 19.96 54.51
N ILE N 135 38.87 18.76 55.02
CA ILE N 135 37.85 17.99 55.71
C ILE N 135 38.25 17.92 57.18
N LEU N 136 37.26 17.97 58.07
CA LEU N 136 37.57 18.04 59.50
C LEU N 136 37.73 16.63 60.08
N SER N 137 37.75 16.54 61.41
CA SER N 137 37.84 15.25 62.09
C SER N 137 36.53 14.81 62.70
N PHE N 138 35.57 15.72 62.89
CA PHE N 138 34.24 15.35 63.36
C PHE N 138 33.29 15.04 62.22
N VAL N 139 33.83 14.54 61.12
CA VAL N 139 33.16 14.46 59.83
C VAL N 139 32.74 13.04 59.50
N ASP N 140 33.13 12.07 60.35
CA ASP N 140 33.07 10.60 60.21
C ASP N 140 33.37 10.11 58.79
N LYS N 141 34.64 10.21 58.38
CA LYS N 141 35.07 10.01 56.99
C LYS N 141 34.88 8.54 56.57
N ASP N 142 33.62 8.13 56.49
CA ASP N 142 33.20 6.86 55.91
C ASP N 142 31.95 7.00 55.04
N LEU N 143 31.13 8.01 55.26
CA LEU N 143 29.84 8.17 54.59
C LEU N 143 29.98 9.15 53.43
N LEU N 144 31.12 9.09 52.75
CA LEU N 144 31.46 10.05 51.71
C LEU N 144 31.62 9.31 50.40
N GLU N 145 30.66 9.49 49.50
CA GLU N 145 30.73 8.96 48.16
C GLU N 145 30.73 10.12 47.17
N PRO N 146 31.29 9.93 45.98
CA PRO N 146 31.21 10.98 44.96
C PRO N 146 29.77 11.16 44.50
N GLY N 147 29.21 12.33 44.81
CA GLY N 147 27.82 12.60 44.56
C GLY N 147 26.96 12.75 45.79
N CYS N 148 27.55 12.61 46.98
CA CYS N 148 26.78 12.78 48.20
C CYS N 148 26.76 14.25 48.60
N SER N 149 25.59 14.70 49.02
CA SER N 149 25.42 16.10 49.40
C SER N 149 26.01 16.35 50.78
N VAL N 150 26.83 17.40 50.89
CA VAL N 150 27.58 17.67 52.11
C VAL N 150 27.23 19.06 52.63
N LEU N 151 27.80 19.38 53.79
CA LEU N 151 27.67 20.70 54.41
C LEU N 151 29.04 21.35 54.40
N LEU N 152 29.08 22.63 54.05
CA LEU N 152 30.34 23.35 53.97
C LEU N 152 30.39 24.45 55.01
N ASN N 153 31.58 24.98 55.24
CA ASN N 153 31.75 26.20 55.99
C ASN N 153 31.30 27.37 55.13
N HIS N 154 30.96 28.46 55.78
CA HIS N 154 30.64 29.66 55.02
C HIS N 154 31.89 30.51 54.75
N LYS N 155 32.89 30.40 55.63
CA LYS N 155 34.06 31.27 55.51
C LYS N 155 35.11 30.68 54.59
N VAL N 156 35.65 29.51 54.94
CA VAL N 156 36.68 28.87 54.13
C VAL N 156 36.16 27.65 53.39
N HIS N 157 34.85 27.42 53.44
CA HIS N 157 34.13 26.37 52.71
C HIS N 157 34.58 24.96 53.08
N ALA N 158 35.19 24.78 54.26
CA ALA N 158 35.68 23.47 54.65
C ALA N 158 34.53 22.52 54.95
N VAL N 159 34.76 21.23 54.68
CA VAL N 159 33.71 20.23 54.78
C VAL N 159 33.43 19.97 56.25
N ILE N 160 32.27 20.41 56.72
CA ILE N 160 31.91 20.27 58.13
C ILE N 160 31.26 18.93 58.36
N GLY N 161 30.12 18.69 57.72
CA GLY N 161 29.36 17.50 57.94
C GLY N 161 28.75 17.03 56.63
N VAL N 162 28.22 15.82 56.66
CA VAL N 162 27.56 15.27 55.51
C VAL N 162 26.06 15.48 55.71
N LEU N 163 25.29 15.35 54.65
CA LEU N 163 23.85 15.54 54.72
C LEU N 163 23.16 14.25 54.31
N MET N 164 22.22 13.81 55.14
CA MET N 164 21.40 12.65 54.82
C MET N 164 20.51 12.96 53.63
N ASP N 165 20.54 12.09 52.64
CA ASP N 165 19.89 12.36 51.36
C ASP N 165 18.39 12.16 51.48
N ASP N 166 17.64 12.93 50.69
CA ASP N 166 16.18 12.87 50.65
C ASP N 166 15.80 12.13 49.38
N THR N 167 15.78 10.80 49.47
CA THR N 167 15.60 9.94 48.31
C THR N 167 14.37 9.07 48.51
N ASP N 168 13.63 8.77 47.45
CA ASP N 168 13.78 9.30 46.09
C ASP N 168 12.40 9.50 45.50
N PRO N 169 12.26 10.35 44.49
CA PRO N 169 11.02 10.33 43.71
C PRO N 169 10.93 9.28 42.63
N LEU N 170 11.76 8.22 42.63
CA LEU N 170 11.41 7.06 41.82
C LEU N 170 11.46 5.74 42.57
N VAL N 171 12.18 5.66 43.68
CA VAL N 171 12.15 4.46 44.51
C VAL N 171 10.75 4.23 45.04
N THR N 172 10.13 5.28 45.58
CA THR N 172 8.78 5.19 46.10
C THR N 172 7.75 4.96 45.01
N VAL N 173 8.07 5.27 43.77
CA VAL N 173 7.19 4.95 42.67
C VAL N 173 7.10 3.44 42.47
N MET N 174 8.25 2.77 42.48
CA MET N 174 8.31 1.37 42.11
C MET N 174 8.14 0.43 43.30
N LYS N 175 8.29 0.92 44.52
CA LYS N 175 8.25 0.08 45.70
C LYS N 175 6.81 -0.03 46.18
N VAL N 176 6.32 -1.26 46.27
CA VAL N 176 4.97 -1.51 46.74
C VAL N 176 4.92 -1.22 48.24
N GLU N 177 3.98 -0.35 48.65
CA GLU N 177 3.94 0.12 50.02
C GLU N 177 3.37 -0.95 50.96
N LYS N 178 2.13 -1.35 50.74
CA LYS N 178 1.44 -2.30 51.60
C LYS N 178 1.01 -3.53 50.81
N ALA N 179 0.58 -4.54 51.56
CA ALA N 179 0.16 -5.79 50.95
C ALA N 179 -1.15 -5.58 50.19
N PRO N 180 -1.23 -6.05 48.95
CA PRO N 180 -2.33 -5.64 48.06
C PRO N 180 -3.72 -6.13 48.43
N GLN N 181 -3.90 -7.43 48.65
CA GLN N 181 -5.25 -7.97 48.69
C GLN N 181 -5.24 -9.27 49.48
N GLU N 182 -6.28 -10.07 49.30
CA GLU N 182 -6.48 -11.32 50.04
C GLU N 182 -5.48 -12.39 49.62
N THR N 183 -5.61 -13.55 50.26
CA THR N 183 -4.58 -14.58 50.25
C THR N 183 -4.70 -15.48 49.03
N TYR N 184 -3.95 -16.59 49.06
CA TYR N 184 -4.01 -17.61 48.03
C TYR N 184 -5.37 -18.28 47.93
N ALA N 185 -6.14 -18.29 49.02
CA ALA N 185 -7.48 -18.86 48.99
C ALA N 185 -8.45 -18.06 48.14
N ASP N 186 -8.08 -16.85 47.72
CA ASP N 186 -8.90 -16.06 46.83
C ASP N 186 -8.82 -16.55 45.38
N ILE N 187 -7.88 -17.44 45.06
CA ILE N 187 -7.64 -17.76 43.66
C ILE N 187 -8.59 -18.86 43.18
N GLY N 188 -8.39 -20.07 43.69
CA GLY N 188 -9.25 -21.15 43.28
C GLY N 188 -8.93 -21.73 41.93
N GLY N 189 -8.84 -23.05 41.85
CA GLY N 189 -8.88 -23.73 40.57
C GLY N 189 -7.55 -24.01 39.94
N LEU N 190 -6.50 -23.26 40.27
CA LEU N 190 -5.24 -23.55 39.60
C LEU N 190 -4.53 -24.72 40.26
N ASP N 191 -4.09 -24.53 41.49
CA ASP N 191 -3.69 -25.57 42.45
C ASP N 191 -2.49 -26.41 42.03
N ASN N 192 -1.97 -26.19 40.84
CA ASN N 192 -0.85 -26.94 40.31
C ASN N 192 0.36 -26.04 40.11
N GLN N 193 0.11 -24.80 39.73
CA GLN N 193 1.15 -23.80 39.62
C GLN N 193 1.20 -22.87 40.82
N ILE N 194 0.19 -22.87 41.67
CA ILE N 194 0.31 -22.19 42.94
C ILE N 194 1.38 -22.85 43.79
N GLN N 195 1.46 -24.18 43.70
CA GLN N 195 2.59 -24.92 44.24
C GLN N 195 3.90 -24.51 43.59
N GLU N 196 3.86 -24.25 42.29
CA GLU N 196 5.08 -23.97 41.52
C GLU N 196 5.72 -22.65 41.92
N ILE N 197 4.91 -21.62 42.12
CA ILE N 197 5.49 -20.31 42.42
C ILE N 197 6.03 -20.27 43.83
N LYS N 198 5.35 -20.93 44.78
CA LYS N 198 5.88 -21.08 46.13
C LYS N 198 7.20 -21.82 46.12
N GLU N 199 7.31 -22.82 45.24
CA GLU N 199 8.50 -23.64 45.08
C GLU N 199 9.72 -22.83 44.68
N SER N 200 9.53 -21.75 43.93
CA SER N 200 10.65 -20.95 43.46
C SER N 200 10.79 -19.62 44.17
N VAL N 201 9.79 -19.18 44.92
CA VAL N 201 9.85 -17.87 45.55
C VAL N 201 9.68 -17.99 47.06
N GLU N 202 8.54 -18.52 47.48
CA GLU N 202 8.20 -18.52 48.90
C GLU N 202 9.04 -19.53 49.67
N LEU N 203 9.02 -20.78 49.21
CA LEU N 203 9.79 -21.83 49.88
C LEU N 203 11.31 -21.67 49.88
N PRO N 204 11.99 -21.08 48.88
CA PRO N 204 13.41 -20.74 49.09
C PRO N 204 13.63 -19.71 50.17
N LEU N 205 12.65 -18.85 50.42
CA LEU N 205 12.79 -17.82 51.43
C LEU N 205 12.40 -18.29 52.81
N THR N 206 11.35 -19.11 52.92
CA THR N 206 10.86 -19.45 54.25
C THR N 206 11.55 -20.66 54.85
N HIS N 207 12.05 -21.58 54.03
CA HIS N 207 12.71 -22.80 54.50
C HIS N 207 14.07 -22.94 53.86
N PRO N 208 15.07 -22.23 54.34
CA PRO N 208 16.42 -22.38 53.76
C PRO N 208 17.19 -23.52 54.40
N GLU N 209 16.61 -24.69 54.39
CA GLU N 209 17.23 -25.92 54.84
C GLU N 209 17.03 -27.05 53.85
N TYR N 210 15.98 -26.96 53.03
CA TYR N 210 15.66 -28.05 52.12
C TYR N 210 16.59 -28.07 50.92
N TYR N 211 17.07 -26.91 50.49
CA TYR N 211 18.00 -26.87 49.38
C TYR N 211 19.40 -27.20 49.83
N GLU N 212 19.66 -27.05 51.11
CA GLU N 212 20.98 -27.28 51.65
C GLU N 212 21.21 -28.76 51.91
N GLU N 213 20.20 -29.44 52.46
CA GLU N 213 20.27 -30.89 52.60
C GLU N 213 20.31 -31.58 51.25
N MET N 214 19.80 -30.95 50.21
CA MET N 214 19.97 -31.44 48.85
C MET N 214 21.30 -31.01 48.26
N GLY N 215 21.85 -29.89 48.71
CA GLY N 215 23.05 -29.34 48.10
C GLY N 215 22.76 -28.79 46.72
N ILE N 216 21.99 -27.71 46.66
CA ILE N 216 21.47 -27.24 45.39
C ILE N 216 21.17 -25.75 45.53
N LYS N 217 21.07 -25.11 44.45
CA LYS N 217 20.62 -23.74 44.50
C LYS N 217 19.25 -23.63 43.84
N PRO N 218 18.41 -22.70 44.27
CA PRO N 218 17.03 -22.63 43.76
C PRO N 218 16.99 -22.23 42.29
N PRO N 219 15.92 -22.56 41.59
CA PRO N 219 15.75 -22.06 40.22
C PRO N 219 15.59 -20.56 40.18
N LYS N 220 16.18 -19.96 39.16
CA LYS N 220 16.37 -18.51 39.17
C LYS N 220 15.12 -17.77 38.71
N GLY N 221 14.71 -17.98 37.47
CA GLY N 221 13.71 -17.14 36.85
C GLY N 221 12.39 -17.88 36.64
N VAL N 222 11.30 -17.11 36.66
CA VAL N 222 9.95 -17.64 36.54
C VAL N 222 9.18 -16.73 35.60
N ILE N 223 8.57 -17.31 34.57
CA ILE N 223 7.73 -16.55 33.66
C ILE N 223 6.33 -17.14 33.69
N LEU N 224 5.34 -16.31 33.39
CA LEU N 224 3.93 -16.68 33.48
C LEU N 224 3.26 -16.29 32.18
N TYR N 225 2.63 -17.24 31.51
CA TYR N 225 2.03 -16.92 30.23
C TYR N 225 0.71 -17.64 30.06
N GLY N 226 -0.07 -17.16 29.09
CA GLY N 226 -1.40 -17.68 28.85
C GLY N 226 -2.30 -16.64 28.21
N PRO N 227 -3.56 -16.97 28.01
CA PRO N 227 -4.50 -16.05 27.37
C PRO N 227 -4.81 -14.89 28.29
N PRO N 228 -5.35 -13.78 27.76
CA PRO N 228 -5.61 -12.61 28.62
C PRO N 228 -6.77 -12.86 29.57
N GLY N 229 -6.59 -12.43 30.82
CA GLY N 229 -7.63 -12.52 31.80
C GLY N 229 -7.74 -13.84 32.53
N THR N 230 -6.67 -14.61 32.60
CA THR N 230 -6.73 -15.91 33.26
C THR N 230 -6.17 -15.87 34.68
N GLY N 231 -5.51 -14.80 35.09
CA GLY N 231 -5.05 -14.72 36.44
C GLY N 231 -3.55 -14.57 36.58
N LYS N 232 -2.90 -13.98 35.57
CA LYS N 232 -1.46 -13.78 35.63
C LYS N 232 -1.13 -12.68 36.62
N THR N 233 -1.76 -11.52 36.47
CA THR N 233 -1.59 -10.44 37.44
C THR N 233 -2.21 -10.79 38.79
N LEU N 234 -3.21 -11.68 38.79
CA LEU N 234 -3.89 -12.03 40.03
C LEU N 234 -3.00 -12.84 40.95
N LEU N 235 -2.13 -13.67 40.40
CA LEU N 235 -1.30 -14.52 41.24
C LEU N 235 -0.16 -13.72 41.87
N ALA N 236 0.30 -12.67 41.21
CA ALA N 236 1.42 -11.90 41.74
C ALA N 236 1.02 -11.11 42.96
N LYS N 237 -0.25 -10.76 43.10
CA LYS N 237 -0.71 -10.09 44.30
C LYS N 237 -0.69 -11.04 45.48
N ALA N 238 -0.95 -12.33 45.24
CA ALA N 238 -0.90 -13.31 46.31
C ALA N 238 0.52 -13.49 46.84
N VAL N 239 1.51 -13.33 45.97
CA VAL N 239 2.90 -13.41 46.42
C VAL N 239 3.25 -12.19 47.25
N ALA N 240 2.84 -11.00 46.81
CA ALA N 240 3.13 -9.78 47.55
C ALA N 240 2.32 -9.69 48.83
N ASN N 241 1.19 -10.40 48.91
CA ASN N 241 0.53 -10.59 50.19
C ASN N 241 1.40 -11.38 51.14
N GLN N 242 2.00 -12.45 50.64
CA GLN N 242 2.59 -13.46 51.52
C GLN N 242 4.00 -13.09 51.95
N THR N 243 4.80 -12.56 51.04
CA THR N 243 6.24 -12.48 51.25
C THR N 243 6.62 -11.46 52.31
N SER N 244 7.84 -11.61 52.82
CA SER N 244 8.48 -10.63 53.68
C SER N 244 9.62 -9.92 52.98
N ALA N 245 9.76 -10.12 51.68
CA ALA N 245 10.75 -9.44 50.88
C ALA N 245 10.22 -8.10 50.39
N THR N 246 11.12 -7.26 49.88
CA THR N 246 10.69 -6.04 49.23
C THR N 246 10.29 -6.36 47.79
N PHE N 247 9.20 -5.75 47.34
CA PHE N 247 8.53 -6.19 46.13
C PHE N 247 8.43 -5.02 45.16
N LEU N 248 9.11 -5.14 44.02
CA LEU N 248 9.20 -4.07 43.04
C LEU N 248 8.43 -4.48 41.79
N ARG N 249 7.64 -3.56 41.25
CA ARG N 249 6.82 -3.83 40.08
C ARG N 249 7.07 -2.76 39.02
N VAL N 250 7.15 -3.19 37.78
CA VAL N 250 7.23 -2.26 36.65
C VAL N 250 6.49 -2.90 35.48
N VAL N 251 5.78 -2.07 34.71
CA VAL N 251 5.07 -2.56 33.53
C VAL N 251 5.99 -2.47 32.33
N GLY N 252 5.85 -3.38 31.38
CA GLY N 252 6.75 -3.40 30.24
C GLY N 252 6.59 -2.26 29.28
N SER N 253 5.46 -1.57 29.29
CA SER N 253 5.27 -0.44 28.38
C SER N 253 6.09 0.77 28.80
N GLU N 254 6.34 0.94 30.08
CA GLU N 254 7.10 2.09 30.56
C GLU N 254 8.59 1.82 30.63
N LEU N 255 9.07 0.81 29.91
CA LEU N 255 10.49 0.61 29.74
C LEU N 255 11.05 1.41 28.59
N ILE N 256 10.21 1.99 27.76
CA ILE N 256 10.67 2.68 26.57
C ILE N 256 10.55 4.18 26.80
N GLN N 257 11.56 4.91 26.34
CA GLN N 257 11.73 6.32 26.67
C GLN N 257 11.79 7.15 25.40
N LYS N 258 11.62 8.45 25.56
CA LYS N 258 11.60 9.34 24.41
C LYS N 258 12.98 9.84 24.01
N TYR N 259 13.96 9.80 24.91
CA TYR N 259 15.31 10.20 24.56
C TYR N 259 16.16 8.99 24.24
N LEU N 260 17.27 9.24 23.54
CA LEU N 260 18.21 8.18 23.22
C LEU N 260 18.96 7.78 24.47
N GLY N 261 19.09 6.46 24.67
CA GLY N 261 19.86 5.95 25.79
C GLY N 261 19.23 6.15 27.15
N ASP N 262 18.04 6.73 27.24
CA ASP N 262 17.38 6.85 28.51
C ASP N 262 16.70 5.54 28.91
N GLY N 263 16.45 4.69 27.93
CA GLY N 263 15.95 3.35 28.15
C GLY N 263 16.87 2.48 28.96
N PRO N 264 18.07 2.17 28.44
CA PRO N 264 19.00 1.32 29.18
C PRO N 264 19.52 1.94 30.46
N LYS N 265 19.44 3.26 30.62
CA LYS N 265 19.77 3.84 31.90
C LYS N 265 18.72 3.48 32.94
N LEU N 266 17.46 3.37 32.53
CA LEU N 266 16.38 3.09 33.46
C LEU N 266 16.43 1.65 33.96
N VAL N 267 16.97 0.74 33.16
CA VAL N 267 17.07 -0.65 33.59
C VAL N 267 18.20 -0.82 34.59
N ARG N 268 19.34 -0.17 34.33
CA ARG N 268 20.52 -0.32 35.18
C ARG N 268 20.26 0.18 36.60
N GLU N 269 19.46 1.22 36.73
CA GLU N 269 19.15 1.74 38.05
C GLU N 269 17.97 1.06 38.69
N LEU N 270 17.25 0.24 37.94
CA LEU N 270 16.21 -0.59 38.55
C LEU N 270 16.83 -1.71 39.38
N PHE N 271 17.70 -2.49 38.76
CA PHE N 271 18.41 -3.55 39.45
C PHE N 271 19.41 -3.03 40.47
N ARG N 272 19.82 -1.77 40.37
CA ARG N 272 20.57 -1.16 41.44
C ARG N 272 19.71 -0.99 42.68
N VAL N 273 18.46 -0.54 42.49
CA VAL N 273 17.53 -0.38 43.59
C VAL N 273 17.17 -1.73 44.20
N ALA N 274 16.95 -2.72 43.35
CA ALA N 274 16.56 -4.04 43.82
C ALA N 274 17.66 -4.72 44.60
N GLU N 275 18.91 -4.47 44.21
CA GLU N 275 20.00 -5.15 44.90
C GLU N 275 20.34 -4.47 46.21
N GLU N 276 20.17 -3.15 46.28
CA GLU N 276 20.66 -2.42 47.43
C GLU N 276 19.72 -2.49 48.63
N HIS N 277 18.58 -3.16 48.52
CA HIS N 277 17.65 -3.18 49.63
C HIS N 277 17.74 -4.46 50.45
N ALA N 278 17.45 -5.60 49.85
CA ALA N 278 17.14 -6.79 50.62
C ALA N 278 17.15 -7.98 49.70
N PRO N 279 16.93 -9.20 50.20
CA PRO N 279 16.25 -10.19 49.36
C PRO N 279 14.98 -9.59 48.81
N SER N 280 14.85 -9.60 47.49
CA SER N 280 13.83 -8.80 46.84
C SER N 280 13.27 -9.55 45.65
N ILE N 281 12.10 -9.09 45.21
CA ILE N 281 11.36 -9.75 44.13
C ILE N 281 11.03 -8.70 43.09
N VAL N 282 11.56 -8.88 41.89
CA VAL N 282 11.34 -7.96 40.78
C VAL N 282 10.27 -8.54 39.88
N PHE N 283 9.15 -7.84 39.76
CA PHE N 283 8.02 -8.29 38.95
C PHE N 283 7.90 -7.39 37.74
N ILE N 284 8.04 -7.97 36.56
CA ILE N 284 7.97 -7.23 35.31
C ILE N 284 6.77 -7.75 34.55
N ASP N 285 5.75 -6.93 34.39
CA ASP N 285 4.50 -7.38 33.82
C ASP N 285 4.38 -6.84 32.40
N GLU N 286 3.81 -7.67 31.52
CA GLU N 286 3.47 -7.33 30.14
C GLU N 286 4.71 -6.88 29.36
N ILE N 287 5.63 -7.84 29.20
CA ILE N 287 6.93 -7.53 28.60
C ILE N 287 6.92 -7.75 27.09
N ASP N 288 5.86 -8.33 26.53
CA ASP N 288 5.70 -8.35 25.08
C ASP N 288 5.43 -6.96 24.52
N ALA N 289 4.94 -6.05 25.35
CA ALA N 289 4.62 -4.69 24.94
C ALA N 289 5.86 -3.87 24.64
N ILE N 290 7.06 -4.35 24.95
CA ILE N 290 8.25 -3.63 24.55
C ILE N 290 8.51 -3.78 23.06
N GLY N 291 7.97 -4.82 22.43
CA GLY N 291 8.32 -5.10 21.04
C GLY N 291 7.18 -4.98 20.05
N THR N 292 5.94 -5.02 20.54
CA THR N 292 4.80 -4.96 19.64
C THR N 292 4.50 -3.54 19.21
N LYS N 293 4.16 -2.69 20.16
CA LYS N 293 3.65 -1.37 19.85
C LYS N 293 4.79 -0.39 19.61
N ARG N 294 4.77 0.26 18.46
CA ARG N 294 5.76 1.29 18.17
C ARG N 294 5.14 2.66 18.43
N TYR N 295 5.87 3.50 19.14
CA TYR N 295 5.39 4.81 19.55
C TYR N 295 6.25 5.88 18.93
N ASP N 296 5.62 6.98 18.53
CA ASP N 296 6.38 8.05 17.90
C ASP N 296 7.10 8.94 18.89
N SER N 297 6.96 8.71 20.19
CA SER N 297 7.77 9.41 21.15
C SER N 297 9.21 8.94 21.11
N ASN N 298 9.43 7.67 20.81
CA ASN N 298 10.76 7.08 20.87
C ASN N 298 11.52 7.51 19.63
N SER N 299 12.53 8.36 19.83
CA SER N 299 13.27 8.91 18.70
C SER N 299 14.09 7.83 18.01
N GLY N 300 14.81 7.02 18.78
CA GLY N 300 15.33 5.79 18.24
C GLY N 300 14.18 4.85 17.89
N GLY N 301 14.33 4.17 16.76
CA GLY N 301 13.24 3.37 16.28
C GLY N 301 13.20 2.00 16.93
N GLU N 302 13.22 0.96 16.11
CA GLU N 302 13.31 -0.39 16.66
C GLU N 302 14.69 -0.68 17.19
N ARG N 303 15.70 0.04 16.71
CA ARG N 303 17.05 -0.14 17.21
C ARG N 303 17.36 0.79 18.36
N GLU N 304 16.35 1.16 19.13
CA GLU N 304 16.51 1.60 20.49
C GLU N 304 15.79 0.66 21.45
N ILE N 305 14.73 0.02 20.98
CA ILE N 305 14.15 -1.12 21.68
C ILE N 305 15.18 -2.22 21.85
N GLN N 306 15.98 -2.45 20.80
CA GLN N 306 16.97 -3.50 20.80
C GLN N 306 18.05 -3.26 21.84
N ARG N 307 18.54 -2.03 21.95
CA ARG N 307 19.63 -1.74 22.88
C ARG N 307 19.16 -1.80 24.31
N THR N 308 17.87 -1.55 24.54
CA THR N 308 17.35 -1.69 25.89
C THR N 308 17.26 -3.16 26.28
N MET N 309 16.84 -4.01 25.33
CA MET N 309 16.75 -5.43 25.64
C MET N 309 18.11 -6.08 25.82
N LEU N 310 19.15 -5.52 25.19
CA LEU N 310 20.50 -6.01 25.47
C LEU N 310 20.94 -5.67 26.87
N GLU N 311 20.49 -4.54 27.40
CA GLU N 311 20.81 -4.23 28.78
C GLU N 311 19.98 -5.10 29.73
N LEU N 312 18.73 -5.35 29.38
CA LEU N 312 17.92 -6.26 30.20
C LEU N 312 18.44 -7.67 30.12
N LEU N 313 19.00 -8.04 28.97
CA LEU N 313 19.63 -9.35 28.84
C LEU N 313 20.88 -9.45 29.67
N ASN N 314 21.55 -8.34 29.94
CA ASN N 314 22.69 -8.34 30.85
C ASN N 314 22.27 -8.55 32.28
N GLN N 315 21.29 -7.78 32.75
CA GLN N 315 21.00 -7.69 34.17
C GLN N 315 20.41 -8.97 34.75
N LEU N 316 19.94 -9.88 33.93
CA LEU N 316 19.49 -11.16 34.43
C LEU N 316 20.63 -12.15 34.60
N ASP N 317 21.50 -12.26 33.62
CA ASP N 317 22.62 -13.21 33.69
C ASP N 317 23.90 -12.55 33.23
N GLY N 318 24.26 -11.43 33.82
CA GLY N 318 25.57 -10.88 33.64
C GLY N 318 26.61 -11.66 34.41
N PHE N 319 27.84 -11.17 34.31
CA PHE N 319 28.96 -11.75 35.01
C PHE N 319 29.13 -11.18 36.41
N ASP N 320 28.39 -10.12 36.74
CA ASP N 320 28.53 -9.50 38.05
C ASP N 320 27.94 -10.40 39.12
N SER N 321 28.35 -10.15 40.36
CA SER N 321 27.78 -10.83 41.52
C SER N 321 26.34 -10.38 41.68
N ARG N 322 25.40 -11.32 41.53
CA ARG N 322 24.01 -10.92 41.41
C ARG N 322 23.38 -10.62 42.76
N GLY N 323 23.52 -11.53 43.72
CA GLY N 323 22.85 -11.35 44.99
C GLY N 323 21.50 -12.04 45.00
N ASP N 324 20.71 -11.71 46.02
CA ASP N 324 19.45 -12.40 46.28
C ASP N 324 18.31 -11.57 45.68
N VAL N 325 18.11 -11.71 44.38
CA VAL N 325 17.04 -11.03 43.67
C VAL N 325 16.32 -12.08 42.84
N LYS N 326 15.01 -12.22 43.07
CA LYS N 326 14.20 -13.13 42.27
C LYS N 326 13.42 -12.35 41.24
N VAL N 327 13.28 -12.93 40.05
CA VAL N 327 12.69 -12.24 38.92
C VAL N 327 11.43 -12.99 38.49
N ILE N 328 10.29 -12.30 38.49
CA ILE N 328 9.03 -12.83 37.99
C ILE N 328 8.62 -12.01 36.79
N MET N 329 8.23 -12.68 35.72
CA MET N 329 7.78 -12.01 34.50
C MET N 329 6.45 -12.58 34.03
N ALA N 330 5.73 -11.79 33.25
CA ALA N 330 4.41 -12.19 32.81
C ALA N 330 4.10 -11.57 31.47
N THR N 331 3.44 -12.34 30.61
CA THR N 331 3.03 -11.88 29.29
C THR N 331 1.87 -12.73 28.81
N ASN N 332 1.29 -12.31 27.71
CA ASN N 332 0.29 -13.12 27.02
C ASN N 332 0.63 -13.41 25.57
N ARG N 333 1.66 -12.78 25.02
CA ARG N 333 2.19 -13.16 23.72
C ARG N 333 3.61 -13.69 23.90
N ILE N 334 3.72 -14.96 24.28
CA ILE N 334 5.01 -15.54 24.58
C ILE N 334 5.83 -15.84 23.32
N GLU N 335 5.18 -15.93 22.16
CA GLU N 335 5.91 -16.30 20.96
C GLU N 335 6.61 -15.11 20.31
N THR N 336 6.35 -13.89 20.77
CA THR N 336 6.89 -12.73 20.07
C THR N 336 8.28 -12.37 20.53
N LEU N 337 8.57 -12.52 21.82
CA LEU N 337 9.78 -11.95 22.35
C LEU N 337 11.00 -12.82 22.06
N ASP N 338 12.15 -12.30 22.42
CA ASP N 338 13.44 -12.85 22.03
C ASP N 338 13.69 -14.17 22.75
N PRO N 339 14.02 -15.24 22.04
CA PRO N 339 14.35 -16.50 22.72
C PRO N 339 15.63 -16.47 23.50
N ALA N 340 16.52 -15.50 23.28
CA ALA N 340 17.74 -15.43 24.07
C ALA N 340 17.44 -14.98 25.49
N LEU N 341 16.31 -14.35 25.70
CA LEU N 341 15.93 -13.91 27.04
C LEU N 341 15.24 -15.02 27.82
N ILE N 342 14.85 -16.11 27.18
CA ILE N 342 14.05 -17.14 27.83
C ILE N 342 14.93 -18.38 27.94
N ARG N 343 16.24 -18.19 27.82
CA ARG N 343 17.07 -19.37 27.94
C ARG N 343 17.24 -19.72 29.42
N PRO N 344 17.43 -21.00 29.73
CA PRO N 344 17.70 -21.39 31.12
C PRO N 344 18.99 -20.78 31.62
N GLY N 345 18.91 -20.18 32.80
CA GLY N 345 20.00 -19.36 33.26
C GLY N 345 19.46 -17.96 33.49
N ARG N 346 18.53 -17.54 32.65
CA ARG N 346 17.80 -16.30 32.88
C ARG N 346 16.39 -16.55 33.36
N ILE N 347 15.67 -17.47 32.75
CA ILE N 347 14.37 -17.90 33.23
C ILE N 347 14.36 -19.42 33.21
N ASP N 348 14.21 -20.02 34.38
CA ASP N 348 14.24 -21.48 34.49
C ASP N 348 12.87 -22.11 34.42
N ARG N 349 11.88 -21.56 35.11
CA ARG N 349 10.55 -22.13 35.15
C ARG N 349 9.64 -21.39 34.20
N LYS N 350 8.89 -22.14 33.40
CA LYS N 350 8.01 -21.57 32.38
C LYS N 350 6.61 -22.12 32.65
N ILE N 351 5.72 -21.28 33.16
CA ILE N 351 4.43 -21.73 33.67
C ILE N 351 3.34 -21.25 32.73
N GLU N 352 2.58 -22.20 32.18
CA GLU N 352 1.47 -21.92 31.31
C GLU N 352 0.19 -21.82 32.13
N PHE N 353 -0.66 -20.86 31.79
CA PHE N 353 -1.98 -20.79 32.39
C PHE N 353 -3.02 -21.16 31.35
N PRO N 354 -3.86 -22.15 31.60
CA PRO N 354 -4.90 -22.50 30.66
C PRO N 354 -6.15 -21.67 30.90
N LEU N 355 -7.14 -21.89 30.04
CA LEU N 355 -8.47 -21.36 30.28
C LEU N 355 -9.11 -22.10 31.45
N PRO N 356 -10.02 -21.45 32.18
CA PRO N 356 -10.67 -22.11 33.31
C PRO N 356 -11.57 -23.26 32.87
N ASP N 357 -11.37 -24.41 33.48
CA ASP N 357 -12.22 -25.56 33.22
C ASP N 357 -13.57 -25.37 33.89
N GLU N 358 -14.58 -26.07 33.36
CA GLU N 358 -15.97 -25.83 33.73
C GLU N 358 -16.33 -26.32 35.12
N LYS N 359 -15.46 -27.05 35.81
CA LYS N 359 -15.64 -27.26 37.22
C LYS N 359 -14.76 -26.35 38.06
N THR N 360 -13.72 -25.77 37.47
CA THR N 360 -13.04 -24.66 38.10
C THR N 360 -13.79 -23.36 37.93
N LYS N 361 -14.65 -23.26 36.90
CA LYS N 361 -15.48 -22.09 36.73
C LYS N 361 -16.47 -21.93 37.87
N LYS N 362 -17.07 -23.04 38.30
CA LYS N 362 -18.03 -23.02 39.39
C LYS N 362 -17.38 -22.58 40.70
N ARG N 363 -16.10 -22.91 40.89
CA ARG N 363 -15.38 -22.44 42.06
C ARG N 363 -15.21 -20.92 42.05
N ILE N 364 -15.03 -20.34 40.87
CA ILE N 364 -14.81 -18.90 40.76
C ILE N 364 -16.08 -18.12 41.08
N PHE N 365 -17.24 -18.63 40.64
CA PHE N 365 -18.50 -18.01 41.03
C PHE N 365 -18.75 -18.11 42.51
N GLN N 366 -18.25 -19.16 43.15
CA GLN N 366 -18.37 -19.28 44.60
C GLN N 366 -17.52 -18.23 45.31
N ILE N 367 -16.46 -17.76 44.66
CA ILE N 367 -15.59 -16.77 45.28
C ILE N 367 -16.17 -15.38 45.13
N HIS N 368 -16.47 -14.97 43.89
CA HIS N 368 -16.92 -13.61 43.65
C HIS N 368 -18.34 -13.34 44.12
N THR N 369 -19.11 -14.37 44.44
CA THR N 369 -20.45 -14.18 44.99
C THR N 369 -20.50 -14.62 46.45
N SER N 370 -19.38 -14.55 47.14
CA SER N 370 -19.34 -14.99 48.53
C SER N 370 -20.05 -14.01 49.44
N ARG N 371 -19.60 -12.76 49.45
CA ARG N 371 -20.10 -11.80 50.42
C ARG N 371 -21.23 -10.92 49.87
N MET N 372 -21.96 -11.39 48.87
CA MET N 372 -23.12 -10.67 48.38
C MET N 372 -24.39 -11.40 48.78
N THR N 373 -25.45 -10.63 49.06
CA THR N 373 -26.73 -11.18 49.49
C THR N 373 -27.46 -11.68 48.27
N LEU N 374 -27.05 -12.85 47.80
CA LEU N 374 -27.58 -13.41 46.57
C LEU N 374 -28.94 -14.05 46.83
N ALA N 375 -29.95 -13.60 46.09
CA ALA N 375 -31.27 -14.19 46.17
C ALA N 375 -31.25 -15.61 45.61
N ASP N 376 -32.15 -16.45 46.13
CA ASP N 376 -32.20 -17.86 45.79
C ASP N 376 -32.92 -18.14 44.46
N ASP N 377 -33.23 -17.12 43.68
CA ASP N 377 -33.81 -17.33 42.37
C ASP N 377 -32.81 -17.94 41.40
N VAL N 378 -31.55 -17.58 41.53
CA VAL N 378 -30.59 -17.80 40.47
C VAL N 378 -30.08 -19.23 40.51
N THR N 379 -29.63 -19.70 39.36
CA THR N 379 -28.93 -20.97 39.23
C THR N 379 -27.62 -20.70 38.52
N LEU N 380 -26.51 -20.93 39.22
CA LEU N 380 -25.20 -20.59 38.68
C LEU N 380 -24.79 -21.49 37.54
N ASP N 381 -25.39 -22.69 37.42
CA ASP N 381 -24.91 -23.65 36.45
C ASP N 381 -25.37 -23.30 35.05
N ASP N 382 -26.42 -22.49 34.91
CA ASP N 382 -26.76 -21.95 33.61
C ASP N 382 -25.76 -20.89 33.18
N LEU N 383 -25.26 -20.12 34.13
CA LEU N 383 -24.29 -19.07 33.86
C LEU N 383 -22.94 -19.59 33.42
N ILE N 384 -22.60 -20.82 33.78
CA ILE N 384 -21.26 -21.35 33.57
C ILE N 384 -20.99 -21.59 32.09
N MET N 385 -21.89 -22.29 31.41
CA MET N 385 -21.67 -22.64 30.02
C MET N 385 -22.21 -21.59 29.05
N ALA N 386 -22.37 -20.34 29.52
CA ALA N 386 -22.91 -19.28 28.67
C ALA N 386 -21.96 -18.93 27.52
N LYS N 387 -20.76 -18.49 27.85
CA LYS N 387 -19.65 -18.47 26.90
C LYS N 387 -18.84 -19.73 27.12
N ASP N 388 -18.48 -20.40 26.02
CA ASP N 388 -17.73 -21.64 26.12
C ASP N 388 -16.30 -21.44 26.61
N ASP N 389 -15.74 -20.24 26.43
CA ASP N 389 -14.38 -19.95 26.88
C ASP N 389 -14.33 -18.62 27.62
N LEU N 390 -15.26 -18.43 28.54
CA LEU N 390 -15.23 -17.23 29.38
C LEU N 390 -14.11 -17.38 30.40
N SER N 391 -13.30 -16.32 30.52
CA SER N 391 -12.15 -16.36 31.40
C SER N 391 -12.58 -16.11 32.83
N GLY N 392 -11.61 -16.15 33.75
CA GLY N 392 -11.89 -15.76 35.12
C GLY N 392 -12.17 -14.28 35.26
N ALA N 393 -11.70 -13.48 34.31
CA ALA N 393 -11.99 -12.06 34.34
C ALA N 393 -13.43 -11.77 33.97
N ASP N 394 -14.04 -12.62 33.14
CA ASP N 394 -15.42 -12.39 32.73
C ASP N 394 -16.38 -12.64 33.87
N ILE N 395 -16.03 -13.56 34.76
CA ILE N 395 -16.91 -13.90 35.88
C ILE N 395 -17.01 -12.74 36.84
N LYS N 396 -15.88 -12.10 37.14
CA LYS N 396 -15.93 -10.91 37.97
C LYS N 396 -16.56 -9.75 37.22
N ALA N 397 -16.41 -9.72 35.90
CA ALA N 397 -17.04 -8.67 35.11
C ALA N 397 -18.55 -8.79 35.08
N ILE N 398 -19.09 -10.00 35.23
CA ILE N 398 -20.53 -10.14 35.33
C ILE N 398 -21.00 -9.86 36.75
N CYS N 399 -20.29 -10.40 37.74
CA CYS N 399 -20.73 -10.29 39.13
C CYS N 399 -20.65 -8.86 39.65
N THR N 400 -19.72 -8.06 39.13
CA THR N 400 -19.70 -6.66 39.52
C THR N 400 -20.78 -5.87 38.80
N GLU N 401 -21.13 -6.27 37.58
CA GLU N 401 -22.11 -5.50 36.83
C GLU N 401 -23.52 -5.77 37.32
N ALA N 402 -23.82 -7.01 37.71
CA ALA N 402 -25.16 -7.34 38.17
C ALA N 402 -25.49 -6.66 39.49
N GLY N 403 -24.47 -6.40 40.31
CA GLY N 403 -24.68 -5.59 41.48
C GLY N 403 -24.99 -4.15 41.15
N LEU N 404 -24.46 -3.65 40.03
CA LEU N 404 -24.73 -2.28 39.64
C LEU N 404 -26.14 -2.10 39.13
N MET N 405 -26.78 -3.17 38.62
CA MET N 405 -28.15 -3.01 38.18
C MET N 405 -29.11 -2.94 39.36
N ALA N 406 -28.76 -3.56 40.49
CA ALA N 406 -29.65 -3.56 41.64
C ALA N 406 -29.69 -2.19 42.31
N LEU N 407 -28.58 -1.46 42.28
CA LEU N 407 -28.54 -0.14 42.88
C LEU N 407 -29.27 0.90 42.05
N ARG N 408 -29.58 0.59 40.79
CA ARG N 408 -30.47 1.45 40.04
C ARG N 408 -31.88 1.40 40.62
N GLU N 409 -32.26 0.27 41.21
CA GLU N 409 -33.57 0.12 41.80
C GLU N 409 -33.53 0.03 43.32
N ARG N 410 -32.40 0.40 43.93
CA ARG N 410 -32.22 0.51 45.38
C ARG N 410 -32.40 -0.82 46.10
N ARG N 411 -32.29 -1.93 45.38
CA ARG N 411 -32.54 -3.22 45.99
C ARG N 411 -31.30 -3.70 46.75
N MET N 412 -31.48 -4.77 47.51
CA MET N 412 -30.41 -5.32 48.32
C MET N 412 -30.00 -6.72 47.89
N LYS N 413 -30.89 -7.46 47.23
CA LYS N 413 -30.59 -8.78 46.74
C LYS N 413 -30.63 -8.79 45.22
N VAL N 414 -29.79 -9.63 44.63
CA VAL N 414 -29.63 -9.69 43.19
C VAL N 414 -30.46 -10.85 42.66
N THR N 415 -31.34 -10.57 41.71
CA THR N 415 -32.29 -11.54 41.19
C THR N 415 -31.74 -12.18 39.92
N ASN N 416 -32.60 -12.96 39.24
CA ASN N 416 -32.14 -13.69 38.07
C ASN N 416 -32.05 -12.80 36.84
N GLU N 417 -33.04 -11.92 36.65
CA GLU N 417 -33.05 -11.05 35.48
C GLU N 417 -31.97 -9.98 35.56
N ASP N 418 -31.37 -9.78 36.72
CA ASP N 418 -30.13 -9.01 36.79
C ASP N 418 -29.04 -9.67 35.97
N PHE N 419 -28.79 -10.96 36.23
CA PHE N 419 -27.82 -11.72 35.47
C PHE N 419 -28.22 -11.90 34.01
N LYS N 420 -29.53 -11.91 33.72
CA LYS N 420 -29.96 -12.11 32.34
C LYS N 420 -29.59 -10.93 31.46
N LYS N 421 -29.68 -9.72 31.98
CA LYS N 421 -29.26 -8.54 31.23
C LYS N 421 -27.81 -8.19 31.49
N SER N 422 -27.15 -8.90 32.39
CA SER N 422 -25.75 -8.62 32.68
C SER N 422 -24.83 -9.14 31.59
N LYS N 423 -25.03 -10.38 31.16
CA LYS N 423 -24.16 -10.93 30.12
C LYS N 423 -24.45 -10.33 28.76
N GLU N 424 -25.65 -9.77 28.56
CA GLU N 424 -25.90 -8.98 27.37
C GLU N 424 -25.08 -7.71 27.39
N ASN N 425 -24.92 -7.10 28.55
CA ASN N 425 -24.14 -5.88 28.70
C ASN N 425 -22.65 -6.17 28.63
N VAL N 426 -22.19 -7.25 29.26
CA VAL N 426 -20.77 -7.50 29.38
C VAL N 426 -20.22 -8.17 28.13
N LEU N 427 -20.74 -9.35 27.79
CA LEU N 427 -20.17 -10.12 26.70
C LEU N 427 -20.55 -9.55 25.35
N TYR N 428 -21.84 -9.37 25.11
CA TYR N 428 -22.36 -9.22 23.76
C TYR N 428 -22.40 -7.75 23.37
N LYS N 429 -21.37 -7.34 22.65
CA LYS N 429 -21.29 -6.02 22.07
C LYS N 429 -20.35 -6.03 20.88
N GLY O 11 -23.95 82.67 107.83
CA GLY O 11 -24.35 83.89 107.15
C GLY O 11 -23.28 84.42 106.21
N LEU O 12 -22.08 84.64 106.74
CA LEU O 12 -20.95 85.02 105.89
C LEU O 12 -20.35 83.81 105.19
N ARG O 13 -19.91 82.81 105.96
CA ARG O 13 -19.26 81.64 105.38
C ARG O 13 -20.27 80.79 104.60
N GLN O 14 -21.56 80.95 104.95
CA GLN O 14 -22.69 80.39 104.19
C GLN O 14 -22.60 80.74 102.71
N TYR O 15 -22.17 81.97 102.41
CA TYR O 15 -21.97 82.40 101.03
C TYR O 15 -20.76 81.74 100.40
N TYR O 16 -19.76 81.38 101.19
CA TYR O 16 -18.50 80.99 100.58
C TYR O 16 -18.56 79.58 100.00
N LEU O 17 -19.45 78.71 100.52
CA LEU O 17 -19.50 77.38 99.95
C LEU O 17 -20.30 77.36 98.66
N SER O 18 -20.99 78.47 98.36
CA SER O 18 -21.50 78.68 97.00
C SER O 18 -20.36 78.79 96.02
N LYS O 19 -19.31 79.50 96.41
CA LYS O 19 -18.31 79.96 95.46
C LYS O 19 -17.16 78.96 95.31
N ILE O 20 -17.00 78.05 96.28
CA ILE O 20 -16.04 76.97 96.06
C ILE O 20 -16.60 75.97 95.07
N GLU O 21 -17.92 75.81 95.04
CA GLU O 21 -18.50 74.68 94.34
C GLU O 21 -18.79 75.03 92.88
N GLU O 22 -18.94 76.32 92.57
CA GLU O 22 -19.07 76.72 91.17
C GLU O 22 -17.76 77.17 90.55
N LEU O 23 -16.74 77.44 91.36
CA LEU O 23 -15.39 77.58 90.83
C LEU O 23 -14.85 76.23 90.39
N GLN O 24 -15.29 75.16 91.04
CA GLN O 24 -14.87 73.81 90.71
C GLN O 24 -15.46 73.34 89.39
N LEU O 25 -16.52 74.00 88.92
CA LEU O 25 -17.14 73.64 87.65
C LEU O 25 -16.27 74.01 86.44
N ILE O 26 -15.24 74.83 86.64
CA ILE O 26 -14.32 75.21 85.56
C ILE O 26 -13.25 74.13 85.50
N VAL O 27 -13.03 73.43 86.62
CA VAL O 27 -11.95 72.45 86.69
C VAL O 27 -12.28 71.22 85.86
N ASN O 28 -13.52 70.73 85.96
CA ASN O 28 -13.85 69.43 85.39
C ASN O 28 -13.98 69.43 83.88
N ASP O 29 -14.12 70.57 83.24
CA ASP O 29 -14.21 70.61 81.78
C ASP O 29 -12.99 71.20 81.10
N LYS O 30 -12.29 72.15 81.73
CA LYS O 30 -11.05 72.64 81.15
C LYS O 30 -9.92 71.63 81.27
N SER O 31 -9.88 70.85 82.35
CA SER O 31 -9.02 69.68 82.37
C SER O 31 -9.48 68.65 81.35
N GLN O 32 -10.79 68.52 81.16
CA GLN O 32 -11.30 67.63 80.13
C GLN O 32 -10.94 68.13 78.74
N ASN O 33 -10.90 69.45 78.55
CA ASN O 33 -10.34 70.01 77.33
C ASN O 33 -8.86 69.70 77.22
N LEU O 34 -8.13 69.80 78.33
CA LEU O 34 -6.69 69.52 78.32
C LEU O 34 -6.43 68.03 78.16
N ARG O 35 -7.30 67.19 78.73
CA ARG O 35 -7.22 65.75 78.52
C ARG O 35 -7.36 65.41 77.04
N ARG O 36 -8.27 66.10 76.36
CA ARG O 36 -8.39 65.97 74.92
C ARG O 36 -7.18 66.55 74.21
N LEU O 37 -6.63 67.65 74.73
CA LEU O 37 -5.60 68.37 74.00
C LEU O 37 -4.23 67.71 74.16
N GLN O 38 -3.93 67.21 75.36
CA GLN O 38 -2.60 66.66 75.63
C GLN O 38 -2.40 65.34 74.91
N ALA O 39 -3.47 64.59 74.70
CA ALA O 39 -3.37 63.33 73.97
C ALA O 39 -3.11 63.58 72.49
N GLN O 40 -3.53 64.74 71.99
CA GLN O 40 -3.35 65.06 70.58
C GLN O 40 -1.89 65.33 70.26
N ARG O 41 -1.17 65.97 71.20
CA ARG O 41 0.26 66.20 71.04
C ARG O 41 1.05 64.92 71.08
N ASN O 42 0.69 63.98 71.95
CA ASN O 42 1.42 62.73 72.07
C ASN O 42 1.33 61.90 70.81
N GLU O 43 0.16 61.93 70.16
CA GLU O 43 0.02 61.31 68.85
C GLU O 43 0.87 62.01 67.80
N LEU O 44 0.97 63.33 67.88
CA LEU O 44 1.71 64.05 66.86
C LEU O 44 3.21 63.95 67.07
N ASN O 45 3.65 63.85 68.33
CA ASN O 45 5.07 63.68 68.60
C ASN O 45 5.50 62.26 68.26
N ALA O 46 4.60 61.29 68.39
CA ALA O 46 4.90 59.93 67.96
C ALA O 46 5.03 59.86 66.44
N LYS O 47 4.29 60.72 65.73
CA LYS O 47 4.42 60.79 64.28
C LYS O 47 5.78 61.34 63.86
N VAL O 48 6.32 62.28 64.63
CA VAL O 48 7.53 62.98 64.22
C VAL O 48 8.77 62.11 64.41
N ARG O 49 8.96 61.57 65.61
CA ARG O 49 10.17 60.84 65.94
C ARG O 49 10.29 59.56 65.11
N LEU O 50 9.16 58.91 64.86
CA LEU O 50 9.12 57.78 63.95
C LEU O 50 9.50 58.17 62.53
N LEU O 51 9.12 59.38 62.12
CA LEU O 51 9.37 59.81 60.74
C LEU O 51 10.86 60.09 60.53
N ARG O 52 11.49 60.78 61.46
CA ARG O 52 12.92 61.07 61.36
C ARG O 52 13.79 59.93 61.89
N GLU O 53 13.18 58.82 62.29
CA GLU O 53 13.95 57.63 62.62
C GLU O 53 14.42 56.90 61.37
N GLU O 54 13.64 57.00 60.29
CA GLU O 54 13.87 56.17 59.10
C GLU O 54 15.11 56.58 58.34
N LEU O 55 15.62 57.79 58.59
CA LEU O 55 16.90 58.18 58.02
C LEU O 55 18.03 57.33 58.59
N GLN O 56 17.92 56.97 59.86
CA GLN O 56 18.84 56.05 60.50
C GLN O 56 18.18 54.69 60.75
N LEU O 57 17.31 54.28 59.84
CA LEU O 57 16.77 52.93 59.86
C LEU O 57 16.89 52.21 58.54
N LEU O 58 16.85 52.91 57.41
CA LEU O 58 16.82 52.26 56.12
C LEU O 58 18.20 51.89 55.62
N GLN O 59 19.27 52.30 56.31
CA GLN O 59 20.60 51.85 55.93
C GLN O 59 20.85 50.41 56.34
N GLU O 60 20.01 49.85 57.20
CA GLU O 60 20.06 48.42 57.48
C GLU O 60 19.72 47.63 56.23
N GLN O 61 20.59 46.67 55.91
CA GLN O 61 20.47 45.90 54.68
C GLN O 61 19.23 45.01 54.70
N GLY O 62 18.77 44.66 53.51
CA GLY O 62 17.51 43.97 53.38
C GLY O 62 17.58 42.51 53.78
N SER O 63 16.42 41.88 53.82
CA SER O 63 16.29 40.49 54.20
C SER O 63 16.09 39.64 52.96
N TYR O 64 16.79 38.49 52.92
CA TYR O 64 16.61 37.55 51.83
C TYR O 64 15.29 36.82 51.99
N VAL O 65 14.83 36.23 50.89
CA VAL O 65 13.65 35.39 50.90
C VAL O 65 14.04 34.03 50.35
N GLY O 66 13.55 32.96 50.98
CA GLY O 66 13.99 31.63 50.61
C GLY O 66 12.87 30.62 50.55
N GLU O 67 13.20 29.35 50.77
CA GLU O 67 12.19 28.30 50.65
C GLU O 67 12.56 27.13 51.54
N VAL O 68 11.69 26.83 52.51
CA VAL O 68 11.91 25.71 53.41
C VAL O 68 11.69 24.40 52.67
N VAL O 69 12.61 23.45 52.85
CA VAL O 69 12.34 22.09 52.42
C VAL O 69 11.83 21.29 53.61
N ARG O 70 12.67 21.13 54.64
CA ARG O 70 12.30 20.38 55.84
C ARG O 70 13.29 20.68 56.96
N ALA O 71 12.79 20.54 58.19
CA ALA O 71 13.59 20.77 59.39
C ALA O 71 14.21 19.46 59.86
N MET O 72 15.09 19.56 60.85
CA MET O 72 15.72 18.37 61.40
C MET O 72 15.98 18.59 62.90
N ASP O 73 16.78 17.68 63.46
CA ASP O 73 17.29 17.72 64.83
C ASP O 73 17.97 19.06 65.14
N LYS O 74 18.00 19.37 66.44
CA LYS O 74 18.74 20.48 67.08
C LYS O 74 18.49 21.84 66.41
N LYS O 75 17.20 22.12 66.19
CA LYS O 75 16.68 23.49 66.00
C LYS O 75 17.16 24.14 64.72
N LYS O 76 17.28 23.40 63.63
CA LYS O 76 17.72 23.96 62.37
C LYS O 76 16.78 23.57 61.25
N VAL O 77 16.81 24.34 60.16
CA VAL O 77 15.97 24.10 59.00
C VAL O 77 16.83 24.16 57.74
N LEU O 78 16.32 23.55 56.68
CA LEU O 78 17.01 23.48 55.39
C LEU O 78 16.24 24.35 54.41
N VAL O 79 16.85 25.47 54.02
CA VAL O 79 16.21 26.52 53.26
C VAL O 79 17.05 26.81 52.03
N LYS O 80 16.42 26.90 50.87
CA LYS O 80 17.13 27.23 49.64
C LYS O 80 16.76 28.63 49.16
N VAL O 81 17.68 29.27 48.46
CA VAL O 81 17.51 30.64 48.00
C VAL O 81 17.45 30.58 46.48
N HIS O 82 17.32 31.75 45.83
CA HIS O 82 16.62 31.97 44.57
C HIS O 82 17.10 31.10 43.39
N PRO O 83 18.13 31.45 42.61
CA PRO O 83 19.24 30.51 42.39
C PRO O 83 20.43 30.75 43.30
N GLU O 84 20.30 30.33 44.56
CA GLU O 84 21.50 30.14 45.37
C GLU O 84 21.30 28.80 46.08
N GLY O 85 22.37 28.21 46.59
CA GLY O 85 22.32 26.88 47.15
C GLY O 85 21.52 26.81 48.43
N LYS O 86 21.23 25.57 48.82
CA LYS O 86 20.47 25.30 50.02
C LYS O 86 21.31 25.66 51.23
N PHE O 87 20.69 26.25 52.23
CA PHE O 87 21.37 26.66 53.44
C PHE O 87 20.73 25.97 54.64
N VAL O 88 21.57 25.36 55.47
CA VAL O 88 21.13 24.88 56.78
C VAL O 88 21.26 26.06 57.71
N VAL O 89 20.13 26.60 58.11
CA VAL O 89 20.09 27.77 58.98
C VAL O 89 19.30 27.41 60.21
N ASP O 90 19.52 28.18 61.28
CA ASP O 90 18.82 28.01 62.53
C ASP O 90 17.56 28.86 62.53
N VAL O 91 16.76 28.72 63.57
CA VAL O 91 15.53 29.47 63.70
C VAL O 91 15.73 30.59 64.72
N ASP O 92 14.84 31.56 64.67
CA ASP O 92 14.75 32.55 65.73
C ASP O 92 13.87 32.01 66.85
N LYS O 93 13.88 32.71 67.98
CA LYS O 93 13.18 32.22 69.16
C LYS O 93 11.67 32.41 69.08
N ASN O 94 11.18 33.23 68.15
CA ASN O 94 9.78 33.56 68.07
C ASN O 94 9.04 32.73 67.04
N ILE O 95 9.65 31.67 66.54
CA ILE O 95 9.09 30.85 65.46
C ILE O 95 9.11 29.40 65.91
N ASP O 96 7.96 28.73 65.80
CA ASP O 96 7.84 27.33 66.16
C ASP O 96 8.22 26.45 64.98
N ILE O 97 8.85 25.30 65.28
CA ILE O 97 9.29 24.40 64.23
C ILE O 97 8.10 23.73 63.55
N ASN O 98 7.14 23.26 64.34
CA ASN O 98 5.92 22.70 63.77
C ASN O 98 5.07 23.74 63.06
N ASP O 99 5.24 25.02 63.39
CA ASP O 99 4.64 26.06 62.57
C ASP O 99 5.31 26.20 61.22
N VAL O 100 6.59 25.86 61.11
CA VAL O 100 7.30 25.90 59.83
C VAL O 100 6.86 24.70 59.01
N THR O 101 6.00 24.94 58.05
CA THR O 101 5.56 23.87 57.18
C THR O 101 6.67 23.55 56.18
N PRO O 102 6.76 22.30 55.74
CA PRO O 102 7.58 22.01 54.55
C PRO O 102 6.96 22.69 53.35
N ASN O 103 7.83 23.18 52.47
CA ASN O 103 7.48 23.96 51.27
C ASN O 103 6.68 25.21 51.62
N CYS O 104 7.35 26.11 52.33
CA CYS O 104 6.79 27.39 52.71
C CYS O 104 7.92 28.42 52.70
N ARG O 105 7.62 29.63 52.22
CA ARG O 105 8.65 30.67 52.20
C ARG O 105 8.91 31.20 53.60
N VAL O 106 10.05 31.88 53.73
CA VAL O 106 10.46 32.55 54.95
C VAL O 106 11.18 33.83 54.58
N ALA O 107 11.28 34.73 55.54
CA ALA O 107 12.27 35.79 55.45
C ALA O 107 13.57 35.30 56.08
N LEU O 108 14.65 36.03 55.80
CA LEU O 108 15.96 35.55 56.21
C LEU O 108 16.92 36.72 56.27
N ARG O 109 17.48 36.97 57.45
CA ARG O 109 18.54 37.95 57.58
C ARG O 109 19.78 37.46 56.85
N ASN O 110 20.71 38.37 56.56
CA ASN O 110 21.82 38.01 55.71
C ASN O 110 23.19 38.02 56.37
N ASP O 111 23.33 38.64 57.53
CA ASP O 111 24.63 38.64 58.19
C ASP O 111 24.97 37.26 58.75
N SER O 112 24.02 36.66 59.45
CA SER O 112 24.23 35.35 60.04
C SER O 112 23.35 34.28 59.44
N TYR O 113 22.50 34.65 58.48
CA TYR O 113 21.45 33.81 57.90
C TYR O 113 20.57 33.21 59.00
N THR O 114 20.04 34.10 59.83
CA THR O 114 19.11 33.68 60.85
C THR O 114 17.69 33.81 60.33
N LEU O 115 16.86 32.84 60.71
CA LEU O 115 15.46 32.84 60.31
C LEU O 115 14.75 34.04 60.90
N HIS O 116 13.96 34.71 60.07
CA HIS O 116 13.38 35.98 60.46
C HIS O 116 11.88 35.89 60.66
N LYS O 117 11.12 35.49 59.64
CA LYS O 117 9.66 35.55 59.71
C LYS O 117 9.08 34.69 58.60
N ILE O 118 7.89 34.14 58.86
CA ILE O 118 7.23 33.26 57.90
C ILE O 118 6.62 34.10 56.78
N LEU O 119 6.93 33.73 55.55
CA LEU O 119 6.51 34.41 54.35
C LEU O 119 5.50 33.51 53.66
N PRO O 120 4.30 33.99 53.30
CA PRO O 120 3.09 33.17 53.49
C PRO O 120 2.88 31.80 52.84
N ASN O 121 2.57 31.67 51.55
CA ASN O 121 1.85 30.43 51.22
C ASN O 121 2.00 29.96 49.77
N LYS O 122 3.15 30.24 49.13
CA LYS O 122 3.22 30.63 47.71
C LYS O 122 2.22 30.03 46.72
N VAL O 123 2.29 28.72 46.49
CA VAL O 123 1.44 28.04 45.51
C VAL O 123 1.59 26.53 45.70
N ASP O 124 0.51 25.79 45.43
CA ASP O 124 0.83 24.39 45.19
C ASP O 124 1.15 24.19 43.73
N PRO O 125 2.07 23.28 43.39
CA PRO O 125 2.36 23.03 41.98
C PRO O 125 1.21 22.42 41.23
N LEU O 126 0.30 21.73 41.92
CA LEU O 126 -0.91 21.26 41.27
C LEU O 126 -1.84 22.41 40.90
N VAL O 127 -1.86 23.47 41.71
CA VAL O 127 -2.72 24.61 41.44
C VAL O 127 -2.23 25.35 40.21
N SER O 128 -0.91 25.48 40.07
CA SER O 128 -0.34 26.11 38.89
C SER O 128 -0.55 25.28 37.63
N LEU O 129 -0.66 23.96 37.76
CA LEU O 129 -0.80 23.09 36.62
C LEU O 129 -2.13 23.29 35.92
N MET O 130 -3.22 23.24 36.68
CA MET O 130 -4.54 23.53 36.13
C MET O 130 -4.69 24.98 35.73
N MET O 131 -3.93 25.88 36.35
CA MET O 131 -3.97 27.28 35.96
C MET O 131 -3.37 27.49 34.59
N VAL O 132 -2.40 26.65 34.20
CA VAL O 132 -1.86 26.70 32.85
C VAL O 132 -2.88 26.18 31.85
N GLU O 133 -3.54 25.07 32.16
CA GLU O 133 -4.36 24.41 31.15
C GLU O 133 -5.71 25.08 30.96
N LYS O 134 -6.29 25.61 32.05
CA LYS O 134 -7.54 26.38 32.04
C LYS O 134 -8.69 25.57 31.44
N VAL O 135 -9.10 24.57 32.21
CA VAL O 135 -10.29 23.82 31.80
C VAL O 135 -11.53 24.69 31.99
N PRO O 136 -12.51 24.58 31.12
CA PRO O 136 -13.72 25.41 31.25
C PRO O 136 -14.62 24.93 32.37
N ASP O 137 -14.42 25.47 33.58
CA ASP O 137 -15.20 25.17 34.77
C ASP O 137 -16.70 25.25 34.51
N SER O 138 -17.39 24.14 34.76
CA SER O 138 -18.78 23.94 34.40
C SER O 138 -19.58 23.45 35.59
N THR O 139 -20.86 23.16 35.33
CA THR O 139 -21.79 22.74 36.37
C THR O 139 -22.94 21.98 35.72
N TYR O 140 -23.83 21.44 36.55
CA TYR O 140 -24.99 20.77 35.99
C TYR O 140 -25.98 21.74 35.34
N GLU O 141 -25.98 23.00 35.75
CA GLU O 141 -26.93 23.99 35.27
C GLU O 141 -26.70 24.40 33.83
N MET O 142 -25.56 24.06 33.25
CA MET O 142 -25.31 24.35 31.84
C MET O 142 -25.25 23.08 31.00
N ILE O 143 -25.85 22.00 31.46
CA ILE O 143 -25.90 20.76 30.71
C ILE O 143 -27.16 20.77 29.87
N GLY O 144 -27.00 20.67 28.56
CA GLY O 144 -28.17 20.64 27.71
C GLY O 144 -28.58 19.26 27.26
N GLY O 145 -29.59 18.69 27.93
CA GLY O 145 -30.23 17.47 27.48
C GLY O 145 -29.40 16.21 27.51
N LEU O 146 -28.87 15.85 28.67
CA LEU O 146 -28.10 14.63 28.86
C LEU O 146 -28.49 13.96 30.15
N ASP O 147 -29.80 13.85 30.41
CA ASP O 147 -30.29 13.46 31.72
C ASP O 147 -29.95 12.01 32.06
N LYS O 148 -29.91 11.13 31.08
CA LYS O 148 -29.62 9.74 31.39
C LYS O 148 -28.14 9.50 31.60
N GLN O 149 -27.28 10.26 30.93
CA GLN O 149 -25.85 10.08 31.15
C GLN O 149 -25.42 10.65 32.50
N ILE O 150 -26.13 11.66 32.99
CA ILE O 150 -25.88 12.17 34.32
C ILE O 150 -26.22 11.11 35.37
N LYS O 151 -27.28 10.35 35.13
CA LYS O 151 -27.62 9.28 36.07
C LYS O 151 -26.64 8.13 35.98
N GLU O 152 -26.03 7.92 34.82
CA GLU O 152 -25.04 6.87 34.71
C GLU O 152 -23.74 7.25 35.40
N ILE O 153 -23.30 8.49 35.21
CA ILE O 153 -22.01 8.89 35.71
C ILE O 153 -22.03 9.09 37.22
N LYS O 154 -23.21 9.28 37.82
CA LYS O 154 -23.26 9.40 39.27
C LYS O 154 -23.10 8.06 39.96
N GLU O 155 -23.56 6.98 39.32
CA GLU O 155 -23.50 5.66 39.94
C GLU O 155 -22.08 5.16 40.12
N VAL O 156 -21.15 5.62 39.30
CA VAL O 156 -19.83 5.04 39.27
C VAL O 156 -18.87 5.93 40.06
N ILE O 157 -19.16 7.23 40.10
CA ILE O 157 -18.26 8.21 40.68
C ILE O 157 -18.86 8.90 41.90
N GLU O 158 -20.09 9.41 41.80
CA GLU O 158 -20.67 10.18 42.88
C GLU O 158 -20.97 9.32 44.10
N LEU O 159 -21.54 8.15 43.88
CA LEU O 159 -21.87 7.25 44.98
C LEU O 159 -20.67 6.65 45.73
N PRO O 160 -19.56 6.20 45.08
CA PRO O 160 -18.49 5.64 45.92
C PRO O 160 -17.56 6.69 46.50
N VAL O 161 -18.07 7.83 46.93
CA VAL O 161 -17.31 8.77 47.73
C VAL O 161 -18.16 9.14 48.93
N LYS O 162 -19.38 9.60 48.67
CA LYS O 162 -20.28 10.00 49.74
C LYS O 162 -20.81 8.80 50.50
N HIS O 163 -20.98 7.67 49.82
CA HIS O 163 -21.45 6.45 50.47
C HIS O 163 -20.59 5.27 50.03
N PRO O 164 -19.40 5.13 50.61
CA PRO O 164 -18.60 3.93 50.33
C PRO O 164 -19.16 2.69 50.99
N GLU O 165 -19.92 2.85 52.07
CA GLU O 165 -20.52 1.72 52.76
C GLU O 165 -21.58 1.02 51.94
N LEU O 166 -22.14 1.70 50.96
CA LEU O 166 -23.28 1.18 50.22
C LEU O 166 -22.89 0.06 49.26
N PHE O 167 -21.60 -0.13 49.01
CA PHE O 167 -21.17 -1.29 48.24
C PHE O 167 -20.77 -2.46 49.12
N GLU O 168 -20.39 -2.18 50.37
CA GLU O 168 -20.12 -3.26 51.31
C GLU O 168 -21.39 -4.02 51.65
N ALA O 169 -22.53 -3.32 51.65
CA ALA O 169 -23.81 -3.99 51.82
C ALA O 169 -24.14 -4.88 50.65
N LEU O 170 -23.61 -4.58 49.46
CA LEU O 170 -23.75 -5.48 48.33
C LEU O 170 -22.52 -6.35 48.12
N GLY O 171 -21.39 -6.00 48.73
CA GLY O 171 -20.23 -6.87 48.70
C GLY O 171 -19.57 -7.02 47.35
N ILE O 172 -19.43 -5.93 46.60
CA ILE O 172 -18.72 -5.94 45.35
C ILE O 172 -17.56 -4.96 45.44
N ALA O 173 -16.62 -5.08 44.51
CA ALA O 173 -15.52 -4.14 44.45
C ALA O 173 -15.99 -2.83 43.87
N GLN O 174 -15.50 -1.72 44.41
CA GLN O 174 -15.98 -0.46 43.89
C GLN O 174 -15.27 -0.14 42.57
N PRO O 175 -15.98 0.43 41.61
CA PRO O 175 -15.39 0.69 40.30
C PRO O 175 -14.37 1.81 40.33
N LYS O 176 -13.55 1.82 39.30
CA LYS O 176 -12.39 2.71 39.24
C LYS O 176 -12.31 3.52 37.96
N GLY O 177 -12.68 2.95 36.82
CA GLY O 177 -12.43 3.60 35.54
C GLY O 177 -13.70 3.76 34.72
N VAL O 178 -13.80 4.89 34.05
CA VAL O 178 -14.96 5.22 33.22
C VAL O 178 -14.46 5.59 31.83
N LEU O 179 -15.11 5.04 30.80
CA LEU O 179 -14.85 5.43 29.43
C LEU O 179 -16.02 6.22 28.88
N LEU O 180 -15.74 7.42 28.37
CA LEU O 180 -16.74 8.25 27.73
C LEU O 180 -16.48 8.31 26.25
N TYR O 181 -17.52 8.12 25.44
CA TYR O 181 -17.29 8.10 24.00
C TYR O 181 -18.49 8.63 23.25
N GLY O 182 -18.22 9.04 22.01
CA GLY O 182 -19.17 9.71 21.17
C GLY O 182 -18.44 10.63 20.21
N PRO O 183 -19.16 11.24 19.27
CA PRO O 183 -18.54 12.19 18.34
C PRO O 183 -18.08 13.44 19.07
N PRO O 184 -17.10 14.17 18.54
CA PRO O 184 -16.56 15.32 19.27
C PRO O 184 -17.53 16.49 19.28
N GLY O 185 -17.43 17.30 20.33
CA GLY O 185 -18.30 18.44 20.47
C GLY O 185 -19.65 18.13 21.07
N THR O 186 -19.76 17.04 21.83
CA THR O 186 -21.05 16.64 22.40
C THR O 186 -21.04 16.68 23.92
N GLY O 187 -19.97 17.19 24.53
CA GLY O 187 -20.00 17.42 25.95
C GLY O 187 -19.27 16.42 26.82
N LYS O 188 -18.16 15.89 26.32
CA LYS O 188 -17.38 14.97 27.14
C LYS O 188 -16.62 15.68 28.24
N THR O 189 -16.04 16.83 27.93
CA THR O 189 -15.19 17.52 28.88
C THR O 189 -16.01 18.19 29.97
N LEU O 190 -17.09 18.86 29.58
CA LEU O 190 -17.92 19.57 30.55
C LEU O 190 -18.65 18.63 31.49
N LEU O 191 -18.99 17.43 31.03
CA LEU O 191 -19.66 16.50 31.94
C LEU O 191 -18.68 15.95 32.96
N ALA O 192 -17.46 15.66 32.53
CA ALA O 192 -16.43 15.25 33.48
C ALA O 192 -16.03 16.39 34.40
N ARG O 193 -16.06 17.63 33.89
CA ARG O 193 -15.75 18.76 34.76
C ARG O 193 -16.87 19.02 35.74
N ALA O 194 -18.11 18.67 35.36
CA ALA O 194 -19.24 18.90 36.25
C ALA O 194 -19.21 17.96 37.45
N VAL O 195 -18.91 16.69 37.21
CA VAL O 195 -19.00 15.69 38.27
C VAL O 195 -17.94 15.92 39.33
N ALA O 196 -16.71 16.25 38.90
CA ALA O 196 -15.67 16.58 39.88
C ALA O 196 -15.97 17.88 40.62
N HIS O 197 -16.78 18.76 40.03
CA HIS O 197 -17.09 20.02 40.68
C HIS O 197 -18.13 19.85 41.78
N HIS O 198 -19.08 18.94 41.57
CA HIS O 198 -20.22 18.84 42.46
C HIS O 198 -20.01 17.88 43.62
N THR O 199 -18.90 17.16 43.66
CA THR O 199 -18.59 16.36 44.85
C THR O 199 -17.22 16.69 45.42
N ASP O 200 -16.68 17.87 45.07
CA ASP O 200 -15.43 18.41 45.59
C ASP O 200 -14.26 17.47 45.31
N CYS O 201 -13.96 17.31 44.02
CA CYS O 201 -12.83 16.51 43.57
C CYS O 201 -11.86 17.38 42.80
N THR O 202 -10.58 17.19 43.07
CA THR O 202 -9.51 17.91 42.38
C THR O 202 -9.44 17.39 40.96
N PHE O 203 -10.04 18.11 40.03
CA PHE O 203 -10.14 17.65 38.65
C PHE O 203 -8.80 17.83 37.97
N ILE O 204 -7.99 16.79 37.94
CA ILE O 204 -6.69 16.81 37.28
C ILE O 204 -6.85 16.18 35.91
N ARG O 205 -6.40 16.89 34.88
CA ARG O 205 -6.28 16.26 33.57
C ARG O 205 -4.82 16.31 33.15
N VAL O 206 -4.39 15.24 32.49
CA VAL O 206 -3.04 15.15 31.96
C VAL O 206 -3.13 15.13 30.44
N SER O 207 -2.16 15.78 29.79
CA SER O 207 -2.06 15.76 28.35
C SER O 207 -0.71 15.25 27.89
N GLY O 208 0.20 14.99 28.81
CA GLY O 208 1.55 14.61 28.43
C GLY O 208 2.34 15.76 27.85
N SER O 209 2.04 16.99 28.23
CA SER O 209 2.75 18.14 27.73
C SER O 209 4.05 18.31 28.50
N GLU O 210 4.80 19.36 28.20
CA GLU O 210 6.10 19.56 28.81
C GLU O 210 6.24 20.88 29.53
N LEU O 211 5.33 21.84 29.32
CA LEU O 211 5.25 22.94 30.25
C LEU O 211 4.76 22.47 31.60
N VAL O 212 3.81 21.53 31.58
CA VAL O 212 3.30 20.85 32.78
C VAL O 212 4.40 20.09 33.51
N GLN O 213 5.45 19.68 32.78
CA GLN O 213 6.36 18.65 33.25
C GLN O 213 7.21 19.12 34.42
N LYS O 214 7.51 20.42 34.48
CA LYS O 214 8.36 20.94 35.55
C LYS O 214 7.70 20.91 36.91
N PHE O 215 6.39 20.76 36.99
CA PHE O 215 5.71 20.73 38.27
C PHE O 215 5.52 19.33 38.82
N ILE O 216 5.71 18.31 37.98
CA ILE O 216 5.59 16.94 38.45
C ILE O 216 6.94 16.42 38.94
N GLY O 217 7.97 16.56 38.12
CA GLY O 217 9.27 16.05 38.46
C GLY O 217 10.28 16.49 37.43
N GLU O 218 11.56 16.26 37.77
CA GLU O 218 12.61 16.77 36.89
C GLU O 218 12.76 15.92 35.63
N GLY O 219 12.72 14.61 35.76
CA GLY O 219 12.71 13.80 34.56
C GLY O 219 11.41 13.05 34.39
N ALA O 220 10.88 12.54 35.50
CA ALA O 220 9.68 11.71 35.56
C ALA O 220 9.74 10.60 34.51
N ARG O 221 10.64 9.66 34.77
CA ARG O 221 10.88 8.57 33.84
C ARG O 221 9.65 7.68 33.66
N MET O 222 8.74 7.67 34.63
CA MET O 222 7.46 7.02 34.46
C MET O 222 6.39 8.08 34.20
N VAL O 223 5.14 7.64 34.15
CA VAL O 223 4.01 8.54 34.30
C VAL O 223 3.50 8.48 35.73
N ARG O 224 3.81 7.39 36.45
CA ARG O 224 3.27 7.06 37.76
C ARG O 224 3.70 8.06 38.83
N GLU O 225 4.67 8.94 38.57
CA GLU O 225 5.01 9.99 39.52
C GLU O 225 3.92 11.04 39.70
N LEU O 226 2.90 11.02 38.86
CA LEU O 226 1.75 11.90 39.04
C LEU O 226 1.00 11.59 40.33
N PHE O 227 1.08 10.36 40.81
CA PHE O 227 0.28 9.92 41.94
C PHE O 227 0.71 10.54 43.26
N VAL O 228 1.91 11.09 43.33
CA VAL O 228 2.36 11.73 44.56
C VAL O 228 1.56 13.00 44.81
N MET O 229 1.28 13.75 43.75
CA MET O 229 0.36 14.87 43.90
C MET O 229 -1.08 14.41 43.95
N ALA O 230 -1.38 13.22 43.46
CA ALA O 230 -2.75 12.75 43.48
C ALA O 230 -3.17 12.22 44.83
N ARG O 231 -2.30 11.49 45.53
CA ARG O 231 -2.67 11.00 46.85
C ARG O 231 -2.47 12.05 47.94
N GLU O 232 -2.22 13.29 47.57
CA GLU O 232 -2.19 14.39 48.52
C GLU O 232 -3.43 15.25 48.44
N HIS O 233 -4.19 15.14 47.35
CA HIS O 233 -5.50 15.79 47.23
C HIS O 233 -6.54 14.70 47.12
N ALA O 234 -6.46 13.73 48.05
CA ALA O 234 -6.91 12.34 48.01
C ALA O 234 -8.22 12.03 47.28
N PRO O 235 -9.33 12.80 47.41
CA PRO O 235 -10.49 12.46 46.55
C PRO O 235 -10.38 13.10 45.17
N SER O 236 -9.41 12.64 44.38
CA SER O 236 -9.11 13.27 43.11
C SER O 236 -9.57 12.41 41.93
N ILE O 237 -9.58 13.02 40.74
CA ILE O 237 -10.02 12.37 39.51
C ILE O 237 -9.03 12.72 38.41
N ILE O 238 -8.47 11.71 37.77
CA ILE O 238 -7.56 11.89 36.66
C ILE O 238 -8.36 11.84 35.37
N PHE O 239 -8.11 12.79 34.48
CA PHE O 239 -8.85 12.88 33.23
C PHE O 239 -7.87 12.81 32.06
N MET O 240 -8.32 12.22 30.95
CA MET O 240 -7.50 12.09 29.76
C MET O 240 -8.33 12.35 28.52
N ASP O 241 -7.75 13.05 27.57
CA ASP O 241 -8.42 13.33 26.31
C ASP O 241 -8.13 12.18 25.36
N GLU O 242 -8.40 12.36 24.06
CA GLU O 242 -8.28 11.32 23.05
C GLU O 242 -6.88 10.78 22.87
N SER O 259 -0.96 7.29 19.70
CA SER O 259 -1.62 6.34 20.59
C SER O 259 -1.01 6.40 21.98
N GLU O 260 -0.55 7.60 22.36
CA GLU O 260 0.16 7.75 23.62
C GLU O 260 -0.78 7.80 24.81
N VAL O 261 -2.05 8.13 24.58
CA VAL O 261 -3.00 8.13 25.68
C VAL O 261 -3.36 6.70 26.05
N GLN O 262 -3.48 5.83 25.06
CA GLN O 262 -3.90 4.46 25.32
C GLN O 262 -2.79 3.65 25.98
N ARG O 263 -1.55 4.09 25.92
CA ARG O 263 -0.55 3.49 26.80
C ARG O 263 -0.53 4.14 28.16
N THR O 264 -0.93 5.40 28.24
CA THR O 264 -0.92 6.11 29.51
C THR O 264 -1.95 5.54 30.45
N MET O 265 -3.13 5.19 29.93
CA MET O 265 -4.20 4.71 30.78
C MET O 265 -3.92 3.32 31.33
N LEU O 266 -3.29 2.46 30.54
CA LEU O 266 -2.96 1.12 31.02
C LEU O 266 -1.93 1.16 32.13
N GLU O 267 -1.04 2.15 32.12
CA GLU O 267 -0.13 2.31 33.24
C GLU O 267 -0.87 2.81 34.47
N LEU O 268 -1.91 3.63 34.28
CA LEU O 268 -2.66 4.10 35.43
C LEU O 268 -3.56 3.01 35.98
N LEU O 269 -4.18 2.22 35.12
CA LEU O 269 -5.12 1.21 35.58
C LEU O 269 -4.43 0.08 36.31
N ASN O 270 -3.18 -0.21 35.99
CA ASN O 270 -2.52 -1.32 36.65
C ASN O 270 -2.06 -0.97 38.05
N GLN O 271 -1.70 0.28 38.30
CA GLN O 271 -1.35 0.68 39.66
C GLN O 271 -2.57 0.65 40.56
N LEU O 272 -3.66 1.27 40.13
CA LEU O 272 -4.91 1.19 40.88
C LEU O 272 -5.66 -0.06 40.43
N ASP O 273 -5.14 -1.18 40.87
CA ASP O 273 -5.76 -2.48 40.66
C ASP O 273 -5.62 -3.32 41.90
N GLY O 274 -5.12 -2.74 42.99
CA GLY O 274 -4.75 -3.45 44.18
C GLY O 274 -3.39 -3.09 44.71
N PHE O 275 -2.46 -2.70 43.84
CA PHE O 275 -1.14 -2.28 44.30
C PHE O 275 -1.21 -0.93 44.99
N GLU O 276 -2.07 -0.03 44.51
CA GLU O 276 -2.32 1.22 45.19
C GLU O 276 -3.36 1.01 46.28
N ALA O 277 -3.07 1.48 47.48
CA ALA O 277 -3.96 1.26 48.61
C ALA O 277 -4.80 2.48 48.96
N THR O 278 -4.44 3.65 48.47
CA THR O 278 -5.24 4.85 48.70
C THR O 278 -6.50 4.76 47.85
N LYS O 279 -7.65 4.97 48.47
CA LYS O 279 -8.91 4.94 47.75
C LYS O 279 -9.18 6.29 47.12
N ASN O 280 -10.40 6.46 46.59
CA ASN O 280 -10.95 7.73 46.12
C ASN O 280 -10.16 8.35 44.97
N ILE O 281 -9.54 7.52 44.13
CA ILE O 281 -8.81 7.99 42.97
C ILE O 281 -9.35 7.26 41.75
N LYS O 282 -9.90 8.01 40.80
CA LYS O 282 -10.53 7.43 39.62
C LYS O 282 -9.95 8.05 38.37
N VAL O 283 -10.06 7.31 37.26
CA VAL O 283 -9.59 7.78 35.97
C VAL O 283 -10.75 7.77 35.00
N ILE O 284 -10.72 8.71 34.05
CA ILE O 284 -11.74 8.87 33.03
C ILE O 284 -11.05 9.12 31.70
N MET O 285 -11.35 8.30 30.71
CA MET O 285 -10.84 8.51 29.36
C MET O 285 -11.97 8.97 28.46
N ALA O 286 -11.71 9.98 27.65
CA ALA O 286 -12.67 10.48 26.69
C ALA O 286 -12.06 10.43 25.30
N THR O 287 -12.62 9.60 24.44
CA THR O 287 -12.20 9.54 23.05
C THR O 287 -13.38 9.12 22.19
N ASN O 288 -13.27 9.35 20.90
CA ASN O 288 -14.24 8.86 19.94
C ASN O 288 -13.76 7.54 19.34
N ARG O 289 -14.69 6.86 18.67
CA ARG O 289 -14.40 5.72 17.78
C ARG O 289 -13.76 4.55 18.55
N ILE O 290 -14.57 3.92 19.40
CA ILE O 290 -14.07 2.89 20.30
C ILE O 290 -13.61 1.61 19.63
N ASP O 291 -13.92 1.41 18.35
CA ASP O 291 -13.58 0.13 17.74
C ASP O 291 -12.11 0.04 17.35
N ILE O 292 -11.34 1.11 17.50
CA ILE O 292 -9.93 1.09 17.14
C ILE O 292 -9.02 1.22 18.35
N LEU O 293 -9.56 1.28 19.55
CA LEU O 293 -8.69 1.32 20.71
C LEU O 293 -8.22 -0.10 21.03
N ASP O 294 -7.31 -0.19 22.00
CA ASP O 294 -6.57 -1.41 22.25
C ASP O 294 -7.47 -2.48 22.85
N SER O 295 -7.22 -3.73 22.43
CA SER O 295 -7.99 -4.84 22.99
C SER O 295 -7.56 -5.15 24.41
N ALA O 296 -6.34 -4.77 24.78
CA ALA O 296 -5.92 -4.85 26.18
C ALA O 296 -6.72 -3.92 27.06
N LEU O 297 -7.24 -2.84 26.48
CA LEU O 297 -8.17 -1.97 27.17
C LEU O 297 -9.61 -2.44 27.00
N LEU O 298 -9.83 -3.46 26.18
CA LEU O 298 -11.16 -4.03 25.98
C LEU O 298 -11.35 -5.36 26.69
N ARG O 299 -10.44 -5.74 27.57
CA ARG O 299 -10.71 -6.85 28.45
C ARG O 299 -11.88 -6.49 29.36
N PRO O 300 -12.85 -7.38 29.55
CA PRO O 300 -14.09 -6.99 30.22
C PRO O 300 -13.92 -6.62 31.69
N GLY O 301 -12.91 -7.13 32.37
CA GLY O 301 -12.70 -6.72 33.73
C GLY O 301 -11.98 -5.40 33.88
N ARG O 302 -11.59 -4.75 32.79
CA ARG O 302 -10.71 -3.60 32.85
C ARG O 302 -11.48 -2.29 32.98
N ILE O 303 -12.48 -2.08 32.15
CA ILE O 303 -13.26 -0.83 32.16
C ILE O 303 -14.60 -1.11 32.81
N ASP O 304 -14.96 -0.28 33.77
CA ASP O 304 -16.12 -0.57 34.61
C ASP O 304 -17.43 -0.26 33.91
N ARG O 305 -17.50 0.89 33.24
CA ARG O 305 -18.71 1.25 32.50
C ARG O 305 -18.33 2.19 31.36
N LYS O 306 -18.85 1.89 30.18
CA LYS O 306 -18.68 2.73 29.01
C LYS O 306 -19.96 3.49 28.73
N ILE O 307 -19.85 4.77 28.42
CA ILE O 307 -21.01 5.64 28.27
C ILE O 307 -20.96 6.27 26.88
N GLU O 308 -22.00 6.03 26.09
CA GLU O 308 -22.08 6.57 24.74
C GLU O 308 -22.71 7.95 24.79
N PHE O 309 -22.20 8.86 23.96
CA PHE O 309 -22.78 10.17 23.78
C PHE O 309 -23.30 10.30 22.36
N PRO O 310 -24.60 10.28 22.13
CA PRO O 310 -25.12 10.42 20.78
C PRO O 310 -25.13 11.87 20.36
N PRO O 311 -25.27 12.14 19.06
CA PRO O 311 -25.61 13.51 18.65
C PRO O 311 -27.01 13.85 19.12
N PRO O 312 -27.27 15.13 19.39
CA PRO O 312 -28.57 15.50 19.96
C PRO O 312 -29.69 15.44 18.93
N ASN O 313 -30.91 15.29 19.44
CA ASN O 313 -32.11 15.30 18.63
C ASN O 313 -32.86 16.62 18.82
N GLU O 314 -34.06 16.69 18.26
CA GLU O 314 -34.84 17.93 18.22
C GLU O 314 -35.20 18.43 19.61
N GLU O 315 -35.53 17.53 20.53
CA GLU O 315 -35.78 17.96 21.90
C GLU O 315 -34.50 18.38 22.59
N ALA O 316 -33.36 17.80 22.22
CA ALA O 316 -32.10 18.14 22.85
C ALA O 316 -31.38 19.29 22.15
N ARG O 317 -31.71 19.62 20.91
CA ARG O 317 -31.14 20.84 20.37
C ARG O 317 -31.82 22.08 20.91
N LEU O 318 -33.04 21.95 21.43
CA LEU O 318 -33.76 23.10 21.93
C LEU O 318 -33.16 23.61 23.23
N ASP O 319 -32.92 22.72 24.19
CA ASP O 319 -32.47 23.21 25.49
C ASP O 319 -30.99 23.55 25.52
N ILE O 320 -30.20 23.09 24.54
CA ILE O 320 -28.86 23.64 24.41
C ILE O 320 -28.94 25.07 23.90
N LEU O 321 -29.87 25.34 22.97
CA LEU O 321 -30.18 26.71 22.59
C LEU O 321 -30.74 27.50 23.77
N LYS O 322 -31.53 26.85 24.62
CA LYS O 322 -32.15 27.56 25.73
C LYS O 322 -31.11 28.00 26.75
N ILE O 323 -30.10 27.19 26.98
CA ILE O 323 -29.09 27.56 27.96
C ILE O 323 -28.15 28.62 27.38
N HIS O 324 -27.85 28.55 26.09
CA HIS O 324 -26.89 29.49 25.55
C HIS O 324 -27.55 30.79 25.08
N SER O 325 -28.87 30.82 24.98
CA SER O 325 -29.53 32.09 24.74
C SER O 325 -29.79 32.88 26.01
N ARG O 326 -29.33 32.36 27.14
CA ARG O 326 -29.54 33.06 28.41
C ARG O 326 -28.74 34.35 28.45
N LYS O 327 -27.51 34.32 27.96
CA LYS O 327 -26.61 35.47 28.08
C LYS O 327 -26.71 36.42 26.89
N MET O 328 -27.67 36.21 26.01
CA MET O 328 -27.88 37.10 24.87
C MET O 328 -29.06 38.01 25.16
N ASN O 329 -29.00 39.24 24.66
CA ASN O 329 -30.09 40.19 24.82
C ASN O 329 -31.10 39.95 23.70
N LEU O 330 -32.15 39.20 23.99
CA LEU O 330 -33.08 38.76 22.96
C LEU O 330 -34.19 39.77 22.69
N THR O 331 -34.99 39.43 21.69
CA THR O 331 -36.20 40.16 21.33
C THR O 331 -37.39 39.23 21.50
N ARG O 332 -38.48 39.73 22.07
CA ARG O 332 -39.65 38.90 22.30
C ARG O 332 -40.30 38.52 20.98
N GLY O 333 -40.52 37.22 20.81
CA GLY O 333 -41.10 36.63 19.64
C GLY O 333 -39.94 36.07 18.84
N ILE O 334 -39.59 34.83 19.11
CA ILE O 334 -38.42 34.24 18.47
C ILE O 334 -38.76 32.87 17.89
N ASN O 335 -39.45 32.04 18.68
CA ASN O 335 -39.79 30.66 18.36
C ASN O 335 -38.52 29.85 18.08
N LEU O 336 -37.76 29.65 19.16
CA LEU O 336 -36.51 28.87 19.13
C LEU O 336 -36.70 27.45 18.60
N ARG O 337 -37.92 26.90 18.72
CA ARG O 337 -38.24 25.59 18.18
C ARG O 337 -37.99 25.54 16.68
N LYS O 338 -38.37 26.59 15.96
CA LYS O 338 -38.14 26.64 14.53
C LYS O 338 -36.66 26.75 14.20
N ILE O 339 -35.89 27.35 15.09
CA ILE O 339 -34.46 27.47 14.86
C ILE O 339 -33.78 26.12 15.03
N ALA O 340 -34.18 25.37 16.05
CA ALA O 340 -33.55 24.10 16.35
C ALA O 340 -33.81 23.04 15.30
N GLU O 341 -34.93 23.14 14.59
CA GLU O 341 -35.26 22.16 13.56
C GLU O 341 -34.47 22.39 12.28
N LEU O 342 -33.91 23.58 12.09
CA LEU O 342 -33.10 23.85 10.91
C LEU O 342 -31.77 23.12 10.96
N MET O 343 -31.23 22.91 12.16
CA MET O 343 -30.01 22.15 12.33
C MET O 343 -30.38 20.69 12.49
N PRO O 344 -30.02 19.81 11.56
CA PRO O 344 -30.41 18.39 11.68
C PRO O 344 -29.45 17.61 12.56
N GLY O 345 -29.25 18.07 13.79
CA GLY O 345 -28.33 17.42 14.69
C GLY O 345 -26.87 17.58 14.31
N ALA O 346 -26.32 18.79 14.45
CA ALA O 346 -24.91 18.96 14.14
C ALA O 346 -24.04 18.45 15.28
N SER O 347 -24.09 19.15 16.43
CA SER O 347 -23.54 18.73 17.72
C SER O 347 -23.99 19.75 18.74
N GLY O 348 -23.49 19.60 19.97
CA GLY O 348 -23.62 20.62 20.97
C GLY O 348 -22.59 21.71 20.89
N ALA O 349 -21.72 21.69 19.88
CA ALA O 349 -20.71 22.70 19.71
C ALA O 349 -21.06 23.76 18.68
N GLU O 350 -21.96 23.46 17.74
CA GLU O 350 -22.41 24.48 16.80
C GLU O 350 -23.52 25.33 17.38
N VAL O 351 -24.19 24.84 18.43
CA VAL O 351 -25.22 25.64 19.07
C VAL O 351 -24.60 26.88 19.72
N LYS O 352 -23.50 26.68 20.44
CA LYS O 352 -22.77 27.85 20.91
C LYS O 352 -22.02 28.53 19.78
N GLY O 353 -21.85 27.85 18.64
CA GLY O 353 -21.30 28.52 17.47
C GLY O 353 -22.31 29.46 16.84
N VAL O 354 -23.57 29.06 16.83
CA VAL O 354 -24.61 29.88 16.18
C VAL O 354 -25.00 31.03 17.09
N CYS O 355 -25.32 30.73 18.35
CA CYS O 355 -25.89 31.73 19.25
C CYS O 355 -24.90 32.83 19.59
N THR O 356 -23.60 32.53 19.54
CA THR O 356 -22.63 33.61 19.59
C THR O 356 -22.59 34.38 18.29
N GLU O 357 -22.77 33.71 17.15
CA GLU O 357 -22.62 34.39 15.88
C GLU O 357 -23.83 35.24 15.56
N ALA O 358 -24.99 34.90 16.13
CA ALA O 358 -26.19 35.72 15.96
C ALA O 358 -26.02 37.11 16.52
N GLY O 359 -25.17 37.27 17.55
CA GLY O 359 -24.83 38.60 17.99
C GLY O 359 -24.02 39.38 16.97
N MET O 360 -23.24 38.68 16.15
CA MET O 360 -22.42 39.38 15.17
C MET O 360 -23.25 39.97 14.05
N TYR O 361 -24.41 39.38 13.76
CA TYR O 361 -25.32 40.01 12.83
C TYR O 361 -26.02 41.20 13.47
N ALA O 362 -26.33 41.10 14.76
CA ALA O 362 -26.96 42.21 15.45
C ALA O 362 -26.00 43.36 15.67
N LEU O 363 -24.71 43.08 15.82
CA LEU O 363 -23.72 44.11 16.05
C LEU O 363 -23.26 44.77 14.75
N ARG O 364 -23.40 44.08 13.63
CA ARG O 364 -22.93 44.69 12.39
C ARG O 364 -23.95 45.61 11.77
N GLU O 365 -25.18 45.65 12.29
CA GLU O 365 -26.15 46.66 11.89
C GLU O 365 -26.52 47.58 13.05
N ARG O 366 -25.68 47.63 14.09
CA ARG O 366 -25.77 48.59 15.19
C ARG O 366 -27.07 48.48 15.95
N ARG O 367 -27.55 47.26 16.15
CA ARG O 367 -28.72 47.03 16.99
C ARG O 367 -28.29 46.75 18.42
N VAL O 368 -29.27 46.75 19.32
CA VAL O 368 -29.05 46.44 20.72
C VAL O 368 -29.91 45.28 21.19
N HIS O 369 -30.69 44.68 20.29
CA HIS O 369 -31.47 43.49 20.61
C HIS O 369 -31.30 42.49 19.48
N VAL O 370 -31.09 41.22 19.84
CA VAL O 370 -30.88 40.17 18.86
C VAL O 370 -32.24 39.63 18.45
N THR O 371 -32.47 39.55 17.15
CA THR O 371 -33.78 39.28 16.59
C THR O 371 -33.81 37.91 15.92
N GLN O 372 -35.03 37.45 15.64
CA GLN O 372 -35.25 36.08 15.20
C GLN O 372 -34.87 35.86 13.75
N GLU O 373 -34.61 36.90 13.00
CA GLU O 373 -34.10 36.73 11.65
C GLU O 373 -32.58 36.67 11.61
N ASP O 374 -31.92 37.06 12.70
CA ASP O 374 -30.48 36.94 12.79
C ASP O 374 -30.04 35.51 13.05
N PHE O 375 -30.85 34.76 13.80
CA PHE O 375 -30.56 33.36 14.06
C PHE O 375 -30.66 32.52 12.79
N GLU O 376 -31.69 32.74 11.99
CA GLU O 376 -31.84 31.96 10.77
C GLU O 376 -30.82 32.37 9.71
N MET O 377 -30.30 33.59 9.78
CA MET O 377 -29.17 33.93 8.93
C MET O 377 -27.88 33.33 9.47
N ALA O 378 -27.84 33.02 10.76
CA ALA O 378 -26.66 32.40 11.33
C ALA O 378 -26.60 30.90 11.04
N VAL O 379 -27.76 30.26 10.87
CA VAL O 379 -27.79 28.83 10.58
C VAL O 379 -27.24 28.58 9.18
N ALA O 380 -27.57 29.44 8.23
CA ALA O 380 -27.15 29.21 6.85
C ALA O 380 -25.67 29.47 6.62
N LYS O 381 -24.96 30.02 7.61
CA LYS O 381 -23.52 30.18 7.47
C LYS O 381 -22.76 29.11 8.23
N VAL O 382 -23.24 28.73 9.41
CA VAL O 382 -22.55 27.71 10.20
C VAL O 382 -22.76 26.34 9.58
N MET O 383 -23.96 26.07 9.06
CA MET O 383 -24.16 24.83 8.31
C MET O 383 -23.55 24.88 6.91
N GLN O 384 -23.15 26.06 6.43
CA GLN O 384 -22.42 26.13 5.18
C GLN O 384 -21.01 25.58 5.35
N LYS O 385 -20.36 25.93 6.46
CA LYS O 385 -19.06 25.35 6.77
C LYS O 385 -19.17 23.88 7.12
N ASP O 386 -20.33 23.43 7.60
CA ASP O 386 -20.60 22.01 7.73
C ASP O 386 -20.66 21.35 6.36
N SER O 387 -21.13 22.09 5.36
CA SER O 387 -21.18 21.62 3.98
C SER O 387 -19.87 21.84 3.24
N GLU O 388 -18.84 22.34 3.93
CA GLU O 388 -17.52 22.51 3.35
C GLU O 388 -16.61 21.44 3.94
N LYS O 389 -16.19 20.50 3.10
CA LYS O 389 -15.33 19.36 3.44
C LYS O 389 -15.85 18.53 4.62
N ASP P 39 -11.43 75.42 106.82
CA ASP P 39 -10.36 76.20 106.19
C ASP P 39 -10.69 76.52 104.74
N LEU P 40 -11.78 77.24 104.51
CA LEU P 40 -12.22 77.45 103.13
C LEU P 40 -11.41 78.52 102.43
N TYR P 41 -10.82 79.43 103.19
CA TYR P 41 -9.88 80.37 102.60
C TYR P 41 -8.61 79.65 102.17
N SER P 42 -8.29 78.55 102.85
CA SER P 42 -7.25 77.65 102.36
C SER P 42 -7.76 76.80 101.20
N ARG P 43 -9.09 76.65 101.09
CA ARG P 43 -9.65 76.00 99.90
C ARG P 43 -9.68 76.95 98.72
N TYR P 44 -9.60 78.26 98.99
CA TYR P 44 -9.69 79.24 97.91
C TYR P 44 -8.35 79.47 97.26
N LYS P 45 -7.28 79.51 98.07
CA LYS P 45 -5.94 79.70 97.55
C LYS P 45 -5.54 78.54 96.65
N LYS P 46 -5.76 77.31 97.13
CA LYS P 46 -5.40 76.11 96.36
C LYS P 46 -6.19 76.01 95.07
N LEU P 47 -7.43 76.51 95.06
CA LEU P 47 -8.20 76.48 93.81
C LEU P 47 -8.18 77.85 93.13
N GLN P 48 -7.49 78.83 93.73
CA GLN P 48 -6.95 79.92 92.91
C GLN P 48 -5.62 79.51 92.33
N GLN P 49 -4.84 78.71 93.07
CA GLN P 49 -3.60 78.16 92.53
C GLN P 49 -3.86 77.12 91.45
N GLU P 50 -5.10 76.61 91.38
CA GLU P 50 -5.44 75.68 90.31
C GLU P 50 -5.50 76.43 88.97
N LEU P 51 -6.30 77.50 88.91
CA LEU P 51 -6.42 78.27 87.66
C LEU P 51 -5.12 78.98 87.33
N GLU P 52 -4.34 79.32 88.36
CA GLU P 52 -2.96 79.76 88.22
C GLU P 52 -2.12 78.77 87.42
N PHE P 53 -2.38 77.48 87.64
CA PHE P 53 -1.54 76.41 87.12
C PHE P 53 -2.16 75.72 85.92
N LEU P 54 -3.47 75.81 85.75
CA LEU P 54 -4.14 75.11 84.65
C LEU P 54 -4.22 75.96 83.39
N GLU P 55 -4.36 77.28 83.53
CA GLU P 55 -4.54 78.16 82.38
C GLU P 55 -3.32 78.19 81.49
N VAL P 56 -2.14 77.99 82.06
CA VAL P 56 -0.92 77.99 81.25
C VAL P 56 -0.80 76.67 80.49
N GLN P 57 -1.26 75.57 81.09
CA GLN P 57 -1.10 74.25 80.48
C GLN P 57 -1.95 74.12 79.23
N GLU P 58 -3.18 74.63 79.25
CA GLU P 58 -4.01 74.58 78.06
C GLU P 58 -3.48 75.48 76.96
N GLU P 59 -2.73 76.52 77.32
CA GLU P 59 -2.01 77.29 76.32
C GLU P 59 -0.76 76.57 75.84
N TYR P 60 -0.20 75.72 76.70
CA TYR P 60 1.12 75.17 76.43
C TYR P 60 1.09 74.09 75.36
N ILE P 61 0.02 73.33 75.27
CA ILE P 61 -0.08 72.33 74.22
C ILE P 61 -0.75 72.93 72.99
N LYS P 62 -1.45 74.05 73.18
CA LYS P 62 -2.16 74.70 72.09
C LYS P 62 -1.19 75.27 71.04
N ASP P 63 -0.07 75.84 71.47
CA ASP P 63 0.87 76.42 70.52
C ASP P 63 1.84 75.38 69.99
N GLU P 64 1.88 74.20 70.62
CA GLU P 64 2.62 73.07 70.05
C GLU P 64 1.99 72.63 68.74
N GLN P 65 0.67 72.76 68.65
CA GLN P 65 -0.15 72.27 67.54
C GLN P 65 0.27 72.85 66.20
N LYS P 66 0.59 74.14 66.17
CA LYS P 66 1.19 74.72 64.98
C LYS P 66 2.68 74.47 64.91
N ASN P 67 3.36 74.41 66.05
CA ASN P 67 4.81 74.44 66.03
C ASN P 67 5.38 73.07 65.70
N LEU P 68 4.68 72.01 66.08
CA LEU P 68 5.09 70.69 65.62
C LEU P 68 4.87 70.54 64.13
N LYS P 69 3.80 71.13 63.59
CA LYS P 69 3.57 71.11 62.15
C LYS P 69 4.67 71.87 61.40
N LYS P 70 5.08 73.03 61.93
CA LYS P 70 6.21 73.75 61.36
C LYS P 70 7.52 72.99 61.51
N GLU P 71 7.59 72.05 62.44
CA GLU P 71 8.74 71.16 62.55
C GLU P 71 8.54 69.86 61.78
N PHE P 72 7.32 69.35 61.71
CA PHE P 72 7.07 68.10 61.00
C PHE P 72 7.28 68.27 59.51
N LEU P 73 6.91 69.43 58.97
CA LEU P 73 7.14 69.70 57.56
C LEU P 73 8.62 69.86 57.23
N HIS P 74 9.43 70.26 58.20
CA HIS P 74 10.86 70.32 57.97
C HIS P 74 11.46 68.93 57.93
N ALA P 75 11.01 68.04 58.81
CA ALA P 75 11.48 66.67 58.78
C ALA P 75 10.80 65.87 57.68
N GLN P 76 9.63 66.32 57.22
CA GLN P 76 8.94 65.67 56.10
C GLN P 76 9.79 65.66 54.85
N GLU P 77 10.44 66.77 54.54
CA GLU P 77 11.27 66.86 53.35
C GLU P 77 12.68 66.36 53.58
N GLU P 78 13.11 66.22 54.83
CA GLU P 78 14.48 65.81 55.10
C GLU P 78 14.72 64.35 54.73
N VAL P 79 13.68 63.53 54.76
CA VAL P 79 13.83 62.08 54.60
C VAL P 79 14.28 61.69 53.20
N LYS P 80 14.15 62.56 52.20
CA LYS P 80 14.46 62.20 50.83
C LYS P 80 15.94 62.35 50.49
N ARG P 81 16.82 62.49 51.47
CA ARG P 81 18.25 62.40 51.17
C ARG P 81 18.66 60.99 50.78
N ILE P 82 17.87 59.98 51.14
CA ILE P 82 18.12 58.64 50.64
C ILE P 82 17.76 58.50 49.18
N GLN P 83 16.95 59.41 48.64
CA GLN P 83 16.65 59.42 47.21
C GLN P 83 17.75 60.11 46.39
N SER P 84 19.00 59.72 46.60
CA SER P 84 20.13 60.32 45.89
C SER P 84 20.33 59.63 44.54
N ILE P 85 21.47 59.87 43.91
CA ILE P 85 21.63 59.48 42.51
C ILE P 85 22.06 58.03 42.28
N PRO P 86 22.93 57.33 43.11
CA PRO P 86 23.18 55.94 42.66
C PRO P 86 22.04 55.00 43.02
N LEU P 87 21.07 54.91 42.12
CA LEU P 87 19.78 54.30 42.40
C LEU P 87 19.54 53.13 41.47
N VAL P 88 19.13 51.99 42.03
CA VAL P 88 18.91 50.77 41.25
C VAL P 88 17.43 50.46 41.21
N ILE P 89 17.06 49.56 40.30
CA ILE P 89 15.66 49.37 39.91
C ILE P 89 15.24 47.95 40.23
N GLY P 90 14.12 47.81 40.94
CA GLY P 90 13.52 46.52 41.16
C GLY P 90 12.14 46.43 40.56
N GLN P 91 11.27 45.66 41.18
CA GLN P 91 9.88 45.53 40.74
C GLN P 91 9.05 45.06 41.91
N PHE P 92 7.87 45.66 42.11
CA PHE P 92 7.04 45.31 43.25
C PHE P 92 6.42 43.94 43.04
N LEU P 93 6.42 43.12 44.10
CA LEU P 93 5.76 41.81 44.03
C LEU P 93 4.58 41.71 44.99
N GLU P 94 4.77 41.87 46.29
CA GLU P 94 3.66 41.88 47.25
C GLU P 94 4.14 42.53 48.53
N ALA P 95 3.24 42.63 49.51
CA ALA P 95 3.56 43.12 50.85
C ALA P 95 3.01 42.15 51.88
N VAL P 96 3.83 41.87 52.90
CA VAL P 96 3.36 41.11 54.06
C VAL P 96 2.25 41.85 54.78
N ASP P 97 2.50 43.10 55.11
CA ASP P 97 1.65 43.83 56.04
C ASP P 97 1.67 45.30 55.64
N GLN P 98 1.23 46.14 56.57
CA GLN P 98 1.50 47.56 56.48
C GLN P 98 3.00 47.81 56.49
N ASN P 99 3.41 48.83 55.74
CA ASN P 99 4.74 49.42 55.59
C ASN P 99 5.92 48.45 55.53
N THR P 100 5.74 47.29 54.91
CA THR P 100 6.86 46.40 54.63
C THR P 100 6.45 45.53 53.45
N ALA P 101 7.34 45.37 52.47
CA ALA P 101 6.95 44.79 51.20
C ALA P 101 8.01 43.78 50.71
N ILE P 102 7.72 43.19 49.55
CA ILE P 102 8.58 42.20 48.91
C ILE P 102 8.77 42.64 47.47
N VAL P 103 10.02 42.86 47.08
CA VAL P 103 10.35 43.34 45.75
C VAL P 103 11.28 42.35 45.09
N GLY P 104 11.47 42.53 43.79
CA GLY P 104 12.44 41.75 43.05
C GLY P 104 13.34 42.63 42.22
N SER P 105 14.63 42.63 42.55
CA SER P 105 15.60 43.47 41.85
C SER P 105 15.87 42.93 40.46
N THR P 106 16.54 43.75 39.66
CA THR P 106 17.02 43.33 38.35
C THR P 106 18.41 42.72 38.41
N THR P 107 18.84 42.26 39.58
CA THR P 107 19.97 41.37 39.68
C THR P 107 19.55 39.92 39.89
N GLY P 108 18.26 39.63 39.72
CA GLY P 108 17.75 38.28 39.81
C GLY P 108 17.25 37.86 41.17
N SER P 109 17.87 38.34 42.25
CA SER P 109 17.50 37.91 43.59
C SER P 109 16.40 38.79 44.14
N ASN P 110 15.45 38.17 44.81
CA ASN P 110 14.35 38.89 45.44
C ASN P 110 14.75 39.27 46.85
N TYR P 111 14.04 40.24 47.41
CA TYR P 111 14.39 40.74 48.74
C TYR P 111 13.14 41.06 49.52
N TYR P 112 13.26 40.95 50.84
CA TYR P 112 12.22 41.35 51.77
C TYR P 112 12.62 42.68 52.38
N VAL P 113 12.02 43.76 51.89
CA VAL P 113 12.53 45.09 52.19
C VAL P 113 11.55 45.91 53.01
N ARG P 114 12.09 46.90 53.72
CA ARG P 114 11.32 47.95 54.35
C ARG P 114 11.05 49.01 53.27
N ILE P 115 10.05 49.86 53.52
CA ILE P 115 9.68 50.87 52.55
C ILE P 115 10.06 52.25 53.07
N LEU P 116 9.76 53.28 52.29
CA LEU P 116 9.85 54.65 52.75
C LEU P 116 8.43 55.18 52.87
N SER P 117 8.17 55.90 53.96
CA SER P 117 6.82 56.19 54.42
C SER P 117 6.07 57.17 53.53
N THR P 118 6.75 58.04 52.82
CA THR P 118 6.05 59.14 52.17
C THR P 118 5.44 58.73 50.82
N ILE P 119 5.76 57.56 50.30
CA ILE P 119 5.18 57.09 49.05
C ILE P 119 3.70 56.79 49.28
N ASP P 120 2.84 57.32 48.42
CA ASP P 120 1.45 56.89 48.40
C ASP P 120 1.37 55.42 48.07
N ARG P 121 0.84 54.64 49.01
CA ARG P 121 0.79 53.19 48.84
C ARG P 121 -0.17 52.78 47.74
N GLU P 122 -1.10 53.65 47.38
CA GLU P 122 -2.13 53.36 46.40
C GLU P 122 -1.68 53.64 44.97
N LEU P 123 -0.38 53.67 44.73
CA LEU P 123 0.20 53.70 43.39
C LEU P 123 1.03 52.46 43.13
N LEU P 124 0.66 51.34 43.75
CA LEU P 124 1.46 50.13 43.74
C LEU P 124 0.65 48.96 43.21
N LYS P 125 1.39 47.97 42.70
CA LYS P 125 0.95 46.65 42.31
C LYS P 125 -0.17 46.67 41.27
N PRO P 126 0.10 47.11 40.05
CA PRO P 126 -0.16 46.20 38.93
C PRO P 126 1.01 45.20 38.84
N ASN P 127 2.15 45.70 38.38
CA ASN P 127 3.49 45.14 38.58
C ASN P 127 4.41 46.35 38.46
N ALA P 128 4.69 46.99 39.59
CA ALA P 128 5.16 48.36 39.58
C ALA P 128 6.68 48.40 39.48
N SER P 129 7.20 49.35 38.72
CA SER P 129 8.62 49.64 38.74
C SER P 129 8.94 50.47 39.97
N VAL P 130 9.99 50.09 40.70
CA VAL P 130 10.33 50.73 41.96
C VAL P 130 11.82 51.04 41.95
N ALA P 131 12.22 52.02 42.74
CA ALA P 131 13.62 52.34 42.93
C ALA P 131 14.11 51.68 44.20
N LEU P 132 15.34 51.20 44.18
CA LEU P 132 15.92 50.57 45.36
C LEU P 132 17.24 51.23 45.70
N HIS P 133 17.58 51.20 46.98
CA HIS P 133 18.82 51.80 47.45
C HIS P 133 20.01 50.95 46.98
N LYS P 134 21.17 51.58 46.89
CA LYS P 134 22.32 50.91 46.29
C LYS P 134 22.90 49.86 47.22
N HIS P 135 23.33 50.26 48.41
CA HIS P 135 23.94 49.35 49.36
C HIS P 135 22.95 48.63 50.24
N SER P 136 22.07 49.38 50.91
CA SER P 136 21.16 48.78 51.86
C SER P 136 20.02 48.06 51.16
N ASN P 137 19.68 48.49 49.94
CA ASN P 137 18.72 47.85 49.06
C ASN P 137 17.34 47.76 49.70
N ALA P 138 16.79 48.92 50.04
CA ALA P 138 15.43 49.05 50.54
C ALA P 138 14.61 49.81 49.51
N LEU P 139 13.30 49.86 49.74
CA LEU P 139 12.40 50.57 48.84
C LEU P 139 12.63 52.07 48.96
N VAL P 140 12.60 52.74 47.81
CA VAL P 140 12.98 54.15 47.75
C VAL P 140 11.87 55.01 47.17
N ASP P 141 11.42 54.69 45.96
CA ASP P 141 10.55 55.58 45.21
C ASP P 141 9.93 54.83 44.03
N VAL P 142 8.72 55.22 43.66
CA VAL P 142 8.04 54.59 42.52
C VAL P 142 8.42 55.31 41.24
N LEU P 143 8.22 54.65 40.11
CA LEU P 143 8.73 55.11 38.83
C LEU P 143 7.62 55.19 37.81
N PRO P 144 7.79 56.01 36.77
CA PRO P 144 7.00 55.84 35.58
C PRO P 144 7.43 54.57 34.84
N PRO P 145 6.52 53.97 34.10
CA PRO P 145 6.86 52.72 33.40
C PRO P 145 7.87 52.93 32.29
N GLU P 146 8.48 51.82 31.86
CA GLU P 146 9.67 51.86 31.04
C GLU P 146 9.86 50.50 30.39
N ALA P 147 10.40 50.50 29.17
CA ALA P 147 10.88 49.31 28.50
C ALA P 147 11.90 49.71 27.43
N ASP P 148 12.64 48.72 26.94
CA ASP P 148 13.57 48.93 25.83
C ASP P 148 13.07 48.31 24.54
N SER P 149 12.17 47.34 24.60
CA SER P 149 11.93 46.48 23.45
C SER P 149 10.44 46.13 23.41
N SER P 150 9.71 46.74 22.49
CA SER P 150 10.18 47.89 21.71
C SER P 150 9.74 49.12 22.46
N ILE P 151 9.81 50.30 21.86
CA ILE P 151 9.46 51.44 22.69
C ILE P 151 7.97 51.73 22.55
N MET P 152 7.54 52.40 21.46
CA MET P 152 6.11 52.60 21.26
C MET P 152 5.65 52.82 19.83
N MET P 153 6.49 52.48 18.82
CA MET P 153 6.23 52.77 17.41
C MET P 153 6.07 54.27 17.14
N LEU P 154 7.18 55.00 17.08
CA LEU P 154 7.34 56.45 17.20
C LEU P 154 6.43 57.35 16.36
N THR P 155 5.59 56.77 15.50
CA THR P 155 4.37 57.30 14.92
C THR P 155 4.65 58.30 13.77
N SER P 156 5.88 58.77 13.61
CA SER P 156 6.12 59.69 12.51
C SER P 156 6.65 58.96 11.29
N ASP P 157 7.89 58.50 11.36
CA ASP P 157 8.43 57.66 10.31
C ASP P 157 8.44 56.21 10.74
N GLN P 158 7.29 55.70 11.16
CA GLN P 158 7.21 54.32 11.61
C GLN P 158 6.04 53.57 11.01
N LYS P 159 5.03 54.24 10.50
CA LYS P 159 3.95 53.54 9.81
C LYS P 159 4.46 53.01 8.48
N PRO P 160 4.14 51.78 8.13
CA PRO P 160 4.67 51.20 6.90
C PRO P 160 3.85 51.55 5.66
N ASP P 161 3.02 52.59 5.78
CA ASP P 161 2.19 53.29 4.79
C ASP P 161 1.59 52.41 3.69
N VAL P 162 0.99 51.30 4.08
CA VAL P 162 0.18 50.49 3.19
C VAL P 162 -1.27 50.66 3.59
N MET P 163 -2.12 50.96 2.62
CA MET P 163 -3.53 51.17 2.91
C MET P 163 -4.34 49.92 2.61
N TYR P 164 -5.61 49.96 3.01
CA TYR P 164 -6.52 48.83 2.83
C TYR P 164 -6.79 48.57 1.35
N ALA P 165 -6.70 49.60 0.52
CA ALA P 165 -6.96 49.44 -0.90
C ALA P 165 -5.81 48.73 -1.63
N ASP P 166 -4.64 48.64 -1.01
CA ASP P 166 -3.55 47.90 -1.63
C ASP P 166 -3.78 46.40 -1.62
N ILE P 167 -4.27 45.87 -0.51
CA ILE P 167 -4.49 44.43 -0.36
C ILE P 167 -5.73 44.08 -1.17
N GLY P 168 -5.54 43.44 -2.31
CA GLY P 168 -6.62 43.10 -3.19
C GLY P 168 -7.14 41.70 -2.92
N GLY P 169 -8.45 41.59 -2.73
CA GLY P 169 -9.11 40.30 -2.71
C GLY P 169 -8.95 39.51 -1.43
N MET P 170 -9.31 40.09 -0.30
CA MET P 170 -9.22 39.41 0.98
C MET P 170 -10.44 39.75 1.81
N ASP P 171 -11.61 39.62 1.16
CA ASP P 171 -12.83 40.24 1.64
C ASP P 171 -13.32 39.67 2.96
N ILE P 172 -13.14 38.36 3.18
CA ILE P 172 -13.50 37.77 4.46
C ILE P 172 -12.57 38.25 5.54
N GLN P 173 -11.27 38.16 5.29
CA GLN P 173 -10.28 38.35 6.33
C GLN P 173 -10.08 39.82 6.67
N LYS P 174 -10.22 40.70 5.68
CA LYS P 174 -10.21 42.14 5.99
C LYS P 174 -11.40 42.53 6.83
N GLN P 175 -12.55 41.89 6.59
CA GLN P 175 -13.74 42.20 7.36
C GLN P 175 -13.65 41.59 8.76
N GLU P 176 -13.14 40.38 8.86
CA GLU P 176 -13.22 39.63 10.11
C GLU P 176 -12.10 40.00 11.07
N VAL P 177 -11.01 40.59 10.58
CA VAL P 177 -10.00 41.11 11.49
C VAL P 177 -10.48 42.42 12.07
N ARG P 178 -11.45 43.06 11.45
CA ARG P 178 -11.99 44.30 11.99
C ARG P 178 -12.80 44.01 13.25
N GLU P 179 -13.61 42.95 13.21
CA GLU P 179 -14.49 42.61 14.31
C GLU P 179 -13.74 42.11 15.53
N ALA P 180 -12.48 41.73 15.38
CA ALA P 180 -11.73 41.16 16.48
C ALA P 180 -10.66 42.09 17.04
N VAL P 181 -10.31 43.16 16.33
CA VAL P 181 -9.20 44.01 16.72
C VAL P 181 -9.65 45.42 17.05
N GLU P 182 -10.21 46.15 16.07
CA GLU P 182 -10.45 47.57 16.27
C GLU P 182 -11.90 47.94 16.43
N LEU P 183 -12.83 47.11 16.00
CA LEU P 183 -14.22 47.37 16.30
C LEU P 183 -14.55 47.20 17.79
N PRO P 184 -14.04 46.20 18.53
CA PRO P 184 -14.20 46.27 19.98
C PRO P 184 -13.32 47.31 20.65
N LEU P 185 -12.33 47.85 19.93
CA LEU P 185 -11.49 48.87 20.52
C LEU P 185 -12.25 50.18 20.65
N THR P 186 -13.03 50.53 19.64
CA THR P 186 -13.80 51.77 19.65
C THR P 186 -15.21 51.56 20.17
N HIS P 187 -15.98 50.68 19.52
CA HIS P 187 -17.35 50.40 19.92
C HIS P 187 -17.36 49.30 20.98
N PHE P 188 -16.81 49.64 22.14
CA PHE P 188 -16.71 48.67 23.22
C PHE P 188 -18.05 48.41 23.89
N GLU P 189 -18.98 49.36 23.80
CA GLU P 189 -20.17 49.30 24.63
C GLU P 189 -21.21 48.33 24.08
N LEU P 190 -21.25 48.14 22.76
CA LEU P 190 -22.23 47.22 22.18
C LEU P 190 -21.94 45.78 22.54
N TYR P 191 -20.67 45.40 22.53
CA TYR P 191 -20.24 44.11 23.07
C TYR P 191 -20.64 43.96 24.53
N LYS P 192 -20.51 45.03 25.30
CA LYS P 192 -20.99 45.02 26.68
C LYS P 192 -22.51 44.97 26.71
N GLN P 193 -23.17 45.60 25.76
CA GLN P 193 -24.63 45.70 25.84
C GLN P 193 -25.31 44.44 25.35
N ILE P 194 -24.79 43.81 24.30
CA ILE P 194 -25.36 42.53 23.90
C ILE P 194 -24.84 41.42 24.81
N GLY P 195 -23.59 41.52 25.24
CA GLY P 195 -23.00 40.50 26.09
C GLY P 195 -22.49 39.31 25.32
N ILE P 196 -21.49 39.50 24.46
CA ILE P 196 -21.01 38.43 23.60
C ILE P 196 -19.53 38.14 23.79
N ASP P 197 -18.90 38.70 24.84
CA ASP P 197 -17.52 38.41 25.27
C ASP P 197 -16.48 38.59 24.16
N PRO P 198 -16.05 39.83 23.88
CA PRO P 198 -15.13 40.08 22.77
C PRO P 198 -13.81 39.34 22.93
N PRO P 199 -13.20 38.92 21.83
CA PRO P 199 -12.05 38.02 21.91
C PRO P 199 -10.81 38.72 22.44
N ARG P 200 -10.07 38.00 23.28
CA ARG P 200 -8.87 38.57 23.90
C ARG P 200 -7.74 38.67 22.89
N GLY P 201 -7.41 37.57 22.24
CA GLY P 201 -6.32 37.56 21.30
C GLY P 201 -6.70 36.76 20.08
N VAL P 202 -5.92 36.95 19.02
CA VAL P 202 -6.23 36.32 17.75
C VAL P 202 -4.96 35.72 17.15
N LEU P 203 -5.08 34.53 16.59
CA LEU P 203 -3.98 33.80 15.99
C LEU P 203 -4.26 33.70 14.49
N MET P 204 -3.38 34.26 13.69
CA MET P 204 -3.51 34.19 12.25
C MET P 204 -2.36 33.39 11.66
N TYR P 205 -2.68 32.54 10.68
CA TYR P 205 -1.70 31.55 10.24
C TYR P 205 -1.97 31.24 8.77
N GLY P 206 -1.22 30.29 8.23
CA GLY P 206 -1.38 29.89 6.85
C GLY P 206 -0.05 29.68 6.17
N PRO P 207 -0.09 29.35 4.88
CA PRO P 207 1.13 29.14 4.10
C PRO P 207 1.85 30.46 3.91
N PRO P 208 3.15 30.44 3.63
CA PRO P 208 3.90 31.71 3.54
C PRO P 208 3.57 32.46 2.27
N GLY P 209 3.47 33.78 2.41
CA GLY P 209 3.14 34.62 1.28
C GLY P 209 1.64 34.71 1.04
N CYS P 210 0.90 35.07 2.08
CA CYS P 210 -0.54 35.25 1.94
C CYS P 210 -1.00 36.53 2.62
N GLY P 211 -0.10 37.50 2.76
CA GLY P 211 -0.46 38.75 3.37
C GLY P 211 -0.57 38.71 4.87
N LYS P 212 0.14 37.81 5.54
CA LYS P 212 0.12 37.79 7.00
C LYS P 212 0.80 39.03 7.57
N THR P 213 2.03 39.28 7.15
CA THR P 213 2.73 40.47 7.60
C THR P 213 2.12 41.72 6.98
N MET P 214 1.55 41.60 5.78
CA MET P 214 1.01 42.74 5.07
C MET P 214 -0.25 43.28 5.73
N LEU P 215 -1.17 42.39 6.11
CA LEU P 215 -2.43 42.85 6.71
C LEU P 215 -2.19 43.51 8.06
N ALA P 216 -1.15 43.09 8.79
CA ALA P 216 -0.78 43.78 10.00
C ALA P 216 -0.24 45.17 9.74
N LYS P 217 0.38 45.40 8.58
CA LYS P 217 0.89 46.72 8.25
C LYS P 217 -0.27 47.69 8.01
N ALA P 218 -1.32 47.23 7.34
CA ALA P 218 -2.44 48.10 7.02
C ALA P 218 -3.28 48.39 8.25
N VAL P 219 -3.35 47.46 9.20
CA VAL P 219 -4.05 47.72 10.45
C VAL P 219 -3.33 48.80 11.25
N ALA P 220 -2.00 48.75 11.27
CA ALA P 220 -1.23 49.73 11.99
C ALA P 220 -1.25 51.11 11.34
N HIS P 221 -1.65 51.19 10.08
CA HIS P 221 -1.71 52.47 9.38
C HIS P 221 -3.01 53.22 9.61
N HIS P 222 -4.14 52.51 9.73
CA HIS P 222 -5.42 53.16 9.94
C HIS P 222 -5.93 53.03 11.36
N THR P 223 -5.07 52.68 12.31
CA THR P 223 -5.54 52.61 13.68
C THR P 223 -5.64 54.00 14.28
N THR P 224 -6.37 54.08 15.39
CA THR P 224 -6.32 55.23 16.26
C THR P 224 -5.67 54.89 17.59
N ALA P 225 -5.26 53.66 17.78
CA ALA P 225 -4.73 53.15 19.04
C ALA P 225 -3.22 53.07 18.96
N ALA P 226 -2.59 52.86 20.12
CA ALA P 226 -1.17 52.62 20.16
C ALA P 226 -0.87 51.25 19.59
N PHE P 227 0.22 51.13 18.87
CA PHE P 227 0.60 49.89 18.21
C PHE P 227 1.97 49.51 18.71
N ILE P 228 2.10 48.29 19.22
CA ILE P 228 3.35 47.81 19.80
C ILE P 228 3.82 46.62 18.99
N ARG P 229 4.99 46.75 18.39
CA ARG P 229 5.48 45.84 17.36
C ARG P 229 6.74 45.15 17.83
N VAL P 230 6.64 43.87 18.13
CA VAL P 230 7.79 43.10 18.56
C VAL P 230 8.04 41.94 17.63
N VAL P 231 9.31 41.61 17.49
CA VAL P 231 9.78 40.40 16.84
C VAL P 231 9.95 39.31 17.90
N GLY P 232 9.38 38.14 17.63
CA GLY P 232 9.31 37.09 18.62
C GLY P 232 10.51 36.18 18.72
N SER P 233 11.68 36.68 18.35
CA SER P 233 12.92 35.94 18.60
C SER P 233 13.93 36.81 19.32
N GLU P 234 13.49 37.86 19.99
CA GLU P 234 14.38 38.71 20.77
C GLU P 234 14.24 38.52 22.26
N PHE P 235 13.31 37.68 22.71
CA PHE P 235 13.21 37.38 24.12
C PHE P 235 14.33 36.45 24.59
N VAL P 236 15.04 35.80 23.67
CA VAL P 236 16.17 34.94 24.04
C VAL P 236 17.40 35.83 24.10
N GLN P 237 17.56 36.49 25.23
CA GLN P 237 18.76 37.27 25.50
C GLN P 237 19.81 36.37 26.15
N LYS P 238 21.04 36.89 26.24
CA LYS P 238 22.13 36.09 26.78
C LYS P 238 22.00 35.93 28.29
N TYR P 239 21.80 37.03 28.99
CA TYR P 239 21.73 36.98 30.44
C TYR P 239 20.42 36.36 30.88
N LEU P 240 20.49 35.60 31.97
CA LEU P 240 19.31 34.96 32.52
C LEU P 240 18.38 35.99 33.13
N GLY P 241 17.08 35.74 33.04
CA GLY P 241 16.09 36.62 33.62
C GLY P 241 15.79 37.87 32.83
N GLU P 242 16.52 38.12 31.73
CA GLU P 242 16.21 39.27 30.89
C GLU P 242 14.88 39.09 30.20
N GLY P 243 14.70 37.92 29.57
CA GLY P 243 13.49 37.55 28.88
C GLY P 243 12.18 37.66 29.65
N PRO P 244 12.09 37.08 30.85
CA PRO P 244 10.88 37.29 31.67
C PRO P 244 10.69 38.73 32.09
N ARG P 245 11.77 39.48 32.31
CA ARG P 245 11.61 40.92 32.48
C ARG P 245 11.20 41.57 31.17
N MET P 246 11.68 41.04 30.05
CA MET P 246 11.34 41.59 28.76
C MET P 246 9.90 41.30 28.36
N VAL P 247 9.31 40.23 28.86
CA VAL P 247 7.91 39.97 28.54
C VAL P 247 7.00 40.90 29.32
N ARG P 248 7.19 40.97 30.63
CA ARG P 248 6.23 41.60 31.50
C ARG P 248 6.20 43.12 31.39
N ASP P 249 7.25 43.74 30.87
CA ASP P 249 7.20 45.19 30.68
C ASP P 249 6.66 45.58 29.31
N VAL P 250 6.40 44.61 28.44
CA VAL P 250 5.66 44.91 27.22
C VAL P 250 4.21 45.19 27.56
N PHE P 251 3.58 44.30 28.32
CA PHE P 251 2.18 44.47 28.66
C PHE P 251 1.97 45.58 29.68
N ARG P 252 2.94 45.82 30.55
CA ARG P 252 2.89 46.98 31.41
C ARG P 252 2.97 48.26 30.59
N LEU P 253 3.77 48.24 29.53
CA LEU P 253 3.75 49.36 28.60
C LEU P 253 2.47 49.36 27.78
N ALA P 254 1.87 48.20 27.55
CA ALA P 254 0.57 48.18 26.90
C ALA P 254 -0.56 48.53 27.86
N LYS P 255 -0.29 48.55 29.16
CA LYS P 255 -1.26 48.96 30.16
C LYS P 255 -1.27 50.47 30.33
N GLU P 256 -0.11 51.02 30.71
CA GLU P 256 0.02 52.44 31.04
C GLU P 256 -0.26 53.33 29.84
N ASN P 257 0.12 52.90 28.65
CA ASN P 257 0.06 53.80 27.49
C ASN P 257 -1.38 54.01 27.05
N ALA P 258 -2.04 52.96 26.61
CA ALA P 258 -3.25 53.20 25.84
C ALA P 258 -4.16 51.99 25.84
N PRO P 259 -5.35 52.09 25.28
CA PRO P 259 -6.00 50.89 24.74
C PRO P 259 -5.26 50.41 23.50
N ALA P 260 -4.19 49.65 23.68
CA ALA P 260 -3.22 49.42 22.62
C ALA P 260 -3.41 48.04 21.98
N ILE P 261 -2.49 47.72 21.05
CA ILE P 261 -2.53 46.49 20.26
C ILE P 261 -1.14 45.89 20.24
N ILE P 262 -1.01 44.66 20.74
CA ILE P 262 0.24 43.92 20.75
C ILE P 262 0.31 43.06 19.49
N PHE P 263 1.43 43.13 18.78
CA PHE P 263 1.66 42.29 17.61
C PHE P 263 2.95 41.52 17.79
N ILE P 264 2.86 40.20 17.88
CA ILE P 264 4.01 39.32 18.02
C ILE P 264 4.07 38.47 16.76
N ASP P 265 5.25 38.41 16.15
CA ASP P 265 5.43 37.62 14.96
C ASP P 265 6.46 36.52 15.23
N GLU P 266 6.35 35.44 14.44
CA GLU P 266 7.11 34.18 14.55
C GLU P 266 7.19 33.68 16.01
N ILE P 267 6.01 33.29 16.49
CA ILE P 267 5.87 32.71 17.82
C ILE P 267 6.51 31.32 17.89
N ASP P 268 6.83 30.72 16.73
CA ASP P 268 7.51 29.44 16.70
C ASP P 268 8.90 29.50 17.31
N ALA P 269 9.51 30.69 17.34
CA ALA P 269 10.75 30.86 18.07
C ALA P 269 10.55 30.80 19.58
N ILE P 270 9.33 30.94 20.06
CA ILE P 270 9.03 30.86 21.48
C ILE P 270 8.15 29.66 21.79
N ALA P 271 6.97 29.61 21.21
CA ALA P 271 5.99 28.59 21.58
C ALA P 271 6.18 27.37 20.69
N THR P 272 6.81 26.35 21.25
CA THR P 272 6.96 25.06 20.61
C THR P 272 6.28 24.01 21.48
N LYS P 273 6.46 22.75 21.12
CA LYS P 273 5.89 21.69 21.93
C LYS P 273 6.92 21.03 22.84
N ARG P 274 8.02 20.55 22.28
CA ARG P 274 8.97 19.74 23.02
C ARG P 274 9.95 20.62 23.79
N PHE P 275 10.33 20.15 24.98
CA PHE P 275 11.30 20.84 25.80
C PHE P 275 12.33 19.85 26.32
N ASP P 276 13.32 20.39 27.03
CA ASP P 276 14.39 19.56 27.56
C ASP P 276 14.96 20.30 28.76
N ALA P 277 14.66 19.81 29.96
CA ALA P 277 15.13 20.49 31.17
C ALA P 277 16.50 19.99 31.60
N GLN P 278 17.44 19.99 30.67
CA GLN P 278 18.82 19.67 30.97
C GLN P 278 19.83 20.63 30.40
N THR P 279 19.43 21.54 29.52
CA THR P 279 20.40 22.28 28.74
C THR P 279 20.65 23.68 29.30
N GLY P 280 19.60 24.40 29.66
CA GLY P 280 19.68 25.80 30.04
C GLY P 280 19.26 26.73 28.94
N ALA P 281 19.61 26.42 27.69
CA ALA P 281 19.06 27.16 26.57
C ALA P 281 17.60 26.80 26.35
N ASP P 282 17.16 25.68 26.90
CA ASP P 282 15.76 25.29 26.83
C ASP P 282 15.06 25.51 28.16
N ARG P 283 15.82 25.64 29.26
CA ARG P 283 15.22 26.06 30.52
C ARG P 283 14.82 27.52 30.49
N GLU P 284 15.46 28.32 29.64
CA GLU P 284 15.10 29.72 29.57
C GLU P 284 13.77 29.92 28.87
N VAL P 285 13.59 29.26 27.73
CA VAL P 285 12.41 29.47 26.89
C VAL P 285 11.16 28.96 27.58
N GLN P 286 11.28 27.95 28.42
CA GLN P 286 10.16 27.48 29.21
C GLN P 286 9.70 28.53 30.21
N ARG P 287 10.63 29.32 30.74
CA ARG P 287 10.22 30.42 31.59
C ARG P 287 9.68 31.60 30.80
N ILE P 288 9.99 31.70 29.52
CA ILE P 288 9.42 32.77 28.70
C ILE P 288 7.94 32.54 28.50
N LEU P 289 7.57 31.30 28.19
CA LEU P 289 6.19 31.02 27.83
C LEU P 289 5.31 31.05 29.05
N LEU P 290 5.85 30.70 30.22
CA LEU P 290 5.07 30.79 31.44
C LEU P 290 4.88 32.21 31.93
N GLU P 291 5.58 33.17 31.35
CA GLU P 291 5.27 34.56 31.66
C GLU P 291 4.06 35.05 30.88
N LEU P 292 4.12 34.97 29.55
CA LEU P 292 3.05 35.55 28.76
C LEU P 292 1.78 34.73 28.85
N LEU P 293 1.88 33.46 29.19
CA LEU P 293 0.67 32.72 29.49
C LEU P 293 0.10 33.15 30.83
N ASN P 294 0.94 33.57 31.76
CA ASN P 294 0.45 34.14 33.00
C ASN P 294 -0.08 35.55 32.78
N GLN P 295 0.64 36.35 31.99
CA GLN P 295 0.29 37.75 31.82
C GLN P 295 -0.99 37.95 31.02
N MET P 296 -1.29 37.04 30.09
CA MET P 296 -2.58 37.15 29.39
C MET P 296 -3.75 36.73 30.27
N ASP P 297 -3.50 36.01 31.35
CA ASP P 297 -4.55 35.69 32.29
C ASP P 297 -4.86 36.85 33.22
N GLY P 298 -3.92 37.76 33.40
CA GLY P 298 -4.11 38.87 34.31
C GLY P 298 -4.84 40.07 33.73
N PHE P 299 -5.86 39.81 32.92
CA PHE P 299 -6.70 40.86 32.36
C PHE P 299 -8.10 40.73 32.92
N ASP P 300 -8.81 41.84 32.93
CA ASP P 300 -10.10 41.94 33.61
C ASP P 300 -11.22 42.39 32.67
N GLN P 301 -11.03 42.20 31.36
CA GLN P 301 -12.02 42.50 30.30
C GLN P 301 -12.29 44.02 30.18
N ASN P 302 -11.59 44.83 30.96
CA ASN P 302 -11.84 46.26 31.02
C ASN P 302 -10.78 47.04 30.26
N VAL P 303 -9.52 46.69 30.42
CA VAL P 303 -8.46 47.26 29.60
C VAL P 303 -8.63 46.73 28.19
N ASN P 304 -8.41 47.59 27.20
CA ASN P 304 -8.61 47.21 25.80
C ASN P 304 -7.24 46.92 25.16
N VAL P 305 -6.70 45.77 25.50
CA VAL P 305 -5.42 45.34 24.96
C VAL P 305 -5.68 44.11 24.11
N LYS P 306 -5.39 44.21 22.82
CA LYS P 306 -5.59 43.12 21.88
C LYS P 306 -4.26 42.59 21.41
N VAL P 307 -4.14 41.28 21.34
CA VAL P 307 -2.89 40.61 21.00
C VAL P 307 -3.10 39.90 19.67
N ILE P 308 -2.51 40.43 18.61
CA ILE P 308 -2.50 39.78 17.30
C ILE P 308 -1.22 38.99 17.21
N MET P 309 -1.30 37.74 16.82
CA MET P 309 -0.12 36.90 16.71
C MET P 309 -0.18 36.10 15.42
N ALA P 310 0.96 36.02 14.74
CA ALA P 310 1.03 35.46 13.39
C ALA P 310 2.17 34.47 13.28
N THR P 311 1.87 33.27 12.78
CA THR P 311 2.88 32.25 12.59
C THR P 311 2.78 31.66 11.19
N ASN P 312 3.69 30.74 10.90
CA ASN P 312 3.74 30.07 9.62
C ASN P 312 3.42 28.60 9.73
N ARG P 313 3.76 27.96 10.83
CA ARG P 313 3.49 26.55 11.06
C ARG P 313 2.69 26.45 12.35
N ALA P 314 1.41 26.13 12.25
CA ALA P 314 0.61 25.96 13.44
C ALA P 314 0.79 24.61 14.09
N ASP P 315 1.50 23.68 13.42
CA ASP P 315 1.68 22.36 13.97
C ASP P 315 2.64 22.38 15.13
N THR P 316 3.64 23.25 15.09
CA THR P 316 4.65 23.33 16.13
C THR P 316 4.24 24.34 17.19
N LEU P 317 3.03 24.17 17.71
CA LEU P 317 2.52 25.02 18.77
C LEU P 317 1.95 24.16 19.87
N ASP P 318 2.16 24.57 21.09
CA ASP P 318 1.57 23.88 22.22
C ASP P 318 0.11 24.28 22.33
N PRO P 319 -0.83 23.32 22.41
CA PRO P 319 -2.24 23.68 22.57
C PRO P 319 -2.61 24.33 23.89
N ALA P 320 -1.67 24.46 24.84
CA ALA P 320 -1.89 25.31 25.99
C ALA P 320 -2.04 26.77 25.60
N LEU P 321 -1.47 27.18 24.47
CA LEU P 321 -1.56 28.55 24.02
C LEU P 321 -2.89 28.85 23.35
N LEU P 322 -3.64 27.84 22.96
CA LEU P 322 -4.86 28.02 22.18
C LEU P 322 -6.12 27.72 22.99
N ARG P 323 -6.06 27.88 24.29
CA ARG P 323 -7.25 27.69 25.10
C ARG P 323 -8.11 28.96 25.06
N PRO P 324 -9.42 28.82 25.21
CA PRO P 324 -10.28 30.01 25.29
C PRO P 324 -10.01 30.78 26.57
N GLY P 325 -9.95 32.10 26.43
CA GLY P 325 -9.48 32.94 27.51
C GLY P 325 -8.11 33.48 27.17
N ARG P 326 -7.37 32.75 26.35
CA ARG P 326 -6.09 33.23 25.87
C ARG P 326 -6.10 33.51 24.37
N LEU P 327 -6.39 32.49 23.56
CA LEU P 327 -6.47 32.64 22.10
C LEU P 327 -7.71 31.89 21.67
N ASP P 328 -8.73 32.61 21.24
CA ASP P 328 -9.97 31.98 20.87
C ASP P 328 -10.29 32.09 19.39
N ARG P 329 -9.74 33.08 18.69
CA ARG P 329 -10.08 33.30 17.30
C ARG P 329 -8.92 32.83 16.43
N LYS P 330 -9.24 31.98 15.46
CA LYS P 330 -8.23 31.38 14.59
C LYS P 330 -8.56 31.76 13.16
N ILE P 331 -7.63 32.42 12.49
CA ILE P 331 -7.83 32.84 11.11
C ILE P 331 -6.77 32.17 10.27
N GLU P 332 -7.17 31.32 9.36
CA GLU P 332 -6.21 30.89 8.36
C GLU P 332 -6.23 31.88 7.21
N PHE P 333 -5.09 31.97 6.51
CA PHE P 333 -5.03 32.70 5.26
C PHE P 333 -4.80 31.66 4.19
N PRO P 334 -5.85 31.04 3.65
CA PRO P 334 -5.65 30.01 2.62
C PRO P 334 -5.16 30.61 1.32
N LEU P 335 -4.76 29.75 0.47
CA LEU P 335 -4.11 30.22 -0.73
C LEU P 335 -5.18 30.58 -1.76
N PRO P 336 -5.07 31.74 -2.41
CA PRO P 336 -6.10 32.13 -3.38
C PRO P 336 -6.06 31.26 -4.62
N ASP P 337 -7.23 30.99 -5.18
CA ASP P 337 -7.33 30.01 -6.24
C ASP P 337 -7.70 30.58 -7.59
N ARG P 338 -8.88 31.15 -7.77
CA ARG P 338 -9.13 31.92 -8.98
C ARG P 338 -9.92 33.20 -8.75
N ARG P 339 -10.89 33.18 -7.86
CA ARG P 339 -11.76 34.33 -7.65
C ARG P 339 -11.02 35.45 -6.96
N GLN P 340 -10.22 35.10 -5.96
CA GLN P 340 -9.31 36.03 -5.32
C GLN P 340 -8.07 36.29 -6.16
N LYS P 341 -7.85 35.51 -7.21
CA LYS P 341 -6.63 35.65 -7.99
C LYS P 341 -6.71 36.85 -8.92
N ARG P 342 -7.83 37.02 -9.62
CA ARG P 342 -7.96 38.13 -10.56
C ARG P 342 -8.05 39.48 -9.86
N LEU P 343 -8.40 39.51 -8.59
CA LEU P 343 -8.40 40.77 -7.87
C LEU P 343 -6.98 41.22 -7.55
N ILE P 344 -6.06 40.27 -7.37
CA ILE P 344 -4.68 40.62 -7.06
C ILE P 344 -3.97 41.17 -8.28
N PHE P 345 -4.28 40.62 -9.46
CA PHE P 345 -3.73 41.19 -10.69
C PHE P 345 -4.21 42.61 -10.93
N SER P 346 -5.44 42.92 -10.53
CA SER P 346 -5.97 44.26 -10.73
C SER P 346 -5.24 45.30 -9.88
N THR P 347 -4.98 44.99 -8.62
CA THR P 347 -4.39 45.99 -7.75
C THR P 347 -2.89 46.16 -7.98
N ILE P 348 -2.20 45.10 -8.37
CA ILE P 348 -0.77 45.21 -8.62
C ILE P 348 -0.52 45.95 -9.93
N THR P 349 -1.19 45.55 -11.00
CA THR P 349 -0.94 46.12 -12.31
C THR P 349 -1.58 47.48 -12.52
N SER P 350 -2.24 48.04 -11.51
CA SER P 350 -2.81 49.37 -11.63
C SER P 350 -1.74 50.45 -11.70
N LYS P 351 -0.54 50.18 -11.20
CA LYS P 351 0.49 51.21 -11.13
C LYS P 351 1.31 51.31 -12.39
N MET P 352 1.60 50.19 -13.05
CA MET P 352 2.51 50.20 -14.18
C MET P 352 1.79 50.60 -15.46
N ASN P 353 2.54 50.59 -16.57
CA ASN P 353 2.01 51.06 -17.84
C ASN P 353 0.99 50.09 -18.41
N LEU P 354 1.45 48.89 -18.80
CA LEU P 354 0.61 47.78 -19.27
C LEU P 354 -0.22 48.23 -20.49
N SER P 355 0.49 48.33 -21.61
CA SER P 355 0.32 49.35 -22.64
C SER P 355 -1.10 49.78 -23.01
N GLU P 356 -1.84 48.96 -23.73
CA GLU P 356 -3.29 49.11 -23.74
C GLU P 356 -3.97 47.76 -23.88
N GLU P 357 -3.29 46.83 -24.54
CA GLU P 357 -3.94 45.67 -25.11
C GLU P 357 -3.68 44.38 -24.36
N VAL P 358 -2.76 44.38 -23.40
CA VAL P 358 -2.32 43.16 -22.76
C VAL P 358 -3.42 42.65 -21.85
N ASP P 359 -3.83 41.40 -22.05
CA ASP P 359 -4.89 40.82 -21.25
C ASP P 359 -4.31 40.21 -19.98
N LEU P 360 -5.10 40.30 -18.90
CA LEU P 360 -4.75 39.69 -17.63
C LEU P 360 -5.63 38.51 -17.29
N GLU P 361 -6.84 38.46 -17.85
CA GLU P 361 -7.76 37.36 -17.60
C GLU P 361 -7.27 36.05 -18.20
N ASP P 362 -6.43 36.10 -19.23
CA ASP P 362 -5.91 34.89 -19.84
C ASP P 362 -4.87 34.18 -18.98
N TYR P 363 -4.43 34.82 -17.90
CA TYR P 363 -3.50 34.20 -16.97
C TYR P 363 -4.19 33.75 -15.69
N VAL P 364 -5.32 34.37 -15.35
CA VAL P 364 -6.15 33.93 -14.25
C VAL P 364 -6.79 32.58 -14.57
N ALA P 365 -7.01 32.30 -15.85
CA ALA P 365 -7.74 31.11 -16.27
C ALA P 365 -6.93 29.83 -16.05
N ARG P 366 -5.61 29.93 -15.99
CA ARG P 366 -4.79 28.74 -15.87
C ARG P 366 -4.80 28.20 -14.44
N PRO P 367 -4.52 26.90 -14.27
CA PRO P 367 -4.35 26.32 -12.93
C PRO P 367 -3.05 26.71 -12.24
N ASP P 368 -2.67 25.85 -11.28
CA ASP P 368 -1.30 25.65 -10.80
C ASP P 368 -0.81 26.64 -9.74
N LYS P 369 -1.67 26.94 -8.77
CA LYS P 369 -1.27 27.03 -7.36
C LYS P 369 -0.28 28.18 -7.11
N ILE P 370 -0.77 29.38 -7.37
CA ILE P 370 0.07 30.57 -7.32
C ILE P 370 -0.25 31.30 -6.02
N SER P 371 0.79 31.78 -5.33
CA SER P 371 0.58 32.47 -4.05
C SER P 371 0.16 33.90 -4.32
N GLY P 372 0.17 34.71 -3.27
CA GLY P 372 -0.01 36.14 -3.45
C GLY P 372 1.32 36.84 -3.48
N ALA P 373 2.36 36.13 -3.07
CA ALA P 373 3.69 36.71 -2.99
C ALA P 373 4.44 36.62 -4.30
N ASP P 374 3.91 35.92 -5.28
CA ASP P 374 4.59 35.80 -6.56
C ASP P 374 3.87 36.48 -7.70
N ILE P 375 2.57 36.77 -7.53
CA ILE P 375 1.87 37.63 -8.48
C ILE P 375 2.50 39.01 -8.51
N ASN P 376 2.98 39.47 -7.34
CA ASN P 376 3.85 40.63 -7.29
C ASN P 376 5.10 40.40 -8.13
N SER P 377 5.70 39.22 -8.05
CA SER P 377 6.93 38.96 -8.77
C SER P 377 6.71 38.55 -10.21
N ILE P 378 5.48 38.23 -10.62
CA ILE P 378 5.18 38.19 -12.04
C ILE P 378 5.33 39.58 -12.61
N CYS P 379 4.81 40.56 -11.91
CA CYS P 379 4.84 41.93 -12.37
C CYS P 379 6.18 42.59 -12.09
N GLN P 380 6.87 42.15 -11.04
CA GLN P 380 8.16 42.74 -10.70
C GLN P 380 9.24 42.27 -11.67
N GLU P 381 9.10 41.06 -12.20
CA GLU P 381 10.10 40.56 -13.13
C GLU P 381 9.87 41.12 -14.52
N SER P 382 8.62 41.22 -14.93
CA SER P 382 8.28 41.61 -16.28
C SER P 382 8.58 43.08 -16.54
N GLY P 383 8.50 43.91 -15.50
CA GLY P 383 8.95 45.28 -15.64
C GLY P 383 10.43 45.36 -15.92
N MET P 384 11.22 44.53 -15.24
CA MET P 384 12.66 44.47 -15.49
C MET P 384 12.95 43.91 -16.87
N LEU P 385 12.05 43.07 -17.38
CA LEU P 385 12.22 42.54 -18.72
C LEU P 385 12.02 43.61 -19.77
N ALA P 386 11.20 44.61 -19.47
CA ALA P 386 11.00 45.72 -20.40
C ALA P 386 12.09 46.78 -20.26
N VAL P 387 12.53 47.05 -19.02
CA VAL P 387 13.58 48.02 -18.78
C VAL P 387 14.90 47.56 -19.39
N ARG P 388 15.10 46.25 -19.46
CA ARG P 388 16.30 45.69 -20.09
C ARG P 388 16.37 46.04 -21.58
N GLU P 389 15.21 46.16 -22.22
CA GLU P 389 15.15 46.50 -23.63
C GLU P 389 15.06 48.00 -23.88
N ASN P 390 15.33 48.81 -22.85
CA ASN P 390 15.22 50.28 -22.89
C ASN P 390 13.84 50.73 -23.39
N ARG P 391 12.81 50.04 -22.92
CA ARG P 391 11.45 50.22 -23.41
C ARG P 391 10.54 50.40 -22.21
N TYR P 392 10.09 51.63 -22.00
CA TYR P 392 9.44 52.01 -20.76
C TYR P 392 7.97 51.64 -20.70
N ILE P 393 7.46 50.83 -21.62
CA ILE P 393 6.03 50.47 -21.65
C ILE P 393 5.92 48.96 -21.79
N VAL P 394 5.09 48.35 -20.93
CA VAL P 394 4.98 46.90 -20.83
C VAL P 394 4.27 46.35 -22.05
N LEU P 395 4.88 45.35 -22.68
CA LEU P 395 4.29 44.62 -23.79
C LEU P 395 3.66 43.31 -23.33
N ALA P 396 2.97 42.66 -24.26
CA ALA P 396 2.35 41.36 -23.96
C ALA P 396 3.31 40.22 -24.18
N LYS P 397 4.38 40.45 -24.94
CA LYS P 397 5.41 39.43 -25.07
C LYS P 397 6.25 39.31 -23.81
N ASP P 398 6.29 40.38 -23.00
CA ASP P 398 7.06 40.33 -21.77
C ASP P 398 6.42 39.42 -20.74
N PHE P 399 5.09 39.47 -20.63
CA PHE P 399 4.39 38.66 -19.64
C PHE P 399 4.49 37.17 -19.94
N GLU P 400 4.63 36.80 -21.20
CA GLU P 400 4.74 35.37 -21.50
C GLU P 400 6.10 34.83 -21.08
N LYS P 401 7.16 35.58 -21.34
CA LYS P 401 8.48 35.16 -20.88
C LYS P 401 8.61 35.21 -19.36
N ALA P 402 7.93 36.15 -18.71
CA ALA P 402 8.03 36.30 -17.27
C ALA P 402 7.17 35.31 -16.50
N TYR P 403 6.07 34.83 -17.09
CA TYR P 403 5.23 33.89 -16.38
C TYR P 403 5.90 32.53 -16.22
N LYS P 404 6.51 32.02 -17.28
CA LYS P 404 7.18 30.73 -17.24
C LYS P 404 8.53 30.79 -16.54
N THR P 405 9.00 31.98 -16.19
CA THR P 405 10.26 32.15 -15.49
C THR P 405 10.11 32.09 -13.98
N VAL P 406 8.96 32.48 -13.45
CA VAL P 406 8.82 32.59 -12.01
C VAL P 406 8.46 31.24 -11.40
N ILE P 407 7.50 30.54 -11.99
CA ILE P 407 6.89 29.40 -11.30
C ILE P 407 7.73 28.13 -11.48
N LYS P 408 8.05 27.76 -12.73
CA LYS P 408 9.05 26.74 -13.07
C LYS P 408 8.73 25.35 -12.49
N LYS P 409 7.46 24.98 -12.49
CA LYS P 409 7.15 23.60 -12.12
C LYS P 409 7.18 22.74 -13.38
N ASP P 410 7.57 21.48 -13.21
CA ASP P 410 7.71 20.68 -14.42
C ASP P 410 6.40 20.04 -14.88
N GLU P 411 5.99 18.90 -14.31
CA GLU P 411 4.59 18.51 -14.30
C GLU P 411 4.24 17.76 -13.02
N GLN P 412 5.19 16.95 -12.52
CA GLN P 412 5.00 15.94 -11.46
C GLN P 412 3.79 15.02 -11.73
N GLU P 413 3.46 14.81 -12.99
CA GLU P 413 2.13 14.35 -13.40
C GLU P 413 2.24 13.32 -14.51
N HIS P 414 2.88 12.18 -14.23
CA HIS P 414 2.81 11.03 -15.12
C HIS P 414 1.37 10.68 -15.45
N GLU P 415 1.04 10.79 -16.74
CA GLU P 415 -0.34 10.86 -17.20
C GLU P 415 -1.04 9.53 -17.22
N PHE P 416 -0.32 8.41 -17.10
CA PHE P 416 -0.97 7.11 -17.15
C PHE P 416 -1.75 6.79 -15.89
N TYR P 417 -1.61 7.59 -14.83
CA TYR P 417 -2.41 7.42 -13.63
C TYR P 417 -3.89 7.65 -13.89
N LYS P 418 -4.20 8.51 -14.86
CA LYS P 418 -5.59 8.80 -15.18
C LYS P 418 -5.85 8.61 -16.67
N MET Q 15 107.31 83.52 23.38
CA MET Q 15 105.97 83.30 22.84
C MET Q 15 105.19 84.60 22.75
N ALA Q 16 105.84 85.72 23.10
CA ALA Q 16 105.25 87.05 23.01
C ALA Q 16 104.95 87.38 21.55
N ASP Q 17 105.99 87.49 20.73
CA ASP Q 17 105.84 87.46 19.27
C ASP Q 17 106.99 86.86 18.45
N PRO Q 18 107.48 85.60 18.72
CA PRO Q 18 108.16 84.88 17.62
C PRO Q 18 107.16 84.11 16.78
N ARG Q 19 107.25 84.27 15.47
CA ARG Q 19 106.20 83.76 14.58
C ARG Q 19 106.29 82.26 14.38
N ASP Q 20 107.33 81.61 14.90
CA ASP Q 20 107.42 80.15 14.80
C ASP Q 20 107.01 79.49 16.12
N LYS Q 21 107.13 80.21 17.24
CA LYS Q 21 106.70 79.66 18.51
C LYS Q 21 105.25 80.00 18.81
N ALA Q 22 104.82 81.22 18.47
CA ALA Q 22 103.40 81.57 18.52
C ALA Q 22 102.60 80.87 17.43
N LEU Q 23 103.28 80.39 16.39
CA LEU Q 23 102.73 79.37 15.51
C LEU Q 23 102.32 78.14 16.32
N GLN Q 24 103.25 77.60 17.11
CA GLN Q 24 103.00 76.40 17.90
C GLN Q 24 102.35 76.68 19.25
N ASP Q 25 102.05 77.95 19.56
CA ASP Q 25 101.45 78.26 20.87
C ASP Q 25 99.99 77.84 20.93
N TYR Q 26 99.23 78.10 19.88
CA TYR Q 26 97.84 77.68 19.80
C TYR Q 26 97.68 76.28 19.20
N ARG Q 27 98.73 75.75 18.56
CA ARG Q 27 98.63 74.43 17.96
C ARG Q 27 98.91 73.31 18.95
N LYS Q 28 99.38 73.64 20.15
CA LYS Q 28 99.23 72.71 21.26
C LYS Q 28 97.88 72.90 21.96
N LYS Q 29 97.16 73.98 21.62
CA LYS Q 29 95.85 74.24 22.21
C LYS Q 29 94.71 73.80 21.30
N LEU Q 30 94.85 74.04 19.99
CA LEU Q 30 93.80 73.64 19.05
C LEU Q 30 93.70 72.13 18.91
N LEU Q 31 94.79 71.42 19.19
CA LEU Q 31 94.71 69.96 19.32
C LEU Q 31 93.98 69.55 20.59
N GLU Q 32 93.89 70.44 21.59
CA GLU Q 32 93.19 70.13 22.82
C GLU Q 32 91.76 70.67 22.81
N HIS Q 33 91.57 71.90 22.29
CA HIS Q 33 90.24 72.50 22.29
C HIS Q 33 89.28 71.81 21.32
N LYS Q 34 89.79 71.11 20.32
CA LYS Q 34 88.94 70.25 19.50
C LYS Q 34 88.84 68.83 20.05
N GLU Q 35 89.74 68.48 20.96
CA GLU Q 35 89.67 67.19 21.66
C GLU Q 35 88.66 67.22 22.80
N ILE Q 36 88.38 68.39 23.36
CA ILE Q 36 87.36 68.52 24.40
C ILE Q 36 85.95 68.71 23.80
N ASP Q 37 85.86 69.16 22.55
CA ASP Q 37 84.57 69.42 21.91
C ASP Q 37 84.00 68.19 21.22
N GLY Q 38 84.82 67.17 20.94
CA GLY Q 38 84.34 66.00 20.23
C GLY Q 38 83.49 65.09 21.11
N ARG Q 39 83.96 64.82 22.34
CA ARG Q 39 83.20 63.96 23.25
C ARG Q 39 82.08 64.71 23.95
N LEU Q 40 82.05 66.04 23.87
CA LEU Q 40 80.95 66.80 24.46
C LEU Q 40 79.67 66.64 23.65
N LYS Q 41 79.79 66.53 22.33
CA LYS Q 41 78.62 66.31 21.50
C LYS Q 41 78.25 64.82 21.46
N GLU Q 42 79.16 63.94 21.84
CA GLU Q 42 78.81 62.54 22.04
C GLU Q 42 77.97 62.37 23.30
N LEU Q 43 78.25 63.18 24.33
CA LEU Q 43 77.41 63.18 25.52
C LEU Q 43 76.05 63.78 25.25
N ARG Q 44 75.96 64.66 24.25
CA ARG Q 44 74.67 65.22 23.86
C ARG Q 44 73.79 64.16 23.22
N GLU Q 45 74.39 63.26 22.43
CA GLU Q 45 73.62 62.21 21.78
C GLU Q 45 73.25 61.10 22.76
N GLN Q 46 74.08 60.91 23.80
CA GLN Q 46 73.75 59.93 24.83
C GLN Q 46 72.62 60.45 25.72
N LEU Q 47 72.60 61.76 25.97
CA LEU Q 47 71.52 62.34 26.76
C LEU Q 47 70.23 62.45 25.95
N LYS Q 48 70.34 62.68 24.63
CA LYS Q 48 69.16 62.83 23.79
C LYS Q 48 68.41 61.51 23.63
N GLU Q 49 69.15 60.41 23.45
CA GLU Q 49 68.52 59.10 23.43
C GLU Q 49 67.98 58.74 24.81
N LEU Q 50 68.64 59.20 25.86
CA LEU Q 50 68.14 59.04 27.22
C LEU Q 50 66.90 59.89 27.46
N THR Q 51 66.82 61.05 26.80
CA THR Q 51 65.68 61.94 26.98
C THR Q 51 64.40 61.38 26.39
N LYS Q 52 64.50 60.82 25.17
CA LYS Q 52 63.33 60.25 24.51
C LYS Q 52 62.85 58.99 25.24
N GLN Q 53 63.77 58.18 25.74
CA GLN Q 53 63.39 57.04 26.57
C GLN Q 53 62.80 57.50 27.89
N TYR Q 54 63.25 58.65 28.40
CA TYR Q 54 62.63 59.19 29.60
C TYR Q 54 61.25 59.75 29.31
N GLU Q 55 61.04 60.27 28.11
CA GLU Q 55 59.78 60.92 27.78
C GLU Q 55 58.65 59.89 27.67
N LYS Q 56 58.98 58.65 27.28
CA LYS Q 56 57.98 57.61 27.29
C LYS Q 56 57.68 57.16 28.72
N SER Q 57 58.70 57.16 29.58
CA SER Q 57 58.51 56.68 30.95
C SER Q 57 57.76 57.69 31.81
N GLU Q 58 57.57 58.91 31.31
CA GLU Q 58 56.79 59.90 32.04
C GLU Q 58 55.31 59.88 31.66
N ASN Q 59 55.01 59.50 30.42
CA ASN Q 59 53.61 59.30 30.03
C ASN Q 59 53.06 58.02 30.65
N ASP Q 60 53.95 57.08 30.97
CA ASP Q 60 53.52 55.89 31.68
C ASP Q 60 53.12 56.22 33.12
N LEU Q 61 53.76 57.23 33.72
CA LEU Q 61 53.26 57.77 34.98
C LEU Q 61 51.90 58.40 34.78
N LYS Q 62 51.72 59.07 33.64
CA LYS Q 62 50.46 59.74 33.35
C LYS Q 62 49.38 58.74 32.96
N ALA Q 63 49.80 57.54 32.54
CA ALA Q 63 48.83 56.50 32.22
C ALA Q 63 48.13 55.99 33.47
N LEU Q 64 48.87 55.77 34.55
CA LEU Q 64 48.34 55.03 35.69
C LEU Q 64 47.62 55.98 36.64
N GLN Q 65 46.66 56.73 36.11
CA GLN Q 65 45.66 57.42 36.92
C GLN Q 65 44.31 57.20 36.25
N SER Q 66 44.33 56.75 35.00
CA SER Q 66 43.12 56.51 34.26
C SER Q 66 42.36 55.31 34.81
N VAL Q 67 41.04 55.39 34.77
CA VAL Q 67 40.16 54.35 35.27
C VAL Q 67 39.21 53.97 34.14
N GLY Q 68 39.01 52.67 33.95
CA GLY Q 68 38.07 52.22 32.94
C GLY Q 68 36.65 52.64 33.28
N GLN Q 69 35.83 52.74 32.24
CA GLN Q 69 34.51 53.33 32.36
C GLN Q 69 33.45 52.32 31.89
N ILE Q 70 32.36 52.23 32.65
CA ILE Q 70 31.30 51.28 32.38
C ILE Q 70 30.59 51.65 31.10
N VAL Q 71 30.50 50.70 30.17
CA VAL Q 71 29.79 50.90 28.92
C VAL Q 71 28.33 50.57 29.17
N GLY Q 72 27.45 51.54 28.94
CA GLY Q 72 26.03 51.34 29.17
C GLY Q 72 25.17 51.70 27.99
N GLU Q 73 23.90 51.99 28.23
CA GLU Q 73 22.95 52.27 27.17
C GLU Q 73 21.74 52.98 27.76
N VAL Q 74 21.24 53.99 27.05
CA VAL Q 74 20.23 54.90 27.58
C VAL Q 74 18.84 54.36 27.25
N LEU Q 75 17.98 54.31 28.26
CA LEU Q 75 16.66 53.72 28.15
C LEU Q 75 15.57 54.78 27.94
N LYS Q 76 15.45 55.74 28.84
CA LYS Q 76 14.67 56.95 28.62
C LYS Q 76 15.23 58.05 29.51
N GLN Q 77 14.49 59.14 29.65
CA GLN Q 77 14.92 60.30 30.44
C GLN Q 77 13.80 60.73 31.36
N LEU Q 78 14.00 60.59 32.67
CA LEU Q 78 12.94 60.92 33.62
C LEU Q 78 12.78 62.42 33.78
N THR Q 79 13.79 63.09 34.33
CA THR Q 79 13.78 64.54 34.46
C THR Q 79 15.07 65.03 33.80
N GLU Q 80 15.39 66.29 34.02
CA GLU Q 80 16.58 66.89 33.41
C GLU Q 80 17.86 66.24 33.91
N GLU Q 81 17.91 65.83 35.17
CA GLU Q 81 19.07 65.14 35.71
C GLU Q 81 18.84 63.66 35.96
N LYS Q 82 17.60 63.23 36.16
CA LYS Q 82 17.33 61.82 36.39
C LYS Q 82 17.30 61.11 35.05
N PHE Q 83 18.32 60.30 34.80
CA PHE Q 83 18.40 59.43 33.65
C PHE Q 83 18.33 57.99 34.13
N ILE Q 84 18.07 57.07 33.20
CA ILE Q 84 17.79 55.69 33.55
C ILE Q 84 18.41 54.80 32.47
N VAL Q 85 19.39 53.98 32.86
CA VAL Q 85 20.23 53.25 31.93
C VAL Q 85 20.29 51.79 32.36
N LYS Q 86 20.87 50.97 31.48
CA LYS Q 86 21.11 49.57 31.78
C LYS Q 86 22.48 49.19 31.22
N ALA Q 87 23.30 48.61 32.08
CA ALA Q 87 24.64 48.22 31.65
C ALA Q 87 24.58 46.96 30.78
N THR Q 88 25.72 46.65 30.17
CA THR Q 88 25.90 45.36 29.54
C THR Q 88 26.35 44.29 30.53
N ASN Q 89 26.35 44.61 31.81
CA ASN Q 89 26.59 43.65 32.88
C ASN Q 89 25.30 42.93 33.25
N GLY Q 90 24.22 43.68 33.36
CA GLY Q 90 23.15 43.28 34.22
C GLY Q 90 22.13 44.37 34.44
N PRO Q 91 21.98 44.75 35.70
CA PRO Q 91 20.75 45.44 36.14
C PRO Q 91 20.61 46.83 35.58
N ARG Q 92 19.40 47.36 35.71
CA ARG Q 92 19.09 48.70 35.28
C ARG Q 92 19.41 49.70 36.39
N TYR Q 93 19.93 50.85 36.02
CA TYR Q 93 20.36 51.87 36.96
C TYR Q 93 19.67 53.20 36.66
N VAL Q 94 19.44 53.97 37.72
CA VAL Q 94 18.98 55.36 37.62
C VAL Q 94 20.18 56.25 37.91
N VAL Q 95 20.43 57.22 37.03
CA VAL Q 95 21.75 57.84 36.94
C VAL Q 95 21.60 59.32 36.61
N GLY Q 96 22.65 60.08 36.90
CA GLY Q 96 22.79 61.46 36.49
C GLY Q 96 23.86 61.64 35.44
N CYS Q 97 24.18 62.90 35.16
CA CYS Q 97 25.11 63.24 34.09
C CYS Q 97 26.03 64.37 34.54
N ARG Q 98 26.81 64.87 33.58
CA ARG Q 98 27.57 66.09 33.76
C ARG Q 98 26.68 67.27 33.39
N ARG Q 99 27.01 68.45 33.90
CA ARG Q 99 26.25 69.66 33.58
C ARG Q 99 26.86 70.39 32.40
N GLN Q 100 27.76 69.73 31.67
CA GLN Q 100 28.39 70.28 30.50
C GLN Q 100 28.14 69.46 29.24
N LEU Q 101 27.64 68.23 29.38
CA LEU Q 101 27.72 67.24 28.32
C LEU Q 101 26.40 67.01 27.60
N ASP Q 102 25.62 68.08 27.36
CA ASP Q 102 24.49 68.09 26.43
C ASP Q 102 23.41 67.08 26.82
N LYS Q 103 22.74 67.39 27.94
CA LYS Q 103 21.64 66.58 28.46
C LYS Q 103 20.45 66.47 27.50
N SER Q 104 20.39 67.28 26.43
CA SER Q 104 19.33 67.19 25.45
C SER Q 104 19.58 66.12 24.39
N LYS Q 105 20.83 65.74 24.18
CA LYS Q 105 21.21 64.87 23.07
C LYS Q 105 21.11 63.39 23.45
N LEU Q 106 20.86 63.06 24.70
CA LEU Q 106 20.76 61.67 25.11
C LEU Q 106 19.39 61.14 24.72
N LYS Q 107 19.31 60.68 23.47
CA LYS Q 107 18.09 60.05 22.99
C LYS Q 107 17.96 58.66 23.60
N PRO Q 108 16.74 58.14 23.71
CA PRO Q 108 16.60 56.74 24.11
C PRO Q 108 17.10 55.78 23.03
N GLY Q 109 18.21 55.11 23.32
CA GLY Q 109 18.77 54.21 22.34
C GLY Q 109 20.28 54.26 22.27
N THR Q 110 20.88 55.38 22.65
CA THR Q 110 22.29 55.59 22.41
C THR Q 110 23.15 54.86 23.44
N ARG Q 111 24.46 54.88 23.19
CA ARG Q 111 25.43 54.13 23.94
C ARG Q 111 26.37 55.11 24.63
N VAL Q 112 26.50 54.99 25.96
CA VAL Q 112 27.20 55.98 26.76
C VAL Q 112 28.26 55.29 27.61
N ALA Q 113 29.00 56.11 28.35
CA ALA Q 113 30.01 55.65 29.29
C ALA Q 113 29.68 56.17 30.67
N LEU Q 114 30.07 55.41 31.69
CA LEU Q 114 29.69 55.69 33.06
C LEU Q 114 30.92 55.80 33.94
N ASP Q 115 30.70 56.15 35.20
CA ASP Q 115 31.78 56.08 36.17
C ASP Q 115 31.66 54.80 36.97
N MET Q 116 32.80 54.28 37.42
CA MET Q 116 32.77 53.11 38.29
C MET Q 116 32.38 53.47 39.71
N THR Q 117 33.00 54.51 40.27
CA THR Q 117 32.81 54.81 41.68
C THR Q 117 31.46 55.47 41.93
N THR Q 118 31.24 56.65 41.33
CA THR Q 118 30.03 57.38 41.62
C THR Q 118 28.85 56.99 40.75
N LEU Q 119 29.11 56.31 39.63
CA LEU Q 119 28.11 55.83 38.67
C LEU Q 119 27.28 57.01 38.15
N THR Q 120 27.96 57.86 37.38
CA THR Q 120 27.32 58.94 36.65
C THR Q 120 27.86 58.93 35.22
N ILE Q 121 27.09 59.52 34.31
CA ILE Q 121 27.46 59.54 32.90
C ILE Q 121 28.54 60.57 32.66
N MET Q 122 29.68 60.12 32.15
CA MET Q 122 30.77 61.02 31.83
C MET Q 122 30.76 61.45 30.38
N ARG Q 123 30.22 60.63 29.48
CA ARG Q 123 30.44 60.86 28.06
C ARG Q 123 29.48 60.01 27.26
N TYR Q 124 29.05 60.53 26.11
CA TYR Q 124 28.30 59.76 25.13
C TYR Q 124 29.28 59.14 24.13
N LEU Q 125 28.80 58.14 23.41
CA LEU Q 125 29.58 57.36 22.47
C LEU Q 125 28.75 57.03 21.24
N PRO Q 126 29.38 56.73 20.11
CA PRO Q 126 28.62 56.25 18.94
C PRO Q 126 28.30 54.78 19.06
N ARG Q 127 27.88 54.17 17.96
CA ARG Q 127 27.55 52.75 17.99
C ARG Q 127 28.79 51.89 17.88
N GLU Q 128 28.65 50.64 18.33
CA GLU Q 128 29.71 49.65 18.26
C GLU Q 128 29.64 48.89 16.94
N VAL Q 129 30.74 48.23 16.57
CA VAL Q 129 30.80 47.54 15.30
C VAL Q 129 31.32 46.11 15.42
N ASP Q 130 31.17 45.49 16.61
CA ASP Q 130 31.20 44.05 16.96
C ASP Q 130 32.26 43.23 16.19
N PRO Q 131 33.49 43.18 16.71
CA PRO Q 131 34.67 42.87 15.87
C PRO Q 131 34.68 41.55 15.12
N LEU Q 132 33.69 40.68 15.30
CA LEU Q 132 33.48 39.62 14.34
C LEU Q 132 33.15 40.20 12.97
N VAL Q 133 32.31 41.23 12.93
CA VAL Q 133 31.85 41.78 11.67
C VAL Q 133 32.90 42.71 11.06
N TYR Q 134 33.67 43.39 11.91
CA TYR Q 134 34.81 44.16 11.41
C TYR Q 134 35.84 43.25 10.76
N ASN Q 135 36.09 42.09 11.36
CA ASN Q 135 36.91 41.06 10.75
C ASN Q 135 36.12 40.15 9.84
N MET Q 136 34.95 40.60 9.42
CA MET Q 136 34.18 40.00 8.35
C MET Q 136 34.07 40.96 7.18
N SER Q 137 34.46 42.21 7.37
CA SER Q 137 34.14 43.28 6.43
C SER Q 137 35.13 43.35 5.29
N HIS Q 138 36.38 43.64 5.58
CA HIS Q 138 37.33 44.13 4.60
C HIS Q 138 38.68 43.46 4.75
N GLU Q 139 38.69 42.19 5.08
CA GLU Q 139 39.94 41.47 5.27
C GLU Q 139 40.35 40.68 4.03
N ASP Q 140 39.70 40.92 2.89
CA ASP Q 140 39.99 40.18 1.68
C ASP Q 140 40.92 40.97 0.77
N PRO Q 141 42.14 40.51 0.51
CA PRO Q 141 42.97 41.13 -0.52
C PRO Q 141 42.77 40.52 -1.90
N GLY Q 142 41.67 39.81 -2.11
CA GLY Q 142 41.46 39.10 -3.37
C GLY Q 142 41.25 40.07 -4.53
N ASN Q 143 41.94 39.80 -5.65
CA ASN Q 143 41.94 40.70 -6.81
C ASN Q 143 41.57 39.96 -8.09
N VAL Q 144 40.68 39.01 -8.01
CA VAL Q 144 40.25 38.29 -9.20
C VAL Q 144 39.14 39.07 -9.89
N SER Q 145 38.97 38.83 -11.19
CA SER Q 145 38.16 39.73 -12.02
C SER Q 145 37.32 38.93 -13.00
N TYR Q 146 36.47 39.66 -13.73
CA TYR Q 146 35.50 39.07 -14.65
C TYR Q 146 36.15 38.45 -15.87
N SER Q 147 37.39 38.81 -16.17
CA SER Q 147 38.10 38.18 -17.26
C SER Q 147 38.46 36.73 -16.95
N GLU Q 148 38.59 36.39 -15.67
CA GLU Q 148 39.01 35.06 -15.25
C GLU Q 148 37.86 34.06 -15.28
N ILE Q 149 36.65 34.48 -14.93
CA ILE Q 149 35.49 33.62 -15.10
C ILE Q 149 35.13 33.55 -16.58
N GLY Q 150 34.72 32.36 -17.03
CA GLY Q 150 34.34 32.20 -18.42
C GLY Q 150 33.35 31.08 -18.58
N GLY Q 151 32.43 31.26 -19.52
CA GLY Q 151 31.50 30.23 -19.92
C GLY Q 151 30.06 30.47 -19.52
N LEU Q 152 29.79 31.40 -18.61
CA LEU Q 152 28.46 31.60 -18.08
C LEU Q 152 28.10 33.08 -18.07
N SER Q 153 28.39 33.76 -19.18
CA SER Q 153 28.17 35.19 -19.30
C SER Q 153 26.70 35.60 -19.36
N GLU Q 154 25.78 34.65 -19.59
CA GLU Q 154 24.37 34.99 -19.52
C GLU Q 154 23.95 35.29 -18.08
N GLN Q 155 24.46 34.50 -17.13
CA GLN Q 155 24.14 34.72 -15.74
C GLN Q 155 24.91 35.88 -15.16
N ILE Q 156 26.07 36.21 -15.70
CA ILE Q 156 26.85 37.33 -15.19
C ILE Q 156 26.13 38.64 -15.44
N ARG Q 157 25.53 38.77 -16.62
CA ARG Q 157 24.68 39.93 -16.87
C ARG Q 157 23.38 39.84 -16.09
N GLU Q 158 22.89 38.62 -15.85
CA GLU Q 158 21.71 38.44 -15.02
C GLU Q 158 21.96 38.85 -13.58
N LEU Q 159 23.10 38.44 -13.03
CA LEU Q 159 23.41 38.75 -11.64
C LEU Q 159 23.80 40.21 -11.47
N ARG Q 160 24.33 40.84 -12.52
CA ARG Q 160 24.68 42.25 -12.48
C ARG Q 160 23.45 43.13 -12.32
N GLU Q 161 22.30 42.67 -12.80
CA GLU Q 161 21.11 43.49 -12.90
C GLU Q 161 20.52 43.82 -11.54
N VAL Q 162 20.78 43.04 -10.51
CA VAL Q 162 20.17 43.29 -9.21
C VAL Q 162 21.14 44.03 -8.30
N ILE Q 163 22.43 43.89 -8.54
CA ILE Q 163 23.42 44.45 -7.62
C ILE Q 163 24.10 45.69 -8.15
N GLU Q 164 24.13 45.90 -9.46
CA GLU Q 164 24.92 46.97 -10.03
C GLU Q 164 24.09 47.98 -10.80
N LEU Q 165 23.03 47.54 -11.46
CA LEU Q 165 22.23 48.44 -12.27
C LEU Q 165 21.39 49.43 -11.45
N PRO Q 166 20.50 49.02 -10.52
CA PRO Q 166 19.68 50.04 -9.86
C PRO Q 166 20.43 50.86 -8.82
N LEU Q 167 21.60 50.40 -8.37
CA LEU Q 167 22.44 51.21 -7.52
C LEU Q 167 23.03 52.40 -8.25
N THR Q 168 23.14 52.32 -9.57
CA THR Q 168 23.72 53.40 -10.37
C THR Q 168 22.69 54.20 -11.14
N ASN Q 169 21.57 53.61 -11.53
CA ASN Q 169 20.57 54.31 -12.33
C ASN Q 169 19.17 53.86 -11.90
N PRO Q 170 18.63 54.46 -10.84
CA PRO Q 170 17.34 54.02 -10.32
C PRO Q 170 16.13 54.66 -10.99
N GLU Q 171 16.34 55.70 -11.80
CA GLU Q 171 15.22 56.52 -12.27
C GLU Q 171 14.37 55.79 -13.31
N LEU Q 172 14.90 54.74 -13.92
CA LEU Q 172 14.15 54.01 -14.93
C LEU Q 172 13.05 53.16 -14.32
N PHE Q 173 13.33 52.53 -13.18
CA PHE Q 173 12.33 51.72 -12.51
C PHE Q 173 11.22 52.57 -11.93
N GLN Q 174 11.57 53.77 -11.46
CA GLN Q 174 10.57 54.70 -10.93
C GLN Q 174 9.64 55.19 -12.01
N ARG Q 175 10.11 55.22 -13.26
CA ARG Q 175 9.25 55.62 -14.37
C ARG Q 175 8.25 54.53 -14.72
N VAL Q 176 8.68 53.28 -14.73
CA VAL Q 176 7.76 52.19 -15.02
C VAL Q 176 6.83 51.94 -13.84
N GLY Q 177 7.38 51.86 -12.64
CA GLY Q 177 6.58 51.76 -11.43
C GLY Q 177 6.75 50.49 -10.63
N ILE Q 178 7.88 49.81 -10.75
CA ILE Q 178 8.13 48.60 -9.97
C ILE Q 178 9.39 48.79 -9.16
N ILE Q 179 9.54 47.96 -8.14
CA ILE Q 179 10.70 48.01 -7.26
C ILE Q 179 11.71 46.99 -7.76
N PRO Q 180 13.00 47.29 -7.79
CA PRO Q 180 14.02 46.28 -8.11
C PRO Q 180 14.06 45.17 -7.07
N PRO Q 181 14.61 44.01 -7.40
CA PRO Q 181 14.56 42.88 -6.46
C PRO Q 181 15.44 43.08 -5.25
N LYS Q 182 15.04 42.46 -4.16
CA LYS Q 182 15.89 42.44 -2.97
C LYS Q 182 17.13 41.58 -3.21
N GLY Q 183 16.94 40.30 -3.50
CA GLY Q 183 18.08 39.42 -3.66
C GLY Q 183 17.74 38.18 -4.46
N CYS Q 184 18.76 37.37 -4.68
CA CYS Q 184 18.64 36.17 -5.49
C CYS Q 184 19.68 35.16 -5.01
N LEU Q 185 19.51 33.90 -5.42
CA LEU Q 185 20.41 32.85 -4.99
C LEU Q 185 21.00 32.11 -6.18
N LEU Q 186 22.04 31.34 -5.90
CA LEU Q 186 22.81 30.63 -6.91
C LEU Q 186 22.85 29.16 -6.53
N TYR Q 187 22.13 28.34 -7.27
CA TYR Q 187 22.16 26.90 -7.02
C TYR Q 187 22.77 26.20 -8.22
N GLY Q 188 23.30 25.01 -7.98
CA GLY Q 188 23.87 24.21 -9.04
C GLY Q 188 24.73 23.09 -8.50
N PRO Q 189 25.27 22.28 -9.41
CA PRO Q 189 26.20 21.22 -8.99
C PRO Q 189 27.49 21.80 -8.46
N PRO Q 190 28.25 21.04 -7.67
CA PRO Q 190 29.46 21.61 -7.04
C PRO Q 190 30.57 21.85 -8.05
N GLY Q 191 31.22 23.00 -7.92
CA GLY Q 191 32.35 23.32 -8.77
C GLY Q 191 31.99 23.83 -10.13
N THR Q 192 30.97 24.70 -10.20
CA THR Q 192 30.63 25.34 -11.45
C THR Q 192 30.96 26.82 -11.46
N GLY Q 193 31.29 27.40 -10.31
CA GLY Q 193 31.68 28.80 -10.28
C GLY Q 193 30.84 29.63 -9.36
N LYS Q 194 30.14 28.97 -8.43
CA LYS Q 194 29.27 29.68 -7.52
C LYS Q 194 30.04 30.58 -6.56
N THR Q 195 31.06 30.03 -5.90
CA THR Q 195 31.86 30.86 -5.02
C THR Q 195 32.74 31.81 -5.81
N LEU Q 196 33.15 31.38 -7.01
CA LEU Q 196 34.03 32.18 -7.84
C LEU Q 196 33.34 33.42 -8.35
N LEU Q 197 32.04 33.34 -8.64
CA LEU Q 197 31.34 34.47 -9.22
C LEU Q 197 31.16 35.59 -8.20
N ALA Q 198 31.05 35.26 -6.92
CA ALA Q 198 31.02 36.30 -5.91
C ALA Q 198 32.37 36.98 -5.75
N ARG Q 199 33.45 36.22 -5.97
CA ARG Q 199 34.78 36.80 -5.88
C ARG Q 199 35.06 37.78 -7.02
N ALA Q 200 34.32 37.69 -8.11
CA ALA Q 200 34.37 38.74 -9.13
C ALA Q 200 33.78 40.04 -8.60
N VAL Q 201 32.66 39.95 -7.90
CA VAL Q 201 32.01 41.15 -7.38
C VAL Q 201 32.79 41.69 -6.18
N ALA Q 202 33.49 40.81 -5.46
CA ALA Q 202 34.21 41.21 -4.25
C ALA Q 202 35.38 42.15 -4.53
N SER Q 203 35.95 42.11 -5.73
CA SER Q 203 37.04 42.99 -6.10
C SER Q 203 36.57 44.33 -6.64
N GLN Q 204 35.36 44.75 -6.28
CA GLN Q 204 34.74 45.95 -6.82
C GLN Q 204 34.30 46.93 -5.73
N LEU Q 205 34.08 46.47 -4.51
CA LEU Q 205 33.48 47.28 -3.44
C LEU Q 205 34.46 47.61 -2.33
N ASP Q 206 35.05 46.59 -1.69
CA ASP Q 206 36.17 46.60 -0.75
C ASP Q 206 35.84 47.19 0.62
N CYS Q 207 34.74 47.86 0.79
CA CYS Q 207 34.47 48.45 2.08
C CYS Q 207 33.10 48.10 2.59
N ASN Q 208 32.13 47.97 1.70
CA ASN Q 208 30.77 47.64 2.10
C ASN Q 208 30.28 46.38 1.39
N PHE Q 209 31.14 45.37 1.30
CA PHE Q 209 30.74 44.06 0.80
C PHE Q 209 30.97 43.06 1.91
N LEU Q 210 29.94 42.29 2.26
CA LEU Q 210 30.00 41.40 3.42
C LEU Q 210 29.86 39.95 2.98
N LYS Q 211 30.98 39.25 3.00
CA LYS Q 211 31.02 37.81 2.77
C LYS Q 211 30.85 37.11 4.11
N VAL Q 212 30.04 36.05 4.13
CA VAL Q 212 29.72 35.31 5.35
C VAL Q 212 29.84 33.83 5.06
N VAL Q 213 30.61 33.12 5.88
CA VAL Q 213 30.81 31.69 5.68
C VAL Q 213 29.64 30.85 6.14
N SER Q 214 28.67 31.41 6.86
CA SER Q 214 27.48 30.76 7.40
C SER Q 214 27.81 29.60 8.33
N SER Q 215 28.97 29.62 8.96
CA SER Q 215 29.26 28.71 10.06
C SER Q 215 29.99 29.39 11.19
N SER Q 216 30.55 30.58 10.98
CA SER Q 216 31.09 31.37 12.07
C SER Q 216 29.99 32.04 12.87
N ILE Q 217 28.78 32.13 12.33
CA ILE Q 217 27.71 32.86 12.99
C ILE Q 217 27.02 32.10 14.10
N VAL Q 218 27.42 30.86 14.35
CA VAL Q 218 26.80 30.05 15.38
C VAL Q 218 27.82 29.75 16.48
N ASP Q 219 27.39 29.88 17.73
CA ASP Q 219 28.23 29.54 18.87
C ASP Q 219 27.34 29.03 20.00
N LYS Q 220 27.97 28.48 21.03
CA LYS Q 220 27.27 27.67 22.02
C LYS Q 220 26.66 28.49 23.14
N TYR Q 221 26.61 29.80 23.02
CA TYR Q 221 25.96 30.61 24.06
C TYR Q 221 24.47 30.68 23.75
N ILE Q 222 23.75 31.51 24.49
CA ILE Q 222 22.30 31.47 24.42
C ILE Q 222 21.80 32.24 23.19
N GLY Q 223 22.10 33.53 23.14
CA GLY Q 223 21.54 34.35 22.08
C GLY Q 223 22.57 34.91 21.14
N GLU Q 224 23.82 34.51 21.32
CA GLU Q 224 24.92 35.09 20.55
C GLU Q 224 24.88 34.69 19.08
N SER Q 225 24.16 33.63 18.74
CA SER Q 225 24.03 33.25 17.34
C SER Q 225 23.14 34.20 16.58
N ALA Q 226 22.09 34.71 17.22
CA ALA Q 226 21.17 35.63 16.57
C ALA Q 226 21.53 37.08 16.80
N ARG Q 227 22.49 37.36 17.67
CA ARG Q 227 22.94 38.73 17.85
C ARG Q 227 23.75 39.21 16.66
N LEU Q 228 24.42 38.29 15.97
CA LEU Q 228 25.22 38.67 14.81
C LEU Q 228 24.34 39.06 13.64
N ILE Q 229 23.23 38.34 13.43
CA ILE Q 229 22.36 38.63 12.31
C ILE Q 229 21.65 39.96 12.50
N ARG Q 230 21.33 40.31 13.75
CA ARG Q 230 20.90 41.67 14.03
C ARG Q 230 22.00 42.67 13.71
N GLU Q 231 23.21 42.41 14.20
CA GLU Q 231 24.24 43.41 14.11
C GLU Q 231 25.06 43.31 12.83
N MET Q 232 24.73 42.39 11.93
CA MET Q 232 25.24 42.55 10.57
C MET Q 232 24.36 43.50 9.79
N PHE Q 233 23.05 43.32 9.86
CA PHE Q 233 22.18 44.17 9.06
C PHE Q 233 22.03 45.55 9.65
N ASN Q 234 22.33 45.72 10.94
CA ASN Q 234 22.43 47.07 11.48
C ASN Q 234 23.66 47.78 10.92
N TYR Q 235 24.73 47.02 10.67
CA TYR Q 235 25.87 47.56 9.95
C TYR Q 235 25.55 47.79 8.49
N ALA Q 236 24.55 47.09 7.94
CA ALA Q 236 24.26 47.22 6.52
C ALA Q 236 23.50 48.51 6.24
N ARG Q 237 22.60 48.92 7.12
CA ARG Q 237 21.91 50.18 6.91
C ARG Q 237 22.81 51.38 7.14
N ASP Q 238 23.80 51.25 8.01
CA ASP Q 238 24.72 52.35 8.27
C ASP Q 238 25.65 52.63 7.10
N HIS Q 239 25.88 51.64 6.24
CA HIS Q 239 26.67 51.78 5.03
C HIS Q 239 25.75 51.46 3.86
N GLN Q 240 25.10 52.48 3.32
CA GLN Q 240 23.89 52.25 2.53
C GLN Q 240 24.11 51.52 1.20
N PRO Q 241 25.14 51.82 0.37
CA PRO Q 241 25.39 50.90 -0.74
C PRO Q 241 26.09 49.65 -0.24
N CYS Q 242 25.40 48.53 -0.12
CA CYS Q 242 26.06 47.36 0.46
C CYS Q 242 25.44 46.09 -0.08
N ILE Q 243 26.26 45.05 -0.10
CA ILE Q 243 25.87 43.73 -0.58
C ILE Q 243 26.16 42.74 0.54
N ILE Q 244 25.18 41.90 0.86
CA ILE Q 244 25.35 40.81 1.80
C ILE Q 244 25.54 39.54 1.00
N PHE Q 245 26.61 38.82 1.27
CA PHE Q 245 26.83 37.53 0.64
C PHE Q 245 26.82 36.44 1.71
N MET Q 246 26.15 35.34 1.41
CA MET Q 246 25.83 34.31 2.38
C MET Q 246 26.13 32.98 1.73
N ASP Q 247 27.37 32.51 1.86
CA ASP Q 247 27.78 31.27 1.19
C ASP Q 247 27.41 30.08 2.05
N GLU Q 248 26.92 29.03 1.40
CA GLU Q 248 26.59 27.73 2.02
C GLU Q 248 25.58 27.90 3.14
N ILE Q 249 24.37 28.31 2.75
CA ILE Q 249 23.35 28.62 3.74
C ILE Q 249 22.73 27.37 4.36
N ASP Q 250 23.05 26.19 3.82
CA ASP Q 250 22.47 24.93 4.30
C ASP Q 250 22.84 24.62 5.74
N ALA Q 251 23.91 25.21 6.26
CA ALA Q 251 24.18 25.12 7.69
C ALA Q 251 23.09 25.81 8.50
N ILE Q 252 22.81 27.08 8.19
CA ILE Q 252 21.86 27.85 8.97
C ILE Q 252 20.45 27.79 8.38
N GLY Q 253 20.31 27.41 7.11
CA GLY Q 253 19.00 27.40 6.49
C GLY Q 253 18.09 26.30 6.99
N GLY Q 254 18.37 25.06 6.59
CA GLY Q 254 17.54 23.93 7.00
C GLY Q 254 16.14 24.01 6.43
N ARG Q 255 15.32 23.04 6.79
CA ARG Q 255 13.92 23.27 6.51
C ARG Q 255 13.23 23.79 7.77
N ARG Q 256 12.93 22.86 8.67
CA ARG Q 256 12.26 23.00 9.96
C ARG Q 256 12.30 21.59 10.51
N PHE Q 257 11.74 21.36 11.68
CA PHE Q 257 11.64 20.00 12.19
C PHE Q 257 10.38 19.85 13.02
N SER Q 258 10.16 18.61 13.46
CA SER Q 258 9.35 18.32 14.63
C SER Q 258 10.23 18.13 15.85
N GLU Q 259 11.29 18.93 15.91
CA GLU Q 259 12.07 19.29 17.10
C GLU Q 259 12.74 18.06 17.71
N GLY Q 260 13.61 17.46 16.92
CA GLY Q 260 14.31 16.27 17.33
C GLY Q 260 15.32 16.52 18.45
N THR Q 261 16.40 17.23 18.16
CA THR Q 261 17.45 17.43 19.14
C THR Q 261 17.26 18.78 19.82
N SER Q 262 18.09 19.07 20.81
CA SER Q 262 18.05 20.37 21.44
C SER Q 262 18.80 21.42 20.64
N ALA Q 263 19.65 20.99 19.70
CA ALA Q 263 20.49 21.93 18.98
C ALA Q 263 19.68 22.79 18.02
N ASP Q 264 18.79 22.15 17.27
CA ASP Q 264 18.03 22.86 16.25
C ASP Q 264 16.81 23.59 16.82
N ARG Q 265 16.67 23.64 18.14
CA ARG Q 265 15.84 24.64 18.77
C ARG Q 265 16.37 26.02 18.43
N GLU Q 266 17.59 26.32 18.86
CA GLU Q 266 18.11 27.68 18.78
C GLU Q 266 18.73 28.01 17.43
N ILE Q 267 18.64 27.11 16.47
CA ILE Q 267 19.01 27.45 15.11
C ILE Q 267 17.81 27.97 14.34
N GLN Q 268 16.65 27.36 14.56
CA GLN Q 268 15.44 27.88 13.96
C GLN Q 268 15.07 29.24 14.53
N ARG Q 269 15.47 29.54 15.76
CA ARG Q 269 15.38 30.92 16.23
C ARG Q 269 16.36 31.81 15.49
N THR Q 270 17.57 31.31 15.26
CA THR Q 270 18.55 32.05 14.49
C THR Q 270 18.12 32.16 13.03
N LEU Q 271 17.36 31.19 12.54
CA LEU Q 271 16.87 31.28 11.18
C LEU Q 271 15.69 32.23 11.07
N MET Q 272 14.76 32.19 12.02
CA MET Q 272 13.60 33.06 11.92
C MET Q 272 13.91 34.50 12.26
N GLU Q 273 15.07 34.80 12.86
CA GLU Q 273 15.50 36.17 12.94
C GLU Q 273 15.92 36.69 11.58
N LEU Q 274 16.49 35.83 10.74
CA LEU Q 274 16.89 36.24 9.41
C LEU Q 274 15.68 36.50 8.53
N LEU Q 275 14.64 35.68 8.66
CA LEU Q 275 13.46 35.84 7.81
C LEU Q 275 12.73 37.13 8.11
N ASN Q 276 12.70 37.53 9.38
CA ASN Q 276 11.98 38.73 9.74
C ASN Q 276 12.74 39.99 9.40
N GLN Q 277 14.07 39.96 9.53
CA GLN Q 277 14.87 41.12 9.25
C GLN Q 277 14.96 41.41 7.75
N MET Q 278 14.59 40.46 6.91
CA MET Q 278 14.48 40.73 5.49
C MET Q 278 13.28 41.61 5.17
N ASP Q 279 12.07 41.12 5.46
CA ASP Q 279 10.87 41.85 5.07
C ASP Q 279 9.84 41.95 6.19
N GLY Q 280 10.26 42.26 7.40
CA GLY Q 280 9.27 42.55 8.43
C GLY Q 280 9.33 43.96 8.93
N PHE Q 281 8.39 44.80 8.47
CA PHE Q 281 8.19 46.17 8.94
C PHE Q 281 9.40 47.06 8.72
N ASP Q 282 10.15 46.83 7.65
CA ASP Q 282 11.31 47.66 7.35
C ASP Q 282 11.41 47.78 5.85
N THR Q 283 11.67 48.99 5.36
CA THR Q 283 11.99 49.17 3.95
C THR Q 283 13.37 48.59 3.70
N LEU Q 284 13.41 47.41 3.10
CA LEU Q 284 14.68 46.74 2.79
C LEU Q 284 15.20 47.39 1.51
N HIS Q 285 16.02 48.41 1.69
CA HIS Q 285 16.44 49.28 0.61
C HIS Q 285 17.96 49.28 0.52
N ARG Q 286 18.46 49.18 -0.71
CA ARG Q 286 19.89 49.24 -1.06
C ARG Q 286 20.71 48.12 -0.42
N VAL Q 287 20.06 47.08 0.11
CA VAL Q 287 20.73 45.98 0.79
C VAL Q 287 20.39 44.73 0.01
N LYS Q 288 21.31 44.32 -0.87
CA LYS Q 288 21.06 43.17 -1.72
C LYS Q 288 21.71 41.94 -1.12
N MET Q 289 21.06 40.79 -1.30
CA MET Q 289 21.51 39.55 -0.69
C MET Q 289 21.80 38.52 -1.76
N ILE Q 290 22.94 37.86 -1.66
CA ILE Q 290 23.33 36.80 -2.58
C ILE Q 290 23.65 35.56 -1.76
N MET Q 291 23.04 34.45 -2.13
CA MET Q 291 23.15 33.20 -1.40
C MET Q 291 23.56 32.09 -2.37
N ALA Q 292 24.25 31.08 -1.87
CA ALA Q 292 24.72 30.00 -2.72
C ALA Q 292 24.63 28.68 -1.97
N THR Q 293 24.33 27.60 -2.69
CA THR Q 293 24.29 26.28 -2.10
C THR Q 293 24.61 25.24 -3.15
N ASN Q 294 24.95 24.03 -2.69
CA ASN Q 294 25.10 22.91 -3.59
C ASN Q 294 23.77 22.24 -3.83
N ARG Q 295 22.95 22.13 -2.80
CA ARG Q 295 21.64 21.51 -2.94
C ARG Q 295 20.55 22.35 -2.28
N PRO Q 296 19.60 22.83 -3.05
CA PRO Q 296 18.52 23.63 -2.46
C PRO Q 296 17.33 22.79 -2.07
N ASP Q 297 17.52 21.48 -1.99
CA ASP Q 297 16.47 20.60 -1.49
C ASP Q 297 16.14 20.90 -0.05
N THR Q 298 17.15 21.18 0.76
CA THR Q 298 17.02 21.24 2.20
C THR Q 298 16.77 22.65 2.69
N LEU Q 299 16.01 23.45 1.95
CA LEU Q 299 15.75 24.83 2.33
C LEU Q 299 14.34 24.97 2.85
N ASP Q 300 14.17 25.92 3.75
CA ASP Q 300 12.85 26.23 4.29
C ASP Q 300 12.04 26.92 3.19
N PRO Q 301 10.82 26.46 2.90
CA PRO Q 301 10.00 27.15 1.88
C PRO Q 301 9.62 28.56 2.25
N ALA Q 302 9.68 28.93 3.53
CA ALA Q 302 9.47 30.32 3.89
C ALA Q 302 10.64 31.21 3.53
N LEU Q 303 11.77 30.63 3.12
CA LEU Q 303 12.90 31.39 2.65
C LEU Q 303 13.03 31.36 1.13
N LEU Q 304 12.51 30.34 0.47
CA LEU Q 304 12.42 30.31 -0.98
C LEU Q 304 11.20 31.03 -1.50
N ARG Q 305 10.47 31.70 -0.63
CA ARG Q 305 9.31 32.47 -1.03
C ARG Q 305 9.76 33.63 -1.92
N PRO Q 306 8.99 33.96 -2.97
CA PRO Q 306 9.39 35.06 -3.86
C PRO Q 306 9.38 36.45 -3.23
N GLY Q 307 8.94 36.60 -1.97
CA GLY Q 307 9.14 37.86 -1.30
C GLY Q 307 10.57 38.08 -0.85
N ARG Q 308 11.22 37.05 -0.35
CA ARG Q 308 12.55 37.19 0.25
C ARG Q 308 13.68 36.87 -0.71
N LEU Q 309 13.62 35.73 -1.39
CA LEU Q 309 14.53 35.45 -2.51
C LEU Q 309 13.73 35.63 -3.78
N ASP Q 310 14.11 36.61 -4.59
CA ASP Q 310 13.31 37.01 -5.73
C ASP Q 310 13.60 36.13 -6.94
N ARG Q 311 14.84 36.12 -7.42
CA ARG Q 311 15.21 35.35 -8.59
C ARG Q 311 16.01 34.12 -8.20
N LYS Q 312 15.96 33.10 -9.06
CA LYS Q 312 16.60 31.83 -8.80
C LYS Q 312 17.51 31.52 -9.98
N ILE Q 313 18.77 31.92 -9.86
CA ILE Q 313 19.73 31.81 -10.94
C ILE Q 313 20.30 30.39 -10.93
N HIS Q 314 20.28 29.75 -12.08
CA HIS Q 314 20.71 28.35 -12.20
C HIS Q 314 22.01 28.29 -12.98
N ILE Q 315 23.00 27.64 -12.39
CA ILE Q 315 24.31 27.41 -13.01
C ILE Q 315 24.41 25.93 -13.30
N ASP Q 316 24.96 25.58 -14.44
CA ASP Q 316 24.93 24.20 -14.89
C ASP Q 316 26.31 23.72 -15.32
N LEU Q 317 26.37 22.45 -15.71
CA LEU Q 317 27.59 21.88 -16.23
C LEU Q 317 27.95 22.55 -17.56
N PRO Q 318 29.22 22.84 -17.78
CA PRO Q 318 29.60 23.71 -18.90
C PRO Q 318 29.44 23.01 -20.23
N ASN Q 319 29.12 23.81 -21.25
CA ASN Q 319 29.02 23.29 -22.60
C ASN Q 319 30.40 23.17 -23.22
N GLU Q 320 30.43 22.54 -24.40
CA GLU Q 320 31.69 22.34 -25.10
C GLU Q 320 32.29 23.65 -25.59
N GLN Q 321 31.47 24.67 -25.82
CA GLN Q 321 32.03 25.99 -26.00
C GLN Q 321 32.60 26.52 -24.70
N ALA Q 322 31.87 26.33 -23.60
CA ALA Q 322 32.36 26.77 -22.30
C ALA Q 322 33.53 25.94 -21.83
N ARG Q 323 33.51 24.62 -22.10
CA ARG Q 323 34.65 23.79 -21.78
C ARG Q 323 35.86 24.17 -22.62
N LEU Q 324 35.64 24.67 -23.83
CA LEU Q 324 36.74 25.27 -24.56
C LEU Q 324 37.18 26.58 -23.91
N ASP Q 325 36.21 27.34 -23.38
CA ASP Q 325 36.52 28.63 -22.81
C ASP Q 325 37.23 28.49 -21.46
N ILE Q 326 36.73 27.57 -20.62
CA ILE Q 326 37.32 27.36 -19.30
C ILE Q 326 38.72 26.79 -19.42
N LEU Q 327 38.94 25.94 -20.43
CA LEU Q 327 40.25 25.34 -20.62
C LEU Q 327 41.29 26.38 -21.02
N LYS Q 328 40.90 27.35 -21.82
CA LYS Q 328 41.85 28.36 -22.26
C LYS Q 328 42.20 29.35 -21.17
N ILE Q 329 41.37 29.48 -20.13
CA ILE Q 329 41.69 30.37 -19.04
C ILE Q 329 42.73 29.74 -18.14
N HIS Q 330 42.58 28.45 -17.85
CA HIS Q 330 43.52 27.76 -16.99
C HIS Q 330 44.79 27.33 -17.72
N ALA Q 331 44.83 27.43 -19.05
CA ALA Q 331 46.01 27.08 -19.80
C ALA Q 331 46.84 28.29 -20.18
N GLY Q 332 46.79 29.36 -19.40
CA GLY Q 332 47.55 30.54 -19.69
C GLY Q 332 49.04 30.39 -19.50
N PRO Q 333 49.50 30.31 -18.24
CA PRO Q 333 50.94 30.29 -17.95
C PRO Q 333 51.56 28.91 -17.99
N ILE Q 334 51.28 28.16 -19.06
CA ILE Q 334 51.83 26.82 -19.24
C ILE Q 334 52.86 26.89 -20.36
N THR Q 335 54.11 26.60 -20.01
CA THR Q 335 55.20 26.58 -20.98
C THR Q 335 55.02 25.35 -21.86
N LYS Q 336 54.39 25.53 -23.00
CA LYS Q 336 53.98 24.45 -23.88
C LYS Q 336 54.66 24.61 -25.24
N HIS Q 337 54.27 23.76 -26.18
CA HIS Q 337 54.63 23.92 -27.58
C HIS Q 337 53.36 23.91 -28.42
N GLY Q 338 53.33 24.79 -29.42
CA GLY Q 338 52.12 25.09 -30.15
C GLY Q 338 51.63 24.02 -31.09
N GLU Q 339 51.20 22.89 -30.54
CA GLU Q 339 50.51 21.85 -31.30
C GLU Q 339 49.24 21.43 -30.59
N ILE Q 340 48.70 22.31 -29.75
CA ILE Q 340 47.65 21.95 -28.81
C ILE Q 340 46.32 21.98 -29.54
N ASP Q 341 45.81 20.81 -29.91
CA ASP Q 341 44.46 20.72 -30.45
C ASP Q 341 43.49 20.75 -29.27
N TYR Q 342 42.98 21.95 -28.96
CA TYR Q 342 42.10 22.12 -27.81
C TYR Q 342 40.75 21.45 -27.98
N GLU Q 343 40.38 21.04 -29.18
CA GLU Q 343 39.07 20.43 -29.37
C GLU Q 343 39.03 19.02 -28.81
N ALA Q 344 40.09 18.23 -29.04
CA ALA Q 344 40.11 16.84 -28.63
C ALA Q 344 40.04 16.66 -27.12
N ILE Q 345 40.58 17.62 -26.38
CA ILE Q 345 40.41 17.64 -24.93
C ILE Q 345 38.94 17.88 -24.59
N VAL Q 346 38.33 18.84 -25.27
CA VAL Q 346 36.91 19.15 -25.08
C VAL Q 346 36.05 18.02 -25.60
N LYS Q 347 36.55 17.25 -26.56
CA LYS Q 347 35.79 16.14 -27.12
C LYS Q 347 35.58 15.03 -26.11
N LEU Q 348 36.58 14.73 -25.31
CA LEU Q 348 36.42 13.74 -24.26
C LEU Q 348 35.84 14.34 -22.98
N SER Q 349 35.92 15.65 -22.82
CA SER Q 349 35.46 16.29 -21.58
C SER Q 349 33.95 16.29 -21.58
N ASP Q 350 33.36 15.31 -20.91
CA ASP Q 350 31.91 15.19 -20.84
C ASP Q 350 31.48 15.25 -19.39
N GLY Q 351 30.49 16.09 -19.10
CA GLY Q 351 29.97 16.21 -17.75
C GLY Q 351 30.97 16.70 -16.73
N PHE Q 352 32.00 17.42 -17.17
CA PHE Q 352 33.02 17.86 -16.25
C PHE Q 352 32.56 19.10 -15.49
N ASN Q 353 33.39 19.54 -14.57
CA ASN Q 353 33.11 20.75 -13.83
C ASN Q 353 33.94 21.90 -14.37
N GLY Q 354 33.76 23.07 -13.79
CA GLY Q 354 34.77 24.09 -13.98
C GLY Q 354 36.01 23.85 -13.17
N ALA Q 355 35.93 22.97 -12.18
CA ALA Q 355 37.05 22.76 -11.26
C ALA Q 355 38.04 21.75 -11.81
N ASP Q 356 37.56 20.64 -12.37
CA ASP Q 356 38.49 19.62 -12.84
C ASP Q 356 39.18 19.98 -14.14
N LEU Q 357 38.73 21.01 -14.84
CA LEU Q 357 39.52 21.49 -15.96
C LEU Q 357 40.76 22.21 -15.49
N ARG Q 358 40.70 22.85 -14.32
CA ARG Q 358 41.91 23.33 -13.68
C ARG Q 358 42.78 22.16 -13.25
N ASN Q 359 42.16 21.03 -12.91
CA ASN Q 359 42.91 19.84 -12.52
C ASN Q 359 43.67 19.26 -13.72
N VAL Q 360 43.04 19.30 -14.90
CA VAL Q 360 43.69 18.77 -16.11
C VAL Q 360 44.94 19.58 -16.45
N CYS Q 361 44.82 20.91 -16.38
CA CYS Q 361 45.98 21.76 -16.52
C CYS Q 361 46.98 21.56 -15.40
N THR Q 362 46.51 21.24 -14.21
CA THR Q 362 47.42 20.92 -13.11
C THR Q 362 48.10 19.58 -13.35
N GLU Q 363 47.35 18.58 -13.76
CA GLU Q 363 47.93 17.25 -13.81
C GLU Q 363 48.72 17.02 -15.09
N ALA Q 364 48.53 17.84 -16.11
CA ALA Q 364 49.39 17.75 -17.29
C ALA Q 364 50.82 18.13 -16.96
N GLY Q 365 51.01 19.09 -16.06
CA GLY Q 365 52.33 19.36 -15.56
C GLY Q 365 52.87 18.26 -14.67
N MET Q 366 52.00 17.44 -14.09
CA MET Q 366 52.44 16.31 -13.29
C MET Q 366 52.99 15.18 -14.15
N PHE Q 367 52.68 15.15 -15.44
CA PHE Q 367 53.44 14.32 -16.36
C PHE Q 367 54.69 15.03 -16.86
N ALA Q 368 54.67 16.36 -16.86
CA ALA Q 368 55.88 17.10 -17.18
C ALA Q 368 56.86 17.11 -16.03
N ILE Q 369 56.41 16.89 -14.80
CA ILE Q 369 57.33 16.94 -13.68
C ILE Q 369 58.16 15.66 -13.60
N ARG Q 370 57.73 14.59 -14.25
CA ARG Q 370 58.56 13.42 -14.43
C ARG Q 370 59.26 13.53 -15.78
N ALA Q 371 60.45 12.94 -15.85
CA ALA Q 371 61.39 12.99 -17.00
C ALA Q 371 61.87 14.41 -17.33
N ASP Q 372 61.61 15.38 -16.43
CA ASP Q 372 62.25 16.70 -16.39
C ASP Q 372 62.00 17.52 -17.65
N HIS Q 373 60.89 17.28 -18.33
CA HIS Q 373 60.50 18.07 -19.50
C HIS Q 373 59.91 19.36 -18.98
N ASP Q 374 60.68 20.44 -19.03
CA ASP Q 374 60.16 21.73 -18.57
C ASP Q 374 59.12 22.30 -19.51
N PHE Q 375 59.06 21.82 -20.74
CA PHE Q 375 57.96 22.10 -21.64
C PHE Q 375 56.86 21.06 -21.42
N VAL Q 376 55.67 21.37 -21.92
CA VAL Q 376 54.53 20.47 -21.83
C VAL Q 376 54.20 20.01 -23.24
N VAL Q 377 54.35 18.71 -23.48
CA VAL Q 377 53.98 18.18 -24.77
C VAL Q 377 52.46 18.08 -24.85
N GLN Q 378 51.96 18.03 -26.08
CA GLN Q 378 50.52 17.92 -26.28
C GLN Q 378 49.99 16.56 -25.87
N GLU Q 379 50.84 15.54 -25.83
CA GLU Q 379 50.38 14.19 -25.51
C GLU Q 379 49.97 14.06 -24.04
N ASP Q 380 50.56 14.87 -23.16
CA ASP Q 380 50.26 14.78 -21.73
C ASP Q 380 48.84 15.22 -21.40
N PHE Q 381 48.18 15.96 -22.30
CA PHE Q 381 46.81 16.35 -22.04
C PHE Q 381 45.86 15.17 -22.20
N MET Q 382 46.03 14.35 -23.22
CA MET Q 382 45.12 13.21 -23.37
C MET Q 382 45.42 12.13 -22.36
N LYS Q 383 46.65 12.09 -21.83
CA LYS Q 383 46.89 11.32 -20.63
C LYS Q 383 46.14 11.91 -19.44
N ALA Q 384 46.09 13.24 -19.34
CA ALA Q 384 45.47 13.87 -18.19
C ALA Q 384 43.96 13.79 -18.24
N VAL Q 385 43.36 13.69 -19.43
CA VAL Q 385 41.92 13.61 -19.51
C VAL Q 385 41.43 12.24 -19.05
N ARG Q 386 42.03 11.18 -19.56
CA ARG Q 386 41.57 9.83 -19.28
C ARG Q 386 41.80 9.41 -17.83
N LYS Q 387 42.71 10.05 -17.12
CA LYS Q 387 42.87 9.75 -15.70
C LYS Q 387 41.85 10.51 -14.85
N VAL Q 388 41.46 11.71 -15.26
CA VAL Q 388 40.41 12.42 -14.56
C VAL Q 388 39.05 11.81 -14.89
N ALA Q 389 38.94 11.20 -16.07
CA ALA Q 389 37.64 10.76 -16.57
C ALA Q 389 37.09 9.58 -15.77
N ASP Q 390 37.96 8.73 -15.26
CA ASP Q 390 37.51 7.61 -14.45
C ASP Q 390 37.72 7.83 -12.96
N SER Q 391 38.35 8.92 -12.55
CA SER Q 391 38.37 9.24 -11.13
C SER Q 391 37.02 9.72 -10.64
N LYS Q 392 36.18 10.25 -11.52
CA LYS Q 392 34.83 10.64 -11.15
C LYS Q 392 33.81 9.57 -11.49
N LYS Q 393 34.27 8.33 -11.64
CA LYS Q 393 33.35 7.20 -11.73
C LYS Q 393 32.66 6.97 -10.41
N LEU Q 394 33.29 7.34 -9.31
CA LEU Q 394 32.79 7.14 -7.95
C LEU Q 394 31.98 8.32 -7.43
N GLU Q 395 31.47 9.18 -8.30
CA GLU Q 395 30.66 10.29 -7.84
C GLU Q 395 29.22 9.85 -7.64
N SER Q 396 28.40 10.77 -7.14
CA SER Q 396 27.00 10.48 -6.83
C SER Q 396 26.08 10.88 -7.98
N LYS Q 397 26.25 12.10 -8.50
CA LYS Q 397 25.58 12.61 -9.71
C LYS Q 397 24.06 12.64 -9.53
N LEU Q 398 23.65 13.52 -8.63
CA LEU Q 398 22.27 13.95 -8.51
C LEU Q 398 22.28 15.45 -8.69
N ASP Q 399 21.38 15.97 -9.54
CA ASP Q 399 21.56 17.33 -10.03
C ASP Q 399 21.38 18.39 -8.95
N TYR Q 400 20.14 18.82 -8.72
CA TYR Q 400 19.36 18.99 -7.49
C TYR Q 400 18.32 20.02 -7.91
N LYS Q 401 17.20 20.15 -7.23
CA LYS Q 401 16.25 21.17 -7.68
C LYS Q 401 15.63 21.91 -6.50
N PRO Q 402 15.53 23.24 -6.58
CA PRO Q 402 14.77 23.97 -5.58
C PRO Q 402 13.28 23.73 -5.79
N VAL Q 403 12.59 23.42 -4.70
CA VAL Q 403 11.20 23.04 -4.80
C VAL Q 403 10.33 23.96 -3.95
N GLU R 25 96.69 75.90 7.36
CA GLU R 25 97.48 76.31 8.52
C GLU R 25 98.33 77.54 8.19
N GLN R 26 98.13 78.09 6.99
CA GLN R 26 99.01 79.15 6.50
C GLN R 26 98.59 80.52 7.06
N ASP R 27 97.28 80.75 7.18
CA ASP R 27 96.79 82.03 7.67
C ASP R 27 97.05 82.23 9.15
N GLY R 28 97.03 81.16 9.94
CA GLY R 28 97.31 81.28 11.36
C GLY R 28 98.77 81.59 11.65
N ILE R 29 99.65 81.27 10.71
CA ILE R 29 101.02 81.77 10.76
C ILE R 29 101.04 83.27 10.57
N GLY R 30 100.29 83.77 9.57
CA GLY R 30 100.31 85.19 9.26
C GLY R 30 99.56 86.05 10.26
N GLU R 31 98.58 85.47 10.97
CA GLU R 31 97.90 86.22 12.02
C GLU R 31 98.78 86.41 13.25
N GLU R 32 99.84 85.61 13.39
CA GLU R 32 100.88 85.87 14.37
C GLU R 32 102.01 86.73 13.80
N VAL R 33 101.84 87.26 12.60
CA VAL R 33 102.86 88.08 11.95
C VAL R 33 102.42 89.54 11.81
N LEU R 34 101.23 89.76 11.25
CA LEU R 34 100.80 91.10 10.85
C LEU R 34 100.55 92.00 12.06
N LYS R 35 99.83 91.52 13.05
CA LYS R 35 99.50 92.32 14.23
C LYS R 35 99.97 91.57 15.49
N MET R 36 100.97 92.13 16.16
CA MET R 36 101.60 91.48 17.30
C MET R 36 101.11 91.99 18.65
N SER R 37 100.54 93.20 18.69
CA SER R 37 100.02 93.79 19.92
C SER R 37 98.55 94.18 19.77
N THR R 38 97.85 93.59 18.82
CA THR R 38 96.46 93.90 18.54
C THR R 38 95.54 92.71 18.76
N GLU R 39 95.95 91.52 18.36
CA GLU R 39 95.15 90.31 18.62
C GLU R 39 95.91 89.17 19.28
N GLU R 40 97.23 89.26 19.44
CA GLU R 40 97.95 88.12 20.02
C GLU R 40 97.69 88.00 21.52
N ILE R 41 97.51 89.14 22.20
CA ILE R 41 97.06 89.13 23.59
C ILE R 41 95.54 89.19 23.67
N ILE R 42 94.87 89.33 22.52
CA ILE R 42 93.43 89.59 22.49
C ILE R 42 92.67 88.43 21.88
N GLN R 43 92.98 88.05 20.63
CA GLN R 43 92.20 87.01 19.95
C GLN R 43 92.41 85.64 20.60
N ARG R 44 93.64 85.34 21.01
CA ARG R 44 93.92 84.11 21.73
C ARG R 44 93.35 84.10 23.14
N THR R 45 92.85 85.23 23.63
CA THR R 45 92.02 85.23 24.82
C THR R 45 90.53 85.15 24.46
N ARG R 46 90.05 86.04 23.58
CA ARG R 46 88.61 86.30 23.49
C ARG R 46 87.82 85.13 22.89
N LEU R 47 88.41 84.39 21.96
CA LEU R 47 87.72 83.19 21.49
C LEU R 47 88.16 81.94 22.23
N LEU R 48 89.00 82.07 23.26
CA LEU R 48 89.31 80.97 24.15
C LEU R 48 88.82 81.18 25.57
N ASP R 49 88.70 82.43 26.03
CA ASP R 49 88.00 82.69 27.28
C ASP R 49 86.51 82.45 27.10
N SER R 50 85.92 83.02 26.05
CA SER R 50 84.48 82.85 25.81
C SER R 50 84.18 81.44 25.29
N GLU R 51 85.20 80.70 24.87
CA GLU R 51 85.01 79.27 24.66
C GLU R 51 84.97 78.53 26.00
N ILE R 52 85.96 78.76 26.86
CA ILE R 52 86.12 77.93 28.05
C ILE R 52 85.08 78.27 29.12
N LYS R 53 84.50 79.47 29.07
CA LYS R 53 83.40 79.77 29.99
C LYS R 53 82.09 79.15 29.51
N ILE R 54 81.91 79.07 28.19
CA ILE R 54 80.79 78.29 27.64
C ILE R 54 81.03 76.80 27.84
N MET R 55 82.29 76.35 27.69
CA MET R 55 82.61 74.94 27.92
C MET R 55 82.45 74.57 29.39
N LYS R 56 82.76 75.49 30.31
CA LYS R 56 82.56 75.21 31.73
C LYS R 56 81.08 75.18 32.09
N SER R 57 80.28 76.08 31.49
CA SER R 57 78.86 76.14 31.80
C SER R 57 78.11 74.94 31.21
N GLU R 58 78.53 74.46 30.04
CA GLU R 58 77.80 73.42 29.34
C GLU R 58 78.32 72.01 29.63
N VAL R 59 79.45 71.87 30.31
CA VAL R 59 79.90 70.54 30.71
C VAL R 59 79.21 70.09 31.99
N LEU R 60 78.56 71.01 32.71
CA LEU R 60 77.87 70.69 33.95
C LEU R 60 76.36 70.62 33.77
N ARG R 61 75.80 71.42 32.86
CA ARG R 61 74.37 71.34 32.56
C ARG R 61 74.04 70.02 31.88
N VAL R 62 74.91 69.59 30.95
CA VAL R 62 74.69 68.32 30.27
C VAL R 62 74.88 67.14 31.23
N THR R 63 75.91 67.21 32.08
CA THR R 63 76.26 66.07 32.92
C THR R 63 75.29 65.89 34.08
N HIS R 64 74.88 66.99 34.72
CA HIS R 64 73.95 66.89 35.83
C HIS R 64 72.56 66.49 35.35
N GLU R 65 72.19 66.89 34.13
CA GLU R 65 70.98 66.35 33.53
C GLU R 65 71.17 64.91 33.10
N LEU R 66 72.41 64.50 32.79
CA LEU R 66 72.65 63.12 32.36
C LEU R 66 72.42 62.14 33.50
N GLN R 67 72.88 62.49 34.70
CA GLN R 67 72.69 61.61 35.85
C GLN R 67 71.24 61.62 36.32
N ALA R 68 70.53 62.74 36.10
CA ALA R 68 69.14 62.83 36.54
C ALA R 68 68.23 61.97 35.68
N MET R 69 68.38 62.06 34.35
CA MET R 69 67.55 61.28 33.44
C MET R 69 67.91 59.79 33.46
N LYS R 70 69.08 59.43 34.02
CA LYS R 70 69.33 58.04 34.39
C LYS R 70 68.59 57.67 35.66
N ASP R 71 68.60 58.55 36.66
CA ASP R 71 67.97 58.25 37.94
C ASP R 71 66.45 58.31 37.83
N LYS R 72 65.93 59.34 37.17
CA LYS R 72 64.47 59.54 37.14
C LYS R 72 63.81 58.55 36.20
N ILE R 73 64.56 57.93 35.29
CA ILE R 73 63.98 56.85 34.49
C ILE R 73 64.01 55.55 35.28
N LYS R 74 64.88 55.46 36.29
CA LYS R 74 64.88 54.29 37.16
C LYS R 74 63.71 54.37 38.13
N GLU R 75 63.35 55.58 38.55
CA GLU R 75 62.22 55.78 39.44
C GLU R 75 60.90 55.43 38.75
N ASN R 76 60.80 55.75 37.46
CA ASN R 76 59.61 55.37 36.70
C ASN R 76 59.53 53.86 36.52
N SER R 77 60.63 53.22 36.08
CA SER R 77 60.64 51.79 35.81
C SER R 77 60.44 50.98 37.08
N GLU R 78 60.83 51.55 38.23
CA GLU R 78 60.42 50.96 39.51
C GLU R 78 58.92 51.05 39.70
N LYS R 79 58.35 52.24 39.47
CA LYS R 79 56.93 52.47 39.74
C LYS R 79 56.05 51.72 38.76
N ILE R 80 56.54 51.54 37.52
CA ILE R 80 55.81 50.71 36.58
C ILE R 80 55.81 49.26 37.03
N LYS R 81 56.96 48.78 37.51
CA LYS R 81 57.10 47.41 38.02
C LYS R 81 56.17 47.15 39.20
N VAL R 82 55.92 48.18 40.02
CA VAL R 82 55.00 48.01 41.15
C VAL R 82 53.58 47.83 40.66
N ASN R 83 53.17 48.62 39.67
CA ASN R 83 51.80 48.56 39.20
C ASN R 83 51.65 47.71 37.96
N LYS R 84 52.70 47.02 37.55
CA LYS R 84 52.62 45.87 36.66
C LYS R 84 52.79 44.67 37.57
N THR R 85 51.68 44.18 38.09
CA THR R 85 51.67 43.08 39.05
C THR R 85 50.71 42.05 38.47
N LEU R 86 51.05 40.77 38.58
CA LEU R 86 50.46 39.82 37.65
C LEU R 86 49.44 38.93 38.31
N PRO R 87 48.28 39.45 38.65
CA PRO R 87 47.05 38.87 38.12
C PRO R 87 46.57 39.73 36.95
N TYR R 88 46.23 39.13 35.82
CA TYR R 88 45.79 39.90 34.65
C TYR R 88 44.42 39.41 34.20
N LEU R 89 43.42 40.25 34.35
CA LEU R 89 42.09 39.95 33.84
C LEU R 89 42.15 40.10 32.33
N VAL R 90 42.35 39.00 31.61
CA VAL R 90 42.53 39.10 30.17
C VAL R 90 41.20 39.43 29.50
N SER R 91 41.27 40.07 28.35
CA SER R 91 40.07 40.62 27.74
C SER R 91 40.17 40.46 26.25
N ASN R 92 39.31 41.16 25.53
CA ASN R 92 39.30 41.18 24.09
C ASN R 92 39.02 42.59 23.62
N VAL R 93 39.80 43.04 22.64
CA VAL R 93 39.61 44.39 22.11
C VAL R 93 38.41 44.38 21.18
N ILE R 94 37.33 45.03 21.61
CA ILE R 94 36.17 45.15 20.75
C ILE R 94 36.46 46.11 19.61
N GLU R 95 36.81 47.35 19.94
CA GLU R 95 36.89 48.37 18.93
C GLU R 95 37.85 49.45 19.39
N LEU R 96 38.53 50.06 18.42
CA LEU R 96 39.54 51.07 18.67
C LEU R 96 39.09 52.35 17.99
N LEU R 97 38.88 53.41 18.78
CA LEU R 97 38.07 54.55 18.39
C LEU R 97 38.80 55.48 17.45
N ASP R 98 38.21 56.68 17.24
CA ASP R 98 38.87 57.84 16.66
C ASP R 98 38.37 59.17 17.22
N VAL R 99 37.92 59.22 18.48
CA VAL R 99 37.06 60.30 18.96
C VAL R 99 37.75 61.68 18.99
N ASP R 100 36.97 62.71 18.65
CA ASP R 100 37.44 64.08 18.52
C ASP R 100 37.40 64.81 19.87
N PRO R 101 38.18 65.89 20.02
CA PRO R 101 38.03 66.75 21.22
C PRO R 101 36.65 67.40 21.27
N ASN R 102 36.21 67.70 22.49
CA ASN R 102 34.84 68.14 22.74
C ASN R 102 34.67 69.64 22.49
N ASP R 103 33.46 70.16 22.71
CA ASP R 103 33.17 71.59 22.50
C ASP R 103 31.93 71.92 23.32
N GLN R 104 32.06 72.73 24.36
CA GLN R 104 33.28 73.42 24.77
C GLN R 104 33.75 73.01 26.17
N GLU R 105 35.07 72.90 26.33
CA GLU R 105 35.72 72.55 27.59
C GLU R 105 36.24 73.82 28.26
N GLU R 106 36.24 73.80 29.60
CA GLU R 106 36.64 74.96 30.40
C GLU R 106 37.58 74.52 31.51
N ASP R 107 38.35 75.47 32.02
CA ASP R 107 39.19 75.21 33.19
C ASP R 107 38.39 75.43 34.47
N GLY R 108 39.03 75.16 35.59
CA GLY R 108 38.36 75.02 36.85
C GLY R 108 37.85 73.61 37.10
N ALA R 109 37.12 73.05 36.14
CA ALA R 109 36.82 71.62 36.10
C ALA R 109 37.40 71.00 34.84
N ASN R 110 38.58 71.46 34.41
CA ASN R 110 39.26 70.87 33.26
C ASN R 110 39.70 69.46 33.62
N ILE R 111 39.75 68.60 32.61
CA ILE R 111 40.14 67.20 32.73
C ILE R 111 40.93 66.82 31.49
N ASP R 112 42.19 66.40 31.68
CA ASP R 112 43.05 66.04 30.55
C ASP R 112 42.82 64.60 30.13
N LEU R 113 41.85 63.95 30.77
CA LEU R 113 41.66 62.52 30.66
C LEU R 113 40.57 62.17 29.68
N ASP R 114 39.65 63.09 29.40
CA ASP R 114 38.48 62.73 28.60
C ASP R 114 38.68 62.92 27.09
N SER R 115 39.01 64.13 26.66
CA SER R 115 38.83 64.54 25.28
C SER R 115 39.77 65.67 24.90
N GLN R 116 41.04 65.55 25.24
CA GLN R 116 42.00 66.56 24.80
C GLN R 116 42.81 66.09 23.60
N ARG R 117 43.10 64.80 23.53
CA ARG R 117 43.71 64.19 22.36
C ARG R 117 42.67 63.37 21.61
N LYS R 118 43.10 62.79 20.48
CA LYS R 118 42.25 61.88 19.72
C LYS R 118 42.83 60.48 19.65
N GLY R 119 44.09 60.29 20.02
CA GLY R 119 44.70 58.98 19.91
C GLY R 119 45.28 58.45 21.21
N LYS R 120 44.72 57.37 21.76
CA LYS R 120 43.56 56.68 21.21
C LYS R 120 42.66 56.16 22.34
N CYS R 121 41.35 56.11 22.09
CA CYS R 121 40.43 55.43 22.97
C CYS R 121 40.11 54.04 22.42
N ALA R 122 39.62 53.17 23.30
CA ALA R 122 39.28 51.81 22.89
C ALA R 122 38.21 51.24 23.80
N VAL R 123 37.61 50.14 23.35
CA VAL R 123 36.55 49.44 24.06
C VAL R 123 36.97 47.99 24.19
N ILE R 124 36.94 47.47 25.41
CA ILE R 124 37.36 46.09 25.64
C ILE R 124 36.19 45.29 26.20
N LYS R 125 36.34 43.97 26.18
CA LYS R 125 35.40 43.06 26.81
C LYS R 125 36.19 42.01 27.59
N THR R 126 36.04 42.02 28.90
CA THR R 126 36.76 41.06 29.73
C THR R 126 36.15 39.68 29.59
N SER R 127 36.88 38.69 30.06
CA SER R 127 36.35 37.33 30.07
C SER R 127 35.51 37.04 31.30
N THR R 128 35.19 38.05 32.09
CA THR R 128 34.07 38.01 33.01
C THR R 128 32.81 38.58 32.40
N ARG R 129 32.74 38.65 31.07
CA ARG R 129 31.61 39.17 30.29
C ARG R 129 31.31 40.62 30.64
N GLN R 130 32.36 41.40 30.85
CA GLN R 130 32.23 42.81 31.21
C GLN R 130 32.88 43.67 30.16
N THR R 131 32.15 44.67 29.68
CA THR R 131 32.67 45.65 28.76
C THR R 131 33.08 46.91 29.51
N TYR R 132 34.16 47.53 29.04
CA TYR R 132 34.66 48.77 29.62
C TYR R 132 35.13 49.69 28.52
N PHE R 133 34.92 50.98 28.73
CA PHE R 133 35.52 52.01 27.92
C PHE R 133 36.82 52.44 28.58
N LEU R 134 37.80 52.79 27.76
CA LEU R 134 39.01 53.34 28.28
C LEU R 134 39.44 54.51 27.40
N PRO R 135 39.71 55.67 28.00
CA PRO R 135 40.26 56.78 27.22
C PRO R 135 41.76 56.66 27.03
N VAL R 136 42.46 56.13 28.03
CA VAL R 136 43.89 55.90 27.98
C VAL R 136 44.13 54.43 27.75
N ILE R 137 44.96 54.12 26.76
CA ILE R 137 45.25 52.72 26.46
C ILE R 137 46.14 52.12 27.53
N GLY R 138 47.33 52.67 27.71
CA GLY R 138 48.25 52.15 28.71
C GLY R 138 49.65 51.90 28.19
N LEU R 139 50.27 50.81 28.66
CA LEU R 139 51.66 50.56 28.35
C LEU R 139 51.87 50.12 26.91
N VAL R 140 50.85 49.57 26.29
CA VAL R 140 50.88 49.20 24.88
C VAL R 140 50.33 50.38 24.08
N ASP R 141 50.92 50.64 22.92
CA ASP R 141 50.50 51.73 22.06
C ASP R 141 49.26 51.35 21.26
N ALA R 142 48.92 52.16 20.25
CA ALA R 142 47.73 51.96 19.46
C ALA R 142 48.00 51.36 18.09
N GLU R 143 49.25 51.39 17.62
CA GLU R 143 49.55 50.95 16.26
C GLU R 143 49.42 49.44 16.11
N LYS R 144 49.98 48.68 17.05
CA LYS R 144 49.97 47.24 16.93
C LYS R 144 48.71 46.59 17.47
N LEU R 145 47.66 47.35 17.76
CA LEU R 145 46.39 46.79 18.18
C LEU R 145 45.38 46.84 17.05
N LYS R 146 44.44 45.90 17.10
CA LYS R 146 43.41 45.76 16.08
C LYS R 146 42.25 44.99 16.70
N PRO R 147 41.03 45.17 16.19
CA PRO R 147 39.88 44.49 16.78
C PRO R 147 39.96 42.97 16.64
N GLY R 148 39.80 42.29 17.76
CA GLY R 148 39.92 40.86 17.82
C GLY R 148 41.10 40.34 18.60
N ASP R 149 41.98 41.21 19.09
CA ASP R 149 43.13 40.77 19.86
C ASP R 149 42.72 40.50 21.30
N LEU R 150 43.61 39.86 22.03
CA LEU R 150 43.37 39.55 23.44
C LEU R 150 44.59 39.94 24.25
N VAL R 151 44.39 40.81 25.24
CA VAL R 151 45.46 41.47 25.96
C VAL R 151 45.25 41.29 27.45
N GLY R 152 46.29 41.60 28.22
CA GLY R 152 46.26 41.48 29.65
C GLY R 152 45.99 42.83 30.26
N VAL R 153 45.03 42.88 31.19
CA VAL R 153 44.51 44.12 31.73
C VAL R 153 44.68 44.09 33.25
N ASN R 154 44.88 45.26 33.85
CA ASN R 154 44.82 45.41 35.30
C ASN R 154 43.43 45.04 35.81
N LYS R 155 43.37 44.55 37.04
CA LYS R 155 42.10 44.21 37.66
C LYS R 155 41.28 45.46 37.97
N ASP R 156 41.84 46.38 38.74
CA ASP R 156 41.08 47.48 39.30
C ASP R 156 40.93 48.64 38.31
N SER R 157 42.05 49.09 37.75
CA SER R 157 42.05 50.24 36.85
C SER R 157 41.37 49.96 35.53
N TYR R 158 41.28 48.69 35.13
CA TYR R 158 40.92 48.25 33.78
C TYR R 158 41.78 48.97 32.74
N LEU R 159 43.08 48.76 32.86
CA LEU R 159 44.09 49.39 32.02
C LEU R 159 44.93 48.27 31.44
N ILE R 160 45.09 48.26 30.12
CA ILE R 160 45.74 47.10 29.50
C ILE R 160 47.25 47.24 29.66
N LEU R 161 47.91 46.09 29.81
CA LEU R 161 49.32 46.06 30.19
C LEU R 161 50.18 45.34 29.18
N GLU R 162 49.77 44.14 28.74
CA GLU R 162 50.60 43.35 27.84
C GLU R 162 49.81 42.98 26.60
N THR R 163 50.36 42.09 25.77
CA THR R 163 49.68 41.64 24.55
C THR R 163 49.90 40.14 24.41
N LEU R 164 48.86 39.37 24.67
CA LEU R 164 49.03 37.92 24.76
C LEU R 164 48.98 37.30 23.37
N PRO R 165 49.88 36.34 23.09
CA PRO R 165 50.13 35.94 21.70
C PRO R 165 49.01 35.21 20.96
N THR R 166 48.61 34.04 21.43
CA THR R 166 47.86 33.13 20.57
C THR R 166 46.64 32.60 21.30
N GLU R 167 45.76 31.95 20.54
CA GLU R 167 44.49 31.43 21.04
C GLU R 167 44.22 30.06 20.41
N TYR R 168 44.69 29.02 21.08
CA TYR R 168 44.64 27.66 20.55
C TYR R 168 43.97 26.76 21.57
N ASP R 169 43.04 25.93 21.12
CA ASP R 169 42.41 24.98 22.02
C ASP R 169 43.38 23.88 22.39
N SER R 170 43.27 23.41 23.64
CA SER R 170 44.19 22.41 24.17
C SER R 170 44.07 21.08 23.46
N ARG R 171 42.91 20.78 22.89
CA ARG R 171 42.76 19.56 22.12
C ARG R 171 43.55 19.60 20.82
N VAL R 172 43.80 20.79 20.28
CA VAL R 172 44.63 20.90 19.09
C VAL R 172 46.08 20.65 19.45
N LYS R 173 46.48 21.01 20.66
CA LYS R 173 47.83 20.71 21.11
C LYS R 173 48.06 19.21 21.28
N ALA R 174 47.00 18.46 21.58
CA ALA R 174 47.11 17.01 21.63
C ALA R 174 47.14 16.38 20.24
N MET R 175 46.80 17.15 19.21
CA MET R 175 46.82 16.62 17.85
C MET R 175 48.21 16.60 17.24
N GLU R 176 49.14 17.34 17.84
CA GLU R 176 50.47 17.50 17.28
C GLU R 176 51.34 16.32 17.69
N VAL R 177 52.08 15.78 16.74
CA VAL R 177 53.02 14.72 17.05
C VAL R 177 54.33 15.35 17.51
N ASP R 178 55.01 14.65 18.41
CA ASP R 178 56.35 15.01 18.86
C ASP R 178 57.17 13.76 19.09
N GLU R 179 56.88 12.71 18.32
CA GLU R 179 57.39 11.40 18.66
C GLU R 179 58.12 10.79 17.47
N ARG R 180 57.78 11.26 16.25
CA ARG R 180 58.37 10.86 14.97
C ARG R 180 58.29 9.35 14.78
N PRO R 181 57.13 8.80 14.44
CA PRO R 181 57.00 7.34 14.39
C PRO R 181 57.78 6.73 13.24
N THR R 182 58.90 6.08 13.55
CA THR R 182 59.88 5.68 12.55
C THR R 182 59.41 4.45 11.78
N GLU R 183 59.09 4.65 10.49
CA GLU R 183 58.82 3.58 9.55
C GLU R 183 59.48 3.98 8.24
N GLN R 184 59.90 3.00 7.46
CA GLN R 184 60.71 3.25 6.28
C GLN R 184 60.12 2.49 5.09
N TYR R 185 60.36 3.01 3.88
CA TYR R 185 59.63 2.57 2.69
C TYR R 185 59.91 1.13 2.31
N SER R 186 60.98 0.52 2.82
CA SER R 186 61.18 -0.90 2.57
C SER R 186 60.18 -1.76 3.31
N ASP R 187 59.57 -1.26 4.36
CA ASP R 187 58.60 -2.03 5.13
C ASP R 187 57.24 -2.10 4.46
N ILE R 188 57.04 -1.41 3.36
CA ILE R 188 55.77 -1.37 2.66
C ILE R 188 56.00 -2.01 1.30
N GLY R 189 55.73 -3.30 1.21
CA GLY R 189 55.87 -4.03 -0.05
C GLY R 189 54.61 -3.96 -0.87
N GLY R 190 54.77 -3.97 -2.19
CA GLY R 190 53.66 -4.12 -3.10
C GLY R 190 52.81 -2.89 -3.30
N LEU R 191 53.35 -1.69 -3.10
CA LEU R 191 52.57 -0.49 -3.36
C LEU R 191 53.37 0.59 -4.08
N ASP R 192 54.36 0.21 -4.89
CA ASP R 192 55.34 1.18 -5.36
C ASP R 192 54.78 2.15 -6.39
N LYS R 193 53.62 1.86 -6.97
CA LYS R 193 52.92 2.87 -7.74
C LYS R 193 52.32 3.94 -6.84
N GLN R 194 51.60 3.50 -5.82
CA GLN R 194 50.93 4.45 -4.93
C GLN R 194 51.89 5.19 -4.03
N ILE R 195 53.05 4.60 -3.73
CA ILE R 195 54.04 5.26 -2.86
C ILE R 195 54.60 6.48 -3.57
N GLN R 196 54.89 6.36 -4.87
CA GLN R 196 55.48 7.45 -5.63
C GLN R 196 54.52 8.63 -5.73
N GLU R 197 53.35 8.40 -6.31
CA GLU R 197 52.40 9.47 -6.56
C GLU R 197 51.80 10.05 -5.29
N LEU R 198 51.98 9.42 -4.14
CA LEU R 198 51.67 10.08 -2.89
C LEU R 198 52.79 11.02 -2.48
N VAL R 199 54.04 10.59 -2.64
CA VAL R 199 55.17 11.40 -2.19
C VAL R 199 55.37 12.60 -3.10
N GLU R 200 55.37 12.38 -4.42
CA GLU R 200 55.65 13.47 -5.34
C GLU R 200 54.53 14.49 -5.41
N ALA R 201 53.33 14.12 -5.00
CA ALA R 201 52.25 15.09 -4.91
C ALA R 201 52.24 15.85 -3.59
N ILE R 202 53.15 15.53 -2.67
CA ILE R 202 53.19 16.20 -1.37
C ILE R 202 54.57 16.76 -1.11
N VAL R 203 55.60 15.93 -1.27
CA VAL R 203 56.93 16.33 -0.85
C VAL R 203 57.56 17.28 -1.87
N LEU R 204 57.27 17.07 -3.16
CA LEU R 204 57.81 17.98 -4.18
C LEU R 204 57.33 19.42 -4.08
N PRO R 205 56.09 19.75 -3.70
CA PRO R 205 55.80 21.15 -3.37
C PRO R 205 56.38 21.63 -2.05
N MET R 206 57.15 20.82 -1.33
CA MET R 206 57.74 21.28 -0.09
C MET R 206 59.25 21.37 -0.14
N ASN R 207 59.88 20.85 -1.19
CA ASN R 207 61.32 20.95 -1.34
C ASN R 207 61.75 21.46 -2.69
N HIS R 208 60.87 21.42 -3.69
CA HIS R 208 61.14 22.04 -4.99
C HIS R 208 59.93 22.88 -5.33
N LYS R 209 59.91 24.10 -4.77
CA LYS R 209 58.78 24.99 -4.99
C LYS R 209 58.92 25.71 -6.31
N GLU R 210 60.15 26.08 -6.64
CA GLU R 210 60.46 26.74 -7.91
C GLU R 210 60.31 25.81 -9.09
N LYS R 211 60.38 24.50 -8.87
CA LYS R 211 60.31 23.53 -9.95
C LYS R 211 58.91 23.49 -10.55
N PHE R 212 57.89 23.64 -9.72
CA PHE R 212 56.54 23.86 -10.25
C PHE R 212 56.42 25.25 -10.86
N GLU R 213 57.01 26.25 -10.20
CA GLU R 213 56.94 27.63 -10.66
C GLU R 213 57.81 27.88 -11.90
N ASN R 214 58.78 27.02 -12.19
CA ASN R 214 59.57 27.15 -13.40
C ASN R 214 58.67 26.99 -14.62
N LEU R 215 57.90 25.91 -14.65
CA LEU R 215 56.86 25.78 -15.66
C LEU R 215 55.71 26.73 -15.34
N GLY R 216 55.16 26.62 -14.15
CA GLY R 216 54.09 27.49 -13.71
C GLY R 216 52.75 26.80 -13.78
N ILE R 217 52.33 26.22 -12.66
CA ILE R 217 51.01 25.63 -12.45
C ILE R 217 50.69 25.76 -10.98
N GLN R 218 49.42 25.59 -10.62
CA GLN R 218 49.29 25.43 -9.19
C GLN R 218 49.49 23.97 -8.83
N PRO R 219 50.18 23.69 -7.71
CA PRO R 219 50.43 22.30 -7.35
C PRO R 219 49.15 21.62 -6.89
N PRO R 220 49.09 20.29 -6.94
CA PRO R 220 47.86 19.59 -6.55
C PRO R 220 47.62 19.70 -5.06
N LYS R 221 46.34 19.72 -4.69
CA LYS R 221 45.94 19.99 -3.32
C LYS R 221 44.92 18.97 -2.87
N GLY R 222 45.29 18.15 -1.88
CA GLY R 222 44.36 17.22 -1.28
C GLY R 222 44.41 15.84 -1.91
N VAL R 223 44.84 14.84 -1.16
CA VAL R 223 44.88 13.47 -1.67
C VAL R 223 43.91 12.62 -0.87
N LEU R 224 43.44 11.55 -1.51
CA LEU R 224 42.49 10.64 -0.91
C LEU R 224 42.87 9.22 -1.23
N MET R 225 43.02 8.39 -0.21
CA MET R 225 43.27 6.98 -0.38
C MET R 225 42.08 6.19 0.12
N TYR R 226 41.75 5.11 -0.58
CA TYR R 226 40.60 4.31 -0.20
C TYR R 226 40.83 2.87 -0.62
N GLY R 227 39.94 1.99 -0.15
CA GLY R 227 39.98 0.59 -0.49
C GLY R 227 39.51 -0.31 0.62
N PRO R 228 39.84 -1.61 0.50
CA PRO R 228 39.50 -2.56 1.56
C PRO R 228 40.29 -2.25 2.82
N PRO R 229 39.78 -2.64 4.00
CA PRO R 229 40.33 -2.10 5.26
C PRO R 229 41.70 -2.61 5.66
N GLY R 230 42.23 -3.65 5.03
CA GLY R 230 43.50 -4.16 5.48
C GLY R 230 44.64 -3.99 4.51
N THR R 231 44.51 -3.06 3.57
CA THR R 231 45.47 -2.94 2.49
C THR R 231 46.64 -2.04 2.86
N GLY R 232 46.53 -1.27 3.92
CA GLY R 232 47.62 -0.42 4.36
C GLY R 232 47.37 0.99 3.90
N LYS R 233 46.79 1.80 4.77
CA LYS R 233 46.53 3.21 4.50
C LYS R 233 47.21 4.07 5.53
N THR R 234 47.04 3.72 6.81
CA THR R 234 47.78 4.33 7.90
C THR R 234 49.27 4.09 7.75
N LEU R 235 49.65 2.96 7.15
CA LEU R 235 51.05 2.58 7.03
C LEU R 235 51.82 3.54 6.13
N LEU R 236 51.17 4.11 5.11
CA LEU R 236 51.83 5.18 4.36
C LEU R 236 51.88 6.45 5.17
N ALA R 237 50.83 6.74 5.93
CA ALA R 237 50.81 7.98 6.69
C ALA R 237 51.80 7.95 7.84
N ARG R 238 51.99 6.80 8.47
CA ARG R 238 53.06 6.70 9.45
C ARG R 238 54.43 6.68 8.81
N ALA R 239 54.51 6.31 7.53
CA ALA R 239 55.79 6.37 6.84
C ALA R 239 56.20 7.80 6.58
N CYS R 240 55.27 8.62 6.07
CA CYS R 240 55.57 10.00 5.76
C CYS R 240 55.84 10.84 7.01
N ALA R 241 55.32 10.43 8.16
CA ALA R 241 55.63 11.14 9.39
C ALA R 241 57.08 10.95 9.82
N ALA R 242 57.72 9.87 9.36
CA ALA R 242 59.11 9.63 9.68
C ALA R 242 60.08 10.21 8.66
N GLN R 243 59.62 10.48 7.44
CA GLN R 243 60.53 10.86 6.37
C GLN R 243 60.71 12.37 6.29
N THR R 244 59.63 13.11 6.07
CA THR R 244 59.76 14.56 5.98
C THR R 244 59.85 15.15 7.37
N LYS R 245 60.65 16.20 7.50
CA LYS R 245 60.79 16.93 8.76
C LYS R 245 59.92 18.18 8.77
N ALA R 246 58.63 18.00 8.58
CA ALA R 246 57.66 19.07 8.56
C ALA R 246 56.77 18.98 9.80
N THR R 247 55.80 19.88 9.87
CA THR R 247 54.87 19.87 11.00
C THR R 247 53.73 18.92 10.65
N PHE R 248 53.87 17.68 11.11
CA PHE R 248 52.83 16.68 10.88
C PHE R 248 51.72 16.87 11.88
N LEU R 249 50.48 16.80 11.41
CA LEU R 249 49.34 17.03 12.28
C LEU R 249 48.27 16.02 11.93
N LYS R 250 47.79 15.27 12.93
CA LYS R 250 46.90 14.15 12.69
C LYS R 250 45.54 14.40 13.32
N LEU R 251 44.54 13.73 12.77
CA LEU R 251 43.16 13.87 13.22
C LEU R 251 42.47 12.52 13.22
N ALA R 252 41.61 12.32 14.20
CA ALA R 252 40.61 11.29 14.12
C ALA R 252 39.35 11.85 13.49
N GLY R 253 38.59 10.97 12.86
CA GLY R 253 37.31 11.31 12.27
C GLY R 253 36.31 11.85 13.26
N PRO R 254 35.83 11.02 14.20
CA PRO R 254 34.83 11.49 15.17
C PRO R 254 35.36 12.42 16.24
N GLN R 255 36.59 12.90 16.14
CA GLN R 255 37.08 13.89 17.07
C GLN R 255 36.44 15.24 16.85
N LEU R 256 35.99 15.50 15.63
CA LEU R 256 35.35 16.76 15.28
C LEU R 256 33.85 16.67 15.45
N VAL R 257 33.40 16.16 16.59
CA VAL R 257 31.98 16.02 16.91
C VAL R 257 31.84 16.45 18.35
N GLN R 258 31.02 17.47 18.60
CA GLN R 258 30.89 18.00 19.94
C GLN R 258 29.44 18.09 20.36
N MET R 259 29.23 18.02 21.67
CA MET R 259 27.89 18.09 22.24
C MET R 259 27.30 19.48 22.07
N PHE R 260 28.05 20.51 22.43
CA PHE R 260 27.58 21.87 22.21
C PHE R 260 27.68 22.23 20.74
N ILE R 261 26.90 23.20 20.34
CA ILE R 261 26.89 23.59 18.94
C ILE R 261 28.09 24.46 18.63
N GLY R 262 28.57 24.36 17.40
CA GLY R 262 29.64 25.20 16.92
C GLY R 262 31.01 24.94 17.50
N ASP R 263 31.17 23.91 18.34
CA ASP R 263 32.49 23.65 18.88
C ASP R 263 33.32 22.77 17.96
N GLY R 264 32.69 21.81 17.30
CA GLY R 264 33.39 21.07 16.27
C GLY R 264 33.71 21.93 15.08
N ALA R 265 32.90 22.95 14.82
CA ALA R 265 33.20 23.89 13.76
C ALA R 265 34.37 24.78 14.14
N LYS R 266 34.39 25.25 15.39
CA LYS R 266 35.50 26.03 15.91
C LYS R 266 36.78 25.22 15.94
N LEU R 267 36.67 23.92 16.18
CA LEU R 267 37.84 23.07 16.29
C LEU R 267 38.49 22.82 14.94
N VAL R 268 37.75 22.98 13.84
CA VAL R 268 38.35 22.83 12.53
C VAL R 268 39.21 24.04 12.19
N ARG R 269 38.64 25.25 12.35
CA ARG R 269 39.37 26.46 12.00
C ARG R 269 40.53 26.72 12.95
N ASP R 270 40.53 26.12 14.14
CA ASP R 270 41.68 26.25 15.02
C ASP R 270 42.81 25.38 14.53
N ALA R 271 42.48 24.22 13.95
CA ALA R 271 43.52 23.33 13.47
C ALA R 271 44.19 23.86 12.21
N PHE R 272 43.41 24.40 11.28
CA PHE R 272 44.03 24.93 10.08
C PHE R 272 44.73 26.25 10.32
N ALA R 273 44.33 27.00 11.35
CA ALA R 273 45.10 28.18 11.71
C ALA R 273 46.41 27.81 12.37
N LEU R 274 46.46 26.67 13.07
CA LEU R 274 47.70 26.20 13.63
C LEU R 274 48.65 25.72 12.56
N ALA R 275 48.14 24.99 11.57
CA ALA R 275 48.97 24.60 10.44
C ALA R 275 49.25 25.75 9.49
N LYS R 276 48.46 26.83 9.58
CA LYS R 276 48.82 28.05 8.89
C LYS R 276 50.06 28.68 9.49
N GLU R 277 50.20 28.58 10.82
CA GLU R 277 51.31 29.20 11.52
C GLU R 277 52.61 28.48 11.22
N LYS R 278 52.67 27.18 11.49
CA LYS R 278 53.79 26.38 11.02
C LYS R 278 53.62 26.18 9.52
N ALA R 279 54.18 27.07 8.71
CA ALA R 279 53.80 27.14 7.30
C ALA R 279 54.22 25.94 6.45
N PRO R 280 55.36 25.26 6.66
CA PRO R 280 55.48 23.91 6.10
C PRO R 280 54.79 22.91 7.01
N SER R 281 53.64 22.41 6.59
CA SER R 281 52.88 21.47 7.40
C SER R 281 51.91 20.72 6.50
N ILE R 282 51.66 19.47 6.85
CA ILE R 282 50.63 18.67 6.19
C ILE R 282 49.71 18.12 7.26
N ILE R 283 48.43 17.99 6.92
CA ILE R 283 47.39 17.61 7.86
C ILE R 283 46.83 16.26 7.42
N PHE R 284 46.57 15.38 8.39
CA PHE R 284 46.05 14.04 8.10
C PHE R 284 44.70 13.87 8.76
N ILE R 285 43.76 13.31 8.01
CA ILE R 285 42.43 13.01 8.52
C ILE R 285 42.17 11.52 8.33
N ASP R 286 42.01 10.81 9.42
CA ASP R 286 41.68 9.39 9.40
C ASP R 286 40.19 9.23 9.63
N GLU R 287 39.61 8.23 8.97
CA GLU R 287 38.20 7.86 9.08
C GLU R 287 37.28 9.04 8.76
N LEU R 288 37.37 9.48 7.52
CA LEU R 288 36.66 10.68 7.11
C LEU R 288 35.16 10.46 6.95
N ASP R 289 34.72 9.21 6.81
CA ASP R 289 33.29 8.92 6.74
C ASP R 289 32.55 9.12 8.06
N ALA R 290 33.24 9.45 9.16
CA ALA R 290 32.55 9.81 10.39
C ALA R 290 31.81 11.13 10.23
N ILE R 291 32.49 12.14 9.69
CA ILE R 291 31.84 13.44 9.51
C ILE R 291 31.40 13.68 8.07
N GLY R 292 32.05 13.07 7.09
CA GLY R 292 31.74 13.38 5.71
C GLY R 292 30.61 12.57 5.12
N THR R 293 29.64 12.19 5.94
CA THR R 293 28.51 11.41 5.47
C THR R 293 27.61 12.31 4.64
N LYS R 294 26.98 11.72 3.63
CA LYS R 294 26.20 12.46 2.64
C LYS R 294 25.00 13.15 3.27
N ARG R 295 24.75 14.38 2.86
CA ARG R 295 23.63 15.15 3.36
C ARG R 295 22.32 14.58 2.81
N PHE R 296 21.23 14.85 3.52
CA PHE R 296 19.95 14.30 3.15
C PHE R 296 18.83 15.24 3.59
N ASP R 297 17.75 15.25 2.84
CA ASP R 297 16.58 16.06 3.15
C ASP R 297 15.55 15.19 3.86
N SER R 298 15.10 15.65 5.02
CA SER R 298 14.07 14.96 5.78
C SER R 298 13.47 15.94 6.77
N GLU R 299 12.18 15.76 7.04
CA GLU R 299 11.54 16.50 8.10
C GLU R 299 11.44 15.63 9.34
N LYS R 300 10.96 16.26 10.43
CA LYS R 300 10.57 15.68 11.71
C LYS R 300 11.75 15.20 12.56
N ALA R 301 12.93 15.07 11.96
CA ALA R 301 14.06 14.38 12.60
C ALA R 301 15.29 14.45 11.72
N GLY R 302 16.44 14.05 12.25
CA GLY R 302 17.66 13.98 11.48
C GLY R 302 18.74 14.82 12.12
N ASP R 303 20.00 14.40 12.00
CA ASP R 303 21.07 15.19 12.57
C ASP R 303 21.44 16.33 11.66
N ARG R 304 21.86 17.43 12.27
CA ARG R 304 22.20 18.59 11.48
C ARG R 304 23.56 19.11 11.89
N GLU R 305 23.89 18.96 13.18
CA GLU R 305 25.08 19.57 13.75
C GLU R 305 26.36 18.97 13.16
N VAL R 306 26.28 17.75 12.64
CA VAL R 306 27.44 17.13 12.04
C VAL R 306 27.77 17.79 10.71
N GLN R 307 26.76 18.20 9.95
CA GLN R 307 26.99 18.84 8.67
C GLN R 307 27.66 20.20 8.80
N ARG R 308 27.44 20.90 9.90
CA ARG R 308 28.05 22.21 10.09
C ARG R 308 29.57 22.07 10.20
N THR R 309 30.03 21.03 10.89
CA THR R 309 31.45 20.77 10.95
C THR R 309 31.98 20.31 9.61
N MET R 310 31.14 19.65 8.81
CA MET R 310 31.56 19.30 7.46
C MET R 310 31.61 20.52 6.57
N LEU R 311 30.56 21.35 6.61
CA LEU R 311 30.46 22.48 5.69
C LEU R 311 31.48 23.57 5.97
N GLU R 312 32.03 23.65 7.19
CA GLU R 312 33.19 24.51 7.37
C GLU R 312 34.46 23.84 6.89
N LEU R 313 34.57 22.52 7.06
CA LEU R 313 35.72 21.78 6.54
C LEU R 313 35.79 21.86 5.01
N LEU R 314 34.64 21.98 4.35
CA LEU R 314 34.66 22.30 2.93
C LEU R 314 35.23 23.70 2.70
N ASN R 315 34.76 24.67 3.46
CA ASN R 315 35.12 26.05 3.21
C ASN R 315 36.53 26.36 3.70
N GLN R 316 36.86 25.95 4.93
CA GLN R 316 38.15 26.26 5.51
C GLN R 316 39.28 25.55 4.79
N LEU R 317 39.00 24.42 4.15
CA LEU R 317 39.93 23.89 3.16
C LEU R 317 39.98 24.77 1.93
N ASP R 318 38.85 24.89 1.23
CA ASP R 318 38.86 25.40 -0.12
C ASP R 318 37.69 26.36 -0.34
N GLY R 319 37.95 27.43 -1.08
CA GLY R 319 36.90 28.38 -1.39
C GLY R 319 37.38 29.81 -1.30
N PHE R 320 36.67 30.60 -0.50
CA PHE R 320 37.07 31.98 -0.29
C PHE R 320 38.34 32.04 0.54
N GLN R 321 39.27 32.92 0.15
CA GLN R 321 40.63 33.04 0.67
C GLN R 321 41.38 31.71 0.65
N PRO R 322 41.80 31.21 -0.51
CA PRO R 322 42.55 29.96 -0.54
C PRO R 322 44.02 30.19 -0.26
N ASN R 323 44.72 29.10 0.02
CA ASN R 323 46.14 29.17 0.32
C ASN R 323 46.83 27.94 -0.25
N THR R 324 48.13 28.08 -0.50
CA THR R 324 48.99 26.93 -0.80
C THR R 324 50.07 26.93 0.24
N GLN R 325 49.74 26.42 1.42
CA GLN R 325 50.71 26.18 2.48
C GLN R 325 50.54 24.84 3.16
N VAL R 326 49.35 24.26 3.15
CA VAL R 326 49.05 23.04 3.88
C VAL R 326 48.53 22.00 2.90
N LYS R 327 48.82 20.74 3.19
CA LYS R 327 48.41 19.65 2.32
C LYS R 327 47.61 18.65 3.13
N VAL R 328 46.53 18.16 2.54
CA VAL R 328 45.58 17.31 3.23
C VAL R 328 45.77 15.88 2.75
N ILE R 329 45.88 14.95 3.69
CA ILE R 329 45.90 13.53 3.39
C ILE R 329 44.69 12.93 4.09
N ALA R 330 43.79 12.36 3.31
CA ALA R 330 42.57 11.79 3.86
C ALA R 330 42.54 10.30 3.58
N ALA R 331 41.94 9.55 4.50
CA ALA R 331 41.90 8.10 4.39
C ALA R 331 40.58 7.58 4.89
N THR R 332 39.86 6.85 4.03
CA THR R 332 38.69 6.09 4.44
C THR R 332 38.76 4.73 3.78
N ASN R 333 37.82 3.87 4.15
CA ASN R 333 37.71 2.56 3.52
C ASN R 333 36.38 2.33 2.84
N ARG R 334 35.45 3.28 2.89
CA ARG R 334 34.23 3.23 2.11
C ARG R 334 33.98 4.61 1.51
N VAL R 335 33.53 4.63 0.27
CA VAL R 335 33.52 5.85 -0.54
C VAL R 335 32.11 6.31 -0.83
N ASP R 336 31.23 5.37 -1.18
CA ASP R 336 29.84 5.64 -1.53
C ASP R 336 29.04 6.33 -0.43
N ILE R 337 29.49 6.25 0.83
CA ILE R 337 28.88 7.00 1.90
C ILE R 337 29.11 8.50 1.76
N LEU R 338 30.21 8.91 1.16
CA LEU R 338 30.67 10.28 1.28
C LEU R 338 29.84 11.24 0.45
N ASP R 339 29.83 12.49 0.90
CA ASP R 339 29.17 13.59 0.22
C ASP R 339 29.97 13.92 -1.04
N PRO R 340 29.33 14.02 -2.21
CA PRO R 340 30.04 14.47 -3.41
C PRO R 340 30.52 15.91 -3.36
N ALA R 341 30.08 16.71 -2.39
CA ALA R 341 30.61 18.05 -2.25
C ALA R 341 32.05 18.07 -1.79
N LEU R 342 32.51 17.02 -1.12
CA LEU R 342 33.91 16.95 -0.70
C LEU R 342 34.76 16.08 -1.62
N LEU R 343 34.23 15.65 -2.74
CA LEU R 343 34.98 14.87 -3.69
C LEU R 343 35.02 15.56 -5.03
N ARG R 344 35.25 16.87 -5.03
CA ARG R 344 34.87 17.62 -6.23
C ARG R 344 35.94 17.53 -7.31
N SER R 345 36.95 18.39 -7.27
CA SER R 345 38.28 18.06 -7.76
C SER R 345 39.28 18.90 -6.98
N GLY R 346 38.81 20.04 -6.48
CA GLY R 346 39.71 21.01 -5.90
C GLY R 346 39.94 20.76 -4.44
N ARG R 347 38.96 20.15 -3.78
CA ARG R 347 39.09 19.90 -2.35
C ARG R 347 39.94 18.66 -2.09
N LEU R 348 39.59 17.55 -2.71
CA LEU R 348 40.41 16.34 -2.65
C LEU R 348 40.78 15.98 -4.10
N ASP R 349 42.04 16.22 -4.46
CA ASP R 349 42.42 16.16 -5.86
C ASP R 349 42.68 14.73 -6.33
N ARG R 350 43.71 14.11 -5.80
CA ARG R 350 44.20 12.84 -6.34
C ARG R 350 43.61 11.72 -5.50
N LYS R 351 42.64 11.02 -6.07
CA LYS R 351 41.94 9.95 -5.40
C LYS R 351 42.57 8.64 -5.86
N ILE R 352 43.46 8.09 -5.06
CA ILE R 352 44.13 6.84 -5.36
C ILE R 352 43.45 5.73 -4.58
N GLU R 353 43.49 4.53 -5.12
CA GLU R 353 42.91 3.37 -4.45
C GLU R 353 44.00 2.38 -4.11
N PHE R 354 43.72 1.54 -3.12
CA PHE R 354 44.67 0.53 -2.67
C PHE R 354 44.07 -0.84 -2.93
N PRO R 355 44.51 -1.55 -3.96
CA PRO R 355 43.94 -2.87 -4.25
C PRO R 355 44.51 -3.89 -3.28
N MET R 356 43.85 -5.02 -3.21
CA MET R 356 44.36 -6.11 -2.42
C MET R 356 45.60 -6.69 -3.11
N PRO R 357 46.57 -7.18 -2.34
CA PRO R 357 47.83 -7.65 -2.94
C PRO R 357 47.61 -8.87 -3.83
N ASN R 358 48.20 -8.84 -5.02
CA ASN R 358 47.74 -9.75 -6.06
C ASN R 358 48.25 -11.17 -5.87
N GLU R 359 49.51 -11.43 -6.17
CA GLU R 359 50.14 -12.64 -5.69
C GLU R 359 51.49 -12.27 -5.11
N GLU R 360 52.23 -11.50 -5.91
CA GLU R 360 53.65 -11.30 -5.65
C GLU R 360 53.86 -10.42 -4.43
N ALA R 361 52.93 -9.51 -4.17
CA ALA R 361 53.07 -8.62 -3.02
C ALA R 361 52.91 -9.38 -1.72
N ARG R 362 52.07 -10.42 -1.70
CA ARG R 362 51.96 -11.26 -0.52
C ARG R 362 53.24 -12.01 -0.23
N ALA R 363 54.01 -12.34 -1.25
CA ALA R 363 55.33 -12.91 -1.03
C ALA R 363 56.27 -11.87 -0.46
N ARG R 364 56.04 -10.60 -0.78
CA ARG R 364 56.88 -9.54 -0.24
C ARG R 364 56.43 -9.15 1.16
N ILE R 365 55.13 -9.20 1.43
CA ILE R 365 54.61 -8.74 2.71
C ILE R 365 55.04 -9.65 3.84
N MET R 366 54.77 -10.95 3.71
CA MET R 366 55.14 -11.85 4.79
C MET R 366 56.63 -12.12 4.84
N GLN R 367 57.38 -11.71 3.83
CA GLN R 367 58.83 -11.70 3.95
C GLN R 367 59.31 -10.60 4.90
N ILE R 368 58.60 -9.47 4.93
CA ILE R 368 58.99 -8.36 5.78
C ILE R 368 58.81 -8.70 7.25
N HIS R 369 57.63 -9.21 7.62
CA HIS R 369 57.36 -9.50 9.01
C HIS R 369 58.00 -10.79 9.50
N SER R 370 58.65 -11.55 8.62
CA SER R 370 59.42 -12.71 9.03
C SER R 370 60.87 -12.36 9.34
N ARG R 371 61.18 -11.08 9.51
CA ARG R 371 62.57 -10.66 9.65
C ARG R 371 63.11 -10.97 11.03
N LYS R 372 62.34 -10.68 12.07
CA LYS R 372 62.83 -10.86 13.42
C LYS R 372 62.62 -12.26 13.97
N MET R 373 62.29 -13.22 13.13
CA MET R 373 62.16 -14.59 13.58
C MET R 373 63.31 -15.44 13.03
N ASN R 374 63.62 -16.51 13.74
CA ASN R 374 64.61 -17.48 13.29
C ASN R 374 63.92 -18.41 12.32
N VAL R 375 64.16 -18.22 11.03
CA VAL R 375 63.49 -18.97 9.99
C VAL R 375 64.51 -19.87 9.31
N SER R 376 64.20 -21.16 9.25
CA SER R 376 65.03 -22.10 8.51
C SER R 376 64.89 -21.84 7.02
N PRO R 377 65.93 -22.16 6.23
CA PRO R 377 65.83 -21.99 4.77
C PRO R 377 65.08 -23.12 4.08
N ASP R 378 63.89 -23.42 4.58
CA ASP R 378 63.03 -24.45 4.03
C ASP R 378 61.73 -23.82 3.57
N VAL R 379 61.71 -22.50 3.51
CA VAL R 379 60.50 -21.75 3.23
C VAL R 379 60.48 -21.37 1.76
N ASN R 380 59.28 -21.28 1.21
CA ASN R 380 59.07 -20.92 -0.19
C ASN R 380 57.99 -19.86 -0.16
N TYR R 381 58.40 -18.60 -0.15
CA TYR R 381 57.44 -17.51 -0.14
C TYR R 381 56.60 -17.46 -1.39
N GLU R 382 57.12 -17.96 -2.51
CA GLU R 382 56.33 -18.15 -3.71
C GLU R 382 55.23 -19.18 -3.48
N GLU R 383 55.51 -20.22 -2.70
CA GLU R 383 54.47 -21.16 -2.36
C GLU R 383 53.53 -20.57 -1.31
N LEU R 384 54.10 -19.89 -0.32
CA LEU R 384 53.30 -19.36 0.78
C LEU R 384 52.38 -18.24 0.33
N ALA R 385 52.79 -17.45 -0.66
CA ALA R 385 51.89 -16.43 -1.18
C ALA R 385 50.78 -17.01 -2.02
N ARG R 386 50.94 -18.24 -2.49
CA ARG R 386 49.98 -18.84 -3.40
C ARG R 386 48.97 -19.71 -2.68
N CYS R 387 49.34 -20.29 -1.54
CA CYS R 387 48.34 -20.95 -0.71
C CYS R 387 47.58 -19.95 0.16
N THR R 388 48.03 -18.71 0.21
CA THR R 388 47.28 -17.63 0.86
C THR R 388 46.71 -16.72 -0.21
N ASP R 389 45.56 -17.10 -0.76
CA ASP R 389 44.84 -16.17 -1.61
C ASP R 389 43.91 -15.33 -0.75
N ASP R 390 43.47 -14.22 -1.32
CA ASP R 390 42.37 -13.40 -0.83
C ASP R 390 42.66 -12.81 0.55
N PHE R 391 43.91 -12.72 0.95
CA PHE R 391 44.27 -12.06 2.20
C PHE R 391 44.64 -10.62 1.91
N ASN R 392 44.73 -9.84 2.97
CA ASN R 392 45.20 -8.47 2.91
C ASN R 392 46.50 -8.35 3.68
N GLY R 393 47.01 -7.13 3.79
CA GLY R 393 48.26 -6.91 4.48
C GLY R 393 48.18 -7.14 5.97
N ALA R 394 46.99 -7.06 6.55
CA ALA R 394 46.84 -7.44 7.95
C ALA R 394 46.92 -8.94 8.11
N GLN R 395 46.18 -9.68 7.28
CA GLN R 395 46.13 -11.13 7.42
C GLN R 395 47.46 -11.78 7.06
N CYS R 396 48.17 -11.24 6.08
CA CYS R 396 49.50 -11.77 5.78
C CYS R 396 50.48 -11.44 6.89
N LYS R 397 50.26 -10.35 7.62
CA LYS R 397 51.04 -10.11 8.81
C LYS R 397 50.62 -11.05 9.93
N ALA R 398 49.35 -11.42 9.98
CA ALA R 398 48.84 -12.24 11.06
C ALA R 398 49.23 -13.70 10.93
N VAL R 399 49.70 -14.13 9.76
CA VAL R 399 50.19 -15.49 9.64
C VAL R 399 51.54 -15.63 10.32
N CYS R 400 52.37 -14.59 10.23
CA CYS R 400 53.72 -14.66 10.76
C CYS R 400 53.73 -14.69 12.28
N VAL R 401 52.77 -14.06 12.92
CA VAL R 401 52.74 -14.10 14.38
C VAL R 401 52.21 -15.44 14.88
N GLU R 402 51.18 -15.99 14.23
CA GLU R 402 50.64 -17.25 14.70
C GLU R 402 51.58 -18.41 14.40
N ALA R 403 52.29 -18.36 13.28
CA ALA R 403 53.32 -19.35 13.03
C ALA R 403 54.48 -19.19 13.98
N GLY R 404 54.74 -17.97 14.42
CA GLY R 404 55.74 -17.73 15.44
C GLY R 404 55.33 -18.12 16.84
N MET R 405 54.12 -18.61 17.02
CA MET R 405 53.65 -19.08 18.31
C MET R 405 53.43 -20.57 18.35
N ILE R 406 53.10 -21.19 17.21
CA ILE R 406 52.94 -22.64 17.15
C ILE R 406 54.26 -23.35 17.44
N ALA R 407 55.38 -22.78 16.98
CA ALA R 407 56.68 -23.38 17.27
C ALA R 407 57.03 -23.28 18.75
N LEU R 408 56.46 -22.31 19.46
CA LEU R 408 56.66 -22.24 20.90
C LEU R 408 55.79 -23.25 21.64
N ARG R 409 54.69 -23.69 21.03
CA ARG R 409 53.88 -24.74 21.65
C ARG R 409 54.63 -26.06 21.67
N ARG R 410 55.13 -26.48 20.51
CA ARG R 410 55.94 -27.68 20.43
C ARG R 410 57.38 -27.46 20.84
N GLY R 411 57.73 -26.26 21.26
CA GLY R 411 59.05 -26.00 21.78
C GLY R 411 60.14 -25.83 20.75
N ALA R 412 59.79 -25.79 19.47
CA ALA R 412 60.80 -25.60 18.43
C ALA R 412 61.34 -24.18 18.46
N THR R 413 62.56 -24.02 17.97
CA THR R 413 63.20 -22.71 17.94
C THR R 413 63.10 -22.07 16.56
N GLU R 414 63.46 -22.80 15.51
CA GLU R 414 63.34 -22.31 14.16
C GLU R 414 61.98 -22.68 13.59
N LEU R 415 61.62 -22.05 12.49
CA LEU R 415 60.34 -22.24 11.85
C LEU R 415 60.48 -23.17 10.65
N THR R 416 59.44 -23.93 10.37
CA THR R 416 59.39 -24.80 9.21
C THR R 416 58.23 -24.38 8.32
N HIS R 417 58.05 -25.12 7.24
CA HIS R 417 57.00 -24.79 6.28
C HIS R 417 55.62 -25.02 6.85
N GLU R 418 55.43 -26.13 7.56
CA GLU R 418 54.10 -26.49 8.04
C GLU R 418 53.62 -25.58 9.16
N ASP R 419 54.55 -24.90 9.85
CA ASP R 419 54.14 -23.96 10.88
C ASP R 419 53.44 -22.76 10.28
N TYR R 420 53.88 -22.34 9.09
CA TYR R 420 53.11 -21.36 8.35
C TYR R 420 51.80 -21.95 7.86
N MET R 421 51.82 -23.21 7.42
CA MET R 421 50.61 -23.84 6.90
C MET R 421 49.58 -24.06 7.99
N GLU R 422 50.03 -24.30 9.22
CA GLU R 422 49.10 -24.36 10.33
C GLU R 422 48.63 -22.98 10.77
N GLY R 423 49.46 -21.96 10.59
CA GLY R 423 49.04 -20.62 10.94
C GLY R 423 47.99 -20.05 10.02
N ILE R 424 47.95 -20.51 8.78
CA ILE R 424 46.92 -20.08 7.83
C ILE R 424 45.55 -20.57 8.28
N LEU R 425 45.48 -21.80 8.78
CA LEU R 425 44.20 -22.40 9.15
C LEU R 425 43.59 -21.73 10.37
N GLU R 426 44.39 -21.03 11.16
CA GLU R 426 43.86 -20.29 12.28
C GLU R 426 43.35 -18.92 11.85
N VAL R 427 43.99 -18.31 10.85
CA VAL R 427 43.61 -16.96 10.45
C VAL R 427 42.35 -16.99 9.59
N GLN R 428 42.16 -18.07 8.82
CA GLN R 428 40.92 -18.22 8.07
C GLN R 428 39.71 -18.41 8.97
N ALA R 429 39.91 -18.95 10.17
CA ALA R 429 38.88 -19.17 11.20
C ALA R 429 37.74 -20.03 10.67
N LYS R 430 38.10 -21.25 10.34
CA LYS R 430 37.16 -22.21 9.79
C LYS R 430 36.27 -22.80 10.88
N LYS R 431 35.33 -23.62 10.46
CA LYS R 431 34.46 -24.33 11.38
C LYS R 431 34.73 -25.82 11.28
N LYS R 432 35.27 -26.40 12.34
CA LYS R 432 35.56 -27.82 12.42
C LYS R 432 34.23 -28.52 12.65
N ALA R 433 33.75 -29.28 11.65
CA ALA R 433 32.65 -30.21 11.88
C ALA R 433 32.89 -31.50 11.10
N ASN R 434 33.69 -32.40 11.70
CA ASN R 434 33.76 -33.85 11.44
C ASN R 434 33.69 -34.24 9.97
N LEU R 435 34.36 -33.48 9.12
CA LEU R 435 34.09 -33.53 7.68
C LEU R 435 35.23 -34.27 7.02
N GLN R 436 35.13 -35.60 6.99
CA GLN R 436 36.11 -36.38 6.26
C GLN R 436 35.45 -37.40 5.35
N TYR R 437 34.15 -37.27 5.10
CA TYR R 437 33.42 -38.21 4.27
C TYR R 437 33.39 -37.79 2.81
N TYR R 438 34.35 -36.99 2.37
CA TYR R 438 34.44 -36.63 0.96
C TYR R 438 35.45 -37.54 0.26
N ALA R 439 35.74 -37.20 -1.00
CA ALA R 439 36.62 -37.95 -1.91
C ALA R 439 36.22 -39.41 -2.05
N MET S 1 74.42 84.69 50.57
CA MET S 1 73.51 85.83 50.63
C MET S 1 72.15 85.41 51.17
N GLN S 2 71.45 86.36 51.78
CA GLN S 2 70.13 86.10 52.33
C GLN S 2 69.07 86.27 51.26
N ILE S 3 67.98 85.50 51.39
CA ILE S 3 66.83 85.61 50.51
C ILE S 3 65.57 85.56 51.37
N PHE S 4 64.46 86.03 50.79
CA PHE S 4 63.15 85.93 51.41
C PHE S 4 62.32 84.92 50.64
N VAL S 5 61.68 84.01 51.37
CA VAL S 5 60.76 83.03 50.79
C VAL S 5 59.40 83.34 51.40
N LYS S 6 58.60 84.13 50.70
CA LYS S 6 57.30 84.55 51.19
C LYS S 6 56.23 83.60 50.67
N THR S 7 55.69 82.78 51.56
CA THR S 7 54.69 81.79 51.19
C THR S 7 53.34 82.45 50.94
N LEU S 8 52.34 81.64 50.61
CA LEU S 8 50.97 82.09 50.57
C LEU S 8 50.33 82.07 51.96
N THR S 9 51.06 81.56 52.96
CA THR S 9 50.59 81.43 54.32
C THR S 9 51.02 82.59 55.20
N GLY S 10 51.10 83.80 54.64
CA GLY S 10 51.47 85.01 55.38
C GLY S 10 52.84 85.01 56.02
N LYS S 11 53.68 84.04 55.70
CA LYS S 11 54.88 83.70 56.45
C LYS S 11 56.09 83.86 55.55
N THR S 12 57.16 84.41 56.09
CA THR S 12 58.36 84.70 55.33
C THR S 12 59.53 83.88 55.87
N ILE S 13 60.18 83.13 54.98
CA ILE S 13 61.25 82.21 55.35
C ILE S 13 62.56 82.78 54.82
N THR S 14 63.56 82.87 55.69
CA THR S 14 64.87 83.40 55.34
C THR S 14 65.86 82.26 55.16
N LEU S 15 66.64 82.33 54.09
CA LEU S 15 67.62 81.31 53.75
C LEU S 15 68.94 81.97 53.39
N GLU S 16 70.04 81.29 53.72
CA GLU S 16 71.38 81.75 53.36
C GLU S 16 71.93 80.87 52.25
N VAL S 17 72.03 81.43 51.04
CA VAL S 17 72.47 80.71 49.85
C VAL S 17 73.56 81.51 49.15
N GLU S 18 73.99 81.00 48.01
CA GLU S 18 74.98 81.62 47.14
C GLU S 18 74.38 81.80 45.75
N PRO S 19 74.81 82.84 45.00
CA PRO S 19 74.18 83.10 43.69
C PRO S 19 74.37 82.02 42.64
N SER S 20 75.34 81.13 42.83
CA SER S 20 75.55 80.00 41.94
C SER S 20 74.81 78.75 42.37
N ASP S 21 74.01 78.82 43.43
CA ASP S 21 73.31 77.65 43.92
C ASP S 21 72.12 77.31 43.01
N THR S 22 71.90 76.01 42.82
CA THR S 22 70.76 75.56 42.07
C THR S 22 69.49 75.65 42.92
N ILE S 23 68.35 75.62 42.24
CA ILE S 23 67.06 75.73 42.91
C ILE S 23 66.76 74.46 43.69
N GLU S 24 67.26 73.31 43.23
CA GLU S 24 67.10 72.06 43.95
C GLU S 24 67.89 72.05 45.26
N ASN S 25 68.92 72.87 45.36
CA ASN S 25 69.61 73.03 46.64
C ASN S 25 68.84 73.97 47.55
N VAL S 26 68.11 74.93 46.97
CA VAL S 26 67.28 75.83 47.77
C VAL S 26 66.09 75.07 48.34
N LYS S 27 65.46 74.23 47.53
CA LYS S 27 64.35 73.41 48.00
C LYS S 27 64.82 72.33 48.98
N ALA S 28 66.09 71.94 48.90
CA ALA S 28 66.66 71.06 49.90
C ALA S 28 66.83 71.78 51.23
N LYS S 29 67.14 73.08 51.20
CA LYS S 29 67.28 73.83 52.44
C LYS S 29 65.92 74.10 53.08
N ILE S 30 64.87 74.24 52.27
CA ILE S 30 63.52 74.35 52.82
C ILE S 30 63.11 73.01 53.43
N GLN S 31 63.57 71.91 52.82
CA GLN S 31 63.33 70.57 53.38
C GLN S 31 64.07 70.40 54.70
N ASP S 32 65.19 71.08 54.88
CA ASP S 32 65.89 71.01 56.15
C ASP S 32 65.16 71.80 57.24
N LYS S 33 64.40 72.82 56.84
CA LYS S 33 63.70 73.64 57.82
C LYS S 33 62.24 73.21 58.00
N GLU S 34 61.68 72.47 57.05
CA GLU S 34 60.27 72.10 57.11
C GLU S 34 60.00 70.60 56.99
N GLY S 35 60.82 69.86 56.25
CA GLY S 35 60.58 68.44 56.06
C GLY S 35 59.78 68.09 54.83
N ILE S 36 59.79 68.93 53.80
CA ILE S 36 58.99 68.70 52.61
C ILE S 36 59.89 68.42 51.41
N PRO S 37 59.69 67.30 50.71
CA PRO S 37 60.53 66.98 49.54
C PRO S 37 60.28 67.96 48.41
N PRO S 38 61.27 68.15 47.52
CA PRO S 38 61.16 69.22 46.51
C PRO S 38 60.14 68.95 45.41
N ASP S 39 59.57 67.75 45.31
CA ASP S 39 58.48 67.55 44.38
C ASP S 39 57.20 68.26 44.83
N GLN S 40 56.99 68.38 46.14
CA GLN S 40 55.80 69.02 46.68
C GLN S 40 55.90 70.53 46.76
N GLN S 41 56.96 71.13 46.20
CA GLN S 41 57.19 72.56 46.32
C GLN S 41 57.23 73.21 44.95
N ARG S 42 56.69 74.41 44.85
CA ARG S 42 56.80 75.24 43.66
C ARG S 42 57.28 76.63 44.08
N LEU S 43 58.31 77.13 43.42
CA LEU S 43 58.90 78.42 43.75
C LEU S 43 58.63 79.40 42.62
N ILE S 44 58.08 80.56 42.97
CA ILE S 44 57.72 81.60 42.01
C ILE S 44 58.49 82.86 42.36
N PHE S 45 59.21 83.41 41.38
CA PHE S 45 59.94 84.65 41.53
C PHE S 45 59.41 85.65 40.50
N ALA S 46 58.65 86.64 40.98
CA ALA S 46 58.06 87.72 40.17
C ALA S 46 57.20 87.17 39.02
N GLY S 47 56.31 86.24 39.34
CA GLY S 47 55.42 85.68 38.34
C GLY S 47 56.06 84.71 37.39
N LYS S 48 57.27 84.25 37.68
CA LYS S 48 57.99 83.30 36.83
C LYS S 48 58.18 81.99 37.59
N GLN S 49 58.07 80.88 36.86
CA GLN S 49 58.28 79.57 37.46
C GLN S 49 59.75 79.21 37.41
N LEU S 50 60.26 78.71 38.53
CA LEU S 50 61.68 78.39 38.67
C LEU S 50 61.92 76.91 38.39
N GLU S 51 63.05 76.63 37.73
CA GLU S 51 63.45 75.27 37.41
C GLU S 51 64.71 74.91 38.19
N ASP S 52 64.79 73.65 38.62
CA ASP S 52 65.93 73.19 39.40
C ASP S 52 67.20 73.10 38.57
N GLY S 53 67.10 72.99 37.25
CA GLY S 53 68.26 72.85 36.39
C GLY S 53 69.12 74.09 36.28
N ARG S 54 68.56 75.26 36.53
CA ARG S 54 69.30 76.52 36.47
C ARG S 54 69.58 77.02 37.89
N THR S 55 70.43 78.04 37.95
CA THR S 55 70.86 78.62 39.22
C THR S 55 70.09 79.91 39.52
N LEU S 56 70.49 80.57 40.61
CA LEU S 56 69.87 81.84 40.97
C LEU S 56 70.29 82.96 40.02
N SER S 57 71.51 82.88 39.49
CA SER S 57 72.03 83.95 38.65
C SER S 57 71.43 83.91 37.25
N ASP S 58 70.92 82.76 36.82
CA ASP S 58 70.24 82.69 35.54
C ASP S 58 68.90 83.44 35.59
N TYR S 59 68.24 83.42 36.73
CA TYR S 59 67.00 84.15 36.95
C TYR S 59 67.23 85.47 37.65
N ASN S 60 68.50 85.86 37.83
CA ASN S 60 68.92 87.15 38.40
C ASN S 60 68.40 87.34 39.82
N ILE S 61 68.27 86.25 40.56
CA ILE S 61 67.87 86.30 41.95
C ILE S 61 69.09 86.71 42.77
N GLN S 62 68.93 87.75 43.58
CA GLN S 62 70.03 88.35 44.31
C GLN S 62 69.72 88.30 45.81
N ARG S 63 70.53 89.02 46.58
CA ARG S 63 70.37 89.06 48.03
C ARG S 63 69.07 89.74 48.42
N GLU S 64 68.28 89.04 49.24
CA GLU S 64 67.07 89.54 49.90
C GLU S 64 65.98 89.98 48.91
N SER S 65 65.81 89.22 47.83
CA SER S 65 64.63 89.37 47.00
C SER S 65 63.58 88.35 47.43
N THR S 66 62.33 88.61 47.04
CA THR S 66 61.17 87.90 47.56
C THR S 66 60.76 86.78 46.61
N LEU S 67 60.65 85.57 47.14
CA LEU S 67 60.11 84.43 46.41
C LEU S 67 58.65 84.20 46.79
N HIS S 68 58.02 83.27 46.07
CA HIS S 68 56.68 82.81 46.38
C HIS S 68 56.68 81.29 46.44
N LEU S 69 56.08 80.74 47.50
CA LEU S 69 56.05 79.30 47.73
C LEU S 69 54.60 78.81 47.66
N VAL S 70 54.31 78.00 46.65
CA VAL S 70 53.02 77.33 46.50
C VAL S 70 53.30 75.83 46.52
N LEU S 71 52.43 75.07 47.16
CA LEU S 71 52.62 73.64 47.32
C LEU S 71 51.88 72.85 46.26
N ARG S 72 52.37 71.63 46.01
CA ARG S 72 51.77 70.73 45.05
C ARG S 72 50.40 70.26 45.53
N LEU S 73 49.49 70.09 44.59
CA LEU S 73 48.08 69.90 44.92
C LEU S 73 47.48 68.81 44.04
N ARG S 74 47.28 67.63 44.62
CA ARG S 74 46.69 66.49 43.96
C ARG S 74 45.69 65.80 44.87
N GLY S 75 44.41 65.84 44.49
CA GLY S 75 43.36 65.26 45.30
C GLY S 75 42.82 64.00 44.66
N GLY S 76 42.03 63.28 45.44
CA GLY S 76 41.45 62.04 44.94
C GLY S 76 40.42 61.40 45.84
N MET T 1 96.33 -36.55 64.24
CA MET T 1 95.55 -35.38 64.62
C MET T 1 94.37 -35.80 65.48
N GLN T 2 93.81 -34.84 66.20
CA GLN T 2 92.63 -35.09 67.03
C GLN T 2 91.36 -34.77 66.23
N ILE T 3 90.29 -35.51 66.52
CA ILE T 3 88.97 -35.26 65.98
C ILE T 3 87.97 -35.33 67.12
N PHE T 4 86.74 -34.91 66.84
CA PHE T 4 85.66 -35.00 67.82
C PHE T 4 84.57 -35.94 67.31
N VAL T 5 84.11 -36.82 68.18
CA VAL T 5 82.98 -37.69 67.92
C VAL T 5 81.90 -37.32 68.92
N LYS T 6 80.88 -36.62 68.46
CA LYS T 6 79.79 -36.20 69.32
C LYS T 6 78.66 -37.21 69.23
N THR T 7 78.21 -37.68 70.39
CA THR T 7 77.07 -38.58 70.42
C THR T 7 75.77 -37.79 70.37
N LEU T 8 74.66 -38.50 70.40
CA LEU T 8 73.38 -37.88 70.68
C LEU T 8 73.03 -37.94 72.15
N THR T 9 73.97 -38.41 72.96
CA THR T 9 73.83 -38.43 74.42
C THR T 9 74.57 -37.27 75.06
N GLY T 10 74.81 -36.19 74.32
CA GLY T 10 75.52 -35.04 74.85
C GLY T 10 76.97 -35.30 75.21
N LYS T 11 77.56 -36.38 74.70
CA LYS T 11 78.90 -36.79 75.10
C LYS T 11 79.82 -36.70 73.90
N THR T 12 81.00 -36.14 74.10
CA THR T 12 81.94 -35.86 73.03
C THR T 12 83.16 -36.75 73.19
N ILE T 13 83.49 -37.49 72.14
CA ILE T 13 84.57 -38.45 72.16
C ILE T 13 85.70 -37.90 71.28
N THR T 14 86.91 -37.91 71.83
CA THR T 14 88.10 -37.44 71.11
C THR T 14 88.97 -38.62 70.74
N LEU T 15 89.41 -38.66 69.48
CA LEU T 15 90.28 -39.70 68.98
C LEU T 15 91.48 -39.12 68.25
N GLU T 16 92.63 -39.76 68.44
CA GLU T 16 93.85 -39.40 67.75
C GLU T 16 93.99 -40.27 66.50
N VAL T 17 93.82 -39.65 65.34
CA VAL T 17 93.86 -40.35 64.05
C VAL T 17 94.78 -39.59 63.11
N GLU T 18 94.90 -40.13 61.90
CA GLU T 18 95.65 -39.55 60.80
C GLU T 18 94.69 -39.29 59.66
N PRO T 19 94.96 -38.27 58.83
CA PRO T 19 94.00 -37.91 57.77
C PRO T 19 93.82 -38.96 56.68
N SER T 20 94.78 -39.87 56.53
CA SER T 20 94.67 -40.92 55.52
C SER T 20 94.01 -42.18 56.04
N ASP T 21 93.57 -42.21 57.31
CA ASP T 21 93.03 -43.43 57.89
C ASP T 21 91.62 -43.69 57.38
N THR T 22 91.29 -44.98 57.24
CA THR T 22 89.96 -45.39 56.84
C THR T 22 88.97 -45.22 58.00
N ILE T 23 87.69 -45.27 57.67
CA ILE T 23 86.64 -45.05 58.66
C ILE T 23 86.53 -46.25 59.58
N GLU T 24 86.77 -47.46 59.05
CA GLU T 24 86.64 -48.66 59.86
C GLU T 24 87.75 -48.75 60.91
N ASN T 25 88.90 -48.14 60.65
CA ASN T 25 89.93 -48.06 61.68
C ASN T 25 89.50 -47.13 62.81
N VAL T 26 88.77 -46.06 62.45
CA VAL T 26 88.25 -45.16 63.47
C VAL T 26 87.18 -45.85 64.30
N LYS T 27 86.34 -46.66 63.64
CA LYS T 27 85.33 -47.43 64.37
C LYS T 27 85.97 -48.50 65.22
N ALA T 28 87.11 -49.04 64.78
CA ALA T 28 87.88 -49.96 65.62
C ALA T 28 88.44 -49.25 66.84
N LYS T 29 88.84 -47.98 66.69
CA LYS T 29 89.28 -47.19 67.84
C LYS T 29 88.13 -46.91 68.80
N ILE T 30 86.94 -46.68 68.25
CA ILE T 30 85.74 -46.50 69.07
C ILE T 30 85.43 -47.78 69.84
N GLN T 31 85.65 -48.93 69.18
CA GLN T 31 85.49 -50.22 69.87
C GLN T 31 86.56 -50.41 70.93
N ASP T 32 87.75 -49.88 70.69
CA ASP T 32 88.83 -49.95 71.68
C ASP T 32 88.49 -49.13 72.92
N LYS T 33 87.83 -48.00 72.73
CA LYS T 33 87.44 -47.22 73.91
C LYS T 33 86.17 -47.75 74.57
N GLU T 34 85.25 -48.35 73.80
CA GLU T 34 83.91 -48.61 74.31
C GLU T 34 83.50 -50.08 74.28
N GLY T 35 83.97 -50.86 73.31
CA GLY T 35 83.54 -52.23 73.19
C GLY T 35 82.33 -52.44 72.30
N ILE T 36 81.90 -51.42 71.57
CA ILE T 36 80.78 -51.52 70.65
C ILE T 36 81.34 -51.92 69.28
N PRO T 37 80.86 -53.00 68.67
CA PRO T 37 81.39 -53.40 67.37
C PRO T 37 80.99 -52.41 66.29
N PRO T 38 81.75 -52.32 65.20
CA PRO T 38 81.50 -51.26 64.20
C PRO T 38 80.21 -51.42 63.43
N ASP T 39 79.67 -52.64 63.33
CA ASP T 39 78.39 -52.82 62.66
C ASP T 39 77.24 -52.20 63.43
N GLN T 40 77.41 -51.99 64.73
CA GLN T 40 76.43 -51.28 65.55
C GLN T 40 76.69 -49.79 65.60
N GLN T 41 77.70 -49.31 64.91
CA GLN T 41 78.11 -47.91 64.96
C GLN T 41 77.81 -47.23 63.64
N ARG T 42 77.28 -46.02 63.70
CA ARG T 42 77.06 -45.21 62.52
C ARG T 42 77.65 -43.82 62.75
N LEU T 43 78.28 -43.27 61.73
CA LEU T 43 78.96 -41.99 61.82
C LEU T 43 78.45 -41.03 60.77
N ILE T 44 78.17 -39.80 61.19
CA ILE T 44 77.62 -38.75 60.36
C ILE T 44 78.50 -37.52 60.48
N PHE T 45 78.90 -36.96 59.33
CA PHE T 45 79.68 -35.74 59.31
C PHE T 45 78.96 -34.71 58.46
N ALA T 46 78.45 -33.67 59.13
CA ALA T 46 77.72 -32.56 58.51
C ALA T 46 76.52 -33.05 57.71
N GLY T 47 75.78 -33.98 58.29
CA GLY T 47 74.63 -34.57 57.64
C GLY T 47 74.94 -35.56 56.54
N LYS T 48 76.17 -36.08 56.48
CA LYS T 48 76.56 -36.99 55.42
C LYS T 48 76.99 -38.32 56.00
N GLN T 49 76.62 -39.39 55.32
CA GLN T 49 76.89 -40.74 55.80
C GLN T 49 78.30 -41.15 55.43
N LEU T 50 79.02 -41.75 56.39
CA LEU T 50 80.40 -42.15 56.16
C LEU T 50 80.48 -43.62 55.80
N GLU T 51 81.30 -43.93 54.81
CA GLU T 51 81.51 -45.30 54.35
C GLU T 51 82.91 -45.78 54.72
N ASP T 52 83.01 -47.03 55.15
CA ASP T 52 84.26 -47.55 55.70
C ASP T 52 85.33 -47.73 54.63
N GLY T 53 84.91 -47.86 53.37
CA GLY T 53 85.84 -48.01 52.27
C GLY T 53 86.63 -46.79 51.90
N ARG T 54 86.25 -45.62 52.42
CA ARG T 54 86.96 -44.39 52.13
C ARG T 54 87.77 -43.91 53.32
N THR T 55 88.55 -42.86 53.10
CA THR T 55 89.38 -42.28 54.14
C THR T 55 88.77 -40.99 54.68
N LEU T 56 89.42 -40.44 55.71
CA LEU T 56 88.99 -39.17 56.28
C LEU T 56 89.23 -38.04 55.29
N SER T 57 90.27 -38.15 54.48
CA SER T 57 90.59 -37.09 53.51
C SER T 57 89.56 -37.05 52.38
N ASP T 58 88.94 -38.19 52.09
CA ASP T 58 87.95 -38.26 51.02
C ASP T 58 86.71 -37.44 51.36
N TYR T 59 86.35 -37.38 52.64
CA TYR T 59 85.26 -36.53 53.10
C TYR T 59 85.77 -35.20 53.63
N ASN T 60 87.06 -34.90 53.41
CA ASN T 60 87.74 -33.70 53.91
C ASN T 60 87.64 -33.58 55.43
N ILE T 61 87.70 -34.69 56.13
CA ILE T 61 87.67 -34.68 57.59
C ILE T 61 89.07 -34.33 58.09
N GLN T 62 89.15 -33.25 58.86
CA GLN T 62 90.44 -32.68 59.25
C GLN T 62 90.54 -32.59 60.76
N ARG T 63 91.51 -31.83 61.27
CA ARG T 63 91.76 -31.74 62.71
C ARG T 63 90.59 -31.16 63.47
N GLU T 64 90.08 -31.94 64.43
CA GLU T 64 89.10 -31.53 65.44
C GLU T 64 87.78 -31.07 64.84
N SER T 65 87.40 -31.63 63.69
CA SER T 65 86.04 -31.47 63.21
C SER T 65 85.10 -32.39 63.98
N THR T 66 83.80 -32.10 63.90
CA THR T 66 82.81 -32.73 64.75
C THR T 66 82.06 -33.79 63.96
N LEU T 67 82.04 -35.01 64.49
CA LEU T 67 81.24 -36.09 63.92
C LEU T 67 79.93 -36.23 64.69
N HIS T 68 79.08 -37.10 64.18
CA HIS T 68 77.88 -37.51 64.89
C HIS T 68 77.87 -39.02 65.07
N LEU T 69 77.34 -39.45 66.21
CA LEU T 69 77.30 -40.88 66.52
C LEU T 69 75.87 -41.29 66.79
N VAL T 70 75.33 -42.14 65.90
CA VAL T 70 74.01 -42.73 66.06
C VAL T 70 74.22 -44.24 66.10
N LEU T 71 73.48 -44.93 66.94
CA LEU T 71 73.66 -46.36 67.08
C LEU T 71 72.62 -47.13 66.26
N ARG T 72 73.04 -48.30 65.77
CA ARG T 72 72.16 -49.30 65.18
C ARG T 72 71.06 -49.66 66.17
N LEU T 73 69.82 -49.57 65.74
CA LEU T 73 68.68 -49.73 66.63
C LEU T 73 67.69 -50.71 66.00
N ARG T 74 67.83 -51.99 66.38
CA ARG T 74 67.01 -53.09 65.88
C ARG T 74 66.29 -53.73 67.06
N GLY T 75 65.05 -54.12 66.86
CA GLY T 75 64.23 -54.67 67.94
C GLY T 75 63.53 -55.95 67.54
N GLY T 76 63.15 -56.74 68.54
CA GLY T 76 62.46 -57.99 68.30
C GLY T 76 63.40 -59.17 68.23
N SER U 4 4.16 6.32 2.66
CA SER U 4 4.08 6.31 1.21
C SER U 4 4.58 5.01 0.63
N SER U 5 5.09 4.13 1.50
CA SER U 5 5.61 2.84 1.08
C SER U 5 5.32 1.81 2.16
N ALA U 6 4.92 0.61 1.73
CA ALA U 6 4.63 -0.48 2.67
C ALA U 6 4.77 -1.79 1.92
N GLY U 7 5.62 -2.69 2.42
CA GLY U 7 5.80 -3.98 1.80
C GLY U 7 6.93 -3.99 0.81
N PHE U 8 6.76 -4.70 -0.31
CA PHE U 8 7.76 -4.73 -1.36
C PHE U 8 7.36 -3.86 -2.54
N ASP U 9 6.66 -2.77 -2.27
CA ASP U 9 6.16 -1.92 -3.35
C ASP U 9 7.27 -1.09 -3.99
N ARG U 10 8.42 -0.97 -3.33
CA ARG U 10 9.58 -0.37 -3.96
C ARG U 10 10.27 -1.32 -4.93
N HIS U 11 10.06 -2.62 -4.79
CA HIS U 11 10.83 -3.62 -5.50
C HIS U 11 10.10 -4.23 -6.68
N ILE U 12 8.83 -4.57 -6.53
CA ILE U 12 8.07 -5.16 -7.63
C ILE U 12 6.88 -4.29 -7.97
N THR U 13 6.09 -4.71 -8.96
CA THR U 13 5.00 -3.88 -9.48
C THR U 13 3.70 -4.21 -8.75
N ILE U 14 3.59 -3.69 -7.54
CA ILE U 14 2.37 -3.72 -6.77
C ILE U 14 2.04 -2.29 -6.34
N PHE U 15 0.91 -2.12 -5.67
CA PHE U 15 0.43 -0.79 -5.34
C PHE U 15 1.02 -0.30 -4.03
N SER U 16 1.36 0.99 -4.01
CA SER U 16 1.71 1.69 -2.78
C SER U 16 0.45 1.96 -1.98
N PRO U 17 0.58 2.38 -0.71
CA PRO U 17 -0.61 2.85 0.01
C PRO U 17 -1.22 4.11 -0.58
N GLU U 18 -0.47 4.92 -1.32
CA GLU U 18 -1.02 6.11 -1.95
C GLU U 18 -1.68 5.81 -3.29
N GLY U 19 -1.65 4.56 -3.74
CA GLY U 19 -2.15 4.22 -5.05
C GLY U 19 -1.11 4.27 -6.15
N ARG U 20 0.07 4.83 -5.87
CA ARG U 20 1.15 4.82 -6.85
C ARG U 20 1.72 3.42 -7.01
N LEU U 21 2.60 3.28 -8.00
CA LEU U 21 3.43 2.09 -8.12
C LEU U 21 4.76 2.51 -8.72
N TYR U 22 5.83 2.28 -7.96
CA TYR U 22 7.07 3.01 -8.15
C TYR U 22 7.97 2.43 -9.22
N GLN U 23 7.88 1.13 -9.52
CA GLN U 23 8.77 0.53 -10.51
C GLN U 23 8.56 1.07 -11.90
N VAL U 24 7.36 1.55 -12.22
CA VAL U 24 7.13 2.17 -13.51
C VAL U 24 7.70 3.57 -13.56
N GLU U 25 7.41 4.38 -12.54
CA GLU U 25 7.94 5.73 -12.58
C GLU U 25 9.41 5.81 -12.21
N TYR U 26 10.01 4.70 -11.77
CA TYR U 26 11.46 4.60 -11.83
C TYR U 26 11.94 4.40 -13.26
N ALA U 27 11.14 3.73 -14.09
CA ALA U 27 11.59 3.38 -15.43
C ALA U 27 11.49 4.53 -16.42
N PHE U 28 10.66 5.53 -16.13
CA PHE U 28 10.60 6.70 -17.00
C PHE U 28 11.89 7.49 -16.99
N LYS U 29 12.58 7.53 -15.86
CA LYS U 29 13.86 8.19 -15.78
C LYS U 29 15.01 7.22 -16.02
N ALA U 30 14.72 6.05 -16.56
CA ALA U 30 15.75 5.24 -17.19
C ALA U 30 15.94 5.62 -18.65
N ILE U 31 14.95 6.30 -19.24
CA ILE U 31 15.11 6.87 -20.57
C ILE U 31 16.16 7.97 -20.54
N ASN U 32 16.17 8.77 -19.48
CA ASN U 32 17.01 9.96 -19.40
C ASN U 32 18.49 9.65 -19.25
N GLN U 33 18.86 8.39 -18.99
CA GLN U 33 20.28 8.07 -18.84
C GLN U 33 20.98 7.87 -20.17
N GLY U 34 20.26 7.92 -21.29
CA GLY U 34 20.92 7.81 -22.57
C GLY U 34 21.71 9.06 -22.93
N GLY U 35 21.29 10.21 -22.41
CA GLY U 35 21.89 11.47 -22.82
C GLY U 35 21.54 11.78 -24.26
N LEU U 36 20.25 11.96 -24.52
CA LEU U 36 19.76 12.03 -25.89
C LEU U 36 18.42 12.73 -25.87
N THR U 37 18.05 13.34 -26.99
CA THR U 37 16.75 14.00 -27.12
C THR U 37 16.32 13.96 -28.59
N SER U 38 15.10 13.49 -28.83
CA SER U 38 14.56 13.35 -30.17
C SER U 38 13.29 14.19 -30.30
N VAL U 39 13.06 14.72 -31.51
CA VAL U 39 11.95 15.62 -31.81
C VAL U 39 11.22 15.09 -33.04
N ALA U 40 9.89 15.02 -32.95
CA ALA U 40 9.06 14.64 -34.09
C ALA U 40 7.98 15.70 -34.29
N VAL U 41 7.81 16.14 -35.53
CA VAL U 41 6.89 17.22 -35.88
C VAL U 41 6.02 16.76 -37.05
N ARG U 42 4.70 16.88 -36.89
CA ARG U 42 3.77 16.56 -37.96
C ARG U 42 3.42 17.81 -38.74
N GLY U 43 3.45 17.71 -40.07
CA GLY U 43 3.13 18.80 -40.95
C GLY U 43 1.78 18.67 -41.60
N LYS U 44 1.51 19.57 -42.53
CA LYS U 44 0.25 19.53 -43.26
C LYS U 44 0.19 18.37 -44.24
N ASP U 45 1.33 18.00 -44.83
CA ASP U 45 1.36 16.87 -45.75
C ASP U 45 2.60 16.02 -45.56
N CYS U 46 3.27 16.09 -44.41
CA CYS U 46 4.49 15.35 -44.19
C CYS U 46 4.68 15.10 -42.70
N ALA U 47 5.66 14.27 -42.37
CA ALA U 47 6.02 13.97 -41.00
C ALA U 47 7.54 13.85 -40.90
N VAL U 48 8.14 14.54 -39.92
CA VAL U 48 9.58 14.65 -39.81
C VAL U 48 10.00 14.19 -38.42
N ILE U 49 10.97 13.27 -38.36
CA ILE U 49 11.67 12.93 -37.12
C ILE U 49 13.09 13.47 -37.24
N VAL U 50 13.52 14.22 -36.23
CA VAL U 50 14.91 14.64 -36.11
C VAL U 50 15.44 14.20 -34.74
N THR U 51 16.68 13.71 -34.73
CA THR U 51 17.34 13.38 -33.49
C THR U 51 18.84 13.52 -33.69
N GLN U 52 19.55 13.65 -32.58
CA GLN U 52 21.00 13.79 -32.62
C GLN U 52 21.67 12.44 -32.48
N LYS U 53 22.93 12.40 -32.89
CA LYS U 53 23.79 11.27 -32.60
C LYS U 53 25.12 11.80 -32.08
N LYS U 54 25.63 11.11 -31.06
CA LYS U 54 26.85 11.53 -30.38
C LYS U 54 27.85 10.39 -30.53
N VAL U 55 28.87 10.60 -31.35
CA VAL U 55 29.91 9.62 -31.59
C VAL U 55 31.18 10.11 -30.85
N PRO U 56 31.49 9.54 -29.70
CA PRO U 56 32.64 10.06 -28.92
C PRO U 56 33.99 9.54 -29.37
N ASP U 57 34.03 8.61 -30.33
CA ASP U 57 35.28 7.97 -30.71
C ASP U 57 35.52 8.11 -32.20
N LYS U 58 36.79 8.13 -32.58
CA LYS U 58 37.16 7.98 -33.98
C LYS U 58 37.28 6.52 -34.39
N LEU U 59 37.45 5.61 -33.42
CA LEU U 59 37.63 4.19 -33.69
C LEU U 59 36.31 3.46 -33.93
N LEU U 60 35.19 4.15 -33.79
CA LEU U 60 33.88 3.53 -33.92
C LEU U 60 33.30 3.84 -35.29
N ASP U 61 32.61 2.86 -35.85
CA ASP U 61 32.00 2.99 -37.16
C ASP U 61 30.71 3.79 -37.02
N SER U 62 30.70 4.98 -37.60
CA SER U 62 29.61 5.93 -37.41
C SER U 62 28.35 5.58 -38.18
N SER U 63 28.38 4.55 -39.03
CA SER U 63 27.20 4.14 -39.77
C SER U 63 26.36 3.12 -39.04
N THR U 64 26.77 2.69 -37.85
CA THR U 64 26.04 1.68 -37.10
C THR U 64 25.47 2.21 -35.80
N VAL U 65 25.22 3.51 -35.70
CA VAL U 65 24.68 4.11 -34.48
C VAL U 65 23.33 4.79 -34.74
N THR U 66 22.59 4.32 -35.73
CA THR U 66 21.37 4.99 -36.12
C THR U 66 20.24 4.61 -35.18
N HIS U 67 19.66 5.61 -34.51
CA HIS U 67 18.47 5.36 -33.71
C HIS U 67 17.19 5.38 -34.53
N LEU U 68 17.28 5.75 -35.81
CA LEU U 68 16.14 5.66 -36.70
C LEU U 68 16.04 4.25 -37.24
N PHE U 69 14.86 3.66 -37.16
CA PHE U 69 14.67 2.31 -37.67
C PHE U 69 13.47 2.25 -38.59
N LYS U 70 13.61 1.43 -39.63
CA LYS U 70 12.56 1.20 -40.60
C LYS U 70 11.77 -0.02 -40.15
N ILE U 71 10.51 0.19 -39.75
CA ILE U 71 9.70 -0.91 -39.24
C ILE U 71 9.10 -1.68 -40.40
N THR U 72 8.28 -1.00 -41.19
CA THR U 72 7.71 -1.62 -42.38
C THR U 72 8.20 -0.73 -43.52
N GLU U 73 7.72 -0.95 -44.74
CA GLU U 73 8.17 -0.16 -45.87
C GLU U 73 7.72 1.29 -45.78
N ASN U 74 6.61 1.53 -45.07
CA ASN U 74 6.04 2.87 -45.01
C ASN U 74 6.00 3.41 -43.58
N ILE U 75 6.64 2.73 -42.64
CA ILE U 75 6.58 3.11 -41.23
C ILE U 75 8.00 3.16 -40.69
N GLY U 76 8.39 4.32 -40.16
CA GLY U 76 9.67 4.48 -39.51
C GLY U 76 9.49 4.88 -38.05
N CYS U 77 10.55 4.70 -37.28
CA CYS U 77 10.48 5.04 -35.86
C CYS U 77 11.83 5.52 -35.37
N VAL U 78 11.82 6.16 -34.21
CA VAL U 78 13.03 6.57 -33.51
C VAL U 78 12.97 6.00 -32.10
N MET U 79 14.14 5.65 -31.56
CA MET U 79 14.22 4.99 -30.27
C MET U 79 15.03 5.84 -29.31
N THR U 80 14.51 6.01 -28.10
CA THR U 80 15.25 6.63 -27.02
C THR U 80 15.42 5.61 -25.91
N GLY U 81 15.95 6.05 -24.79
CA GLY U 81 16.20 5.15 -23.69
C GLY U 81 17.49 4.39 -23.88
N MET U 82 17.62 3.31 -23.13
CA MET U 82 18.79 2.47 -23.25
C MET U 82 18.72 1.63 -24.52
N THR U 83 19.90 1.27 -25.03
CA THR U 83 19.99 0.75 -26.39
C THR U 83 19.56 -0.71 -26.44
N ALA U 84 19.87 -1.48 -25.41
CA ALA U 84 19.62 -2.92 -25.42
C ALA U 84 18.13 -3.22 -25.38
N ASP U 85 17.38 -2.45 -24.61
CA ASP U 85 15.93 -2.65 -24.60
C ASP U 85 15.25 -2.06 -25.83
N SER U 86 15.83 -1.00 -26.42
CA SER U 86 15.18 -0.36 -27.55
C SER U 86 15.26 -1.21 -28.79
N ARG U 87 16.39 -1.87 -29.01
CA ARG U 87 16.56 -2.68 -30.20
C ARG U 87 15.74 -3.97 -30.09
N SER U 88 15.49 -4.44 -28.88
CA SER U 88 14.60 -5.58 -28.71
C SER U 88 13.16 -5.21 -29.02
N GLN U 89 12.77 -3.96 -28.79
CA GLN U 89 11.39 -3.58 -29.02
C GLN U 89 11.14 -3.30 -30.50
N VAL U 90 12.19 -2.94 -31.24
CA VAL U 90 12.08 -2.81 -32.69
C VAL U 90 11.85 -4.17 -33.32
N GLN U 91 12.50 -5.21 -32.77
CA GLN U 91 12.37 -6.56 -33.30
C GLN U 91 10.96 -7.10 -33.15
N ARG U 92 10.26 -6.70 -32.09
CA ARG U 92 8.86 -7.07 -31.95
C ARG U 92 7.99 -6.35 -32.98
N ALA U 93 8.25 -5.07 -33.19
CA ALA U 93 7.41 -4.27 -34.08
C ALA U 93 7.58 -4.67 -35.53
N ARG U 94 8.76 -5.15 -35.90
CA ARG U 94 8.91 -5.74 -37.24
C ARG U 94 8.09 -7.02 -37.35
N TYR U 95 8.01 -7.79 -36.26
CA TYR U 95 7.31 -9.06 -36.29
C TYR U 95 5.81 -8.88 -36.27
N GLU U 96 5.31 -7.87 -35.55
CA GLU U 96 3.87 -7.69 -35.45
C GLU U 96 3.28 -7.11 -36.73
N ALA U 97 4.06 -6.35 -37.48
CA ALA U 97 3.53 -5.78 -38.71
C ALA U 97 3.42 -6.82 -39.81
N ALA U 98 4.35 -7.78 -39.83
CA ALA U 98 4.29 -8.84 -40.83
C ALA U 98 3.12 -9.77 -40.59
N ASN U 99 2.73 -9.97 -39.34
CA ASN U 99 1.58 -10.81 -39.05
C ASN U 99 0.26 -10.12 -39.33
N TRP U 100 0.24 -8.78 -39.33
CA TRP U 100 -0.95 -8.09 -39.79
C TRP U 100 -1.20 -8.34 -41.26
N LYS U 101 -0.13 -8.28 -42.06
CA LYS U 101 -0.27 -8.45 -43.50
C LYS U 101 -0.63 -9.88 -43.85
N TYR U 102 -0.12 -10.85 -43.11
CA TYR U 102 -0.42 -12.24 -43.40
C TYR U 102 -1.83 -12.61 -42.99
N LYS U 103 -2.31 -12.05 -41.88
CA LYS U 103 -3.64 -12.40 -41.41
C LYS U 103 -4.73 -11.59 -42.08
N TYR U 104 -4.47 -10.33 -42.40
CA TYR U 104 -5.53 -9.44 -42.83
C TYR U 104 -5.38 -8.92 -44.25
N GLY U 105 -4.24 -9.11 -44.88
CA GLY U 105 -4.11 -8.87 -46.29
C GLY U 105 -3.88 -7.43 -46.72
N TYR U 106 -3.59 -6.52 -45.79
CA TYR U 106 -3.30 -5.15 -46.17
C TYR U 106 -2.36 -4.54 -45.15
N GLU U 107 -1.90 -3.34 -45.44
CA GLU U 107 -0.86 -2.69 -44.65
C GLU U 107 -1.43 -2.21 -43.33
N ILE U 108 -0.68 -2.41 -42.25
CA ILE U 108 -1.15 -2.08 -40.91
C ILE U 108 -1.21 -0.57 -40.73
N PRO U 109 -2.26 -0.03 -40.13
CA PRO U 109 -2.25 1.39 -39.80
C PRO U 109 -1.31 1.64 -38.64
N VAL U 110 -0.78 2.86 -38.56
CA VAL U 110 0.28 3.12 -37.61
C VAL U 110 -0.27 3.25 -36.19
N ASP U 111 -1.55 3.54 -36.03
CA ASP U 111 -2.13 3.56 -34.69
C ASP U 111 -2.45 2.16 -34.18
N MET U 112 -2.79 1.23 -35.08
CA MET U 112 -3.01 -0.14 -34.65
C MET U 112 -1.72 -0.82 -34.25
N LEU U 113 -0.60 -0.42 -34.84
CA LEU U 113 0.67 -1.00 -34.44
C LEU U 113 1.10 -0.46 -33.09
N CYS U 114 0.84 0.81 -32.82
CA CYS U 114 1.19 1.38 -31.53
C CYS U 114 0.32 0.83 -30.42
N LYS U 115 -0.90 0.38 -30.76
CA LYS U 115 -1.75 -0.27 -29.77
C LYS U 115 -1.20 -1.63 -29.37
N ARG U 116 -0.70 -2.40 -30.35
CA ARG U 116 -0.19 -3.73 -30.05
C ARG U 116 1.12 -3.67 -29.28
N ILE U 117 1.93 -2.64 -29.49
CA ILE U 117 3.15 -2.49 -28.70
C ILE U 117 2.81 -2.10 -27.27
N ALA U 118 1.84 -1.20 -27.11
CA ALA U 118 1.47 -0.75 -25.77
C ALA U 118 0.75 -1.84 -24.99
N ASP U 119 0.08 -2.77 -25.67
CA ASP U 119 -0.54 -3.88 -24.98
C ASP U 119 0.49 -4.87 -24.48
N ILE U 120 1.58 -5.04 -25.23
CA ILE U 120 2.65 -5.92 -24.77
C ILE U 120 3.37 -5.30 -23.58
N SER U 121 3.67 -4.00 -23.66
CA SER U 121 4.31 -3.27 -22.57
C SER U 121 3.44 -3.19 -21.32
N GLN U 122 2.12 -3.32 -21.48
CA GLN U 122 1.24 -3.35 -20.32
C GLN U 122 1.49 -4.57 -19.47
N VAL U 123 1.81 -5.70 -20.09
CA VAL U 123 1.89 -6.95 -19.35
C VAL U 123 3.12 -6.98 -18.44
N TYR U 124 4.15 -6.21 -18.78
CA TYR U 124 5.34 -6.15 -17.95
C TYR U 124 5.07 -5.44 -16.63
N THR U 125 4.25 -4.40 -16.65
CA THR U 125 3.82 -3.75 -15.41
C THR U 125 2.57 -4.37 -14.83
N GLN U 126 2.25 -5.58 -15.23
CA GLN U 126 1.04 -6.28 -14.82
C GLN U 126 1.34 -7.58 -14.09
N ASN U 127 2.48 -8.20 -14.40
CA ASN U 127 3.03 -9.30 -13.63
C ASN U 127 4.18 -8.78 -12.78
N ALA U 128 4.39 -9.42 -11.63
CA ALA U 128 5.39 -8.97 -10.67
C ALA U 128 6.71 -9.67 -10.85
N GLU U 129 7.05 -10.05 -12.07
CA GLU U 129 8.22 -10.84 -12.34
C GLU U 129 9.17 -10.19 -13.34
N MET U 130 8.65 -9.53 -14.36
CA MET U 130 9.43 -9.01 -15.45
C MET U 130 9.81 -7.56 -15.20
N ARG U 131 10.87 -7.14 -15.83
CA ARG U 131 11.34 -5.77 -15.75
C ARG U 131 10.80 -4.97 -16.93
N PRO U 132 10.14 -3.83 -16.71
CA PRO U 132 9.30 -3.26 -17.76
C PRO U 132 9.96 -2.35 -18.79
N LEU U 133 11.14 -2.72 -19.32
CA LEU U 133 11.65 -2.25 -20.63
C LEU U 133 11.77 -0.71 -20.72
N GLY U 134 12.71 -0.17 -19.97
CA GLY U 134 12.81 1.27 -19.86
C GLY U 134 13.31 2.01 -21.09
N CYS U 135 12.48 2.06 -22.13
CA CYS U 135 12.78 2.81 -23.34
C CYS U 135 11.48 3.22 -24.00
N CYS U 136 11.53 4.31 -24.76
CA CYS U 136 10.34 4.90 -25.36
C CYS U 136 10.27 4.57 -26.85
N MET U 137 9.30 5.17 -27.53
CA MET U 137 8.89 4.72 -28.85
C MET U 137 8.13 5.84 -29.53
N ILE U 138 8.57 6.27 -30.71
CA ILE U 138 7.88 7.30 -31.48
C ILE U 138 7.75 6.82 -32.92
N LEU U 139 6.53 6.78 -33.44
CA LEU U 139 6.28 6.31 -34.79
C LEU U 139 5.72 7.43 -35.66
N ILE U 140 6.00 7.34 -36.95
CA ILE U 140 5.41 8.23 -37.95
C ILE U 140 4.88 7.37 -39.08
N GLY U 141 4.02 7.98 -39.90
CA GLY U 141 3.43 7.26 -41.02
C GLY U 141 2.32 7.99 -41.74
N ILE U 142 2.08 7.61 -42.98
CA ILE U 142 1.03 8.20 -43.81
C ILE U 142 -0.14 7.23 -43.81
N ASP U 143 -1.32 7.73 -43.46
CA ASP U 143 -2.53 6.93 -43.51
C ASP U 143 -3.53 7.55 -44.48
N GLU U 144 -4.22 6.68 -45.23
CA GLU U 144 -5.21 7.14 -46.19
C GLU U 144 -6.44 7.68 -45.46
N GLU U 145 -6.95 8.81 -45.95
CA GLU U 145 -8.03 9.60 -45.35
C GLU U 145 -7.70 10.08 -43.94
N GLN U 146 -6.42 10.10 -43.57
CA GLN U 146 -5.95 10.71 -42.33
C GLN U 146 -4.70 11.55 -42.52
N GLY U 147 -3.96 11.38 -43.61
CA GLY U 147 -2.74 12.12 -43.82
C GLY U 147 -1.63 11.58 -42.94
N PRO U 148 -0.65 12.42 -42.64
CA PRO U 148 0.40 12.03 -41.71
C PRO U 148 -0.11 12.03 -40.28
N GLN U 149 0.56 11.23 -39.44
CA GLN U 149 0.20 11.13 -38.03
C GLN U 149 1.37 10.55 -37.24
N VAL U 150 1.50 11.01 -36.00
CA VAL U 150 2.64 10.74 -35.13
C VAL U 150 2.12 10.17 -33.82
N TYR U 151 2.77 9.12 -33.32
CA TYR U 151 2.35 8.44 -32.11
C TYR U 151 3.54 8.18 -31.20
N LYS U 152 3.31 8.26 -29.89
CA LYS U 152 4.31 7.93 -28.89
C LYS U 152 3.82 6.77 -28.02
N CYS U 153 4.70 5.81 -27.73
CA CYS U 153 4.42 4.75 -26.78
C CYS U 153 5.49 4.76 -25.69
N ASP U 154 5.06 4.82 -24.44
CA ASP U 154 5.93 4.88 -23.28
C ASP U 154 5.99 3.51 -22.60
N PRO U 155 6.97 3.26 -21.69
CA PRO U 155 7.01 1.95 -21.04
C PRO U 155 5.95 1.68 -19.98
N ALA U 156 4.93 2.54 -19.87
CA ALA U 156 3.81 2.25 -18.98
C ALA U 156 2.64 1.63 -19.71
N GLY U 157 2.66 1.61 -21.04
CA GLY U 157 1.53 1.12 -21.82
C GLY U 157 0.58 2.18 -22.30
N TYR U 158 0.93 3.44 -22.17
CA TYR U 158 0.10 4.56 -22.60
C TYR U 158 0.51 4.99 -23.99
N TYR U 159 -0.45 5.51 -24.76
CA TYR U 159 -0.13 6.02 -26.08
C TYR U 159 -1.13 7.10 -26.45
N CYS U 160 -0.68 8.03 -27.28
CA CYS U 160 -1.57 9.05 -27.81
C CYS U 160 -1.01 9.56 -29.12
N GLY U 161 -1.90 10.09 -29.96
CA GLY U 161 -1.50 10.75 -31.18
C GLY U 161 -1.14 12.19 -30.88
N PHE U 162 -0.02 12.63 -31.42
CA PHE U 162 0.48 13.97 -31.14
C PHE U 162 0.45 14.80 -32.43
N LYS U 163 0.81 16.06 -32.29
CA LYS U 163 1.11 16.91 -33.43
C LYS U 163 2.56 17.33 -33.46
N ALA U 164 3.18 17.49 -32.29
CA ALA U 164 4.61 17.66 -32.18
C ALA U 164 5.06 16.93 -30.94
N THR U 165 6.24 16.35 -30.99
CA THR U 165 6.63 15.34 -30.03
C THR U 165 8.08 15.56 -29.63
N ALA U 166 8.35 15.47 -28.33
CA ALA U 166 9.72 15.43 -27.83
C ALA U 166 9.86 14.26 -26.87
N ALA U 167 11.05 13.70 -26.82
CA ALA U 167 11.34 12.60 -25.91
C ALA U 167 12.82 12.61 -25.60
N GLY U 168 13.16 12.34 -24.34
CA GLY U 168 14.55 12.27 -23.96
C GLY U 168 14.87 13.09 -22.74
N VAL U 169 16.10 13.60 -22.67
CA VAL U 169 16.54 14.35 -21.51
C VAL U 169 15.88 15.72 -21.46
N LYS U 170 15.80 16.40 -22.60
CA LYS U 170 15.33 17.79 -22.67
C LYS U 170 13.91 17.86 -23.16
N GLN U 171 13.06 16.96 -22.67
CA GLN U 171 11.69 16.83 -23.16
C GLN U 171 10.84 18.05 -22.83
N THR U 172 10.88 18.51 -21.58
CA THR U 172 10.00 19.59 -21.18
C THR U 172 10.39 20.93 -21.78
N GLU U 173 11.69 21.16 -21.97
CA GLU U 173 12.15 22.40 -22.58
C GLU U 173 11.81 22.44 -24.07
N SER U 174 11.79 21.28 -24.72
CA SER U 174 11.47 21.24 -26.14
C SER U 174 9.99 21.44 -26.38
N THR U 175 9.14 20.80 -25.57
CA THR U 175 7.70 20.93 -25.74
C THR U 175 7.20 22.32 -25.40
N SER U 176 7.86 23.01 -24.48
CA SER U 176 7.50 24.40 -24.20
C SER U 176 7.85 25.30 -25.38
N PHE U 177 8.92 24.97 -26.10
CA PHE U 177 9.26 25.69 -27.31
C PHE U 177 8.24 25.42 -28.41
N LEU U 178 7.81 24.17 -28.55
CA LEU U 178 6.94 23.82 -29.66
C LEU U 178 5.51 24.27 -29.45
N GLU U 179 5.04 24.32 -28.20
CA GLU U 179 3.65 24.70 -27.98
C GLU U 179 3.45 26.20 -28.21
N LYS U 180 4.50 27.00 -28.07
CA LYS U 180 4.41 28.39 -28.49
C LYS U 180 4.50 28.52 -29.99
N LYS U 181 5.07 27.53 -30.66
CA LYS U 181 5.21 27.58 -32.10
C LYS U 181 3.91 27.17 -32.80
N VAL U 182 3.19 26.21 -32.23
CA VAL U 182 2.05 25.65 -32.94
C VAL U 182 0.78 26.46 -32.69
N LYS U 183 0.67 27.13 -31.55
CA LYS U 183 -0.59 27.81 -31.25
C LYS U 183 -0.71 29.16 -31.94
N LYS U 184 0.34 29.65 -32.55
CA LYS U 184 0.20 30.80 -33.43
C LYS U 184 -0.28 30.41 -34.82
N LYS U 185 -0.25 29.10 -35.13
CA LYS U 185 -1.02 28.49 -36.21
C LYS U 185 -0.61 29.00 -37.59
N PHE U 186 0.69 28.97 -37.85
CA PHE U 186 1.18 29.17 -39.20
C PHE U 186 0.95 27.91 -40.01
N ASP U 187 0.73 28.07 -41.30
CA ASP U 187 0.65 26.90 -42.17
C ASP U 187 2.03 26.30 -42.34
N TRP U 188 2.08 24.98 -42.57
CA TRP U 188 3.34 24.25 -42.56
C TRP U 188 3.56 23.54 -43.89
N THR U 189 4.58 24.00 -44.61
CA THR U 189 5.02 23.34 -45.83
C THR U 189 5.93 22.19 -45.46
N PHE U 190 6.63 21.64 -46.46
CA PHE U 190 7.60 20.59 -46.19
C PHE U 190 8.82 21.13 -45.46
N GLU U 191 9.44 22.17 -46.01
CA GLU U 191 10.71 22.65 -45.50
C GLU U 191 10.56 23.40 -44.19
N GLN U 192 9.39 23.95 -43.92
CA GLN U 192 9.18 24.65 -42.65
C GLN U 192 9.12 23.67 -41.50
N THR U 193 8.53 22.50 -41.71
CA THR U 193 8.55 21.46 -40.69
C THR U 193 9.95 20.90 -40.48
N VAL U 194 10.78 20.90 -41.52
CA VAL U 194 12.18 20.56 -41.33
C VAL U 194 12.89 21.69 -40.59
N GLU U 195 12.54 22.93 -40.90
CA GLU U 195 13.19 24.06 -40.24
C GLU U 195 12.76 24.19 -38.79
N THR U 196 11.47 24.05 -38.50
CA THR U 196 10.99 24.19 -37.14
C THR U 196 11.31 23.01 -36.25
N ALA U 197 11.78 21.90 -36.80
CA ALA U 197 12.21 20.77 -35.99
C ALA U 197 13.69 20.83 -35.65
N ILE U 198 14.52 21.33 -36.58
CA ILE U 198 15.93 21.49 -36.30
C ILE U 198 16.15 22.62 -35.32
N THR U 199 15.45 23.75 -35.52
CA THR U 199 15.54 24.88 -34.60
C THR U 199 14.90 24.60 -33.24
N CYS U 200 14.20 23.48 -33.08
CA CYS U 200 13.76 23.09 -31.75
C CYS U 200 14.94 22.66 -30.89
N LEU U 201 15.66 21.62 -31.30
CA LEU U 201 16.76 21.12 -30.52
C LEU U 201 18.06 21.87 -30.76
N SER U 202 18.05 22.88 -31.63
CA SER U 202 19.19 23.77 -31.73
C SER U 202 19.11 24.93 -30.76
N THR U 203 17.91 25.27 -30.29
CA THR U 203 17.76 26.32 -29.30
C THR U 203 17.61 25.79 -27.89
N VAL U 204 17.11 24.57 -27.73
CA VAL U 204 17.09 23.93 -26.42
C VAL U 204 18.49 23.51 -26.02
N LEU U 205 19.18 22.79 -26.91
CA LEU U 205 20.51 22.29 -26.59
C LEU U 205 21.60 23.33 -26.81
N SER U 206 21.32 24.38 -27.60
CA SER U 206 22.23 25.49 -27.89
C SER U 206 23.55 24.99 -28.49
N ILE U 207 23.43 24.40 -29.68
CA ILE U 207 24.56 23.77 -30.35
C ILE U 207 24.98 24.53 -31.59
N ASP U 208 24.05 24.75 -32.52
CA ASP U 208 24.27 25.35 -33.84
C ASP U 208 25.34 24.56 -34.61
N PHE U 209 24.96 23.33 -34.96
CA PHE U 209 25.87 22.28 -35.36
C PHE U 209 26.14 22.29 -36.85
N LYS U 210 27.03 21.38 -37.25
CA LYS U 210 27.36 20.90 -38.58
C LYS U 210 26.61 19.59 -38.85
N PRO U 211 26.41 19.19 -40.12
CA PRO U 211 25.49 18.06 -40.38
C PRO U 211 25.95 16.67 -39.97
N SER U 212 27.05 16.53 -39.24
CA SER U 212 27.54 15.21 -38.91
C SER U 212 27.00 14.67 -37.59
N GLU U 213 26.19 15.43 -36.87
CA GLU U 213 25.74 15.00 -35.55
C GLU U 213 24.26 14.70 -35.44
N ILE U 214 23.46 14.96 -36.47
CA ILE U 214 22.04 14.67 -36.40
C ILE U 214 21.66 13.73 -37.54
N GLU U 215 20.46 13.20 -37.47
CA GLU U 215 19.94 12.30 -38.48
C GLU U 215 18.43 12.49 -38.57
N VAL U 216 17.92 12.50 -39.80
CA VAL U 216 16.56 12.93 -40.08
C VAL U 216 15.89 11.89 -40.97
N GLY U 217 14.77 11.35 -40.51
CA GLY U 217 13.88 10.55 -41.34
C GLY U 217 12.65 11.35 -41.66
N VAL U 218 11.97 10.99 -42.74
CA VAL U 218 10.85 11.79 -43.23
C VAL U 218 9.90 10.89 -44.01
N VAL U 219 8.63 11.28 -44.03
CA VAL U 219 7.65 10.69 -44.92
C VAL U 219 6.71 11.81 -45.37
N THR U 220 6.22 11.71 -46.59
CA THR U 220 5.48 12.78 -47.23
C THR U 220 4.47 12.13 -48.17
N VAL U 221 3.30 12.76 -48.38
CA VAL U 221 2.38 12.18 -49.35
C VAL U 221 2.72 12.74 -50.72
N GLU U 222 3.88 12.34 -51.22
CA GLU U 222 4.18 12.08 -52.62
C GLU U 222 5.12 10.91 -52.77
N ASN U 223 5.86 10.60 -51.71
CA ASN U 223 6.73 9.43 -51.63
C ASN U 223 6.48 8.86 -50.23
N PRO U 224 5.57 7.90 -50.09
CA PRO U 224 5.26 7.36 -48.77
C PRO U 224 6.30 6.41 -48.21
N LYS U 225 7.43 6.20 -48.91
CA LYS U 225 8.48 5.37 -48.36
C LYS U 225 9.20 6.12 -47.26
N PHE U 226 9.38 5.46 -46.12
CA PHE U 226 10.21 6.03 -45.07
C PHE U 226 11.66 6.07 -45.52
N ARG U 227 12.23 7.26 -45.57
CA ARG U 227 13.57 7.44 -46.12
C ARG U 227 14.40 8.27 -45.15
N ILE U 228 15.70 7.99 -45.14
CA ILE U 228 16.65 8.63 -44.24
C ILE U 228 17.52 9.55 -45.07
N LEU U 229 17.62 10.80 -44.64
CA LEU U 229 18.29 11.82 -45.44
C LEU U 229 19.81 11.62 -45.45
N THR U 230 20.40 11.90 -46.61
CA THR U 230 21.83 11.93 -46.77
C THR U 230 22.36 13.18 -46.07
N GLU U 231 23.61 13.11 -45.59
CA GLU U 231 24.24 14.24 -44.93
C GLU U 231 24.42 15.44 -45.86
N ALA U 232 24.54 15.20 -47.17
CA ALA U 232 24.65 16.29 -48.14
C ALA U 232 23.36 17.10 -48.20
N GLU U 233 22.21 16.43 -48.25
CA GLU U 233 20.94 17.14 -48.29
C GLU U 233 20.47 17.58 -46.92
N ILE U 234 21.06 17.05 -45.85
CA ILE U 234 20.90 17.68 -44.54
C ILE U 234 21.56 19.04 -44.54
N ASP U 235 22.73 19.14 -45.18
CA ASP U 235 23.47 20.40 -45.23
C ASP U 235 22.74 21.45 -46.04
N ALA U 236 21.93 21.04 -47.02
CA ALA U 236 21.15 21.97 -47.81
C ALA U 236 20.10 22.68 -46.96
N HIS U 237 19.39 21.94 -46.12
CA HIS U 237 18.46 22.55 -45.18
C HIS U 237 19.15 23.33 -44.09
N LEU U 238 20.42 23.01 -43.79
CA LEU U 238 21.08 23.66 -42.68
C LEU U 238 21.63 25.03 -43.09
N VAL U 239 22.20 25.13 -44.28
CA VAL U 239 22.71 26.43 -44.72
C VAL U 239 21.58 27.37 -45.14
N ALA U 240 20.42 26.83 -45.50
CA ALA U 240 19.25 27.66 -45.72
C ALA U 240 18.62 28.09 -44.41
N LEU U 241 18.90 27.37 -43.32
CA LEU U 241 18.41 27.78 -42.03
C LEU U 241 19.18 28.98 -41.50
N ALA U 242 20.43 29.14 -41.93
CA ALA U 242 21.22 30.32 -41.60
C ALA U 242 21.09 31.29 -42.76
N GLU U 243 20.14 32.21 -42.66
CA GLU U 243 19.85 33.13 -43.76
C GLU U 243 20.92 34.19 -43.88
N GLU V 2 9.59 -18.44 -20.31
CA GLU V 2 9.84 -18.55 -18.88
C GLU V 2 8.65 -19.15 -18.15
N ARG V 3 8.36 -18.62 -16.96
CA ARG V 3 7.30 -19.15 -16.12
C ARG V 3 6.80 -18.01 -15.24
N GLY V 4 5.97 -18.34 -14.24
CA GLY V 4 5.35 -17.33 -13.42
C GLY V 4 5.84 -17.32 -11.99
N TYR V 5 4.98 -16.97 -11.06
CA TYR V 5 5.31 -17.12 -9.64
C TYR V 5 4.45 -18.15 -8.93
N SER V 6 3.18 -18.27 -9.30
CA SER V 6 2.25 -19.30 -8.81
C SER V 6 2.03 -19.20 -7.30
N PHE V 7 2.06 -17.98 -6.77
CA PHE V 7 1.60 -17.74 -5.41
C PHE V 7 0.91 -16.39 -5.33
N SER V 8 -0.15 -16.33 -4.54
CA SER V 8 -0.89 -15.10 -4.38
C SER V 8 -0.09 -14.11 -3.57
N LEU V 9 0.11 -12.92 -4.11
CA LEU V 9 0.72 -11.81 -3.38
C LEU V 9 -0.34 -10.91 -2.75
N THR V 10 -1.56 -11.41 -2.61
CA THR V 10 -2.64 -10.71 -1.91
C THR V 10 -3.12 -11.62 -0.80
N THR V 11 -2.85 -11.25 0.45
CA THR V 11 -3.19 -12.07 1.60
C THR V 11 -4.10 -11.29 2.53
N PHE V 12 -4.67 -11.98 3.51
CA PHE V 12 -5.49 -11.36 4.52
C PHE V 12 -4.62 -10.67 5.56
N SER V 13 -4.99 -9.45 5.91
CA SER V 13 -4.39 -8.79 7.05
C SER V 13 -4.85 -9.47 8.33
N PRO V 14 -4.12 -9.28 9.44
CA PRO V 14 -4.62 -9.75 10.74
C PRO V 14 -5.88 -9.04 11.19
N SER V 15 -6.18 -7.87 10.64
CA SER V 15 -7.48 -7.24 10.86
C SER V 15 -8.53 -7.72 9.86
N GLY V 16 -8.18 -8.64 8.97
CA GLY V 16 -9.15 -9.23 8.07
C GLY V 16 -9.52 -8.41 6.86
N LYS V 17 -8.58 -7.68 6.29
CA LYS V 17 -8.85 -6.85 5.12
C LYS V 17 -7.81 -7.12 4.05
N LEU V 18 -8.26 -7.29 2.81
CA LEU V 18 -7.34 -7.48 1.70
C LEU V 18 -6.73 -6.13 1.32
N VAL V 19 -5.45 -5.98 1.61
CA VAL V 19 -4.84 -4.65 1.62
C VAL V 19 -4.60 -4.16 0.21
N GLN V 20 -4.24 -5.06 -0.70
CA GLN V 20 -3.95 -4.66 -2.08
C GLN V 20 -5.19 -4.19 -2.82
N ILE V 21 -6.36 -4.76 -2.48
CA ILE V 21 -7.59 -4.26 -3.08
C ILE V 21 -7.93 -2.89 -2.49
N GLU V 22 -7.64 -2.68 -1.21
CA GLU V 22 -7.85 -1.38 -0.59
C GLU V 22 -6.93 -0.33 -1.17
N TYR V 23 -5.75 -0.73 -1.64
CA TYR V 23 -4.87 0.23 -2.29
C TYR V 23 -5.27 0.48 -3.73
N ALA V 24 -5.89 -0.51 -4.38
CA ALA V 24 -6.33 -0.31 -5.75
C ALA V 24 -7.50 0.65 -5.83
N LEU V 25 -8.32 0.72 -4.77
CA LEU V 25 -9.38 1.71 -4.74
C LEU V 25 -8.85 3.11 -4.56
N ALA V 26 -7.64 3.26 -4.02
CA ALA V 26 -7.04 4.58 -3.94
C ALA V 26 -6.62 5.07 -5.31
N ALA V 27 -6.18 4.18 -6.19
CA ALA V 27 -5.82 4.59 -7.54
C ALA V 27 -7.06 4.90 -8.37
N VAL V 28 -8.18 4.25 -8.06
CA VAL V 28 -9.43 4.55 -8.75
C VAL V 28 -9.92 5.94 -8.36
N ALA V 29 -9.79 6.30 -7.09
CA ALA V 29 -10.28 7.59 -6.62
C ALA V 29 -9.46 8.76 -7.12
N GLY V 30 -8.25 8.52 -7.62
CA GLY V 30 -7.43 9.59 -8.14
C GLY V 30 -7.51 9.72 -9.64
N GLY V 31 -8.53 9.12 -10.25
CA GLY V 31 -8.71 9.15 -11.68
C GLY V 31 -9.52 10.35 -12.14
N ALA V 32 -9.83 10.35 -13.41
CA ALA V 32 -10.66 11.41 -13.95
C ALA V 32 -12.11 11.21 -13.53
N PRO V 33 -12.82 12.28 -13.17
CA PRO V 33 -14.21 12.13 -12.75
C PRO V 33 -15.13 11.77 -13.89
N SER V 34 -16.14 10.97 -13.57
CA SER V 34 -17.09 10.50 -14.57
C SER V 34 -18.40 10.15 -13.89
N VAL V 35 -19.52 10.48 -14.53
CA VAL V 35 -20.84 10.23 -13.99
C VAL V 35 -21.64 9.42 -14.99
N GLY V 36 -22.64 8.70 -14.49
CA GLY V 36 -23.52 7.92 -15.32
C GLY V 36 -24.96 7.94 -14.81
N ILE V 37 -25.92 8.21 -15.68
CA ILE V 37 -27.31 8.43 -15.29
C ILE V 37 -28.22 7.68 -16.27
N LYS V 38 -29.09 6.83 -15.76
CA LYS V 38 -30.17 6.26 -16.54
C LYS V 38 -31.48 6.95 -16.20
N ALA V 39 -32.28 7.26 -17.22
CA ALA V 39 -33.58 7.88 -16.99
C ALA V 39 -34.59 7.42 -18.04
N ALA V 40 -35.25 6.30 -17.77
CA ALA V 40 -36.57 5.91 -18.29
C ALA V 40 -36.67 5.66 -19.79
N ASN V 41 -35.67 6.05 -20.58
CA ASN V 41 -35.61 5.61 -21.97
C ASN V 41 -34.20 5.32 -22.45
N GLY V 42 -33.18 5.65 -21.67
CA GLY V 42 -31.81 5.40 -22.06
C GLY V 42 -30.89 5.84 -20.95
N VAL V 43 -29.60 5.54 -21.14
CA VAL V 43 -28.58 5.80 -20.14
C VAL V 43 -27.62 6.82 -20.74
N VAL V 44 -27.14 7.73 -19.90
CA VAL V 44 -26.16 8.74 -20.30
C VAL V 44 -24.85 8.46 -19.56
N LEU V 45 -23.78 8.29 -20.31
CA LEU V 45 -22.45 8.15 -19.75
C LEU V 45 -21.61 9.36 -20.16
N ALA V 46 -21.07 10.06 -19.18
CA ALA V 46 -20.30 11.26 -19.45
C ALA V 46 -19.04 11.26 -18.60
N THR V 47 -17.93 11.61 -19.23
CA THR V 47 -16.63 11.62 -18.60
C THR V 47 -15.96 12.96 -18.83
N GLU V 48 -14.70 13.06 -18.44
CA GLU V 48 -13.98 14.32 -18.40
C GLU V 48 -12.57 14.08 -18.89
N LYS V 49 -12.27 14.56 -20.09
CA LYS V 49 -11.03 14.23 -20.78
C LYS V 49 -10.27 15.51 -21.10
N LYS V 50 -9.27 15.83 -20.29
CA LYS V 50 -8.42 16.98 -20.52
C LYS V 50 -7.04 16.52 -20.95
N GLN V 51 -6.63 16.92 -22.15
CA GLN V 51 -5.24 16.75 -22.54
C GLN V 51 -4.35 17.67 -21.71
N LYS V 52 -3.12 17.24 -21.49
CA LYS V 52 -2.21 18.00 -20.64
C LYS V 52 -1.71 19.27 -21.31
N SER V 53 -1.65 19.29 -22.64
CA SER V 53 -1.17 20.44 -23.36
C SER V 53 -1.87 20.53 -24.70
N ILE V 54 -1.57 21.59 -25.46
CA ILE V 54 -2.21 21.80 -26.75
C ILE V 54 -1.62 20.94 -27.85
N LEU V 55 -0.57 20.18 -27.57
CA LEU V 55 0.07 19.35 -28.58
C LEU V 55 -0.65 18.03 -28.82
N TYR V 56 -1.58 17.65 -27.96
CA TYR V 56 -2.14 16.31 -28.06
C TYR V 56 -3.29 16.32 -29.06
N ASP V 57 -3.46 15.20 -29.75
CA ASP V 57 -4.57 15.03 -30.69
C ASP V 57 -5.69 14.35 -29.94
N GLU V 58 -6.72 15.12 -29.62
CA GLU V 58 -7.84 14.63 -28.83
C GLU V 58 -8.74 13.68 -29.59
N ARG V 59 -8.67 13.66 -30.92
CA ARG V 59 -9.49 12.77 -31.73
C ARG V 59 -8.79 11.44 -32.01
N SER V 60 -7.84 11.06 -31.17
CA SER V 60 -7.06 9.85 -31.37
C SER V 60 -7.48 8.72 -30.44
N VAL V 61 -7.61 9.00 -29.15
CA VAL V 61 -8.06 8.00 -28.20
C VAL V 61 -9.47 8.36 -27.76
N HIS V 62 -10.13 7.39 -27.13
CA HIS V 62 -11.50 7.58 -26.66
C HIS V 62 -11.66 6.94 -25.29
N LYS V 63 -12.31 7.69 -24.40
CA LYS V 63 -12.71 7.14 -23.11
C LYS V 63 -13.94 6.27 -23.25
N VAL V 64 -14.95 6.75 -23.97
CA VAL V 64 -16.21 6.04 -24.13
C VAL V 64 -16.04 5.01 -25.24
N GLU V 65 -16.24 3.74 -24.92
CA GLU V 65 -16.03 2.68 -25.89
C GLU V 65 -17.30 1.84 -26.03
N PRO V 66 -17.64 1.43 -27.24
CA PRO V 66 -18.74 0.47 -27.40
C PRO V 66 -18.25 -0.96 -27.31
N ILE V 67 -19.10 -1.82 -26.75
CA ILE V 67 -18.78 -3.23 -26.65
C ILE V 67 -19.48 -4.02 -27.75
N THR V 68 -20.71 -3.66 -28.05
CA THR V 68 -21.49 -4.30 -29.09
C THR V 68 -22.37 -3.22 -29.71
N LYS V 69 -23.42 -3.65 -30.41
CA LYS V 69 -24.41 -2.74 -30.95
C LYS V 69 -25.07 -1.88 -29.88
N HIS V 70 -25.24 -2.41 -28.66
CA HIS V 70 -26.05 -1.74 -27.68
C HIS V 70 -25.43 -1.64 -26.29
N ILE V 71 -24.12 -1.80 -26.14
CA ILE V 71 -23.47 -1.74 -24.84
C ILE V 71 -22.24 -0.84 -24.92
N GLY V 72 -22.23 0.21 -24.11
CA GLY V 72 -21.08 1.07 -23.98
C GLY V 72 -20.47 0.96 -22.59
N LEU V 73 -19.30 1.56 -22.43
CA LEU V 73 -18.50 1.29 -21.25
C LEU V 73 -17.47 2.40 -21.07
N VAL V 74 -17.46 3.01 -19.89
CA VAL V 74 -16.49 4.04 -19.52
C VAL V 74 -15.76 3.58 -18.26
N TYR V 75 -14.78 4.37 -17.83
CA TYR V 75 -13.97 3.99 -16.69
C TYR V 75 -13.58 5.23 -15.90
N SER V 76 -12.96 4.97 -14.75
CA SER V 76 -12.29 6.01 -13.99
C SER V 76 -11.19 5.30 -13.20
N GLY V 77 -9.95 5.39 -13.68
CA GLY V 77 -8.84 4.69 -13.08
C GLY V 77 -7.56 5.00 -13.81
N MET V 78 -6.76 3.99 -14.08
CA MET V 78 -5.56 4.20 -14.88
C MET V 78 -5.74 3.63 -16.28
N GLY V 79 -5.07 4.29 -17.23
CA GLY V 79 -5.24 4.05 -18.65
C GLY V 79 -4.98 2.66 -19.19
N PRO V 80 -3.74 2.16 -19.08
CA PRO V 80 -3.41 0.90 -19.76
C PRO V 80 -4.13 -0.33 -19.21
N ASP V 81 -4.62 -0.30 -17.97
CA ASP V 81 -5.42 -1.41 -17.48
C ASP V 81 -6.79 -1.47 -18.13
N TYR V 82 -7.28 -0.32 -18.60
CA TYR V 82 -8.62 -0.24 -19.18
C TYR V 82 -8.68 -0.95 -20.52
N ARG V 83 -7.66 -0.76 -21.37
CA ARG V 83 -7.68 -1.33 -22.70
C ARG V 83 -7.54 -2.85 -22.69
N VAL V 84 -7.07 -3.42 -21.57
CA VAL V 84 -6.95 -4.87 -21.50
C VAL V 84 -8.31 -5.50 -21.33
N LEU V 85 -9.08 -5.05 -20.35
CA LEU V 85 -10.38 -5.65 -20.11
C LEU V 85 -11.47 -5.10 -21.02
N VAL V 86 -11.16 -4.11 -21.86
CA VAL V 86 -12.04 -3.84 -23.00
C VAL V 86 -11.93 -4.96 -24.02
N HIS V 87 -10.70 -5.26 -24.45
CA HIS V 87 -10.47 -6.32 -25.43
C HIS V 87 -10.88 -7.68 -24.90
N ARG V 88 -10.85 -7.86 -23.58
CA ARG V 88 -11.43 -9.05 -22.99
C ARG V 88 -12.95 -9.05 -23.12
N ALA V 89 -13.59 -7.91 -22.84
CA ALA V 89 -15.04 -7.86 -22.87
C ALA V 89 -15.58 -7.82 -24.30
N ARG V 90 -14.78 -7.33 -25.25
CA ARG V 90 -15.15 -7.45 -26.65
C ARG V 90 -15.24 -8.91 -27.06
N LYS V 91 -14.32 -9.74 -26.57
CA LYS V 91 -14.32 -11.14 -26.92
C LYS V 91 -15.43 -11.90 -26.24
N LEU V 92 -15.72 -11.58 -24.97
CA LEU V 92 -16.76 -12.30 -24.22
C LEU V 92 -18.14 -12.10 -24.81
N ALA V 93 -18.38 -10.96 -25.44
CA ALA V 93 -19.66 -10.74 -26.12
C ALA V 93 -19.76 -11.56 -27.40
N GLN V 94 -18.64 -12.04 -27.93
CA GLN V 94 -18.70 -12.83 -29.15
C GLN V 94 -18.96 -14.30 -28.86
N GLN V 95 -18.35 -14.86 -27.81
CA GLN V 95 -18.62 -16.26 -27.50
C GLN V 95 -20.03 -16.47 -26.96
N TYR V 96 -20.67 -15.43 -26.43
CA TYR V 96 -22.09 -15.56 -26.17
C TYR V 96 -22.87 -15.57 -27.47
N TYR V 97 -22.42 -14.82 -28.46
CA TYR V 97 -23.18 -14.68 -29.70
C TYR V 97 -23.02 -15.89 -30.59
N LEU V 98 -21.86 -16.54 -30.56
CA LEU V 98 -21.66 -17.71 -31.39
C LEU V 98 -22.41 -18.94 -30.88
N VAL V 99 -22.79 -18.93 -29.62
CA VAL V 99 -23.54 -20.05 -29.06
C VAL V 99 -25.02 -19.80 -29.26
N TYR V 100 -25.49 -18.62 -28.91
CA TYR V 100 -26.91 -18.37 -28.76
C TYR V 100 -27.53 -17.61 -29.92
N GLN V 101 -26.70 -17.01 -30.80
CA GLN V 101 -27.15 -16.18 -31.93
C GLN V 101 -28.06 -15.05 -31.46
N GLU V 102 -27.57 -14.27 -30.49
CA GLU V 102 -28.36 -13.25 -29.85
C GLU V 102 -27.39 -12.26 -29.23
N PRO V 103 -27.70 -10.96 -29.28
CA PRO V 103 -26.89 -10.00 -28.53
C PRO V 103 -26.97 -10.26 -27.02
N ILE V 104 -25.85 -10.08 -26.36
CA ILE V 104 -25.73 -10.48 -24.95
C ILE V 104 -26.52 -9.53 -24.08
N PRO V 105 -27.22 -10.01 -23.04
CA PRO V 105 -27.81 -9.09 -22.07
C PRO V 105 -26.72 -8.36 -21.31
N THR V 106 -27.05 -7.14 -20.89
CA THR V 106 -26.07 -6.34 -20.16
C THR V 106 -25.78 -6.91 -18.78
N ALA V 107 -26.73 -7.61 -18.19
CA ALA V 107 -26.49 -8.25 -16.91
C ALA V 107 -25.49 -9.37 -17.04
N GLN V 108 -25.62 -10.19 -18.09
CA GLN V 108 -24.75 -11.34 -18.25
C GLN V 108 -23.33 -10.96 -18.65
N LEU V 109 -23.15 -9.77 -19.23
CA LEU V 109 -21.80 -9.29 -19.48
C LEU V 109 -21.09 -8.95 -18.19
N VAL V 110 -21.78 -8.30 -17.26
CA VAL V 110 -21.19 -7.91 -15.99
C VAL V 110 -20.97 -9.13 -15.11
N GLN V 111 -21.77 -10.19 -15.30
CA GLN V 111 -21.49 -11.47 -14.68
C GLN V 111 -20.13 -12.01 -15.07
N ARG V 112 -19.70 -11.75 -16.31
CA ARG V 112 -18.49 -12.35 -16.83
C ARG V 112 -17.30 -11.43 -16.85
N VAL V 113 -17.51 -10.12 -16.87
CA VAL V 113 -16.40 -9.19 -16.75
C VAL V 113 -15.91 -9.14 -15.31
N ALA V 114 -16.83 -9.10 -14.35
CA ALA V 114 -16.44 -9.10 -12.95
C ALA V 114 -15.88 -10.43 -12.51
N SER V 115 -16.20 -11.52 -13.21
CA SER V 115 -15.58 -12.79 -12.91
C SER V 115 -14.11 -12.81 -13.33
N VAL V 116 -13.76 -12.00 -14.33
CA VAL V 116 -12.35 -11.88 -14.70
C VAL V 116 -11.59 -11.13 -13.63
N MET V 117 -12.19 -10.07 -13.08
CA MET V 117 -11.48 -9.24 -12.13
C MET V 117 -11.32 -9.93 -10.78
N GLN V 118 -12.28 -10.76 -10.38
CA GLN V 118 -12.10 -11.54 -9.15
C GLN V 118 -11.05 -12.62 -9.35
N GLU V 119 -11.06 -13.27 -10.52
CA GLU V 119 -10.07 -14.29 -10.83
C GLU V 119 -8.67 -13.70 -10.87
N TYR V 120 -8.57 -12.42 -11.16
CA TYR V 120 -7.28 -11.79 -11.31
C TYR V 120 -6.72 -11.25 -10.00
N THR V 121 -7.53 -11.20 -8.95
CA THR V 121 -7.03 -10.76 -7.65
C THR V 121 -6.77 -11.92 -6.69
N GLN V 122 -6.86 -13.16 -7.16
CA GLN V 122 -6.53 -14.32 -6.35
C GLN V 122 -5.39 -15.13 -6.92
N SER V 123 -5.21 -15.15 -8.23
CA SER V 123 -4.23 -15.98 -8.90
C SER V 123 -2.80 -15.52 -8.59
N GLY V 124 -1.85 -16.31 -9.07
CA GLY V 124 -0.47 -16.17 -8.60
C GLY V 124 0.28 -15.08 -9.33
N GLY V 125 0.86 -14.16 -8.57
CA GLY V 125 1.88 -13.27 -9.08
C GLY V 125 1.39 -12.06 -9.83
N VAL V 126 0.23 -11.53 -9.48
CA VAL V 126 -0.37 -10.43 -10.22
C VAL V 126 -0.94 -9.40 -9.26
N ARG V 127 -0.85 -8.24 -9.61
CA ARG V 127 -1.48 -7.15 -8.89
C ARG V 127 -2.88 -6.93 -9.46
N PRO V 128 -3.85 -6.46 -8.68
CA PRO V 128 -5.22 -6.33 -9.20
C PRO V 128 -5.33 -5.14 -10.15
N PHE V 129 -6.47 -5.08 -10.84
CA PHE V 129 -6.70 -3.95 -11.73
C PHE V 129 -6.91 -2.66 -10.94
N GLY V 130 -6.66 -1.53 -11.60
CA GLY V 130 -6.83 -0.24 -10.96
C GLY V 130 -7.88 0.61 -11.62
N VAL V 131 -8.98 0.00 -12.04
CA VAL V 131 -10.07 0.71 -12.71
C VAL V 131 -11.40 0.27 -12.14
N SER V 132 -12.38 1.17 -12.23
CA SER V 132 -13.78 0.84 -12.00
C SER V 132 -14.54 1.20 -13.26
N LEU V 133 -15.64 0.49 -13.51
CA LEU V 133 -16.32 0.59 -14.77
C LEU V 133 -17.74 1.11 -14.59
N LEU V 134 -18.31 1.63 -15.66
CA LEU V 134 -19.73 1.92 -15.75
C LEU V 134 -20.23 1.37 -17.08
N ILE V 135 -21.25 0.53 -17.02
CA ILE V 135 -21.72 -0.21 -18.19
C ILE V 135 -23.19 0.10 -18.38
N CYS V 136 -23.56 0.47 -19.61
CA CYS V 136 -24.91 0.84 -19.97
C CYS V 136 -25.46 -0.14 -21.00
N GLY V 137 -26.73 0.01 -21.31
CA GLY V 137 -27.34 -0.81 -22.34
C GLY V 137 -28.84 -0.93 -22.12
N TRP V 138 -29.53 -1.12 -23.24
CA TRP V 138 -31.00 -1.24 -23.25
C TRP V 138 -31.35 -2.60 -23.84
N ASN V 139 -31.53 -3.59 -22.96
CA ASN V 139 -31.94 -4.93 -23.36
C ASN V 139 -33.39 -5.11 -22.94
N GLU V 140 -34.24 -5.52 -23.90
CA GLU V 140 -35.68 -5.75 -23.72
C GLU V 140 -36.39 -4.50 -23.20
N GLY V 141 -36.14 -3.39 -23.87
CA GLY V 141 -36.79 -2.15 -23.53
C GLY V 141 -36.17 -1.40 -22.37
N ARG V 142 -36.12 -2.05 -21.20
CA ARG V 142 -35.63 -1.38 -19.99
C ARG V 142 -34.13 -1.16 -20.07
N PRO V 143 -33.64 0.02 -19.71
CA PRO V 143 -32.19 0.26 -19.71
C PRO V 143 -31.54 -0.25 -18.43
N TYR V 144 -30.21 -0.27 -18.45
CA TYR V 144 -29.44 -0.78 -17.33
C TYR V 144 -28.20 0.07 -17.10
N LEU V 145 -27.76 0.14 -15.85
CA LEU V 145 -26.57 0.90 -15.48
C LEU V 145 -25.87 0.18 -14.32
N PHE V 146 -24.71 -0.40 -14.58
CA PHE V 146 -24.00 -1.21 -13.61
C PHE V 146 -22.61 -0.62 -13.37
N GLN V 147 -22.09 -0.87 -12.17
CA GLN V 147 -20.75 -0.43 -11.79
C GLN V 147 -19.98 -1.58 -11.16
N SER V 148 -18.83 -1.90 -11.71
CA SER V 148 -17.94 -2.88 -11.12
C SER V 148 -16.83 -2.17 -10.34
N ASP V 149 -15.94 -2.96 -9.76
CA ASP V 149 -14.87 -2.47 -8.93
C ASP V 149 -13.69 -3.43 -9.08
N PRO V 150 -12.47 -3.02 -8.65
CA PRO V 150 -11.33 -3.95 -8.74
C PRO V 150 -11.46 -5.20 -7.88
N SER V 151 -12.34 -5.22 -6.89
CA SER V 151 -12.49 -6.44 -6.09
C SER V 151 -13.22 -7.53 -6.85
N GLY V 152 -14.08 -7.15 -7.78
CA GLY V 152 -14.88 -8.11 -8.53
C GLY V 152 -16.35 -8.08 -8.22
N ALA V 153 -16.83 -7.18 -7.39
CA ALA V 153 -18.26 -7.06 -7.12
C ALA V 153 -18.90 -6.16 -8.16
N TYR V 154 -20.22 -6.01 -8.09
CA TYR V 154 -20.93 -5.14 -9.01
C TYR V 154 -22.24 -4.72 -8.37
N PHE V 155 -22.81 -3.64 -8.90
CA PHE V 155 -24.01 -3.03 -8.34
C PHE V 155 -24.93 -2.62 -9.47
N ALA V 156 -26.12 -2.16 -9.09
CA ALA V 156 -27.14 -1.73 -10.05
C ALA V 156 -27.59 -0.32 -9.65
N TRP V 157 -26.99 0.70 -10.25
CA TRP V 157 -27.21 2.07 -9.86
C TRP V 157 -28.30 2.71 -10.71
N LYS V 158 -28.99 3.68 -10.10
CA LYS V 158 -29.81 4.61 -10.87
C LYS V 158 -28.97 5.74 -11.41
N ALA V 159 -28.09 6.29 -10.59
CA ALA V 159 -27.15 7.33 -10.98
C ALA V 159 -26.00 7.32 -9.99
N THR V 160 -24.79 7.49 -10.50
CA THR V 160 -23.60 7.41 -9.66
C THR V 160 -22.47 8.18 -10.31
N ALA V 161 -21.40 8.38 -9.53
CA ALA V 161 -20.22 9.09 -9.98
C ALA V 161 -18.98 8.33 -9.56
N MET V 162 -17.98 8.33 -10.43
CA MET V 162 -16.71 7.69 -10.15
C MET V 162 -15.59 8.64 -10.53
N GLY V 163 -14.51 8.62 -9.75
CA GLY V 163 -13.36 9.47 -9.98
C GLY V 163 -13.13 10.41 -8.80
N LYS V 164 -12.41 11.50 -9.07
CA LYS V 164 -12.18 12.50 -8.03
C LYS V 164 -13.47 13.21 -7.69
N ASN V 165 -13.61 13.52 -6.39
CA ASN V 165 -14.79 14.18 -5.82
C ASN V 165 -16.07 13.40 -6.10
N TYR V 166 -15.97 12.08 -6.05
CA TYR V 166 -17.15 11.25 -6.29
C TYR V 166 -18.13 11.33 -5.12
N VAL V 167 -17.65 11.65 -3.92
CA VAL V 167 -18.56 11.80 -2.79
C VAL V 167 -19.33 13.11 -2.86
N ASN V 168 -18.88 14.07 -3.65
CA ASN V 168 -19.64 15.29 -3.85
C ASN V 168 -20.63 15.17 -4.99
N GLY V 169 -20.32 14.36 -5.99
CA GLY V 169 -21.23 14.14 -7.09
C GLY V 169 -22.43 13.33 -6.66
N LYS V 170 -22.23 12.38 -5.75
CA LYS V 170 -23.33 11.55 -5.29
C LYS V 170 -24.30 12.33 -4.42
N THR V 171 -23.82 13.35 -3.72
CA THR V 171 -24.74 14.24 -3.04
C THR V 171 -25.44 15.17 -4.02
N PHE V 172 -24.77 15.51 -5.12
CA PHE V 172 -25.36 16.39 -6.10
C PHE V 172 -26.42 15.66 -6.92
N LEU V 173 -26.15 14.40 -7.27
CA LEU V 173 -27.13 13.62 -8.01
C LEU V 173 -28.32 13.24 -7.14
N GLU V 174 -28.13 13.12 -5.84
CA GLU V 174 -29.23 12.75 -4.95
C GLU V 174 -30.24 13.88 -4.84
N LYS V 175 -29.78 15.13 -4.95
CA LYS V 175 -30.67 16.27 -4.93
C LYS V 175 -31.18 16.63 -6.31
N ARG V 176 -30.81 15.88 -7.34
CA ARG V 176 -31.19 16.21 -8.71
C ARG V 176 -32.03 15.15 -9.39
N TYR V 177 -31.66 13.88 -9.28
CA TYR V 177 -32.27 12.82 -10.06
C TYR V 177 -33.60 12.40 -9.46
N ASN V 178 -34.57 12.15 -10.34
CA ASN V 178 -35.82 11.50 -9.96
C ASN V 178 -36.12 10.36 -10.91
N GLU V 179 -37.32 9.80 -10.83
CA GLU V 179 -37.67 8.68 -11.68
C GLU V 179 -37.99 9.10 -13.11
N ASP V 180 -38.45 10.32 -13.30
CA ASP V 180 -39.07 10.73 -14.57
C ASP V 180 -38.22 11.79 -15.24
N LEU V 181 -37.34 11.36 -16.14
CA LEU V 181 -36.60 12.27 -17.00
C LEU V 181 -36.48 11.64 -18.37
N GLU V 182 -36.31 12.49 -19.37
CA GLU V 182 -36.01 12.01 -20.71
C GLU V 182 -34.49 11.87 -20.86
N LEU V 183 -34.06 11.43 -22.03
CA LEU V 183 -32.64 11.27 -22.26
C LEU V 183 -31.94 12.62 -22.36
N GLU V 184 -32.57 13.60 -23.01
CA GLU V 184 -31.97 14.92 -23.15
C GLU V 184 -31.98 15.71 -21.85
N ASP V 185 -32.78 15.31 -20.88
CA ASP V 185 -32.70 15.93 -19.57
C ASP V 185 -31.54 15.37 -18.78
N ALA V 186 -31.30 14.06 -18.91
CA ALA V 186 -30.20 13.43 -18.21
C ALA V 186 -28.85 13.88 -18.76
N ILE V 187 -28.80 14.23 -20.05
CA ILE V 187 -27.60 14.82 -20.61
C ILE V 187 -27.32 16.17 -19.96
N HIS V 188 -28.37 16.96 -19.72
CA HIS V 188 -28.18 18.30 -19.19
C HIS V 188 -27.76 18.26 -17.73
N THR V 189 -28.19 17.24 -16.98
CA THR V 189 -27.78 17.16 -15.59
C THR V 189 -26.49 16.38 -15.42
N ALA V 190 -26.02 15.68 -16.45
CA ALA V 190 -24.70 15.07 -16.39
C ALA V 190 -23.60 16.08 -16.69
N ILE V 191 -23.89 17.08 -17.51
CA ILE V 191 -22.94 18.17 -17.68
C ILE V 191 -22.96 19.06 -16.44
N LEU V 192 -24.12 19.19 -15.81
CA LEU V 192 -24.23 20.03 -14.62
C LEU V 192 -23.52 19.42 -13.42
N THR V 193 -23.31 18.11 -13.41
CA THR V 193 -22.54 17.49 -12.34
C THR V 193 -21.07 17.33 -12.68
N LEU V 194 -20.70 17.37 -13.96
CA LEU V 194 -19.29 17.38 -14.31
C LEU V 194 -18.69 18.76 -14.23
N LYS V 195 -19.53 19.80 -14.20
CA LYS V 195 -19.05 21.16 -13.99
C LYS V 195 -18.66 21.43 -12.56
N GLU V 196 -18.95 20.51 -11.65
CA GLU V 196 -18.57 20.67 -10.24
C GLU V 196 -17.08 20.51 -10.03
N SER V 197 -16.37 19.85 -10.95
CA SER V 197 -14.99 19.46 -10.69
C SER V 197 -14.05 19.74 -11.86
N PHE V 198 -14.55 20.27 -12.98
CA PHE V 198 -13.69 20.55 -14.10
C PHE V 198 -13.02 21.91 -13.91
N GLU V 199 -12.22 22.30 -14.90
CA GLU V 199 -11.61 23.61 -14.90
C GLU V 199 -12.61 24.65 -15.39
N GLY V 200 -12.10 25.84 -15.72
CA GLY V 200 -12.97 26.92 -16.14
C GLY V 200 -13.56 26.74 -17.52
N GLN V 201 -12.79 26.20 -18.46
CA GLN V 201 -13.25 26.01 -19.82
C GLN V 201 -13.70 24.56 -19.99
N MET V 202 -15.00 24.37 -20.18
CA MET V 202 -15.56 23.07 -20.54
C MET V 202 -16.01 23.20 -21.98
N THR V 203 -15.11 22.87 -22.90
CA THR V 203 -15.38 23.05 -24.32
C THR V 203 -15.97 21.77 -24.88
N GLU V 204 -16.08 21.71 -26.20
CA GLU V 204 -16.64 20.55 -26.88
C GLU V 204 -15.68 19.37 -26.93
N ASP V 205 -14.44 19.53 -26.48
CA ASP V 205 -13.46 18.46 -26.51
C ASP V 205 -12.83 18.17 -25.16
N ASN V 206 -13.26 18.84 -24.09
CA ASN V 206 -12.82 18.49 -22.75
C ASN V 206 -13.65 17.37 -22.14
N ILE V 207 -14.80 17.05 -22.75
CA ILE V 207 -15.69 16.03 -22.24
C ILE V 207 -15.96 15.02 -23.36
N GLU V 208 -16.64 13.94 -23.01
CA GLU V 208 -16.98 12.91 -23.97
C GLU V 208 -18.20 12.18 -23.45
N VAL V 209 -19.27 12.17 -24.25
CA VAL V 209 -20.59 11.72 -23.81
C VAL V 209 -21.04 10.61 -24.75
N GLY V 210 -21.57 9.53 -24.17
CA GLY V 210 -22.19 8.47 -24.95
C GLY V 210 -23.54 8.10 -24.37
N ILE V 211 -24.47 7.75 -25.25
CA ILE V 211 -25.85 7.48 -24.86
C ILE V 211 -26.26 6.10 -25.37
N CYS V 212 -27.29 5.56 -24.73
CA CYS V 212 -28.05 4.43 -25.25
C CYS V 212 -29.49 4.84 -25.49
N ASN V 213 -30.09 4.24 -26.50
CA ASN V 213 -31.51 4.30 -26.76
C ASN V 213 -32.00 2.87 -26.93
N GLU V 214 -33.23 2.73 -27.40
CA GLU V 214 -33.61 1.45 -27.95
C GLU V 214 -33.11 1.30 -29.38
N ALA V 215 -32.64 2.40 -29.98
CA ALA V 215 -31.93 2.35 -31.25
C ALA V 215 -30.50 1.85 -31.10
N GLY V 216 -30.00 1.72 -29.88
CA GLY V 216 -28.68 1.18 -29.67
C GLY V 216 -27.70 2.17 -29.06
N PHE V 217 -26.54 1.68 -28.64
CA PHE V 217 -25.51 2.56 -28.12
C PHE V 217 -24.88 3.36 -29.24
N ARG V 218 -24.56 4.61 -28.95
CA ARG V 218 -23.77 5.44 -29.86
C ARG V 218 -23.03 6.48 -29.04
N ARG V 219 -22.09 7.15 -29.70
CA ARG V 219 -21.21 8.10 -29.05
C ARG V 219 -21.33 9.45 -29.76
N LEU V 220 -21.44 10.51 -28.98
CA LEU V 220 -21.74 11.82 -29.55
C LEU V 220 -20.52 12.42 -30.22
N THR V 221 -20.75 13.04 -31.37
CA THR V 221 -19.75 13.83 -32.05
C THR V 221 -19.63 15.19 -31.36
N PRO V 222 -18.47 15.87 -31.49
CA PRO V 222 -18.33 17.18 -30.83
C PRO V 222 -19.19 18.29 -31.40
N THR V 223 -19.96 18.06 -32.46
CA THR V 223 -20.87 19.08 -32.96
C THR V 223 -22.03 19.29 -31.99
N GLU V 224 -22.83 18.26 -31.75
CA GLU V 224 -23.95 18.38 -30.83
C GLU V 224 -23.51 18.39 -29.38
N VAL V 225 -22.29 17.95 -29.08
CA VAL V 225 -21.76 18.13 -27.74
C VAL V 225 -21.55 19.60 -27.44
N LYS V 226 -21.21 20.39 -28.46
CA LYS V 226 -21.12 21.84 -28.30
C LYS V 226 -22.49 22.45 -28.06
N ASP V 227 -23.53 21.87 -28.66
CA ASP V 227 -24.88 22.40 -28.47
C ASP V 227 -25.42 22.06 -27.09
N TYR V 228 -25.05 20.89 -26.56
CA TYR V 228 -25.41 20.56 -25.19
C TYR V 228 -24.60 21.36 -24.19
N LEU V 229 -23.31 21.57 -24.50
CA LEU V 229 -22.49 22.41 -23.63
C LEU V 229 -22.95 23.86 -23.66
N ALA V 230 -23.44 24.33 -24.80
CA ALA V 230 -24.12 25.60 -24.84
C ALA V 230 -25.47 25.49 -24.16
N ALA V 231 -25.91 26.64 -23.62
CA ALA V 231 -27.15 26.77 -22.84
C ALA V 231 -27.16 25.80 -21.66
N ILE V 232 -26.02 25.67 -20.99
CA ILE V 232 -25.89 24.78 -19.85
C ILE V 232 -25.61 25.63 -18.61
N ALA V 233 -25.69 24.97 -17.45
CA ALA V 233 -25.44 25.53 -16.11
C ALA V 233 -26.33 26.74 -15.80
N SER W 1 13.16 -14.91 -5.90
CA SER W 1 11.74 -15.25 -6.04
C SER W 1 11.19 -15.88 -4.78
N ARG W 2 12.07 -16.45 -3.97
CA ARG W 2 11.64 -16.97 -2.68
C ARG W 2 11.65 -15.89 -1.59
N ARG W 3 12.13 -14.70 -1.93
CA ARG W 3 12.03 -13.59 -0.98
C ARG W 3 10.63 -13.01 -0.96
N TYR W 4 9.91 -13.11 -2.07
CA TYR W 4 8.58 -12.50 -2.16
C TYR W 4 7.47 -13.45 -1.80
N ASP W 5 7.77 -14.71 -1.52
CA ASP W 5 6.73 -15.69 -1.22
C ASP W 5 6.27 -15.54 0.22
N SER W 6 4.96 -15.52 0.41
CA SER W 6 4.36 -15.20 1.70
C SER W 6 3.96 -16.41 2.51
N ARG W 7 3.95 -17.61 1.92
CA ARG W 7 3.77 -18.89 2.59
C ARG W 7 2.43 -18.96 3.34
N THR W 8 1.37 -18.95 2.55
CA THR W 8 -0.01 -18.96 3.06
C THR W 8 -0.51 -20.35 3.39
N THR W 9 0.36 -21.31 3.64
CA THR W 9 -0.03 -22.71 3.73
C THR W 9 0.55 -23.34 4.98
N ILE W 10 1.64 -22.77 5.48
CA ILE W 10 2.41 -23.40 6.55
C ILE W 10 1.71 -23.22 7.89
N PHE W 11 2.13 -24.03 8.86
CA PHE W 11 1.66 -23.91 10.22
C PHE W 11 2.35 -22.76 10.93
N SER W 12 1.84 -22.43 12.10
CA SER W 12 2.45 -21.51 13.04
C SER W 12 3.07 -22.29 14.19
N PRO W 13 4.06 -21.73 14.88
CA PRO W 13 4.71 -22.48 15.97
C PRO W 13 3.84 -22.80 17.15
N GLU W 14 2.68 -22.17 17.29
CA GLU W 14 1.75 -22.57 18.34
C GLU W 14 0.83 -23.71 17.91
N GLY W 15 0.90 -24.13 16.64
CA GLY W 15 0.14 -25.27 16.21
C GLY W 15 -0.97 -24.96 15.23
N ARG W 16 -1.66 -23.84 15.45
CA ARG W 16 -2.76 -23.45 14.58
C ARG W 16 -2.21 -22.79 13.32
N LEU W 17 -3.11 -22.43 12.42
CA LEU W 17 -2.68 -21.74 11.21
C LEU W 17 -3.38 -20.39 11.11
N TYR W 18 -2.62 -19.39 10.64
CA TYR W 18 -3.06 -18.00 10.77
C TYR W 18 -3.98 -17.56 9.65
N GLN W 19 -3.88 -18.17 8.48
CA GLN W 19 -4.47 -17.57 7.30
C GLN W 19 -5.98 -17.70 7.29
N VAL W 20 -6.50 -18.86 7.69
CA VAL W 20 -7.95 -19.00 7.72
C VAL W 20 -8.56 -18.34 8.94
N GLU W 21 -7.77 -18.11 9.98
CA GLU W 21 -8.29 -17.43 11.15
C GLU W 21 -8.41 -15.94 10.89
N TYR W 22 -7.58 -15.42 9.99
CA TYR W 22 -7.77 -14.05 9.52
C TYR W 22 -8.99 -13.95 8.63
N ALA W 23 -9.30 -15.03 7.90
CA ALA W 23 -10.49 -15.04 7.06
C ALA W 23 -11.76 -15.15 7.89
N MET W 24 -11.77 -16.04 8.88
CA MET W 24 -12.90 -16.13 9.80
C MET W 24 -12.99 -14.93 10.72
N GLU W 25 -11.92 -14.16 10.85
CA GLU W 25 -12.04 -12.86 11.50
C GLU W 25 -12.82 -11.91 10.62
N ALA W 26 -12.60 -11.96 9.30
CA ALA W 26 -13.33 -11.09 8.39
C ALA W 26 -14.75 -11.58 8.13
N ILE W 27 -15.05 -12.84 8.46
CA ILE W 27 -16.39 -13.34 8.23
C ILE W 27 -17.36 -12.86 9.31
N GLY W 28 -16.83 -12.36 10.42
CA GLY W 28 -17.69 -11.79 11.45
C GLY W 28 -18.37 -10.52 10.97
N HIS W 29 -17.58 -9.55 10.53
CA HIS W 29 -18.15 -8.32 10.00
C HIS W 29 -18.76 -8.56 8.63
N ALA W 30 -19.46 -7.53 8.13
CA ALA W 30 -19.99 -7.44 6.77
C ALA W 30 -20.98 -8.57 6.46
N GLY W 31 -22.12 -8.51 7.12
CA GLY W 31 -23.26 -9.31 6.71
C GLY W 31 -23.96 -9.92 7.90
N THR W 32 -25.19 -10.38 7.64
CA THR W 32 -25.98 -11.09 8.64
C THR W 32 -26.97 -12.01 7.94
N CYS W 33 -26.86 -13.30 8.19
CA CYS W 33 -27.78 -14.29 7.65
C CYS W 33 -28.15 -15.27 8.75
N LEU W 34 -29.38 -15.76 8.72
CA LEU W 34 -29.78 -16.78 9.68
C LEU W 34 -30.87 -17.66 9.07
N GLY W 35 -31.02 -18.84 9.64
CA GLY W 35 -32.05 -19.76 9.21
C GLY W 35 -32.72 -20.42 10.40
N ILE W 36 -33.88 -21.01 10.13
CA ILE W 36 -34.66 -21.66 11.18
C ILE W 36 -35.55 -22.70 10.52
N LEU W 37 -35.76 -23.81 11.23
CA LEU W 37 -36.77 -24.79 10.85
C LEU W 37 -37.16 -25.55 12.11
N ALA W 38 -38.42 -25.98 12.15
CA ALA W 38 -38.82 -27.07 13.02
C ALA W 38 -39.85 -28.00 12.37
N ASN W 39 -40.47 -27.61 11.28
CA ASN W 39 -41.57 -28.34 10.69
C ASN W 39 -41.48 -28.14 9.19
N ASP W 40 -42.60 -28.40 8.51
CA ASP W 40 -42.75 -28.22 7.06
C ASP W 40 -42.35 -26.83 6.57
N GLY W 41 -41.19 -26.72 5.98
CA GLY W 41 -40.68 -25.44 5.53
C GLY W 41 -39.40 -25.06 6.26
N VAL W 42 -38.63 -24.18 5.63
CA VAL W 42 -37.38 -23.66 6.18
C VAL W 42 -37.15 -22.29 5.55
N LEU W 43 -36.55 -21.38 6.32
CA LEU W 43 -36.43 -20.00 5.89
C LEU W 43 -34.99 -19.52 6.00
N LEU W 44 -34.68 -18.48 5.24
CA LEU W 44 -33.42 -17.76 5.31
C LEU W 44 -33.71 -16.28 5.52
N ALA W 45 -33.33 -15.76 6.67
CA ALA W 45 -33.48 -14.34 6.97
C ALA W 45 -32.11 -13.69 6.83
N ALA W 46 -31.99 -12.74 5.91
CA ALA W 46 -30.74 -12.05 5.66
C ALA W 46 -30.99 -10.55 5.66
N GLU W 47 -29.99 -9.81 6.14
CA GLU W 47 -30.07 -8.36 6.27
C GLU W 47 -29.27 -7.69 5.17
N ARG W 48 -29.90 -6.78 4.45
CA ARG W 48 -29.21 -6.02 3.43
C ARG W 48 -28.29 -4.98 4.07
N ARG W 49 -27.22 -4.66 3.37
CA ARG W 49 -26.20 -3.74 3.87
C ARG W 49 -26.19 -2.41 3.16
N ASN W 50 -26.06 -2.41 1.84
CA ASN W 50 -26.05 -1.17 1.07
C ASN W 50 -27.48 -0.71 0.87
N ILE W 51 -27.91 0.24 1.68
CA ILE W 51 -29.30 0.70 1.65
C ILE W 51 -29.34 2.13 1.13
N HIS W 52 -28.41 2.47 0.24
CA HIS W 52 -28.37 3.81 -0.34
C HIS W 52 -29.56 4.02 -1.25
N LYS W 53 -29.98 5.29 -1.35
CA LYS W 53 -31.21 5.65 -2.06
C LYS W 53 -31.07 5.65 -3.57
N LEU W 54 -29.94 5.21 -4.14
CA LEU W 54 -29.79 5.14 -5.59
C LEU W 54 -29.36 3.72 -5.98
N LEU W 55 -30.33 2.82 -6.06
CA LEU W 55 -30.07 1.46 -6.54
C LEU W 55 -31.32 0.94 -7.22
N ASP W 56 -31.13 -0.01 -8.14
CA ASP W 56 -32.23 -0.48 -8.97
C ASP W 56 -33.07 -1.57 -8.31
N GLU W 57 -32.51 -2.34 -7.37
CA GLU W 57 -33.19 -3.39 -6.60
C GLU W 57 -33.76 -4.47 -7.53
N VAL W 58 -32.85 -5.17 -8.18
CA VAL W 58 -33.19 -6.16 -9.20
C VAL W 58 -32.50 -7.48 -8.89
N PHE W 59 -32.58 -8.42 -9.85
CA PHE W 59 -31.99 -9.77 -9.80
C PHE W 59 -32.65 -10.66 -8.77
N PHE W 60 -33.86 -10.30 -8.33
CA PHE W 60 -34.79 -11.14 -7.58
C PHE W 60 -34.35 -11.44 -6.15
N SER W 61 -33.11 -11.10 -5.81
CA SER W 61 -32.47 -11.49 -4.55
C SER W 61 -31.20 -10.66 -4.44
N GLU W 62 -30.64 -10.63 -3.24
CA GLU W 62 -29.37 -9.97 -3.02
C GLU W 62 -28.31 -10.92 -2.49
N LYS W 63 -28.62 -11.69 -1.46
CA LYS W 63 -27.71 -12.68 -0.94
C LYS W 63 -28.26 -14.08 -1.00
N ILE W 64 -29.43 -14.26 -1.61
CA ILE W 64 -30.01 -15.57 -1.80
C ILE W 64 -29.68 -16.05 -3.21
N TYR W 65 -29.24 -17.29 -3.33
CA TYR W 65 -28.86 -17.86 -4.61
C TYR W 65 -29.54 -19.22 -4.74
N LYS W 66 -30.37 -19.37 -5.76
CA LYS W 66 -30.96 -20.67 -6.05
C LYS W 66 -29.91 -21.57 -6.67
N LEU W 67 -29.65 -22.71 -6.05
CA LEU W 67 -28.61 -23.62 -6.51
C LEU W 67 -29.17 -24.73 -7.36
N ASN W 68 -30.10 -25.50 -6.82
CA ASN W 68 -30.71 -26.61 -7.49
C ASN W 68 -32.14 -26.23 -7.78
N GLU W 69 -32.94 -27.17 -8.25
CA GLU W 69 -34.36 -26.89 -8.37
C GLU W 69 -35.11 -27.06 -7.05
N ASP W 70 -34.44 -27.49 -5.99
CA ASP W 70 -35.11 -27.65 -4.71
C ASP W 70 -34.22 -27.26 -3.53
N MET W 71 -33.20 -26.44 -3.75
CA MET W 71 -32.40 -25.95 -2.62
C MET W 71 -31.73 -24.65 -3.02
N ALA W 72 -31.38 -23.87 -2.00
CA ALA W 72 -30.80 -22.55 -2.20
C ALA W 72 -29.80 -22.28 -1.09
N CYS W 73 -29.10 -21.17 -1.20
CA CYS W 73 -28.05 -20.83 -0.25
C CYS W 73 -28.04 -19.34 0.03
N SER W 74 -27.62 -18.97 1.22
CA SER W 74 -27.36 -17.60 1.61
C SER W 74 -25.89 -17.47 1.99
N VAL W 75 -25.27 -16.37 1.57
CA VAL W 75 -23.81 -16.26 1.59
C VAL W 75 -23.42 -15.08 2.47
N ALA W 76 -22.19 -15.11 2.96
CA ALA W 76 -21.65 -14.03 3.77
C ALA W 76 -20.15 -13.92 3.56
N GLY W 77 -19.65 -12.69 3.57
CA GLY W 77 -18.23 -12.45 3.41
C GLY W 77 -17.89 -11.62 2.19
N ILE W 78 -16.77 -11.94 1.54
CA ILE W 78 -16.39 -11.24 0.32
C ILE W 78 -17.34 -11.64 -0.79
N THR W 79 -18.06 -10.64 -1.33
CA THR W 79 -19.10 -10.91 -2.32
C THR W 79 -18.51 -11.36 -3.65
N SER W 80 -17.31 -10.92 -3.99
CA SER W 80 -16.72 -11.33 -5.26
C SER W 80 -16.23 -12.77 -5.19
N ASP W 81 -15.70 -13.20 -4.05
CA ASP W 81 -15.35 -14.60 -3.86
C ASP W 81 -16.59 -15.48 -3.83
N ALA W 82 -17.73 -14.90 -3.44
CA ALA W 82 -18.96 -15.67 -3.38
C ALA W 82 -19.48 -16.03 -4.77
N ASN W 83 -19.26 -15.17 -5.75
CA ASN W 83 -19.83 -15.41 -7.08
C ASN W 83 -19.13 -16.57 -7.78
N VAL W 84 -17.91 -16.89 -7.37
CA VAL W 84 -17.20 -18.02 -7.96
C VAL W 84 -17.66 -19.33 -7.34
N LEU W 85 -17.91 -19.33 -6.04
CA LEU W 85 -18.40 -20.54 -5.40
C LEU W 85 -19.83 -20.86 -5.82
N THR W 86 -20.69 -19.84 -5.95
CA THR W 86 -22.10 -20.08 -6.23
C THR W 86 -22.32 -20.65 -7.61
N ASN W 87 -21.56 -20.22 -8.61
CA ASN W 87 -21.66 -20.90 -9.89
C ASN W 87 -20.66 -22.04 -10.02
N GLU W 88 -20.14 -22.55 -8.91
CA GLU W 88 -19.34 -23.76 -8.94
C GLU W 88 -20.11 -24.95 -8.43
N LEU W 89 -20.82 -24.79 -7.30
CA LEU W 89 -21.65 -25.90 -6.88
C LEU W 89 -23.01 -25.89 -7.58
N ARG W 90 -23.26 -24.87 -8.41
CA ARG W 90 -24.45 -24.90 -9.25
C ARG W 90 -24.34 -25.97 -10.32
N LEU W 91 -23.14 -26.22 -10.83
CA LEU W 91 -22.96 -27.28 -11.80
C LEU W 91 -22.39 -28.55 -11.20
N ILE W 92 -22.10 -28.55 -9.90
CA ILE W 92 -21.89 -29.83 -9.21
C ILE W 92 -23.22 -30.56 -9.10
N ALA W 93 -24.30 -29.83 -8.83
CA ALA W 93 -25.62 -30.44 -8.80
C ALA W 93 -26.08 -30.88 -10.18
N GLN W 94 -25.60 -30.23 -11.24
CA GLN W 94 -26.04 -30.60 -12.57
C GLN W 94 -25.27 -31.79 -13.12
N ARG W 95 -23.97 -31.90 -12.78
CA ARG W 95 -23.22 -33.07 -13.22
C ARG W 95 -23.61 -34.31 -12.41
N TYR W 96 -24.21 -34.13 -11.24
CA TYR W 96 -24.84 -35.23 -10.54
C TYR W 96 -26.07 -35.70 -11.29
N LEU W 97 -26.92 -34.75 -11.71
CA LEU W 97 -28.16 -35.06 -12.40
C LEU W 97 -27.90 -35.65 -13.78
N LEU W 98 -26.81 -35.25 -14.41
CA LEU W 98 -26.39 -35.91 -15.65
C LEU W 98 -25.99 -37.35 -15.41
N GLN W 99 -25.42 -37.64 -14.25
CA GLN W 99 -24.85 -38.96 -14.04
C GLN W 99 -25.87 -39.95 -13.52
N TYR W 100 -26.79 -39.51 -12.66
CA TYR W 100 -27.70 -40.43 -12.00
C TYR W 100 -29.16 -40.25 -12.42
N GLN W 101 -29.50 -39.13 -13.06
CA GLN W 101 -30.88 -38.74 -13.38
C GLN W 101 -31.75 -38.73 -12.12
N GLU W 102 -31.31 -37.95 -11.14
CA GLU W 102 -31.97 -37.84 -9.85
C GLU W 102 -31.46 -36.56 -9.20
N PRO W 103 -32.30 -35.80 -8.51
CA PRO W 103 -31.81 -34.60 -7.82
C PRO W 103 -30.86 -34.95 -6.69
N ILE W 104 -29.88 -34.08 -6.47
CA ILE W 104 -28.79 -34.35 -5.54
C ILE W 104 -29.28 -34.23 -4.10
N PRO W 105 -28.88 -35.15 -3.22
CA PRO W 105 -29.13 -34.96 -1.78
C PRO W 105 -28.40 -33.74 -1.27
N CYS W 106 -29.05 -33.05 -0.34
CA CYS W 106 -28.59 -31.76 0.13
C CYS W 106 -27.29 -31.84 0.92
N GLU W 107 -27.01 -32.98 1.56
CA GLU W 107 -25.80 -33.06 2.36
C GLU W 107 -24.57 -33.24 1.50
N GLN W 108 -24.61 -34.15 0.54
CA GLN W 108 -23.41 -34.40 -0.23
C GLN W 108 -23.16 -33.38 -1.32
N LEU W 109 -24.04 -32.39 -1.47
CA LEU W 109 -23.64 -31.19 -2.20
C LEU W 109 -22.72 -30.33 -1.36
N VAL W 110 -22.96 -30.26 -0.06
CA VAL W 110 -22.14 -29.43 0.83
C VAL W 110 -20.74 -30.02 0.96
N THR W 111 -20.65 -31.34 1.10
CA THR W 111 -19.36 -31.99 1.21
C THR W 111 -18.54 -31.89 -0.06
N ALA W 112 -19.18 -31.79 -1.21
CA ALA W 112 -18.45 -31.65 -2.46
C ALA W 112 -17.81 -30.27 -2.57
N LEU W 113 -18.53 -29.23 -2.13
CA LEU W 113 -17.97 -27.89 -2.20
C LEU W 113 -16.93 -27.67 -1.12
N CYS W 114 -17.18 -28.19 0.08
CA CYS W 114 -16.25 -28.01 1.19
C CYS W 114 -14.98 -28.84 1.04
N ASP W 115 -14.86 -29.67 0.02
CA ASP W 115 -13.57 -30.26 -0.31
C ASP W 115 -12.77 -29.39 -1.26
N ILE W 116 -13.44 -28.66 -2.14
CA ILE W 116 -12.77 -27.66 -2.98
C ILE W 116 -12.26 -26.53 -2.11
N LYS W 117 -13.07 -26.13 -1.12
CA LYS W 117 -12.69 -25.04 -0.23
C LYS W 117 -11.55 -25.46 0.69
N GLN W 118 -11.47 -26.75 1.02
CA GLN W 118 -10.43 -27.23 1.93
C GLN W 118 -9.09 -27.29 1.23
N ALA W 119 -9.09 -27.49 -0.09
CA ALA W 119 -7.84 -27.73 -0.81
C ALA W 119 -6.97 -26.48 -0.86
N TYR W 120 -7.58 -25.30 -0.91
CA TYR W 120 -6.80 -24.07 -0.94
C TYR W 120 -6.13 -23.77 0.38
N THR W 121 -6.64 -24.31 1.47
CA THR W 121 -6.01 -24.15 2.77
C THR W 121 -4.89 -25.13 2.99
N GLN W 122 -4.56 -25.92 2.02
CA GLN W 122 -3.75 -27.08 2.31
C GLN W 122 -2.55 -27.22 1.39
N PHE W 123 -2.66 -26.76 0.15
CA PHE W 123 -1.54 -26.73 -0.77
C PHE W 123 -1.83 -25.70 -1.84
N GLY W 124 -0.81 -25.40 -2.64
CA GLY W 124 -0.94 -24.54 -3.79
C GLY W 124 -0.38 -23.15 -3.60
N GLY W 125 -0.13 -22.73 -2.37
CA GLY W 125 0.37 -21.39 -2.10
C GLY W 125 -0.62 -20.32 -2.50
N LYS W 126 -1.86 -20.46 -2.08
CA LYS W 126 -2.97 -19.74 -2.68
C LYS W 126 -3.85 -19.13 -1.60
N ARG W 127 -4.43 -17.98 -1.90
CA ARG W 127 -5.31 -17.32 -0.95
C ARG W 127 -6.59 -18.10 -0.77
N PRO W 128 -6.96 -18.46 0.46
CA PRO W 128 -8.23 -19.16 0.69
C PRO W 128 -9.40 -18.19 0.54
N PHE W 129 -10.60 -18.77 0.53
CA PHE W 129 -11.82 -17.98 0.40
C PHE W 129 -12.26 -17.52 1.79
N GLY W 130 -12.56 -16.23 1.91
CA GLY W 130 -13.15 -15.74 3.12
C GLY W 130 -14.66 -15.73 3.02
N VAL W 131 -15.25 -16.90 2.81
CA VAL W 131 -16.69 -17.03 2.55
C VAL W 131 -17.24 -18.16 3.41
N SER W 132 -18.24 -17.84 4.21
CA SER W 132 -19.06 -18.83 4.91
C SER W 132 -20.49 -18.65 4.44
N LEU W 133 -21.25 -19.74 4.42
CA LEU W 133 -22.56 -19.69 3.79
C LEU W 133 -23.47 -20.77 4.33
N LEU W 134 -24.78 -20.50 4.26
CA LEU W 134 -25.82 -21.39 4.72
C LEU W 134 -26.39 -22.23 3.59
N TYR W 135 -27.15 -23.25 3.95
CA TYR W 135 -27.75 -24.18 3.00
C TYR W 135 -29.10 -24.61 3.52
N ILE W 136 -30.15 -24.35 2.76
CA ILE W 136 -31.45 -24.93 3.00
C ILE W 136 -31.74 -25.87 1.85
N GLY W 137 -32.73 -26.73 2.05
CA GLY W 137 -33.11 -27.62 0.98
C GLY W 137 -33.94 -28.78 1.49
N TRP W 138 -34.36 -29.62 0.54
CA TRP W 138 -35.21 -30.75 0.80
C TRP W 138 -34.71 -31.94 -0.01
N ASP W 139 -34.82 -33.12 0.59
CA ASP W 139 -34.57 -34.35 -0.16
C ASP W 139 -35.47 -35.44 0.41
N LYS W 140 -35.56 -36.55 -0.33
CA LYS W 140 -36.44 -37.62 0.09
C LYS W 140 -35.87 -38.47 1.22
N HIS W 141 -34.58 -38.36 1.50
CA HIS W 141 -34.00 -39.20 2.53
C HIS W 141 -34.27 -38.67 3.93
N TYR W 142 -34.21 -37.36 4.13
CA TYR W 142 -34.39 -36.81 5.46
C TYR W 142 -35.29 -35.60 5.53
N GLY W 143 -35.80 -35.10 4.41
CA GLY W 143 -36.70 -33.97 4.46
C GLY W 143 -35.98 -32.64 4.48
N PHE W 144 -36.47 -31.71 5.30
CA PHE W 144 -35.90 -30.37 5.35
C PHE W 144 -34.60 -30.38 6.13
N GLN W 145 -33.57 -29.78 5.56
CA GLN W 145 -32.23 -29.82 6.13
C GLN W 145 -31.68 -28.40 6.20
N LEU W 146 -30.67 -28.21 7.05
CA LEU W 146 -30.09 -26.89 7.27
C LEU W 146 -28.61 -27.09 7.61
N TYR W 147 -27.73 -26.57 6.77
CA TYR W 147 -26.30 -26.73 6.94
C TYR W 147 -25.59 -25.39 6.99
N GLN W 148 -24.32 -25.45 7.40
CA GLN W 148 -23.49 -24.28 7.56
C GLN W 148 -22.08 -24.62 7.14
N SER W 149 -21.48 -23.79 6.30
CA SER W 149 -20.11 -23.98 5.86
C SER W 149 -19.19 -22.99 6.54
N ASP W 150 -17.92 -23.35 6.61
CA ASP W 150 -16.87 -22.52 7.20
C ASP W 150 -15.74 -22.41 6.19
N PRO W 151 -14.95 -21.33 6.25
CA PRO W 151 -13.83 -21.21 5.30
C PRO W 151 -12.71 -22.21 5.52
N SER W 152 -12.66 -22.90 6.65
CA SER W 152 -11.65 -23.94 6.84
C SER W 152 -11.98 -25.16 5.99
N GLY W 153 -13.25 -25.46 5.80
CA GLY W 153 -13.65 -26.58 4.97
C GLY W 153 -14.50 -27.60 5.70
N ASN W 154 -14.90 -27.28 6.92
CA ASN W 154 -15.72 -28.16 7.73
C ASN W 154 -17.14 -27.64 7.85
N TYR W 155 -18.09 -28.53 7.69
CA TYR W 155 -19.50 -28.20 7.67
C TYR W 155 -20.18 -28.72 8.93
N GLY W 156 -21.49 -28.52 9.02
CA GLY W 156 -22.25 -29.03 10.14
C GLY W 156 -23.74 -28.88 9.96
N GLY W 157 -24.52 -29.85 10.42
CA GLY W 157 -25.95 -29.70 10.42
C GLY W 157 -26.43 -28.91 11.63
N TRP W 158 -27.53 -28.20 11.47
CA TRP W 158 -28.01 -27.32 12.52
C TRP W 158 -29.53 -27.30 12.52
N LYS W 159 -30.07 -26.47 13.40
CA LYS W 159 -31.49 -26.14 13.40
C LYS W 159 -31.74 -24.65 13.31
N ALA W 160 -30.87 -23.83 13.89
CA ALA W 160 -30.96 -22.37 13.79
C ALA W 160 -29.60 -21.78 14.12
N THR W 161 -29.02 -21.06 13.15
CA THR W 161 -27.66 -20.52 13.30
C THR W 161 -27.59 -19.20 12.55
N CYS W 162 -26.80 -18.27 13.10
CA CYS W 162 -26.55 -16.97 12.48
C CYS W 162 -25.05 -16.78 12.28
N ILE W 163 -24.67 -16.10 11.20
CA ILE W 163 -23.27 -15.80 10.92
C ILE W 163 -23.15 -14.29 10.80
N GLY W 164 -23.97 -13.56 11.53
CA GLY W 164 -23.97 -12.12 11.48
C GLY W 164 -22.76 -11.48 12.16
N ASN W 165 -22.85 -10.17 12.31
CA ASN W 165 -21.82 -9.45 13.06
C ASN W 165 -22.00 -9.66 14.55
N ASN W 166 -23.24 -9.72 15.02
CA ASN W 166 -23.54 -10.06 16.41
C ASN W 166 -24.08 -11.48 16.51
N SER W 167 -23.47 -12.40 15.75
CA SER W 167 -23.98 -13.76 15.63
C SER W 167 -23.96 -14.51 16.95
N ALA W 168 -23.00 -14.20 17.83
CA ALA W 168 -22.98 -14.81 19.14
C ALA W 168 -24.18 -14.36 19.98
N ALA W 169 -24.62 -13.12 19.80
CA ALA W 169 -25.80 -12.65 20.49
C ALA W 169 -27.06 -13.28 19.94
N ALA W 170 -27.07 -13.61 18.65
CA ALA W 170 -28.24 -14.24 18.06
C ALA W 170 -28.36 -15.69 18.50
N VAL W 171 -27.25 -16.42 18.52
CA VAL W 171 -27.25 -17.83 18.91
C VAL W 171 -27.64 -17.98 20.38
N SER W 172 -27.16 -17.05 21.21
CA SER W 172 -27.51 -17.02 22.64
C SER W 172 -28.98 -16.80 22.88
N MET W 173 -29.69 -16.18 21.94
CA MET W 173 -31.12 -15.97 22.05
C MET W 173 -31.92 -17.04 21.33
N LEU W 174 -31.35 -17.67 20.29
CA LEU W 174 -32.02 -18.79 19.65
C LEU W 174 -32.12 -19.98 20.58
N LYS W 175 -31.10 -20.21 21.41
CA LYS W 175 -31.20 -21.22 22.44
C LYS W 175 -31.79 -20.68 23.74
N GLN W 176 -32.44 -19.53 23.68
CA GLN W 176 -33.32 -19.07 24.75
C GLN W 176 -34.79 -19.14 24.35
N ASP W 177 -35.08 -19.20 23.06
CA ASP W 177 -36.46 -19.25 22.57
C ASP W 177 -36.48 -20.18 21.36
N TYR W 178 -37.08 -21.34 21.53
CA TYR W 178 -36.98 -22.45 20.60
C TYR W 178 -37.90 -23.56 21.07
N LYS W 179 -38.28 -24.43 20.15
CA LYS W 179 -39.01 -25.64 20.49
C LYS W 179 -38.78 -26.67 19.40
N GLU W 180 -38.48 -27.89 19.81
CA GLU W 180 -38.00 -28.93 18.91
C GLU W 180 -39.19 -29.56 18.20
N GLY W 181 -39.42 -29.15 16.95
CA GLY W 181 -40.43 -29.77 16.12
C GLY W 181 -41.80 -29.19 16.22
N GLU W 182 -41.95 -28.03 16.86
CA GLU W 182 -43.27 -27.43 17.02
C GLU W 182 -43.32 -26.01 16.48
N MET W 183 -42.20 -25.42 16.10
CA MET W 183 -42.18 -24.08 15.54
C MET W 183 -42.65 -24.21 14.09
N THR W 184 -43.91 -23.89 13.86
CA THR W 184 -44.47 -23.87 12.52
C THR W 184 -43.93 -22.68 11.74
N LEU W 185 -44.21 -22.65 10.44
CA LEU W 185 -43.71 -21.58 9.59
C LEU W 185 -44.59 -20.33 9.63
N LYS W 186 -45.00 -19.94 10.82
CA LYS W 186 -45.49 -18.61 11.19
C LYS W 186 -44.85 -18.16 12.49
N SER W 187 -44.68 -19.07 13.44
CA SER W 187 -43.98 -18.75 14.67
C SER W 187 -42.50 -18.56 14.43
N ALA W 188 -41.93 -19.31 13.48
CA ALA W 188 -40.55 -19.09 13.10
C ALA W 188 -40.35 -17.73 12.43
N LEU W 189 -41.34 -17.31 11.63
CA LEU W 189 -41.27 -15.98 11.01
C LEU W 189 -41.38 -14.88 12.04
N ALA W 190 -42.23 -15.05 13.06
CA ALA W 190 -42.29 -14.09 14.14
C ALA W 190 -41.02 -14.13 14.98
N LEU W 191 -40.42 -15.32 15.12
CA LEU W 191 -39.15 -15.42 15.81
C LEU W 191 -38.02 -14.84 14.98
N ALA W 192 -38.13 -14.92 13.66
CA ALA W 192 -37.07 -14.37 12.81
C ALA W 192 -37.04 -12.85 12.88
N ILE W 193 -38.21 -12.21 12.87
CA ILE W 193 -38.27 -10.77 13.01
C ILE W 193 -37.91 -10.33 14.42
N LYS W 194 -37.98 -11.23 15.39
CA LYS W 194 -37.54 -10.90 16.75
C LYS W 194 -36.04 -10.91 16.87
N VAL W 195 -35.36 -11.83 16.19
CA VAL W 195 -33.91 -11.96 16.35
C VAL W 195 -33.20 -10.81 15.66
N LEU W 196 -33.56 -10.53 14.41
CA LEU W 196 -32.91 -9.42 13.73
C LEU W 196 -33.44 -8.06 14.17
N ASN W 197 -34.44 -8.03 15.05
CA ASN W 197 -34.71 -6.80 15.79
C ASN W 197 -33.57 -6.51 16.76
N LYS W 198 -32.94 -7.55 17.28
CA LYS W 198 -31.88 -7.38 18.27
C LYS W 198 -30.55 -7.06 17.62
N THR W 199 -30.11 -7.92 16.69
CA THR W 199 -28.76 -7.81 16.15
C THR W 199 -28.58 -6.64 15.21
N MET W 200 -29.65 -6.08 14.66
CA MET W 200 -29.52 -4.92 13.80
C MET W 200 -29.52 -3.66 14.65
N ASP W 201 -28.40 -2.93 14.62
CA ASP W 201 -28.30 -1.72 15.42
C ASP W 201 -29.12 -0.58 14.83
N VAL W 202 -29.32 -0.60 13.51
CA VAL W 202 -30.29 0.30 12.90
C VAL W 202 -31.68 -0.14 13.34
N SER W 203 -32.31 0.66 14.19
CA SER W 203 -33.55 0.25 14.82
C SER W 203 -34.73 0.42 13.87
N LYS W 204 -35.92 0.09 14.39
CA LYS W 204 -37.25 0.27 13.81
C LYS W 204 -37.55 -0.68 12.65
N LEU W 205 -36.54 -1.45 12.20
CA LEU W 205 -36.69 -2.58 11.27
C LEU W 205 -37.33 -2.14 9.95
N SER W 206 -36.55 -1.36 9.19
CA SER W 206 -36.91 -1.03 7.82
C SER W 206 -37.14 -2.29 7.00
N ALA W 207 -38.30 -2.36 6.34
CA ALA W 207 -38.67 -3.54 5.58
C ALA W 207 -37.80 -3.75 4.35
N GLU W 208 -37.16 -2.70 3.86
CA GLU W 208 -36.22 -2.81 2.76
C GLU W 208 -34.82 -3.18 3.21
N LYS W 209 -34.59 -3.24 4.52
CA LYS W 209 -33.27 -3.56 5.05
C LYS W 209 -33.04 -5.05 5.22
N VAL W 210 -34.08 -5.87 5.15
CA VAL W 210 -33.96 -7.31 5.34
C VAL W 210 -34.54 -8.03 4.13
N GLU W 211 -34.15 -9.29 3.99
CA GLU W 211 -34.68 -10.17 2.96
C GLU W 211 -34.99 -11.52 3.57
N ILE W 212 -36.15 -12.08 3.24
CA ILE W 212 -36.60 -13.36 3.78
C ILE W 212 -37.08 -14.22 2.63
N ALA W 213 -36.56 -15.44 2.55
CA ALA W 213 -36.95 -16.39 1.52
C ALA W 213 -37.30 -17.71 2.19
N THR W 214 -38.40 -18.31 1.75
CA THR W 214 -38.90 -19.54 2.35
C THR W 214 -38.89 -20.67 1.33
N LEU W 215 -38.64 -21.88 1.82
CA LEU W 215 -38.64 -23.09 1.01
C LEU W 215 -39.70 -24.01 1.59
N THR W 216 -40.84 -24.13 0.92
CA THR W 216 -41.90 -25.02 1.33
C THR W 216 -42.06 -26.13 0.31
N ARG W 217 -42.45 -27.31 0.81
CA ARG W 217 -42.59 -28.49 -0.03
C ARG W 217 -44.03 -28.58 -0.52
N GLU W 218 -44.23 -28.21 -1.77
CA GLU W 218 -45.44 -28.56 -2.51
C GLU W 218 -45.12 -29.78 -3.37
N ASN W 219 -46.14 -30.64 -3.54
CA ASN W 219 -46.09 -32.06 -3.89
C ASN W 219 -44.98 -32.48 -4.86
N GLY W 220 -44.82 -31.74 -5.94
CA GLY W 220 -43.72 -31.96 -6.84
C GLY W 220 -43.10 -30.64 -7.23
N LYS W 221 -43.12 -29.69 -6.32
CA LYS W 221 -42.69 -28.34 -6.65
C LYS W 221 -41.49 -27.88 -5.83
N THR W 222 -41.54 -28.02 -4.51
CA THR W 222 -40.57 -27.48 -3.55
C THR W 222 -40.38 -25.98 -3.81
N VAL W 223 -41.45 -25.25 -3.49
CA VAL W 223 -41.55 -23.84 -3.85
C VAL W 223 -40.57 -23.01 -3.02
N ILE W 224 -39.64 -22.35 -3.70
CA ILE W 224 -38.71 -21.42 -3.07
C ILE W 224 -39.25 -20.03 -3.34
N ARG W 225 -39.77 -19.39 -2.30
CA ARG W 225 -40.53 -18.15 -2.45
C ARG W 225 -39.76 -17.06 -1.73
N VAL W 226 -39.30 -16.07 -2.47
CA VAL W 226 -38.75 -14.85 -1.89
C VAL W 226 -39.94 -13.92 -1.68
N LEU W 227 -40.32 -13.73 -0.43
CA LEU W 227 -41.52 -12.96 -0.13
C LEU W 227 -41.26 -11.47 -0.31
N LYS W 228 -42.25 -10.79 -0.90
CA LYS W 228 -42.11 -9.44 -1.40
C LYS W 228 -42.16 -8.42 -0.26
N GLN W 229 -41.90 -7.16 -0.62
CA GLN W 229 -41.83 -6.05 0.32
C GLN W 229 -43.19 -5.51 0.74
N LYS W 230 -44.28 -6.17 0.33
CA LYS W 230 -45.60 -5.74 0.78
C LYS W 230 -46.06 -6.52 2.01
N GLU W 231 -45.48 -7.69 2.27
CA GLU W 231 -45.86 -8.51 3.40
C GLU W 231 -44.77 -8.59 4.46
N VAL W 232 -43.68 -7.84 4.31
CA VAL W 232 -42.67 -7.79 5.35
C VAL W 232 -43.14 -6.89 6.49
N GLU W 233 -43.63 -5.69 6.13
CA GLU W 233 -43.89 -4.65 7.12
C GLU W 233 -45.11 -4.98 7.98
N GLN W 234 -46.06 -5.75 7.45
CA GLN W 234 -47.16 -6.22 8.28
C GLN W 234 -46.69 -7.29 9.25
N LEU W 235 -45.63 -8.02 8.89
CA LEU W 235 -45.00 -8.93 9.83
C LEU W 235 -44.08 -8.16 10.78
N ILE W 236 -43.59 -7.00 10.36
CA ILE W 236 -42.79 -6.15 11.24
C ILE W 236 -43.66 -5.57 12.35
N LYS W 237 -44.80 -4.97 11.98
CA LYS W 237 -45.65 -4.32 12.96
C LYS W 237 -46.34 -5.34 13.86
N LYS W 238 -46.49 -6.58 13.39
CA LYS W 238 -47.06 -7.63 14.22
C LYS W 238 -46.14 -7.95 15.39
N HIS W 239 -44.84 -7.87 15.17
CA HIS W 239 -43.89 -7.94 16.27
C HIS W 239 -43.97 -6.70 17.14
N GLU W 240 -44.34 -5.57 16.55
CA GLU W 240 -44.42 -4.32 17.30
C GLU W 240 -45.68 -4.22 18.13
N GLU W 241 -46.77 -4.84 17.71
CA GLU W 241 -48.00 -4.81 18.50
C GLU W 241 -47.87 -5.61 19.78
N GLU W 242 -47.23 -6.77 19.71
CA GLU W 242 -47.15 -7.65 20.88
C GLU W 242 -46.13 -7.17 21.89
N GLU W 243 -45.09 -6.45 21.46
CA GLU W 243 -44.08 -6.02 22.41
C GLU W 243 -44.54 -4.83 23.26
N ALA W 244 -45.43 -3.98 22.73
CA ALA W 244 -46.02 -2.95 23.57
C ALA W 244 -47.06 -3.54 24.51
N LYS W 245 -47.69 -4.64 24.09
CA LYS W 245 -48.62 -5.35 24.96
C LYS W 245 -47.90 -6.07 26.09
N ALA W 246 -46.78 -6.71 25.78
CA ALA W 246 -46.06 -7.50 26.77
C ALA W 246 -45.27 -6.65 27.75
N GLU W 247 -44.82 -5.47 27.35
CA GLU W 247 -44.07 -4.61 28.24
C GLU W 247 -44.97 -3.91 29.24
N ARG W 248 -46.10 -3.37 28.79
CA ARG W 248 -47.03 -2.65 29.64
C ARG W 248 -47.73 -3.55 30.64
N GLU W 249 -48.01 -4.79 30.25
CA GLU W 249 -48.67 -5.75 31.12
C GLU W 249 -47.68 -6.54 31.98
N LYS W 250 -46.48 -5.99 32.21
CA LYS W 250 -45.49 -6.66 33.04
C LYS W 250 -44.58 -5.63 33.69
N SER X 1 2.01 -24.38 -11.21
CA SER X 1 2.32 -25.31 -10.14
C SER X 1 3.23 -24.67 -9.10
N TYR X 2 2.86 -24.83 -7.83
CA TYR X 2 3.58 -24.22 -6.73
C TYR X 2 4.64 -25.18 -6.23
N ASP X 3 5.89 -24.89 -6.52
CA ASP X 3 7.01 -25.75 -6.17
C ASP X 3 7.81 -25.04 -5.10
N ARG X 4 7.65 -25.47 -3.85
CA ARG X 4 8.41 -24.90 -2.76
C ARG X 4 8.52 -25.95 -1.66
N ALA X 5 9.73 -26.14 -1.14
CA ALA X 5 9.92 -27.06 -0.03
C ALA X 5 9.37 -26.43 1.24
N ILE X 6 8.30 -27.01 1.76
CA ILE X 6 7.70 -26.52 3.00
C ILE X 6 8.41 -27.15 4.19
N THR X 7 8.38 -28.48 4.25
CA THR X 7 9.01 -29.18 5.36
C THR X 7 10.49 -29.34 5.08
N VAL X 8 11.32 -28.71 5.90
CA VAL X 8 12.78 -28.81 5.78
C VAL X 8 13.34 -29.12 7.15
N PHE X 9 14.64 -29.38 7.21
CA PHE X 9 15.25 -29.70 8.47
C PHE X 9 15.59 -28.46 9.27
N SER X 10 15.67 -28.63 10.55
CA SER X 10 16.18 -27.62 11.45
C SER X 10 17.69 -27.73 11.52
N PRO X 11 18.39 -26.73 12.08
CA PRO X 11 19.84 -26.89 12.29
C PRO X 11 20.23 -27.87 13.37
N ASP X 12 19.30 -28.40 14.15
CA ASP X 12 19.64 -29.43 15.12
C ASP X 12 19.02 -30.79 14.82
N GLY X 13 18.21 -30.90 13.77
CA GLY X 13 17.72 -32.21 13.40
C GLY X 13 16.25 -32.45 13.65
N HIS X 14 15.43 -31.43 13.46
CA HIS X 14 13.99 -31.60 13.59
C HIS X 14 13.31 -31.18 12.30
N LEU X 15 12.06 -31.60 12.17
CA LEU X 15 11.18 -31.16 11.11
C LEU X 15 10.08 -30.34 11.75
N PHE X 16 10.21 -29.01 11.64
CA PHE X 16 9.38 -28.12 12.44
C PHE X 16 7.92 -28.14 12.01
N GLN X 17 7.65 -28.22 10.71
CA GLN X 17 6.27 -28.27 10.25
C GLN X 17 5.58 -29.58 10.64
N VAL X 18 6.35 -30.63 10.89
CA VAL X 18 5.75 -31.84 11.45
C VAL X 18 5.33 -31.62 12.89
N GLU X 19 6.27 -31.18 13.73
CA GLU X 19 5.96 -31.10 15.14
C GLU X 19 5.15 -29.88 15.51
N TYR X 20 4.97 -28.94 14.58
CA TYR X 20 3.92 -27.95 14.78
C TYR X 20 2.55 -28.54 14.53
N ALA X 21 2.45 -29.48 13.58
CA ALA X 21 1.19 -30.14 13.32
C ALA X 21 0.80 -31.10 14.43
N GLN X 22 1.75 -31.57 15.21
CA GLN X 22 1.43 -32.41 16.36
C GLN X 22 0.77 -31.64 17.48
N GLU X 23 0.95 -30.32 17.53
CA GLU X 23 0.26 -29.53 18.53
C GLU X 23 -1.15 -29.17 18.12
N ALA X 24 -1.45 -29.22 16.82
CA ALA X 24 -2.85 -29.11 16.41
C ALA X 24 -3.63 -30.35 16.80
N VAL X 25 -2.97 -31.49 16.87
CA VAL X 25 -3.60 -32.69 17.41
C VAL X 25 -3.78 -32.54 18.91
N LYS X 26 -2.84 -31.89 19.58
CA LYS X 26 -2.83 -31.82 21.03
C LYS X 26 -3.83 -30.83 21.60
N LYS X 27 -4.78 -30.32 20.83
CA LYS X 27 -5.89 -29.56 21.38
C LYS X 27 -7.22 -29.95 20.75
N GLY X 28 -7.26 -30.99 19.93
CA GLY X 28 -8.52 -31.58 19.54
C GLY X 28 -9.10 -32.43 20.66
N SER X 29 -10.36 -32.81 20.50
CA SER X 29 -11.08 -33.47 21.58
C SER X 29 -10.60 -34.91 21.75
N THR X 30 -10.79 -35.42 22.96
CA THR X 30 -10.13 -36.66 23.37
C THR X 30 -10.83 -37.87 22.81
N ALA X 31 -10.05 -38.81 22.28
CA ALA X 31 -10.54 -40.08 21.76
C ALA X 31 -9.79 -41.20 22.44
N VAL X 32 -10.53 -42.13 23.05
CA VAL X 32 -9.96 -43.20 23.86
C VAL X 32 -10.41 -44.52 23.27
N GLY X 33 -9.49 -45.47 23.18
CA GLY X 33 -9.86 -46.80 22.73
C GLY X 33 -9.09 -47.92 23.42
N VAL X 34 -9.80 -48.93 23.91
CA VAL X 34 -9.20 -50.16 24.40
C VAL X 34 -9.74 -51.32 23.57
N ARG X 35 -9.09 -52.47 23.70
CA ARG X 35 -9.59 -53.65 23.03
C ARG X 35 -9.85 -54.74 24.04
N GLY X 36 -10.99 -55.41 23.89
CA GLY X 36 -11.28 -56.63 24.61
C GLY X 36 -10.84 -57.83 23.80
N ARG X 37 -10.98 -59.00 24.41
CA ARG X 37 -10.57 -60.20 23.70
C ARG X 37 -11.62 -60.65 22.69
N ASP X 38 -12.85 -60.15 22.80
CA ASP X 38 -13.91 -60.45 21.85
C ASP X 38 -14.66 -59.23 21.35
N ILE X 39 -14.68 -58.14 22.08
CA ILE X 39 -15.41 -56.94 21.69
C ILE X 39 -14.50 -55.74 21.92
N VAL X 40 -14.18 -55.02 20.85
CA VAL X 40 -13.48 -53.76 20.99
C VAL X 40 -14.44 -52.66 21.38
N VAL X 41 -13.92 -51.69 22.12
CA VAL X 41 -14.73 -50.58 22.61
C VAL X 41 -13.91 -49.30 22.55
N LEU X 42 -14.32 -48.37 21.70
CA LEU X 42 -13.67 -47.07 21.63
C LEU X 42 -14.75 -46.00 21.62
N GLY X 43 -14.47 -44.89 22.27
CA GLY X 43 -15.44 -43.84 22.36
C GLY X 43 -14.81 -42.49 22.59
N VAL X 44 -15.16 -41.52 21.76
CA VAL X 44 -14.65 -40.18 21.93
C VAL X 44 -15.41 -39.53 23.08
N GLU X 45 -14.82 -38.54 23.70
CA GLU X 45 -15.50 -37.69 24.65
C GLU X 45 -15.56 -36.31 24.03
N LYS X 46 -16.16 -35.39 24.79
CA LYS X 46 -16.34 -33.99 24.42
C LYS X 46 -17.08 -33.87 23.09
N LYS X 47 -18.32 -34.33 23.10
CA LYS X 47 -19.20 -34.07 21.96
C LYS X 47 -19.46 -32.57 21.82
N SER X 48 -19.53 -31.86 22.96
CA SER X 48 -19.64 -30.40 23.05
C SER X 48 -20.87 -29.87 22.33
N VAL X 49 -22.00 -30.51 22.60
CA VAL X 49 -23.23 -30.25 21.88
C VAL X 49 -23.86 -28.98 22.42
N ALA X 50 -24.51 -28.25 21.52
CA ALA X 50 -25.14 -26.98 21.86
C ALA X 50 -26.64 -27.01 21.62
N LYS X 51 -27.21 -28.23 21.58
CA LYS X 51 -28.65 -28.58 21.56
C LYS X 51 -29.45 -27.85 20.46
N LEU X 52 -28.78 -27.34 19.42
CA LEU X 52 -29.47 -26.75 18.29
C LEU X 52 -28.91 -27.28 16.99
N GLN X 53 -28.18 -28.39 17.05
CA GLN X 53 -27.53 -28.92 15.86
C GLN X 53 -27.99 -30.34 15.62
N ASP X 54 -27.88 -30.75 14.36
CA ASP X 54 -28.11 -32.15 14.00
C ASP X 54 -26.99 -33.00 14.57
N GLU X 55 -27.35 -34.03 15.30
CA GLU X 55 -26.40 -34.80 16.09
C GLU X 55 -25.59 -35.77 15.25
N ARG X 56 -26.00 -36.03 14.01
CA ARG X 56 -25.33 -37.02 13.20
C ARG X 56 -24.24 -36.44 12.29
N THR X 57 -24.33 -35.16 11.95
CA THR X 57 -23.30 -34.53 11.14
C THR X 57 -22.08 -34.12 11.93
N VAL X 58 -22.07 -34.36 13.25
CA VAL X 58 -20.93 -33.99 14.09
C VAL X 58 -20.13 -35.22 14.51
N ARG X 59 -20.48 -36.39 14.00
CA ARG X 59 -19.86 -37.64 14.42
C ARG X 59 -18.40 -37.73 13.97
N LYS X 60 -17.57 -38.32 14.84
CA LYS X 60 -16.17 -38.51 14.53
C LYS X 60 -15.76 -39.97 14.48
N ILE X 61 -16.69 -40.90 14.64
CA ILE X 61 -16.42 -42.32 14.46
C ILE X 61 -17.16 -42.74 13.20
N CYS X 62 -16.40 -43.10 12.17
CA CYS X 62 -16.96 -43.59 10.93
C CYS X 62 -16.46 -45.00 10.70
N ALA X 63 -16.86 -45.58 9.58
CA ALA X 63 -16.43 -46.92 9.21
C ALA X 63 -15.81 -46.86 7.83
N LEU X 64 -14.75 -47.64 7.63
CA LEU X 64 -14.07 -47.71 6.35
C LEU X 64 -14.53 -48.92 5.55
N ASP X 65 -14.82 -50.01 6.23
CA ASP X 65 -15.47 -51.19 5.68
C ASP X 65 -16.48 -51.65 6.72
N ASP X 66 -16.97 -52.88 6.60
CA ASP X 66 -17.83 -53.42 7.63
C ASP X 66 -17.05 -53.75 8.89
N ASN X 67 -15.78 -54.11 8.75
CA ASN X 67 -14.98 -54.56 9.88
C ASN X 67 -14.11 -53.48 10.50
N VAL X 68 -13.82 -52.38 9.81
CA VAL X 68 -12.82 -51.42 10.25
C VAL X 68 -13.51 -50.12 10.62
N CYS X 69 -13.36 -49.71 11.87
CA CYS X 69 -13.83 -48.43 12.36
C CYS X 69 -12.65 -47.49 12.51
N MET X 70 -12.93 -46.22 12.78
CA MET X 70 -11.88 -45.21 12.82
C MET X 70 -12.35 -43.99 13.59
N ALA X 71 -11.55 -43.57 14.56
CA ALA X 71 -11.75 -42.30 15.25
C ALA X 71 -10.51 -41.46 15.05
N PHE X 72 -10.62 -40.16 15.34
CA PHE X 72 -9.50 -39.27 15.10
C PHE X 72 -9.51 -38.11 16.09
N ALA X 73 -8.51 -37.25 15.95
CA ALA X 73 -8.45 -35.96 16.60
C ALA X 73 -7.73 -35.01 15.66
N GLY X 74 -7.45 -33.80 16.13
CA GLY X 74 -6.89 -32.78 15.27
C GLY X 74 -7.98 -31.92 14.70
N LEU X 75 -7.83 -31.48 13.45
CA LEU X 75 -8.84 -30.64 12.83
C LEU X 75 -9.60 -31.46 11.78
N THR X 76 -10.92 -31.27 11.77
CA THR X 76 -11.83 -32.17 11.07
C THR X 76 -11.75 -32.05 9.56
N ALA X 77 -11.29 -30.92 9.02
CA ALA X 77 -11.31 -30.72 7.58
C ALA X 77 -10.26 -31.59 6.91
N ASP X 78 -9.12 -31.79 7.55
CA ASP X 78 -8.13 -32.71 7.02
C ASP X 78 -8.50 -34.17 7.24
N ALA X 79 -9.38 -34.45 8.19
CA ALA X 79 -9.70 -35.82 8.54
C ALA X 79 -10.52 -36.49 7.45
N ARG X 80 -11.63 -35.87 7.08
CA ARG X 80 -12.60 -36.52 6.21
C ARG X 80 -12.17 -36.58 4.76
N ILE X 81 -11.00 -36.05 4.40
CA ILE X 81 -10.42 -36.33 3.09
C ILE X 81 -9.40 -37.45 3.15
N VAL X 82 -8.76 -37.68 4.29
CA VAL X 82 -7.96 -38.88 4.45
C VAL X 82 -8.86 -40.09 4.51
N ILE X 83 -10.03 -39.95 5.14
CA ILE X 83 -10.99 -41.04 5.24
C ILE X 83 -11.53 -41.41 3.87
N ASN X 84 -11.88 -40.42 3.05
CA ASN X 84 -12.41 -40.71 1.73
C ASN X 84 -11.35 -41.27 0.80
N ARG X 85 -10.08 -40.98 1.04
CA ARG X 85 -9.04 -41.66 0.28
C ARG X 85 -8.77 -43.05 0.81
N ALA X 86 -9.11 -43.32 2.06
CA ALA X 86 -8.99 -44.68 2.57
C ALA X 86 -10.16 -45.55 2.13
N ARG X 87 -11.33 -44.96 1.92
CA ARG X 87 -12.48 -45.72 1.46
C ARG X 87 -12.29 -46.23 0.05
N VAL X 88 -11.58 -45.47 -0.78
CA VAL X 88 -11.32 -45.91 -2.14
C VAL X 88 -10.33 -47.05 -2.16
N GLU X 89 -9.29 -46.96 -1.31
CA GLU X 89 -8.24 -47.96 -1.31
C GLU X 89 -8.72 -49.30 -0.77
N CYS X 90 -9.49 -49.27 0.33
CA CYS X 90 -10.03 -50.51 0.88
C CYS X 90 -11.12 -51.10 0.00
N GLN X 91 -11.70 -50.30 -0.90
CA GLN X 91 -12.60 -50.86 -1.89
C GLN X 91 -11.83 -51.42 -3.08
N SER X 92 -10.73 -50.77 -3.44
CA SER X 92 -9.88 -51.27 -4.51
C SER X 92 -9.07 -52.49 -4.10
N HIS X 93 -8.99 -52.79 -2.80
CA HIS X 93 -8.39 -54.04 -2.38
C HIS X 93 -9.28 -55.22 -2.76
N ARG X 94 -10.60 -55.00 -2.78
CA ARG X 94 -11.52 -56.09 -3.04
C ARG X 94 -11.60 -56.42 -4.53
N LEU X 95 -11.35 -55.44 -5.41
CA LEU X 95 -11.25 -55.74 -6.84
C LEU X 95 -9.99 -56.53 -7.14
N THR X 96 -8.94 -56.32 -6.34
CA THR X 96 -7.77 -57.17 -6.24
C THR X 96 -8.11 -58.36 -5.36
N VAL X 97 -7.11 -58.84 -4.60
CA VAL X 97 -7.16 -59.96 -3.66
C VAL X 97 -8.46 -60.02 -2.88
N GLU X 98 -9.10 -61.19 -2.91
CA GLU X 98 -10.55 -61.28 -2.79
C GLU X 98 -11.04 -60.99 -1.37
N ASP X 99 -10.22 -61.30 -0.37
CA ASP X 99 -10.61 -61.16 1.03
C ASP X 99 -10.83 -59.68 1.39
N PRO X 100 -11.61 -59.41 2.43
CA PRO X 100 -11.68 -58.04 2.95
C PRO X 100 -10.35 -57.61 3.57
N VAL X 101 -10.26 -56.31 3.79
CA VAL X 101 -9.00 -55.66 4.14
C VAL X 101 -8.64 -56.00 5.58
N THR X 102 -7.41 -56.48 5.78
CA THR X 102 -6.92 -56.63 7.15
C THR X 102 -6.66 -55.27 7.75
N VAL X 103 -6.82 -55.17 9.07
CA VAL X 103 -6.70 -53.90 9.77
C VAL X 103 -5.27 -53.38 9.74
N GLU X 104 -4.28 -54.26 9.64
CA GLU X 104 -2.91 -53.81 9.49
C GLU X 104 -2.65 -53.20 8.11
N TYR X 105 -3.39 -53.66 7.10
CA TYR X 105 -3.16 -53.15 5.75
C TYR X 105 -3.62 -51.72 5.60
N ILE X 106 -4.77 -51.39 6.19
CA ILE X 106 -5.31 -50.05 5.98
C ILE X 106 -4.56 -49.02 6.82
N THR X 107 -3.83 -49.45 7.85
CA THR X 107 -2.99 -48.52 8.56
C THR X 107 -1.73 -48.21 7.79
N ARG X 108 -1.18 -49.19 7.07
CA ARG X 108 -0.01 -48.93 6.24
C ARG X 108 -0.34 -48.01 5.07
N TYR X 109 -1.58 -48.03 4.60
CA TYR X 109 -1.92 -47.12 3.52
C TYR X 109 -2.04 -45.69 4.03
N ILE X 110 -2.63 -45.51 5.20
CA ILE X 110 -2.80 -44.17 5.75
C ILE X 110 -1.45 -43.60 6.17
N ALA X 111 -0.61 -44.43 6.79
CA ALA X 111 0.68 -43.95 7.26
C ALA X 111 1.62 -43.62 6.11
N SER X 112 1.61 -44.41 5.05
CA SER X 112 2.46 -44.11 3.90
C SER X 112 1.93 -42.96 3.08
N LEU X 113 0.61 -42.74 3.07
CA LEU X 113 0.07 -41.54 2.45
C LEU X 113 0.47 -40.31 3.21
N LYS X 114 0.60 -40.43 4.52
CA LYS X 114 0.87 -39.29 5.37
C LYS X 114 2.36 -38.95 5.40
N GLN X 115 3.23 -39.94 5.20
CA GLN X 115 4.67 -39.66 5.20
C GLN X 115 5.09 -38.92 3.94
N ARG X 116 4.75 -39.45 2.76
CA ARG X 116 5.17 -38.88 1.48
C ARG X 116 4.60 -37.50 1.26
N TYR X 117 3.59 -37.16 2.02
CA TYR X 117 2.95 -35.86 2.04
C TYR X 117 3.68 -34.88 2.96
N THR X 118 4.62 -35.37 3.78
CA THR X 118 5.60 -34.53 4.47
C THR X 118 6.90 -34.48 3.71
N GLN X 119 6.87 -34.78 2.42
CA GLN X 119 8.05 -34.94 1.61
C GLN X 119 7.95 -34.23 0.29
N SER X 120 6.74 -33.95 -0.19
CA SER X 120 6.53 -33.37 -1.51
C SER X 120 6.76 -31.86 -1.50
N ASN X 121 6.38 -31.21 -2.60
CA ASN X 121 6.61 -29.79 -2.80
C ASN X 121 5.32 -29.01 -2.58
N GLY X 122 5.40 -27.99 -1.72
CA GLY X 122 4.29 -27.09 -1.54
C GLY X 122 3.10 -27.67 -0.81
N ARG X 123 3.34 -28.45 0.24
CA ARG X 123 2.26 -29.09 1.00
C ARG X 123 2.60 -29.07 2.47
N ARG X 124 1.74 -28.46 3.29
CA ARG X 124 1.86 -28.62 4.72
C ARG X 124 1.42 -30.03 5.10
N PRO X 125 1.96 -30.60 6.18
CA PRO X 125 1.58 -31.96 6.57
C PRO X 125 0.18 -32.01 7.14
N PHE X 126 -0.37 -33.22 7.26
CA PHE X 126 -1.67 -33.37 7.88
C PHE X 126 -1.58 -33.09 9.37
N GLY X 127 -2.70 -32.67 9.94
CA GLY X 127 -2.73 -32.32 11.34
C GLY X 127 -3.66 -33.19 12.14
N ILE X 128 -3.68 -34.49 11.87
CA ILE X 128 -4.58 -35.40 12.55
C ILE X 128 -3.79 -36.58 13.09
N SER X 129 -4.35 -37.21 14.12
CA SER X 129 -3.94 -38.52 14.58
C SER X 129 -5.19 -39.39 14.64
N ALA X 130 -5.02 -40.68 14.37
CA ALA X 130 -6.16 -41.57 14.22
C ALA X 130 -6.02 -42.76 15.14
N LEU X 131 -7.15 -43.43 15.35
CA LEU X 131 -7.18 -44.76 15.94
C LEU X 131 -7.95 -45.67 15.01
N ILE X 132 -7.27 -46.68 14.46
CA ILE X 132 -7.87 -47.63 13.55
C ILE X 132 -8.14 -48.89 14.33
N VAL X 133 -9.41 -49.30 14.40
CA VAL X 133 -9.85 -50.41 15.22
C VAL X 133 -10.61 -51.39 14.35
N GLY X 134 -10.23 -52.66 14.40
CA GLY X 134 -10.98 -53.69 13.70
C GLY X 134 -10.69 -55.06 14.28
N PHE X 135 -11.62 -55.97 14.01
CA PHE X 135 -11.45 -57.39 14.31
C PHE X 135 -11.37 -58.08 12.95
N ASP X 136 -10.18 -58.53 12.59
CA ASP X 136 -9.90 -59.03 11.24
C ASP X 136 -10.45 -60.44 11.06
N PHE X 137 -10.03 -61.09 9.99
CA PHE X 137 -10.32 -62.50 9.79
C PHE X 137 -9.66 -63.34 10.88
N ASP X 138 -10.27 -64.48 11.19
CA ASP X 138 -9.93 -65.38 12.28
C ASP X 138 -10.04 -64.71 13.65
N GLY X 139 -10.85 -63.65 13.73
CA GLY X 139 -11.28 -63.02 14.97
C GLY X 139 -10.21 -62.55 15.94
N THR X 140 -9.22 -61.81 15.46
CA THR X 140 -8.18 -61.27 16.34
C THR X 140 -8.38 -59.77 16.48
N PRO X 141 -8.99 -59.29 17.55
CA PRO X 141 -9.23 -57.84 17.69
C PRO X 141 -7.94 -57.11 18.04
N ARG X 142 -7.63 -56.07 17.27
CA ARG X 142 -6.45 -55.28 17.52
C ARG X 142 -6.66 -53.86 17.03
N LEU X 143 -5.83 -52.94 17.49
CA LEU X 143 -5.94 -51.54 17.14
C LEU X 143 -4.56 -50.96 16.88
N TYR X 144 -4.54 -49.75 16.34
CA TYR X 144 -3.32 -49.07 15.95
C TYR X 144 -3.51 -47.57 16.21
N GLN X 145 -2.45 -46.79 15.98
CA GLN X 145 -2.63 -45.35 15.85
C GLN X 145 -1.64 -44.81 14.83
N THR X 146 -1.83 -43.55 14.47
CA THR X 146 -1.06 -42.92 13.40
C THR X 146 -0.64 -41.53 13.82
N ASP X 147 0.64 -41.33 14.00
CA ASP X 147 1.25 -40.04 14.25
C ASP X 147 1.18 -39.21 12.97
N PRO X 148 1.13 -37.87 13.08
CA PRO X 148 1.16 -37.03 11.87
C PRO X 148 2.43 -37.15 11.04
N SER X 149 3.53 -37.62 11.62
CA SER X 149 4.71 -37.89 10.82
C SER X 149 4.58 -39.19 10.03
N GLY X 150 3.65 -40.06 10.42
CA GLY X 150 3.38 -41.25 9.65
C GLY X 150 4.01 -42.51 10.17
N THR X 151 3.93 -42.74 11.47
CA THR X 151 4.48 -43.94 12.09
C THR X 151 3.34 -44.75 12.68
N TYR X 152 2.91 -45.79 11.97
CA TYR X 152 1.84 -46.63 12.46
C TYR X 152 2.35 -47.55 13.54
N HIS X 153 1.47 -47.85 14.50
CA HIS X 153 1.97 -48.30 15.79
C HIS X 153 0.84 -48.98 16.57
N ALA X 154 1.02 -50.23 16.95
CA ALA X 154 -0.08 -50.94 17.61
C ALA X 154 -0.04 -50.75 19.11
N TRP X 155 -1.15 -51.05 19.75
CA TRP X 155 -1.34 -50.77 21.17
C TRP X 155 -2.28 -51.81 21.75
N LYS X 156 -2.39 -51.80 23.08
CA LYS X 156 -3.45 -52.53 23.77
C LYS X 156 -4.51 -51.59 24.31
N ALA X 157 -4.12 -50.37 24.65
CA ALA X 157 -5.01 -49.31 25.07
C ALA X 157 -4.32 -48.00 24.81
N ASN X 158 -5.06 -47.00 24.33
CA ASN X 158 -4.42 -45.74 24.00
C ASN X 158 -5.45 -44.62 24.12
N ALA X 159 -4.96 -43.38 24.02
CA ALA X 159 -5.82 -42.20 24.03
C ALA X 159 -5.07 -41.06 23.37
N ILE X 160 -5.77 -40.26 22.57
CA ILE X 160 -5.19 -39.10 21.90
C ILE X 160 -6.08 -37.89 22.19
N GLY X 161 -5.60 -36.71 21.82
CA GLY X 161 -6.36 -35.49 21.95
C GLY X 161 -5.91 -34.62 23.11
N ARG X 162 -6.73 -33.62 23.41
CA ARG X 162 -6.48 -32.73 24.54
C ARG X 162 -6.62 -33.52 25.83
N GLY X 163 -5.56 -33.53 26.63
CA GLY X 163 -5.56 -34.34 27.82
C GLY X 163 -5.41 -35.80 27.48
N ALA X 164 -4.31 -36.14 26.81
CA ALA X 164 -4.03 -37.53 26.48
C ALA X 164 -2.93 -38.14 27.33
N LYS X 165 -2.05 -37.32 27.90
CA LYS X 165 -1.02 -37.86 28.79
C LYS X 165 -1.60 -38.32 30.11
N SER X 166 -2.59 -37.58 30.63
CA SER X 166 -3.19 -37.95 31.90
C SER X 166 -4.05 -39.19 31.79
N VAL X 167 -4.69 -39.40 30.63
CA VAL X 167 -5.49 -40.60 30.44
C VAL X 167 -4.60 -41.81 30.22
N ARG X 168 -3.49 -41.63 29.50
CA ARG X 168 -2.57 -42.74 29.26
C ARG X 168 -1.87 -43.15 30.54
N GLU X 169 -1.57 -42.18 31.41
CA GLU X 169 -1.08 -42.53 32.74
C GLU X 169 -2.14 -43.22 33.58
N PHE X 170 -3.42 -42.90 33.34
CA PHE X 170 -4.48 -43.53 34.10
C PHE X 170 -4.69 -44.98 33.70
N LEU X 171 -4.49 -45.30 32.42
CA LEU X 171 -4.78 -46.64 31.95
C LEU X 171 -3.78 -47.67 32.41
N GLU X 172 -2.50 -47.30 32.52
CA GLU X 172 -1.48 -48.27 32.87
C GLU X 172 -1.60 -48.73 34.32
N LYS X 173 -2.11 -47.88 35.19
CA LYS X 173 -2.42 -48.26 36.57
C LYS X 173 -3.79 -48.90 36.70
N ASN X 174 -4.45 -49.21 35.59
CA ASN X 174 -5.81 -49.69 35.63
C ASN X 174 -6.07 -50.86 34.68
N TYR X 175 -5.21 -51.08 33.71
CA TYR X 175 -5.42 -52.09 32.67
C TYR X 175 -4.92 -53.42 33.21
N THR X 176 -5.85 -54.23 33.71
CA THR X 176 -5.51 -55.57 34.15
C THR X 176 -5.95 -56.57 33.08
N ASP X 177 -5.83 -57.86 33.38
CA ASP X 177 -6.35 -58.87 32.47
C ASP X 177 -7.85 -59.05 32.67
N GLU X 178 -8.30 -59.01 33.92
CA GLU X 178 -9.70 -59.18 34.23
C GLU X 178 -10.52 -57.92 33.99
N ALA X 179 -9.89 -56.83 33.59
CA ALA X 179 -10.65 -55.66 33.16
C ALA X 179 -11.36 -55.90 31.83
N ILE X 180 -10.87 -56.84 31.04
CA ILE X 180 -11.46 -57.15 29.75
C ILE X 180 -12.19 -58.49 29.86
N GLU X 181 -12.67 -58.79 31.06
CA GLU X 181 -13.35 -60.06 31.31
C GLU X 181 -14.69 -60.12 30.58
N THR X 182 -15.58 -59.18 30.86
CA THR X 182 -16.89 -59.15 30.22
C THR X 182 -16.97 -58.00 29.23
N ASP X 183 -17.86 -58.15 28.26
CA ASP X 183 -18.07 -57.12 27.25
C ASP X 183 -18.68 -55.88 27.86
N ASP X 184 -19.45 -56.03 28.93
CA ASP X 184 -19.93 -54.88 29.69
C ASP X 184 -18.92 -54.39 30.71
N LEU X 185 -17.89 -55.18 31.00
CA LEU X 185 -16.89 -54.77 31.96
C LEU X 185 -15.75 -53.98 31.30
N THR X 186 -15.46 -54.26 30.04
CA THR X 186 -14.53 -53.44 29.28
C THR X 186 -15.07 -52.03 29.07
N ILE X 187 -16.39 -51.90 28.93
CA ILE X 187 -17.00 -50.59 28.77
C ILE X 187 -16.89 -49.79 30.06
N LYS X 188 -16.93 -50.47 31.20
CA LYS X 188 -16.75 -49.79 32.48
C LYS X 188 -15.33 -49.29 32.68
N LEU X 189 -14.37 -49.75 31.86
CA LEU X 189 -13.03 -49.18 31.91
C LEU X 189 -12.96 -47.90 31.10
N VAL X 190 -13.63 -47.86 29.95
CA VAL X 190 -13.63 -46.67 29.10
C VAL X 190 -14.42 -45.54 29.75
N ILE X 191 -15.57 -45.86 30.32
CA ILE X 191 -16.38 -44.85 31.00
C ILE X 191 -15.68 -44.36 32.25
N LYS X 192 -14.85 -45.20 32.87
CA LYS X 192 -14.02 -44.71 33.97
C LYS X 192 -12.83 -43.92 33.45
N ALA X 193 -12.44 -44.14 32.18
CA ALA X 193 -11.28 -43.45 31.65
C ALA X 193 -11.62 -42.02 31.28
N LEU X 194 -12.65 -41.81 30.47
CA LEU X 194 -12.99 -40.48 30.01
C LEU X 194 -13.65 -39.65 31.10
N LEU X 195 -14.17 -40.27 32.16
CA LEU X 195 -14.64 -39.49 33.30
C LEU X 195 -13.46 -38.95 34.11
N GLU X 196 -12.29 -39.57 33.98
CA GLU X 196 -11.06 -39.05 34.54
C GLU X 196 -10.37 -38.06 33.61
N VAL X 197 -11.13 -37.48 32.68
CA VAL X 197 -10.65 -36.55 31.66
C VAL X 197 -11.54 -35.33 31.79
N VAL X 198 -11.49 -34.46 30.77
CA VAL X 198 -12.47 -33.38 30.63
C VAL X 198 -13.88 -33.92 30.80
N GLN X 199 -14.68 -33.18 31.57
CA GLN X 199 -15.72 -33.66 32.47
C GLN X 199 -16.69 -34.66 31.85
N SER X 200 -17.49 -34.19 30.89
CA SER X 200 -18.29 -35.03 30.00
C SER X 200 -19.21 -36.01 30.73
N GLY X 201 -19.87 -35.53 31.78
CA GLY X 201 -20.55 -36.41 32.71
C GLY X 201 -21.80 -37.06 32.16
N GLY X 202 -21.62 -37.97 31.21
CA GLY X 202 -22.72 -38.60 30.52
C GLY X 202 -23.36 -37.79 29.43
N LYS X 203 -23.07 -36.49 29.34
CA LYS X 203 -23.71 -35.63 28.38
C LYS X 203 -22.83 -35.26 27.21
N ASN X 204 -21.55 -35.64 27.22
CA ASN X 204 -20.64 -35.25 26.16
C ASN X 204 -19.82 -36.43 25.65
N ILE X 205 -20.23 -37.64 25.98
CA ILE X 205 -19.48 -38.85 25.67
C ILE X 205 -20.33 -39.71 24.74
N GLU X 206 -19.68 -40.45 23.85
CA GLU X 206 -20.40 -41.31 22.92
C GLU X 206 -19.54 -42.55 22.66
N LEU X 207 -19.78 -43.60 23.44
CA LEU X 207 -19.08 -44.85 23.22
C LEU X 207 -19.68 -45.59 22.04
N ALA X 208 -18.89 -46.46 21.43
CA ALA X 208 -19.33 -47.22 20.27
C ALA X 208 -18.54 -48.51 20.23
N VAL X 209 -19.22 -49.63 20.49
CA VAL X 209 -18.57 -50.91 20.61
C VAL X 209 -18.73 -51.69 19.32
N MET X 210 -17.97 -52.78 19.20
CA MET X 210 -18.06 -53.65 18.04
C MET X 210 -17.74 -55.07 18.48
N ARG X 211 -18.68 -55.99 18.26
CA ARG X 211 -18.62 -57.33 18.82
C ARG X 211 -18.09 -58.37 17.84
N ARG X 212 -17.14 -57.97 16.99
CA ARG X 212 -16.32 -58.81 16.10
C ARG X 212 -17.12 -59.47 14.95
N ASP X 213 -18.43 -59.35 14.93
CA ASP X 213 -19.26 -59.82 13.82
C ASP X 213 -20.31 -58.82 13.41
N GLN X 214 -20.60 -57.82 14.22
CA GLN X 214 -21.55 -56.77 13.90
C GLN X 214 -20.86 -55.65 13.12
N SER X 215 -21.60 -54.60 12.83
CA SER X 215 -21.00 -53.32 12.48
C SER X 215 -20.87 -52.51 13.77
N LEU X 216 -20.55 -51.21 13.64
CA LEU X 216 -20.55 -50.35 14.81
C LEU X 216 -21.96 -50.11 15.30
N LYS X 217 -22.13 -50.13 16.62
CA LYS X 217 -23.45 -50.00 17.24
C LYS X 217 -23.35 -49.02 18.39
N ILE X 218 -23.67 -47.76 18.12
CA ILE X 218 -23.56 -46.71 19.12
C ILE X 218 -24.72 -46.84 20.09
N LEU X 219 -24.41 -46.92 21.38
CA LEU X 219 -25.45 -46.91 22.39
C LEU X 219 -25.93 -45.48 22.62
N ASN X 220 -27.26 -45.32 22.67
CA ASN X 220 -27.83 -44.00 22.87
C ASN X 220 -27.64 -43.57 24.32
N PRO X 221 -27.81 -42.26 24.63
CA PRO X 221 -27.63 -41.83 26.04
C PRO X 221 -28.71 -42.32 26.99
N GLU X 222 -28.87 -43.61 27.10
CA GLU X 222 -29.66 -44.29 28.11
C GLU X 222 -28.87 -45.39 28.80
N GLU X 223 -28.02 -46.10 28.06
CA GLU X 223 -27.14 -47.08 28.70
C GLU X 223 -25.92 -46.41 29.29
N ILE X 224 -25.43 -45.35 28.64
CA ILE X 224 -24.37 -44.55 29.25
C ILE X 224 -24.90 -43.86 30.50
N GLU X 225 -26.18 -43.47 30.48
CA GLU X 225 -26.82 -43.02 31.71
C GLU X 225 -26.95 -44.15 32.72
N LYS X 226 -27.10 -45.38 32.23
CA LYS X 226 -27.13 -46.53 33.11
C LYS X 226 -25.74 -46.93 33.57
N TYR X 227 -24.75 -46.93 32.66
CA TYR X 227 -23.41 -47.37 33.02
C TYR X 227 -22.70 -46.39 33.93
N VAL X 228 -22.86 -45.08 33.68
CA VAL X 228 -22.22 -44.10 34.55
C VAL X 228 -22.88 -44.05 35.92
N ALA X 229 -24.12 -44.51 36.02
CA ALA X 229 -24.72 -44.71 37.33
C ALA X 229 -24.00 -45.82 38.10
N GLU X 230 -23.87 -46.98 37.48
CA GLU X 230 -23.31 -48.13 38.19
C GLU X 230 -21.80 -48.07 38.31
N ILE X 231 -21.12 -47.35 37.42
CA ILE X 231 -19.67 -47.16 37.59
C ILE X 231 -19.41 -46.25 38.76
N GLU X 232 -20.28 -45.26 38.97
CA GLU X 232 -20.17 -44.40 40.13
C GLU X 232 -20.82 -45.01 41.37
N LYS X 233 -21.69 -46.00 41.19
CA LYS X 233 -22.30 -46.64 42.36
C LYS X 233 -21.29 -47.52 43.07
N GLU X 234 -20.46 -48.24 42.32
CA GLU X 234 -19.40 -49.03 42.93
C GLU X 234 -18.35 -48.14 43.57
N LYS X 235 -18.09 -46.98 42.97
CA LYS X 235 -17.25 -45.97 43.59
C LYS X 235 -17.89 -45.35 44.82
N GLU X 236 -19.22 -45.35 44.90
CA GLU X 236 -19.91 -44.78 46.05
C GLU X 236 -19.76 -45.63 47.30
N GLU X 237 -19.79 -46.95 47.15
CA GLU X 237 -19.79 -47.84 48.31
C GLU X 237 -18.39 -48.18 48.82
N ASN X 238 -17.40 -48.26 47.93
CA ASN X 238 -16.07 -48.67 48.36
C ASN X 238 -15.37 -47.55 49.10
N GLU X 239 -15.43 -46.33 48.57
CA GLU X 239 -14.87 -45.18 49.25
C GLU X 239 -15.90 -44.58 50.20
N TYR Y 7 17.47 -14.28 5.48
CA TYR Y 7 17.33 -15.15 6.65
C TYR Y 7 17.12 -16.60 6.21
N ASP Y 8 16.11 -16.82 5.39
CA ASP Y 8 15.81 -18.16 4.91
C ASP Y 8 16.61 -18.44 3.63
N ARG Y 9 17.52 -19.40 3.72
CA ARG Y 9 18.20 -19.91 2.53
C ARG Y 9 17.26 -20.84 1.76
N GLY Y 10 17.70 -21.25 0.59
CA GLY Y 10 17.08 -22.37 -0.10
C GLY Y 10 17.56 -23.68 0.48
N VAL Y 11 17.04 -24.78 -0.09
CA VAL Y 11 17.44 -26.11 0.36
C VAL Y 11 18.72 -26.59 -0.27
N ASN Y 12 19.33 -25.79 -1.13
CA ASN Y 12 20.34 -26.28 -2.05
C ASN Y 12 21.54 -25.35 -2.06
N THR Y 13 22.01 -24.99 -0.87
CA THR Y 13 22.96 -23.90 -0.69
C THR Y 13 24.23 -24.43 -0.04
N PHE Y 14 25.38 -24.01 -0.56
CA PHE Y 14 26.64 -24.37 0.07
C PHE Y 14 26.96 -23.45 1.24
N SER Y 15 27.68 -24.01 2.20
CA SER Y 15 28.21 -23.28 3.34
C SER Y 15 29.47 -22.53 2.91
N PRO Y 16 29.88 -21.51 3.67
CA PRO Y 16 31.22 -20.95 3.45
C PRO Y 16 32.34 -21.93 3.75
N GLU Y 17 32.09 -22.93 4.59
CA GLU Y 17 33.06 -24.01 4.72
C GLU Y 17 32.85 -25.09 3.66
N GLY Y 18 31.75 -25.02 2.92
CA GLY Y 18 31.65 -25.70 1.65
C GLY Y 18 30.85 -26.97 1.61
N ARG Y 19 30.24 -27.40 2.71
CA ARG Y 19 29.64 -28.73 2.65
C ARG Y 19 28.25 -28.72 2.02
N LEU Y 20 27.22 -28.30 2.76
CA LEU Y 20 25.84 -28.04 2.40
C LEU Y 20 25.21 -27.58 3.70
N PHE Y 21 23.92 -27.28 3.71
CA PHE Y 21 23.23 -27.09 4.97
C PHE Y 21 22.41 -28.30 5.38
N GLN Y 22 21.47 -28.74 4.54
CA GLN Y 22 20.50 -29.72 5.01
C GLN Y 22 20.96 -31.16 4.88
N VAL Y 23 22.02 -31.43 4.12
CA VAL Y 23 22.66 -32.74 4.23
C VAL Y 23 23.33 -32.86 5.58
N GLU Y 24 24.04 -31.82 6.01
CA GLU Y 24 24.73 -31.85 7.29
C GLU Y 24 23.75 -31.82 8.45
N TYR Y 25 22.57 -31.23 8.25
CA TYR Y 25 21.57 -31.25 9.32
C TYR Y 25 20.95 -32.64 9.46
N ALA Y 26 20.84 -33.38 8.37
CA ALA Y 26 20.28 -34.71 8.42
C ALA Y 26 21.24 -35.72 9.02
N ILE Y 27 22.54 -35.42 9.00
CA ILE Y 27 23.50 -36.24 9.74
C ILE Y 27 23.23 -36.13 11.23
N GLU Y 28 22.78 -34.98 11.69
CA GLU Y 28 22.49 -34.80 13.10
C GLU Y 28 21.21 -35.53 13.51
N ALA Y 29 20.29 -35.72 12.57
CA ALA Y 29 19.00 -36.31 12.89
C ALA Y 29 19.10 -37.80 13.22
N ILE Y 30 20.11 -38.51 12.71
CA ILE Y 30 20.22 -39.93 13.03
C ILE Y 30 20.91 -40.17 14.35
N LYS Y 31 21.28 -39.12 15.06
CA LYS Y 31 21.78 -39.26 16.43
C LYS Y 31 20.65 -39.35 17.44
N LEU Y 32 19.41 -39.22 17.01
CA LEU Y 32 18.26 -39.38 17.89
C LEU Y 32 17.64 -40.77 17.79
N GLY Y 33 18.01 -41.55 16.78
CA GLY Y 33 17.42 -42.85 16.61
C GLY Y 33 17.99 -43.88 17.55
N SER Y 34 17.37 -45.05 17.55
CA SER Y 34 17.81 -46.13 18.42
C SER Y 34 19.08 -46.76 17.87
N THR Y 35 19.90 -47.29 18.77
CA THR Y 35 21.19 -47.79 18.35
C THR Y 35 21.07 -49.17 17.71
N ALA Y 36 22.03 -49.48 16.84
CA ALA Y 36 22.03 -50.71 16.08
C ALA Y 36 23.46 -51.13 15.80
N ILE Y 37 23.71 -52.43 15.86
CA ILE Y 37 25.05 -52.98 15.70
C ILE Y 37 25.00 -54.08 14.65
N GLY Y 38 25.91 -54.02 13.69
CA GLY Y 38 26.13 -55.12 12.76
C GLY Y 38 27.59 -55.52 12.74
N ILE Y 39 27.85 -56.82 12.68
CA ILE Y 39 29.21 -57.36 12.71
C ILE Y 39 29.37 -58.34 11.57
N GLN Y 40 30.34 -58.10 10.71
CA GLN Y 40 30.66 -59.03 9.62
C GLN Y 40 31.64 -60.07 10.13
N THR Y 41 31.30 -61.34 9.93
CA THR Y 41 32.16 -62.46 10.27
C THR Y 41 32.16 -63.40 9.07
N SER Y 42 33.29 -64.06 8.83
CA SER Y 42 33.43 -64.96 7.69
C SER Y 42 32.50 -66.16 7.78
N GLU Y 43 31.98 -66.47 8.96
CA GLU Y 43 30.93 -67.47 9.09
C GLU Y 43 29.57 -66.90 8.70
N GLY Y 44 29.38 -65.59 8.81
CA GLY Y 44 28.12 -64.97 8.48
C GLY Y 44 27.97 -63.63 9.16
N VAL Y 45 26.91 -62.93 8.79
CA VAL Y 45 26.67 -61.57 9.27
C VAL Y 45 25.60 -61.59 10.34
N CYS Y 46 25.94 -61.18 11.55
CA CYS Y 46 24.96 -60.97 12.61
C CYS Y 46 24.66 -59.48 12.72
N LEU Y 47 23.47 -59.17 13.20
CA LEU Y 47 22.94 -57.82 13.03
C LEU Y 47 21.80 -57.60 14.01
N ALA Y 48 21.98 -56.66 14.94
CA ALA Y 48 21.10 -56.50 16.08
C ALA Y 48 20.69 -55.04 16.27
N VAL Y 49 19.67 -54.84 17.10
CA VAL Y 49 19.10 -53.52 17.34
C VAL Y 49 18.38 -53.57 18.69
N GLU Y 50 18.11 -52.41 19.25
CA GLU Y 50 17.15 -52.25 20.34
C GLU Y 50 15.83 -51.74 19.77
N LYS Y 51 14.79 -51.76 20.60
CA LYS Y 51 13.49 -51.29 20.16
C LYS Y 51 13.05 -49.95 20.75
N ARG Y 52 13.53 -49.61 21.95
CA ARG Y 52 13.14 -48.41 22.70
C ARG Y 52 11.62 -48.40 22.94
N ILE Y 53 11.21 -49.36 23.76
CA ILE Y 53 9.81 -49.48 24.15
C ILE Y 53 9.44 -48.32 25.06
N THR Y 54 8.39 -47.60 24.69
CA THR Y 54 7.96 -46.42 25.44
C THR Y 54 6.97 -46.77 26.54
N SER Y 55 5.93 -47.54 26.22
CA SER Y 55 4.84 -47.73 27.15
C SER Y 55 4.60 -49.20 27.46
N PRO Y 56 4.15 -49.52 28.68
CA PRO Y 56 3.74 -50.91 28.98
C PRO Y 56 2.53 -51.35 28.20
N LEU Y 57 1.62 -50.43 27.88
CA LEU Y 57 0.44 -50.74 27.08
C LEU Y 57 0.77 -50.98 25.61
N MET Y 58 1.98 -50.66 25.18
CA MET Y 58 2.34 -50.78 23.79
C MET Y 58 2.56 -52.25 23.43
N GLU Y 59 2.12 -52.62 22.23
CA GLU Y 59 2.48 -53.92 21.72
C GLU Y 59 3.92 -53.87 21.25
N PRO Y 60 4.78 -54.79 21.68
CA PRO Y 60 6.22 -54.66 21.38
C PRO Y 60 6.63 -55.08 19.98
N SER Y 61 5.95 -56.07 19.41
CA SER Y 61 6.39 -56.66 18.15
C SER Y 61 5.86 -55.93 16.93
N SER Y 62 5.03 -54.91 17.10
CA SER Y 62 4.51 -54.18 15.96
C SER Y 62 5.57 -53.32 15.30
N ILE Y 63 6.53 -52.85 16.07
CA ILE Y 63 7.66 -52.11 15.52
C ILE Y 63 8.72 -53.09 15.09
N GLU Y 64 9.53 -52.68 14.12
CA GLU Y 64 10.65 -53.47 13.68
C GLU Y 64 11.73 -52.55 13.14
N LYS Y 65 12.97 -53.01 13.24
CA LYS Y 65 14.11 -52.32 12.66
C LYS Y 65 14.82 -53.19 11.66
N ILE Y 66 14.95 -54.48 11.96
CA ILE Y 66 15.40 -55.44 10.97
C ILE Y 66 14.24 -55.74 10.03
N VAL Y 67 14.49 -55.58 8.74
CA VAL Y 67 13.54 -55.99 7.72
C VAL Y 67 14.36 -56.56 6.57
N GLU Y 68 13.79 -57.51 5.85
CA GLU Y 68 14.52 -58.15 4.78
C GLU Y 68 14.25 -57.48 3.44
N ILE Y 69 15.27 -57.46 2.60
CA ILE Y 69 15.14 -56.94 1.25
C ILE Y 69 14.90 -58.06 0.27
N ASP Y 70 15.72 -59.10 0.35
CA ASP Y 70 15.54 -60.30 -0.46
C ASP Y 70 15.77 -61.48 0.48
N ALA Y 71 15.86 -62.68 -0.07
CA ALA Y 71 16.04 -63.87 0.75
C ALA Y 71 17.45 -63.97 1.32
N HIS Y 72 18.40 -63.22 0.79
CA HIS Y 72 19.78 -63.32 1.23
C HIS Y 72 20.34 -61.98 1.67
N ILE Y 73 19.51 -60.96 1.82
CA ILE Y 73 19.93 -59.62 2.23
C ILE Y 73 18.98 -59.11 3.29
N GLY Y 74 19.52 -58.74 4.44
CA GLY Y 74 18.76 -58.07 5.48
C GLY Y 74 19.14 -56.61 5.60
N CYS Y 75 18.36 -55.89 6.40
CA CYS Y 75 18.56 -54.45 6.59
C CYS Y 75 18.39 -54.08 8.04
N ALA Y 76 18.86 -52.88 8.39
CA ALA Y 76 18.70 -52.33 9.73
C ALA Y 76 18.62 -50.82 9.60
N MET Y 77 17.61 -50.20 10.21
CA MET Y 77 17.37 -48.79 10.03
C MET Y 77 17.53 -48.04 11.35
N SER Y 78 17.84 -46.76 11.23
CA SER Y 78 18.04 -45.90 12.39
C SER Y 78 17.59 -44.49 12.02
N GLY Y 79 17.61 -43.59 12.99
CA GLY Y 79 17.09 -42.26 12.76
C GLY Y 79 15.59 -42.29 12.70
N LEU Y 80 15.03 -41.62 11.68
CA LEU Y 80 13.61 -41.71 11.45
C LEU Y 80 13.26 -43.08 10.87
N ILE Y 81 11.96 -43.41 10.94
CA ILE Y 81 11.46 -44.70 10.52
C ILE Y 81 10.49 -44.58 9.35
N ALA Y 82 9.66 -43.52 9.36
CA ALA Y 82 8.56 -43.42 8.40
C ALA Y 82 9.06 -43.23 6.98
N ASP Y 83 10.18 -42.55 6.81
CA ASP Y 83 10.76 -42.38 5.50
C ASP Y 83 11.80 -43.44 5.18
N ALA Y 84 12.11 -44.33 6.13
CA ALA Y 84 12.94 -45.48 5.79
C ALA Y 84 12.19 -46.47 4.91
N LYS Y 85 10.88 -46.57 5.10
CA LYS Y 85 10.05 -47.50 4.34
C LYS Y 85 9.97 -47.16 2.85
N THR Y 86 10.29 -45.92 2.48
CA THR Y 86 10.36 -45.57 1.07
C THR Y 86 11.60 -46.18 0.43
N LEU Y 87 12.74 -46.14 1.14
CA LEU Y 87 13.97 -46.71 0.60
C LEU Y 87 13.92 -48.23 0.59
N ILE Y 88 13.23 -48.84 1.55
CA ILE Y 88 13.13 -50.30 1.58
C ILE Y 88 12.33 -50.80 0.39
N ASP Y 89 11.27 -50.08 0.02
CA ASP Y 89 10.46 -50.52 -1.09
C ASP Y 89 11.17 -50.35 -2.43
N LYS Y 90 12.04 -49.34 -2.54
CA LYS Y 90 12.79 -49.19 -3.78
C LYS Y 90 13.88 -50.25 -3.89
N ALA Y 91 14.36 -50.76 -2.77
CA ALA Y 91 15.37 -51.81 -2.81
C ALA Y 91 14.75 -53.15 -3.16
N ARG Y 92 13.54 -53.42 -2.68
CA ARG Y 92 12.88 -54.70 -2.97
C ARG Y 92 12.50 -54.79 -4.44
N VAL Y 93 12.05 -53.68 -5.03
CA VAL Y 93 11.69 -53.67 -6.44
C VAL Y 93 12.95 -53.83 -7.29
N GLU Y 94 14.07 -53.25 -6.85
CA GLU Y 94 15.29 -53.28 -7.64
C GLU Y 94 15.89 -54.69 -7.69
N THR Y 95 15.81 -55.43 -6.59
CA THR Y 95 16.27 -56.82 -6.60
C THR Y 95 15.38 -57.72 -7.42
N GLN Y 96 14.14 -57.33 -7.66
CA GLN Y 96 13.27 -58.18 -8.47
C GLN Y 96 13.36 -57.82 -9.95
N ASN Y 97 13.65 -56.57 -10.28
CA ASN Y 97 13.94 -56.25 -11.67
C ASN Y 97 15.24 -56.86 -12.14
N HIS Y 98 16.21 -57.03 -11.24
CA HIS Y 98 17.46 -57.65 -11.63
C HIS Y 98 17.31 -59.16 -11.81
N TRP Y 99 16.48 -59.77 -10.97
CA TRP Y 99 16.15 -61.18 -11.15
C TRP Y 99 15.34 -61.41 -12.41
N PHE Y 100 14.45 -60.48 -12.74
CA PHE Y 100 13.59 -60.67 -13.90
C PHE Y 100 14.37 -60.58 -15.20
N THR Y 101 15.33 -59.66 -15.27
CA THR Y 101 16.05 -59.44 -16.50
C THR Y 101 17.35 -60.23 -16.61
N TYR Y 102 17.93 -60.68 -15.51
CA TYR Y 102 19.19 -61.38 -15.58
C TYR Y 102 19.18 -62.78 -14.99
N ASN Y 103 18.08 -63.18 -14.33
CA ASN Y 103 17.86 -64.54 -13.81
C ASN Y 103 18.94 -64.93 -12.81
N GLU Y 104 19.26 -64.01 -11.90
CA GLU Y 104 20.24 -64.26 -10.87
C GLU Y 104 19.94 -63.35 -9.69
N THR Y 105 20.80 -63.38 -8.68
CA THR Y 105 20.64 -62.57 -7.49
C THR Y 105 21.55 -61.36 -7.58
N MET Y 106 20.99 -60.18 -7.29
CA MET Y 106 21.78 -58.96 -7.26
C MET Y 106 22.73 -58.99 -6.06
N THR Y 107 23.97 -58.60 -6.29
CA THR Y 107 24.98 -58.60 -5.23
C THR Y 107 24.70 -57.52 -4.20
N VAL Y 108 25.29 -57.68 -3.03
CA VAL Y 108 24.98 -56.84 -1.88
C VAL Y 108 25.46 -55.41 -2.10
N GLU Y 109 26.62 -55.26 -2.76
CA GLU Y 109 27.15 -53.94 -3.04
C GLU Y 109 26.28 -53.19 -4.05
N SER Y 110 25.87 -53.88 -5.10
CA SER Y 110 25.06 -53.26 -6.15
C SER Y 110 23.64 -52.95 -5.71
N VAL Y 111 23.16 -53.53 -4.62
CA VAL Y 111 21.91 -53.05 -4.02
C VAL Y 111 22.12 -51.67 -3.43
N THR Y 112 23.28 -51.46 -2.79
CA THR Y 112 23.50 -50.25 -2.00
C THR Y 112 23.64 -49.03 -2.89
N GLN Y 113 24.38 -49.14 -4.00
CA GLN Y 113 24.49 -48.01 -4.91
C GLN Y 113 23.20 -47.78 -5.68
N ALA Y 114 22.33 -48.77 -5.78
CA ALA Y 114 21.02 -48.55 -6.35
C ALA Y 114 20.14 -47.71 -5.44
N VAL Y 115 20.38 -47.77 -4.14
CA VAL Y 115 19.68 -46.94 -3.17
C VAL Y 115 20.37 -45.60 -2.99
N SER Y 116 21.70 -45.60 -3.00
CA SER Y 116 22.47 -44.38 -2.74
C SER Y 116 22.35 -43.36 -3.85
N ASN Y 117 22.01 -43.79 -5.07
CA ASN Y 117 21.73 -42.83 -6.13
C ASN Y 117 20.43 -42.09 -5.88
N LEU Y 118 19.50 -42.72 -5.16
CA LEU Y 118 18.21 -42.11 -4.87
C LEU Y 118 18.33 -41.11 -3.73
N ALA Y 119 19.36 -41.25 -2.88
CA ALA Y 119 19.38 -40.57 -1.60
C ALA Y 119 19.63 -39.07 -1.72
N LEU Y 120 20.19 -38.59 -2.83
CA LEU Y 120 20.44 -37.17 -2.99
C LEU Y 120 19.83 -36.73 -4.31
N GLN Y 121 18.52 -36.48 -4.31
CA GLN Y 121 17.81 -36.10 -5.52
C GLN Y 121 16.75 -35.05 -5.27
N PHE Y 122 16.81 -34.33 -4.17
CA PHE Y 122 15.78 -33.36 -3.85
C PHE Y 122 16.02 -32.06 -4.59
N GLY Y 123 15.02 -31.19 -4.57
CA GLY Y 123 15.15 -29.91 -5.25
C GLY Y 123 13.81 -29.21 -5.40
N GLU Y 124 13.69 -28.45 -6.48
CA GLU Y 124 12.52 -27.62 -6.73
C GLU Y 124 11.87 -27.90 -8.08
N GLU Y 125 12.32 -28.90 -8.82
CA GLU Y 125 11.78 -29.26 -10.12
C GLU Y 125 11.20 -30.66 -10.06
N ASP Y 126 10.78 -31.17 -11.24
CA ASP Y 126 10.18 -32.50 -11.44
C ASP Y 126 8.91 -32.71 -10.62
N SER Y 133 11.98 -33.54 -1.78
CA SER Y 133 12.19 -32.11 -1.55
C SER Y 133 13.10 -31.85 -0.35
N ARG Y 134 13.54 -32.92 0.30
CA ARG Y 134 14.49 -32.84 1.40
C ARG Y 134 15.23 -34.17 1.44
N PRO Y 135 16.45 -34.19 1.97
CA PRO Y 135 17.17 -35.47 2.05
C PRO Y 135 16.55 -36.39 3.09
N PHE Y 136 16.76 -37.68 2.90
CA PHE Y 136 16.20 -38.68 3.80
C PHE Y 136 17.01 -38.72 5.08
N GLY Y 137 16.32 -38.83 6.21
CA GLY Y 137 16.96 -38.75 7.49
C GLY Y 137 17.14 -40.08 8.18
N VAL Y 138 17.57 -41.09 7.42
CA VAL Y 138 17.76 -42.43 7.96
C VAL Y 138 19.22 -42.82 7.76
N ALA Y 139 19.60 -43.92 8.39
CA ALA Y 139 20.91 -44.54 8.16
C ALA Y 139 20.71 -46.03 8.13
N LEU Y 140 21.36 -46.70 7.19
CA LEU Y 140 21.06 -48.10 6.92
C LEU Y 140 22.31 -48.96 6.99
N LEU Y 141 22.11 -50.19 7.46
CA LEU Y 141 23.10 -51.25 7.34
C LEU Y 141 22.55 -52.32 6.44
N PHE Y 142 23.38 -52.82 5.54
CA PHE Y 142 22.99 -53.88 4.61
C PHE Y 142 23.89 -55.09 4.85
N GLY Y 143 23.31 -56.14 5.41
CA GLY Y 143 24.00 -57.40 5.61
C GLY Y 143 23.49 -58.43 4.62
N GLY Y 144 24.42 -59.12 3.98
CA GLY Y 144 24.04 -60.09 2.97
C GLY Y 144 25.18 -61.02 2.65
N VAL Y 145 24.83 -62.12 2.00
CA VAL Y 145 25.80 -63.11 1.54
C VAL Y 145 25.59 -63.26 0.05
N ASP Y 146 26.44 -62.62 -0.73
CA ASP Y 146 26.53 -62.85 -2.16
C ASP Y 146 27.67 -63.82 -2.44
N GLU Y 147 28.05 -63.94 -3.71
CA GLU Y 147 29.06 -64.89 -4.13
C GLU Y 147 30.47 -64.56 -3.64
N LYS Y 148 30.70 -63.36 -3.13
CA LYS Y 148 31.96 -63.04 -2.46
C LYS Y 148 31.87 -63.25 -0.96
N GLY Y 149 30.90 -64.01 -0.49
CA GLY Y 149 30.78 -64.31 0.91
C GLY Y 149 29.92 -63.31 1.63
N PRO Y 150 30.06 -63.25 2.95
CA PRO Y 150 29.27 -62.29 3.74
C PRO Y 150 29.78 -60.87 3.57
N GLN Y 151 28.84 -59.92 3.50
CA GLN Y 151 29.15 -58.53 3.26
C GLN Y 151 28.42 -57.67 4.29
N LEU Y 152 28.92 -56.46 4.49
CA LEU Y 152 28.31 -55.52 5.42
C LEU Y 152 28.59 -54.10 4.94
N PHE Y 153 27.54 -53.38 4.59
CA PHE Y 153 27.65 -52.03 4.06
C PHE Y 153 26.86 -51.05 4.91
N HIS Y 154 27.21 -49.79 4.77
CA HIS Y 154 26.64 -48.71 5.55
C HIS Y 154 26.51 -47.48 4.68
N MET Y 155 25.28 -46.98 4.52
CA MET Y 155 25.09 -45.78 3.74
C MET Y 155 24.79 -44.60 4.66
N ASP Y 156 24.50 -43.47 4.04
CA ASP Y 156 24.48 -42.16 4.67
C ASP Y 156 23.26 -41.43 4.15
N PRO Y 157 22.78 -40.42 4.88
CA PRO Y 157 21.91 -39.42 4.24
C PRO Y 157 22.57 -38.66 3.10
N SER Y 158 23.89 -38.55 3.10
CA SER Y 158 24.59 -37.92 2.00
C SER Y 158 24.72 -38.82 0.79
N GLY Y 159 24.40 -40.11 0.93
CA GLY Y 159 24.54 -41.03 -0.18
C GLY Y 159 25.90 -41.65 -0.31
N THR Y 160 26.72 -41.57 0.72
CA THR Y 160 28.07 -42.13 0.70
C THR Y 160 28.05 -43.46 1.42
N PHE Y 161 28.47 -44.51 0.73
CA PHE Y 161 28.46 -45.85 1.29
C PHE Y 161 29.85 -46.44 1.24
N VAL Y 162 30.15 -47.30 2.22
CA VAL Y 162 31.46 -47.93 2.32
C VAL Y 162 31.29 -49.22 3.10
N GLN Y 163 32.07 -50.24 2.73
CA GLN Y 163 32.00 -51.52 3.42
C GLN Y 163 32.64 -51.42 4.79
N CYS Y 164 31.92 -51.88 5.81
CA CYS Y 164 32.40 -51.87 7.17
C CYS Y 164 32.55 -53.30 7.65
N ASP Y 165 33.27 -53.49 8.76
CA ASP Y 165 33.38 -54.80 9.36
C ASP Y 165 32.59 -54.91 10.66
N ALA Y 166 32.52 -53.83 11.41
CA ALA Y 166 31.72 -53.81 12.63
C ALA Y 166 31.26 -52.37 12.86
N ARG Y 167 30.06 -52.05 12.38
CA ARG Y 167 29.56 -50.69 12.37
C ARG Y 167 28.42 -50.56 13.37
N ALA Y 168 28.44 -49.50 14.18
CA ALA Y 168 27.41 -49.26 15.18
C ALA Y 168 26.79 -47.90 14.93
N ILE Y 169 25.49 -47.88 14.67
CA ILE Y 169 24.77 -46.67 14.27
C ILE Y 169 23.60 -46.44 15.22
N GLY Y 170 23.44 -45.21 15.67
CA GLY Y 170 22.32 -44.82 16.49
C GLY Y 170 22.73 -43.70 17.43
N SER Y 171 21.95 -43.53 18.50
CA SER Y 171 22.26 -42.50 19.47
C SER Y 171 23.51 -42.82 20.28
N ALA Y 172 23.81 -44.10 20.45
CA ALA Y 172 25.00 -44.55 21.15
C ALA Y 172 26.06 -45.05 20.19
N SER Y 173 26.20 -44.37 19.05
CA SER Y 173 27.05 -44.88 17.98
C SER Y 173 28.53 -44.78 18.34
N GLU Y 174 28.99 -43.59 18.70
CA GLU Y 174 30.41 -43.40 18.96
C GLU Y 174 30.84 -44.03 20.28
N GLY Y 175 29.91 -44.23 21.21
CA GLY Y 175 30.25 -44.94 22.42
C GLY Y 175 30.44 -46.42 22.18
N ALA Y 176 29.71 -46.96 21.21
CA ALA Y 176 29.78 -48.39 20.95
C ALA Y 176 30.96 -48.75 20.06
N GLN Y 177 31.29 -47.88 19.09
CA GLN Y 177 32.40 -48.13 18.17
C GLN Y 177 33.73 -48.28 18.90
N SER Y 178 33.95 -47.51 19.95
CA SER Y 178 35.19 -47.62 20.71
C SER Y 178 35.27 -48.94 21.45
N SER Y 179 34.16 -49.39 22.03
CA SER Y 179 34.11 -50.69 22.69
C SER Y 179 34.03 -51.85 21.70
N LEU Y 180 33.86 -51.57 20.42
CA LEU Y 180 33.77 -52.61 19.41
C LEU Y 180 35.07 -52.80 18.65
N GLN Y 181 35.94 -51.78 18.62
CA GLN Y 181 37.26 -51.91 18.01
C GLN Y 181 38.20 -52.79 18.82
N GLU Y 182 37.93 -52.95 20.10
CA GLU Y 182 38.82 -53.72 20.96
C GLU Y 182 38.53 -55.21 20.94
N VAL Y 183 37.31 -55.63 20.62
CA VAL Y 183 36.96 -57.04 20.69
C VAL Y 183 36.89 -57.70 19.32
N TYR Y 184 36.81 -56.93 18.25
CA TYR Y 184 36.72 -57.51 16.92
C TYR Y 184 38.09 -57.93 16.42
N HIS Y 185 38.13 -59.12 15.81
CA HIS Y 185 39.29 -59.57 15.07
C HIS Y 185 38.78 -60.31 13.83
N LYS Y 186 39.69 -60.54 12.88
CA LYS Y 186 39.28 -61.04 11.58
C LYS Y 186 38.91 -62.51 11.57
N SER Y 187 39.10 -63.22 12.67
CA SER Y 187 38.86 -64.66 12.72
C SER Y 187 37.83 -65.01 13.78
N MET Y 188 36.75 -64.24 13.83
CA MET Y 188 35.66 -64.54 14.75
C MET Y 188 34.89 -65.77 14.27
N THR Y 189 34.01 -66.26 15.15
CA THR Y 189 32.96 -67.17 14.73
C THR Y 189 31.63 -66.48 14.98
N LEU Y 190 30.57 -67.02 14.36
CA LEU Y 190 29.27 -66.37 14.48
C LEU Y 190 28.66 -66.57 15.86
N LYS Y 191 29.00 -67.68 16.53
CA LYS Y 191 28.44 -67.95 17.85
C LYS Y 191 28.98 -66.97 18.89
N GLU Y 192 30.20 -66.49 18.71
CA GLU Y 192 30.76 -65.52 19.64
C GLU Y 192 30.55 -64.08 19.19
N ALA Y 193 30.28 -63.86 17.90
CA ALA Y 193 29.97 -62.51 17.44
C ALA Y 193 28.58 -62.09 17.90
N ILE Y 194 27.65 -63.03 17.98
CA ILE Y 194 26.33 -62.74 18.51
C ILE Y 194 26.41 -62.40 19.99
N LYS Y 195 27.23 -63.15 20.73
CA LYS Y 195 27.40 -62.87 22.16
C LYS Y 195 28.13 -61.56 22.40
N SER Y 196 29.08 -61.22 21.52
CA SER Y 196 29.84 -59.99 21.72
C SER Y 196 29.01 -58.75 21.44
N SER Y 197 27.99 -58.86 20.61
CA SER Y 197 27.15 -57.71 20.32
C SER Y 197 26.20 -57.39 21.47
N LEU Y 198 25.66 -58.41 22.12
CA LEU Y 198 24.68 -58.15 23.18
C LEU Y 198 25.35 -57.70 24.47
N ILE Y 199 26.66 -57.91 24.60
CA ILE Y 199 27.40 -57.29 25.69
C ILE Y 199 27.45 -55.79 25.49
N ILE Y 200 27.57 -55.34 24.23
CA ILE Y 200 27.65 -53.91 23.95
C ILE Y 200 26.29 -53.26 24.13
N LEU Y 201 25.23 -53.92 23.64
CA LEU Y 201 23.88 -53.38 23.79
C LEU Y 201 23.40 -53.39 25.23
N LYS Y 202 23.96 -54.26 26.08
CA LYS Y 202 23.58 -54.24 27.48
C LYS Y 202 24.08 -52.98 28.18
N GLN Y 203 25.18 -52.43 27.70
CA GLN Y 203 25.72 -51.21 28.31
C GLN Y 203 24.92 -49.99 27.90
N VAL Y 204 24.60 -49.86 26.61
CA VAL Y 204 24.21 -48.58 26.06
C VAL Y 204 22.72 -48.28 26.16
N MET Y 205 21.87 -49.30 26.33
CA MET Y 205 20.47 -48.97 26.38
C MET Y 205 20.06 -48.57 27.79
N GLU Y 206 18.84 -48.04 27.89
CA GLU Y 206 18.32 -47.53 29.16
C GLU Y 206 17.76 -48.66 30.01
N GLU Y 207 16.76 -49.37 29.50
CA GLU Y 207 16.11 -50.41 30.26
C GLU Y 207 16.98 -51.67 30.29
N LYS Y 208 16.52 -52.65 31.07
CA LYS Y 208 17.24 -53.91 31.18
C LYS Y 208 17.07 -54.72 29.91
N LEU Y 209 17.98 -55.67 29.70
CA LEU Y 209 17.98 -56.49 28.50
C LEU Y 209 17.11 -57.73 28.72
N ASN Y 210 16.16 -57.95 27.83
CA ASN Y 210 15.34 -59.16 27.88
C ASN Y 210 15.03 -59.59 26.45
N ALA Y 211 14.09 -60.51 26.31
CA ALA Y 211 13.75 -61.06 25.01
C ALA Y 211 12.78 -60.19 24.22
N THR Y 212 12.37 -59.04 24.73
CA THR Y 212 11.43 -58.19 24.01
C THR Y 212 12.00 -56.83 23.62
N ASN Y 213 13.06 -56.37 24.29
CA ASN Y 213 13.60 -55.07 23.96
C ASN Y 213 14.46 -55.10 22.70
N ILE Y 214 15.01 -56.26 22.37
CA ILE Y 214 15.94 -56.38 21.25
C ILE Y 214 15.43 -57.45 20.29
N GLU Y 215 16.02 -57.49 19.10
CA GLU Y 215 15.83 -58.61 18.20
C GLU Y 215 17.04 -58.69 17.29
N LEU Y 216 17.29 -59.89 16.78
CA LEU Y 216 18.46 -60.16 15.95
C LEU Y 216 18.05 -60.83 14.66
N ALA Y 217 19.01 -60.90 13.76
CA ALA Y 217 18.87 -61.64 12.51
C ALA Y 217 20.27 -61.95 12.01
N THR Y 218 20.45 -63.17 11.53
CA THR Y 218 21.73 -63.58 10.95
C THR Y 218 21.48 -64.15 9.56
N VAL Y 219 22.41 -63.87 8.66
CA VAL Y 219 22.39 -64.44 7.32
C VAL Y 219 23.63 -65.34 7.19
N GLN Y 220 23.44 -66.49 6.58
CA GLN Y 220 24.46 -67.52 6.49
C GLN Y 220 24.76 -67.81 5.03
N PRO Y 221 25.92 -68.40 4.73
CA PRO Y 221 26.12 -68.92 3.37
C PRO Y 221 25.22 -70.10 3.08
N GLY Y 222 25.03 -70.98 4.05
CA GLY Y 222 24.21 -72.16 3.84
C GLY Y 222 22.74 -71.86 3.69
N GLN Y 223 22.10 -71.41 4.77
CA GLN Y 223 20.69 -71.09 4.73
C GLN Y 223 20.50 -69.63 4.33
N ASN Y 224 19.25 -69.21 4.23
CA ASN Y 224 18.90 -67.87 3.80
C ASN Y 224 18.85 -66.92 5.00
N PHE Y 225 18.27 -65.73 4.78
CA PHE Y 225 18.10 -64.74 5.84
C PHE Y 225 17.15 -65.28 6.90
N HIS Y 226 17.67 -65.41 8.11
CA HIS Y 226 16.88 -65.89 9.23
C HIS Y 226 16.84 -64.82 10.31
N MET Y 227 15.64 -64.54 10.79
CA MET Y 227 15.44 -63.62 11.90
C MET Y 227 15.11 -64.43 13.14
N PHE Y 228 15.83 -64.16 14.23
CA PHE Y 228 15.54 -64.84 15.48
C PHE Y 228 14.21 -64.39 16.04
N THR Y 229 13.59 -65.25 16.85
CA THR Y 229 12.37 -64.89 17.55
C THR Y 229 12.56 -65.21 19.02
N LYS Y 230 11.55 -64.88 19.82
CA LYS Y 230 11.62 -64.85 21.29
C LYS Y 230 11.70 -66.22 21.92
N GLU Y 231 11.95 -67.31 21.20
CA GLU Y 231 12.18 -68.61 21.81
C GLU Y 231 13.63 -69.03 21.77
N GLU Y 232 14.31 -68.86 20.64
CA GLU Y 232 15.72 -69.21 20.52
C GLU Y 232 16.63 -68.08 20.90
N LEU Y 233 16.07 -66.95 21.32
CA LEU Y 233 16.86 -65.75 21.54
C LEU Y 233 17.36 -65.64 22.97
N GLU Y 234 16.59 -66.09 23.94
CA GLU Y 234 16.92 -65.90 25.34
C GLU Y 234 17.92 -66.92 25.87
N GLU Y 235 18.26 -67.94 25.10
CA GLU Y 235 19.36 -68.81 25.49
C GLU Y 235 20.70 -68.11 25.33
N VAL Y 236 20.76 -67.11 24.47
CA VAL Y 236 21.94 -66.25 24.41
C VAL Y 236 21.95 -65.34 25.64
N ILE Y 237 20.78 -64.90 26.09
CA ILE Y 237 20.70 -63.92 27.18
C ILE Y 237 21.04 -64.57 28.51
N LYS Y 238 20.45 -65.74 28.79
CA LYS Y 238 20.72 -66.42 30.05
C LYS Y 238 22.13 -67.00 30.11
N ASP Y 239 22.78 -67.15 28.95
CA ASP Y 239 24.16 -67.62 28.89
C ASP Y 239 25.08 -66.49 28.42
N ILE Y 240 24.81 -65.27 28.89
CA ILE Y 240 25.61 -64.12 28.50
C ILE Y 240 26.94 -64.19 29.24
N ASN Z 9 26.02 -10.80 5.01
CA ASN Z 9 26.22 -10.88 3.58
C ASN Z 9 24.98 -11.38 2.84
N GLN Z 10 24.22 -10.45 2.30
CA GLN Z 10 23.03 -10.79 1.54
C GLN Z 10 23.33 -11.17 0.09
N TYR Z 11 24.57 -11.00 -0.35
CA TYR Z 11 25.00 -11.41 -1.69
C TYR Z 11 25.55 -12.82 -1.70
N ASP Z 12 25.18 -13.64 -0.74
CA ASP Z 12 25.89 -14.87 -0.43
C ASP Z 12 24.91 -16.04 -0.34
N ASN Z 13 23.82 -15.97 -1.08
CA ASN Z 13 22.70 -16.87 -0.83
C ASN Z 13 22.37 -17.73 -2.04
N ASP Z 14 22.31 -17.15 -3.23
CA ASP Z 14 21.87 -17.88 -4.41
C ASP Z 14 22.89 -17.70 -5.52
N VAL Z 15 22.88 -18.66 -6.45
CA VAL Z 15 23.85 -18.70 -7.54
C VAL Z 15 23.59 -17.56 -8.52
N THR Z 16 22.34 -17.11 -8.62
CA THR Z 16 21.98 -16.07 -9.56
C THR Z 16 22.58 -14.71 -9.19
N VAL Z 17 22.77 -14.45 -7.90
CA VAL Z 17 23.10 -13.11 -7.44
C VAL Z 17 24.58 -12.82 -7.67
N TRP Z 18 24.86 -11.74 -8.38
CA TRP Z 18 26.22 -11.25 -8.51
C TRP Z 18 26.65 -10.47 -7.26
N SER Z 19 27.87 -10.53 -6.97
CA SER Z 19 28.45 -9.67 -5.96
C SER Z 19 28.62 -8.26 -6.51
N PRO Z 20 28.64 -7.25 -5.65
CA PRO Z 20 29.05 -5.92 -6.10
C PRO Z 20 30.50 -5.85 -6.56
N GLN Z 21 31.35 -6.77 -6.13
CA GLN Z 21 32.68 -6.89 -6.70
C GLN Z 21 32.68 -7.71 -7.97
N GLY Z 22 31.63 -8.47 -8.23
CA GLY Z 22 31.55 -9.25 -9.45
C GLY Z 22 32.05 -10.66 -9.34
N ARG Z 23 31.88 -11.31 -8.19
CA ARG Z 23 32.36 -12.67 -7.97
C ARG Z 23 31.25 -13.45 -7.28
N ILE Z 24 30.71 -14.44 -7.97
CA ILE Z 24 29.57 -15.17 -7.43
C ILE Z 24 30.03 -16.11 -6.33
N HIS Z 25 29.51 -15.92 -5.12
CA HIS Z 25 30.08 -16.60 -3.97
C HIS Z 25 29.72 -18.07 -3.91
N GLN Z 26 28.61 -18.49 -4.52
CA GLN Z 26 28.23 -19.89 -4.47
C GLN Z 26 29.18 -20.76 -5.29
N ILE Z 27 29.74 -20.22 -6.37
CA ILE Z 27 30.79 -20.92 -7.11
C ILE Z 27 32.06 -21.01 -6.28
N GLU Z 28 32.41 -19.93 -5.59
CA GLU Z 28 33.60 -19.93 -4.76
C GLU Z 28 33.49 -20.82 -3.55
N TYR Z 29 32.27 -21.15 -3.12
CA TYR Z 29 32.13 -22.07 -2.00
C TYR Z 29 32.21 -23.51 -2.44
N ALA Z 30 31.87 -23.80 -3.70
CA ALA Z 30 32.04 -25.14 -4.21
C ALA Z 30 33.51 -25.47 -4.45
N MET Z 31 34.36 -24.45 -4.62
CA MET Z 31 35.79 -24.66 -4.60
C MET Z 31 36.28 -25.12 -3.24
N GLU Z 32 35.55 -24.77 -2.17
CA GLU Z 32 35.94 -25.23 -0.85
C GLU Z 32 35.62 -26.70 -0.66
N ALA Z 33 34.66 -27.22 -1.41
CA ALA Z 33 34.29 -28.62 -1.27
C ALA Z 33 35.34 -29.54 -1.89
N VAL Z 34 35.95 -29.12 -2.99
CA VAL Z 34 36.98 -29.96 -3.61
C VAL Z 34 38.27 -29.90 -2.81
N LYS Z 35 38.48 -28.86 -2.01
CA LYS Z 35 39.65 -28.80 -1.16
C LYS Z 35 39.53 -29.67 0.08
N GLN Z 36 38.36 -30.24 0.33
CA GLN Z 36 38.19 -31.11 1.49
C GLN Z 36 38.59 -32.56 1.22
N GLY Z 37 38.43 -33.03 -0.01
CA GLY Z 37 38.79 -34.39 -0.32
C GLY Z 37 40.28 -34.60 -0.38
N SER Z 38 40.68 -35.86 -0.33
CA SER Z 38 42.09 -36.21 -0.27
C SER Z 38 42.76 -35.95 -1.62
N ALA Z 39 44.08 -35.87 -1.59
CA ALA Z 39 44.84 -35.43 -2.75
C ALA Z 39 44.96 -36.55 -3.78
N THR Z 40 45.18 -36.14 -5.03
CA THR Z 40 45.47 -37.05 -6.13
C THR Z 40 46.27 -36.31 -7.20
N VAL Z 41 47.16 -37.03 -7.86
CA VAL Z 41 48.17 -36.45 -8.73
C VAL Z 41 48.12 -37.16 -10.08
N GLY Z 42 47.98 -36.39 -11.16
CA GLY Z 42 48.05 -36.92 -12.50
C GLY Z 42 49.15 -36.24 -13.30
N LEU Z 43 49.75 -37.00 -14.21
CA LEU Z 43 50.86 -36.52 -15.04
C LEU Z 43 50.99 -37.43 -16.26
N LYS Z 44 51.76 -36.97 -17.24
CA LYS Z 44 51.85 -37.71 -18.49
C LYS Z 44 53.27 -37.62 -19.06
N SER Z 45 53.64 -38.66 -19.80
CA SER Z 45 54.84 -38.71 -20.60
C SER Z 45 54.51 -38.39 -22.04
N LYS Z 46 55.44 -38.69 -22.95
CA LYS Z 46 55.12 -38.64 -24.37
C LYS Z 46 54.11 -39.70 -24.76
N THR Z 47 54.10 -40.85 -24.09
CA THR Z 47 53.33 -41.99 -24.52
C THR Z 47 52.42 -42.59 -23.45
N HIS Z 48 52.34 -42.00 -22.27
CA HIS Z 48 51.56 -42.59 -21.19
C HIS Z 48 50.90 -41.48 -20.38
N ALA Z 49 49.87 -41.87 -19.63
CA ALA Z 49 49.14 -40.94 -18.78
C ALA Z 49 48.82 -41.68 -17.49
N VAL Z 50 49.43 -41.26 -16.39
CA VAL Z 50 49.35 -41.95 -15.11
C VAL Z 50 48.75 -41.00 -14.09
N LEU Z 51 47.73 -41.45 -13.37
CA LEU Z 51 47.17 -40.69 -12.27
C LEU Z 51 47.18 -41.56 -11.02
N VAL Z 52 47.56 -40.97 -9.89
CA VAL Z 52 47.76 -41.66 -8.63
C VAL Z 52 46.89 -41.00 -7.57
N ALA Z 53 46.12 -41.80 -6.85
CA ALA Z 53 45.21 -41.30 -5.83
C ALA Z 53 45.63 -41.76 -4.45
N LEU Z 54 45.08 -41.10 -3.43
CA LEU Z 54 45.37 -41.41 -2.03
C LEU Z 54 44.05 -41.55 -1.27
N LYS Z 55 43.73 -42.77 -0.85
CA LYS Z 55 42.45 -43.05 -0.24
C LYS Z 55 42.41 -42.56 1.21
N ARG Z 56 41.20 -42.54 1.77
CA ARG Z 56 41.01 -42.30 3.20
C ARG Z 56 40.01 -43.29 3.74
N ALA Z 57 39.91 -43.35 5.06
CA ALA Z 57 38.96 -44.20 5.75
C ALA Z 57 38.42 -43.45 6.96
N GLN Z 58 37.47 -44.07 7.66
CA GLN Z 58 36.85 -43.47 8.83
C GLN Z 58 37.33 -44.12 10.12
N SER Z 59 37.21 -45.43 10.24
CA SER Z 59 37.84 -46.19 11.30
C SER Z 59 38.87 -47.12 10.70
N GLU Z 60 39.59 -47.84 11.57
CA GLU Z 60 40.60 -48.76 11.06
C GLU Z 60 39.99 -50.04 10.51
N LEU Z 61 38.74 -50.33 10.85
CA LEU Z 61 38.07 -51.52 10.33
C LEU Z 61 37.20 -51.25 9.12
N ALA Z 62 36.81 -50.00 8.88
CA ALA Z 62 36.09 -49.68 7.67
C ALA Z 62 37.04 -49.67 6.48
N ALA Z 63 36.50 -49.94 5.30
CA ALA Z 63 37.35 -49.97 4.13
C ALA Z 63 37.66 -48.55 3.64
N HIS Z 64 38.57 -48.47 2.70
CA HIS Z 64 39.01 -47.20 2.15
C HIS Z 64 38.17 -46.84 0.94
N GLN Z 65 37.82 -45.56 0.83
CA GLN Z 65 36.96 -45.09 -0.24
C GLN Z 65 37.76 -44.96 -1.53
N LYS Z 66 37.32 -45.64 -2.58
CA LYS Z 66 38.04 -45.61 -3.85
C LYS Z 66 37.77 -44.31 -4.59
N LYS Z 67 38.71 -43.93 -5.43
CA LYS Z 67 38.54 -42.67 -6.17
C LYS Z 67 38.76 -42.82 -7.68
N ILE Z 68 39.56 -43.77 -8.10
CA ILE Z 68 39.80 -43.94 -9.53
C ILE Z 68 38.69 -44.80 -10.12
N LEU Z 69 38.09 -44.32 -11.21
CA LEU Z 69 36.98 -45.01 -11.84
C LEU Z 69 37.30 -45.29 -13.30
N HIS Z 70 36.61 -46.26 -13.88
CA HIS Z 70 36.83 -46.67 -15.25
C HIS Z 70 35.69 -46.17 -16.12
N VAL Z 71 35.97 -45.20 -16.98
CA VAL Z 71 34.95 -44.68 -17.88
C VAL Z 71 34.88 -45.52 -19.15
N ASP Z 72 36.03 -45.72 -19.80
CA ASP Z 72 36.07 -46.48 -21.03
C ASP Z 72 37.42 -47.18 -21.10
N ASN Z 73 37.68 -47.87 -22.20
CA ASN Z 73 38.94 -48.59 -22.35
C ASN Z 73 40.12 -47.66 -22.58
N HIS Z 74 39.89 -46.40 -22.84
CA HIS Z 74 40.98 -45.46 -23.05
C HIS Z 74 40.80 -44.18 -22.26
N ILE Z 75 39.84 -44.11 -21.33
CA ILE Z 75 39.58 -42.93 -20.52
C ILE Z 75 39.29 -43.37 -19.09
N GLY Z 76 40.01 -42.78 -18.14
CA GLY Z 76 39.71 -43.00 -16.74
C GLY Z 76 39.80 -41.68 -15.99
N ILE Z 77 39.04 -41.60 -14.90
CA ILE Z 77 38.92 -40.36 -14.13
C ILE Z 77 39.23 -40.62 -12.67
N SER Z 78 39.42 -39.52 -11.94
CA SER Z 78 39.69 -39.53 -10.52
C SER Z 78 38.93 -38.38 -9.89
N ILE Z 79 38.24 -38.65 -8.78
CA ILE Z 79 37.28 -37.71 -8.22
C ILE Z 79 37.81 -37.10 -6.93
N ALA Z 80 37.24 -35.95 -6.58
CA ALA Z 80 37.54 -35.28 -5.31
C ALA Z 80 36.36 -34.37 -4.99
N GLY Z 81 35.77 -34.57 -3.83
CA GLY Z 81 34.59 -33.84 -3.42
C GLY Z 81 33.58 -34.79 -2.83
N LEU Z 82 32.31 -34.43 -2.92
CA LEU Z 82 31.27 -35.35 -2.45
C LEU Z 82 31.02 -36.41 -3.50
N THR Z 83 30.87 -37.65 -3.04
CA THR Z 83 30.90 -38.79 -3.93
C THR Z 83 29.60 -38.96 -4.69
N ALA Z 84 28.51 -38.34 -4.23
CA ALA Z 84 27.24 -38.53 -4.90
C ALA Z 84 27.17 -37.76 -6.20
N ASP Z 85 27.70 -36.54 -6.24
CA ASP Z 85 27.77 -35.81 -7.49
C ASP Z 85 28.84 -36.36 -8.41
N ALA Z 86 29.79 -37.11 -7.86
CA ALA Z 86 30.78 -37.77 -8.69
C ALA Z 86 30.15 -38.87 -9.54
N ARG Z 87 29.27 -39.68 -8.94
CA ARG Z 87 28.58 -40.71 -9.69
C ARG Z 87 27.54 -40.13 -10.64
N LEU Z 88 27.06 -38.92 -10.37
CA LEU Z 88 26.11 -38.29 -11.29
C LEU Z 88 26.78 -37.89 -12.58
N LEU Z 89 27.99 -37.35 -12.52
CA LEU Z 89 28.74 -37.06 -13.74
C LEU Z 89 29.40 -38.30 -14.32
N CYS Z 90 29.64 -39.32 -13.50
CA CYS Z 90 30.23 -40.55 -14.02
C CYS Z 90 29.24 -41.30 -14.91
N ASN Z 91 27.97 -41.37 -14.50
CA ASN Z 91 26.98 -42.02 -15.34
C ASN Z 91 26.64 -41.19 -16.56
N PHE Z 92 26.87 -39.89 -16.51
CA PHE Z 92 26.82 -39.10 -17.72
C PHE Z 92 28.04 -39.34 -18.59
N MET Z 93 29.17 -39.62 -17.96
CA MET Z 93 30.42 -39.80 -18.69
C MET Z 93 30.41 -41.09 -19.49
N ARG Z 94 30.01 -42.19 -18.85
CA ARG Z 94 29.89 -43.48 -19.53
C ARG Z 94 28.87 -43.45 -20.65
N GLN Z 95 27.80 -42.69 -20.48
CA GLN Z 95 26.74 -42.69 -21.49
C GLN Z 95 27.19 -41.97 -22.75
N GLU Z 96 27.95 -40.89 -22.60
CA GLU Z 96 28.42 -40.16 -23.76
C GLU Z 96 29.56 -40.84 -24.49
N CYS Z 97 30.16 -41.87 -23.91
CA CYS Z 97 31.23 -42.58 -24.60
C CYS Z 97 30.71 -43.72 -25.45
N LEU Z 98 29.72 -44.46 -24.95
CA LEU Z 98 29.30 -45.65 -25.66
C LEU Z 98 28.26 -45.37 -26.73
N ASP Z 99 27.61 -44.21 -26.72
CA ASP Z 99 26.70 -43.90 -27.82
C ASP Z 99 27.46 -43.35 -29.02
N SER Z 100 28.54 -42.60 -28.79
CA SER Z 100 29.43 -42.25 -29.88
C SER Z 100 30.08 -43.49 -30.47
N ARG Z 101 30.37 -44.48 -29.64
CA ARG Z 101 30.79 -45.78 -30.13
C ARG Z 101 29.64 -46.52 -30.79
N PHE Z 102 28.40 -46.24 -30.39
CA PHE Z 102 27.26 -46.83 -31.06
C PHE Z 102 26.99 -46.19 -32.41
N VAL Z 103 27.15 -44.87 -32.52
CA VAL Z 103 26.84 -44.17 -33.76
C VAL Z 103 28.01 -44.28 -34.73
N PHE Z 104 29.18 -43.80 -34.33
CA PHE Z 104 30.28 -43.66 -35.27
C PHE Z 104 31.23 -44.84 -35.30
N ASP Z 105 31.12 -45.75 -34.34
CA ASP Z 105 31.98 -46.92 -34.18
C ASP Z 105 33.45 -46.51 -34.10
N ARG Z 106 33.74 -45.70 -33.08
CA ARG Z 106 35.07 -45.16 -32.87
C ARG Z 106 35.19 -44.74 -31.42
N PRO Z 107 36.39 -44.69 -30.87
CA PRO Z 107 36.54 -44.11 -29.53
C PRO Z 107 36.33 -42.61 -29.57
N LEU Z 108 35.53 -42.13 -28.64
CA LEU Z 108 35.25 -40.70 -28.58
C LEU Z 108 36.48 -39.98 -28.05
N PRO Z 109 36.97 -38.94 -28.73
CA PRO Z 109 38.19 -38.27 -28.30
C PRO Z 109 38.02 -37.52 -26.99
N VAL Z 110 39.14 -37.39 -26.27
CA VAL Z 110 39.10 -36.91 -24.89
C VAL Z 110 38.79 -35.43 -24.84
N SER Z 111 39.45 -34.64 -25.70
CA SER Z 111 39.26 -33.20 -25.71
C SER Z 111 37.85 -32.81 -26.15
N ARG Z 112 37.16 -33.70 -26.84
CA ARG Z 112 35.78 -33.47 -27.23
C ARG Z 112 34.81 -34.00 -26.16
N LEU Z 113 35.29 -34.84 -25.26
CA LEU Z 113 34.45 -35.30 -24.16
C LEU Z 113 34.30 -34.22 -23.09
N VAL Z 114 35.39 -33.53 -22.79
CA VAL Z 114 35.42 -32.61 -21.66
C VAL Z 114 34.59 -31.37 -21.95
N SER Z 115 34.52 -30.97 -23.22
CA SER Z 115 33.67 -29.84 -23.59
C SER Z 115 32.20 -30.18 -23.45
N LEU Z 116 31.84 -31.46 -23.46
CA LEU Z 116 30.47 -31.83 -23.12
C LEU Z 116 30.23 -31.70 -21.63
N ILE Z 117 31.26 -31.90 -20.82
CA ILE Z 117 31.09 -31.74 -19.37
C ILE Z 117 30.99 -30.27 -19.02
N GLY Z 118 31.79 -29.43 -19.68
CA GLY Z 118 31.77 -28.00 -19.41
C GLY Z 118 30.46 -27.34 -19.80
N SER Z 119 29.78 -27.88 -20.79
CA SER Z 119 28.44 -27.40 -21.09
C SER Z 119 27.40 -28.04 -20.18
N LYS Z 120 27.72 -29.21 -19.62
CA LYS Z 120 26.79 -29.87 -18.72
C LYS Z 120 26.71 -29.18 -17.37
N THR Z 121 27.85 -28.82 -16.80
CA THR Z 121 27.89 -28.25 -15.46
C THR Z 121 27.70 -26.75 -15.45
N GLN Z 122 27.73 -26.09 -16.61
CA GLN Z 122 27.51 -24.65 -16.62
C GLN Z 122 26.04 -24.31 -16.46
N ILE Z 123 25.16 -25.22 -16.85
CA ILE Z 123 23.73 -24.97 -16.78
C ILE Z 123 23.19 -24.74 -15.36
N PRO Z 124 23.55 -25.57 -14.36
CA PRO Z 124 23.02 -25.23 -13.02
C PRO Z 124 23.74 -24.10 -12.33
N THR Z 125 24.76 -23.51 -12.94
CA THR Z 125 25.42 -22.34 -12.39
C THR Z 125 24.81 -21.04 -12.86
N GLN Z 126 23.65 -21.09 -13.50
CA GLN Z 126 23.00 -19.90 -13.99
C GLN Z 126 21.51 -19.85 -13.69
N ARG Z 127 20.88 -20.97 -13.38
CA ARG Z 127 19.46 -20.98 -13.07
C ARG Z 127 19.22 -20.59 -11.62
N TYR Z 128 17.98 -20.71 -11.18
CA TYR Z 128 17.57 -20.28 -9.84
C TYR Z 128 17.27 -21.50 -8.99
N GLY Z 129 17.88 -21.55 -7.81
CA GLY Z 129 17.71 -22.70 -6.95
C GLY Z 129 18.39 -23.96 -7.45
N ARG Z 130 19.55 -23.81 -8.08
CA ARG Z 130 20.29 -24.94 -8.63
C ARG Z 130 21.73 -24.88 -8.15
N ARG Z 131 22.18 -25.90 -7.46
CA ARG Z 131 23.53 -25.87 -6.95
C ARG Z 131 24.52 -26.20 -8.06
N PRO Z 132 25.78 -25.83 -7.91
CA PRO Z 132 26.83 -26.39 -8.76
C PRO Z 132 27.18 -27.80 -8.36
N TYR Z 133 27.94 -28.46 -9.22
CA TYR Z 133 28.43 -29.81 -8.95
C TYR Z 133 29.77 -29.70 -8.24
N GLY Z 134 29.81 -30.08 -6.97
CA GLY Z 134 31.09 -30.06 -6.27
C GLY Z 134 31.86 -31.33 -6.57
N VAL Z 135 32.84 -31.26 -7.46
CA VAL Z 135 33.56 -32.44 -7.90
C VAL Z 135 34.91 -32.00 -8.45
N GLY Z 136 35.86 -32.93 -8.48
CA GLY Z 136 37.25 -32.65 -8.76
C GLY Z 136 37.89 -33.46 -9.86
N LEU Z 137 37.22 -33.61 -10.99
CA LEU Z 137 37.62 -34.57 -12.01
C LEU Z 137 38.99 -34.27 -12.61
N LEU Z 138 39.92 -35.20 -12.42
CA LEU Z 138 41.15 -35.29 -13.20
C LEU Z 138 40.93 -36.38 -14.25
N ILE Z 139 41.15 -36.05 -15.51
CA ILE Z 139 40.85 -36.95 -16.62
C ILE Z 139 42.14 -37.28 -17.34
N ALA Z 140 42.34 -38.56 -17.62
CA ALA Z 140 43.48 -39.04 -18.40
C ALA Z 140 42.95 -39.88 -19.54
N GLY Z 141 43.54 -39.71 -20.72
CA GLY Z 141 43.00 -40.44 -21.85
C GLY Z 141 43.88 -40.40 -23.07
N TYR Z 142 43.33 -40.92 -24.16
CA TYR Z 142 43.99 -40.97 -25.44
C TYR Z 142 43.11 -40.42 -26.54
N ASP Z 143 43.62 -39.42 -27.25
CA ASP Z 143 43.13 -39.07 -28.57
C ASP Z 143 43.96 -39.85 -29.58
N ASP Z 144 43.92 -39.44 -30.84
CA ASP Z 144 44.96 -39.87 -31.78
C ASP Z 144 46.24 -39.04 -31.64
N MET Z 145 46.32 -38.18 -30.63
CA MET Z 145 47.45 -37.28 -30.45
C MET Z 145 48.28 -37.63 -29.21
N GLY Z 146 48.06 -38.79 -28.62
CA GLY Z 146 48.81 -39.17 -27.46
C GLY Z 146 48.07 -38.88 -26.17
N PRO Z 147 48.80 -38.86 -25.06
CA PRO Z 147 48.15 -38.71 -23.76
C PRO Z 147 47.67 -37.28 -23.51
N HIS Z 148 46.70 -37.18 -22.61
CA HIS Z 148 46.10 -35.91 -22.25
C HIS Z 148 45.76 -35.93 -20.77
N ILE Z 149 46.09 -34.86 -20.05
CA ILE Z 149 45.67 -34.69 -18.67
C ILE Z 149 44.81 -33.45 -18.61
N PHE Z 150 43.57 -33.62 -18.15
CA PHE Z 150 42.61 -32.53 -18.04
C PHE Z 150 42.11 -32.46 -16.61
N GLN Z 151 41.93 -31.25 -16.12
CA GLN Z 151 41.24 -31.07 -14.85
C GLN Z 151 40.04 -30.17 -15.05
N THR Z 152 39.06 -30.32 -14.18
CA THR Z 152 37.88 -29.48 -14.18
C THR Z 152 37.77 -28.83 -12.81
N CYS Z 153 36.69 -28.06 -12.65
CA CYS Z 153 36.40 -27.36 -11.40
C CYS Z 153 34.92 -27.03 -11.41
N PRO Z 154 34.31 -26.81 -10.24
CA PRO Z 154 32.87 -26.50 -10.21
C PRO Z 154 32.48 -25.17 -10.84
N SER Z 155 33.43 -24.34 -11.26
CA SER Z 155 33.11 -23.15 -12.04
C SER Z 155 32.95 -23.46 -13.52
N ALA Z 156 32.86 -24.74 -13.90
CA ALA Z 156 32.67 -25.21 -15.28
C ALA Z 156 33.78 -24.73 -16.20
N ASN Z 157 35.00 -24.66 -15.66
CA ASN Z 157 36.16 -24.18 -16.40
C ASN Z 157 37.18 -25.31 -16.43
N TYR Z 158 37.29 -25.98 -17.57
CA TYR Z 158 38.23 -27.07 -17.70
C TYR Z 158 39.57 -26.57 -18.20
N PHE Z 159 40.63 -27.24 -17.77
CA PHE Z 159 42.00 -26.83 -18.05
C PHE Z 159 42.75 -27.93 -18.75
N ASP Z 160 43.45 -27.57 -19.81
CA ASP Z 160 44.45 -28.44 -20.41
C ASP Z 160 45.76 -28.26 -19.66
N CYS Z 161 46.36 -29.36 -19.24
CA CYS Z 161 47.56 -29.30 -18.43
C CYS Z 161 48.44 -30.51 -18.76
N ARG Z 162 49.63 -30.53 -18.19
CA ARG Z 162 50.52 -31.67 -18.32
C ARG Z 162 50.82 -32.37 -17.01
N ALA Z 163 50.61 -31.71 -15.87
CA ALA Z 163 50.67 -32.34 -14.56
C ALA Z 163 49.93 -31.44 -13.59
N MET Z 164 48.95 -31.98 -12.87
CA MET Z 164 48.24 -31.23 -11.85
C MET Z 164 47.95 -32.10 -10.65
N SER Z 165 47.50 -31.45 -9.58
CA SER Z 165 47.20 -32.11 -8.32
C SER Z 165 46.14 -31.31 -7.60
N ILE Z 166 45.08 -31.98 -7.14
CA ILE Z 166 43.96 -31.32 -6.48
C ILE Z 166 43.55 -32.13 -5.26
N GLY Z 167 42.95 -31.45 -4.31
CA GLY Z 167 42.52 -32.05 -3.05
C GLY Z 167 43.12 -31.32 -1.88
N ALA Z 168 42.96 -31.92 -0.70
CA ALA Z 168 43.47 -31.31 0.52
C ALA Z 168 44.99 -31.38 0.54
N ARG Z 169 45.62 -30.22 0.84
CA ARG Z 169 47.07 -30.04 0.84
C ARG Z 169 47.67 -30.44 -0.51
N SER Z 170 47.35 -29.67 -1.53
CA SER Z 170 47.82 -29.98 -2.88
C SER Z 170 48.83 -28.97 -3.39
N GLN Z 171 49.03 -27.87 -2.68
CA GLN Z 171 49.99 -26.88 -3.14
C GLN Z 171 51.41 -27.39 -2.97
N SER Z 172 51.64 -28.22 -1.95
CA SER Z 172 52.94 -28.83 -1.77
C SER Z 172 53.24 -29.85 -2.86
N ALA Z 173 52.22 -30.46 -3.44
CA ALA Z 173 52.46 -31.40 -4.54
C ALA Z 173 52.77 -30.66 -5.82
N ARG Z 174 52.21 -29.47 -6.01
CA ARG Z 174 52.47 -28.71 -7.23
C ARG Z 174 53.89 -28.19 -7.29
N THR Z 175 54.46 -27.86 -6.14
CA THR Z 175 55.84 -27.39 -6.11
C THR Z 175 56.82 -28.50 -6.44
N TYR Z 176 56.46 -29.75 -6.13
CA TYR Z 176 57.31 -30.86 -6.53
C TYR Z 176 57.23 -31.10 -8.03
N LEU Z 177 56.06 -30.88 -8.63
CA LEU Z 177 55.89 -31.17 -10.03
C LEU Z 177 56.57 -30.14 -10.92
N GLU Z 178 56.71 -28.90 -10.44
CA GLU Z 178 57.31 -27.87 -11.27
C GLU Z 178 58.82 -28.07 -11.41
N ARG Z 179 59.49 -28.52 -10.35
CA ARG Z 179 60.93 -28.65 -10.40
C ARG Z 179 61.38 -30.03 -10.89
N HIS Z 180 60.48 -30.82 -11.47
CA HIS Z 180 60.87 -32.10 -12.04
C HIS Z 180 60.19 -32.39 -13.37
N MET Z 181 59.41 -31.47 -13.91
CA MET Z 181 58.66 -31.71 -15.13
C MET Z 181 59.51 -31.64 -16.39
N SER Z 182 60.79 -31.26 -16.28
CA SER Z 182 61.67 -31.37 -17.42
C SER Z 182 62.07 -32.82 -17.71
N GLU Z 183 61.90 -33.71 -16.73
CA GLU Z 183 62.30 -35.10 -16.86
C GLU Z 183 61.15 -35.99 -17.31
N PHE Z 184 59.92 -35.49 -17.30
CA PHE Z 184 58.74 -36.34 -17.46
C PHE Z 184 58.53 -36.83 -18.88
N MET Z 185 58.97 -36.07 -19.87
CA MET Z 185 58.70 -36.39 -21.26
C MET Z 185 59.72 -37.33 -21.86
N GLU Z 186 60.44 -38.10 -21.04
CA GLU Z 186 61.47 -38.97 -21.56
C GLU Z 186 61.38 -40.38 -20.99
N CYS Z 187 60.92 -40.49 -19.76
CA CYS Z 187 61.05 -41.72 -19.01
C CYS Z 187 59.97 -42.73 -19.38
N ASN Z 188 60.26 -44.00 -19.11
CA ASN Z 188 59.34 -45.09 -19.35
C ASN Z 188 58.28 -45.16 -18.25
N LEU Z 189 57.49 -46.24 -18.22
CA LEU Z 189 56.39 -46.34 -17.27
C LEU Z 189 56.86 -46.48 -15.83
N ASN Z 190 58.10 -46.92 -15.63
CA ASN Z 190 58.53 -47.30 -14.29
C ASN Z 190 58.79 -46.07 -13.42
N GLU Z 191 59.74 -45.23 -13.83
CA GLU Z 191 59.99 -44.04 -13.03
C GLU Z 191 59.11 -42.86 -13.41
N LEU Z 192 58.19 -43.03 -14.36
CA LEU Z 192 57.12 -42.04 -14.49
C LEU Z 192 56.16 -42.14 -13.32
N VAL Z 193 55.86 -43.38 -12.90
CA VAL Z 193 54.96 -43.59 -11.77
C VAL Z 193 55.60 -43.10 -10.48
N LYS Z 194 56.83 -43.50 -10.22
CA LYS Z 194 57.41 -43.11 -8.95
C LYS Z 194 57.95 -41.69 -8.95
N HIS Z 195 57.90 -40.98 -10.08
CA HIS Z 195 57.94 -39.53 -9.98
C HIS Z 195 56.65 -39.01 -9.36
N GLY Z 196 55.51 -39.55 -9.77
CA GLY Z 196 54.25 -39.14 -9.18
C GLY Z 196 54.07 -39.62 -7.75
N LEU Z 197 54.66 -40.77 -7.43
CA LEU Z 197 54.57 -41.28 -6.06
C LEU Z 197 55.39 -40.45 -5.10
N ARG Z 198 56.45 -39.80 -5.58
CA ARG Z 198 57.17 -38.86 -4.72
C ARG Z 198 56.41 -37.56 -4.51
N ALA Z 199 55.34 -37.32 -5.27
CA ALA Z 199 54.51 -36.16 -5.00
C ALA Z 199 53.50 -36.45 -3.89
N LEU Z 200 53.04 -37.69 -3.77
CA LEU Z 200 52.07 -38.00 -2.73
C LEU Z 200 52.71 -38.14 -1.36
N ARG Z 201 53.98 -38.47 -1.29
CA ARG Z 201 54.65 -38.45 0.01
C ARG Z 201 55.01 -37.05 0.43
N GLU Z 202 54.94 -36.09 -0.50
CA GLU Z 202 55.14 -34.69 -0.18
C GLU Z 202 53.94 -34.10 0.54
N THR Z 203 52.73 -34.56 0.22
CA THR Z 203 51.51 -33.96 0.73
C THR Z 203 50.99 -34.64 2.00
N LEU Z 204 51.85 -35.30 2.75
CA LEU Z 204 51.47 -36.05 3.94
C LEU Z 204 52.18 -35.51 5.17
N PRO Z 205 51.64 -35.78 6.37
CA PRO Z 205 52.43 -35.59 7.59
C PRO Z 205 53.65 -36.51 7.62
N ALA Z 206 54.62 -36.18 8.46
CA ALA Z 206 55.97 -36.73 8.35
C ALA Z 206 56.12 -38.11 8.97
N GLU Z 207 55.04 -38.87 9.17
CA GLU Z 207 55.18 -40.16 9.83
C GLU Z 207 54.60 -41.34 9.06
N GLN Z 208 53.49 -41.14 8.35
CA GLN Z 208 52.89 -42.22 7.57
C GLN Z 208 52.91 -41.82 6.10
N ASP Z 209 53.27 -42.76 5.23
CA ASP Z 209 53.32 -42.42 3.82
C ASP Z 209 52.48 -43.31 2.90
N LEU Z 210 52.83 -44.57 2.73
CA LEU Z 210 52.37 -45.30 1.55
C LEU Z 210 52.06 -46.76 1.86
N THR Z 211 51.29 -47.01 2.92
CA THR Z 211 51.20 -48.40 3.39
C THR Z 211 50.24 -49.28 2.60
N THR Z 212 50.39 -49.32 1.26
CA THR Z 212 49.88 -50.32 0.33
C THR Z 212 48.39 -50.66 0.43
N LYS Z 213 47.62 -49.81 1.11
CA LYS Z 213 46.19 -50.01 1.26
C LYS Z 213 45.42 -48.70 1.17
N ASN Z 214 46.10 -47.60 0.87
CA ASN Z 214 45.48 -46.30 0.76
C ASN Z 214 45.85 -45.60 -0.54
N VAL Z 215 46.57 -46.28 -1.42
CA VAL Z 215 47.04 -45.68 -2.65
C VAL Z 215 46.60 -46.54 -3.83
N SER Z 216 46.28 -45.88 -4.95
CA SER Z 216 45.87 -46.57 -6.16
C SER Z 216 46.49 -45.86 -7.36
N ILE Z 217 46.76 -46.64 -8.40
CA ILE Z 217 47.43 -46.15 -9.60
C ILE Z 217 46.62 -46.62 -10.80
N GLY Z 218 46.35 -45.71 -11.73
CA GLY Z 218 45.72 -46.08 -12.99
C GLY Z 218 46.52 -45.61 -14.19
N ILE Z 219 46.79 -46.50 -15.15
CA ILE Z 219 47.59 -46.17 -16.32
C ILE Z 219 46.80 -46.50 -17.57
N VAL Z 220 46.73 -45.55 -18.50
CA VAL Z 220 46.42 -45.85 -19.89
C VAL Z 220 47.72 -45.70 -20.68
N GLY Z 221 47.94 -46.59 -21.65
CA GLY Z 221 49.21 -46.66 -22.34
C GLY Z 221 49.04 -46.95 -23.81
N LYS Z 222 50.09 -46.60 -24.58
CA LYS Z 222 50.03 -46.55 -26.04
C LYS Z 222 49.64 -47.87 -26.69
N ASP Z 223 50.02 -48.99 -26.08
CA ASP Z 223 49.44 -50.28 -26.42
C ASP Z 223 48.78 -50.91 -25.19
N LEU Z 224 48.33 -50.11 -24.23
CA LEU Z 224 47.86 -50.61 -22.95
C LEU Z 224 46.50 -50.03 -22.62
N GLU Z 225 45.51 -50.90 -22.48
CA GLU Z 225 44.18 -50.50 -22.04
C GLU Z 225 44.25 -49.97 -20.61
N PHE Z 226 43.31 -49.08 -20.27
CA PHE Z 226 43.28 -48.44 -18.96
C PHE Z 226 43.08 -49.46 -17.84
N THR Z 227 44.01 -49.47 -16.89
CA THR Z 227 44.05 -50.52 -15.88
C THR Z 227 44.21 -49.91 -14.51
N ILE Z 228 43.40 -50.38 -13.55
CA ILE Z 228 43.44 -49.90 -12.18
C ILE Z 228 44.16 -50.93 -11.33
N TYR Z 229 45.10 -50.47 -10.51
CA TYR Z 229 45.88 -51.32 -9.63
C TYR Z 229 45.52 -51.01 -8.18
N ASP Z 230 45.14 -52.04 -7.43
CA ASP Z 230 44.60 -51.86 -6.08
C ASP Z 230 45.28 -52.84 -5.12
N ASP Z 231 46.05 -52.28 -4.20
CA ASP Z 231 46.50 -52.72 -2.87
C ASP Z 231 47.24 -54.05 -2.78
N ASP Z 232 47.41 -54.76 -3.89
CA ASP Z 232 48.36 -55.85 -3.98
C ASP Z 232 49.32 -55.68 -5.13
N ASP Z 233 48.81 -55.35 -6.30
CA ASP Z 233 49.59 -55.01 -7.48
C ASP Z 233 50.16 -53.59 -7.42
N VAL Z 234 49.82 -52.83 -6.38
CA VAL Z 234 50.52 -51.58 -6.11
C VAL Z 234 51.95 -51.87 -5.68
N SER Z 235 52.14 -52.90 -4.86
CA SER Z 235 53.41 -53.30 -4.26
C SER Z 235 54.59 -53.52 -5.23
N PRO Z 236 54.41 -53.97 -6.48
CA PRO Z 236 55.56 -53.88 -7.41
C PRO Z 236 55.95 -52.46 -7.76
N PHE Z 237 54.97 -51.59 -7.99
CA PHE Z 237 55.28 -50.18 -8.22
C PHE Z 237 55.85 -49.50 -6.99
N LEU Z 238 55.32 -49.82 -5.81
CA LEU Z 238 55.61 -49.06 -4.61
C LEU Z 238 56.99 -49.36 -4.04
N GLU Z 239 57.50 -50.56 -4.26
CA GLU Z 239 58.88 -50.84 -3.90
C GLU Z 239 59.82 -50.13 -4.87
N GLY Z 240 61.00 -49.80 -4.37
CA GLY Z 240 61.94 -49.00 -5.13
C GLY Z 240 61.82 -47.50 -4.89
N LEU Z 241 61.37 -47.10 -3.71
CA LEU Z 241 61.40 -45.70 -3.30
C LEU Z 241 62.30 -45.54 -2.09
N GLU Z 242 63.02 -44.43 -2.06
CA GLU Z 242 63.93 -44.16 -0.96
C GLU Z 242 63.17 -43.68 0.26
N GLU Z 243 63.87 -43.60 1.39
CA GLU Z 243 63.26 -43.14 2.63
C GLU Z 243 63.12 -41.62 2.60
N ARG Z 244 62.19 -41.14 3.42
CA ARG Z 244 61.93 -39.71 3.51
C ARG Z 244 63.10 -39.00 4.20
N PRO Z 245 63.71 -38.01 3.56
CA PRO Z 245 64.85 -37.33 4.20
C PRO Z 245 64.39 -36.41 5.33
N GLN Z 246 65.12 -36.44 6.43
CA GLN Z 246 64.78 -35.63 7.58
C GLN Z 246 66.03 -35.06 8.24
N THR AA 5 19.72 -0.72 1.18
CA THR AA 5 19.96 -1.59 0.03
C THR AA 5 18.70 -2.36 -0.33
N GLY AA 6 18.90 -3.57 -0.87
CA GLY AA 6 17.80 -4.39 -1.32
C GLY AA 6 17.38 -4.13 -2.75
N TYR AA 7 17.83 -3.03 -3.35
CA TYR AA 7 17.43 -2.68 -4.70
C TYR AA 7 18.32 -3.29 -5.77
N ASP AA 8 19.25 -4.17 -5.42
CA ASP AA 8 20.25 -4.63 -6.37
C ASP AA 8 20.43 -6.14 -6.35
N LEU AA 9 19.47 -6.86 -5.76
CA LEU AA 9 19.61 -8.31 -5.66
C LEU AA 9 19.20 -9.01 -6.95
N SER AA 10 18.03 -8.66 -7.47
CA SER AA 10 17.54 -9.27 -8.69
C SER AA 10 17.75 -8.36 -9.88
N ALA AA 11 17.68 -8.95 -11.07
CA ALA AA 11 17.74 -8.21 -12.31
C ALA AA 11 16.36 -7.77 -12.78
N SER AA 12 15.33 -7.96 -11.96
CA SER AA 12 13.97 -7.57 -12.31
C SER AA 12 13.57 -6.25 -11.70
N THR AA 13 14.44 -5.63 -10.89
CA THR AA 13 14.11 -4.42 -10.16
C THR AA 13 14.97 -3.28 -10.66
N PHE AA 14 14.35 -2.11 -10.85
CA PHE AA 14 15.13 -0.92 -11.08
C PHE AA 14 15.59 -0.34 -9.75
N SER AA 15 16.53 0.56 -9.82
CA SER AA 15 16.96 1.32 -8.67
C SER AA 15 16.03 2.51 -8.48
N PRO AA 16 16.06 3.17 -7.33
CA PRO AA 16 15.28 4.41 -7.18
C PRO AA 16 15.77 5.58 -8.03
N ASP AA 17 16.85 5.45 -8.78
CA ASP AA 17 17.19 6.42 -9.81
C ASP AA 17 17.19 5.80 -11.20
N GLY AA 18 16.75 4.55 -11.34
CA GLY AA 18 16.44 4.02 -12.65
C GLY AA 18 17.58 3.37 -13.40
N ARG AA 19 18.28 2.43 -12.77
CA ARG AA 19 19.25 1.62 -13.48
C ARG AA 19 19.39 0.28 -12.77
N VAL AA 20 19.87 -0.71 -13.51
CA VAL AA 20 19.95 -2.07 -13.02
C VAL AA 20 21.39 -2.36 -12.58
N PHE AA 21 21.55 -2.76 -11.33
CA PHE AA 21 22.90 -2.98 -10.83
C PHE AA 21 23.45 -4.37 -11.11
N GLN AA 22 22.58 -5.36 -11.30
CA GLN AA 22 23.06 -6.71 -11.58
C GLN AA 22 23.74 -6.80 -12.94
N VAL AA 23 23.37 -5.92 -13.87
CA VAL AA 23 24.11 -5.84 -15.11
C VAL AA 23 25.42 -5.09 -14.90
N GLU AA 24 25.39 -4.02 -14.10
CA GLU AA 24 26.60 -3.27 -13.82
C GLU AA 24 27.59 -4.06 -13.00
N TYR AA 25 27.10 -4.92 -12.11
CA TYR AA 25 28.01 -5.77 -11.35
C TYR AA 25 28.64 -6.83 -12.22
N ALA AA 26 27.92 -7.30 -13.24
CA ALA AA 26 28.51 -8.25 -14.16
C ALA AA 26 29.43 -7.58 -15.17
N MET AA 27 29.25 -6.28 -15.41
CA MET AA 27 30.22 -5.57 -16.23
C MET AA 27 31.54 -5.41 -15.50
N LYS AA 28 31.51 -5.36 -14.16
CA LYS AA 28 32.75 -5.23 -13.40
C LYS AA 28 33.58 -6.49 -13.46
N ALA AA 29 32.96 -7.64 -13.66
CA ALA AA 29 33.70 -8.90 -13.74
C ALA AA 29 34.52 -9.03 -15.02
N VAL AA 30 34.29 -8.18 -16.01
CA VAL AA 30 35.04 -8.27 -17.26
C VAL AA 30 36.44 -7.70 -17.09
N GLU AA 31 36.60 -6.65 -16.28
CA GLU AA 31 37.90 -6.01 -16.11
C GLU AA 31 38.83 -6.77 -15.18
N ASN AA 32 38.52 -8.02 -14.85
CA ASN AA 32 39.48 -8.90 -14.20
C ASN AA 32 40.02 -9.94 -15.17
N SER AA 33 39.38 -10.12 -16.32
CA SER AA 33 40.02 -10.82 -17.42
C SER AA 33 41.01 -9.88 -18.09
N SER AA 34 41.95 -10.44 -18.85
CA SER AA 34 43.20 -9.72 -19.01
C SER AA 34 43.15 -8.62 -20.06
N THR AA 35 43.15 -8.97 -21.36
CA THR AA 35 43.09 -8.02 -22.47
C THR AA 35 42.86 -8.78 -23.78
N ALA AA 36 41.85 -8.38 -24.55
CA ALA AA 36 41.67 -8.89 -25.90
C ALA AA 36 41.45 -7.70 -26.81
N ILE AA 37 42.30 -7.53 -27.80
CA ILE AA 37 42.14 -6.44 -28.75
C ILE AA 37 41.91 -7.04 -30.13
N GLY AA 38 41.21 -6.29 -30.96
CA GLY AA 38 41.07 -6.70 -32.34
C GLY AA 38 40.82 -5.50 -33.22
N ILE AA 39 41.62 -5.32 -34.26
CA ILE AA 39 41.39 -4.24 -35.20
C ILE AA 39 41.22 -4.86 -36.58
N ARG AA 40 40.52 -4.18 -37.46
CA ARG AA 40 40.38 -4.62 -38.83
C ARG AA 40 41.28 -3.80 -39.73
N CYS AA 41 41.88 -4.47 -40.71
CA CYS AA 41 42.74 -3.79 -41.67
C CYS AA 41 41.88 -3.34 -42.84
N LYS AA 42 42.53 -2.98 -43.96
CA LYS AA 42 41.79 -2.57 -45.15
C LYS AA 42 41.00 -3.73 -45.73
N ASP AA 43 41.56 -4.94 -45.66
CA ASP AA 43 40.97 -6.11 -46.30
C ASP AA 43 41.02 -7.32 -45.38
N GLY AA 44 40.59 -7.15 -44.14
CA GLY AA 44 40.55 -8.26 -43.21
C GLY AA 44 40.56 -7.77 -41.79
N VAL AA 45 40.42 -8.72 -40.88
CA VAL AA 45 40.34 -8.45 -39.45
C VAL AA 45 41.42 -9.27 -38.76
N VAL AA 46 42.16 -8.66 -37.83
CA VAL AA 46 43.20 -9.34 -37.06
C VAL AA 46 42.87 -9.22 -35.58
N PHE AA 47 42.72 -10.36 -34.92
CA PHE AA 47 42.52 -10.42 -33.48
C PHE AA 47 43.86 -10.56 -32.77
N GLY AA 48 43.82 -10.35 -31.45
CA GLY AA 48 45.01 -10.48 -30.64
C GLY AA 48 44.69 -10.59 -29.18
N VAL AA 49 45.23 -11.60 -28.51
CA VAL AA 49 44.93 -11.90 -27.11
C VAL AA 49 46.24 -12.21 -26.41
N GLU AA 50 46.54 -11.47 -25.35
CA GLU AA 50 47.67 -11.82 -24.51
C GLU AA 50 47.19 -12.73 -23.38
N LYS AA 51 47.92 -13.82 -23.18
CA LYS AA 51 47.45 -14.94 -22.39
C LYS AA 51 48.38 -15.13 -21.19
N LEU AA 52 47.82 -15.00 -20.00
CA LEU AA 52 48.62 -15.07 -18.78
C LEU AA 52 49.02 -16.51 -18.48
N VAL AA 53 50.33 -16.75 -18.34
CA VAL AA 53 50.82 -18.04 -17.88
C VAL AA 53 50.65 -18.06 -16.37
N LEU AA 54 49.62 -18.73 -15.89
CA LEU AA 54 49.33 -18.76 -14.46
C LEU AA 54 50.36 -19.60 -13.71
N SER AA 55 50.64 -20.80 -14.20
CA SER AA 55 51.70 -21.61 -13.63
C SER AA 55 52.42 -22.32 -14.76
N LYS AA 56 53.54 -22.93 -14.42
CA LYS AA 56 54.32 -23.70 -15.37
C LYS AA 56 53.63 -24.99 -15.77
N LEU AA 57 52.70 -25.48 -14.94
CA LEU AA 57 52.15 -26.81 -15.13
C LEU AA 57 51.16 -26.88 -16.28
N TYR AA 58 50.60 -25.75 -16.70
CA TYR AA 58 49.68 -25.79 -17.82
C TYR AA 58 50.44 -25.97 -19.12
N GLU AA 59 49.72 -26.41 -20.15
CA GLU AA 59 50.32 -26.78 -21.42
C GLU AA 59 50.13 -25.65 -22.42
N GLU AA 60 51.16 -25.41 -23.23
CA GLU AA 60 51.13 -24.35 -24.24
C GLU AA 60 50.12 -24.69 -25.32
N GLY AA 61 49.02 -23.92 -25.36
CA GLY AA 61 47.88 -24.24 -26.18
C GLY AA 61 46.63 -24.59 -25.39
N SER AA 62 46.65 -24.40 -24.09
CA SER AA 62 45.48 -24.65 -23.26
C SER AA 62 44.45 -23.55 -23.42
N ASN AA 63 43.23 -23.86 -22.98
CA ASN AA 63 42.12 -22.95 -22.57
C ASN AA 63 42.05 -21.64 -23.36
N LYS AA 64 41.95 -21.81 -24.67
CA LYS AA 64 42.06 -20.71 -25.61
C LYS AA 64 40.91 -19.72 -25.45
N ARG AA 65 41.27 -18.45 -25.28
CA ARG AA 65 40.30 -17.36 -25.18
C ARG AA 65 39.93 -16.80 -26.54
N LEU AA 66 40.04 -17.62 -27.59
CA LEU AA 66 39.91 -17.16 -28.97
C LEU AA 66 39.29 -18.33 -29.74
N PHE AA 67 38.01 -18.20 -30.04
CA PHE AA 67 37.21 -19.31 -30.53
C PHE AA 67 37.10 -19.25 -32.05
N ASN AA 68 36.22 -20.08 -32.60
CA ASN AA 68 36.04 -20.17 -34.04
C ASN AA 68 34.60 -20.57 -34.27
N VAL AA 69 33.75 -19.60 -34.57
CA VAL AA 69 32.30 -19.82 -34.56
C VAL AA 69 31.86 -20.50 -35.85
N ASP AA 70 32.13 -19.86 -36.98
CA ASP AA 70 31.73 -20.40 -38.27
C ASP AA 70 33.00 -20.50 -39.12
N ARG AA 71 32.83 -20.80 -40.41
CA ARG AA 71 33.96 -20.96 -41.31
C ARG AA 71 34.68 -19.65 -41.57
N HIS AA 72 33.97 -18.53 -41.41
CA HIS AA 72 34.52 -17.22 -41.68
C HIS AA 72 34.43 -16.28 -40.50
N VAL AA 73 33.69 -16.63 -39.45
CA VAL AA 73 33.42 -15.76 -38.33
C VAL AA 73 34.32 -16.18 -37.16
N GLY AA 74 34.99 -15.20 -36.56
CA GLY AA 74 35.79 -15.48 -35.39
C GLY AA 74 35.31 -14.80 -34.12
N MET AA 75 35.70 -15.32 -32.97
CA MET AA 75 35.29 -14.79 -31.68
C MET AA 75 36.49 -14.71 -30.74
N ALA AA 76 36.66 -13.56 -30.09
CA ALA AA 76 37.63 -13.38 -29.03
C ALA AA 76 36.89 -12.93 -27.78
N VAL AA 77 37.07 -13.66 -26.69
CA VAL AA 77 36.24 -13.48 -25.52
C VAL AA 77 37.03 -12.83 -24.39
N ALA AA 78 36.31 -12.28 -23.43
CA ALA AA 78 36.90 -11.69 -22.23
C ALA AA 78 35.85 -11.74 -21.13
N GLY AA 79 36.11 -12.49 -20.07
CA GLY AA 79 35.17 -12.60 -18.98
C GLY AA 79 35.28 -13.93 -18.26
N LEU AA 80 34.18 -14.38 -17.67
CA LEU AA 80 34.14 -15.66 -16.98
C LEU AA 80 34.06 -16.75 -18.04
N LEU AA 81 35.14 -17.54 -18.16
CA LEU AA 81 35.37 -18.40 -19.33
C LEU AA 81 34.30 -19.47 -19.51
N ALA AA 82 33.60 -19.86 -18.45
CA ALA AA 82 32.52 -20.82 -18.60
C ALA AA 82 31.35 -20.22 -19.36
N ASP AA 83 31.06 -18.94 -19.11
CA ASP AA 83 30.02 -18.27 -19.87
C ASP AA 83 30.50 -17.87 -21.26
N ALA AA 84 31.81 -17.80 -21.46
CA ALA AA 84 32.34 -17.47 -22.78
C ALA AA 84 32.05 -18.58 -23.78
N ARG AA 85 32.46 -19.79 -23.46
CA ARG AA 85 32.22 -20.91 -24.37
C ARG AA 85 30.78 -21.37 -24.35
N SER AA 86 29.96 -20.91 -23.41
CA SER AA 86 28.52 -21.17 -23.51
C SER AA 86 27.87 -20.23 -24.51
N LEU AA 87 28.29 -18.97 -24.56
CA LEU AA 87 27.83 -18.10 -25.63
C LEU AA 87 28.40 -18.50 -26.98
N ALA AA 88 29.58 -19.12 -26.98
CA ALA AA 88 30.15 -19.60 -28.22
C ALA AA 88 29.39 -20.78 -28.78
N ASP AA 89 28.67 -21.53 -27.94
CA ASP AA 89 27.92 -22.67 -28.44
C ASP AA 89 26.63 -22.26 -29.12
N ILE AA 90 25.96 -21.23 -28.62
CA ILE AA 90 24.72 -20.82 -29.26
C ILE AA 90 25.00 -20.04 -30.54
N ALA AA 91 26.11 -19.30 -30.58
CA ALA AA 91 26.47 -18.60 -31.80
C ALA AA 91 26.93 -19.56 -32.88
N ARG AA 92 27.64 -20.62 -32.49
CA ARG AA 92 27.97 -21.70 -33.42
C ARG AA 92 26.72 -22.42 -33.88
N GLU AA 93 25.71 -22.51 -33.03
CA GLU AA 93 24.48 -23.18 -33.40
C GLU AA 93 23.55 -22.26 -34.17
N GLU AA 94 23.64 -20.95 -33.97
CA GLU AA 94 22.76 -20.02 -34.67
C GLU AA 94 23.12 -19.93 -36.14
N ALA AA 95 24.41 -19.96 -36.47
CA ALA AA 95 24.86 -19.93 -37.85
C ALA AA 95 24.49 -21.21 -38.58
N SER AA 96 24.34 -22.32 -37.87
CA SER AA 96 23.94 -23.57 -38.52
C SER AA 96 22.47 -23.53 -38.93
N ASN AA 97 21.63 -22.83 -38.18
CA ASN AA 97 20.23 -22.74 -38.57
C ASN AA 97 20.02 -21.79 -39.73
N PHE AA 98 20.93 -20.83 -39.93
CA PHE AA 98 20.82 -19.92 -41.05
C PHE AA 98 21.13 -20.64 -42.35
N ARG AA 99 22.23 -21.38 -42.38
CA ARG AA 99 22.63 -22.11 -43.57
C ARG AA 99 21.66 -23.22 -43.91
N SER AA 100 21.06 -23.85 -42.89
CA SER AA 100 20.12 -24.92 -43.14
C SER AA 100 18.78 -24.39 -43.65
N ASN AA 101 18.38 -23.19 -43.23
CA ASN AA 101 17.09 -22.67 -43.63
C ASN AA 101 17.17 -21.76 -44.86
N PHE AA 102 18.23 -20.96 -44.96
CA PHE AA 102 18.31 -19.93 -45.98
C PHE AA 102 19.35 -20.20 -47.05
N GLY AA 103 20.25 -21.17 -46.84
CA GLY AA 103 21.08 -21.72 -47.88
C GLY AA 103 22.51 -21.21 -47.89
N TYR AA 104 22.77 -20.04 -47.32
CA TYR AA 104 24.07 -19.41 -47.50
C TYR AA 104 24.65 -18.97 -46.15
N ASN AA 105 25.86 -18.41 -46.20
CA ASN AA 105 26.60 -18.05 -44.99
C ASN AA 105 26.03 -16.80 -44.37
N ILE AA 106 25.93 -16.81 -43.05
CA ILE AA 106 25.25 -15.75 -42.30
C ILE AA 106 26.07 -14.45 -42.33
N PRO AA 107 25.44 -13.30 -42.53
CA PRO AA 107 26.15 -12.03 -42.42
C PRO AA 107 26.26 -11.57 -40.96
N LEU AA 108 27.23 -10.69 -40.73
CA LEU AA 108 27.56 -10.31 -39.36
C LEU AA 108 26.55 -9.36 -38.75
N LYS AA 109 25.90 -8.53 -39.55
CA LYS AA 109 24.88 -7.64 -39.01
C LYS AA 109 23.66 -8.41 -38.54
N HIS AA 110 23.46 -9.62 -39.05
CA HIS AA 110 22.41 -10.49 -38.55
C HIS AA 110 22.89 -11.41 -37.45
N LEU AA 111 24.13 -11.90 -37.52
CA LEU AA 111 24.63 -12.83 -36.52
C LEU AA 111 24.78 -12.16 -35.17
N ALA AA 112 25.40 -10.99 -35.13
CA ALA AA 112 25.52 -10.26 -33.87
C ALA AA 112 24.19 -9.70 -33.40
N ASP AA 113 23.20 -9.63 -34.28
CA ASP AA 113 21.87 -9.23 -33.83
C ASP AA 113 21.19 -10.38 -33.10
N ARG AA 114 21.34 -11.61 -33.61
CA ARG AA 114 20.68 -12.75 -32.97
C ARG AA 114 21.34 -13.12 -31.65
N VAL AA 115 22.65 -12.91 -31.53
CA VAL AA 115 23.32 -13.26 -30.29
C VAL AA 115 23.03 -12.23 -29.21
N ALA AA 116 23.02 -10.94 -29.57
CA ALA AA 116 22.79 -9.90 -28.58
C ALA AA 116 21.37 -9.93 -28.04
N MET AA 117 20.40 -10.38 -28.83
CA MET AA 117 19.07 -10.59 -28.30
C MET AA 117 19.02 -11.79 -27.38
N TYR AA 118 19.92 -12.75 -27.54
CA TYR AA 118 19.99 -13.86 -26.62
C TYR AA 118 20.67 -13.46 -25.32
N VAL AA 119 21.61 -12.52 -25.38
CA VAL AA 119 22.26 -12.03 -24.18
C VAL AA 119 21.34 -11.10 -23.42
N HIS AA 120 20.60 -10.26 -24.14
CA HIS AA 120 19.65 -9.34 -23.52
C HIS AA 120 18.54 -10.06 -22.78
N ALA AA 121 18.20 -11.27 -23.23
CA ALA AA 121 17.09 -12.03 -22.66
C ALA AA 121 17.34 -12.47 -21.22
N TYR AA 122 18.58 -12.45 -20.75
CA TYR AA 122 18.89 -12.78 -19.36
C TYR AA 122 19.05 -11.56 -18.48
N THR AA 123 18.74 -10.37 -18.98
CA THR AA 123 18.78 -9.16 -18.19
C THR AA 123 17.38 -8.67 -17.81
N LEU AA 124 16.42 -9.58 -17.74
CA LEU AA 124 15.03 -9.22 -17.51
C LEU AA 124 14.39 -9.95 -16.35
N TYR AA 125 14.83 -11.15 -16.03
CA TYR AA 125 14.10 -12.03 -15.13
C TYR AA 125 14.89 -12.24 -13.85
N SER AA 126 14.18 -12.67 -12.82
CA SER AA 126 14.80 -13.02 -11.56
C SER AA 126 15.31 -14.45 -11.54
N ALA AA 127 14.86 -15.30 -12.46
CA ALA AA 127 15.26 -16.69 -12.46
C ALA AA 127 16.67 -16.91 -13.02
N VAL AA 128 17.19 -15.96 -13.80
CA VAL AA 128 18.49 -16.11 -14.44
C VAL AA 128 19.33 -14.86 -14.16
N ARG AA 129 20.62 -15.01 -14.34
CA ARG AA 129 21.57 -13.94 -14.11
C ARG AA 129 22.06 -13.40 -15.45
N PRO AA 130 22.63 -12.21 -15.48
CA PRO AA 130 23.29 -11.75 -16.71
C PRO AA 130 24.62 -12.47 -16.90
N PHE AA 131 25.03 -12.58 -18.17
CA PHE AA 131 26.32 -13.17 -18.48
C PHE AA 131 27.45 -12.29 -17.97
N GLY AA 132 28.59 -12.91 -17.72
CA GLY AA 132 29.75 -12.18 -17.28
C GLY AA 132 30.82 -12.14 -18.35
N CYS AA 133 30.43 -11.93 -19.60
CA CYS AA 133 31.36 -11.95 -20.71
C CYS AA 133 31.10 -10.81 -21.67
N SER AA 134 32.18 -10.23 -22.17
CA SER AA 134 32.14 -9.37 -23.34
C SER AA 134 33.06 -9.96 -24.39
N PHE AA 135 32.67 -9.83 -25.66
CA PHE AA 135 33.42 -10.51 -26.70
C PHE AA 135 33.29 -9.74 -28.01
N MET AA 136 34.12 -10.14 -28.96
CA MET AA 136 34.23 -9.47 -30.25
C MET AA 136 33.96 -10.48 -31.36
N LEU AA 137 33.32 -10.01 -32.42
CA LEU AA 137 33.06 -10.82 -33.60
C LEU AA 137 33.61 -10.11 -34.82
N GLY AA 138 34.46 -10.80 -35.58
CA GLY AA 138 35.02 -10.24 -36.78
C GLY AA 138 35.09 -11.28 -37.88
N SER AA 139 34.94 -10.80 -39.12
CA SER AA 139 34.94 -11.69 -40.27
C SER AA 139 35.29 -10.92 -41.52
N TYR AA 140 35.30 -11.64 -42.64
CA TYR AA 140 35.53 -11.06 -43.96
C TYR AA 140 34.66 -11.78 -44.96
N SER AA 141 34.03 -11.01 -45.83
CA SER AA 141 33.31 -11.56 -46.98
C SER AA 141 33.83 -10.90 -48.25
N VAL AA 142 33.60 -11.57 -49.37
CA VAL AA 142 33.99 -11.01 -50.66
C VAL AA 142 32.97 -10.03 -51.20
N ASN AA 143 31.76 -10.02 -50.67
CA ASN AA 143 30.72 -9.10 -51.09
C ASN AA 143 30.45 -8.00 -50.09
N ASP AA 144 30.99 -8.11 -48.88
CA ASP AA 144 30.74 -7.12 -47.83
C ASP AA 144 31.99 -6.57 -47.18
N GLY AA 145 33.15 -7.15 -47.42
CA GLY AA 145 34.38 -6.68 -46.81
C GLY AA 145 34.56 -7.21 -45.41
N ALA AA 146 35.36 -6.48 -44.65
CA ALA AA 146 35.65 -6.85 -43.28
C ALA AA 146 34.60 -6.25 -42.34
N GLN AA 147 34.27 -6.99 -41.28
CA GLN AA 147 33.31 -6.54 -40.30
C GLN AA 147 33.89 -6.74 -38.91
N LEU AA 148 33.49 -5.89 -37.97
CA LEU AA 148 34.00 -6.04 -36.60
C LEU AA 148 32.96 -5.50 -35.63
N TYR AA 149 32.43 -6.38 -34.79
CA TYR AA 149 31.40 -6.07 -33.81
C TYR AA 149 31.89 -6.42 -32.41
N MET AA 150 31.17 -5.93 -31.41
CA MET AA 150 31.54 -6.16 -30.02
C MET AA 150 30.30 -6.07 -29.17
N ILE AA 151 30.17 -6.98 -28.20
CA ILE AA 151 28.96 -7.15 -27.42
C ILE AA 151 29.30 -7.10 -25.95
N ASP AA 152 28.63 -6.24 -25.20
CA ASP AA 152 28.77 -6.13 -23.76
C ASP AA 152 27.82 -7.09 -23.07
N PRO AA 153 27.94 -7.31 -21.74
CA PRO AA 153 26.95 -8.15 -21.06
C PRO AA 153 25.54 -7.58 -20.98
N SER AA 154 25.32 -6.30 -21.31
CA SER AA 154 23.95 -5.81 -21.34
C SER AA 154 23.24 -6.21 -22.62
N GLY AA 155 23.96 -6.24 -23.73
CA GLY AA 155 23.36 -6.68 -24.98
C GLY AA 155 23.44 -5.65 -26.08
N VAL AA 156 24.37 -4.71 -25.96
CA VAL AA 156 24.51 -3.62 -26.90
C VAL AA 156 25.66 -3.96 -27.85
N SER AA 157 25.44 -3.77 -29.14
CA SER AA 157 26.45 -4.07 -30.16
C SER AA 157 26.66 -2.84 -31.05
N TYR AA 158 27.90 -2.65 -31.48
CA TYR AA 158 28.22 -1.62 -32.45
C TYR AA 158 29.31 -2.10 -33.39
N GLY AA 159 29.51 -1.35 -34.47
CA GLY AA 159 30.64 -1.57 -35.34
C GLY AA 159 31.85 -0.80 -34.87
N TYR AA 160 33.03 -1.29 -35.23
CA TYR AA 160 34.26 -0.69 -34.78
C TYR AA 160 35.33 -0.79 -35.86
N TRP AA 161 36.20 0.21 -35.88
CA TRP AA 161 37.44 0.12 -36.62
C TRP AA 161 38.53 -0.54 -35.79
N GLY AA 162 38.30 -0.70 -34.49
CA GLY AA 162 39.24 -1.33 -33.59
C GLY AA 162 38.74 -1.20 -32.17
N CYS AA 163 38.84 -2.25 -31.37
CA CYS AA 163 38.29 -2.25 -30.03
C CYS AA 163 39.21 -2.99 -29.08
N ALA AA 164 38.89 -2.91 -27.80
CA ALA AA 164 39.72 -3.49 -26.76
C ALA AA 164 38.85 -3.81 -25.56
N ILE AA 165 39.02 -5.00 -25.00
CA ILE AA 165 38.30 -5.45 -23.82
C ILE AA 165 39.26 -6.19 -22.91
N GLY AA 166 39.16 -5.93 -21.61
CA GLY AA 166 40.02 -6.56 -20.65
C GLY AA 166 40.28 -5.65 -19.47
N LYS AA 167 41.43 -5.84 -18.83
CA LYS AA 167 41.80 -4.99 -17.70
C LYS AA 167 42.07 -3.56 -18.15
N ALA AA 168 43.09 -3.38 -18.99
CA ALA AA 168 43.46 -2.05 -19.45
C ALA AA 168 42.78 -1.83 -20.79
N ARG AA 169 41.62 -1.21 -20.73
CA ARG AA 169 40.81 -0.96 -21.92
C ARG AA 169 41.14 0.39 -22.55
N GLN AA 170 41.08 1.46 -21.75
CA GLN AA 170 41.45 2.78 -22.27
C GLN AA 170 42.94 2.86 -22.54
N ALA AA 171 43.75 2.20 -21.71
CA ALA AA 171 45.19 2.18 -21.93
C ALA AA 171 45.61 1.36 -23.14
N ALA AA 172 44.70 0.59 -23.73
CA ALA AA 172 44.96 -0.12 -24.97
C ALA AA 172 44.46 0.65 -26.18
N LYS AA 173 43.25 1.18 -26.11
CA LYS AA 173 42.66 1.89 -27.24
C LYS AA 173 43.19 3.31 -27.39
N THR AA 174 44.08 3.74 -26.49
CA THR AA 174 44.76 5.02 -26.69
C THR AA 174 45.75 4.92 -27.84
N GLU AA 175 46.44 3.79 -27.94
CA GLU AA 175 47.45 3.58 -28.98
C GLU AA 175 46.89 2.99 -30.26
N ILE AA 176 45.65 2.51 -30.24
CA ILE AA 176 45.06 1.98 -31.45
C ILE AA 176 44.78 3.10 -32.44
N GLU AA 177 44.30 4.24 -31.95
CA GLU AA 177 44.04 5.38 -32.81
C GLU AA 177 45.32 6.09 -33.28
N LYS AA 178 46.49 5.69 -32.79
CA LYS AA 178 47.74 6.10 -33.41
C LYS AA 178 47.97 5.41 -34.75
N LEU AA 179 47.35 4.26 -34.96
CA LEU AA 179 47.56 3.52 -36.21
C LEU AA 179 46.71 4.14 -37.32
N GLN AA 180 46.83 3.55 -38.51
CA GLN AA 180 46.03 3.93 -39.67
C GLN AA 180 45.52 2.64 -40.29
N MET AA 181 44.38 2.17 -39.79
CA MET AA 181 43.84 0.88 -40.20
C MET AA 181 43.04 0.96 -41.49
N LYS AA 182 42.86 2.15 -42.04
CA LYS AA 182 42.09 2.30 -43.27
C LYS AA 182 42.85 1.86 -44.50
N GLU AA 183 44.18 1.90 -44.45
CA GLU AA 183 45.01 1.68 -45.63
C GLU AA 183 45.98 0.52 -45.50
N MET AA 184 46.27 0.07 -44.28
CA MET AA 184 47.21 -1.04 -44.10
C MET AA 184 46.53 -2.35 -44.44
N THR AA 185 47.28 -3.23 -45.12
CA THR AA 185 46.81 -4.57 -45.36
C THR AA 185 47.10 -5.43 -44.14
N CYS AA 186 46.47 -6.61 -44.10
CA CYS AA 186 46.65 -7.49 -42.96
C CYS AA 186 47.93 -8.31 -43.02
N ARG AA 187 49.06 -7.65 -43.24
CA ARG AA 187 50.38 -8.23 -43.01
C ARG AA 187 51.18 -7.41 -42.02
N ASP AA 188 51.27 -6.10 -42.23
CA ASP AA 188 51.99 -5.24 -41.32
C ASP AA 188 51.14 -4.91 -40.10
N ILE AA 189 49.84 -5.16 -40.19
CA ILE AA 189 48.96 -5.08 -39.04
C ILE AA 189 49.37 -6.08 -37.97
N VAL AA 190 49.81 -7.27 -38.37
CA VAL AA 190 50.15 -8.35 -37.45
C VAL AA 190 51.31 -7.95 -36.55
N LYS AA 191 52.28 -7.22 -37.09
CA LYS AA 191 53.34 -6.68 -36.24
C LYS AA 191 52.85 -5.54 -35.36
N GLU AA 192 51.89 -4.75 -35.82
CA GLU AA 192 51.40 -3.65 -35.02
C GLU AA 192 50.36 -4.08 -34.00
N VAL AA 193 49.69 -5.21 -34.24
CA VAL AA 193 48.78 -5.76 -33.25
C VAL AA 193 49.54 -6.23 -32.02
N ALA AA 194 50.67 -6.91 -32.24
CA ALA AA 194 51.44 -7.43 -31.12
C ALA AA 194 52.10 -6.32 -30.33
N LYS AA 195 52.54 -5.24 -30.99
CA LYS AA 195 53.35 -4.22 -30.33
C LYS AA 195 52.56 -3.45 -29.29
N ILE AA 196 51.28 -3.19 -29.57
CA ILE AA 196 50.50 -2.41 -28.62
C ILE AA 196 50.06 -3.25 -27.42
N ILE AA 197 50.23 -4.58 -27.46
CA ILE AA 197 49.99 -5.39 -26.29
C ILE AA 197 51.30 -5.94 -25.69
N TYR AA 198 52.45 -5.38 -26.06
CA TYR AA 198 53.63 -5.54 -25.22
C TYR AA 198 53.83 -4.36 -24.29
N ILE AA 199 53.38 -3.17 -24.70
CA ILE AA 199 53.57 -1.98 -23.89
C ILE AA 199 52.64 -1.96 -22.70
N VAL AA 200 51.57 -2.75 -22.73
CA VAL AA 200 50.64 -2.90 -21.62
C VAL AA 200 51.12 -4.06 -20.75
N HIS AA 201 50.58 -4.17 -19.54
CA HIS AA 201 50.83 -5.23 -18.53
C HIS AA 201 52.32 -5.31 -18.18
N ASP AA 202 52.70 -4.32 -17.37
CA ASP AA 202 54.00 -4.30 -16.69
C ASP AA 202 54.35 -5.62 -16.03
N GLU AA 203 55.64 -5.93 -16.01
CA GLU AA 203 56.12 -7.22 -15.51
C GLU AA 203 56.08 -7.33 -13.98
N VAL AA 204 55.57 -6.33 -13.28
CA VAL AA 204 55.36 -6.45 -11.84
C VAL AA 204 54.13 -7.30 -11.56
N LYS AA 205 53.07 -7.12 -12.35
CA LYS AA 205 51.83 -7.85 -12.13
C LYS AA 205 51.97 -9.31 -12.56
N ASP AA 206 52.47 -9.54 -13.78
CA ASP AA 206 52.67 -10.89 -14.29
C ASP AA 206 54.15 -11.12 -14.54
N LYS AA 207 54.59 -12.36 -14.33
CA LYS AA 207 55.96 -12.73 -14.65
C LYS AA 207 56.14 -12.93 -16.15
N ALA AA 208 55.39 -13.88 -16.73
CA ALA AA 208 55.47 -14.17 -18.16
C ALA AA 208 54.08 -14.44 -18.70
N PHE AA 209 53.93 -14.20 -20.00
CA PHE AA 209 52.64 -14.20 -20.66
C PHE AA 209 52.79 -14.81 -22.04
N GLU AA 210 51.67 -15.08 -22.68
CA GLU AA 210 51.66 -15.81 -23.95
C GLU AA 210 50.91 -15.00 -25.01
N LEU AA 211 51.52 -14.87 -26.17
CA LEU AA 211 50.87 -14.22 -27.30
C LEU AA 211 50.04 -15.22 -28.08
N GLU AA 212 48.83 -14.79 -28.44
CA GLU AA 212 47.94 -15.62 -29.25
C GLU AA 212 47.24 -14.70 -30.24
N LEU AA 213 47.38 -14.99 -31.53
CA LEU AA 213 46.91 -14.10 -32.58
C LEU AA 213 45.94 -14.84 -33.49
N SER AA 214 45.08 -14.07 -34.15
CA SER AA 214 44.13 -14.62 -35.10
C SER AA 214 44.05 -13.69 -36.31
N TRP AA 215 43.30 -14.14 -37.31
CA TRP AA 215 43.62 -13.74 -38.67
C TRP AA 215 42.53 -14.16 -39.64
N VAL AA 216 41.99 -13.22 -40.42
CA VAL AA 216 40.96 -13.53 -41.40
C VAL AA 216 41.00 -12.45 -42.48
N GLY AA 217 40.55 -12.79 -43.67
CA GLY AA 217 40.62 -11.90 -44.81
C GLY AA 217 40.77 -12.73 -46.07
N GLU AA 218 40.85 -12.02 -47.20
CA GLU AA 218 41.00 -12.75 -48.45
C GLU AA 218 42.41 -13.28 -48.63
N LEU AA 219 43.36 -12.80 -47.84
CA LEU AA 219 44.68 -13.41 -47.82
C LEU AA 219 44.60 -14.80 -47.22
N THR AA 220 43.67 -15.01 -46.28
CA THR AA 220 43.30 -16.33 -45.80
C THR AA 220 42.16 -16.94 -46.59
N ASN AA 221 41.81 -16.33 -47.73
CA ASN AA 221 40.80 -16.82 -48.68
C ASN AA 221 39.43 -16.91 -48.03
N GLY AA 222 39.15 -16.03 -47.08
CA GLY AA 222 37.87 -15.96 -46.41
C GLY AA 222 37.73 -16.81 -45.17
N ARG AA 223 38.46 -17.92 -45.11
CA ARG AA 223 38.40 -18.79 -43.94
C ARG AA 223 39.13 -18.16 -42.77
N HIS AA 224 38.60 -18.40 -41.58
CA HIS AA 224 39.23 -17.95 -40.35
C HIS AA 224 40.19 -19.02 -39.86
N GLU AA 225 41.42 -18.61 -39.53
CA GLU AA 225 42.35 -19.51 -38.88
C GLU AA 225 43.36 -18.72 -38.07
N ILE AA 226 44.18 -19.45 -37.33
CA ILE AA 226 45.24 -18.86 -36.54
C ILE AA 226 46.38 -18.43 -37.46
N VAL AA 227 47.24 -17.55 -36.96
CA VAL AA 227 48.42 -17.15 -37.73
C VAL AA 227 49.39 -18.33 -37.76
N PRO AA 228 50.25 -18.42 -38.77
CA PRO AA 228 51.33 -19.40 -38.72
C PRO AA 228 52.37 -19.01 -37.68
N LYS AA 229 53.28 -19.95 -37.40
CA LYS AA 229 54.28 -19.73 -36.36
C LYS AA 229 55.28 -18.66 -36.78
N ASP AA 230 55.73 -18.71 -38.03
CA ASP AA 230 56.81 -17.82 -38.47
C ASP AA 230 56.38 -16.36 -38.50
N ILE AA 231 55.10 -16.10 -38.79
CA ILE AA 231 54.63 -14.74 -38.84
C ILE AA 231 54.54 -14.16 -37.44
N ARG AA 232 54.04 -14.94 -36.48
CA ARG AA 232 53.99 -14.43 -35.11
C ARG AA 232 55.35 -14.47 -34.44
N GLU AA 233 56.32 -15.22 -34.97
CA GLU AA 233 57.69 -15.06 -34.50
C GLU AA 233 58.29 -13.75 -34.96
N GLU AA 234 57.89 -13.26 -36.14
CA GLU AA 234 58.32 -11.94 -36.59
C GLU AA 234 57.78 -10.85 -35.69
N ALA AA 235 56.55 -11.02 -35.22
CA ALA AA 235 55.99 -10.06 -34.26
C ALA AA 235 56.66 -10.19 -32.90
N GLU AA 236 56.99 -11.41 -32.49
CA GLU AA 236 57.78 -11.59 -31.28
C GLU AA 236 59.24 -11.22 -31.48
N LYS AA 237 59.71 -11.19 -32.73
CA LYS AA 237 60.97 -10.52 -33.02
C LYS AA 237 60.83 -9.02 -32.90
N TYR AA 238 59.64 -8.49 -33.19
CA TYR AA 238 59.31 -7.08 -33.10
C TYR AA 238 58.79 -6.72 -31.71
N ALA AA 239 59.15 -7.51 -30.70
CA ALA AA 239 58.72 -7.30 -29.33
C ALA AA 239 59.64 -6.35 -28.59
N LYS AA 240 60.93 -6.69 -28.53
CA LYS AA 240 61.87 -6.03 -27.65
C LYS AA 240 62.54 -4.83 -28.27
N GLU AA 241 61.88 -4.19 -29.23
CA GLU AA 241 62.34 -2.93 -29.79
C GLU AA 241 61.49 -1.77 -29.30
N SER AA 242 60.63 -2.01 -28.31
CA SER AA 242 59.88 -0.97 -27.65
C SER AA 242 60.59 -0.41 -26.43
N LEU AA 243 61.83 -0.80 -26.20
CA LEU AA 243 62.61 -0.30 -25.08
C LEU AA 243 63.36 0.99 -25.41
N LYS AA 244 63.35 1.41 -26.66
CA LYS AA 244 64.04 2.63 -27.06
C LYS AA 244 63.19 3.86 -26.77
N THR BA 34 -0.34 -25.05 -65.15
CA THR BA 34 -0.93 -25.82 -66.23
C THR BA 34 0.05 -25.95 -67.38
N THR BA 35 0.56 -24.80 -67.83
CA THR BA 35 1.68 -24.77 -68.79
C THR BA 35 2.46 -23.50 -68.50
N ILE BA 36 3.61 -23.64 -67.85
CA ILE BA 36 4.41 -22.51 -67.40
C ILE BA 36 5.82 -22.63 -67.96
N MET BA 37 6.49 -21.49 -68.09
CA MET BA 37 7.76 -21.44 -68.79
C MET BA 37 8.52 -20.20 -68.35
N ALA BA 38 9.83 -20.36 -68.14
CA ALA BA 38 10.71 -19.24 -67.81
C ALA BA 38 12.04 -19.41 -68.50
N VAL BA 39 12.51 -18.35 -69.17
CA VAL BA 39 13.78 -18.34 -69.89
C VAL BA 39 14.58 -17.12 -69.42
N GLN BA 40 15.84 -17.33 -69.08
CA GLN BA 40 16.69 -16.22 -68.73
C GLN BA 40 17.45 -15.70 -69.94
N PHE BA 41 17.79 -14.42 -69.90
CA PHE BA 41 18.75 -13.83 -70.81
C PHE BA 41 19.79 -13.11 -69.97
N ASP BA 42 20.64 -12.30 -70.58
CA ASP BA 42 21.78 -11.73 -69.85
C ASP BA 42 21.34 -10.66 -68.85
N GLY BA 43 20.44 -9.77 -69.24
CA GLY BA 43 19.99 -8.76 -68.33
C GLY BA 43 18.94 -9.20 -67.33
N GLY BA 44 18.28 -10.32 -67.57
CA GLY BA 44 17.19 -10.73 -66.70
C GLY BA 44 16.50 -11.96 -67.24
N VAL BA 45 15.26 -12.15 -66.82
CA VAL BA 45 14.49 -13.34 -67.15
C VAL BA 45 13.19 -12.93 -67.85
N VAL BA 46 12.55 -13.92 -68.46
CA VAL BA 46 11.26 -13.78 -69.12
C VAL BA 46 10.38 -14.92 -68.66
N LEU BA 47 9.18 -14.60 -68.18
CA LEU BA 47 8.25 -15.62 -67.71
C LEU BA 47 7.01 -15.66 -68.58
N GLY BA 48 6.27 -16.75 -68.48
CA GLY BA 48 5.04 -16.91 -69.24
C GLY BA 48 4.19 -18.06 -68.77
N ALA BA 49 2.87 -17.91 -68.89
CA ALA BA 49 1.93 -18.95 -68.47
C ALA BA 49 0.61 -18.74 -69.20
N ASP BA 50 -0.22 -19.77 -69.19
CA ASP BA 50 -1.55 -19.69 -69.77
C ASP BA 50 -2.52 -19.15 -68.73
N SER BA 51 -3.82 -19.22 -69.00
CA SER BA 51 -4.79 -18.66 -68.08
C SER BA 51 -5.98 -19.58 -67.81
N ARG BA 52 -5.92 -20.86 -68.19
CA ARG BA 52 -7.03 -21.78 -67.99
C ARG BA 52 -6.84 -22.55 -66.70
N THR BA 53 -7.90 -22.62 -65.90
CA THR BA 53 -7.92 -23.40 -64.67
C THR BA 53 -9.13 -24.31 -64.69
N THR BA 54 -8.91 -25.61 -64.75
CA THR BA 54 -9.99 -26.58 -64.92
C THR BA 54 -10.34 -27.25 -63.60
N THR BA 55 -11.54 -27.82 -63.55
CA THR BA 55 -11.97 -28.68 -62.46
C THR BA 55 -12.47 -30.00 -63.08
N GLY BA 56 -11.51 -30.87 -63.38
CA GLY BA 56 -11.82 -32.12 -64.04
C GLY BA 56 -11.97 -31.96 -65.54
N SER BA 57 -13.11 -31.45 -65.97
CA SER BA 57 -13.29 -31.14 -67.38
C SER BA 57 -14.08 -29.86 -67.62
N TYR BA 58 -14.47 -29.15 -66.56
CA TYR BA 58 -15.15 -27.87 -66.67
C TYR BA 58 -14.16 -26.74 -66.46
N ILE BA 59 -14.34 -25.65 -67.18
CA ILE BA 59 -13.46 -24.50 -67.09
C ILE BA 59 -13.99 -23.60 -65.99
N ALA BA 60 -13.42 -23.72 -64.80
CA ALA BA 60 -13.88 -22.91 -63.68
C ALA BA 60 -13.44 -21.45 -63.85
N ASN BA 61 -12.14 -21.22 -63.93
CA ASN BA 61 -11.58 -19.90 -64.16
C ASN BA 61 -11.13 -19.85 -65.62
N ARG BA 62 -11.63 -18.87 -66.35
CA ARG BA 62 -11.29 -18.79 -67.76
C ARG BA 62 -10.02 -17.98 -67.97
N VAL BA 63 -9.82 -16.94 -67.17
CA VAL BA 63 -8.58 -16.16 -67.15
C VAL BA 63 -8.01 -16.21 -65.74
N THR BA 64 -6.71 -16.46 -65.63
CA THR BA 64 -6.09 -16.76 -64.36
C THR BA 64 -4.70 -16.17 -64.34
N ASP BA 65 -4.33 -15.51 -63.24
CA ASP BA 65 -2.99 -14.96 -63.08
C ASP BA 65 -2.14 -15.98 -62.32
N LYS BA 66 -1.35 -16.75 -63.06
CA LYS BA 66 -0.46 -17.73 -62.47
C LYS BA 66 0.92 -17.16 -62.13
N LEU BA 67 1.17 -15.90 -62.47
CA LEU BA 67 2.46 -15.26 -62.22
C LEU BA 67 2.35 -14.50 -60.91
N THR BA 68 2.88 -15.10 -59.85
CA THR BA 68 2.71 -14.55 -58.51
C THR BA 68 3.93 -13.76 -58.10
N PRO BA 69 3.80 -12.47 -57.77
CA PRO BA 69 4.94 -11.74 -57.21
C PRO BA 69 5.23 -12.14 -55.78
N ILE BA 70 6.51 -12.24 -55.45
CA ILE BA 70 6.96 -12.39 -54.07
C ILE BA 70 7.62 -11.12 -53.58
N HIS BA 71 8.59 -10.63 -54.32
CA HIS BA 71 9.27 -9.38 -54.02
C HIS BA 71 9.21 -8.53 -55.29
N ASP BA 72 9.94 -7.43 -55.31
CA ASP BA 72 9.86 -6.50 -56.43
C ASP BA 72 10.56 -7.03 -57.68
N ARG BA 73 11.46 -7.99 -57.54
CA ARG BA 73 12.20 -8.51 -58.69
C ARG BA 73 12.10 -10.03 -58.79
N ILE BA 74 11.31 -10.67 -57.94
CA ILE BA 74 11.27 -12.12 -57.85
C ILE BA 74 9.83 -12.57 -58.05
N PHE BA 75 9.60 -13.35 -59.09
CA PHE BA 75 8.29 -13.94 -59.33
C PHE BA 75 8.35 -15.44 -59.13
N CYS BA 76 7.17 -16.05 -59.08
CA CYS BA 76 7.04 -17.49 -59.26
C CYS BA 76 5.82 -17.75 -60.11
N CYS BA 77 5.89 -18.83 -60.89
CA CYS BA 77 4.76 -19.31 -61.65
C CYS BA 77 4.42 -20.71 -61.14
N ARG BA 78 3.15 -20.92 -60.82
CA ARG BA 78 2.73 -22.07 -60.05
C ARG BA 78 1.88 -23.01 -60.89
N SER BA 79 1.91 -24.29 -60.53
CA SER BA 79 1.13 -25.29 -61.21
C SER BA 79 0.81 -26.40 -60.22
N GLY BA 80 -0.04 -27.32 -60.65
CA GLY BA 80 -0.49 -28.41 -59.79
C GLY BA 80 -1.78 -28.04 -59.08
N SER BA 81 -1.84 -28.31 -57.79
CA SER BA 81 -3.03 -28.00 -57.00
C SER BA 81 -3.15 -26.50 -56.79
N ALA BA 82 -4.36 -25.98 -56.97
CA ALA BA 82 -4.58 -24.55 -56.85
C ALA BA 82 -4.55 -24.12 -55.39
N ALA BA 83 -5.17 -24.91 -54.51
CA ALA BA 83 -5.25 -24.54 -53.11
C ALA BA 83 -3.91 -24.67 -52.42
N ASP BA 84 -3.05 -25.57 -52.88
CA ASP BA 84 -1.75 -25.74 -52.25
C ASP BA 84 -0.81 -24.61 -52.60
N THR BA 85 -0.68 -24.31 -53.89
CA THR BA 85 0.30 -23.34 -54.34
C THR BA 85 -0.08 -21.91 -54.00
N GLN BA 86 -1.37 -21.62 -53.79
CA GLN BA 86 -1.74 -20.32 -53.28
C GLN BA 86 -1.36 -20.17 -51.81
N ALA BA 87 -1.44 -21.26 -51.05
CA ALA BA 87 -1.13 -21.19 -49.63
C ALA BA 87 0.38 -21.16 -49.40
N VAL BA 88 1.15 -21.83 -50.24
CA VAL BA 88 2.60 -21.86 -50.08
C VAL BA 88 3.21 -20.53 -50.46
N ALA BA 89 2.73 -19.94 -51.56
CA ALA BA 89 3.28 -18.67 -52.04
C ALA BA 89 3.01 -17.50 -51.11
N ASP BA 90 2.02 -17.63 -50.23
CA ASP BA 90 1.78 -16.57 -49.26
C ASP BA 90 2.71 -16.68 -48.07
N ALA BA 91 3.06 -17.91 -47.66
CA ALA BA 91 3.95 -18.07 -46.53
C ALA BA 91 5.38 -17.71 -46.90
N VAL BA 92 5.78 -17.95 -48.14
CA VAL BA 92 7.12 -17.57 -48.57
C VAL BA 92 7.24 -16.07 -48.68
N THR BA 93 6.19 -15.40 -49.17
CA THR BA 93 6.18 -13.95 -49.23
C THR BA 93 6.22 -13.34 -47.84
N TYR BA 94 5.57 -14.00 -46.88
CA TYR BA 94 5.67 -13.60 -45.48
C TYR BA 94 7.08 -13.71 -44.96
N GLN BA 95 7.74 -14.85 -45.19
CA GLN BA 95 9.05 -15.07 -44.62
C GLN BA 95 10.16 -14.32 -45.34
N LEU BA 96 10.01 -14.07 -46.63
CA LEU BA 96 11.05 -13.35 -47.36
C LEU BA 96 10.94 -11.86 -47.15
N GLY BA 97 9.71 -11.34 -47.03
CA GLY BA 97 9.54 -9.94 -46.73
C GLY BA 97 10.01 -9.56 -45.34
N PHE BA 98 9.85 -10.46 -44.38
CA PHE BA 98 10.41 -10.23 -43.05
C PHE BA 98 11.92 -10.35 -43.06
N HIS BA 99 12.45 -11.18 -43.95
CA HIS BA 99 13.89 -11.37 -44.01
C HIS BA 99 14.61 -10.19 -44.63
N SER BA 100 14.04 -9.59 -45.68
CA SER BA 100 14.72 -8.51 -46.37
C SER BA 100 14.65 -7.20 -45.59
N ILE BA 101 13.58 -7.00 -44.82
CA ILE BA 101 13.48 -5.78 -44.02
C ILE BA 101 14.41 -5.86 -42.82
N GLU BA 102 14.85 -7.06 -42.45
CA GLU BA 102 15.76 -7.22 -41.33
C GLU BA 102 17.20 -6.99 -41.73
N LEU BA 103 17.64 -7.52 -42.86
CA LEU BA 103 18.98 -7.23 -43.36
C LEU BA 103 19.09 -5.84 -43.95
N ASN BA 104 17.95 -5.23 -44.31
CA ASN BA 104 17.89 -3.97 -45.07
C ASN BA 104 18.72 -4.06 -46.34
N GLU BA 105 18.32 -4.99 -47.21
CA GLU BA 105 19.08 -5.35 -48.39
C GLU BA 105 18.16 -6.18 -49.29
N PRO BA 106 18.21 -6.00 -50.61
CA PRO BA 106 17.32 -6.74 -51.51
C PRO BA 106 17.68 -8.22 -51.53
N PRO BA 107 16.69 -9.10 -51.49
CA PRO BA 107 16.97 -10.53 -51.30
C PRO BA 107 17.53 -11.17 -52.55
N LEU BA 108 18.12 -12.34 -52.36
CA LEU BA 108 18.68 -13.11 -53.46
C LEU BA 108 17.63 -14.04 -54.03
N VAL BA 109 17.76 -14.33 -55.32
CA VAL BA 109 16.83 -15.26 -55.95
C VAL BA 109 17.05 -16.66 -55.42
N HIS BA 110 18.30 -17.02 -55.13
CA HIS BA 110 18.61 -18.31 -54.54
C HIS BA 110 18.06 -18.43 -53.13
N THR BA 111 17.92 -17.31 -52.42
CA THR BA 111 17.31 -17.34 -51.09
C THR BA 111 15.84 -17.68 -51.18
N ALA BA 112 15.13 -17.12 -52.16
CA ALA BA 112 13.71 -17.38 -52.30
C ALA BA 112 13.43 -18.79 -52.78
N ALA BA 113 14.31 -19.34 -53.62
CA ALA BA 113 14.13 -20.70 -54.09
C ALA BA 113 14.44 -21.71 -52.98
N SER BA 114 15.29 -21.32 -52.04
CA SER BA 114 15.58 -22.19 -50.90
C SER BA 114 14.41 -22.27 -49.93
N LEU BA 115 13.53 -21.27 -49.93
CA LEU BA 115 12.40 -21.29 -49.03
C LEU BA 115 11.27 -22.19 -49.54
N PHE BA 116 11.07 -22.22 -50.86
CA PHE BA 116 10.09 -23.16 -51.41
C PHE BA 116 10.55 -24.59 -51.26
N LYS BA 117 11.87 -24.83 -51.26
CA LYS BA 117 12.38 -26.18 -51.13
C LYS BA 117 12.07 -26.75 -49.75
N GLU BA 118 12.20 -25.92 -48.72
CA GLU BA 118 12.00 -26.41 -47.35
C GLU BA 118 10.55 -26.69 -47.05
N MET BA 119 9.62 -25.99 -47.68
CA MET BA 119 8.22 -26.28 -47.45
C MET BA 119 7.73 -27.43 -48.31
N CYS BA 120 8.23 -27.53 -49.55
CA CYS BA 120 7.80 -28.61 -50.42
C CYS BA 120 8.43 -29.94 -50.06
N TYR BA 121 9.57 -29.96 -49.38
CA TYR BA 121 10.17 -31.22 -48.98
C TYR BA 121 9.64 -31.73 -47.66
N ARG BA 122 9.40 -30.85 -46.69
CA ARG BA 122 8.89 -31.29 -45.40
C ARG BA 122 7.46 -31.77 -45.52
N TYR BA 123 6.68 -31.14 -46.38
CA TYR BA 123 5.28 -31.50 -46.59
C TYR BA 123 5.07 -32.14 -47.96
N ARG BA 124 6.02 -32.97 -48.38
CA ARG BA 124 5.93 -33.59 -49.70
C ARG BA 124 4.84 -34.64 -49.78
N GLU BA 125 4.38 -35.14 -48.64
CA GLU BA 125 3.28 -36.09 -48.64
C GLU BA 125 1.92 -35.41 -48.68
N ASP BA 126 1.88 -34.09 -48.64
CA ASP BA 126 0.62 -33.37 -48.54
C ASP BA 126 0.44 -32.29 -49.61
N LEU BA 127 1.41 -32.09 -50.50
CA LEU BA 127 1.34 -31.01 -51.46
C LEU BA 127 1.48 -31.53 -52.89
N MET BA 128 0.96 -30.75 -53.84
CA MET BA 128 1.15 -30.98 -55.26
C MET BA 128 1.58 -29.64 -55.86
N ALA BA 129 2.87 -29.38 -55.86
CA ALA BA 129 3.41 -28.08 -56.24
C ALA BA 129 4.38 -28.23 -57.40
N GLY BA 130 4.22 -27.37 -58.40
CA GLY BA 130 5.09 -27.36 -59.56
C GLY BA 130 5.81 -26.04 -59.77
N ILE BA 131 6.37 -25.49 -58.70
CA ILE BA 131 6.79 -24.09 -58.67
C ILE BA 131 8.07 -23.91 -59.49
N ILE BA 132 8.09 -22.85 -60.29
CA ILE BA 132 9.30 -22.36 -60.94
C ILE BA 132 9.56 -20.97 -60.41
N ILE BA 133 10.76 -20.76 -59.86
CA ILE BA 133 11.15 -19.49 -59.27
C ILE BA 133 12.13 -18.83 -60.22
N ALA BA 134 11.84 -17.59 -60.62
CA ALA BA 134 12.72 -16.86 -61.50
C ALA BA 134 12.68 -15.38 -61.14
N GLY BA 135 13.80 -14.70 -61.42
CA GLY BA 135 13.90 -13.28 -61.14
C GLY BA 135 15.29 -12.71 -61.28
N TRP BA 136 15.39 -11.39 -61.20
CA TRP BA 136 16.68 -10.71 -61.29
C TRP BA 136 17.22 -10.41 -59.90
N ASP BA 137 18.54 -10.39 -59.79
CA ASP BA 137 19.24 -10.11 -58.55
C ASP BA 137 20.43 -9.19 -58.85
N PRO BA 138 20.74 -8.25 -57.95
CA PRO BA 138 21.90 -7.37 -58.21
C PRO BA 138 23.24 -8.06 -58.18
N GLN BA 139 23.39 -9.10 -57.38
CA GLN BA 139 24.66 -9.77 -57.24
C GLN BA 139 24.94 -10.76 -58.36
N GLU BA 140 23.91 -11.44 -58.87
CA GLU BA 140 24.10 -12.49 -59.84
C GLU BA 140 23.34 -12.32 -61.15
N GLY BA 141 22.47 -11.32 -61.26
CA GLY BA 141 21.71 -11.17 -62.49
C GLY BA 141 20.44 -11.98 -62.49
N GLY BA 142 20.00 -12.43 -63.65
CA GLY BA 142 18.80 -13.24 -63.75
C GLY BA 142 19.10 -14.69 -63.43
N GLN BA 143 18.22 -15.30 -62.65
CA GLN BA 143 18.31 -16.71 -62.32
C GLN BA 143 16.98 -17.39 -62.58
N VAL BA 144 17.04 -18.68 -62.86
CA VAL BA 144 15.84 -19.52 -63.02
C VAL BA 144 16.05 -20.78 -62.21
N TYR BA 145 15.14 -21.05 -61.28
CA TYR BA 145 15.18 -22.26 -60.48
C TYR BA 145 13.90 -23.05 -60.66
N SER BA 146 13.99 -24.36 -60.46
CA SER BA 146 12.88 -25.26 -60.63
C SER BA 146 12.68 -26.08 -59.37
N VAL BA 147 11.44 -26.10 -58.86
CA VAL BA 147 11.10 -26.97 -57.75
C VAL BA 147 9.94 -27.86 -58.19
N PRO BA 148 10.19 -29.10 -58.57
CA PRO BA 148 9.10 -29.99 -58.94
C PRO BA 148 8.40 -30.61 -57.74
N MET BA 149 7.51 -31.57 -57.98
CA MET BA 149 6.67 -32.12 -56.93
C MET BA 149 7.45 -32.95 -55.92
N GLY BA 150 8.66 -33.38 -56.24
CA GLY BA 150 9.47 -34.08 -55.26
C GLY BA 150 9.95 -33.17 -54.15
N GLY BA 151 10.54 -32.04 -54.51
CA GLY BA 151 11.04 -31.11 -53.53
C GLY BA 151 12.50 -30.77 -53.74
N MET BA 152 13.04 -31.13 -54.90
CA MET BA 152 14.42 -30.81 -55.22
C MET BA 152 14.50 -29.39 -55.79
N MET BA 153 15.72 -28.95 -56.06
CA MET BA 153 15.96 -27.59 -56.53
C MET BA 153 17.19 -27.60 -57.43
N VAL BA 154 17.08 -27.00 -58.60
CA VAL BA 154 18.21 -26.94 -59.52
C VAL BA 154 18.08 -25.67 -60.35
N ARG BA 155 19.23 -25.11 -60.75
CA ARG BA 155 19.25 -23.95 -61.62
C ARG BA 155 19.32 -24.41 -63.07
N GLN BA 156 18.56 -23.75 -63.94
CA GLN BA 156 18.57 -24.09 -65.36
C GLN BA 156 18.70 -22.82 -66.19
N SER BA 157 19.10 -23.01 -67.44
CA SER BA 157 19.09 -21.91 -68.39
C SER BA 157 17.66 -21.53 -68.74
N PHE BA 158 16.79 -22.52 -68.90
CA PHE BA 158 15.37 -22.29 -69.12
C PHE BA 158 14.62 -23.42 -68.45
N ALA BA 159 13.45 -23.11 -67.90
CA ALA BA 159 12.64 -24.11 -67.23
C ALA BA 159 11.28 -24.19 -67.90
N ILE BA 160 10.57 -25.28 -67.60
CA ILE BA 160 9.30 -25.60 -68.22
C ILE BA 160 8.56 -26.58 -67.34
N GLY BA 161 7.27 -26.36 -67.13
CA GLY BA 161 6.54 -27.20 -66.21
C GLY BA 161 5.06 -27.13 -66.48
N GLY BA 162 4.31 -27.94 -65.75
CA GLY BA 162 2.88 -28.04 -65.93
C GLY BA 162 2.50 -29.31 -66.66
N SER BA 163 1.19 -29.50 -66.80
CA SER BA 163 0.68 -30.70 -67.46
C SER BA 163 0.91 -30.65 -68.96
N GLY BA 164 0.73 -29.49 -69.56
CA GLY BA 164 0.91 -29.33 -70.98
C GLY BA 164 2.33 -29.15 -71.44
N SER BA 165 3.29 -29.22 -70.52
CA SER BA 165 4.68 -28.98 -70.86
C SER BA 165 5.33 -30.15 -71.57
N SER BA 166 4.70 -31.31 -71.55
CA SER BA 166 5.30 -32.49 -72.18
C SER BA 166 5.25 -32.44 -73.70
N TYR BA 167 4.37 -31.63 -74.28
CA TYR BA 167 4.21 -31.65 -75.72
C TYR BA 167 5.14 -30.70 -76.44
N ILE BA 168 5.91 -29.89 -75.71
CA ILE BA 168 6.80 -28.93 -76.34
C ILE BA 168 8.22 -29.10 -75.82
N TYR BA 169 8.56 -30.31 -75.37
CA TYR BA 169 9.96 -30.60 -75.07
C TYR BA 169 10.81 -30.64 -76.32
N GLY BA 170 10.29 -31.23 -77.39
CA GLY BA 170 11.06 -31.30 -78.62
C GLY BA 170 11.21 -29.97 -79.31
N TYR BA 171 10.21 -29.10 -79.18
CA TYR BA 171 10.32 -27.77 -79.75
C TYR BA 171 11.34 -26.94 -79.01
N VAL BA 172 11.31 -26.98 -77.68
CA VAL BA 172 12.15 -26.10 -76.89
C VAL BA 172 13.60 -26.54 -76.90
N ASP BA 173 13.87 -27.79 -77.29
CA ASP BA 173 15.24 -28.25 -77.42
C ASP BA 173 15.90 -27.78 -78.70
N ALA BA 174 15.19 -27.87 -79.82
CA ALA BA 174 15.79 -27.51 -81.09
C ALA BA 174 15.81 -25.99 -81.28
N THR BA 175 14.78 -25.29 -80.83
CA THR BA 175 14.64 -23.88 -81.15
C THR BA 175 15.54 -23.01 -80.26
N TYR BA 176 15.93 -23.52 -79.10
CA TYR BA 176 16.70 -22.73 -78.16
C TYR BA 176 18.11 -22.46 -78.67
N ARG BA 177 18.54 -21.21 -78.52
CA ARG BA 177 19.81 -20.75 -79.03
C ARG BA 177 20.49 -19.92 -77.96
N GLU BA 178 21.79 -20.15 -77.79
CA GLU BA 178 22.52 -19.46 -76.74
C GLU BA 178 22.78 -18.00 -77.11
N GLY BA 179 22.53 -17.11 -76.14
CA GLY BA 179 22.79 -15.71 -76.35
C GLY BA 179 21.66 -14.98 -77.04
N MET BA 180 20.46 -15.07 -76.48
CA MET BA 180 19.33 -14.34 -77.02
C MET BA 180 19.22 -12.98 -76.37
N THR BA 181 18.48 -12.09 -77.04
CA THR BA 181 18.15 -10.80 -76.46
C THR BA 181 16.88 -10.93 -75.64
N LYS BA 182 16.37 -9.81 -75.15
CA LYS BA 182 15.09 -9.85 -74.45
C LYS BA 182 13.94 -10.06 -75.43
N GLU BA 183 13.98 -9.38 -76.57
CA GLU BA 183 12.89 -9.45 -77.54
C GLU BA 183 12.78 -10.82 -78.20
N GLU BA 184 13.89 -11.52 -78.33
CA GLU BA 184 13.83 -12.88 -78.85
C GLU BA 184 13.22 -13.84 -77.84
N CYS BA 185 13.48 -13.63 -76.55
CA CYS BA 185 12.90 -14.50 -75.54
C CYS BA 185 11.42 -14.27 -75.37
N LEU BA 186 10.95 -13.03 -75.56
CA LEU BA 186 9.50 -12.79 -75.61
C LEU BA 186 8.88 -13.45 -76.82
N GLN BA 187 9.61 -13.53 -77.92
CA GLN BA 187 9.14 -14.33 -79.04
C GLN BA 187 9.24 -15.82 -78.73
N PHE BA 188 10.29 -16.24 -78.03
CA PHE BA 188 10.54 -17.65 -77.83
C PHE BA 188 9.56 -18.26 -76.83
N THR BA 189 9.12 -17.48 -75.85
CA THR BA 189 8.09 -17.98 -74.94
C THR BA 189 6.69 -17.81 -75.49
N ALA BA 190 6.50 -16.96 -76.49
CA ALA BA 190 5.17 -16.83 -77.07
C ALA BA 190 4.87 -17.99 -78.00
N ASN BA 191 5.85 -18.41 -78.80
CA ASN BA 191 5.62 -19.51 -79.73
C ASN BA 191 5.51 -20.84 -79.01
N ALA BA 192 6.20 -21.00 -77.88
CA ALA BA 192 6.19 -22.28 -77.21
C ALA BA 192 4.89 -22.48 -76.43
N LEU BA 193 4.38 -21.43 -75.81
CA LEU BA 193 3.12 -21.56 -75.08
C LEU BA 193 1.94 -21.67 -76.03
N ALA BA 194 2.05 -21.10 -77.23
CA ALA BA 194 0.97 -21.18 -78.19
C ALA BA 194 0.75 -22.58 -78.71
N LEU BA 195 1.80 -23.41 -78.71
CA LEU BA 195 1.67 -24.78 -79.19
C LEU BA 195 1.09 -25.72 -78.15
N ALA BA 196 1.45 -25.56 -76.88
CA ALA BA 196 0.91 -26.42 -75.85
C ALA BA 196 -0.54 -26.10 -75.57
N MET BA 197 -0.92 -24.83 -75.66
CA MET BA 197 -2.31 -24.44 -75.50
C MET BA 197 -3.19 -25.02 -76.59
N GLU BA 198 -2.67 -25.13 -77.81
CA GLU BA 198 -3.49 -25.62 -78.90
C GLU BA 198 -3.57 -27.14 -78.90
N ARG BA 199 -2.55 -27.81 -78.39
CA ARG BA 199 -2.50 -29.27 -78.43
C ARG BA 199 -3.08 -29.91 -77.18
N ASP BA 200 -2.79 -29.37 -76.00
CA ASP BA 200 -3.34 -29.93 -74.78
C ASP BA 200 -4.77 -29.44 -74.56
N GLY BA 201 -5.57 -30.26 -73.90
CA GLY BA 201 -6.91 -29.86 -73.54
C GLY BA 201 -7.00 -29.12 -72.23
N SER BA 202 -6.05 -29.31 -71.33
CA SER BA 202 -6.08 -28.64 -70.04
C SER BA 202 -5.53 -27.23 -70.11
N SER BA 203 -4.76 -26.89 -71.13
CA SER BA 203 -4.24 -25.56 -71.32
C SER BA 203 -5.17 -24.77 -72.25
N GLY BA 204 -4.94 -23.47 -72.29
CA GLY BA 204 -5.75 -22.60 -73.11
C GLY BA 204 -5.97 -21.27 -72.42
N GLY BA 205 -6.81 -20.46 -73.05
CA GLY BA 205 -7.13 -19.16 -72.49
C GLY BA 205 -6.39 -18.03 -73.17
N VAL BA 206 -5.51 -17.36 -72.43
CA VAL BA 206 -4.74 -16.24 -72.95
C VAL BA 206 -3.34 -16.33 -72.36
N ILE BA 207 -2.38 -15.70 -73.03
CA ILE BA 207 -0.98 -15.78 -72.65
C ILE BA 207 -0.62 -14.55 -71.83
N ARG BA 208 -0.05 -14.78 -70.65
CA ARG BA 208 0.44 -13.72 -69.79
C ARG BA 208 1.96 -13.75 -69.77
N LEU BA 209 2.58 -12.61 -69.97
CA LEU BA 209 4.03 -12.52 -70.06
C LEU BA 209 4.55 -11.52 -69.04
N ALA BA 210 5.82 -11.66 -68.70
CA ALA BA 210 6.48 -10.77 -67.76
C ALA BA 210 7.97 -10.79 -68.03
N ALA BA 211 8.57 -9.62 -68.10
CA ALA BA 211 10.00 -9.48 -68.34
C ALA BA 211 10.61 -8.75 -67.15
N ILE BA 212 11.46 -9.44 -66.40
CA ILE BA 212 12.05 -8.90 -65.18
C ILE BA 212 13.49 -8.52 -65.49
N ALA BA 213 13.82 -7.25 -65.31
CA ALA BA 213 15.19 -6.81 -65.50
C ALA BA 213 15.67 -6.05 -64.29
N GLU BA 214 16.82 -5.39 -64.41
CA GLU BA 214 17.26 -4.46 -63.39
C GLU BA 214 16.30 -3.29 -63.27
N SER BA 215 15.78 -2.81 -64.41
CA SER BA 215 14.96 -1.60 -64.43
C SER BA 215 13.60 -1.83 -63.79
N GLY BA 216 13.03 -3.01 -63.94
CA GLY BA 216 11.72 -3.28 -63.37
C GLY BA 216 11.06 -4.46 -64.05
N VAL BA 217 9.74 -4.51 -63.89
CA VAL BA 217 8.91 -5.59 -64.40
C VAL BA 217 7.97 -5.04 -65.45
N GLU BA 218 7.97 -5.65 -66.63
CA GLU BA 218 7.09 -5.27 -67.73
C GLU BA 218 6.14 -6.43 -68.00
N ARG BA 219 4.90 -6.28 -67.58
CA ARG BA 219 3.90 -7.32 -67.75
C ARG BA 219 3.02 -7.01 -68.95
N GLN BA 220 2.63 -8.05 -69.67
CA GLN BA 220 1.75 -7.86 -70.82
C GLN BA 220 0.90 -9.10 -71.01
N VAL BA 221 -0.25 -8.91 -71.64
CA VAL BA 221 -1.19 -9.98 -71.95
C VAL BA 221 -1.26 -10.12 -73.45
N LEU BA 222 -0.95 -11.30 -73.95
CA LEU BA 222 -0.75 -11.53 -75.36
C LEU BA 222 -1.72 -12.59 -75.84
N LEU BA 223 -2.13 -12.51 -77.10
CA LEU BA 223 -2.94 -13.55 -77.71
C LEU BA 223 -2.57 -13.69 -79.17
N GLY BA 224 -2.24 -14.92 -79.57
CA GLY BA 224 -1.77 -15.20 -80.92
C GLY BA 224 -0.57 -16.12 -80.92
N THR CA 43 -29.27 -26.05 -55.65
CA THR CA 43 -28.53 -24.89 -55.20
C THR CA 43 -27.93 -24.15 -56.38
N THR CA 44 -28.24 -22.86 -56.48
CA THR CA 44 -27.74 -22.01 -57.57
C THR CA 44 -27.53 -20.62 -57.02
N ILE CA 45 -26.27 -20.21 -56.93
CA ILE CA 45 -25.92 -18.87 -56.47
C ILE CA 45 -25.03 -18.21 -57.50
N ALA CA 46 -25.12 -16.89 -57.58
CA ALA CA 46 -24.41 -16.15 -58.62
C ALA CA 46 -24.19 -14.72 -58.16
N GLY CA 47 -23.22 -14.06 -58.80
CA GLY CA 47 -22.91 -12.68 -58.50
C GLY CA 47 -22.35 -11.97 -59.72
N VAL CA 48 -22.42 -10.64 -59.69
CA VAL CA 48 -21.99 -9.82 -60.82
C VAL CA 48 -21.49 -8.50 -60.26
N VAL CA 49 -20.68 -7.79 -61.04
CA VAL CA 49 -20.16 -6.48 -60.67
C VAL CA 49 -20.60 -5.50 -61.76
N TYR CA 50 -21.50 -4.59 -61.41
CA TYR CA 50 -21.92 -3.58 -62.36
C TYR CA 50 -21.12 -2.30 -62.13
N LYS CA 51 -21.55 -1.22 -62.76
CA LYS CA 51 -20.78 0.03 -62.80
C LYS CA 51 -20.67 0.71 -61.45
N ASP CA 52 -21.50 0.38 -60.49
CA ASP CA 52 -21.41 1.01 -59.17
C ASP CA 52 -21.21 0.02 -58.04
N GLY CA 53 -21.82 -1.15 -58.10
CA GLY CA 53 -21.75 -2.12 -57.01
C GLY CA 53 -21.85 -3.54 -57.44
N ILE CA 54 -22.44 -4.37 -56.60
CA ILE CA 54 -22.44 -5.82 -56.73
C ILE CA 54 -23.86 -6.32 -56.49
N VAL CA 55 -24.33 -7.22 -57.34
CA VAL CA 55 -25.63 -7.87 -57.19
C VAL CA 55 -25.39 -9.36 -56.97
N LEU CA 56 -26.00 -9.91 -55.92
CA LEU CA 56 -25.94 -11.33 -55.60
C LEU CA 56 -27.32 -11.93 -55.70
N GLY CA 57 -27.39 -13.21 -56.04
CA GLY CA 57 -28.68 -13.88 -56.18
C GLY CA 57 -28.60 -15.34 -55.81
N ALA CA 58 -29.74 -15.90 -55.44
CA ALA CA 58 -29.84 -17.29 -55.01
C ALA CA 58 -31.29 -17.74 -55.10
N ASP CA 59 -31.47 -19.05 -54.99
CA ASP CA 59 -32.79 -19.66 -54.86
C ASP CA 59 -33.06 -20.00 -53.40
N THR CA 60 -34.23 -20.60 -53.14
CA THR CA 60 -34.60 -21.01 -51.79
C THR CA 60 -35.10 -22.46 -51.79
N ARG CA 61 -34.18 -23.41 -51.78
CA ARG CA 61 -34.51 -24.83 -51.61
C ARG CA 61 -33.37 -25.56 -50.94
N ALA CA 62 -33.71 -26.41 -49.98
CA ALA CA 62 -32.77 -27.34 -49.37
C ALA CA 62 -33.34 -28.74 -49.60
N THR CA 63 -32.62 -29.55 -50.36
CA THR CA 63 -33.08 -30.88 -50.73
C THR CA 63 -32.30 -31.94 -49.97
N GLU CA 64 -32.98 -32.64 -49.08
CA GLU CA 64 -32.37 -33.74 -48.35
C GLU CA 64 -32.66 -35.03 -49.09
N GLY CA 65 -31.62 -35.69 -49.59
CA GLY CA 65 -31.81 -36.82 -50.46
C GLY CA 65 -32.38 -36.38 -51.80
N MET CA 66 -33.56 -36.89 -52.15
CA MET CA 66 -34.26 -36.41 -53.33
C MET CA 66 -35.62 -35.82 -52.95
N VAL CA 67 -35.79 -35.46 -51.69
CA VAL CA 67 -37.05 -34.92 -51.17
C VAL CA 67 -36.81 -33.48 -50.75
N VAL CA 68 -37.73 -32.59 -51.14
CA VAL CA 68 -37.62 -31.18 -50.81
C VAL CA 68 -37.89 -30.99 -49.33
N ALA CA 69 -36.87 -30.56 -48.59
CA ALA CA 69 -36.99 -30.37 -47.16
C ALA CA 69 -37.44 -28.97 -46.79
N ASP CA 70 -36.89 -27.93 -47.41
CA ASP CA 70 -37.24 -26.55 -47.09
C ASP CA 70 -37.56 -25.83 -48.38
N LYS CA 71 -38.64 -25.05 -48.37
CA LYS CA 71 -39.05 -24.28 -49.53
C LYS CA 71 -38.64 -22.83 -49.46
N ASN CA 72 -38.11 -22.36 -48.34
CA ASN CA 72 -37.77 -20.96 -48.19
C ASN CA 72 -36.47 -20.81 -47.42
N CYS CA 73 -35.47 -21.61 -47.74
CA CYS CA 73 -34.18 -21.51 -47.06
C CYS CA 73 -33.40 -20.32 -47.59
N SER CA 74 -33.02 -19.41 -46.71
CA SER CA 74 -32.28 -18.22 -47.09
C SER CA 74 -30.81 -18.58 -47.23
N LYS CA 75 -30.21 -18.21 -48.37
CA LYS CA 75 -28.84 -18.60 -48.67
C LYS CA 75 -27.86 -17.44 -48.69
N ILE CA 76 -28.34 -16.20 -48.64
CA ILE CA 76 -27.47 -15.03 -48.61
C ILE CA 76 -27.29 -14.62 -47.16
N HIS CA 77 -26.04 -14.50 -46.73
CA HIS CA 77 -25.71 -14.31 -45.33
C HIS CA 77 -25.14 -12.93 -45.07
N PHE CA 78 -25.24 -12.51 -43.81
CA PHE CA 78 -24.66 -11.27 -43.33
C PHE CA 78 -23.22 -11.53 -42.93
N ILE CA 79 -22.32 -10.62 -43.32
CA ILE CA 79 -20.94 -10.59 -42.83
C ILE CA 79 -20.63 -9.26 -42.17
N SER CA 80 -20.83 -8.17 -42.89
CA SER CA 80 -20.63 -6.83 -42.38
C SER CA 80 -21.72 -5.98 -42.99
N PRO CA 81 -21.85 -4.70 -42.57
CA PRO CA 81 -22.79 -3.83 -43.27
C PRO CA 81 -22.44 -3.46 -44.71
N ASN CA 82 -21.31 -3.93 -45.25
CA ASN CA 82 -21.02 -3.77 -46.66
C ASN CA 82 -20.69 -5.07 -47.39
N ILE CA 83 -20.51 -6.18 -46.69
CA ILE CA 83 -20.09 -7.44 -47.30
C ILE CA 83 -21.13 -8.50 -46.99
N TYR CA 84 -21.63 -9.17 -48.02
CA TYR CA 84 -22.45 -10.36 -47.88
C TYR CA 84 -21.77 -11.55 -48.53
N CYS CA 85 -22.32 -12.73 -48.27
CA CYS CA 85 -21.81 -13.94 -48.90
C CYS CA 85 -22.97 -14.89 -49.17
N CYS CA 86 -22.87 -15.62 -50.27
CA CYS CA 86 -23.78 -16.70 -50.60
C CYS CA 86 -23.11 -18.03 -50.29
N GLY CA 87 -23.92 -19.02 -49.93
CA GLY CA 87 -23.38 -20.28 -49.46
C GLY CA 87 -23.91 -21.43 -50.29
N ALA CA 88 -23.05 -22.43 -50.48
CA ALA CA 88 -23.41 -23.62 -51.23
C ALA CA 88 -22.64 -24.80 -50.66
N GLY CA 89 -23.14 -26.00 -50.96
CA GLY CA 89 -22.52 -27.22 -50.45
C GLY CA 89 -23.22 -27.71 -49.20
N THR CA 90 -22.43 -28.13 -48.21
CA THR CA 90 -23.00 -28.62 -46.97
C THR CA 90 -23.60 -27.47 -46.17
N ALA CA 91 -24.89 -27.55 -45.90
CA ALA CA 91 -25.61 -26.40 -45.35
C ALA CA 91 -25.27 -26.16 -43.90
N ALA CA 92 -24.76 -27.17 -43.20
CA ALA CA 92 -24.34 -26.96 -41.82
C ALA CA 92 -22.93 -26.40 -41.76
N ASP CA 93 -22.08 -26.74 -42.73
CA ASP CA 93 -20.72 -26.22 -42.73
C ASP CA 93 -20.69 -24.76 -43.16
N THR CA 94 -21.60 -24.35 -44.04
CA THR CA 94 -21.61 -22.96 -44.46
C THR CA 94 -22.22 -22.04 -43.41
N ASP CA 95 -23.09 -22.56 -42.55
CA ASP CA 95 -23.64 -21.73 -41.49
C ASP CA 95 -22.61 -21.46 -40.41
N MET CA 96 -21.91 -22.50 -39.95
CA MET CA 96 -20.96 -22.33 -38.87
C MET CA 96 -19.67 -21.67 -39.31
N THR CA 97 -19.42 -21.58 -40.62
CA THR CA 97 -18.27 -20.85 -41.10
C THR CA 97 -18.58 -19.37 -41.29
N THR CA 98 -19.74 -19.06 -41.85
CA THR CA 98 -20.09 -17.67 -42.11
C THR CA 98 -20.43 -16.90 -40.85
N GLN CA 99 -20.65 -17.58 -39.73
CA GLN CA 99 -20.85 -16.91 -38.45
C GLN CA 99 -19.54 -16.70 -37.71
N LEU CA 100 -18.56 -17.54 -37.95
CA LEU CA 100 -17.26 -17.37 -37.30
C LEU CA 100 -16.52 -16.18 -37.86
N ILE CA 101 -16.52 -16.03 -39.18
CA ILE CA 101 -15.80 -14.93 -39.81
C ILE CA 101 -16.52 -13.61 -39.56
N SER CA 102 -17.85 -13.64 -39.56
CA SER CA 102 -18.61 -12.43 -39.29
C SER CA 102 -18.49 -12.02 -37.82
N SER CA 103 -18.19 -12.96 -36.94
CA SER CA 103 -17.89 -12.60 -35.56
C SER CA 103 -16.52 -11.95 -35.45
N ASN CA 104 -15.54 -12.43 -36.24
CA ASN CA 104 -14.20 -11.88 -36.13
C ASN CA 104 -14.09 -10.51 -36.80
N LEU CA 105 -14.85 -10.28 -37.86
CA LEU CA 105 -14.81 -8.97 -38.51
C LEU CA 105 -15.56 -7.92 -37.71
N GLU CA 106 -16.58 -8.32 -36.97
CA GLU CA 106 -17.19 -7.39 -36.02
C GLU CA 106 -16.22 -7.07 -34.91
N LEU CA 107 -15.43 -8.05 -34.50
CA LEU CA 107 -14.38 -7.83 -33.52
C LEU CA 107 -13.27 -6.97 -34.08
N HIS CA 108 -12.92 -7.17 -35.34
CA HIS CA 108 -11.80 -6.45 -35.93
C HIS CA 108 -12.15 -5.00 -36.22
N SER CA 109 -13.32 -4.75 -36.82
CA SER CA 109 -13.70 -3.40 -37.18
C SER CA 109 -14.05 -2.54 -36.00
N LEU CA 110 -14.55 -3.13 -34.92
CA LEU CA 110 -14.84 -2.35 -33.73
C LEU CA 110 -13.57 -1.98 -32.99
N SER CA 111 -12.49 -2.76 -33.19
CA SER CA 111 -11.21 -2.40 -32.60
C SER CA 111 -10.51 -1.32 -33.41
N THR CA 112 -10.47 -1.46 -34.73
CA THR CA 112 -9.86 -0.43 -35.57
C THR CA 112 -10.72 0.81 -35.68
N GLY CA 113 -12.02 0.68 -35.48
CA GLY CA 113 -12.90 1.82 -35.57
C GLY CA 113 -13.25 2.27 -36.97
N ARG CA 114 -12.94 1.49 -37.99
CA ARG CA 114 -13.27 1.85 -39.35
C ARG CA 114 -13.91 0.67 -40.08
N LEU CA 115 -14.13 0.85 -41.35
CA LEU CA 115 -14.90 -0.07 -42.17
C LEU CA 115 -14.05 -1.28 -42.55
N PRO CA 116 -14.64 -2.48 -42.58
CA PRO CA 116 -13.89 -3.66 -43.01
C PRO CA 116 -13.59 -3.62 -44.50
N ARG CA 117 -12.64 -4.46 -44.89
CA ARG CA 117 -12.30 -4.62 -46.30
C ARG CA 117 -12.62 -6.02 -46.77
N VAL CA 118 -12.82 -6.15 -48.08
CA VAL CA 118 -13.22 -7.43 -48.65
C VAL CA 118 -12.05 -8.40 -48.67
N VAL CA 119 -10.82 -7.88 -48.82
CA VAL CA 119 -9.64 -8.74 -48.82
C VAL CA 119 -9.36 -9.33 -47.45
N THR CA 120 -9.89 -8.74 -46.39
CA THR CA 120 -9.72 -9.32 -45.07
C THR CA 120 -10.62 -10.55 -44.91
N ALA CA 121 -11.85 -10.46 -45.40
CA ALA CA 121 -12.74 -11.61 -45.35
C ALA CA 121 -12.29 -12.71 -46.29
N ASN CA 122 -11.63 -12.35 -47.39
CA ASN CA 122 -11.04 -13.35 -48.26
C ASN CA 122 -9.90 -14.06 -47.55
N ARG CA 123 -9.07 -13.31 -46.83
CA ARG CA 123 -7.88 -13.89 -46.24
C ARG CA 123 -8.23 -14.74 -45.03
N MET CA 124 -9.26 -14.38 -44.27
CA MET CA 124 -9.67 -15.20 -43.13
C MET CA 124 -10.28 -16.52 -43.58
N LEU CA 125 -11.06 -16.50 -44.66
CA LEU CA 125 -11.75 -17.70 -45.10
C LEU CA 125 -10.78 -18.72 -45.69
N LYS CA 126 -9.91 -18.30 -46.60
CA LYS CA 126 -9.09 -19.28 -47.28
C LYS CA 126 -7.92 -19.76 -46.42
N GLN CA 127 -7.62 -19.07 -45.33
CA GLN CA 127 -6.61 -19.62 -44.43
C GLN CA 127 -7.16 -20.70 -43.53
N MET CA 128 -8.43 -20.62 -43.15
CA MET CA 128 -8.98 -21.65 -42.28
C MET CA 128 -9.54 -22.83 -43.04
N LEU CA 129 -9.94 -22.65 -44.29
CA LEU CA 129 -10.40 -23.78 -45.08
C LEU CA 129 -9.25 -24.66 -45.51
N PHE CA 130 -8.09 -24.05 -45.74
CA PHE CA 130 -6.90 -24.83 -46.06
C PHE CA 130 -6.42 -25.64 -44.86
N ARG CA 131 -6.68 -25.16 -43.66
CA ARG CA 131 -6.22 -25.86 -42.47
C ARG CA 131 -7.00 -27.15 -42.24
N TYR CA 132 -8.29 -27.16 -42.57
CA TYR CA 132 -9.11 -28.34 -42.40
C TYR CA 132 -9.08 -29.27 -43.59
N GLN CA 133 -8.22 -28.98 -44.58
CA GLN CA 133 -7.85 -29.90 -45.66
C GLN CA 133 -9.05 -30.33 -46.51
N GLY CA 134 -10.08 -29.50 -46.58
CA GLY CA 134 -11.22 -29.82 -47.39
C GLY CA 134 -12.22 -30.75 -46.78
N TYR CA 135 -12.10 -31.06 -45.48
CA TYR CA 135 -13.16 -31.82 -44.82
C TYR CA 135 -14.39 -30.99 -44.55
N ILE CA 136 -14.25 -29.67 -44.52
CA ILE CA 136 -15.38 -28.76 -44.38
C ILE CA 136 -15.79 -28.36 -45.78
N GLY CA 137 -16.94 -28.86 -46.22
CA GLY CA 137 -17.44 -28.52 -47.54
C GLY CA 137 -18.18 -27.20 -47.53
N ALA CA 138 -17.54 -26.16 -48.05
CA ALA CA 138 -18.13 -24.84 -48.04
C ALA CA 138 -17.74 -24.13 -49.33
N ALA CA 139 -18.71 -23.89 -50.19
CA ALA CA 139 -18.51 -23.14 -51.43
C ALA CA 139 -19.17 -21.78 -51.25
N LEU CA 140 -18.37 -20.72 -51.34
CA LEU CA 140 -18.85 -19.39 -51.01
C LEU CA 140 -18.61 -18.42 -52.16
N VAL CA 141 -19.57 -17.52 -52.35
CA VAL CA 141 -19.41 -16.37 -53.23
C VAL CA 141 -19.34 -15.15 -52.34
N LEU CA 142 -18.19 -14.49 -52.34
CA LEU CA 142 -17.93 -13.38 -51.44
C LEU CA 142 -17.94 -12.08 -52.22
N GLY CA 143 -18.73 -11.12 -51.77
CA GLY CA 143 -18.83 -9.84 -52.46
C GLY CA 143 -19.10 -8.68 -51.54
N GLY CA 144 -18.48 -7.54 -51.81
CA GLY CA 144 -18.68 -6.37 -50.97
C GLY CA 144 -18.05 -5.15 -51.61
N VAL CA 145 -18.43 -3.99 -51.08
CA VAL CA 145 -17.95 -2.71 -51.56
C VAL CA 145 -17.22 -2.03 -50.41
N ASP CA 146 -15.90 -2.11 -50.39
CA ASP CA 146 -15.10 -1.42 -49.39
C ASP CA 146 -14.67 -0.07 -49.94
N VAL CA 147 -13.66 0.54 -49.33
CA VAL CA 147 -13.14 1.84 -49.77
C VAL CA 147 -12.54 1.73 -51.17
N THR CA 148 -11.87 0.62 -51.46
CA THR CA 148 -11.22 0.46 -52.76
C THR CA 148 -12.20 0.18 -53.89
N GLY CA 149 -13.47 -0.11 -53.58
CA GLY CA 149 -14.45 -0.32 -54.62
C GLY CA 149 -15.18 -1.63 -54.45
N PRO CA 150 -15.86 -2.09 -55.50
CA PRO CA 150 -16.51 -3.40 -55.44
C PRO CA 150 -15.50 -4.52 -55.70
N HIS CA 151 -15.69 -5.63 -54.99
CA HIS CA 151 -14.82 -6.79 -55.12
C HIS CA 151 -15.64 -8.06 -55.00
N LEU CA 152 -15.44 -8.98 -55.93
CA LEU CA 152 -16.20 -10.23 -55.96
C LEU CA 152 -15.22 -11.39 -55.96
N TYR CA 153 -15.42 -12.32 -55.03
CA TYR CA 153 -14.56 -13.48 -54.93
C TYR CA 153 -15.40 -14.76 -54.96
N SER CA 154 -14.73 -15.86 -55.23
CA SER CA 154 -15.34 -17.18 -55.18
C SER CA 154 -14.37 -18.10 -54.45
N ILE CA 155 -14.85 -18.78 -53.42
CA ILE CA 155 -14.00 -19.57 -52.54
C ILE CA 155 -14.45 -21.01 -52.60
N TYR CA 156 -13.57 -21.88 -52.93
CA TYR CA 156 -13.68 -23.32 -53.09
C TYR CA 156 -13.28 -24.04 -51.81
N PRO CA 157 -13.88 -25.18 -51.48
CA PRO CA 157 -13.70 -25.75 -50.14
C PRO CA 157 -12.34 -26.38 -49.87
N HIS CA 158 -11.38 -26.29 -50.77
CA HIS CA 158 -10.01 -26.63 -50.43
C HIS CA 158 -9.15 -25.41 -50.12
N GLY CA 159 -9.61 -24.21 -50.46
CA GLY CA 159 -8.89 -23.01 -50.09
C GLY CA 159 -8.45 -22.16 -51.26
N SER CA 160 -8.83 -22.55 -52.47
CA SER CA 160 -8.46 -21.81 -53.67
C SER CA 160 -9.48 -20.72 -53.93
N THR CA 161 -9.00 -19.50 -54.16
CA THR CA 161 -9.85 -18.34 -54.41
C THR CA 161 -9.45 -17.70 -55.73
N ASP CA 162 -10.29 -16.77 -56.17
CA ASP CA 162 -10.04 -15.99 -57.39
C ASP CA 162 -10.98 -14.79 -57.43
N LYS CA 163 -10.43 -13.63 -57.78
CA LYS CA 163 -11.25 -12.46 -58.03
C LYS CA 163 -11.72 -12.49 -59.47
N LEU CA 164 -13.02 -12.30 -59.68
CA LEU CA 164 -13.63 -12.40 -61.00
C LEU CA 164 -14.74 -11.37 -61.11
N PRO CA 165 -15.06 -10.91 -62.32
CA PRO CA 165 -16.17 -9.97 -62.47
C PRO CA 165 -17.53 -10.61 -62.33
N TYR CA 166 -17.65 -11.93 -62.53
CA TYR CA 166 -18.91 -12.63 -62.32
C TYR CA 166 -18.62 -14.09 -62.04
N VAL CA 167 -19.31 -14.67 -61.07
CA VAL CA 167 -19.11 -16.05 -60.66
C VAL CA 167 -20.45 -16.73 -60.46
N THR CA 168 -20.45 -18.05 -60.61
CA THR CA 168 -21.59 -18.90 -60.25
C THR CA 168 -21.07 -20.11 -59.49
N MET CA 169 -21.79 -20.49 -58.44
CA MET CA 169 -21.49 -21.70 -57.69
C MET CA 169 -22.78 -22.47 -57.46
N GLY CA 170 -22.65 -23.70 -57.03
CA GLY CA 170 -23.78 -24.55 -56.76
C GLY CA 170 -23.90 -25.68 -57.76
N SER CA 171 -24.97 -26.45 -57.60
CA SER CA 171 -25.19 -27.61 -58.47
C SER CA 171 -25.62 -27.17 -59.86
N GLY CA 172 -26.56 -26.23 -59.94
CA GLY CA 172 -27.01 -25.73 -61.22
C GLY CA 172 -26.23 -24.52 -61.70
N SER CA 173 -24.96 -24.44 -61.28
CA SER CA 173 -24.12 -23.32 -61.66
C SER CA 173 -23.75 -23.33 -63.14
N LEU CA 174 -23.74 -24.49 -63.78
CA LEU CA 174 -23.38 -24.54 -65.19
C LEU CA 174 -24.47 -23.93 -66.05
N ALA CA 175 -25.73 -24.09 -65.63
CA ALA CA 175 -26.83 -23.46 -66.34
C ALA CA 175 -26.82 -21.96 -66.15
N ALA CA 176 -26.47 -21.49 -64.96
CA ALA CA 176 -26.45 -20.06 -64.71
C ALA CA 176 -25.24 -19.39 -65.33
N MET CA 177 -24.17 -20.14 -65.60
CA MET CA 177 -23.00 -19.56 -66.24
C MET CA 177 -23.29 -19.21 -67.69
N ALA CA 178 -24.12 -20.00 -68.37
CA ALA CA 178 -24.39 -19.79 -69.78
C ALA CA 178 -25.19 -18.51 -70.03
N VAL CA 179 -25.98 -18.07 -69.05
CA VAL CA 179 -26.66 -16.79 -69.19
C VAL CA 179 -25.68 -15.65 -69.01
N PHE CA 180 -24.77 -15.77 -68.04
CA PHE CA 180 -23.70 -14.78 -67.88
C PHE CA 180 -22.77 -14.78 -69.07
N GLU CA 181 -22.47 -15.96 -69.62
CA GLU CA 181 -21.47 -16.04 -70.66
C GLU CA 181 -21.99 -15.48 -71.98
N ASP CA 182 -23.31 -15.52 -72.17
CA ASP CA 182 -23.89 -14.98 -73.39
C ASP CA 182 -24.18 -13.48 -73.28
N LYS CA 183 -24.55 -13.00 -72.09
CA LYS CA 183 -25.16 -11.69 -71.95
C LYS CA 183 -24.49 -10.85 -70.87
N PHE CA 184 -23.17 -10.89 -70.78
CA PHE CA 184 -22.47 -9.98 -69.88
C PHE CA 184 -21.85 -8.85 -70.68
N ARG CA 185 -21.88 -7.66 -70.06
CA ARG CA 185 -21.27 -6.49 -70.62
C ARG CA 185 -20.67 -5.75 -69.44
N PRO CA 186 -19.45 -5.26 -69.56
CA PRO CA 186 -18.86 -4.50 -68.46
C PRO CA 186 -19.55 -3.15 -68.26
N ASP CA 187 -19.65 -2.76 -66.99
CA ASP CA 187 -20.21 -1.47 -66.54
C ASP CA 187 -21.67 -1.30 -66.99
N MET CA 188 -22.51 -2.17 -66.48
CA MET CA 188 -23.95 -2.07 -66.68
C MET CA 188 -24.56 -1.22 -65.58
N GLU CA 189 -25.81 -0.83 -65.80
CA GLU CA 189 -26.58 -0.19 -64.75
C GLU CA 189 -27.22 -1.24 -63.87
N GLU CA 190 -27.68 -0.81 -62.69
CA GLU CA 190 -28.20 -1.78 -61.73
C GLU CA 190 -29.54 -2.36 -62.14
N GLU CA 191 -30.28 -1.68 -63.02
CA GLU CA 191 -31.49 -2.28 -63.55
C GLU CA 191 -31.17 -3.37 -64.55
N GLU CA 192 -30.11 -3.18 -65.33
CA GLU CA 192 -29.66 -4.22 -66.24
C GLU CA 192 -29.00 -5.37 -65.50
N ALA CA 193 -28.36 -5.08 -64.37
CA ALA CA 193 -27.70 -6.11 -63.60
C ALA CA 193 -28.70 -6.99 -62.87
N LYS CA 194 -29.69 -6.37 -62.21
CA LYS CA 194 -30.72 -7.13 -61.51
C LYS CA 194 -31.56 -7.96 -62.47
N ASN CA 195 -31.76 -7.46 -63.69
CA ASN CA 195 -32.46 -8.26 -64.69
C ASN CA 195 -31.58 -9.41 -65.17
N LEU CA 196 -30.27 -9.23 -65.18
CA LEU CA 196 -29.37 -10.29 -65.64
C LEU CA 196 -29.25 -11.41 -64.63
N VAL CA 197 -29.17 -11.07 -63.34
CA VAL CA 197 -28.93 -12.09 -62.32
C VAL CA 197 -30.19 -12.92 -62.10
N SER CA 198 -31.35 -12.28 -62.06
CA SER CA 198 -32.61 -13.00 -61.92
C SER CA 198 -32.88 -13.89 -63.12
N GLU CA 199 -32.39 -13.49 -64.30
CA GLU CA 199 -32.49 -14.35 -65.46
C GLU CA 199 -31.57 -15.55 -65.36
N ALA CA 200 -30.39 -15.37 -64.76
CA ALA CA 200 -29.45 -16.48 -64.63
C ALA CA 200 -29.87 -17.47 -63.55
N ILE CA 201 -30.45 -16.97 -62.46
CA ILE CA 201 -30.94 -17.86 -61.41
C ILE CA 201 -32.14 -18.66 -61.91
N ALA CA 202 -32.97 -18.05 -62.76
CA ALA CA 202 -34.09 -18.75 -63.34
C ALA CA 202 -33.66 -19.87 -64.28
N ALA CA 203 -32.48 -19.74 -64.89
CA ALA CA 203 -31.95 -20.84 -65.69
C ALA CA 203 -31.54 -22.02 -64.82
N GLY CA 204 -31.11 -21.76 -63.59
CA GLY CA 204 -30.87 -22.84 -62.66
C GLY CA 204 -32.13 -23.39 -62.01
N ILE CA 205 -33.24 -22.66 -62.11
CA ILE CA 205 -34.50 -23.16 -61.59
C ILE CA 205 -35.09 -24.20 -62.53
N PHE CA 206 -35.29 -23.83 -63.79
CA PHE CA 206 -36.04 -24.66 -64.71
C PHE CA 206 -35.21 -25.74 -65.37
N ASN CA 207 -33.96 -25.92 -64.98
CA ASN CA 207 -33.11 -26.91 -65.61
C ASN CA 207 -32.40 -27.83 -64.62
N ASP CA 208 -32.35 -27.46 -63.35
CA ASP CA 208 -31.72 -28.29 -62.33
C ASP CA 208 -32.78 -28.91 -61.44
N LEU CA 209 -32.58 -30.17 -61.06
CA LEU CA 209 -33.52 -30.83 -60.17
C LEU CA 209 -33.42 -30.31 -58.75
N GLY CA 210 -32.20 -30.09 -58.26
CA GLY CA 210 -32.02 -29.67 -56.89
C GLY CA 210 -32.07 -28.17 -56.68
N SER CA 211 -33.00 -27.50 -57.36
CA SER CA 211 -33.13 -26.06 -57.26
C SER CA 211 -34.56 -25.67 -57.61
N GLY CA 212 -34.91 -24.43 -57.31
CA GLY CA 212 -36.09 -23.81 -57.88
C GLY CA 212 -37.24 -23.41 -56.98
N SER CA 213 -37.21 -22.14 -56.58
CA SER CA 213 -38.25 -21.51 -55.78
C SER CA 213 -38.10 -20.01 -55.97
N ASN CA 214 -38.63 -19.24 -55.03
CA ASN CA 214 -38.52 -17.79 -55.06
C ASN CA 214 -37.07 -17.33 -55.09
N ILE CA 215 -36.80 -16.36 -55.97
CA ILE CA 215 -35.44 -15.89 -56.21
C ILE CA 215 -35.11 -14.77 -55.24
N ASP CA 216 -34.05 -14.96 -54.47
CA ASP CA 216 -33.53 -13.88 -53.63
C ASP CA 216 -32.58 -13.00 -54.44
N LEU CA 217 -32.49 -11.74 -54.04
CA LEU CA 217 -31.48 -10.83 -54.56
C LEU CA 217 -30.98 -9.93 -53.45
N CYS CA 218 -29.82 -9.33 -53.69
CA CYS CA 218 -29.31 -8.26 -52.83
C CYS CA 218 -28.39 -7.39 -53.65
N VAL CA 219 -28.57 -6.08 -53.54
CA VAL CA 219 -27.77 -5.10 -54.26
C VAL CA 219 -26.96 -4.33 -53.23
N ILE CA 220 -25.63 -4.38 -53.36
CA ILE CA 220 -24.72 -3.62 -52.51
C ILE CA 220 -24.12 -2.52 -53.35
N SER CA 221 -24.17 -1.29 -52.86
CA SER CA 221 -23.54 -0.18 -53.55
C SER CA 221 -22.72 0.58 -52.52
N LYS CA 222 -22.21 1.76 -52.93
CA LYS CA 222 -21.37 2.55 -52.04
C LYS CA 222 -22.17 3.19 -50.91
N ASN CA 223 -23.49 3.30 -51.06
CA ASN CA 223 -24.32 3.99 -50.09
C ASN CA 223 -25.66 3.33 -49.83
N LYS CA 224 -25.97 2.19 -50.44
CA LYS CA 224 -27.28 1.58 -50.37
C LYS CA 224 -27.13 0.07 -50.24
N LEU CA 225 -27.95 -0.53 -49.37
CA LEU CA 225 -27.97 -1.98 -49.18
C LEU CA 225 -29.42 -2.46 -49.31
N ASP CA 226 -29.77 -3.04 -50.45
CA ASP CA 226 -31.14 -3.49 -50.70
C ASP CA 226 -31.17 -5.01 -50.63
N PHE CA 227 -31.37 -5.55 -49.43
CA PHE CA 227 -31.59 -6.97 -49.28
C PHE CA 227 -33.08 -7.24 -49.36
N LEU CA 228 -33.47 -8.11 -50.27
CA LEU CA 228 -34.89 -8.35 -50.53
C LEU CA 228 -35.09 -9.80 -50.94
N ARG CA 229 -35.84 -10.56 -50.13
CA ARG CA 229 -35.91 -11.98 -50.44
C ARG CA 229 -36.93 -12.29 -51.55
N PRO CA 230 -38.23 -11.90 -51.46
CA PRO CA 230 -39.08 -12.35 -52.59
C PRO CA 230 -39.02 -11.39 -53.79
N TYR CA 231 -37.95 -11.51 -54.57
CA TYR CA 231 -37.83 -10.67 -55.76
C TYR CA 231 -38.81 -11.10 -56.84
N THR CA 232 -39.04 -12.39 -57.00
CA THR CA 232 -40.03 -12.87 -57.95
C THR CA 232 -40.53 -14.24 -57.51
N VAL CA 233 -41.74 -14.56 -57.94
CA VAL CA 233 -42.34 -15.86 -57.65
C VAL CA 233 -42.56 -16.56 -58.98
N PRO CA 234 -41.62 -17.39 -59.42
CA PRO CA 234 -41.80 -18.06 -60.71
C PRO CA 234 -42.73 -19.26 -60.65
N ASN CA 235 -42.83 -19.88 -59.48
CA ASN CA 235 -43.58 -21.13 -59.35
C ASN CA 235 -44.49 -21.05 -58.14
N LYS CA 236 -45.75 -21.41 -58.33
CA LYS CA 236 -46.73 -21.42 -57.25
C LYS CA 236 -47.02 -22.85 -56.83
N LYS CA 237 -47.98 -23.02 -55.92
CA LYS CA 237 -48.61 -24.29 -55.63
C LYS CA 237 -50.06 -24.23 -56.10
N GLY CA 238 -50.51 -25.30 -56.75
CA GLY CA 238 -51.87 -25.34 -57.24
C GLY CA 238 -52.88 -25.42 -56.11
N THR CA 239 -54.10 -24.97 -56.40
CA THR CA 239 -55.14 -24.94 -55.39
C THR CA 239 -55.75 -26.32 -55.21
N ARG CA 240 -56.19 -26.57 -53.98
CA ARG CA 240 -56.89 -27.81 -53.67
C ARG CA 240 -58.28 -27.81 -54.28
N LEU CA 241 -58.76 -28.99 -54.64
CA LEU CA 241 -60.08 -29.14 -55.23
C LEU CA 241 -61.04 -29.90 -54.32
N GLY CA 242 -60.66 -31.09 -53.87
CA GLY CA 242 -61.54 -31.90 -53.05
C GLY CA 242 -61.45 -31.49 -51.59
N ARG CA 243 -62.62 -31.34 -50.97
CA ARG CA 243 -62.69 -31.00 -49.56
C ARG CA 243 -62.46 -32.26 -48.74
N TYR CA 244 -61.41 -32.27 -47.95
CA TYR CA 244 -61.00 -33.44 -47.18
C TYR CA 244 -61.36 -33.32 -45.71
N ARG CA 245 -62.18 -32.34 -45.36
CA ARG CA 245 -62.25 -31.83 -43.99
C ARG CA 245 -62.90 -32.83 -43.05
N CYS CA 246 -62.21 -33.12 -41.96
CA CYS CA 246 -62.70 -33.93 -40.86
C CYS CA 246 -63.25 -33.03 -39.76
N GLU CA 247 -64.01 -33.65 -38.87
CA GLU CA 247 -64.60 -32.95 -37.74
C GLU CA 247 -64.08 -33.55 -36.44
N LYS CA 248 -64.46 -32.93 -35.33
CA LYS CA 248 -64.04 -33.40 -34.02
C LYS CA 248 -64.78 -34.69 -33.68
N GLY CA 249 -64.03 -35.74 -33.38
CA GLY CA 249 -64.63 -36.99 -32.95
C GLY CA 249 -64.42 -38.12 -33.93
N THR CA 250 -63.66 -37.87 -35.00
CA THR CA 250 -63.40 -38.88 -36.01
C THR CA 250 -62.15 -39.69 -35.71
N THR CA 251 -61.51 -39.45 -34.57
CA THR CA 251 -60.31 -40.17 -34.19
C THR CA 251 -60.51 -40.76 -32.80
N ALA CA 252 -60.19 -42.03 -32.64
CA ALA CA 252 -60.39 -42.71 -31.37
C ALA CA 252 -59.23 -42.43 -30.42
N VAL CA 253 -59.57 -42.08 -29.19
CA VAL CA 253 -58.59 -41.69 -28.19
C VAL CA 253 -58.66 -42.69 -27.04
N LEU CA 254 -57.51 -43.23 -26.64
CA LEU CA 254 -57.47 -44.13 -25.50
C LEU CA 254 -57.48 -43.36 -24.18
N THR CA 255 -56.58 -42.40 -24.03
CA THR CA 255 -56.37 -41.73 -22.75
C THR CA 255 -56.08 -40.26 -23.00
N GLU CA 256 -56.75 -39.37 -22.26
CA GLU CA 256 -56.55 -37.94 -22.38
C GLU CA 256 -56.16 -37.37 -21.03
N LYS CA 257 -55.32 -36.34 -21.03
CA LYS CA 257 -54.93 -35.62 -19.82
C LYS CA 257 -55.01 -34.12 -20.08
N ILE CA 258 -55.43 -33.37 -19.06
CA ILE CA 258 -55.51 -31.92 -19.12
C ILE CA 258 -54.72 -31.37 -17.95
N THR CA 259 -53.78 -30.47 -18.25
CA THR CA 259 -53.01 -29.79 -17.20
C THR CA 259 -53.06 -28.28 -17.45
N PRO CA 260 -53.58 -27.50 -16.51
CA PRO CA 260 -53.67 -26.06 -16.72
C PRO CA 260 -52.34 -25.37 -16.48
N LEU CA 261 -52.21 -24.18 -17.06
CA LEU CA 261 -51.10 -23.29 -16.80
C LEU CA 261 -51.66 -21.92 -16.47
N GLU CA 262 -50.77 -20.96 -16.22
CA GLU CA 262 -51.18 -19.61 -15.86
C GLU CA 262 -50.26 -18.55 -16.45
N SER DA 1 -29.72 -49.28 -42.50
CA SER DA 1 -28.75 -48.23 -42.21
C SER DA 1 -28.58 -48.04 -40.71
N ILE DA 2 -28.16 -46.84 -40.31
CA ILE DA 2 -27.98 -46.55 -38.90
C ILE DA 2 -29.26 -46.00 -38.29
N MET DA 3 -29.93 -45.09 -39.00
CA MET DA 3 -31.18 -44.53 -38.53
C MET DA 3 -32.31 -45.56 -38.52
N SER DA 4 -32.19 -46.62 -39.31
CA SER DA 4 -33.21 -47.66 -39.37
C SER DA 4 -32.98 -48.75 -38.34
N TYR DA 5 -32.09 -48.53 -37.38
CA TYR DA 5 -31.79 -49.56 -36.40
C TYR DA 5 -32.87 -49.66 -35.35
N ASN DA 6 -33.52 -48.55 -35.00
CA ASN DA 6 -34.57 -48.55 -34.00
C ASN DA 6 -35.88 -47.94 -34.48
N GLY DA 7 -35.89 -47.26 -35.61
CA GLY DA 7 -37.11 -46.63 -36.07
C GLY DA 7 -37.41 -45.37 -35.27
N GLY DA 8 -38.60 -44.84 -35.51
CA GLY DA 8 -39.06 -43.65 -34.82
C GLY DA 8 -39.59 -42.62 -35.79
N ALA DA 9 -40.50 -41.78 -35.30
CA ALA DA 9 -41.10 -40.72 -36.11
C ALA DA 9 -41.60 -39.63 -35.19
N VAL DA 10 -41.24 -38.39 -35.48
CA VAL DA 10 -41.67 -37.23 -34.72
C VAL DA 10 -42.25 -36.21 -35.69
N MET DA 11 -43.44 -35.71 -35.40
CA MET DA 11 -44.10 -34.71 -36.22
C MET DA 11 -44.50 -33.52 -35.36
N ALA DA 12 -44.26 -32.32 -35.86
CA ALA DA 12 -44.77 -31.10 -35.25
C ALA DA 12 -45.55 -30.32 -36.29
N MET DA 13 -46.57 -29.59 -35.83
CA MET DA 13 -47.48 -28.90 -36.72
C MET DA 13 -47.99 -27.65 -36.04
N LYS DA 14 -48.01 -26.54 -36.79
CA LYS DA 14 -48.35 -25.23 -36.26
C LYS DA 14 -49.82 -24.93 -36.49
N GLY DA 15 -50.47 -24.35 -35.49
CA GLY DA 15 -51.87 -23.98 -35.60
C GLY DA 15 -52.12 -22.48 -35.57
N LYS DA 16 -53.23 -22.07 -34.95
CA LYS DA 16 -53.59 -20.66 -34.91
C LYS DA 16 -52.80 -19.91 -33.84
N ASN DA 17 -53.02 -20.26 -32.58
CA ASN DA 17 -52.26 -19.75 -31.45
C ASN DA 17 -51.85 -20.89 -30.56
N CYS DA 18 -51.44 -21.98 -31.18
CA CYS DA 18 -51.23 -23.25 -30.52
C CYS DA 18 -50.40 -24.12 -31.45
N VAL DA 19 -49.69 -25.07 -30.86
CA VAL DA 19 -48.82 -25.94 -31.64
C VAL DA 19 -48.85 -27.33 -31.01
N ALA DA 20 -48.83 -28.35 -31.85
CA ALA DA 20 -48.93 -29.74 -31.41
C ALA DA 20 -47.73 -30.54 -31.87
N ILE DA 21 -47.38 -31.57 -31.11
CA ILE DA 21 -46.29 -32.45 -31.43
C ILE DA 21 -46.73 -33.89 -31.17
N ALA DA 22 -46.22 -34.82 -31.96
CA ALA DA 22 -46.63 -36.21 -31.85
C ALA DA 22 -45.45 -37.13 -32.15
N ALA DA 23 -45.49 -38.31 -31.56
CA ALA DA 23 -44.45 -39.30 -31.76
C ALA DA 23 -45.02 -40.68 -31.52
N ASP DA 24 -44.28 -41.69 -31.95
CA ASP DA 24 -44.66 -43.08 -31.77
C ASP DA 24 -44.15 -43.59 -30.42
N ARG DA 25 -44.44 -44.85 -30.13
CA ARG DA 25 -44.14 -45.41 -28.83
C ARG DA 25 -43.26 -46.65 -28.87
N ARG DA 26 -42.89 -47.13 -30.05
CA ARG DA 26 -42.19 -48.39 -30.17
C ARG DA 26 -40.72 -48.25 -29.85
N PHE DA 27 -40.19 -49.20 -29.08
CA PHE DA 27 -38.75 -49.40 -28.93
C PHE DA 27 -38.41 -50.80 -29.39
N GLY DA 28 -37.43 -50.91 -30.29
CA GLY DA 28 -37.10 -52.21 -30.82
C GLY DA 28 -35.71 -52.25 -31.44
N ILE DA 29 -35.28 -53.47 -31.76
CA ILE DA 29 -33.96 -53.70 -32.37
C ILE DA 29 -34.20 -54.44 -33.68
N GLN DA 30 -34.40 -53.66 -34.75
CA GLN DA 30 -34.38 -54.04 -36.16
C GLN DA 30 -35.51 -54.94 -36.65
N ALA DA 31 -36.10 -55.75 -35.77
CA ALA DA 31 -37.28 -56.52 -36.13
C ALA DA 31 -38.15 -56.74 -34.92
N GLN DA 32 -37.56 -56.53 -33.75
CA GLN DA 32 -38.03 -57.12 -32.50
C GLN DA 32 -38.29 -56.00 -31.52
N MET DA 33 -39.57 -55.75 -31.24
CA MET DA 33 -39.90 -54.77 -30.21
C MET DA 33 -39.47 -55.27 -28.84
N VAL DA 34 -39.26 -54.32 -27.93
CA VAL DA 34 -38.94 -54.60 -26.55
C VAL DA 34 -39.98 -54.03 -25.61
N THR DA 35 -40.40 -52.79 -25.86
CA THR DA 35 -41.43 -52.14 -25.06
C THR DA 35 -42.16 -51.14 -25.92
N THR DA 36 -43.33 -50.72 -25.43
CA THR DA 36 -44.21 -49.80 -26.16
C THR DA 36 -44.49 -48.52 -25.39
N ASP DA 37 -43.53 -48.08 -24.58
CA ASP DA 37 -43.70 -46.87 -23.79
C ASP DA 37 -42.42 -46.06 -23.75
N PHE DA 38 -41.64 -46.12 -24.84
CA PHE DA 38 -40.37 -45.42 -24.89
C PHE DA 38 -40.62 -43.93 -25.09
N GLN DA 39 -40.08 -43.10 -24.21
CA GLN DA 39 -40.30 -41.67 -24.29
C GLN DA 39 -39.40 -41.06 -25.35
N LYS DA 40 -40.00 -40.27 -26.24
CA LYS DA 40 -39.27 -39.58 -27.29
C LYS DA 40 -39.49 -38.08 -27.31
N ILE DA 41 -40.48 -37.57 -26.56
CA ILE DA 41 -40.72 -36.14 -26.44
C ILE DA 41 -40.33 -35.74 -25.03
N PHE DA 42 -39.52 -34.70 -24.92
CA PHE DA 42 -39.07 -34.29 -23.60
C PHE DA 42 -39.47 -32.85 -23.31
N PRO DA 43 -39.91 -32.56 -22.10
CA PRO DA 43 -40.27 -31.19 -21.76
C PRO DA 43 -39.04 -30.33 -21.48
N MET DA 44 -39.04 -29.13 -22.04
CA MET DA 44 -38.00 -28.13 -21.78
C MET DA 44 -38.71 -26.85 -21.38
N GLY DA 45 -39.04 -26.74 -20.10
CA GLY DA 45 -39.82 -25.61 -19.63
C GLY DA 45 -41.28 -25.72 -20.04
N ASP DA 46 -42.07 -24.79 -19.51
CA ASP DA 46 -43.49 -24.76 -19.85
C ASP DA 46 -43.67 -24.22 -21.26
N ARG DA 47 -44.64 -24.81 -21.97
CA ARG DA 47 -45.06 -24.39 -23.32
C ARG DA 47 -43.93 -24.46 -24.33
N LEU DA 48 -43.03 -25.44 -24.15
CA LEU DA 48 -41.89 -25.60 -25.05
C LEU DA 48 -41.40 -27.03 -24.92
N TYR DA 49 -41.52 -27.82 -25.98
CA TYR DA 49 -41.12 -29.22 -25.98
C TYR DA 49 -40.05 -29.47 -27.03
N ILE DA 50 -39.49 -30.66 -26.99
CA ILE DA 50 -38.52 -31.12 -27.98
C ILE DA 50 -38.80 -32.58 -28.28
N GLY DA 51 -38.70 -32.96 -29.55
CA GLY DA 51 -38.83 -34.34 -29.95
C GLY DA 51 -37.52 -34.83 -30.54
N LEU DA 52 -37.21 -36.09 -30.25
CA LEU DA 52 -35.97 -36.71 -30.70
C LEU DA 52 -36.29 -38.02 -31.40
N ALA DA 53 -35.59 -38.28 -32.50
CA ALA DA 53 -35.76 -39.53 -33.22
C ALA DA 53 -34.45 -39.88 -33.89
N GLY DA 54 -34.15 -41.17 -33.92
CA GLY DA 54 -32.91 -41.65 -34.48
C GLY DA 54 -32.38 -42.87 -33.74
N LEU DA 55 -31.10 -42.88 -33.45
CA LEU DA 55 -30.51 -43.98 -32.71
C LEU DA 55 -30.89 -43.85 -31.24
N ALA DA 56 -31.30 -44.97 -30.64
CA ALA DA 56 -31.88 -44.95 -29.29
C ALA DA 56 -30.86 -44.58 -28.21
N THR DA 57 -29.57 -44.75 -28.48
CA THR DA 57 -28.56 -44.27 -27.55
C THR DA 57 -28.54 -42.76 -27.49
N ASP DA 58 -28.44 -42.12 -28.67
CA ASP DA 58 -28.27 -40.69 -28.72
C ASP DA 58 -29.55 -39.93 -28.42
N VAL DA 59 -30.71 -40.60 -28.49
CA VAL DA 59 -31.94 -39.99 -28.02
C VAL DA 59 -31.87 -39.74 -26.51
N GLN DA 60 -31.44 -40.75 -25.76
CA GLN DA 60 -31.29 -40.57 -24.32
C GLN DA 60 -30.04 -39.80 -23.95
N THR DA 61 -29.07 -39.68 -24.86
CA THR DA 61 -27.84 -38.99 -24.52
C THR DA 61 -27.97 -37.50 -24.72
N VAL DA 62 -28.50 -37.08 -25.86
CA VAL DA 62 -28.66 -35.66 -26.16
C VAL DA 62 -29.69 -35.03 -25.22
N ALA DA 63 -30.75 -35.78 -24.87
CA ALA DA 63 -31.78 -35.26 -23.99
C ALA DA 63 -31.31 -35.05 -22.56
N GLN DA 64 -30.15 -35.60 -22.20
CA GLN DA 64 -29.55 -35.36 -20.89
C GLN DA 64 -28.41 -34.37 -20.94
N ARG DA 65 -27.69 -34.28 -22.06
CA ARG DA 65 -26.72 -33.21 -22.23
C ARG DA 65 -27.41 -31.87 -22.38
N LEU DA 66 -28.56 -31.84 -23.04
CA LEU DA 66 -29.26 -30.58 -23.26
C LEU DA 66 -29.86 -30.08 -21.95
N LYS DA 67 -30.42 -30.98 -21.14
CA LYS DA 67 -30.95 -30.58 -19.85
C LYS DA 67 -29.84 -30.13 -18.91
N PHE DA 68 -28.65 -30.69 -19.08
CA PHE DA 68 -27.47 -30.22 -18.34
C PHE DA 68 -27.15 -28.77 -18.68
N ARG DA 69 -27.22 -28.42 -19.96
CA ARG DA 69 -26.94 -27.06 -20.37
C ARG DA 69 -28.13 -26.13 -20.19
N LEU DA 70 -29.34 -26.66 -20.05
CA LEU DA 70 -30.49 -25.80 -19.95
C LEU DA 70 -30.66 -25.24 -18.54
N ASN DA 71 -30.47 -26.07 -17.52
CA ASN DA 71 -30.63 -25.62 -16.15
C ASN DA 71 -29.54 -24.64 -15.74
N LEU DA 72 -28.36 -24.75 -16.33
CA LEU DA 72 -27.32 -23.76 -16.11
C LEU DA 72 -27.70 -22.42 -16.74
N TYR DA 73 -28.45 -22.47 -17.85
CA TYR DA 73 -28.90 -21.25 -18.49
C TYR DA 73 -29.98 -20.55 -17.68
N GLU DA 74 -30.95 -21.31 -17.18
CA GLU DA 74 -32.09 -20.72 -16.50
C GLU DA 74 -31.81 -20.36 -15.05
N LEU DA 75 -30.61 -20.63 -14.55
CA LEU DA 75 -30.19 -20.13 -13.26
C LEU DA 75 -29.21 -18.98 -13.36
N LYS DA 76 -28.31 -19.01 -14.35
CA LYS DA 76 -27.42 -17.88 -14.57
C LYS DA 76 -28.20 -16.68 -15.08
N GLU DA 77 -29.21 -16.91 -15.90
CA GLU DA 77 -30.17 -15.86 -16.25
C GLU DA 77 -31.45 -16.09 -15.46
N GLY DA 78 -32.15 -15.01 -15.19
CA GLY DA 78 -33.32 -15.12 -14.37
C GLY DA 78 -34.61 -15.45 -15.08
N ARG DA 79 -34.55 -15.80 -16.36
CA ARG DA 79 -35.76 -15.96 -17.16
C ARG DA 79 -35.77 -17.34 -17.81
N GLN DA 80 -36.89 -17.66 -18.45
CA GLN DA 80 -36.97 -18.88 -19.23
C GLN DA 80 -36.41 -18.65 -20.63
N ILE DA 81 -36.18 -19.74 -21.33
CA ILE DA 81 -35.49 -19.70 -22.61
C ILE DA 81 -36.50 -19.47 -23.73
N LYS DA 82 -36.11 -18.64 -24.69
CA LYS DA 82 -36.90 -18.43 -25.88
C LYS DA 82 -36.80 -19.65 -26.80
N PRO DA 83 -37.83 -19.91 -27.60
CA PRO DA 83 -37.76 -21.06 -28.51
C PRO DA 83 -36.73 -20.88 -29.61
N TYR DA 84 -36.47 -19.65 -30.04
CA TYR DA 84 -35.44 -19.43 -31.04
C TYR DA 84 -34.05 -19.58 -30.45
N THR DA 85 -33.91 -19.32 -29.16
CA THR DA 85 -32.61 -19.41 -28.51
C THR DA 85 -32.19 -20.87 -28.35
N LEU DA 86 -33.13 -21.75 -28.01
CA LEU DA 86 -32.82 -23.16 -27.83
C LEU DA 86 -32.41 -23.82 -29.14
N MET DA 87 -32.90 -23.30 -30.27
CA MET DA 87 -32.51 -23.82 -31.57
C MET DA 87 -31.03 -23.58 -31.84
N SER DA 88 -30.51 -22.43 -31.40
CA SER DA 88 -29.08 -22.19 -31.51
C SER DA 88 -28.29 -23.00 -30.50
N MET DA 89 -28.88 -23.33 -29.36
CA MET DA 89 -28.19 -24.11 -28.35
C MET DA 89 -28.03 -25.56 -28.79
N VAL DA 90 -29.08 -26.14 -29.36
CA VAL DA 90 -29.01 -27.53 -29.80
C VAL DA 90 -28.10 -27.68 -31.00
N ALA DA 91 -28.12 -26.69 -31.90
CA ALA DA 91 -27.25 -26.72 -33.07
C ALA DA 91 -25.79 -26.58 -32.69
N ASN DA 92 -25.49 -25.91 -31.59
CA ASN DA 92 -24.12 -25.85 -31.12
C ASN DA 92 -23.68 -27.19 -30.57
N LEU DA 93 -24.58 -27.89 -29.88
CA LEU DA 93 -24.24 -29.16 -29.26
C LEU DA 93 -23.94 -30.25 -30.28
N LEU DA 94 -24.64 -30.25 -31.41
CA LEU DA 94 -24.44 -31.28 -32.41
C LEU DA 94 -23.24 -31.00 -33.29
N TYR DA 95 -22.88 -29.73 -33.46
CA TYR DA 95 -21.77 -29.42 -34.37
C TYR DA 95 -20.43 -29.64 -33.69
N GLU DA 96 -20.40 -29.72 -32.37
CA GLU DA 96 -19.17 -30.08 -31.67
C GLU DA 96 -18.72 -31.48 -32.03
N LYS DA 97 -19.67 -32.38 -32.25
CA LYS DA 97 -19.38 -33.69 -32.82
C LYS DA 97 -19.56 -33.62 -34.34
N ARG DA 98 -18.69 -32.83 -34.97
CA ARG DA 98 -18.72 -32.73 -36.41
C ARG DA 98 -18.21 -34.02 -37.06
N PHE DA 99 -17.25 -34.67 -36.40
CA PHE DA 99 -16.68 -35.90 -36.92
C PHE DA 99 -16.98 -37.10 -36.04
N GLY DA 100 -17.64 -36.90 -34.91
CA GLY DA 100 -18.09 -37.98 -34.06
C GLY DA 100 -19.59 -37.98 -33.85
N PRO DA 101 -20.39 -37.83 -34.91
CA PRO DA 101 -21.71 -37.22 -34.78
C PRO DA 101 -22.73 -38.10 -34.05
N TYR DA 102 -23.66 -37.43 -33.37
CA TYR DA 102 -24.80 -38.10 -32.79
C TYR DA 102 -25.80 -38.43 -33.89
N TYR DA 103 -26.38 -39.62 -33.81
CA TYR DA 103 -27.32 -40.09 -34.83
C TYR DA 103 -28.74 -39.82 -34.36
N THR DA 104 -29.13 -38.55 -34.41
CA THR DA 104 -30.49 -38.15 -34.07
C THR DA 104 -30.83 -36.89 -34.84
N GLU DA 105 -32.13 -36.63 -34.95
CA GLU DA 105 -32.64 -35.45 -35.66
C GLU DA 105 -33.70 -34.80 -34.79
N PRO DA 106 -33.38 -33.70 -34.11
CA PRO DA 106 -34.32 -33.13 -33.16
C PRO DA 106 -35.40 -32.31 -33.84
N VAL DA 107 -36.54 -32.19 -33.15
CA VAL DA 107 -37.67 -31.38 -33.56
C VAL DA 107 -38.11 -30.56 -32.36
N ILE DA 108 -38.17 -29.24 -32.53
CA ILE DA 108 -38.47 -28.32 -31.45
C ILE DA 108 -39.78 -27.61 -31.77
N ALA DA 109 -40.72 -27.64 -30.82
CA ALA DA 109 -42.00 -26.98 -30.99
C ALA DA 109 -42.42 -26.36 -29.67
N GLY DA 110 -42.85 -25.11 -29.70
CA GLY DA 110 -43.31 -24.45 -28.50
C GLY DA 110 -43.80 -23.06 -28.80
N LEU DA 111 -44.35 -22.43 -27.77
CA LEU DA 111 -44.85 -21.07 -27.84
C LEU DA 111 -43.82 -20.11 -27.28
N ASP DA 112 -43.71 -18.95 -27.91
CA ASP DA 112 -42.90 -17.87 -27.36
C ASP DA 112 -43.54 -17.36 -26.08
N PRO DA 113 -42.78 -17.19 -24.99
CA PRO DA 113 -43.41 -17.01 -23.67
C PRO DA 113 -44.09 -15.68 -23.47
N LYS DA 114 -43.53 -14.58 -23.97
CA LYS DA 114 -44.16 -13.28 -23.74
C LYS DA 114 -45.32 -13.05 -24.71
N THR DA 115 -45.02 -13.02 -26.00
CA THR DA 115 -46.05 -12.98 -27.03
C THR DA 115 -46.31 -14.41 -27.47
N PHE DA 116 -47.50 -14.91 -27.16
CA PHE DA 116 -47.80 -16.33 -27.34
C PHE DA 116 -47.93 -16.64 -28.82
N LYS DA 117 -46.80 -16.92 -29.45
CA LYS DA 117 -46.72 -17.16 -30.88
C LYS DA 117 -46.05 -18.51 -31.08
N PRO DA 118 -46.59 -19.39 -31.91
CA PRO DA 118 -46.00 -20.72 -32.09
C PRO DA 118 -44.70 -20.67 -32.87
N PHE DA 119 -43.88 -21.70 -32.63
CA PHE DA 119 -42.57 -21.81 -33.25
C PHE DA 119 -42.27 -23.28 -33.50
N ILE DA 120 -41.83 -23.60 -34.70
CA ILE DA 120 -41.40 -24.95 -35.06
C ILE DA 120 -40.11 -24.88 -35.85
N CYS DA 121 -39.25 -25.88 -35.66
CA CYS DA 121 -38.03 -26.02 -36.43
C CYS DA 121 -37.58 -27.46 -36.36
N SER DA 122 -36.63 -27.81 -37.23
CA SER DA 122 -36.04 -29.13 -37.21
C SER DA 122 -34.58 -29.00 -37.60
N LEU DA 123 -33.79 -30.00 -37.22
CA LEU DA 123 -32.36 -29.97 -37.43
C LEU DA 123 -31.91 -31.31 -37.99
N ASP DA 124 -30.85 -31.27 -38.78
CA ASP DA 124 -30.23 -32.50 -39.25
C ASP DA 124 -29.28 -33.03 -38.19
N LEU DA 125 -28.53 -34.08 -38.51
CA LEU DA 125 -27.70 -34.70 -37.50
C LEU DA 125 -26.40 -33.95 -37.24
N ILE DA 126 -26.14 -32.85 -37.93
CA ILE DA 126 -24.96 -32.05 -37.64
C ILE DA 126 -25.33 -30.59 -37.47
N GLY DA 127 -26.62 -30.30 -37.32
CA GLY DA 127 -27.05 -29.00 -36.86
C GLY DA 127 -27.26 -27.93 -37.91
N CYS DA 128 -28.14 -28.18 -38.88
CA CYS DA 128 -28.60 -27.15 -39.80
C CYS DA 128 -30.05 -26.82 -39.47
N PRO DA 129 -30.32 -25.69 -38.83
CA PRO DA 129 -31.69 -25.37 -38.44
C PRO DA 129 -32.52 -24.94 -39.64
N MET DA 130 -33.78 -25.38 -39.65
CA MET DA 130 -34.72 -25.05 -40.70
C MET DA 130 -36.07 -24.73 -40.08
N VAL DA 131 -36.41 -23.45 -40.01
CA VAL DA 131 -37.70 -23.02 -39.49
C VAL DA 131 -38.71 -23.00 -40.63
N THR DA 132 -39.92 -23.45 -40.35
CA THR DA 132 -41.02 -23.44 -41.31
C THR DA 132 -42.23 -22.77 -40.68
N ASP DA 133 -43.35 -22.79 -41.40
CA ASP DA 133 -44.58 -22.20 -40.93
C ASP DA 133 -45.74 -23.17 -40.88
N ASP DA 134 -45.59 -24.37 -41.42
CA ASP DA 134 -46.68 -25.34 -41.48
C ASP DA 134 -46.40 -26.58 -40.66
N PHE DA 135 -45.28 -27.28 -40.90
CA PHE DA 135 -45.00 -28.54 -40.25
C PHE DA 135 -43.53 -28.88 -40.43
N VAL DA 136 -43.01 -29.67 -39.51
CA VAL DA 136 -41.71 -30.33 -39.65
C VAL DA 136 -41.89 -31.79 -39.28
N VAL DA 137 -41.11 -32.66 -39.92
CA VAL DA 137 -41.16 -34.09 -39.68
C VAL DA 137 -39.74 -34.63 -39.60
N SER DA 138 -39.57 -35.71 -38.84
CA SER DA 138 -38.28 -36.36 -38.72
C SER DA 138 -38.49 -37.82 -38.34
N GLY DA 139 -37.58 -38.66 -38.79
CA GLY DA 139 -37.62 -40.06 -38.48
C GLY DA 139 -37.40 -40.89 -39.71
N THR DA 140 -37.71 -42.18 -39.60
CA THR DA 140 -37.52 -43.10 -40.72
C THR DA 140 -38.59 -42.91 -41.78
N CYS DA 141 -39.86 -42.86 -41.37
CA CYS DA 141 -40.97 -42.76 -42.32
C CYS DA 141 -41.27 -41.30 -42.67
N ALA DA 142 -40.26 -40.62 -43.21
CA ALA DA 142 -40.38 -39.20 -43.50
C ALA DA 142 -41.30 -38.95 -44.69
N GLU DA 143 -41.15 -39.73 -45.77
CA GLU DA 143 -41.84 -39.44 -47.01
C GLU DA 143 -43.34 -39.70 -46.90
N GLN DA 144 -43.73 -40.67 -46.07
CA GLN DA 144 -45.14 -40.90 -45.83
C GLN DA 144 -45.77 -39.74 -45.07
N MET DA 145 -44.98 -39.06 -44.24
CA MET DA 145 -45.52 -37.94 -43.50
C MET DA 145 -45.62 -36.66 -44.32
N TYR DA 146 -44.83 -36.53 -45.39
CA TYR DA 146 -45.03 -35.38 -46.27
C TYR DA 146 -46.31 -35.49 -47.07
N GLY DA 147 -46.69 -36.70 -47.48
CA GLY DA 147 -47.93 -36.85 -48.23
C GLY DA 147 -49.15 -36.60 -47.39
N MET DA 148 -49.07 -36.87 -46.09
CA MET DA 148 -50.13 -36.50 -45.16
C MET DA 148 -50.23 -34.99 -45.01
N CYS DA 149 -49.12 -34.35 -44.66
CA CYS DA 149 -49.17 -32.96 -44.23
C CYS DA 149 -49.39 -32.00 -45.39
N GLU DA 150 -48.84 -32.29 -46.56
CA GLU DA 150 -49.11 -31.45 -47.72
C GLU DA 150 -50.54 -31.56 -48.20
N SER DA 151 -51.25 -32.63 -47.84
CA SER DA 151 -52.60 -32.84 -48.30
C SER DA 151 -53.65 -32.43 -47.26
N LEU DA 152 -53.26 -32.20 -46.01
CA LEU DA 152 -54.23 -31.98 -44.95
C LEU DA 152 -54.10 -30.67 -44.22
N TRP DA 153 -52.97 -29.96 -44.34
CA TRP DA 153 -52.74 -28.79 -43.53
C TRP DA 153 -53.54 -27.60 -44.02
N GLU DA 154 -54.12 -26.86 -43.08
CA GLU DA 154 -54.81 -25.61 -43.31
C GLU DA 154 -54.11 -24.52 -42.52
N PRO DA 155 -54.17 -23.26 -42.98
CA PRO DA 155 -53.35 -22.21 -42.33
C PRO DA 155 -53.77 -21.85 -40.92
N ASN DA 156 -55.03 -21.52 -40.67
CA ASN DA 156 -55.46 -20.99 -39.38
C ASN DA 156 -56.44 -21.97 -38.75
N MET DA 157 -55.97 -22.77 -37.81
CA MET DA 157 -56.73 -23.90 -37.29
C MET DA 157 -56.87 -23.82 -35.79
N ASP DA 158 -58.10 -23.93 -35.31
CA ASP DA 158 -58.39 -24.03 -33.89
C ASP DA 158 -57.80 -25.34 -33.31
N PRO DA 159 -57.60 -25.41 -31.99
CA PRO DA 159 -57.00 -26.64 -31.41
C PRO DA 159 -57.82 -27.91 -31.58
N ASP DA 160 -59.09 -27.82 -31.95
CA ASP DA 160 -59.85 -29.04 -32.19
C ASP DA 160 -59.49 -29.64 -33.54
N HIS DA 161 -59.50 -28.82 -34.60
CA HIS DA 161 -59.13 -29.34 -35.91
C HIS DA 161 -57.63 -29.51 -36.05
N LEU DA 162 -56.83 -28.84 -35.23
CA LEU DA 162 -55.41 -29.10 -35.23
C LEU DA 162 -55.11 -30.48 -34.69
N PHE DA 163 -55.85 -30.91 -33.67
CA PHE DA 163 -55.66 -32.25 -33.13
C PHE DA 163 -56.07 -33.33 -34.11
N GLU DA 164 -57.17 -33.11 -34.83
CA GLU DA 164 -57.67 -34.14 -35.72
C GLU DA 164 -56.82 -34.27 -36.96
N THR DA 165 -56.14 -33.21 -37.35
CA THR DA 165 -55.29 -33.25 -38.53
C THR DA 165 -53.99 -33.99 -38.26
N ILE DA 166 -53.34 -33.66 -37.13
CA ILE DA 166 -52.08 -34.31 -36.79
C ILE DA 166 -52.31 -35.76 -36.36
N SER DA 167 -53.52 -36.11 -35.92
CA SER DA 167 -53.80 -37.50 -35.59
C SER DA 167 -53.91 -38.35 -36.83
N GLN DA 168 -54.67 -37.88 -37.83
CA GLN DA 168 -54.78 -38.61 -39.08
C GLN DA 168 -53.48 -38.59 -39.87
N ALA DA 169 -52.64 -37.59 -39.65
CA ALA DA 169 -51.34 -37.57 -40.31
C ALA DA 169 -50.41 -38.64 -39.74
N MET DA 170 -50.47 -38.87 -38.43
CA MET DA 170 -49.61 -39.87 -37.82
C MET DA 170 -50.12 -41.29 -38.02
N LEU DA 171 -51.42 -41.52 -37.85
CA LEU DA 171 -51.94 -42.89 -37.88
C LEU DA 171 -51.83 -43.51 -39.25
N ASN DA 172 -51.98 -42.72 -40.31
CA ASN DA 172 -51.95 -43.29 -41.65
C ASN DA 172 -50.54 -43.47 -42.16
N ALA DA 173 -49.60 -42.62 -41.75
CA ALA DA 173 -48.24 -42.75 -42.22
C ALA DA 173 -47.47 -43.84 -41.49
N VAL DA 174 -47.63 -43.92 -40.17
CA VAL DA 174 -46.87 -44.87 -39.37
C VAL DA 174 -47.36 -46.30 -39.62
N ASP DA 175 -48.64 -46.44 -39.95
CA ASP DA 175 -49.17 -47.74 -40.35
C ASP DA 175 -48.54 -48.24 -41.64
N ARG DA 176 -48.15 -47.33 -42.53
CA ARG DA 176 -47.47 -47.70 -43.75
C ARG DA 176 -45.99 -48.00 -43.51
N ASP DA 177 -45.44 -47.62 -42.35
CA ASP DA 177 -44.07 -47.97 -42.01
C ASP DA 177 -44.04 -49.26 -41.21
N ALA DA 178 -42.94 -50.01 -41.36
CA ALA DA 178 -42.77 -51.28 -40.69
C ALA DA 178 -42.10 -51.18 -39.33
N VAL DA 179 -41.07 -50.35 -39.19
CA VAL DA 179 -40.29 -50.30 -37.96
C VAL DA 179 -40.78 -49.20 -37.03
N SER DA 180 -41.99 -48.70 -37.24
CA SER DA 180 -42.55 -47.66 -36.41
C SER DA 180 -44.00 -47.99 -36.13
N GLY DA 181 -44.44 -47.80 -34.89
CA GLY DA 181 -45.83 -48.06 -34.57
C GLY DA 181 -46.08 -48.21 -33.08
N MET DA 182 -46.98 -49.15 -32.78
CA MET DA 182 -47.28 -49.61 -31.42
C MET DA 182 -47.83 -48.49 -30.53
N GLY DA 183 -48.53 -47.54 -31.13
CA GLY DA 183 -49.13 -46.45 -30.37
C GLY DA 183 -48.56 -45.09 -30.71
N VAL DA 184 -49.38 -44.05 -30.60
CA VAL DA 184 -48.98 -42.68 -30.89
C VAL DA 184 -49.42 -41.80 -29.74
N ILE DA 185 -48.49 -41.03 -29.20
CA ILE DA 185 -48.81 -40.03 -28.17
C ILE DA 185 -48.79 -38.65 -28.81
N VAL DA 186 -49.71 -37.80 -28.41
CA VAL DA 186 -49.87 -36.47 -28.98
C VAL DA 186 -49.89 -35.44 -27.86
N HIS DA 187 -48.95 -34.51 -27.91
CA HIS DA 187 -48.98 -33.34 -27.05
C HIS DA 187 -49.43 -32.15 -27.87
N ILE DA 188 -50.48 -31.48 -27.42
CA ILE DA 188 -50.93 -30.24 -28.03
C ILE DA 188 -50.94 -29.16 -26.96
N ILE DA 189 -50.14 -28.12 -27.17
CA ILE DA 189 -49.98 -27.08 -26.17
C ILE DA 189 -50.73 -25.83 -26.64
N GLU DA 190 -51.03 -24.97 -25.69
CA GLU DA 190 -51.60 -23.66 -25.94
C GLU DA 190 -51.33 -22.78 -24.73
N LYS DA 191 -51.73 -21.52 -24.81
CA LYS DA 191 -51.28 -20.52 -23.86
C LYS DA 191 -51.89 -20.69 -22.47
N ASP DA 192 -53.01 -21.38 -22.35
CA ASP DA 192 -53.68 -21.51 -21.07
C ASP DA 192 -53.50 -22.88 -20.44
N LYS DA 193 -53.48 -23.94 -21.23
CA LYS DA 193 -53.37 -25.28 -20.69
C LYS DA 193 -52.58 -26.13 -21.67
N ILE DA 194 -52.36 -27.38 -21.29
CA ILE DA 194 -51.61 -28.32 -22.11
C ILE DA 194 -52.36 -29.64 -22.07
N THR DA 195 -52.18 -30.45 -23.09
CA THR DA 195 -52.99 -31.65 -23.26
C THR DA 195 -52.13 -32.78 -23.79
N THR DA 196 -52.15 -33.91 -23.09
CA THR DA 196 -51.50 -35.12 -23.53
C THR DA 196 -52.56 -36.16 -23.85
N ARG DA 197 -52.56 -36.65 -25.07
CA ARG DA 197 -53.47 -37.71 -25.46
C ARG DA 197 -52.71 -38.85 -26.11
N THR DA 198 -53.22 -40.06 -25.92
CA THR DA 198 -52.73 -41.25 -26.60
C THR DA 198 -53.82 -41.78 -27.50
N LEU DA 199 -53.43 -42.23 -28.69
CA LEU DA 199 -54.39 -42.63 -29.70
C LEU DA 199 -54.55 -44.14 -29.74
N LYS DA 200 -55.66 -44.57 -30.34
CA LYS DA 200 -55.96 -45.99 -30.50
C LYS DA 200 -55.42 -46.41 -31.86
N ALA DA 201 -54.20 -46.92 -31.86
CA ALA DA 201 -53.52 -47.27 -33.09
C ALA DA 201 -53.43 -48.79 -33.20
N ARG DA 202 -52.88 -49.25 -34.32
CA ARG DA 202 -52.66 -50.67 -34.51
C ARG DA 202 -51.48 -51.12 -33.68
N MET DA 203 -51.70 -52.12 -32.83
CA MET DA 203 -50.62 -52.82 -32.15
C MET DA 203 -50.00 -53.89 -33.02
N ASP DA 204 -50.43 -53.99 -34.28
CA ASP DA 204 -49.90 -54.89 -35.28
C ASP DA 204 -48.41 -54.67 -35.55
N MET EA 1 -26.28 -65.89 -27.41
CA MET EA 1 -25.45 -67.09 -27.30
C MET EA 1 -25.78 -67.84 -26.02
N GLU EA 2 -26.15 -67.11 -24.98
CA GLU EA 2 -26.56 -67.70 -23.73
C GLU EA 2 -27.58 -66.81 -23.04
N TYR EA 3 -28.36 -67.40 -22.14
CA TYR EA 3 -29.73 -66.98 -21.90
C TYR EA 3 -29.95 -66.50 -20.47
N LEU EA 4 -30.81 -65.50 -20.32
CA LEU EA 4 -31.33 -65.08 -19.03
C LEU EA 4 -32.65 -64.33 -19.23
N ILE EA 5 -33.41 -64.24 -18.13
CA ILE EA 5 -34.85 -63.96 -18.19
C ILE EA 5 -35.25 -63.10 -17.00
N GLY EA 6 -36.29 -62.29 -17.19
CA GLY EA 6 -36.63 -61.18 -16.30
C GLY EA 6 -38.06 -61.00 -15.82
N ILE EA 7 -38.78 -62.03 -15.38
CA ILE EA 7 -40.18 -61.87 -15.01
C ILE EA 7 -40.30 -60.99 -13.76
N GLN EA 8 -41.14 -59.97 -13.83
CA GLN EA 8 -41.31 -59.00 -12.75
C GLN EA 8 -42.77 -58.97 -12.31
N GLY EA 9 -42.98 -59.10 -11.00
CA GLY EA 9 -44.32 -59.19 -10.45
C GLY EA 9 -44.74 -57.94 -9.71
N PRO EA 10 -45.80 -58.05 -8.90
CA PRO EA 10 -46.28 -56.86 -8.17
C PRO EA 10 -45.34 -56.42 -7.07
N ASP EA 11 -44.77 -57.35 -6.31
CA ASP EA 11 -43.88 -57.00 -5.22
C ASP EA 11 -42.63 -57.86 -5.23
N TYR EA 12 -42.23 -58.34 -6.39
CA TYR EA 12 -41.06 -59.19 -6.52
C TYR EA 12 -40.53 -59.07 -7.93
N VAL EA 13 -39.28 -59.48 -8.11
CA VAL EA 13 -38.66 -59.63 -9.41
C VAL EA 13 -38.04 -61.01 -9.47
N LEU EA 14 -38.48 -61.82 -10.43
CA LEU EA 14 -37.99 -63.18 -10.59
C LEU EA 14 -37.00 -63.19 -11.74
N VAL EA 15 -35.74 -63.49 -11.44
CA VAL EA 15 -34.72 -63.55 -12.49
C VAL EA 15 -34.11 -64.94 -12.50
N ALA EA 16 -33.59 -65.33 -13.66
CA ALA EA 16 -32.91 -66.60 -13.81
C ALA EA 16 -31.97 -66.52 -14.98
N SER EA 17 -30.93 -67.35 -14.95
CA SER EA 17 -29.96 -67.43 -16.02
C SER EA 17 -29.50 -68.87 -16.13
N ASP EA 18 -28.64 -69.14 -17.10
CA ASP EA 18 -28.07 -70.46 -17.26
C ASP EA 18 -26.80 -70.58 -16.44
N ARG EA 19 -26.11 -71.71 -16.56
CA ARG EA 19 -24.91 -71.94 -15.76
C ARG EA 19 -23.73 -72.39 -16.61
N VAL EA 20 -23.81 -72.27 -17.93
CA VAL EA 20 -22.84 -72.87 -18.83
C VAL EA 20 -21.83 -71.82 -19.25
N ALA EA 21 -20.55 -72.11 -19.03
CA ALA EA 21 -19.45 -71.31 -19.53
C ALA EA 21 -18.87 -72.04 -20.74
N ALA EA 22 -19.00 -71.44 -21.91
CA ALA EA 22 -18.74 -72.14 -23.15
C ALA EA 22 -17.29 -71.96 -23.61
N SER EA 23 -16.98 -72.59 -24.73
CA SER EA 23 -15.67 -72.59 -25.36
C SER EA 23 -15.88 -72.71 -26.86
N ASN EA 24 -14.87 -73.21 -27.56
CA ASN EA 24 -14.94 -73.45 -29.00
C ASN EA 24 -16.10 -74.36 -29.36
N ILE EA 25 -16.06 -75.63 -28.93
CA ILE EA 25 -17.17 -76.55 -29.16
C ILE EA 25 -17.53 -77.26 -27.86
N VAL EA 26 -16.63 -77.19 -26.89
CA VAL EA 26 -16.83 -77.86 -25.61
C VAL EA 26 -17.36 -76.84 -24.62
N GLN EA 27 -17.82 -77.34 -23.47
CA GLN EA 27 -18.20 -76.49 -22.37
C GLN EA 27 -17.21 -76.68 -21.22
N MET EA 28 -16.50 -75.61 -20.89
CA MET EA 28 -15.43 -75.69 -19.90
C MET EA 28 -15.99 -75.91 -18.51
N LYS EA 29 -17.06 -75.19 -18.17
CA LYS EA 29 -17.61 -75.19 -16.82
C LYS EA 29 -19.11 -75.23 -16.91
N ASP EA 30 -19.73 -76.10 -16.12
CA ASP EA 30 -21.15 -76.37 -16.19
C ASP EA 30 -21.94 -75.68 -15.10
N ASP EA 31 -21.28 -75.02 -14.17
CA ASP EA 31 -21.92 -74.35 -13.05
C ASP EA 31 -21.38 -72.95 -12.87
N HIS EA 32 -21.30 -72.23 -13.99
CA HIS EA 32 -20.90 -70.84 -13.96
C HIS EA 32 -22.04 -70.00 -13.38
N ASP EA 33 -21.70 -68.78 -12.96
CA ASP EA 33 -22.68 -67.91 -12.32
C ASP EA 33 -22.62 -66.54 -12.98
N LYS EA 34 -23.71 -66.13 -13.60
CA LYS EA 34 -23.82 -64.84 -14.27
C LYS EA 34 -24.36 -63.75 -13.37
N MET EA 35 -24.39 -63.98 -12.06
CA MET EA 35 -25.16 -63.15 -11.14
C MET EA 35 -24.22 -62.39 -10.22
N PHE EA 36 -24.38 -61.07 -10.19
CA PHE EA 36 -23.50 -60.16 -9.48
C PHE EA 36 -24.31 -59.27 -8.56
N LYS EA 37 -24.04 -59.35 -7.26
CA LYS EA 37 -24.69 -58.46 -6.31
C LYS EA 37 -23.99 -57.11 -6.29
N MET EA 38 -24.76 -56.06 -6.04
CA MET EA 38 -24.19 -54.78 -5.63
C MET EA 38 -24.72 -54.32 -4.29
N SER EA 39 -26.02 -54.50 -4.04
CA SER EA 39 -26.60 -54.12 -2.76
C SER EA 39 -27.41 -55.26 -2.19
N GLU EA 40 -28.16 -54.98 -1.13
CA GLU EA 40 -29.06 -55.97 -0.58
C GLU EA 40 -30.32 -56.14 -1.39
N LYS EA 41 -30.57 -55.27 -2.36
CA LYS EA 41 -31.79 -55.38 -3.16
C LYS EA 41 -31.57 -55.06 -4.63
N ILE EA 42 -30.33 -55.16 -5.13
CA ILE EA 42 -30.02 -54.86 -6.52
C ILE EA 42 -29.10 -55.93 -7.06
N LEU EA 43 -29.50 -56.57 -8.16
CA LEU EA 43 -28.68 -57.56 -8.86
C LEU EA 43 -28.22 -57.01 -10.21
N LEU EA 44 -27.43 -57.83 -10.90
CA LEU EA 44 -26.91 -57.48 -12.21
C LEU EA 44 -26.64 -58.75 -12.98
N LEU EA 45 -27.05 -58.78 -14.24
CA LEU EA 45 -27.04 -59.98 -15.07
C LEU EA 45 -26.39 -59.63 -16.40
N CYS EA 46 -25.16 -60.05 -16.61
CA CYS EA 46 -24.37 -59.57 -17.75
C CYS EA 46 -24.08 -60.67 -18.75
N VAL EA 47 -24.25 -60.35 -20.03
CA VAL EA 47 -24.06 -61.28 -21.16
C VAL EA 47 -23.19 -60.57 -22.19
N GLY EA 48 -22.20 -61.29 -22.72
CA GLY EA 48 -21.45 -60.73 -23.83
C GLY EA 48 -20.22 -61.53 -24.16
N GLU EA 49 -19.15 -60.84 -24.56
CA GLU EA 49 -17.92 -61.51 -24.92
C GLU EA 49 -17.09 -61.80 -23.66
N ALA EA 50 -15.83 -62.19 -23.84
CA ALA EA 50 -15.11 -62.86 -22.78
C ALA EA 50 -14.67 -61.90 -21.67
N GLY EA 51 -13.86 -60.91 -22.01
CA GLY EA 51 -13.25 -60.10 -20.97
C GLY EA 51 -14.15 -59.04 -20.40
N ASP EA 52 -15.08 -58.53 -21.19
CA ASP EA 52 -15.82 -57.34 -20.79
C ASP EA 52 -16.93 -57.62 -19.78
N THR EA 53 -17.51 -58.83 -19.79
CA THR EA 53 -18.56 -59.13 -18.83
C THR EA 53 -18.02 -59.22 -17.41
N VAL EA 54 -16.79 -59.69 -17.27
CA VAL EA 54 -16.23 -59.82 -15.92
C VAL EA 54 -15.81 -58.47 -15.38
N GLN EA 55 -15.08 -57.70 -16.18
CA GLN EA 55 -14.41 -56.53 -15.63
C GLN EA 55 -15.27 -55.28 -15.60
N PHE EA 56 -16.19 -55.13 -16.55
CA PHE EA 56 -17.11 -54.00 -16.45
C PHE EA 56 -18.07 -54.17 -15.28
N ALA EA 57 -18.59 -55.38 -15.09
CA ALA EA 57 -19.63 -55.58 -14.10
C ALA EA 57 -19.09 -55.51 -12.68
N GLU EA 58 -17.80 -55.78 -12.49
CA GLU EA 58 -17.21 -55.56 -11.18
C GLU EA 58 -16.64 -54.16 -11.03
N TYR EA 59 -16.44 -53.44 -12.14
CA TYR EA 59 -16.17 -52.01 -12.03
C TYR EA 59 -17.37 -51.25 -11.50
N ILE EA 60 -18.57 -51.65 -11.90
CA ILE EA 60 -19.78 -51.03 -11.39
C ILE EA 60 -19.99 -51.42 -9.93
N GLN EA 61 -19.60 -52.65 -9.57
CA GLN EA 61 -19.81 -53.15 -8.22
C GLN EA 61 -18.98 -52.39 -7.20
N LYS EA 62 -17.79 -51.95 -7.57
CA LYS EA 62 -16.99 -51.17 -6.64
C LYS EA 62 -17.43 -49.72 -6.54
N ASN EA 63 -18.20 -49.24 -7.50
CA ASN EA 63 -18.72 -47.89 -7.39
C ASN EA 63 -20.01 -47.83 -6.61
N VAL EA 64 -20.75 -48.93 -6.55
CA VAL EA 64 -21.98 -48.96 -5.78
C VAL EA 64 -21.68 -49.20 -4.31
N GLN EA 65 -20.71 -50.08 -4.03
CA GLN EA 65 -20.27 -50.27 -2.65
C GLN EA 65 -19.61 -49.02 -2.10
N LEU EA 66 -18.98 -48.23 -2.95
CA LEU EA 66 -18.37 -46.99 -2.48
C LEU EA 66 -19.43 -45.95 -2.15
N TYR EA 67 -20.53 -45.92 -2.89
CA TYR EA 67 -21.60 -44.96 -2.63
C TYR EA 67 -22.27 -45.21 -1.30
N LYS EA 68 -22.34 -46.47 -0.89
CA LYS EA 68 -22.96 -46.80 0.39
C LYS EA 68 -22.07 -46.40 1.56
N MET EA 69 -20.75 -46.50 1.39
CA MET EA 69 -19.86 -46.16 2.49
C MET EA 69 -19.70 -44.65 2.65
N ARG EA 70 -19.79 -43.90 1.55
CA ARG EA 70 -19.62 -42.47 1.63
C ARG EA 70 -20.84 -41.77 2.19
N ASN EA 71 -21.99 -42.43 2.18
CA ASN EA 71 -23.24 -41.77 2.51
C ASN EA 71 -24.07 -42.46 3.57
N GLY EA 72 -23.96 -43.78 3.69
CA GLY EA 72 -24.68 -44.51 4.71
C GLY EA 72 -25.94 -45.18 4.21
N TYR EA 73 -26.36 -44.87 3.00
CA TYR EA 73 -27.53 -45.48 2.38
C TYR EA 73 -27.18 -45.94 0.98
N GLU EA 74 -28.08 -46.69 0.37
CA GLU EA 74 -27.83 -47.32 -0.91
C GLU EA 74 -28.44 -46.51 -2.05
N LEU EA 75 -28.05 -46.87 -3.27
CA LEU EA 75 -28.69 -46.32 -4.45
C LEU EA 75 -30.07 -46.93 -4.66
N SER EA 76 -30.93 -46.17 -5.30
CA SER EA 76 -32.17 -46.74 -5.80
C SER EA 76 -31.85 -47.63 -7.00
N PRO EA 77 -32.72 -48.59 -7.31
CA PRO EA 77 -32.55 -49.34 -8.55
C PRO EA 77 -32.67 -48.49 -9.80
N THR EA 78 -33.41 -47.39 -9.74
CA THR EA 78 -33.46 -46.47 -10.87
C THR EA 78 -32.12 -45.78 -11.08
N ALA EA 79 -31.54 -45.25 -10.02
CA ALA EA 79 -30.27 -44.54 -10.13
C ALA EA 79 -29.10 -45.47 -10.40
N ALA EA 80 -29.12 -46.67 -9.85
CA ALA EA 80 -28.03 -47.62 -10.06
C ALA EA 80 -27.99 -48.08 -11.51
N ALA EA 81 -29.16 -48.30 -12.10
CA ALA EA 81 -29.22 -48.69 -13.50
C ALA EA 81 -28.85 -47.53 -14.41
N ASN EA 82 -29.17 -46.31 -14.00
CA ASN EA 82 -28.93 -45.17 -14.85
C ASN EA 82 -27.49 -44.66 -14.74
N PHE EA 83 -26.78 -45.06 -13.68
CA PHE EA 83 -25.34 -44.85 -13.60
C PHE EA 83 -24.59 -45.76 -14.55
N THR EA 84 -25.11 -46.96 -14.79
CA THR EA 84 -24.46 -47.88 -15.72
C THR EA 84 -24.57 -47.39 -17.15
N ARG EA 85 -25.70 -46.79 -17.51
CA ARG EA 85 -25.92 -46.34 -18.88
C ARG EA 85 -24.96 -45.22 -19.26
N ARG EA 86 -24.57 -44.40 -18.29
CA ARG EA 86 -23.61 -43.35 -18.58
C ARG EA 86 -22.22 -43.93 -18.84
N ASN EA 87 -21.92 -45.08 -18.24
CA ASN EA 87 -20.57 -45.61 -18.35
C ASN EA 87 -20.33 -46.35 -19.66
N LEU EA 88 -21.35 -47.00 -20.22
CA LEU EA 88 -21.20 -47.56 -21.55
C LEU EA 88 -21.17 -46.47 -22.61
N ALA EA 89 -22.04 -45.46 -22.47
CA ALA EA 89 -22.19 -44.45 -23.49
C ALA EA 89 -20.96 -43.55 -23.59
N ASP EA 90 -20.29 -43.31 -22.46
CA ASP EA 90 -19.06 -42.55 -22.51
C ASP EA 90 -17.91 -43.37 -23.07
N CYS EA 91 -17.90 -44.67 -22.80
CA CYS EA 91 -16.83 -45.53 -23.28
C CYS EA 91 -17.17 -46.14 -24.63
N LEU EA 92 -18.28 -45.72 -25.25
CA LEU EA 92 -18.69 -46.26 -26.54
C LEU EA 92 -17.83 -45.72 -27.66
N ARG EA 93 -17.68 -44.40 -27.74
CA ARG EA 93 -16.89 -43.75 -28.78
C ARG EA 93 -15.42 -43.67 -28.38
N SER EA 94 -14.83 -44.80 -28.00
CA SER EA 94 -13.48 -44.81 -27.46
C SER EA 94 -12.64 -45.79 -28.26
N ARG EA 95 -11.39 -45.95 -27.82
CA ARG EA 95 -10.52 -46.94 -28.41
C ARG EA 95 -10.89 -48.35 -27.98
N THR EA 96 -11.61 -48.50 -26.87
CA THR EA 96 -12.01 -49.81 -26.38
C THR EA 96 -13.44 -49.73 -25.87
N PRO EA 97 -14.41 -49.97 -26.73
CA PRO EA 97 -15.80 -50.05 -26.26
C PRO EA 97 -16.09 -51.44 -25.70
N TYR EA 98 -16.83 -51.47 -24.60
CA TYR EA 98 -17.27 -52.72 -24.01
C TYR EA 98 -18.44 -53.27 -24.80
N HIS EA 99 -18.45 -54.58 -25.02
CA HIS EA 99 -19.52 -55.23 -25.76
C HIS EA 99 -20.22 -56.21 -24.82
N VAL EA 100 -21.17 -55.69 -24.05
CA VAL EA 100 -21.92 -56.48 -23.08
C VAL EA 100 -23.40 -56.19 -23.25
N ASN EA 101 -24.22 -57.18 -22.94
CA ASN EA 101 -25.67 -57.04 -22.94
C ASN EA 101 -26.16 -57.40 -21.55
N LEU EA 102 -27.01 -56.56 -20.98
CA LEU EA 102 -27.34 -56.77 -19.58
C LEU EA 102 -28.74 -56.29 -19.28
N LEU EA 103 -29.26 -56.77 -18.16
CA LEU EA 103 -30.53 -56.30 -17.61
C LEU EA 103 -30.41 -56.30 -16.10
N LEU EA 104 -30.89 -55.24 -15.48
CA LEU EA 104 -30.70 -55.02 -14.06
C LEU EA 104 -32.03 -55.16 -13.34
N ALA EA 105 -31.98 -55.77 -12.15
CA ALA EA 105 -33.16 -56.05 -11.37
C ALA EA 105 -32.99 -55.48 -9.97
N GLY EA 106 -34.01 -54.79 -9.48
CA GLY EA 106 -33.92 -54.16 -8.19
C GLY EA 106 -35.24 -53.92 -7.49
N TYR EA 107 -35.22 -53.89 -6.17
CA TYR EA 107 -36.38 -53.54 -5.37
C TYR EA 107 -36.08 -52.29 -4.57
N ASP EA 108 -37.09 -51.43 -4.41
CA ASP EA 108 -36.96 -50.24 -3.60
C ASP EA 108 -38.16 -50.15 -2.66
N GLU EA 109 -37.97 -49.44 -1.56
CA GLU EA 109 -39.03 -49.24 -0.58
C GLU EA 109 -39.97 -48.10 -0.95
N HIS EA 110 -39.71 -47.38 -2.04
CA HIS EA 110 -40.55 -46.26 -2.44
C HIS EA 110 -41.37 -46.59 -3.68
N GLU EA 111 -40.75 -47.08 -4.74
CA GLU EA 111 -41.45 -47.41 -5.97
C GLU EA 111 -41.59 -48.90 -6.19
N GLY EA 112 -41.23 -49.72 -5.21
CA GLY EA 112 -41.41 -51.15 -5.32
C GLY EA 112 -40.40 -51.80 -6.24
N PRO EA 113 -40.80 -52.90 -6.87
CA PRO EA 113 -39.86 -53.63 -7.74
C PRO EA 113 -39.66 -52.90 -9.06
N ALA EA 114 -38.52 -53.20 -9.68
CA ALA EA 114 -38.17 -52.54 -10.93
C ALA EA 114 -37.28 -53.47 -11.75
N LEU EA 115 -37.43 -53.39 -13.06
CA LEU EA 115 -36.62 -54.14 -14.01
C LEU EA 115 -36.20 -53.23 -15.15
N TYR EA 116 -34.91 -53.21 -15.47
CA TYR EA 116 -34.41 -52.40 -16.57
C TYR EA 116 -33.70 -53.29 -17.59
N TYR EA 117 -33.61 -52.77 -18.81
CA TYR EA 117 -33.11 -53.51 -19.95
C TYR EA 117 -32.06 -52.67 -20.66
N MET EA 118 -30.93 -53.29 -21.00
CA MET EA 118 -29.90 -52.61 -21.77
C MET EA 118 -29.33 -53.54 -22.82
N ASP EA 119 -28.47 -52.98 -23.66
CA ASP EA 119 -27.81 -53.72 -24.73
C ASP EA 119 -26.37 -53.22 -24.81
N TYR EA 120 -25.68 -53.52 -25.90
CA TYR EA 120 -24.33 -53.05 -26.09
C TYR EA 120 -24.27 -51.67 -26.73
N LEU EA 121 -25.42 -51.01 -26.86
CA LEU EA 121 -25.46 -49.63 -27.28
C LEU EA 121 -26.01 -48.71 -26.20
N ALA EA 122 -26.26 -49.21 -24.99
CA ALA EA 122 -26.68 -48.43 -23.82
C ALA EA 122 -27.99 -47.69 -24.06
N ALA EA 123 -29.05 -48.47 -24.23
CA ALA EA 123 -30.41 -47.95 -24.30
C ALA EA 123 -31.21 -48.55 -23.16
N LEU EA 124 -31.75 -47.70 -22.29
CA LEU EA 124 -32.54 -48.18 -21.17
C LEU EA 124 -33.96 -48.51 -21.59
N ALA EA 125 -34.60 -49.39 -20.83
CA ALA EA 125 -35.99 -49.74 -21.05
C ALA EA 125 -36.55 -50.29 -19.74
N LYS EA 126 -37.54 -49.61 -19.20
CA LYS EA 126 -38.27 -50.11 -18.03
C LYS EA 126 -39.28 -51.13 -18.53
N ALA EA 127 -39.02 -52.40 -18.24
CA ALA EA 127 -39.86 -53.42 -18.85
C ALA EA 127 -40.49 -54.33 -17.80
N PRO EA 128 -41.66 -54.90 -18.06
CA PRO EA 128 -42.22 -55.89 -17.14
C PRO EA 128 -41.59 -57.26 -17.27
N PHE EA 129 -41.00 -57.59 -18.42
CA PHE EA 129 -40.27 -58.83 -18.61
C PHE EA 129 -39.36 -58.66 -19.82
N ALA EA 130 -38.20 -59.30 -19.77
CA ALA EA 130 -37.23 -59.19 -20.86
C ALA EA 130 -36.33 -60.40 -20.85
N ALA EA 131 -35.52 -60.52 -21.90
CA ALA EA 131 -34.62 -61.65 -22.06
C ALA EA 131 -33.53 -61.28 -23.06
N HIS EA 132 -32.37 -61.91 -22.89
CA HIS EA 132 -31.26 -61.79 -23.83
C HIS EA 132 -30.91 -63.15 -24.39
N GLY EA 133 -29.97 -63.15 -25.33
CA GLY EA 133 -29.51 -64.36 -25.97
C GLY EA 133 -30.42 -64.78 -27.11
N TYR EA 134 -30.01 -65.86 -27.78
CA TYR EA 134 -30.85 -66.40 -28.84
C TYR EA 134 -32.09 -67.10 -28.32
N GLY EA 135 -32.11 -67.49 -27.04
CA GLY EA 135 -33.31 -68.05 -26.47
C GLY EA 135 -34.44 -67.06 -26.30
N ALA EA 136 -34.14 -65.76 -26.36
CA ALA EA 136 -35.16 -64.74 -26.26
C ALA EA 136 -36.12 -64.79 -27.44
N PHE EA 137 -35.65 -65.21 -28.61
CA PHE EA 137 -36.52 -65.37 -29.75
C PHE EA 137 -37.52 -66.51 -29.55
N LEU EA 138 -37.13 -67.55 -28.83
CA LEU EA 138 -38.03 -68.67 -28.59
C LEU EA 138 -39.02 -68.38 -27.47
N THR EA 139 -38.59 -67.65 -26.45
CA THR EA 139 -39.26 -67.67 -25.16
C THR EA 139 -40.06 -66.41 -24.83
N LEU EA 140 -39.93 -65.33 -25.61
CA LEU EA 140 -40.77 -64.17 -25.36
C LEU EA 140 -42.22 -64.40 -25.72
N SER EA 141 -42.48 -65.29 -26.68
CA SER EA 141 -43.85 -65.50 -27.10
C SER EA 141 -44.65 -66.34 -26.11
N ILE EA 142 -44.02 -67.25 -25.37
CA ILE EA 142 -44.73 -67.91 -24.28
C ILE EA 142 -45.00 -66.90 -23.19
N LEU EA 143 -44.10 -65.94 -23.01
CA LEU EA 143 -44.14 -65.15 -21.79
C LEU EA 143 -45.21 -64.07 -21.86
N ASP EA 144 -45.40 -63.43 -23.01
CA ASP EA 144 -46.51 -62.50 -23.15
C ASP EA 144 -47.84 -63.20 -23.43
N ARG EA 145 -47.79 -64.49 -23.76
CA ARG EA 145 -49.00 -65.29 -23.85
C ARG EA 145 -49.68 -65.42 -22.49
N TYR EA 146 -48.90 -65.54 -21.42
CA TYR EA 146 -49.39 -65.93 -20.11
C TYR EA 146 -49.13 -64.90 -19.02
N TYR EA 147 -48.73 -63.69 -19.37
CA TYR EA 147 -48.37 -62.72 -18.35
C TYR EA 147 -49.61 -61.95 -17.89
N THR EA 148 -49.79 -61.88 -16.59
CA THR EA 148 -50.71 -61.02 -15.92
C THR EA 148 -49.91 -60.06 -15.04
N PRO EA 149 -50.25 -58.78 -15.02
CA PRO EA 149 -49.58 -57.85 -14.10
C PRO EA 149 -49.77 -58.21 -12.64
N THR EA 150 -50.90 -58.82 -12.29
CA THR EA 150 -51.11 -59.35 -10.95
C THR EA 150 -50.91 -60.86 -11.00
N ILE EA 151 -49.66 -61.28 -10.93
CA ILE EA 151 -49.29 -62.69 -10.92
C ILE EA 151 -48.61 -63.02 -9.61
N SER EA 152 -49.00 -64.13 -8.99
CA SER EA 152 -48.39 -64.50 -7.73
C SER EA 152 -47.07 -65.20 -7.99
N ARG EA 153 -46.18 -65.16 -6.99
CA ARG EA 153 -44.83 -65.66 -7.19
C ARG EA 153 -44.76 -67.18 -7.24
N GLU EA 154 -45.80 -67.89 -6.80
CA GLU EA 154 -45.79 -69.33 -6.89
C GLU EA 154 -46.03 -69.78 -8.32
N ARG EA 155 -47.02 -69.18 -8.98
CA ARG EA 155 -47.28 -69.48 -10.37
C ARG EA 155 -46.33 -68.77 -11.33
N ALA EA 156 -45.60 -67.77 -10.85
CA ALA EA 156 -44.57 -67.17 -11.68
C ALA EA 156 -43.37 -68.09 -11.83
N VAL EA 157 -43.12 -68.96 -10.85
CA VAL EA 157 -42.05 -69.93 -10.97
C VAL EA 157 -42.41 -70.99 -11.98
N GLU EA 158 -43.65 -71.50 -11.93
CA GLU EA 158 -44.05 -72.52 -12.89
C GLU EA 158 -44.27 -71.95 -14.28
N LEU EA 159 -44.48 -70.64 -14.39
CA LEU EA 159 -44.40 -69.99 -15.71
C LEU EA 159 -42.99 -70.03 -16.24
N LEU EA 160 -42.01 -69.80 -15.36
CA LEU EA 160 -40.62 -69.93 -15.74
C LEU EA 160 -40.25 -71.37 -16.02
N ARG EA 161 -40.88 -72.32 -15.32
CA ARG EA 161 -40.69 -73.74 -15.63
C ARG EA 161 -41.20 -74.06 -17.03
N LYS EA 162 -42.35 -73.51 -17.40
CA LYS EA 162 -42.88 -73.70 -18.75
C LYS EA 162 -42.05 -72.97 -19.79
N CYS EA 163 -41.45 -71.86 -19.42
CA CYS EA 163 -40.69 -71.05 -20.37
C CYS EA 163 -39.33 -71.66 -20.68
N LEU EA 164 -38.85 -72.58 -19.85
CA LEU EA 164 -37.57 -73.22 -20.07
C LEU EA 164 -37.68 -74.62 -20.67
N GLU EA 165 -38.82 -75.30 -20.48
CA GLU EA 165 -38.98 -76.61 -21.08
C GLU EA 165 -39.10 -76.53 -22.59
N GLU EA 166 -39.67 -75.44 -23.10
CA GLU EA 166 -39.71 -75.23 -24.54
C GLU EA 166 -38.33 -74.92 -25.08
N LEU EA 167 -37.46 -74.35 -24.24
CA LEU EA 167 -36.11 -74.04 -24.67
C LEU EA 167 -35.25 -75.29 -24.81
N GLN EA 168 -35.64 -76.38 -24.15
CA GLN EA 168 -34.96 -77.66 -24.35
C GLN EA 168 -35.71 -78.56 -25.31
N LYS EA 169 -36.56 -78.00 -26.15
CA LYS EA 169 -37.23 -78.77 -27.19
C LYS EA 169 -36.85 -78.30 -28.58
N ARG EA 170 -36.82 -77.00 -28.82
CA ARG EA 170 -36.54 -76.48 -30.16
C ARG EA 170 -35.43 -75.44 -30.11
N PHE EA 171 -34.33 -75.77 -29.44
CA PHE EA 171 -33.17 -74.89 -29.45
C PHE EA 171 -31.95 -75.77 -29.46
N ILE EA 172 -31.03 -75.50 -30.39
CA ILE EA 172 -29.98 -76.46 -30.69
C ILE EA 172 -28.87 -76.49 -29.67
N LEU EA 173 -28.80 -75.52 -28.76
CA LEU EA 173 -27.74 -75.59 -27.77
C LEU EA 173 -28.17 -76.51 -26.62
N ASN EA 174 -27.22 -76.76 -25.72
CA ASN EA 174 -27.42 -77.80 -24.72
C ASN EA 174 -28.24 -77.28 -23.54
N LEU EA 175 -27.67 -76.35 -22.77
CA LEU EA 175 -28.24 -75.61 -21.64
C LEU EA 175 -29.04 -76.45 -20.65
N PRO EA 176 -28.42 -77.30 -19.83
CA PRO EA 176 -29.20 -78.18 -18.96
C PRO EA 176 -29.73 -77.54 -17.69
N THR EA 177 -28.98 -76.63 -17.07
CA THR EA 177 -29.25 -76.17 -15.72
C THR EA 177 -29.53 -74.67 -15.71
N PHE EA 178 -30.29 -74.23 -14.71
CA PHE EA 178 -30.66 -72.82 -14.60
C PHE EA 178 -30.74 -72.41 -13.14
N SER EA 179 -30.03 -71.35 -12.78
CA SER EA 179 -30.01 -70.80 -11.43
C SER EA 179 -31.02 -69.67 -11.31
N VAL EA 180 -31.77 -69.66 -10.21
CA VAL EA 180 -32.93 -68.78 -10.04
C VAL EA 180 -32.77 -67.96 -8.78
N ARG EA 181 -33.02 -66.65 -8.87
CA ARG EA 181 -33.11 -65.77 -7.72
C ARG EA 181 -34.53 -65.24 -7.59
N ILE EA 182 -34.76 -64.52 -6.48
CA ILE EA 182 -35.98 -63.76 -6.26
C ILE EA 182 -35.65 -62.60 -5.34
N ILE EA 183 -36.21 -61.42 -5.63
CA ILE EA 183 -35.93 -60.19 -4.89
C ILE EA 183 -37.23 -59.67 -4.33
N ASP EA 184 -37.23 -59.29 -3.05
CA ASP EA 184 -38.44 -58.78 -2.43
C ASP EA 184 -38.04 -57.75 -1.38
N LYS EA 185 -38.95 -57.44 -0.47
CA LYS EA 185 -38.67 -56.51 0.62
C LYS EA 185 -37.62 -57.06 1.59
N ASN EA 186 -37.47 -58.36 1.67
CA ASN EA 186 -36.49 -58.98 2.54
C ASN EA 186 -35.15 -59.18 1.86
N GLY EA 187 -35.00 -58.77 0.61
CA GLY EA 187 -33.72 -58.83 -0.04
C GLY EA 187 -33.58 -59.95 -1.04
N ILE EA 188 -32.36 -60.39 -1.28
CA ILE EA 188 -32.09 -61.46 -2.24
C ILE EA 188 -32.42 -62.79 -1.59
N HIS EA 189 -33.07 -63.68 -2.32
CA HIS EA 189 -33.28 -65.04 -1.85
C HIS EA 189 -32.94 -66.01 -2.98
N ASP EA 190 -32.21 -67.06 -2.63
CA ASP EA 190 -31.87 -68.10 -3.59
C ASP EA 190 -33.01 -69.08 -3.67
N LEU EA 191 -33.43 -69.38 -4.88
CA LEU EA 191 -34.43 -70.41 -5.10
C LEU EA 191 -33.73 -71.69 -5.57
N ASP EA 192 -34.52 -72.67 -5.98
CA ASP EA 192 -33.96 -73.95 -6.37
C ASP EA 192 -33.29 -73.86 -7.73
N ASN EA 193 -32.09 -74.43 -7.81
CA ASN EA 193 -31.33 -74.47 -9.04
C ASN EA 193 -31.98 -75.47 -9.98
N ILE EA 194 -33.01 -75.03 -10.71
CA ILE EA 194 -33.82 -75.96 -11.49
C ILE EA 194 -33.03 -76.42 -12.72
N SER EA 195 -33.24 -77.68 -13.09
CA SER EA 195 -32.43 -78.33 -14.11
C SER EA 195 -33.20 -79.52 -14.65
N PHE EA 196 -32.60 -80.18 -15.63
CA PHE EA 196 -33.23 -81.30 -16.31
C PHE EA 196 -32.21 -82.43 -16.39
N PRO EA 197 -32.49 -83.59 -15.82
CA PRO EA 197 -31.48 -84.65 -15.72
C PRO EA 197 -31.19 -85.27 -17.08
N LYS EA 198 -29.95 -85.16 -17.52
CA LYS EA 198 -29.52 -85.71 -18.79
C LYS EA 198 -29.07 -87.17 -18.69
N GLN EA 199 -29.31 -87.84 -17.57
CA GLN EA 199 -28.93 -89.23 -17.41
C GLN EA 199 -29.87 -90.16 -18.18
N THR FA 59 -0.04 -79.38 -29.24
CA THR FA 59 0.02 -78.86 -27.88
C THR FA 59 -1.17 -79.35 -27.09
N THR FA 60 -0.91 -79.98 -25.94
CA THR FA 60 -2.00 -80.50 -25.10
C THR FA 60 -1.57 -80.45 -23.65
N THR FA 61 -2.30 -79.68 -22.86
CA THR FA 61 -2.11 -79.62 -21.42
C THR FA 61 -3.42 -79.99 -20.75
N LEU FA 62 -3.33 -80.50 -19.52
CA LEU FA 62 -4.53 -80.76 -18.74
C LEU FA 62 -4.21 -80.59 -17.28
N ALA FA 63 -5.26 -80.41 -16.49
CA ALA FA 63 -5.14 -80.27 -15.05
C ALA FA 63 -6.45 -80.64 -14.41
N PHE FA 64 -6.38 -81.37 -13.30
CA PHE FA 64 -7.58 -81.71 -12.55
C PHE FA 64 -7.21 -81.79 -11.08
N LYS FA 65 -8.15 -81.38 -10.23
CA LYS FA 65 -7.96 -81.46 -8.79
C LYS FA 65 -8.83 -82.56 -8.21
N PHE FA 66 -8.35 -83.14 -7.12
CA PHE FA 66 -9.03 -84.25 -6.47
C PHE FA 66 -8.70 -84.17 -4.99
N ARG FA 67 -8.88 -85.28 -4.28
CA ARG FA 67 -8.67 -85.28 -2.83
C ARG FA 67 -7.22 -85.00 -2.46
N HIS FA 68 -6.27 -85.62 -3.15
CA HIS FA 68 -4.86 -85.42 -2.86
C HIS FA 68 -4.22 -84.45 -3.84
N GLY FA 69 -4.70 -83.20 -3.83
CA GLY FA 69 -4.04 -82.16 -4.58
C GLY FA 69 -4.44 -82.11 -6.05
N VAL FA 70 -3.53 -81.55 -6.85
CA VAL FA 70 -3.77 -81.23 -8.26
C VAL FA 70 -2.70 -81.91 -9.09
N ILE FA 71 -3.11 -82.50 -10.22
CA ILE FA 71 -2.21 -83.16 -11.16
C ILE FA 71 -2.14 -82.34 -12.44
N VAL FA 72 -0.93 -82.02 -12.88
CA VAL FA 72 -0.70 -81.25 -14.11
C VAL FA 72 0.15 -82.09 -15.04
N ALA FA 73 -0.25 -82.16 -16.31
CA ALA FA 73 0.50 -82.90 -17.31
C ALA FA 73 0.47 -82.15 -18.63
N ALA FA 74 1.49 -82.38 -19.46
CA ALA FA 74 1.61 -81.74 -20.76
C ALA FA 74 2.54 -82.53 -21.65
N ASP FA 75 2.50 -82.21 -22.94
CA ASP FA 75 3.42 -82.77 -23.91
C ASP FA 75 4.68 -81.90 -23.98
N SER FA 76 5.48 -82.08 -25.03
CA SER FA 76 6.68 -81.27 -25.16
C SER FA 76 7.02 -80.90 -26.59
N ARG FA 77 6.09 -81.03 -27.53
CA ARG FA 77 6.37 -80.73 -28.93
C ARG FA 77 5.99 -79.30 -29.25
N ALA FA 78 6.92 -78.55 -29.84
CA ALA FA 78 6.65 -77.21 -30.34
C ALA FA 78 7.00 -77.16 -31.81
N THR FA 79 6.01 -76.86 -32.64
CA THR FA 79 6.15 -76.88 -34.09
C THR FA 79 6.26 -75.46 -34.63
N ALA FA 80 6.61 -75.37 -35.91
CA ALA FA 80 6.70 -74.11 -36.64
C ALA FA 80 6.18 -74.39 -38.04
N GLY FA 81 4.90 -74.10 -38.27
CA GLY FA 81 4.24 -74.53 -39.49
C GLY FA 81 4.08 -76.03 -39.48
N ALA FA 82 4.57 -76.70 -40.51
CA ALA FA 82 4.64 -78.15 -40.51
C ALA FA 82 5.98 -78.66 -40.01
N TYR FA 83 6.97 -77.78 -39.90
CA TYR FA 83 8.28 -78.16 -39.38
C TYR FA 83 8.25 -78.19 -37.86
N ILE FA 84 8.73 -79.29 -37.29
CA ILE FA 84 8.85 -79.40 -35.83
C ILE FA 84 10.13 -78.71 -35.42
N ALA FA 85 10.01 -77.69 -34.58
CA ALA FA 85 11.19 -77.01 -34.07
C ALA FA 85 11.90 -77.86 -33.02
N SER FA 86 11.21 -78.21 -31.95
CA SER FA 86 11.84 -78.93 -30.86
C SER FA 86 10.89 -79.97 -30.30
N GLN FA 87 11.47 -80.95 -29.61
CA GLN FA 87 10.74 -82.01 -28.95
C GLN FA 87 10.83 -81.96 -27.43
N THR FA 88 11.62 -81.05 -26.87
CA THR FA 88 11.92 -81.00 -25.45
C THR FA 88 11.56 -79.64 -24.87
N VAL FA 89 10.38 -79.14 -25.19
CA VAL FA 89 9.93 -77.84 -24.70
C VAL FA 89 9.12 -78.07 -23.43
N LYS FA 90 9.56 -77.46 -22.34
CA LYS FA 90 8.89 -77.59 -21.05
C LYS FA 90 7.71 -76.63 -21.02
N LYS FA 91 6.50 -77.16 -21.15
CA LYS FA 91 5.30 -76.35 -21.23
C LYS FA 91 4.65 -76.10 -19.88
N VAL FA 92 5.22 -76.62 -18.80
CA VAL FA 92 4.70 -76.38 -17.46
C VAL FA 92 5.79 -75.65 -16.71
N ILE FA 93 5.71 -74.32 -16.68
CA ILE FA 93 6.78 -73.55 -16.10
C ILE FA 93 6.47 -73.30 -14.63
N GLU FA 94 7.51 -73.06 -13.87
CA GLU FA 94 7.47 -73.11 -12.41
C GLU FA 94 7.53 -71.67 -11.90
N ILE FA 95 6.37 -71.15 -11.53
CA ILE FA 95 6.28 -69.77 -11.07
C ILE FA 95 6.93 -69.62 -9.71
N ASN FA 96 6.61 -70.51 -8.80
CA ASN FA 96 7.05 -70.48 -7.41
C ASN FA 96 7.32 -71.89 -6.96
N PRO FA 97 7.81 -72.07 -5.72
CA PRO FA 97 7.69 -73.39 -5.09
C PRO FA 97 6.28 -73.77 -4.69
N TYR FA 98 5.28 -72.91 -4.92
CA TYR FA 98 3.92 -73.18 -4.51
C TYR FA 98 2.89 -72.85 -5.59
N LEU FA 99 3.33 -72.47 -6.79
CA LEU FA 99 2.43 -72.21 -7.90
C LEU FA 99 3.01 -72.81 -9.17
N LEU FA 100 2.12 -73.19 -10.08
CA LEU FA 100 2.53 -73.68 -11.39
C LEU FA 100 1.67 -73.01 -12.45
N GLY FA 101 2.25 -72.91 -13.65
CA GLY FA 101 1.54 -72.34 -14.79
C GLY FA 101 1.85 -73.09 -16.05
N THR FA 102 0.86 -73.21 -16.93
CA THR FA 102 1.02 -73.93 -18.18
C THR FA 102 1.23 -72.96 -19.33
N MET FA 103 1.53 -73.52 -20.49
CA MET FA 103 1.91 -72.78 -21.68
C MET FA 103 1.09 -73.30 -22.85
N ALA FA 104 0.28 -72.42 -23.45
CA ALA FA 104 -0.57 -72.79 -24.57
C ALA FA 104 -0.84 -71.57 -25.42
N GLY FA 105 -0.67 -71.70 -26.72
CA GLY FA 105 -0.82 -70.58 -27.62
C GLY FA 105 0.52 -69.94 -27.92
N GLY FA 106 0.72 -68.71 -27.45
CA GLY FA 106 1.98 -68.02 -27.66
C GLY FA 106 3.05 -68.59 -26.75
N ALA FA 107 4.14 -69.10 -27.34
CA ALA FA 107 5.21 -69.67 -26.53
C ALA FA 107 5.96 -68.61 -25.76
N ALA FA 108 6.22 -67.46 -26.39
CA ALA FA 108 6.87 -66.36 -25.70
C ALA FA 108 5.89 -65.48 -24.95
N ASP FA 109 4.62 -65.47 -25.37
CA ASP FA 109 3.61 -64.72 -24.63
C ASP FA 109 3.29 -65.35 -23.29
N CYS FA 110 3.29 -66.67 -23.21
CA CYS FA 110 3.10 -67.31 -21.92
C CYS FA 110 4.37 -67.34 -21.09
N SER FA 111 5.54 -67.26 -21.73
CA SER FA 111 6.79 -67.28 -20.98
C SER FA 111 7.06 -65.93 -20.34
N PHE FA 112 6.67 -64.84 -21.00
CA PHE FA 112 6.93 -63.51 -20.47
C PHE FA 112 6.01 -63.19 -19.31
N TRP FA 113 4.69 -63.22 -19.57
CA TRP FA 113 3.72 -62.69 -18.62
C TRP FA 113 3.58 -63.54 -17.37
N GLU FA 114 4.06 -64.79 -17.39
CA GLU FA 114 4.11 -65.55 -16.16
C GLU FA 114 5.42 -65.39 -15.41
N ARG FA 115 6.51 -65.07 -16.12
CA ARG FA 115 7.70 -64.65 -15.40
C ARG FA 115 7.49 -63.28 -14.79
N LEU FA 116 6.69 -62.43 -15.44
CA LEU FA 116 6.33 -61.15 -14.86
C LEU FA 116 5.38 -61.33 -13.67
N LEU FA 117 4.59 -62.40 -13.68
CA LEU FA 117 3.73 -62.69 -12.54
C LEU FA 117 4.54 -63.15 -11.34
N ALA FA 118 5.61 -63.92 -11.58
CA ALA FA 118 6.45 -64.40 -10.49
C ALA FA 118 7.19 -63.26 -9.82
N ARG FA 119 7.52 -62.22 -10.58
CA ARG FA 119 8.04 -60.99 -9.99
C ARG FA 119 7.02 -60.36 -9.07
N GLN FA 120 5.76 -60.34 -9.49
CA GLN FA 120 4.73 -59.61 -8.75
C GLN FA 120 4.33 -60.34 -7.48
N CYS FA 121 4.34 -61.68 -7.52
CA CYS FA 121 4.00 -62.45 -6.33
C CYS FA 121 5.09 -62.39 -5.27
N ARG FA 122 6.33 -62.15 -5.67
CA ARG FA 122 7.41 -62.06 -4.69
C ARG FA 122 7.34 -60.76 -3.91
N ILE FA 123 6.94 -59.67 -4.57
CA ILE FA 123 6.81 -58.38 -3.90
C ILE FA 123 5.64 -58.41 -2.93
N TYR FA 124 4.61 -59.19 -3.24
CA TYR FA 124 3.48 -59.35 -2.33
C TYR FA 124 3.88 -60.05 -1.05
N GLU FA 125 4.81 -61.01 -1.15
CA GLU FA 125 5.22 -61.75 0.03
C GLU FA 125 6.13 -60.92 0.93
N LEU FA 126 6.96 -60.07 0.33
CA LEU FA 126 7.87 -59.26 1.13
C LEU FA 126 7.15 -58.13 1.85
N ARG FA 127 5.99 -57.71 1.36
CA ARG FA 127 5.26 -56.63 2.02
C ARG FA 127 4.32 -57.18 3.08
N ASN FA 128 3.56 -58.21 2.74
CA ASN FA 128 2.50 -58.70 3.59
C ASN FA 128 2.92 -59.80 4.53
N LYS FA 129 4.09 -60.41 4.28
CA LYS FA 129 4.69 -61.49 5.09
C LYS FA 129 3.83 -62.76 5.11
N GLU FA 130 3.00 -62.95 4.08
CA GLU FA 130 2.46 -64.26 3.76
C GLU FA 130 2.32 -64.37 2.26
N ARG FA 131 2.11 -65.59 1.80
CA ARG FA 131 2.08 -65.86 0.37
C ARG FA 131 0.71 -65.53 -0.21
N ILE FA 132 0.68 -65.26 -1.50
CA ILE FA 132 -0.54 -64.86 -2.18
C ILE FA 132 -1.43 -66.09 -2.38
N SER FA 133 -2.74 -65.86 -2.41
CA SER FA 133 -3.66 -66.95 -2.69
C SER FA 133 -3.68 -67.23 -4.19
N VAL FA 134 -4.28 -68.36 -4.55
CA VAL FA 134 -4.35 -68.76 -5.95
C VAL FA 134 -5.35 -67.88 -6.70
N ALA FA 135 -6.46 -67.54 -6.07
CA ALA FA 135 -7.47 -66.71 -6.73
C ALA FA 135 -6.97 -65.29 -6.94
N ALA FA 136 -6.16 -64.78 -6.02
CA ALA FA 136 -5.59 -63.46 -6.19
C ALA FA 136 -4.50 -63.45 -7.25
N ALA FA 137 -3.78 -64.56 -7.39
CA ALA FA 137 -2.71 -64.60 -8.37
C ALA FA 137 -3.26 -64.68 -9.78
N SER FA 138 -4.36 -65.39 -9.97
CA SER FA 138 -4.99 -65.45 -11.29
C SER FA 138 -5.59 -64.11 -11.67
N LYS FA 139 -6.07 -63.35 -10.69
CA LYS FA 139 -6.72 -62.08 -10.96
C LYS FA 139 -5.70 -61.04 -11.41
N LEU FA 140 -4.48 -61.10 -10.88
CA LEU FA 140 -3.43 -60.19 -11.32
C LEU FA 140 -3.02 -60.48 -12.75
N LEU FA 141 -2.99 -61.76 -13.13
CA LEU FA 141 -2.61 -62.12 -14.48
C LEU FA 141 -3.68 -61.72 -15.48
N ALA FA 142 -4.95 -61.85 -15.11
CA ALA FA 142 -6.04 -61.52 -16.02
C ALA FA 142 -6.12 -60.02 -16.27
N ASN FA 143 -5.67 -59.20 -15.32
CA ASN FA 143 -5.74 -57.76 -15.52
C ASN FA 143 -4.60 -57.25 -16.36
N MET FA 144 -3.42 -57.86 -16.27
CA MET FA 144 -2.28 -57.41 -17.06
C MET FA 144 -2.46 -57.73 -18.53
N VAL FA 145 -3.13 -58.84 -18.83
CA VAL FA 145 -3.31 -59.24 -20.22
C VAL FA 145 -4.41 -58.40 -20.87
N TYR FA 146 -5.40 -57.97 -20.08
CA TYR FA 146 -6.56 -57.27 -20.63
C TYR FA 146 -6.20 -55.91 -21.23
N GLN FA 147 -5.13 -55.28 -20.77
CA GLN FA 147 -4.78 -53.97 -21.28
C GLN FA 147 -4.20 -54.01 -22.68
N TYR FA 148 -3.94 -55.20 -23.22
CA TYR FA 148 -3.48 -55.39 -24.58
C TYR FA 148 -4.52 -56.19 -25.36
N LYS FA 149 -5.80 -55.98 -25.04
CA LYS FA 149 -6.86 -56.70 -25.72
C LYS FA 149 -7.04 -56.16 -27.13
N GLY FA 150 -7.13 -57.07 -28.10
CA GLY FA 150 -7.27 -56.70 -29.48
C GLY FA 150 -5.95 -56.52 -30.21
N MET FA 151 -4.86 -56.36 -29.48
CA MET FA 151 -3.56 -56.22 -30.12
C MET FA 151 -2.95 -57.56 -30.52
N GLY FA 152 -3.57 -58.67 -30.18
CA GLY FA 152 -3.16 -59.95 -30.71
C GLY FA 152 -2.22 -60.75 -29.84
N LEU FA 153 -2.57 -60.93 -28.57
CA LEU FA 153 -1.81 -61.82 -27.71
C LEU FA 153 -2.48 -63.19 -27.70
N SER FA 154 -1.66 -64.24 -27.77
CA SER FA 154 -2.14 -65.60 -27.71
C SER FA 154 -1.74 -66.23 -26.38
N MET FA 155 -2.72 -66.51 -25.52
CA MET FA 155 -2.42 -66.99 -24.18
C MET FA 155 -3.64 -67.70 -23.63
N GLY FA 156 -3.46 -68.95 -23.22
CA GLY FA 156 -4.57 -69.76 -22.74
C GLY FA 156 -4.23 -70.55 -21.49
N THR FA 157 -3.43 -69.97 -20.61
CA THR FA 157 -2.77 -70.74 -19.56
C THR FA 157 -3.73 -71.14 -18.44
N MET FA 158 -3.20 -71.93 -17.52
CA MET FA 158 -3.88 -72.35 -16.31
C MET FA 158 -3.00 -72.05 -15.11
N ILE FA 159 -3.62 -71.83 -13.96
CA ILE FA 159 -2.91 -71.52 -12.73
C ILE FA 159 -3.28 -72.56 -11.69
N CYS FA 160 -2.27 -73.19 -11.10
CA CYS FA 160 -2.47 -74.25 -10.13
C CYS FA 160 -1.74 -73.90 -8.85
N GLY FA 161 -2.17 -74.49 -7.76
CA GLY FA 161 -1.49 -74.28 -6.49
C GLY FA 161 -2.37 -74.54 -5.30
N TRP FA 162 -1.74 -74.91 -4.20
CA TRP FA 162 -2.44 -75.07 -2.94
C TRP FA 162 -2.72 -73.72 -2.33
N ASP FA 163 -3.84 -73.62 -1.61
CA ASP FA 163 -4.29 -72.37 -1.05
C ASP FA 163 -4.77 -72.62 0.37
N LYS FA 164 -5.08 -71.55 1.10
CA LYS FA 164 -5.67 -71.67 2.42
C LYS FA 164 -7.07 -72.27 2.37
N ARG FA 165 -7.75 -72.18 1.24
CA ARG FA 165 -9.02 -72.85 1.02
C ARG FA 165 -8.87 -74.24 0.44
N GLY FA 166 -7.65 -74.76 0.36
CA GLY FA 166 -7.39 -76.07 -0.18
C GLY FA 166 -6.73 -76.01 -1.54
N PRO FA 167 -7.10 -76.92 -2.43
CA PRO FA 167 -6.57 -76.87 -3.79
C PRO FA 167 -7.13 -75.69 -4.56
N GLY FA 168 -6.42 -75.30 -5.60
CA GLY FA 168 -6.87 -74.21 -6.46
C GLY FA 168 -6.53 -74.47 -7.90
N LEU FA 169 -7.49 -74.22 -8.78
CA LEU FA 169 -7.32 -74.46 -10.20
C LEU FA 169 -8.12 -73.40 -10.97
N TYR FA 170 -7.43 -72.59 -11.75
CA TYR FA 170 -8.05 -71.51 -12.51
C TYR FA 170 -7.58 -71.55 -13.95
N TYR FA 171 -8.32 -70.85 -14.80
CA TYR FA 171 -8.08 -70.85 -16.23
C TYR FA 171 -8.13 -69.42 -16.74
N VAL FA 172 -7.04 -68.97 -17.36
CA VAL FA 172 -6.91 -67.61 -17.83
C VAL FA 172 -6.66 -67.62 -19.33
N ASP FA 173 -7.53 -66.93 -20.07
CA ASP FA 173 -7.36 -66.70 -21.49
C ASP FA 173 -6.72 -65.35 -21.76
N SER FA 174 -6.30 -65.16 -23.01
CA SER FA 174 -5.83 -63.85 -23.43
C SER FA 174 -6.98 -62.91 -23.74
N GLU FA 175 -8.20 -63.43 -23.91
CA GLU FA 175 -9.35 -62.59 -24.17
C GLU FA 175 -9.92 -62.01 -22.88
N GLY FA 176 -9.70 -62.67 -21.75
CA GLY FA 176 -10.17 -62.13 -20.49
C GLY FA 176 -11.04 -63.08 -19.71
N ASN FA 177 -11.03 -64.35 -20.10
CA ASN FA 177 -11.76 -65.36 -19.35
C ASN FA 177 -10.99 -65.70 -18.08
N ARG FA 178 -11.71 -65.77 -16.96
CA ARG FA 178 -11.14 -66.20 -15.68
C ARG FA 178 -12.20 -67.06 -15.01
N ILE FA 179 -12.01 -68.37 -15.05
CA ILE FA 179 -12.96 -69.30 -14.45
C ILE FA 179 -12.21 -70.29 -13.58
N SER FA 180 -12.88 -70.72 -12.52
CA SER FA 180 -12.43 -71.84 -11.72
C SER FA 180 -13.05 -73.12 -12.26
N GLY FA 181 -12.77 -74.23 -11.60
CA GLY FA 181 -13.35 -75.48 -12.00
C GLY FA 181 -12.60 -76.65 -11.42
N ALA FA 182 -13.02 -77.85 -11.81
CA ALA FA 182 -12.43 -79.09 -11.33
C ALA FA 182 -11.48 -79.72 -12.33
N THR FA 183 -11.85 -79.78 -13.60
CA THR FA 183 -11.01 -80.36 -14.64
C THR FA 183 -10.87 -79.36 -15.79
N PHE FA 184 -9.69 -79.33 -16.41
CA PHE FA 184 -9.49 -78.48 -17.57
C PHE FA 184 -8.55 -79.19 -18.55
N SER FA 185 -8.61 -78.76 -19.80
CA SER FA 185 -7.74 -79.29 -20.84
C SER FA 185 -7.59 -78.22 -21.91
N VAL FA 186 -6.35 -77.82 -22.18
CA VAL FA 186 -6.08 -76.69 -23.07
C VAL FA 186 -5.14 -77.17 -24.17
N GLY FA 187 -5.42 -76.76 -25.40
CA GLY FA 187 -4.47 -76.99 -26.48
C GLY FA 187 -5.19 -77.32 -27.76
N SER FA 188 -4.39 -77.55 -28.81
CA SER FA 188 -4.92 -78.00 -30.09
C SER FA 188 -5.50 -79.39 -29.99
N GLY FA 189 -4.92 -80.25 -29.17
CA GLY FA 189 -5.43 -81.60 -29.00
C GLY FA 189 -6.15 -81.76 -27.67
N SER FA 190 -6.74 -80.67 -27.19
CA SER FA 190 -7.41 -80.70 -25.90
C SER FA 190 -8.70 -81.50 -25.94
N VAL FA 191 -9.41 -81.47 -27.07
CA VAL FA 191 -10.67 -82.20 -27.19
C VAL FA 191 -10.42 -83.70 -27.22
N TYR FA 192 -9.21 -84.11 -27.60
CA TYR FA 192 -8.83 -85.52 -27.50
C TYR FA 192 -8.53 -85.91 -26.07
N ALA FA 193 -8.26 -84.94 -25.21
CA ALA FA 193 -7.95 -85.24 -23.83
C ALA FA 193 -9.19 -85.30 -22.95
N TYR FA 194 -10.26 -84.59 -23.32
CA TYR FA 194 -11.45 -84.54 -22.47
C TYR FA 194 -12.14 -85.88 -22.39
N GLY FA 195 -12.22 -86.61 -23.50
CA GLY FA 195 -13.02 -87.82 -23.53
C GLY FA 195 -12.44 -88.93 -22.69
N VAL FA 196 -11.12 -89.10 -22.75
CA VAL FA 196 -10.49 -90.13 -21.95
C VAL FA 196 -10.36 -89.68 -20.49
N MET FA 197 -10.38 -88.37 -20.22
CA MET FA 197 -10.28 -87.91 -18.84
C MET FA 197 -11.64 -87.93 -18.16
N ASP FA 198 -12.71 -87.64 -18.90
CA ASP FA 198 -14.05 -87.69 -18.33
C ASP FA 198 -14.48 -89.10 -17.96
N ARG FA 199 -13.85 -90.12 -18.54
CA ARG FA 199 -14.24 -91.48 -18.22
C ARG FA 199 -13.69 -91.92 -16.88
N GLY FA 200 -12.38 -91.81 -16.70
CA GLY FA 200 -11.73 -92.30 -15.50
C GLY FA 200 -11.57 -91.29 -14.39
N TYR FA 201 -12.31 -90.20 -14.39
CA TYR FA 201 -12.17 -89.20 -13.34
C TYR FA 201 -13.08 -89.51 -12.18
N SER FA 202 -12.54 -89.36 -10.98
CA SER FA 202 -13.34 -89.33 -9.77
C SER FA 202 -12.68 -88.35 -8.81
N TYR FA 203 -13.48 -87.84 -7.88
CA TYR FA 203 -12.88 -87.03 -6.83
C TYR FA 203 -12.08 -87.90 -5.86
N ASP FA 204 -12.52 -89.12 -5.64
CA ASP FA 204 -11.87 -90.05 -4.72
C ASP FA 204 -10.94 -91.01 -5.44
N LEU FA 205 -10.02 -90.48 -6.24
CA LEU FA 205 -9.02 -91.32 -6.88
C LEU FA 205 -7.83 -91.50 -5.95
N GLU FA 206 -7.12 -92.61 -6.12
CA GLU FA 206 -5.87 -92.76 -5.42
C GLU FA 206 -4.75 -92.07 -6.20
N VAL FA 207 -3.59 -91.97 -5.56
CA VAL FA 207 -2.50 -91.18 -6.14
C VAL FA 207 -1.88 -91.91 -7.32
N GLU FA 208 -1.64 -93.22 -7.18
CA GLU FA 208 -1.09 -94.01 -8.28
C GLU FA 208 -2.10 -94.16 -9.40
N GLN FA 209 -3.39 -94.10 -9.09
CA GLN FA 209 -4.41 -94.15 -10.12
C GLN FA 209 -4.57 -92.81 -10.83
N ALA FA 210 -4.38 -91.70 -10.11
CA ALA FA 210 -4.46 -90.40 -10.73
C ALA FA 210 -3.24 -90.11 -11.61
N TYR FA 211 -2.10 -90.74 -11.31
CA TYR FA 211 -0.95 -90.62 -12.20
C TYR FA 211 -1.22 -91.31 -13.52
N ASP FA 212 -1.69 -92.56 -13.48
CA ASP FA 212 -1.88 -93.33 -14.68
C ASP FA 212 -3.08 -92.86 -15.49
N LEU FA 213 -4.01 -92.14 -14.86
CA LEU FA 213 -5.07 -91.50 -15.63
C LEU FA 213 -4.52 -90.38 -16.49
N ALA FA 214 -3.83 -89.42 -15.87
CA ALA FA 214 -3.32 -88.27 -16.60
C ALA FA 214 -2.18 -88.62 -17.52
N ARG FA 215 -1.46 -89.72 -17.26
CA ARG FA 215 -0.37 -90.09 -18.14
C ARG FA 215 -0.89 -90.68 -19.44
N ARG FA 216 -1.89 -91.56 -19.36
CA ARG FA 216 -2.44 -92.17 -20.57
C ARG FA 216 -3.28 -91.17 -21.35
N ALA FA 217 -3.84 -90.18 -20.66
CA ALA FA 217 -4.72 -89.21 -21.31
C ALA FA 217 -3.95 -88.30 -22.25
N ILE FA 218 -2.70 -87.98 -21.89
CA ILE FA 218 -1.84 -87.26 -22.83
C ILE FA 218 -1.46 -88.17 -23.98
N TYR FA 219 -1.26 -89.46 -23.72
CA TYR FA 219 -0.87 -90.40 -24.76
C TYR FA 219 -1.97 -90.59 -25.79
N GLN FA 220 -3.23 -90.52 -25.39
CA GLN FA 220 -4.31 -90.62 -26.35
C GLN FA 220 -4.47 -89.35 -27.17
N ALA FA 221 -4.04 -88.21 -26.63
CA ALA FA 221 -4.16 -86.96 -27.37
C ALA FA 221 -3.03 -86.82 -28.39
N THR FA 222 -1.81 -87.21 -28.01
CA THR FA 222 -0.69 -87.16 -28.94
C THR FA 222 -0.82 -88.17 -30.07
N TYR FA 223 -1.61 -89.22 -29.86
CA TYR FA 223 -1.80 -90.22 -30.91
C TYR FA 223 -2.66 -89.68 -32.04
N ARG FA 224 -3.68 -88.88 -31.72
CA ARG FA 224 -4.56 -88.33 -32.74
C ARG FA 224 -4.07 -86.99 -33.27
N ASP FA 225 -3.58 -86.11 -32.41
CA ASP FA 225 -3.16 -84.80 -32.85
C ASP FA 225 -1.80 -84.88 -33.56
N ALA FA 226 -1.66 -84.10 -34.61
CA ALA FA 226 -0.39 -84.00 -35.31
C ALA FA 226 0.55 -82.98 -34.71
N TYR FA 227 0.02 -82.02 -33.95
CA TYR FA 227 0.83 -80.98 -33.35
C TYR FA 227 1.21 -81.27 -31.91
N SER FA 228 0.92 -82.47 -31.42
CA SER FA 228 1.23 -82.85 -30.05
C SER FA 228 2.14 -84.06 -30.06
N GLY FA 229 3.10 -84.06 -29.15
CA GLY FA 229 3.99 -85.21 -29.03
C GLY FA 229 5.16 -84.90 -28.12
N GLY FA 230 6.17 -85.77 -28.18
CA GLY FA 230 7.38 -85.57 -27.41
C GLY FA 230 7.47 -86.47 -26.21
N ALA FA 231 7.43 -85.87 -25.02
CA ALA FA 231 7.44 -86.61 -23.78
C ALA FA 231 6.32 -86.06 -22.89
N VAL FA 232 5.94 -86.86 -21.89
CA VAL FA 232 4.81 -86.53 -21.03
C VAL FA 232 5.38 -86.08 -19.70
N ASN FA 233 5.39 -84.78 -19.46
CA ASN FA 233 5.75 -84.26 -18.15
C ASN FA 233 4.58 -84.42 -17.20
N LEU FA 234 4.89 -84.49 -15.91
CA LEU FA 234 3.87 -84.79 -14.92
C LEU FA 234 4.28 -84.23 -13.58
N TYR FA 235 3.50 -83.29 -13.05
CA TYR FA 235 3.78 -82.69 -11.74
C TYR FA 235 2.63 -83.01 -10.79
N HIS FA 236 2.85 -82.77 -9.51
CA HIS FA 236 1.83 -82.99 -8.49
C HIS FA 236 1.87 -81.84 -7.50
N VAL FA 237 0.83 -81.02 -7.50
CA VAL FA 237 0.70 -79.97 -6.49
C VAL FA 237 0.15 -80.59 -5.22
N ARG FA 238 0.88 -80.42 -4.13
CA ARG FA 238 0.53 -81.03 -2.85
C ARG FA 238 0.26 -79.95 -1.82
N GLU FA 239 0.19 -80.35 -0.56
CA GLU FA 239 0.01 -79.45 0.56
C GLU FA 239 1.10 -78.39 0.61
N ASP FA 240 2.35 -78.84 0.80
CA ASP FA 240 3.47 -77.92 0.98
C ASP FA 240 3.88 -77.26 -0.34
N GLY FA 241 3.84 -77.99 -1.43
CA GLY FA 241 4.24 -77.44 -2.71
C GLY FA 241 4.20 -78.50 -3.79
N TRP FA 242 4.61 -78.08 -4.97
CA TRP FA 242 4.57 -79.01 -6.09
C TRP FA 242 5.77 -79.96 -6.03
N ILE FA 243 5.54 -81.18 -6.50
CA ILE FA 243 6.58 -82.21 -6.57
C ILE FA 243 6.55 -82.80 -7.96
N ARG FA 244 7.70 -82.78 -8.63
CA ARG FA 244 7.81 -83.36 -9.96
C ARG FA 244 7.73 -84.87 -9.88
N VAL FA 245 6.86 -85.46 -10.70
CA VAL FA 245 6.63 -86.90 -10.63
C VAL FA 245 7.54 -87.63 -11.60
N SER FA 246 7.41 -87.35 -12.89
CA SER FA 246 8.12 -88.12 -13.89
C SER FA 246 8.14 -87.33 -15.20
N SER FA 247 8.81 -87.89 -16.20
CA SER FA 247 8.79 -87.36 -17.56
C SER FA 247 9.09 -88.54 -18.49
N ASP FA 248 8.05 -89.10 -19.07
CA ASP FA 248 8.14 -90.33 -19.86
C ASP FA 248 7.99 -90.04 -21.34
N ASN FA 249 8.78 -90.75 -22.14
CA ASN FA 249 8.71 -90.63 -23.58
C ASN FA 249 7.48 -91.37 -24.09
N VAL FA 250 6.92 -90.86 -25.19
CA VAL FA 250 5.73 -91.47 -25.77
C VAL FA 250 6.10 -92.81 -26.42
N ALA FA 251 7.29 -92.91 -26.99
CA ALA FA 251 7.72 -94.16 -27.61
C ALA FA 251 7.96 -95.24 -26.56
N ASP FA 252 8.20 -94.85 -25.31
CA ASP FA 252 8.30 -95.82 -24.23
C ASP FA 252 6.93 -96.22 -23.72
N LEU FA 253 5.96 -95.28 -23.73
CA LEU FA 253 4.61 -95.61 -23.31
C LEU FA 253 3.86 -96.44 -24.33
N HIS FA 254 4.25 -96.34 -25.60
CA HIS FA 254 3.57 -97.10 -26.64
C HIS FA 254 3.80 -98.60 -26.49
N GLU FA 255 4.98 -98.98 -26.03
CA GLU FA 255 5.22 -100.37 -25.69
C GLU FA 255 4.54 -100.75 -24.40
N LYS FA 256 4.41 -99.81 -23.47
CA LYS FA 256 3.79 -100.10 -22.19
C LYS FA 256 2.29 -100.31 -22.33
N TYR FA 257 1.63 -99.39 -23.03
CA TYR FA 257 0.17 -99.44 -23.07
C TYR FA 257 -0.37 -100.40 -24.11
N SER FA 258 0.47 -100.93 -25.01
CA SER FA 258 -0.03 -101.89 -25.98
C SER FA 258 -0.22 -103.26 -25.35
N GLY FA 259 0.76 -103.72 -24.58
CA GLY FA 259 0.67 -104.99 -23.90
C GLY FA 259 0.08 -104.88 -22.51
N ARG GA 28 3.95 -51.48 -51.60
CA ARG GA 28 4.69 -50.28 -51.23
C ARG GA 28 6.05 -50.62 -50.59
N PHE GA 29 6.54 -49.72 -49.75
CA PHE GA 29 7.75 -49.96 -48.98
C PHE GA 29 7.54 -51.09 -47.98
N SER GA 30 8.03 -52.26 -48.32
CA SER GA 30 8.02 -53.38 -47.39
C SER GA 30 9.22 -53.28 -46.46
N PRO GA 31 9.02 -53.24 -45.15
CA PRO GA 31 10.14 -52.97 -44.25
C PRO GA 31 11.03 -54.17 -43.99
N TYR GA 32 10.77 -55.32 -44.60
CA TYR GA 32 11.53 -56.53 -44.37
C TYR GA 32 12.11 -57.05 -45.68
N VAL GA 33 13.20 -57.79 -45.56
CA VAL GA 33 13.74 -58.57 -46.67
C VAL GA 33 14.47 -59.76 -46.05
N PHE GA 34 14.66 -60.81 -46.84
CA PHE GA 34 15.32 -62.01 -46.36
C PHE GA 34 16.72 -62.07 -46.95
N ASN GA 35 17.73 -62.08 -46.09
CA ASN GA 35 19.11 -62.06 -46.53
C ASN GA 35 19.81 -63.41 -46.38
N GLY GA 36 19.09 -64.44 -45.96
CA GLY GA 36 19.69 -65.76 -45.89
C GLY GA 36 20.68 -65.93 -44.75
N GLY GA 37 21.41 -67.03 -44.83
CA GLY GA 37 22.38 -67.37 -43.81
C GLY GA 37 22.01 -68.66 -43.10
N THR GA 38 23.01 -69.38 -42.59
CA THR GA 38 22.76 -70.65 -41.91
C THR GA 38 23.79 -70.81 -40.81
N ILE GA 39 23.32 -70.94 -39.57
CA ILE GA 39 24.20 -71.04 -38.42
C ILE GA 39 24.00 -72.39 -37.75
N LEU GA 40 25.00 -72.78 -36.96
CA LEU GA 40 25.05 -74.10 -36.35
C LEU GA 40 25.83 -74.04 -35.05
N ALA GA 41 25.25 -74.56 -33.98
CA ALA GA 41 25.95 -74.63 -32.71
C ALA GA 41 25.78 -76.02 -32.10
N ILE GA 42 26.85 -76.50 -31.47
CA ILE GA 42 26.86 -77.79 -30.79
C ILE GA 42 27.52 -77.59 -29.43
N ALA GA 43 26.82 -77.96 -28.37
CA ALA GA 43 27.40 -77.91 -27.04
C ALA GA 43 28.18 -79.19 -26.78
N GLY GA 44 29.40 -79.05 -26.27
CA GLY GA 44 30.24 -80.16 -25.91
C GLY GA 44 30.35 -80.33 -24.41
N GLU GA 45 31.30 -81.18 -24.01
CA GLU GA 45 31.48 -81.42 -22.59
C GLU GA 45 32.35 -80.35 -21.96
N ASP GA 46 33.40 -79.91 -22.65
CA ASP GA 46 34.22 -78.81 -22.17
C ASP GA 46 34.40 -77.76 -23.25
N PHE GA 47 33.57 -77.81 -24.29
CA PHE GA 47 33.76 -76.94 -25.43
C PHE GA 47 32.39 -76.51 -25.97
N ALA GA 48 32.44 -75.67 -27.00
CA ALA GA 48 31.25 -75.27 -27.74
C ALA GA 48 31.72 -74.82 -29.12
N ILE GA 49 31.02 -75.25 -30.15
CA ILE GA 49 31.42 -74.98 -31.53
C ILE GA 49 30.29 -74.25 -32.23
N VAL GA 50 30.59 -73.06 -32.75
CA VAL GA 50 29.62 -72.25 -33.47
C VAL GA 50 30.15 -72.00 -34.87
N ALA GA 51 29.36 -72.34 -35.87
CA ALA GA 51 29.78 -72.21 -37.26
C ALA GA 51 28.68 -71.58 -38.10
N SER GA 52 29.10 -70.93 -39.18
CA SER GA 52 28.17 -70.30 -40.11
C SER GA 52 28.86 -70.12 -41.45
N ASP GA 53 28.05 -69.92 -42.48
CA ASP GA 53 28.56 -69.58 -43.81
C ASP GA 53 28.90 -68.09 -43.86
N THR GA 54 29.41 -67.64 -45.00
CA THR GA 54 29.82 -66.25 -45.18
C THR GA 54 29.25 -65.68 -46.47
N ARG GA 55 27.96 -65.87 -46.70
CA ARG GA 55 27.31 -65.31 -47.88
C ARG GA 55 26.19 -64.38 -47.45
N LEU GA 56 26.22 -63.16 -47.95
CA LEU GA 56 25.14 -62.20 -47.79
C LEU GA 56 24.49 -61.97 -49.14
N SER GA 57 23.19 -62.21 -49.22
CA SER GA 57 22.52 -62.25 -50.51
C SER GA 57 21.03 -62.10 -50.32
N GLU GA 58 20.40 -61.27 -51.14
CA GLU GA 58 18.96 -61.18 -51.19
C GLU GA 58 18.51 -61.19 -52.65
N GLY GA 59 17.25 -61.57 -52.85
CA GLY GA 59 16.73 -61.66 -54.20
C GLY GA 59 17.34 -62.85 -54.90
N PHE GA 60 17.87 -62.62 -56.10
CA PHE GA 60 18.61 -63.63 -56.84
C PHE GA 60 20.08 -63.26 -57.01
N SER GA 61 20.54 -62.25 -56.28
CA SER GA 61 21.88 -61.72 -56.45
C SER GA 61 22.71 -61.96 -55.21
N ILE GA 62 24.01 -61.77 -55.36
CA ILE GA 62 24.99 -61.96 -54.30
C ILE GA 62 25.55 -60.60 -53.95
N HIS GA 63 25.51 -60.24 -52.66
CA HIS GA 63 26.14 -59.00 -52.24
C HIS GA 63 27.63 -59.19 -51.98
N THR GA 64 27.97 -60.07 -51.05
CA THR GA 64 29.38 -60.32 -50.81
C THR GA 64 29.58 -61.80 -50.47
N ARG GA 65 30.82 -62.24 -50.63
CA ARG GA 65 31.22 -63.60 -50.32
C ARG GA 65 32.02 -63.66 -49.03
N ASP GA 66 31.94 -62.63 -48.20
CA ASP GA 66 32.63 -62.64 -46.91
C ASP GA 66 31.81 -61.79 -45.94
N SER GA 67 30.97 -62.47 -45.16
CA SER GA 67 30.23 -61.82 -44.08
C SER GA 67 29.88 -62.88 -43.03
N PRO GA 68 30.81 -63.23 -42.14
CA PRO GA 68 30.53 -64.28 -41.16
C PRO GA 68 29.58 -63.77 -40.08
N LYS GA 69 28.90 -64.73 -39.44
CA LYS GA 69 27.94 -64.42 -38.39
C LYS GA 69 28.47 -64.79 -37.01
N CYS GA 70 29.69 -65.31 -36.94
CA CYS GA 70 30.35 -65.53 -35.66
C CYS GA 70 30.71 -64.19 -35.02
N TYR GA 71 29.97 -63.79 -33.99
CA TYR GA 71 30.28 -62.60 -33.23
C TYR GA 71 30.76 -63.00 -31.86
N LYS GA 72 31.94 -62.54 -31.46
CA LYS GA 72 32.51 -62.86 -30.16
C LYS GA 72 32.02 -61.82 -29.15
N LEU GA 73 31.17 -62.26 -28.23
CA LEU GA 73 30.69 -61.36 -27.19
C LEU GA 73 31.71 -61.21 -26.07
N THR GA 74 32.01 -62.32 -25.40
CA THR GA 74 33.05 -62.37 -24.40
C THR GA 74 34.11 -63.37 -24.87
N ASP GA 75 35.04 -63.69 -23.98
CA ASP GA 75 35.96 -64.78 -24.27
C ASP GA 75 35.32 -66.15 -24.12
N LYS GA 76 34.09 -66.24 -23.61
CA LYS GA 76 33.42 -67.51 -23.38
C LYS GA 76 32.00 -67.53 -23.94
N THR GA 77 31.65 -66.62 -24.84
CA THR GA 77 30.29 -66.56 -25.36
C THR GA 77 30.28 -65.99 -26.77
N VAL GA 78 29.71 -66.74 -27.71
CA VAL GA 78 29.66 -66.37 -29.12
C VAL GA 78 28.22 -66.53 -29.59
N ILE GA 79 27.70 -65.52 -30.29
CA ILE GA 79 26.33 -65.53 -30.78
C ILE GA 79 26.36 -65.62 -32.31
N GLY GA 80 25.33 -66.23 -32.87
CA GLY GA 80 25.13 -66.27 -34.32
C GLY GA 80 23.75 -65.73 -34.65
N CYS GA 81 23.69 -64.88 -35.67
CA CYS GA 81 22.50 -64.07 -35.94
C CYS GA 81 22.16 -64.17 -37.41
N SER GA 82 21.03 -64.81 -37.73
CA SER GA 82 20.60 -64.95 -39.10
C SER GA 82 19.24 -64.29 -39.32
N GLY GA 83 19.01 -63.84 -40.54
CA GLY GA 83 17.73 -63.27 -40.90
C GLY GA 83 17.83 -61.96 -41.66
N PHE GA 84 17.04 -60.98 -41.28
CA PHE GA 84 17.14 -59.65 -41.87
C PHE GA 84 18.43 -59.00 -41.40
N HIS GA 85 19.28 -58.62 -42.34
CA HIS GA 85 20.65 -58.25 -42.00
C HIS GA 85 20.72 -56.88 -41.33
N GLY GA 86 19.78 -56.00 -41.62
CA GLY GA 86 19.76 -54.71 -40.95
C GLY GA 86 19.49 -54.82 -39.47
N ASP GA 87 18.60 -55.73 -39.08
CA ASP GA 87 18.38 -55.99 -37.66
C ASP GA 87 19.56 -56.69 -37.02
N CYS GA 88 20.26 -57.54 -37.77
CA CYS GA 88 21.42 -58.24 -37.23
C CYS GA 88 22.56 -57.29 -36.90
N LEU GA 89 22.71 -56.22 -37.68
CA LEU GA 89 23.71 -55.22 -37.34
C LEU GA 89 23.26 -54.39 -36.15
N THR GA 90 21.96 -54.11 -36.07
CA THR GA 90 21.44 -53.29 -34.96
C THR GA 90 21.48 -54.06 -33.65
N LEU GA 91 21.02 -55.31 -33.67
CA LEU GA 91 20.86 -56.08 -32.43
C LEU GA 91 22.21 -56.41 -31.81
N THR GA 92 23.24 -56.58 -32.64
CA THR GA 92 24.58 -56.83 -32.12
C THR GA 92 25.08 -55.64 -31.32
N LYS GA 93 24.88 -54.44 -31.85
CA LYS GA 93 25.40 -53.25 -31.20
C LYS GA 93 24.58 -52.87 -29.97
N ILE GA 94 23.31 -53.30 -29.89
CA ILE GA 94 22.55 -53.09 -28.68
C ILE GA 94 23.06 -53.99 -27.57
N ILE GA 95 23.43 -55.22 -27.92
CA ILE GA 95 23.90 -56.18 -26.93
C ILE GA 95 25.25 -55.76 -26.37
N GLU GA 96 26.18 -55.35 -27.23
CA GLU GA 96 27.53 -55.01 -26.81
C GLU GA 96 27.59 -53.79 -25.91
N ALA GA 97 26.61 -52.90 -26.02
CA ALA GA 97 26.54 -51.78 -25.09
C ALA GA 97 26.11 -52.25 -23.70
N ARG GA 98 25.19 -53.22 -23.63
CA ARG GA 98 24.68 -53.62 -22.33
C ARG GA 98 25.62 -54.54 -21.59
N LEU GA 99 26.56 -55.18 -22.29
CA LEU GA 99 27.62 -55.89 -21.59
C LEU GA 99 28.55 -54.92 -20.88
N LYS GA 100 28.75 -53.74 -21.44
CA LYS GA 100 29.59 -52.76 -20.75
C LYS GA 100 28.82 -52.10 -19.62
N MET GA 101 27.52 -51.89 -19.78
CA MET GA 101 26.73 -51.27 -18.73
C MET GA 101 26.57 -52.20 -17.55
N TYR GA 102 26.58 -53.52 -17.78
CA TYR GA 102 26.57 -54.47 -16.69
C TYR GA 102 27.86 -54.39 -15.89
N LYS GA 103 29.00 -54.33 -16.59
CA LYS GA 103 30.29 -54.36 -15.92
C LYS GA 103 30.55 -53.08 -15.16
N HIS GA 104 30.12 -51.94 -15.69
CA HIS GA 104 30.27 -50.68 -14.98
C HIS GA 104 29.25 -50.50 -13.87
N SER GA 105 28.35 -51.45 -13.68
CA SER GA 105 27.42 -51.43 -12.57
C SER GA 105 27.56 -52.61 -11.64
N ASN GA 106 28.28 -53.65 -12.03
CA ASN GA 106 28.35 -54.84 -11.20
C ASN GA 106 29.75 -55.42 -11.08
N ASN GA 107 30.77 -54.79 -11.69
CA ASN GA 107 32.19 -55.10 -11.52
C ASN GA 107 32.55 -56.51 -11.98
N LYS GA 108 31.79 -57.09 -12.89
CA LYS GA 108 32.10 -58.41 -13.41
C LYS GA 108 31.41 -58.59 -14.76
N ALA GA 109 31.92 -59.53 -15.54
CA ALA GA 109 31.35 -59.80 -16.84
C ALA GA 109 30.13 -60.71 -16.69
N MET GA 110 29.27 -60.68 -17.71
CA MET GA 110 28.07 -61.49 -17.70
C MET GA 110 28.41 -62.95 -17.94
N THR GA 111 27.62 -63.83 -17.33
CA THR GA 111 27.70 -65.23 -17.63
C THR GA 111 26.86 -65.54 -18.85
N THR GA 112 26.92 -66.79 -19.32
CA THR GA 112 26.21 -67.13 -20.54
C THR GA 112 24.70 -67.18 -20.31
N GLY GA 113 24.28 -67.69 -19.15
CA GLY GA 113 22.87 -67.71 -18.84
C GLY GA 113 22.29 -66.34 -18.59
N ALA GA 114 23.12 -65.40 -18.14
CA ALA GA 114 22.64 -64.04 -17.93
C ALA GA 114 22.43 -63.31 -19.25
N ILE GA 115 23.20 -63.66 -20.27
CA ILE GA 115 23.02 -63.03 -21.58
C ILE GA 115 21.73 -63.50 -22.21
N ALA GA 116 21.39 -64.77 -22.03
CA ALA GA 116 20.15 -65.30 -22.58
C ALA GA 116 18.93 -64.71 -21.89
N ALA GA 117 19.01 -64.50 -20.58
CA ALA GA 117 17.89 -63.89 -19.88
C ALA GA 117 17.74 -62.42 -20.23
N MET GA 118 18.85 -61.75 -20.53
CA MET GA 118 18.76 -60.35 -20.95
C MET GA 118 18.18 -60.23 -22.34
N LEU GA 119 18.59 -61.12 -23.25
CA LEU GA 119 18.19 -61.02 -24.64
C LEU GA 119 16.71 -61.29 -24.83
N SER GA 120 16.12 -62.12 -23.97
CA SER GA 120 14.70 -62.41 -24.09
C SER GA 120 13.84 -61.19 -23.78
N THR GA 121 14.31 -60.32 -22.90
CA THR GA 121 13.60 -59.07 -22.67
C THR GA 121 13.82 -58.08 -23.81
N ILE GA 122 14.97 -58.17 -24.47
CA ILE GA 122 15.25 -57.27 -25.59
C ILE GA 122 14.36 -57.61 -26.77
N LEU GA 123 14.22 -58.89 -27.09
CA LEU GA 123 13.43 -59.28 -28.24
C LEU GA 123 11.94 -59.07 -27.99
N TYR GA 124 11.49 -59.28 -26.76
CA TYR GA 124 10.09 -59.07 -26.46
C TYR GA 124 9.73 -57.59 -26.39
N SER GA 125 10.72 -56.72 -26.19
CA SER GA 125 10.48 -55.29 -26.10
C SER GA 125 9.96 -54.68 -27.39
N ARG GA 126 10.11 -55.38 -28.51
CA ARG GA 126 9.54 -54.94 -29.78
C ARG GA 126 8.55 -56.00 -30.24
N ARG GA 127 7.65 -56.39 -29.33
CA ARG GA 127 6.69 -57.46 -29.57
C ARG GA 127 5.77 -57.17 -30.76
N PHE GA 128 5.45 -55.91 -30.99
CA PHE GA 128 4.49 -55.57 -32.03
C PHE GA 128 5.15 -54.94 -33.26
N PHE GA 129 6.47 -55.09 -33.39
CA PHE GA 129 7.23 -54.81 -34.60
C PHE GA 129 8.56 -55.55 -34.47
N PRO GA 130 8.56 -56.85 -34.68
CA PRO GA 130 9.67 -57.68 -34.19
C PRO GA 130 10.91 -57.59 -35.06
N TYR GA 131 12.04 -57.96 -34.46
CA TYR GA 131 13.24 -58.22 -35.21
C TYR GA 131 13.05 -59.50 -36.01
N TYR GA 132 13.54 -59.51 -37.24
CA TYR GA 132 13.49 -60.71 -38.07
C TYR GA 132 14.82 -61.45 -37.98
N VAL GA 133 15.13 -61.90 -36.76
CA VAL GA 133 16.43 -62.47 -36.42
C VAL GA 133 16.20 -63.81 -35.72
N TYR GA 134 16.95 -64.83 -36.14
CA TYR GA 134 17.08 -66.06 -35.37
C TYR GA 134 18.42 -66.02 -34.65
N ASN GA 135 18.40 -66.32 -33.36
CA ASN GA 135 19.59 -66.17 -32.52
C ASN GA 135 19.92 -67.48 -31.85
N ILE GA 136 21.21 -67.81 -31.81
CA ILE GA 136 21.70 -68.96 -31.06
C ILE GA 136 22.94 -68.50 -30.31
N ILE GA 137 22.92 -68.63 -28.99
CA ILE GA 137 24.06 -68.31 -28.15
C ILE GA 137 24.76 -69.60 -27.76
N GLY GA 138 26.05 -69.68 -28.05
CA GLY GA 138 26.87 -70.80 -27.63
C GLY GA 138 28.01 -70.30 -26.76
N GLY GA 139 28.38 -71.12 -25.78
CA GLY GA 139 29.47 -70.76 -24.90
C GLY GA 139 29.55 -71.68 -23.71
N LEU GA 140 30.44 -71.33 -22.79
CA LEU GA 140 30.68 -72.12 -21.60
C LEU GA 140 29.95 -71.53 -20.41
N ASP GA 141 29.51 -72.40 -19.51
CA ASP GA 141 28.83 -71.98 -18.31
C ASP GA 141 29.85 -71.77 -17.19
N GLU GA 142 29.35 -71.66 -15.95
CA GLU GA 142 30.23 -71.42 -14.80
C GLU GA 142 31.06 -72.63 -14.43
N GLU GA 143 30.72 -73.81 -14.96
CA GLU GA 143 31.44 -75.03 -14.64
C GLU GA 143 32.33 -75.51 -15.77
N GLY GA 144 32.41 -74.77 -16.87
CA GLY GA 144 33.24 -75.18 -17.99
C GLY GA 144 32.59 -76.17 -18.91
N LYS GA 145 31.26 -76.21 -18.96
CA LYS GA 145 30.54 -77.12 -19.84
C LYS GA 145 29.84 -76.34 -20.94
N GLY GA 146 29.53 -77.03 -22.03
CA GLY GA 146 28.90 -76.38 -23.16
C GLY GA 146 27.46 -75.99 -22.86
N ALA GA 147 27.02 -74.94 -23.55
CA ALA GA 147 25.66 -74.46 -23.37
C ALA GA 147 25.20 -73.83 -24.68
N VAL GA 148 23.98 -74.17 -25.10
CA VAL GA 148 23.39 -73.67 -26.33
C VAL GA 148 22.01 -73.15 -26.02
N TYR GA 149 21.75 -71.89 -26.36
CA TYR GA 149 20.47 -71.25 -26.12
C TYR GA 149 19.92 -70.78 -27.47
N SER GA 150 18.82 -71.38 -27.91
CA SER GA 150 18.22 -71.03 -29.19
C SER GA 150 17.01 -70.15 -28.97
N PHE GA 151 16.75 -69.28 -29.94
CA PHE GA 151 15.73 -68.26 -29.81
C PHE GA 151 14.79 -68.28 -31.01
N ASP GA 152 13.57 -67.81 -30.79
CA ASP GA 152 12.66 -67.41 -31.84
C ASP GA 152 12.83 -65.92 -32.11
N PRO GA 153 12.24 -65.38 -33.17
CA PRO GA 153 12.25 -63.92 -33.34
C PRO GA 153 11.39 -63.15 -32.35
N VAL GA 154 10.71 -63.80 -31.41
CA VAL GA 154 9.91 -63.08 -30.44
C VAL GA 154 10.63 -62.99 -29.09
N GLY GA 155 11.37 -64.02 -28.70
CA GLY GA 155 12.10 -63.97 -27.45
C GLY GA 155 11.84 -65.13 -26.51
N SER GA 156 11.41 -66.26 -27.05
CA SER GA 156 11.31 -67.49 -26.28
C SER GA 156 12.59 -68.30 -26.47
N TYR GA 157 12.99 -69.03 -25.43
CA TYR GA 157 14.26 -69.73 -25.50
C TYR GA 157 14.25 -70.96 -24.61
N GLN GA 158 15.21 -71.83 -24.86
CA GLN GA 158 15.46 -73.00 -24.01
C GLN GA 158 16.91 -73.40 -24.20
N ARG GA 159 17.40 -74.21 -23.26
CA ARG GA 159 18.77 -74.70 -23.33
C ARG GA 159 18.77 -76.07 -23.98
N ASP GA 160 19.62 -76.24 -24.98
CA ASP GA 160 19.68 -77.45 -25.78
C ASP GA 160 21.12 -77.91 -25.92
N SER GA 161 21.30 -79.05 -26.60
CA SER GA 161 22.63 -79.62 -26.80
C SER GA 161 23.19 -79.32 -28.17
N PHE GA 162 22.32 -79.07 -29.14
CA PHE GA 162 22.72 -78.73 -30.50
C PHE GA 162 21.51 -78.12 -31.18
N LYS GA 163 21.72 -77.03 -31.90
CA LYS GA 163 20.67 -76.44 -32.72
C LYS GA 163 21.27 -75.97 -34.03
N ALA GA 164 20.39 -75.77 -35.00
CA ALA GA 164 20.76 -75.18 -36.28
C ALA GA 164 19.63 -74.26 -36.71
N GLY GA 165 19.98 -73.04 -37.09
CA GLY GA 165 18.99 -72.08 -37.52
C GLY GA 165 19.39 -71.44 -38.83
N GLY GA 166 18.45 -70.69 -39.40
CA GLY GA 166 18.68 -69.97 -40.63
C GLY GA 166 17.88 -70.54 -41.78
N SER GA 167 18.51 -70.55 -42.95
CA SER GA 167 17.81 -71.00 -44.15
C SER GA 167 17.76 -72.52 -44.24
N ALA GA 168 18.90 -73.18 -44.06
CA ALA GA 168 18.99 -74.63 -44.20
C ALA GA 168 18.84 -75.35 -42.86
N SER GA 169 18.06 -74.79 -41.94
CA SER GA 169 17.89 -75.41 -40.64
C SER GA 169 17.12 -76.73 -40.73
N ALA GA 170 16.22 -76.85 -41.70
CA ALA GA 170 15.46 -78.07 -41.85
C ALA GA 170 16.29 -79.20 -42.45
N MET GA 171 17.44 -78.90 -43.01
CA MET GA 171 18.32 -79.95 -43.52
C MET GA 171 19.28 -80.46 -42.48
N LEU GA 172 19.70 -79.60 -41.55
CA LEU GA 172 20.79 -79.95 -40.66
C LEU GA 172 20.29 -80.64 -39.39
N GLN GA 173 19.14 -80.22 -38.88
CA GLN GA 173 18.58 -80.82 -37.67
C GLN GA 173 18.27 -82.32 -37.75
N PRO GA 174 17.82 -82.92 -38.87
CA PRO GA 174 17.69 -84.38 -38.86
C PRO GA 174 19.01 -85.12 -38.80
N LEU GA 175 20.09 -84.55 -39.34
CA LEU GA 175 21.34 -85.31 -39.42
C LEU GA 175 22.03 -85.37 -38.07
N LEU GA 176 21.83 -84.37 -37.24
CA LEU GA 176 22.44 -84.36 -35.92
C LEU GA 176 21.63 -85.12 -34.89
N ASP GA 177 20.36 -85.42 -35.17
CA ASP GA 177 19.61 -86.33 -34.33
C ASP GA 177 20.17 -87.74 -34.42
N ASN GA 178 20.62 -88.13 -35.60
CA ASN GA 178 21.12 -89.48 -35.78
C ASN GA 178 22.50 -89.66 -35.19
N GLN GA 179 23.38 -88.67 -35.37
CA GLN GA 179 24.77 -88.80 -34.96
C GLN GA 179 24.96 -88.39 -33.50
N VAL GA 180 24.59 -87.15 -33.18
CA VAL GA 180 24.79 -86.65 -31.82
C VAL GA 180 23.72 -87.19 -30.89
N GLY GA 181 22.46 -87.10 -31.30
CA GLY GA 181 21.37 -87.57 -30.46
C GLY GA 181 21.24 -89.08 -30.36
N PHE GA 182 21.89 -89.80 -31.29
CA PHE GA 182 21.86 -91.27 -31.39
C PHE GA 182 20.44 -91.81 -31.48
N LYS GA 183 19.57 -91.08 -32.19
CA LYS GA 183 18.17 -91.47 -32.28
C LYS GA 183 17.96 -92.47 -33.40
N ASN GA 184 16.88 -93.25 -33.26
CA ASN GA 184 16.38 -94.22 -34.24
C ASN GA 184 17.39 -95.31 -34.57
N MET GA 185 18.37 -95.55 -33.70
CA MET GA 185 19.33 -96.63 -33.94
C MET GA 185 19.17 -97.69 -32.86
N GLN GA 186 19.57 -98.91 -33.22
CA GLN GA 186 19.46 -100.05 -32.35
C GLN GA 186 20.84 -100.66 -32.16
N ASN GA 187 21.16 -101.02 -30.92
CA ASN GA 187 22.40 -101.68 -30.53
C ASN GA 187 23.64 -100.84 -30.85
N VAL GA 188 23.48 -99.52 -30.84
CA VAL GA 188 24.59 -98.59 -31.05
C VAL GA 188 24.97 -98.01 -29.71
N GLU GA 189 26.27 -98.04 -29.40
CA GLU GA 189 26.78 -97.51 -28.15
C GLU GA 189 26.61 -95.99 -28.09
N HIS GA 190 26.64 -95.47 -26.87
CA HIS GA 190 26.44 -94.04 -26.64
C HIS GA 190 27.72 -93.47 -26.06
N VAL GA 191 28.64 -93.13 -26.96
CA VAL GA 191 29.90 -92.48 -26.59
C VAL GA 191 29.66 -90.98 -26.70
N PRO GA 192 30.21 -90.17 -25.81
CA PRO GA 192 30.08 -88.72 -25.96
C PRO GA 192 30.91 -88.21 -27.13
N LEU GA 193 30.46 -87.10 -27.71
CA LEU GA 193 31.14 -86.50 -28.84
C LEU GA 193 32.45 -85.88 -28.40
N SER GA 194 33.53 -86.27 -29.07
CA SER GA 194 34.83 -85.68 -28.79
C SER GA 194 34.95 -84.35 -29.52
N LEU GA 195 36.02 -83.62 -29.20
CA LEU GA 195 36.31 -82.40 -29.94
C LEU GA 195 36.74 -82.73 -31.36
N ASP GA 196 37.43 -83.84 -31.54
CA ASP GA 196 37.89 -84.23 -32.87
C ASP GA 196 36.72 -84.65 -33.75
N ARG GA 197 35.82 -85.48 -33.22
CA ARG GA 197 34.69 -85.96 -34.00
C ARG GA 197 33.73 -84.83 -34.35
N ALA GA 198 33.56 -83.87 -33.44
CA ALA GA 198 32.63 -82.79 -33.70
C ALA GA 198 33.11 -81.83 -34.76
N MET GA 199 34.43 -81.76 -35.00
CA MET GA 199 34.92 -80.89 -36.07
C MET GA 199 34.54 -81.44 -37.43
N ARG GA 200 34.88 -82.71 -37.68
CA ARG GA 200 34.57 -83.31 -38.97
C ARG GA 200 33.07 -83.55 -39.15
N LEU GA 201 32.31 -83.63 -38.06
CA LEU GA 201 30.86 -83.75 -38.19
C LEU GA 201 30.25 -82.42 -38.60
N VAL GA 202 30.84 -81.32 -38.15
CA VAL GA 202 30.38 -80.00 -38.59
C VAL GA 202 30.79 -79.76 -40.04
N LYS GA 203 32.04 -80.09 -40.37
CA LYS GA 203 32.57 -79.85 -41.72
C LYS GA 203 31.85 -80.64 -42.79
N ASP GA 204 31.28 -81.80 -42.45
CA ASP GA 204 30.59 -82.60 -43.43
C ASP GA 204 29.13 -82.19 -43.60
N VAL GA 205 28.49 -81.65 -42.57
CA VAL GA 205 27.08 -81.36 -42.68
C VAL GA 205 26.83 -80.07 -43.44
N PHE GA 206 27.82 -79.20 -43.56
CA PHE GA 206 27.70 -78.03 -44.42
C PHE GA 206 27.96 -78.33 -45.88
N ILE GA 207 28.75 -79.35 -46.18
CA ILE GA 207 28.98 -79.72 -47.57
C ILE GA 207 27.70 -80.29 -48.19
N SER GA 208 26.94 -81.05 -47.40
CA SER GA 208 25.66 -81.54 -47.87
C SER GA 208 24.64 -80.41 -48.00
N ALA GA 209 24.71 -79.42 -47.13
CA ALA GA 209 23.79 -78.29 -47.22
C ALA GA 209 24.17 -77.35 -48.34
N ALA GA 210 25.44 -77.33 -48.75
CA ALA GA 210 25.87 -76.43 -49.81
C ALA GA 210 25.38 -76.89 -51.16
N GLU GA 211 25.07 -78.18 -51.31
CA GLU GA 211 24.63 -78.69 -52.60
C GLU GA 211 23.17 -78.36 -52.87
N ARG GA 212 22.32 -78.47 -51.86
CA ARG GA 212 20.89 -78.39 -52.07
C ARG GA 212 20.28 -77.04 -51.72
N ASP GA 213 20.96 -76.21 -50.96
CA ASP GA 213 20.46 -74.88 -50.62
C ASP GA 213 21.17 -73.84 -51.46
N VAL GA 214 20.38 -72.93 -52.04
CA VAL GA 214 20.96 -71.87 -52.84
C VAL GA 214 21.58 -70.78 -51.99
N TYR GA 215 21.19 -70.67 -50.72
CA TYR GA 215 21.69 -69.60 -49.87
C TYR GA 215 22.96 -69.97 -49.15
N THR GA 216 23.24 -71.26 -49.00
CA THR GA 216 24.39 -71.70 -48.23
C THR GA 216 25.68 -71.40 -48.98
N GLY GA 217 26.57 -70.68 -48.31
CA GLY GA 217 27.60 -69.92 -49.01
C GLY GA 217 28.89 -70.62 -49.36
N ASP GA 218 29.99 -69.88 -49.23
CA ASP GA 218 31.24 -70.21 -49.88
C ASP GA 218 32.37 -70.51 -48.93
N ALA GA 219 32.49 -69.74 -47.85
CA ALA GA 219 33.48 -70.00 -46.82
C ALA GA 219 32.77 -70.32 -45.52
N LEU GA 220 33.32 -71.26 -44.78
CA LEU GA 220 32.73 -71.75 -43.54
C LEU GA 220 33.59 -71.30 -42.37
N ARG GA 221 33.11 -70.32 -41.63
CA ARG GA 221 33.81 -69.83 -40.45
C ARG GA 221 33.36 -70.68 -39.27
N ILE GA 222 34.32 -71.28 -38.56
CA ILE GA 222 34.04 -72.12 -37.40
C ILE GA 222 34.74 -71.49 -36.20
N CYS GA 223 33.98 -71.21 -35.16
CA CYS GA 223 34.51 -70.61 -33.94
C CYS GA 223 34.38 -71.60 -32.81
N ILE GA 224 35.50 -71.91 -32.14
CA ILE GA 224 35.55 -72.95 -31.13
C ILE GA 224 35.83 -72.31 -29.78
N VAL GA 225 34.89 -72.44 -28.86
CA VAL GA 225 35.00 -71.85 -27.53
C VAL GA 225 35.43 -72.95 -26.58
N THR GA 226 36.63 -72.82 -26.04
CA THR GA 226 37.16 -73.75 -25.05
C THR GA 226 37.47 -72.98 -23.78
N LYS GA 227 38.12 -73.66 -22.84
CA LYS GA 227 38.52 -73.05 -21.58
C LYS GA 227 39.76 -72.17 -21.71
N GLU GA 228 40.31 -72.02 -22.90
CA GLU GA 228 41.52 -71.25 -23.10
C GLU GA 228 41.33 -70.05 -24.02
N GLY GA 229 40.16 -69.88 -24.59
CA GLY GA 229 39.91 -68.79 -25.51
C GLY GA 229 39.07 -69.26 -26.67
N ILE GA 230 39.08 -68.46 -27.73
CA ILE GA 230 38.27 -68.73 -28.92
C ILE GA 230 39.22 -68.93 -30.09
N ARG GA 231 39.14 -70.09 -30.72
CA ARG GA 231 39.84 -70.36 -31.96
C ARG GA 231 38.91 -70.12 -33.14
N GLU GA 232 39.51 -69.82 -34.29
CA GLU GA 232 38.76 -69.57 -35.49
C GLU GA 232 39.36 -70.38 -36.63
N GLU GA 233 38.52 -70.67 -37.62
CA GLU GA 233 38.93 -71.54 -38.72
C GLU GA 233 38.01 -71.30 -39.91
N THR GA 234 38.61 -71.25 -41.10
CA THR GA 234 37.89 -71.01 -42.33
C THR GA 234 38.04 -72.21 -43.26
N VAL GA 235 36.91 -72.72 -43.75
CA VAL GA 235 36.88 -73.84 -44.68
C VAL GA 235 36.10 -73.39 -45.91
N SER GA 236 36.67 -73.63 -47.09
CA SER GA 236 35.99 -73.25 -48.32
C SER GA 236 34.89 -74.23 -48.66
N LEU GA 237 33.97 -73.79 -49.52
CA LEU GA 237 32.88 -74.61 -50.03
C LEU GA 237 32.76 -74.35 -51.52
N ARG GA 238 31.69 -74.84 -52.12
CA ARG GA 238 31.46 -74.52 -53.52
C ARG GA 238 30.87 -73.12 -53.62
N LYS GA 239 31.02 -72.52 -54.79
CA LYS GA 239 30.72 -71.10 -54.94
C LYS GA 239 29.74 -70.78 -56.06
N ASP GA 240 28.63 -71.52 -56.12
CA ASP GA 240 27.55 -71.18 -57.05
C ASP GA 240 26.89 -69.83 -56.72
N THR HA 45 9.73 -41.48 -47.41
CA THR HA 45 9.30 -41.30 -48.80
C THR HA 45 8.43 -42.45 -49.26
N GLN HA 46 7.16 -42.16 -49.51
CA GLN HA 46 6.24 -43.20 -49.96
C GLN HA 46 6.46 -43.53 -51.42
N ASN HA 47 6.60 -42.50 -52.26
CA ASN HA 47 6.76 -42.68 -53.70
C ASN HA 47 7.86 -41.76 -54.20
N PRO HA 48 8.96 -42.30 -54.75
CA PRO HA 48 10.02 -41.44 -55.25
C PRO HA 48 9.63 -40.78 -56.57
N MET HA 49 9.73 -39.45 -56.62
CA MET HA 49 9.32 -38.73 -57.82
C MET HA 49 10.43 -38.70 -58.86
N VAL HA 50 11.55 -38.06 -58.54
CA VAL HA 50 12.65 -37.88 -59.47
C VAL HA 50 13.80 -38.77 -59.00
N THR HA 51 14.15 -39.76 -59.81
CA THR HA 51 15.10 -40.78 -59.40
C THR HA 51 16.38 -40.72 -60.23
N GLY HA 52 17.40 -41.38 -59.71
CA GLY HA 52 18.63 -41.59 -60.43
C GLY HA 52 18.75 -43.03 -60.90
N THR HA 53 19.97 -43.52 -61.05
CA THR HA 53 20.20 -44.88 -61.53
C THR HA 53 21.52 -45.39 -60.94
N SER HA 54 22.08 -46.43 -61.57
CA SER HA 54 23.19 -47.19 -61.02
C SER HA 54 24.45 -46.35 -60.79
N VAL HA 55 25.14 -46.66 -59.70
CA VAL HA 55 26.38 -46.00 -59.30
C VAL HA 55 27.41 -47.08 -59.07
N LEU HA 56 28.57 -46.95 -59.72
CA LEU HA 56 29.61 -47.95 -59.65
C LEU HA 56 30.73 -47.51 -58.72
N GLY HA 57 31.52 -48.47 -58.26
CA GLY HA 57 32.65 -48.17 -57.41
C GLY HA 57 33.55 -49.37 -57.19
N VAL HA 58 34.86 -49.16 -57.23
CA VAL HA 58 35.81 -50.26 -57.09
C VAL HA 58 37.09 -49.73 -56.48
N LYS HA 59 37.73 -50.55 -55.64
CA LYS HA 59 39.01 -50.21 -55.07
C LYS HA 59 40.12 -50.37 -56.08
N PHE HA 60 41.26 -49.78 -55.78
CA PHE HA 60 42.51 -50.07 -56.47
C PHE HA 60 43.65 -49.85 -55.49
N GLU HA 61 44.87 -49.91 -56.00
CA GLU HA 61 46.06 -49.73 -55.16
C GLU HA 61 46.17 -48.27 -54.78
N GLY HA 62 45.76 -47.95 -53.56
CA GLY HA 62 45.87 -46.60 -53.07
C GLY HA 62 44.74 -45.70 -53.50
N GLY HA 63 43.51 -46.10 -53.22
CA GLY HA 63 42.38 -45.25 -53.52
C GLY HA 63 41.15 -45.97 -54.02
N VAL HA 64 40.04 -45.23 -54.12
CA VAL HA 64 38.76 -45.76 -54.60
C VAL HA 64 38.32 -44.87 -55.76
N VAL HA 65 37.72 -45.48 -56.78
CA VAL HA 65 37.16 -44.74 -57.90
C VAL HA 65 35.66 -45.03 -58.01
N ILE HA 66 34.87 -43.98 -58.20
CA ILE HA 66 33.42 -44.06 -58.26
C ILE HA 66 32.95 -43.24 -59.47
N ALA HA 67 32.07 -43.82 -60.28
CA ALA HA 67 31.49 -43.13 -61.40
C ALA HA 67 29.97 -43.27 -61.39
N ALA HA 68 29.30 -42.23 -61.89
CA ALA HA 68 27.85 -42.21 -62.02
C ALA HA 68 27.48 -41.20 -63.09
N ASP HA 69 26.32 -41.38 -63.69
CA ASP HA 69 25.89 -40.50 -64.78
C ASP HA 69 25.20 -39.26 -64.22
N MET HA 70 24.69 -38.43 -65.12
CA MET HA 70 24.24 -37.09 -64.79
C MET HA 70 22.81 -36.88 -65.25
N LEU HA 71 21.93 -37.84 -64.96
CA LEU HA 71 20.55 -37.80 -65.40
C LEU HA 71 19.62 -37.99 -64.22
N GLY HA 72 18.64 -37.10 -64.09
CA GLY HA 72 17.55 -37.31 -63.15
C GLY HA 72 16.28 -37.64 -63.88
N SER HA 73 15.86 -38.90 -63.81
CA SER HA 73 14.69 -39.34 -64.55
C SER HA 73 13.41 -38.99 -63.80
N TYR HA 74 12.29 -39.04 -64.52
CA TYR HA 74 10.98 -38.88 -63.89
C TYR HA 74 10.05 -39.88 -64.56
N GLY HA 75 9.93 -41.05 -63.98
CA GLY HA 75 9.24 -42.14 -64.65
C GLY HA 75 10.07 -42.64 -65.79
N SER HA 76 9.60 -42.44 -67.02
CA SER HA 76 10.38 -42.74 -68.21
C SER HA 76 10.84 -41.48 -68.91
N LEU HA 77 10.73 -40.33 -68.26
CA LEU HA 77 11.07 -39.05 -68.84
C LEU HA 77 12.41 -38.57 -68.30
N ALA HA 78 13.24 -38.05 -69.20
CA ALA HA 78 14.56 -37.54 -68.84
C ALA HA 78 14.46 -36.02 -68.74
N ARG HA 79 14.11 -35.53 -67.55
CA ARG HA 79 13.94 -34.10 -67.37
C ARG HA 79 15.29 -33.41 -67.15
N PHE HA 80 15.97 -33.77 -66.07
CA PHE HA 80 17.13 -33.02 -65.60
C PHE HA 80 18.39 -33.73 -66.05
N ARG HA 81 19.12 -33.10 -66.99
CA ARG HA 81 20.20 -33.77 -67.67
C ARG HA 81 21.57 -33.19 -67.36
N ASN HA 82 21.71 -32.42 -66.29
CA ASN HA 82 22.99 -31.82 -65.98
C ASN HA 82 23.24 -31.81 -64.48
N ILE HA 83 22.57 -32.69 -63.75
CA ILE HA 83 22.70 -32.74 -62.31
C ILE HA 83 23.92 -33.57 -61.96
N SER HA 84 24.43 -33.37 -60.75
CA SER HA 84 25.58 -34.13 -60.25
C SER HA 84 25.13 -35.01 -59.10
N ARG HA 85 25.49 -36.29 -59.18
CA ARG HA 85 25.05 -37.28 -58.21
C ARG HA 85 26.18 -37.75 -57.31
N ILE HA 86 27.27 -37.00 -57.23
CA ILE HA 86 28.43 -37.36 -56.42
C ILE HA 86 28.76 -36.18 -55.52
N MET HA 87 28.82 -36.42 -54.22
CA MET HA 87 29.20 -35.40 -53.25
C MET HA 87 30.60 -35.67 -52.75
N ARG HA 88 31.45 -34.65 -52.80
CA ARG HA 88 32.81 -34.75 -52.28
C ARG HA 88 32.80 -34.35 -50.81
N VAL HA 89 32.80 -35.35 -49.93
CA VAL HA 89 32.94 -35.12 -48.51
C VAL HA 89 34.43 -34.83 -48.30
N ASN HA 90 34.81 -34.30 -47.13
CA ASN HA 90 35.93 -33.38 -46.92
C ASN HA 90 37.27 -33.63 -47.63
N ASN HA 91 38.02 -34.66 -47.26
CA ASN HA 91 39.30 -34.89 -47.93
C ASN HA 91 39.66 -36.34 -48.16
N SER HA 92 39.01 -37.28 -47.50
CA SER HA 92 39.42 -38.67 -47.60
C SER HA 92 38.23 -39.60 -47.77
N THR HA 93 37.09 -39.07 -48.17
CA THR HA 93 35.87 -39.84 -48.31
C THR HA 93 34.98 -39.16 -49.34
N MET HA 94 33.97 -39.89 -49.79
CA MET HA 94 33.31 -39.58 -51.05
C MET HA 94 32.02 -40.38 -51.16
N LEU HA 95 30.97 -39.76 -51.71
CA LEU HA 95 29.64 -40.33 -51.66
C LEU HA 95 28.93 -40.19 -52.99
N GLY HA 96 28.37 -41.29 -53.48
CA GLY HA 96 27.45 -41.28 -54.61
C GLY HA 96 26.15 -41.93 -54.21
N ALA HA 97 25.08 -41.72 -54.96
CA ALA HA 97 23.78 -42.22 -54.51
C ALA HA 97 22.87 -42.48 -55.70
N SER HA 98 21.92 -43.38 -55.47
CA SER HA 98 20.85 -43.71 -56.39
C SER HA 98 19.51 -43.38 -55.74
N GLY HA 99 18.43 -43.76 -56.41
CA GLY HA 99 17.13 -43.58 -55.80
C GLY HA 99 16.64 -42.14 -55.92
N ASP HA 100 15.78 -41.76 -54.97
CA ASP HA 100 15.15 -40.44 -55.00
C ASP HA 100 16.17 -39.34 -54.79
N TYR HA 101 16.14 -38.37 -55.70
CA TYR HA 101 17.16 -37.32 -55.73
C TYR HA 101 16.84 -36.20 -54.77
N ALA HA 102 15.57 -36.00 -54.42
CA ALA HA 102 15.25 -34.99 -53.42
C ALA HA 102 15.70 -35.41 -52.04
N ASP HA 103 15.72 -36.71 -51.75
CA ASP HA 103 16.24 -37.18 -50.48
C ASP HA 103 17.75 -37.10 -50.44
N PHE HA 104 18.40 -37.19 -51.60
CA PHE HA 104 19.85 -37.04 -51.66
C PHE HA 104 20.30 -35.64 -51.32
N GLN HA 105 19.54 -34.63 -51.74
CA GLN HA 105 19.89 -33.26 -51.39
C GLN HA 105 19.66 -32.98 -49.91
N TYR HA 106 18.80 -33.77 -49.26
CA TYR HA 106 18.65 -33.68 -47.82
C TYR HA 106 19.90 -34.19 -47.11
N LEU HA 107 20.37 -35.37 -47.48
CA LEU HA 107 21.59 -35.92 -46.90
C LEU HA 107 22.83 -35.16 -47.31
N LYS HA 108 22.80 -34.52 -48.48
CA LYS HA 108 23.86 -33.60 -48.87
C LYS HA 108 23.90 -32.40 -47.94
N GLN HA 109 22.76 -31.99 -47.42
CA GLN HA 109 22.67 -30.88 -46.49
C GLN HA 109 23.11 -31.27 -45.08
N VAL HA 110 22.71 -32.47 -44.63
CA VAL HA 110 22.95 -32.85 -43.25
C VAL HA 110 24.41 -33.24 -43.05
N LEU HA 111 24.95 -34.07 -43.94
CA LEU HA 111 26.38 -34.40 -43.92
C LEU HA 111 27.26 -33.21 -44.17
N GLY HA 112 26.78 -32.19 -44.88
CA GLY HA 112 27.57 -30.98 -45.05
C GLY HA 112 27.79 -30.25 -43.74
N GLN HA 113 26.77 -30.24 -42.88
CA GLN HA 113 26.88 -29.49 -41.64
C GLN HA 113 27.73 -30.24 -40.61
N MET HA 114 27.73 -31.57 -40.65
CA MET HA 114 28.52 -32.38 -39.74
C MET HA 114 30.01 -32.31 -40.03
N VAL HA 115 30.42 -31.80 -41.18
CA VAL HA 115 31.83 -31.68 -41.49
C VAL HA 115 32.28 -30.26 -41.18
N ILE HA 116 31.38 -29.30 -41.41
CA ILE HA 116 31.69 -27.89 -41.17
C ILE HA 116 31.92 -27.62 -39.69
N ASP HA 117 31.10 -28.21 -38.82
CA ASP HA 117 31.22 -27.89 -37.40
C ASP HA 117 32.39 -28.58 -36.73
N GLU HA 118 32.81 -29.74 -37.24
CA GLU HA 118 33.92 -30.44 -36.60
C GLU HA 118 35.24 -29.77 -36.93
N GLU HA 119 35.41 -29.32 -38.17
CA GLU HA 119 36.68 -28.77 -38.62
C GLU HA 119 36.99 -27.43 -37.96
N LEU HA 120 35.99 -26.72 -37.45
CA LEU HA 120 36.22 -25.49 -36.71
C LEU HA 120 36.39 -25.73 -35.21
N LEU HA 121 36.53 -26.99 -34.78
CA LEU HA 121 36.90 -27.23 -33.39
C LEU HA 121 38.40 -27.19 -33.20
N GLY HA 122 39.17 -27.48 -34.24
CA GLY HA 122 40.61 -27.52 -34.13
C GLY HA 122 41.13 -28.70 -33.34
N ASP HA 123 40.38 -29.79 -33.31
CA ASP HA 123 40.77 -30.96 -32.52
C ASP HA 123 41.91 -31.74 -33.16
N GLY HA 124 42.15 -31.56 -34.45
CA GLY HA 124 43.01 -32.49 -35.15
C GLY HA 124 42.37 -33.81 -35.47
N HIS HA 125 41.04 -33.89 -35.38
CA HIS HA 125 40.30 -35.09 -35.67
C HIS HA 125 39.34 -34.84 -36.81
N SER HA 126 39.10 -35.87 -37.61
CA SER HA 126 38.12 -35.82 -38.66
C SER HA 126 37.42 -37.16 -38.72
N TYR HA 127 36.30 -37.21 -39.42
CA TYR HA 127 35.59 -38.47 -39.54
C TYR HA 127 36.27 -39.35 -40.57
N SER HA 128 36.54 -40.60 -40.19
CA SER HA 128 37.00 -41.61 -41.12
C SER HA 128 35.84 -41.97 -42.05
N PRO HA 129 36.13 -42.56 -43.22
CA PRO HA 129 35.04 -43.01 -44.09
C PRO HA 129 34.15 -44.07 -43.47
N ARG HA 130 34.68 -44.94 -42.62
CA ARG HA 130 33.82 -45.88 -41.94
C ARG HA 130 33.09 -45.27 -40.75
N ALA HA 131 33.52 -44.10 -40.28
CA ALA HA 131 32.72 -43.40 -39.27
C ALA HA 131 31.49 -42.78 -39.91
N ILE HA 132 31.62 -42.24 -41.10
CA ILE HA 132 30.47 -41.73 -41.83
C ILE HA 132 29.59 -42.87 -42.29
N HIS HA 133 30.20 -43.98 -42.68
CA HIS HA 133 29.45 -45.17 -43.08
C HIS HA 133 28.66 -45.76 -41.91
N SER HA 134 29.20 -45.66 -40.70
CA SER HA 134 28.47 -46.14 -39.53
C SER HA 134 27.37 -45.18 -39.12
N TRP HA 135 27.60 -43.87 -39.29
CA TRP HA 135 26.56 -42.89 -39.01
C TRP HA 135 25.40 -43.03 -39.96
N LEU HA 136 25.69 -43.14 -41.26
CA LEU HA 136 24.66 -43.15 -42.27
C LEU HA 136 23.86 -44.45 -42.24
N THR HA 137 24.47 -45.53 -41.76
CA THR HA 137 23.72 -46.77 -41.55
C THR HA 137 22.70 -46.60 -40.44
N ARG HA 138 23.07 -45.91 -39.36
CA ARG HA 138 22.13 -45.66 -38.29
C ARG HA 138 21.03 -44.70 -38.71
N ALA HA 139 21.34 -43.78 -39.62
CA ALA HA 139 20.33 -42.84 -40.09
C ALA HA 139 19.27 -43.53 -40.94
N MET HA 140 19.66 -44.55 -41.70
CA MET HA 140 18.68 -45.29 -42.48
C MET HA 140 17.80 -46.15 -41.59
N TYR HA 141 18.39 -46.88 -40.65
CA TYR HA 141 17.62 -47.83 -39.86
C TYR HA 141 16.68 -47.14 -38.89
N SER HA 142 17.08 -45.99 -38.37
CA SER HA 142 16.25 -45.26 -37.42
C SER HA 142 15.09 -44.57 -38.09
N ARG HA 143 15.01 -44.60 -39.40
CA ARG HA 143 13.99 -43.91 -40.14
C ARG HA 143 13.03 -44.84 -40.83
N ARG HA 144 13.47 -46.03 -41.23
CA ARG HA 144 12.51 -47.05 -41.64
C ARG HA 144 11.70 -47.57 -40.46
N SER HA 145 12.25 -47.50 -39.25
CA SER HA 145 11.53 -47.95 -38.07
C SER HA 145 10.34 -47.05 -37.78
N LYS HA 146 10.38 -45.80 -38.21
CA LYS HA 146 9.23 -44.91 -38.14
C LYS HA 146 8.36 -45.00 -39.38
N MET HA 147 8.62 -45.98 -40.26
CA MET HA 147 7.86 -46.23 -41.49
C MET HA 147 7.84 -45.02 -42.42
N ASN HA 148 9.01 -44.38 -42.57
CA ASN HA 148 9.12 -43.17 -43.38
C ASN HA 148 10.51 -43.10 -44.00
N PRO HA 149 10.85 -44.04 -44.88
CA PRO HA 149 12.24 -44.24 -45.26
C PRO HA 149 12.73 -43.17 -46.23
N LEU HA 150 14.05 -43.04 -46.31
CA LEU HA 150 14.70 -42.28 -47.36
C LEU HA 150 14.96 -43.20 -48.53
N TRP HA 151 14.35 -42.91 -49.67
CA TRP HA 151 14.44 -43.76 -50.85
C TRP HA 151 15.80 -43.50 -51.51
N ASN HA 152 16.83 -44.13 -50.98
CA ASN HA 152 18.16 -44.02 -51.57
C ASN HA 152 18.90 -45.34 -51.48
N THR HA 153 20.05 -45.36 -52.14
CA THR HA 153 21.02 -46.43 -52.01
C THR HA 153 22.37 -45.80 -52.30
N MET HA 154 23.30 -45.91 -51.35
CA MET HA 154 24.46 -45.04 -51.33
C MET HA 154 25.74 -45.85 -51.25
N VAL HA 155 26.76 -45.36 -51.96
CA VAL HA 155 28.06 -45.98 -52.02
C VAL HA 155 29.07 -45.00 -51.45
N ILE HA 156 29.81 -45.43 -50.43
CA ILE HA 156 30.77 -44.58 -49.74
C ILE HA 156 32.17 -45.09 -50.01
N GLY HA 157 32.92 -44.34 -50.80
CA GLY HA 157 34.31 -44.64 -51.04
C GLY HA 157 35.19 -43.74 -50.21
N GLY HA 158 36.37 -44.24 -49.85
CA GLY HA 158 37.25 -43.47 -49.01
C GLY HA 158 38.65 -44.04 -48.85
N TYR HA 159 39.64 -43.17 -48.80
CA TYR HA 159 41.03 -43.57 -48.64
C TYR HA 159 41.60 -42.86 -47.43
N ALA HA 160 41.64 -43.53 -46.29
CA ALA HA 160 42.20 -42.96 -45.07
C ALA HA 160 43.22 -43.94 -44.50
N ASP HA 161 44.37 -43.39 -44.10
CA ASP HA 161 45.43 -44.10 -43.38
C ASP HA 161 45.98 -45.26 -44.21
N GLY HA 162 46.35 -44.95 -45.45
CA GLY HA 162 47.06 -45.90 -46.29
C GLY HA 162 46.23 -47.00 -46.92
N GLU HA 163 44.94 -47.12 -46.58
CA GLU HA 163 44.12 -48.18 -47.14
C GLU HA 163 42.83 -47.60 -47.70
N SER HA 164 42.22 -48.37 -48.60
CA SER HA 164 40.98 -47.97 -49.23
C SER HA 164 39.79 -48.51 -48.46
N PHE HA 165 38.70 -47.75 -48.49
CA PHE HA 165 37.44 -48.16 -47.89
C PHE HA 165 36.32 -47.99 -48.91
N LEU HA 166 35.47 -49.00 -49.00
CA LEU HA 166 34.36 -48.97 -49.94
C LEU HA 166 33.15 -49.59 -49.25
N GLY HA 167 32.12 -48.78 -49.03
CA GLY HA 167 31.00 -49.21 -48.22
C GLY HA 167 29.67 -49.04 -48.93
N TYR HA 168 28.78 -49.97 -48.66
CA TYR HA 168 27.43 -49.98 -49.19
C TYR HA 168 26.46 -49.62 -48.08
N VAL HA 169 25.43 -48.86 -48.41
CA VAL HA 169 24.37 -48.49 -47.47
C VAL HA 169 23.04 -48.60 -48.21
N ASP HA 170 22.12 -49.36 -47.66
CA ASP HA 170 20.83 -49.60 -48.28
C ASP HA 170 19.75 -48.72 -47.65
N MET HA 171 18.61 -48.64 -48.33
CA MET HA 171 17.43 -47.98 -47.79
C MET HA 171 16.92 -48.66 -46.53
N LEU HA 172 16.91 -49.99 -46.51
CA LEU HA 172 16.43 -50.74 -45.36
C LEU HA 172 17.41 -50.75 -44.19
N GLY HA 173 18.63 -50.27 -44.37
CA GLY HA 173 19.63 -50.35 -43.33
C GLY HA 173 20.57 -51.52 -43.45
N VAL HA 174 20.79 -52.03 -44.65
CA VAL HA 174 21.69 -53.15 -44.87
C VAL HA 174 23.03 -52.58 -45.34
N ALA HA 175 24.09 -52.86 -44.61
CA ALA HA 175 25.39 -52.31 -44.94
C ALA HA 175 26.43 -53.41 -44.93
N TYR HA 176 27.38 -53.31 -45.86
CA TYR HA 176 28.50 -54.23 -45.92
C TYR HA 176 29.65 -53.54 -46.65
N GLU HA 177 30.76 -54.24 -46.76
CA GLU HA 177 31.95 -53.76 -47.44
C GLU HA 177 32.30 -54.73 -48.54
N ALA HA 178 32.97 -54.24 -49.58
CA ALA HA 178 33.32 -55.08 -50.72
C ALA HA 178 34.45 -54.40 -51.49
N PRO HA 179 35.23 -55.15 -52.27
CA PRO HA 179 36.19 -54.49 -53.15
C PRO HA 179 35.55 -53.88 -54.39
N SER HA 180 34.30 -54.20 -54.69
CA SER HA 180 33.60 -53.58 -55.81
C SER HA 180 32.11 -53.54 -55.48
N LEU HA 181 31.46 -52.43 -55.85
CA LEU HA 181 30.04 -52.26 -55.58
C LEU HA 181 29.33 -51.77 -56.82
N ALA HA 182 28.02 -51.99 -56.83
CA ALA HA 182 27.15 -51.59 -57.91
C ALA HA 182 25.72 -51.58 -57.40
N THR HA 183 24.95 -50.58 -57.81
CA THR HA 183 23.55 -50.47 -57.43
C THR HA 183 22.67 -50.64 -58.65
N GLY HA 184 21.37 -50.78 -58.40
CA GLY HA 184 20.39 -50.77 -59.48
C GLY HA 184 20.51 -51.97 -60.40
N TYR HA 185 20.45 -51.70 -61.70
CA TYR HA 185 20.73 -52.72 -62.69
C TYR HA 185 22.22 -52.99 -62.87
N GLY HA 186 23.08 -52.13 -62.31
CA GLY HA 186 24.50 -52.42 -62.31
C GLY HA 186 24.86 -53.60 -61.44
N ALA HA 187 24.02 -53.91 -60.44
CA ALA HA 187 24.19 -55.12 -59.67
C ALA HA 187 23.93 -56.37 -60.49
N TYR HA 188 23.17 -56.26 -61.57
CA TYR HA 188 22.95 -57.38 -62.47
C TYR HA 188 23.88 -57.36 -63.66
N LEU HA 189 24.16 -56.17 -64.21
CA LEU HA 189 24.95 -56.05 -65.43
C LEU HA 189 26.44 -55.86 -65.15
N ALA HA 190 26.79 -54.78 -64.45
CA ALA HA 190 28.19 -54.42 -64.32
C ALA HA 190 28.89 -55.20 -63.21
N GLN HA 191 28.14 -55.60 -62.19
CA GLN HA 191 28.72 -56.35 -61.08
C GLN HA 191 29.37 -57.69 -61.47
N PRO HA 192 28.87 -58.51 -62.40
CA PRO HA 192 29.67 -59.67 -62.81
C PRO HA 192 30.95 -59.31 -63.54
N LEU HA 193 31.01 -58.17 -64.22
CA LEU HA 193 32.25 -57.77 -64.86
C LEU HA 193 33.28 -57.32 -63.84
N LEU HA 194 32.84 -56.82 -62.69
CA LEU HA 194 33.77 -56.39 -61.66
C LEU HA 194 34.42 -57.58 -60.98
N ARG HA 195 33.62 -58.62 -60.69
CA ARG HA 195 34.12 -59.75 -59.92
C ARG HA 195 35.02 -60.66 -60.72
N GLU HA 196 34.80 -60.78 -62.03
CA GLU HA 196 35.62 -61.66 -62.84
C GLU HA 196 37.03 -61.12 -63.04
N VAL HA 197 37.25 -59.82 -62.83
CA VAL HA 197 38.60 -59.29 -62.81
C VAL HA 197 39.23 -59.44 -61.44
N LEU HA 198 38.46 -59.16 -60.38
CA LEU HA 198 39.03 -59.15 -59.04
C LEU HA 198 39.28 -60.55 -58.50
N GLU HA 199 38.70 -61.57 -59.11
CA GLU HA 199 39.04 -62.94 -58.71
C GLU HA 199 40.28 -63.44 -59.41
N LYS HA 200 40.48 -63.06 -60.68
CA LYS HA 200 41.68 -63.43 -61.40
C LYS HA 200 42.85 -62.51 -61.10
N GLN HA 201 42.59 -61.33 -60.55
CA GLN HA 201 43.62 -60.35 -60.23
C GLN HA 201 43.15 -59.52 -59.05
N PRO HA 202 43.64 -59.77 -57.84
CA PRO HA 202 43.06 -59.10 -56.67
C PRO HA 202 43.45 -57.63 -56.55
N VAL HA 203 44.65 -57.25 -56.98
CA VAL HA 203 45.11 -55.87 -56.87
C VAL HA 203 45.14 -55.24 -58.25
N LEU HA 204 44.73 -53.97 -58.32
CA LEU HA 204 44.65 -53.26 -59.57
C LEU HA 204 45.36 -51.92 -59.45
N SER HA 205 45.94 -51.46 -60.55
CA SER HA 205 46.49 -50.12 -60.59
C SER HA 205 45.39 -49.12 -60.87
N GLN HA 206 45.75 -47.84 -60.88
CA GLN HA 206 44.73 -46.81 -61.11
C GLN HA 206 44.29 -46.78 -62.57
N THR HA 207 45.21 -46.99 -63.50
CA THR HA 207 44.82 -46.99 -64.91
C THR HA 207 44.06 -48.26 -65.27
N GLU HA 208 44.37 -49.37 -64.59
CA GLU HA 208 43.60 -50.58 -64.80
C GLU HA 208 42.20 -50.45 -64.22
N ALA HA 209 42.06 -49.75 -63.10
CA ALA HA 209 40.75 -49.56 -62.49
C ALA HA 209 39.92 -48.57 -63.30
N ARG HA 210 40.56 -47.51 -63.80
CA ARG HA 210 39.82 -46.49 -64.55
C ARG HA 210 39.37 -47.03 -65.90
N ASP HA 211 40.17 -47.92 -66.50
CA ASP HA 211 39.74 -48.56 -67.74
C ASP HA 211 38.60 -49.52 -67.49
N LEU HA 212 38.60 -50.20 -66.35
CA LEU HA 212 37.59 -51.22 -66.09
C LEU HA 212 36.25 -50.60 -65.75
N VAL HA 213 36.22 -49.36 -65.29
CA VAL HA 213 34.96 -48.68 -65.00
C VAL HA 213 34.28 -48.26 -66.29
N GLU HA 214 35.04 -47.69 -67.23
CA GLU HA 214 34.46 -47.13 -68.45
C GLU HA 214 33.90 -48.21 -69.35
N ARG HA 215 34.42 -49.43 -69.24
CA ARG HA 215 33.80 -50.56 -69.90
C ARG HA 215 32.45 -50.88 -69.27
N CYS HA 216 32.36 -50.82 -67.94
CA CYS HA 216 31.10 -51.12 -67.27
C CYS HA 216 30.08 -50.01 -67.45
N MET HA 217 30.54 -48.76 -67.59
CA MET HA 217 29.60 -47.69 -67.91
C MET HA 217 29.13 -47.77 -69.35
N ARG HA 218 29.91 -48.38 -70.24
CA ARG HA 218 29.47 -48.54 -71.62
C ARG HA 218 28.34 -49.56 -71.72
N VAL HA 219 28.46 -50.66 -70.97
CA VAL HA 219 27.47 -51.73 -71.00
C VAL HA 219 26.14 -51.24 -70.44
N LEU HA 220 26.18 -50.42 -69.39
CA LEU HA 220 24.97 -49.85 -68.84
C LEU HA 220 24.32 -48.85 -69.77
N TYR HA 221 25.06 -48.31 -70.73
CA TYR HA 221 24.41 -47.45 -71.72
C TYR HA 221 23.62 -48.25 -72.74
N TYR HA 222 24.09 -49.47 -73.04
CA TYR HA 222 23.36 -50.28 -74.02
C TYR HA 222 22.11 -50.89 -73.43
N ARG HA 223 22.22 -51.53 -72.27
CA ARG HA 223 21.18 -52.40 -71.74
C ARG HA 223 20.43 -51.79 -70.56
N ASP HA 224 20.19 -50.48 -70.56
CA ASP HA 224 19.41 -49.88 -69.49
C ASP HA 224 18.65 -48.69 -70.06
N ALA HA 225 17.34 -48.69 -69.86
CA ALA HA 225 16.49 -47.64 -70.39
C ALA HA 225 16.56 -46.34 -69.61
N ARG HA 226 17.25 -46.31 -68.48
CA ARG HA 226 17.33 -45.13 -67.65
C ARG HA 226 18.75 -44.57 -67.61
N SER HA 227 19.54 -44.86 -68.62
CA SER HA 227 20.91 -44.42 -68.67
C SER HA 227 21.02 -43.21 -69.60
N TYR HA 228 22.23 -42.63 -69.63
CA TYR HA 228 22.46 -41.40 -70.36
C TYR HA 228 23.95 -41.31 -70.63
N ASN HA 229 24.30 -40.84 -71.83
CA ASN HA 229 25.68 -40.89 -72.31
C ASN HA 229 26.50 -39.70 -71.82
N ARG HA 230 26.49 -39.46 -70.51
CA ARG HA 230 27.19 -38.32 -69.93
C ARG HA 230 27.39 -38.63 -68.46
N PHE HA 231 28.62 -38.93 -68.06
CA PHE HA 231 28.90 -39.35 -66.70
C PHE HA 231 30.14 -38.63 -66.19
N GLN HA 232 30.41 -38.78 -64.90
CA GLN HA 232 31.57 -38.17 -64.29
C GLN HA 232 32.23 -39.16 -63.35
N ILE HA 233 33.56 -39.16 -63.34
CA ILE HA 233 34.36 -40.11 -62.60
C ILE HA 233 35.00 -39.39 -61.43
N ALA HA 234 34.79 -39.92 -60.23
CA ALA HA 234 35.37 -39.35 -59.03
C ALA HA 234 36.35 -40.35 -58.43
N THR HA 235 37.43 -39.83 -57.87
CA THR HA 235 38.54 -40.67 -57.42
C THR HA 235 39.20 -40.07 -56.20
N VAL HA 236 39.27 -40.84 -55.13
CA VAL HA 236 40.05 -40.47 -53.96
C VAL HA 236 41.42 -41.14 -54.05
N THR HA 237 42.44 -40.43 -53.59
CA THR HA 237 43.80 -40.94 -53.45
C THR HA 237 44.32 -40.46 -52.12
N GLU HA 238 45.64 -40.56 -51.93
CA GLU HA 238 46.25 -39.85 -50.82
C GLU HA 238 46.33 -38.36 -51.05
N LYS HA 239 46.24 -37.92 -52.31
CA LYS HA 239 46.33 -36.49 -52.60
C LYS HA 239 45.03 -35.76 -52.28
N GLY HA 240 43.89 -36.40 -52.45
CA GLY HA 240 42.63 -35.75 -52.13
C GLY HA 240 41.50 -36.38 -52.93
N VAL HA 241 40.44 -35.58 -53.07
CA VAL HA 241 39.22 -35.99 -53.76
C VAL HA 241 39.14 -35.21 -55.06
N GLU HA 242 39.04 -35.93 -56.18
CA GLU HA 242 39.01 -35.31 -57.50
C GLU HA 242 37.83 -35.83 -58.30
N ILE HA 243 37.08 -34.92 -58.91
CA ILE HA 243 35.92 -35.24 -59.71
C ILE HA 243 36.20 -34.76 -61.13
N GLU HA 244 36.02 -35.65 -62.11
CA GLU HA 244 36.26 -35.28 -63.49
C GLU HA 244 34.99 -34.79 -64.15
N GLY HA 245 35.15 -34.24 -65.36
CA GLY HA 245 34.07 -33.58 -66.05
C GLY HA 245 33.06 -34.52 -66.66
N PRO HA 246 32.12 -33.98 -67.43
CA PRO HA 246 31.07 -34.81 -68.03
C PRO HA 246 31.60 -35.66 -69.18
N LEU HA 247 32.19 -36.80 -68.84
CA LEU HA 247 32.76 -37.68 -69.84
C LEU HA 247 31.66 -38.40 -70.60
N SER HA 248 32.03 -38.99 -71.74
CA SER HA 248 31.08 -39.65 -72.61
C SER HA 248 31.64 -40.98 -73.07
N THR HA 249 30.75 -41.90 -73.41
CA THR HA 249 31.13 -43.20 -73.91
C THR HA 249 31.09 -43.21 -75.43
N GLU HA 250 31.79 -44.19 -76.00
CA GLU HA 250 31.82 -44.41 -77.44
C GLU HA 250 31.10 -45.71 -77.73
N THR HA 251 30.09 -45.65 -78.58
CA THR HA 251 29.21 -46.78 -78.81
C THR HA 251 29.53 -47.45 -80.15
N ASN HA 252 29.18 -48.73 -80.24
CA ASN HA 252 29.36 -49.51 -81.44
C ASN HA 252 28.00 -49.99 -81.92
N TRP HA 253 27.73 -49.82 -83.21
CA TRP HA 253 26.45 -50.18 -83.76
C TRP HA 253 26.59 -51.00 -85.04
N ASP HA 254 27.61 -51.84 -85.11
CA ASP HA 254 27.87 -52.61 -86.31
C ASP HA 254 26.87 -53.73 -86.56
N ILE HA 255 26.16 -54.18 -85.52
CA ILE HA 255 25.21 -55.28 -85.69
C ILE HA 255 23.88 -54.83 -86.25
N ALA HA 256 23.66 -53.52 -86.39
CA ALA HA 256 22.42 -53.01 -86.93
C ALA HA 256 22.27 -53.27 -88.43
N HIS HA 257 23.37 -53.56 -89.13
CA HIS HA 257 23.33 -53.92 -90.53
C HIS HA 257 23.12 -55.41 -90.74
N MET HA 258 22.87 -56.16 -89.67
CA MET HA 258 22.60 -57.59 -89.77
C MET HA 258 21.10 -57.80 -89.70
N ILE HA 259 20.48 -58.08 -90.83
CA ILE HA 259 19.05 -58.33 -90.87
C ILE HA 259 18.74 -59.71 -90.31
N SER IA 4 -18.21 -107.64 -117.44
CA SER IA 4 -17.30 -106.53 -117.20
C SER IA 4 -17.98 -105.43 -116.38
N SER IA 5 -19.26 -105.62 -116.07
CA SER IA 5 -20.03 -104.67 -115.29
C SER IA 5 -21.04 -105.41 -114.44
N ALA IA 6 -21.19 -104.97 -113.19
CA ALA IA 6 -22.15 -105.58 -112.27
C ALA IA 6 -22.50 -104.55 -111.21
N GLY IA 7 -23.79 -104.25 -111.05
CA GLY IA 7 -24.23 -103.33 -110.04
C GLY IA 7 -24.34 -101.92 -110.56
N PHE IA 8 -23.96 -100.94 -109.76
CA PHE IA 8 -23.96 -99.54 -110.18
C PHE IA 8 -22.56 -99.05 -110.48
N ASP IA 9 -21.70 -99.93 -110.98
CA ASP IA 9 -20.31 -99.57 -111.23
C ASP IA 9 -20.17 -98.67 -112.47
N ARG IA 10 -21.18 -98.61 -113.31
CA ARG IA 10 -21.19 -97.64 -114.39
C ARG IA 10 -21.55 -96.25 -113.91
N HIS IA 11 -22.21 -96.12 -112.76
CA HIS IA 11 -22.79 -94.88 -112.32
C HIS IA 11 -21.97 -94.16 -111.26
N ILE IA 12 -21.48 -94.88 -110.26
CA ILE IA 12 -20.70 -94.25 -109.20
C ILE IA 12 -19.31 -94.87 -109.15
N THR IA 13 -18.48 -94.39 -108.22
CA THR IA 13 -17.07 -94.77 -108.19
C THR IA 13 -16.89 -95.97 -107.26
N ILE IA 14 -17.25 -97.14 -107.77
CA ILE IA 14 -16.97 -98.41 -107.12
C ILE IA 14 -16.27 -99.31 -108.14
N PHE IA 15 -15.88 -100.50 -107.69
CA PHE IA 15 -15.07 -101.38 -108.52
C PHE IA 15 -15.93 -102.24 -109.43
N SER IA 16 -15.46 -102.41 -110.66
CA SER IA 16 -16.01 -103.37 -111.59
C SER IA 16 -15.58 -104.77 -111.17
N PRO IA 17 -16.18 -105.82 -111.75
CA PRO IA 17 -15.63 -107.16 -111.53
C PRO IA 17 -14.24 -107.37 -112.10
N GLU IA 18 -13.83 -106.59 -113.08
CA GLU IA 18 -12.48 -106.69 -113.63
C GLU IA 18 -11.45 -105.90 -112.84
N GLY IA 19 -11.87 -105.19 -111.80
CA GLY IA 19 -10.98 -104.32 -111.07
C GLY IA 19 -10.94 -102.90 -111.57
N ARG IA 20 -11.52 -102.63 -112.74
CA ARG IA 20 -11.60 -101.26 -113.24
C ARG IA 20 -12.62 -100.46 -112.43
N LEU IA 21 -12.63 -99.16 -112.70
CA LEU IA 21 -13.70 -98.30 -112.22
C LEU IA 21 -13.93 -97.21 -113.26
N TYR IA 22 -15.15 -97.17 -113.80
CA TYR IA 22 -15.40 -96.55 -115.09
C TYR IA 22 -15.63 -95.05 -115.01
N GLN IA 23 -16.08 -94.53 -113.88
CA GLN IA 23 -16.37 -93.10 -113.79
C GLN IA 23 -15.12 -92.24 -113.91
N VAL IA 24 -13.95 -92.76 -113.57
CA VAL IA 24 -12.73 -92.01 -113.75
C VAL IA 24 -12.30 -92.04 -115.21
N GLU IA 25 -12.28 -93.22 -115.81
CA GLU IA 25 -11.85 -93.27 -117.20
C GLU IA 25 -12.92 -92.79 -118.17
N TYR IA 26 -14.13 -92.52 -117.70
CA TYR IA 26 -15.02 -91.66 -118.45
C TYR IA 26 -14.58 -90.20 -118.39
N ALA IA 27 -13.97 -89.80 -117.28
CA ALA IA 27 -13.65 -88.39 -117.09
C ALA IA 27 -12.39 -87.96 -117.81
N PHE IA 28 -11.52 -88.91 -118.17
CA PHE IA 28 -10.34 -88.55 -118.96
C PHE IA 28 -10.71 -88.08 -120.35
N LYS IA 29 -11.77 -88.62 -120.93
CA LYS IA 29 -12.23 -88.16 -122.21
C LYS IA 29 -13.30 -87.09 -122.09
N ALA IA 30 -13.44 -86.51 -120.91
CA ALA IA 30 -14.13 -85.24 -120.77
C ALA IA 30 -13.19 -84.07 -121.00
N ILE IA 31 -11.88 -84.31 -120.90
CA ILE IA 31 -10.88 -83.31 -121.27
C ILE IA 31 -10.94 -83.06 -122.77
N ASN IA 32 -11.14 -84.11 -123.55
CA ASN IA 32 -11.06 -84.04 -124.99
C ASN IA 32 -12.21 -83.29 -125.64
N GLN IA 33 -13.25 -82.95 -124.89
CA GLN IA 33 -14.37 -82.22 -125.47
C GLN IA 33 -14.13 -80.72 -125.56
N GLY IA 34 -13.01 -80.23 -125.02
CA GLY IA 34 -12.71 -78.82 -125.16
C GLY IA 34 -12.31 -78.45 -126.57
N GLY IA 35 -11.74 -79.38 -127.32
CA GLY IA 35 -11.19 -79.08 -128.63
C GLY IA 35 -9.96 -78.20 -128.48
N LEU IA 36 -8.93 -78.73 -127.84
CA LEU IA 36 -7.79 -77.93 -127.43
C LEU IA 36 -6.61 -78.86 -127.21
N THR IA 37 -5.40 -78.30 -127.33
CA THR IA 37 -4.19 -79.08 -127.08
C THR IA 37 -3.09 -78.14 -126.61
N SER IA 38 -2.46 -78.48 -125.48
CA SER IA 38 -1.41 -77.67 -124.88
C SER IA 38 -0.12 -78.46 -124.79
N VAL IA 39 1.01 -77.76 -124.93
CA VAL IA 39 2.34 -78.37 -124.96
C VAL IA 39 3.22 -77.65 -123.96
N ALA IA 40 3.93 -78.41 -123.12
CA ALA IA 40 4.90 -77.85 -122.20
C ALA IA 40 6.24 -78.55 -122.38
N VAL IA 41 7.31 -77.77 -122.48
CA VAL IA 41 8.66 -78.27 -122.75
C VAL IA 41 9.62 -77.70 -121.72
N ARG IA 42 10.38 -78.57 -121.07
CA ARG IA 42 11.41 -78.13 -120.13
C ARG IA 42 12.75 -78.02 -120.83
N GLY IA 43 13.45 -76.92 -120.58
CA GLY IA 43 14.75 -76.68 -121.16
C GLY IA 43 15.88 -76.86 -120.17
N LYS IA 44 17.08 -76.49 -120.62
CA LYS IA 44 18.26 -76.59 -119.76
C LYS IA 44 18.23 -75.53 -118.67
N ASP IA 45 17.69 -74.35 -118.96
CA ASP IA 45 17.60 -73.30 -117.96
C ASP IA 45 16.29 -72.55 -118.02
N CYS IA 46 15.26 -73.12 -118.62
CA CYS IA 46 13.98 -72.44 -118.77
C CYS IA 46 12.86 -73.46 -118.87
N ALA IA 47 11.62 -72.97 -118.84
CA ALA IA 47 10.44 -73.81 -118.98
C ALA IA 47 9.41 -73.02 -119.78
N VAL IA 48 8.83 -73.66 -120.81
CA VAL IA 48 7.95 -73.00 -121.75
C VAL IA 48 6.64 -73.76 -121.82
N ILE IA 49 5.53 -73.05 -121.66
CA ILE IA 49 4.19 -73.56 -121.95
C ILE IA 49 3.69 -72.85 -123.21
N VAL IA 50 3.24 -73.61 -124.19
CA VAL IA 50 2.55 -73.07 -125.35
C VAL IA 50 1.19 -73.76 -125.49
N THR IA 51 0.18 -72.97 -125.82
CA THR IA 51 -1.14 -73.51 -126.10
C THR IA 51 -1.85 -72.58 -127.07
N GLN IA 52 -2.86 -73.12 -127.73
CA GLN IA 52 -3.63 -72.35 -128.69
C GLN IA 52 -4.85 -71.74 -128.02
N LYS IA 53 -5.39 -70.72 -128.68
CA LYS IA 53 -6.69 -70.18 -128.31
C LYS IA 53 -7.52 -70.02 -129.57
N LYS IA 54 -8.79 -70.39 -129.47
CA LYS IA 54 -9.71 -70.38 -130.60
C LYS IA 54 -10.84 -69.41 -130.26
N VAL IA 55 -10.85 -68.27 -130.91
CA VAL IA 55 -11.87 -67.24 -130.70
C VAL IA 55 -12.81 -67.28 -131.93
N PRO IA 56 -13.98 -67.88 -131.80
CA PRO IA 56 -14.84 -68.02 -132.99
C PRO IA 56 -15.69 -66.80 -133.30
N ASP IA 57 -15.65 -65.76 -132.47
CA ASP IA 57 -16.52 -64.62 -132.63
C ASP IA 57 -15.72 -63.33 -132.70
N LYS IA 58 -16.26 -62.34 -133.41
CA LYS IA 58 -15.74 -60.99 -133.31
C LYS IA 58 -16.35 -60.21 -132.16
N LEU IA 59 -17.50 -60.65 -131.66
CA LEU IA 59 -18.22 -59.96 -130.60
C LEU IA 59 -17.68 -60.29 -129.22
N LEU IA 60 -16.71 -61.18 -129.13
CA LEU IA 60 -16.17 -61.63 -127.85
C LEU IA 60 -14.85 -60.93 -127.58
N ASP IA 61 -14.64 -60.59 -126.31
CA ASP IA 61 -13.42 -59.91 -125.89
C ASP IA 61 -12.30 -60.92 -125.80
N SER IA 62 -11.30 -60.79 -126.66
CA SER IA 62 -10.25 -61.79 -126.81
C SER IA 62 -9.22 -61.76 -125.69
N SER IA 63 -9.30 -60.79 -124.78
CA SER IA 63 -8.37 -60.72 -123.67
C SER IA 63 -8.83 -61.50 -122.44
N THR IA 64 -10.02 -62.11 -122.49
CA THR IA 64 -10.56 -62.83 -121.36
C THR IA 64 -10.70 -64.33 -121.62
N VAL IA 65 -9.90 -64.88 -122.54
CA VAL IA 65 -9.96 -66.30 -122.85
C VAL IA 65 -8.64 -67.00 -122.57
N THR IA 66 -7.87 -66.48 -121.63
CA THR IA 66 -6.53 -67.01 -121.41
C THR IA 66 -6.61 -68.27 -120.57
N HIS IA 67 -6.11 -69.38 -121.11
CA HIS IA 67 -5.99 -70.61 -120.33
C HIS IA 67 -4.73 -70.65 -119.48
N LEU IA 68 -3.83 -69.69 -119.66
CA LEU IA 68 -2.67 -69.55 -118.81
C LEU IA 68 -3.05 -68.80 -117.55
N PHE IA 69 -2.70 -69.34 -116.39
CA PHE IA 69 -3.01 -68.69 -115.15
C PHE IA 69 -1.79 -68.58 -114.27
N LYS IA 70 -1.70 -67.46 -113.56
CA LYS IA 70 -0.61 -67.20 -112.63
C LYS IA 70 -1.05 -67.65 -111.26
N ILE IA 71 -0.42 -68.70 -110.73
CA ILE IA 71 -0.82 -69.26 -109.45
C ILE IA 71 -0.18 -68.45 -108.33
N THR IA 72 1.15 -68.45 -108.29
CA THR IA 72 1.86 -67.64 -107.32
C THR IA 72 2.70 -66.70 -108.15
N GLU IA 73 3.59 -65.93 -107.54
CA GLU IA 73 4.40 -64.98 -108.30
C GLU IA 73 5.41 -65.69 -109.19
N ASN IA 74 5.80 -66.92 -108.84
CA ASN IA 74 6.82 -67.63 -109.58
C ASN IA 74 6.30 -68.94 -110.17
N ILE IA 75 4.99 -69.17 -110.13
CA ILE IA 75 4.39 -70.42 -110.58
C ILE IA 75 3.26 -70.10 -111.52
N GLY IA 76 3.33 -70.62 -112.76
CA GLY IA 76 2.25 -70.49 -113.71
C GLY IA 76 1.73 -71.86 -114.12
N CYS IA 77 0.53 -71.86 -114.70
CA CYS IA 77 -0.08 -73.12 -115.10
C CYS IA 77 -0.92 -72.90 -116.34
N VAL IA 78 -1.26 -74.01 -117.01
CA VAL IA 78 -2.18 -74.02 -118.13
C VAL IA 78 -3.28 -75.03 -117.82
N MET IA 79 -4.48 -74.75 -118.30
CA MET IA 79 -5.66 -75.55 -117.99
C MET IA 79 -6.25 -76.11 -119.26
N THR IA 80 -6.55 -77.39 -119.25
CA THR IA 80 -7.30 -78.02 -120.32
C THR IA 80 -8.61 -78.55 -119.75
N GLY IA 81 -9.35 -79.27 -120.56
CA GLY IA 81 -10.63 -79.78 -120.13
C GLY IA 81 -11.70 -78.72 -120.25
N MET IA 82 -12.81 -78.97 -119.55
CA MET IA 82 -13.90 -78.02 -119.55
C MET IA 82 -13.55 -76.82 -118.68
N THR IA 83 -14.16 -75.68 -119.01
CA THR IA 83 -13.70 -74.40 -118.47
C THR IA 83 -14.19 -74.20 -117.04
N ALA IA 84 -15.40 -74.67 -116.75
CA ALA IA 84 -16.02 -74.40 -115.44
C ALA IA 84 -15.30 -75.16 -114.34
N ASP IA 85 -14.88 -76.39 -114.62
CA ASP IA 85 -14.12 -77.12 -113.61
C ASP IA 85 -12.68 -76.66 -113.53
N SER IA 86 -12.11 -76.16 -114.63
CA SER IA 86 -10.70 -75.79 -114.62
C SER IA 86 -10.48 -74.52 -113.81
N ARG IA 87 -11.39 -73.56 -113.94
CA ARG IA 87 -11.23 -72.31 -113.21
C ARG IA 87 -11.50 -72.49 -111.73
N SER IA 88 -12.31 -73.48 -111.36
CA SER IA 88 -12.48 -73.79 -109.95
C SER IA 88 -11.22 -74.41 -109.36
N GLN IA 89 -10.46 -75.13 -110.16
CA GLN IA 89 -9.27 -75.80 -109.63
C GLN IA 89 -8.11 -74.83 -109.52
N VAL IA 90 -8.11 -73.76 -110.33
CA VAL IA 90 -7.12 -72.70 -110.17
C VAL IA 90 -7.35 -71.95 -108.87
N GLN IA 91 -8.61 -71.77 -108.49
CA GLN IA 91 -8.96 -71.06 -107.27
C GLN IA 91 -8.49 -71.81 -106.03
N ARG IA 92 -8.47 -73.14 -106.07
CA ARG IA 92 -7.90 -73.90 -104.97
C ARG IA 92 -6.39 -73.74 -104.91
N ALA IA 93 -5.72 -73.78 -106.06
CA ALA IA 93 -4.27 -73.73 -106.10
C ALA IA 93 -3.73 -72.37 -105.69
N ARG IA 94 -4.48 -71.30 -105.94
CA ARG IA 94 -4.12 -70.00 -105.39
C ARG IA 94 -4.23 -70.02 -103.87
N TYR IA 95 -5.23 -70.72 -103.35
CA TYR IA 95 -5.48 -70.75 -101.91
C TYR IA 95 -4.49 -71.62 -101.18
N GLU IA 96 -4.07 -72.73 -101.79
CA GLU IA 96 -3.17 -73.64 -101.10
C GLU IA 96 -1.75 -73.10 -101.06
N ALA IA 97 -1.36 -72.27 -102.02
CA ALA IA 97 -0.02 -71.73 -102.02
C ALA IA 97 0.13 -70.63 -100.97
N ALA IA 98 -0.92 -69.86 -100.74
CA ALA IA 98 -0.87 -68.81 -99.73
C ALA IA 98 -0.80 -69.39 -98.33
N ASN IA 99 -1.41 -70.54 -98.10
CA ASN IA 99 -1.34 -71.17 -96.79
C ASN IA 99 -0.01 -71.84 -96.54
N TRP IA 100 0.72 -72.20 -97.60
CA TRP IA 100 2.08 -72.68 -97.39
C TRP IA 100 2.96 -71.56 -96.86
N LYS IA 101 2.84 -70.37 -97.43
CA LYS IA 101 3.66 -69.25 -97.03
C LYS IA 101 3.32 -68.78 -95.63
N TYR IA 102 2.06 -68.84 -95.24
CA TYR IA 102 1.67 -68.39 -93.92
C TYR IA 102 2.07 -69.40 -92.85
N LYS IA 103 2.01 -70.69 -93.17
CA LYS IA 103 2.35 -71.69 -92.16
C LYS IA 103 3.83 -71.95 -92.08
N TYR IA 104 4.55 -71.89 -93.20
CA TYR IA 104 5.91 -72.36 -93.24
C TYR IA 104 6.94 -71.29 -93.55
N GLY IA 105 6.51 -70.11 -94.00
CA GLY IA 105 7.40 -68.98 -94.09
C GLY IA 105 8.28 -68.90 -95.31
N TYR IA 106 8.06 -69.73 -96.32
CA TYR IA 106 8.84 -69.62 -97.55
C TYR IA 106 7.99 -70.11 -98.72
N GLU IA 107 8.53 -69.93 -99.91
CA GLU IA 107 7.80 -70.18 -101.14
C GLU IA 107 7.62 -71.67 -101.37
N ILE IA 108 6.43 -72.06 -101.78
CA ILE IA 108 6.09 -73.48 -101.94
C ILE IA 108 6.84 -74.05 -103.14
N PRO IA 109 7.41 -75.25 -103.04
CA PRO IA 109 7.98 -75.88 -104.23
C PRO IA 109 6.85 -76.37 -105.13
N VAL IA 110 7.15 -76.47 -106.42
CA VAL IA 110 6.09 -76.73 -107.38
C VAL IA 110 5.65 -78.19 -107.35
N ASP IA 111 6.49 -79.09 -106.85
CA ASP IA 111 6.05 -80.48 -106.69
C ASP IA 111 5.20 -80.68 -105.45
N MET IA 112 5.44 -79.89 -104.40
CA MET IA 112 4.59 -80.00 -103.22
C MET IA 112 3.20 -79.43 -103.48
N LEU IA 113 3.09 -78.46 -104.39
CA LEU IA 113 1.77 -77.95 -104.72
C LEU IA 113 1.00 -78.94 -105.57
N CYS IA 114 1.70 -79.63 -106.47
CA CYS IA 114 1.03 -80.62 -107.30
C CYS IA 114 0.61 -81.84 -106.49
N LYS IA 115 1.29 -82.10 -105.38
CA LYS IA 115 0.88 -83.18 -104.49
C LYS IA 115 -0.41 -82.83 -103.77
N ARG IA 116 -0.55 -81.59 -103.32
CA ARG IA 116 -1.75 -81.19 -102.60
C ARG IA 116 -2.97 -81.11 -103.51
N ILE IA 117 -2.77 -80.79 -104.78
CA ILE IA 117 -3.89 -80.80 -105.72
C ILE IA 117 -4.32 -82.23 -106.02
N ALA IA 118 -3.35 -83.12 -106.19
CA ALA IA 118 -3.66 -84.51 -106.51
C ALA IA 118 -4.27 -85.24 -105.31
N ASP IA 119 -3.97 -84.80 -104.10
CA ASP IA 119 -4.60 -85.40 -102.93
C ASP IA 119 -6.05 -84.97 -102.81
N ILE IA 120 -6.37 -83.74 -103.21
CA ILE IA 120 -7.76 -83.29 -103.21
C ILE IA 120 -8.55 -84.03 -104.27
N SER IA 121 -7.99 -84.15 -105.47
CA SER IA 121 -8.63 -84.86 -106.57
C SER IA 121 -8.78 -86.34 -106.29
N GLN IA 122 -7.98 -86.89 -105.40
CA GLN IA 122 -8.12 -88.30 -105.01
C GLN IA 122 -9.45 -88.52 -104.29
N VAL IA 123 -9.88 -87.54 -103.49
CA VAL IA 123 -11.03 -87.76 -102.63
C VAL IA 123 -12.32 -87.82 -103.45
N TYR IA 124 -12.33 -87.19 -104.62
CA TYR IA 124 -13.51 -87.22 -105.47
C TYR IA 124 -13.74 -88.62 -106.05
N THR IA 125 -12.67 -89.33 -106.40
CA THR IA 125 -12.80 -90.71 -106.83
C THR IA 125 -12.71 -91.68 -105.68
N GLN IA 126 -12.94 -91.22 -104.46
CA GLN IA 126 -12.82 -92.02 -103.26
C GLN IA 126 -14.13 -92.09 -102.50
N ASN IA 127 -14.96 -91.07 -102.61
CA ASN IA 127 -16.35 -91.09 -102.16
C ASN IA 127 -17.27 -91.28 -103.36
N ALA IA 128 -18.41 -91.91 -103.12
CA ALA IA 128 -19.33 -92.26 -104.18
C ALA IA 128 -20.41 -91.22 -104.38
N GLU IA 129 -20.09 -89.97 -104.12
CA GLU IA 129 -21.07 -88.90 -104.14
C GLU IA 129 -20.71 -87.77 -105.08
N MET IA 130 -19.44 -87.41 -105.17
CA MET IA 130 -18.99 -86.25 -105.90
C MET IA 130 -18.59 -86.64 -107.32
N ARG IA 131 -18.63 -85.67 -108.18
CA ARG IA 131 -18.22 -85.85 -109.57
C ARG IA 131 -16.77 -85.41 -109.74
N PRO IA 132 -15.89 -86.24 -110.28
CA PRO IA 132 -14.47 -86.00 -110.12
C PRO IA 132 -13.77 -85.07 -111.11
N LEU IA 133 -14.36 -83.91 -111.43
CA LEU IA 133 -13.66 -82.72 -111.94
C LEU IA 133 -12.84 -82.99 -113.22
N GLY IA 134 -13.57 -83.22 -114.31
CA GLY IA 134 -12.92 -83.64 -115.54
C GLY IA 134 -12.10 -82.57 -116.25
N CYS IA 135 -10.96 -82.21 -115.68
CA CYS IA 135 -10.03 -81.28 -116.31
C CYS IA 135 -8.63 -81.56 -115.77
N CYS IA 136 -7.63 -81.22 -116.58
CA CYS IA 136 -6.24 -81.54 -116.28
C CYS IA 136 -5.50 -80.30 -115.78
N MET IA 137 -4.18 -80.44 -115.61
CA MET IA 137 -3.40 -79.49 -114.83
C MET IA 137 -1.94 -79.66 -115.19
N ILE IA 138 -1.28 -78.59 -115.65
CA ILE IA 138 0.14 -78.62 -115.97
C ILE IA 138 0.80 -77.41 -115.32
N LEU IA 139 1.82 -77.65 -114.49
CA LEU IA 139 2.51 -76.58 -113.80
C LEU IA 139 3.96 -76.49 -114.26
N ILE IA 140 4.52 -75.28 -114.19
CA ILE IA 140 5.93 -75.03 -114.42
C ILE IA 140 6.47 -74.20 -113.28
N GLY IA 141 7.79 -74.15 -113.15
CA GLY IA 141 8.41 -73.40 -112.10
C GLY IA 141 9.90 -73.62 -111.93
N ILE IA 142 10.57 -72.65 -111.33
CA ILE IA 142 12.01 -72.72 -111.07
C ILE IA 142 12.20 -73.08 -109.61
N ASP IA 143 12.97 -74.14 -109.36
CA ASP IA 143 13.30 -74.54 -108.01
C ASP IA 143 14.81 -74.47 -107.79
N GLU IA 144 15.20 -74.02 -106.60
CA GLU IA 144 16.61 -73.92 -106.27
C GLU IA 144 17.21 -75.30 -106.06
N GLU IA 145 18.42 -75.48 -106.61
CA GLU IA 145 19.14 -76.76 -106.69
C GLU IA 145 18.37 -77.83 -107.45
N GLN IA 146 17.39 -77.44 -108.27
CA GLN IA 146 16.71 -78.32 -109.19
C GLN IA 146 16.52 -77.73 -110.58
N GLY IA 147 16.62 -76.42 -110.73
CA GLY IA 147 16.40 -75.78 -112.00
C GLY IA 147 14.93 -75.75 -112.34
N PRO IA 148 14.61 -75.68 -113.63
CA PRO IA 148 13.21 -75.75 -114.04
C PRO IA 148 12.68 -77.16 -113.93
N GLN IA 149 11.36 -77.26 -113.78
CA GLN IA 149 10.69 -78.55 -113.68
C GLN IA 149 9.21 -78.40 -114.01
N VAL IA 150 8.64 -79.45 -114.62
CA VAL IA 150 7.30 -79.46 -115.18
C VAL IA 150 6.53 -80.62 -114.58
N TYR IA 151 5.28 -80.39 -114.18
CA TYR IA 151 4.46 -81.41 -113.55
C TYR IA 151 3.07 -81.42 -114.17
N LYS IA 152 2.48 -82.61 -114.27
CA LYS IA 152 1.10 -82.78 -114.71
C LYS IA 152 0.28 -83.43 -113.61
N CYS IA 153 -0.94 -82.94 -113.41
CA CYS IA 153 -1.91 -83.56 -112.51
C CYS IA 153 -3.18 -83.86 -113.28
N ASP IA 154 -3.63 -85.11 -113.23
CA ASP IA 154 -4.81 -85.58 -113.94
C ASP IA 154 -5.98 -85.73 -112.97
N PRO IA 155 -7.23 -85.87 -113.48
CA PRO IA 155 -8.35 -86.01 -112.53
C PRO IA 155 -8.47 -87.35 -111.83
N ALA IA 156 -7.47 -88.22 -111.94
CA ALA IA 156 -7.47 -89.45 -111.16
C ALA IA 156 -6.66 -89.34 -109.88
N GLY IA 157 -5.90 -88.27 -109.71
CA GLY IA 157 -5.03 -88.12 -108.56
C GLY IA 157 -3.59 -88.54 -108.78
N TYR IA 158 -3.20 -88.79 -110.02
CA TYR IA 158 -1.85 -89.19 -110.36
C TYR IA 158 -1.05 -87.97 -110.77
N TYR IA 159 0.26 -88.02 -110.53
CA TYR IA 159 1.11 -86.93 -110.96
C TYR IA 159 2.52 -87.45 -111.19
N CYS IA 160 3.24 -86.79 -112.08
CA CYS IA 160 4.64 -87.12 -112.31
C CYS IA 160 5.35 -85.90 -112.87
N GLY IA 161 6.66 -85.86 -112.67
CA GLY IA 161 7.49 -84.84 -113.27
C GLY IA 161 7.86 -85.27 -114.68
N PHE IA 162 7.74 -84.35 -115.62
CA PHE IA 162 8.00 -84.65 -117.01
C PHE IA 162 9.22 -83.88 -117.49
N LYS IA 163 9.61 -84.12 -118.74
CA LYS IA 163 10.54 -83.27 -119.44
C LYS IA 163 9.91 -82.57 -120.63
N ALA IA 164 8.94 -83.21 -121.25
CA ALA IA 164 8.10 -82.58 -122.26
C ALA IA 164 6.70 -83.14 -122.09
N THR IA 165 5.71 -82.30 -122.32
CA THR IA 165 4.35 -82.59 -121.86
C THR IA 165 3.36 -82.19 -122.93
N ALA IA 166 2.39 -83.05 -123.19
CA ALA IA 166 1.25 -82.70 -124.02
C ALA IA 166 -0.02 -83.08 -123.28
N ALA IA 167 -1.08 -82.33 -123.55
CA ALA IA 167 -2.38 -82.61 -122.95
C ALA IA 167 -3.45 -82.05 -123.87
N GLY IA 168 -4.54 -82.81 -124.02
CA GLY IA 168 -5.65 -82.34 -124.82
C GLY IA 168 -6.11 -83.36 -125.83
N VAL IA 169 -6.61 -82.89 -126.96
CA VAL IA 169 -7.17 -83.78 -127.97
C VAL IA 169 -6.06 -84.54 -128.68
N LYS IA 170 -4.98 -83.84 -129.04
CA LYS IA 170 -3.92 -84.41 -129.86
C LYS IA 170 -2.71 -84.82 -129.02
N GLN IA 171 -2.98 -85.43 -127.87
CA GLN IA 171 -1.94 -85.73 -126.90
C GLN IA 171 -0.96 -86.78 -127.42
N THR IA 172 -1.47 -87.88 -127.98
CA THR IA 172 -0.59 -88.97 -128.38
C THR IA 172 0.24 -88.62 -129.61
N GLU IA 173 -0.31 -87.84 -130.52
CA GLU IA 173 0.45 -87.43 -131.70
C GLU IA 173 1.54 -86.44 -131.35
N SER IA 174 1.32 -85.62 -130.31
CA SER IA 174 2.32 -84.65 -129.92
C SER IA 174 3.47 -85.30 -129.17
N THR IA 175 3.15 -86.24 -128.27
CA THR IA 175 4.20 -86.92 -127.52
C THR IA 175 5.05 -87.83 -128.38
N SER IA 176 4.48 -88.40 -129.44
CA SER IA 176 5.28 -89.17 -130.37
C SER IA 176 6.25 -88.28 -131.14
N PHE IA 177 5.85 -87.05 -131.42
CA PHE IA 177 6.75 -86.08 -132.03
C PHE IA 177 7.86 -85.69 -131.08
N LEU IA 178 7.52 -85.47 -129.81
CA LEU IA 178 8.51 -84.96 -128.88
C LEU IA 178 9.49 -86.03 -128.42
N GLU IA 179 9.07 -87.30 -128.35
CA GLU IA 179 9.99 -88.32 -127.87
C GLU IA 179 11.05 -88.64 -128.91
N LYS IA 180 10.76 -88.40 -130.20
CA LYS IA 180 11.81 -88.49 -131.20
C LYS IA 180 12.72 -87.27 -131.16
N LYS IA 181 12.22 -86.17 -130.61
CA LYS IA 181 13.02 -84.95 -130.55
C LYS IA 181 13.99 -84.99 -129.37
N VAL IA 182 13.57 -85.58 -128.25
CA VAL IA 182 14.38 -85.47 -127.05
C VAL IA 182 15.44 -86.57 -126.99
N LYS IA 183 15.21 -87.72 -127.60
CA LYS IA 183 16.15 -88.83 -127.45
C LYS IA 183 17.35 -88.70 -128.36
N LYS IA 184 17.34 -87.77 -129.32
CA LYS IA 184 18.57 -87.45 -130.03
C LYS IA 184 19.45 -86.50 -129.25
N LYS IA 185 18.92 -85.89 -128.19
CA LYS IA 185 19.69 -85.28 -127.09
C LYS IA 185 20.52 -84.08 -127.57
N PHE IA 186 19.88 -83.17 -128.26
CA PHE IA 186 20.49 -81.88 -128.55
C PHE IA 186 20.41 -81.02 -127.29
N ASP IA 187 21.40 -80.15 -127.12
CA ASP IA 187 21.33 -79.19 -126.03
C ASP IA 187 20.26 -78.15 -126.34
N TRP IA 188 19.67 -77.60 -125.28
CA TRP IA 188 18.50 -76.73 -125.43
C TRP IA 188 18.77 -75.36 -124.83
N THR IA 189 18.83 -74.35 -125.69
CA THR IA 189 18.92 -72.96 -125.27
C THR IA 189 17.53 -72.45 -124.93
N PHE IA 190 17.40 -71.14 -124.77
CA PHE IA 190 16.09 -70.56 -124.52
C PHE IA 190 15.22 -70.61 -125.77
N GLU IA 191 15.73 -70.12 -126.89
CA GLU IA 191 14.91 -69.97 -128.09
C GLU IA 191 14.64 -71.30 -128.77
N GLN IA 192 15.50 -72.29 -128.57
CA GLN IA 192 15.25 -73.61 -129.16
C GLN IA 192 14.07 -74.30 -128.49
N THR IA 193 13.92 -74.13 -127.18
CA THR IA 193 12.75 -74.66 -126.50
C THR IA 193 11.49 -73.93 -126.90
N VAL IA 194 11.60 -72.65 -127.24
CA VAL IA 194 10.46 -71.95 -127.81
C VAL IA 194 10.20 -72.45 -129.23
N GLU IA 195 11.26 -72.74 -129.98
CA GLU IA 195 11.10 -73.21 -131.35
C GLU IA 195 10.56 -74.63 -131.39
N THR IA 196 11.10 -75.52 -130.56
CA THR IA 196 10.67 -76.92 -130.57
C THR IA 196 9.31 -77.14 -129.92
N ALA IA 197 8.76 -76.13 -129.24
CA ALA IA 197 7.41 -76.25 -128.70
C ALA IA 197 6.35 -75.74 -129.65
N ILE IA 198 6.66 -74.69 -130.40
CA ILE IA 198 5.71 -74.19 -131.41
C ILE IA 198 5.63 -75.16 -132.58
N THR IA 199 6.77 -75.67 -133.03
CA THR IA 199 6.79 -76.66 -134.11
C THR IA 199 6.23 -78.02 -133.69
N CYS IA 200 5.95 -78.23 -132.41
CA CYS IA 200 5.22 -79.42 -132.01
C CYS IA 200 3.78 -79.36 -132.48
N LEU IA 201 3.03 -78.36 -132.00
CA LEU IA 201 1.62 -78.26 -132.35
C LEU IA 201 1.40 -77.55 -133.68
N SER IA 202 2.45 -77.14 -134.37
CA SER IA 202 2.31 -76.68 -135.73
C SER IA 202 2.40 -77.81 -136.74
N THR IA 203 3.03 -78.93 -136.38
CA THR IA 203 3.10 -80.07 -137.26
C THR IA 203 2.08 -81.15 -136.92
N VAL IA 204 1.65 -81.21 -135.67
CA VAL IA 204 0.55 -82.10 -135.32
C VAL IA 204 -0.77 -81.55 -135.86
N LEU IA 205 -1.05 -80.28 -135.57
CA LEU IA 205 -2.31 -79.68 -135.99
C LEU IA 205 -2.29 -79.19 -137.43
N SER IA 206 -1.09 -78.99 -138.00
CA SER IA 206 -0.87 -78.57 -139.38
C SER IA 206 -1.59 -77.24 -139.67
N ILE IA 207 -1.13 -76.20 -138.99
CA ILE IA 207 -1.76 -74.89 -139.05
C ILE IA 207 -0.88 -73.87 -139.75
N ASP IA 208 0.35 -73.69 -139.25
CA ASP IA 208 1.31 -72.68 -139.70
C ASP IA 208 0.70 -71.27 -139.59
N PHE IA 209 0.48 -70.88 -138.34
CA PHE IA 209 -0.41 -69.78 -137.97
C PHE IA 209 0.31 -68.44 -137.95
N LYS IA 210 -0.49 -67.40 -137.68
CA LYS IA 210 -0.16 -66.05 -137.32
C LYS IA 210 -0.25 -65.88 -135.81
N PRO IA 211 0.40 -64.87 -135.20
CA PRO IA 211 0.50 -64.85 -133.73
C PRO IA 211 -0.76 -64.56 -132.93
N SER IA 212 -1.93 -64.52 -133.57
CA SER IA 212 -3.13 -64.17 -132.84
C SER IA 212 -3.87 -65.36 -132.26
N GLU IA 213 -3.39 -66.59 -132.49
CA GLU IA 213 -4.13 -67.77 -132.05
C GLU IA 213 -3.46 -68.58 -130.96
N ILE IA 214 -2.24 -68.25 -130.56
CA ILE IA 214 -1.57 -69.00 -129.51
C ILE IA 214 -1.18 -68.04 -128.40
N GLU IA 215 -0.79 -68.62 -127.27
CA GLU IA 215 -0.35 -67.84 -126.11
C GLU IA 215 0.71 -68.63 -125.37
N VAL IA 216 1.74 -67.94 -124.92
CA VAL IA 216 2.97 -68.56 -124.43
C VAL IA 216 3.33 -67.94 -123.10
N GLY IA 217 3.46 -68.76 -122.07
CA GLY IA 217 4.04 -68.37 -120.80
C GLY IA 217 5.41 -69.00 -120.68
N VAL IA 218 6.27 -68.41 -119.84
CA VAL IA 218 7.67 -68.83 -119.77
C VAL IA 218 8.21 -68.48 -118.39
N VAL IA 219 9.20 -69.25 -117.95
CA VAL IA 219 10.01 -68.91 -116.79
C VAL IA 219 11.43 -69.36 -117.09
N THR IA 220 12.40 -68.61 -116.56
CA THR IA 220 13.81 -68.79 -116.90
C THR IA 220 14.61 -68.41 -115.66
N VAL IA 221 15.77 -69.05 -115.46
CA VAL IA 221 16.59 -68.62 -114.33
C VAL IA 221 17.48 -67.48 -114.80
N GLU IA 222 16.86 -66.35 -115.10
CA GLU IA 222 17.38 -65.00 -114.88
C GLU IA 222 16.25 -64.08 -114.47
N ASN IA 223 15.02 -64.44 -114.79
CA ASN IA 223 13.82 -63.72 -114.37
C ASN IA 223 12.85 -64.81 -113.96
N PRO IA 224 12.79 -65.17 -112.68
CA PRO IA 224 11.91 -66.25 -112.23
C PRO IA 224 10.44 -65.88 -112.16
N LYS IA 225 10.06 -64.67 -112.55
CA LYS IA 225 8.65 -64.30 -112.58
C LYS IA 225 7.98 -64.99 -113.74
N PHE IA 226 6.84 -65.63 -113.47
CA PHE IA 226 6.03 -66.17 -114.55
C PHE IA 226 5.44 -65.04 -115.36
N ARG IA 227 5.77 -65.01 -116.65
CA ARG IA 227 5.38 -63.91 -117.50
C ARG IA 227 4.75 -64.44 -118.78
N ILE IA 228 3.81 -63.67 -119.31
CA ILE IA 228 3.05 -64.05 -120.50
C ILE IA 228 3.52 -63.16 -121.64
N LEU IA 229 3.86 -63.77 -122.76
CA LEU IA 229 4.47 -63.05 -123.86
C LEU IA 229 3.46 -62.17 -124.59
N THR IA 230 3.93 -61.00 -125.00
CA THR IA 230 3.18 -60.11 -125.86
C THR IA 230 3.12 -60.71 -127.25
N GLU IA 231 2.04 -60.39 -127.99
CA GLU IA 231 1.88 -60.88 -129.35
C GLU IA 231 2.96 -60.35 -130.29
N ALA IA 232 3.53 -59.19 -129.99
CA ALA IA 232 4.62 -58.65 -130.81
C ALA IA 232 5.87 -59.51 -130.69
N GLU IA 233 6.24 -59.91 -129.47
CA GLU IA 233 7.41 -60.75 -129.30
C GLU IA 233 7.13 -62.22 -129.55
N ILE IA 234 5.86 -62.61 -129.61
CA ILE IA 234 5.51 -63.91 -130.19
C ILE IA 234 5.85 -63.92 -131.67
N ASP IA 235 5.58 -62.80 -132.35
CA ASP IA 235 5.83 -62.70 -133.79
C ASP IA 235 7.32 -62.73 -134.10
N ALA IA 236 8.16 -62.27 -133.17
CA ALA IA 236 9.60 -62.31 -133.36
C ALA IA 236 10.12 -63.74 -133.41
N HIS IA 237 9.65 -64.59 -132.51
CA HIS IA 237 9.99 -66.01 -132.58
C HIS IA 237 9.35 -66.71 -133.76
N LEU IA 238 8.25 -66.19 -134.27
CA LEU IA 238 7.53 -66.88 -135.33
C LEU IA 238 8.18 -66.63 -136.69
N VAL IA 239 8.60 -65.39 -136.96
CA VAL IA 239 9.24 -65.11 -138.23
C VAL IA 239 10.67 -65.63 -138.27
N ALA IA 240 11.29 -65.84 -137.10
CA ALA IA 240 12.58 -66.51 -137.07
C ALA IA 240 12.42 -68.02 -137.21
N LEU IA 241 11.23 -68.54 -136.94
CA LEU IA 241 10.98 -69.96 -137.15
C LEU IA 241 10.85 -70.27 -138.63
N ALA IA 242 10.43 -69.29 -139.43
CA ALA IA 242 10.39 -69.44 -140.89
C ALA IA 242 11.67 -68.84 -141.44
N GLU IA 243 12.69 -69.68 -141.62
CA GLU IA 243 14.00 -69.21 -142.05
C GLU IA 243 14.00 -68.82 -143.52
N GLU JA 2 -21.30 -79.77 -97.59
CA GLU JA 2 -22.35 -80.74 -97.86
C GLU JA 2 -22.38 -81.82 -96.78
N ARG JA 3 -22.63 -83.05 -97.20
CA ARG JA 3 -22.77 -84.17 -96.28
C ARG JA 3 -22.38 -85.45 -97.02
N GLY JA 4 -22.64 -86.59 -96.41
CA GLY JA 4 -22.20 -87.86 -96.98
C GLY JA 4 -23.34 -88.73 -97.46
N TYR JA 5 -23.17 -90.03 -97.38
CA TYR JA 5 -24.28 -90.95 -97.64
C TYR JA 5 -24.75 -91.71 -96.42
N SER JA 6 -23.82 -92.08 -95.53
CA SER JA 6 -24.10 -92.72 -94.23
C SER JA 6 -24.81 -94.06 -94.40
N PHE JA 7 -24.48 -94.79 -95.47
CA PHE JA 7 -24.88 -96.18 -95.57
C PHE JA 7 -23.78 -96.96 -96.27
N SER JA 8 -23.57 -98.19 -95.80
CA SER JA 8 -22.54 -99.05 -96.39
C SER JA 8 -22.98 -99.51 -97.76
N LEU JA 9 -22.13 -99.27 -98.76
CA LEU JA 9 -22.33 -99.81 -100.09
C LEU JA 9 -21.58 -101.12 -100.29
N THR JA 10 -21.19 -101.78 -99.20
CA THR JA 10 -20.59 -103.10 -99.24
C THR JA 10 -21.44 -104.01 -98.37
N THR JA 11 -22.14 -104.95 -99.00
CA THR JA 11 -23.05 -105.85 -98.30
C THR JA 11 -22.61 -107.29 -98.53
N PHE JA 12 -23.23 -108.20 -97.79
CA PHE JA 12 -22.99 -109.62 -97.95
C PHE JA 12 -23.75 -110.14 -99.15
N SER JA 13 -23.08 -110.95 -99.97
CA SER JA 13 -23.76 -111.70 -100.99
C SER JA 13 -24.61 -112.80 -100.36
N PRO JA 14 -25.60 -113.31 -101.08
CA PRO JA 14 -26.31 -114.51 -100.60
C PRO JA 14 -25.43 -115.75 -100.50
N SER JA 15 -24.29 -115.78 -101.20
CA SER JA 15 -23.30 -116.81 -100.97
C SER JA 15 -22.34 -116.47 -99.84
N GLY JA 16 -22.52 -115.32 -99.18
CA GLY JA 16 -21.73 -115.00 -98.01
C GLY JA 16 -20.35 -114.44 -98.29
N LYS JA 17 -20.19 -113.65 -99.34
CA LYS JA 17 -18.89 -113.10 -99.69
C LYS JA 17 -19.03 -111.60 -99.92
N LEU JA 18 -18.12 -110.82 -99.35
CA LEU JA 18 -18.13 -109.38 -99.58
C LEU JA 18 -17.54 -109.10 -100.96
N VAL JA 19 -18.40 -108.66 -101.88
CA VAL JA 19 -18.06 -108.68 -103.29
C VAL JA 19 -17.11 -107.55 -103.64
N GLN JA 20 -17.28 -106.39 -103.00
CA GLN JA 20 -16.42 -105.24 -103.30
C GLN JA 20 -15.00 -105.45 -102.84
N ILE JA 21 -14.79 -106.22 -101.77
CA ILE JA 21 -13.43 -106.55 -101.36
C ILE JA 21 -12.83 -107.54 -102.33
N GLU JA 22 -13.64 -108.47 -102.85
CA GLU JA 22 -13.18 -109.41 -103.85
C GLU JA 22 -12.83 -108.71 -105.16
N TYR JA 23 -13.48 -107.60 -105.46
CA TYR JA 23 -13.12 -106.85 -106.65
C TYR JA 23 -11.89 -105.99 -106.41
N ALA JA 24 -11.67 -105.55 -105.17
CA ALA JA 24 -10.49 -104.75 -104.87
C ALA JA 24 -9.22 -105.58 -104.95
N LEU JA 25 -9.31 -106.87 -104.69
CA LEU JA 25 -8.16 -107.74 -104.85
C LEU JA 25 -7.83 -107.96 -106.32
N ALA JA 26 -8.79 -107.76 -107.22
CA ALA JA 26 -8.49 -107.84 -108.64
C ALA JA 26 -7.67 -106.65 -109.09
N ALA JA 27 -7.90 -105.48 -108.51
CA ALA JA 27 -7.10 -104.31 -108.86
C ALA JA 27 -5.70 -104.40 -108.27
N VAL JA 28 -5.55 -105.10 -107.14
CA VAL JA 28 -4.23 -105.31 -106.56
C VAL JA 28 -3.41 -106.24 -107.44
N ALA JA 29 -4.04 -107.27 -107.98
CA ALA JA 29 -3.33 -108.25 -108.78
C ALA JA 29 -2.90 -107.71 -110.14
N GLY JA 30 -3.47 -106.59 -110.58
CA GLY JA 30 -3.07 -106.01 -111.85
C GLY JA 30 -2.09 -104.88 -111.69
N GLY JA 31 -1.43 -104.80 -110.53
CA GLY JA 31 -0.46 -103.76 -110.26
C GLY JA 31 0.94 -104.15 -110.68
N ALA JA 32 1.88 -103.31 -110.32
CA ALA JA 32 3.27 -103.61 -110.62
C ALA JA 32 3.79 -104.68 -109.67
N PRO JA 33 4.59 -105.63 -110.16
CA PRO JA 33 5.08 -106.70 -109.30
C PRO JA 33 6.12 -106.19 -108.31
N SER JA 34 6.11 -106.79 -107.12
CA SER JA 34 7.02 -106.39 -106.06
C SER JA 34 7.22 -107.56 -105.11
N VAL JA 35 8.45 -107.74 -104.64
CA VAL JA 35 8.79 -108.83 -103.74
C VAL JA 35 9.41 -108.25 -102.49
N GLY JA 36 9.34 -109.03 -101.40
CA GLY JA 36 9.94 -108.64 -100.14
C GLY JA 36 10.51 -109.82 -99.40
N ILE JA 37 11.76 -109.73 -98.93
CA ILE JA 37 12.48 -110.86 -98.35
C ILE JA 37 13.20 -110.38 -97.09
N LYS JA 38 12.96 -111.05 -95.97
CA LYS JA 38 13.77 -110.86 -94.78
C LYS JA 38 14.73 -112.04 -94.62
N ALA JA 39 15.98 -111.74 -94.26
CA ALA JA 39 16.97 -112.79 -94.03
C ALA JA 39 17.94 -112.39 -92.93
N ALA JA 40 17.58 -112.68 -91.68
CA ALA JA 40 18.47 -112.88 -90.53
C ALA JA 40 19.28 -111.68 -90.06
N ASN JA 41 19.35 -110.60 -90.84
CA ASN JA 41 19.89 -109.34 -90.34
C ASN JA 41 19.16 -108.12 -90.86
N GLY JA 42 18.27 -108.27 -91.83
CA GLY JA 42 17.54 -107.14 -92.37
C GLY JA 42 16.57 -107.64 -93.42
N VAL JA 43 15.74 -106.71 -93.89
CA VAL JA 43 14.68 -107.01 -94.84
C VAL JA 43 15.00 -106.27 -96.14
N VAL JA 44 14.71 -106.91 -97.26
CA VAL JA 44 14.89 -106.33 -98.58
C VAL JA 44 13.53 -106.13 -99.21
N LEU JA 45 13.23 -104.89 -99.60
CA LEU JA 45 12.03 -104.59 -100.35
C LEU JA 45 12.41 -104.11 -101.74
N ALA JA 46 11.88 -104.78 -102.76
CA ALA JA 46 12.23 -104.46 -104.12
C ALA JA 46 10.97 -104.43 -104.97
N THR JA 47 10.86 -103.42 -105.81
CA THR JA 47 9.70 -103.23 -106.67
C THR JA 47 10.17 -103.02 -108.10
N GLU JA 48 9.23 -102.67 -108.96
CA GLU JA 48 9.46 -102.64 -110.39
C GLU JA 48 8.77 -101.40 -110.97
N LYS JA 49 9.55 -100.40 -111.36
CA LYS JA 49 9.03 -99.09 -111.72
C LYS JA 49 9.44 -98.75 -113.13
N LYS JA 50 8.54 -98.94 -114.08
CA LYS JA 50 8.78 -98.59 -115.48
C LYS JA 50 7.96 -97.37 -115.84
N GLN JA 51 8.63 -96.30 -116.24
CA GLN JA 51 7.94 -95.18 -116.86
C GLN JA 51 7.41 -95.60 -118.23
N LYS JA 52 6.30 -94.97 -118.63
CA LYS JA 52 5.66 -95.37 -119.88
C LYS JA 52 6.45 -94.88 -121.10
N SER JA 53 7.19 -93.80 -120.96
CA SER JA 53 7.96 -93.26 -122.08
C SER JA 53 9.22 -92.60 -121.54
N ILE JA 54 10.05 -92.11 -122.46
CA ILE JA 54 11.30 -91.48 -122.08
C ILE JA 54 11.14 -90.05 -121.58
N LEU JA 55 9.92 -89.52 -121.62
CA LEU JA 55 9.68 -88.14 -121.18
C LEU JA 55 9.56 -88.00 -119.68
N TYR JA 56 9.39 -89.09 -118.95
CA TYR JA 56 9.08 -88.98 -117.55
C TYR JA 56 10.36 -88.80 -116.74
N ASP JA 57 10.27 -88.06 -115.64
CA ASP JA 57 11.39 -87.87 -114.75
C ASP JA 57 11.26 -88.92 -113.64
N GLU JA 58 12.11 -89.93 -113.70
CA GLU JA 58 12.06 -91.05 -112.77
C GLU JA 58 12.53 -90.68 -111.37
N ARG JA 59 13.26 -89.58 -111.22
CA ARG JA 59 13.75 -89.15 -109.91
C ARG JA 59 12.78 -88.20 -109.22
N SER JA 60 11.50 -88.26 -109.58
CA SER JA 60 10.50 -87.35 -109.05
C SER JA 60 9.60 -88.04 -108.03
N VAL JA 61 9.07 -89.20 -108.35
CA VAL JA 61 8.23 -89.96 -107.42
C VAL JA 61 9.02 -91.17 -106.94
N HIS JA 62 8.53 -91.78 -105.88
CA HIS JA 62 9.18 -92.94 -105.29
C HIS JA 62 8.14 -93.96 -104.88
N LYS JA 63 8.39 -95.22 -105.23
CA LYS JA 63 7.59 -96.32 -104.73
C LYS JA 63 7.94 -96.66 -103.29
N VAL JA 64 9.23 -96.77 -103.00
CA VAL JA 64 9.69 -97.14 -101.67
C VAL JA 64 9.70 -95.89 -100.79
N GLU JA 65 8.95 -95.93 -99.70
CA GLU JA 65 8.81 -94.78 -98.83
C GLU JA 65 9.21 -95.14 -97.42
N PRO JA 66 9.89 -94.25 -96.71
CA PRO JA 66 10.15 -94.47 -95.28
C PRO JA 66 9.02 -93.91 -94.43
N ILE JA 67 8.75 -94.60 -93.34
CA ILE JA 67 7.73 -94.14 -92.39
C ILE JA 67 8.36 -93.44 -91.21
N THR JA 68 9.48 -93.97 -90.74
CA THR JA 68 10.22 -93.39 -89.63
C THR JA 68 11.70 -93.66 -89.89
N LYS JA 69 12.51 -93.57 -88.84
CA LYS JA 69 13.93 -93.91 -88.92
C LYS JA 69 14.14 -95.34 -89.37
N HIS JA 70 13.25 -96.27 -89.02
CA HIS JA 70 13.52 -97.68 -89.22
C HIS JA 70 12.38 -98.47 -89.85
N ILE JA 71 11.42 -97.83 -90.50
CA ILE JA 71 10.29 -98.53 -91.11
C ILE JA 71 10.09 -98.02 -92.53
N GLY JA 72 10.17 -98.93 -93.50
CA GLY JA 72 9.87 -98.64 -94.88
C GLY JA 72 8.62 -99.38 -95.33
N LEU JA 73 8.15 -99.01 -96.52
CA LEU JA 73 6.82 -99.45 -96.94
C LEU JA 73 6.70 -99.32 -98.44
N VAL JA 74 6.33 -100.41 -99.11
CA VAL JA 74 6.07 -100.44 -100.55
C VAL JA 74 4.66 -100.94 -100.77
N TYR JA 75 4.23 -100.94 -102.03
CA TYR JA 75 2.87 -101.31 -102.36
C TYR JA 75 2.83 -102.05 -103.69
N SER JA 76 1.65 -102.56 -104.01
CA SER JA 76 1.36 -103.06 -105.34
C SER JA 76 -0.15 -102.92 -105.52
N GLY JA 77 -0.56 -101.88 -106.25
CA GLY JA 77 -1.96 -101.58 -106.40
C GLY JA 77 -2.14 -100.37 -107.29
N MET JA 78 -3.02 -99.45 -106.92
CA MET JA 78 -3.15 -98.22 -107.68
C MET JA 78 -2.53 -97.05 -106.92
N GLY JA 79 -2.02 -96.11 -107.70
CA GLY JA 79 -1.21 -95.01 -107.22
C GLY JA 79 -1.80 -94.07 -106.18
N PRO JA 80 -2.88 -93.34 -106.51
CA PRO JA 80 -3.35 -92.29 -105.60
C PRO JA 80 -3.91 -92.81 -104.28
N ASP JA 81 -4.33 -94.07 -104.19
CA ASP JA 81 -4.73 -94.61 -102.90
C ASP JA 81 -3.55 -94.83 -101.97
N TYR JA 82 -2.36 -95.03 -102.54
CA TYR JA 82 -1.18 -95.31 -101.74
C TYR JA 82 -0.73 -94.09 -100.95
N ARG JA 83 -0.75 -92.92 -101.58
CA ARG JA 83 -0.26 -91.71 -100.92
C ARG JA 83 -1.17 -91.25 -99.80
N VAL JA 84 -2.41 -91.74 -99.77
CA VAL JA 84 -3.32 -91.37 -98.69
C VAL JA 84 -2.93 -92.07 -97.40
N LEU JA 85 -2.80 -93.39 -97.45
CA LEU JA 85 -2.48 -94.14 -96.26
C LEU JA 85 -0.99 -94.14 -95.93
N VAL JA 86 -0.15 -93.56 -96.78
CA VAL JA 86 1.19 -93.21 -96.34
C VAL JA 86 1.12 -92.06 -95.36
N HIS JA 87 0.48 -90.95 -95.77
CA HIS JA 87 0.34 -89.77 -94.93
C HIS JA 87 -0.46 -90.06 -93.67
N ARG JA 88 -1.35 -91.06 -93.73
CA ARG JA 88 -1.99 -91.53 -92.52
C ARG JA 88 -0.99 -92.26 -91.62
N ALA JA 89 -0.17 -93.12 -92.20
CA ALA JA 89 0.76 -93.90 -91.39
C ALA JA 89 1.94 -93.08 -90.91
N ARG JA 90 2.28 -92.00 -91.63
CA ARG JA 90 3.27 -91.06 -91.12
C ARG JA 90 2.78 -90.41 -89.84
N LYS JA 91 1.49 -90.08 -89.79
CA LYS JA 91 0.94 -89.44 -88.61
C LYS JA 91 0.79 -90.40 -87.44
N LEU JA 92 0.40 -91.65 -87.72
CA LEU JA 92 0.19 -92.63 -86.65
C LEU JA 92 1.48 -92.96 -85.92
N ALA JA 93 2.62 -92.89 -86.60
CA ALA JA 93 3.89 -93.09 -85.94
C ALA JA 93 4.27 -91.92 -85.04
N GLN JA 94 3.64 -90.77 -85.24
CA GLN JA 94 3.96 -89.62 -84.41
C GLN JA 94 3.16 -89.62 -83.12
N GLN JA 95 1.88 -89.97 -83.17
CA GLN JA 95 1.11 -90.00 -81.93
C GLN JA 95 1.52 -91.15 -81.03
N TYR JA 96 2.16 -92.18 -81.56
CA TYR JA 96 2.79 -93.15 -80.67
C TYR JA 96 4.02 -92.53 -80.01
N TYR JA 97 4.74 -91.68 -80.75
CA TYR JA 97 5.99 -91.16 -80.24
C TYR JA 97 5.77 -90.05 -79.24
N LEU JA 98 4.71 -89.26 -79.40
CA LEU JA 98 4.45 -88.18 -78.45
C LEU JA 98 3.94 -88.69 -77.12
N VAL JA 99 3.42 -89.91 -77.06
CA VAL JA 99 2.93 -90.48 -75.81
C VAL JA 99 4.09 -91.18 -75.12
N TYR JA 100 4.79 -92.02 -75.85
CA TYR JA 100 5.70 -92.98 -75.25
C TYR JA 100 7.16 -92.59 -75.33
N GLN JA 101 7.51 -91.61 -76.16
CA GLN JA 101 8.89 -91.16 -76.41
C GLN JA 101 9.78 -92.32 -76.86
N GLU JA 102 9.33 -93.03 -77.89
CA GLU JA 102 9.97 -94.23 -78.35
C GLU JA 102 9.56 -94.45 -79.78
N PRO JA 103 10.48 -94.92 -80.65
CA PRO JA 103 10.07 -95.33 -82.00
C PRO JA 103 9.09 -96.49 -81.94
N ILE JA 104 8.12 -96.47 -82.83
CA ILE JA 104 7.01 -97.41 -82.77
C ILE JA 104 7.49 -98.80 -83.20
N PRO JA 105 7.04 -99.87 -82.56
CA PRO JA 105 7.31 -101.20 -83.08
C PRO JA 105 6.61 -101.40 -84.41
N THR JA 106 7.21 -102.23 -85.25
CA THR JA 106 6.63 -102.49 -86.56
C THR JA 106 5.35 -103.28 -86.48
N ALA JA 107 5.19 -104.09 -85.44
CA ALA JA 107 3.94 -104.82 -85.25
C ALA JA 107 2.80 -103.87 -84.90
N GLN JA 108 3.05 -102.89 -84.03
CA GLN JA 108 2.01 -101.99 -83.59
C GLN JA 108 1.60 -101.00 -84.66
N LEU JA 109 2.47 -100.75 -85.65
CA LEU JA 109 2.06 -99.93 -86.78
C LEU JA 109 1.06 -100.66 -87.65
N VAL JA 110 1.28 -101.95 -87.88
CA VAL JA 110 0.39 -102.74 -88.72
C VAL JA 110 -0.92 -103.01 -88.00
N GLN JA 111 -0.90 -103.01 -86.66
CA GLN JA 111 -2.13 -103.03 -85.88
C GLN JA 111 -3.01 -101.83 -86.19
N ARG JA 112 -2.39 -100.68 -86.47
CA ARG JA 112 -3.14 -99.44 -86.61
C ARG JA 112 -3.34 -99.03 -88.05
N VAL JA 113 -2.50 -99.46 -88.97
CA VAL JA 113 -2.74 -99.18 -90.38
C VAL JA 113 -3.86 -100.07 -90.91
N ALA JA 114 -3.84 -101.35 -90.55
CA ALA JA 114 -4.89 -102.26 -90.96
C ALA JA 114 -6.22 -101.96 -90.27
N SER JA 115 -6.20 -101.29 -89.12
CA SER JA 115 -7.44 -100.86 -88.50
C SER JA 115 -8.08 -99.73 -89.29
N VAL JA 116 -7.27 -98.94 -90.00
CA VAL JA 116 -7.83 -97.91 -90.86
C VAL JA 116 -8.52 -98.54 -92.06
N MET JA 117 -7.91 -99.58 -92.63
CA MET JA 117 -8.45 -100.17 -93.85
C MET JA 117 -9.71 -100.97 -93.58
N GLN JA 118 -9.83 -101.61 -92.40
CA GLN JA 118 -11.07 -102.28 -92.05
C GLN JA 118 -12.16 -101.27 -91.77
N GLU JA 119 -11.82 -100.18 -91.08
CA GLU JA 119 -12.79 -99.14 -90.80
C GLU JA 119 -13.29 -98.48 -92.08
N TYR JA 120 -12.49 -98.54 -93.12
CA TYR JA 120 -12.84 -97.86 -94.36
C TYR JA 120 -13.65 -98.75 -95.30
N THR JA 121 -13.76 -100.03 -95.02
CA THR JA 121 -14.59 -100.92 -95.84
C THR JA 121 -15.94 -101.24 -95.20
N GLN JA 122 -16.27 -100.59 -94.09
CA GLN JA 122 -17.57 -100.75 -93.46
C GLN JA 122 -18.37 -99.47 -93.40
N SER JA 123 -17.70 -98.32 -93.30
CA SER JA 123 -18.36 -97.04 -93.11
C SER JA 123 -19.16 -96.62 -94.35
N GLY JA 124 -19.88 -95.51 -94.22
CA GLY JA 124 -20.89 -95.18 -95.18
C GLY JA 124 -20.34 -94.45 -96.40
N GLY JA 125 -20.63 -95.00 -97.58
CA GLY JA 125 -20.47 -94.25 -98.82
C GLY JA 125 -19.08 -94.24 -99.40
N VAL JA 126 -18.29 -95.29 -99.20
CA VAL JA 126 -16.90 -95.31 -99.62
C VAL JA 126 -16.58 -96.66 -100.24
N ARG JA 127 -15.79 -96.62 -101.18
CA ARG JA 127 -15.25 -97.83 -101.79
C ARG JA 127 -13.96 -98.19 -101.07
N PRO JA 128 -13.58 -99.47 -100.99
CA PRO JA 128 -12.37 -99.83 -100.23
C PRO JA 128 -11.10 -99.45 -100.98
N PHE JA 129 -9.98 -99.53 -100.28
CA PHE JA 129 -8.71 -99.24 -100.92
C PHE JA 129 -8.36 -100.32 -101.94
N GLY JA 130 -7.52 -99.94 -102.90
CA GLY JA 130 -7.09 -100.88 -103.93
C GLY JA 130 -5.60 -101.15 -103.91
N VAL JA 131 -5.02 -101.26 -102.71
CA VAL JA 131 -3.59 -101.50 -102.56
C VAL JA 131 -3.35 -102.58 -101.51
N SER JA 132 -2.24 -103.27 -101.65
CA SER JA 132 -1.71 -104.13 -100.60
C SER JA 132 -0.31 -103.64 -100.28
N LEU JA 133 0.12 -103.85 -99.03
CA LEU JA 133 1.33 -103.25 -98.54
C LEU JA 133 2.35 -104.31 -98.15
N LEU JA 134 3.62 -103.89 -98.08
CA LEU JA 134 4.67 -104.68 -97.48
C LEU JA 134 5.46 -103.75 -96.57
N ILE JA 135 5.59 -104.13 -95.30
CA ILE JA 135 6.16 -103.26 -94.28
C ILE JA 135 7.33 -103.99 -93.64
N CYS JA 136 8.46 -103.32 -93.56
CA CYS JA 136 9.69 -103.86 -93.02
C CYS JA 136 10.09 -103.09 -91.77
N GLY JA 137 11.13 -103.58 -91.10
CA GLY JA 137 11.67 -102.87 -89.95
C GLY JA 137 12.37 -103.82 -89.02
N TRP JA 138 13.35 -103.27 -88.30
CA TRP JA 138 14.16 -104.03 -87.36
C TRP JA 138 13.99 -103.41 -85.98
N ASN JA 139 13.05 -103.94 -85.20
CA ASN JA 139 12.80 -103.51 -83.83
C ASN JA 139 13.34 -104.59 -82.90
N GLU JA 140 14.19 -104.19 -81.95
CA GLU JA 140 14.82 -105.05 -80.95
C GLU JA 140 15.63 -106.18 -81.61
N GLY JA 141 16.46 -105.79 -82.56
CA GLY JA 141 17.34 -106.75 -83.21
C GLY JA 141 16.68 -107.52 -84.34
N ARG JA 142 15.61 -108.26 -84.02
CA ARG JA 142 14.97 -109.12 -84.99
C ARG JA 142 14.22 -108.30 -86.04
N PRO JA 143 14.36 -108.62 -87.31
CA PRO JA 143 13.61 -107.90 -88.35
C PRO JA 143 12.19 -108.43 -88.50
N TYR JA 144 11.39 -107.68 -89.26
CA TYR JA 144 9.98 -108.03 -89.46
C TYR JA 144 9.57 -107.75 -90.89
N LEU JA 145 8.60 -108.52 -91.37
CA LEU JA 145 8.07 -108.36 -92.72
C LEU JA 145 6.60 -108.72 -92.72
N PHE JA 146 5.74 -107.72 -92.88
CA PHE JA 146 4.30 -107.89 -92.79
C PHE JA 146 3.63 -107.50 -94.10
N GLN JA 147 2.48 -108.10 -94.37
CA GLN JA 147 1.69 -107.78 -95.56
C GLN JA 147 0.24 -107.58 -95.17
N SER JA 148 -0.31 -106.41 -95.51
CA SER JA 148 -1.72 -106.14 -95.32
C SER JA 148 -2.47 -106.34 -96.65
N ASP JA 149 -3.77 -106.12 -96.60
CA ASP JA 149 -4.65 -106.32 -97.74
C ASP JA 149 -5.78 -105.31 -97.65
N PRO JA 150 -6.55 -105.08 -98.73
CA PRO JA 150 -7.68 -104.16 -98.63
C PRO JA 150 -8.79 -104.59 -97.68
N SER JA 151 -8.85 -105.86 -97.29
CA SER JA 151 -9.89 -106.25 -96.35
C SER JA 151 -9.58 -105.76 -94.94
N GLY JA 152 -8.31 -105.60 -94.61
CA GLY JA 152 -7.92 -105.19 -93.27
C GLY JA 152 -7.19 -106.24 -92.47
N ALA JA 153 -6.90 -107.40 -93.04
CA ALA JA 153 -6.13 -108.43 -92.34
C ALA JA 153 -4.65 -108.18 -92.54
N TYR JA 154 -3.81 -108.99 -91.91
CA TYR JA 154 -2.38 -108.87 -92.05
C TYR JA 154 -1.74 -110.21 -91.73
N PHE JA 155 -0.50 -110.38 -92.18
CA PHE JA 155 0.22 -111.63 -92.05
C PHE JA 155 1.67 -111.35 -91.69
N ALA JA 156 2.41 -112.41 -91.42
CA ALA JA 156 3.82 -112.32 -91.05
C ALA JA 156 4.62 -113.24 -91.96
N TRP JA 157 5.15 -112.70 -93.03
CA TRP JA 157 5.80 -113.49 -94.07
C TRP JA 157 7.30 -113.57 -93.83
N LYS JA 158 7.88 -114.68 -94.29
CA LYS JA 158 9.32 -114.77 -94.45
C LYS JA 158 9.75 -114.16 -95.77
N ALA JA 159 9.03 -114.48 -96.83
CA ALA JA 159 9.26 -113.93 -98.16
C ALA JA 159 7.97 -114.07 -98.96
N THR JA 160 7.63 -113.06 -99.73
CA THR JA 160 6.38 -113.06 -100.47
C THR JA 160 6.50 -112.12 -101.66
N ALA JA 161 5.51 -112.21 -102.54
CA ALA JA 161 5.45 -111.39 -103.74
C ALA JA 161 4.04 -110.85 -103.92
N MET JA 162 3.95 -109.61 -104.38
CA MET JA 162 2.67 -108.97 -104.64
C MET JA 162 2.73 -108.31 -106.00
N GLY JA 163 1.60 -108.34 -106.72
CA GLY JA 163 1.52 -107.75 -108.04
C GLY JA 163 1.18 -108.80 -109.08
N LYS JA 164 1.50 -108.48 -110.34
CA LYS JA 164 1.28 -109.43 -111.42
C LYS JA 164 2.25 -110.60 -111.30
N ASN JA 165 1.74 -111.79 -111.64
CA ASN JA 165 2.47 -113.05 -111.56
C ASN JA 165 2.99 -113.33 -110.16
N TYR JA 166 2.18 -112.98 -109.15
CA TYR JA 166 2.58 -113.22 -107.78
C TYR JA 166 2.53 -114.70 -107.44
N VAL JA 167 1.71 -115.48 -108.13
CA VAL JA 167 1.67 -116.91 -107.88
C VAL JA 167 2.88 -117.62 -108.46
N ASN JA 168 3.59 -116.99 -109.40
CA ASN JA 168 4.83 -117.57 -109.90
C ASN JA 168 6.03 -117.17 -109.08
N GLY JA 169 5.99 -115.99 -108.46
CA GLY JA 169 7.07 -115.55 -107.61
C GLY JA 169 7.11 -116.34 -106.32
N LYS JA 170 5.93 -116.71 -105.80
CA LYS JA 170 5.89 -117.46 -104.55
C LYS JA 170 6.38 -118.88 -104.74
N THR JA 171 6.22 -119.45 -105.94
CA THR JA 171 6.86 -120.73 -106.21
C THR JA 171 8.35 -120.56 -106.41
N PHE JA 172 8.78 -119.41 -106.93
CA PHE JA 172 10.20 -119.18 -107.15
C PHE JA 172 10.92 -118.91 -105.84
N LEU JA 173 10.29 -118.16 -104.93
CA LEU JA 173 10.89 -117.91 -103.63
C LEU JA 173 10.90 -119.15 -102.75
N GLU JA 174 9.95 -120.06 -102.95
CA GLU JA 174 9.89 -121.26 -102.14
C GLU JA 174 11.04 -122.19 -102.46
N LYS JA 175 11.50 -122.19 -103.72
CA LYS JA 175 12.64 -122.98 -104.12
C LYS JA 175 13.96 -122.25 -103.93
N ARG JA 176 13.93 -121.03 -103.39
CA ARG JA 176 15.14 -120.23 -103.25
C ARG JA 176 15.48 -119.88 -101.81
N TYR JA 177 14.50 -119.43 -101.02
CA TYR JA 177 14.76 -118.87 -99.71
C TYR JA 177 14.99 -119.96 -98.69
N ASN JA 178 15.95 -119.72 -97.79
CA ASN JA 178 16.13 -120.55 -96.61
C ASN JA 178 16.26 -119.66 -95.38
N GLU JA 179 16.63 -120.24 -94.25
CA GLU JA 179 16.74 -119.46 -93.02
C GLU JA 179 18.00 -118.61 -92.98
N ASP JA 180 19.05 -119.02 -93.66
CA ASP JA 180 20.38 -118.45 -93.45
C ASP JA 180 20.84 -117.73 -94.72
N LEU JA 181 20.61 -116.43 -94.76
CA LEU JA 181 21.15 -115.57 -95.79
C LEU JA 181 21.55 -114.25 -95.16
N GLU JA 182 22.49 -113.58 -95.81
CA GLU JA 182 22.83 -112.23 -95.41
C GLU JA 182 21.94 -111.24 -96.15
N LEU JA 183 22.13 -109.96 -95.89
CA LEU JA 183 21.32 -108.94 -96.57
C LEU JA 183 21.68 -108.84 -98.04
N GLU JA 184 22.98 -108.93 -98.36
CA GLU JA 184 23.40 -108.82 -99.75
C GLU JA 184 23.07 -110.06 -100.57
N ASP JA 185 22.77 -111.18 -99.91
CA ASP JA 185 22.29 -112.33 -100.64
C ASP JA 185 20.82 -112.19 -100.97
N ALA JA 186 20.06 -111.62 -100.04
CA ALA JA 186 18.64 -111.40 -100.28
C ALA JA 186 18.39 -110.35 -101.34
N ILE JA 187 19.30 -109.39 -101.48
CA ILE JA 187 19.23 -108.43 -102.58
C ILE JA 187 19.41 -109.15 -103.91
N HIS JA 188 20.32 -110.12 -103.95
CA HIS JA 188 20.61 -110.78 -105.21
C HIS JA 188 19.49 -111.71 -105.63
N THR JA 189 18.76 -112.28 -104.67
CA THR JA 189 17.65 -113.13 -105.04
C THR JA 189 16.35 -112.37 -105.19
N ALA JA 190 16.30 -111.11 -104.76
CA ALA JA 190 15.14 -110.27 -105.04
C ALA JA 190 15.19 -109.71 -106.45
N ILE JA 191 16.39 -109.46 -106.97
CA ILE JA 191 16.50 -109.09 -108.37
C ILE JA 191 16.27 -110.31 -109.25
N LEU JA 192 16.67 -111.49 -108.76
CA LEU JA 192 16.49 -112.71 -109.54
C LEU JA 192 15.03 -113.12 -109.63
N THR JA 193 14.19 -112.68 -108.70
CA THR JA 193 12.76 -112.95 -108.81
C THR JA 193 11.98 -111.83 -109.48
N LEU JA 194 12.54 -110.63 -109.54
CA LEU JA 194 11.90 -109.58 -110.32
C LEU JA 194 12.24 -109.67 -111.80
N LYS JA 195 13.29 -110.42 -112.15
CA LYS JA 195 13.61 -110.67 -113.53
C LYS JA 195 12.67 -111.67 -114.19
N GLU JA 196 11.81 -112.32 -113.40
CA GLU JA 196 10.85 -113.27 -113.95
C GLU JA 196 9.74 -112.58 -114.73
N SER JA 197 9.49 -111.30 -114.47
CA SER JA 197 8.30 -110.65 -115.00
C SER JA 197 8.58 -109.28 -115.60
N PHE JA 198 9.82 -108.80 -115.58
CA PHE JA 198 10.11 -107.50 -116.15
C PHE JA 198 10.32 -107.64 -117.66
N GLU JA 199 10.63 -106.52 -118.30
CA GLU JA 199 10.98 -106.52 -119.71
C GLU JA 199 12.43 -106.94 -119.89
N GLY JA 200 12.96 -106.72 -121.10
CA GLY JA 200 14.31 -107.14 -121.40
C GLY JA 200 15.38 -106.30 -120.72
N GLN JA 201 15.18 -105.01 -120.60
CA GLN JA 201 16.16 -104.12 -119.99
C GLN JA 201 15.74 -103.86 -118.54
N MET JA 202 16.54 -104.36 -117.62
CA MET JA 202 16.39 -104.05 -116.20
C MET JA 202 17.58 -103.17 -115.84
N THR JA 203 17.40 -101.87 -115.98
CA THR JA 203 18.48 -100.93 -115.76
C THR JA 203 18.48 -100.47 -114.31
N GLU JA 204 19.30 -99.47 -114.02
CA GLU JA 204 19.40 -98.93 -112.67
C GLU JA 204 18.22 -98.06 -112.27
N ASP JA 205 17.30 -97.79 -113.19
CA ASP JA 205 16.14 -96.95 -112.89
C ASP JA 205 14.81 -97.61 -113.22
N ASN JA 206 14.81 -98.86 -113.65
CA ASN JA 206 13.56 -99.59 -113.81
C ASN JA 206 13.11 -100.25 -112.52
N ILE JA 207 13.98 -100.31 -111.51
CA ILE JA 207 13.66 -100.94 -110.24
C ILE JA 207 13.95 -99.94 -109.12
N GLU JA 208 13.55 -100.32 -107.91
CA GLU JA 208 13.76 -99.46 -106.75
C GLU JA 208 13.82 -100.36 -105.52
N VAL JA 209 14.92 -100.31 -104.79
CA VAL JA 209 15.22 -101.25 -103.72
C VAL JA 209 15.44 -100.47 -102.43
N GLY JA 210 14.84 -100.93 -101.35
CA GLY JA 210 15.10 -100.37 -100.03
C GLY JA 210 15.36 -101.48 -99.02
N ILE JA 211 16.26 -101.20 -98.08
CA ILE JA 211 16.71 -102.20 -97.11
C ILE JA 211 16.53 -101.66 -95.71
N CYS JA 212 16.47 -102.60 -94.76
CA CYS JA 212 16.63 -102.30 -93.33
C CYS JA 212 17.85 -103.00 -92.79
N ASN JA 213 18.49 -102.36 -91.82
CA ASN JA 213 19.53 -102.95 -91.00
C ASN JA 213 19.16 -102.71 -89.56
N GLU JA 214 20.11 -102.97 -88.67
CA GLU JA 214 19.96 -102.42 -87.34
C GLU JA 214 20.42 -100.96 -87.31
N ALA JA 215 21.08 -100.51 -88.38
CA ALA JA 215 21.37 -99.10 -88.58
C ALA JA 215 20.16 -98.31 -89.02
N GLY JA 216 19.06 -98.97 -89.39
CA GLY JA 216 17.85 -98.27 -89.76
C GLY JA 216 17.44 -98.49 -91.20
N PHE JA 217 16.23 -98.07 -91.54
CA PHE JA 217 15.77 -98.15 -92.92
C PHE JA 217 16.48 -97.11 -93.78
N ARG JA 218 16.79 -97.48 -95.00
CA ARG JA 218 17.30 -96.55 -96.00
C ARG JA 218 16.93 -97.07 -97.37
N ARG JA 219 17.11 -96.20 -98.37
CA ARG JA 219 16.72 -96.48 -99.74
C ARG JA 219 17.93 -96.32 -100.64
N LEU JA 220 18.12 -97.29 -101.54
CA LEU JA 220 19.33 -97.34 -102.33
C LEU JA 220 19.33 -96.29 -103.43
N THR JA 221 20.48 -95.65 -103.63
CA THR JA 221 20.69 -94.77 -104.75
C THR JA 221 20.93 -95.60 -106.01
N PRO JA 222 20.70 -95.05 -107.20
CA PRO JA 222 20.93 -95.83 -108.43
C PRO JA 222 22.38 -96.15 -108.75
N THR JA 223 23.34 -95.66 -107.96
CA THR JA 223 24.73 -96.03 -108.18
C THR JA 223 24.98 -97.49 -107.82
N GLU JA 224 24.75 -97.84 -106.55
CA GLU JA 224 24.96 -99.21 -106.12
C GLU JA 224 23.85 -100.14 -106.58
N VAL JA 225 22.70 -99.59 -107.00
CA VAL JA 225 21.68 -100.42 -107.62
C VAL JA 225 22.18 -100.92 -108.97
N LYS JA 226 23.00 -100.13 -109.66
CA LYS JA 226 23.63 -100.59 -110.88
C LYS JA 226 24.66 -101.67 -110.62
N ASP JA 227 25.33 -101.62 -109.47
CA ASP JA 227 26.30 -102.64 -109.13
C ASP JA 227 25.63 -103.95 -108.73
N TYR JA 228 24.46 -103.87 -108.09
CA TYR JA 228 23.71 -105.08 -107.80
C TYR JA 228 23.05 -105.63 -109.06
N LEU JA 229 22.57 -104.74 -109.93
CA LEU JA 229 22.02 -105.20 -111.20
C LEU JA 229 23.10 -105.80 -112.09
N ALA JA 230 24.32 -105.28 -112.02
CA ALA JA 230 25.44 -105.94 -112.65
C ALA JA 230 25.79 -107.20 -111.88
N ALA JA 231 26.37 -108.17 -112.60
CA ALA JA 231 26.71 -109.50 -112.11
C ALA JA 231 25.50 -110.20 -111.47
N ILE JA 232 24.35 -110.08 -112.13
CA ILE JA 232 23.13 -110.68 -111.65
C ILE JA 232 22.69 -111.74 -112.66
N ALA JA 233 21.69 -112.52 -112.25
CA ALA JA 233 21.07 -113.60 -113.02
C ALA JA 233 22.06 -114.66 -113.53
N SER KA 1 -30.35 -90.93 -104.63
CA SER KA 1 -29.60 -91.48 -103.52
C SER KA 1 -30.33 -92.63 -102.84
N ARG KA 2 -31.64 -92.67 -103.00
CA ARG KA 2 -32.41 -93.80 -102.50
C ARG KA 2 -32.47 -94.94 -103.50
N ARG KA 3 -31.92 -94.75 -104.70
CA ARG KA 3 -31.81 -95.84 -105.65
C ARG KA 3 -30.65 -96.76 -105.30
N TYR KA 4 -29.61 -96.23 -104.65
CA TYR KA 4 -28.43 -97.01 -104.35
C TYR KA 4 -28.47 -97.65 -102.97
N ASP KA 5 -29.50 -97.38 -102.19
CA ASP KA 5 -29.56 -97.91 -100.83
C ASP KA 5 -30.04 -99.36 -100.86
N SER KA 6 -29.33 -100.21 -100.12
CA SER KA 6 -29.53 -101.65 -100.20
C SER KA 6 -30.42 -102.21 -99.10
N ARG KA 7 -30.72 -101.42 -98.06
CA ARG KA 7 -31.69 -101.73 -97.01
C ARG KA 7 -31.34 -103.02 -96.27
N THR KA 8 -30.23 -102.95 -95.55
CA THR KA 8 -29.69 -104.09 -94.80
C THR KA 8 -30.32 -104.26 -93.43
N THR KA 9 -31.53 -103.73 -93.21
CA THR KA 9 -32.09 -103.66 -91.87
C THR KA 9 -33.51 -104.20 -91.87
N ILE KA 10 -34.16 -104.16 -93.03
CA ILE KA 10 -35.58 -104.45 -93.11
C ILE KA 10 -35.84 -105.95 -93.01
N PHE KA 11 -37.09 -106.28 -92.74
CA PHE KA 11 -37.53 -107.67 -92.73
C PHE KA 11 -37.74 -108.17 -94.14
N SER KA 12 -37.93 -109.48 -94.25
CA SER KA 12 -38.34 -110.15 -95.47
C SER KA 12 -39.82 -110.53 -95.35
N PRO KA 13 -40.51 -110.72 -96.47
CA PRO KA 13 -41.96 -111.04 -96.40
C PRO KA 13 -42.27 -112.39 -95.76
N GLU KA 14 -41.30 -113.29 -95.61
CA GLU KA 14 -41.57 -114.51 -94.87
C GLU KA 14 -41.36 -114.35 -93.37
N GLY KA 15 -40.90 -113.19 -92.92
CA GLY KA 15 -40.80 -112.93 -91.50
C GLY KA 15 -39.38 -112.83 -90.98
N ARG KA 16 -38.50 -113.67 -91.49
CA ARG KA 16 -37.11 -113.65 -91.05
C ARG KA 16 -36.36 -112.52 -91.74
N LEU KA 17 -35.09 -112.36 -91.39
CA LEU KA 17 -34.28 -111.35 -92.04
C LEU KA 17 -33.06 -111.98 -92.70
N TYR KA 18 -32.71 -111.48 -93.88
CA TYR KA 18 -31.77 -112.18 -94.74
C TYR KA 18 -30.32 -111.87 -94.42
N GLN KA 19 -30.05 -110.71 -93.84
CA GLN KA 19 -28.67 -110.24 -93.83
C GLN KA 19 -27.82 -111.00 -92.84
N VAL KA 20 -28.35 -111.30 -91.65
CA VAL KA 20 -27.55 -112.05 -90.70
C VAL KA 20 -27.54 -113.53 -91.02
N GLU KA 21 -28.50 -114.01 -91.81
CA GLU KA 21 -28.49 -115.40 -92.19
C GLU KA 21 -27.46 -115.65 -93.27
N TYR KA 22 -27.16 -114.62 -94.07
CA TYR KA 22 -26.05 -114.70 -94.99
C TYR KA 22 -24.72 -114.67 -94.24
N ALA KA 23 -24.69 -113.95 -93.10
CA ALA KA 23 -23.48 -113.91 -92.29
C ALA KA 23 -23.26 -115.23 -91.56
N MET KA 24 -24.30 -115.80 -90.97
CA MET KA 24 -24.18 -117.10 -90.35
C MET KA 24 -24.02 -118.22 -91.37
N GLU KA 25 -24.34 -117.95 -92.63
CA GLU KA 25 -23.94 -118.87 -93.68
C GLU KA 25 -22.43 -118.84 -93.87
N ALA KA 26 -21.83 -117.65 -93.81
CA ALA KA 26 -20.39 -117.52 -93.95
C ALA KA 26 -19.64 -117.94 -92.69
N ILE KA 27 -20.33 -118.05 -91.55
CA ILE KA 27 -19.65 -118.44 -90.33
C ILE KA 27 -19.42 -119.93 -90.29
N GLY KA 28 -20.12 -120.69 -91.14
CA GLY KA 28 -19.88 -122.12 -91.22
C GLY KA 28 -18.50 -122.44 -91.77
N HIS KA 29 -18.19 -121.92 -92.96
CA HIS KA 29 -16.89 -122.12 -93.54
C HIS KA 29 -15.84 -121.27 -92.81
N ALA KA 30 -14.57 -121.50 -93.17
CA ALA KA 30 -13.42 -120.71 -92.75
C ALA KA 30 -13.23 -120.70 -91.23
N GLY KA 31 -12.89 -121.85 -90.69
CA GLY KA 31 -12.39 -121.91 -89.33
C GLY KA 31 -12.98 -123.09 -88.59
N THR KA 32 -12.33 -123.42 -87.47
CA THR KA 32 -12.81 -124.45 -86.56
C THR KA 32 -12.29 -124.17 -85.16
N CYS KA 33 -13.20 -123.98 -84.22
CA CYS KA 33 -12.86 -123.77 -82.82
C CYS KA 33 -13.80 -124.60 -81.96
N LEU KA 34 -13.30 -125.09 -80.83
CA LEU KA 34 -14.15 -125.81 -79.90
C LEU KA 34 -13.61 -125.66 -78.50
N GLY KA 35 -14.49 -125.90 -77.53
CA GLY KA 35 -14.12 -125.84 -76.13
C GLY KA 35 -14.74 -127.00 -75.36
N ILE KA 36 -14.20 -127.24 -74.18
CA ILE KA 36 -14.69 -128.33 -73.34
C ILE KA 36 -14.32 -128.01 -71.90
N LEU KA 37 -15.21 -128.39 -70.98
CA LEU KA 37 -14.90 -128.37 -69.55
C LEU KA 37 -15.79 -129.39 -68.86
N ALA KA 38 -15.27 -129.98 -67.79
CA ALA KA 38 -16.12 -130.60 -66.79
C ALA KA 38 -15.63 -130.38 -65.37
N ASN KA 39 -14.39 -129.94 -65.18
CA ASN KA 39 -13.79 -129.86 -63.87
C ASN KA 39 -12.86 -128.65 -63.89
N ASP KA 40 -11.92 -128.62 -62.95
CA ASP KA 40 -10.90 -127.59 -62.82
C ASP KA 40 -10.11 -127.36 -64.10
N GLY KA 41 -10.41 -126.28 -64.79
CA GLY KA 41 -9.78 -125.99 -66.06
C GLY KA 41 -10.77 -126.00 -67.21
N VAL KA 42 -10.40 -125.31 -68.29
CA VAL KA 42 -11.21 -125.23 -69.51
C VAL KA 42 -10.24 -124.96 -70.65
N LEU KA 43 -10.57 -125.50 -71.83
CA LEU KA 43 -9.65 -125.45 -72.95
C LEU KA 43 -10.33 -124.90 -74.20
N LEU KA 44 -9.50 -124.39 -75.11
CA LEU KA 44 -9.94 -123.96 -76.44
C LEU KA 44 -9.08 -124.68 -77.46
N ALA KA 45 -9.69 -125.55 -78.26
CA ALA KA 45 -9.02 -126.24 -79.34
C ALA KA 45 -9.42 -125.57 -80.65
N ALA KA 46 -8.44 -125.01 -81.35
CA ALA KA 46 -8.69 -124.34 -82.62
C ALA KA 46 -7.73 -124.85 -83.68
N GLU KA 47 -8.21 -124.90 -84.91
CA GLU KA 47 -7.46 -125.43 -86.04
C GLU KA 47 -6.95 -124.29 -86.90
N ARG KA 48 -5.65 -124.29 -87.17
CA ARG KA 48 -5.08 -123.29 -88.06
C ARG KA 48 -5.45 -123.61 -89.50
N ARG KA 49 -5.52 -122.54 -90.31
CA ARG KA 49 -5.94 -122.65 -91.70
C ARG KA 49 -4.82 -122.42 -92.68
N ASN KA 50 -4.14 -121.28 -92.59
CA ASN KA 50 -3.02 -120.99 -93.50
C ASN KA 50 -1.79 -121.71 -92.99
N ILE KA 51 -1.48 -122.85 -93.61
CA ILE KA 51 -0.37 -123.68 -93.16
C ILE KA 51 0.73 -123.66 -94.21
N HIS KA 52 0.87 -122.53 -94.91
CA HIS KA 52 1.89 -122.39 -95.93
C HIS KA 52 3.27 -122.36 -95.30
N LYS KA 53 4.27 -122.83 -96.03
CA LYS KA 53 5.62 -123.01 -95.52
C LYS KA 53 6.42 -121.71 -95.42
N LEU KA 54 5.82 -120.54 -95.65
CA LEU KA 54 6.53 -119.27 -95.49
C LEU KA 54 5.72 -118.36 -94.57
N LEU KA 55 5.86 -118.57 -93.26
CA LEU KA 55 5.27 -117.69 -92.28
C LEU KA 55 6.14 -117.66 -91.04
N ASP KA 56 6.04 -116.58 -90.27
CA ASP KA 56 6.93 -116.37 -89.14
C ASP KA 56 6.48 -117.05 -87.86
N GLU KA 57 5.18 -117.33 -87.70
CA GLU KA 57 4.58 -118.03 -86.55
C GLU KA 57 4.88 -117.30 -85.24
N VAL KA 58 4.32 -116.10 -85.13
CA VAL KA 58 4.58 -115.21 -84.01
C VAL KA 58 3.27 -114.74 -83.40
N PHE KA 59 3.37 -113.76 -82.48
CA PHE KA 59 2.26 -113.13 -81.76
C PHE KA 59 1.58 -114.09 -80.78
N PHE KA 60 2.27 -115.18 -80.41
CA PHE KA 60 1.95 -116.06 -79.28
C PHE KA 60 0.68 -116.90 -79.50
N SER KA 61 -0.08 -116.59 -80.54
CA SER KA 61 -1.41 -117.16 -80.76
C SER KA 61 -1.81 -116.80 -82.18
N GLU KA 62 -2.83 -117.48 -82.68
CA GLU KA 62 -3.39 -117.15 -83.99
C GLU KA 62 -4.85 -116.77 -83.91
N LYS KA 63 -5.67 -117.55 -83.25
CA LYS KA 63 -7.06 -117.23 -83.06
C LYS KA 63 -7.44 -117.11 -81.60
N ILE KA 64 -6.49 -117.20 -80.71
CA ILE KA 64 -6.72 -117.01 -79.28
C ILE KA 64 -6.36 -115.57 -78.94
N TYR KA 65 -7.24 -114.92 -78.18
CA TYR KA 65 -7.02 -113.53 -77.77
C TYR KA 65 -7.27 -113.42 -76.27
N LYS KA 66 -6.26 -113.01 -75.54
CA LYS KA 66 -6.43 -112.76 -74.11
C LYS KA 66 -7.20 -111.45 -73.93
N LEU KA 67 -8.33 -111.53 -73.26
CA LEU KA 67 -9.19 -110.36 -73.08
C LEU KA 67 -8.97 -109.67 -71.75
N ASN KA 68 -9.13 -110.40 -70.67
CA ASN KA 68 -8.97 -109.89 -69.32
C ASN KA 68 -7.71 -110.53 -68.76
N GLU KA 69 -7.46 -110.32 -67.47
CA GLU KA 69 -6.37 -111.06 -66.85
C GLU KA 69 -6.77 -112.47 -66.45
N ASP KA 70 -8.03 -112.85 -66.63
CA ASP KA 70 -8.44 -114.21 -66.27
C ASP KA 70 -9.46 -114.79 -67.25
N MET KA 71 -9.51 -114.28 -68.48
CA MET KA 71 -10.38 -114.88 -69.48
C MET KA 71 -9.87 -114.56 -70.86
N ALA KA 72 -10.25 -115.40 -71.82
CA ALA KA 72 -9.77 -115.27 -73.19
C ALA KA 72 -10.88 -115.71 -74.13
N CYS KA 73 -10.65 -115.54 -75.42
CA CYS KA 73 -11.65 -115.84 -76.43
C CYS KA 73 -11.00 -116.44 -77.66
N SER KA 74 -11.78 -117.27 -78.35
CA SER KA 74 -11.42 -117.81 -79.66
C SER KA 74 -12.45 -117.37 -80.67
N VAL KA 75 -12.00 -116.99 -81.86
CA VAL KA 75 -12.84 -116.26 -82.80
C VAL KA 75 -12.95 -117.07 -84.08
N ALA KA 76 -14.00 -116.80 -84.85
CA ALA KA 76 -14.21 -117.45 -86.14
C ALA KA 76 -14.96 -116.51 -87.07
N GLY KA 77 -14.60 -116.58 -88.35
CA GLY KA 77 -15.25 -115.76 -89.35
C GLY KA 77 -14.31 -114.83 -90.06
N ILE KA 78 -14.77 -113.62 -90.37
CA ILE KA 78 -13.93 -112.61 -91.01
C ILE KA 78 -12.92 -112.12 -90.00
N THR KA 79 -11.63 -112.34 -90.29
CA THR KA 79 -10.57 -112.00 -89.36
C THR KA 79 -10.40 -110.51 -89.16
N SER KA 80 -10.70 -109.71 -90.19
CA SER KA 80 -10.55 -108.27 -90.04
C SER KA 80 -11.65 -107.69 -89.19
N ASP KA 81 -12.88 -108.21 -89.30
CA ASP KA 81 -13.96 -107.80 -88.41
C ASP KA 81 -13.69 -108.26 -86.99
N ALA KA 82 -12.92 -109.33 -86.83
CA ALA KA 82 -12.60 -109.84 -85.50
C ALA KA 82 -11.69 -108.91 -84.73
N ASN KA 83 -10.78 -108.22 -85.42
CA ASN KA 83 -9.79 -107.38 -84.72
C ASN KA 83 -10.44 -106.14 -84.12
N VAL KA 84 -11.60 -105.74 -84.62
CA VAL KA 84 -12.30 -104.60 -84.07
C VAL KA 84 -13.08 -105.00 -82.83
N LEU KA 85 -13.68 -106.18 -82.85
CA LEU KA 85 -14.41 -106.63 -81.67
C LEU KA 85 -13.47 -106.98 -80.52
N THR KA 86 -12.32 -107.59 -80.82
CA THR KA 86 -11.42 -108.06 -79.76
C THR KA 86 -10.79 -106.90 -79.00
N ASN KA 87 -10.44 -105.81 -79.66
CA ASN KA 87 -10.01 -104.65 -78.90
C ASN KA 87 -11.16 -103.71 -78.55
N GLU KA 88 -12.40 -104.20 -78.60
CA GLU KA 88 -13.52 -103.43 -78.10
C GLU KA 88 -13.99 -103.95 -76.75
N LEU KA 89 -14.13 -105.26 -76.61
CA LEU KA 89 -14.45 -105.76 -75.28
C LEU KA 89 -13.22 -105.92 -74.42
N ARG KA 90 -12.04 -105.66 -74.97
CA ARG KA 90 -10.84 -105.61 -74.15
C ARG KA 90 -10.87 -104.39 -73.23
N LEU KA 91 -11.44 -103.28 -73.67
CA LEU KA 91 -11.56 -102.13 -72.79
C LEU KA 91 -12.94 -101.99 -72.20
N ILE KA 92 -13.88 -102.87 -72.53
CA ILE KA 92 -15.08 -102.98 -71.71
C ILE KA 92 -14.74 -103.59 -70.36
N ALA KA 93 -13.83 -104.56 -70.35
CA ALA KA 93 -13.37 -105.13 -69.08
C ALA KA 93 -12.53 -104.15 -68.29
N GLN KA 94 -11.87 -103.21 -68.96
CA GLN KA 94 -11.02 -102.27 -68.23
C GLN KA 94 -11.83 -101.11 -67.68
N ARG KA 95 -12.86 -100.66 -68.38
CA ARG KA 95 -13.71 -99.61 -67.82
C ARG KA 95 -14.60 -100.14 -66.72
N TYR KA 96 -14.82 -101.45 -66.65
CA TYR KA 96 -15.44 -102.06 -65.48
C TYR KA 96 -14.50 -101.98 -64.29
N LEU KA 97 -13.23 -102.35 -64.51
CA LEU KA 97 -12.24 -102.37 -63.45
C LEU KA 97 -11.92 -100.97 -62.95
N LEU KA 98 -12.00 -99.98 -63.83
CA LEU KA 98 -11.89 -98.60 -63.39
C LEU KA 98 -13.05 -98.18 -62.50
N GLN KA 99 -14.23 -98.74 -62.75
CA GLN KA 99 -15.41 -98.26 -62.06
C GLN KA 99 -15.62 -98.97 -60.74
N TYR KA 100 -15.32 -100.27 -60.66
CA TYR KA 100 -15.64 -101.03 -59.46
C TYR KA 100 -14.42 -101.53 -58.71
N GLN KA 101 -13.23 -101.49 -59.31
CA GLN KA 101 -11.99 -102.06 -58.78
C GLN KA 101 -12.17 -103.54 -58.43
N GLU KA 102 -12.61 -104.30 -59.44
CA GLU KA 102 -12.88 -105.72 -59.31
C GLU KA 102 -12.88 -106.30 -60.72
N PRO KA 103 -12.35 -107.51 -60.92
CA PRO KA 103 -12.41 -108.12 -62.25
C PRO KA 103 -13.84 -108.43 -62.67
N ILE KA 104 -14.09 -108.33 -63.98
CA ILE KA 104 -15.44 -108.42 -64.51
C ILE KA 104 -15.91 -109.87 -64.50
N PRO KA 105 -17.16 -110.13 -64.11
CA PRO KA 105 -17.74 -111.46 -64.31
C PRO KA 105 -17.81 -111.81 -65.77
N CYS KA 106 -17.59 -113.09 -66.05
CA CYS KA 106 -17.44 -113.55 -67.42
C CYS KA 106 -18.74 -113.48 -68.22
N GLU KA 107 -19.89 -113.54 -67.55
CA GLU KA 107 -21.15 -113.53 -68.29
C GLU KA 107 -21.50 -112.14 -68.77
N GLN KA 108 -21.41 -111.15 -67.89
CA GLN KA 108 -21.84 -109.81 -68.29
C GLN KA 108 -20.80 -109.09 -69.13
N LEU KA 109 -19.64 -109.68 -69.39
CA LEU KA 109 -18.81 -109.20 -70.48
C LEU KA 109 -19.39 -109.60 -71.82
N VAL KA 110 -19.97 -110.81 -71.90
CA VAL KA 110 -20.53 -111.31 -73.15
C VAL KA 110 -21.78 -110.52 -73.52
N THR KA 111 -22.64 -110.23 -72.53
CA THR KA 111 -23.85 -109.46 -72.79
C THR KA 111 -23.55 -108.03 -73.20
N ALA KA 112 -22.44 -107.46 -72.74
CA ALA KA 112 -22.08 -106.11 -73.14
C ALA KA 112 -21.66 -106.05 -74.59
N LEU KA 113 -20.92 -107.05 -75.06
CA LEU KA 113 -20.49 -107.05 -76.45
C LEU KA 113 -21.63 -107.43 -77.38
N CYS KA 114 -22.47 -108.39 -76.96
CA CYS KA 114 -23.57 -108.83 -77.79
C CYS KA 114 -24.71 -107.83 -77.86
N ASP KA 115 -24.64 -106.71 -77.13
CA ASP KA 115 -25.55 -105.61 -77.37
C ASP KA 115 -25.02 -104.66 -78.43
N ILE KA 116 -23.70 -104.50 -78.50
CA ILE KA 116 -23.11 -103.72 -79.58
C ILE KA 116 -23.29 -104.45 -80.90
N LYS KA 117 -23.17 -105.78 -80.87
CA LYS KA 117 -23.33 -106.58 -82.08
C LYS KA 117 -24.77 -106.61 -82.52
N GLN KA 118 -25.71 -106.50 -81.57
CA GLN KA 118 -27.12 -106.54 -81.92
C GLN KA 118 -27.58 -105.25 -82.57
N ALA KA 119 -26.93 -104.13 -82.25
CA ALA KA 119 -27.40 -102.83 -82.70
C ALA KA 119 -27.22 -102.64 -84.20
N TYR KA 120 -26.19 -103.25 -84.78
CA TYR KA 120 -25.98 -103.12 -86.22
C TYR KA 120 -26.99 -103.92 -87.02
N THR KA 121 -27.61 -104.93 -86.42
CA THR KA 121 -28.65 -105.68 -87.09
C THR KA 121 -30.01 -105.01 -86.98
N GLN KA 122 -30.07 -103.84 -86.43
CA GLN KA 122 -31.36 -103.34 -86.02
C GLN KA 122 -31.63 -101.92 -86.49
N PHE KA 123 -30.59 -101.11 -86.63
CA PHE KA 123 -30.73 -99.78 -87.21
C PHE KA 123 -29.38 -99.34 -87.73
N GLY KA 124 -29.38 -98.23 -88.46
CA GLY KA 124 -28.16 -97.60 -88.92
C GLY KA 124 -27.87 -97.82 -90.39
N GLY KA 125 -28.51 -98.79 -91.02
CA GLY KA 125 -28.24 -99.08 -92.42
C GLY KA 125 -26.83 -99.58 -92.65
N LYS KA 126 -26.39 -100.54 -91.86
CA LYS KA 126 -24.97 -100.83 -91.70
C LYS KA 126 -24.75 -102.33 -91.82
N ARG KA 127 -23.59 -102.70 -92.35
CA ARG KA 127 -23.25 -104.11 -92.49
C ARG KA 127 -22.99 -104.73 -91.13
N PRO KA 128 -23.67 -105.82 -90.79
CA PRO KA 128 -23.40 -106.49 -89.52
C PRO KA 128 -22.08 -107.25 -89.58
N PHE KA 129 -21.65 -107.72 -88.42
CA PHE KA 129 -20.41 -108.48 -88.32
C PHE KA 129 -20.69 -109.94 -88.60
N GLY KA 130 -19.88 -110.54 -89.47
CA GLY KA 130 -19.95 -111.97 -89.66
C GLY KA 130 -18.97 -112.68 -88.78
N VAL KA 131 -19.12 -112.53 -87.46
CA VAL KA 131 -18.16 -113.04 -86.48
C VAL KA 131 -18.93 -113.74 -85.38
N SER KA 132 -18.62 -115.00 -85.14
CA SER KA 132 -19.05 -115.73 -83.96
C SER KA 132 -17.81 -116.16 -83.20
N LEU KA 133 -17.93 -116.26 -81.88
CA LEU KA 133 -16.73 -116.47 -81.08
C LEU KA 133 -17.07 -117.10 -79.73
N LEU KA 134 -16.09 -117.81 -79.19
CA LEU KA 134 -16.20 -118.51 -77.91
C LEU KA 134 -15.65 -117.67 -76.77
N TYR KA 135 -15.95 -118.10 -75.55
CA TYR KA 135 -15.53 -117.40 -74.34
C TYR KA 135 -15.24 -118.44 -73.27
N ILE KA 136 -14.01 -118.45 -72.77
CA ILE KA 136 -13.68 -119.18 -71.56
C ILE KA 136 -13.33 -118.17 -70.49
N GLY KA 137 -13.31 -118.62 -69.26
CA GLY KA 137 -12.95 -117.73 -68.18
C GLY KA 137 -13.36 -118.28 -66.83
N TRP KA 138 -13.00 -117.52 -65.80
CA TRP KA 138 -13.25 -117.88 -64.43
C TRP KA 138 -13.72 -116.65 -63.67
N ASP KA 139 -14.64 -116.87 -62.73
CA ASP KA 139 -15.03 -115.82 -61.79
C ASP KA 139 -15.40 -116.47 -60.47
N LYS KA 140 -15.51 -115.65 -59.44
CA LYS KA 140 -15.79 -116.17 -58.11
C LYS KA 140 -17.25 -116.54 -57.92
N HIS KA 141 -18.14 -116.11 -58.80
CA HIS KA 141 -19.55 -116.42 -58.60
C HIS KA 141 -19.91 -117.82 -59.04
N TYR KA 142 -19.36 -118.29 -60.15
CA TYR KA 142 -19.73 -119.61 -60.66
C TYR KA 142 -18.56 -120.46 -61.09
N GLY KA 143 -17.33 -119.96 -61.05
CA GLY KA 143 -16.19 -120.77 -61.44
C GLY KA 143 -15.93 -120.76 -62.92
N PHE KA 144 -15.60 -121.93 -63.49
CA PHE KA 144 -15.25 -122.01 -64.89
C PHE KA 144 -16.51 -121.95 -65.75
N GLN KA 145 -16.48 -121.09 -66.77
CA GLN KA 145 -17.64 -120.83 -67.60
C GLN KA 145 -17.26 -120.96 -69.06
N LEU KA 146 -18.26 -121.17 -69.91
CA LEU KA 146 -18.04 -121.39 -71.34
C LEU KA 146 -19.24 -120.82 -72.09
N TYR KA 147 -19.01 -119.81 -72.92
CA TYR KA 147 -20.08 -119.15 -73.64
C TYR KA 147 -19.81 -119.16 -75.14
N GLN KA 148 -20.85 -118.81 -75.89
CA GLN KA 148 -20.82 -118.80 -77.34
C GLN KA 148 -21.63 -117.62 -77.84
N SER KA 149 -21.06 -116.84 -78.75
CA SER KA 149 -21.75 -115.71 -79.34
C SER KA 149 -22.16 -116.03 -80.77
N ASP KA 150 -23.18 -115.31 -81.23
CA ASP KA 150 -23.71 -115.44 -82.58
C ASP KA 150 -23.77 -114.07 -83.20
N PRO KA 151 -23.69 -113.97 -84.54
CA PRO KA 151 -23.77 -112.65 -85.18
C PRO KA 151 -25.11 -111.96 -85.06
N SER KA 152 -26.17 -112.67 -84.67
CA SER KA 152 -27.45 -112.01 -84.46
C SER KA 152 -27.43 -111.18 -83.18
N GLY KA 153 -26.70 -111.63 -82.17
CA GLY KA 153 -26.58 -110.88 -80.93
C GLY KA 153 -27.02 -111.65 -79.72
N ASN KA 154 -27.33 -112.92 -79.90
CA ASN KA 154 -27.78 -113.78 -78.81
C ASN KA 154 -26.69 -114.77 -78.42
N TYR KA 155 -26.50 -114.91 -77.11
CA TYR KA 155 -25.44 -115.73 -76.56
C TYR KA 155 -26.03 -116.98 -75.90
N GLY KA 156 -25.19 -117.79 -75.30
CA GLY KA 156 -25.65 -118.97 -74.58
C GLY KA 156 -24.54 -119.65 -73.82
N GLY KA 157 -24.86 -120.18 -72.64
CA GLY KA 157 -23.89 -120.99 -71.92
C GLY KA 157 -23.89 -122.41 -72.42
N TRP KA 158 -22.74 -123.06 -72.32
CA TRP KA 158 -22.58 -124.39 -72.89
C TRP KA 158 -21.63 -125.20 -72.01
N LYS KA 159 -21.37 -126.42 -72.45
CA LYS KA 159 -20.32 -127.26 -71.90
C LYS KA 159 -19.31 -127.71 -72.93
N ALA KA 160 -19.74 -127.93 -74.17
CA ALA KA 160 -18.85 -128.29 -75.26
C ALA KA 160 -19.54 -127.97 -76.57
N THR KA 161 -18.95 -127.09 -77.37
CA THR KA 161 -19.57 -126.63 -78.61
C THR KA 161 -18.48 -126.32 -79.63
N CYS KA 162 -18.76 -126.59 -80.90
CA CYS KA 162 -17.85 -126.29 -82.00
C CYS KA 162 -18.56 -125.40 -83.01
N ILE KA 163 -17.79 -124.51 -83.64
CA ILE KA 163 -18.33 -123.60 -84.67
C ILE KA 163 -17.52 -123.84 -85.94
N GLY KA 164 -17.04 -125.07 -86.13
CA GLY KA 164 -16.23 -125.40 -87.28
C GLY KA 164 -17.02 -125.47 -88.57
N ASN KA 165 -16.34 -125.98 -89.60
CA ASN KA 165 -17.02 -126.23 -90.86
C ASN KA 165 -17.88 -127.48 -90.79
N ASN KA 166 -17.44 -128.50 -90.07
CA ASN KA 166 -18.24 -129.67 -89.79
C ASN KA 166 -18.74 -129.67 -88.35
N SER KA 167 -19.16 -128.50 -87.88
CA SER KA 167 -19.52 -128.31 -86.48
C SER KA 167 -20.70 -129.17 -86.06
N ALA KA 168 -21.62 -129.44 -86.98
CA ALA KA 168 -22.73 -130.34 -86.66
C ALA KA 168 -22.24 -131.76 -86.43
N ALA KA 169 -21.19 -132.17 -87.15
CA ALA KA 169 -20.62 -133.49 -86.92
C ALA KA 169 -19.87 -133.56 -85.59
N ALA KA 170 -19.30 -132.43 -85.16
CA ALA KA 170 -18.58 -132.42 -83.90
C ALA KA 170 -19.54 -132.46 -82.72
N VAL KA 171 -20.63 -131.69 -82.80
CA VAL KA 171 -21.61 -131.63 -81.72
C VAL KA 171 -22.31 -132.98 -81.57
N SER KA 172 -22.58 -133.65 -82.69
CA SER KA 172 -23.18 -134.98 -82.69
C SER KA 172 -22.29 -136.02 -82.03
N MET KA 173 -20.98 -135.81 -82.00
CA MET KA 173 -20.06 -136.70 -81.33
C MET KA 173 -19.72 -136.26 -79.91
N LEU KA 174 -19.82 -134.97 -79.62
CA LEU KA 174 -19.65 -134.51 -78.24
C LEU KA 174 -20.77 -134.99 -77.35
N LYS KA 175 -21.99 -135.06 -77.87
CA LYS KA 175 -23.08 -135.69 -77.13
C LYS KA 175 -23.17 -137.18 -77.39
N GLN KA 176 -22.12 -137.78 -77.92
CA GLN KA 176 -21.96 -139.23 -77.91
C GLN KA 176 -20.87 -139.68 -76.95
N ASP KA 177 -19.98 -138.77 -76.55
CA ASP KA 177 -18.88 -139.10 -75.64
C ASP KA 177 -18.66 -137.89 -74.74
N TYR KA 178 -19.02 -138.04 -73.47
CA TYR KA 178 -19.15 -136.95 -72.53
C TYR KA 178 -19.45 -137.53 -71.17
N LYS KA 179 -19.16 -136.75 -70.13
CA LYS KA 179 -19.56 -137.10 -68.78
C LYS KA 179 -19.63 -135.83 -67.95
N GLU KA 180 -20.71 -135.67 -67.20
CA GLU KA 180 -21.03 -134.42 -66.54
C GLU KA 180 -20.24 -134.31 -65.24
N GLY KA 181 -19.16 -133.54 -65.29
CA GLY KA 181 -18.40 -133.25 -64.09
C GLY KA 181 -17.30 -134.21 -63.76
N GLU KA 182 -16.95 -135.12 -64.67
CA GLU KA 182 -15.92 -136.09 -64.41
C GLU KA 182 -14.80 -136.06 -65.44
N MET KA 183 -14.95 -135.32 -66.52
CA MET KA 183 -13.91 -135.21 -67.53
C MET KA 183 -12.87 -134.25 -66.97
N THR KA 184 -11.79 -134.82 -66.46
CA THR KA 184 -10.66 -134.04 -65.97
C THR KA 184 -9.90 -133.45 -67.15
N LEU KA 185 -8.95 -132.56 -66.84
CA LEU KA 185 -8.19 -131.88 -67.89
C LEU KA 185 -7.00 -132.71 -68.37
N LYS KA 186 -7.22 -133.98 -68.59
CA LYS KA 186 -6.43 -134.89 -69.41
C LYS KA 186 -7.32 -135.72 -70.31
N SER KA 187 -8.47 -136.15 -69.81
CA SER KA 187 -9.44 -136.86 -70.62
C SER KA 187 -10.11 -135.94 -71.62
N ALA KA 188 -10.29 -134.67 -71.24
CA ALA KA 188 -10.81 -133.68 -72.18
C ALA KA 188 -9.81 -133.40 -73.28
N LEU KA 189 -8.51 -133.38 -72.95
CA LEU KA 189 -7.48 -133.20 -73.97
C LEU KA 189 -7.42 -134.39 -74.92
N ALA KA 190 -7.58 -135.60 -74.41
CA ALA KA 190 -7.64 -136.76 -75.28
C ALA KA 190 -8.93 -136.75 -76.09
N LEU KA 191 -10.01 -136.23 -75.52
CA LEU KA 191 -11.25 -136.09 -76.28
C LEU KA 191 -11.15 -134.97 -77.29
N ALA KA 192 -10.36 -133.94 -77.01
CA ALA KA 192 -10.21 -132.84 -77.95
C ALA KA 192 -9.45 -133.28 -79.19
N ILE KA 193 -8.38 -134.06 -79.02
CA ILE KA 193 -7.65 -134.59 -80.16
C ILE KA 193 -8.45 -135.64 -80.90
N LYS KA 194 -9.47 -136.23 -80.25
CA LYS KA 194 -10.33 -137.17 -80.94
C LYS KA 194 -11.33 -136.47 -81.84
N VAL KA 195 -11.85 -135.32 -81.42
CA VAL KA 195 -12.89 -134.64 -82.18
C VAL KA 195 -12.30 -134.01 -83.43
N LEU KA 196 -11.21 -133.27 -83.28
CA LEU KA 196 -10.62 -132.67 -84.47
C LEU KA 196 -9.81 -133.66 -85.29
N ASN KA 197 -9.70 -134.92 -84.85
CA ASN KA 197 -9.30 -135.97 -85.77
C ASN KA 197 -10.40 -136.22 -86.80
N LYS KA 198 -11.65 -136.04 -86.39
CA LYS KA 198 -12.77 -136.32 -87.27
C LYS KA 198 -13.04 -135.17 -88.23
N THR KA 199 -13.23 -133.96 -87.69
CA THR KA 199 -13.69 -132.84 -88.50
C THR KA 199 -12.62 -132.28 -89.42
N MET KA 200 -11.34 -132.57 -89.17
CA MET KA 200 -10.29 -132.10 -90.07
C MET KA 200 -10.11 -133.12 -91.18
N ASP KA 201 -10.39 -132.70 -92.42
CA ASP KA 201 -10.26 -133.61 -93.55
C ASP KA 201 -8.80 -133.86 -93.90
N VAL KA 202 -7.92 -132.90 -93.61
CA VAL KA 202 -6.49 -133.16 -93.67
C VAL KA 202 -6.13 -134.14 -92.56
N SER KA 203 -5.81 -135.37 -92.94
CA SER KA 203 -5.64 -136.43 -91.96
C SER KA 203 -4.28 -136.33 -91.29
N LYS KA 204 -4.03 -137.30 -90.39
CA LYS KA 204 -2.78 -137.58 -89.68
C LYS KA 204 -2.44 -136.55 -88.61
N LEU KA 205 -3.21 -135.45 -88.52
CA LEU KA 205 -3.19 -134.49 -87.42
C LEU KA 205 -1.80 -133.88 -87.22
N SER KA 206 -1.42 -133.06 -88.20
CA SER KA 206 -0.22 -132.24 -88.08
C SER KA 206 -0.29 -131.37 -86.83
N ALA KA 207 0.76 -131.43 -86.02
CA ALA KA 207 0.79 -130.71 -84.75
C ALA KA 207 0.87 -129.20 -84.95
N GLU KA 208 1.33 -128.75 -86.10
CA GLU KA 208 1.33 -127.33 -86.42
C GLU KA 208 0.00 -126.86 -87.01
N LYS KA 209 -0.92 -127.76 -87.26
CA LYS KA 209 -2.21 -127.41 -87.85
C LYS KA 209 -3.25 -127.02 -86.82
N VAL KA 210 -3.02 -127.31 -85.54
CA VAL KA 210 -3.98 -127.02 -84.48
C VAL KA 210 -3.32 -126.17 -83.41
N GLU KA 211 -4.15 -125.51 -82.61
CA GLU KA 211 -3.70 -124.73 -81.47
C GLU KA 211 -4.61 -125.04 -80.29
N ILE KA 212 -4.00 -125.24 -79.11
CA ILE KA 212 -4.72 -125.59 -77.90
C ILE KA 212 -4.23 -124.68 -76.78
N ALA KA 213 -5.16 -124.02 -76.10
CA ALA KA 213 -4.84 -123.15 -74.98
C ALA KA 213 -5.73 -123.53 -73.80
N THR KA 214 -5.13 -123.61 -72.61
CA THR KA 214 -5.84 -124.03 -71.41
C THR KA 214 -5.86 -122.91 -70.39
N LEU KA 215 -6.95 -122.85 -69.64
CA LEU KA 215 -7.13 -121.88 -68.56
C LEU KA 215 -7.32 -122.67 -67.28
N THR KA 216 -6.29 -122.70 -66.43
CA THR KA 216 -6.37 -123.36 -65.14
C THR KA 216 -6.28 -122.34 -64.03
N ARG KA 217 -6.96 -122.63 -62.93
CA ARG KA 217 -7.03 -121.73 -61.79
C ARG KA 217 -5.92 -122.08 -60.82
N GLU KA 218 -4.88 -121.27 -60.83
CA GLU KA 218 -3.89 -121.23 -59.76
C GLU KA 218 -4.25 -120.05 -58.86
N ASN KA 219 -4.00 -120.22 -57.56
CA ASN KA 219 -4.59 -119.53 -56.40
C ASN KA 219 -4.93 -118.06 -56.58
N GLY KA 220 -4.00 -117.30 -57.14
CA GLY KA 220 -4.28 -115.93 -57.49
C GLY KA 220 -3.71 -115.63 -58.86
N LYS KA 221 -3.72 -116.63 -59.72
CA LYS KA 221 -3.06 -116.49 -61.02
C LYS KA 221 -4.02 -116.63 -62.20
N THR KA 222 -4.83 -117.69 -62.22
CA THR KA 222 -5.69 -118.08 -63.35
C THR KA 222 -4.84 -118.17 -64.62
N VAL KA 223 -3.98 -119.18 -64.62
CA VAL KA 223 -2.94 -119.32 -65.64
C VAL KA 223 -3.58 -119.68 -66.97
N ILE KA 224 -3.40 -118.81 -67.97
CA ILE KA 224 -3.82 -119.07 -69.34
C ILE KA 224 -2.59 -119.51 -70.11
N ARG KA 225 -2.53 -120.79 -70.44
CA ARG KA 225 -1.31 -121.39 -70.96
C ARG KA 225 -1.61 -121.86 -72.38
N VAL KA 226 -0.93 -121.26 -73.36
CA VAL KA 226 -0.94 -121.76 -74.72
C VAL KA 226 0.17 -122.81 -74.80
N LEU KA 227 -0.22 -124.07 -74.88
CA LEU KA 227 0.75 -125.15 -74.84
C LEU KA 227 1.51 -125.26 -76.15
N LYS KA 228 2.81 -125.50 -76.04
CA LYS KA 228 3.75 -125.37 -77.14
C LYS KA 228 3.68 -126.58 -78.07
N GLN KA 229 4.41 -126.48 -79.18
CA GLN KA 229 4.41 -127.50 -80.23
C GLN KA 229 5.29 -128.69 -79.91
N LYS KA 230 5.83 -128.78 -78.70
CA LYS KA 230 6.61 -129.95 -78.32
C LYS KA 230 5.77 -130.98 -77.59
N GLU KA 231 4.64 -130.58 -77.02
CA GLU KA 231 3.76 -131.47 -76.29
C GLU KA 231 2.44 -131.73 -77.00
N VAL KA 232 2.27 -131.21 -78.22
CA VAL KA 232 1.08 -131.54 -78.98
C VAL KA 232 1.20 -132.94 -79.57
N GLU KA 233 2.34 -133.23 -80.19
CA GLU KA 233 2.49 -134.43 -80.99
C GLU KA 233 2.56 -135.68 -80.13
N GLN KA 234 3.03 -135.56 -78.89
CA GLN KA 234 2.97 -136.69 -77.98
C GLN KA 234 1.54 -136.94 -77.52
N LEU KA 235 0.71 -135.90 -77.51
CA LEU KA 235 -0.71 -136.09 -77.28
C LEU KA 235 -1.42 -136.55 -78.55
N ILE KA 236 -0.83 -136.26 -79.71
CA ILE KA 236 -1.37 -136.77 -80.97
C ILE KA 236 -1.17 -138.28 -81.06
N LYS KA 237 0.06 -138.74 -80.83
CA LYS KA 237 0.36 -140.16 -80.97
C LYS KA 237 -0.29 -140.98 -79.86
N LYS KA 238 -0.59 -140.35 -78.73
CA LYS KA 238 -1.29 -141.05 -77.66
C LYS KA 238 -2.70 -141.42 -78.09
N HIS KA 239 -3.34 -140.57 -78.89
CA HIS KA 239 -4.59 -140.94 -79.53
C HIS KA 239 -4.36 -142.01 -80.59
N GLU KA 240 -3.19 -142.02 -81.20
CA GLU KA 240 -2.89 -142.99 -82.25
C GLU KA 240 -2.56 -144.37 -81.69
N GLU KA 241 -1.98 -144.44 -80.49
CA GLU KA 241 -1.67 -145.73 -79.91
C GLU KA 241 -2.92 -146.49 -79.49
N GLU KA 242 -3.91 -145.79 -78.94
CA GLU KA 242 -5.10 -146.45 -78.44
C GLU KA 242 -6.06 -146.86 -79.54
N GLU KA 243 -6.05 -146.15 -80.67
CA GLU KA 243 -6.98 -146.49 -81.75
C GLU KA 243 -6.55 -147.73 -82.53
N ALA KA 244 -5.25 -148.00 -82.61
CA ALA KA 244 -4.81 -149.26 -83.20
C ALA KA 244 -5.04 -150.42 -82.23
N LYS KA 245 -5.00 -150.12 -80.93
CA LYS KA 245 -5.32 -151.14 -79.93
C LYS KA 245 -6.80 -151.47 -79.93
N ALA KA 246 -7.66 -150.46 -80.03
CA ALA KA 246 -9.10 -150.67 -79.93
C ALA KA 246 -9.69 -151.26 -81.20
N GLU KA 247 -9.09 -151.01 -82.35
CA GLU KA 247 -9.60 -151.56 -83.61
C GLU KA 247 -9.25 -153.02 -83.76
N ARG KA 248 -8.01 -153.39 -83.47
CA ARG KA 248 -7.55 -154.77 -83.61
C ARG KA 248 -8.19 -155.70 -82.61
N GLU KA 249 -8.46 -155.22 -81.40
CA GLU KA 249 -9.08 -156.01 -80.36
C GLU KA 249 -10.60 -155.98 -80.42
N LYS KA 250 -11.18 -155.66 -81.57
CA LYS KA 250 -12.62 -155.62 -81.74
C LYS KA 250 -13.00 -155.94 -83.17
N SER LA 1 -25.54 -89.59 -89.83
CA SER LA 1 -26.75 -90.24 -89.36
C SER LA 1 -27.53 -90.80 -90.54
N TYR LA 2 -27.96 -92.05 -90.41
CA TYR LA 2 -28.72 -92.74 -91.46
C TYR LA 2 -30.17 -92.31 -91.34
N ASP LA 3 -30.59 -91.43 -92.22
CA ASP LA 3 -31.93 -90.86 -92.18
C ASP LA 3 -32.72 -91.41 -93.37
N ARG LA 4 -33.64 -92.33 -93.09
CA ARG LA 4 -34.44 -92.95 -94.13
C ARG LA 4 -35.70 -93.53 -93.49
N ALA LA 5 -36.86 -93.21 -94.06
CA ALA LA 5 -38.10 -93.81 -93.61
C ALA LA 5 -38.13 -95.29 -94.01
N ILE LA 6 -38.27 -96.16 -93.01
CA ILE LA 6 -38.32 -97.59 -93.28
C ILE LA 6 -39.77 -98.04 -93.43
N THR LA 7 -40.62 -97.65 -92.50
CA THR LA 7 -42.01 -98.08 -92.48
C THR LA 7 -42.86 -96.99 -93.14
N VAL LA 8 -43.38 -97.29 -94.33
CA VAL LA 8 -44.24 -96.36 -95.04
C VAL LA 8 -45.58 -97.05 -95.28
N PHE LA 9 -46.55 -96.28 -95.78
CA PHE LA 9 -47.88 -96.84 -95.98
C PHE LA 9 -47.93 -97.68 -97.25
N SER LA 10 -49.00 -98.44 -97.36
CA SER LA 10 -49.28 -99.28 -98.51
C SER LA 10 -50.29 -98.59 -99.42
N PRO LA 11 -50.42 -99.03 -100.67
CA PRO LA 11 -51.51 -98.50 -101.52
C PRO LA 11 -52.90 -98.89 -101.07
N ASP LA 12 -53.08 -99.79 -100.10
CA ASP LA 12 -54.39 -100.09 -99.57
C ASP LA 12 -54.56 -99.71 -98.10
N GLY LA 13 -53.53 -99.18 -97.46
CA GLY LA 13 -53.68 -98.70 -96.09
C GLY LA 13 -53.17 -99.65 -95.02
N HIS LA 14 -52.01 -100.24 -95.25
CA HIS LA 14 -51.37 -101.09 -94.24
C HIS LA 14 -49.91 -100.70 -94.09
N LEU LA 15 -49.26 -101.32 -93.10
CA LEU LA 15 -47.83 -101.14 -92.87
C LEU LA 15 -47.15 -102.48 -93.08
N PHE LA 16 -46.27 -102.54 -94.08
CA PHE LA 16 -45.65 -103.81 -94.45
C PHE LA 16 -44.69 -104.30 -93.37
N GLN LA 17 -43.82 -103.42 -92.88
CA GLN LA 17 -42.81 -103.85 -91.93
C GLN LA 17 -43.38 -104.13 -90.55
N VAL LA 18 -44.61 -103.71 -90.28
CA VAL LA 18 -45.25 -104.08 -89.03
C VAL LA 18 -45.85 -105.47 -89.13
N GLU LA 19 -46.59 -105.74 -90.19
CA GLU LA 19 -47.18 -107.06 -90.37
C GLU LA 19 -46.14 -108.11 -90.78
N TYR LA 20 -44.95 -107.71 -91.20
CA TYR LA 20 -43.85 -108.65 -91.33
C TYR LA 20 -43.25 -109.00 -89.97
N ALA LA 21 -43.29 -108.05 -89.04
CA ALA LA 21 -42.77 -108.32 -87.70
C ALA LA 21 -43.68 -109.24 -86.90
N GLN LA 22 -44.96 -109.26 -87.22
CA GLN LA 22 -45.88 -110.14 -86.52
C GLN LA 22 -45.75 -111.58 -86.96
N GLU LA 23 -45.20 -111.83 -88.14
CA GLU LA 23 -44.87 -113.19 -88.55
C GLU LA 23 -43.68 -113.73 -87.79
N ALA LA 24 -42.70 -112.88 -87.47
CA ALA LA 24 -41.56 -113.30 -86.68
C ALA LA 24 -41.96 -113.64 -85.25
N VAL LA 25 -43.01 -113.02 -84.73
CA VAL LA 25 -43.56 -113.40 -83.44
C VAL LA 25 -44.17 -114.80 -83.51
N LYS LA 26 -44.85 -115.08 -84.60
CA LYS LA 26 -45.57 -116.34 -84.78
C LYS LA 26 -44.67 -117.55 -84.98
N LYS LA 27 -43.34 -117.48 -84.91
CA LYS LA 27 -42.50 -118.67 -84.92
C LYS LA 27 -41.56 -118.71 -83.72
N GLY LA 28 -41.80 -117.87 -82.71
CA GLY LA 28 -41.16 -118.06 -81.43
C GLY LA 28 -41.92 -119.03 -80.56
N SER LA 29 -41.27 -119.48 -79.49
CA SER LA 29 -41.86 -120.50 -78.64
C SER LA 29 -43.03 -119.96 -77.84
N THR LA 30 -43.97 -120.86 -77.54
CA THR LA 30 -45.25 -120.46 -76.97
C THR LA 30 -45.11 -120.12 -75.49
N ALA LA 31 -45.59 -118.94 -75.12
CA ALA LA 31 -45.73 -118.53 -73.73
C ALA LA 31 -47.20 -118.37 -73.42
N VAL LA 32 -47.63 -118.94 -72.29
CA VAL LA 32 -49.03 -118.95 -71.88
C VAL LA 32 -49.13 -118.30 -70.51
N GLY LA 33 -50.07 -117.36 -70.37
CA GLY LA 33 -50.30 -116.74 -69.08
C GLY LA 33 -51.77 -116.64 -68.74
N VAL LA 34 -52.14 -117.08 -67.54
CA VAL LA 34 -53.47 -116.86 -67.01
C VAL LA 34 -53.33 -116.10 -65.70
N ARG LA 35 -54.45 -115.73 -65.10
CA ARG LA 35 -54.43 -115.04 -63.83
C ARG LA 35 -55.47 -115.65 -62.91
N GLY LA 36 -55.15 -115.67 -61.62
CA GLY LA 36 -56.09 -116.10 -60.62
C GLY LA 36 -56.56 -114.90 -59.82
N ARG LA 37 -57.11 -115.14 -58.64
CA ARG LA 37 -57.51 -114.05 -57.77
C ARG LA 37 -56.45 -113.69 -56.75
N ASP LA 38 -55.52 -114.60 -56.46
CA ASP LA 38 -54.40 -114.33 -55.55
C ASP LA 38 -53.05 -114.74 -56.10
N ILE LA 39 -52.98 -115.73 -56.99
CA ILE LA 39 -51.73 -116.20 -57.56
C ILE LA 39 -51.86 -116.19 -59.07
N VAL LA 40 -50.83 -115.73 -59.76
CA VAL LA 40 -50.81 -115.73 -61.21
C VAL LA 40 -49.97 -116.91 -61.68
N VAL LA 41 -50.34 -117.45 -62.84
CA VAL LA 41 -49.69 -118.64 -63.39
C VAL LA 41 -49.27 -118.33 -64.81
N LEU LA 42 -47.98 -118.42 -65.08
CA LEU LA 42 -47.46 -118.22 -66.43
C LEU LA 42 -46.27 -119.12 -66.64
N GLY LA 43 -46.12 -119.61 -67.86
CA GLY LA 43 -45.01 -120.49 -68.16
C GLY LA 43 -44.83 -120.72 -69.64
N VAL LA 44 -43.60 -120.62 -70.12
CA VAL LA 44 -43.32 -120.85 -71.53
C VAL LA 44 -43.36 -122.35 -71.80
N GLU LA 45 -43.66 -122.68 -73.04
CA GLU LA 45 -43.57 -124.05 -73.53
C GLU LA 45 -42.49 -124.12 -74.59
N LYS LA 46 -42.15 -125.35 -74.97
CA LYS LA 46 -41.12 -125.68 -75.97
C LYS LA 46 -39.77 -125.08 -75.59
N LYS LA 47 -39.25 -125.60 -74.47
CA LYS LA 47 -37.93 -125.19 -73.99
C LYS LA 47 -36.84 -125.57 -74.99
N SER LA 48 -36.95 -126.78 -75.56
CA SER LA 48 -36.16 -127.26 -76.71
C SER LA 48 -34.66 -127.27 -76.41
N VAL LA 49 -34.31 -127.59 -75.16
CA VAL LA 49 -32.91 -127.53 -74.73
C VAL LA 49 -32.18 -128.75 -75.27
N ALA LA 50 -30.84 -128.64 -75.37
CA ALA LA 50 -30.02 -129.73 -75.85
C ALA LA 50 -29.85 -130.83 -74.80
N LYS LA 51 -30.26 -130.57 -73.56
CA LYS LA 51 -30.40 -131.55 -72.47
C LYS LA 51 -29.08 -132.20 -72.07
N LEU LA 52 -27.96 -131.62 -72.47
CA LEU LA 52 -26.66 -132.00 -71.95
C LEU LA 52 -25.83 -130.75 -71.70
N GLN LA 53 -26.45 -129.58 -71.77
CA GLN LA 53 -25.77 -128.29 -71.76
C GLN LA 53 -26.35 -127.38 -70.69
N ASP LA 54 -25.96 -126.10 -70.71
CA ASP LA 54 -26.37 -125.17 -69.67
C ASP LA 54 -27.83 -124.76 -69.87
N GLU LA 55 -28.48 -124.40 -68.75
CA GLU LA 55 -29.88 -124.03 -68.76
C GLU LA 55 -30.22 -122.78 -67.97
N ARG LA 56 -29.33 -122.29 -67.11
CA ARG LA 56 -29.65 -121.10 -66.32
C ARG LA 56 -29.43 -119.81 -67.08
N THR LA 57 -28.91 -119.89 -68.31
CA THR LA 57 -28.68 -118.72 -69.14
C THR LA 57 -29.71 -118.58 -70.24
N VAL LA 58 -30.67 -119.49 -70.32
CA VAL LA 58 -31.60 -119.56 -71.44
C VAL LA 58 -33.02 -119.17 -71.01
N ARG LA 59 -33.14 -118.65 -69.78
CA ARG LA 59 -34.45 -118.33 -69.21
C ARG LA 59 -35.12 -117.18 -69.93
N LYS LA 60 -36.42 -117.34 -70.18
CA LYS LA 60 -37.23 -116.32 -70.84
C LYS LA 60 -38.32 -115.77 -69.93
N ILE LA 61 -38.21 -115.99 -68.62
CA ILE LA 61 -39.08 -115.37 -67.64
C ILE LA 61 -38.19 -114.65 -66.65
N CYS LA 62 -38.25 -113.33 -66.65
CA CYS LA 62 -37.40 -112.51 -65.81
C CYS LA 62 -38.27 -111.59 -64.95
N ALA LA 63 -37.62 -110.70 -64.21
CA ALA LA 63 -38.32 -109.77 -63.34
C ALA LA 63 -37.88 -108.35 -63.67
N LEU LA 64 -38.87 -107.47 -63.86
CA LEU LA 64 -38.56 -106.06 -64.00
C LEU LA 64 -38.39 -105.41 -62.63
N ASP LA 65 -39.10 -105.92 -61.64
CA ASP LA 65 -39.09 -105.42 -60.27
C ASP LA 65 -39.38 -106.59 -59.34
N ASP LA 66 -39.71 -106.27 -58.09
CA ASP LA 66 -40.13 -107.29 -57.14
C ASP LA 66 -41.58 -107.70 -57.37
N ASN LA 67 -42.38 -106.88 -58.04
CA ASN LA 67 -43.79 -107.16 -58.24
C ASN LA 67 -44.19 -107.34 -59.69
N VAL LA 68 -43.25 -107.32 -60.63
CA VAL LA 68 -43.56 -107.37 -62.06
C VAL LA 68 -42.75 -108.49 -62.69
N CYS LA 69 -43.44 -109.48 -63.23
CA CYS LA 69 -42.84 -110.50 -64.07
C CYS LA 69 -43.16 -110.21 -65.53
N MET LA 70 -42.43 -110.86 -66.43
CA MET LA 70 -42.54 -110.55 -67.86
C MET LA 70 -42.03 -111.72 -68.68
N ALA LA 71 -42.93 -112.35 -69.43
CA ALA LA 71 -42.56 -113.36 -70.41
C ALA LA 71 -42.73 -112.77 -71.80
N PHE LA 72 -42.22 -113.47 -72.81
CA PHE LA 72 -42.25 -112.96 -74.17
C PHE LA 72 -42.20 -114.11 -75.15
N ALA LA 73 -42.28 -113.75 -76.43
CA ALA LA 73 -41.97 -114.65 -77.52
C ALA LA 73 -41.34 -113.81 -78.63
N GLY LA 74 -41.08 -114.42 -79.77
CA GLY LA 74 -40.36 -113.73 -80.82
C GLY LA 74 -38.87 -113.91 -80.68
N LEU LA 75 -38.13 -113.13 -81.45
CA LEU LA 75 -36.68 -113.29 -81.49
C LEU LA 75 -36.04 -112.65 -80.27
N THR LA 76 -35.22 -113.44 -79.57
CA THR LA 76 -34.74 -113.09 -78.24
C THR LA 76 -33.67 -112.02 -78.25
N ALA LA 77 -33.11 -111.67 -79.40
CA ALA LA 77 -32.08 -110.64 -79.46
C ALA LA 77 -32.67 -109.27 -79.18
N ASP LA 78 -33.81 -108.96 -79.79
CA ASP LA 78 -34.49 -107.70 -79.55
C ASP LA 78 -35.27 -107.69 -78.24
N ALA LA 79 -35.35 -108.81 -77.53
CA ALA LA 79 -36.17 -108.91 -76.33
C ALA LA 79 -35.42 -108.53 -75.07
N ARG LA 80 -34.17 -108.96 -74.92
CA ARG LA 80 -33.44 -108.68 -73.70
C ARG LA 80 -32.86 -107.28 -73.66
N ILE LA 81 -33.06 -106.47 -74.70
CA ILE LA 81 -32.70 -105.06 -74.62
C ILE LA 81 -33.92 -104.23 -74.25
N VAL LA 82 -35.13 -104.68 -74.58
CA VAL LA 82 -36.33 -103.98 -74.13
C VAL LA 82 -36.52 -104.19 -72.63
N ILE LA 83 -36.14 -105.36 -72.14
CA ILE LA 83 -36.17 -105.64 -70.70
C ILE LA 83 -35.19 -104.76 -69.96
N ASN LA 84 -33.96 -104.63 -70.47
CA ASN LA 84 -32.95 -103.81 -69.82
C ASN LA 84 -33.28 -102.33 -69.88
N ARG LA 85 -34.01 -101.90 -70.91
CA ARG LA 85 -34.50 -100.52 -70.91
C ARG LA 85 -35.72 -100.35 -70.02
N ALA LA 86 -36.47 -101.41 -69.76
CA ALA LA 86 -37.59 -101.32 -68.83
C ALA LA 86 -37.15 -101.39 -67.38
N ARG LA 87 -36.02 -102.03 -67.09
CA ARG LA 87 -35.50 -102.08 -65.73
C ARG LA 87 -34.93 -100.75 -65.27
N VAL LA 88 -34.64 -99.84 -66.19
CA VAL LA 88 -34.13 -98.52 -65.84
C VAL LA 88 -35.25 -97.54 -65.56
N GLU LA 89 -36.27 -97.53 -66.42
CA GLU LA 89 -37.40 -96.62 -66.26
C GLU LA 89 -38.20 -96.92 -64.99
N CYS LA 90 -38.36 -98.20 -64.66
CA CYS LA 90 -39.04 -98.54 -63.43
C CYS LA 90 -38.17 -98.21 -62.22
N GLN LA 91 -36.85 -98.19 -62.39
CA GLN LA 91 -35.97 -97.81 -61.30
C GLN LA 91 -35.88 -96.30 -61.17
N SER LA 92 -35.95 -95.57 -62.28
CA SER LA 92 -35.99 -94.11 -62.22
C SER LA 92 -37.35 -93.59 -61.82
N HIS LA 93 -38.39 -94.43 -61.89
CA HIS LA 93 -39.70 -94.02 -61.40
C HIS LA 93 -39.71 -93.91 -59.88
N ARG LA 94 -38.92 -94.73 -59.20
CA ARG LA 94 -38.89 -94.72 -57.75
C ARG LA 94 -38.18 -93.48 -57.22
N LEU LA 95 -37.23 -92.94 -57.99
CA LEU LA 95 -36.56 -91.69 -57.62
C LEU LA 95 -37.53 -90.51 -57.71
N THR LA 96 -38.50 -90.59 -58.61
CA THR LA 96 -39.71 -89.79 -58.66
C THR LA 96 -40.71 -90.37 -57.66
N VAL LA 97 -41.99 -90.30 -58.01
CA VAL LA 97 -43.15 -90.79 -57.25
C VAL LA 97 -42.87 -92.11 -56.52
N GLU LA 98 -43.17 -92.13 -55.22
CA GLU LA 98 -42.50 -93.01 -54.29
C GLU LA 98 -42.92 -94.47 -54.40
N ASP LA 99 -44.12 -94.74 -54.93
CA ASP LA 99 -44.65 -96.10 -54.98
C ASP LA 99 -43.81 -97.01 -55.88
N PRO LA 100 -43.86 -98.31 -55.66
CA PRO LA 100 -43.40 -99.24 -56.69
C PRO LA 100 -44.27 -99.11 -57.93
N VAL LA 101 -43.67 -99.46 -59.06
CA VAL LA 101 -44.28 -99.24 -60.37
C VAL LA 101 -45.48 -100.15 -60.54
N THR LA 102 -46.64 -99.56 -60.80
CA THR LA 102 -47.83 -100.34 -61.10
C THR LA 102 -47.67 -101.09 -62.41
N VAL LA 103 -48.41 -102.19 -62.55
CA VAL LA 103 -48.30 -103.01 -63.75
C VAL LA 103 -48.86 -102.30 -64.97
N GLU LA 104 -49.74 -101.30 -64.77
CA GLU LA 104 -50.25 -100.51 -65.88
C GLU LA 104 -49.23 -99.49 -66.37
N TYR LA 105 -48.39 -98.98 -65.48
CA TYR LA 105 -47.43 -97.94 -65.88
C TYR LA 105 -46.30 -98.52 -66.72
N ILE LA 106 -45.85 -99.72 -66.39
CA ILE LA 106 -44.70 -100.26 -67.10
C ILE LA 106 -45.09 -100.76 -68.48
N THR LA 107 -46.35 -101.09 -68.70
CA THR LA 107 -46.78 -101.46 -70.05
C THR LA 107 -46.87 -100.26 -70.96
N ARG LA 108 -47.24 -99.10 -70.42
CA ARG LA 108 -47.30 -97.91 -71.25
C ARG LA 108 -45.91 -97.43 -71.64
N TYR LA 109 -44.90 -97.66 -70.81
CA TYR LA 109 -43.56 -97.27 -71.22
C TYR LA 109 -43.04 -98.18 -72.33
N ILE LA 110 -43.38 -99.46 -72.29
CA ILE LA 110 -42.91 -100.38 -73.33
C ILE LA 110 -43.65 -100.15 -74.63
N ALA LA 111 -44.96 -99.95 -74.56
CA ALA LA 111 -45.77 -99.75 -75.76
C ALA LA 111 -45.46 -98.42 -76.43
N SER LA 112 -45.20 -97.38 -75.64
CA SER LA 112 -44.84 -96.10 -76.24
C SER LA 112 -43.41 -96.13 -76.78
N LEU LA 113 -42.53 -96.92 -76.16
CA LEU LA 113 -41.17 -97.09 -76.70
C LEU LA 113 -41.19 -97.83 -78.02
N LYS LA 114 -42.22 -98.63 -78.24
CA LYS LA 114 -42.29 -99.43 -79.45
C LYS LA 114 -43.00 -98.72 -80.58
N GLN LA 115 -43.93 -97.82 -80.26
CA GLN LA 115 -44.66 -97.08 -81.27
C GLN LA 115 -43.80 -96.00 -81.91
N ARG LA 116 -43.08 -95.22 -81.10
CA ARG LA 116 -42.19 -94.18 -81.60
C ARG LA 116 -41.00 -94.76 -82.35
N TYR LA 117 -40.77 -96.05 -82.19
CA TYR LA 117 -39.72 -96.79 -82.86
C TYR LA 117 -40.20 -97.39 -84.18
N THR LA 118 -41.51 -97.41 -84.41
CA THR LA 118 -42.09 -97.64 -85.72
C THR LA 118 -42.31 -96.34 -86.47
N GLN LA 119 -41.87 -95.22 -85.89
CA GLN LA 119 -42.05 -93.91 -86.47
C GLN LA 119 -40.75 -93.32 -86.97
N SER LA 120 -39.62 -93.64 -86.35
CA SER LA 120 -38.37 -92.97 -86.60
C SER LA 120 -37.71 -93.47 -87.88
N ASN LA 121 -36.56 -92.87 -88.20
CA ASN LA 121 -35.85 -93.11 -89.44
C ASN LA 121 -34.79 -94.20 -89.26
N GLY LA 122 -34.68 -95.05 -90.27
CA GLY LA 122 -33.61 -96.03 -90.31
C GLY LA 122 -33.75 -97.16 -89.31
N ARG LA 123 -34.97 -97.44 -88.85
CA ARG LA 123 -35.18 -98.37 -87.75
C ARG LA 123 -36.24 -99.40 -88.14
N ARG LA 124 -35.84 -100.66 -88.21
CA ARG LA 124 -36.84 -101.71 -88.32
C ARG LA 124 -37.55 -101.87 -86.97
N PRO LA 125 -38.84 -102.20 -86.97
CA PRO LA 125 -39.57 -102.34 -85.70
C PRO LA 125 -39.16 -103.58 -84.94
N PHE LA 126 -39.53 -103.62 -83.66
CA PHE LA 126 -39.23 -104.78 -82.83
C PHE LA 126 -40.01 -105.99 -83.30
N GLY LA 127 -39.40 -107.17 -83.15
CA GLY LA 127 -40.02 -108.40 -83.54
C GLY LA 127 -40.40 -109.27 -82.36
N ILE LA 128 -40.90 -108.66 -81.30
CA ILE LA 128 -41.30 -109.40 -80.10
C ILE LA 128 -42.71 -109.03 -79.70
N SER LA 129 -43.36 -109.96 -79.01
CA SER LA 129 -44.56 -109.71 -78.25
C SER LA 129 -44.34 -110.21 -76.84
N ALA LA 130 -45.01 -109.60 -75.88
CA ALA LA 130 -44.73 -109.89 -74.48
C ALA LA 130 -46.02 -109.98 -73.69
N LEU LA 131 -45.93 -110.63 -72.53
CA LEU LA 131 -46.97 -110.64 -71.52
C LEU LA 131 -46.39 -110.06 -70.25
N ILE LA 132 -46.96 -108.96 -69.78
CA ILE LA 132 -46.55 -108.33 -68.53
C ILE LA 132 -47.53 -108.74 -67.47
N VAL LA 133 -47.07 -109.48 -66.46
CA VAL LA 133 -47.91 -110.01 -65.40
C VAL LA 133 -47.41 -109.46 -64.07
N GLY LA 134 -48.31 -108.89 -63.29
CA GLY LA 134 -47.92 -108.39 -61.99
C GLY LA 134 -49.10 -108.28 -61.04
N PHE LA 135 -48.78 -108.12 -59.76
CA PHE LA 135 -49.77 -107.89 -58.72
C PHE LA 135 -49.43 -106.57 -58.06
N ASP LA 136 -50.18 -105.52 -58.39
CA ASP LA 136 -49.89 -104.16 -57.95
C ASP LA 136 -50.32 -103.91 -56.51
N PHE LA 137 -50.38 -102.63 -56.14
CA PHE LA 137 -50.91 -102.24 -54.84
C PHE LA 137 -52.37 -102.67 -54.72
N ASP LA 138 -52.77 -102.92 -53.46
CA ASP LA 138 -54.11 -103.38 -53.04
C ASP LA 138 -54.47 -104.76 -53.58
N GLY LA 139 -53.48 -105.52 -54.07
CA GLY LA 139 -53.66 -106.92 -54.41
C GLY LA 139 -54.62 -107.20 -55.55
N THR LA 140 -54.42 -106.56 -56.70
CA THR LA 140 -55.30 -106.80 -57.84
C THR LA 140 -54.50 -107.44 -58.96
N PRO LA 141 -54.53 -108.78 -59.10
CA PRO LA 141 -53.73 -109.43 -60.14
C PRO LA 141 -54.36 -109.24 -61.52
N ARG LA 142 -53.52 -108.83 -62.47
CA ARG LA 142 -53.95 -108.62 -63.84
C ARG LA 142 -52.73 -108.76 -64.74
N LEU LA 143 -52.99 -108.98 -66.03
CA LEU LA 143 -51.93 -109.13 -67.01
C LEU LA 143 -52.26 -108.28 -68.23
N TYR LA 144 -51.32 -108.24 -69.16
CA TYR LA 144 -51.44 -107.45 -70.38
C TYR LA 144 -50.73 -108.18 -71.51
N GLN LA 145 -50.86 -107.67 -72.73
CA GLN LA 145 -49.98 -108.08 -73.82
C GLN LA 145 -49.47 -106.85 -74.52
N THR LA 146 -48.58 -107.07 -75.50
CA THR LA 146 -48.02 -105.99 -76.29
C THR LA 146 -47.73 -106.50 -77.69
N ASP LA 147 -48.38 -105.95 -78.63
CA ASP LA 147 -48.23 -106.14 -80.06
C ASP LA 147 -46.95 -105.45 -80.52
N PRO LA 148 -46.30 -105.91 -81.60
CA PRO LA 148 -45.13 -105.20 -82.12
C PRO LA 148 -45.40 -103.80 -82.66
N SER LA 149 -46.66 -103.42 -82.86
CA SER LA 149 -46.95 -102.02 -83.19
C SER LA 149 -47.11 -101.17 -81.95
N GLY LA 150 -47.19 -101.76 -80.77
CA GLY LA 150 -47.26 -101.01 -79.54
C GLY LA 150 -48.66 -100.71 -79.06
N THR LA 151 -49.50 -101.73 -78.92
CA THR LA 151 -50.87 -101.59 -78.44
C THR LA 151 -51.03 -102.45 -77.19
N TYR LA 152 -50.85 -101.85 -76.02
CA TYR LA 152 -50.98 -102.61 -74.78
C TYR LA 152 -52.44 -102.90 -74.49
N HIS LA 153 -52.68 -104.06 -73.90
CA HIS LA 153 -53.99 -104.67 -74.02
C HIS LA 153 -54.15 -105.73 -72.93
N ALA LA 154 -55.10 -105.54 -72.02
CA ALA LA 154 -55.27 -106.45 -70.91
C ALA LA 154 -56.11 -107.67 -71.30
N TRP LA 155 -56.11 -108.66 -70.43
CA TRP LA 155 -56.74 -109.94 -70.71
C TRP LA 155 -57.15 -110.59 -69.39
N LYS LA 156 -57.75 -111.78 -69.50
CA LYS LA 156 -57.85 -112.72 -68.40
C LYS LA 156 -57.01 -113.97 -68.64
N ALA LA 157 -56.69 -114.26 -69.90
CA ALA LA 157 -55.77 -115.32 -70.27
C ALA LA 157 -55.16 -114.94 -71.62
N ASN LA 158 -54.01 -115.52 -71.92
CA ASN LA 158 -53.35 -115.22 -73.18
C ASN LA 158 -52.43 -116.36 -73.57
N ALA LA 159 -52.04 -116.39 -74.84
CA ALA LA 159 -51.07 -117.33 -75.37
C ALA LA 159 -50.54 -116.76 -76.67
N ILE LA 160 -49.22 -116.55 -76.76
CA ILE LA 160 -48.61 -115.98 -77.94
C ILE LA 160 -47.57 -116.95 -78.47
N GLY LA 161 -46.92 -116.59 -79.57
CA GLY LA 161 -45.89 -117.43 -80.14
C GLY LA 161 -46.43 -118.38 -81.19
N ARG LA 162 -45.59 -119.35 -81.57
CA ARG LA 162 -45.99 -120.36 -82.53
C ARG LA 162 -46.98 -121.32 -81.88
N GLY LA 163 -48.12 -121.52 -82.55
CA GLY LA 163 -49.16 -122.33 -81.96
C GLY LA 163 -49.86 -121.58 -80.84
N ALA LA 164 -50.41 -120.41 -81.17
CA ALA LA 164 -51.10 -119.57 -80.21
C ALA LA 164 -52.61 -119.67 -80.35
N LYS LA 165 -53.13 -119.52 -81.57
CA LYS LA 165 -54.57 -119.58 -81.80
C LYS LA 165 -55.12 -120.99 -81.58
N SER LA 166 -54.28 -122.01 -81.73
CA SER LA 166 -54.67 -123.35 -81.34
C SER LA 166 -54.84 -123.46 -79.83
N VAL LA 167 -54.08 -122.68 -79.07
CA VAL LA 167 -54.25 -122.64 -77.63
C VAL LA 167 -55.33 -121.64 -77.26
N ARG LA 168 -55.38 -120.50 -77.97
CA ARG LA 168 -56.33 -119.44 -77.66
C ARG LA 168 -57.76 -119.87 -77.91
N GLU LA 169 -57.99 -120.72 -78.91
CA GLU LA 169 -59.30 -121.32 -79.07
C GLU LA 169 -59.57 -122.37 -77.99
N PHE LA 170 -58.52 -123.03 -77.50
CA PHE LA 170 -58.70 -124.04 -76.47
C PHE LA 170 -58.99 -123.41 -75.11
N LEU LA 171 -58.45 -122.22 -74.84
CA LEU LA 171 -58.56 -121.63 -73.51
C LEU LA 171 -59.97 -121.14 -73.22
N GLU LA 172 -60.65 -120.57 -74.23
CA GLU LA 172 -61.95 -119.97 -73.98
C GLU LA 172 -63.01 -121.01 -73.69
N LYS LA 173 -62.91 -122.20 -74.28
CA LYS LA 173 -63.76 -123.31 -73.88
C LYS LA 173 -63.28 -123.98 -72.61
N ASN LA 174 -62.10 -123.62 -72.12
CA ASN LA 174 -61.55 -124.21 -70.91
C ASN LA 174 -61.56 -123.26 -69.72
N TYR LA 175 -61.61 -121.95 -69.96
CA TYR LA 175 -61.61 -120.98 -68.86
C TYR LA 175 -62.99 -120.94 -68.25
N THR LA 176 -63.11 -121.43 -67.02
CA THR LA 176 -64.30 -121.25 -66.20
C THR LA 176 -63.94 -120.44 -64.96
N ASP LA 177 -64.97 -120.14 -64.16
CA ASP LA 177 -64.72 -119.42 -62.92
C ASP LA 177 -64.13 -120.36 -61.87
N GLU LA 178 -64.63 -121.58 -61.79
CA GLU LA 178 -64.17 -122.54 -60.80
C GLU LA 178 -62.83 -123.18 -61.14
N ALA LA 179 -62.26 -122.87 -62.32
CA ALA LA 179 -60.90 -123.28 -62.61
C ALA LA 179 -59.87 -122.42 -61.89
N ILE LA 180 -60.28 -121.27 -61.36
CA ILE LA 180 -59.40 -120.38 -60.63
C ILE LA 180 -59.72 -120.46 -59.15
N GLU LA 181 -60.22 -121.63 -58.72
CA GLU LA 181 -60.56 -121.84 -57.32
C GLU LA 181 -59.32 -121.93 -56.45
N THR LA 182 -58.46 -122.91 -56.73
CA THR LA 182 -57.25 -123.11 -55.96
C THR LA 182 -56.04 -122.63 -56.74
N ASP LA 183 -54.87 -122.70 -56.09
CA ASP LA 183 -53.64 -122.33 -56.75
C ASP LA 183 -53.18 -123.42 -57.71
N ASP LA 184 -53.05 -124.65 -57.22
CA ASP LA 184 -52.57 -125.76 -58.04
C ASP LA 184 -53.61 -126.23 -59.05
N LEU LA 185 -54.87 -125.85 -58.86
CA LEU LA 185 -55.89 -126.14 -59.86
C LEU LA 185 -55.68 -125.29 -61.11
N THR LA 186 -55.29 -124.03 -60.92
CA THR LA 186 -55.05 -123.15 -62.06
C THR LA 186 -53.74 -123.50 -62.78
N ILE LA 187 -52.84 -124.19 -62.09
CA ILE LA 187 -51.61 -124.64 -62.73
C ILE LA 187 -51.90 -125.77 -63.70
N LYS LA 188 -52.86 -126.64 -63.35
CA LYS LA 188 -53.28 -127.70 -64.27
C LYS LA 188 -54.08 -127.14 -65.44
N LEU LA 189 -54.65 -125.94 -65.29
CA LEU LA 189 -55.28 -125.27 -66.42
C LEU LA 189 -54.24 -124.85 -67.45
N VAL LA 190 -53.04 -124.47 -67.00
CA VAL LA 190 -51.97 -124.16 -67.92
C VAL LA 190 -51.39 -125.43 -68.54
N ILE LA 191 -51.26 -126.49 -67.72
CA ILE LA 191 -50.58 -127.71 -68.15
C ILE LA 191 -51.38 -128.47 -69.20
N LYS LA 192 -52.70 -128.33 -69.20
CA LYS LA 192 -53.49 -128.94 -70.25
C LYS LA 192 -53.35 -128.18 -71.57
N ALA LA 193 -53.20 -126.85 -71.49
CA ALA LA 193 -53.12 -126.05 -72.71
C ALA LA 193 -51.78 -126.24 -73.40
N LEU LA 194 -50.68 -126.27 -72.64
CA LEU LA 194 -49.37 -126.51 -73.22
C LEU LA 194 -49.22 -127.93 -73.72
N LEU LA 195 -49.91 -128.88 -73.10
CA LEU LA 195 -49.97 -130.23 -73.65
C LEU LA 195 -50.82 -130.30 -74.91
N GLU LA 196 -51.74 -129.36 -75.09
CA GLU LA 196 -52.49 -129.20 -76.34
C GLU LA 196 -51.76 -128.30 -77.34
N VAL LA 197 -50.46 -128.16 -77.18
CA VAL LA 197 -49.59 -127.31 -77.99
C VAL LA 197 -48.44 -128.19 -78.46
N VAL LA 198 -47.40 -127.57 -79.00
CA VAL LA 198 -46.10 -128.21 -79.27
C VAL LA 198 -45.64 -128.96 -78.03
N GLN LA 199 -44.95 -130.09 -78.26
CA GLN LA 199 -45.09 -131.37 -77.54
C GLN LA 199 -45.33 -131.25 -76.05
N SER LA 200 -44.37 -130.66 -75.32
CA SER LA 200 -44.45 -130.35 -73.89
C SER LA 200 -44.73 -131.61 -73.06
N GLY LA 201 -43.80 -132.55 -73.11
CA GLY LA 201 -43.93 -133.80 -72.39
C GLY LA 201 -43.38 -133.79 -70.99
N GLY LA 202 -43.40 -132.62 -70.36
CA GLY LA 202 -42.92 -132.46 -69.01
C GLY LA 202 -41.51 -131.94 -68.89
N LYS LA 203 -40.62 -132.35 -69.79
CA LYS LA 203 -39.24 -131.86 -69.78
C LYS LA 203 -39.07 -130.60 -70.62
N ASN LA 204 -40.02 -130.32 -71.51
CA ASN LA 204 -39.96 -129.14 -72.36
C ASN LA 204 -40.82 -127.99 -71.85
N ILE LA 205 -41.50 -128.18 -70.73
CA ILE LA 205 -42.36 -127.16 -70.13
C ILE LA 205 -41.59 -126.54 -68.98
N GLU LA 206 -41.92 -125.28 -68.66
CA GLU LA 206 -41.30 -124.58 -67.54
C GLU LA 206 -42.27 -123.53 -67.02
N LEU LA 207 -42.92 -123.79 -65.90
CA LEU LA 207 -43.88 -122.87 -65.32
C LEU LA 207 -43.25 -122.12 -64.15
N ALA LA 208 -43.91 -121.02 -63.77
CA ALA LA 208 -43.43 -120.16 -62.69
C ALA LA 208 -44.58 -119.31 -62.19
N VAL LA 209 -44.89 -119.41 -60.90
CA VAL LA 209 -46.04 -118.74 -60.33
C VAL LA 209 -45.58 -117.61 -59.42
N MET LA 210 -46.55 -116.85 -58.92
CA MET LA 210 -46.26 -115.72 -58.04
C MET LA 210 -47.46 -115.52 -57.12
N ARG LA 211 -47.23 -115.65 -55.81
CA ARG LA 211 -48.29 -115.67 -54.81
C ARG LA 211 -48.66 -114.29 -54.30
N ARG LA 212 -48.43 -113.24 -55.10
CA ARG LA 212 -48.72 -111.83 -54.86
C ARG LA 212 -47.92 -111.21 -53.72
N ASP LA 213 -47.03 -111.97 -53.07
CA ASP LA 213 -46.18 -111.47 -52.01
C ASP LA 213 -44.73 -111.92 -52.15
N GLN LA 214 -44.45 -112.81 -53.09
CA GLN LA 214 -43.15 -113.44 -53.26
C GLN LA 214 -42.44 -112.85 -54.48
N SER LA 215 -41.28 -113.42 -54.80
CA SER LA 215 -40.66 -113.21 -56.10
C SER LA 215 -41.18 -114.29 -57.05
N LEU LA 216 -40.63 -114.35 -58.25
CA LEU LA 216 -41.00 -115.40 -59.19
C LEU LA 216 -40.35 -116.72 -58.77
N LYS LA 217 -41.13 -117.80 -58.78
CA LYS LA 217 -40.69 -119.09 -58.27
C LYS LA 217 -40.88 -120.14 -59.34
N ILE LA 218 -39.77 -120.65 -59.86
CA ILE LA 218 -39.79 -121.72 -60.85
C ILE LA 218 -39.75 -123.06 -60.12
N LEU LA 219 -40.74 -123.90 -60.37
CA LEU LA 219 -40.70 -125.28 -59.89
C LEU LA 219 -39.80 -126.10 -60.79
N ASN LA 220 -38.98 -126.96 -60.20
CA ASN LA 220 -38.10 -127.84 -60.97
C ASN LA 220 -38.91 -128.96 -61.62
N PRO LA 221 -38.35 -129.69 -62.61
CA PRO LA 221 -39.10 -130.82 -63.18
C PRO LA 221 -39.30 -132.00 -62.24
N GLU LA 222 -39.97 -131.77 -61.13
CA GLU LA 222 -40.52 -132.75 -60.20
C GLU LA 222 -41.99 -132.47 -59.90
N GLU LA 223 -42.38 -131.21 -59.78
CA GLU LA 223 -43.79 -130.89 -59.63
C GLU LA 223 -44.51 -130.92 -60.96
N ILE LA 224 -43.85 -130.45 -62.03
CA ILE LA 224 -44.41 -130.60 -63.36
C ILE LA 224 -44.47 -132.07 -63.76
N GLU LA 225 -43.54 -132.88 -63.25
CA GLU LA 225 -43.68 -134.32 -63.36
C GLU LA 225 -44.83 -134.82 -62.50
N LYS LA 226 -45.05 -134.18 -61.33
CA LYS LA 226 -46.15 -134.59 -60.47
C LYS LA 226 -47.49 -134.11 -61.01
N TYR LA 227 -47.53 -132.89 -61.56
CA TYR LA 227 -48.78 -132.32 -62.06
C TYR LA 227 -49.22 -133.01 -63.34
N VAL LA 228 -48.29 -133.26 -64.26
CA VAL LA 228 -48.64 -133.99 -65.48
C VAL LA 228 -48.91 -135.46 -65.19
N ALA LA 229 -48.48 -135.97 -64.04
CA ALA LA 229 -48.92 -137.29 -63.62
C ALA LA 229 -50.40 -137.27 -63.25
N GLU LA 230 -50.82 -136.27 -62.49
CA GLU LA 230 -52.18 -136.22 -61.98
C GLU LA 230 -53.16 -135.51 -62.91
N ILE LA 231 -52.69 -134.68 -63.82
CA ILE LA 231 -53.58 -134.14 -64.85
C ILE LA 231 -53.88 -135.20 -65.89
N GLU LA 232 -52.91 -136.05 -66.20
CA GLU LA 232 -53.17 -137.17 -67.10
C GLU LA 232 -53.95 -138.27 -66.42
N LYS LA 233 -53.78 -138.42 -65.10
CA LYS LA 233 -54.53 -139.44 -64.38
C LYS LA 233 -56.01 -139.09 -64.29
N GLU LA 234 -56.33 -137.80 -64.13
CA GLU LA 234 -57.72 -137.38 -64.13
C GLU LA 234 -58.36 -137.52 -65.51
N LYS LA 235 -57.56 -137.36 -66.56
CA LYS LA 235 -58.06 -137.58 -67.91
C LYS LA 235 -58.21 -139.07 -68.22
N GLU LA 236 -57.38 -139.91 -67.61
CA GLU LA 236 -57.44 -141.34 -67.83
C GLU LA 236 -58.60 -142.00 -67.10
N GLU LA 237 -59.10 -141.41 -66.02
CA GLU LA 237 -60.26 -141.94 -65.33
C GLU LA 237 -61.57 -141.31 -65.75
N ASN LA 238 -61.55 -140.08 -66.27
CA ASN LA 238 -62.76 -139.48 -66.81
C ASN LA 238 -63.16 -140.13 -68.13
N GLU LA 239 -62.21 -140.28 -69.04
CA GLU LA 239 -62.48 -140.91 -70.32
C GLU LA 239 -62.08 -142.38 -70.30
N TYR MA 7 -39.09 -97.31 -109.21
CA TYR MA 7 -40.16 -98.08 -108.59
C TYR MA 7 -40.56 -97.46 -107.26
N ASP MA 8 -39.58 -97.30 -106.36
CA ASP MA 8 -39.84 -96.72 -105.05
C ASP MA 8 -39.70 -95.20 -105.13
N ARG MA 9 -40.81 -94.50 -104.91
CA ARG MA 9 -40.77 -93.06 -104.73
C ARG MA 9 -40.26 -92.71 -103.34
N GLY MA 10 -40.05 -91.43 -103.11
CA GLY MA 10 -39.87 -90.93 -101.77
C GLY MA 10 -41.21 -90.76 -101.08
N VAL MA 11 -41.15 -90.30 -99.82
CA VAL MA 11 -42.36 -90.09 -99.05
C VAL MA 11 -43.01 -88.75 -99.32
N ASN MA 12 -42.44 -87.95 -100.21
CA ASN MA 12 -42.75 -86.54 -100.28
C ASN MA 12 -42.96 -86.13 -101.74
N THR MA 13 -43.75 -86.92 -102.47
CA THR MA 13 -43.84 -86.82 -103.91
C THR MA 13 -45.27 -86.50 -104.32
N PHE MA 14 -45.44 -85.57 -105.26
CA PHE MA 14 -46.76 -85.28 -105.78
C PHE MA 14 -47.15 -86.28 -106.88
N SER MA 15 -48.45 -86.49 -106.98
CA SER MA 15 -49.05 -87.30 -108.02
C SER MA 15 -49.15 -86.48 -109.30
N PRO MA 16 -49.30 -87.13 -110.45
CA PRO MA 16 -49.67 -86.37 -111.66
C PRO MA 16 -51.04 -85.73 -111.57
N GLU MA 17 -51.93 -86.25 -110.73
CA GLU MA 17 -53.16 -85.55 -110.45
C GLU MA 17 -52.99 -84.54 -109.33
N GLY MA 18 -51.85 -84.56 -108.65
CA GLY MA 18 -51.39 -83.43 -107.87
C GLY MA 18 -51.58 -83.50 -106.38
N ARG MA 19 -52.10 -84.59 -105.83
CA ARG MA 19 -52.42 -84.51 -104.41
C ARG MA 19 -51.20 -84.78 -103.51
N LEU MA 20 -50.81 -86.04 -103.33
CA LEU MA 20 -49.62 -86.58 -102.70
C LEU MA 20 -49.79 -88.07 -102.87
N PHE MA 21 -48.86 -88.88 -102.35
CA PHE MA 21 -49.09 -90.31 -102.27
C PHE MA 21 -49.49 -90.74 -100.87
N GLN MA 22 -48.68 -90.48 -99.86
CA GLN MA 22 -48.90 -91.12 -98.57
C GLN MA 22 -49.87 -90.38 -97.67
N VAL MA 23 -50.19 -89.12 -97.96
CA VAL MA 23 -51.35 -88.51 -97.32
C VAL MA 23 -52.62 -89.17 -97.79
N GLU MA 24 -52.73 -89.41 -99.10
CA GLU MA 24 -53.93 -90.03 -99.65
C GLU MA 24 -54.02 -91.50 -99.25
N TYR MA 25 -52.88 -92.15 -99.01
CA TYR MA 25 -52.92 -93.53 -98.54
C TYR MA 25 -53.38 -93.62 -97.11
N ALA MA 26 -53.06 -92.61 -96.30
CA ALA MA 26 -53.47 -92.59 -94.90
C ALA MA 26 -54.95 -92.27 -94.74
N ILE MA 27 -55.56 -91.63 -95.74
CA ILE MA 27 -57.01 -91.46 -95.74
C ILE MA 27 -57.68 -92.81 -95.88
N GLU MA 28 -57.06 -93.74 -96.60
CA GLU MA 28 -57.64 -95.06 -96.75
C GLU MA 28 -57.50 -95.89 -95.48
N ALA MA 29 -56.51 -95.60 -94.67
CA ALA MA 29 -56.24 -96.40 -93.47
C ALA MA 29 -57.29 -96.21 -92.39
N ILE MA 30 -57.97 -95.07 -92.34
CA ILE MA 30 -58.99 -94.87 -91.31
C ILE MA 30 -60.32 -95.47 -91.70
N LYS MA 31 -60.41 -96.12 -92.85
CA LYS MA 31 -61.59 -96.89 -93.21
C LYS MA 31 -61.57 -98.29 -92.63
N LEU MA 32 -60.49 -98.66 -91.94
CA LEU MA 32 -60.43 -99.94 -91.26
C LEU MA 32 -60.73 -99.83 -89.77
N GLY MA 33 -60.78 -98.63 -89.22
CA GLY MA 33 -61.02 -98.45 -87.82
C GLY MA 33 -62.48 -98.62 -87.45
N SER MA 34 -62.74 -98.64 -86.15
CA SER MA 34 -64.10 -98.78 -85.66
C SER MA 34 -64.86 -97.49 -85.83
N THR MA 35 -66.17 -97.61 -86.00
CA THR MA 35 -66.96 -96.43 -86.31
C THR MA 35 -67.25 -95.62 -85.05
N ALA MA 36 -67.47 -94.33 -85.25
CA ALA MA 36 -67.66 -93.39 -84.15
C ALA MA 36 -68.58 -92.27 -84.62
N ILE MA 37 -69.47 -91.83 -83.74
CA ILE MA 37 -70.47 -90.82 -84.07
C ILE MA 37 -70.40 -89.72 -83.01
N GLY MA 38 -70.35 -88.48 -83.46
CA GLY MA 38 -70.51 -87.33 -82.58
C GLY MA 38 -71.59 -86.41 -83.12
N ILE MA 39 -72.40 -85.86 -82.23
CA ILE MA 39 -73.52 -85.00 -82.60
C ILE MA 39 -73.46 -83.74 -81.74
N GLN MA 40 -73.40 -82.58 -82.40
CA GLN MA 40 -73.45 -81.31 -81.70
C GLN MA 40 -74.90 -80.89 -81.51
N THR MA 41 -75.25 -80.58 -80.26
CA THR MA 41 -76.57 -80.08 -79.92
C THR MA 41 -76.36 -78.88 -79.01
N SER MA 42 -77.25 -77.87 -79.12
CA SER MA 42 -77.13 -76.66 -78.32
C SER MA 42 -77.27 -76.92 -76.83
N GLU MA 43 -77.84 -78.06 -76.44
CA GLU MA 43 -77.82 -78.46 -75.04
C GLU MA 43 -76.47 -79.06 -74.64
N GLY MA 44 -75.72 -79.61 -75.60
CA GLY MA 44 -74.43 -80.18 -75.31
C GLY MA 44 -74.03 -81.17 -76.38
N VAL MA 45 -72.79 -81.65 -76.27
CA VAL MA 45 -72.21 -82.54 -77.29
C VAL MA 45 -72.22 -83.96 -76.78
N CYS MA 46 -72.93 -84.84 -77.48
CA CYS MA 46 -72.87 -86.27 -77.21
C CYS MA 46 -71.96 -86.93 -78.23
N LEU MA 47 -71.36 -88.05 -77.85
CA LEU MA 47 -70.21 -88.57 -78.60
C LEU MA 47 -70.01 -90.02 -78.24
N ALA MA 48 -70.15 -90.92 -79.22
CA ALA MA 48 -70.23 -92.35 -78.98
C ALA MA 48 -69.30 -93.11 -79.93
N VAL MA 49 -69.09 -94.39 -79.61
CA VAL MA 49 -68.19 -95.24 -80.37
C VAL MA 49 -68.58 -96.68 -80.08
N GLU MA 50 -68.14 -97.60 -80.93
CA GLU MA 50 -68.13 -99.02 -80.65
C GLU MA 50 -66.73 -99.44 -80.20
N LYS MA 51 -66.61 -100.66 -79.69
CA LYS MA 51 -65.31 -101.15 -79.24
C LYS MA 51 -64.69 -102.22 -80.13
N ARG MA 52 -65.50 -102.99 -80.84
CA ARG MA 52 -65.07 -104.12 -81.68
C ARG MA 52 -64.31 -105.15 -80.83
N ILE MA 53 -65.06 -105.77 -79.92
CA ILE MA 53 -64.53 -106.82 -79.06
C ILE MA 53 -64.22 -108.05 -79.90
N THR MA 54 -62.98 -108.53 -79.81
CA THR MA 54 -62.54 -109.66 -80.60
C THR MA 54 -62.79 -111.00 -79.90
N SER MA 55 -62.40 -111.10 -78.62
CA SER MA 55 -62.41 -112.38 -77.95
C SER MA 55 -63.24 -112.36 -76.68
N PRO MA 56 -63.88 -113.49 -76.32
CA PRO MA 56 -64.54 -113.58 -75.01
C PRO MA 56 -63.59 -113.51 -73.85
N LEU MA 57 -62.36 -114.01 -74.00
CA LEU MA 57 -61.35 -113.93 -72.96
C LEU MA 57 -60.80 -112.53 -72.77
N MET MA 58 -61.09 -111.61 -73.68
CA MET MA 58 -60.55 -110.27 -73.61
C MET MA 58 -61.24 -109.47 -72.52
N GLU MA 59 -60.48 -108.66 -71.81
CA GLU MA 59 -61.08 -107.71 -70.89
C GLU MA 59 -61.64 -106.56 -71.72
N PRO MA 60 -62.90 -106.18 -71.54
CA PRO MA 60 -63.51 -105.20 -72.45
C PRO MA 60 -63.15 -103.75 -72.16
N SER MA 61 -62.92 -103.40 -70.90
CA SER MA 61 -62.76 -102.01 -70.53
C SER MA 61 -61.33 -101.52 -70.63
N SER MA 62 -60.38 -102.40 -70.99
CA SER MA 62 -59.00 -101.97 -71.11
C SER MA 62 -58.78 -101.10 -72.33
N ILE MA 63 -59.56 -101.30 -73.37
CA ILE MA 63 -59.50 -100.45 -74.55
C ILE MA 63 -60.41 -99.27 -74.34
N GLU MA 64 -60.10 -98.16 -75.00
CA GLU MA 64 -60.93 -96.98 -74.97
C GLU MA 64 -60.75 -96.21 -76.26
N LYS MA 65 -61.80 -95.49 -76.64
CA LYS MA 65 -61.77 -94.61 -77.78
C LYS MA 65 -62.07 -93.18 -77.37
N ILE MA 66 -63.01 -92.99 -76.45
CA ILE MA 66 -63.21 -91.71 -75.81
C ILE MA 66 -62.12 -91.52 -74.78
N VAL MA 67 -61.41 -90.40 -74.86
CA VAL MA 67 -60.45 -90.00 -73.85
C VAL MA 67 -60.55 -88.49 -73.73
N GLU MA 68 -60.30 -87.98 -72.53
CA GLU MA 68 -60.45 -86.55 -72.31
C GLU MA 68 -59.13 -85.82 -72.49
N ILE MA 69 -59.23 -84.61 -73.01
CA ILE MA 69 -58.06 -83.74 -73.17
C ILE MA 69 -57.93 -82.80 -71.99
N ASP MA 70 -59.03 -82.14 -71.65
CA ASP MA 70 -59.09 -81.27 -70.49
C ASP MA 70 -60.42 -81.57 -69.80
N ALA MA 71 -60.78 -80.76 -68.81
CA ALA MA 71 -62.03 -81.00 -68.09
C ALA MA 71 -63.26 -80.65 -68.90
N HIS MA 72 -63.10 -79.90 -69.99
CA HIS MA 72 -64.25 -79.47 -70.78
C HIS MA 72 -64.13 -79.88 -72.24
N ILE MA 73 -63.17 -80.72 -72.58
CA ILE MA 73 -62.94 -81.17 -73.95
C ILE MA 73 -62.74 -82.67 -73.95
N GLY MA 74 -63.56 -83.39 -74.71
CA GLY MA 74 -63.36 -84.81 -74.95
C GLY MA 74 -62.87 -85.08 -76.36
N CYS MA 75 -62.50 -86.34 -76.58
CA CYS MA 75 -61.96 -86.76 -77.87
C CYS MA 75 -62.52 -88.12 -78.26
N ALA MA 76 -62.36 -88.46 -79.54
CA ALA MA 76 -62.76 -89.75 -80.06
C ALA MA 76 -61.83 -90.10 -81.22
N MET MA 77 -61.27 -91.30 -81.19
CA MET MA 77 -60.25 -91.69 -82.15
C MET MA 77 -60.73 -92.83 -83.02
N SER MA 78 -60.16 -92.92 -84.22
CA SER MA 78 -60.51 -93.96 -85.18
C SER MA 78 -59.27 -94.29 -85.99
N GLY MA 79 -59.38 -95.30 -86.86
CA GLY MA 79 -58.21 -95.74 -87.59
C GLY MA 79 -57.28 -96.51 -86.68
N LEU MA 80 -55.99 -96.19 -86.75
CA LEU MA 80 -55.05 -96.76 -85.81
C LEU MA 80 -55.24 -96.13 -84.43
N ILE MA 81 -54.68 -96.80 -83.42
CA ILE MA 81 -54.82 -96.40 -82.04
C ILE MA 81 -53.48 -96.04 -81.41
N ALA MA 82 -52.43 -96.78 -81.76
CA ALA MA 82 -51.15 -96.67 -81.08
C ALA MA 82 -50.49 -95.32 -81.34
N ASP MA 83 -50.69 -94.76 -82.52
CA ASP MA 83 -50.16 -93.43 -82.81
C ASP MA 83 -51.17 -92.33 -82.53
N ALA MA 84 -52.39 -92.67 -82.12
CA ALA MA 84 -53.31 -91.64 -81.65
C ALA MA 84 -52.87 -91.09 -80.31
N LYS MA 85 -52.24 -91.92 -79.48
CA LYS MA 85 -51.80 -91.52 -78.15
C LYS MA 85 -50.68 -90.49 -78.19
N THR MA 86 -49.98 -90.36 -79.30
CA THR MA 86 -49.00 -89.28 -79.43
C THR MA 86 -49.69 -87.94 -79.59
N LEU MA 87 -50.77 -87.89 -80.38
CA LEU MA 87 -51.49 -86.64 -80.57
C LEU MA 87 -52.27 -86.24 -79.33
N ILE MA 88 -52.76 -87.21 -78.57
CA ILE MA 88 -53.49 -86.91 -77.35
C ILE MA 88 -52.58 -86.26 -76.32
N ASP MA 89 -51.34 -86.75 -76.22
CA ASP MA 89 -50.42 -86.19 -75.25
C ASP MA 89 -49.96 -84.79 -75.63
N LYS MA 90 -49.88 -84.49 -76.93
CA LYS MA 90 -49.51 -83.14 -77.32
C LYS MA 90 -50.65 -82.17 -77.10
N ALA MA 91 -51.88 -82.67 -77.12
CA ALA MA 91 -53.02 -81.79 -76.86
C ALA MA 91 -53.17 -81.49 -75.37
N ARG MA 92 -52.88 -82.47 -74.51
CA ARG MA 92 -52.98 -82.24 -73.08
C ARG MA 92 -51.94 -81.27 -72.58
N VAL MA 93 -50.73 -81.35 -73.12
CA VAL MA 93 -49.68 -80.43 -72.74
C VAL MA 93 -49.99 -79.03 -73.23
N GLU MA 94 -50.61 -78.92 -74.41
CA GLU MA 94 -50.89 -77.61 -74.99
C GLU MA 94 -51.98 -76.86 -74.22
N THR MA 95 -52.98 -77.58 -73.73
CA THR MA 95 -54.00 -76.95 -72.89
C THR MA 95 -53.46 -76.54 -71.53
N GLN MA 96 -52.36 -77.14 -71.08
CA GLN MA 96 -51.82 -76.75 -69.79
C GLN MA 96 -50.80 -75.62 -69.92
N ASN MA 97 -50.10 -75.54 -71.06
CA ASN MA 97 -49.27 -74.37 -71.29
C ASN MA 97 -50.11 -73.11 -71.51
N HIS MA 98 -51.31 -73.24 -72.06
CA HIS MA 98 -52.16 -72.08 -72.24
C HIS MA 98 -52.76 -71.63 -70.92
N TRP MA 99 -53.11 -72.58 -70.05
CA TRP MA 99 -53.55 -72.22 -68.72
C TRP MA 99 -52.44 -71.62 -67.88
N PHE MA 100 -51.20 -72.09 -68.07
CA PHE MA 100 -50.10 -71.61 -67.26
C PHE MA 100 -49.76 -70.17 -67.62
N THR MA 101 -49.80 -69.83 -68.90
CA THR MA 101 -49.37 -68.52 -69.33
C THR MA 101 -50.49 -67.51 -69.45
N TYR MA 102 -51.75 -67.94 -69.57
CA TYR MA 102 -52.84 -67.01 -69.75
C TYR MA 102 -53.93 -67.11 -68.69
N ASN MA 103 -53.88 -68.12 -67.82
CA ASN MA 103 -54.79 -68.29 -66.68
C ASN MA 103 -56.24 -68.38 -67.13
N GLU MA 104 -56.48 -69.17 -68.17
CA GLU MA 104 -57.82 -69.39 -68.69
C GLU MA 104 -57.84 -70.74 -69.40
N THR MA 105 -58.98 -71.05 -70.01
CA THR MA 105 -59.16 -72.30 -70.72
C THR MA 105 -59.00 -72.06 -72.22
N MET MA 106 -58.21 -72.90 -72.86
CA MET MA 106 -58.05 -72.83 -74.30
C MET MA 106 -59.35 -73.25 -74.99
N THR MA 107 -59.74 -72.50 -76.01
CA THR MA 107 -60.97 -72.77 -76.75
C THR MA 107 -60.83 -74.04 -77.58
N VAL MA 108 -61.98 -74.59 -77.95
CA VAL MA 108 -62.02 -75.90 -78.59
C VAL MA 108 -61.41 -75.84 -79.99
N GLU MA 109 -61.63 -74.74 -80.70
CA GLU MA 109 -61.06 -74.57 -82.03
C GLU MA 109 -59.55 -74.45 -81.98
N SER MA 110 -59.04 -73.66 -81.04
CA SER MA 110 -57.61 -73.45 -80.93
C SER MA 110 -56.85 -74.65 -80.41
N VAL MA 111 -57.52 -75.63 -79.80
CA VAL MA 111 -56.88 -76.91 -79.54
C VAL MA 111 -56.62 -77.64 -80.84
N THR MA 112 -57.57 -77.57 -81.77
CA THR MA 112 -57.53 -78.39 -82.97
C THR MA 112 -56.42 -77.94 -83.92
N GLN MA 113 -56.27 -76.63 -84.11
CA GLN MA 113 -55.18 -76.16 -84.96
C GLN MA 113 -53.82 -76.31 -84.29
N ALA MA 114 -53.79 -76.43 -82.97
CA ALA MA 114 -52.54 -76.77 -82.31
C ALA MA 114 -52.11 -78.20 -82.58
N VAL MA 115 -53.07 -79.08 -82.85
CA VAL MA 115 -52.77 -80.45 -83.23
C VAL MA 115 -52.58 -80.58 -84.73
N SER MA 116 -53.36 -79.83 -85.52
CA SER MA 116 -53.32 -79.95 -86.97
C SER MA 116 -52.04 -79.41 -87.57
N ASN MA 117 -51.34 -78.53 -86.86
CA ASN MA 117 -50.03 -78.10 -87.32
C ASN MA 117 -49.01 -79.22 -87.18
N LEU MA 118 -49.22 -80.11 -86.23
CA LEU MA 118 -48.30 -81.21 -86.02
C LEU MA 118 -48.51 -82.32 -87.03
N ALA MA 119 -49.69 -82.39 -87.62
CA ALA MA 119 -50.11 -83.57 -88.37
C ALA MA 119 -49.39 -83.75 -89.69
N LEU MA 120 -48.80 -82.69 -90.26
CA LEU MA 120 -48.10 -82.81 -91.52
C LEU MA 120 -46.70 -82.21 -91.34
N GLN MA 121 -45.79 -83.01 -90.76
CA GLN MA 121 -44.45 -82.54 -90.48
C GLN MA 121 -43.39 -83.60 -90.75
N PHE MA 122 -43.71 -84.64 -91.50
CA PHE MA 122 -42.76 -85.71 -91.72
C PHE MA 122 -41.76 -85.34 -92.80
N GLY MA 123 -40.70 -86.14 -92.91
CA GLY MA 123 -39.69 -85.88 -93.92
C GLY MA 123 -38.43 -86.68 -93.67
N GLU MA 124 -37.31 -86.10 -94.08
CA GLU MA 124 -36.01 -86.76 -94.02
C GLU MA 124 -34.96 -85.98 -93.24
N GLU MA 125 -35.34 -84.88 -92.60
CA GLU MA 125 -34.42 -84.04 -91.83
C GLU MA 125 -34.86 -84.03 -90.36
N ASP MA 126 -34.19 -83.19 -89.56
CA ASP MA 126 -34.42 -83.00 -88.12
C ASP MA 126 -34.27 -84.29 -87.32
N SER MA 133 -41.81 -89.38 -89.63
CA SER MA 133 -41.31 -89.84 -90.92
C SER MA 133 -42.43 -90.36 -91.82
N ARG MA 134 -43.65 -90.34 -91.31
CA ARG MA 134 -44.83 -90.72 -92.08
C ARG MA 134 -46.01 -89.99 -91.46
N PRO MA 135 -47.07 -89.72 -92.22
CA PRO MA 135 -48.23 -89.05 -91.63
C PRO MA 135 -48.97 -89.97 -90.67
N PHE MA 136 -49.67 -89.35 -89.74
CA PHE MA 136 -50.42 -90.10 -88.74
C PHE MA 136 -51.69 -90.67 -89.34
N GLY MA 137 -52.00 -91.91 -89.00
CA GLY MA 137 -53.11 -92.59 -89.62
C GLY MA 137 -54.34 -92.68 -88.75
N VAL MA 138 -54.69 -91.57 -88.09
CA VAL MA 138 -55.84 -91.53 -87.21
C VAL MA 138 -56.80 -90.47 -87.71
N ALA MA 139 -58.00 -90.46 -87.14
CA ALA MA 139 -58.96 -89.40 -87.38
C ALA MA 139 -59.63 -89.08 -86.06
N LEU MA 140 -59.83 -87.80 -85.79
CA LEU MA 140 -60.23 -87.38 -84.45
C LEU MA 140 -61.48 -86.51 -84.51
N LEU MA 141 -62.31 -86.66 -83.47
CA LEU MA 141 -63.39 -85.74 -83.19
C LEU MA 141 -63.10 -85.04 -81.88
N PHE MA 142 -63.33 -83.73 -81.86
CA PHE MA 142 -63.12 -82.93 -80.66
C PHE MA 142 -64.44 -82.31 -80.25
N GLY MA 143 -64.99 -82.78 -79.14
CA GLY MA 143 -66.21 -82.23 -78.57
C GLY MA 143 -65.86 -81.43 -77.31
N GLY MA 144 -66.40 -80.24 -77.22
CA GLY MA 144 -66.10 -79.39 -76.10
C GLY MA 144 -67.08 -78.25 -75.98
N VAL MA 145 -67.08 -77.64 -74.80
CA VAL MA 145 -67.92 -76.47 -74.51
C VAL MA 145 -66.98 -75.36 -74.07
N ASP MA 146 -66.68 -74.46 -74.98
CA ASP MA 146 -66.00 -73.21 -74.66
C ASP MA 146 -67.04 -72.11 -74.50
N GLU MA 147 -66.58 -70.86 -74.46
CA GLU MA 147 -67.44 -69.71 -74.24
C GLU MA 147 -68.40 -69.42 -75.39
N LYS MA 148 -68.20 -70.02 -76.56
CA LYS MA 148 -69.17 -69.94 -77.64
C LYS MA 148 -70.13 -71.13 -77.62
N GLY MA 149 -70.23 -71.83 -76.50
CA GLY MA 149 -71.17 -72.92 -76.38
C GLY MA 149 -70.53 -74.24 -76.77
N PRO MA 150 -71.37 -75.22 -77.08
CA PRO MA 150 -70.85 -76.53 -77.49
C PRO MA 150 -70.30 -76.50 -78.90
N GLN MA 151 -69.19 -77.21 -79.10
CA GLN MA 151 -68.48 -77.24 -80.37
C GLN MA 151 -68.19 -78.68 -80.76
N LEU MA 152 -67.97 -78.89 -82.06
CA LEU MA 152 -67.66 -80.21 -82.57
C LEU MA 152 -66.78 -80.06 -83.80
N PHE MA 153 -65.55 -80.57 -83.72
CA PHE MA 153 -64.59 -80.44 -84.79
C PHE MA 153 -64.09 -81.81 -85.22
N HIS MA 154 -63.54 -81.85 -86.42
CA HIS MA 154 -63.08 -83.07 -87.05
C HIS MA 154 -61.82 -82.79 -87.85
N MET MA 155 -60.73 -83.46 -87.51
CA MET MA 155 -59.50 -83.27 -88.24
C MET MA 155 -59.23 -84.48 -89.15
N ASP MA 156 -58.08 -84.46 -89.78
CA ASP MA 156 -57.76 -85.32 -90.91
C ASP MA 156 -56.32 -85.77 -90.71
N PRO MA 157 -55.92 -86.88 -91.33
CA PRO MA 157 -54.49 -87.13 -91.54
C PRO MA 157 -53.79 -86.07 -92.38
N SER MA 158 -54.52 -85.37 -93.24
CA SER MA 158 -53.96 -84.29 -94.01
C SER MA 158 -53.79 -83.01 -93.20
N GLY MA 159 -54.36 -82.95 -92.01
CA GLY MA 159 -54.29 -81.75 -91.20
C GLY MA 159 -55.36 -80.73 -91.49
N THR MA 160 -56.42 -81.12 -92.17
CA THR MA 160 -57.51 -80.21 -92.51
C THR MA 160 -58.65 -80.44 -91.53
N PHE MA 161 -59.05 -79.38 -90.83
CA PHE MA 161 -60.10 -79.47 -89.84
C PHE MA 161 -61.22 -78.50 -90.17
N VAL MA 162 -62.44 -78.88 -89.79
CA VAL MA 162 -63.61 -78.08 -90.07
C VAL MA 162 -64.67 -78.44 -89.04
N GLN MA 163 -65.46 -77.45 -88.64
CA GLN MA 163 -66.52 -77.68 -87.67
C GLN MA 163 -67.67 -78.45 -88.30
N CYS MA 164 -68.08 -79.53 -87.65
CA CYS MA 164 -69.19 -80.34 -88.12
C CYS MA 164 -70.33 -80.26 -87.12
N ASP MA 165 -71.51 -80.68 -87.55
CA ASP MA 165 -72.64 -80.75 -86.63
C ASP MA 165 -73.00 -82.18 -86.26
N ALA MA 166 -72.84 -83.11 -87.20
CA ALA MA 166 -73.07 -84.52 -86.90
C ALA MA 166 -72.16 -85.33 -87.80
N ARG MA 167 -70.98 -85.70 -87.30
CA ARG MA 167 -69.95 -86.34 -88.09
C ARG MA 167 -69.80 -87.78 -87.66
N ALA MA 168 -69.73 -88.69 -88.63
CA ALA MA 168 -69.57 -90.12 -88.35
C ALA MA 168 -68.32 -90.63 -89.04
N ILE MA 169 -67.37 -91.14 -88.25
CA ILE MA 169 -66.07 -91.54 -88.75
C ILE MA 169 -65.81 -92.99 -88.37
N GLY MA 170 -65.32 -93.77 -89.33
CA GLY MA 170 -64.94 -95.15 -89.10
C GLY MA 170 -65.13 -95.96 -90.36
N SER MA 171 -65.23 -97.28 -90.18
CA SER MA 171 -65.43 -98.17 -91.31
C SER MA 171 -66.82 -98.03 -91.90
N ALA MA 172 -67.79 -97.66 -91.06
CA ALA MA 172 -69.18 -97.44 -91.50
C ALA MA 172 -69.50 -95.96 -91.59
N SER MA 173 -68.54 -95.16 -92.07
CA SER MA 173 -68.68 -93.71 -92.02
C SER MA 173 -69.72 -93.22 -93.01
N GLU MA 174 -69.57 -93.57 -94.29
CA GLU MA 174 -70.48 -93.05 -95.29
C GLU MA 174 -71.86 -93.68 -95.22
N GLY MA 175 -71.96 -94.88 -94.63
CA GLY MA 175 -73.27 -95.46 -94.44
C GLY MA 175 -74.03 -94.77 -93.32
N ALA MA 176 -73.31 -94.27 -92.33
CA ALA MA 176 -73.97 -93.62 -91.20
C ALA MA 176 -74.32 -92.17 -91.49
N GLN MA 177 -73.48 -91.45 -92.25
CA GLN MA 177 -73.73 -90.06 -92.58
C GLN MA 177 -75.04 -89.86 -93.33
N SER MA 178 -75.39 -90.79 -94.21
CA SER MA 178 -76.63 -90.68 -94.95
C SER MA 178 -77.83 -90.86 -94.03
N SER MA 179 -77.76 -91.81 -93.11
CA SER MA 179 -78.81 -92.01 -92.13
C SER MA 179 -78.80 -90.96 -91.03
N LEU MA 180 -77.78 -90.11 -90.99
CA LEU MA 180 -77.68 -89.08 -89.96
C LEU MA 180 -78.12 -87.72 -90.47
N GLN MA 181 -78.07 -87.49 -91.78
CA GLN MA 181 -78.56 -86.26 -92.37
C GLN MA 181 -80.07 -86.14 -92.33
N GLU MA 182 -80.78 -87.26 -92.21
CA GLU MA 182 -82.23 -87.24 -92.23
C GLU MA 182 -82.85 -86.98 -90.87
N VAL MA 183 -82.15 -87.28 -89.78
CA VAL MA 183 -82.73 -87.16 -88.45
C VAL MA 183 -82.23 -85.93 -87.71
N TYR MA 184 -81.14 -85.33 -88.13
CA TYR MA 184 -80.59 -84.17 -87.43
C TYR MA 184 -81.34 -82.91 -87.82
N HIS MA 185 -81.64 -82.09 -86.83
CA HIS MA 185 -82.13 -80.74 -87.04
C HIS MA 185 -81.49 -79.84 -86.00
N LYS MA 186 -81.60 -78.53 -86.21
CA LYS MA 186 -80.83 -77.59 -85.40
C LYS MA 186 -81.40 -77.40 -84.00
N SER MA 187 -82.55 -77.96 -83.69
CA SER MA 187 -83.21 -77.75 -82.42
C SER MA 187 -83.41 -79.05 -81.67
N MET MA 188 -82.39 -79.91 -81.65
CA MET MA 188 -82.45 -81.15 -80.90
C MET MA 188 -82.35 -80.86 -79.41
N THR MA 189 -82.62 -81.89 -78.61
CA THR MA 189 -82.23 -81.90 -77.22
C THR MA 189 -81.21 -83.01 -77.02
N LEU MA 190 -80.51 -82.96 -75.89
CA LEU MA 190 -79.45 -83.93 -75.66
C LEU MA 190 -80.01 -85.31 -75.33
N LYS MA 191 -81.21 -85.35 -74.73
CA LYS MA 191 -81.81 -86.63 -74.37
C LYS MA 191 -82.22 -87.43 -75.58
N GLU MA 192 -82.59 -86.75 -76.67
CA GLU MA 192 -82.95 -87.44 -77.90
C GLU MA 192 -81.80 -87.58 -78.87
N ALA MA 193 -80.74 -86.77 -78.72
CA ALA MA 193 -79.56 -86.95 -79.55
C ALA MA 193 -78.78 -88.18 -79.14
N ILE MA 194 -78.77 -88.50 -77.84
CA ILE MA 194 -78.16 -89.73 -77.37
C ILE MA 194 -78.90 -90.94 -77.90
N LYS MA 195 -80.23 -90.88 -77.88
CA LYS MA 195 -81.03 -91.99 -78.39
C LYS MA 195 -80.91 -92.13 -79.90
N SER MA 196 -80.76 -91.01 -80.61
CA SER MA 196 -80.68 -91.07 -82.06
C SER MA 196 -79.36 -91.65 -82.53
N SER MA 197 -78.30 -91.51 -81.73
CA SER MA 197 -77.02 -92.06 -82.13
C SER MA 197 -76.96 -93.58 -81.98
N LEU MA 198 -77.58 -94.13 -80.93
CA LEU MA 198 -77.49 -95.56 -80.71
C LEU MA 198 -78.41 -96.33 -81.64
N ILE MA 199 -79.38 -95.66 -82.25
CA ILE MA 199 -80.14 -96.28 -83.32
C ILE MA 199 -79.24 -96.51 -84.53
N ILE MA 200 -78.33 -95.57 -84.79
CA ILE MA 200 -77.44 -95.68 -85.94
C ILE MA 200 -76.39 -96.74 -85.68
N LEU MA 201 -75.81 -96.76 -84.48
CA LEU MA 201 -74.81 -97.77 -84.12
C LEU MA 201 -75.38 -99.17 -84.03
N LYS MA 202 -76.68 -99.30 -83.79
CA LYS MA 202 -77.29 -100.63 -83.76
C LYS MA 202 -77.32 -101.24 -85.15
N GLN MA 203 -77.40 -100.40 -86.18
CA GLN MA 203 -77.43 -100.92 -87.55
C GLN MA 203 -76.05 -101.37 -88.01
N VAL MA 204 -75.04 -100.56 -87.75
CA VAL MA 204 -73.78 -100.67 -88.47
C VAL MA 204 -72.80 -101.65 -87.84
N MET MA 205 -72.93 -101.97 -86.56
CA MET MA 205 -71.95 -102.87 -86.00
C MET MA 205 -72.32 -104.32 -86.29
N GLU MA 206 -71.38 -105.22 -86.00
CA GLU MA 206 -71.54 -106.63 -86.28
C GLU MA 206 -72.32 -107.32 -85.16
N GLU MA 207 -71.80 -107.27 -83.94
CA GLU MA 207 -72.43 -107.95 -82.82
C GLU MA 207 -73.64 -107.16 -82.33
N LYS MA 208 -74.36 -107.76 -81.39
CA LYS MA 208 -75.53 -107.10 -80.82
C LYS MA 208 -75.11 -105.97 -79.89
N LEU MA 209 -76.04 -105.07 -79.64
CA LEU MA 209 -75.76 -103.90 -78.82
C LEU MA 209 -76.05 -104.21 -77.35
N ASN MA 210 -75.06 -103.96 -76.49
CA ASN MA 210 -75.25 -104.13 -75.06
C ASN MA 210 -74.44 -103.05 -74.34
N ALA MA 211 -74.29 -103.21 -73.03
CA ALA MA 211 -73.61 -102.22 -72.22
C ALA MA 211 -72.10 -102.36 -72.24
N THR MA 212 -71.54 -103.30 -72.99
CA THR MA 212 -70.09 -103.47 -73.03
C THR MA 212 -69.47 -103.21 -74.39
N ASN MA 213 -70.24 -103.29 -75.48
CA ASN MA 213 -69.67 -103.08 -76.80
C ASN MA 213 -69.46 -101.60 -77.10
N ILE MA 214 -70.21 -100.72 -76.45
CA ILE MA 214 -70.16 -99.30 -76.74
C ILE MA 214 -69.86 -98.54 -75.46
N GLU MA 215 -69.52 -97.26 -75.62
CA GLU MA 215 -69.47 -96.34 -74.50
C GLU MA 215 -69.70 -94.94 -75.02
N LEU MA 216 -70.18 -94.07 -74.14
CA LEU MA 216 -70.53 -92.71 -74.50
C LEU MA 216 -69.87 -91.73 -73.54
N ALA MA 217 -69.96 -90.46 -73.93
CA ALA MA 217 -69.53 -89.35 -73.10
C ALA MA 217 -70.24 -88.11 -73.59
N THR MA 218 -70.71 -87.29 -72.67
CA THR MA 218 -71.34 -86.03 -73.00
C THR MA 218 -70.68 -84.92 -72.22
N VAL MA 219 -70.53 -83.76 -72.86
CA VAL MA 219 -70.04 -82.55 -72.22
C VAL MA 219 -71.18 -81.54 -72.22
N GLN MA 220 -71.33 -80.85 -71.10
CA GLN MA 220 -72.43 -79.94 -70.86
C GLN MA 220 -71.90 -78.54 -70.61
N PRO MA 221 -72.73 -77.51 -70.78
CA PRO MA 221 -72.32 -76.18 -70.30
C PRO MA 221 -72.24 -76.12 -68.78
N GLY MA 222 -73.17 -76.76 -68.09
CA GLY MA 222 -73.19 -76.73 -66.64
C GLY MA 222 -72.05 -77.50 -66.02
N GLN MA 223 -72.09 -78.82 -66.15
CA GLN MA 223 -71.05 -79.65 -65.57
C GLN MA 223 -69.92 -79.83 -66.58
N ASN MA 224 -68.89 -80.56 -66.16
CA ASN MA 224 -67.70 -80.77 -66.97
C ASN MA 224 -67.87 -82.00 -67.86
N PHE MA 225 -66.76 -82.46 -68.44
CA PHE MA 225 -66.75 -83.65 -69.26
C PHE MA 225 -67.11 -84.87 -68.43
N HIS MA 226 -68.21 -85.52 -68.78
CA HIS MA 226 -68.66 -86.71 -68.09
C HIS MA 226 -68.71 -87.87 -69.06
N MET MA 227 -68.12 -88.99 -68.65
CA MET MA 227 -68.18 -90.22 -69.42
C MET MA 227 -69.16 -91.16 -68.75
N PHE MA 228 -70.09 -91.70 -69.52
CA PHE MA 228 -71.03 -92.67 -68.98
C PHE MA 228 -70.32 -93.97 -68.63
N THR MA 229 -70.90 -94.71 -67.70
CA THR MA 229 -70.39 -96.03 -67.37
C THR MA 229 -71.55 -97.01 -67.42
N LYS MA 230 -71.25 -98.29 -67.20
CA LYS MA 230 -72.15 -99.42 -67.44
C LYS MA 230 -73.31 -99.50 -66.49
N GLU MA 231 -73.62 -98.51 -65.67
CA GLU MA 231 -74.81 -98.52 -64.84
C GLU MA 231 -75.89 -97.56 -65.35
N GLU MA 232 -75.52 -96.35 -65.74
CA GLU MA 232 -76.47 -95.38 -66.26
C GLU MA 232 -76.65 -95.49 -67.76
N LEU MA 233 -75.95 -96.43 -68.38
CA LEU MA 233 -75.91 -96.50 -69.84
C LEU MA 233 -77.01 -97.39 -70.41
N GLU MA 234 -77.36 -98.46 -69.72
CA GLU MA 234 -78.29 -99.43 -70.27
C GLU MA 234 -79.75 -99.03 -70.10
N GLU MA 235 -80.05 -97.96 -69.37
CA GLU MA 235 -81.41 -97.43 -69.38
C GLU MA 235 -81.73 -96.76 -70.69
N VAL MA 236 -80.71 -96.31 -71.42
CA VAL MA 236 -80.93 -95.87 -72.78
C VAL MA 236 -81.18 -97.06 -73.69
N ILE MA 237 -80.51 -98.19 -73.42
CA ILE MA 237 -80.59 -99.35 -74.30
C ILE MA 237 -81.92 -100.04 -74.15
N LYS MA 238 -82.37 -100.27 -72.91
CA LYS MA 238 -83.65 -100.93 -72.69
C LYS MA 238 -84.82 -100.06 -73.06
N ASP MA 239 -84.62 -98.75 -73.17
CA ASP MA 239 -85.66 -97.82 -73.59
C ASP MA 239 -85.32 -97.25 -74.97
N ILE MA 240 -84.79 -98.09 -75.85
CA ILE MA 240 -84.41 -97.66 -77.18
C ILE MA 240 -85.68 -97.50 -78.01
N ASN NA 9 -42.09 -92.91 -117.49
CA ASN NA 9 -41.39 -91.64 -117.34
C ASN NA 9 -40.49 -91.60 -116.11
N GLN NA 10 -39.20 -91.83 -116.35
CA GLN NA 10 -38.21 -91.79 -115.30
C GLN NA 10 -37.76 -90.39 -114.95
N TYR NA 11 -38.15 -89.38 -115.74
CA TYR NA 11 -37.85 -87.99 -115.47
C TYR NA 11 -38.93 -87.32 -114.65
N ASP NA 12 -39.70 -88.08 -113.89
CA ASP NA 12 -40.97 -87.62 -113.35
C ASP NA 12 -41.05 -87.94 -111.87
N ASN NA 13 -39.91 -87.97 -111.19
CA ASN NA 13 -39.87 -88.56 -109.86
C ASN NA 13 -39.41 -87.58 -108.80
N ASP NA 14 -38.37 -86.79 -109.07
CA ASP NA 14 -37.80 -85.92 -108.06
C ASP NA 14 -37.66 -84.52 -108.63
N VAL NA 15 -37.63 -83.54 -107.72
CA VAL NA 15 -37.59 -82.14 -108.09
C VAL NA 15 -36.25 -81.78 -108.72
N THR NA 16 -35.20 -82.51 -108.35
CA THR NA 16 -33.85 -82.22 -108.86
C THR NA 16 -33.71 -82.52 -110.35
N VAL NA 17 -34.44 -83.51 -110.85
CA VAL NA 17 -34.21 -84.03 -112.18
C VAL NA 17 -34.82 -83.11 -113.24
N TRP NA 18 -33.99 -82.66 -114.18
CA TRP NA 18 -34.48 -81.93 -115.33
C TRP NA 18 -35.05 -82.88 -116.37
N SER NA 19 -36.00 -82.41 -117.07
CA SER NA 19 -36.49 -83.13 -118.24
C SER NA 19 -35.52 -82.96 -119.39
N PRO NA 20 -35.50 -83.88 -120.35
CA PRO NA 20 -34.77 -83.63 -121.59
C PRO NA 20 -35.34 -82.48 -122.41
N GLN NA 21 -36.60 -82.12 -122.22
CA GLN NA 21 -37.13 -80.90 -122.80
C GLN NA 21 -36.82 -79.68 -121.97
N GLY NA 22 -36.44 -79.86 -120.70
CA GLY NA 22 -36.09 -78.75 -119.86
C GLY NA 22 -37.22 -78.20 -119.02
N ARG NA 23 -38.13 -79.05 -118.56
CA ARG NA 23 -39.29 -78.62 -117.77
C ARG NA 23 -39.43 -79.58 -116.60
N ILE NA 24 -39.23 -79.08 -115.39
CA ILE NA 24 -39.23 -79.97 -114.23
C ILE NA 24 -40.67 -80.34 -113.90
N HIS NA 25 -40.97 -81.64 -113.93
CA HIS NA 25 -42.35 -82.06 -113.86
C HIS NA 25 -42.96 -81.94 -112.47
N GLN NA 26 -42.15 -81.97 -111.42
CA GLN NA 26 -42.70 -81.85 -110.08
C GLN NA 26 -43.24 -80.46 -109.80
N ILE NA 27 -42.66 -79.43 -110.41
CA ILE NA 27 -43.23 -78.09 -110.33
C ILE NA 27 -44.55 -78.03 -111.10
N GLU NA 28 -44.59 -78.65 -112.28
CA GLU NA 28 -45.80 -78.65 -113.08
C GLU NA 28 -46.92 -79.46 -112.46
N TYR NA 29 -46.61 -80.38 -111.55
CA TYR NA 29 -47.68 -81.12 -110.90
C TYR NA 29 -48.23 -80.36 -109.71
N ALA NA 30 -47.43 -79.49 -109.11
CA ALA NA 30 -47.96 -78.65 -108.06
C ALA NA 30 -48.88 -77.56 -108.59
N MET NA 31 -48.75 -77.22 -109.88
CA MET NA 31 -49.75 -76.38 -110.53
C MET NA 31 -51.08 -77.10 -110.63
N GLU NA 32 -51.09 -78.42 -110.65
CA GLU NA 32 -52.35 -79.14 -110.69
C GLU NA 32 -53.05 -79.11 -109.35
N ALA NA 33 -52.30 -78.91 -108.27
CA ALA NA 33 -52.91 -78.87 -106.95
C ALA NA 33 -53.67 -77.57 -106.72
N VAL NA 34 -53.17 -76.45 -107.25
CA VAL NA 34 -53.88 -75.20 -107.08
C VAL NA 34 -55.10 -75.12 -107.98
N LYS NA 35 -55.14 -75.90 -109.05
CA LYS NA 35 -56.32 -75.95 -109.90
C LYS NA 35 -57.44 -76.80 -109.30
N GLN NA 36 -57.20 -77.49 -108.19
CA GLN NA 36 -58.23 -78.29 -107.55
C GLN NA 36 -59.08 -77.48 -106.59
N GLY NA 37 -58.52 -76.48 -105.93
CA GLY NA 37 -59.28 -75.69 -104.99
C GLY NA 37 -60.26 -74.77 -105.68
N SER NA 38 -61.21 -74.26 -104.90
CA SER NA 38 -62.28 -73.45 -105.43
C SER NA 38 -61.76 -72.07 -105.83
N ALA NA 39 -62.54 -71.39 -106.67
CA ALA NA 39 -62.07 -70.16 -107.28
C ALA NA 39 -62.13 -68.99 -106.31
N THR NA 40 -61.31 -67.98 -106.59
CA THR NA 40 -61.33 -66.72 -105.86
C THR NA 40 -60.79 -65.63 -106.76
N VAL NA 41 -61.32 -64.42 -106.60
CA VAL NA 41 -61.11 -63.31 -107.52
C VAL NA 41 -60.67 -62.08 -106.73
N GLY NA 42 -59.54 -61.50 -107.12
CA GLY NA 42 -59.06 -60.26 -106.54
C GLY NA 42 -58.90 -59.19 -107.61
N LEU NA 43 -59.14 -57.94 -107.22
CA LEU NA 43 -59.06 -56.79 -108.11
C LEU NA 43 -58.90 -55.52 -107.28
N LYS NA 44 -58.55 -54.44 -107.95
CA LYS NA 44 -58.26 -53.20 -107.23
C LYS NA 44 -58.74 -51.99 -108.04
N SER NA 45 -59.09 -50.94 -107.30
CA SER NA 45 -59.37 -49.62 -107.84
C SER NA 45 -58.15 -48.74 -107.70
N LYS NA 46 -58.34 -47.43 -107.85
CA LYS NA 46 -57.29 -46.49 -107.52
C LYS NA 46 -57.01 -46.47 -106.03
N THR NA 47 -58.02 -46.72 -105.19
CA THR NA 47 -57.89 -46.52 -103.76
C THR NA 47 -58.29 -47.71 -102.92
N HIS NA 48 -58.63 -48.85 -103.52
CA HIS NA 48 -59.10 -49.99 -102.74
C HIS NA 48 -58.59 -51.28 -103.37
N ALA NA 49 -58.62 -52.33 -102.58
CA ALA NA 49 -58.18 -53.66 -103.03
C ALA NA 49 -59.14 -54.67 -102.43
N VAL NA 50 -59.92 -55.32 -103.29
CA VAL NA 50 -61.00 -56.19 -102.86
C VAL NA 50 -60.73 -57.58 -103.42
N LEU NA 51 -60.78 -58.59 -102.57
CA LEU NA 51 -60.69 -59.98 -103.02
C LEU NA 51 -61.89 -60.75 -102.51
N VAL NA 52 -62.46 -61.59 -103.37
CA VAL NA 52 -63.71 -62.30 -103.09
C VAL NA 52 -63.45 -63.80 -103.28
N ALA NA 53 -63.83 -64.59 -102.30
CA ALA NA 53 -63.60 -66.03 -102.32
C ALA NA 53 -64.93 -66.78 -102.39
N LEU NA 54 -64.84 -68.06 -102.75
CA LEU NA 54 -66.01 -68.93 -102.86
C LEU NA 54 -65.73 -70.23 -102.10
N LYS NA 55 -66.44 -70.43 -101.00
CA LYS NA 55 -66.16 -71.56 -100.12
C LYS NA 55 -66.73 -72.85 -100.69
N ARG NA 56 -66.33 -73.97 -100.10
CA ARG NA 56 -66.92 -75.27 -100.39
C ARG NA 56 -67.16 -76.01 -99.09
N ALA NA 57 -67.92 -77.11 -99.18
CA ALA NA 57 -68.19 -77.97 -98.04
C ALA NA 57 -68.18 -79.41 -98.51
N GLN NA 58 -68.34 -80.32 -97.56
CA GLN NA 58 -68.34 -81.76 -97.85
C GLN NA 58 -69.73 -82.35 -97.79
N SER NA 59 -70.44 -82.19 -96.68
CA SER NA 59 -71.85 -82.49 -96.58
C SER NA 59 -72.63 -81.21 -96.33
N GLU NA 60 -73.95 -81.33 -96.28
CA GLU NA 60 -74.75 -80.13 -96.05
C GLU NA 60 -74.75 -79.72 -94.59
N LEU NA 61 -74.33 -80.59 -93.68
CA LEU NA 61 -74.27 -80.24 -92.28
C LEU NA 61 -72.87 -79.83 -91.81
N ALA NA 62 -71.83 -80.17 -92.57
CA ALA NA 62 -70.50 -79.69 -92.24
C ALA NA 62 -70.39 -78.22 -92.63
N ALA NA 63 -69.50 -77.51 -91.94
CA ALA NA 63 -69.34 -76.10 -92.23
C ALA NA 63 -68.49 -75.90 -93.47
N HIS NA 64 -68.44 -74.67 -93.95
CA HIS NA 64 -67.71 -74.31 -95.14
C HIS NA 64 -66.29 -73.90 -94.77
N GLN NA 65 -65.34 -74.33 -95.59
CA GLN NA 65 -63.92 -74.06 -95.33
C GLN NA 65 -63.58 -72.64 -95.71
N LYS NA 66 -63.06 -71.87 -94.76
CA LYS NA 66 -62.74 -70.48 -95.02
C LYS NA 66 -61.44 -70.37 -95.81
N LYS NA 67 -61.30 -69.27 -96.54
CA LYS NA 67 -60.10 -69.09 -97.35
C LYS NA 67 -59.42 -67.74 -97.14
N ILE NA 68 -60.16 -66.71 -96.77
CA ILE NA 68 -59.57 -65.40 -96.57
C ILE NA 68 -58.99 -65.33 -95.16
N LEU NA 69 -57.75 -64.91 -95.04
CA LEU NA 69 -57.06 -64.85 -93.75
C LEU NA 69 -56.56 -63.45 -93.51
N HIS NA 70 -56.31 -63.12 -92.25
CA HIS NA 70 -55.85 -61.80 -91.85
C HIS NA 70 -54.37 -61.87 -91.48
N VAL NA 71 -53.53 -61.27 -92.30
CA VAL NA 71 -52.10 -61.25 -92.01
C VAL NA 71 -51.77 -60.07 -91.11
N ASP NA 72 -52.17 -58.87 -91.51
CA ASP NA 72 -51.87 -57.67 -90.75
C ASP NA 72 -53.03 -56.71 -90.95
N ASN NA 73 -52.91 -55.50 -90.39
CA ASN NA 73 -53.97 -54.50 -90.51
C ASN NA 73 -54.06 -53.91 -91.90
N HIS NA 74 -53.08 -54.15 -92.76
CA HIS NA 74 -53.12 -53.62 -94.10
C HIS NA 74 -52.79 -54.67 -95.15
N ILE NA 75 -52.72 -55.95 -94.78
CA ILE NA 75 -52.40 -57.04 -95.69
C ILE NA 75 -53.31 -58.21 -95.38
N GLY NA 76 -54.00 -58.73 -96.39
CA GLY NA 76 -54.76 -59.95 -96.26
C GLY NA 76 -54.55 -60.83 -97.47
N ILE NA 77 -54.69 -62.14 -97.26
CA ILE NA 77 -54.40 -63.12 -98.30
C ILE NA 77 -55.60 -64.07 -98.47
N SER NA 78 -55.55 -64.80 -99.57
CA SER NA 78 -56.56 -65.79 -99.93
C SER NA 78 -55.85 -67.00 -100.51
N ILE NA 79 -56.23 -68.20 -100.06
CA ILE NA 79 -55.47 -69.40 -100.34
C ILE NA 79 -56.23 -70.29 -101.31
N ALA NA 80 -55.48 -71.17 -101.98
CA ALA NA 80 -56.04 -72.18 -102.86
C ALA NA 80 -55.04 -73.33 -102.96
N GLY NA 81 -55.48 -74.52 -102.63
CA GLY NA 81 -54.61 -75.67 -102.61
C GLY NA 81 -54.85 -76.46 -101.34
N LEU NA 82 -53.84 -77.19 -100.89
CA LEU NA 82 -53.96 -77.89 -99.63
C LEU NA 82 -53.77 -76.93 -98.47
N THR NA 83 -54.61 -77.07 -97.45
CA THR NA 83 -54.71 -76.05 -96.42
C THR NA 83 -53.55 -76.12 -95.43
N ALA NA 84 -52.85 -77.25 -95.37
CA ALA NA 84 -51.78 -77.37 -94.39
C ALA NA 84 -50.56 -76.57 -94.80
N ASP NA 85 -50.21 -76.56 -96.08
CA ASP NA 85 -49.12 -75.71 -96.53
C ASP NA 85 -49.52 -74.24 -96.56
N ALA NA 86 -50.83 -73.96 -96.59
CA ALA NA 86 -51.29 -72.59 -96.50
C ALA NA 86 -50.99 -72.00 -95.13
N ARG NA 87 -51.25 -72.75 -94.07
CA ARG NA 87 -50.93 -72.27 -92.73
C ARG NA 87 -49.44 -72.24 -92.47
N LEU NA 88 -48.65 -73.02 -93.21
CA LEU NA 88 -47.21 -72.97 -93.04
C LEU NA 88 -46.63 -71.67 -93.56
N LEU NA 89 -47.12 -71.20 -94.71
CA LEU NA 89 -46.71 -69.89 -95.19
C LEU NA 89 -47.42 -68.74 -94.49
N CYS NA 90 -48.60 -69.01 -93.91
CA CYS NA 90 -49.30 -67.96 -93.18
C CYS NA 90 -48.57 -67.62 -91.89
N ASN NA 91 -48.09 -68.62 -91.16
CA ASN NA 91 -47.34 -68.33 -89.96
C ASN NA 91 -45.96 -67.77 -90.26
N PHE NA 92 -45.45 -67.99 -91.45
CA PHE NA 92 -44.28 -67.26 -91.88
C PHE NA 92 -44.62 -65.84 -92.26
N MET NA 93 -45.84 -65.64 -92.77
CA MET NA 93 -46.26 -64.33 -93.24
C MET NA 93 -46.48 -63.38 -92.08
N ARG NA 94 -47.20 -63.83 -91.04
CA ARG NA 94 -47.41 -63.03 -89.85
C ARG NA 94 -46.12 -62.70 -89.13
N GLN NA 95 -45.16 -63.63 -89.15
CA GLN NA 95 -43.93 -63.40 -88.41
C GLN NA 95 -43.07 -62.34 -89.07
N GLU NA 96 -43.05 -62.31 -90.39
CA GLU NA 96 -42.25 -61.31 -91.10
C GLU NA 96 -42.87 -59.93 -91.08
N CYS NA 97 -44.13 -59.80 -90.67
CA CYS NA 97 -44.76 -58.48 -90.63
C CYS NA 97 -44.55 -57.81 -89.28
N LEU NA 98 -44.64 -58.57 -88.19
CA LEU NA 98 -44.60 -57.93 -86.89
C LEU NA 98 -43.18 -57.72 -86.36
N ASP NA 99 -42.18 -58.39 -86.94
CA ASP NA 99 -40.83 -58.09 -86.51
C ASP NA 99 -40.27 -56.85 -87.21
N SER NA 100 -40.67 -56.63 -88.47
CA SER NA 100 -40.39 -55.36 -89.11
C SER NA 100 -41.08 -54.22 -88.40
N ARG NA 101 -42.28 -54.48 -87.89
CA ARG NA 101 -42.94 -53.52 -87.01
C ARG NA 101 -42.26 -53.44 -85.66
N PHE NA 102 -41.59 -54.52 -85.23
CA PHE NA 102 -40.81 -54.46 -84.00
C PHE NA 102 -39.50 -53.70 -84.18
N VAL NA 103 -38.85 -53.85 -85.32
CA VAL NA 103 -37.55 -53.22 -85.53
C VAL NA 103 -37.74 -51.78 -85.97
N PHE NA 104 -38.43 -51.57 -87.08
CA PHE NA 104 -38.47 -50.24 -87.69
C PHE NA 104 -39.65 -49.40 -87.28
N ASP NA 105 -40.64 -50.01 -86.62
CA ASP NA 105 -41.89 -49.36 -86.19
C ASP NA 105 -42.60 -48.72 -87.38
N ARG NA 106 -42.94 -49.57 -88.34
CA ARG NA 106 -43.59 -49.13 -89.57
C ARG NA 106 -44.29 -50.34 -90.17
N PRO NA 107 -45.32 -50.12 -90.99
CA PRO NA 107 -45.89 -51.25 -91.72
C PRO NA 107 -44.94 -51.70 -92.81
N LEU NA 108 -44.74 -53.01 -92.87
CA LEU NA 108 -43.85 -53.57 -93.87
C LEU NA 108 -44.53 -53.50 -95.24
N PRO NA 109 -43.86 -52.95 -96.25
CA PRO NA 109 -44.50 -52.79 -97.57
C PRO NA 109 -44.77 -54.12 -98.26
N VAL NA 110 -45.79 -54.10 -99.10
CA VAL NA 110 -46.33 -55.34 -99.66
C VAL NA 110 -45.38 -55.92 -100.69
N SER NA 111 -44.85 -55.08 -101.57
CA SER NA 111 -43.96 -55.53 -102.64
C SER NA 111 -42.65 -56.06 -102.08
N ARG NA 112 -42.28 -55.66 -100.87
CA ARG NA 112 -41.11 -56.18 -100.21
C ARG NA 112 -41.43 -57.41 -99.38
N LEU NA 113 -42.71 -57.67 -99.11
CA LEU NA 113 -43.09 -58.90 -98.42
C LEU NA 113 -43.05 -60.09 -99.34
N VAL NA 114 -43.52 -59.91 -100.58
CA VAL NA 114 -43.71 -61.03 -101.49
C VAL NA 114 -42.37 -61.56 -101.97
N SER NA 115 -41.37 -60.69 -102.07
CA SER NA 115 -40.04 -61.15 -102.45
C SER NA 115 -39.40 -61.99 -101.35
N LEU NA 116 -39.86 -61.85 -100.11
CA LEU NA 116 -39.43 -62.78 -99.08
C LEU NA 116 -40.09 -64.14 -99.26
N ILE NA 117 -41.31 -64.17 -99.80
CA ILE NA 117 -41.98 -65.45 -100.03
C ILE NA 117 -41.34 -66.15 -101.22
N GLY NA 118 -40.98 -65.39 -102.26
CA GLY NA 118 -40.36 -65.98 -103.43
C GLY NA 118 -38.99 -66.57 -103.17
N SER NA 119 -38.27 -66.01 -102.20
CA SER NA 119 -37.03 -66.64 -101.78
C SER NA 119 -37.28 -67.76 -100.80
N LYS NA 120 -38.42 -67.75 -100.11
CA LYS NA 120 -38.75 -68.82 -99.17
C LYS NA 120 -39.11 -70.10 -99.88
N THR NA 121 -39.96 -70.02 -100.90
CA THR NA 121 -40.47 -71.19 -101.58
C THR NA 121 -39.56 -71.69 -102.68
N GLN NA 122 -38.54 -70.92 -103.06
CA GLN NA 122 -37.64 -71.39 -104.11
C GLN NA 122 -36.65 -72.42 -103.56
N ILE NA 123 -36.38 -72.36 -102.26
CA ILE NA 123 -35.41 -73.27 -101.66
C ILE NA 123 -35.80 -74.76 -101.74
N PRO NA 124 -37.05 -75.14 -101.40
CA PRO NA 124 -37.34 -76.59 -101.57
C PRO NA 124 -37.58 -77.02 -103.00
N THR NA 125 -37.52 -76.13 -103.96
CA THR NA 125 -37.62 -76.50 -105.36
C THR NA 125 -36.28 -76.78 -106.00
N GLN NA 126 -35.23 -76.90 -105.20
CA GLN NA 126 -33.90 -77.16 -105.73
C GLN NA 126 -33.15 -78.24 -104.96
N ARG NA 127 -33.56 -78.56 -103.74
CA ARG NA 127 -32.88 -79.58 -102.95
C ARG NA 127 -33.39 -80.96 -103.35
N TYR NA 128 -32.96 -81.98 -102.59
CA TYR NA 128 -33.26 -83.36 -102.89
C TYR NA 128 -34.24 -83.90 -101.86
N GLY NA 129 -35.33 -84.49 -102.34
CA GLY NA 129 -36.35 -84.98 -101.43
C GLY NA 129 -37.13 -83.90 -100.74
N ARG NA 130 -37.39 -82.79 -101.42
CA ARG NA 130 -38.12 -81.66 -100.85
C ARG NA 130 -39.23 -81.26 -101.80
N ARG NA 131 -40.47 -81.30 -101.33
CA ARG NA 131 -41.57 -80.97 -102.20
C ARG NA 131 -41.69 -79.45 -102.34
N PRO NA 132 -42.35 -78.99 -103.39
CA PRO NA 132 -42.78 -77.59 -103.42
C PRO NA 132 -43.99 -77.35 -102.53
N TYR NA 133 -44.29 -76.08 -102.32
CA TYR NA 133 -45.47 -75.69 -101.54
C TYR NA 133 -46.64 -75.54 -102.51
N GLY NA 134 -47.61 -76.44 -102.40
CA GLY NA 134 -48.79 -76.29 -103.24
C GLY NA 134 -49.76 -75.31 -102.62
N VAL NA 135 -49.79 -74.08 -103.12
CA VAL NA 135 -50.61 -73.03 -102.51
C VAL NA 135 -50.86 -71.96 -103.55
N GLY NA 136 -51.92 -71.18 -103.34
CA GLY NA 136 -52.44 -70.26 -104.33
C GLY NA 136 -52.62 -68.83 -103.88
N LEU NA 137 -51.63 -68.26 -103.22
CA LEU NA 137 -51.77 -66.99 -102.52
C LEU NA 137 -52.09 -65.84 -103.48
N LEU NA 138 -53.28 -65.24 -103.28
CA LEU NA 138 -53.60 -63.92 -103.80
C LEU NA 138 -53.43 -62.93 -102.65
N ILE NA 139 -52.64 -61.89 -102.87
CA ILE NA 139 -52.28 -60.95 -101.81
C ILE NA 139 -52.83 -59.58 -102.18
N ALA NA 140 -53.46 -58.92 -101.22
CA ALA NA 140 -53.95 -57.56 -101.38
C ALA NA 140 -53.42 -56.72 -100.24
N GLY NA 141 -52.97 -55.51 -100.53
CA GLY NA 141 -52.38 -54.73 -99.48
C GLY NA 141 -52.17 -53.28 -99.85
N TYR NA 142 -51.47 -52.59 -98.95
CA TYR NA 142 -51.15 -51.18 -99.10
C TYR NA 142 -49.66 -50.93 -98.89
N ASP NA 143 -49.03 -50.35 -99.89
CA ASP NA 143 -47.77 -49.65 -99.71
C ASP NA 143 -48.09 -48.19 -99.42
N ASP NA 144 -47.11 -47.31 -99.54
CA ASP NA 144 -47.41 -45.89 -99.66
C ASP NA 144 -47.83 -45.50 -101.07
N MET NA 145 -48.02 -46.48 -101.96
CA MET NA 145 -48.33 -46.23 -103.36
C MET NA 145 -49.73 -46.66 -103.72
N GLY NA 146 -50.58 -46.96 -102.75
CA GLY NA 146 -51.92 -47.38 -103.03
C GLY NA 146 -52.07 -48.88 -103.04
N PRO NA 147 -53.16 -49.37 -103.62
CA PRO NA 147 -53.45 -50.80 -103.57
C PRO NA 147 -52.54 -51.62 -104.47
N HIS NA 148 -52.42 -52.90 -104.13
CA HIS NA 148 -51.60 -53.85 -104.87
C HIS NA 148 -52.29 -55.20 -104.86
N ILE NA 149 -52.33 -55.86 -106.01
CA ILE NA 149 -52.80 -57.23 -106.11
C ILE NA 149 -51.65 -58.07 -106.61
N PHE NA 150 -51.26 -59.07 -105.85
CA PHE NA 150 -50.16 -59.96 -106.19
C PHE NA 150 -50.66 -61.39 -106.17
N GLN NA 151 -50.19 -62.19 -107.10
CA GLN NA 151 -50.43 -63.62 -107.03
C GLN NA 151 -49.11 -64.35 -107.04
N THR NA 152 -49.10 -65.54 -106.47
CA THR NA 152 -47.95 -66.41 -106.48
C THR NA 152 -48.32 -67.72 -107.14
N CYS NA 153 -47.37 -68.64 -107.17
CA CYS NA 153 -47.56 -69.96 -107.74
C CYS NA 153 -46.47 -70.85 -107.17
N PRO NA 154 -46.68 -72.18 -107.15
CA PRO NA 154 -45.65 -73.07 -106.59
C PRO NA 154 -44.34 -73.12 -107.35
N SER NA 155 -44.22 -72.47 -108.50
CA SER NA 155 -42.93 -72.32 -109.17
C SER NA 155 -42.12 -71.16 -108.61
N ALA NA 156 -42.53 -70.58 -107.48
CA ALA NA 156 -41.86 -69.48 -106.80
C ALA NA 156 -41.73 -68.25 -107.68
N ASN NA 157 -42.75 -68.03 -108.52
CA ASN NA 157 -42.76 -66.92 -109.47
C ASN NA 157 -43.96 -66.05 -109.13
N TYR NA 158 -43.71 -64.91 -108.50
CA TYR NA 158 -44.78 -64.01 -108.13
C TYR NA 158 -45.04 -63.01 -109.24
N PHE NA 159 -46.29 -62.60 -109.36
CA PHE NA 159 -46.74 -61.73 -110.44
C PHE NA 159 -47.38 -60.48 -109.87
N ASP NA 160 -46.99 -59.33 -110.43
CA ASP NA 160 -47.71 -58.09 -110.20
C ASP NA 160 -48.83 -58.01 -111.21
N CYS NA 161 -50.03 -57.73 -110.72
CA CYS NA 161 -51.22 -57.73 -111.57
C CYS NA 161 -52.18 -56.68 -111.05
N ARG NA 162 -53.26 -56.47 -111.81
CA ARG NA 162 -54.33 -55.59 -111.36
C ARG NA 162 -55.67 -56.30 -111.16
N ALA NA 163 -55.86 -57.48 -111.73
CA ALA NA 163 -57.01 -58.33 -111.44
C ALA NA 163 -56.65 -59.74 -111.89
N MET NA 164 -56.76 -60.71 -110.99
CA MET NA 164 -56.53 -62.11 -111.34
C MET NA 164 -57.53 -63.00 -110.64
N SER NA 165 -57.54 -64.26 -111.06
CA SER NA 165 -58.45 -65.27 -110.52
C SER NA 165 -57.80 -66.63 -110.67
N ILE NA 166 -57.79 -67.40 -109.59
CA ILE NA 166 -57.15 -68.71 -109.57
C ILE NA 166 -58.05 -69.71 -108.86
N GLY NA 167 -57.88 -70.97 -109.20
CA GLY NA 167 -58.67 -72.04 -108.65
C GLY NA 167 -59.34 -72.85 -109.75
N ALA NA 168 -60.27 -73.71 -109.34
CA ALA NA 168 -60.98 -74.55 -110.29
C ALA NA 168 -61.95 -73.72 -111.11
N ARG NA 169 -61.88 -73.89 -112.44
CA ARG NA 169 -62.66 -73.15 -113.42
C ARG NA 169 -62.44 -71.64 -113.25
N SER NA 170 -61.23 -71.19 -113.54
CA SER NA 170 -60.90 -69.79 -113.37
C SER NA 170 -60.66 -69.08 -114.69
N GLN NA 171 -60.61 -69.81 -115.80
CA GLN NA 171 -60.40 -69.17 -117.08
C GLN NA 171 -61.64 -68.39 -117.50
N SER NA 172 -62.82 -68.87 -117.12
CA SER NA 172 -64.04 -68.14 -117.39
C SER NA 172 -64.13 -66.85 -116.59
N ALA NA 173 -63.49 -66.79 -115.42
CA ALA NA 173 -63.48 -65.56 -114.65
C ALA NA 173 -62.53 -64.54 -115.24
N ARG NA 174 -61.44 -65.01 -115.86
CA ARG NA 174 -60.47 -64.08 -116.44
C ARG NA 174 -61.02 -63.39 -117.67
N THR NA 175 -61.87 -64.07 -118.44
CA THR NA 175 -62.46 -63.44 -119.60
C THR NA 175 -63.47 -62.36 -119.21
N TYR NA 176 -64.10 -62.49 -118.05
CA TYR NA 176 -64.97 -61.42 -117.58
C TYR NA 176 -64.16 -60.22 -117.14
N LEU NA 177 -62.98 -60.45 -116.55
CA LEU NA 177 -62.21 -59.34 -116.01
C LEU NA 177 -61.54 -58.53 -117.12
N GLU NA 178 -61.26 -59.15 -118.26
CA GLU NA 178 -60.59 -58.42 -119.33
C GLU NA 178 -61.52 -57.42 -120.01
N ARG NA 179 -62.78 -57.78 -120.17
CA ARG NA 179 -63.71 -56.91 -120.88
C ARG NA 179 -64.43 -55.92 -119.96
N HIS NA 180 -63.96 -55.77 -118.72
CA HIS NA 180 -64.55 -54.77 -117.84
C HIS NA 180 -63.51 -54.02 -117.03
N MET NA 181 -62.22 -54.25 -117.25
CA MET NA 181 -61.18 -53.62 -116.45
C MET NA 181 -60.91 -52.17 -116.82
N SER NA 182 -61.55 -51.66 -117.87
CA SER NA 182 -61.47 -50.22 -118.12
C SER NA 182 -62.32 -49.43 -117.15
N GLU NA 183 -63.27 -50.06 -116.47
CA GLU NA 183 -64.17 -49.40 -115.54
C GLU NA 183 -63.69 -49.45 -114.10
N PHE NA 184 -62.67 -50.26 -113.81
CA PHE NA 184 -62.33 -50.58 -112.43
C PHE NA 184 -61.63 -49.43 -111.72
N MET NA 185 -60.90 -48.60 -112.44
CA MET NA 185 -60.08 -47.56 -111.83
C MET NA 185 -60.86 -46.28 -111.57
N GLU NA 186 -62.19 -46.35 -111.48
CA GLU NA 186 -62.97 -45.13 -111.29
C GLU NA 186 -64.00 -45.28 -110.18
N CYS NA 187 -64.50 -46.49 -110.00
CA CYS NA 187 -65.68 -46.70 -109.19
C CYS NA 187 -65.35 -46.76 -107.71
N ASN NA 188 -66.37 -46.50 -106.88
CA ASN NA 188 -66.24 -46.54 -105.43
C ASN NA 188 -66.29 -47.97 -104.92
N LEU NA 189 -66.41 -48.16 -103.61
CA LEU NA 189 -66.34 -49.51 -103.03
C LEU NA 189 -67.55 -50.34 -103.39
N ASN NA 190 -68.66 -49.71 -103.79
CA ASN NA 190 -69.91 -50.46 -103.90
C ASN NA 190 -69.93 -51.29 -105.17
N GLU NA 191 -69.81 -50.67 -106.34
CA GLU NA 191 -69.80 -51.46 -107.56
C GLU NA 191 -68.41 -51.95 -107.95
N LEU NA 192 -67.38 -51.66 -107.16
CA LEU NA 192 -66.13 -52.39 -107.33
C LEU NA 192 -66.29 -53.83 -106.85
N VAL NA 193 -67.01 -54.01 -105.75
CA VAL NA 193 -67.25 -55.35 -105.21
C VAL NA 193 -68.14 -56.15 -106.15
N LYS NA 194 -69.25 -55.58 -106.57
CA LYS NA 194 -70.15 -56.37 -107.40
C LYS NA 194 -69.72 -56.43 -108.86
N HIS NA 195 -68.64 -55.73 -109.25
CA HIS NA 195 -67.93 -56.15 -110.45
C HIS NA 195 -67.25 -57.49 -110.22
N GLY NA 196 -66.60 -57.66 -109.07
CA GLY NA 196 -65.97 -58.93 -108.76
C GLY NA 196 -66.96 -60.03 -108.47
N LEU NA 197 -68.13 -59.68 -107.93
CA LEU NA 197 -69.14 -60.68 -107.66
C LEU NA 197 -69.78 -61.21 -108.94
N ARG NA 198 -69.78 -60.41 -110.01
CA ARG NA 198 -70.22 -60.93 -111.29
C ARG NA 198 -69.20 -61.85 -111.94
N ALA NA 199 -67.96 -61.88 -111.42
CA ALA NA 199 -67.00 -62.86 -111.91
C ALA NA 199 -67.20 -64.22 -111.26
N LEU NA 200 -67.65 -64.25 -110.01
CA LEU NA 200 -67.84 -65.55 -109.35
C LEU NA 200 -69.11 -66.25 -109.81
N ARG NA 201 -70.11 -65.52 -110.27
CA ARG NA 201 -71.27 -66.19 -110.85
C ARG NA 201 -70.97 -66.68 -112.26
N GLU NA 202 -69.87 -66.21 -112.85
CA GLU NA 202 -69.44 -66.71 -114.14
C GLU NA 202 -68.82 -68.10 -114.04
N THR NA 203 -68.15 -68.39 -112.93
CA THR NA 203 -67.38 -69.62 -112.78
C THR NA 203 -68.18 -70.75 -112.12
N LEU NA 204 -69.50 -70.70 -112.18
CA LEU NA 204 -70.36 -71.67 -111.53
C LEU NA 204 -71.23 -72.39 -112.54
N PRO NA 205 -71.75 -73.57 -112.19
CA PRO NA 205 -72.86 -74.16 -112.96
C PRO NA 205 -74.10 -73.28 -112.93
N ALA NA 206 -75.01 -73.50 -113.87
CA ALA NA 206 -76.05 -72.53 -114.18
C ALA NA 206 -77.26 -72.60 -113.25
N GLU NA 207 -77.12 -73.15 -112.04
CA GLU NA 207 -78.28 -73.28 -111.17
C GLU NA 207 -78.09 -72.69 -109.78
N GLN NA 208 -76.91 -72.78 -109.19
CA GLN NA 208 -76.66 -72.22 -107.87
C GLN NA 208 -75.60 -71.14 -108.01
N ASP NA 209 -75.80 -70.02 -107.33
CA ASP NA 209 -74.81 -68.95 -107.43
C ASP NA 209 -74.24 -68.47 -106.10
N LEU NA 210 -75.03 -67.81 -105.25
CA LEU NA 210 -74.44 -66.95 -104.23
C LEU NA 210 -75.22 -67.00 -102.93
N THR NA 211 -75.52 -68.20 -102.43
CA THR NA 211 -76.47 -68.27 -101.33
C THR NA 211 -75.89 -67.95 -99.95
N THR NA 212 -75.22 -66.81 -99.82
CA THR NA 212 -74.89 -66.09 -98.57
C THR NA 212 -74.23 -66.91 -97.48
N LYS NA 213 -73.70 -68.07 -97.81
CA LYS NA 213 -73.04 -68.94 -96.85
C LYS NA 213 -71.82 -69.62 -97.46
N ASN NA 214 -71.48 -69.28 -98.69
CA ASN NA 214 -70.33 -69.88 -99.38
C ASN NA 214 -69.41 -68.81 -99.96
N VAL NA 215 -69.69 -67.54 -99.70
CA VAL NA 215 -68.94 -66.44 -100.29
C VAL NA 215 -68.43 -65.54 -99.17
N SER NA 216 -67.23 -64.99 -99.36
CA SER NA 216 -66.63 -64.08 -98.40
C SER NA 216 -65.92 -62.96 -99.14
N ILE NA 217 -65.90 -61.78 -98.54
CA ILE NA 217 -65.33 -60.59 -99.14
C ILE NA 217 -64.38 -59.96 -98.13
N GLY NA 218 -63.19 -59.60 -98.58
CA GLY NA 218 -62.26 -58.84 -97.74
C GLY NA 218 -61.78 -57.57 -98.41
N ILE NA 219 -61.87 -56.43 -97.71
CA ILE NA 219 -61.48 -55.15 -98.27
C ILE NA 219 -60.44 -54.50 -97.37
N VAL NA 220 -59.34 -54.04 -97.96
CA VAL NA 220 -58.49 -53.03 -97.35
C VAL NA 220 -58.74 -51.72 -98.10
N GLY NA 221 -58.77 -50.61 -97.38
CA GLY NA 221 -59.18 -49.35 -97.94
C GLY NA 221 -58.36 -48.19 -97.40
N LYS NA 222 -58.36 -47.09 -98.18
CA LYS NA 222 -57.42 -45.97 -97.98
C LYS NA 222 -57.52 -45.34 -96.60
N ASP NA 223 -58.71 -45.34 -96.00
CA ASP NA 223 -58.85 -45.07 -94.58
C ASP NA 223 -59.50 -46.24 -93.87
N LEU NA 224 -59.36 -47.45 -94.39
CA LEU NA 224 -60.10 -48.60 -93.89
C LEU NA 224 -59.15 -49.77 -93.64
N GLU NA 225 -59.11 -50.20 -92.38
CA GLU NA 225 -58.35 -51.39 -92.01
C GLU NA 225 -58.95 -52.62 -92.67
N PHE NA 226 -58.10 -53.64 -92.91
CA PHE NA 226 -58.51 -54.86 -93.59
C PHE NA 226 -59.60 -55.59 -92.81
N THR NA 227 -60.73 -55.84 -93.47
CA THR NA 227 -61.91 -56.34 -92.78
C THR NA 227 -62.49 -57.52 -93.56
N ILE NA 228 -62.82 -58.59 -92.86
CA ILE NA 228 -63.39 -59.79 -93.45
C ILE NA 228 -64.88 -59.80 -93.17
N TYR NA 229 -65.69 -60.05 -94.19
CA TYR NA 229 -67.13 -60.12 -94.07
C TYR NA 229 -67.59 -61.53 -94.32
N ASP NA 230 -68.36 -62.09 -93.38
CA ASP NA 230 -68.74 -63.51 -93.40
C ASP NA 230 -70.23 -63.65 -93.13
N ASP NA 231 -70.94 -64.10 -94.17
CA ASP NA 231 -72.24 -64.80 -94.26
C ASP NA 231 -73.45 -64.13 -93.63
N ASP NA 232 -73.27 -62.98 -92.99
CA ASP NA 232 -74.39 -62.11 -92.62
C ASP NA 232 -74.20 -60.70 -93.17
N ASP NA 233 -73.01 -60.13 -92.97
CA ASP NA 233 -72.61 -58.86 -93.53
C ASP NA 233 -72.25 -58.94 -95.01
N VAL NA 234 -72.24 -60.14 -95.57
CA VAL NA 234 -72.16 -60.30 -97.02
C VAL NA 234 -73.43 -59.78 -97.67
N SER NA 235 -74.58 -60.07 -97.06
CA SER NA 235 -75.91 -59.74 -97.55
C SER NA 235 -76.18 -58.27 -97.91
N PRO NA 236 -75.58 -57.24 -97.27
CA PRO NA 236 -75.68 -55.90 -97.86
C PRO NA 236 -74.95 -55.76 -99.18
N PHE NA 237 -73.75 -56.34 -99.31
CA PHE NA 237 -73.05 -56.34 -100.58
C PHE NA 237 -73.76 -57.18 -101.62
N LEU NA 238 -74.30 -58.33 -101.23
CA LEU NA 238 -74.78 -59.32 -102.18
C LEU NA 238 -76.11 -58.93 -102.81
N GLU NA 239 -76.94 -58.17 -102.10
CA GLU NA 239 -78.13 -57.63 -102.72
C GLU NA 239 -77.75 -56.52 -103.69
N GLY NA 240 -78.60 -56.34 -104.71
CA GLY NA 240 -78.28 -55.44 -105.79
C GLY NA 240 -77.56 -56.06 -106.95
N LEU NA 241 -77.77 -57.35 -107.20
CA LEU NA 241 -77.28 -58.01 -108.40
C LEU NA 241 -78.45 -58.51 -109.22
N GLU NA 242 -78.30 -58.43 -110.53
CA GLU NA 242 -79.36 -58.86 -111.42
C GLU NA 242 -79.36 -60.38 -111.55
N GLU NA 243 -80.41 -60.90 -112.17
CA GLU NA 243 -80.52 -62.34 -112.38
C GLU NA 243 -79.62 -62.79 -113.51
N ARG NA 244 -79.28 -64.06 -113.49
CA ARG NA 244 -78.41 -64.63 -114.50
C ARG NA 244 -79.15 -64.72 -115.83
N PRO NA 245 -78.62 -64.13 -116.91
CA PRO NA 245 -79.33 -64.18 -118.20
C PRO NA 245 -79.21 -65.56 -118.83
N GLN NA 246 -80.32 -66.03 -119.39
CA GLN NA 246 -80.35 -67.34 -120.00
C GLN NA 246 -81.20 -67.31 -121.27
N THR OA 5 -30.29 -96.02 -120.95
CA THR OA 5 -30.23 -94.75 -120.22
C THR OA 5 -29.68 -94.93 -118.82
N GLY OA 6 -30.13 -94.09 -117.90
CA GLY OA 6 -29.65 -94.10 -116.54
C GLY OA 6 -28.42 -93.27 -116.30
N TYR OA 7 -27.76 -92.82 -117.36
CA TYR OA 7 -26.53 -92.05 -117.23
C TYR OA 7 -26.75 -90.56 -117.12
N ASP OA 8 -28.00 -90.10 -117.01
CA ASP OA 8 -28.29 -88.68 -117.08
C ASP OA 8 -29.23 -88.21 -115.99
N LEU OA 9 -29.39 -89.01 -114.93
CA LEU OA 9 -30.32 -88.63 -113.87
C LEU OA 9 -29.68 -87.65 -112.90
N SER OA 10 -28.48 -87.97 -112.42
CA SER OA 10 -27.80 -87.10 -111.48
C SER OA 10 -26.73 -86.26 -112.18
N ALA OA 11 -26.32 -85.21 -111.49
CA ALA OA 11 -25.22 -84.38 -111.95
C ALA OA 11 -23.88 -84.86 -111.42
N SER OA 12 -23.84 -86.03 -110.79
CA SER OA 12 -22.61 -86.59 -110.26
C SER OA 12 -22.02 -87.64 -111.17
N THR OA 13 -22.68 -87.97 -112.27
CA THR OA 13 -22.26 -89.05 -113.15
C THR OA 13 -21.86 -88.49 -114.50
N PHE OA 14 -20.75 -88.97 -115.04
CA PHE OA 14 -20.44 -88.68 -116.43
C PHE OA 14 -21.18 -89.64 -117.34
N SER OA 15 -21.22 -89.30 -118.59
CA SER OA 15 -21.74 -90.19 -119.62
C SER OA 15 -20.65 -91.16 -120.04
N PRO OA 16 -20.99 -92.24 -120.75
CA PRO OA 16 -19.94 -93.10 -121.31
C PRO OA 16 -19.10 -92.47 -122.41
N ASP OA 17 -19.38 -91.24 -122.84
CA ASP OA 17 -18.45 -90.49 -123.67
C ASP OA 17 -17.97 -89.21 -122.99
N GLY OA 18 -18.30 -89.01 -121.72
CA GLY OA 18 -17.64 -88.00 -120.93
C GLY OA 18 -18.23 -86.62 -120.98
N ARG OA 19 -19.53 -86.49 -120.71
CA ARG OA 19 -20.14 -85.19 -120.52
C ARG OA 19 -21.36 -85.32 -119.64
N VAL OA 20 -21.76 -84.22 -119.03
CA VAL OA 20 -22.83 -84.21 -118.05
C VAL OA 20 -24.10 -83.71 -118.72
N PHE OA 21 -25.16 -84.50 -118.67
CA PHE OA 21 -26.39 -84.12 -119.35
C PHE OA 21 -27.30 -83.23 -118.52
N GLN OA 22 -27.20 -83.30 -117.19
CA GLN OA 22 -28.05 -82.46 -116.36
C GLN OA 22 -27.71 -80.98 -116.51
N VAL OA 23 -26.47 -80.66 -116.85
CA VAL OA 23 -26.13 -79.29 -117.19
C VAL OA 23 -26.65 -78.95 -118.58
N GLU OA 24 -26.52 -79.89 -119.53
CA GLU OA 24 -27.01 -79.64 -120.88
C GLU OA 24 -28.52 -79.56 -120.93
N TYR OA 25 -29.21 -80.31 -120.07
CA TYR OA 25 -30.66 -80.21 -120.03
C TYR OA 25 -31.10 -78.88 -119.44
N ALA OA 26 -30.33 -78.34 -118.51
CA ALA OA 26 -30.65 -77.03 -117.95
C ALA OA 26 -30.25 -75.91 -118.89
N MET OA 27 -29.30 -76.15 -119.80
CA MET OA 27 -29.03 -75.15 -120.83
C MET OA 27 -30.16 -75.06 -121.82
N LYS OA 28 -30.90 -76.15 -122.02
CA LYS OA 28 -32.02 -76.14 -122.95
C LYS OA 28 -33.17 -75.30 -122.43
N ALA OA 29 -33.30 -75.17 -121.11
CA ALA OA 29 -34.37 -74.38 -120.53
C ALA OA 29 -34.18 -72.88 -120.72
N VAL OA 30 -33.00 -72.44 -121.14
CA VAL OA 30 -32.78 -71.01 -121.33
C VAL OA 30 -33.42 -70.53 -122.63
N GLU OA 31 -33.41 -71.37 -123.67
CA GLU OA 31 -33.96 -70.97 -124.97
C GLU OA 31 -35.47 -70.99 -125.03
N ASN OA 32 -36.16 -71.11 -123.91
CA ASN OA 32 -37.58 -70.87 -123.85
C ASN OA 32 -37.91 -69.55 -123.20
N SER OA 33 -36.95 -68.92 -122.52
CA SER OA 33 -37.07 -67.51 -122.19
C SER OA 33 -36.75 -66.68 -123.43
N SER OA 34 -37.18 -65.43 -123.42
CA SER OA 34 -37.44 -64.80 -124.70
C SER OA 34 -36.21 -64.27 -125.42
N THR OA 35 -35.64 -63.16 -124.96
CA THR OA 35 -34.43 -62.55 -125.52
C THR OA 35 -33.94 -61.43 -124.62
N ALA OA 36 -32.67 -61.47 -124.24
CA ALA OA 36 -32.04 -60.36 -123.53
C ALA OA 36 -30.72 -60.06 -124.22
N ILE OA 37 -30.57 -58.85 -124.73
CA ILE OA 37 -29.33 -58.46 -125.39
C ILE OA 37 -28.69 -57.34 -124.58
N GLY OA 38 -27.38 -57.24 -124.66
CA GLY OA 38 -26.71 -56.12 -124.06
C GLY OA 38 -25.40 -55.87 -124.75
N ILE OA 39 -25.16 -54.65 -125.23
CA ILE OA 39 -23.89 -54.29 -125.83
C ILE OA 39 -23.33 -53.13 -125.04
N ARG OA 40 -22.00 -52.99 -125.06
CA ARG OA 40 -21.36 -51.85 -124.44
C ARG OA 40 -20.92 -50.86 -125.49
N CYS OA 41 -21.07 -49.58 -125.18
CA CYS OA 41 -20.67 -48.52 -126.10
C CYS OA 41 -19.21 -48.17 -125.80
N LYS OA 42 -18.76 -47.02 -126.30
CA LYS OA 42 -17.40 -46.58 -126.04
C LYS OA 42 -17.20 -46.25 -124.57
N ASP OA 43 -18.23 -45.68 -123.94
CA ASP OA 43 -18.13 -45.18 -122.58
C ASP OA 43 -19.35 -45.57 -121.76
N GLY OA 44 -19.73 -46.84 -121.82
CA GLY OA 44 -20.85 -47.31 -121.02
C GLY OA 44 -21.43 -48.57 -121.62
N VAL OA 45 -22.40 -49.13 -120.90
CA VAL OA 45 -23.05 -50.38 -121.26
C VAL OA 45 -24.55 -50.12 -121.33
N VAL OA 46 -25.20 -50.63 -122.38
CA VAL OA 46 -26.64 -50.50 -122.55
C VAL OA 46 -27.24 -51.89 -122.65
N PHE OA 47 -28.16 -52.20 -121.75
CA PHE OA 47 -28.93 -53.44 -121.77
C PHE OA 47 -30.22 -53.26 -122.54
N GLY OA 48 -30.86 -54.37 -122.87
CA GLY OA 48 -32.13 -54.33 -123.57
C GLY OA 48 -32.85 -55.66 -123.50
N VAL OA 49 -34.12 -55.62 -123.09
CA VAL OA 49 -34.92 -56.82 -122.87
C VAL OA 49 -36.28 -56.59 -123.49
N GLU OA 50 -36.69 -57.47 -124.39
CA GLU OA 50 -38.06 -57.44 -124.89
C GLU OA 50 -38.91 -58.36 -124.04
N LYS OA 51 -40.06 -57.84 -123.61
CA LYS OA 51 -40.86 -58.43 -122.55
C LYS OA 51 -42.21 -58.83 -123.12
N LEU OA 52 -42.52 -60.13 -123.04
CA LEU OA 52 -43.75 -60.65 -123.62
C LEU OA 52 -44.94 -60.28 -122.75
N VAL OA 53 -45.93 -59.63 -123.34
CA VAL OA 53 -47.20 -59.39 -122.66
C VAL OA 53 -48.00 -60.68 -122.75
N LEU OA 54 -48.02 -61.45 -121.67
CA LEU OA 54 -48.71 -62.74 -121.67
C LEU OA 54 -50.22 -62.55 -121.71
N SER OA 55 -50.75 -61.70 -120.85
CA SER OA 55 -52.16 -61.38 -120.89
C SER OA 55 -52.32 -59.90 -120.59
N LYS OA 56 -53.53 -59.40 -120.81
CA LYS OA 56 -53.85 -58.01 -120.52
C LYS OA 56 -53.89 -57.74 -119.03
N LEU OA 57 -54.08 -58.76 -118.21
CA LEU OA 57 -54.36 -58.58 -116.79
C LEU OA 57 -53.12 -58.17 -115.99
N TYR OA 58 -51.93 -58.43 -116.52
CA TYR OA 58 -50.73 -58.04 -115.81
C TYR OA 58 -50.53 -56.53 -115.92
N GLU OA 59 -49.72 -55.99 -115.02
CA GLU OA 59 -49.54 -54.56 -114.88
C GLU OA 59 -48.23 -54.16 -115.55
N GLU OA 60 -48.25 -53.02 -116.23
CA GLU OA 60 -47.07 -52.51 -116.92
C GLU OA 60 -45.99 -52.10 -115.92
N GLY OA 61 -44.91 -52.87 -115.87
CA GLY OA 61 -43.91 -52.75 -114.85
C GLY OA 61 -43.81 -53.95 -113.95
N SER OA 62 -44.48 -55.04 -114.29
CA SER OA 62 -44.40 -56.27 -113.51
C SER OA 62 -43.09 -56.99 -113.78
N ASN OA 63 -42.78 -57.93 -112.87
CA ASN OA 63 -41.87 -59.09 -113.00
C ASN OA 63 -40.65 -58.84 -113.90
N LYS OA 64 -39.90 -57.81 -113.52
CA LYS OA 64 -38.82 -57.28 -114.35
C LYS OA 64 -37.69 -58.30 -114.50
N ARG OA 65 -37.32 -58.57 -115.74
CA ARG OA 65 -36.21 -59.46 -116.06
C ARG OA 65 -34.88 -58.72 -116.11
N LEU OA 66 -34.77 -57.61 -115.38
CA LEU OA 66 -33.64 -56.70 -115.46
C LEU OA 66 -33.44 -56.11 -114.08
N PHE OA 67 -32.43 -56.62 -113.38
CA PHE OA 67 -32.26 -56.37 -111.96
C PHE OA 67 -31.26 -55.23 -111.74
N ASN OA 68 -30.87 -55.04 -110.48
CA ASN OA 68 -29.96 -53.97 -110.12
C ASN OA 68 -29.18 -54.47 -108.92
N VAL OA 69 -27.95 -54.94 -109.16
CA VAL OA 69 -27.21 -55.68 -108.15
C VAL OA 69 -26.55 -54.71 -107.16
N ASP OA 70 -25.70 -53.83 -107.67
CA ASP OA 70 -25.00 -52.87 -106.84
C ASP OA 70 -25.32 -51.48 -107.38
N ARG OA 71 -24.62 -50.47 -106.87
CA ARG OA 71 -24.86 -49.09 -107.28
C ARG OA 71 -24.43 -48.85 -108.71
N HIS OA 72 -23.50 -49.64 -109.21
CA HIS OA 72 -22.97 -49.47 -110.55
C HIS OA 72 -23.09 -50.72 -111.41
N VAL OA 73 -23.45 -51.86 -110.83
CA VAL OA 73 -23.48 -53.13 -111.53
C VAL OA 73 -24.93 -53.46 -111.88
N GLY OA 74 -25.16 -53.84 -113.13
CA GLY OA 74 -26.48 -54.26 -113.54
C GLY OA 74 -26.56 -55.70 -113.98
N MET OA 75 -27.76 -56.27 -113.94
CA MET OA 75 -27.99 -57.67 -114.30
C MET OA 75 -29.21 -57.78 -115.20
N ALA OA 76 -29.08 -58.50 -116.30
CA ALA OA 76 -30.19 -58.87 -117.16
C ALA OA 76 -30.23 -60.39 -117.25
N VAL OA 77 -31.38 -60.98 -116.93
CA VAL OA 77 -31.47 -62.42 -116.75
C VAL OA 77 -32.26 -63.04 -117.88
N ALA OA 78 -32.09 -64.35 -118.03
CA ALA OA 78 -32.83 -65.14 -119.01
C ALA OA 78 -32.86 -66.58 -118.51
N GLY OA 79 -34.05 -67.08 -118.21
CA GLY OA 79 -34.18 -68.44 -117.72
C GLY OA 79 -35.38 -68.60 -116.81
N LEU OA 80 -35.32 -69.54 -115.89
CA LEU OA 80 -36.39 -69.80 -114.93
C LEU OA 80 -36.31 -68.70 -113.87
N LEU OA 81 -37.32 -67.81 -113.85
CA LEU OA 81 -37.24 -66.54 -113.13
C LEU OA 81 -37.05 -66.69 -111.64
N ALA OA 82 -37.48 -67.82 -111.07
CA ALA OA 82 -37.26 -68.03 -109.64
C ALA OA 82 -35.78 -68.22 -109.34
N ASP OA 83 -35.06 -68.91 -110.22
CA ASP OA 83 -33.62 -69.05 -110.05
C ASP OA 83 -32.87 -67.78 -110.46
N ALA OA 84 -33.51 -66.92 -111.25
CA ALA OA 84 -32.88 -65.67 -111.65
C ALA OA 84 -32.71 -64.75 -110.45
N ARG OA 85 -33.81 -64.45 -109.77
CA ARG OA 85 -33.73 -63.57 -108.61
C ARG OA 85 -33.12 -64.25 -107.40
N SER OA 86 -32.93 -65.57 -107.42
CA SER OA 86 -32.14 -66.19 -106.36
C SER OA 86 -30.66 -65.99 -106.58
N LEU OA 87 -30.20 -66.05 -107.83
CA LEU OA 87 -28.82 -65.68 -108.12
C LEU OA 87 -28.61 -64.19 -107.94
N ALA OA 88 -29.64 -63.39 -108.14
CA ALA OA 88 -29.50 -61.96 -107.92
C ALA OA 88 -29.36 -61.62 -106.45
N ASP OA 89 -29.82 -62.49 -105.55
CA ASP OA 89 -29.70 -62.19 -104.13
C ASP OA 89 -28.31 -62.45 -103.62
N ILE OA 90 -27.64 -63.49 -104.12
CA ILE OA 90 -26.30 -63.76 -103.62
C ILE OA 90 -25.30 -62.80 -104.24
N ALA OA 91 -25.54 -62.35 -105.48
CA ALA OA 91 -24.66 -61.37 -106.08
C ALA OA 91 -24.82 -60.01 -105.44
N ARG OA 92 -26.04 -59.65 -105.06
CA ARG OA 92 -26.29 -58.46 -104.27
C ARG OA 92 -25.66 -58.56 -102.89
N GLU OA 93 -25.58 -59.78 -102.35
CA GLU OA 93 -24.99 -59.98 -101.05
C GLU OA 93 -23.47 -60.11 -101.12
N GLU OA 94 -22.94 -60.56 -102.26
CA GLU OA 94 -21.50 -60.72 -102.38
C GLU OA 94 -20.80 -59.37 -102.47
N ALA OA 95 -21.42 -58.41 -103.16
CA ALA OA 95 -20.85 -57.07 -103.25
C ALA OA 95 -20.88 -56.35 -101.92
N SER OA 96 -21.81 -56.71 -101.04
CA SER OA 96 -21.87 -56.09 -99.72
C SER OA 96 -20.73 -56.56 -98.83
N ASN OA 97 -20.27 -57.80 -99.00
CA ASN OA 97 -19.15 -58.28 -98.20
C ASN OA 97 -17.83 -57.71 -98.68
N PHE OA 98 -17.75 -57.31 -99.96
CA PHE OA 98 -16.53 -56.72 -100.46
C PHE OA 98 -16.34 -55.32 -99.89
N ARG OA 99 -17.40 -54.51 -99.94
CA ARG OA 99 -17.32 -53.15 -99.44
C ARG OA 99 -17.14 -53.13 -97.93
N SER OA 100 -17.72 -54.09 -97.22
CA SER OA 100 -17.58 -54.12 -95.77
C SER OA 100 -16.19 -54.59 -95.34
N ASN OA 101 -15.54 -55.44 -96.13
CA ASN OA 101 -14.25 -55.97 -95.73
C ASN OA 101 -13.09 -55.18 -96.34
N PHE OA 102 -13.23 -54.73 -97.58
CA PHE OA 102 -12.13 -54.14 -98.32
C PHE OA 102 -12.28 -52.65 -98.56
N GLY OA 103 -13.47 -52.09 -98.35
CA GLY OA 103 -13.65 -50.65 -98.26
C GLY OA 103 -14.22 -50.00 -99.49
N TYR OA 104 -14.09 -50.61 -100.66
CA TYR OA 104 -14.42 -49.94 -101.90
C TYR OA 104 -15.33 -50.80 -102.77
N ASN OA 105 -15.73 -50.27 -103.92
CA ASN OA 105 -16.69 -50.91 -104.80
C ASN OA 105 -16.03 -52.06 -105.56
N ILE OA 106 -16.76 -53.17 -105.67
CA ILE OA 106 -16.21 -54.40 -106.22
C ILE OA 106 -15.99 -54.28 -107.73
N PRO OA 107 -14.87 -54.75 -108.26
CA PRO OA 107 -14.67 -54.79 -109.71
C PRO OA 107 -15.36 -56.01 -110.33
N LEU OA 108 -15.60 -55.90 -111.63
CA LEU OA 108 -16.39 -56.91 -112.33
C LEU OA 108 -15.63 -58.19 -112.57
N LYS OA 109 -14.32 -58.12 -112.75
CA LYS OA 109 -13.54 -59.35 -112.94
C LYS OA 109 -13.49 -60.18 -111.67
N HIS OA 110 -13.72 -59.57 -110.52
CA HIS OA 110 -13.86 -60.31 -109.28
C HIS OA 110 -15.29 -60.69 -108.97
N LEU OA 111 -16.26 -59.83 -109.30
CA LEU OA 111 -17.65 -60.12 -108.98
C LEU OA 111 -18.18 -61.29 -109.79
N ALA OA 112 -17.93 -61.28 -111.10
CA ALA OA 112 -18.37 -62.41 -111.92
C ALA OA 112 -17.54 -63.65 -111.65
N ASP OA 113 -16.38 -63.51 -111.01
CA ASP OA 113 -15.63 -64.70 -110.61
C ASP OA 113 -16.27 -65.35 -109.39
N ARG OA 114 -16.73 -64.54 -108.43
CA ARG OA 114 -17.31 -65.11 -107.22
C ARG OA 114 -18.69 -65.71 -107.49
N VAL OA 115 -19.43 -65.15 -108.43
CA VAL OA 115 -20.75 -65.67 -108.73
C VAL OA 115 -20.66 -66.96 -109.52
N ALA OA 116 -19.75 -67.02 -110.49
CA ALA OA 116 -19.63 -68.21 -111.34
C ALA OA 116 -19.10 -69.41 -110.55
N MET OA 117 -18.31 -69.17 -109.51
CA MET OA 117 -17.93 -70.28 -108.65
C MET OA 117 -19.08 -70.73 -107.77
N TYR OA 118 -20.05 -69.86 -107.52
CA TYR OA 118 -21.23 -70.26 -106.80
C TYR OA 118 -22.19 -71.03 -107.69
N VAL OA 119 -22.21 -70.72 -108.98
CA VAL OA 119 -23.05 -71.45 -109.92
C VAL OA 119 -22.43 -72.80 -110.23
N HIS OA 120 -21.10 -72.85 -110.37
CA HIS OA 120 -20.40 -74.09 -110.63
C HIS OA 120 -20.56 -75.09 -109.51
N ALA OA 121 -20.75 -74.62 -108.28
CA ALA OA 121 -20.82 -75.48 -107.11
C ALA OA 121 -22.05 -76.37 -107.09
N TYR OA 122 -23.07 -76.08 -107.90
CA TYR OA 122 -24.24 -76.93 -108.00
C TYR OA 122 -24.21 -77.86 -109.19
N THR OA 123 -23.08 -77.95 -109.90
CA THR OA 123 -22.91 -78.88 -111.00
C THR OA 123 -22.04 -80.06 -110.62
N LEU OA 124 -21.99 -80.40 -109.34
CA LEU OA 124 -21.08 -81.43 -108.85
C LEU OA 124 -21.77 -82.51 -108.05
N TYR OA 125 -22.87 -82.22 -107.38
CA TYR OA 125 -23.44 -83.11 -106.38
C TYR OA 125 -24.78 -83.64 -106.85
N SER OA 126 -25.19 -84.74 -106.23
CA SER OA 126 -26.49 -85.32 -106.48
C SER OA 126 -27.59 -84.68 -105.65
N ALA OA 127 -27.23 -83.98 -104.57
CA ALA OA 127 -28.23 -83.38 -103.70
C ALA OA 127 -28.85 -82.12 -104.26
N VAL OA 128 -28.21 -81.47 -105.23
CA VAL OA 128 -28.69 -80.21 -105.78
C VAL OA 128 -28.69 -80.31 -107.30
N ARG OA 129 -29.45 -79.42 -107.92
CA ARG OA 129 -29.57 -79.36 -109.36
C ARG OA 129 -28.78 -78.17 -109.89
N PRO OA 130 -28.47 -78.14 -111.18
CA PRO OA 130 -27.91 -76.92 -111.76
C PRO OA 130 -28.97 -75.86 -111.94
N PHE OA 131 -28.54 -74.60 -111.92
CA PHE OA 131 -29.45 -73.49 -112.16
C PHE OA 131 -29.96 -73.52 -113.59
N GLY OA 132 -31.13 -72.93 -113.79
CA GLY OA 132 -31.69 -72.85 -115.12
C GLY OA 132 -31.68 -71.42 -115.63
N CYS OA 133 -30.60 -70.70 -115.39
CA CYS OA 133 -30.52 -69.30 -115.77
C CYS OA 133 -29.19 -68.96 -116.39
N SER OA 134 -29.23 -68.14 -117.43
CA SER OA 134 -28.05 -67.45 -117.93
C SER OA 134 -28.31 -65.95 -117.85
N PHE OA 135 -27.26 -65.19 -117.56
CA PHE OA 135 -27.47 -63.77 -117.31
C PHE OA 135 -26.21 -63.00 -117.67
N MET OA 136 -26.36 -61.68 -117.72
CA MET OA 136 -25.31 -60.77 -118.12
C MET OA 136 -25.04 -59.77 -117.02
N LEU OA 137 -23.78 -59.39 -116.88
CA LEU OA 137 -23.37 -58.38 -115.91
C LEU OA 137 -22.60 -57.29 -116.64
N GLY OA 138 -23.04 -56.05 -116.46
CA GLY OA 138 -22.37 -54.93 -117.09
C GLY OA 138 -22.31 -53.75 -116.14
N SER OA 139 -21.25 -52.97 -116.27
CA SER OA 139 -21.05 -51.81 -115.40
C SER OA 139 -20.11 -50.82 -116.06
N TYR OA 140 -19.85 -49.73 -115.34
CA TYR OA 140 -18.91 -48.72 -115.76
C TYR OA 140 -18.18 -48.20 -114.53
N SER OA 141 -16.87 -48.04 -114.66
CA SER OA 141 -16.07 -47.38 -113.64
C SER OA 141 -15.28 -46.26 -114.30
N VAL OA 142 -14.83 -45.31 -113.48
CA VAL OA 142 -14.01 -44.22 -113.98
C VAL OA 142 -12.55 -44.59 -114.10
N ASN OA 143 -12.13 -45.68 -113.46
CA ASN OA 143 -10.76 -46.14 -113.54
C ASN OA 143 -10.59 -47.37 -114.40
N ASP OA 144 -11.68 -48.04 -114.80
CA ASP OA 144 -11.62 -49.26 -115.57
C ASP OA 144 -12.45 -49.23 -116.84
N GLY OA 145 -13.32 -48.26 -117.01
CA GLY OA 145 -14.16 -48.21 -118.19
C GLY OA 145 -15.39 -49.09 -118.06
N ALA OA 146 -15.92 -49.46 -119.22
CA ALA OA 146 -17.10 -50.29 -119.28
C ALA OA 146 -16.69 -51.76 -119.27
N GLN OA 147 -17.52 -52.59 -118.64
CA GLN OA 147 -17.27 -54.02 -118.57
C GLN OA 147 -18.55 -54.75 -118.94
N LEU OA 148 -18.41 -55.95 -119.51
CA LEU OA 148 -19.58 -56.73 -119.88
C LEU OA 148 -19.24 -58.21 -119.84
N TYR OA 149 -19.90 -58.94 -118.93
CA TYR OA 149 -19.68 -60.36 -118.72
C TYR OA 149 -20.98 -61.11 -118.91
N MET OA 150 -20.87 -62.44 -119.02
CA MET OA 150 -22.04 -63.27 -119.24
C MET OA 150 -21.74 -64.67 -118.70
N ILE OA 151 -22.72 -65.26 -118.04
CA ILE OA 151 -22.54 -66.50 -117.29
C ILE OA 151 -23.59 -67.51 -117.73
N ASP OA 152 -23.15 -68.69 -118.14
CA ASP OA 152 -24.02 -69.80 -118.50
C ASP OA 152 -24.38 -70.61 -117.27
N PRO OA 153 -25.34 -71.54 -117.34
CA PRO OA 153 -25.61 -72.40 -116.18
C PRO OA 153 -24.49 -73.38 -115.83
N SER OA 154 -23.48 -73.57 -116.68
CA SER OA 154 -22.38 -74.42 -116.28
C SER OA 154 -21.41 -73.69 -115.36
N GLY OA 155 -21.20 -72.40 -115.60
CA GLY OA 155 -20.35 -71.62 -114.74
C GLY OA 155 -19.19 -70.96 -115.46
N VAL OA 156 -19.32 -70.80 -116.76
CA VAL OA 156 -18.27 -70.25 -117.60
C VAL OA 156 -18.58 -68.79 -117.86
N SER OA 157 -17.58 -67.92 -117.71
CA SER OA 157 -17.75 -66.49 -117.92
C SER OA 157 -16.70 -65.98 -118.90
N TYR OA 158 -17.08 -65.01 -119.72
CA TYR OA 158 -16.15 -64.33 -120.61
C TYR OA 158 -16.53 -62.86 -120.73
N GLY OA 159 -15.60 -62.09 -121.30
CA GLY OA 159 -15.89 -60.73 -121.66
C GLY OA 159 -16.49 -60.65 -123.06
N TYR OA 160 -17.25 -59.58 -123.29
CA TYR OA 160 -17.93 -59.43 -124.56
C TYR OA 160 -17.98 -57.97 -124.95
N TRP OA 161 -17.96 -57.73 -126.26
CA TRP OA 161 -18.33 -56.45 -126.81
C TRP OA 161 -19.82 -56.35 -127.03
N GLY OA 162 -20.54 -57.46 -126.94
CA GLY OA 162 -21.97 -57.51 -127.11
C GLY OA 162 -22.43 -58.95 -127.13
N CYS OA 163 -23.53 -59.25 -126.45
CA CYS OA 163 -23.98 -60.62 -126.31
C CYS OA 163 -25.50 -60.68 -126.39
N ALA OA 164 -26.01 -61.90 -126.45
CA ALA OA 164 -27.43 -62.13 -126.59
C ALA OA 164 -27.78 -63.48 -126.00
N ILE OA 165 -28.86 -63.52 -125.23
CA ILE OA 165 -29.36 -64.74 -124.61
C ILE OA 165 -30.88 -64.76 -124.69
N GLY OA 166 -31.44 -65.91 -125.02
CA GLY OA 166 -32.87 -66.04 -125.15
C GLY OA 166 -33.22 -67.08 -126.19
N LYS OA 167 -34.39 -66.92 -126.81
CA LYS OA 167 -34.82 -67.84 -127.85
C LYS OA 167 -33.95 -67.70 -129.09
N ALA OA 168 -33.97 -66.54 -129.72
CA ALA OA 168 -33.21 -66.31 -130.94
C ALA OA 168 -31.89 -65.67 -130.53
N ARG OA 169 -30.88 -66.51 -130.35
CA ARG OA 169 -29.57 -66.06 -129.93
C ARG OA 169 -28.67 -65.74 -131.11
N GLN OA 170 -28.52 -66.68 -132.04
CA GLN OA 170 -27.73 -66.41 -133.24
C GLN OA 170 -28.42 -65.40 -134.14
N ALA OA 171 -29.75 -65.45 -134.19
CA ALA OA 171 -30.51 -64.50 -134.99
C ALA OA 171 -30.49 -63.09 -134.42
N ALA OA 172 -30.02 -62.91 -133.20
CA ALA OA 172 -29.83 -61.59 -132.60
C ALA OA 172 -28.40 -61.10 -132.75
N LYS OA 173 -27.42 -61.95 -132.49
CA LYS OA 173 -26.03 -61.55 -132.56
C LYS OA 173 -25.50 -61.52 -133.98
N THR OA 174 -26.32 -61.87 -134.97
CA THR OA 174 -25.93 -61.68 -136.36
C THR OA 174 -25.90 -60.20 -136.71
N GLU OA 175 -26.86 -59.44 -136.19
CA GLU OA 175 -26.98 -58.01 -136.48
C GLU OA 175 -26.21 -57.14 -135.50
N ILE OA 176 -25.73 -57.70 -134.39
CA ILE OA 176 -24.94 -56.92 -133.45
C ILE OA 176 -23.59 -56.57 -134.06
N GLU OA 177 -22.97 -57.52 -134.75
CA GLU OA 177 -21.70 -57.27 -135.40
C GLU OA 177 -21.82 -56.39 -136.64
N LYS OA 178 -23.02 -56.04 -137.08
CA LYS OA 178 -23.18 -54.97 -138.06
C LYS OA 178 -22.93 -53.61 -137.46
N LEU OA 179 -23.04 -53.46 -136.14
CA LEU OA 179 -22.82 -52.17 -135.50
C LEU OA 179 -21.33 -51.89 -135.35
N GLN OA 180 -21.02 -50.73 -134.79
CA GLN OA 180 -19.65 -50.35 -134.47
C GLN OA 180 -19.68 -49.80 -133.05
N MET OA 181 -19.54 -50.68 -132.08
CA MET OA 181 -19.67 -50.32 -130.67
C MET OA 181 -18.39 -49.73 -130.09
N LYS OA 182 -17.30 -49.70 -130.87
CA LYS OA 182 -16.04 -49.19 -130.37
C LYS OA 182 -16.02 -47.66 -130.30
N GLU OA 183 -16.82 -46.99 -131.11
CA GLU OA 183 -16.76 -45.56 -131.25
C GLU OA 183 -18.04 -44.83 -130.91
N MET OA 184 -19.18 -45.52 -130.88
CA MET OA 184 -20.44 -44.88 -130.58
C MET OA 184 -20.55 -44.62 -129.08
N THR OA 185 -21.06 -43.45 -128.73
CA THR OA 185 -21.38 -43.16 -127.35
C THR OA 185 -22.73 -43.75 -126.99
N CYS OA 186 -23.01 -43.82 -125.70
CA CYS OA 186 -24.26 -44.41 -125.24
C CYS OA 186 -25.44 -43.44 -125.32
N ARG OA 187 -25.64 -42.82 -126.48
CA ARG OA 187 -26.88 -42.15 -126.82
C ARG OA 187 -27.51 -42.70 -128.08
N ASP OA 188 -26.71 -42.83 -129.14
CA ASP OA 188 -27.22 -43.40 -130.39
C ASP OA 188 -27.26 -44.91 -130.32
N ILE OA 189 -26.56 -45.49 -129.35
CA ILE OA 189 -26.66 -46.91 -129.05
C ILE OA 189 -28.08 -47.28 -128.64
N VAL OA 190 -28.74 -46.40 -127.89
CA VAL OA 190 -30.08 -46.68 -127.35
C VAL OA 190 -31.09 -46.86 -128.48
N LYS OA 191 -30.96 -46.09 -129.55
CA LYS OA 191 -31.80 -46.33 -130.71
C LYS OA 191 -31.41 -47.60 -131.47
N GLU OA 192 -30.13 -47.96 -131.46
CA GLU OA 192 -29.71 -49.16 -132.17
C GLU OA 192 -29.93 -50.43 -131.36
N VAL OA 193 -29.98 -50.31 -130.04
CA VAL OA 193 -30.31 -51.45 -129.19
C VAL OA 193 -31.74 -51.88 -129.43
N ALA OA 194 -32.66 -50.92 -129.52
CA ALA OA 194 -34.07 -51.25 -129.72
C ALA OA 194 -34.33 -51.83 -131.10
N LYS OA 195 -33.63 -51.34 -132.11
CA LYS OA 195 -33.96 -51.68 -133.50
C LYS OA 195 -33.67 -53.15 -133.78
N ILE OA 196 -32.59 -53.69 -133.21
CA ILE OA 196 -32.25 -55.07 -133.51
C ILE OA 196 -33.15 -56.05 -132.75
N ILE OA 197 -33.95 -55.58 -131.78
CA ILE OA 197 -34.93 -56.43 -131.15
C ILE OA 197 -36.37 -56.07 -131.55
N TYR OA 198 -36.54 -55.29 -132.62
CA TYR OA 198 -37.84 -55.27 -133.30
C TYR OA 198 -37.86 -56.21 -134.48
N ILE OA 199 -36.70 -56.44 -135.11
CA ILE OA 199 -36.65 -57.29 -136.30
C ILE OA 199 -36.78 -58.76 -135.92
N VAL OA 200 -36.55 -59.11 -134.66
CA VAL OA 200 -36.71 -60.45 -134.15
C VAL OA 200 -38.14 -60.59 -133.63
N HIS OA 201 -38.59 -61.82 -133.39
CA HIS OA 201 -39.91 -62.20 -132.83
C HIS OA 201 -41.06 -61.66 -133.68
N ASP OA 202 -41.23 -62.34 -134.80
CA ASP OA 202 -42.39 -62.21 -135.67
C ASP OA 202 -43.71 -62.19 -134.90
N GLU OA 203 -44.67 -61.42 -135.42
CA GLU OA 203 -45.95 -61.23 -134.74
C GLU OA 203 -46.88 -62.44 -134.82
N VAL OA 204 -46.45 -63.54 -135.43
CA VAL OA 204 -47.23 -64.77 -135.41
C VAL OA 204 -47.11 -65.43 -134.04
N LYS OA 205 -45.90 -65.44 -133.47
CA LYS OA 205 -45.69 -66.08 -132.18
C LYS OA 205 -46.31 -65.28 -131.03
N ASP OA 206 -46.03 -63.98 -130.98
CA ASP OA 206 -46.56 -63.12 -129.94
C ASP OA 206 -47.44 -62.05 -130.58
N LYS OA 207 -48.50 -61.65 -129.88
CA LYS OA 207 -49.33 -60.56 -130.35
C LYS OA 207 -48.66 -59.21 -130.08
N ALA OA 208 -48.38 -58.91 -128.81
CA ALA OA 208 -47.76 -57.65 -128.44
C ALA OA 208 -46.74 -57.90 -127.33
N PHE OA 209 -45.76 -57.00 -127.26
CA PHE OA 209 -44.60 -57.18 -126.41
C PHE OA 209 -44.20 -55.84 -125.82
N GLU OA 210 -43.29 -55.87 -124.86
CA GLU OA 210 -42.93 -54.68 -124.10
C GLU OA 210 -41.43 -54.45 -124.17
N LEU OA 211 -41.05 -53.22 -124.47
CA LEU OA 211 -39.65 -52.84 -124.46
C LEU OA 211 -39.22 -52.41 -123.07
N GLU OA 212 -38.04 -52.89 -122.66
CA GLU OA 212 -37.47 -52.52 -121.36
C GLU OA 212 -35.98 -52.34 -121.55
N LEU OA 213 -35.46 -51.17 -121.24
CA LEU OA 213 -34.09 -50.81 -121.52
C LEU OA 213 -33.37 -50.43 -120.24
N SER OA 214 -32.05 -50.57 -120.26
CA SER OA 214 -31.21 -50.17 -119.14
C SER OA 214 -29.96 -49.50 -119.67
N TRP OA 215 -29.15 -48.99 -118.74
CA TRP OA 215 -28.33 -47.84 -119.06
C TRP OA 215 -27.33 -47.55 -117.95
N VAL OA 216 -26.04 -47.46 -118.28
CA VAL OA 216 -25.01 -47.15 -117.30
C VAL OA 216 -23.82 -46.56 -118.04
N GLY OA 217 -23.03 -45.77 -117.34
CA GLY OA 217 -21.93 -45.05 -117.94
C GLY OA 217 -21.72 -43.75 -117.20
N GLU OA 218 -20.73 -42.98 -117.66
CA GLU OA 218 -20.47 -41.71 -116.99
C GLU OA 218 -21.50 -40.66 -117.36
N LEU OA 219 -22.27 -40.91 -118.42
CA LEU OA 219 -23.42 -40.05 -118.69
C LEU OA 219 -24.47 -40.21 -117.62
N THR OA 220 -24.57 -41.41 -117.04
CA THR OA 220 -25.34 -41.65 -115.83
C THR OA 220 -24.53 -41.47 -114.56
N ASN OA 221 -23.33 -40.91 -114.69
CA ASN OA 221 -22.42 -40.58 -113.58
C ASN OA 221 -22.01 -41.83 -112.79
N GLY OA 222 -21.93 -42.96 -113.47
CA GLY OA 222 -21.52 -44.21 -112.86
C GLY OA 222 -22.63 -45.05 -112.28
N ARG OA 223 -23.70 -44.40 -111.82
CA ARG OA 223 -24.81 -45.15 -111.25
C ARG OA 223 -25.61 -45.85 -112.34
N HIS OA 224 -26.12 -47.02 -112.00
CA HIS OA 224 -26.98 -47.79 -112.89
C HIS OA 224 -28.42 -47.38 -112.67
N GLU OA 225 -29.13 -47.08 -113.75
CA GLU OA 225 -30.56 -46.86 -113.67
C GLU OA 225 -31.21 -47.16 -115.00
N ILE OA 226 -32.54 -47.11 -115.00
CA ILE OA 226 -33.32 -47.33 -116.20
C ILE OA 226 -33.24 -46.08 -117.08
N VAL OA 227 -33.58 -46.23 -118.36
CA VAL OA 227 -33.62 -45.09 -119.26
C VAL OA 227 -34.82 -44.23 -118.88
N PRO OA 228 -34.80 -42.94 -119.17
CA PRO OA 228 -36.02 -42.12 -119.03
C PRO OA 228 -37.04 -42.51 -120.09
N LYS OA 229 -38.26 -41.99 -119.90
CA LYS OA 229 -39.34 -42.33 -120.81
C LYS OA 229 -39.13 -41.73 -122.19
N ASP OA 230 -38.70 -40.47 -122.25
CA ASP OA 230 -38.60 -39.76 -123.52
C ASP OA 230 -37.54 -40.35 -124.44
N ILE OA 231 -36.46 -40.88 -123.86
CA ILE OA 231 -35.40 -41.46 -124.67
C ILE OA 231 -35.86 -42.78 -125.27
N ARG OA 232 -36.55 -43.61 -124.48
CA ARG OA 232 -37.04 -44.86 -125.05
C ARG OA 232 -38.28 -44.65 -125.91
N GLU OA 233 -38.95 -43.50 -125.80
CA GLU OA 233 -39.97 -43.18 -126.79
C GLU OA 233 -39.36 -42.82 -128.13
N GLU OA 234 -38.16 -42.24 -128.12
CA GLU OA 234 -37.44 -41.98 -129.37
C GLU OA 234 -37.05 -43.28 -130.05
N ALA OA 235 -36.68 -44.28 -129.26
CA ALA OA 235 -36.39 -45.60 -129.83
C ALA OA 235 -37.66 -46.28 -130.30
N GLU OA 236 -38.77 -46.11 -129.58
CA GLU OA 236 -40.05 -46.60 -130.06
C GLU OA 236 -40.61 -45.74 -131.18
N LYS OA 237 -40.13 -44.49 -131.32
CA LYS OA 237 -40.37 -43.76 -132.54
C LYS OA 237 -39.55 -44.32 -133.69
N TYR OA 238 -38.37 -44.87 -133.37
CA TYR OA 238 -37.46 -45.49 -134.32
C TYR OA 238 -37.77 -46.98 -134.49
N ALA OA 239 -39.01 -47.38 -134.20
CA ALA OA 239 -39.44 -48.77 -134.31
C ALA OA 239 -39.92 -49.10 -135.71
N LYS OA 240 -40.92 -48.37 -136.20
CA LYS OA 240 -41.65 -48.73 -137.39
C LYS OA 240 -41.03 -48.18 -138.65
N GLU OA 241 -39.72 -47.94 -138.65
CA GLU OA 241 -38.99 -47.58 -139.85
C GLU OA 241 -38.14 -48.73 -140.36
N SER OA 242 -38.34 -49.92 -139.80
CA SER OA 242 -37.69 -51.13 -140.28
C SER OA 242 -38.54 -51.86 -141.31
N LEU OA 243 -39.65 -51.26 -141.75
CA LEU OA 243 -40.50 -51.87 -142.76
C LEU OA 243 -40.06 -51.54 -144.18
N LYS OA 244 -39.09 -50.65 -144.35
CA LYS OA 244 -38.61 -50.28 -145.66
C LYS OA 244 -37.61 -51.29 -146.19
N THR PA 34 7.41 -47.69 -80.79
CA THR PA 34 7.99 -46.93 -79.69
C THR PA 34 7.99 -45.45 -80.03
N THR PA 35 8.57 -45.12 -81.18
CA THR PA 35 8.49 -43.77 -81.75
C THR PA 35 8.54 -43.93 -83.26
N ILE PA 36 7.38 -43.78 -83.90
CA ILE PA 36 7.25 -44.02 -85.33
C ILE PA 36 6.66 -42.79 -86.00
N MET PA 37 6.96 -42.63 -87.28
CA MET PA 37 6.63 -41.40 -87.99
C MET PA 37 6.57 -41.68 -89.49
N ALA PA 38 5.58 -41.10 -90.16
CA ALA PA 38 5.47 -41.20 -91.61
C ALA PA 38 4.98 -39.88 -92.17
N VAL PA 39 5.65 -39.39 -93.21
CA VAL PA 39 5.32 -38.14 -93.88
C VAL PA 39 5.22 -38.41 -95.37
N GLN PA 40 4.15 -37.94 -96.00
CA GLN PA 40 4.03 -38.07 -97.44
C GLN PA 40 4.57 -36.83 -98.14
N PHE PA 41 5.03 -37.03 -99.36
CA PHE PA 41 5.31 -35.95 -100.29
C PHE PA 41 4.57 -36.26 -101.58
N ASP PA 42 4.86 -35.53 -102.66
CA ASP PA 42 4.05 -35.66 -103.87
C ASP PA 42 4.30 -36.99 -104.59
N GLY PA 43 5.56 -37.39 -104.72
CA GLY PA 43 5.84 -38.65 -105.38
C GLY PA 43 5.65 -39.88 -104.54
N GLY PA 44 5.57 -39.74 -103.22
CA GLY PA 44 5.50 -40.91 -102.36
C GLY PA 44 5.56 -40.52 -100.90
N VAL PA 45 5.97 -41.48 -100.07
CA VAL PA 45 5.98 -41.30 -98.63
C VAL PA 45 7.39 -41.55 -98.09
N VAL PA 46 7.60 -41.13 -96.85
CA VAL PA 46 8.85 -41.34 -96.12
C VAL PA 46 8.50 -41.86 -94.74
N LEU PA 47 9.11 -42.98 -94.35
CA LEU PA 47 8.84 -43.59 -93.06
C LEU PA 47 10.08 -43.54 -92.18
N GLY PA 48 9.87 -43.73 -90.88
CA GLY PA 48 10.96 -43.74 -89.94
C GLY PA 48 10.59 -44.26 -88.57
N ALA PA 49 11.53 -44.91 -87.90
CA ALA PA 49 11.29 -45.46 -86.57
C ALA PA 49 12.63 -45.65 -85.87
N ASP PA 50 12.57 -45.82 -84.55
CA ASP PA 50 13.75 -46.10 -83.75
C ASP PA 50 14.01 -47.60 -83.75
N SER PA 51 14.91 -48.07 -82.89
CA SER PA 51 15.26 -49.47 -82.87
C SER PA 51 15.32 -50.08 -81.48
N ARG PA 52 14.82 -49.39 -80.46
CA ARG PA 52 14.87 -49.89 -79.09
C ARG PA 52 13.58 -50.61 -78.74
N THR PA 53 13.71 -51.80 -78.16
CA THR PA 53 12.58 -52.59 -77.68
C THR PA 53 12.84 -52.97 -76.24
N THR PA 54 12.03 -52.46 -75.32
CA THR PA 54 12.26 -52.63 -73.91
C THR PA 54 11.33 -53.69 -73.33
N THR PA 55 11.72 -54.23 -72.17
CA THR PA 55 10.87 -55.10 -71.36
C THR PA 55 10.82 -54.51 -69.94
N GLY PA 56 9.95 -53.52 -69.77
CA GLY PA 56 9.85 -52.81 -68.51
C GLY PA 56 10.90 -51.75 -68.36
N SER PA 57 12.13 -52.15 -68.04
CA SER PA 57 13.24 -51.20 -68.01
C SER PA 57 14.54 -51.79 -68.53
N TYR PA 58 14.53 -53.03 -69.00
CA TYR PA 58 15.70 -53.65 -69.60
C TYR PA 58 15.58 -53.60 -71.11
N ILE PA 59 16.71 -53.41 -71.78
CA ILE PA 59 16.74 -53.33 -73.24
C ILE PA 59 16.90 -54.74 -73.77
N ALA PA 60 15.79 -55.35 -74.17
CA ALA PA 60 15.86 -56.71 -74.68
C ALA PA 60 16.47 -56.74 -76.07
N ASN PA 61 15.86 -56.04 -77.02
CA ASN PA 61 16.37 -55.91 -78.38
C ASN PA 61 16.98 -54.53 -78.50
N ARG PA 62 18.25 -54.47 -78.88
CA ARG PA 62 18.92 -53.18 -78.99
C ARG PA 62 18.72 -52.55 -80.35
N VAL PA 63 18.68 -53.37 -81.40
CA VAL PA 63 18.34 -52.92 -82.74
C VAL PA 63 17.14 -53.73 -83.22
N THR PA 64 16.17 -53.05 -83.80
CA THR PA 64 14.88 -53.66 -84.09
C THR PA 64 14.35 -53.08 -85.39
N ASP PA 65 13.84 -53.94 -86.27
CA ASP PA 65 13.23 -53.50 -87.52
C ASP PA 65 11.73 -53.37 -87.30
N LYS PA 66 11.27 -52.15 -87.07
CA LYS PA 66 9.85 -51.87 -86.89
C LYS PA 66 9.14 -51.56 -88.19
N LEU PA 67 9.86 -51.49 -89.31
CA LEU PA 67 9.28 -51.17 -90.61
C LEU PA 67 8.98 -52.49 -91.31
N THR PA 68 7.72 -52.89 -91.29
CA THR PA 68 7.33 -54.21 -91.79
C THR PA 68 6.78 -54.08 -93.21
N PRO PA 69 7.36 -54.76 -94.19
CA PRO PA 69 6.74 -54.80 -95.52
C PRO PA 69 5.51 -55.69 -95.55
N ILE PA 70 4.49 -55.23 -96.27
CA ILE PA 70 3.33 -56.04 -96.58
C ILE PA 70 3.34 -56.42 -98.05
N HIS PA 71 3.44 -55.45 -98.93
CA HIS PA 71 3.53 -55.66 -100.36
C HIS PA 71 4.77 -54.91 -100.84
N ASP PA 72 4.94 -54.80 -102.15
CA ASP PA 72 6.15 -54.20 -102.70
C ASP PA 72 6.18 -52.68 -102.53
N ARG PA 73 5.03 -52.04 -102.32
CA ARG PA 73 4.99 -50.59 -102.19
C ARG PA 73 4.28 -50.15 -100.91
N ILE PA 74 3.92 -51.09 -100.04
CA ILE PA 74 3.10 -50.79 -98.87
C ILE PA 74 3.84 -51.27 -97.64
N PHE PA 75 4.18 -50.36 -96.74
CA PHE PA 75 4.79 -50.72 -95.48
C PHE PA 75 3.82 -50.43 -94.34
N CYS PA 76 4.17 -50.94 -93.16
CA CYS PA 76 3.57 -50.48 -91.93
C CYS PA 76 4.67 -50.38 -90.88
N CYS PA 77 4.51 -49.43 -89.97
CA CYS PA 77 5.38 -49.31 -88.81
C CYS PA 77 4.54 -49.51 -87.57
N ARG PA 78 4.99 -50.38 -86.69
CA ARG PA 78 4.16 -50.92 -85.62
C ARG PA 78 4.67 -50.44 -84.26
N SER PA 79 3.74 -50.38 -83.31
CA SER PA 79 4.08 -49.97 -81.95
C SER PA 79 3.09 -50.64 -81.01
N GLY PA 80 3.36 -50.49 -79.72
CA GLY PA 80 2.53 -51.13 -78.71
C GLY PA 80 3.10 -52.49 -78.33
N SER PA 81 2.22 -53.49 -78.23
CA SER PA 81 2.65 -54.82 -77.88
C SER PA 81 3.40 -55.47 -79.03
N ALA PA 82 4.52 -56.11 -78.71
CA ALA PA 82 5.34 -56.73 -79.74
C ALA PA 82 4.70 -58.00 -80.27
N ALA PA 83 4.14 -58.81 -79.39
CA ALA PA 83 3.55 -60.08 -79.82
C ALA PA 83 2.26 -59.87 -80.59
N ASP PA 84 1.55 -58.79 -80.32
CA ASP PA 84 0.29 -58.55 -81.03
C ASP PA 84 0.54 -58.07 -82.45
N THR PA 85 1.40 -57.05 -82.60
CA THR PA 85 1.58 -56.44 -83.90
C THR PA 85 2.38 -57.31 -84.86
N GLN PA 86 3.19 -58.23 -84.35
CA GLN PA 86 3.82 -59.20 -85.24
C GLN PA 86 2.80 -60.20 -85.76
N ALA PA 87 1.81 -60.56 -84.94
CA ALA PA 87 0.83 -61.55 -85.37
C ALA PA 87 -0.20 -60.93 -86.31
N VAL PA 88 -0.51 -59.65 -86.12
CA VAL PA 88 -1.51 -59.02 -86.97
C VAL PA 88 -0.93 -58.72 -88.35
N ALA PA 89 0.32 -58.26 -88.40
CA ALA PA 89 0.96 -57.93 -89.67
C ALA PA 89 1.21 -59.14 -90.55
N ASP PA 90 1.22 -60.35 -89.98
CA ASP PA 90 1.36 -61.53 -90.80
C ASP PA 90 0.03 -61.95 -91.42
N ALA PA 91 -1.06 -61.76 -90.69
CA ALA PA 91 -2.36 -62.14 -91.24
C ALA PA 91 -2.82 -61.18 -92.33
N VAL PA 92 -2.45 -59.91 -92.21
CA VAL PA 92 -2.81 -58.94 -93.25
C VAL PA 92 -2.00 -59.20 -94.51
N THR PA 93 -0.72 -59.54 -94.36
CA THR PA 93 0.11 -59.89 -95.50
C THR PA 93 -0.40 -61.16 -96.19
N TYR PA 94 -0.93 -62.10 -95.41
CA TYR PA 94 -1.61 -63.27 -95.95
C TYR PA 94 -2.83 -62.89 -96.77
N GLN PA 95 -3.69 -62.05 -96.22
CA GLN PA 95 -4.95 -61.73 -96.88
C GLN PA 95 -4.78 -60.78 -98.04
N LEU PA 96 -3.80 -59.89 -97.99
CA LEU PA 96 -3.61 -58.95 -99.09
C LEU PA 96 -2.85 -59.58 -100.24
N GLY PA 97 -1.90 -60.47 -99.94
CA GLY PA 97 -1.22 -61.19 -101.00
C GLY PA 97 -2.12 -62.14 -101.75
N PHE PA 98 -3.08 -62.75 -101.06
CA PHE PA 98 -4.07 -63.58 -101.74
C PHE PA 98 -5.03 -62.72 -102.54
N HIS PA 99 -5.28 -61.50 -102.08
CA HIS PA 99 -6.22 -60.63 -102.76
C HIS PA 99 -5.64 -60.07 -104.06
N SER PA 100 -4.37 -59.71 -104.06
CA SER PA 100 -3.78 -59.09 -105.24
C SER PA 100 -3.50 -60.09 -106.33
N ILE PA 101 -3.18 -61.33 -105.97
CA ILE PA 101 -2.94 -62.35 -106.98
C ILE PA 101 -4.25 -62.79 -107.62
N GLU PA 102 -5.38 -62.53 -106.97
CA GLU PA 102 -6.67 -62.90 -107.51
C GLU PA 102 -7.18 -61.86 -108.50
N LEU PA 103 -7.07 -60.58 -108.19
CA LEU PA 103 -7.43 -59.54 -109.15
C LEU PA 103 -6.39 -59.39 -110.25
N ASN PA 104 -5.16 -59.87 -110.03
CA ASN PA 104 -4.01 -59.65 -110.89
C ASN PA 104 -3.80 -58.16 -111.16
N GLU PA 105 -3.55 -57.43 -110.07
CA GLU PA 105 -3.51 -55.98 -110.07
C GLU PA 105 -2.88 -55.53 -108.77
N PRO PA 106 -2.03 -54.50 -108.78
CA PRO PA 106 -1.37 -54.05 -107.53
C PRO PA 106 -2.37 -53.44 -106.57
N PRO PA 107 -2.27 -53.76 -105.29
CA PRO PA 107 -3.32 -53.39 -104.34
C PRO PA 107 -3.27 -51.91 -104.00
N LEU PA 108 -4.37 -51.43 -103.44
CA LEU PA 108 -4.48 -50.04 -103.02
C LEU PA 108 -4.01 -49.90 -101.58
N VAL PA 109 -3.49 -48.72 -101.27
CA VAL PA 109 -3.06 -48.46 -99.90
C VAL PA 109 -4.26 -48.39 -98.97
N HIS PA 110 -5.37 -47.85 -99.47
CA HIS PA 110 -6.60 -47.80 -98.70
C HIS PA 110 -7.17 -49.20 -98.45
N THR PA 111 -6.89 -50.14 -99.35
CA THR PA 111 -7.32 -51.51 -99.14
C THR PA 111 -6.58 -52.16 -97.98
N ALA PA 112 -5.27 -51.89 -97.89
CA ALA PA 112 -4.47 -52.48 -96.82
C ALA PA 112 -4.79 -51.85 -95.47
N ALA PA 113 -5.10 -50.56 -95.45
CA ALA PA 113 -5.47 -49.92 -94.19
C ALA PA 113 -6.85 -50.36 -93.72
N SER PA 114 -7.70 -50.76 -94.65
CA SER PA 114 -9.01 -51.29 -94.27
C SER PA 114 -8.93 -52.66 -93.64
N LEU PA 115 -7.86 -53.40 -93.92
CA LEU PA 115 -7.71 -54.74 -93.34
C LEU PA 115 -7.22 -54.68 -91.91
N PHE PA 116 -6.35 -53.73 -91.59
CA PHE PA 116 -5.94 -53.56 -90.19
C PHE PA 116 -7.07 -53.04 -89.34
N LYS PA 117 -7.99 -52.28 -89.93
CA LYS PA 117 -9.11 -51.74 -89.18
C LYS PA 117 -10.04 -52.85 -88.72
N GLU PA 118 -10.28 -53.83 -89.58
CA GLU PA 118 -11.22 -54.88 -89.25
C GLU PA 118 -10.69 -55.84 -88.20
N MET PA 119 -9.38 -56.03 -88.14
CA MET PA 119 -8.83 -56.89 -87.10
C MET PA 119 -8.64 -56.14 -85.79
N CYS PA 120 -8.28 -54.87 -85.85
CA CYS PA 120 -8.08 -54.10 -84.63
C CYS PA 120 -9.39 -53.69 -83.98
N TYR PA 121 -10.49 -53.63 -84.73
CA TYR PA 121 -11.77 -53.28 -84.13
C TYR PA 121 -12.50 -54.47 -83.56
N ARG PA 122 -12.45 -55.61 -84.26
CA ARG PA 122 -13.14 -56.81 -83.77
C ARG PA 122 -12.47 -57.35 -82.52
N TYR PA 123 -11.15 -57.24 -82.45
CA TYR PA 123 -10.38 -57.73 -81.31
C TYR PA 123 -9.79 -56.58 -80.52
N ARG PA 124 -10.56 -55.50 -80.36
CA ARG PA 124 -10.07 -54.34 -79.65
C ARG PA 124 -9.93 -54.58 -78.15
N GLU PA 125 -10.59 -55.59 -77.63
CA GLU PA 125 -10.45 -55.92 -76.22
C GLU PA 125 -9.24 -56.81 -75.95
N ASP PA 126 -8.53 -57.22 -76.98
CA ASP PA 126 -7.43 -58.16 -76.83
C ASP PA 126 -6.12 -57.70 -77.43
N LEU PA 127 -6.06 -56.53 -78.05
CA LEU PA 127 -4.87 -56.09 -78.77
C LEU PA 127 -4.40 -54.74 -78.25
N MET PA 128 -3.10 -54.47 -78.45
CA MET PA 128 -2.50 -53.17 -78.19
C MET PA 128 -1.69 -52.82 -79.43
N ALA PA 129 -2.34 -52.20 -80.42
CA ALA PA 129 -1.73 -51.96 -81.72
C ALA PA 129 -1.71 -50.47 -82.03
N GLY PA 130 -0.56 -49.99 -82.49
CA GLY PA 130 -0.39 -48.59 -82.86
C GLY PA 130 0.00 -48.41 -84.31
N ILE PA 131 -0.67 -49.11 -85.21
CA ILE PA 131 -0.18 -49.29 -86.58
C ILE PA 131 -0.37 -48.00 -87.38
N ILE PA 132 0.67 -47.63 -88.13
CA ILE PA 132 0.59 -46.60 -89.15
C ILE PA 132 0.86 -47.25 -90.49
N ILE PA 133 -0.07 -47.11 -91.43
CA ILE PA 133 0.04 -47.71 -92.75
C ILE PA 133 0.37 -46.61 -93.74
N ALA PA 134 1.44 -46.79 -94.50
CA ALA PA 134 1.83 -45.80 -95.49
C ALA PA 134 2.43 -46.50 -96.70
N GLY PA 135 2.28 -45.87 -97.86
CA GLY PA 135 2.83 -46.43 -99.08
C GLY PA 135 2.39 -45.73 -100.34
N TRP PA 136 2.99 -46.10 -101.47
CA TRP PA 136 2.64 -45.52 -102.75
C TRP PA 136 1.65 -46.42 -103.49
N ASP PA 137 0.80 -45.79 -104.30
CA ASP PA 137 -0.20 -46.48 -105.10
C ASP PA 137 -0.24 -45.87 -106.48
N PRO PA 138 -0.45 -46.66 -107.54
CA PRO PA 138 -0.51 -46.08 -108.89
C PRO PA 138 -1.71 -45.20 -109.14
N GLN PA 139 -2.83 -45.47 -108.49
CA GLN PA 139 -4.05 -44.71 -108.73
C GLN PA 139 -4.09 -43.40 -107.97
N GLU PA 140 -3.53 -43.36 -106.76
CA GLU PA 140 -3.65 -42.20 -105.90
C GLU PA 140 -2.33 -41.62 -105.42
N GLY PA 141 -1.20 -42.27 -105.69
CA GLY PA 141 0.06 -41.73 -105.21
C GLY PA 141 0.38 -42.20 -103.81
N GLY PA 142 1.10 -41.37 -103.05
CA GLY PA 142 1.45 -41.72 -101.69
C GLY PA 142 0.30 -41.42 -100.74
N GLN PA 143 0.03 -42.35 -99.84
CA GLN PA 143 -0.98 -42.18 -98.81
C GLN PA 143 -0.39 -42.51 -97.45
N VAL PA 144 -0.96 -41.91 -96.41
CA VAL PA 144 -0.60 -42.19 -95.03
C VAL PA 144 -1.88 -42.39 -94.24
N TYR PA 145 -2.02 -43.54 -93.60
CA TYR PA 145 -3.17 -43.83 -92.77
C TYR PA 145 -2.72 -44.16 -91.36
N SER PA 146 -3.61 -43.91 -90.40
CA SER PA 146 -3.31 -44.13 -88.99
C SER PA 146 -4.38 -45.02 -88.38
N VAL PA 147 -3.95 -46.08 -87.71
CA VAL PA 147 -4.87 -46.92 -86.95
C VAL PA 147 -4.39 -46.95 -85.51
N PRO PA 148 -4.99 -46.18 -84.62
CA PRO PA 148 -4.59 -46.22 -83.21
C PRO PA 148 -5.22 -47.39 -82.46
N MET PA 149 -5.05 -47.42 -81.14
CA MET PA 149 -5.47 -48.56 -80.34
C MET PA 149 -6.98 -48.73 -80.26
N GLY PA 150 -7.74 -47.69 -80.59
CA GLY PA 150 -9.20 -47.86 -80.64
C GLY PA 150 -9.64 -48.74 -81.79
N GLY PA 151 -9.17 -48.43 -82.99
CA GLY PA 151 -9.54 -49.20 -84.15
C GLY PA 151 -10.11 -48.35 -85.26
N MET PA 152 -9.96 -47.03 -85.15
CA MET PA 152 -10.42 -46.12 -86.17
C MET PA 152 -9.37 -46.01 -87.27
N MET PA 153 -9.71 -45.25 -88.32
CA MET PA 153 -8.84 -45.11 -89.48
C MET PA 153 -9.06 -43.74 -90.08
N VAL PA 154 -7.98 -43.02 -90.36
CA VAL PA 154 -8.09 -41.69 -90.95
C VAL PA 154 -6.84 -41.45 -91.79
N ARG PA 155 -6.99 -40.67 -92.85
CA ARG PA 155 -5.87 -40.28 -93.68
C ARG PA 155 -5.31 -38.95 -93.17
N GLN PA 156 -3.98 -38.84 -93.14
CA GLN PA 156 -3.34 -37.62 -92.70
C GLN PA 156 -2.24 -37.22 -93.67
N SER PA 157 -1.84 -35.96 -93.60
CA SER PA 157 -0.68 -35.51 -94.36
C SER PA 157 0.59 -36.11 -93.77
N PHE PA 158 0.67 -36.17 -92.45
CA PHE PA 158 1.77 -36.82 -91.76
C PHE PA 158 1.23 -37.46 -90.50
N ALA PA 159 1.77 -38.61 -90.13
CA ALA PA 159 1.34 -39.30 -88.94
C ALA PA 159 2.51 -39.48 -87.98
N ILE PA 160 2.16 -39.80 -86.74
CA ILE PA 160 3.12 -39.89 -85.66
C ILE PA 160 2.51 -40.74 -84.54
N GLY PA 161 3.28 -41.66 -83.99
CA GLY PA 161 2.73 -42.55 -83.00
C GLY PA 161 3.82 -43.16 -82.16
N GLY PA 162 3.40 -43.91 -81.15
CA GLY PA 162 4.31 -44.52 -80.20
C GLY PA 162 4.29 -43.79 -78.88
N SER PA 163 5.06 -44.33 -77.93
CA SER PA 163 5.11 -43.75 -76.59
C SER PA 163 5.88 -42.44 -76.59
N GLY PA 164 6.96 -42.39 -77.33
CA GLY PA 164 7.78 -41.20 -77.38
C GLY PA 164 7.28 -40.11 -78.30
N SER PA 165 6.14 -40.31 -78.93
CA SER PA 165 5.63 -39.36 -79.91
C SER PA 165 5.02 -38.13 -79.26
N SER PA 166 4.77 -38.16 -77.96
CA SER PA 166 4.14 -37.03 -77.30
C SER PA 166 5.09 -35.85 -77.12
N TYR PA 167 6.40 -36.08 -77.17
CA TYR PA 167 7.33 -35.01 -76.88
C TYR PA 167 7.70 -34.19 -78.09
N ILE PA 168 7.24 -34.58 -79.28
CA ILE PA 168 7.61 -33.86 -80.50
C ILE PA 168 6.34 -33.47 -81.27
N TYR PA 169 5.23 -33.31 -80.56
CA TYR PA 169 4.05 -32.73 -81.19
C TYR PA 169 4.26 -31.26 -81.51
N GLY PA 170 4.88 -30.51 -80.59
CA GLY PA 170 5.10 -29.11 -80.83
C GLY PA 170 6.14 -28.84 -81.90
N TYR PA 171 7.13 -29.71 -82.01
CA TYR PA 171 8.12 -29.55 -83.06
C TYR PA 171 7.52 -29.83 -84.43
N VAL PA 172 6.74 -30.90 -84.54
CA VAL PA 172 6.24 -31.32 -85.85
C VAL PA 172 5.13 -30.40 -86.34
N ASP PA 173 4.52 -29.61 -85.46
CA ASP PA 173 3.52 -28.64 -85.89
C ASP PA 173 4.14 -27.39 -86.49
N ALA PA 174 5.17 -26.85 -85.85
CA ALA PA 174 5.77 -25.62 -86.34
C ALA PA 174 6.67 -25.86 -87.54
N THR PA 175 7.41 -26.98 -87.54
CA THR PA 175 8.44 -27.18 -88.54
C THR PA 175 7.85 -27.63 -89.87
N TYR PA 176 6.65 -28.21 -89.85
CA TYR PA 176 6.06 -28.77 -91.06
C TYR PA 176 5.66 -27.67 -92.04
N ARG PA 177 5.99 -27.91 -93.30
CA ARG PA 177 5.77 -26.94 -94.35
C ARG PA 177 5.18 -27.65 -95.55
N GLU PA 178 4.17 -27.03 -96.17
CA GLU PA 178 3.49 -27.66 -97.28
C GLU PA 178 4.33 -27.63 -98.54
N GLY PA 179 4.40 -28.76 -99.24
CA GLY PA 179 5.12 -28.85 -100.49
C GLY PA 179 6.61 -29.10 -100.30
N MET PA 180 6.94 -30.17 -99.59
CA MET PA 180 8.34 -30.55 -99.43
C MET PA 180 8.76 -31.50 -100.54
N THR PA 181 10.07 -31.59 -100.74
CA THR PA 181 10.62 -32.58 -101.64
C THR PA 181 10.84 -33.88 -100.88
N LYS PA 182 11.46 -34.86 -101.54
CA LYS PA 182 11.80 -36.09 -100.84
C LYS PA 182 12.94 -35.87 -99.87
N GLU PA 183 13.96 -35.12 -100.29
CA GLU PA 183 15.16 -34.91 -99.47
C GLU PA 183 14.87 -34.08 -98.23
N GLU PA 184 13.90 -33.18 -98.30
CA GLU PA 184 13.50 -32.43 -97.12
C GLU PA 184 12.76 -33.30 -96.12
N CYS PA 185 11.96 -34.25 -96.61
CA CYS PA 185 11.24 -35.13 -95.71
C CYS PA 185 12.17 -36.13 -95.02
N LEU PA 186 13.22 -36.58 -95.71
CA LEU PA 186 14.25 -37.37 -95.05
C LEU PA 186 14.98 -36.56 -93.99
N GLN PA 187 15.15 -35.27 -94.23
CA GLN PA 187 15.66 -34.41 -93.17
C GLN PA 187 14.63 -34.19 -92.09
N PHE PA 188 13.35 -34.08 -92.47
CA PHE PA 188 12.32 -33.72 -91.51
C PHE PA 188 12.00 -34.88 -90.57
N THR PA 189 12.10 -36.12 -91.05
CA THR PA 189 11.91 -37.25 -90.16
C THR PA 189 13.17 -37.62 -89.40
N ALA PA 190 14.33 -37.15 -89.84
CA ALA PA 190 15.54 -37.43 -89.09
C ALA PA 190 15.64 -36.54 -87.86
N ASN PA 191 15.30 -35.26 -88.01
CA ASN PA 191 15.40 -34.35 -86.88
C ASN PA 191 14.32 -34.61 -85.84
N ALA PA 192 13.16 -35.10 -86.27
CA ALA PA 192 12.07 -35.30 -85.32
C ALA PA 192 12.29 -36.56 -84.49
N LEU PA 193 12.79 -37.62 -85.11
CA LEU PA 193 13.06 -38.84 -84.36
C LEU PA 193 14.27 -38.69 -83.45
N ALA PA 194 15.21 -37.83 -83.82
CA ALA PA 194 16.39 -37.62 -82.99
C ALA PA 194 16.06 -36.93 -81.68
N LEU PA 195 14.98 -36.16 -81.63
CA LEU PA 195 14.61 -35.46 -80.42
C LEU PA 195 13.84 -36.35 -79.45
N ALA PA 196 12.96 -37.21 -79.96
CA ALA PA 196 12.21 -38.09 -79.08
C ALA PA 196 13.09 -39.19 -78.51
N MET PA 197 14.06 -39.66 -79.29
CA MET PA 197 15.02 -40.65 -78.79
C MET PA 197 15.88 -40.09 -77.68
N GLU PA 198 16.22 -38.81 -77.74
CA GLU PA 198 17.09 -38.24 -76.72
C GLU PA 198 16.31 -37.87 -75.47
N ARG PA 199 15.04 -37.55 -75.61
CA ARG PA 199 14.25 -37.09 -74.47
C ARG PA 199 13.51 -38.23 -73.77
N ASP PA 200 12.94 -39.16 -74.52
CA ASP PA 200 12.24 -40.28 -73.91
C ASP PA 200 13.25 -41.35 -73.48
N GLY PA 201 12.89 -42.08 -72.43
CA GLY PA 201 13.71 -43.21 -72.00
C GLY PA 201 13.40 -44.50 -72.71
N SER PA 202 12.18 -44.66 -73.23
CA SER PA 202 11.81 -45.89 -73.92
C SER PA 202 12.27 -45.93 -75.36
N SER PA 203 12.60 -44.78 -75.94
CA SER PA 203 13.12 -44.71 -77.30
C SER PA 203 14.64 -44.69 -77.26
N GLY PA 204 15.23 -44.88 -78.42
CA GLY PA 204 16.68 -44.90 -78.53
C GLY PA 204 17.12 -45.92 -79.56
N GLY PA 205 18.43 -46.11 -79.63
CA GLY PA 205 19.00 -47.06 -80.54
C GLY PA 205 19.56 -46.44 -81.80
N VAL PA 206 18.96 -46.73 -82.94
CA VAL PA 206 19.41 -46.21 -84.22
C VAL PA 206 18.17 -45.91 -85.06
N ILE PA 207 18.33 -45.03 -86.04
CA ILE PA 207 17.22 -44.55 -86.84
C ILE PA 207 17.18 -45.34 -88.14
N ARG PA 208 16.02 -45.93 -88.44
CA ARG PA 208 15.80 -46.64 -89.69
C ARG PA 208 14.84 -45.83 -90.55
N LEU PA 209 15.20 -45.63 -91.82
CA LEU PA 209 14.43 -44.82 -92.72
C LEU PA 209 14.06 -45.62 -93.96
N ALA PA 210 13.02 -45.16 -94.64
CA ALA PA 210 12.55 -45.81 -95.86
C ALA PA 210 11.80 -44.78 -96.69
N ALA PA 211 12.11 -44.72 -97.98
CA ALA PA 211 11.46 -43.80 -98.90
C ALA PA 211 10.79 -44.64 -99.99
N ILE PA 212 9.47 -44.58 -100.04
CA ILE PA 212 8.68 -45.38 -100.97
C ILE PA 212 8.21 -44.47 -102.08
N ALA PA 213 8.59 -44.77 -103.32
CA ALA PA 213 8.11 -44.00 -104.45
C ALA PA 213 7.52 -44.93 -105.50
N GLU PA 214 7.25 -44.39 -106.68
CA GLU PA 214 6.89 -45.23 -107.82
C GLU PA 214 8.03 -46.15 -108.20
N SER PA 215 9.28 -45.65 -108.13
CA SER PA 215 10.43 -46.41 -108.59
C SER PA 215 10.75 -47.59 -107.70
N GLY PA 216 10.54 -47.45 -106.39
CA GLY PA 216 10.85 -48.53 -105.49
C GLY PA 216 11.02 -48.03 -104.07
N VAL PA 217 11.69 -48.85 -103.27
CA VAL PA 217 11.90 -48.59 -101.85
C VAL PA 217 13.38 -48.41 -101.61
N GLU PA 218 13.74 -47.30 -100.96
CA GLU PA 218 15.13 -47.01 -100.61
C GLU PA 218 15.23 -46.98 -99.10
N ARG PA 219 15.82 -48.03 -98.53
CA ARG PA 219 15.95 -48.13 -97.08
C ARG PA 219 17.36 -47.74 -96.66
N GLN PA 220 17.46 -47.09 -95.52
CA GLN PA 220 18.77 -46.71 -95.00
C GLN PA 220 18.72 -46.67 -93.49
N VAL PA 221 19.89 -46.83 -92.89
CA VAL PA 221 20.05 -46.80 -91.44
C VAL PA 221 20.91 -45.61 -91.10
N LEU PA 222 20.38 -44.72 -90.27
CA LEU PA 222 20.97 -43.42 -90.03
C LEU PA 222 21.26 -43.27 -88.54
N LEU PA 223 22.30 -42.50 -88.21
CA LEU PA 223 22.59 -42.18 -86.83
C LEU PA 223 23.14 -40.76 -86.75
N GLY PA 224 22.51 -39.94 -85.91
CA GLY PA 224 22.87 -38.54 -85.80
C GLY PA 224 21.65 -37.64 -85.77
N THR QA 43 18.70 -70.61 -64.17
CA THR QA 43 18.61 -70.89 -65.60
C THR QA 43 19.36 -69.82 -66.38
N THR QA 44 20.30 -70.25 -67.21
CA THR QA 44 21.08 -69.33 -68.03
C THR QA 44 21.38 -70.01 -69.35
N ILE QA 45 20.80 -69.51 -70.44
CA ILE QA 45 21.03 -70.05 -71.76
C ILE QA 45 21.47 -68.92 -72.67
N ALA QA 46 22.28 -69.25 -73.67
CA ALA QA 46 22.86 -68.23 -74.54
C ALA QA 46 23.22 -68.85 -75.87
N GLY QA 47 23.38 -67.99 -76.88
CA GLY QA 47 23.76 -68.43 -78.21
C GLY QA 47 24.53 -67.34 -78.93
N VAL QA 48 25.26 -67.76 -79.96
CA VAL QA 48 26.10 -66.83 -80.72
C VAL QA 48 26.20 -67.36 -82.15
N VAL QA 49 26.55 -66.49 -83.08
CA VAL QA 49 26.73 -66.83 -84.48
C VAL QA 49 28.16 -66.48 -84.86
N TYR QA 50 28.99 -67.47 -85.10
CA TYR QA 50 30.35 -67.20 -85.54
C TYR QA 50 30.42 -67.30 -87.06
N LYS QA 51 31.64 -67.31 -87.60
CA LYS QA 51 31.87 -67.19 -89.03
C LYS QA 51 31.38 -68.39 -89.83
N ASP QA 52 31.14 -69.52 -89.20
CA ASP QA 52 30.65 -70.69 -89.93
C ASP QA 52 29.34 -71.23 -89.41
N GLY QA 53 29.10 -71.19 -88.11
CA GLY QA 53 27.90 -71.79 -87.53
C GLY QA 53 27.45 -71.11 -86.26
N ILE QA 54 26.85 -71.89 -85.37
CA ILE QA 54 26.16 -71.41 -84.19
C ILE QA 54 26.60 -72.23 -82.99
N VAL QA 55 26.90 -71.55 -81.88
CA VAL QA 55 27.24 -72.22 -80.62
C VAL QA 55 26.16 -71.87 -79.61
N LEU QA 56 25.61 -72.89 -78.96
CA LEU QA 56 24.62 -72.73 -77.90
C LEU QA 56 25.20 -73.25 -76.58
N GLY QA 57 24.74 -72.67 -75.48
CA GLY QA 57 25.24 -73.08 -74.17
C GLY QA 57 24.19 -72.95 -73.10
N ALA QA 58 24.36 -73.72 -72.03
CA ALA QA 58 23.41 -73.75 -70.92
C ALA QA 58 24.08 -74.34 -69.70
N ASP QA 59 23.43 -74.17 -68.55
CA ASP QA 59 23.82 -74.83 -67.31
C ASP QA 59 22.95 -76.06 -67.07
N THR QA 60 23.17 -76.73 -65.94
CA THR QA 60 22.39 -77.91 -65.58
C THR QA 60 21.91 -77.80 -64.13
N ARG QA 61 20.83 -77.06 -63.90
CA ARG QA 61 20.16 -77.00 -62.60
C ARG QA 61 18.69 -76.72 -62.78
N ALA QA 62 17.86 -77.45 -62.04
CA ALA QA 62 16.43 -77.19 -61.92
C ALA QA 62 16.17 -76.94 -60.44
N THR QA 63 15.73 -75.73 -60.11
CA THR QA 63 15.51 -75.33 -58.72
C THR QA 63 14.02 -75.24 -58.45
N GLU QA 64 13.52 -76.13 -57.60
CA GLU QA 64 12.13 -76.11 -57.17
C GLU QA 64 12.06 -75.33 -55.87
N GLY QA 65 11.37 -74.19 -55.89
CA GLY QA 65 11.38 -73.29 -54.76
C GLY QA 65 12.74 -72.65 -54.60
N MET QA 66 13.38 -72.87 -53.46
CA MET QA 66 14.76 -72.44 -53.27
C MET QA 66 15.68 -73.63 -53.00
N VAL QA 67 15.23 -74.84 -53.35
CA VAL QA 67 15.97 -76.06 -53.12
C VAL QA 67 16.37 -76.64 -54.46
N VAL QA 68 17.63 -77.07 -54.57
CA VAL QA 68 18.13 -77.64 -55.81
C VAL QA 68 17.53 -79.02 -56.01
N ALA QA 69 16.71 -79.18 -57.05
CA ALA QA 69 16.05 -80.44 -57.32
C ALA QA 69 16.86 -81.35 -58.22
N ASP QA 70 17.45 -80.83 -59.28
CA ASP QA 70 18.23 -81.64 -60.22
C ASP QA 70 19.57 -80.97 -60.45
N LYS QA 71 20.63 -81.75 -60.44
CA LYS QA 71 21.98 -81.26 -60.65
C LYS QA 71 22.47 -81.48 -62.07
N ASN QA 72 21.75 -82.22 -62.89
CA ASN QA 72 22.22 -82.51 -64.24
C ASN QA 72 21.06 -82.47 -65.23
N CYS QA 73 20.22 -81.46 -65.13
CA CYS QA 73 19.10 -81.33 -66.05
C CYS QA 73 19.58 -80.80 -67.39
N SER QA 74 19.31 -81.54 -68.45
CA SER QA 74 19.73 -81.14 -69.80
C SER QA 74 18.74 -80.14 -70.36
N LYS QA 75 19.24 -79.02 -70.84
CA LYS QA 75 18.39 -77.92 -71.29
C LYS QA 75 18.43 -77.69 -72.80
N ILE QA 76 19.36 -78.32 -73.51
CA ILE QA 76 19.46 -78.18 -74.96
C ILE QA 76 18.70 -79.35 -75.58
N HIS QA 77 17.77 -79.05 -76.48
CA HIS QA 77 16.85 -80.04 -77.00
C HIS QA 77 17.11 -80.31 -78.48
N PHE QA 78 16.66 -81.47 -78.93
CA PHE QA 78 16.69 -81.87 -80.32
C PHE QA 78 15.45 -81.34 -81.01
N ILE QA 79 15.62 -80.79 -82.21
CA ILE QA 79 14.52 -80.44 -83.10
C ILE QA 79 14.65 -81.15 -84.44
N SER QA 80 15.79 -80.97 -85.10
CA SER QA 80 16.10 -81.61 -86.36
C SER QA 80 17.58 -81.94 -86.32
N PRO QA 81 18.09 -82.69 -87.31
CA PRO QA 81 19.56 -82.87 -87.37
C PRO QA 81 20.38 -81.62 -87.67
N ASN QA 82 19.75 -80.47 -87.89
CA ASN QA 82 20.50 -79.22 -87.99
C ASN QA 82 20.03 -78.12 -87.07
N ILE QA 83 18.91 -78.29 -86.37
CA ILE QA 83 18.34 -77.24 -85.53
C ILE QA 83 18.19 -77.76 -84.12
N TYR QA 84 18.74 -77.03 -83.15
CA TYR QA 84 18.51 -77.29 -81.74
C TYR QA 84 17.85 -76.08 -81.10
N CYS QA 85 17.39 -76.27 -79.87
CA CYS QA 85 16.79 -75.18 -79.11
C CYS QA 85 17.13 -75.34 -77.64
N CYS QA 86 17.32 -74.21 -76.97
CA CYS QA 86 17.48 -74.15 -75.53
C CYS QA 86 16.18 -73.69 -74.90
N GLY QA 87 15.92 -74.15 -73.70
CA GLY QA 87 14.64 -73.89 -73.06
C GLY QA 87 14.83 -73.22 -71.72
N ALA QA 88 13.87 -72.35 -71.40
CA ALA QA 88 13.89 -71.63 -70.13
C ALA QA 88 12.46 -71.35 -69.71
N GLY QA 89 12.28 -71.08 -68.43
CA GLY QA 89 10.95 -70.82 -67.88
C GLY QA 89 10.38 -72.07 -67.24
N THR QA 90 9.09 -72.32 -67.50
CA THR QA 90 8.44 -73.49 -66.94
C THR QA 90 8.96 -74.75 -67.62
N ALA QA 91 9.53 -75.66 -66.83
CA ALA QA 91 10.27 -76.78 -67.40
C ALA QA 91 9.35 -77.82 -67.99
N ALA QA 92 8.08 -77.84 -67.57
CA ALA QA 92 7.13 -78.76 -68.17
C ALA QA 92 6.54 -78.20 -69.45
N ASP QA 93 6.42 -76.88 -69.55
CA ASP QA 93 5.89 -76.29 -70.77
C ASP QA 93 6.90 -76.31 -71.89
N THR QA 94 8.19 -76.20 -71.57
CA THR QA 94 9.20 -76.24 -72.61
C THR QA 94 9.44 -77.65 -73.13
N ASP QA 95 9.19 -78.68 -72.32
CA ASP QA 95 9.34 -80.03 -72.81
C ASP QA 95 8.23 -80.41 -73.78
N MET QA 96 6.98 -80.13 -73.41
CA MET QA 96 5.86 -80.53 -74.24
C MET QA 96 5.71 -79.65 -75.47
N THR QA 97 6.37 -78.50 -75.52
CA THR QA 97 6.35 -77.67 -76.71
C THR QA 97 7.44 -78.09 -77.69
N THR QA 98 8.64 -78.34 -77.18
CA THR QA 98 9.76 -78.69 -78.04
C THR QA 98 9.64 -80.08 -78.63
N GLN QA 99 8.75 -80.92 -78.11
CA GLN QA 99 8.48 -82.22 -78.69
C GLN QA 99 7.38 -82.18 -79.73
N LEU QA 100 6.46 -81.22 -79.60
CA LEU QA 100 5.39 -81.08 -80.58
C LEU QA 100 5.92 -80.56 -81.90
N ILE QA 101 6.77 -79.53 -81.85
CA ILE QA 101 7.30 -78.94 -83.07
C ILE QA 101 8.30 -79.87 -83.73
N SER QA 102 9.09 -80.58 -82.92
CA SER QA 102 10.04 -81.53 -83.48
C SER QA 102 9.34 -82.74 -84.07
N SER QA 103 8.12 -83.05 -83.61
CA SER QA 103 7.34 -84.07 -84.26
C SER QA 103 6.78 -83.59 -85.59
N ASN QA 104 6.41 -82.32 -85.69
CA ASN QA 104 5.83 -81.82 -86.93
C ASN QA 104 6.89 -81.59 -87.99
N LEU QA 105 8.10 -81.20 -87.59
CA LEU QA 105 9.16 -81.01 -88.58
C LEU QA 105 9.72 -82.33 -89.07
N GLU QA 106 9.68 -83.37 -88.26
CA GLU QA 106 10.00 -84.70 -88.77
C GLU QA 106 8.93 -85.15 -89.75
N LEU QA 107 7.68 -84.79 -89.48
CA LEU QA 107 6.60 -85.07 -90.40
C LEU QA 107 6.72 -84.24 -91.67
N HIS QA 108 7.14 -82.99 -91.54
CA HIS QA 108 7.20 -82.11 -92.69
C HIS QA 108 8.36 -82.45 -93.61
N SER QA 109 9.54 -82.67 -93.04
CA SER QA 109 10.74 -82.94 -93.84
C SER QA 109 10.71 -84.31 -94.49
N LEU QA 110 10.06 -85.28 -93.86
CA LEU QA 110 9.95 -86.60 -94.48
C LEU QA 110 8.96 -86.59 -95.62
N SER QA 111 8.01 -85.65 -95.60
CA SER QA 111 7.08 -85.52 -96.71
C SER QA 111 7.72 -84.79 -97.88
N THR QA 112 8.39 -83.67 -97.62
CA THR QA 112 9.06 -82.94 -98.69
C THR QA 112 10.32 -83.64 -99.16
N GLY QA 113 10.93 -84.47 -98.32
CA GLY QA 113 12.12 -85.18 -98.71
C GLY QA 113 13.40 -84.37 -98.67
N ARG QA 114 13.37 -83.17 -98.09
CA ARG QA 114 14.57 -82.36 -98.01
C ARG QA 114 14.75 -81.81 -96.60
N LEU QA 115 15.73 -80.96 -96.44
CA LEU QA 115 16.19 -80.48 -95.14
C LEU QA 115 15.24 -79.40 -94.62
N PRO QA 116 14.95 -79.38 -93.31
CA PRO QA 116 14.11 -78.32 -92.76
C PRO QA 116 14.82 -76.97 -92.76
N ARG QA 117 14.03 -75.92 -92.59
CA ARG QA 117 14.56 -74.57 -92.49
C ARG QA 117 14.27 -74.00 -91.11
N VAL QA 118 15.10 -73.02 -90.72
CA VAL QA 118 14.99 -72.45 -89.39
C VAL QA 118 13.76 -71.55 -89.30
N VAL QA 119 13.39 -70.90 -90.40
CA VAL QA 119 12.21 -70.04 -90.41
C VAL QA 119 10.91 -70.82 -90.29
N THR QA 120 10.94 -72.12 -90.59
CA THR QA 120 9.75 -72.93 -90.40
C THR QA 120 9.53 -73.22 -88.92
N ALA QA 121 10.61 -73.50 -88.19
CA ALA QA 121 10.49 -73.74 -86.76
C ALA QA 121 10.19 -72.45 -86.02
N ASN QA 122 10.63 -71.31 -86.56
CA ASN QA 122 10.24 -70.03 -85.98
C ASN QA 122 8.75 -69.78 -86.19
N ARG QA 123 8.24 -70.12 -87.36
CA ARG QA 123 6.86 -69.79 -87.67
C ARG QA 123 5.89 -70.72 -86.95
N MET QA 124 6.27 -71.99 -86.75
CA MET QA 124 5.40 -72.89 -85.99
C MET QA 124 5.32 -72.52 -84.53
N LEU QA 125 6.44 -72.09 -83.93
CA LEU QA 125 6.46 -71.78 -82.51
C LEU QA 125 5.66 -70.53 -82.19
N LYS QA 126 5.91 -69.44 -82.92
CA LYS QA 126 5.28 -68.19 -82.53
C LYS QA 126 3.82 -68.13 -82.94
N GLN QA 127 3.36 -69.02 -83.81
CA GLN QA 127 1.93 -69.03 -84.08
C GLN QA 127 1.15 -69.78 -83.02
N MET QA 128 1.74 -70.79 -82.39
CA MET QA 128 1.00 -71.51 -81.37
C MET QA 128 1.14 -70.89 -79.98
N LEU QA 129 2.22 -70.16 -79.73
CA LEU QA 129 2.34 -69.48 -78.44
C LEU QA 129 1.43 -68.27 -78.37
N PHE QA 130 1.19 -67.62 -79.51
CA PHE QA 130 0.24 -66.52 -79.53
C PHE QA 130 -1.18 -67.01 -79.33
N ARG QA 131 -1.48 -68.24 -79.71
CA ARG QA 131 -2.84 -68.75 -79.59
C ARG QA 131 -3.19 -69.02 -78.13
N TYR QA 132 -2.23 -69.44 -77.32
CA TYR QA 132 -2.47 -69.72 -75.93
C TYR QA 132 -2.29 -68.51 -75.04
N GLN QA 133 -2.07 -67.33 -75.63
CA GLN QA 133 -2.16 -66.02 -74.97
C GLN QA 133 -1.17 -65.87 -73.82
N GLY QA 134 -0.06 -66.59 -73.87
CA GLY QA 134 0.94 -66.48 -72.84
C GLY QA 134 0.67 -67.27 -71.58
N TYR QA 135 -0.33 -68.15 -71.57
CA TYR QA 135 -0.49 -69.05 -70.44
C TYR QA 135 0.56 -70.15 -70.43
N ILE QA 136 1.16 -70.45 -71.56
CA ILE QA 136 2.25 -71.42 -71.64
C ILE QA 136 3.54 -70.61 -71.53
N GLY QA 137 4.23 -70.76 -70.40
CA GLY QA 137 5.47 -70.06 -70.20
C GLY QA 137 6.62 -70.81 -70.83
N ALA QA 138 7.11 -70.33 -71.96
CA ALA QA 138 8.18 -71.00 -72.69
C ALA QA 138 9.08 -69.95 -73.30
N ALA QA 139 10.30 -69.85 -72.80
CA ALA QA 139 11.31 -68.96 -73.36
C ALA QA 139 12.33 -69.80 -74.09
N LEU QA 140 12.48 -69.58 -75.39
CA LEU QA 140 13.29 -70.45 -76.23
C LEU QA 140 14.35 -69.66 -76.97
N VAL QA 141 15.52 -70.26 -77.11
CA VAL QA 141 16.57 -69.78 -78.00
C VAL QA 141 16.66 -70.77 -79.15
N LEU QA 142 16.32 -70.32 -80.35
CA LEU QA 142 16.24 -71.20 -81.50
C LEU QA 142 17.41 -70.92 -82.43
N GLY QA 143 18.13 -71.97 -82.79
CA GLY QA 143 19.29 -71.80 -83.66
C GLY QA 143 19.54 -73.00 -84.56
N GLY QA 144 19.95 -72.74 -85.79
CA GLY QA 144 20.20 -73.82 -86.72
C GLY QA 144 20.86 -73.30 -87.98
N VAL QA 145 21.40 -74.23 -88.76
CA VAL QA 145 22.09 -73.92 -90.01
C VAL QA 145 21.34 -74.64 -91.12
N ASP QA 146 20.50 -73.91 -91.83
CA ASP QA 146 19.79 -74.45 -92.99
C ASP QA 146 20.60 -74.13 -94.25
N VAL QA 147 19.94 -74.24 -95.41
CA VAL QA 147 20.59 -73.96 -96.68
C VAL QA 147 20.99 -72.48 -96.77
N THR QA 148 20.16 -71.60 -96.23
CA THR QA 148 20.45 -70.17 -96.32
C THR QA 148 21.55 -69.72 -95.38
N GLY QA 149 21.97 -70.57 -94.44
CA GLY QA 149 23.07 -70.22 -93.55
C GLY QA 149 22.69 -70.41 -92.10
N PRO QA 150 23.47 -69.81 -91.19
CA PRO QA 150 23.12 -69.86 -89.78
C PRO QA 150 22.06 -68.82 -89.43
N HIS QA 151 21.16 -69.19 -88.53
CA HIS QA 151 20.09 -68.31 -88.10
C HIS QA 151 19.82 -68.52 -86.63
N LEU QA 152 19.75 -67.43 -85.88
CA LEU QA 152 19.55 -67.49 -84.44
C LEU QA 152 18.33 -66.65 -84.08
N TYR QA 153 17.40 -67.24 -83.33
CA TYR QA 153 16.19 -66.56 -82.93
C TYR QA 153 16.03 -66.65 -81.43
N SER QA 154 15.19 -65.78 -80.89
CA SER QA 154 14.80 -65.81 -79.49
C SER QA 154 13.31 -65.63 -79.42
N ILE QA 155 12.62 -66.53 -78.74
CA ILE QA 155 11.17 -66.56 -78.72
C ILE QA 155 10.70 -66.38 -77.29
N TYR QA 156 9.89 -65.41 -77.07
CA TYR QA 156 9.28 -64.97 -75.84
C TYR QA 156 7.89 -65.58 -75.67
N PRO QA 157 7.44 -65.87 -74.44
CA PRO QA 157 6.24 -66.69 -74.27
C PRO QA 157 4.92 -66.01 -74.59
N HIS QA 158 4.92 -64.79 -75.13
CA HIS QA 158 3.71 -64.23 -75.70
C HIS QA 158 3.66 -64.34 -77.22
N GLY QA 159 4.79 -64.63 -77.86
CA GLY QA 159 4.80 -64.86 -79.29
C GLY QA 159 5.66 -63.90 -80.07
N SER QA 160 6.40 -63.05 -79.37
CA SER QA 160 7.27 -62.09 -80.03
C SER QA 160 8.64 -62.72 -80.26
N THR QA 161 9.14 -62.59 -81.49
CA THR QA 161 10.42 -63.15 -81.88
C THR QA 161 11.30 -62.05 -82.45
N ASP QA 162 12.57 -62.39 -82.65
CA ASP QA 162 13.55 -61.49 -83.25
C ASP QA 162 14.79 -62.28 -83.66
N LYS QA 163 15.30 -62.02 -84.85
CA LYS QA 163 16.57 -62.56 -85.29
C LYS QA 163 17.68 -61.66 -84.80
N LEU QA 164 18.69 -62.25 -84.16
CA LEU QA 164 19.78 -61.50 -83.55
C LEU QA 164 21.06 -62.28 -83.69
N PRO QA 165 22.22 -61.60 -83.72
CA PRO QA 165 23.49 -62.34 -83.79
C PRO QA 165 23.89 -63.00 -82.49
N TYR QA 166 23.35 -62.57 -81.35
CA TYR QA 166 23.62 -63.22 -80.07
C TYR QA 166 22.48 -62.90 -79.12
N VAL QA 167 22.02 -63.91 -78.38
CA VAL QA 167 20.91 -63.75 -77.45
C VAL QA 167 21.23 -64.47 -76.15
N THR QA 168 20.61 -64.00 -75.07
CA THR QA 168 20.63 -64.67 -73.78
C THR QA 168 19.22 -64.68 -73.21
N MET QA 169 18.83 -65.81 -72.63
CA MET QA 169 17.55 -65.93 -71.94
C MET QA 169 17.79 -66.60 -70.60
N GLY QA 170 16.78 -66.56 -69.75
CA GLY QA 170 16.85 -67.17 -68.44
C GLY QA 170 16.90 -66.13 -67.34
N SER QA 171 17.03 -66.63 -66.11
CA SER QA 171 17.06 -65.75 -64.95
C SER QA 171 18.37 -64.98 -64.86
N GLY QA 172 19.49 -65.68 -65.05
CA GLY QA 172 20.78 -65.03 -65.01
C GLY QA 172 21.24 -64.54 -66.37
N SER QA 173 20.28 -64.21 -67.23
CA SER QA 173 20.60 -63.75 -68.57
C SER QA 173 21.24 -62.37 -68.59
N LEU QA 174 20.97 -61.54 -67.57
CA LEU QA 174 21.55 -60.21 -67.56
C LEU QA 174 23.05 -60.27 -67.30
N ALA QA 175 23.48 -61.24 -66.49
CA ALA QA 175 24.90 -61.45 -66.24
C ALA QA 175 25.59 -61.98 -67.49
N ALA QA 176 24.93 -62.88 -68.21
CA ALA QA 176 25.55 -63.43 -69.40
C ALA QA 176 25.55 -62.46 -70.57
N MET QA 177 24.65 -61.47 -70.55
CA MET QA 177 24.63 -60.48 -71.62
C MET QA 177 25.86 -59.57 -71.55
N ALA QA 178 26.32 -59.27 -70.33
CA ALA QA 178 27.43 -58.34 -70.16
C ALA QA 178 28.74 -58.91 -70.67
N VAL QA 179 28.88 -60.24 -70.70
CA VAL QA 179 30.07 -60.83 -71.30
C VAL QA 179 29.98 -60.74 -72.81
N PHE QA 180 28.81 -60.99 -73.38
CA PHE QA 180 28.61 -60.81 -74.80
C PHE QA 180 28.74 -59.35 -75.20
N GLU QA 181 28.24 -58.44 -74.36
CA GLU QA 181 28.20 -57.04 -74.76
C GLU QA 181 29.59 -56.43 -74.71
N ASP QA 182 30.49 -56.97 -73.88
CA ASP QA 182 31.84 -56.46 -73.82
C ASP QA 182 32.76 -57.09 -74.85
N LYS QA 183 32.54 -58.37 -75.18
CA LYS QA 183 33.54 -59.16 -75.88
C LYS QA 183 32.95 -59.88 -77.09
N PHE QA 184 32.08 -59.22 -77.85
CA PHE QA 184 31.63 -59.80 -79.10
C PHE QA 184 32.33 -59.14 -80.27
N ARG QA 185 32.62 -59.95 -81.28
CA ARG QA 185 33.22 -59.49 -82.50
C ARG QA 185 32.56 -60.29 -83.60
N PRO QA 186 32.17 -59.67 -84.70
CA PRO QA 186 31.58 -60.44 -85.80
C PRO QA 186 32.60 -61.32 -86.49
N ASP QA 187 32.13 -62.49 -86.91
CA ASP QA 187 32.90 -63.50 -87.67
C ASP QA 187 34.13 -63.96 -86.90
N MET QA 188 33.88 -64.60 -85.76
CA MET QA 188 34.91 -65.25 -84.98
C MET QA 188 35.11 -66.68 -85.45
N GLU QA 189 36.19 -67.28 -85.00
CA GLU QA 189 36.39 -68.71 -85.20
C GLU QA 189 35.69 -69.49 -84.10
N GLU QA 190 35.51 -70.79 -84.32
CA GLU QA 190 34.74 -71.58 -83.38
C GLU QA 190 35.49 -71.82 -82.08
N GLU QA 191 36.82 -71.70 -82.08
CA GLU QA 191 37.53 -71.77 -80.80
C GLU QA 191 37.32 -70.51 -79.99
N GLU QA 192 37.25 -69.36 -80.66
CA GLU QA 192 36.95 -68.12 -79.98
C GLU QA 192 35.49 -68.05 -79.54
N ALA QA 193 34.60 -68.69 -80.31
CA ALA QA 193 33.19 -68.67 -79.96
C ALA QA 193 32.90 -69.56 -78.76
N LYS QA 194 33.43 -70.79 -78.77
CA LYS QA 194 33.25 -71.71 -77.65
C LYS QA 194 33.86 -71.17 -76.37
N ASN QA 195 34.97 -70.44 -76.49
CA ASN QA 195 35.54 -69.80 -75.33
C ASN QA 195 34.68 -68.64 -74.85
N LEU QA 196 33.99 -67.97 -75.76
CA LEU QA 196 33.15 -66.84 -75.38
C LEU QA 196 31.87 -67.29 -74.69
N VAL QA 197 31.25 -68.37 -75.19
CA VAL QA 197 29.96 -68.79 -74.64
C VAL QA 197 30.13 -69.42 -73.26
N SER QA 198 31.17 -70.25 -73.10
CA SER QA 198 31.45 -70.85 -71.81
C SER QA 198 31.83 -69.80 -70.78
N GLU QA 199 32.44 -68.71 -71.22
CA GLU QA 199 32.73 -67.60 -70.32
C GLU QA 199 31.46 -66.87 -69.92
N ALA QA 200 30.49 -66.75 -70.82
CA ALA QA 200 29.25 -66.06 -70.52
C ALA QA 200 28.34 -66.89 -69.63
N ILE QA 201 28.32 -68.21 -69.82
CA ILE QA 201 27.51 -69.08 -68.97
C ILE QA 201 28.10 -69.11 -67.56
N ALA QA 202 29.43 -69.05 -67.45
CA ALA QA 202 30.07 -69.00 -66.15
C ALA QA 202 29.75 -67.72 -65.38
N ALA QA 203 29.47 -66.63 -66.09
CA ALA QA 203 29.03 -65.41 -65.42
C ALA QA 203 27.64 -65.57 -64.84
N GLY QA 204 26.79 -66.40 -65.46
CA GLY QA 204 25.51 -66.72 -64.86
C GLY QA 204 25.60 -67.77 -63.77
N ILE QA 205 26.72 -68.48 -63.69
CA ILE QA 205 26.90 -69.46 -62.62
C ILE QA 205 27.25 -68.75 -61.32
N PHE QA 206 28.31 -67.95 -61.33
CA PHE QA 206 28.85 -67.40 -60.11
C PHE QA 206 28.16 -66.14 -59.64
N ASN QA 207 27.07 -65.73 -60.28
CA ASN QA 207 26.39 -64.51 -59.90
C ASN QA 207 24.89 -64.67 -59.72
N ASP QA 208 24.31 -65.75 -60.21
CA ASP QA 208 22.90 -66.01 -60.05
C ASP QA 208 22.68 -67.14 -59.06
N LEU QA 209 21.65 -67.00 -58.23
CA LEU QA 209 21.34 -68.04 -57.25
C LEU QA 209 20.73 -69.26 -57.93
N GLY QA 210 19.83 -69.05 -58.87
CA GLY QA 210 19.14 -70.16 -59.49
C GLY QA 210 19.85 -70.75 -60.69
N SER QA 211 21.17 -70.88 -60.60
CA SER QA 211 21.98 -71.42 -61.68
C SER QA 211 23.26 -72.01 -61.11
N GLY QA 212 23.95 -72.77 -61.94
CA GLY QA 212 25.33 -73.11 -61.66
C GLY QA 212 25.72 -74.55 -61.43
N SER QA 213 26.16 -75.19 -62.51
CA SER QA 213 26.66 -76.55 -62.51
C SER QA 213 27.49 -76.72 -63.78
N ASN QA 214 27.67 -77.97 -64.20
CA ASN QA 214 28.41 -78.27 -65.42
C ASN QA 214 27.80 -77.58 -66.64
N ILE QA 215 28.67 -76.98 -67.46
CA ILE QA 215 28.26 -76.17 -68.60
C ILE QA 215 28.09 -77.08 -69.81
N ASP QA 216 26.90 -77.06 -70.39
CA ASP QA 216 26.67 -77.74 -71.66
C ASP QA 216 27.05 -76.82 -72.81
N LEU QA 217 27.44 -77.42 -73.92
CA LEU QA 217 27.61 -76.69 -75.17
C LEU QA 217 27.16 -77.55 -76.34
N CYS QA 218 26.93 -76.88 -77.47
CA CYS QA 218 26.69 -77.58 -78.73
C CYS QA 218 27.08 -76.65 -79.87
N VAL QA 219 27.84 -77.19 -80.82
CA VAL QA 219 28.30 -76.44 -81.97
C VAL QA 219 27.63 -77.02 -83.21
N ILE QA 220 26.88 -76.19 -83.92
CA ILE QA 220 26.24 -76.58 -85.17
C ILE QA 220 26.97 -75.87 -86.29
N SER QA 221 27.38 -76.61 -87.31
CA SER QA 221 27.99 -76.01 -88.48
C SER QA 221 27.33 -76.60 -89.71
N LYS QA 222 27.88 -76.30 -90.88
CA LYS QA 222 27.28 -76.78 -92.13
C LYS QA 222 27.44 -78.27 -92.32
N ASN QA 223 28.38 -78.90 -91.62
CA ASN QA 223 28.70 -80.30 -91.81
C ASN QA 223 28.99 -81.07 -90.53
N LYS QA 224 28.93 -80.44 -89.36
CA LYS QA 224 29.35 -81.05 -88.11
C LYS QA 224 28.36 -80.67 -87.01
N LEU QA 225 28.01 -81.64 -86.16
CA LEU QA 225 27.14 -81.43 -85.01
C LEU QA 225 27.83 -81.98 -83.78
N ASP QA 226 28.40 -81.12 -82.95
CA ASP QA 226 29.12 -81.53 -81.75
C ASP QA 226 28.28 -81.19 -80.53
N PHE QA 227 27.41 -82.12 -80.15
CA PHE QA 227 26.69 -81.99 -78.90
C PHE QA 227 27.49 -82.67 -77.80
N LEU QA 228 27.79 -81.91 -76.75
CA LEU QA 228 28.67 -82.41 -75.69
C LEU QA 228 28.25 -81.81 -74.37
N ARG QA 229 27.82 -82.65 -73.43
CA ARG QA 229 27.27 -82.08 -72.21
C ARG QA 229 28.36 -81.66 -71.21
N PRO QA 230 29.30 -82.54 -70.77
CA PRO QA 230 30.24 -81.98 -69.77
C PRO QA 230 31.42 -81.24 -70.42
N TYR QA 231 31.17 -80.00 -70.83
CA TYR QA 231 32.24 -79.20 -71.42
C TYR QA 231 33.25 -78.76 -70.37
N THR QA 232 32.78 -78.41 -69.18
CA THR QA 232 33.67 -78.05 -68.09
C THR QA 232 32.97 -78.33 -66.76
N VAL QA 233 33.78 -78.56 -65.73
CA VAL QA 233 33.28 -78.77 -64.38
C VAL QA 233 33.80 -77.63 -63.52
N PRO QA 234 33.05 -76.56 -63.34
CA PRO QA 234 33.56 -75.44 -62.54
C PRO QA 234 33.43 -75.68 -61.04
N ASN QA 235 32.47 -76.51 -60.63
CA ASN QA 235 32.17 -76.69 -59.21
C ASN QA 235 32.05 -78.16 -58.91
N LYS QA 236 32.74 -78.60 -57.86
CA LYS QA 236 32.68 -79.99 -57.42
C LYS QA 236 31.83 -80.11 -56.15
N LYS QA 237 31.80 -81.31 -55.58
CA LYS QA 237 31.32 -81.54 -54.23
C LYS QA 237 32.51 -81.96 -53.37
N GLY QA 238 32.58 -81.40 -52.16
CA GLY QA 238 33.67 -81.74 -51.27
C GLY QA 238 33.57 -83.16 -50.76
N THR QA 239 34.72 -83.71 -50.38
CA THR QA 239 34.78 -85.08 -49.92
C THR QA 239 34.29 -85.20 -48.48
N ARG QA 240 33.70 -86.35 -48.18
CA ARG QA 240 33.26 -86.65 -46.83
C ARG QA 240 34.47 -86.91 -45.94
N LEU QA 241 34.32 -86.59 -44.66
CA LEU QA 241 35.39 -86.78 -43.68
C LEU QA 241 35.03 -87.82 -42.64
N GLY QA 242 33.89 -87.66 -41.97
CA GLY QA 242 33.49 -88.58 -40.92
C GLY QA 242 32.81 -89.81 -41.49
N ARG QA 243 33.23 -90.98 -41.00
CA ARG QA 243 32.64 -92.23 -41.42
C ARG QA 243 31.34 -92.43 -40.65
N TYR QA 244 30.23 -92.49 -41.37
CA TYR QA 244 28.90 -92.58 -40.78
C TYR QA 244 28.32 -93.97 -40.87
N ARG QA 245 29.14 -94.97 -41.20
CA ARG QA 245 28.65 -96.22 -41.75
C ARG QA 245 27.96 -97.07 -40.71
N CYS QA 246 26.74 -97.48 -41.02
CA CYS QA 246 25.96 -98.41 -40.22
C CYS QA 246 26.13 -99.82 -40.77
N GLU QA 247 25.73 -100.79 -39.95
CA GLU QA 247 25.80 -102.19 -40.32
C GLU QA 247 24.40 -102.79 -40.31
N LYS QA 248 24.32 -104.05 -40.73
CA LYS QA 248 23.04 -104.75 -40.77
C LYS QA 248 22.59 -105.08 -39.36
N GLY QA 249 21.40 -104.63 -38.99
CA GLY QA 249 20.84 -104.97 -37.71
C GLY QA 249 20.67 -103.78 -36.79
N THR QA 250 20.97 -102.58 -37.29
CA THR QA 250 20.87 -101.37 -36.51
C THR QA 250 19.50 -100.72 -36.62
N THR QA 251 18.57 -101.34 -37.35
CA THR QA 251 17.23 -100.81 -37.53
C THR QA 251 16.23 -101.87 -37.13
N ALA QA 252 15.25 -101.49 -36.31
CA ALA QA 252 14.26 -102.44 -35.83
C ALA QA 252 13.16 -102.64 -36.86
N VAL QA 253 12.82 -103.90 -37.10
CA VAL QA 253 11.84 -104.29 -38.12
C VAL QA 253 10.68 -104.98 -37.44
N LEU QA 254 9.47 -104.53 -37.74
CA LEU QA 254 8.29 -105.18 -37.19
C LEU QA 254 7.94 -106.44 -37.97
N THR QA 255 7.81 -106.33 -39.28
CA THR QA 255 7.30 -107.41 -40.12
C THR QA 255 8.07 -107.44 -41.43
N GLU QA 256 8.53 -108.63 -41.83
CA GLU QA 256 9.24 -108.81 -43.09
C GLU QA 256 8.52 -109.83 -43.95
N LYS QA 257 8.57 -109.65 -45.26
CA LYS QA 257 8.03 -110.59 -46.22
C LYS QA 257 9.03 -110.82 -47.34
N ILE QA 258 9.10 -112.06 -47.83
CA ILE QA 258 9.96 -112.45 -48.93
C ILE QA 258 9.10 -113.09 -50.00
N THR QA 259 9.19 -112.59 -51.23
CA THR QA 259 8.48 -113.18 -52.36
C THR QA 259 9.47 -113.41 -53.50
N PRO QA 260 9.66 -114.65 -53.94
CA PRO QA 260 10.62 -114.91 -55.02
C PRO QA 260 10.04 -114.56 -56.38
N LEU QA 261 10.94 -114.33 -57.33
CA LEU QA 261 10.60 -114.19 -58.73
C LEU QA 261 11.49 -115.11 -59.55
N GLU QA 262 11.32 -115.08 -60.86
CA GLU QA 262 12.10 -115.95 -61.74
C GLU QA 262 12.45 -115.26 -63.05
N SER RA 1 -1.13 -75.18 -47.21
CA SER RA 1 -1.31 -75.17 -48.66
C SER RA 1 -2.19 -76.33 -49.09
N ILE RA 2 -2.04 -76.75 -50.35
CA ILE RA 2 -2.83 -77.85 -50.87
C ILE RA 2 -2.12 -79.18 -50.62
N MET RA 3 -0.81 -79.22 -50.87
CA MET RA 3 -0.03 -80.42 -50.64
C MET RA 3 0.09 -80.75 -49.15
N SER RA 4 -0.07 -79.77 -48.28
CA SER RA 4 0.01 -79.98 -46.84
C SER RA 4 -1.32 -80.40 -46.23
N TYR RA 5 -2.31 -80.73 -47.06
CA TYR RA 5 -3.62 -81.08 -46.54
C TYR RA 5 -3.64 -82.47 -45.94
N ASN RA 6 -2.85 -83.40 -46.50
CA ASN RA 6 -2.81 -84.76 -46.00
C ASN RA 6 -1.42 -85.25 -45.65
N GLY RA 7 -0.38 -84.54 -46.04
CA GLY RA 7 0.97 -85.00 -45.78
C GLY RA 7 1.36 -86.13 -46.71
N GLY RA 8 2.50 -86.73 -46.40
CA GLY RA 8 3.01 -87.86 -47.16
C GLY RA 8 4.46 -87.65 -47.55
N ALA RA 9 5.17 -88.75 -47.74
CA ALA RA 9 6.57 -88.71 -48.13
C ALA RA 9 6.91 -90.02 -48.83
N VAL RA 10 7.55 -89.93 -49.99
CA VAL RA 10 7.98 -91.09 -50.76
C VAL RA 10 9.44 -90.89 -51.11
N MET RA 11 10.26 -91.91 -50.84
CA MET RA 11 11.69 -91.88 -51.15
C MET RA 11 12.05 -93.10 -51.97
N ALA RA 12 12.86 -92.91 -53.01
CA ALA RA 12 13.45 -93.99 -53.75
C ALA RA 12 14.96 -93.81 -53.79
N MET RA 13 15.69 -94.91 -53.82
CA MET RA 13 17.14 -94.87 -53.73
C MET RA 13 17.73 -96.03 -54.51
N LYS RA 14 18.77 -95.74 -55.29
CA LYS RA 14 19.37 -96.70 -56.21
C LYS RA 14 20.55 -97.40 -55.55
N GLY RA 15 20.66 -98.70 -55.76
CA GLY RA 15 21.77 -99.47 -55.22
C GLY RA 15 22.70 -100.03 -56.26
N LYS RA 16 23.23 -101.23 -56.02
CA LYS RA 16 24.18 -101.85 -56.94
C LYS RA 16 23.48 -102.48 -58.13
N ASN RA 17 22.68 -103.50 -57.88
CA ASN RA 17 21.84 -104.14 -58.87
C ASN RA 17 20.44 -104.32 -58.31
N CYS RA 18 19.98 -103.30 -57.61
CA CYS RA 18 18.78 -103.37 -56.80
C CYS RA 18 18.36 -101.95 -56.49
N VAL RA 19 17.08 -101.78 -56.20
CA VAL RA 19 16.54 -100.46 -55.94
C VAL RA 19 15.44 -100.59 -54.89
N ALA RA 20 15.37 -99.63 -53.98
CA ALA RA 20 14.44 -99.67 -52.87
C ALA RA 20 13.55 -98.43 -52.88
N ILE RA 21 12.35 -98.58 -52.36
CA ILE RA 21 11.39 -97.49 -52.26
C ILE RA 21 10.73 -97.55 -50.89
N ALA RA 22 10.39 -96.39 -50.34
CA ALA RA 22 9.83 -96.31 -49.00
C ALA RA 22 8.81 -95.20 -48.93
N ALA RA 23 7.83 -95.37 -48.03
CA ALA RA 23 6.79 -94.38 -47.83
C ALA RA 23 6.25 -94.50 -46.42
N ASP RA 24 5.52 -93.48 -46.00
CA ASP RA 24 4.89 -93.46 -44.69
C ASP RA 24 3.52 -94.12 -44.76
N ARG RA 25 2.84 -94.16 -43.62
CA ARG RA 25 1.60 -94.89 -43.50
C ARG RA 25 0.43 -94.04 -43.04
N ARG RA 26 0.64 -92.77 -42.72
CA ARG RA 26 -0.40 -91.96 -42.10
C ARG RA 26 -1.39 -91.46 -43.13
N PHE RA 27 -2.67 -91.53 -42.77
CA PHE RA 27 -3.74 -90.84 -43.49
C PHE RA 27 -4.42 -89.89 -42.51
N GLY RA 28 -4.54 -88.62 -42.89
CA GLY RA 28 -5.13 -87.66 -41.98
C GLY RA 28 -5.63 -86.42 -42.69
N ILE RA 29 -6.35 -85.59 -41.94
CA ILE RA 29 -6.91 -84.34 -42.45
C ILE RA 29 -6.39 -83.22 -41.55
N GLN RA 30 -5.22 -82.68 -41.92
CA GLN RA 30 -4.60 -81.44 -41.46
C GLN RA 30 -4.13 -81.42 -40.01
N ALA RA 31 -4.72 -82.21 -39.13
CA ALA RA 31 -4.21 -82.34 -37.77
C ALA RA 31 -4.52 -83.73 -37.24
N GLN RA 32 -5.45 -84.39 -37.89
CA GLN RA 32 -6.21 -85.49 -37.30
C GLN RA 32 -6.04 -86.71 -38.16
N MET RA 33 -5.29 -87.69 -37.65
CA MET RA 33 -5.18 -88.95 -38.36
C MET RA 33 -6.51 -89.69 -38.39
N VAL RA 34 -6.66 -90.55 -39.38
CA VAL RA 34 -7.83 -91.41 -39.52
C VAL RA 34 -7.43 -92.88 -39.48
N THR RA 35 -6.37 -93.24 -40.19
CA THR RA 35 -5.88 -94.61 -40.20
C THR RA 35 -4.39 -94.59 -40.47
N THR RA 36 -3.74 -95.72 -40.17
CA THR RA 36 -2.29 -95.85 -40.30
C THR RA 36 -1.89 -96.97 -41.24
N ASP RA 37 -2.70 -97.23 -42.27
CA ASP RA 37 -2.42 -98.27 -43.23
C ASP RA 37 -2.77 -97.84 -44.63
N PHE RA 38 -2.65 -96.54 -44.91
CA PHE RA 38 -3.01 -96.00 -46.21
C PHE RA 38 -1.93 -96.38 -47.22
N GLN RA 39 -2.34 -97.02 -48.31
CA GLN RA 39 -1.38 -97.47 -49.32
C GLN RA 39 -0.97 -96.31 -50.21
N LYS RA 40 0.34 -96.13 -50.37
CA LYS RA 40 0.88 -95.09 -51.23
C LYS RA 40 1.84 -95.61 -52.28
N ILE RA 41 2.26 -96.86 -52.21
CA ILE RA 41 3.11 -97.48 -53.22
C ILE RA 41 2.26 -98.51 -53.95
N PHE RA 42 2.27 -98.45 -55.27
CA PHE RA 42 1.44 -99.36 -56.02
C PHE RA 42 2.28 -100.20 -56.97
N PRO RA 43 1.99 -101.49 -57.10
CA PRO RA 43 2.75 -102.33 -58.03
C PRO RA 43 2.29 -102.13 -59.46
N MET RA 44 3.27 -102.00 -60.36
CA MET RA 44 3.03 -101.91 -61.79
C MET RA 44 3.91 -102.96 -62.45
N GLY RA 45 3.42 -104.20 -62.50
CA GLY RA 45 4.22 -105.30 -63.00
C GLY RA 45 5.28 -105.73 -62.00
N ASP RA 46 5.94 -106.83 -62.34
CA ASP RA 46 7.01 -107.32 -61.49
C ASP RA 46 8.24 -106.44 -61.63
N ARG RA 47 8.94 -106.24 -60.52
CA ARG RA 47 10.20 -105.51 -60.44
C ARG RA 47 10.07 -104.07 -60.92
N LEU RA 48 8.91 -103.47 -60.68
CA LEU RA 48 8.67 -102.09 -61.11
C LEU RA 48 7.52 -101.54 -60.27
N TYR RA 49 7.80 -100.54 -59.45
CA TYR RA 49 6.80 -99.95 -58.56
C TYR RA 49 6.65 -98.46 -58.86
N ILE RA 50 5.63 -97.88 -58.24
CA ILE RA 50 5.40 -96.44 -58.33
C ILE RA 50 4.95 -95.94 -56.96
N GLY RA 51 5.43 -94.78 -56.56
CA GLY RA 51 5.01 -94.15 -55.33
C GLY RA 51 4.30 -92.85 -55.64
N LEU RA 52 3.26 -92.56 -54.86
CA LEU RA 52 2.45 -91.37 -55.03
C LEU RA 52 2.35 -90.63 -53.71
N ALA RA 53 2.44 -89.31 -53.78
CA ALA RA 53 2.30 -88.47 -52.60
C ALA RA 53 1.70 -87.14 -53.01
N GLY RA 54 0.84 -86.61 -52.14
CA GLY RA 54 0.17 -85.36 -52.43
C GLY RA 54 -1.23 -85.34 -51.85
N LEU RA 55 -2.18 -84.88 -52.64
CA LEU RA 55 -3.57 -84.86 -52.20
C LEU RA 55 -4.13 -86.27 -52.26
N ALA RA 56 -4.85 -86.66 -51.20
CA ALA RA 56 -5.29 -88.05 -51.04
C ALA RA 56 -6.32 -88.47 -52.06
N THR RA 57 -7.04 -87.52 -52.66
CA THR RA 57 -7.94 -87.85 -53.75
C THR RA 57 -7.17 -88.29 -54.99
N ASP RA 58 -6.20 -87.48 -55.41
CA ASP RA 58 -5.50 -87.73 -56.65
C ASP RA 58 -4.49 -88.86 -56.53
N VAL RA 59 -4.12 -89.25 -55.30
CA VAL RA 59 -3.32 -90.46 -55.13
C VAL RA 59 -4.12 -91.68 -55.54
N GLN RA 60 -5.37 -91.78 -55.09
CA GLN RA 60 -6.20 -92.91 -55.51
C GLN RA 60 -6.77 -92.73 -56.90
N THR RA 61 -6.75 -91.52 -57.46
CA THR RA 61 -7.33 -91.32 -58.78
C THR RA 61 -6.33 -91.63 -59.87
N VAL RA 62 -5.10 -91.12 -59.75
CA VAL RA 62 -4.07 -91.36 -60.74
C VAL RA 62 -3.66 -92.83 -60.75
N ALA RA 63 -3.63 -93.47 -59.58
CA ALA RA 63 -3.25 -94.88 -59.50
C ALA RA 63 -4.27 -95.82 -60.12
N GLN RA 64 -5.47 -95.33 -60.42
CA GLN RA 64 -6.47 -96.12 -61.12
C GLN RA 64 -6.60 -95.73 -62.58
N ARG RA 65 -6.33 -94.48 -62.92
CA ARG RA 65 -6.24 -94.11 -64.33
C ARG RA 65 -5.02 -94.73 -64.98
N LEU RA 66 -3.92 -94.83 -64.25
CA LEU RA 66 -2.69 -95.38 -64.81
C LEU RA 66 -2.82 -96.88 -65.01
N LYS RA 67 -3.45 -97.58 -64.08
CA LYS RA 67 -3.68 -99.00 -64.23
C LYS RA 67 -4.66 -99.28 -65.36
N PHE RA 68 -5.59 -98.35 -65.61
CA PHE RA 68 -6.47 -98.44 -66.77
C PHE RA 68 -5.69 -98.39 -68.06
N ARG RA 69 -4.70 -97.50 -68.14
CA ARG RA 69 -3.90 -97.40 -69.35
C ARG RA 69 -2.79 -98.43 -69.41
N LEU RA 70 -2.43 -99.05 -68.29
CA LEU RA 70 -1.33 -100.00 -68.31
C LEU RA 70 -1.75 -101.35 -68.83
N ASN RA 71 -2.92 -101.83 -68.41
CA ASN RA 71 -3.38 -103.14 -68.85
C ASN RA 71 -3.75 -103.15 -70.33
N LEU RA 72 -4.18 -102.00 -70.85
CA LEU RA 72 -4.40 -101.90 -72.29
C LEU RA 72 -3.09 -101.96 -73.05
N TYR RA 73 -2.01 -101.47 -72.43
CA TYR RA 73 -0.71 -101.53 -73.06
C TYR RA 73 -0.15 -102.95 -73.08
N GLU RA 74 -0.27 -103.66 -71.97
CA GLU RA 74 0.33 -104.98 -71.85
C GLU RA 74 -0.50 -106.08 -72.48
N LEU RA 75 -1.66 -105.75 -73.04
CA LEU RA 75 -2.41 -106.70 -73.85
C LEU RA 75 -2.31 -106.41 -75.33
N LYS RA 76 -2.29 -105.13 -75.71
CA LYS RA 76 -2.09 -104.78 -77.10
C LYS RA 76 -0.68 -105.13 -77.55
N GLU RA 77 0.30 -104.94 -76.67
CA GLU RA 77 1.63 -105.46 -76.89
C GLU RA 77 1.83 -106.71 -76.05
N GLY RA 78 2.67 -107.61 -76.54
CA GLY RA 78 2.83 -108.87 -75.86
C GLY RA 78 3.84 -108.90 -74.75
N ARG RA 79 4.38 -107.76 -74.35
CA ARG RA 79 5.49 -107.71 -73.40
C ARG RA 79 5.14 -106.82 -72.22
N GLN RA 80 6.03 -106.83 -71.23
CA GLN RA 80 5.87 -105.92 -70.10
C GLN RA 80 6.48 -104.57 -70.43
N ILE RA 81 6.18 -103.58 -69.62
CA ILE RA 81 6.53 -102.20 -69.90
C ILE RA 81 7.92 -101.91 -69.35
N LYS RA 82 8.71 -101.17 -70.12
CA LYS RA 82 10.00 -100.70 -69.68
C LYS RA 82 9.83 -99.58 -68.66
N PRO RA 83 10.77 -99.42 -67.72
CA PRO RA 83 10.65 -98.34 -66.74
C PRO RA 83 10.77 -96.96 -67.36
N TYR RA 84 11.53 -96.81 -68.43
CA TYR RA 84 11.63 -95.52 -69.10
C TYR RA 84 10.35 -95.20 -69.86
N THR RA 85 9.64 -96.24 -70.32
CA THR RA 85 8.43 -96.02 -71.08
C THR RA 85 7.29 -95.53 -70.20
N LEU RA 86 7.20 -96.07 -68.98
CA LEU RA 86 6.14 -95.66 -68.06
C LEU RA 86 6.32 -94.21 -67.62
N MET RA 87 7.55 -93.72 -67.60
CA MET RA 87 7.80 -92.33 -67.25
C MET RA 87 7.19 -91.39 -68.29
N SER RA 88 7.24 -91.77 -69.56
CA SER RA 88 6.57 -90.97 -70.58
C SER RA 88 5.06 -91.13 -70.53
N MET RA 89 4.58 -92.27 -70.06
CA MET RA 89 3.14 -92.49 -69.97
C MET RA 89 2.52 -91.67 -68.85
N VAL RA 90 3.18 -91.61 -67.69
CA VAL RA 90 2.66 -90.85 -66.56
C VAL RA 90 2.73 -89.36 -66.85
N ALA RA 91 3.81 -88.93 -67.51
CA ALA RA 91 3.96 -87.51 -67.85
C ALA RA 91 2.92 -87.07 -68.87
N ASN RA 92 2.46 -87.97 -69.72
CA ASN RA 92 1.39 -87.63 -70.63
C ASN RA 92 0.07 -87.47 -69.89
N LEU RA 93 -0.17 -88.30 -68.88
CA LEU RA 93 -1.42 -88.27 -68.15
C LEU RA 93 -1.58 -87.01 -67.33
N LEU RA 94 -0.50 -86.49 -66.77
CA LEU RA 94 -0.57 -85.29 -65.95
C LEU RA 94 -0.64 -84.02 -66.77
N TYR RA 95 -0.07 -84.03 -67.97
CA TYR RA 95 -0.04 -82.80 -68.76
C TYR RA 95 -1.36 -82.55 -69.46
N GLU RA 96 -2.21 -83.57 -69.58
CA GLU RA 96 -3.55 -83.38 -70.11
C GLU RA 96 -4.36 -82.46 -69.21
N LYS RA 97 -4.14 -82.55 -67.90
CA LYS RA 97 -4.68 -81.59 -66.96
C LYS RA 97 -3.64 -80.49 -66.72
N ARG RA 98 -3.37 -79.74 -67.79
CA ARG RA 98 -2.45 -78.62 -67.66
C ARG RA 98 -3.08 -77.49 -66.86
N PHE RA 99 -4.38 -77.32 -66.99
CA PHE RA 99 -5.08 -76.26 -66.28
C PHE RA 99 -6.07 -76.80 -65.25
N GLY RA 100 -6.23 -78.11 -65.17
CA GLY RA 100 -7.04 -78.74 -64.14
C GLY RA 100 -6.26 -79.72 -63.28
N PRO RA 101 -5.07 -79.34 -62.80
CA PRO RA 101 -4.02 -80.32 -62.53
C PRO RA 101 -4.31 -81.21 -61.32
N TYR RA 102 -3.79 -82.43 -61.38
CA TYR RA 102 -3.80 -83.32 -60.24
C TYR RA 102 -2.73 -82.90 -59.26
N TYR RA 103 -3.06 -82.94 -57.97
CA TYR RA 103 -2.15 -82.50 -56.93
C TYR RA 103 -1.43 -83.72 -56.36
N THR RA 104 -0.48 -84.23 -57.13
CA THR RA 104 0.35 -85.34 -56.70
C THR RA 104 1.69 -85.26 -57.40
N GLU RA 105 2.68 -85.94 -56.83
CA GLU RA 105 4.03 -85.97 -57.38
C GLU RA 105 4.51 -87.41 -57.38
N PRO RA 106 4.51 -88.06 -58.54
CA PRO RA 106 4.83 -89.49 -58.56
C PRO RA 106 6.32 -89.76 -58.50
N VAL RA 107 6.66 -90.95 -58.01
CA VAL RA 107 8.03 -91.45 -57.93
C VAL RA 107 8.03 -92.86 -58.48
N ILE RA 108 8.87 -93.12 -59.47
CA ILE RA 108 8.92 -94.41 -60.16
C ILE RA 108 10.26 -95.04 -59.91
N ALA RA 109 10.26 -96.29 -59.46
CA ALA RA 109 11.49 -97.03 -59.21
C ALA RA 109 11.29 -98.48 -59.62
N GLY RA 110 12.24 -99.02 -60.36
CA GLY RA 110 12.16 -100.41 -60.77
C GLY RA 110 13.39 -100.82 -61.55
N LEU RA 111 13.45 -102.11 -61.86
CA LEU RA 111 14.53 -102.68 -62.64
C LEU RA 111 14.10 -102.84 -64.08
N ASP RA 112 15.02 -102.60 -64.99
CA ASP RA 112 14.78 -102.89 -66.40
C ASP RA 112 14.70 -104.40 -66.59
N PRO RA 113 13.69 -104.90 -67.31
CA PRO RA 113 13.39 -106.34 -67.24
C PRO RA 113 14.40 -107.24 -67.93
N LYS RA 114 14.94 -106.83 -69.08
CA LYS RA 114 15.89 -107.70 -69.78
C LYS RA 114 17.27 -107.61 -69.14
N THR RA 115 17.87 -106.44 -69.19
CA THR RA 115 19.13 -106.18 -68.49
C THR RA 115 18.77 -105.58 -67.14
N PHE RA 116 19.04 -106.32 -66.07
CA PHE RA 116 18.55 -105.96 -64.75
C PHE RA 116 19.34 -104.76 -64.24
N LYS RA 117 18.89 -103.58 -64.60
CA LYS RA 117 19.54 -102.33 -64.27
C LYS RA 117 18.53 -101.44 -63.57
N PRO RA 118 18.88 -100.82 -62.44
CA PRO RA 118 17.91 -100.01 -61.71
C PRO RA 118 17.61 -98.70 -62.42
N PHE RA 119 16.44 -98.17 -62.10
CA PHE RA 119 15.94 -96.94 -62.72
C PHE RA 119 15.12 -96.19 -61.69
N ILE RA 120 15.39 -94.89 -61.54
CA ILE RA 120 14.61 -94.02 -60.67
C ILE RA 120 14.34 -92.70 -61.39
N CYS RA 121 13.17 -92.13 -61.12
CA CYS RA 121 12.82 -90.82 -61.64
C CYS RA 121 11.74 -90.24 -60.76
N SER RA 122 11.48 -88.94 -60.94
CA SER RA 122 10.40 -88.27 -60.23
C SER RA 122 9.82 -87.21 -61.15
N LEU RA 123 8.58 -86.83 -60.86
CA LEU RA 123 7.85 -85.90 -61.70
C LEU RA 123 7.20 -84.85 -60.83
N ASP RA 124 7.04 -83.65 -61.39
CA ASP RA 124 6.30 -82.60 -60.71
C ASP RA 124 4.81 -82.80 -60.98
N LEU RA 125 3.99 -81.85 -60.55
CA LEU RA 125 2.55 -82.04 -60.66
C LEU RA 125 2.01 -81.76 -62.06
N ILE RA 126 2.85 -81.37 -63.00
CA ILE RA 126 2.40 -81.18 -64.38
C ILE RA 126 3.32 -81.92 -65.34
N GLY RA 127 4.15 -82.81 -64.82
CA GLY RA 127 4.84 -83.76 -65.68
C GLY RA 127 6.16 -83.32 -66.27
N CYS RA 128 7.13 -82.96 -65.43
CA CYS RA 128 8.50 -82.75 -65.87
C CYS RA 128 9.35 -83.88 -65.33
N PRO RA 129 9.75 -84.85 -66.15
CA PRO RA 129 10.53 -85.98 -65.63
C PRO RA 129 11.95 -85.59 -65.35
N MET RA 130 12.49 -86.15 -64.25
CA MET RA 130 13.86 -85.88 -63.82
C MET RA 130 14.47 -87.19 -63.36
N VAL RA 131 15.32 -87.79 -64.19
CA VAL RA 131 16.04 -89.01 -63.85
C VAL RA 131 17.32 -88.64 -63.13
N THR RA 132 17.64 -89.40 -62.09
CA THR RA 132 18.88 -89.23 -61.33
C THR RA 132 19.60 -90.56 -61.23
N ASP RA 133 20.69 -90.58 -60.46
CA ASP RA 133 21.47 -91.79 -60.27
C ASP RA 133 21.62 -92.18 -58.82
N ASP RA 134 21.20 -91.34 -57.88
CA ASP RA 134 21.37 -91.62 -56.46
C ASP RA 134 20.04 -91.78 -55.73
N PHE RA 135 19.16 -90.80 -55.80
CA PHE RA 135 17.91 -90.82 -55.04
C PHE RA 135 16.95 -89.79 -55.61
N VAL RA 136 15.66 -90.04 -55.40
CA VAL RA 136 14.62 -89.05 -55.63
C VAL RA 136 13.72 -89.04 -54.41
N VAL RA 137 13.16 -87.88 -54.09
CA VAL RA 137 12.27 -87.71 -52.95
C VAL RA 137 11.08 -86.87 -53.37
N SER RA 138 9.95 -87.08 -52.69
CA SER RA 138 8.75 -86.31 -52.95
C SER RA 138 7.88 -86.33 -51.71
N GLY RA 139 7.14 -85.25 -51.51
CA GLY RA 139 6.23 -85.15 -50.41
C GLY RA 139 6.37 -83.80 -49.73
N THR RA 140 5.81 -83.71 -48.53
CA THR RA 140 5.86 -82.47 -47.78
C THR RA 140 7.23 -82.24 -47.16
N CYS RA 141 7.78 -83.27 -46.50
CA CYS RA 141 9.06 -83.13 -45.82
C CYS RA 141 10.22 -83.42 -46.75
N ALA RA 142 10.30 -82.63 -47.83
CA ALA RA 142 11.32 -82.85 -48.84
C ALA RA 142 12.70 -82.46 -48.36
N GLU RA 143 12.83 -81.31 -47.70
CA GLU RA 143 14.13 -80.77 -47.36
C GLU RA 143 14.84 -81.58 -46.28
N GLN RA 144 14.07 -82.20 -45.38
CA GLN RA 144 14.65 -83.09 -44.39
C GLN RA 144 15.20 -84.34 -45.05
N MET RA 145 14.61 -84.76 -46.16
CA MET RA 145 15.09 -85.96 -46.82
C MET RA 145 16.32 -85.70 -47.68
N TYR RA 146 16.55 -84.45 -48.11
CA TYR RA 146 17.80 -84.17 -48.82
C TYR RA 146 18.99 -84.19 -47.87
N GLY RA 147 18.82 -83.74 -46.63
CA GLY RA 147 19.91 -83.77 -45.68
C GLY RA 147 20.30 -85.16 -45.27
N MET RA 148 19.33 -86.09 -45.26
CA MET RA 148 19.63 -87.49 -45.05
C MET RA 148 20.41 -88.07 -46.21
N CYS RA 149 19.88 -87.94 -47.42
CA CYS RA 149 20.41 -88.69 -48.56
C CYS RA 149 21.73 -88.14 -49.05
N GLU RA 150 21.94 -86.83 -49.00
CA GLU RA 150 23.23 -86.27 -49.37
C GLU RA 150 24.33 -86.63 -48.37
N SER RA 151 23.96 -87.00 -47.15
CA SER RA 151 24.93 -87.32 -46.13
C SER RA 151 25.18 -88.81 -45.97
N LEU RA 152 24.34 -89.66 -46.54
CA LEU RA 152 24.41 -91.10 -46.26
C LEU RA 152 24.60 -91.97 -47.50
N TRP RA 153 24.37 -91.45 -48.69
CA TRP RA 153 24.38 -92.30 -49.87
C TRP RA 153 25.80 -92.66 -50.29
N GLU RA 154 25.99 -93.92 -50.65
CA GLU RA 154 27.21 -94.45 -51.22
C GLU RA 154 26.91 -95.00 -52.60
N PRO RA 155 27.90 -95.00 -53.51
CA PRO RA 155 27.59 -95.36 -54.91
C PRO RA 155 27.19 -96.82 -55.14
N ASN RA 156 27.98 -97.78 -54.67
CA ASN RA 156 27.76 -99.19 -55.01
C ASN RA 156 27.47 -99.96 -53.73
N MET RA 157 26.19 -100.24 -53.49
CA MET RA 157 25.74 -100.75 -52.20
C MET RA 157 24.99 -102.05 -52.38
N ASP RA 158 25.38 -103.06 -51.61
CA ASP RA 158 24.66 -104.32 -51.54
C ASP RA 158 23.27 -104.11 -50.92
N PRO RA 159 22.33 -105.04 -51.14
CA PRO RA 159 20.97 -104.84 -50.59
C PRO RA 159 20.87 -104.81 -49.07
N ASP RA 160 21.90 -105.21 -48.34
CA ASP RA 160 21.86 -105.10 -46.89
C ASP RA 160 22.11 -103.66 -46.46
N HIS RA 161 23.17 -103.06 -46.97
CA HIS RA 161 23.45 -101.67 -46.62
C HIS RA 161 22.54 -100.70 -47.34
N LEU RA 162 21.94 -101.11 -48.45
CA LEU RA 162 20.93 -100.28 -49.09
C LEU RA 162 19.69 -100.16 -48.22
N PHE RA 163 19.30 -101.26 -47.56
CA PHE RA 163 18.15 -101.22 -46.68
C PHE RA 163 18.40 -100.37 -45.45
N GLU RA 164 19.60 -100.45 -44.89
CA GLU RA 164 19.88 -99.73 -43.66
C GLU RA 164 20.03 -98.24 -43.91
N THR RA 165 20.42 -97.85 -45.12
CA THR RA 165 20.58 -96.44 -45.43
C THR RA 165 19.23 -95.77 -45.64
N ILE RA 166 18.35 -96.40 -46.43
CA ILE RA 166 17.04 -95.82 -46.69
C ILE RA 166 16.15 -95.89 -45.45
N SER RA 167 16.44 -96.80 -44.51
CA SER RA 167 15.66 -96.84 -43.28
C SER RA 167 16.00 -95.66 -42.39
N GLN RA 168 17.29 -95.40 -42.19
CA GLN RA 168 17.71 -94.27 -41.38
C GLN RA 168 17.42 -92.95 -42.07
N ALA RA 169 17.31 -92.94 -43.40
CA ALA RA 169 16.92 -91.72 -44.09
C ALA RA 169 15.45 -91.39 -43.86
N MET RA 170 14.60 -92.41 -43.80
CA MET RA 170 13.18 -92.15 -43.58
C MET RA 170 12.84 -91.88 -42.12
N LEU RA 171 13.40 -92.66 -41.19
CA LEU RA 171 13.00 -92.54 -39.80
C LEU RA 171 13.41 -91.21 -39.19
N ASN RA 172 14.54 -90.66 -39.60
CA ASN RA 172 15.01 -89.43 -38.99
C ASN RA 172 14.36 -88.20 -39.62
N ALA RA 173 14.00 -88.27 -40.90
CA ALA RA 173 13.40 -87.12 -41.55
C ALA RA 173 11.91 -87.00 -41.23
N VAL RA 174 11.18 -88.11 -41.23
CA VAL RA 174 9.74 -88.08 -41.02
C VAL RA 174 9.42 -87.76 -39.56
N ASP RA 175 10.31 -88.14 -38.65
CA ASP RA 175 10.17 -87.76 -37.24
C ASP RA 175 10.29 -86.25 -37.06
N ARG RA 176 11.06 -85.59 -37.91
CA ARG RA 176 11.17 -84.14 -37.86
C ARG RA 176 9.97 -83.46 -38.53
N ASP RA 177 9.16 -84.19 -39.29
CA ASP RA 177 7.95 -83.64 -39.86
C ASP RA 177 6.76 -83.90 -38.95
N ALA RA 178 5.79 -82.99 -38.99
CA ALA RA 178 4.60 -83.08 -38.15
C ALA RA 178 3.46 -83.85 -38.79
N VAL RA 179 3.19 -83.62 -40.08
CA VAL RA 179 2.03 -84.20 -40.74
C VAL RA 179 2.37 -85.51 -41.44
N SER RA 180 3.50 -86.12 -41.10
CA SER RA 180 3.89 -87.38 -41.71
C SER RA 180 4.43 -88.29 -40.62
N GLY RA 181 4.06 -89.56 -40.67
CA GLY RA 181 4.58 -90.50 -39.69
C GLY RA 181 3.78 -91.76 -39.59
N MET RA 182 3.63 -92.25 -38.35
CA MET RA 182 2.76 -93.37 -37.98
C MET RA 182 3.17 -94.67 -38.66
N GLY RA 183 4.47 -94.83 -38.92
CA GLY RA 183 4.97 -96.05 -39.54
C GLY RA 183 5.55 -95.84 -40.92
N VAL RA 184 6.53 -96.66 -41.28
CA VAL RA 184 7.20 -96.58 -42.57
C VAL RA 184 7.26 -97.98 -43.17
N ILE RA 185 6.79 -98.13 -44.40
CA ILE RA 185 6.92 -99.38 -45.13
C ILE RA 185 8.03 -99.23 -46.16
N VAL RA 186 8.80 -100.30 -46.35
CA VAL RA 186 9.96 -100.28 -47.24
C VAL RA 186 9.86 -101.46 -48.19
N HIS RA 187 9.81 -101.17 -49.49
CA HIS RA 187 9.95 -102.20 -50.51
C HIS RA 187 11.36 -102.10 -51.09
N ILE RA 188 12.08 -103.21 -51.06
CA ILE RA 188 13.38 -103.31 -51.72
C ILE RA 188 13.33 -104.45 -52.71
N ILE RA 189 13.54 -104.15 -53.98
CA ILE RA 189 13.41 -105.14 -55.02
C ILE RA 189 14.80 -105.50 -55.52
N GLU RA 190 14.89 -106.67 -56.15
CA GLU RA 190 16.10 -107.12 -56.83
C GLU RA 190 15.68 -108.18 -57.84
N LYS RA 191 16.65 -108.67 -58.60
CA LYS RA 191 16.36 -109.47 -59.79
C LYS RA 191 15.82 -110.85 -59.47
N ASP RA 192 16.05 -111.37 -58.26
CA ASP RA 192 15.62 -112.71 -57.93
C ASP RA 192 14.41 -112.75 -57.02
N LYS RA 193 14.29 -111.82 -56.09
CA LYS RA 193 13.19 -111.82 -55.15
C LYS RA 193 12.83 -110.38 -54.82
N ILE RA 194 11.81 -110.23 -53.99
CA ILE RA 194 11.34 -108.91 -53.58
C ILE RA 194 11.05 -109.00 -52.10
N THR RA 195 11.11 -107.85 -51.42
CA THR RA 195 11.05 -107.84 -49.96
C THR RA 195 10.24 -106.64 -49.50
N THR RA 196 9.23 -106.91 -48.68
CA THR RA 196 8.44 -105.87 -48.04
C THR RA 196 8.72 -105.91 -46.55
N ARG RA 197 9.17 -104.79 -46.01
CA ARG RA 197 9.39 -104.69 -44.57
C ARG RA 197 8.70 -103.45 -44.03
N THR RA 198 8.23 -103.55 -42.79
CA THR RA 198 7.70 -102.42 -42.04
C THR RA 198 8.61 -102.14 -40.86
N LEU RA 199 8.83 -100.86 -40.58
CA LEU RA 199 9.80 -100.45 -39.58
C LEU RA 199 9.10 -100.10 -38.27
N LYS RA 200 9.89 -100.09 -37.20
CA LYS RA 200 9.41 -99.75 -35.87
C LYS RA 200 9.66 -98.25 -35.69
N ALA RA 201 8.65 -97.46 -36.00
CA ALA RA 201 8.77 -96.02 -35.96
C ALA RA 201 7.96 -95.46 -34.78
N ARG RA 202 8.05 -94.15 -34.60
CA ARG RA 202 7.25 -93.49 -33.57
C ARG RA 202 5.80 -93.41 -34.02
N MET RA 203 4.91 -93.93 -33.20
CA MET RA 203 3.48 -93.71 -33.36
C MET RA 203 3.05 -92.37 -32.77
N ASP RA 204 4.00 -91.58 -32.27
CA ASP RA 204 3.77 -90.25 -31.74
C ASP RA 204 3.16 -89.29 -32.76
N MET SA 1 -21.07 -81.01 -37.74
CA MET SA 1 -22.27 -80.34 -37.28
C MET SA 1 -23.23 -81.34 -36.65
N GLU SA 2 -23.21 -82.56 -37.15
CA GLU SA 2 -24.03 -83.64 -36.60
C GLU SA 2 -23.33 -84.98 -36.82
N TYR SA 3 -23.71 -85.95 -36.01
CA TYR SA 3 -22.81 -87.00 -35.56
C TYR SA 3 -23.26 -88.38 -36.00
N LEU SA 4 -22.28 -89.23 -36.32
CA LEU SA 4 -22.50 -90.66 -36.52
C LEU SA 4 -21.19 -91.41 -36.32
N ILE SA 5 -21.31 -92.72 -36.10
CA ILE SA 5 -20.26 -93.53 -35.47
C ILE SA 5 -20.26 -94.93 -36.07
N GLY SA 6 -19.08 -95.56 -36.09
CA GLY SA 6 -18.81 -96.73 -36.89
C GLY SA 6 -18.12 -97.94 -36.27
N ILE SA 7 -18.50 -98.40 -35.08
CA ILE SA 7 -17.79 -99.50 -34.43
C ILE SA 7 -17.98 -100.80 -35.22
N GLN SA 8 -16.87 -101.47 -35.55
CA GLN SA 8 -16.88 -102.68 -36.36
C GLN SA 8 -16.25 -103.83 -35.58
N GLY SA 9 -16.96 -104.95 -35.53
CA GLY SA 9 -16.53 -106.09 -34.74
C GLY SA 9 -16.03 -107.24 -35.60
N PRO SA 10 -15.93 -108.43 -34.99
CA PRO SA 10 -15.43 -109.59 -35.75
C PRO SA 10 -16.40 -110.08 -36.80
N ASP SA 11 -17.70 -110.13 -36.49
CA ASP SA 11 -18.69 -110.61 -37.44
C ASP SA 11 -19.90 -109.70 -37.48
N TYR SA 12 -19.71 -108.43 -37.17
CA TYR SA 12 -20.80 -107.47 -37.16
C TYR SA 12 -20.23 -106.09 -37.38
N VAL SA 13 -21.11 -105.17 -37.76
CA VAL SA 13 -20.78 -103.75 -37.85
C VAL SA 13 -21.87 -102.99 -37.09
N LEU SA 14 -21.49 -102.26 -36.06
CA LEU SA 14 -22.42 -101.50 -35.24
C LEU SA 14 -22.35 -100.03 -35.66
N VAL SA 15 -23.43 -99.52 -36.20
CA VAL SA 15 -23.48 -98.13 -36.61
C VAL SA 15 -24.58 -97.41 -35.86
N ALA SA 16 -24.42 -96.10 -35.70
CA ALA SA 16 -25.43 -95.28 -35.05
C ALA SA 16 -25.27 -93.85 -35.52
N SER SA 17 -26.36 -93.10 -35.47
CA SER SA 17 -26.36 -91.70 -35.84
C SER SA 17 -27.35 -90.98 -34.94
N ASP SA 18 -27.44 -89.66 -35.10
CA ASP SA 18 -28.40 -88.88 -34.36
C ASP SA 18 -29.72 -88.81 -35.11
N ARG SA 19 -30.67 -88.04 -34.60
CA ARG SA 19 -31.99 -87.97 -35.22
C ARG SA 19 -32.44 -86.54 -35.44
N VAL SA 20 -31.56 -85.57 -35.32
CA VAL SA 20 -31.93 -84.17 -35.29
C VAL SA 20 -31.73 -83.55 -36.67
N ALA SA 21 -32.79 -82.97 -37.21
CA ALA SA 21 -32.73 -82.19 -38.43
C ALA SA 21 -32.77 -80.71 -38.03
N ALA SA 22 -31.67 -80.01 -38.28
CA ALA SA 22 -31.48 -78.68 -37.71
C ALA SA 22 -32.00 -77.59 -38.64
N SER SA 23 -31.85 -76.36 -38.17
CA SER SA 23 -32.28 -75.14 -38.86
C SER SA 23 -31.33 -74.04 -38.44
N ASN SA 24 -31.80 -72.79 -38.54
CA ASN SA 24 -31.04 -71.62 -38.12
C ASN SA 24 -30.62 -71.71 -36.66
N ILE SA 25 -31.58 -71.70 -35.74
CA ILE SA 25 -31.26 -71.88 -34.32
C ILE SA 25 -32.20 -72.91 -33.71
N VAL SA 26 -33.28 -73.23 -34.41
CA VAL SA 26 -34.27 -74.17 -33.93
C VAL SA 26 -33.98 -75.52 -34.56
N GLN SA 27 -34.65 -76.55 -34.05
CA GLN SA 27 -34.61 -77.87 -34.66
C GLN SA 27 -35.99 -78.20 -35.23
N MET SA 28 -36.03 -78.37 -36.55
CA MET SA 28 -37.29 -78.56 -37.24
C MET SA 28 -37.90 -79.91 -36.92
N LYS SA 29 -37.07 -80.95 -36.90
CA LYS SA 29 -37.53 -82.32 -36.76
C LYS SA 29 -36.58 -83.06 -35.83
N ASP SA 30 -37.15 -83.77 -34.88
CA ASP SA 30 -36.39 -84.42 -33.83
C ASP SA 30 -36.18 -85.91 -34.05
N ASP SA 31 -36.78 -86.47 -35.10
CA ASP SA 31 -36.69 -87.89 -35.39
C ASP SA 31 -36.37 -88.10 -36.85
N HIS SA 32 -35.37 -87.36 -37.33
CA HIS SA 32 -34.87 -87.53 -38.68
C HIS SA 32 -34.08 -88.84 -38.77
N ASP SA 33 -33.88 -89.32 -39.99
CA ASP SA 33 -33.19 -90.59 -40.20
C ASP SA 33 -32.11 -90.39 -41.25
N LYS SA 34 -30.86 -90.60 -40.86
CA LYS SA 34 -29.71 -90.45 -41.73
C LYS SA 34 -29.33 -91.76 -42.40
N MET SA 35 -30.20 -92.77 -42.37
CA MET SA 35 -29.83 -94.13 -42.71
C MET SA 35 -30.53 -94.56 -43.99
N PHE SA 36 -29.74 -95.03 -44.95
CA PHE SA 36 -30.19 -95.35 -46.29
C PHE SA 36 -29.76 -96.76 -46.64
N LYS SA 37 -30.73 -97.63 -46.91
CA LYS SA 37 -30.42 -98.97 -47.36
C LYS SA 37 -30.13 -98.98 -48.86
N MET SA 38 -29.26 -99.88 -49.29
CA MET SA 38 -29.15 -100.23 -50.68
C MET SA 38 -29.38 -101.71 -50.91
N SER SA 39 -28.83 -102.56 -50.05
CA SER SA 39 -29.02 -104.00 -50.19
C SER SA 39 -29.48 -104.59 -48.87
N GLU SA 40 -29.50 -105.92 -48.79
CA GLU SA 40 -29.82 -106.59 -47.55
C GLU SA 40 -28.66 -106.57 -46.56
N LYS SA 41 -27.47 -106.16 -46.98
CA LYS SA 41 -26.34 -106.16 -46.07
C LYS SA 41 -25.43 -104.95 -46.28
N ILE SA 42 -25.94 -103.85 -46.85
CA ILE SA 42 -25.14 -102.66 -47.09
C ILE SA 42 -25.95 -101.43 -46.71
N LEU SA 43 -25.42 -100.60 -45.82
CA LEU SA 43 -26.03 -99.35 -45.43
C LEU SA 43 -25.23 -98.17 -45.94
N LEU SA 44 -25.73 -96.96 -45.67
CA LEU SA 44 -25.09 -95.73 -46.09
C LEU SA 44 -25.49 -94.63 -45.12
N LEU SA 45 -24.51 -93.84 -44.69
CA LEU SA 45 -24.68 -92.86 -43.63
C LEU SA 45 -24.10 -91.55 -44.12
N CYS SA 46 -24.94 -90.58 -44.47
CA CYS SA 46 -24.50 -89.39 -45.18
C CYS SA 46 -24.66 -88.14 -44.32
N VAL SA 47 -23.64 -87.29 -44.31
CA VAL SA 47 -23.60 -86.05 -43.55
C VAL SA 47 -23.14 -84.94 -44.48
N GLY SA 48 -23.80 -83.79 -44.43
CA GLY SA 48 -23.31 -82.65 -45.16
C GLY SA 48 -24.28 -81.50 -45.21
N GLU SA 49 -24.33 -80.79 -46.33
CA GLU SA 49 -25.22 -79.66 -46.47
C GLU SA 49 -26.61 -80.14 -46.87
N ALA SA 50 -27.48 -79.21 -47.29
CA ALA SA 50 -28.91 -79.49 -47.31
C ALA SA 50 -29.29 -80.39 -48.48
N GLY SA 51 -29.07 -79.94 -49.70
CA GLY SA 51 -29.60 -80.66 -50.84
C GLY SA 51 -28.82 -81.90 -51.24
N ASP SA 52 -27.51 -81.89 -51.00
CA ASP SA 52 -26.66 -82.93 -51.56
C ASP SA 52 -26.74 -84.25 -50.82
N THR SA 53 -27.04 -84.24 -49.52
CA THR SA 53 -27.13 -85.50 -48.78
C THR SA 53 -28.33 -86.31 -49.21
N VAL SA 54 -29.42 -85.64 -49.58
CA VAL SA 54 -30.62 -86.37 -49.98
C VAL SA 54 -30.46 -86.94 -51.38
N GLN SA 55 -30.01 -86.11 -52.32
CA GLN SA 55 -30.12 -86.50 -53.72
C GLN SA 55 -28.95 -87.32 -54.22
N PHE SA 56 -27.74 -87.11 -53.68
CA PHE SA 56 -26.64 -87.98 -54.04
C PHE SA 56 -26.85 -89.38 -53.51
N ALA SA 57 -27.29 -89.49 -52.26
CA ALA SA 57 -27.35 -90.80 -51.62
C ALA SA 57 -28.48 -91.65 -52.17
N GLU SA 58 -29.51 -91.05 -52.74
CA GLU SA 58 -30.52 -91.83 -53.43
C GLU SA 58 -30.20 -92.00 -54.90
N TYR SA 59 -29.28 -91.21 -55.45
CA TYR SA 59 -28.74 -91.52 -56.77
C TYR SA 59 -27.92 -92.80 -56.74
N ILE SA 60 -27.17 -93.02 -55.66
CA ILE SA 60 -26.41 -94.25 -55.52
C ILE SA 60 -27.35 -95.42 -55.29
N GLN SA 61 -28.45 -95.17 -54.57
CA GLN SA 61 -29.39 -96.23 -54.22
C GLN SA 61 -30.08 -96.80 -55.45
N LYS SA 62 -30.34 -95.98 -56.45
CA LYS SA 62 -30.97 -96.50 -57.67
C LYS SA 62 -29.98 -97.19 -58.58
N ASN SA 63 -28.69 -96.97 -58.38
CA ASN SA 63 -27.71 -97.70 -59.18
C ASN SA 63 -27.36 -99.04 -58.57
N VAL SA 64 -27.54 -99.19 -57.26
CA VAL SA 64 -27.26 -100.47 -56.62
C VAL SA 64 -28.44 -101.42 -56.79
N GLN SA 65 -29.66 -100.88 -56.70
CA GLN SA 65 -30.84 -101.68 -56.99
C GLN SA 65 -30.90 -102.11 -58.44
N LEU SA 66 -30.35 -101.30 -59.34
CA LEU SA 66 -30.32 -101.68 -60.74
C LEU SA 66 -29.32 -102.79 -61.00
N TYR SA 67 -28.20 -102.79 -60.28
CA TYR SA 67 -27.18 -103.84 -60.46
C TYR SA 67 -27.71 -105.19 -60.03
N LYS SA 68 -28.59 -105.23 -59.04
CA LYS SA 68 -29.13 -106.49 -58.58
C LYS SA 68 -30.14 -107.05 -59.57
N MET SA 69 -30.89 -106.19 -60.25
CA MET SA 69 -31.89 -106.67 -61.18
C MET SA 69 -31.28 -107.10 -62.50
N ARG SA 70 -30.17 -106.48 -62.90
CA ARG SA 70 -29.55 -106.83 -64.17
C ARG SA 70 -28.77 -108.13 -64.08
N ASN SA 71 -28.42 -108.56 -62.87
CA ASN SA 71 -27.50 -109.67 -62.72
C ASN SA 71 -27.99 -110.78 -61.81
N GLY SA 72 -28.84 -110.48 -60.84
CA GLY SA 72 -29.42 -111.49 -59.97
C GLY SA 72 -28.72 -111.58 -58.62
N TYR SA 73 -27.58 -110.93 -58.47
CA TYR SA 73 -26.83 -110.92 -57.22
C TYR SA 73 -26.46 -109.48 -56.87
N GLU SA 74 -25.97 -109.28 -55.66
CA GLU SA 74 -25.71 -107.95 -55.14
C GLU SA 74 -24.23 -107.58 -55.28
N LEU SA 75 -23.95 -106.31 -55.06
CA LEU SA 75 -22.57 -105.86 -54.98
C LEU SA 75 -21.95 -106.28 -53.65
N SER SA 76 -20.63 -106.42 -53.67
CA SER SA 76 -19.90 -106.55 -52.43
C SER SA 76 -19.86 -105.18 -51.75
N PRO SA 77 -19.68 -105.15 -50.43
CA PRO SA 77 -19.46 -103.85 -49.76
C PRO SA 77 -18.19 -103.16 -50.20
N THR SA 78 -17.19 -103.90 -50.66
CA THR SA 78 -15.99 -103.27 -51.22
C THR SA 78 -16.31 -102.56 -52.54
N ALA SA 79 -17.00 -103.24 -53.45
CA ALA SA 79 -17.32 -102.65 -54.74
C ALA SA 79 -18.36 -101.56 -54.65
N ALA SA 80 -19.33 -101.69 -53.74
CA ALA SA 80 -20.37 -100.67 -53.60
C ALA SA 80 -19.79 -99.38 -53.06
N ALA SA 81 -18.85 -99.47 -52.12
CA ALA SA 81 -18.21 -98.29 -51.60
C ALA SA 81 -17.27 -97.67 -52.61
N ASN SA 82 -16.66 -98.49 -53.46
CA ASN SA 82 -15.69 -97.98 -54.41
C ASN SA 82 -16.36 -97.43 -55.66
N PHE SA 83 -17.62 -97.79 -55.89
CA PHE SA 83 -18.43 -97.13 -56.92
C PHE SA 83 -18.81 -95.72 -56.51
N THR SA 84 -19.00 -95.50 -55.21
CA THR SA 84 -19.34 -94.16 -54.74
C THR SA 84 -18.18 -93.20 -54.88
N ARG SA 85 -16.95 -93.69 -54.65
CA ARG SA 85 -15.77 -92.83 -54.70
C ARG SA 85 -15.52 -92.31 -56.10
N ARG SA 86 -15.88 -93.09 -57.12
CA ARG SA 86 -15.74 -92.62 -58.49
C ARG SA 86 -16.73 -91.51 -58.80
N ASN SA 87 -17.88 -91.50 -58.14
CA ASN SA 87 -18.92 -90.55 -58.49
C ASN SA 87 -18.68 -89.18 -57.86
N LEU SA 88 -18.09 -89.12 -56.68
CA LEU SA 88 -17.71 -87.82 -56.15
C LEU SA 88 -16.52 -87.25 -56.90
N ALA SA 89 -15.53 -88.10 -57.20
CA ALA SA 89 -14.29 -87.64 -57.81
C ALA SA 89 -14.50 -87.13 -59.23
N ASP SA 90 -15.44 -87.73 -59.95
CA ASP SA 90 -15.75 -87.23 -61.28
C ASP SA 90 -16.55 -85.95 -61.22
N CYS SA 91 -17.42 -85.81 -60.23
CA CYS SA 91 -18.24 -84.62 -60.10
C CYS SA 91 -17.56 -83.55 -59.24
N LEU SA 92 -16.30 -83.78 -58.85
CA LEU SA 92 -15.60 -82.83 -58.00
C LEU SA 92 -15.16 -81.61 -58.79
N ARG SA 93 -14.50 -81.82 -59.92
CA ARG SA 93 -14.01 -80.73 -60.77
C ARG SA 93 -15.09 -80.28 -61.74
N SER SA 94 -16.27 -79.97 -61.25
CA SER SA 94 -17.42 -79.67 -62.09
C SER SA 94 -17.98 -78.31 -61.69
N ARG SA 95 -19.08 -77.95 -62.36
CA ARG SA 95 -19.80 -76.74 -62.00
C ARG SA 95 -20.58 -76.91 -60.71
N THR SA 96 -20.88 -78.14 -60.31
CA THR SA 96 -21.64 -78.41 -59.10
C THR SA 96 -21.03 -79.61 -58.39
N PRO SA 97 -20.05 -79.38 -57.52
CA PRO SA 97 -19.54 -80.48 -56.70
C PRO SA 97 -20.44 -80.72 -55.49
N TYR SA 98 -20.65 -81.99 -55.18
CA TYR SA 98 -21.40 -82.37 -53.99
C TYR SA 98 -20.53 -82.21 -52.76
N HIS SA 99 -21.11 -81.70 -51.68
CA HIS SA 99 -20.37 -81.52 -50.44
C HIS SA 99 -21.03 -82.40 -49.37
N VAL SA 100 -20.63 -83.65 -49.33
CA VAL SA 100 -21.17 -84.62 -48.38
C VAL SA 100 -20.02 -85.37 -47.72
N ASN SA 101 -20.24 -85.79 -46.49
CA ASN SA 101 -19.29 -86.62 -45.76
C ASN SA 101 -20.00 -87.89 -45.37
N LEU SA 102 -19.38 -89.03 -45.62
CA LEU SA 102 -20.12 -90.27 -45.43
C LEU SA 102 -19.18 -91.40 -45.04
N LEU SA 103 -19.79 -92.44 -44.49
CA LEU SA 103 -19.09 -93.69 -44.20
C LEU SA 103 -20.05 -94.83 -44.47
N LEU SA 104 -19.56 -95.87 -45.12
CA LEU SA 104 -20.38 -96.96 -45.58
C LEU SA 104 -20.08 -98.22 -44.79
N ALA SA 105 -21.14 -98.97 -44.48
CA ALA SA 105 -21.04 -100.17 -43.67
C ALA SA 105 -21.66 -101.34 -44.41
N GLY SA 106 -20.96 -102.46 -44.42
CA GLY SA 106 -21.43 -103.61 -45.16
C GLY SA 106 -20.91 -104.94 -44.66
N TYR SA 107 -21.69 -105.99 -44.87
CA TYR SA 107 -21.26 -107.36 -44.58
C TYR SA 107 -21.25 -108.17 -45.87
N ASP SA 108 -20.27 -109.07 -45.97
CA ASP SA 108 -20.19 -109.97 -47.11
C ASP SA 108 -19.96 -111.38 -46.59
N GLU SA 109 -20.35 -112.35 -47.42
CA GLU SA 109 -20.17 -113.76 -47.09
C GLU SA 109 -18.77 -114.28 -47.40
N HIS SA 110 -17.91 -113.46 -47.98
CA HIS SA 110 -16.56 -113.88 -48.34
C HIS SA 110 -15.51 -113.26 -47.43
N GLU SA 111 -15.53 -111.94 -47.27
CA GLU SA 111 -14.56 -111.25 -46.43
C GLU SA 111 -15.15 -110.75 -45.13
N GLY SA 112 -16.38 -111.12 -44.81
CA GLY SA 112 -16.98 -110.75 -43.54
C GLY SA 112 -17.40 -109.30 -43.49
N PRO SA 113 -17.38 -108.71 -42.30
CA PRO SA 113 -17.82 -107.33 -42.15
C PRO SA 113 -16.78 -106.35 -42.68
N ALA SA 114 -17.26 -105.17 -43.04
CA ALA SA 114 -16.38 -104.15 -43.60
C ALA SA 114 -16.93 -102.77 -43.28
N LEU SA 115 -16.02 -101.82 -43.08
CA LEU SA 115 -16.37 -100.43 -42.83
C LEU SA 115 -15.46 -99.53 -43.66
N TYR SA 116 -16.04 -98.59 -44.38
CA TYR SA 116 -15.26 -97.65 -45.18
C TYR SA 116 -15.56 -96.23 -44.76
N TYR SA 117 -14.63 -95.34 -45.06
CA TYR SA 117 -14.66 -93.95 -44.62
C TYR SA 117 -14.43 -93.05 -45.81
N MET SA 118 -15.24 -92.00 -45.94
CA MET SA 118 -15.05 -91.01 -46.99
C MET SA 118 -15.28 -89.62 -46.43
N ASP SA 119 -14.99 -88.63 -47.27
CA ASP SA 119 -15.17 -87.23 -46.93
C ASP SA 119 -15.71 -86.51 -48.16
N TYR SA 120 -15.65 -85.18 -48.18
CA TYR SA 120 -16.10 -84.43 -49.33
C TYR SA 120 -15.02 -84.26 -50.38
N LEU SA 121 -13.90 -84.95 -50.21
CA LEU SA 121 -12.89 -85.00 -51.24
C LEU SA 121 -12.68 -86.41 -51.80
N ALA SA 122 -13.51 -87.38 -51.41
CA ALA SA 122 -13.53 -88.74 -51.94
C ALA SA 122 -12.19 -89.45 -51.73
N ALA SA 123 -11.88 -89.69 -50.46
CA ALA SA 123 -10.74 -90.50 -50.07
C ALA SA 123 -11.26 -91.69 -49.27
N LEU SA 124 -10.98 -92.90 -49.75
CA LEU SA 124 -11.42 -94.09 -49.05
C LEU SA 124 -10.48 -94.44 -47.90
N ALA SA 125 -11.03 -95.15 -46.93
CA ALA SA 125 -10.25 -95.64 -45.79
C ALA SA 125 -10.97 -96.84 -45.21
N LYS SA 126 -10.33 -97.99 -45.24
CA LYS SA 126 -10.83 -99.19 -44.57
C LYS SA 126 -10.49 -99.06 -43.10
N ALA SA 127 -11.50 -98.82 -42.26
CA ALA SA 127 -11.19 -98.50 -40.87
C ALA SA 127 -11.91 -99.44 -39.92
N PRO SA 128 -11.34 -99.72 -38.75
CA PRO SA 128 -12.09 -100.49 -37.74
C PRO SA 128 -13.13 -99.68 -37.00
N PHE SA 129 -12.99 -98.36 -36.93
CA PHE SA 129 -13.98 -97.48 -36.34
C PHE SA 129 -13.73 -96.07 -36.84
N ALA SA 130 -14.81 -95.31 -37.02
CA ALA SA 130 -14.69 -93.96 -37.54
C ALA SA 130 -15.89 -93.15 -37.09
N ALA SA 131 -15.82 -91.85 -37.34
CA ALA SA 131 -16.88 -90.93 -36.94
C ALA SA 131 -16.76 -89.64 -37.74
N HIS SA 132 -17.89 -88.99 -37.95
CA HIS SA 132 -17.96 -87.67 -38.56
C HIS SA 132 -18.57 -86.65 -37.61
N GLY SA 133 -18.57 -85.40 -38.05
CA GLY SA 133 -19.13 -84.32 -37.26
C GLY SA 133 -18.14 -83.78 -36.24
N TYR SA 134 -18.58 -82.76 -35.53
CA TYR SA 134 -17.73 -82.21 -34.47
C TYR SA 134 -17.67 -83.11 -33.25
N GLY SA 135 -18.61 -84.04 -33.10
CA GLY SA 135 -18.53 -85.00 -32.02
C GLY SA 135 -17.42 -86.01 -32.17
N ALA SA 136 -16.87 -86.14 -33.38
CA ALA SA 136 -15.75 -87.05 -33.61
C ALA SA 136 -14.50 -86.61 -32.86
N PHE SA 137 -14.34 -85.31 -32.65
CA PHE SA 137 -13.22 -84.83 -31.84
C PHE SA 137 -13.34 -85.23 -30.39
N LEU SA 138 -14.56 -85.32 -29.87
CA LEU SA 138 -14.76 -85.70 -28.48
C LEU SA 138 -14.68 -87.20 -28.28
N THR SA 139 -15.13 -87.97 -29.25
CA THR SA 139 -15.49 -89.36 -29.01
C THR SA 139 -14.53 -90.39 -29.59
N LEU SA 140 -13.57 -89.98 -30.42
CA LEU SA 140 -12.59 -90.95 -30.90
C LEU SA 140 -11.63 -91.38 -29.82
N SER SA 141 -11.38 -90.53 -28.83
CA SER SA 141 -10.42 -90.87 -27.79
C SER SA 141 -10.96 -91.86 -26.79
N ILE SA 142 -12.27 -91.87 -26.54
CA ILE SA 142 -12.84 -92.95 -25.74
C ILE SA 142 -12.78 -94.25 -26.52
N LEU SA 143 -12.91 -94.16 -27.84
CA LEU SA 143 -13.17 -95.36 -28.61
C LEU SA 143 -11.90 -96.17 -28.84
N ASP SA 144 -10.77 -95.52 -29.09
CA ASP SA 144 -9.52 -96.27 -29.16
C ASP SA 144 -8.93 -96.56 -27.78
N ARG SA 145 -9.45 -95.93 -26.74
CA ARG SA 145 -9.11 -96.30 -25.37
C ARG SA 145 -9.56 -97.73 -25.05
N TYR SA 146 -10.73 -98.12 -25.55
CA TYR SA 146 -11.41 -99.32 -25.12
C TYR SA 146 -11.67 -100.33 -26.24
N TYR SA 147 -11.05 -100.15 -27.40
CA TYR SA 147 -11.34 -101.04 -28.51
C TYR SA 147 -10.45 -102.27 -28.47
N THR SA 148 -11.07 -103.43 -28.59
CA THR SA 148 -10.44 -104.71 -28.82
C THR SA 148 -10.92 -105.22 -30.16
N PRO SA 149 -10.02 -105.76 -31.00
CA PRO SA 149 -10.48 -106.37 -32.25
C PRO SA 149 -11.42 -107.55 -32.05
N THR SA 150 -11.28 -108.27 -30.94
CA THR SA 150 -12.22 -109.32 -30.57
C THR SA 150 -13.12 -108.77 -29.47
N ILE SA 151 -14.15 -108.04 -29.88
CA ILE SA 151 -15.13 -107.48 -28.97
C ILE SA 151 -16.50 -108.07 -29.29
N SER SA 152 -17.22 -108.47 -28.24
CA SER SA 152 -18.53 -109.05 -28.48
C SER SA 152 -19.55 -107.94 -28.65
N ARG SA 153 -20.65 -108.28 -29.33
CA ARG SA 153 -21.62 -107.26 -29.69
C ARG SA 153 -22.45 -106.78 -28.52
N GLU SA 154 -22.45 -107.51 -27.40
CA GLU SA 154 -23.19 -107.03 -26.23
C GLU SA 154 -22.44 -105.90 -25.55
N ARG SA 155 -21.13 -106.08 -25.36
CA ARG SA 155 -20.33 -105.02 -24.79
C ARG SA 155 -19.96 -103.93 -25.79
N ALA SA 156 -20.13 -104.19 -27.09
CA ALA SA 156 -19.95 -103.13 -28.06
C ALA SA 156 -21.08 -102.11 -28.00
N VAL SA 157 -22.27 -102.54 -27.58
CA VAL SA 157 -23.37 -101.60 -27.41
C VAL SA 157 -23.13 -100.70 -26.21
N GLU SA 158 -22.68 -101.28 -25.09
CA GLU SA 158 -22.43 -100.45 -23.92
C GLU SA 158 -21.16 -99.62 -24.07
N LEU SA 159 -20.26 -99.99 -24.98
CA LEU SA 159 -19.20 -99.07 -25.36
C LEU SA 159 -19.76 -97.87 -26.11
N LEU SA 160 -20.73 -98.11 -26.97
CA LEU SA 160 -21.44 -97.01 -27.64
C LEU SA 160 -22.27 -96.21 -26.65
N ARG SA 161 -22.81 -96.85 -25.62
CA ARG SA 161 -23.49 -96.13 -24.55
C ARG SA 161 -22.54 -95.19 -23.82
N LYS SA 162 -21.34 -95.67 -23.54
CA LYS SA 162 -20.33 -94.83 -22.90
C LYS SA 162 -19.83 -93.74 -23.83
N CYS SA 163 -19.81 -94.01 -25.12
CA CYS SA 163 -19.27 -93.06 -26.08
C CYS SA 163 -20.23 -91.92 -26.35
N LEU SA 164 -21.51 -92.07 -26.00
CA LEU SA 164 -22.51 -91.03 -26.22
C LEU SA 164 -22.83 -90.25 -24.96
N GLU SA 165 -22.62 -90.83 -23.78
CA GLU SA 165 -22.87 -90.10 -22.54
C GLU SA 165 -21.87 -88.97 -22.35
N GLU SA 166 -20.64 -89.16 -22.82
CA GLU SA 166 -19.66 -88.09 -22.77
C GLU SA 166 -20.01 -86.99 -23.77
N LEU SA 167 -20.73 -87.34 -24.83
CA LEU SA 167 -21.12 -86.36 -25.83
C LEU SA 167 -22.23 -85.46 -25.30
N GLN SA 168 -22.96 -85.89 -24.28
CA GLN SA 168 -23.94 -85.03 -23.64
C GLN SA 168 -23.42 -84.43 -22.35
N LYS SA 169 -22.10 -84.37 -22.19
CA LYS SA 169 -21.50 -83.70 -21.05
C LYS SA 169 -20.66 -82.50 -21.47
N ARG SA 170 -19.84 -82.63 -22.50
CA ARG SA 170 -18.94 -81.56 -22.91
C ARG SA 170 -19.08 -81.28 -24.38
N PHE SA 171 -20.31 -81.13 -24.86
CA PHE SA 171 -20.53 -80.73 -26.23
C PHE SA 171 -21.75 -79.82 -26.26
N ILE SA 172 -21.61 -78.67 -26.88
CA ILE SA 172 -22.58 -77.60 -26.69
C ILE SA 172 -23.87 -77.80 -27.45
N LEU SA 173 -23.93 -78.74 -28.39
CA LEU SA 173 -25.18 -78.96 -29.08
C LEU SA 173 -26.10 -79.85 -28.25
N ASN SA 174 -27.34 -79.99 -28.72
CA ASN SA 174 -28.36 -80.63 -27.89
C ASN SA 174 -28.27 -82.15 -27.98
N LEU SA 175 -28.58 -82.70 -29.17
CA LEU SA 175 -28.50 -84.11 -29.58
C LEU SA 175 -29.05 -85.10 -28.56
N PRO SA 176 -30.36 -85.20 -28.35
CA PRO SA 176 -30.87 -86.08 -27.30
C PRO SA 176 -30.96 -87.56 -27.67
N THR SA 177 -31.29 -87.88 -28.92
CA THR SA 177 -31.67 -89.22 -29.31
C THR SA 177 -30.70 -89.78 -30.34
N PHE SA 178 -30.59 -91.12 -30.38
CA PHE SA 178 -29.68 -91.78 -31.30
C PHE SA 178 -30.26 -93.10 -31.78
N SER SA 179 -30.33 -93.27 -33.09
CA SER SA 179 -30.84 -94.49 -33.70
C SER SA 179 -29.70 -95.44 -34.04
N VAL SA 180 -29.88 -96.72 -33.74
CA VAL SA 180 -28.81 -97.71 -33.79
C VAL SA 180 -29.21 -98.86 -34.71
N ARG SA 181 -28.30 -99.27 -35.60
CA ARG SA 181 -28.44 -100.47 -36.40
C ARG SA 181 -27.38 -101.48 -36.02
N ILE SA 182 -27.50 -102.67 -36.59
CA ILE SA 182 -26.48 -103.72 -36.52
C ILE SA 182 -26.60 -104.58 -37.76
N ILE SA 183 -25.46 -104.97 -38.34
CA ILE SA 183 -25.40 -105.72 -39.59
C ILE SA 183 -24.66 -107.02 -39.30
N ASP SA 184 -25.21 -108.13 -39.78
CA ASP SA 184 -24.57 -109.43 -39.56
C ASP SA 184 -24.89 -110.32 -40.76
N LYS SA 185 -24.69 -111.63 -40.59
CA LYS SA 185 -25.01 -112.59 -41.64
C LYS SA 185 -26.50 -112.65 -41.94
N ASN SA 186 -27.35 -112.29 -40.99
CA ASN SA 186 -28.79 -112.29 -41.18
C ASN SA 186 -29.31 -110.97 -41.73
N GLY SA 187 -28.43 -110.00 -41.97
CA GLY SA 187 -28.85 -108.77 -42.59
C GLY SA 187 -28.96 -107.59 -41.65
N ILE SA 188 -29.80 -106.63 -41.98
CA ILE SA 188 -29.95 -105.44 -41.16
C ILE SA 188 -30.87 -105.78 -39.99
N HIS SA 189 -30.51 -105.30 -38.80
CA HIS SA 189 -31.40 -105.42 -37.65
C HIS SA 189 -31.46 -104.10 -36.92
N ASP SA 190 -32.67 -103.69 -36.56
CA ASP SA 190 -32.88 -102.48 -35.81
C ASP SA 190 -32.66 -102.77 -34.34
N LEU SA 191 -31.86 -101.95 -33.69
CA LEU SA 191 -31.69 -102.03 -32.26
C LEU SA 191 -32.52 -100.95 -31.59
N ASP SA 192 -32.33 -100.79 -30.29
CA ASP SA 192 -33.12 -99.83 -29.53
C ASP SA 192 -32.68 -98.40 -29.84
N ASN SA 193 -33.67 -97.55 -30.06
CA ASN SA 193 -33.44 -96.14 -30.31
C ASN SA 193 -33.02 -95.48 -29.00
N ILE SA 194 -31.73 -95.56 -28.66
CA ILE SA 194 -31.28 -95.13 -27.34
C ILE SA 194 -31.29 -93.60 -27.27
N SER SA 195 -31.61 -93.09 -26.09
CA SER SA 195 -31.86 -91.67 -25.92
C SER SA 195 -31.71 -91.34 -24.45
N PHE SA 196 -31.86 -90.05 -24.13
CA PHE SA 196 -31.68 -89.55 -22.79
C PHE SA 196 -32.85 -88.63 -22.48
N PRO SA 197 -33.64 -88.94 -21.45
CA PRO SA 197 -34.89 -88.19 -21.21
C PRO SA 197 -34.60 -86.78 -20.70
N LYS SA 198 -35.03 -85.79 -21.47
CA LYS SA 198 -34.84 -84.39 -21.11
C LYS SA 198 -35.95 -83.84 -20.23
N GLN SA 199 -36.82 -84.69 -19.70
CA GLN SA 199 -37.90 -84.24 -18.83
C GLN SA 199 -37.37 -83.88 -17.43
N THR TA 59 -43.22 -61.83 -42.15
CA THR TA 59 -43.78 -63.01 -42.79
C THR TA 59 -43.79 -64.17 -41.81
N THR TA 60 -44.95 -64.78 -41.61
CA THR TA 60 -45.07 -65.89 -40.67
C THR TA 60 -46.14 -66.85 -41.16
N THR TA 61 -45.75 -68.07 -41.46
CA THR TA 61 -46.68 -69.14 -41.82
C THR TA 61 -46.48 -70.29 -40.85
N LEU TA 62 -47.53 -71.08 -40.66
CA LEU TA 62 -47.40 -72.29 -39.87
C LEU TA 62 -48.35 -73.33 -40.39
N ALA TA 63 -48.08 -74.58 -40.02
CA ALA TA 63 -48.92 -75.70 -40.41
C ALA TA 63 -48.70 -76.83 -39.42
N PHE TA 64 -49.79 -77.49 -39.04
CA PHE TA 64 -49.69 -78.65 -38.17
C PHE TA 64 -50.81 -79.62 -38.52
N LYS TA 65 -50.53 -80.90 -38.42
CA LYS TA 65 -51.52 -81.93 -38.66
C LYS TA 65 -51.93 -82.58 -37.36
N PHE TA 66 -53.18 -83.05 -37.31
CA PHE TA 66 -53.75 -83.63 -36.12
C PHE TA 66 -54.76 -84.67 -36.58
N ARG TA 67 -55.67 -85.05 -35.68
CA ARG TA 67 -56.65 -86.09 -35.99
C ARG TA 67 -57.59 -85.67 -37.12
N HIS TA 68 -58.09 -84.44 -37.10
CA HIS TA 68 -59.01 -83.96 -38.12
C HIS TA 68 -58.29 -83.08 -39.13
N GLY TA 69 -57.34 -83.69 -39.85
CA GLY TA 69 -56.73 -82.99 -40.97
C GLY TA 69 -55.61 -82.04 -40.58
N VAL TA 70 -55.38 -81.06 -41.44
CA VAL TA 70 -54.25 -80.14 -41.36
C VAL TA 70 -54.77 -78.73 -41.33
N ILE TA 71 -54.18 -77.89 -40.47
CA ILE TA 71 -54.54 -76.48 -40.35
C ILE TA 71 -53.38 -75.64 -40.85
N VAL TA 72 -53.68 -74.71 -41.76
CA VAL TA 72 -52.69 -73.80 -42.35
C VAL TA 72 -53.11 -72.37 -42.04
N ALA TA 73 -52.17 -71.56 -41.57
CA ALA TA 73 -52.43 -70.16 -41.29
C ALA TA 73 -51.23 -69.31 -41.68
N ALA TA 74 -51.50 -68.04 -41.99
CA ALA TA 74 -50.45 -67.11 -42.39
C ALA TA 74 -50.94 -65.68 -42.18
N ASP TA 75 -49.98 -64.76 -42.24
CA ASP TA 75 -50.27 -63.33 -42.20
C ASP TA 75 -50.51 -62.82 -43.62
N SER TA 76 -50.48 -61.50 -43.79
CA SER TA 76 -50.70 -60.96 -45.13
C SER TA 76 -49.86 -59.71 -45.43
N ARG TA 77 -48.82 -59.44 -44.65
CA ARG TA 77 -48.01 -58.26 -44.87
C ARG TA 77 -46.82 -58.57 -45.75
N ALA TA 78 -46.62 -57.79 -46.81
CA ALA TA 78 -45.45 -57.90 -47.66
C ALA TA 78 -44.77 -56.53 -47.70
N THR TA 79 -43.52 -56.48 -47.25
CA THR TA 79 -42.78 -55.25 -47.12
C THR TA 79 -41.74 -55.13 -48.23
N ALA TA 80 -41.18 -53.93 -48.35
CA ALA TA 80 -40.11 -53.63 -49.31
C ALA TA 80 -39.14 -52.71 -48.58
N GLY TA 81 -38.07 -53.30 -48.03
CA GLY TA 81 -37.20 -52.57 -47.14
C GLY TA 81 -37.91 -52.28 -45.84
N ALA TA 82 -37.97 -51.02 -45.45
CA ALA TA 82 -38.80 -50.59 -44.33
C ALA TA 82 -40.18 -50.14 -44.78
N TYR TA 83 -40.37 -49.91 -46.07
CA TYR TA 83 -41.66 -49.54 -46.61
C TYR TA 83 -42.54 -50.76 -46.76
N ILE TA 84 -43.77 -50.66 -46.26
CA ILE TA 84 -44.75 -51.73 -46.43
C ILE TA 84 -45.40 -51.55 -47.79
N ALA TA 85 -45.27 -52.56 -48.65
CA ALA TA 85 -45.91 -52.50 -49.95
C ALA TA 85 -47.40 -52.73 -49.84
N SER TA 86 -47.81 -53.87 -49.30
CA SER TA 86 -49.22 -54.22 -49.25
C SER TA 86 -49.53 -54.92 -47.93
N GLN TA 87 -50.82 -54.89 -47.58
CA GLN TA 87 -51.33 -55.54 -46.40
C GLN TA 87 -52.24 -56.72 -46.70
N THR TA 88 -52.55 -56.97 -47.97
CA THR TA 88 -53.55 -57.97 -48.37
C THR TA 88 -52.93 -58.98 -49.33
N VAL TA 89 -51.75 -59.48 -49.00
CA VAL TA 89 -51.07 -60.45 -49.84
C VAL TA 89 -51.44 -61.85 -49.36
N LYS TA 90 -52.02 -62.65 -50.25
CA LYS TA 90 -52.43 -64.01 -49.92
C LYS TA 90 -51.22 -64.92 -50.00
N LYS TA 91 -50.70 -65.33 -48.85
CA LYS TA 91 -49.49 -66.13 -48.80
C LYS TA 91 -49.75 -67.62 -48.80
N VAL TA 92 -51.01 -68.05 -48.87
CA VAL TA 92 -51.35 -69.46 -48.93
C VAL TA 92 -52.05 -69.66 -50.27
N ILE TA 93 -51.30 -70.06 -51.28
CA ILE TA 93 -51.87 -70.16 -52.61
C ILE TA 93 -52.40 -71.57 -52.82
N GLU TA 94 -53.34 -71.67 -53.73
CA GLU TA 94 -54.20 -72.84 -53.87
C GLU TA 94 -53.76 -73.59 -55.11
N ILE TA 95 -52.99 -74.66 -54.90
CA ILE TA 95 -52.45 -75.42 -56.02
C ILE TA 95 -53.57 -76.20 -56.71
N ASN TA 96 -54.39 -76.87 -55.93
CA ASN TA 96 -55.44 -77.76 -56.41
C ASN TA 96 -56.65 -77.60 -55.49
N PRO TA 97 -57.76 -78.27 -55.81
CA PRO TA 97 -58.77 -78.51 -54.77
C PRO TA 97 -58.35 -79.50 -53.70
N TYR TA 98 -57.16 -80.06 -53.77
CA TYR TA 98 -56.72 -81.07 -52.80
C TYR TA 98 -55.28 -80.85 -52.33
N LEU TA 99 -54.64 -79.75 -52.72
CA LEU TA 99 -53.30 -79.42 -52.25
C LEU TA 99 -53.23 -77.93 -51.94
N LEU TA 100 -52.38 -77.59 -50.99
CA LEU TA 100 -52.12 -76.19 -50.66
C LEU TA 100 -50.63 -75.96 -50.55
N GLY TA 101 -50.21 -74.73 -50.80
CA GLY TA 101 -48.82 -74.36 -50.69
C GLY TA 101 -48.66 -72.97 -50.10
N THR TA 102 -47.63 -72.79 -49.30
CA THR TA 102 -47.37 -71.51 -48.64
C THR TA 102 -46.30 -70.72 -49.39
N MET TA 103 -46.12 -69.49 -48.95
CA MET TA 103 -45.24 -68.52 -49.60
C MET TA 103 -44.34 -67.91 -48.55
N ALA TA 104 -43.03 -68.09 -48.71
CA ALA TA 104 -42.07 -67.55 -47.75
C ALA TA 104 -40.75 -67.34 -48.45
N GLY TA 105 -40.15 -66.17 -48.26
CA GLY TA 105 -38.94 -65.83 -48.96
C GLY TA 105 -39.21 -65.03 -50.21
N GLY TA 106 -38.94 -65.62 -51.38
CA GLY TA 106 -39.22 -64.94 -52.63
C GLY TA 106 -40.70 -64.94 -52.92
N ALA TA 107 -41.29 -63.75 -53.08
CA ALA TA 107 -42.72 -63.67 -53.35
C ALA TA 107 -43.04 -64.15 -54.75
N ALA TA 108 -42.21 -63.80 -55.73
CA ALA TA 108 -42.41 -64.29 -57.09
C ALA TA 108 -41.78 -65.65 -57.31
N ASP TA 109 -40.77 -66.01 -56.53
CA ASP TA 109 -40.18 -67.34 -56.64
C ASP TA 109 -41.12 -68.41 -56.13
N CYS TA 110 -41.88 -68.14 -55.09
CA CYS TA 110 -42.86 -69.10 -54.64
C CYS TA 110 -44.12 -69.07 -55.48
N SER TA 111 -44.41 -67.95 -56.14
CA SER TA 111 -45.61 -67.88 -56.95
C SER TA 111 -45.43 -68.59 -58.28
N PHE TA 112 -44.22 -68.55 -58.84
CA PHE TA 112 -43.97 -69.18 -60.12
C PHE TA 112 -43.90 -70.70 -60.00
N TRP TA 113 -42.99 -71.19 -59.17
CA TRP TA 113 -42.66 -72.61 -59.15
C TRP TA 113 -43.77 -73.46 -58.56
N GLU TA 114 -44.71 -72.87 -57.85
CA GLU TA 114 -45.88 -73.62 -57.42
C GLU TA 114 -47.03 -73.55 -58.42
N ARG TA 115 -47.10 -72.50 -59.21
CA ARG TA 115 -48.01 -72.53 -60.35
C ARG TA 115 -47.49 -73.49 -61.41
N LEU TA 116 -46.18 -73.61 -61.54
CA LEU TA 116 -45.60 -74.61 -62.42
C LEU TA 116 -45.82 -76.02 -61.89
N LEU TA 117 -45.92 -76.17 -60.56
CA LEU TA 117 -46.22 -77.47 -59.99
C LEU TA 117 -47.67 -77.87 -60.25
N ALA TA 118 -48.58 -76.91 -60.23
CA ALA TA 118 -49.99 -77.19 -60.50
C ALA TA 118 -50.21 -77.62 -61.93
N ARG TA 119 -49.40 -77.11 -62.85
CA ARG TA 119 -49.40 -77.61 -64.22
C ARG TA 119 -48.98 -79.08 -64.25
N GLN TA 120 -47.96 -79.41 -63.47
CA GLN TA 120 -47.37 -80.75 -63.56
C GLN TA 120 -48.27 -81.80 -62.91
N CYS TA 121 -48.97 -81.42 -61.84
CA CYS TA 121 -49.89 -82.35 -61.18
C CYS TA 121 -51.13 -82.62 -62.02
N ARG TA 122 -51.52 -81.69 -62.88
CA ARG TA 122 -52.69 -81.92 -63.71
C ARG TA 122 -52.39 -82.92 -64.82
N ILE TA 123 -51.18 -82.88 -65.37
CA ILE TA 123 -50.80 -83.82 -66.42
C ILE TA 123 -50.67 -85.24 -65.84
N TYR TA 124 -50.29 -85.34 -64.57
CA TYR TA 124 -50.22 -86.64 -63.91
C TYR TA 124 -51.60 -87.26 -63.77
N GLU TA 125 -52.63 -86.44 -63.53
CA GLU TA 125 -53.97 -86.96 -63.33
C GLU TA 125 -54.58 -87.39 -64.65
N LEU TA 126 -54.28 -86.68 -65.73
CA LEU TA 126 -54.84 -87.05 -67.02
C LEU TA 126 -54.24 -88.30 -67.60
N ARG TA 127 -53.02 -88.65 -67.20
CA ARG TA 127 -52.38 -89.85 -67.72
C ARG TA 127 -52.72 -91.07 -66.88
N ASN TA 128 -52.63 -90.94 -65.56
CA ASN TA 128 -52.75 -92.07 -64.66
C ASN TA 128 -54.16 -92.30 -64.15
N LYS TA 129 -55.05 -91.31 -64.32
CA LYS TA 129 -56.45 -91.36 -63.91
C LYS TA 129 -56.63 -91.51 -62.40
N GLU TA 130 -55.64 -91.09 -61.63
CA GLU TA 130 -55.84 -90.79 -60.22
C GLU TA 130 -54.93 -89.63 -59.84
N ARG TA 131 -55.19 -89.05 -58.68
CA ARG TA 131 -54.49 -87.86 -58.25
C ARG TA 131 -53.15 -88.23 -57.63
N ILE TA 132 -52.23 -87.27 -57.66
CA ILE TA 132 -50.88 -87.50 -57.17
C ILE TA 132 -50.89 -87.51 -55.64
N SER TA 133 -49.96 -88.26 -55.05
CA SER TA 133 -49.83 -88.24 -53.60
C SER TA 133 -49.08 -86.98 -53.17
N VAL TA 134 -49.13 -86.72 -51.86
CA VAL TA 134 -48.48 -85.55 -51.31
C VAL TA 134 -46.97 -85.70 -51.33
N ALA TA 135 -46.48 -86.91 -51.04
CA ALA TA 135 -45.03 -87.14 -51.02
C ALA TA 135 -44.44 -87.07 -52.42
N ALA TA 136 -45.20 -87.50 -53.42
CA ALA TA 136 -44.72 -87.40 -54.79
C ALA TA 136 -44.76 -85.97 -55.28
N ALA TA 137 -45.72 -85.17 -54.81
CA ALA TA 137 -45.81 -83.79 -55.26
C ALA TA 137 -44.69 -82.95 -54.69
N SER TA 138 -44.30 -83.20 -53.44
CA SER TA 138 -43.18 -82.47 -52.85
C SER TA 138 -41.86 -82.84 -53.52
N LYS TA 139 -41.75 -84.09 -53.98
CA LYS TA 139 -40.51 -84.55 -54.59
C LYS TA 139 -40.29 -83.90 -55.95
N LEU TA 140 -41.38 -83.66 -56.68
CA LEU TA 140 -41.25 -82.96 -57.97
C LEU TA 140 -40.83 -81.52 -57.78
N LEU TA 141 -41.32 -80.88 -56.72
CA LEU TA 141 -40.95 -79.50 -56.46
C LEU TA 141 -39.50 -79.38 -56.03
N ALA TA 142 -39.02 -80.34 -55.22
CA ALA TA 142 -37.66 -80.27 -54.74
C ALA TA 142 -36.64 -80.52 -55.85
N ASN TA 143 -37.03 -81.23 -56.89
CA ASN TA 143 -36.10 -81.49 -57.98
C ASN TA 143 -36.01 -80.33 -58.95
N MET TA 144 -37.11 -79.61 -59.16
CA MET TA 144 -37.09 -78.48 -60.08
C MET TA 144 -36.29 -77.32 -59.51
N VAL TA 145 -36.32 -77.15 -58.20
CA VAL TA 145 -35.61 -76.04 -57.58
C VAL TA 145 -34.12 -76.32 -57.51
N TYR TA 146 -33.74 -77.60 -57.39
CA TYR TA 146 -32.35 -77.99 -57.20
C TYR TA 146 -31.48 -77.66 -58.40
N GLN TA 147 -32.05 -77.62 -59.60
CA GLN TA 147 -31.25 -77.35 -60.79
C GLN TA 147 -30.81 -75.90 -60.90
N TYR TA 148 -31.29 -75.02 -60.03
CA TYR TA 148 -30.87 -73.64 -59.95
C TYR TA 148 -30.23 -73.37 -58.60
N LYS TA 149 -29.53 -74.36 -58.07
CA LYS TA 149 -28.88 -74.21 -56.77
C LYS TA 149 -27.66 -73.32 -56.91
N GLY TA 150 -27.51 -72.37 -56.00
CA GLY TA 150 -26.43 -71.43 -56.03
C GLY TA 150 -26.70 -70.18 -56.83
N MET TA 151 -27.71 -70.21 -57.71
CA MET TA 151 -28.05 -69.04 -58.50
C MET TA 151 -28.90 -68.04 -57.73
N GLY TA 152 -29.33 -68.36 -56.51
CA GLY TA 152 -29.96 -67.37 -55.66
C GLY TA 152 -31.47 -67.36 -55.69
N LEU TA 153 -32.09 -68.52 -55.52
CA LEU TA 153 -33.54 -68.56 -55.36
C LEU TA 153 -33.89 -68.58 -53.88
N SER TA 154 -34.91 -67.82 -53.51
CA SER TA 154 -35.39 -67.76 -52.14
C SER TA 154 -36.75 -68.45 -52.08
N MET TA 155 -36.81 -69.58 -51.39
CA MET TA 155 -38.04 -70.37 -51.36
C MET TA 155 -38.01 -71.29 -50.15
N GLY TA 156 -39.03 -71.20 -49.31
CA GLY TA 156 -39.09 -71.97 -48.09
C GLY TA 156 -40.44 -72.58 -47.82
N THR TA 157 -41.13 -73.00 -48.88
CA THR TA 157 -42.55 -73.29 -48.79
C THR TA 157 -42.84 -74.60 -48.06
N MET TA 158 -44.13 -74.84 -47.87
CA MET TA 158 -44.66 -76.08 -47.30
C MET TA 158 -45.73 -76.62 -48.21
N ILE TA 159 -45.90 -77.94 -48.19
CA ILE TA 159 -46.88 -78.62 -49.02
C ILE TA 159 -47.84 -79.39 -48.12
N CYS TA 160 -49.13 -79.14 -48.29
CA CYS TA 160 -50.14 -79.76 -47.45
C CYS TA 160 -51.16 -80.47 -48.33
N GLY TA 161 -51.85 -81.43 -47.76
CA GLY TA 161 -52.88 -82.12 -48.50
C GLY TA 161 -53.20 -83.49 -47.93
N TRP TA 162 -54.42 -83.93 -48.16
CA TRP TA 162 -54.81 -85.27 -47.79
C TRP TA 162 -54.27 -86.27 -48.80
N ASP TA 163 -53.96 -87.47 -48.32
CA ASP TA 163 -53.33 -88.49 -49.13
C ASP TA 163 -54.02 -89.82 -48.84
N LYS TA 164 -53.68 -90.85 -49.62
CA LYS TA 164 -54.15 -92.19 -49.36
C LYS TA 164 -53.61 -92.75 -48.05
N ARG TA 165 -52.50 -92.23 -47.57
CA ARG TA 165 -51.95 -92.58 -46.26
C ARG TA 165 -52.46 -91.67 -45.16
N GLY TA 166 -53.42 -90.81 -45.45
CA GLY TA 166 -53.98 -89.91 -44.48
C GLY TA 166 -53.55 -88.48 -44.73
N PRO TA 167 -53.31 -87.72 -43.65
CA PRO TA 167 -52.80 -86.36 -43.83
C PRO TA 167 -51.37 -86.35 -44.34
N GLY TA 168 -50.98 -85.25 -44.92
CA GLY TA 168 -49.62 -85.08 -45.41
C GLY TA 168 -49.12 -83.67 -45.20
N LEU TA 169 -47.89 -83.57 -44.71
CA LEU TA 169 -47.28 -82.27 -44.43
C LEU TA 169 -45.79 -82.36 -44.71
N TYR TA 170 -45.31 -81.57 -45.65
CA TYR TA 170 -43.91 -81.58 -46.05
C TYR TA 170 -43.38 -80.17 -46.10
N TYR TA 171 -42.05 -80.07 -46.10
CA TYR TA 171 -41.35 -78.80 -46.05
C TYR TA 171 -40.26 -78.78 -47.09
N VAL TA 172 -40.30 -77.82 -48.00
CA VAL TA 172 -39.37 -77.72 -49.11
C VAL TA 172 -38.65 -76.39 -49.04
N ASP TA 173 -37.32 -76.44 -48.98
CA ASP TA 173 -36.46 -75.28 -49.07
C ASP TA 173 -35.96 -75.07 -50.48
N SER TA 174 -35.38 -73.89 -50.72
CA SER TA 174 -34.71 -73.64 -51.97
C SER TA 174 -33.32 -74.26 -52.02
N GLU TA 175 -32.77 -74.64 -50.86
CA GLU TA 175 -31.47 -75.29 -50.83
C GLU TA 175 -31.56 -76.77 -51.14
N GLY TA 176 -32.72 -77.39 -50.89
CA GLY TA 176 -32.88 -78.79 -51.23
C GLY TA 176 -33.33 -79.63 -50.05
N ASN TA 177 -33.78 -78.99 -48.99
CA ASN TA 177 -34.34 -79.72 -47.87
C ASN TA 177 -35.74 -80.23 -48.21
N ARG TA 178 -35.98 -81.49 -47.89
CA ARG TA 178 -37.31 -82.09 -48.05
C ARG TA 178 -37.52 -82.99 -46.84
N ILE TA 179 -38.32 -82.52 -45.90
CA ILE TA 179 -38.61 -83.26 -44.68
C ILE TA 179 -40.11 -83.30 -44.45
N SER TA 180 -40.57 -84.40 -43.86
CA SER TA 180 -41.91 -84.51 -43.33
C SER TA 180 -41.91 -84.08 -41.87
N GLY TA 181 -43.06 -84.16 -41.24
CA GLY TA 181 -43.15 -83.83 -39.83
C GLY TA 181 -44.58 -83.58 -39.43
N ALA TA 182 -44.75 -83.19 -38.17
CA ALA TA 182 -46.05 -82.94 -37.59
C ALA TA 182 -46.39 -81.45 -37.50
N THR TA 183 -45.46 -80.62 -37.07
CA THR TA 183 -45.66 -79.19 -36.96
C THR TA 183 -44.54 -78.46 -37.68
N PHE TA 184 -44.87 -77.33 -38.30
CA PHE TA 184 -43.86 -76.50 -38.93
C PHE TA 184 -44.24 -75.04 -38.79
N SER TA 185 -43.23 -74.17 -38.92
CA SER TA 185 -43.43 -72.73 -38.87
C SER TA 185 -42.32 -72.07 -39.66
N VAL TA 186 -42.69 -71.30 -40.68
CA VAL TA 186 -41.73 -70.73 -41.62
C VAL TA 186 -41.91 -69.22 -41.63
N GLY TA 187 -40.81 -68.49 -41.64
CA GLY TA 187 -40.86 -67.06 -41.86
C GLY TA 187 -39.86 -66.33 -40.99
N SER TA 188 -39.86 -65.00 -41.14
CA SER TA 188 -39.04 -64.15 -40.29
C SER TA 188 -39.49 -64.18 -38.85
N GLY TA 189 -40.80 -64.30 -38.61
CA GLY TA 189 -41.31 -64.37 -37.26
C GLY TA 189 -41.74 -65.77 -36.89
N SER TA 190 -41.08 -66.76 -37.48
CA SER TA 190 -41.44 -68.15 -37.24
C SER TA 190 -41.07 -68.60 -35.84
N VAL TA 191 -39.97 -68.10 -35.31
CA VAL TA 191 -39.54 -68.49 -33.97
C VAL TA 191 -40.48 -67.94 -32.91
N TYR TA 192 -41.21 -66.88 -33.23
CA TYR TA 192 -42.25 -66.39 -32.34
C TYR TA 192 -43.49 -67.26 -32.41
N ALA TA 193 -43.63 -68.06 -33.46
CA ALA TA 193 -44.79 -68.91 -33.58
C ALA TA 193 -44.59 -70.27 -32.94
N TYR TA 194 -43.34 -70.74 -32.82
CA TYR TA 194 -43.09 -72.07 -32.29
C TYR TA 194 -43.45 -72.17 -30.81
N GLY TA 195 -43.14 -71.14 -30.04
CA GLY TA 195 -43.30 -71.24 -28.59
C GLY TA 195 -44.74 -71.30 -28.16
N VAL TA 196 -45.59 -70.50 -28.79
CA VAL TA 196 -47.00 -70.53 -28.45
C VAL TA 196 -47.69 -71.74 -29.08
N MET TA 197 -47.13 -72.30 -30.15
CA MET TA 197 -47.74 -73.47 -30.76
C MET TA 197 -47.33 -74.76 -30.05
N ASP TA 198 -46.09 -74.81 -29.56
CA ASP TA 198 -45.65 -75.99 -28.80
C ASP TA 198 -46.37 -76.15 -27.48
N ARG TA 199 -46.96 -75.08 -26.96
CA ARG TA 199 -47.64 -75.20 -25.68
C ARG TA 199 -49.01 -75.85 -25.84
N GLY TA 200 -49.84 -75.32 -26.72
CA GLY TA 200 -51.19 -75.80 -26.87
C GLY TA 200 -51.40 -76.86 -27.92
N TYR TA 201 -50.36 -77.54 -28.36
CA TYR TA 201 -50.51 -78.55 -29.38
C TYR TA 201 -50.81 -79.90 -28.76
N SER TA 202 -51.76 -80.61 -29.36
CA SER TA 202 -51.98 -82.02 -29.08
C SER TA 202 -52.39 -82.68 -30.38
N TYR TA 203 -52.19 -83.99 -30.46
CA TYR TA 203 -52.72 -84.72 -31.60
C TYR TA 203 -54.24 -84.83 -31.50
N ASP TA 204 -54.76 -84.94 -30.29
CA ASP TA 204 -56.19 -85.08 -30.06
C ASP TA 204 -56.86 -83.75 -29.74
N LEU TA 205 -56.66 -82.75 -30.58
CA LEU TA 205 -57.34 -81.47 -30.41
C LEU TA 205 -58.70 -81.52 -31.09
N GLU TA 206 -59.63 -80.72 -30.60
CA GLU TA 206 -60.87 -80.56 -31.31
C GLU TA 206 -60.72 -79.51 -32.40
N VAL TA 207 -61.74 -79.42 -33.26
CA VAL TA 207 -61.64 -78.57 -34.44
C VAL TA 207 -61.72 -77.10 -34.06
N GLU TA 208 -62.65 -76.75 -33.17
CA GLU TA 208 -62.77 -75.37 -32.72
C GLU TA 208 -61.58 -74.98 -31.85
N GLN TA 209 -60.95 -75.94 -31.18
CA GLN TA 209 -59.76 -75.64 -30.40
C GLN TA 209 -58.53 -75.51 -31.29
N ALA TA 210 -58.47 -76.29 -32.37
CA ALA TA 210 -57.35 -76.16 -33.29
C ALA TA 210 -57.42 -74.87 -34.11
N TYR TA 211 -58.61 -74.34 -34.32
CA TYR TA 211 -58.73 -73.03 -34.96
C TYR TA 211 -58.16 -71.94 -34.08
N ASP TA 212 -58.58 -71.91 -32.81
CA ASP TA 212 -58.18 -70.85 -31.91
C ASP TA 212 -56.73 -70.97 -31.49
N LEU TA 213 -56.15 -72.16 -31.59
CA LEU TA 213 -54.72 -72.30 -31.39
C LEU TA 213 -53.94 -71.59 -32.49
N ALA TA 214 -54.20 -71.96 -33.74
CA ALA TA 214 -53.45 -71.41 -34.86
C ALA TA 214 -53.79 -69.95 -35.12
N ARG TA 215 -54.96 -69.50 -34.69
CA ARG TA 215 -55.32 -68.10 -34.91
C ARG TA 215 -54.57 -67.19 -33.97
N ARG TA 216 -54.49 -67.57 -32.69
CA ARG TA 216 -53.78 -66.74 -31.72
C ARG TA 216 -52.27 -66.84 -31.92
N ALA TA 217 -51.79 -67.95 -32.47
CA ALA TA 217 -50.37 -68.16 -32.64
C ALA TA 217 -49.79 -67.22 -33.69
N ILE TA 218 -50.57 -66.92 -34.73
CA ILE TA 218 -50.16 -65.89 -35.68
C ILE TA 218 -50.20 -64.51 -35.01
N TYR TA 219 -51.18 -64.29 -34.14
CA TYR TA 219 -51.31 -62.99 -33.47
C TYR TA 219 -50.15 -62.71 -32.53
N GLN TA 220 -49.59 -63.75 -31.91
CA GLN TA 220 -48.43 -63.53 -31.06
C GLN TA 220 -47.17 -63.30 -31.88
N ALA TA 221 -47.12 -63.78 -33.12
CA ALA TA 221 -45.94 -63.58 -33.93
C ALA TA 221 -45.95 -62.19 -34.57
N THR TA 222 -47.11 -61.73 -35.03
CA THR TA 222 -47.23 -60.40 -35.59
C THR TA 222 -47.03 -59.31 -34.55
N TYR TA 223 -47.24 -59.62 -33.28
CA TYR TA 223 -47.05 -58.64 -32.23
C TYR TA 223 -45.58 -58.34 -32.00
N ARG TA 224 -44.72 -59.34 -32.10
CA ARG TA 224 -43.30 -59.16 -31.88
C ARG TA 224 -42.55 -58.81 -33.16
N ASP TA 225 -42.89 -59.46 -34.27
CA ASP TA 225 -42.16 -59.21 -35.51
C ASP TA 225 -42.62 -57.90 -36.13
N ALA TA 226 -41.66 -57.19 -36.71
CA ALA TA 226 -41.96 -55.96 -37.43
C ALA TA 226 -42.34 -56.21 -38.87
N TYR TA 227 -41.94 -57.34 -39.44
CA TYR TA 227 -42.21 -57.65 -40.83
C TYR TA 227 -43.44 -58.53 -41.01
N SER TA 228 -44.20 -58.76 -39.95
CA SER TA 228 -45.39 -59.59 -40.02
C SER TA 228 -46.60 -58.78 -39.58
N GLY TA 229 -47.72 -58.98 -40.26
CA GLY TA 229 -48.94 -58.30 -39.88
C GLY TA 229 -50.01 -58.47 -40.94
N GLY TA 230 -51.05 -57.66 -40.82
CA GLY TA 230 -52.13 -57.66 -41.79
C GLY TA 230 -53.38 -58.35 -41.29
N ALA TA 231 -53.72 -59.48 -41.91
CA ALA TA 231 -54.85 -60.28 -41.49
C ALA TA 231 -54.41 -61.72 -41.40
N VAL TA 232 -55.18 -62.52 -40.69
CA VAL TA 232 -54.82 -63.91 -40.40
C VAL TA 232 -55.71 -64.79 -41.27
N ASN TA 233 -55.14 -65.31 -42.35
CA ASN TA 233 -55.85 -66.29 -43.16
C ASN TA 233 -55.78 -67.65 -42.47
N LEU TA 234 -56.76 -68.49 -42.78
CA LEU TA 234 -56.88 -69.76 -42.07
C LEU TA 234 -57.62 -70.75 -42.95
N TYR TA 235 -56.95 -71.85 -43.32
CA TYR TA 235 -57.55 -72.89 -44.13
C TYR TA 235 -57.59 -74.19 -43.33
N HIS TA 236 -58.33 -75.17 -43.84
CA HIS TA 236 -58.44 -76.48 -43.20
C HIS TA 236 -58.42 -77.54 -44.28
N VAL TA 237 -57.35 -78.32 -44.33
CA VAL TA 237 -57.29 -79.47 -45.22
C VAL TA 237 -58.04 -80.63 -44.59
N ARG TA 238 -59.03 -81.15 -45.30
CA ARG TA 238 -59.89 -82.20 -44.78
C ARG TA 238 -59.73 -83.45 -45.62
N GLU TA 239 -60.66 -84.39 -45.43
CA GLU TA 239 -60.71 -85.62 -46.21
C GLU TA 239 -60.83 -85.33 -47.70
N ASP TA 240 -61.94 -84.70 -48.09
CA ASP TA 240 -62.22 -84.47 -49.50
C ASP TA 240 -61.35 -83.37 -50.10
N GLY TA 241 -61.07 -82.32 -49.34
CA GLY TA 241 -60.27 -81.23 -49.85
C GLY TA 241 -60.18 -80.12 -48.83
N TRP TA 242 -59.51 -79.05 -49.24
CA TRP TA 242 -59.35 -77.94 -48.32
C TRP TA 242 -60.62 -77.10 -48.26
N ILE TA 243 -60.87 -76.53 -47.09
CA ILE TA 243 -62.01 -75.64 -46.87
C ILE TA 243 -61.50 -74.39 -46.18
N ARG TA 244 -61.78 -73.24 -46.78
CA ARG TA 244 -61.39 -71.97 -46.21
C ARG TA 244 -62.21 -71.67 -44.95
N VAL TA 245 -61.53 -71.34 -43.86
CA VAL TA 245 -62.21 -71.15 -42.58
C VAL TA 245 -62.60 -69.69 -42.42
N SER TA 246 -61.61 -68.81 -42.36
CA SER TA 246 -61.86 -67.41 -42.04
C SER TA 246 -60.68 -66.57 -42.50
N SER TA 247 -60.81 -65.26 -42.31
CA SER TA 247 -59.72 -64.31 -42.53
C SER TA 247 -59.99 -63.11 -41.64
N ASP TA 248 -59.32 -63.07 -40.49
CA ASP TA 248 -59.58 -62.06 -39.47
C ASP TA 248 -58.47 -61.03 -39.42
N ASN TA 249 -58.86 -59.79 -39.20
CA ASN TA 249 -57.91 -58.70 -39.05
C ASN TA 249 -57.27 -58.76 -37.67
N VAL TA 250 -56.01 -58.32 -37.61
CA VAL TA 250 -55.29 -58.33 -36.33
C VAL TA 250 -55.85 -57.28 -35.40
N ALA TA 251 -56.30 -56.15 -35.94
CA ALA TA 251 -56.88 -55.10 -35.10
C ALA TA 251 -58.22 -55.52 -34.52
N ASP TA 252 -58.88 -56.49 -35.15
CA ASP TA 252 -60.09 -57.06 -34.58
C ASP TA 252 -59.77 -58.10 -33.52
N LEU TA 253 -58.69 -58.86 -33.71
CA LEU TA 253 -58.30 -59.84 -32.71
C LEU TA 253 -57.71 -59.21 -31.47
N HIS TA 254 -57.13 -58.01 -31.59
CA HIS TA 254 -56.52 -57.35 -30.44
C HIS TA 254 -57.57 -56.97 -29.41
N GLU TA 255 -58.75 -56.59 -29.86
CA GLU TA 255 -59.85 -56.37 -28.94
C GLU TA 255 -60.40 -57.68 -28.41
N LYS TA 256 -60.35 -58.73 -29.21
CA LYS TA 256 -60.89 -60.02 -28.80
C LYS TA 256 -60.01 -60.67 -27.74
N TYR TA 257 -58.71 -60.71 -27.98
CA TYR TA 257 -57.82 -61.44 -27.09
C TYR TA 257 -57.41 -60.66 -25.86
N SER TA 258 -57.67 -59.35 -25.80
CA SER TA 258 -57.33 -58.59 -24.61
C SER TA 258 -58.33 -58.85 -23.49
N GLY TA 259 -59.61 -58.81 -23.81
CA GLY TA 259 -60.65 -59.07 -22.82
C GLY TA 259 -61.04 -60.52 -22.75
N ARG UA 28 -17.23 -49.55 -63.94
CA ARG UA 28 -17.27 -49.53 -65.39
C ARG UA 28 -18.65 -49.14 -65.92
N PHE UA 29 -18.98 -49.64 -67.11
CA PHE UA 29 -20.28 -49.40 -67.74
C PHE UA 29 -21.38 -50.03 -66.90
N SER UA 30 -22.19 -49.20 -66.25
CA SER UA 30 -23.29 -49.70 -65.46
C SER UA 30 -24.51 -49.88 -66.35
N PRO UA 31 -25.17 -51.03 -66.34
CA PRO UA 31 -26.23 -51.27 -67.32
C PRO UA 31 -27.56 -50.63 -66.96
N TYR UA 32 -27.69 -50.02 -65.79
CA TYR UA 32 -28.97 -49.47 -65.34
C TYR UA 32 -28.82 -47.99 -65.05
N VAL UA 33 -29.96 -47.29 -65.03
CA VAL UA 33 -30.05 -45.93 -64.53
C VAL UA 33 -31.49 -45.71 -64.10
N PHE UA 34 -31.72 -44.75 -63.21
CA PHE UA 34 -33.06 -44.44 -62.75
C PHE UA 34 -33.58 -43.19 -63.45
N ASN UA 35 -34.74 -43.31 -64.08
CA ASN UA 35 -35.26 -42.25 -64.93
C ASN UA 35 -36.50 -41.58 -64.35
N GLY UA 36 -36.83 -41.86 -63.10
CA GLY UA 36 -37.96 -41.22 -62.46
C GLY UA 36 -39.28 -41.73 -63.00
N GLY UA 37 -40.34 -41.00 -62.66
CA GLY UA 37 -41.68 -41.34 -63.11
C GLY UA 37 -42.56 -41.67 -61.92
N THR UA 38 -43.85 -41.43 -62.08
CA THR UA 38 -44.82 -41.72 -61.02
C THR UA 38 -46.16 -42.04 -61.66
N ILE UA 39 -46.66 -43.25 -61.43
CA ILE UA 39 -47.92 -43.68 -62.01
C ILE UA 39 -48.89 -44.02 -60.89
N LEU UA 40 -50.18 -44.06 -61.24
CA LEU UA 40 -51.24 -44.20 -60.26
C LEU UA 40 -52.50 -44.73 -60.92
N ALA UA 41 -53.10 -45.75 -60.31
CA ALA UA 41 -54.36 -46.29 -60.80
C ALA UA 41 -55.37 -46.38 -59.67
N ILE UA 42 -56.65 -46.27 -60.03
CA ILE UA 42 -57.77 -46.43 -59.11
C ILE UA 42 -58.85 -47.22 -59.84
N ALA UA 43 -59.29 -48.32 -59.24
CA ALA UA 43 -60.38 -49.11 -59.80
C ALA UA 43 -61.70 -48.64 -59.20
N GLY UA 44 -62.65 -48.31 -60.08
CA GLY UA 44 -63.97 -47.91 -59.67
C GLY UA 44 -65.00 -49.00 -59.89
N GLU UA 45 -66.26 -48.62 -59.74
CA GLU UA 45 -67.33 -49.59 -59.91
C GLU UA 45 -67.58 -49.91 -61.38
N ASP UA 46 -67.49 -48.91 -62.24
CA ASP UA 46 -67.65 -49.17 -63.67
C ASP UA 46 -66.61 -48.42 -64.49
N PHE UA 47 -65.48 -48.08 -63.88
CA PHE UA 47 -64.47 -47.29 -64.56
C PHE UA 47 -63.10 -47.68 -64.04
N ALA UA 48 -62.08 -47.11 -64.66
CA ALA UA 48 -60.70 -47.27 -64.24
C ALA UA 48 -59.92 -46.06 -64.70
N ILE UA 49 -59.12 -45.50 -63.81
CA ILE UA 49 -58.38 -44.27 -64.07
C ILE UA 49 -56.91 -44.58 -63.91
N VAL UA 50 -56.11 -44.27 -64.92
CA VAL UA 50 -54.67 -44.46 -64.87
C VAL UA 50 -54.01 -43.13 -65.21
N ALA UA 51 -53.21 -42.62 -64.28
CA ALA UA 51 -52.59 -41.31 -64.42
C ALA UA 51 -51.09 -41.41 -64.23
N SER UA 52 -50.37 -40.46 -64.82
CA SER UA 52 -48.92 -40.39 -64.73
C SER UA 52 -48.48 -38.98 -65.06
N ASP UA 53 -47.28 -38.64 -64.58
CA ASP UA 53 -46.66 -37.40 -65.01
C ASP UA 53 -45.98 -37.57 -66.36
N THR UA 54 -45.46 -36.48 -66.89
CA THR UA 54 -44.87 -36.43 -68.22
C THR UA 54 -43.48 -35.84 -68.19
N ARG UA 55 -42.63 -36.32 -67.28
CA ARG UA 55 -41.25 -35.87 -67.21
C ARG UA 55 -40.30 -37.06 -67.35
N LEU UA 56 -39.40 -36.98 -68.31
CA LEU UA 56 -38.30 -37.91 -68.44
C LEU UA 56 -37.03 -37.19 -68.05
N SER UA 57 -36.29 -37.75 -67.11
CA SER UA 57 -35.12 -37.08 -66.56
C SER UA 57 -34.25 -38.10 -65.85
N GLU UA 58 -32.95 -37.89 -65.89
CA GLU UA 58 -32.03 -38.67 -65.09
C GLU UA 58 -30.84 -37.83 -64.69
N GLY UA 59 -30.13 -38.28 -63.68
CA GLY UA 59 -29.03 -37.51 -63.12
C GLY UA 59 -29.57 -36.33 -62.35
N PHE UA 60 -29.15 -35.13 -62.74
CA PHE UA 60 -29.66 -33.89 -62.18
C PHE UA 60 -30.36 -33.04 -63.23
N SER UA 61 -30.46 -33.54 -64.46
CA SER UA 61 -30.91 -32.74 -65.59
C SER UA 61 -32.28 -33.23 -66.07
N ILE UA 62 -32.89 -32.41 -66.92
CA ILE UA 62 -34.20 -32.69 -67.51
C ILE UA 62 -33.99 -33.01 -68.98
N HIS UA 63 -34.41 -34.19 -69.40
CA HIS UA 63 -34.37 -34.49 -70.83
C HIS UA 63 -35.51 -33.82 -71.57
N THR UA 64 -36.74 -34.18 -71.23
CA THR UA 64 -37.90 -33.59 -71.87
C THR UA 64 -38.98 -33.34 -70.84
N ARG UA 65 -39.92 -32.48 -71.20
CA ARG UA 65 -41.08 -32.21 -70.36
C ARG UA 65 -42.35 -32.80 -70.95
N ASP UA 66 -42.23 -33.79 -71.82
CA ASP UA 66 -43.39 -34.46 -72.39
C ASP UA 66 -42.98 -35.89 -72.70
N SER UA 67 -43.29 -36.81 -71.80
CA SER UA 67 -43.07 -38.24 -72.03
C SER UA 67 -44.01 -39.03 -71.14
N PRO UA 68 -45.27 -39.18 -71.52
CA PRO UA 68 -46.26 -39.80 -70.61
C PRO UA 68 -46.08 -41.31 -70.57
N LYS UA 69 -46.84 -41.94 -69.68
CA LYS UA 69 -46.80 -43.38 -69.51
C LYS UA 69 -48.15 -44.04 -69.76
N CYS UA 70 -49.15 -43.29 -70.21
CA CYS UA 70 -50.44 -43.86 -70.56
C CYS UA 70 -50.30 -44.61 -71.89
N TYR UA 71 -50.13 -45.92 -71.85
CA TYR UA 71 -50.08 -46.76 -73.02
C TYR UA 71 -51.38 -47.53 -73.13
N LYS UA 72 -52.13 -47.31 -74.20
CA LYS UA 72 -53.41 -48.00 -74.40
C LYS UA 72 -53.15 -49.32 -75.11
N LEU UA 73 -53.36 -50.42 -74.40
CA LEU UA 73 -53.12 -51.74 -74.99
C LEU UA 73 -54.31 -52.15 -75.86
N THR UA 74 -55.46 -52.33 -75.24
CA THR UA 74 -56.73 -52.49 -75.93
C THR UA 74 -57.56 -51.25 -75.66
N ASP UA 75 -58.83 -51.32 -76.03
CA ASP UA 75 -59.74 -50.24 -75.66
C ASP UA 75 -60.31 -50.42 -74.25
N LYS UA 76 -59.87 -51.43 -73.50
CA LYS UA 76 -60.30 -51.62 -72.12
C LYS UA 76 -59.14 -51.84 -71.18
N THR UA 77 -57.90 -51.56 -71.60
CA THR UA 77 -56.74 -51.87 -70.79
C THR UA 77 -55.63 -50.86 -71.05
N VAL UA 78 -55.15 -50.23 -69.99
CA VAL UA 78 -54.07 -49.25 -70.06
C VAL UA 78 -52.99 -49.67 -69.07
N ILE UA 79 -51.74 -49.68 -69.53
CA ILE UA 79 -50.60 -50.04 -68.69
C ILE UA 79 -49.79 -48.78 -68.39
N GLY UA 80 -49.11 -48.79 -67.26
CA GLY UA 80 -48.14 -47.75 -66.93
C GLY UA 80 -46.79 -48.38 -66.61
N CYS UA 81 -45.72 -47.71 -67.02
CA CYS UA 81 -44.38 -48.30 -66.97
C CYS UA 81 -43.38 -47.29 -66.44
N SER UA 82 -42.98 -47.43 -65.19
CA SER UA 82 -41.95 -46.59 -64.60
C SER UA 82 -40.67 -47.37 -64.40
N GLY UA 83 -39.57 -46.64 -64.23
CA GLY UA 83 -38.28 -47.26 -63.95
C GLY UA 83 -37.19 -46.87 -64.92
N PHE UA 84 -36.37 -47.84 -65.32
CA PHE UA 84 -35.41 -47.61 -66.38
C PHE UA 84 -36.13 -47.49 -67.70
N HIS UA 85 -35.97 -46.34 -68.36
CA HIS UA 85 -36.80 -46.02 -69.51
C HIS UA 85 -36.46 -46.86 -70.73
N GLY UA 86 -35.22 -47.31 -70.84
CA GLY UA 86 -34.85 -48.18 -71.95
C GLY UA 86 -35.53 -49.54 -71.87
N ASP UA 87 -35.78 -50.03 -70.66
CA ASP UA 87 -36.57 -51.25 -70.52
C ASP UA 87 -38.05 -50.98 -70.70
N CYS UA 88 -38.50 -49.75 -70.42
CA CYS UA 88 -39.92 -49.44 -70.59
C CYS UA 88 -40.30 -49.36 -72.06
N LEU UA 89 -39.41 -48.87 -72.92
CA LEU UA 89 -39.71 -48.85 -74.34
C LEU UA 89 -39.65 -50.25 -74.94
N THR UA 90 -38.77 -51.10 -74.41
CA THR UA 90 -38.65 -52.46 -74.94
C THR UA 90 -39.83 -53.31 -74.55
N LEU UA 91 -40.22 -53.27 -73.27
CA LEU UA 91 -41.26 -54.14 -72.74
C LEU UA 91 -42.61 -53.84 -73.35
N THR UA 92 -42.87 -52.57 -73.68
CA THR UA 92 -44.12 -52.21 -74.32
C THR UA 92 -44.19 -52.80 -75.73
N LYS UA 93 -43.08 -52.79 -76.45
CA LYS UA 93 -43.06 -53.34 -77.80
C LYS UA 93 -43.09 -54.85 -77.81
N ILE UA 94 -42.66 -55.49 -76.72
CA ILE UA 94 -42.78 -56.95 -76.63
C ILE UA 94 -44.22 -57.36 -76.40
N ILE UA 95 -44.93 -56.62 -75.55
CA ILE UA 95 -46.31 -56.95 -75.20
C ILE UA 95 -47.22 -56.77 -76.41
N GLU UA 96 -47.06 -55.67 -77.13
CA GLU UA 96 -47.94 -55.36 -78.25
C GLU UA 96 -47.76 -56.32 -79.42
N ALA UA 97 -46.59 -56.96 -79.51
CA ALA UA 97 -46.45 -58.05 -80.44
C ALA UA 97 -47.25 -59.27 -79.99
N ARG UA 98 -47.36 -59.48 -78.68
CA ARG UA 98 -47.98 -60.69 -78.19
C ARG UA 98 -49.50 -60.60 -78.11
N LEU UA 99 -50.06 -59.41 -78.22
CA LEU UA 99 -51.51 -59.30 -78.35
C LEU UA 99 -51.97 -59.69 -79.74
N LYS UA 100 -51.16 -59.36 -80.76
CA LYS UA 100 -51.51 -59.73 -82.11
C LYS UA 100 -51.33 -61.22 -82.34
N MET UA 101 -50.33 -61.83 -81.70
CA MET UA 101 -50.15 -63.27 -81.78
C MET UA 101 -51.26 -64.01 -81.07
N TYR UA 102 -51.88 -63.38 -80.07
CA TYR UA 102 -53.05 -63.96 -79.44
C TYR UA 102 -54.24 -63.98 -80.38
N LYS UA 103 -54.49 -62.86 -81.06
CA LYS UA 103 -55.71 -62.73 -81.85
C LYS UA 103 -55.65 -63.57 -83.11
N HIS UA 104 -54.47 -63.68 -83.73
CA HIS UA 104 -54.30 -64.52 -84.90
C HIS UA 104 -54.39 -66.00 -84.57
N SER UA 105 -54.28 -66.38 -83.31
CA SER UA 105 -54.39 -67.77 -82.89
C SER UA 105 -55.68 -68.07 -82.16
N ASN UA 106 -56.46 -67.06 -81.77
CA ASN UA 106 -57.65 -67.30 -80.99
C ASN UA 106 -58.87 -66.52 -81.44
N ASN UA 107 -58.74 -65.59 -82.39
CA ASN UA 107 -59.83 -64.84 -83.00
C ASN UA 107 -60.62 -64.02 -81.99
N LYS UA 108 -59.93 -63.53 -80.96
CA LYS UA 108 -60.52 -62.61 -79.99
C LYS UA 108 -59.38 -61.84 -79.33
N ALA UA 109 -59.74 -60.86 -78.52
CA ALA UA 109 -58.77 -60.01 -77.84
C ALA UA 109 -58.59 -60.45 -76.41
N MET UA 110 -57.42 -60.12 -75.85
CA MET UA 110 -57.12 -60.48 -74.47
C MET UA 110 -57.95 -59.64 -73.51
N THR UA 111 -58.45 -60.30 -72.47
CA THR UA 111 -59.10 -59.57 -71.38
C THR UA 111 -58.04 -58.97 -70.47
N THR UA 112 -58.49 -58.31 -69.41
CA THR UA 112 -57.56 -57.64 -68.51
C THR UA 112 -56.80 -58.64 -67.67
N GLY UA 113 -57.48 -59.68 -67.18
CA GLY UA 113 -56.83 -60.67 -66.37
C GLY UA 113 -55.88 -61.58 -67.13
N ALA UA 114 -56.09 -61.74 -68.43
CA ALA UA 114 -55.19 -62.54 -69.24
C ALA UA 114 -53.89 -61.83 -69.54
N ILE UA 115 -53.92 -60.50 -69.62
CA ILE UA 115 -52.70 -59.74 -69.85
C ILE UA 115 -51.81 -59.78 -68.62
N ALA UA 116 -52.41 -59.58 -67.44
CA ALA UA 116 -51.64 -59.56 -66.20
C ALA UA 116 -51.07 -60.94 -65.87
N ALA UA 117 -51.73 -62.01 -66.31
CA ALA UA 117 -51.15 -63.32 -66.17
C ALA UA 117 -50.06 -63.57 -67.19
N MET UA 118 -50.15 -62.98 -68.38
CA MET UA 118 -49.13 -63.17 -69.39
C MET UA 118 -47.85 -62.44 -69.04
N LEU UA 119 -47.98 -61.19 -68.59
CA LEU UA 119 -46.81 -60.37 -68.33
C LEU UA 119 -46.05 -60.83 -67.10
N SER UA 120 -46.70 -61.57 -66.19
CA SER UA 120 -45.99 -62.16 -65.07
C SER UA 120 -45.02 -63.24 -65.52
N THR UA 121 -45.29 -63.89 -66.65
CA THR UA 121 -44.34 -64.85 -67.19
C THR UA 121 -43.26 -64.18 -68.02
N ILE UA 122 -43.56 -63.03 -68.60
CA ILE UA 122 -42.55 -62.30 -69.36
C ILE UA 122 -41.49 -61.73 -68.45
N LEU UA 123 -41.90 -61.21 -67.29
CA LEU UA 123 -40.95 -60.63 -66.35
C LEU UA 123 -40.08 -61.67 -65.68
N TYR UA 124 -40.64 -62.84 -65.37
CA TYR UA 124 -39.85 -63.90 -64.76
C TYR UA 124 -38.89 -64.54 -65.75
N SER UA 125 -39.16 -64.42 -67.06
CA SER UA 125 -38.34 -65.06 -68.08
C SER UA 125 -36.92 -64.51 -68.14
N ARG UA 126 -36.68 -63.33 -67.56
CA ARG UA 126 -35.35 -62.78 -67.47
C ARG UA 126 -35.01 -62.64 -65.99
N ARG UA 127 -35.22 -63.73 -65.23
CA ARG UA 127 -35.08 -63.74 -63.78
C ARG UA 127 -33.68 -63.33 -63.34
N PHE UA 128 -32.65 -63.75 -64.08
CA PHE UA 128 -31.29 -63.52 -63.65
C PHE UA 128 -30.63 -62.35 -64.37
N PHE UA 129 -31.44 -61.49 -65.02
CA PHE UA 129 -31.06 -60.18 -65.54
C PHE UA 129 -32.34 -59.39 -65.72
N PRO UA 130 -32.92 -58.87 -64.65
CA PRO UA 130 -34.32 -58.45 -64.68
C PRO UA 130 -34.52 -57.11 -65.37
N TYR UA 131 -35.77 -56.88 -65.76
CA TYR UA 131 -36.17 -55.53 -66.14
C TYR UA 131 -36.26 -54.67 -64.89
N TYR UA 132 -35.82 -53.44 -64.99
CA TYR UA 132 -35.96 -52.49 -63.89
C TYR UA 132 -37.20 -51.63 -64.15
N VAL UA 133 -38.35 -52.31 -64.12
CA VAL UA 133 -39.62 -51.74 -64.52
C VAL UA 133 -40.63 -51.96 -63.40
N TYR UA 134 -41.37 -50.92 -63.05
CA TYR UA 134 -42.58 -51.06 -62.25
C TYR UA 134 -43.78 -50.93 -63.17
N ASN UA 135 -44.81 -51.75 -62.91
CA ASN UA 135 -45.95 -51.83 -63.79
C ASN UA 135 -47.25 -51.85 -63.01
N ILE UA 136 -48.22 -51.10 -63.50
CA ILE UA 136 -49.60 -51.16 -63.01
C ILE UA 136 -50.51 -51.27 -64.22
N ILE UA 137 -51.39 -52.27 -64.21
CA ILE UA 137 -52.37 -52.45 -65.28
C ILE UA 137 -53.74 -52.09 -64.72
N GLY UA 138 -54.39 -51.12 -65.35
CA GLY UA 138 -55.72 -50.73 -64.94
C GLY UA 138 -56.72 -50.82 -66.07
N GLY UA 139 -57.83 -51.52 -65.85
CA GLY UA 139 -58.83 -51.65 -66.89
C GLY UA 139 -60.09 -52.34 -66.44
N LEU UA 140 -60.88 -52.80 -67.41
CA LEU UA 140 -62.18 -53.40 -67.15
C LEU UA 140 -62.11 -54.90 -67.29
N ASP UA 141 -62.89 -55.59 -66.48
CA ASP UA 141 -63.01 -57.04 -66.52
C ASP UA 141 -64.16 -57.43 -67.46
N GLU UA 142 -64.56 -58.70 -67.41
CA GLU UA 142 -65.69 -59.16 -68.22
C GLU UA 142 -67.02 -58.63 -67.71
N GLU UA 143 -67.11 -58.25 -66.45
CA GLU UA 143 -68.35 -57.77 -65.86
C GLU UA 143 -68.49 -56.26 -65.91
N GLY UA 144 -67.57 -55.56 -66.57
CA GLY UA 144 -67.64 -54.12 -66.62
C GLY UA 144 -67.30 -53.43 -65.31
N LYS UA 145 -66.46 -54.03 -64.49
CA LYS UA 145 -66.02 -53.42 -63.25
C LYS UA 145 -64.56 -53.02 -63.38
N GLY UA 146 -64.11 -52.18 -62.46
CA GLY UA 146 -62.72 -51.77 -62.46
C GLY UA 146 -61.81 -52.88 -61.96
N ALA UA 147 -60.57 -52.85 -62.45
CA ALA UA 147 -59.59 -53.83 -62.03
C ALA UA 147 -58.21 -53.20 -62.13
N VAL UA 148 -57.40 -53.39 -61.08
CA VAL UA 148 -56.05 -52.84 -61.02
C VAL UA 148 -55.12 -53.95 -60.55
N TYR UA 149 -54.10 -54.24 -61.36
CA TYR UA 149 -53.07 -55.21 -61.03
C TYR UA 149 -51.74 -54.49 -60.88
N SER UA 150 -50.93 -54.95 -59.94
CA SER UA 150 -49.66 -54.30 -59.64
C SER UA 150 -48.54 -55.32 -59.64
N PHE UA 151 -47.42 -54.96 -60.24
CA PHE UA 151 -46.31 -55.88 -60.48
C PHE UA 151 -45.08 -55.44 -59.73
N ASP UA 152 -44.23 -56.40 -59.39
CA ASP UA 152 -42.85 -56.14 -59.02
C ASP UA 152 -41.96 -56.35 -60.25
N PRO UA 153 -40.68 -55.94 -60.21
CA PRO UA 153 -39.82 -56.19 -61.38
C PRO UA 153 -39.48 -57.66 -61.64
N VAL UA 154 -39.97 -58.61 -60.84
CA VAL UA 154 -39.76 -60.02 -61.11
C VAL UA 154 -41.01 -60.67 -61.68
N GLY UA 155 -42.19 -60.24 -61.24
CA GLY UA 155 -43.40 -60.78 -61.82
C GLY UA 155 -44.43 -61.35 -60.86
N SER UA 156 -44.40 -60.91 -59.62
CA SER UA 156 -45.46 -61.25 -58.68
C SER UA 156 -46.57 -60.20 -58.77
N TYR UA 157 -47.81 -60.63 -58.52
CA TYR UA 157 -48.91 -59.69 -58.65
C TYR UA 157 -50.08 -60.04 -57.74
N GLN UA 158 -51.01 -59.09 -57.66
CA GLN UA 158 -52.27 -59.26 -56.99
C GLN UA 158 -53.23 -58.19 -57.51
N ARG UA 159 -54.52 -58.46 -57.39
CA ARG UA 159 -55.53 -57.50 -57.77
C ARG UA 159 -55.83 -56.59 -56.58
N ASP UA 160 -55.82 -55.29 -56.83
CA ASP UA 160 -56.02 -54.30 -55.78
C ASP UA 160 -57.06 -53.29 -56.23
N SER UA 161 -57.40 -52.38 -55.32
CA SER UA 161 -58.31 -51.29 -55.63
C SER UA 161 -57.58 -50.06 -56.14
N PHE UA 162 -56.35 -49.85 -55.71
CA PHE UA 162 -55.57 -48.66 -56.04
C PHE UA 162 -54.12 -48.93 -55.70
N LYS UA 163 -53.22 -48.57 -56.60
CA LYS UA 163 -51.79 -48.66 -56.34
C LYS UA 163 -51.09 -47.46 -56.94
N ALA UA 164 -50.08 -46.97 -56.23
CA ALA UA 164 -49.17 -45.97 -56.76
C ALA UA 164 -47.80 -46.62 -56.95
N GLY UA 165 -47.12 -46.19 -57.99
CA GLY UA 165 -45.82 -46.75 -58.31
C GLY UA 165 -44.93 -45.70 -58.91
N GLY UA 166 -43.63 -45.85 -58.68
CA GLY UA 166 -42.65 -44.90 -59.19
C GLY UA 166 -41.87 -44.26 -58.06
N SER UA 167 -41.43 -43.02 -58.31
CA SER UA 167 -40.56 -42.33 -57.37
C SER UA 167 -41.32 -41.89 -56.12
N ALA UA 168 -42.46 -41.24 -56.31
CA ALA UA 168 -43.25 -40.72 -55.21
C ALA UA 168 -44.35 -41.67 -54.76
N SER UA 169 -44.11 -42.98 -54.87
CA SER UA 169 -45.12 -43.95 -54.47
C SER UA 169 -45.30 -43.99 -52.95
N ALA UA 170 -44.26 -43.63 -52.21
CA ALA UA 170 -44.38 -43.59 -50.76
C ALA UA 170 -45.17 -42.39 -50.27
N MET UA 171 -45.40 -41.40 -51.13
CA MET UA 171 -46.17 -40.23 -50.73
C MET UA 171 -47.64 -40.33 -51.10
N LEU UA 172 -47.98 -41.19 -52.04
CA LEU UA 172 -49.35 -41.27 -52.53
C LEU UA 172 -50.16 -42.37 -51.85
N GLN UA 173 -49.53 -43.51 -51.58
CA GLN UA 173 -50.22 -44.62 -50.92
C GLN UA 173 -50.80 -44.33 -49.54
N PRO UA 174 -50.18 -43.55 -48.64
CA PRO UA 174 -50.90 -43.25 -47.38
C PRO UA 174 -52.11 -42.36 -47.56
N LEU UA 175 -52.13 -41.47 -48.55
CA LEU UA 175 -53.24 -40.54 -48.67
C LEU UA 175 -54.48 -41.23 -49.23
N LEU UA 176 -54.28 -42.22 -50.07
CA LEU UA 176 -55.42 -42.95 -50.62
C LEU UA 176 -55.98 -43.99 -49.66
N ASP UA 177 -55.20 -44.39 -48.65
CA ASP UA 177 -55.74 -45.24 -47.60
C ASP UA 177 -56.74 -44.50 -46.75
N ASN UA 178 -56.61 -43.18 -46.65
CA ASN UA 178 -57.54 -42.37 -45.91
C ASN UA 178 -58.82 -42.17 -46.69
N GLN UA 179 -58.72 -41.79 -47.96
CA GLN UA 179 -59.91 -41.39 -48.70
C GLN UA 179 -60.57 -42.56 -49.39
N VAL UA 180 -59.84 -43.31 -50.20
CA VAL UA 180 -60.42 -44.45 -50.89
C VAL UA 180 -60.66 -45.61 -49.95
N GLY UA 181 -59.64 -46.00 -49.19
CA GLY UA 181 -59.74 -47.17 -48.34
C GLY UA 181 -60.55 -46.97 -47.08
N PHE UA 182 -60.77 -45.70 -46.68
CA PHE UA 182 -61.47 -45.33 -45.44
C PHE UA 182 -60.81 -45.95 -44.22
N LYS UA 183 -59.51 -45.74 -44.07
CA LYS UA 183 -58.81 -46.29 -42.92
C LYS UA 183 -58.66 -45.23 -41.83
N ASN UA 184 -58.62 -45.73 -40.58
CA ASN UA 184 -58.30 -44.95 -39.38
C ASN UA 184 -59.28 -43.81 -39.12
N MET UA 185 -60.51 -43.92 -39.62
CA MET UA 185 -61.53 -42.91 -39.38
C MET UA 185 -62.70 -43.52 -38.63
N GLN UA 186 -63.22 -42.76 -37.68
CA GLN UA 186 -64.35 -43.18 -36.86
C GLN UA 186 -65.57 -42.36 -37.23
N ASN UA 187 -66.72 -43.04 -37.31
CA ASN UA 187 -68.03 -42.47 -37.67
C ASN UA 187 -67.98 -41.81 -39.05
N VAL UA 188 -67.26 -42.43 -39.97
CA VAL UA 188 -67.20 -42.00 -41.36
C VAL UA 188 -67.99 -43.00 -42.18
N GLU UA 189 -68.86 -42.48 -43.05
CA GLU UA 189 -69.70 -43.33 -43.88
C GLU UA 189 -68.89 -43.96 -45.00
N HIS UA 190 -69.54 -44.85 -45.74
CA HIS UA 190 -68.90 -45.59 -46.82
C HIS UA 190 -69.71 -45.37 -48.09
N VAL UA 191 -69.39 -44.30 -48.81
CA VAL UA 191 -70.01 -43.99 -50.08
C VAL UA 191 -69.13 -44.58 -51.17
N PRO UA 192 -69.69 -45.21 -52.20
CA PRO UA 192 -68.86 -45.67 -53.32
C PRO UA 192 -68.29 -44.49 -54.09
N LEU UA 193 -67.15 -44.74 -54.74
CA LEU UA 193 -66.45 -43.68 -55.46
C LEU UA 193 -67.18 -43.34 -56.74
N SER UA 194 -67.79 -42.16 -56.78
CA SER UA 194 -68.28 -41.66 -58.05
C SER UA 194 -67.10 -41.25 -58.92
N LEU UA 195 -67.34 -41.17 -60.22
CA LEU UA 195 -66.29 -40.78 -61.15
C LEU UA 195 -65.89 -39.33 -60.95
N ASP UA 196 -66.84 -38.46 -60.62
CA ASP UA 196 -66.54 -37.05 -60.39
C ASP UA 196 -65.68 -36.86 -59.15
N ARG UA 197 -65.95 -37.64 -58.11
CA ARG UA 197 -65.16 -37.52 -56.88
C ARG UA 197 -63.74 -38.04 -57.08
N ALA UA 198 -63.57 -39.07 -57.89
CA ALA UA 198 -62.25 -39.66 -58.06
C ALA UA 198 -61.35 -38.80 -58.93
N MET UA 199 -61.92 -38.01 -59.84
CA MET UA 199 -61.08 -37.18 -60.71
C MET UA 199 -60.40 -36.06 -59.94
N ARG UA 200 -61.15 -35.35 -59.10
CA ARG UA 200 -60.54 -34.31 -58.29
C ARG UA 200 -59.67 -34.88 -57.18
N LEU UA 201 -59.86 -36.14 -56.82
CA LEU UA 201 -58.99 -36.78 -55.85
C LEU UA 201 -57.64 -37.13 -56.48
N VAL UA 202 -57.64 -37.46 -57.77
CA VAL UA 202 -56.39 -37.72 -58.47
C VAL UA 202 -55.62 -36.43 -58.69
N LYS UA 203 -56.32 -35.37 -59.11
CA LYS UA 203 -55.69 -34.09 -59.43
C LYS UA 203 -55.06 -33.44 -58.22
N ASP UA 204 -55.61 -33.65 -57.03
CA ASP UA 204 -55.06 -33.02 -55.84
C ASP UA 204 -53.85 -33.76 -55.30
N VAL UA 205 -53.77 -35.07 -55.49
CA VAL UA 205 -52.70 -35.82 -54.85
C VAL UA 205 -51.40 -35.70 -55.63
N PHE UA 206 -51.46 -35.34 -56.92
CA PHE UA 206 -50.24 -35.05 -57.66
C PHE UA 206 -49.74 -33.63 -57.44
N ILE UA 207 -50.59 -32.72 -56.96
CA ILE UA 207 -50.14 -31.38 -56.64
C ILE UA 207 -49.20 -31.42 -55.44
N SER UA 208 -49.56 -32.21 -54.43
CA SER UA 208 -48.70 -32.34 -53.26
C SER UA 208 -47.43 -33.12 -53.56
N ALA UA 209 -47.51 -34.09 -54.47
CA ALA UA 209 -46.31 -34.86 -54.82
C ALA UA 209 -45.35 -34.07 -55.68
N ALA UA 210 -45.83 -33.05 -56.40
CA ALA UA 210 -44.93 -32.21 -57.16
C ALA UA 210 -44.20 -31.23 -56.25
N GLU UA 211 -44.76 -30.93 -55.08
CA GLU UA 211 -44.13 -30.00 -54.17
C GLU UA 211 -42.95 -30.61 -53.44
N ARG UA 212 -42.97 -31.93 -53.22
CA ARG UA 212 -41.98 -32.56 -52.38
C ARG UA 212 -41.03 -33.48 -53.11
N ASP UA 213 -41.49 -34.18 -54.14
CA ASP UA 213 -40.60 -35.00 -54.95
C ASP UA 213 -40.00 -34.14 -56.06
N VAL UA 214 -38.75 -34.44 -56.41
CA VAL UA 214 -38.07 -33.67 -57.44
C VAL UA 214 -38.24 -34.29 -58.82
N TYR UA 215 -38.63 -35.55 -58.90
CA TYR UA 215 -38.86 -36.21 -60.17
C TYR UA 215 -40.27 -36.03 -60.69
N THR UA 216 -41.18 -35.49 -59.89
CA THR UA 216 -42.56 -35.36 -60.30
C THR UA 216 -42.71 -34.18 -61.25
N GLY UA 217 -43.35 -34.44 -62.38
CA GLY UA 217 -43.22 -33.62 -63.55
C GLY UA 217 -44.12 -32.42 -63.63
N ASP UA 218 -44.63 -32.17 -64.83
CA ASP UA 218 -45.15 -30.89 -65.24
C ASP UA 218 -46.55 -30.94 -65.80
N ALA UA 219 -46.94 -32.05 -66.43
CA ALA UA 219 -48.30 -32.24 -66.89
C ALA UA 219 -48.79 -33.59 -66.41
N LEU UA 220 -50.07 -33.67 -66.11
CA LEU UA 220 -50.68 -34.88 -65.59
C LEU UA 220 -51.55 -35.50 -66.67
N ARG UA 221 -51.12 -36.61 -67.23
CA ARG UA 221 -51.85 -37.32 -68.28
C ARG UA 221 -52.76 -38.32 -67.60
N ILE UA 222 -54.05 -38.02 -67.58
CA ILE UA 222 -55.04 -38.88 -66.97
C ILE UA 222 -55.79 -39.64 -68.06
N CYS UA 223 -55.86 -40.96 -67.93
CA CYS UA 223 -56.58 -41.79 -68.87
C CYS UA 223 -57.68 -42.54 -68.15
N ILE UA 224 -58.89 -42.55 -68.72
CA ILE UA 224 -60.08 -43.06 -68.07
C ILE UA 224 -60.67 -44.16 -68.93
N VAL UA 225 -60.83 -45.34 -68.37
CA VAL UA 225 -61.35 -46.49 -69.09
C VAL UA 225 -62.76 -46.76 -68.59
N THR UA 226 -63.74 -46.52 -69.45
CA THR UA 226 -65.14 -46.80 -69.16
C THR UA 226 -65.69 -47.74 -70.22
N LYS UA 227 -67.01 -47.94 -70.19
CA LYS UA 227 -67.66 -48.81 -71.16
C LYS UA 227 -67.69 -48.18 -72.55
N GLU UA 228 -67.53 -46.87 -72.64
CA GLU UA 228 -67.51 -46.21 -73.94
C GLU UA 228 -66.14 -46.34 -74.59
N GLY UA 229 -65.10 -45.85 -73.95
CA GLY UA 229 -63.78 -45.90 -74.51
C GLY UA 229 -62.76 -45.29 -73.56
N ILE UA 230 -61.59 -44.99 -74.11
CA ILE UA 230 -60.49 -44.44 -73.34
C ILE UA 230 -60.48 -42.94 -73.55
N ARG UA 231 -60.81 -42.20 -72.50
CA ARG UA 231 -60.68 -40.75 -72.53
C ARG UA 231 -59.29 -40.34 -72.06
N GLU UA 232 -58.88 -39.15 -72.46
CA GLU UA 232 -57.59 -38.61 -72.05
C GLU UA 232 -57.76 -37.17 -71.57
N GLU UA 233 -56.83 -36.73 -70.74
CA GLU UA 233 -56.89 -35.41 -70.14
C GLU UA 233 -55.50 -35.01 -69.67
N THR UA 234 -55.14 -33.76 -69.92
CA THR UA 234 -53.82 -33.23 -69.59
C THR UA 234 -53.99 -32.03 -68.66
N VAL UA 235 -53.45 -32.13 -67.45
CA VAL UA 235 -53.55 -31.07 -66.44
C VAL UA 235 -52.14 -30.69 -66.02
N SER UA 236 -51.85 -29.39 -66.04
CA SER UA 236 -50.49 -28.93 -65.83
C SER UA 236 -50.14 -28.86 -64.34
N LEU UA 237 -48.83 -28.86 -64.08
CA LEU UA 237 -48.26 -28.78 -62.75
C LEU UA 237 -47.20 -27.69 -62.75
N ARG UA 238 -46.46 -27.59 -61.65
CA ARG UA 238 -45.34 -26.65 -61.61
C ARG UA 238 -44.12 -27.28 -62.27
N LYS UA 239 -43.19 -26.41 -62.67
CA LYS UA 239 -42.12 -26.84 -63.56
C LYS UA 239 -40.72 -26.56 -63.01
N ASP UA 240 -40.49 -26.94 -61.76
CA ASP UA 240 -39.16 -26.83 -61.17
C ASP UA 240 -38.15 -27.78 -61.80
N THR VA 45 -17.94 -51.90 -75.97
CA THR VA 45 -16.77 -51.07 -75.70
C THR VA 45 -16.59 -50.86 -74.20
N GLN VA 46 -15.51 -51.44 -73.65
CA GLN VA 46 -15.25 -51.30 -72.23
C GLN VA 46 -14.70 -49.91 -71.91
N ASN VA 47 -13.74 -49.45 -72.70
CA ASN VA 47 -13.09 -48.17 -72.46
C ASN VA 47 -12.97 -47.41 -73.78
N PRO VA 48 -13.60 -46.25 -73.92
CA PRO VA 48 -13.48 -45.49 -75.17
C PRO VA 48 -12.12 -44.83 -75.29
N MET VA 49 -11.44 -45.09 -76.40
CA MET VA 49 -10.09 -44.55 -76.59
C MET VA 49 -10.13 -43.12 -77.13
N VAL VA 50 -10.66 -42.95 -78.34
CA VAL VA 50 -10.69 -41.66 -79.00
C VAL VA 50 -12.13 -41.17 -79.02
N THR VA 51 -12.39 -40.06 -78.34
CA THR VA 51 -13.75 -39.62 -78.13
C THR VA 51 -14.00 -38.28 -78.81
N GLY VA 52 -15.29 -37.96 -78.95
CA GLY VA 52 -15.72 -36.65 -79.41
C GLY VA 52 -16.29 -35.85 -78.27
N THR VA 53 -17.21 -34.93 -78.57
CA THR VA 53 -17.79 -34.07 -77.55
C THR VA 53 -19.21 -33.69 -77.98
N SER VA 54 -19.73 -32.61 -77.41
CA SER VA 54 -21.14 -32.24 -77.52
C SER VA 54 -21.58 -31.98 -78.95
N VAL VA 55 -22.81 -32.39 -79.26
CA VAL VA 55 -23.43 -32.21 -80.56
C VAL VA 55 -24.78 -31.54 -80.33
N LEU VA 56 -25.02 -30.43 -81.02
CA LEU VA 56 -26.23 -29.66 -80.84
C LEU VA 56 -27.21 -29.91 -81.98
N GLY VA 57 -28.48 -29.59 -81.72
CA GLY VA 57 -29.50 -29.75 -82.74
C GLY VA 57 -30.82 -29.12 -82.33
N VAL VA 58 -31.47 -28.42 -83.26
CA VAL VA 58 -32.72 -27.73 -82.95
C VAL VA 58 -33.58 -27.68 -84.21
N LYS VA 59 -34.89 -27.78 -84.03
CA LYS VA 59 -35.83 -27.63 -85.13
C LYS VA 59 -35.98 -26.17 -85.51
N PHE VA 60 -36.53 -25.96 -86.70
CA PHE VA 60 -37.04 -24.66 -87.10
C PHE VA 60 -38.18 -24.88 -88.08
N GLU VA 61 -38.65 -23.81 -88.68
CA GLU VA 61 -39.77 -23.87 -89.62
C GLU VA 61 -39.28 -24.50 -90.91
N GLY VA 62 -39.57 -25.80 -91.08
CA GLY VA 62 -39.20 -26.48 -92.29
C GLY VA 62 -37.77 -26.98 -92.29
N GLY VA 63 -37.42 -27.78 -91.29
CA GLY VA 63 -36.10 -28.37 -91.26
C GLY VA 63 -35.45 -28.44 -89.91
N VAL VA 64 -34.33 -29.16 -89.83
CA VAL VA 64 -33.56 -29.33 -88.61
C VAL VA 64 -32.14 -28.87 -88.91
N VAL VA 65 -31.49 -28.23 -87.94
CA VAL VA 65 -30.10 -27.82 -88.06
C VAL VA 65 -29.29 -28.47 -86.93
N ILE VA 66 -28.13 -29.03 -87.30
CA ILE VA 66 -27.26 -29.75 -86.38
C ILE VA 66 -25.83 -29.26 -86.59
N ALA VA 67 -25.13 -28.93 -85.50
CA ALA VA 67 -23.74 -28.52 -85.58
C ALA VA 67 -22.91 -29.32 -84.58
N ALA VA 68 -21.65 -29.56 -84.95
CA ALA VA 68 -20.69 -30.24 -84.11
C ALA VA 68 -19.29 -29.87 -84.57
N ASP VA 69 -18.33 -29.97 -83.65
CA ASP VA 69 -16.97 -29.56 -83.97
C ASP VA 69 -16.21 -30.71 -84.61
N MET VA 70 -14.92 -30.49 -84.88
CA MET VA 70 -14.13 -31.35 -85.73
C MET VA 70 -12.87 -31.81 -85.00
N LEU VA 71 -13.03 -32.27 -83.76
CA LEU VA 71 -11.92 -32.68 -82.93
C LEU VA 71 -12.16 -34.07 -82.38
N GLY VA 72 -11.16 -34.93 -82.53
CA GLY VA 72 -11.17 -36.21 -81.85
C GLY VA 72 -10.14 -36.24 -80.74
N SER VA 73 -10.61 -36.19 -79.50
CA SER VA 73 -9.69 -36.11 -78.37
C SER VA 73 -9.19 -37.49 -77.99
N TYR VA 74 -8.12 -37.51 -77.21
CA TYR VA 74 -7.60 -38.76 -76.67
C TYR VA 74 -7.17 -38.46 -75.22
N GLY VA 75 -8.08 -38.68 -74.29
CA GLY VA 75 -7.86 -38.23 -72.93
C GLY VA 75 -7.95 -36.73 -72.87
N SER VA 76 -6.84 -36.06 -72.58
CA SER VA 76 -6.76 -34.61 -72.64
C SER VA 76 -5.96 -34.13 -73.85
N LEU VA 77 -5.66 -35.03 -74.77
CA LEU VA 77 -4.83 -34.72 -75.93
C LEU VA 77 -5.70 -34.56 -77.18
N ALA VA 78 -5.39 -33.53 -77.96
CA ALA VA 78 -6.12 -33.23 -79.19
C ALA VA 78 -5.31 -33.77 -80.36
N ARG VA 79 -5.55 -35.05 -80.69
CA ARG VA 79 -4.78 -35.66 -81.77
C ARG VA 79 -5.35 -35.29 -83.13
N PHE VA 80 -6.59 -35.68 -83.39
CA PHE VA 80 -7.16 -35.64 -84.73
C PHE VA 80 -8.03 -34.40 -84.84
N ARG VA 81 -7.59 -33.43 -85.64
CA ARG VA 81 -8.20 -32.11 -85.65
C ARG VA 81 -8.91 -31.78 -86.95
N ASN VA 82 -9.20 -32.77 -87.79
CA ASN VA 82 -9.84 -32.48 -89.07
C ASN VA 82 -10.87 -33.54 -89.41
N ILE VA 83 -11.37 -34.25 -88.41
CA ILE VA 83 -12.32 -35.32 -88.63
C ILE VA 83 -13.71 -34.72 -88.73
N SER VA 84 -14.63 -35.46 -89.34
CA SER VA 84 -16.01 -35.04 -89.47
C SER VA 84 -16.90 -35.96 -88.65
N ARG VA 85 -17.75 -35.37 -87.83
CA ARG VA 85 -18.59 -36.11 -86.90
C ARG VA 85 -20.05 -36.10 -87.31
N ILE VA 86 -20.36 -35.77 -88.56
CA ILE VA 86 -21.73 -35.70 -89.05
C ILE VA 86 -21.82 -36.55 -90.30
N MET VA 87 -22.76 -37.50 -90.32
CA MET VA 87 -23.01 -38.33 -91.47
C MET VA 87 -24.31 -37.90 -92.16
N ARG VA 88 -24.23 -37.67 -93.46
CA ARG VA 88 -25.41 -37.32 -94.24
C ARG VA 88 -26.06 -38.60 -94.74
N VAL VA 89 -27.11 -39.04 -94.06
CA VAL VA 89 -27.92 -40.17 -94.50
C VAL VA 89 -28.78 -39.60 -95.64
N ASN VA 90 -29.41 -40.47 -96.43
CA ASN VA 90 -29.72 -40.28 -97.85
C ASN VA 90 -30.23 -38.93 -98.34
N ASN VA 91 -31.47 -38.54 -98.01
CA ASN VA 91 -31.97 -37.25 -98.49
C ASN VA 91 -32.82 -36.49 -97.50
N SER VA 92 -33.33 -37.12 -96.45
CA SER VA 92 -34.27 -36.44 -95.57
C SER VA 92 -33.95 -36.70 -94.12
N THR VA 93 -32.74 -37.15 -93.82
CA THR VA 93 -32.33 -37.48 -92.47
C THR VA 93 -30.83 -37.33 -92.36
N MET VA 94 -30.34 -37.31 -91.12
CA MET VA 94 -29.03 -36.76 -90.83
C MET VA 94 -28.61 -37.14 -89.42
N LEU VA 95 -27.33 -37.44 -89.23
CA LEU VA 95 -26.85 -38.05 -88.00
C LEU VA 95 -25.56 -37.41 -87.52
N GLY VA 96 -25.53 -37.03 -86.24
CA GLY VA 96 -24.31 -36.63 -85.57
C GLY VA 96 -24.12 -37.48 -84.34
N ALA VA 97 -22.91 -37.52 -83.79
CA ALA VA 97 -22.64 -38.44 -82.69
C ALA VA 97 -21.54 -37.92 -81.79
N SER VA 98 -21.59 -38.37 -80.53
CA SER VA 98 -20.57 -38.13 -79.53
C SER VA 98 -19.97 -39.46 -79.11
N GLY VA 99 -19.13 -39.41 -78.08
CA GLY VA 99 -18.60 -40.65 -77.55
C GLY VA 99 -17.47 -41.20 -78.39
N ASP VA 100 -17.30 -42.52 -78.32
CA ASP VA 100 -16.20 -43.19 -79.00
C ASP VA 100 -16.33 -43.10 -80.50
N TYR VA 101 -15.27 -42.64 -81.15
CA TYR VA 101 -15.30 -42.35 -82.57
C TYR VA 101 -15.07 -43.59 -83.42
N ALA VA 102 -14.41 -44.60 -82.87
CA ALA VA 102 -14.26 -45.85 -83.62
C ALA VA 102 -15.57 -46.59 -83.73
N ASP VA 103 -16.44 -46.47 -82.73
CA ASP VA 103 -17.76 -47.08 -82.83
C ASP VA 103 -18.66 -46.31 -83.79
N PHE VA 104 -18.41 -45.00 -83.95
CA PHE VA 104 -19.18 -44.21 -84.90
C PHE VA 104 -18.89 -44.62 -86.33
N GLN VA 105 -17.64 -44.96 -86.64
CA GLN VA 105 -17.33 -45.42 -87.98
C GLN VA 105 -17.91 -46.80 -88.27
N TYR VA 106 -18.19 -47.57 -87.22
CA TYR VA 106 -18.90 -48.82 -87.39
C TYR VA 106 -20.35 -48.58 -87.80
N LEU VA 107 -21.05 -47.71 -87.08
CA LEU VA 107 -22.43 -47.38 -87.43
C LEU VA 107 -22.52 -46.58 -88.71
N LYS VA 108 -21.48 -45.84 -89.06
CA LYS VA 108 -21.40 -45.19 -90.36
C LYS VA 108 -21.32 -46.22 -91.47
N GLN VA 109 -20.71 -47.38 -91.19
CA GLN VA 109 -20.62 -48.46 -92.16
C GLN VA 109 -21.92 -49.24 -92.27
N VAL VA 110 -22.59 -49.50 -91.15
CA VAL VA 110 -23.76 -50.36 -91.16
C VAL VA 110 -24.96 -49.63 -91.72
N LEU VA 111 -25.20 -48.41 -91.26
CA LEU VA 111 -26.26 -47.57 -91.83
C LEU VA 111 -26.00 -47.21 -93.28
N GLY VA 112 -24.74 -47.17 -93.72
CA GLY VA 112 -24.48 -46.93 -95.13
C GLY VA 112 -24.99 -48.05 -96.00
N GLN VA 113 -24.87 -49.30 -95.53
CA GLN VA 113 -25.28 -50.42 -96.36
C GLN VA 113 -26.80 -50.59 -96.39
N MET VA 114 -27.47 -50.21 -95.31
CA MET VA 114 -28.93 -50.28 -95.26
C MET VA 114 -29.63 -49.27 -96.15
N VAL VA 115 -28.92 -48.26 -96.64
CA VAL VA 115 -29.53 -47.28 -97.52
C VAL VA 115 -29.22 -47.67 -98.95
N ILE VA 116 -28.02 -48.23 -99.17
CA ILE VA 116 -27.59 -48.63 -100.50
C ILE VA 116 -28.46 -49.76 -101.05
N ASP VA 117 -28.79 -50.74 -100.21
CA ASP VA 117 -29.52 -51.89 -100.72
C ASP VA 117 -30.99 -51.61 -100.94
N GLU VA 118 -31.58 -50.66 -100.19
CA GLU VA 118 -32.99 -50.39 -100.37
C GLU VA 118 -33.25 -49.59 -101.64
N GLU VA 119 -32.37 -48.63 -101.94
CA GLU VA 119 -32.58 -47.73 -103.06
C GLU VA 119 -32.43 -48.44 -104.41
N LEU VA 120 -31.75 -49.58 -104.44
CA LEU VA 120 -31.67 -50.37 -105.66
C LEU VA 120 -32.78 -51.41 -105.76
N LEU VA 121 -33.79 -51.35 -104.90
CA LEU VA 121 -34.96 -52.19 -105.10
C LEU VA 121 -35.97 -51.54 -106.03
N GLY VA 122 -35.97 -50.22 -106.11
CA GLY VA 122 -36.93 -49.52 -106.94
C GLY VA 122 -38.34 -49.56 -106.40
N ASP VA 123 -38.49 -49.69 -105.09
CA ASP VA 123 -39.82 -49.80 -104.48
C ASP VA 123 -40.55 -48.46 -104.45
N GLY VA 124 -39.84 -47.35 -104.56
CA GLY VA 124 -40.45 -46.08 -104.24
C GLY VA 124 -40.57 -45.83 -102.76
N HIS VA 125 -39.88 -46.59 -101.94
CA HIS VA 125 -39.91 -46.44 -100.49
C HIS VA 125 -38.51 -46.12 -99.99
N SER VA 126 -38.46 -45.34 -98.92
CA SER VA 126 -37.21 -45.04 -98.25
C SER VA 126 -37.48 -45.00 -96.76
N TYR VA 127 -36.42 -45.05 -95.97
CA TYR VA 127 -36.59 -44.99 -94.54
C TYR VA 127 -36.87 -43.57 -94.09
N SER VA 128 -37.93 -43.41 -93.31
CA SER VA 128 -38.19 -42.15 -92.64
C SER VA 128 -37.15 -41.93 -91.55
N PRO VA 129 -36.96 -40.69 -91.10
CA PRO VA 129 -36.02 -40.45 -89.99
C PRO VA 129 -36.41 -41.15 -88.70
N ARG VA 130 -37.70 -41.32 -88.42
CA ARG VA 130 -38.09 -42.07 -87.24
C ARG VA 130 -38.02 -43.58 -87.47
N ALA VA 131 -37.93 -44.03 -88.71
CA ALA VA 131 -37.66 -45.45 -88.94
C ALA VA 131 -36.22 -45.78 -88.63
N ILE VA 132 -35.30 -44.89 -88.99
CA ILE VA 132 -33.89 -45.07 -88.64
C ILE VA 132 -33.71 -44.88 -87.14
N HIS VA 133 -34.45 -43.94 -86.56
CA HIS VA 133 -34.39 -43.72 -85.12
C HIS VA 133 -34.92 -44.91 -84.34
N SER VA 134 -35.91 -45.61 -84.89
CA SER VA 134 -36.40 -46.81 -84.23
C SER VA 134 -35.47 -47.99 -84.41
N TRP VA 135 -34.81 -48.09 -85.57
CA TRP VA 135 -33.82 -49.13 -85.78
C TRP VA 135 -32.63 -48.96 -84.86
N LEU VA 136 -32.10 -47.74 -84.79
CA LEU VA 136 -30.89 -47.48 -84.03
C LEU VA 136 -31.12 -47.60 -82.54
N THR VA 137 -32.35 -47.36 -82.09
CA THR VA 137 -32.69 -47.60 -80.69
C THR VA 137 -32.64 -49.08 -80.37
N ARG VA 138 -33.12 -49.93 -81.28
CA ARG VA 138 -33.05 -51.37 -81.06
C ARG VA 138 -31.63 -51.87 -81.14
N ALA VA 139 -30.78 -51.21 -81.93
CA ALA VA 139 -29.39 -51.64 -82.03
C ALA VA 139 -28.62 -51.36 -80.75
N MET VA 140 -28.96 -50.27 -80.07
CA MET VA 140 -28.29 -49.97 -78.80
C MET VA 140 -28.73 -50.94 -77.71
N TYR VA 141 -30.05 -51.17 -77.59
CA TYR VA 141 -30.57 -51.96 -76.49
C TYR VA 141 -30.20 -53.43 -76.62
N SER VA 142 -30.13 -53.93 -77.84
CA SER VA 142 -29.79 -55.33 -78.06
C SER VA 142 -28.33 -55.62 -77.85
N ARG VA 143 -27.53 -54.59 -77.60
CA ARG VA 143 -26.10 -54.74 -77.47
C ARG VA 143 -25.60 -54.47 -76.06
N ARG VA 144 -26.28 -53.59 -75.32
CA ARG VA 144 -26.01 -53.52 -73.88
C ARG VA 144 -26.50 -54.75 -73.15
N SER VA 145 -27.51 -55.44 -73.69
CA SER VA 145 -27.99 -56.66 -73.05
C SER VA 145 -26.97 -57.77 -73.11
N LYS VA 146 -26.07 -57.74 -74.08
CA LYS VA 146 -24.94 -58.65 -74.13
C LYS VA 146 -23.72 -58.11 -73.40
N MET VA 147 -23.88 -57.00 -72.65
CA MET VA 147 -22.84 -56.37 -71.84
C MET VA 147 -21.65 -55.96 -72.69
N ASN VA 148 -21.90 -55.38 -73.85
CA ASN VA 148 -20.84 -54.99 -74.78
C ASN VA 148 -21.29 -53.76 -75.57
N PRO VA 149 -21.48 -52.63 -74.91
CA PRO VA 149 -22.21 -51.52 -75.52
C PRO VA 149 -21.36 -50.77 -76.54
N LEU VA 150 -22.05 -50.03 -77.40
CA LEU VA 150 -21.40 -49.04 -78.26
C LEU VA 150 -21.37 -47.72 -77.51
N TRP VA 151 -20.16 -47.22 -77.24
CA TRP VA 151 -19.99 -46.00 -76.47
C TRP VA 151 -20.28 -44.81 -77.38
N ASN VA 152 -21.57 -44.50 -77.55
CA ASN VA 152 -21.96 -43.35 -78.33
C ASN VA 152 -23.16 -42.67 -77.72
N THR VA 153 -23.48 -41.52 -78.29
CA THR VA 153 -24.71 -40.80 -78.02
C THR VA 153 -25.02 -40.02 -79.28
N MET VA 154 -26.20 -40.24 -79.85
CA MET VA 154 -26.44 -39.86 -81.24
C MET VA 154 -27.70 -39.01 -81.35
N VAL VA 155 -27.64 -38.03 -82.24
CA VAL VA 155 -28.73 -37.11 -82.50
C VAL VA 155 -29.14 -37.29 -83.95
N ILE VA 156 -30.42 -37.57 -84.17
CA ILE VA 156 -30.95 -37.84 -85.50
C ILE VA 156 -31.90 -36.73 -85.88
N GLY VA 157 -31.50 -35.89 -86.82
CA GLY VA 157 -32.36 -34.88 -87.36
C GLY VA 157 -32.90 -35.30 -88.71
N GLY VA 158 -34.09 -34.81 -89.03
CA GLY VA 158 -34.70 -35.21 -90.28
C GLY VA 158 -35.94 -34.43 -90.65
N TYR VA 159 -36.11 -34.17 -91.95
CA TYR VA 159 -37.27 -33.44 -92.45
C TYR VA 159 -37.93 -34.28 -93.52
N ALA VA 160 -38.99 -34.99 -93.15
CA ALA VA 160 -39.74 -35.81 -94.09
C ALA VA 160 -41.21 -35.46 -93.99
N ASP VA 161 -41.85 -35.30 -95.14
CA ASP VA 161 -43.29 -35.12 -95.29
C ASP VA 161 -43.77 -33.85 -94.58
N GLY VA 162 -43.10 -32.74 -94.88
CA GLY VA 162 -43.53 -31.44 -94.43
C GLY VA 162 -43.25 -31.09 -92.98
N GLU VA 163 -42.74 -32.01 -92.17
CA GLU VA 163 -42.48 -31.74 -90.77
C GLU VA 163 -41.07 -32.14 -90.40
N SER VA 164 -40.58 -31.55 -89.31
CA SER VA 164 -39.24 -31.83 -88.83
C SER VA 164 -39.26 -32.94 -87.80
N PHE VA 165 -38.18 -33.71 -87.76
CA PHE VA 165 -37.99 -34.76 -86.78
C PHE VA 165 -36.63 -34.59 -86.13
N LEU VA 166 -36.60 -34.71 -84.81
CA LEU VA 166 -35.36 -34.57 -84.06
C LEU VA 166 -35.37 -35.61 -82.96
N GLY VA 167 -34.44 -36.55 -83.01
CA GLY VA 167 -34.47 -37.69 -82.13
C GLY VA 167 -33.16 -37.89 -81.39
N TYR VA 168 -33.28 -38.34 -80.15
CA TYR VA 168 -32.15 -38.65 -79.31
C TYR VA 168 -32.04 -40.15 -79.16
N VAL VA 169 -30.80 -40.66 -79.13
CA VAL VA 169 -30.52 -42.07 -78.92
C VAL VA 169 -29.34 -42.17 -77.97
N ASP VA 170 -29.51 -42.91 -76.88
CA ASP VA 170 -28.50 -43.04 -75.86
C ASP VA 170 -27.76 -44.37 -76.01
N MET VA 171 -26.61 -44.46 -75.32
CA MET VA 171 -25.86 -45.70 -75.23
C MET VA 171 -26.66 -46.80 -74.55
N LEU VA 172 -27.38 -46.47 -73.48
CA LEU VA 172 -28.18 -47.45 -72.75
C LEU VA 172 -29.47 -47.85 -73.46
N GLY VA 173 -29.83 -47.18 -74.54
CA GLY VA 173 -31.09 -47.44 -75.20
C GLY VA 173 -32.21 -46.53 -74.79
N VAL VA 174 -31.91 -45.31 -74.36
CA VAL VA 174 -32.94 -44.35 -73.97
C VAL VA 174 -33.15 -43.41 -75.14
N ALA VA 175 -34.38 -43.35 -75.63
CA ALA VA 175 -34.68 -42.53 -76.79
C ALA VA 175 -35.90 -41.67 -76.52
N TYR VA 176 -35.87 -40.44 -77.04
CA TYR VA 176 -37.01 -39.54 -76.95
C TYR VA 176 -36.91 -38.53 -78.07
N GLU VA 177 -37.90 -37.65 -78.15
CA GLU VA 177 -37.95 -36.60 -79.15
C GLU VA 177 -38.04 -35.26 -78.43
N ALA VA 178 -37.56 -34.20 -79.07
CA ALA VA 178 -37.55 -32.88 -78.46
C ALA VA 178 -37.42 -31.85 -79.57
N PRO VA 179 -37.83 -30.60 -79.33
CA PRO VA 179 -37.54 -29.55 -80.30
C PRO VA 179 -36.10 -29.06 -80.26
N SER VA 180 -35.33 -29.43 -79.23
CA SER VA 180 -33.92 -29.08 -79.17
C SER VA 180 -33.19 -30.14 -78.37
N LEU VA 181 -32.00 -30.50 -78.83
CA LEU VA 181 -31.20 -31.53 -78.18
C LEU VA 181 -29.78 -31.06 -77.99
N ALA VA 182 -29.09 -31.70 -77.05
CA ALA VA 182 -27.71 -31.41 -76.73
C ALA VA 182 -27.15 -32.60 -75.96
N THR VA 183 -25.91 -32.96 -76.25
CA THR VA 183 -25.23 -34.04 -75.57
C THR VA 183 -24.06 -33.49 -74.76
N GLY VA 184 -23.50 -34.36 -73.91
CA GLY VA 184 -22.26 -34.03 -73.21
C GLY VA 184 -22.44 -32.91 -72.20
N TYR VA 185 -21.50 -31.97 -72.22
CA TYR VA 185 -21.63 -30.76 -71.44
C TYR VA 185 -22.57 -29.75 -72.07
N GLY VA 186 -22.96 -29.96 -73.33
CA GLY VA 186 -23.98 -29.11 -73.93
C GLY VA 186 -25.33 -29.30 -73.31
N ALA VA 187 -25.59 -30.46 -72.70
CA ALA VA 187 -26.81 -30.67 -71.93
C ALA VA 187 -26.83 -29.82 -70.68
N TYR VA 188 -25.67 -29.40 -70.18
CA TYR VA 188 -25.60 -28.51 -69.04
C TYR VA 188 -25.45 -27.05 -69.45
N LEU VA 189 -24.68 -26.78 -70.49
CA LEU VA 189 -24.36 -25.41 -70.88
C LEU VA 189 -25.31 -24.88 -71.95
N ALA VA 190 -25.36 -25.53 -73.10
CA ALA VA 190 -26.10 -24.97 -74.22
C ALA VA 190 -27.59 -25.28 -74.16
N GLN VA 191 -27.95 -26.39 -73.53
CA GLN VA 191 -29.35 -26.76 -73.41
C GLN VA 191 -30.25 -25.75 -72.68
N PRO VA 192 -29.83 -25.06 -71.61
CA PRO VA 192 -30.69 -23.98 -71.09
C PRO VA 192 -30.85 -22.81 -72.02
N LEU VA 193 -29.86 -22.54 -72.89
CA LEU VA 193 -30.03 -21.46 -73.85
C LEU VA 193 -31.02 -21.83 -74.94
N LEU VA 194 -31.15 -23.13 -75.24
CA LEU VA 194 -32.09 -23.56 -76.25
C LEU VA 194 -33.52 -23.43 -75.77
N ARG VA 195 -33.77 -23.82 -74.52
CA ARG VA 195 -35.14 -23.88 -74.00
C ARG VA 195 -35.69 -22.50 -73.69
N GLU VA 196 -34.85 -21.55 -73.30
CA GLU VA 196 -35.35 -20.21 -72.98
C GLU VA 196 -35.79 -19.44 -74.20
N VAL VA 197 -35.36 -19.83 -75.39
CA VAL VA 197 -35.89 -19.25 -76.61
C VAL VA 197 -37.16 -19.97 -77.04
N LEU VA 198 -37.16 -21.31 -76.95
CA LEU VA 198 -38.29 -22.08 -77.46
C LEU VA 198 -39.51 -21.99 -76.57
N GLU VA 199 -39.35 -21.55 -75.33
CA GLU VA 199 -40.53 -21.33 -74.49
C GLU VA 199 -41.13 -19.96 -74.72
N LYS VA 200 -40.30 -18.95 -74.98
CA LYS VA 200 -40.81 -17.61 -75.29
C LYS VA 200 -41.21 -17.47 -76.75
N GLN VA 201 -40.73 -18.36 -77.61
CA GLN VA 201 -41.02 -18.32 -79.04
C GLN VA 201 -40.98 -19.74 -79.58
N PRO VA 202 -42.13 -20.37 -79.82
CA PRO VA 202 -42.11 -21.80 -80.18
C PRO VA 202 -41.62 -22.07 -81.59
N VAL VA 203 -41.88 -21.19 -82.54
CA VAL VA 203 -41.49 -21.39 -83.93
C VAL VA 203 -40.35 -20.44 -84.27
N LEU VA 204 -39.39 -20.95 -85.05
CA LEU VA 204 -38.21 -20.18 -85.41
C LEU VA 204 -37.99 -20.25 -86.91
N SER VA 205 -37.45 -19.18 -87.47
CA SER VA 205 -37.05 -19.21 -88.86
C SER VA 205 -35.67 -19.85 -88.98
N GLN VA 206 -35.20 -19.99 -90.21
CA GLN VA 206 -33.90 -20.62 -90.42
C GLN VA 206 -32.76 -19.71 -90.00
N THR VA 207 -32.87 -18.41 -90.24
CA THR VA 207 -31.81 -17.49 -89.84
C THR VA 207 -31.82 -17.29 -88.33
N GLU VA 208 -32.99 -17.36 -87.70
CA GLU VA 208 -33.07 -17.29 -86.25
C GLU VA 208 -32.49 -18.55 -85.62
N ALA VA 209 -32.70 -19.69 -86.25
CA ALA VA 209 -32.15 -20.94 -85.71
C ALA VA 209 -30.65 -21.00 -85.92
N ARG VA 210 -30.16 -20.55 -87.07
CA ARG VA 210 -28.73 -20.62 -87.34
C ARG VA 210 -27.95 -19.64 -86.48
N ASP VA 211 -28.55 -18.49 -86.16
CA ASP VA 211 -27.92 -17.56 -85.24
C ASP VA 211 -27.88 -18.13 -83.83
N LEU VA 212 -28.93 -18.86 -83.43
CA LEU VA 212 -29.02 -19.34 -82.07
C LEU VA 212 -28.07 -20.50 -81.82
N VAL VA 213 -27.66 -21.21 -82.86
CA VAL VA 213 -26.70 -22.30 -82.69
C VAL VA 213 -25.30 -21.76 -82.47
N GLU VA 214 -24.91 -20.75 -83.26
CA GLU VA 214 -23.54 -20.24 -83.20
C GLU VA 214 -23.26 -19.53 -81.89
N ARG VA 215 -24.29 -19.01 -81.24
CA ARG VA 215 -24.13 -18.52 -79.87
C ARG VA 215 -23.85 -19.66 -78.91
N CYS VA 216 -24.54 -20.79 -79.09
CA CYS VA 216 -24.35 -21.92 -78.19
C CYS VA 216 -23.02 -22.63 -78.46
N MET VA 217 -22.55 -22.61 -79.71
CA MET VA 217 -21.22 -23.14 -79.98
C MET VA 217 -20.13 -22.23 -79.46
N ARG VA 218 -20.41 -20.94 -79.30
CA ARG VA 218 -19.42 -20.03 -78.73
C ARG VA 218 -19.23 -20.28 -77.25
N VAL VA 219 -20.33 -20.53 -76.53
CA VAL VA 219 -20.28 -20.76 -75.09
C VAL VA 219 -19.54 -22.05 -74.79
N LEU VA 220 -19.75 -23.08 -75.60
CA LEU VA 220 -19.04 -24.33 -75.41
C LEU VA 220 -17.55 -24.20 -75.72
N TYR VA 221 -17.14 -23.18 -76.46
CA TYR VA 221 -15.71 -22.98 -76.64
C TYR VA 221 -15.08 -22.37 -75.41
N TYR VA 222 -15.82 -21.56 -74.66
CA TYR VA 222 -15.25 -20.94 -73.46
C TYR VA 222 -15.16 -21.94 -72.31
N ARG VA 223 -16.26 -22.64 -72.02
CA ARG VA 223 -16.40 -23.39 -70.78
C ARG VA 223 -16.32 -24.89 -70.99
N ASP VA 224 -15.47 -25.37 -71.90
CA ASP VA 224 -15.31 -26.81 -72.05
C ASP VA 224 -13.88 -27.09 -72.50
N ALA VA 225 -13.20 -27.95 -71.75
CA ALA VA 225 -11.80 -28.26 -72.02
C ALA VA 225 -11.61 -29.19 -73.21
N ARG VA 226 -12.69 -29.72 -73.78
CA ARG VA 226 -12.59 -30.67 -74.88
C ARG VA 226 -13.16 -30.08 -76.16
N SER VA 227 -13.20 -28.76 -76.26
CA SER VA 227 -13.76 -28.10 -77.42
C SER VA 227 -12.64 -27.63 -78.33
N TYR VA 228 -13.03 -27.10 -79.48
CA TYR VA 228 -12.08 -26.72 -80.52
C TYR VA 228 -12.77 -25.72 -81.43
N ASN VA 229 -12.03 -24.70 -81.86
CA ASN VA 229 -12.61 -23.56 -82.56
C ASN VA 229 -12.76 -23.83 -84.05
N ARG VA 230 -13.39 -24.94 -84.40
CA ARG VA 230 -13.54 -25.32 -85.80
C ARG VA 230 -14.69 -26.31 -85.87
N PHE VA 231 -15.84 -25.88 -86.39
CA PHE VA 231 -17.03 -26.71 -86.40
C PHE VA 231 -17.70 -26.63 -87.77
N GLN VA 232 -18.69 -27.48 -87.97
CA GLN VA 232 -19.43 -27.50 -89.22
C GLN VA 232 -20.92 -27.63 -88.94
N ILE VA 233 -21.72 -26.92 -89.72
CA ILE VA 233 -23.15 -26.83 -89.52
C ILE VA 233 -23.85 -27.60 -90.62
N ALA VA 234 -24.69 -28.54 -90.23
CA ALA VA 234 -25.46 -29.33 -91.17
C ALA VA 234 -26.94 -29.01 -91.03
N THR VA 235 -27.65 -29.02 -92.16
CA THR VA 235 -29.02 -28.54 -92.18
C THR VA 235 -29.83 -29.32 -93.21
N VAL VA 236 -30.91 -29.94 -92.77
CA VAL VA 236 -31.87 -30.54 -93.69
C VAL VA 236 -33.00 -29.56 -93.93
N THR VA 237 -33.52 -29.57 -95.15
CA THR VA 237 -34.69 -28.80 -95.56
C THR VA 237 -35.53 -29.71 -96.43
N GLU VA 238 -36.48 -29.13 -97.14
CA GLU VA 238 -37.14 -29.87 -98.21
C GLU VA 238 -36.24 -30.04 -99.41
N LYS VA 239 -35.22 -29.20 -99.56
CA LYS VA 239 -34.32 -29.30 -100.71
C LYS VA 239 -33.35 -30.45 -100.59
N GLY VA 240 -32.90 -30.76 -99.38
CA GLY VA 240 -31.98 -31.87 -99.19
C GLY VA 240 -31.16 -31.68 -97.94
N VAL VA 241 -30.00 -32.35 -97.93
CA VAL VA 241 -29.08 -32.34 -96.80
C VAL VA 241 -27.85 -31.56 -97.21
N GLU VA 242 -27.51 -30.53 -96.43
CA GLU VA 242 -26.39 -29.66 -96.74
C GLU VA 242 -25.48 -29.52 -95.53
N ILE VA 243 -24.18 -29.68 -95.75
CA ILE VA 243 -23.18 -29.59 -94.71
C ILE VA 243 -22.26 -28.43 -95.06
N GLU VA 244 -22.05 -27.51 -94.13
CA GLU VA 244 -21.20 -26.37 -94.39
C GLU VA 244 -19.76 -26.66 -93.94
N GLY VA 245 -18.86 -25.76 -94.32
CA GLY VA 245 -17.45 -25.97 -94.13
C GLY VA 245 -16.98 -25.78 -92.70
N PRO VA 246 -15.66 -25.81 -92.49
CA PRO VA 246 -15.13 -25.67 -91.13
C PRO VA 246 -15.22 -24.25 -90.61
N LEU VA 247 -16.39 -23.90 -90.09
CA LEU VA 247 -16.62 -22.55 -89.59
C LEU VA 247 -15.89 -22.35 -88.27
N SER VA 248 -15.76 -21.09 -87.87
CA SER VA 248 -15.03 -20.74 -86.68
C SER VA 248 -15.82 -19.71 -85.88
N THR VA 249 -15.57 -19.68 -84.57
CA THR VA 249 -16.20 -18.73 -83.69
C THR VA 249 -15.29 -17.53 -83.46
N GLU VA 250 -15.90 -16.44 -83.02
CA GLU VA 250 -15.19 -15.22 -82.67
C GLU VA 250 -15.28 -15.01 -81.17
N THR VA 251 -14.14 -14.92 -80.51
CA THR VA 251 -14.08 -14.88 -79.06
C THR VA 251 -13.85 -13.48 -78.55
N ASN VA 252 -14.27 -13.26 -77.31
CA ASN VA 252 -14.09 -11.99 -76.64
C ASN VA 252 -13.24 -12.22 -75.39
N TRP VA 253 -12.23 -11.37 -75.20
CA TRP VA 253 -11.32 -11.54 -74.08
C TRP VA 253 -11.10 -10.22 -73.34
N ASP VA 254 -12.13 -9.39 -73.26
CA ASP VA 254 -11.99 -8.08 -72.64
C ASP VA 254 -11.84 -8.14 -71.13
N ILE VA 255 -12.26 -9.22 -70.48
CA ILE VA 255 -12.18 -9.30 -69.03
C ILE VA 255 -10.80 -9.70 -68.55
N ALA VA 256 -9.89 -10.06 -69.44
CA ALA VA 256 -8.54 -10.43 -69.05
C ALA VA 256 -7.71 -9.25 -68.57
N HIS VA 257 -8.13 -8.01 -68.89
CA HIS VA 257 -7.46 -6.83 -68.39
C HIS VA 257 -8.02 -6.37 -67.04
N MET VA 258 -8.89 -7.16 -66.44
CA MET VA 258 -9.44 -6.85 -65.12
C MET VA 258 -8.69 -7.67 -64.09
N ILE VA 259 -7.79 -7.01 -63.36
CA ILE VA 259 -7.04 -7.69 -62.32
C ILE VA 259 -7.93 -7.95 -61.11
ZN ZN WA . 37.69 63.31 47.91
PG ATP XA . 24.75 -15.24 26.75
O1G ATP XA . 24.71 -15.35 28.24
O2G ATP XA . 23.42 -15.35 26.08
O3G ATP XA . 25.61 -14.12 26.26
PB ATP XA . 26.82 -17.02 27.10
O1B ATP XA . 27.60 -18.01 26.29
O2B ATP XA . 27.49 -15.82 27.67
O3B ATP XA . 25.53 -16.56 26.28
PA ATP XA . 26.90 -17.68 29.72
O1A ATP XA . 28.38 -17.83 29.57
O2A ATP XA . 26.33 -16.44 30.34
O3A ATP XA . 26.21 -17.85 28.30
O5' ATP XA . 26.31 -18.94 30.51
C5' ATP XA . 26.61 -19.09 31.87
C4' ATP XA . 25.81 -20.23 32.47
O4' ATP XA . 25.90 -21.41 31.66
C3' ATP XA . 26.40 -20.59 33.81
O3' ATP XA . 25.34 -20.81 34.74
C2' ATP XA . 27.12 -21.88 33.58
O2' ATP XA . 26.98 -22.74 34.70
C1' ATP XA . 26.45 -22.50 32.38
N9 ATP XA . 27.45 -23.14 31.50
C8 ATP XA . 27.51 -22.89 30.20
N7 ATP XA . 28.50 -23.60 29.62
C5 ATP XA . 29.10 -24.31 30.56
C6 ATP XA . 30.22 -25.26 30.59
N6 ATP XA . 30.90 -25.56 29.48
N1 ATP XA . 30.54 -25.80 31.78
C2 ATP XA . 29.87 -25.50 32.89
N3 ATP XA . 28.83 -24.64 32.93
C4 ATP XA . 28.40 -24.02 31.81
MG MG YA . 26.36 -14.09 28.22
PG ATP ZA . -3.85 -9.72 31.51
O1G ATP ZA . -2.68 -9.21 32.29
O2G ATP ZA . -4.69 -8.66 30.87
O3G ATP ZA . -3.56 -10.88 30.60
PB ATP ZA . -4.36 -11.55 33.53
O1B ATP ZA . -3.23 -11.08 34.41
O2B ATP ZA . -4.20 -12.78 32.68
O3B ATP ZA . -4.83 -10.35 32.61
PA ATP ZA . -5.78 -10.83 35.73
O1A ATP ZA . -4.82 -11.29 36.79
O2A ATP ZA . -5.72 -9.41 35.26
O3A ATP ZA . -5.65 -11.75 34.44
O5' ATP ZA . -7.26 -11.12 36.23
C5' ATP ZA . -8.14 -10.02 36.41
C4' ATP ZA . -9.26 -10.39 37.36
O4' ATP ZA . -9.89 -11.61 36.96
C3' ATP ZA . -8.71 -10.64 38.75
O3' ATP ZA . -9.03 -9.53 39.58
C2' ATP ZA . -9.44 -11.85 39.25
O2' ATP ZA . -10.33 -11.46 40.29
C1' ATP ZA . -10.24 -12.39 38.09
N9 ATP ZA . -9.78 -13.75 37.83
C8 ATP ZA . -9.12 -14.14 36.73
N7 ATP ZA . -8.82 -15.45 36.77
C5 ATP ZA . -9.28 -15.93 37.93
C6 ATP ZA . -9.29 -17.22 38.60
N6 ATP ZA . -8.73 -18.31 38.02
N1 ATP ZA . -9.86 -17.30 39.80
C2 ATP ZA . -10.42 -16.24 40.40
N3 ATP ZA . -10.46 -15.03 39.85
C4 ATP ZA . -9.90 -14.80 38.63
MG MG AB . -3.40 -9.04 34.17
PB ADP BB . -15.84 17.14 23.62
O1B ADP BB . -14.57 16.72 24.32
O2B ADP BB . -15.85 16.94 22.13
O3B ADP BB . -17.11 16.68 24.29
PA ADP BB . -17.09 19.42 24.52
O1A ADP BB . -17.02 19.05 25.98
O2A ADP BB . -18.34 19.17 23.72
O3A ADP BB . -15.85 18.74 23.80
O5' ADP BB . -16.77 20.99 24.38
C5' ADP BB . -17.36 21.88 25.32
C4' ADP BB . -18.08 23.02 24.62
O4' ADP BB . -19.18 22.53 23.85
C3' ADP BB . -18.63 23.96 25.67
O3' ADP BB . -18.18 25.29 25.42
C2' ADP BB . -20.13 23.90 25.52
O2' ADP BB . -20.69 25.22 25.49
C1' ADP BB . -20.41 23.13 24.25
N9 ADP BB . -21.35 22.01 24.46
C8 ADP BB . -21.16 20.80 23.91
N7 ADP BB . -22.15 19.95 24.23
C5 ADP BB . -23.00 20.60 25.01
C6 ADP BB . -24.27 20.25 25.70
N6 ADP BB . -24.79 19.01 25.60
N1 ADP BB . -24.88 21.20 26.43
C2 ADP BB . -24.36 22.43 26.53
N3 ADP BB . -23.22 22.81 25.93
C4 ADP BB . -22.49 21.96 25.16
PG ATP CB . 5.65 35.37 5.35
O1G ATP CB . 4.88 34.86 6.54
O2G ATP CB . 6.33 36.69 5.56
O3G ATP CB . 6.49 34.33 4.67
PB ATP CB . 3.24 36.53 4.69
O1B ATP CB . 3.53 37.32 5.94
O2B ATP CB . 2.06 35.60 4.64
O3B ATP CB . 4.53 35.68 4.27
PA ATP CB . 3.53 39.06 3.70
O1A ATP CB . 4.95 39.06 4.21
O2A ATP CB . 2.44 39.73 4.47
O3A ATP CB . 3.08 37.54 3.47
O5' ATP CB . 3.52 39.60 2.20
C5' ATP CB . 3.96 38.64 1.26
C4' ATP CB . 4.05 39.28 -0.12
O4' ATP CB . 2.83 39.16 -0.82
C3' ATP CB . 4.38 40.76 -0.09
O3' ATP CB . 5.80 40.93 -0.09
C2' ATP CB . 3.79 41.25 -1.39
O2' ATP CB . 4.83 41.34 -2.35
C1' ATP CB . 2.82 40.17 -1.82
N9 ATP CB . 1.47 40.76 -2.00
C8 ATP CB . 1.21 41.98 -2.48
N7 ATP CB . -0.12 42.21 -2.54
C5 ATP CB . -0.73 41.12 -2.09
C6 ATP CB . -2.13 40.70 -1.88
N6 ATP CB . -3.15 41.54 -2.19
N1 ATP CB . -2.36 39.48 -1.40
C2 ATP CB . -1.35 38.64 -1.09
N3 ATP CB . -0.06 38.96 -1.25
C4 ATP CB . 0.31 40.16 -1.74
MG MG DB . 5.14 36.95 7.22
PG ATP EB . 31.10 24.65 -4.41
O1G ATP EB . 30.99 23.15 -4.22
O2G ATP EB . 29.80 25.39 -4.23
O3G ATP EB . 32.29 25.25 -3.71
PB ATP EB . 31.51 26.24 -6.65
O1B ATP EB . 31.44 27.29 -5.58
O2B ATP EB . 30.51 26.26 -7.77
O3B ATP EB . 31.46 24.80 -5.96
PA ATP EB . 33.88 27.54 -6.93
O1A ATP EB . 34.33 27.38 -5.51
O2A ATP EB . 33.17 28.80 -7.33
O3A ATP EB . 32.95 26.29 -7.30
O5' ATP EB . 35.13 27.33 -7.90
C5' ATP EB . 35.93 26.18 -7.74
C4' ATP EB . 37.10 26.25 -8.72
O4' ATP EB . 36.70 25.82 -10.01
C3' ATP EB . 37.62 27.66 -8.86
O3' ATP EB . 38.89 27.75 -8.24
C2' ATP EB . 37.81 27.87 -10.34
O2' ATP EB . 39.21 27.96 -10.58
C1' ATP EB . 37.25 26.64 -11.02
N9 ATP EB . 36.13 27.04 -11.88
C8 ATP EB . 34.85 26.74 -11.60
N7 ATP EB . 34.02 27.21 -12.56
C5 ATP EB . 34.78 27.83 -13.46
C6 ATP EB . 34.54 28.56 -14.72
N6 ATP EB . 33.29 28.70 -15.19
N1 ATP EB . 35.61 29.07 -15.37
C2 ATP EB . 36.84 28.92 -14.89
N3 ATP EB . 37.15 28.27 -13.76
C4 ATP EB . 36.17 27.72 -13.01
MG MG FB . 31.20 27.00 -3.53
PB ADP GB . 42.94 1.01 7.77
O1B ADP GB . 41.70 0.29 8.20
O2B ADP GB . 43.18 1.02 6.28
O3B ADP GB . 43.19 2.33 8.46
PA ADP GB . 45.40 -0.18 7.41
O1A ADP GB . 45.04 -1.15 6.32
O2A ADP GB . 46.00 1.17 7.08
O3A ADP GB . 44.12 0.08 8.33
O5' ADP GB . 46.38 -0.89 8.45
C5' ADP GB . 47.73 -1.07 8.09
C4' ADP GB . 48.11 -2.50 8.42
O4' ADP GB . 48.67 -3.14 7.28
C3' ADP GB . 49.16 -2.57 9.52
O3' ADP GB . 48.58 -3.17 10.66
C2' ADP GB . 50.24 -3.45 8.99
O2' ADP GB . 50.52 -4.50 9.91
C1' ADP GB . 49.69 -4.03 7.71
N9 ADP GB . 50.79 -4.11 6.72
C8 ADP GB . 52.07 -4.26 7.04
N7 ADP GB . 52.85 -4.30 5.93
C5 ADP GB . 52.04 -4.18 4.88
C6 ADP GB . 52.20 -4.14 3.42
N6 ADP GB . 53.42 -4.25 2.88
N1 ADP GB . 51.11 -3.99 2.66
C2 ADP GB . 49.90 -3.89 3.22
N3 ADP GB . 49.67 -3.91 4.54
C4 ADP GB . 50.68 -4.06 5.41
MG MG HB . 42.57 3.92 9.68
#